data_6V9H
#
_entry.id   6V9H
#
loop_
_entity.id
_entity.type
_entity.pdbx_description
1 polymer 'Creatine kinase B-type'
2 polymer 'Ankyrin repeat and SOCS box protein 9'
3 polymer Elongin-C
4 polymer Elongin-B
#
loop_
_entity_poly.entity_id
_entity_poly.type
_entity_poly.pdbx_seq_one_letter_code
_entity_poly.pdbx_strand_id
1 'polypeptide(L)'
;MPFSNSHNALKLRFPAEDEFPDLSAHNNHMAKVLTPELYAELRAKSTPSGFTLDDVIQTGVDNPGHPYIMTVGCVAGDEE
SYEVFKDLFDPIIEDRHGGYKPSDEHKTDLNPDNLQGGDDLDPNYVLSSRVRTGRSIRGFCLPPHCSRGERRAIEKLAVE
ALSSLDGDLAGRYYALKSMTEAEQQQLIDDHFLFDKPVSPLLLASGMARDWPDARGIWHNDNKTFLVWVNEEDHLRVISM
QKGGNMKEVFTRFCTGLTQIETLFKSKDYEFMWNPHLGYILTCPSNLGTGLRAGVHIKLPNLGKHEKFSEVLKRLRLQKR
GTGGVDTAAVGGVFDVSNADRLGFSEVELVQMVVDGVKLLIEMEQRLEQGQAIDDLMPAQK
;
A,B
2 'polypeptide(L)'
;MKHHHHHHHHGGLVPRGSHGMDGKQGGMDGSKPAGPRDFPGIRLLSNPLMGDAVSDWSPMHEAAIHGHQLSLRNLISQGW
AVNIITADHVSPLHEACLGGHLSCVKILLKHGAQVNGVTADWHTPLFNACVSGSWDCVNLLLQHGASVQPESDLASPIHE
AARRGHVECVNSLIAYGGNIDHKISHLGTPLYLACENQQRACVKKLLESGADVNQGKGQDSPLHAVARTASEELACLLMD
FGADTQAKNAEGKRPVELVPPESPLAQLFLEREGPPSLMQLCRLRIRKCFGIQQHHKITKLVLPEDLKQFLLHL
;
C
3 'polypeptide(L)'
;MMYVKLISSDGHEFIVKREHALTSGTIKAMLSGPGQFAENETNEVNFREIPSHVLSKVCMYFTYKVRYTNSSTEIPEFPI
APEIALELLMAANFLDC
;
D
4 'polypeptide(L)'
;MDVFLMIRRHKTTIFTDAKESSTVFELKRIVEGILKRPPDEQRLYKDDQLLDDGKTLGECGFTSQTARPQAPATVGLAFR
ADDTFEALCIEPFSSPPELPDVMKPQDSGSSANEQAVQ
;
E
#
# COMPACT_ATOMS: atom_id res chain seq x y z
N SER A 6 -8.75 -38.85 -4.22
CA SER A 6 -8.67 -38.49 -2.80
C SER A 6 -9.94 -37.77 -2.35
N HIS A 7 -9.75 -36.65 -1.65
CA HIS A 7 -10.85 -35.81 -1.16
C HIS A 7 -11.55 -35.12 -2.31
N ASN A 8 -10.90 -35.15 -3.48
CA ASN A 8 -11.46 -34.61 -4.69
C ASN A 8 -12.74 -35.35 -5.08
N ALA A 9 -12.88 -36.61 -4.64
CA ALA A 9 -14.08 -37.38 -4.90
C ALA A 9 -15.28 -36.70 -4.29
N LEU A 10 -15.08 -36.05 -3.15
CA LEU A 10 -16.15 -35.37 -2.49
C LEU A 10 -16.42 -34.06 -3.19
N LYS A 11 -15.37 -33.46 -3.74
CA LYS A 11 -15.53 -32.22 -4.50
C LYS A 11 -16.47 -32.45 -5.67
N LEU A 12 -16.36 -33.62 -6.28
CA LEU A 12 -17.19 -34.00 -7.41
C LEU A 12 -18.66 -34.20 -7.06
N ARG A 13 -19.00 -34.14 -5.78
CA ARG A 13 -20.37 -34.29 -5.36
C ARG A 13 -21.06 -32.94 -5.31
N PHE A 14 -20.29 -31.86 -5.46
CA PHE A 14 -20.87 -30.54 -5.43
C PHE A 14 -20.90 -29.95 -6.82
N PRO A 15 -21.84 -29.05 -7.08
CA PRO A 15 -21.97 -28.23 -8.27
C PRO A 15 -20.71 -27.42 -8.42
N ALA A 16 -20.29 -27.20 -9.66
CA ALA A 16 -19.06 -26.50 -9.93
C ALA A 16 -19.04 -25.12 -9.33
N GLU A 17 -20.17 -24.43 -9.39
CA GLU A 17 -20.30 -23.10 -8.84
C GLU A 17 -20.15 -23.07 -7.33
N ASP A 18 -20.38 -24.20 -6.67
CA ASP A 18 -20.20 -24.26 -5.24
C ASP A 18 -18.73 -24.37 -4.94
N GLU A 19 -18.02 -25.09 -5.80
CA GLU A 19 -16.59 -25.23 -5.67
C GLU A 19 -15.84 -24.03 -6.22
N PHE A 20 -16.43 -23.33 -7.18
CA PHE A 20 -15.79 -22.19 -7.80
C PHE A 20 -15.40 -21.15 -6.76
N PRO A 21 -14.11 -20.83 -6.63
CA PRO A 21 -13.54 -19.92 -5.68
C PRO A 21 -13.89 -18.50 -6.04
N ASP A 22 -14.04 -17.65 -5.02
CA ASP A 22 -14.36 -16.25 -5.24
C ASP A 22 -13.09 -15.45 -5.40
N LEU A 23 -12.79 -15.09 -6.64
CA LEU A 23 -11.58 -14.36 -6.96
C LEU A 23 -11.78 -12.86 -7.12
N SER A 24 -12.92 -12.35 -6.66
CA SER A 24 -13.27 -10.94 -6.85
C SER A 24 -12.21 -9.95 -6.39
N ALA A 25 -11.61 -10.20 -5.24
CA ALA A 25 -10.61 -9.29 -4.68
C ALA A 25 -9.19 -9.61 -5.14
N HIS A 26 -9.04 -10.60 -6.01
CA HIS A 26 -7.73 -11.02 -6.44
C HIS A 26 -7.25 -10.23 -7.63
N ASN A 27 -5.95 -10.09 -7.76
CA ASN A 27 -5.37 -9.36 -8.86
C ASN A 27 -4.14 -10.04 -9.39
N ASN A 28 -4.34 -11.00 -10.26
CA ASN A 28 -3.23 -11.71 -10.87
C ASN A 28 -3.64 -12.30 -12.21
N HIS A 29 -2.69 -12.88 -12.93
CA HIS A 29 -2.96 -13.36 -14.27
C HIS A 29 -3.98 -14.48 -14.29
N MET A 30 -3.86 -15.41 -13.36
CA MET A 30 -4.78 -16.53 -13.28
C MET A 30 -6.18 -16.05 -13.04
N ALA A 31 -6.33 -15.10 -12.13
CA ALA A 31 -7.63 -14.57 -11.76
C ALA A 31 -8.37 -14.02 -12.95
N LYS A 32 -7.67 -13.33 -13.82
CA LYS A 32 -8.34 -12.83 -15.01
C LYS A 32 -8.72 -13.95 -15.95
N VAL A 33 -7.88 -14.97 -16.04
CA VAL A 33 -8.13 -16.08 -16.93
C VAL A 33 -9.21 -17.06 -16.51
N LEU A 34 -9.15 -17.53 -15.27
CA LEU A 34 -10.09 -18.57 -14.83
C LEU A 34 -11.52 -18.10 -14.75
N THR A 35 -12.40 -18.76 -15.50
CA THR A 35 -13.82 -18.45 -15.46
C THR A 35 -14.57 -19.63 -14.90
N PRO A 36 -15.81 -19.44 -14.44
CA PRO A 36 -16.73 -20.45 -13.95
C PRO A 36 -16.93 -21.55 -14.96
N GLU A 37 -16.93 -21.19 -16.23
CA GLU A 37 -17.09 -22.16 -17.28
C GLU A 37 -15.87 -23.05 -17.38
N LEU A 38 -14.69 -22.44 -17.33
CA LEU A 38 -13.47 -23.20 -17.39
C LEU A 38 -13.29 -24.05 -16.17
N TYR A 39 -13.69 -23.52 -15.02
CA TYR A 39 -13.57 -24.26 -13.78
C TYR A 39 -14.43 -25.49 -13.82
N ALA A 40 -15.67 -25.32 -14.27
CA ALA A 40 -16.60 -26.42 -14.36
C ALA A 40 -16.05 -27.54 -15.23
N GLU A 41 -15.42 -27.17 -16.35
CA GLU A 41 -14.86 -28.17 -17.23
C GLU A 41 -13.60 -28.81 -16.70
N LEU A 42 -12.64 -27.98 -16.34
CA LEU A 42 -11.34 -28.44 -15.94
C LEU A 42 -11.28 -29.18 -14.63
N ARG A 43 -12.22 -28.93 -13.72
CA ARG A 43 -12.15 -29.64 -12.45
C ARG A 43 -12.35 -31.15 -12.62
N ALA A 44 -12.91 -31.57 -13.76
CA ALA A 44 -13.13 -32.98 -14.00
C ALA A 44 -11.86 -33.67 -14.50
N LYS A 45 -10.85 -32.91 -14.88
CA LYS A 45 -9.64 -33.51 -15.41
C LYS A 45 -8.54 -33.58 -14.37
N SER A 46 -7.57 -34.44 -14.64
CA SER A 46 -6.46 -34.62 -13.74
C SER A 46 -5.26 -35.17 -14.49
N THR A 47 -4.08 -35.05 -13.89
CA THR A 47 -2.90 -35.57 -14.54
C THR A 47 -2.69 -36.96 -14.03
N PRO A 48 -1.87 -37.75 -14.71
CA PRO A 48 -1.44 -39.08 -14.32
C PRO A 48 -0.50 -39.03 -13.13
N SER A 49 -0.05 -37.84 -12.74
CA SER A 49 0.83 -37.70 -11.63
C SER A 49 0.08 -37.35 -10.37
N GLY A 50 -1.21 -37.02 -10.51
CA GLY A 50 -2.00 -36.70 -9.33
C GLY A 50 -2.51 -35.25 -9.21
N PHE A 51 -2.39 -34.44 -10.25
CA PHE A 51 -2.93 -33.08 -10.15
C PHE A 51 -4.31 -32.89 -10.59
N THR A 52 -4.91 -31.90 -9.97
CA THR A 52 -6.24 -31.46 -10.23
C THR A 52 -6.26 -29.98 -10.23
N LEU A 53 -7.21 -29.44 -10.97
CA LEU A 53 -7.34 -28.03 -11.16
C LEU A 53 -7.10 -27.20 -9.92
N ASP A 54 -7.69 -27.60 -8.80
CA ASP A 54 -7.55 -26.85 -7.57
C ASP A 54 -6.12 -26.64 -7.13
N ASP A 55 -5.26 -27.63 -7.29
CA ASP A 55 -3.88 -27.42 -6.90
C ASP A 55 -3.20 -26.48 -7.87
N VAL A 56 -3.58 -26.56 -9.14
CA VAL A 56 -3.03 -25.66 -10.13
C VAL A 56 -3.30 -24.21 -9.77
N ILE A 57 -4.51 -23.94 -9.27
CA ILE A 57 -4.88 -22.57 -8.95
C ILE A 57 -4.91 -22.31 -7.46
N GLN A 58 -4.19 -23.12 -6.69
CA GLN A 58 -4.23 -23.00 -5.24
C GLN A 58 -3.59 -21.71 -4.74
N THR A 59 -2.35 -21.48 -5.10
CA THR A 59 -1.64 -20.28 -4.66
C THR A 59 -2.39 -19.04 -5.06
N GLY A 60 -2.96 -19.07 -6.26
CA GLY A 60 -3.76 -17.98 -6.79
C GLY A 60 -4.86 -17.59 -5.84
N VAL A 61 -5.84 -18.48 -5.64
CA VAL A 61 -6.94 -18.12 -4.75
C VAL A 61 -6.49 -17.81 -3.32
N ASP A 62 -5.39 -18.39 -2.88
CA ASP A 62 -4.89 -18.11 -1.55
C ASP A 62 -4.25 -16.75 -1.39
N ASN A 63 -3.89 -16.12 -2.50
CA ASN A 63 -3.19 -14.86 -2.43
C ASN A 63 -3.65 -13.87 -3.48
N PRO A 64 -4.51 -12.91 -3.14
CA PRO A 64 -4.98 -11.80 -3.97
C PRO A 64 -3.79 -11.10 -4.61
N GLY A 65 -2.69 -11.08 -3.87
CA GLY A 65 -1.41 -10.60 -4.35
C GLY A 65 -1.14 -9.15 -4.10
N HIS A 66 -1.47 -8.31 -5.05
CA HIS A 66 -1.10 -6.93 -4.87
C HIS A 66 -1.91 -6.06 -5.81
N PRO A 67 -2.22 -4.83 -5.41
CA PRO A 67 -2.95 -3.86 -6.19
C PRO A 67 -2.11 -3.32 -7.34
N TYR A 68 -0.80 -3.45 -7.25
CA TYR A 68 0.05 -2.93 -8.31
C TYR A 68 0.93 -4.01 -8.93
N ILE A 69 1.53 -4.85 -8.10
CA ILE A 69 2.38 -5.91 -8.63
C ILE A 69 1.55 -7.10 -9.11
N MET A 70 1.43 -7.25 -10.42
CA MET A 70 0.60 -8.32 -10.94
C MET A 70 1.32 -9.65 -11.05
N THR A 71 1.23 -10.44 -9.99
CA THR A 71 1.82 -11.78 -9.95
C THR A 71 1.07 -12.74 -10.88
N VAL A 72 1.60 -13.95 -11.06
CA VAL A 72 0.97 -14.90 -11.96
C VAL A 72 -0.29 -15.50 -11.39
N GLY A 73 -0.22 -16.02 -10.18
CA GLY A 73 -1.40 -16.57 -9.54
C GLY A 73 -1.65 -18.06 -9.79
N CYS A 74 -0.67 -18.80 -10.26
CA CYS A 74 -0.87 -20.23 -10.41
C CYS A 74 0.45 -20.94 -10.47
N VAL A 75 0.42 -22.26 -10.47
CA VAL A 75 1.66 -23.00 -10.52
C VAL A 75 1.45 -24.34 -11.20
N ALA A 76 2.42 -24.77 -12.00
CA ALA A 76 2.33 -26.06 -12.66
C ALA A 76 2.70 -27.18 -11.71
N GLY A 77 2.40 -28.40 -12.11
CA GLY A 77 2.65 -29.54 -11.26
C GLY A 77 3.74 -30.44 -11.76
N ASP A 78 3.73 -30.68 -13.05
CA ASP A 78 4.69 -31.52 -13.71
C ASP A 78 4.63 -31.20 -15.18
N GLU A 79 5.39 -31.93 -15.98
CA GLU A 79 5.36 -31.72 -17.42
C GLU A 79 3.95 -31.90 -17.98
N GLU A 80 3.31 -33.01 -17.65
CA GLU A 80 2.00 -33.34 -18.18
C GLU A 80 0.91 -32.32 -17.90
N SER A 81 1.00 -31.64 -16.77
CA SER A 81 0.03 -30.65 -16.37
C SER A 81 -0.06 -29.47 -17.30
N TYR A 82 0.99 -29.21 -18.06
CA TYR A 82 0.89 -28.12 -19.01
C TYR A 82 -0.06 -28.49 -20.14
N GLU A 83 -0.17 -29.78 -20.43
CA GLU A 83 -1.10 -30.23 -21.44
C GLU A 83 -2.49 -30.41 -20.86
N VAL A 84 -2.56 -31.04 -19.69
CA VAL A 84 -3.84 -31.33 -19.07
C VAL A 84 -4.63 -30.07 -18.76
N PHE A 85 -3.95 -29.04 -18.26
CA PHE A 85 -4.64 -27.81 -17.94
C PHE A 85 -4.29 -26.70 -18.93
N LYS A 86 -4.03 -27.12 -20.17
CA LYS A 86 -3.69 -26.24 -21.27
C LYS A 86 -4.69 -25.12 -21.46
N ASP A 87 -5.95 -25.38 -21.21
CA ASP A 87 -6.98 -24.37 -21.37
C ASP A 87 -6.79 -23.15 -20.48
N LEU A 88 -6.00 -23.27 -19.40
CA LEU A 88 -5.69 -22.08 -18.62
C LEU A 88 -4.32 -21.61 -18.97
N PHE A 89 -3.40 -22.54 -19.12
CA PHE A 89 -2.04 -22.17 -19.37
C PHE A 89 -1.86 -21.41 -20.66
N ASP A 90 -2.57 -21.77 -21.70
CA ASP A 90 -2.40 -21.01 -22.94
C ASP A 90 -2.75 -19.53 -22.75
N PRO A 91 -3.84 -19.20 -22.05
CA PRO A 91 -4.19 -17.83 -21.77
C PRO A 91 -3.24 -17.16 -20.80
N ILE A 92 -2.83 -17.89 -19.78
CA ILE A 92 -1.93 -17.31 -18.78
C ILE A 92 -0.56 -17.07 -19.34
N ILE A 93 -0.02 -18.04 -20.04
CA ILE A 93 1.29 -17.92 -20.64
C ILE A 93 1.30 -16.79 -21.65
N GLU A 94 0.31 -16.77 -22.53
CA GLU A 94 0.24 -15.73 -23.53
C GLU A 94 0.23 -14.36 -22.89
N ASP A 95 -0.60 -14.18 -21.88
CA ASP A 95 -0.70 -12.89 -21.25
C ASP A 95 0.59 -12.51 -20.51
N ARG A 96 1.11 -13.42 -19.71
CA ARG A 96 2.31 -13.15 -18.94
C ARG A 96 3.54 -12.93 -19.77
N HIS A 97 3.63 -13.57 -20.92
CA HIS A 97 4.80 -13.44 -21.75
C HIS A 97 4.62 -12.52 -22.96
N GLY A 98 3.59 -11.68 -22.96
CA GLY A 98 3.46 -10.68 -24.01
C GLY A 98 2.98 -11.14 -25.36
N GLY A 99 2.00 -12.03 -25.40
CA GLY A 99 1.43 -12.44 -26.68
C GLY A 99 2.05 -13.70 -27.24
N TYR A 100 2.82 -14.41 -26.42
CA TYR A 100 3.40 -15.66 -26.85
C TYR A 100 2.32 -16.62 -27.32
N LYS A 101 2.26 -16.87 -28.61
CA LYS A 101 1.19 -17.70 -29.15
C LYS A 101 1.41 -19.20 -28.97
N PRO A 102 0.32 -19.99 -28.99
CA PRO A 102 0.24 -21.45 -28.90
C PRO A 102 1.08 -22.19 -29.93
N SER A 103 1.38 -21.54 -31.06
CA SER A 103 2.21 -22.16 -32.08
C SER A 103 3.56 -21.46 -32.22
N ASP A 104 3.88 -20.56 -31.30
CA ASP A 104 5.11 -19.80 -31.40
C ASP A 104 6.30 -20.59 -30.89
N GLU A 105 6.91 -21.36 -31.77
CA GLU A 105 8.07 -22.18 -31.42
C GLU A 105 9.18 -21.43 -30.67
N HIS A 106 9.63 -22.03 -29.59
CA HIS A 106 10.71 -21.46 -28.79
C HIS A 106 12.02 -22.19 -29.05
N LYS A 107 13.14 -21.48 -29.01
CA LYS A 107 14.44 -22.07 -29.26
C LYS A 107 15.33 -22.12 -28.03
N THR A 108 16.53 -22.66 -28.20
CA THR A 108 17.52 -22.78 -27.14
C THR A 108 18.91 -22.63 -27.70
N ASP A 109 19.80 -22.03 -26.93
CA ASP A 109 21.14 -21.76 -27.39
C ASP A 109 22.08 -21.26 -26.32
N LEU A 110 22.90 -22.12 -25.75
CA LEU A 110 23.89 -21.64 -24.80
C LEU A 110 25.26 -21.55 -25.40
N ASN A 111 25.37 -21.60 -26.71
CA ASN A 111 26.69 -21.57 -27.32
C ASN A 111 27.27 -20.16 -27.26
N PRO A 112 28.30 -19.92 -26.42
CA PRO A 112 28.99 -18.65 -26.17
C PRO A 112 29.45 -17.94 -27.43
N ASP A 113 29.62 -18.67 -28.53
CA ASP A 113 30.06 -18.08 -29.78
C ASP A 113 29.08 -17.05 -30.31
N ASN A 114 27.83 -17.12 -29.87
CA ASN A 114 26.85 -16.18 -30.35
C ASN A 114 26.73 -14.92 -29.49
N LEU A 115 27.57 -14.78 -28.46
CA LEU A 115 27.55 -13.56 -27.66
C LEU A 115 28.59 -12.60 -28.19
N GLN A 116 28.13 -11.47 -28.69
CA GLN A 116 29.04 -10.49 -29.25
C GLN A 116 29.36 -9.40 -28.24
N GLY A 117 30.62 -9.02 -28.20
CA GLY A 117 31.08 -7.99 -27.27
C GLY A 117 30.90 -8.43 -25.84
N GLY A 118 30.93 -7.49 -24.91
CA GLY A 118 30.73 -7.81 -23.51
C GLY A 118 31.95 -8.49 -22.91
N ASP A 119 33.08 -8.38 -23.60
CA ASP A 119 34.30 -9.00 -23.14
C ASP A 119 34.77 -8.36 -21.87
N ASP A 120 34.54 -7.07 -21.76
CA ASP A 120 34.91 -6.32 -20.59
C ASP A 120 34.04 -5.08 -20.49
N LEU A 121 33.02 -5.14 -19.65
CA LEU A 121 32.15 -4.01 -19.43
C LEU A 121 32.89 -3.05 -18.53
N ASP A 122 32.62 -1.76 -18.63
CA ASP A 122 33.39 -0.82 -17.85
C ASP A 122 33.21 -1.03 -16.35
N PRO A 123 34.27 -1.44 -15.63
CA PRO A 123 34.35 -1.77 -14.20
C PRO A 123 34.08 -0.59 -13.29
N ASN A 124 34.02 0.62 -13.85
CA ASN A 124 33.65 1.79 -13.09
C ASN A 124 32.18 1.79 -12.77
N TYR A 125 31.43 0.99 -13.51
CA TYR A 125 30.02 0.87 -13.34
C TYR A 125 29.64 -0.52 -13.00
N VAL A 126 30.21 -1.48 -13.70
CA VAL A 126 29.80 -2.82 -13.41
C VAL A 126 30.51 -3.34 -12.22
N LEU A 127 29.80 -3.35 -11.12
CA LEU A 127 30.30 -3.88 -9.87
C LEU A 127 30.44 -5.38 -9.99
N SER A 128 29.40 -6.03 -10.47
CA SER A 128 29.47 -7.48 -10.64
C SER A 128 28.46 -8.06 -11.61
N SER A 129 28.71 -9.28 -12.05
CA SER A 129 27.86 -9.95 -13.01
C SER A 129 27.33 -11.29 -12.51
N ARG A 130 26.09 -11.59 -12.88
CA ARG A 130 25.46 -12.82 -12.42
C ARG A 130 24.49 -13.43 -13.42
N VAL A 131 24.53 -14.77 -13.54
CA VAL A 131 23.64 -15.51 -14.43
C VAL A 131 22.88 -16.58 -13.63
N ARG A 132 21.57 -16.67 -13.81
CA ARG A 132 20.77 -17.63 -13.05
C ARG A 132 19.70 -18.37 -13.84
N THR A 133 19.57 -19.66 -13.59
CA THR A 133 18.50 -20.39 -14.23
C THR A 133 18.02 -21.56 -13.38
N GLY A 134 17.11 -22.33 -13.93
CA GLY A 134 16.56 -23.48 -13.21
C GLY A 134 16.26 -24.62 -14.16
N ARG A 135 16.42 -25.84 -13.70
CA ARG A 135 16.10 -26.99 -14.52
C ARG A 135 15.34 -28.02 -13.74
N SER A 136 14.54 -28.79 -14.46
CA SER A 136 13.73 -29.84 -13.87
C SER A 136 14.04 -31.19 -14.49
N ILE A 137 14.06 -32.22 -13.68
CA ILE A 137 14.45 -33.54 -14.21
C ILE A 137 13.26 -34.36 -14.68
N ARG A 138 13.28 -34.72 -15.96
CA ARG A 138 12.24 -35.51 -16.57
C ARG A 138 12.07 -36.82 -15.85
N GLY A 139 10.82 -37.16 -15.55
CA GLY A 139 10.50 -38.40 -14.87
C GLY A 139 10.04 -38.17 -13.46
N PHE A 140 10.38 -37.01 -12.91
CA PHE A 140 9.93 -36.67 -11.59
C PHE A 140 8.89 -35.60 -11.69
N CYS A 141 8.23 -35.32 -10.58
CA CYS A 141 7.28 -34.23 -10.50
C CYS A 141 7.99 -32.98 -10.00
N LEU A 142 7.27 -31.89 -9.87
CA LEU A 142 7.87 -30.66 -9.38
C LEU A 142 7.67 -30.58 -7.85
N PRO A 143 8.44 -29.73 -7.14
CA PRO A 143 8.46 -29.52 -5.69
C PRO A 143 7.07 -29.35 -5.05
N PRO A 144 6.09 -28.68 -5.67
CA PRO A 144 4.69 -28.56 -5.23
C PRO A 144 3.95 -29.91 -5.10
N HIS A 145 4.56 -31.02 -5.51
CA HIS A 145 3.84 -32.27 -5.49
C HIS A 145 4.65 -33.47 -5.06
N CYS A 146 5.92 -33.51 -5.36
CA CYS A 146 6.72 -34.68 -5.04
C CYS A 146 6.78 -35.09 -3.59
N SER A 147 6.82 -36.41 -3.40
CA SER A 147 6.91 -37.05 -2.10
C SER A 147 8.31 -36.98 -1.58
N ARG A 148 8.47 -37.38 -0.33
CA ARG A 148 9.78 -37.42 0.29
C ARG A 148 10.71 -38.33 -0.46
N GLY A 149 10.21 -39.49 -0.86
CA GLY A 149 11.02 -40.44 -1.61
C GLY A 149 11.47 -39.85 -2.94
N GLU A 150 10.55 -39.21 -3.65
CA GLU A 150 10.90 -38.63 -4.93
C GLU A 150 11.92 -37.54 -4.78
N ARG A 151 11.75 -36.69 -3.78
CA ARG A 151 12.68 -35.62 -3.54
C ARG A 151 14.06 -36.17 -3.21
N ARG A 152 14.10 -37.21 -2.39
CA ARG A 152 15.36 -37.81 -2.00
C ARG A 152 16.09 -38.40 -3.18
N ALA A 153 15.37 -39.01 -4.10
CA ALA A 153 16.01 -39.57 -5.26
C ALA A 153 16.70 -38.50 -6.09
N ILE A 154 16.03 -37.36 -6.26
CA ILE A 154 16.61 -36.26 -7.00
C ILE A 154 17.86 -35.76 -6.34
N GLU A 155 17.83 -35.61 -5.03
CA GLU A 155 19.01 -35.18 -4.32
C GLU A 155 20.19 -36.05 -4.66
N LYS A 156 19.99 -37.36 -4.56
CA LYS A 156 21.09 -38.28 -4.80
C LYS A 156 21.64 -38.17 -6.21
N LEU A 157 20.77 -37.99 -7.20
CA LEU A 157 21.24 -37.85 -8.57
C LEU A 157 22.12 -36.65 -8.71
N ALA A 158 21.68 -35.55 -8.11
CA ALA A 158 22.42 -34.31 -8.17
C ALA A 158 23.75 -34.46 -7.49
N VAL A 159 23.77 -35.12 -6.33
CA VAL A 159 25.01 -35.28 -5.61
C VAL A 159 25.99 -36.06 -6.43
N GLU A 160 25.54 -37.12 -7.07
CA GLU A 160 26.45 -37.87 -7.90
C GLU A 160 27.04 -37.03 -9.01
N ALA A 161 26.18 -36.37 -9.78
CA ALA A 161 26.66 -35.59 -10.90
C ALA A 161 27.61 -34.51 -10.45
N LEU A 162 27.20 -33.77 -9.43
CA LEU A 162 28.02 -32.67 -8.95
C LEU A 162 29.35 -33.13 -8.42
N SER A 163 29.41 -34.31 -7.84
CA SER A 163 30.69 -34.77 -7.34
C SER A 163 31.70 -35.06 -8.45
N SER A 164 31.24 -35.20 -9.69
CA SER A 164 32.14 -35.51 -10.80
C SER A 164 32.54 -34.31 -11.64
N LEU A 165 32.08 -33.10 -11.32
CA LEU A 165 32.47 -31.97 -12.16
C LEU A 165 33.94 -31.64 -11.92
N ASP A 166 34.66 -31.41 -13.01
CA ASP A 166 36.09 -31.12 -12.94
C ASP A 166 36.46 -29.64 -13.04
N GLY A 167 37.77 -29.36 -12.99
CA GLY A 167 38.30 -28.01 -13.14
C GLY A 167 37.70 -27.04 -12.15
N ASP A 168 37.28 -25.88 -12.65
CA ASP A 168 36.64 -24.90 -11.79
C ASP A 168 35.24 -25.31 -11.42
N LEU A 169 34.73 -26.34 -12.03
CA LEU A 169 33.42 -26.78 -11.70
C LEU A 169 33.50 -27.82 -10.56
N ALA A 170 34.71 -28.11 -10.08
CA ALA A 170 34.84 -28.99 -8.92
C ALA A 170 34.44 -28.21 -7.67
N GLY A 171 33.89 -28.91 -6.67
CA GLY A 171 33.43 -28.24 -5.46
C GLY A 171 32.98 -29.19 -4.35
N ARG A 172 32.12 -28.69 -3.47
CA ARG A 172 31.65 -29.46 -2.33
C ARG A 172 30.17 -29.35 -2.07
N TYR A 173 29.56 -30.48 -1.75
CA TYR A 173 28.14 -30.56 -1.45
C TYR A 173 27.87 -30.49 0.04
N TYR A 174 26.93 -29.66 0.42
CA TYR A 174 26.51 -29.54 1.80
C TYR A 174 25.09 -30.03 1.95
N ALA A 175 24.86 -30.82 2.99
CA ALA A 175 23.51 -31.30 3.27
C ALA A 175 22.85 -30.30 4.19
N LEU A 176 21.87 -29.57 3.66
CA LEU A 176 21.26 -28.51 4.45
C LEU A 176 20.75 -28.98 5.79
N LYS A 177 20.02 -30.08 5.79
CA LYS A 177 19.42 -30.63 6.99
C LYS A 177 20.40 -30.98 8.12
N SER A 178 21.68 -31.09 7.83
CA SER A 178 22.61 -31.47 8.88
C SER A 178 23.93 -30.73 8.82
N MET A 179 23.95 -29.59 8.13
CA MET A 179 25.19 -28.83 8.02
C MET A 179 25.60 -28.17 9.34
N THR A 180 26.90 -28.08 9.56
CA THR A 180 27.49 -27.53 10.79
C THR A 180 27.35 -26.02 10.86
N GLU A 181 27.05 -25.49 12.04
CA GLU A 181 26.87 -24.04 12.23
C GLU A 181 28.03 -23.21 11.67
N ALA A 182 29.26 -23.69 11.78
CA ALA A 182 30.40 -23.00 11.20
C ALA A 182 30.26 -22.94 9.69
N GLU A 183 29.75 -24.02 9.10
CA GLU A 183 29.53 -24.08 7.68
C GLU A 183 28.41 -23.11 7.33
N GLN A 184 27.42 -23.01 8.21
CA GLN A 184 26.32 -22.09 8.01
C GLN A 184 26.85 -20.68 7.99
N GLN A 185 27.81 -20.40 8.86
CA GLN A 185 28.42 -19.09 8.90
C GLN A 185 29.16 -18.77 7.62
N GLN A 186 29.87 -19.74 7.08
CA GLN A 186 30.61 -19.48 5.86
C GLN A 186 29.69 -19.26 4.70
N LEU A 187 28.65 -20.05 4.61
CA LEU A 187 27.79 -19.92 3.47
C LEU A 187 26.81 -18.77 3.62
N ILE A 188 26.48 -18.37 4.85
CA ILE A 188 25.61 -17.22 4.95
C ILE A 188 26.38 -15.97 4.60
N ASP A 189 27.68 -15.93 4.89
CA ASP A 189 28.46 -14.76 4.53
C ASP A 189 28.55 -14.59 3.03
N ASP A 190 28.65 -15.70 2.32
CA ASP A 190 28.69 -15.63 0.88
C ASP A 190 27.31 -15.72 0.24
N HIS A 191 26.26 -15.72 1.07
CA HIS A 191 24.89 -15.81 0.61
C HIS A 191 24.61 -17.05 -0.22
N PHE A 192 25.35 -18.12 0.03
CA PHE A 192 25.13 -19.39 -0.64
C PHE A 192 24.11 -20.16 0.17
N LEU A 193 24.06 -19.86 1.47
CA LEU A 193 23.11 -20.46 2.37
C LEU A 193 21.74 -19.90 2.19
N PHE A 194 20.77 -20.78 2.05
CA PHE A 194 19.40 -20.36 1.91
C PHE A 194 18.62 -20.87 3.09
N ASP A 195 17.34 -20.58 3.13
CA ASP A 195 16.54 -21.01 4.25
C ASP A 195 15.11 -21.24 3.81
N LYS A 196 14.28 -21.72 4.73
CA LYS A 196 12.91 -22.06 4.46
C LYS A 196 12.16 -20.87 3.93
N PRO A 197 11.41 -21.02 2.84
CA PRO A 197 10.53 -20.03 2.24
C PRO A 197 9.63 -19.40 3.27
N VAL A 198 9.52 -18.07 3.22
CA VAL A 198 8.68 -17.34 4.15
C VAL A 198 7.57 -16.60 3.45
N SER A 199 7.69 -16.43 2.15
CA SER A 199 6.63 -15.76 1.44
C SER A 199 5.44 -16.66 1.30
N PRO A 200 4.23 -16.15 1.52
CA PRO A 200 2.95 -16.82 1.41
C PRO A 200 2.66 -17.16 -0.05
N LEU A 201 3.37 -16.51 -0.96
CA LEU A 201 3.23 -16.77 -2.37
C LEU A 201 3.96 -18.05 -2.75
N LEU A 202 4.84 -18.52 -1.87
CA LEU A 202 5.55 -19.76 -2.07
C LEU A 202 4.94 -20.85 -1.24
N LEU A 203 4.63 -20.51 0.01
CA LEU A 203 4.12 -21.49 0.94
C LEU A 203 2.81 -22.08 0.50
N ALA A 204 1.98 -21.30 -0.15
CA ALA A 204 0.71 -21.81 -0.66
C ALA A 204 0.87 -22.96 -1.67
N SER A 205 2.05 -23.09 -2.29
CA SER A 205 2.26 -24.17 -3.24
C SER A 205 2.58 -25.49 -2.60
N GLY A 206 3.03 -25.44 -1.35
CA GLY A 206 3.43 -26.66 -0.68
C GLY A 206 4.91 -26.99 -0.91
N MET A 207 5.65 -26.12 -1.60
CA MET A 207 7.07 -26.39 -1.84
C MET A 207 7.93 -26.54 -0.58
N ALA A 208 7.45 -26.06 0.56
CA ALA A 208 8.19 -26.16 1.81
C ALA A 208 7.93 -27.46 2.58
N ARG A 209 7.09 -28.35 2.04
CA ARG A 209 6.81 -29.60 2.73
C ARG A 209 8.06 -30.39 3.08
N ASP A 210 8.12 -30.86 4.33
CA ASP A 210 9.21 -31.68 4.82
C ASP A 210 10.56 -30.97 4.99
N TRP A 211 10.62 -29.68 4.69
CA TRP A 211 11.85 -28.90 4.76
C TRP A 211 12.51 -29.12 6.11
N PRO A 212 13.82 -29.34 6.17
CA PRO A 212 14.88 -29.33 5.17
C PRO A 212 15.23 -30.68 4.59
N ASP A 213 14.31 -31.63 4.61
CA ASP A 213 14.63 -32.95 4.10
C ASP A 213 14.99 -32.89 2.62
N ALA A 214 16.20 -33.35 2.32
CA ALA A 214 16.75 -33.43 0.97
C ALA A 214 16.93 -32.09 0.30
N ARG A 215 17.22 -31.06 1.09
CA ARG A 215 17.56 -29.78 0.49
C ARG A 215 19.09 -29.66 0.54
N GLY A 216 19.69 -29.13 -0.54
CA GLY A 216 21.15 -29.21 -0.69
C GLY A 216 21.84 -27.98 -1.31
N ILE A 217 23.08 -27.74 -0.89
CA ILE A 217 23.88 -26.63 -1.38
C ILE A 217 25.21 -27.08 -1.92
N TRP A 218 25.53 -26.69 -3.14
CA TRP A 218 26.82 -27.06 -3.69
C TRP A 218 27.46 -25.88 -4.38
N HIS A 219 28.72 -25.65 -4.08
CA HIS A 219 29.39 -24.55 -4.74
C HIS A 219 30.80 -24.95 -5.05
N ASN A 220 31.39 -24.28 -6.04
CA ASN A 220 32.74 -24.65 -6.43
C ASN A 220 33.78 -24.02 -5.56
N ASP A 221 35.02 -24.43 -5.79
CA ASP A 221 36.16 -23.97 -5.02
C ASP A 221 36.41 -22.48 -5.15
N ASN A 222 36.05 -21.90 -6.29
CA ASN A 222 36.28 -20.48 -6.48
C ASN A 222 35.07 -19.62 -6.17
N LYS A 223 34.03 -20.22 -5.61
CA LYS A 223 32.83 -19.47 -5.26
C LYS A 223 32.23 -18.68 -6.41
N THR A 224 32.23 -19.27 -7.60
CA THR A 224 31.67 -18.61 -8.78
C THR A 224 30.55 -19.43 -9.36
N PHE A 225 30.46 -20.69 -8.94
CA PHE A 225 29.45 -21.58 -9.46
C PHE A 225 28.68 -22.18 -8.30
N LEU A 226 27.41 -21.84 -8.22
CA LEU A 226 26.53 -22.22 -7.13
C LEU A 226 25.27 -22.94 -7.58
N VAL A 227 24.95 -24.08 -6.97
CA VAL A 227 23.71 -24.71 -7.33
C VAL A 227 22.96 -25.14 -6.09
N TRP A 228 21.64 -24.93 -6.12
CA TRP A 228 20.78 -25.30 -5.01
C TRP A 228 19.91 -26.48 -5.41
N VAL A 229 19.74 -27.40 -4.47
CA VAL A 229 19.04 -28.63 -4.72
C VAL A 229 17.68 -28.71 -4.04
N ASN A 230 16.63 -28.85 -4.83
CA ASN A 230 15.27 -29.01 -4.34
C ASN A 230 14.79 -27.85 -3.51
N GLU A 231 14.78 -26.66 -4.09
CA GLU A 231 14.33 -25.50 -3.34
C GLU A 231 13.09 -24.91 -4.02
N GLU A 232 13.25 -23.77 -4.68
CA GLU A 232 12.16 -23.14 -5.38
C GLU A 232 11.76 -23.97 -6.57
N ASP A 233 12.72 -24.69 -7.13
CA ASP A 233 12.48 -25.57 -8.24
C ASP A 233 13.50 -26.71 -8.07
N HIS A 234 13.67 -27.59 -9.05
CA HIS A 234 14.59 -28.73 -8.85
C HIS A 234 16.05 -28.32 -8.77
N LEU A 235 16.65 -27.94 -9.88
CA LEU A 235 18.03 -27.52 -9.82
C LEU A 235 18.17 -26.07 -10.16
N ARG A 236 18.58 -25.30 -9.16
CA ARG A 236 18.76 -23.88 -9.28
C ARG A 236 20.22 -23.57 -9.50
N VAL A 237 20.54 -23.00 -10.66
CA VAL A 237 21.93 -22.74 -10.99
C VAL A 237 22.29 -21.28 -11.13
N ILE A 238 23.30 -20.85 -10.38
CA ILE A 238 23.75 -19.47 -10.41
C ILE A 238 25.25 -19.34 -10.67
N SER A 239 25.62 -18.53 -11.64
CA SER A 239 27.01 -18.28 -11.92
C SER A 239 27.29 -16.83 -11.59
N MET A 240 28.41 -16.54 -10.96
CA MET A 240 28.65 -15.14 -10.64
C MET A 240 30.11 -14.81 -10.54
N GLN A 241 30.41 -13.52 -10.69
CA GLN A 241 31.77 -13.06 -10.57
C GLN A 241 31.84 -11.55 -10.46
N LYS A 242 32.64 -11.08 -9.50
CA LYS A 242 32.85 -9.65 -9.34
C LYS A 242 33.61 -9.16 -10.55
N GLY A 243 33.15 -8.07 -11.14
CA GLY A 243 33.78 -7.56 -12.34
C GLY A 243 32.79 -7.55 -13.48
N GLY A 244 33.21 -7.00 -14.61
CA GLY A 244 32.34 -6.86 -15.77
C GLY A 244 32.58 -7.86 -16.89
N ASN A 245 33.17 -9.00 -16.60
CA ASN A 245 33.44 -9.93 -17.69
C ASN A 245 32.27 -10.83 -18.00
N MET A 246 31.25 -10.25 -18.63
CA MET A 246 30.04 -10.97 -18.97
C MET A 246 30.29 -12.12 -19.89
N LYS A 247 31.17 -11.95 -20.87
CA LYS A 247 31.47 -12.99 -21.81
C LYS A 247 31.96 -14.26 -21.14
N GLU A 248 32.90 -14.13 -20.22
CA GLU A 248 33.42 -15.32 -19.57
C GLU A 248 32.40 -15.96 -18.67
N VAL A 249 31.66 -15.15 -17.92
CA VAL A 249 30.67 -15.72 -17.02
C VAL A 249 29.64 -16.49 -17.78
N PHE A 250 29.17 -15.95 -18.89
CA PHE A 250 28.22 -16.68 -19.68
C PHE A 250 28.76 -18.01 -20.10
N THR A 251 30.02 -18.05 -20.55
CA THR A 251 30.61 -19.33 -20.93
C THR A 251 30.70 -20.29 -19.76
N ARG A 252 31.16 -19.80 -18.61
CA ARG A 252 31.27 -20.65 -17.43
C ARG A 252 29.96 -21.33 -17.16
N PHE A 253 28.91 -20.53 -17.13
CA PHE A 253 27.56 -20.98 -16.94
C PHE A 253 27.19 -22.05 -17.91
N CYS A 254 27.44 -21.80 -19.19
CA CYS A 254 27.14 -22.78 -20.21
C CYS A 254 27.83 -24.11 -20.00
N THR A 255 29.12 -24.09 -19.66
CA THR A 255 29.83 -25.35 -19.47
C THR A 255 29.34 -26.07 -18.22
N GLY A 256 28.83 -25.31 -17.26
CA GLY A 256 28.27 -25.92 -16.08
C GLY A 256 27.07 -26.75 -16.47
N LEU A 257 26.16 -26.17 -17.24
CA LEU A 257 25.01 -26.95 -17.64
C LEU A 257 25.35 -27.99 -18.67
N THR A 258 26.36 -27.75 -19.49
CA THR A 258 26.73 -28.75 -20.48
C THR A 258 27.24 -30.02 -19.82
N GLN A 259 28.13 -29.89 -18.84
CA GLN A 259 28.62 -31.08 -18.18
C GLN A 259 27.56 -31.73 -17.32
N ILE A 260 26.76 -30.95 -16.61
CA ILE A 260 25.72 -31.55 -15.80
C ILE A 260 24.72 -32.28 -16.66
N GLU A 261 24.29 -31.69 -17.76
CA GLU A 261 23.37 -32.41 -18.61
C GLU A 261 23.98 -33.71 -19.06
N THR A 262 25.23 -33.68 -19.50
CA THR A 262 25.91 -34.89 -19.93
C THR A 262 25.85 -35.97 -18.86
N LEU A 263 26.18 -35.59 -17.64
CA LEU A 263 26.20 -36.53 -16.55
C LEU A 263 24.83 -37.12 -16.30
N PHE A 264 23.79 -36.31 -16.39
CA PHE A 264 22.47 -36.87 -16.24
C PHE A 264 22.13 -37.79 -17.38
N LYS A 265 22.53 -37.44 -18.60
CA LYS A 265 22.25 -38.29 -19.75
C LYS A 265 22.93 -39.64 -19.63
N SER A 266 24.07 -39.70 -18.94
CA SER A 266 24.73 -40.99 -18.75
C SER A 266 23.91 -41.92 -17.86
N LYS A 267 23.00 -41.36 -17.07
CA LYS A 267 22.12 -42.13 -16.21
C LYS A 267 20.71 -42.15 -16.74
N ASP A 268 20.52 -41.82 -18.01
CA ASP A 268 19.21 -41.76 -18.63
C ASP A 268 18.30 -40.74 -18.00
N TYR A 269 18.83 -39.56 -17.70
CA TYR A 269 18.01 -38.46 -17.24
C TYR A 269 18.27 -37.25 -18.08
N GLU A 270 17.27 -36.41 -18.23
CA GLU A 270 17.44 -35.21 -19.00
C GLU A 270 16.53 -34.17 -18.46
N PHE A 271 16.77 -32.95 -18.85
CA PHE A 271 15.95 -31.88 -18.37
C PHE A 271 14.64 -31.85 -19.13
N MET A 272 13.57 -31.50 -18.45
CA MET A 272 12.29 -31.44 -19.13
C MET A 272 12.34 -30.38 -20.17
N TRP A 273 11.98 -30.72 -21.38
CA TRP A 273 12.08 -29.76 -22.45
C TRP A 273 11.23 -30.13 -23.64
N ASN A 274 10.57 -29.15 -24.20
CA ASN A 274 9.84 -29.41 -25.42
C ASN A 274 9.87 -28.16 -26.28
N PRO A 275 9.70 -28.29 -27.60
CA PRO A 275 9.69 -27.25 -28.62
C PRO A 275 8.73 -26.11 -28.38
N HIS A 276 7.73 -26.31 -27.55
CA HIS A 276 6.74 -25.28 -27.39
C HIS A 276 7.00 -24.39 -26.20
N LEU A 277 7.23 -24.97 -25.04
CA LEU A 277 7.49 -24.15 -23.88
C LEU A 277 8.94 -24.17 -23.43
N GLY A 278 9.82 -24.76 -24.23
CA GLY A 278 11.22 -24.79 -23.85
C GLY A 278 11.41 -25.60 -22.59
N TYR A 279 12.14 -25.06 -21.64
CA TYR A 279 12.36 -25.79 -20.41
C TYR A 279 11.14 -25.72 -19.53
N ILE A 280 10.78 -26.85 -18.96
CA ILE A 280 9.59 -26.93 -18.14
C ILE A 280 9.87 -26.78 -16.67
N LEU A 281 9.43 -25.66 -16.14
CA LEU A 281 9.58 -25.38 -14.72
C LEU A 281 8.23 -25.16 -14.05
N THR A 282 8.26 -24.92 -12.74
CA THR A 282 7.07 -24.69 -11.92
C THR A 282 6.20 -23.52 -12.37
N CYS A 283 6.49 -22.32 -11.89
CA CYS A 283 5.63 -21.22 -12.27
C CYS A 283 5.79 -20.91 -13.74
N PRO A 284 4.73 -20.43 -14.39
CA PRO A 284 4.65 -20.04 -15.81
C PRO A 284 5.65 -18.98 -16.20
N SER A 285 5.99 -18.10 -15.27
CA SER A 285 6.91 -17.03 -15.59
C SER A 285 8.32 -17.50 -15.90
N ASN A 286 8.67 -18.72 -15.52
CA ASN A 286 10.00 -19.22 -15.82
C ASN A 286 10.07 -20.20 -16.99
N LEU A 287 9.02 -20.27 -17.80
CA LEU A 287 9.06 -21.13 -18.97
C LEU A 287 10.02 -20.65 -20.02
N GLY A 288 10.29 -21.51 -21.00
CA GLY A 288 11.20 -21.15 -22.08
C GLY A 288 12.64 -21.33 -21.70
N THR A 289 13.32 -20.24 -21.45
CA THR A 289 14.72 -20.33 -21.10
C THR A 289 14.88 -20.45 -19.63
N GLY A 290 14.03 -19.73 -18.91
CA GLY A 290 14.15 -19.69 -17.48
C GLY A 290 15.46 -19.02 -17.13
N LEU A 291 15.94 -18.13 -18.01
CA LEU A 291 17.24 -17.51 -17.84
C LEU A 291 17.21 -16.06 -17.44
N ARG A 292 17.87 -15.77 -16.34
CA ARG A 292 18.00 -14.45 -15.82
C ARG A 292 19.46 -14.07 -15.82
N ALA A 293 19.76 -12.85 -16.22
CA ALA A 293 21.13 -12.42 -16.19
C ALA A 293 21.17 -10.95 -15.96
N GLY A 294 22.17 -10.50 -15.25
CA GLY A 294 22.22 -9.10 -14.96
C GLY A 294 23.46 -8.68 -14.22
N VAL A 295 23.50 -7.42 -13.89
CA VAL A 295 24.64 -6.82 -13.25
C VAL A 295 24.28 -5.81 -12.19
N HIS A 296 25.22 -5.57 -11.31
CA HIS A 296 25.09 -4.54 -10.29
C HIS A 296 25.81 -3.31 -10.78
N ILE A 297 25.06 -2.28 -11.14
CA ILE A 297 25.61 -1.07 -11.72
C ILE A 297 25.55 0.14 -10.82
N LYS A 298 26.67 0.83 -10.67
CA LYS A 298 26.67 2.04 -9.85
C LYS A 298 26.09 3.21 -10.60
N LEU A 299 24.77 3.39 -10.50
CA LEU A 299 24.10 4.49 -11.21
C LEU A 299 23.41 5.53 -10.32
N PRO A 300 24.13 6.25 -9.47
CA PRO A 300 23.61 7.28 -8.57
C PRO A 300 22.98 8.42 -9.36
N ASN A 301 23.42 8.59 -10.59
CA ASN A 301 22.93 9.62 -11.46
C ASN A 301 21.67 9.20 -12.17
N LEU A 302 21.74 8.08 -12.89
CA LEU A 302 20.58 7.66 -13.66
C LEU A 302 19.45 7.28 -12.75
N GLY A 303 19.76 6.82 -11.54
CA GLY A 303 18.74 6.46 -10.57
C GLY A 303 17.90 7.66 -10.12
N LYS A 304 18.36 8.88 -10.40
CA LYS A 304 17.64 10.07 -10.05
C LYS A 304 17.02 10.71 -11.29
N HIS A 305 17.51 10.35 -12.47
CA HIS A 305 16.97 10.94 -13.67
C HIS A 305 15.51 10.57 -13.91
N GLU A 306 14.77 11.55 -14.39
CA GLU A 306 13.34 11.48 -14.62
C GLU A 306 12.88 10.39 -15.58
N LYS A 307 13.69 10.05 -16.57
CA LYS A 307 13.30 9.06 -17.56
C LYS A 307 14.00 7.72 -17.42
N PHE A 308 14.61 7.49 -16.27
CA PHE A 308 15.36 6.26 -16.06
C PHE A 308 14.54 5.02 -16.31
N SER A 309 13.37 4.95 -15.71
CA SER A 309 12.51 3.80 -15.90
C SER A 309 11.96 3.70 -17.30
N GLU A 310 11.86 4.83 -17.99
CA GLU A 310 11.34 4.83 -19.35
C GLU A 310 12.33 4.19 -20.31
N VAL A 311 13.60 4.47 -20.09
CA VAL A 311 14.65 3.89 -20.90
C VAL A 311 14.73 2.40 -20.66
N LEU A 312 14.68 2.00 -19.38
CA LEU A 312 14.77 0.61 -19.02
C LEU A 312 13.59 -0.17 -19.56
N LYS A 313 12.43 0.48 -19.62
CA LYS A 313 11.26 -0.14 -20.19
C LYS A 313 11.54 -0.57 -21.60
N ARG A 314 11.99 0.35 -22.44
CA ARG A 314 12.25 -0.03 -23.82
C ARG A 314 13.41 -0.99 -23.95
N LEU A 315 14.41 -0.88 -23.09
CA LEU A 315 15.51 -1.84 -23.16
C LEU A 315 15.11 -3.24 -22.71
N ARG A 316 13.92 -3.40 -22.15
CA ARG A 316 13.42 -4.68 -21.70
C ARG A 316 14.29 -5.21 -20.59
N LEU A 317 14.60 -4.34 -19.64
CA LEU A 317 15.41 -4.71 -18.50
C LEU A 317 14.65 -4.47 -17.21
N GLN A 318 14.96 -5.24 -16.18
CA GLN A 318 14.31 -5.07 -14.90
C GLN A 318 15.17 -4.24 -14.00
N LYS A 319 14.52 -3.40 -13.23
CA LYS A 319 15.14 -2.53 -12.26
C LYS A 319 14.91 -3.04 -10.85
N ARG A 320 15.97 -3.36 -10.14
CA ARG A 320 15.79 -3.85 -8.79
C ARG A 320 16.88 -3.34 -7.87
N GLY A 321 16.52 -3.10 -6.61
CA GLY A 321 17.45 -2.59 -5.61
C GLY A 321 18.36 -3.68 -5.06
N THR A 322 18.63 -3.61 -3.76
CA THR A 322 19.51 -4.57 -3.12
C THR A 322 19.16 -4.89 -1.69
N GLY A 323 19.67 -6.02 -1.23
CA GLY A 323 19.45 -6.49 0.14
C GLY A 323 20.36 -5.79 1.14
N VAL A 333 22.16 1.96 -6.35
CA VAL A 333 22.96 1.04 -7.11
C VAL A 333 21.93 0.08 -7.60
N PHE A 334 22.01 -0.35 -8.83
CA PHE A 334 20.91 -1.16 -9.30
C PHE A 334 21.27 -2.47 -9.87
N ASP A 335 20.37 -3.40 -9.67
CA ASP A 335 20.47 -4.70 -10.23
C ASP A 335 19.69 -4.64 -11.52
N VAL A 336 20.42 -4.60 -12.62
CA VAL A 336 19.80 -4.49 -13.92
C VAL A 336 19.78 -5.87 -14.51
N SER A 337 18.62 -6.33 -14.96
CA SER A 337 18.58 -7.69 -15.44
C SER A 337 17.58 -7.99 -16.54
N ASN A 338 17.79 -9.12 -17.19
CA ASN A 338 16.93 -9.59 -18.25
C ASN A 338 15.46 -9.70 -17.90
N ALA A 339 14.60 -8.95 -18.60
CA ALA A 339 13.17 -9.02 -18.31
C ALA A 339 12.40 -10.07 -19.12
N ASP A 340 13.04 -10.77 -20.05
CA ASP A 340 12.34 -11.78 -20.85
C ASP A 340 12.71 -13.22 -20.52
N ARG A 341 11.80 -14.13 -20.75
CA ARG A 341 12.08 -15.52 -20.46
C ARG A 341 11.74 -16.48 -21.58
N LEU A 342 10.85 -16.08 -22.46
CA LEU A 342 10.35 -16.96 -23.48
C LEU A 342 10.25 -16.29 -24.85
N GLY A 343 10.71 -16.98 -25.90
CA GLY A 343 10.67 -16.41 -27.24
C GLY A 343 12.03 -15.90 -27.71
N PHE A 344 13.04 -15.99 -26.86
CA PHE A 344 14.37 -15.53 -27.20
C PHE A 344 15.38 -16.63 -26.98
N SER A 345 16.43 -16.67 -27.78
CA SER A 345 17.35 -17.79 -27.74
C SER A 345 18.44 -17.73 -26.69
N GLU A 346 18.06 -17.72 -25.41
CA GLU A 346 19.00 -17.78 -24.28
C GLU A 346 20.14 -16.80 -24.41
N VAL A 347 21.21 -17.17 -25.13
CA VAL A 347 22.32 -16.25 -25.31
C VAL A 347 21.86 -14.92 -25.92
N GLU A 348 20.79 -14.95 -26.69
CA GLU A 348 20.19 -13.76 -27.26
C GLU A 348 19.78 -12.78 -26.18
N LEU A 349 19.24 -13.30 -25.09
CA LEU A 349 18.83 -12.48 -23.97
C LEU A 349 20.02 -11.90 -23.27
N VAL A 350 21.08 -12.67 -23.20
CA VAL A 350 22.29 -12.15 -22.61
C VAL A 350 22.81 -11.03 -23.47
N GLN A 351 22.71 -11.18 -24.79
CA GLN A 351 23.12 -10.13 -25.70
C GLN A 351 22.36 -8.85 -25.39
N MET A 352 21.05 -9.00 -25.11
CA MET A 352 20.22 -7.85 -24.76
C MET A 352 20.71 -7.16 -23.52
N VAL A 353 21.12 -7.91 -22.53
CA VAL A 353 21.64 -7.30 -21.32
C VAL A 353 22.93 -6.57 -21.58
N VAL A 354 23.84 -7.16 -22.34
CA VAL A 354 25.09 -6.49 -22.62
C VAL A 354 24.86 -5.18 -23.34
N ASP A 355 23.99 -5.21 -24.34
CA ASP A 355 23.67 -4.03 -25.11
C ASP A 355 23.11 -2.92 -24.26
N GLY A 356 22.08 -3.25 -23.48
CA GLY A 356 21.43 -2.27 -22.65
C GLY A 356 22.37 -1.67 -21.62
N VAL A 357 23.18 -2.49 -20.98
CA VAL A 357 24.11 -1.97 -20.00
C VAL A 357 25.10 -1.03 -20.59
N LYS A 358 25.67 -1.37 -21.75
CA LYS A 358 26.62 -0.45 -22.35
C LYS A 358 25.94 0.87 -22.69
N LEU A 359 24.70 0.81 -23.16
CA LEU A 359 23.95 2.02 -23.44
C LEU A 359 23.79 2.84 -22.19
N LEU A 360 23.41 2.18 -21.09
CA LEU A 360 23.22 2.87 -19.82
C LEU A 360 24.51 3.44 -19.30
N ILE A 361 25.63 2.79 -19.52
CA ILE A 361 26.87 3.37 -19.08
C ILE A 361 27.07 4.68 -19.80
N GLU A 362 26.86 4.68 -21.12
CA GLU A 362 27.03 5.91 -21.88
C GLU A 362 26.00 6.95 -21.51
N MET A 363 24.79 6.50 -21.20
CA MET A 363 23.73 7.37 -20.77
C MET A 363 24.19 8.13 -19.56
N GLU A 364 24.73 7.40 -18.60
CA GLU A 364 25.25 7.96 -17.38
C GLU A 364 26.40 8.89 -17.64
N GLN A 365 27.25 8.59 -18.62
CA GLN A 365 28.37 9.48 -18.91
C GLN A 365 27.90 10.86 -19.27
N ARG A 366 26.91 10.93 -20.14
CA ARG A 366 26.40 12.20 -20.58
C ARG A 366 25.68 12.91 -19.46
N LEU A 367 24.94 12.16 -18.64
CA LEU A 367 24.22 12.79 -17.54
C LEU A 367 25.20 13.33 -16.53
N GLU A 368 26.25 12.57 -16.22
CA GLU A 368 27.30 13.00 -15.32
C GLU A 368 27.92 14.32 -15.72
N GLN A 369 28.08 14.52 -17.03
CA GLN A 369 28.66 15.77 -17.51
C GLN A 369 27.62 16.88 -17.75
N GLY A 370 26.37 16.66 -17.36
CA GLY A 370 25.35 17.68 -17.49
C GLY A 370 24.89 17.83 -18.93
N GLN A 371 25.01 16.79 -19.72
CA GLN A 371 24.66 16.87 -21.11
C GLN A 371 23.27 16.33 -21.33
N ALA A 372 22.66 16.69 -22.43
CA ALA A 372 21.35 16.15 -22.75
C ALA A 372 21.51 14.68 -23.07
N ILE A 373 20.58 13.86 -22.63
CA ILE A 373 20.72 12.44 -22.85
C ILE A 373 19.61 11.87 -23.74
N ASP A 374 18.85 12.74 -24.38
CA ASP A 374 17.72 12.33 -25.22
C ASP A 374 18.15 11.55 -26.45
N ASP A 375 19.37 11.78 -26.91
CA ASP A 375 19.88 11.09 -28.09
C ASP A 375 20.32 9.66 -27.84
N LEU A 376 20.16 9.16 -26.62
CA LEU A 376 20.47 7.78 -26.33
C LEU A 376 19.24 7.01 -25.92
N MET A 377 18.07 7.45 -26.34
CA MET A 377 16.84 6.77 -25.97
C MET A 377 16.15 6.11 -27.17
N PRO A 378 16.63 4.93 -27.62
CA PRO A 378 16.19 4.18 -28.78
C PRO A 378 14.81 3.62 -28.61
N ALA A 379 14.11 3.42 -29.72
CA ALA A 379 12.77 2.85 -29.69
C ALA A 379 12.82 1.33 -29.66
N GLN A 380 13.42 0.78 -28.61
CA GLN A 380 13.56 -0.65 -28.46
C GLN A 380 12.25 -1.25 -27.99
N LYS A 381 11.80 -2.27 -28.68
CA LYS A 381 10.58 -2.94 -28.30
C LYS A 381 10.79 -4.44 -28.22
N SER B 6 -3.93 -41.95 -9.05
CA SER B 6 -3.58 -41.25 -7.82
C SER B 6 -2.10 -41.26 -7.50
N HIS B 7 -1.62 -40.14 -6.99
CA HIS B 7 -0.23 -40.02 -6.62
C HIS B 7 0.10 -40.89 -5.41
N ASN B 8 -0.93 -41.30 -4.69
CA ASN B 8 -0.73 -42.17 -3.56
C ASN B 8 -0.15 -43.48 -4.06
N ALA B 9 -0.76 -44.00 -5.12
CA ALA B 9 -0.29 -45.22 -5.74
C ALA B 9 1.13 -45.03 -6.25
N LEU B 10 1.43 -43.85 -6.76
CA LEU B 10 2.77 -43.59 -7.24
C LEU B 10 3.78 -43.62 -6.10
N LYS B 11 3.38 -43.10 -4.94
CA LYS B 11 4.26 -43.13 -3.78
C LYS B 11 4.52 -44.56 -3.34
N LEU B 12 3.53 -45.43 -3.51
CA LEU B 12 3.66 -46.83 -3.15
C LEU B 12 4.66 -47.60 -4.02
N ARG B 13 5.14 -46.99 -5.10
CA ARG B 13 6.14 -47.64 -5.92
C ARG B 13 7.50 -47.62 -5.23
N PHE B 14 7.67 -46.70 -4.28
CA PHE B 14 8.88 -46.63 -3.50
C PHE B 14 8.72 -47.53 -2.30
N PRO B 15 9.81 -48.04 -1.76
CA PRO B 15 9.86 -48.84 -0.56
C PRO B 15 9.56 -47.90 0.59
N ALA B 16 8.99 -48.43 1.67
CA ALA B 16 8.64 -47.62 2.80
C ALA B 16 9.84 -46.86 3.33
N GLU B 17 11.01 -47.50 3.27
CA GLU B 17 12.24 -46.88 3.70
C GLU B 17 12.49 -45.52 3.05
N ASP B 18 12.15 -45.39 1.77
CA ASP B 18 12.35 -44.13 1.08
C ASP B 18 11.34 -43.09 1.49
N GLU B 19 10.10 -43.51 1.72
CA GLU B 19 9.08 -42.55 2.08
C GLU B 19 9.05 -42.19 3.57
N PHE B 20 9.66 -43.00 4.42
CA PHE B 20 9.67 -42.71 5.85
C PHE B 20 10.52 -41.46 6.17
N PRO B 21 9.95 -40.46 6.87
CA PRO B 21 10.55 -39.20 7.26
C PRO B 21 11.53 -39.37 8.41
N ASP B 22 12.56 -38.52 8.44
CA ASP B 22 13.54 -38.61 9.52
C ASP B 22 13.06 -37.94 10.77
N LEU B 23 12.33 -38.70 11.55
CA LEU B 23 11.72 -38.19 12.76
C LEU B 23 12.66 -38.02 13.94
N SER B 24 13.95 -38.31 13.77
CA SER B 24 14.89 -38.14 14.87
C SER B 24 15.10 -36.67 15.21
N ALA B 25 14.72 -35.78 14.28
CA ALA B 25 14.84 -34.36 14.53
C ALA B 25 13.61 -33.77 15.21
N HIS B 26 12.65 -34.61 15.58
CA HIS B 26 11.44 -34.06 16.14
C HIS B 26 11.26 -34.44 17.60
N ASN B 27 10.57 -33.57 18.34
CA ASN B 27 10.34 -33.80 19.75
C ASN B 27 8.87 -33.84 20.12
N ASN B 28 8.00 -34.13 19.17
CA ASN B 28 6.58 -34.19 19.46
C ASN B 28 6.13 -35.62 19.73
N HIS B 29 4.86 -35.80 20.12
CA HIS B 29 4.38 -37.14 20.46
C HIS B 29 4.38 -38.05 19.27
N MET B 30 4.00 -37.53 18.11
CA MET B 30 3.96 -38.31 16.90
C MET B 30 5.27 -38.99 16.62
N ALA B 31 6.34 -38.23 16.73
CA ALA B 31 7.68 -38.72 16.46
C ALA B 31 8.10 -39.85 17.37
N LYS B 32 7.47 -39.99 18.53
CA LYS B 32 7.85 -41.03 19.46
C LYS B 32 6.96 -42.24 19.35
N VAL B 33 5.99 -42.18 18.46
CA VAL B 33 5.04 -43.26 18.27
C VAL B 33 5.20 -43.93 16.93
N LEU B 34 5.37 -43.15 15.87
CA LEU B 34 5.43 -43.74 14.55
C LEU B 34 6.75 -44.39 14.24
N THR B 35 6.74 -45.72 14.22
CA THR B 35 7.92 -46.48 13.88
C THR B 35 7.87 -46.70 12.38
N PRO B 36 8.99 -47.04 11.75
CA PRO B 36 9.13 -47.30 10.34
C PRO B 36 8.36 -48.56 10.01
N GLU B 37 8.22 -49.43 11.00
CA GLU B 37 7.47 -50.63 10.82
C GLU B 37 6.01 -50.30 10.70
N LEU B 38 5.53 -49.43 11.59
CA LEU B 38 4.15 -49.00 11.57
C LEU B 38 3.85 -48.25 10.32
N TYR B 39 4.78 -47.40 9.92
CA TYR B 39 4.66 -46.62 8.72
C TYR B 39 4.44 -47.53 7.56
N ALA B 40 5.29 -48.53 7.44
CA ALA B 40 5.17 -49.49 6.37
C ALA B 40 3.82 -50.21 6.40
N GLU B 41 3.35 -50.52 7.59
CA GLU B 41 2.10 -51.21 7.72
C GLU B 41 0.90 -50.38 7.31
N LEU B 42 0.89 -49.12 7.70
CA LEU B 42 -0.25 -48.27 7.40
C LEU B 42 -0.10 -47.42 6.16
N ARG B 43 1.08 -47.38 5.56
CA ARG B 43 1.30 -46.50 4.41
C ARG B 43 0.29 -46.68 3.30
N ALA B 44 -0.11 -47.91 3.03
CA ALA B 44 -1.07 -48.17 1.97
C ALA B 44 -2.52 -48.00 2.42
N LYS B 45 -2.75 -47.64 3.66
CA LYS B 45 -4.10 -47.51 4.17
C LYS B 45 -4.64 -46.12 3.93
N SER B 46 -5.95 -46.02 3.82
CA SER B 46 -6.56 -44.72 3.61
C SER B 46 -8.00 -44.70 4.05
N THR B 47 -8.51 -43.52 4.28
CA THR B 47 -9.89 -43.32 4.68
C THR B 47 -10.73 -43.23 3.45
N PRO B 48 -12.05 -43.24 3.61
CA PRO B 48 -13.05 -42.99 2.57
C PRO B 48 -12.91 -41.59 1.97
N SER B 49 -12.22 -40.68 2.68
CA SER B 49 -12.01 -39.32 2.22
C SER B 49 -10.74 -39.20 1.41
N GLY B 50 -9.93 -40.25 1.40
CA GLY B 50 -8.66 -40.21 0.69
C GLY B 50 -7.51 -39.81 1.61
N PHE B 51 -7.82 -39.50 2.85
CA PHE B 51 -6.80 -39.12 3.81
C PHE B 51 -5.80 -40.25 4.11
N THR B 52 -4.48 -39.95 4.04
CA THR B 52 -3.44 -40.96 4.25
C THR B 52 -2.46 -40.62 5.36
N LEU B 53 -1.48 -41.50 5.62
CA LEU B 53 -0.50 -41.22 6.67
C LEU B 53 0.31 -40.00 6.41
N ASP B 54 0.63 -39.76 5.16
CA ASP B 54 1.45 -38.62 4.83
C ASP B 54 0.70 -37.32 5.07
N ASP B 55 -0.60 -37.41 5.29
CA ASP B 55 -1.38 -36.25 5.58
C ASP B 55 -1.52 -36.13 7.11
N VAL B 56 -1.69 -37.27 7.79
CA VAL B 56 -1.90 -37.22 9.22
C VAL B 56 -0.67 -36.81 10.00
N ILE B 57 0.52 -37.04 9.48
CA ILE B 57 1.69 -36.61 10.25
C ILE B 57 2.40 -35.46 9.60
N GLN B 58 1.78 -34.78 8.63
CA GLN B 58 2.54 -33.76 7.94
C GLN B 58 2.95 -32.64 8.87
N THR B 59 2.06 -32.27 9.78
CA THR B 59 2.34 -31.20 10.73
C THR B 59 3.44 -31.59 11.68
N GLY B 60 3.37 -32.79 12.21
CA GLY B 60 4.38 -33.30 13.11
C GLY B 60 5.74 -33.33 12.44
N VAL B 61 5.78 -33.54 11.12
CA VAL B 61 7.03 -33.50 10.39
C VAL B 61 7.50 -32.09 10.12
N ASP B 62 6.61 -31.23 9.64
CA ASP B 62 6.98 -29.86 9.32
C ASP B 62 7.48 -29.05 10.50
N ASN B 63 6.90 -29.25 11.67
CA ASN B 63 7.33 -28.51 12.84
C ASN B 63 8.10 -29.39 13.83
N PRO B 64 9.43 -29.25 13.91
CA PRO B 64 10.38 -29.96 14.78
C PRO B 64 9.92 -30.05 16.21
N GLY B 65 9.30 -28.99 16.69
CA GLY B 65 8.81 -28.95 18.06
C GLY B 65 9.82 -28.36 19.03
N HIS B 66 9.30 -27.74 20.07
CA HIS B 66 10.09 -27.16 21.13
C HIS B 66 10.79 -28.28 21.90
N PRO B 67 12.07 -28.12 22.28
CA PRO B 67 12.92 -29.07 22.96
C PRO B 67 12.42 -29.48 24.34
N TYR B 68 11.54 -28.69 24.94
CA TYR B 68 11.02 -29.04 26.25
C TYR B 68 9.52 -29.20 26.25
N ILE B 69 8.84 -28.29 25.56
CA ILE B 69 7.40 -28.34 25.50
C ILE B 69 6.94 -29.04 24.24
N MET B 70 6.42 -30.24 24.36
CA MET B 70 6.02 -30.90 23.12
C MET B 70 4.55 -30.75 22.83
N THR B 71 4.16 -31.30 21.70
CA THR B 71 2.81 -31.31 21.22
C THR B 71 2.54 -32.63 20.58
N VAL B 72 1.52 -32.72 19.76
CA VAL B 72 1.23 -33.99 19.16
C VAL B 72 1.75 -34.05 17.74
N GLY B 73 1.30 -33.13 16.92
CA GLY B 73 1.74 -33.06 15.53
C GLY B 73 0.86 -33.88 14.59
N CYS B 74 -0.24 -34.39 15.07
CA CYS B 74 -1.09 -35.17 14.20
C CYS B 74 -2.38 -34.50 14.00
N VAL B 75 -2.89 -34.59 12.80
CA VAL B 75 -4.12 -33.92 12.46
C VAL B 75 -5.08 -34.86 11.80
N ALA B 76 -6.28 -34.99 12.33
CA ALA B 76 -7.24 -35.90 11.73
C ALA B 76 -7.85 -35.34 10.48
N GLY B 77 -8.42 -36.21 9.67
CA GLY B 77 -9.06 -35.79 8.44
C GLY B 77 -10.56 -35.76 8.66
N ASP B 78 -11.03 -36.76 9.40
CA ASP B 78 -12.43 -36.85 9.75
C ASP B 78 -12.60 -37.83 10.90
N GLU B 79 -13.83 -38.08 11.34
CA GLU B 79 -14.03 -39.01 12.43
C GLU B 79 -13.48 -40.37 12.07
N GLU B 80 -13.80 -40.82 10.86
CA GLU B 80 -13.37 -42.12 10.40
C GLU B 80 -11.86 -42.30 10.46
N SER B 81 -11.11 -41.23 10.21
CA SER B 81 -9.67 -41.32 10.21
C SER B 81 -9.09 -41.68 11.57
N TYR B 82 -9.86 -41.46 12.65
CA TYR B 82 -9.38 -41.88 13.95
C TYR B 82 -9.43 -43.39 14.08
N GLU B 83 -10.36 -44.01 13.36
CA GLU B 83 -10.47 -45.46 13.36
C GLU B 83 -9.48 -46.06 12.40
N VAL B 84 -9.42 -45.49 11.19
CA VAL B 84 -8.55 -46.01 10.15
C VAL B 84 -7.11 -46.04 10.56
N PHE B 85 -6.64 -44.99 11.21
CA PHE B 85 -5.27 -44.97 11.64
C PHE B 85 -5.14 -45.09 13.14
N LYS B 86 -6.07 -45.80 13.78
CA LYS B 86 -6.04 -45.95 15.23
C LYS B 86 -4.79 -46.64 15.73
N ASP B 87 -4.12 -47.40 14.88
CA ASP B 87 -2.90 -48.05 15.29
C ASP B 87 -1.83 -47.02 15.60
N LEU B 88 -1.99 -45.81 15.09
CA LEU B 88 -1.10 -44.72 15.38
C LEU B 88 -1.71 -43.83 16.45
N PHE B 89 -2.98 -43.48 16.29
CA PHE B 89 -3.61 -42.56 17.22
C PHE B 89 -3.75 -43.07 18.64
N ASP B 90 -4.08 -44.35 18.79
CA ASP B 90 -4.30 -44.89 20.12
C ASP B 90 -3.13 -44.72 21.07
N PRO B 91 -1.90 -44.99 20.67
CA PRO B 91 -0.74 -44.81 21.52
C PRO B 91 -0.45 -43.34 21.70
N ILE B 92 -0.81 -42.53 20.71
CA ILE B 92 -0.64 -41.10 20.87
C ILE B 92 -1.54 -40.55 21.96
N ILE B 93 -2.82 -40.89 21.88
CA ILE B 93 -3.80 -40.43 22.83
C ILE B 93 -3.47 -40.91 24.21
N GLU B 94 -3.11 -42.18 24.32
CA GLU B 94 -2.75 -42.77 25.59
C GLU B 94 -1.68 -41.94 26.30
N ASP B 95 -0.63 -41.58 25.59
CA ASP B 95 0.40 -40.77 26.21
C ASP B 95 -0.05 -39.35 26.45
N ARG B 96 -0.80 -38.78 25.52
CA ARG B 96 -1.18 -37.37 25.63
C ARG B 96 -2.04 -37.04 26.82
N HIS B 97 -2.97 -37.91 27.17
CA HIS B 97 -3.83 -37.58 28.28
C HIS B 97 -3.42 -38.23 29.58
N GLY B 98 -2.15 -38.63 29.70
CA GLY B 98 -1.68 -39.15 30.97
C GLY B 98 -2.16 -40.55 31.28
N GLY B 99 -2.45 -41.33 30.24
CA GLY B 99 -2.92 -42.68 30.45
C GLY B 99 -4.38 -42.77 30.07
N TYR B 100 -4.64 -43.46 28.97
CA TYR B 100 -5.99 -43.65 28.51
C TYR B 100 -6.04 -44.78 27.53
N LYS B 101 -6.73 -45.85 27.91
CA LYS B 101 -6.87 -46.99 27.05
C LYS B 101 -8.05 -46.75 26.14
N PRO B 102 -8.03 -47.28 24.93
CA PRO B 102 -9.04 -47.14 23.90
C PRO B 102 -10.38 -47.76 24.31
N SER B 103 -10.35 -48.67 25.28
CA SER B 103 -11.54 -49.32 25.81
C SER B 103 -12.23 -48.50 26.90
N ASP B 104 -11.56 -47.48 27.40
CA ASP B 104 -12.08 -46.72 28.52
C ASP B 104 -13.13 -45.70 28.08
N GLU B 105 -14.37 -46.16 27.96
CA GLU B 105 -15.50 -45.34 27.53
C GLU B 105 -15.61 -44.04 28.32
N HIS B 106 -15.63 -42.93 27.58
CA HIS B 106 -15.68 -41.60 28.16
C HIS B 106 -17.10 -41.06 28.33
N LYS B 107 -17.30 -40.21 29.33
CA LYS B 107 -18.60 -39.61 29.62
C LYS B 107 -18.81 -38.22 29.01
N THR B 108 -20.06 -37.75 29.02
CA THR B 108 -20.48 -36.44 28.53
C THR B 108 -21.50 -35.85 29.50
N ASP B 109 -21.48 -34.53 29.76
CA ASP B 109 -22.43 -33.98 30.73
C ASP B 109 -22.79 -32.50 30.53
N LEU B 110 -23.96 -32.25 29.98
CA LEU B 110 -24.44 -30.87 29.77
C LEU B 110 -25.53 -30.45 30.74
N ASN B 111 -25.44 -30.89 31.99
CA ASN B 111 -26.43 -30.52 32.99
C ASN B 111 -25.79 -29.78 34.16
N PRO B 112 -25.77 -28.44 34.13
CA PRO B 112 -25.21 -27.50 35.10
C PRO B 112 -25.61 -27.79 36.51
N ASP B 113 -26.77 -28.40 36.69
CA ASP B 113 -27.27 -28.79 37.99
C ASP B 113 -26.27 -29.60 38.80
N ASN B 114 -25.41 -30.35 38.13
CA ASN B 114 -24.40 -31.14 38.82
C ASN B 114 -23.30 -30.27 39.44
N LEU B 115 -23.08 -29.07 38.90
CA LEU B 115 -22.08 -28.15 39.41
C LEU B 115 -22.50 -27.56 40.73
N GLN B 116 -21.67 -27.74 41.74
CA GLN B 116 -21.99 -27.24 43.06
C GLN B 116 -21.24 -25.96 43.33
N GLY B 117 -21.91 -24.84 43.12
CA GLY B 117 -21.32 -23.53 43.29
C GLY B 117 -21.02 -22.91 41.94
N GLY B 118 -20.02 -22.05 41.89
CA GLY B 118 -19.63 -21.41 40.63
C GLY B 118 -20.27 -20.06 40.43
N ASP B 119 -21.23 -19.71 41.28
CA ASP B 119 -21.90 -18.42 41.22
C ASP B 119 -21.49 -17.55 42.38
N ASP B 120 -20.32 -17.82 42.94
CA ASP B 120 -19.88 -17.10 44.11
C ASP B 120 -18.39 -17.08 44.28
N LEU B 121 -17.70 -16.41 43.37
CA LEU B 121 -16.27 -16.27 43.51
C LEU B 121 -15.96 -14.84 43.87
N ASP B 122 -14.87 -14.64 44.58
CA ASP B 122 -14.48 -13.30 45.03
C ASP B 122 -14.06 -12.43 43.84
N PRO B 123 -14.87 -11.42 43.47
CA PRO B 123 -14.70 -10.48 42.35
C PRO B 123 -13.46 -9.61 42.47
N ASN B 124 -12.77 -9.67 43.61
CA ASN B 124 -11.51 -8.95 43.77
C ASN B 124 -10.37 -9.73 43.16
N TYR B 125 -10.60 -10.99 42.86
CA TYR B 125 -9.60 -11.82 42.24
C TYR B 125 -10.09 -12.31 40.92
N VAL B 126 -11.34 -12.73 40.87
CA VAL B 126 -11.87 -13.16 39.61
C VAL B 126 -12.25 -11.97 38.81
N LEU B 127 -11.49 -11.73 37.77
CA LEU B 127 -11.71 -10.58 36.94
C LEU B 127 -12.72 -10.94 35.90
N SER B 128 -12.53 -12.11 35.30
CA SER B 128 -13.46 -12.58 34.30
C SER B 128 -13.25 -14.06 34.01
N SER B 129 -14.21 -14.66 33.34
CA SER B 129 -14.11 -16.08 33.06
C SER B 129 -14.82 -16.49 31.78
N ARG B 130 -14.33 -17.56 31.16
CA ARG B 130 -14.91 -18.00 29.92
C ARG B 130 -14.90 -19.50 29.75
N VAL B 131 -15.73 -19.97 28.83
CA VAL B 131 -15.85 -21.36 28.50
C VAL B 131 -15.66 -21.55 27.02
N ARG B 132 -14.71 -22.40 26.63
CA ARG B 132 -14.51 -22.62 25.21
C ARG B 132 -14.55 -24.08 24.86
N THR B 133 -15.23 -24.40 23.78
CA THR B 133 -15.19 -25.75 23.25
C THR B 133 -15.43 -25.73 21.79
N GLY B 134 -15.62 -26.89 21.19
CA GLY B 134 -15.86 -26.89 19.76
C GLY B 134 -16.50 -28.15 19.29
N ARG B 135 -17.12 -28.06 18.14
CA ARG B 135 -17.83 -29.20 17.59
C ARG B 135 -17.53 -29.35 16.11
N SER B 136 -17.96 -30.46 15.55
CA SER B 136 -17.82 -30.71 14.13
C SER B 136 -19.04 -31.45 13.65
N ILE B 137 -19.39 -31.28 12.40
CA ILE B 137 -20.62 -31.90 11.93
C ILE B 137 -20.37 -33.25 11.29
N ARG B 138 -21.01 -34.28 11.84
CA ARG B 138 -20.82 -35.62 11.33
C ARG B 138 -21.30 -35.67 9.90
N GLY B 139 -20.44 -36.15 9.01
CA GLY B 139 -20.78 -36.22 7.60
C GLY B 139 -19.91 -35.32 6.76
N PHE B 140 -19.25 -34.37 7.39
CA PHE B 140 -18.33 -33.51 6.67
C PHE B 140 -16.96 -33.73 7.18
N CYS B 141 -15.97 -33.46 6.36
CA CYS B 141 -14.61 -33.65 6.80
C CYS B 141 -14.19 -32.51 7.67
N LEU B 142 -13.20 -32.75 8.48
CA LEU B 142 -12.63 -31.73 9.30
C LEU B 142 -11.87 -30.78 8.40
N PRO B 143 -11.80 -29.49 8.75
CA PRO B 143 -11.21 -28.39 7.99
C PRO B 143 -9.94 -28.75 7.19
N PRO B 144 -8.90 -29.42 7.76
CA PRO B 144 -7.66 -29.77 7.08
C PRO B 144 -7.88 -30.42 5.74
N HIS B 145 -8.96 -31.18 5.57
CA HIS B 145 -9.22 -31.82 4.28
C HIS B 145 -10.58 -31.55 3.68
N CYS B 146 -11.19 -30.43 4.04
CA CYS B 146 -12.45 -30.10 3.41
C CYS B 146 -12.23 -29.22 2.18
N SER B 147 -13.16 -29.28 1.25
CA SER B 147 -13.08 -28.42 0.09
C SER B 147 -13.95 -27.22 0.30
N ARG B 148 -13.88 -26.30 -0.63
CA ARG B 148 -14.65 -25.09 -0.58
C ARG B 148 -16.14 -25.37 -0.57
N GLY B 149 -16.56 -26.36 -1.35
CA GLY B 149 -17.96 -26.76 -1.44
C GLY B 149 -18.59 -26.99 -0.07
N GLU B 150 -18.11 -27.97 0.67
CA GLU B 150 -18.76 -28.18 1.95
C GLU B 150 -18.36 -27.17 2.98
N ARG B 151 -17.25 -26.46 2.79
CA ARG B 151 -16.96 -25.42 3.75
C ARG B 151 -18.09 -24.43 3.72
N ARG B 152 -18.52 -24.09 2.50
CA ARG B 152 -19.64 -23.22 2.30
C ARG B 152 -20.95 -23.83 2.75
N ALA B 153 -21.14 -25.13 2.54
CA ALA B 153 -22.37 -25.78 2.98
C ALA B 153 -22.50 -25.71 4.49
N ILE B 154 -21.39 -25.91 5.19
CA ILE B 154 -21.39 -25.81 6.64
C ILE B 154 -21.69 -24.42 7.09
N GLU B 155 -21.06 -23.43 6.46
CA GLU B 155 -21.34 -22.06 6.80
C GLU B 155 -22.82 -21.78 6.70
N LYS B 156 -23.39 -22.17 5.57
CA LYS B 156 -24.80 -21.98 5.34
C LYS B 156 -25.63 -22.53 6.49
N LEU B 157 -25.36 -23.75 6.90
CA LEU B 157 -26.10 -24.35 8.00
C LEU B 157 -25.92 -23.60 9.28
N ALA B 158 -24.67 -23.27 9.61
CA ALA B 158 -24.38 -22.66 10.88
C ALA B 158 -25.06 -21.32 11.00
N VAL B 159 -24.97 -20.52 9.95
CA VAL B 159 -25.57 -19.21 10.00
C VAL B 159 -27.07 -19.31 10.06
N GLU B 160 -27.65 -20.18 9.26
CA GLU B 160 -29.09 -20.34 9.28
C GLU B 160 -29.60 -20.71 10.66
N ALA B 161 -28.99 -21.71 11.26
CA ALA B 161 -29.42 -22.15 12.56
C ALA B 161 -29.19 -21.07 13.64
N LEU B 162 -28.03 -20.43 13.62
CA LEU B 162 -27.72 -19.41 14.61
C LEU B 162 -28.66 -18.23 14.56
N SER B 163 -29.15 -17.90 13.37
CA SER B 163 -30.08 -16.79 13.21
C SER B 163 -31.42 -17.04 13.91
N SER B 164 -31.74 -18.29 14.23
CA SER B 164 -33.00 -18.59 14.87
C SER B 164 -32.94 -18.53 16.39
N LEU B 165 -31.78 -18.20 16.96
CA LEU B 165 -31.68 -18.12 18.41
C LEU B 165 -32.38 -16.89 18.97
N ASP B 166 -33.01 -17.06 20.14
CA ASP B 166 -33.79 -16.00 20.79
C ASP B 166 -33.23 -15.60 22.16
N GLY B 167 -33.88 -14.62 22.77
CA GLY B 167 -33.51 -14.15 24.10
C GLY B 167 -32.13 -13.58 24.09
N ASP B 168 -31.31 -13.96 25.05
CA ASP B 168 -29.96 -13.46 25.08
C ASP B 168 -29.06 -14.22 24.11
N LEU B 169 -29.63 -15.13 23.33
CA LEU B 169 -28.89 -15.81 22.32
C LEU B 169 -29.17 -15.19 20.97
N ALA B 170 -30.02 -14.18 20.91
CA ALA B 170 -30.25 -13.54 19.64
C ALA B 170 -29.04 -12.69 19.29
N GLY B 171 -28.69 -12.64 18.01
CA GLY B 171 -27.54 -11.85 17.59
C GLY B 171 -27.45 -11.60 16.09
N ARG B 172 -26.23 -11.64 15.56
CA ARG B 172 -26.00 -11.42 14.14
C ARG B 172 -24.71 -12.05 13.65
N TYR B 173 -24.56 -12.15 12.34
CA TYR B 173 -23.41 -12.79 11.74
C TYR B 173 -22.53 -11.84 10.94
N TYR B 174 -21.23 -11.97 11.12
CA TYR B 174 -20.22 -11.20 10.45
C TYR B 174 -19.43 -12.06 9.47
N ALA B 175 -19.75 -12.02 8.19
CA ALA B 175 -18.94 -12.78 7.24
C ALA B 175 -17.63 -12.05 7.05
N LEU B 176 -16.50 -12.73 7.26
CA LEU B 176 -15.22 -12.04 7.15
C LEU B 176 -14.94 -11.47 5.77
N LYS B 177 -15.38 -12.16 4.74
CA LYS B 177 -15.14 -11.69 3.38
C LYS B 177 -15.79 -10.34 3.05
N SER B 178 -16.74 -9.88 3.86
CA SER B 178 -17.38 -8.61 3.60
C SER B 178 -17.56 -7.80 4.88
N MET B 179 -16.70 -8.06 5.85
CA MET B 179 -16.77 -7.37 7.13
C MET B 179 -16.04 -6.03 7.02
N THR B 180 -16.71 -4.95 7.44
CA THR B 180 -16.17 -3.59 7.29
C THR B 180 -15.21 -3.21 8.39
N GLU B 181 -14.46 -2.14 8.16
CA GLU B 181 -13.47 -1.68 9.09
C GLU B 181 -14.09 -1.22 10.40
N ALA B 182 -15.28 -0.64 10.34
CA ALA B 182 -15.95 -0.23 11.55
C ALA B 182 -16.27 -1.46 12.39
N GLU B 183 -16.81 -2.47 11.73
CA GLU B 183 -17.13 -3.71 12.40
C GLU B 183 -15.87 -4.35 12.93
N GLN B 184 -14.82 -4.29 12.13
CA GLN B 184 -13.52 -4.83 12.47
C GLN B 184 -13.03 -4.24 13.75
N GLN B 185 -13.09 -2.92 13.86
CA GLN B 185 -12.60 -2.27 15.04
C GLN B 185 -13.36 -2.72 16.27
N GLN B 186 -14.67 -2.86 16.15
CA GLN B 186 -15.47 -3.29 17.29
C GLN B 186 -15.13 -4.70 17.72
N LEU B 187 -14.99 -5.59 16.76
CA LEU B 187 -14.70 -6.96 17.07
C LEU B 187 -13.30 -7.09 17.67
N ILE B 188 -12.38 -6.25 17.21
CA ILE B 188 -11.05 -6.27 17.79
C ILE B 188 -11.08 -5.78 19.22
N ASP B 189 -11.81 -4.70 19.46
CA ASP B 189 -11.92 -4.13 20.80
C ASP B 189 -12.41 -5.16 21.80
N ASP B 190 -13.35 -6.00 21.38
CA ASP B 190 -13.90 -7.00 22.27
C ASP B 190 -13.22 -8.36 22.18
N HIS B 191 -12.09 -8.45 21.47
CA HIS B 191 -11.38 -9.73 21.28
C HIS B 191 -12.24 -10.79 20.61
N PHE B 192 -13.18 -10.37 19.78
CA PHE B 192 -14.05 -11.30 19.09
C PHE B 192 -13.49 -11.69 17.75
N LEU B 193 -12.81 -10.74 17.11
CA LEU B 193 -12.27 -10.96 15.78
C LEU B 193 -11.19 -12.01 15.74
N PHE B 194 -11.33 -12.92 14.80
CA PHE B 194 -10.39 -13.99 14.59
C PHE B 194 -9.76 -13.90 13.21
N ASP B 195 -8.49 -13.53 13.16
CA ASP B 195 -7.77 -13.34 11.90
C ASP B 195 -7.09 -14.63 11.47
N LYS B 196 -6.42 -14.57 10.33
CA LYS B 196 -5.74 -15.73 9.75
C LYS B 196 -4.69 -16.30 10.69
N PRO B 197 -4.63 -17.63 10.84
CA PRO B 197 -3.67 -18.38 11.62
C PRO B 197 -2.25 -18.04 11.23
N VAL B 198 -1.38 -18.02 12.23
CA VAL B 198 0.02 -17.66 12.02
C VAL B 198 0.99 -18.68 12.56
N SER B 199 0.48 -19.71 13.21
CA SER B 199 1.34 -20.74 13.76
C SER B 199 1.57 -21.85 12.75
N PRO B 200 2.80 -22.33 12.62
CA PRO B 200 3.23 -23.45 11.80
C PRO B 200 2.45 -24.72 12.15
N LEU B 201 2.04 -24.85 13.41
CA LEU B 201 1.28 -26.01 13.84
C LEU B 201 -0.10 -26.05 13.22
N LEU B 202 -0.57 -24.91 12.76
CA LEU B 202 -1.84 -24.84 12.09
C LEU B 202 -1.64 -24.77 10.60
N LEU B 203 -0.66 -23.99 10.18
CA LEU B 203 -0.41 -23.78 8.78
C LEU B 203 -0.05 -25.07 8.06
N ALA B 204 0.70 -25.93 8.73
CA ALA B 204 1.12 -27.20 8.16
C ALA B 204 -0.06 -28.13 7.84
N SER B 205 -1.23 -27.90 8.42
CA SER B 205 -2.37 -28.74 8.13
C SER B 205 -3.04 -28.38 6.84
N GLY B 206 -2.75 -27.18 6.33
CA GLY B 206 -3.37 -26.71 5.12
C GLY B 206 -4.71 -26.00 5.39
N MET B 207 -5.09 -25.90 6.67
CA MET B 207 -6.35 -25.27 7.08
C MET B 207 -6.49 -23.80 6.75
N ALA B 208 -5.38 -23.13 6.45
CA ALA B 208 -5.40 -21.71 6.14
C ALA B 208 -5.76 -21.44 4.68
N ARG B 209 -5.91 -22.50 3.89
CA ARG B 209 -6.24 -22.28 2.49
C ARG B 209 -7.60 -21.68 2.30
N ASP B 210 -7.72 -20.97 1.19
CA ASP B 210 -8.94 -20.31 0.79
C ASP B 210 -9.40 -19.23 1.78
N TRP B 211 -8.52 -18.77 2.67
CA TRP B 211 -8.85 -17.75 3.65
C TRP B 211 -9.36 -16.46 3.01
N PRO B 212 -10.50 -15.90 3.47
CA PRO B 212 -11.43 -16.32 4.51
C PRO B 212 -12.74 -16.78 3.92
N ASP B 213 -12.66 -17.54 2.86
CA ASP B 213 -13.85 -17.98 2.17
C ASP B 213 -14.71 -18.83 3.10
N ALA B 214 -15.94 -18.37 3.30
CA ALA B 214 -16.94 -19.00 4.14
C ALA B 214 -16.55 -19.05 5.59
N ARG B 215 -15.82 -18.05 6.05
CA ARG B 215 -15.46 -18.00 7.45
C ARG B 215 -16.11 -16.78 8.07
N GLY B 216 -16.46 -16.86 9.35
CA GLY B 216 -17.09 -15.71 9.97
C GLY B 216 -17.42 -15.85 11.43
N ILE B 217 -18.00 -14.80 11.99
CA ILE B 217 -18.30 -14.75 13.40
C ILE B 217 -19.73 -14.44 13.69
N TRP B 218 -20.35 -15.27 14.49
CA TRP B 218 -21.70 -14.98 14.93
C TRP B 218 -21.67 -14.66 16.41
N HIS B 219 -22.38 -13.63 16.83
CA HIS B 219 -22.41 -13.42 18.26
C HIS B 219 -23.69 -12.78 18.69
N ASN B 220 -23.99 -12.91 19.98
CA ASN B 220 -25.22 -12.37 20.51
C ASN B 220 -25.11 -10.91 20.86
N ASP B 221 -26.26 -10.29 21.03
CA ASP B 221 -26.37 -8.87 21.33
C ASP B 221 -25.73 -8.46 22.64
N ASN B 222 -25.70 -9.37 23.60
CA ASN B 222 -25.12 -9.03 24.88
C ASN B 222 -23.63 -9.30 24.96
N LYS B 223 -23.04 -9.75 23.86
CA LYS B 223 -21.62 -10.01 23.81
C LYS B 223 -21.15 -11.03 24.82
N THR B 224 -21.80 -12.17 24.85
CA THR B 224 -21.38 -13.24 25.75
C THR B 224 -21.14 -14.54 24.98
N PHE B 225 -21.73 -14.67 23.79
CA PHE B 225 -21.48 -15.86 22.96
C PHE B 225 -20.88 -15.58 21.63
N LEU B 226 -19.82 -16.31 21.32
CA LEU B 226 -19.18 -16.22 20.05
C LEU B 226 -19.22 -17.54 19.35
N VAL B 227 -19.51 -17.53 18.08
CA VAL B 227 -19.40 -18.77 17.36
C VAL B 227 -18.49 -18.53 16.19
N TRP B 228 -17.28 -19.07 16.25
CA TRP B 228 -16.43 -18.87 15.11
C TRP B 228 -16.78 -19.97 14.14
N VAL B 229 -17.10 -19.59 12.92
CA VAL B 229 -17.55 -20.55 11.94
C VAL B 229 -16.47 -20.90 10.94
N ASN B 230 -16.15 -22.19 10.87
CA ASN B 230 -15.16 -22.71 9.97
C ASN B 230 -13.80 -22.08 10.19
N GLU B 231 -13.39 -21.96 11.45
CA GLU B 231 -12.09 -21.37 11.73
C GLU B 231 -11.07 -22.43 12.04
N GLU B 232 -10.85 -22.71 13.32
CA GLU B 232 -9.90 -23.71 13.74
C GLU B 232 -10.53 -25.11 13.85
N ASP B 233 -11.84 -25.14 13.68
CA ASP B 233 -12.67 -26.33 13.73
C ASP B 233 -13.97 -25.91 13.05
N HIS B 234 -14.99 -26.75 13.03
CA HIS B 234 -16.20 -26.28 12.38
C HIS B 234 -16.91 -25.24 13.23
N LEU B 235 -17.15 -25.56 14.50
CA LEU B 235 -17.84 -24.64 15.36
C LEU B 235 -17.12 -24.39 16.66
N ARG B 236 -16.45 -23.26 16.77
CA ARG B 236 -15.84 -22.86 18.03
C ARG B 236 -16.82 -22.09 18.89
N VAL B 237 -17.23 -22.69 19.99
CA VAL B 237 -18.19 -22.04 20.87
C VAL B 237 -17.51 -21.42 22.06
N ILE B 238 -17.65 -20.10 22.18
CA ILE B 238 -17.05 -19.38 23.28
C ILE B 238 -18.09 -18.65 24.09
N SER B 239 -18.07 -18.86 25.38
CA SER B 239 -18.99 -18.17 26.24
C SER B 239 -18.22 -17.41 27.29
N MET B 240 -18.55 -16.14 27.52
CA MET B 240 -17.78 -15.46 28.56
C MET B 240 -18.53 -14.32 29.21
N GLN B 241 -18.06 -13.98 30.41
CA GLN B 241 -18.63 -12.89 31.18
C GLN B 241 -17.65 -12.44 32.26
N LYS B 242 -17.72 -11.18 32.62
CA LYS B 242 -16.88 -10.68 33.68
C LYS B 242 -17.45 -11.06 35.02
N GLY B 243 -16.60 -11.15 36.03
CA GLY B 243 -17.09 -11.47 37.36
C GLY B 243 -17.01 -12.95 37.70
N GLY B 244 -17.31 -13.26 38.96
CA GLY B 244 -17.23 -14.60 39.51
C GLY B 244 -18.54 -15.38 39.48
N ASN B 245 -19.13 -15.49 38.30
CA ASN B 245 -20.37 -16.23 38.16
C ASN B 245 -20.31 -17.21 37.02
N MET B 246 -19.36 -18.12 37.14
CA MET B 246 -19.12 -19.16 36.17
C MET B 246 -20.34 -19.97 35.94
N LYS B 247 -21.07 -20.24 37.02
CA LYS B 247 -22.26 -21.04 36.97
C LYS B 247 -23.22 -20.53 35.94
N GLU B 248 -23.59 -19.26 36.02
CA GLU B 248 -24.52 -18.76 35.02
C GLU B 248 -23.95 -18.86 33.64
N VAL B 249 -22.66 -18.52 33.50
CA VAL B 249 -22.01 -18.60 32.20
C VAL B 249 -22.19 -19.99 31.65
N PHE B 250 -21.93 -20.95 32.52
CA PHE B 250 -22.03 -22.35 32.22
C PHE B 250 -23.46 -22.76 31.91
N THR B 251 -24.46 -22.21 32.62
CA THR B 251 -25.83 -22.60 32.31
C THR B 251 -26.24 -22.03 30.99
N ARG B 252 -25.72 -20.87 30.65
CA ARG B 252 -26.05 -20.33 29.35
C ARG B 252 -25.37 -21.16 28.32
N PHE B 253 -24.13 -21.51 28.60
CA PHE B 253 -23.33 -22.31 27.71
C PHE B 253 -23.96 -23.64 27.41
N CYS B 254 -24.32 -24.36 28.46
CA CYS B 254 -24.89 -25.67 28.29
C CYS B 254 -26.21 -25.64 27.58
N THR B 255 -27.11 -24.76 27.99
CA THR B 255 -28.41 -24.74 27.38
C THR B 255 -28.40 -24.06 26.03
N GLY B 256 -27.50 -23.12 25.84
CA GLY B 256 -27.40 -22.47 24.56
C GLY B 256 -26.85 -23.46 23.56
N LEU B 257 -25.82 -24.17 23.97
CA LEU B 257 -25.19 -25.17 23.14
C LEU B 257 -26.18 -26.27 22.82
N THR B 258 -26.96 -26.69 23.80
CA THR B 258 -27.97 -27.69 23.57
C THR B 258 -28.95 -27.23 22.52
N GLN B 259 -29.41 -25.99 22.63
CA GLN B 259 -30.35 -25.45 21.67
C GLN B 259 -29.81 -25.50 20.27
N ILE B 260 -28.59 -25.01 20.05
CA ILE B 260 -28.07 -25.02 18.70
C ILE B 260 -27.85 -26.44 18.22
N GLU B 261 -27.54 -27.36 19.14
CA GLU B 261 -27.38 -28.76 18.75
C GLU B 261 -28.69 -29.30 18.23
N THR B 262 -29.79 -28.99 18.92
CA THR B 262 -31.10 -29.49 18.48
C THR B 262 -31.55 -28.82 17.20
N LEU B 263 -31.11 -27.59 16.98
CA LEU B 263 -31.45 -26.91 15.74
C LEU B 263 -30.80 -27.60 14.56
N PHE B 264 -29.57 -28.09 14.74
CA PHE B 264 -28.96 -28.84 13.67
C PHE B 264 -29.69 -30.16 13.48
N LYS B 265 -30.10 -30.77 14.59
CA LYS B 265 -30.83 -32.02 14.53
C LYS B 265 -32.17 -31.88 13.85
N SER B 266 -32.79 -30.70 13.93
CA SER B 266 -34.05 -30.49 13.25
C SER B 266 -33.86 -30.50 11.73
N LYS B 267 -32.61 -30.33 11.28
CA LYS B 267 -32.27 -30.33 9.88
C LYS B 267 -31.53 -31.60 9.46
N ASP B 268 -31.52 -32.62 10.33
CA ASP B 268 -30.84 -33.90 10.10
C ASP B 268 -29.32 -33.82 10.16
N TYR B 269 -28.78 -32.97 11.02
CA TYR B 269 -27.34 -32.92 11.21
C TYR B 269 -27.02 -33.13 12.66
N GLU B 270 -25.84 -33.63 12.93
CA GLU B 270 -25.48 -33.87 14.31
C GLU B 270 -24.01 -33.74 14.49
N PHE B 271 -23.60 -33.53 15.70
CA PHE B 271 -22.20 -33.37 16.00
C PHE B 271 -21.50 -34.71 16.04
N MET B 272 -20.24 -34.71 15.63
CA MET B 272 -19.47 -35.95 15.71
C MET B 272 -19.28 -36.31 17.15
N TRP B 273 -19.59 -37.55 17.47
CA TRP B 273 -19.50 -38.02 18.83
C TRP B 273 -19.46 -39.52 18.93
N ASN B 274 -18.56 -40.04 19.77
CA ASN B 274 -18.56 -41.48 20.00
C ASN B 274 -18.08 -41.79 21.40
N PRO B 275 -18.47 -42.93 21.96
CA PRO B 275 -18.22 -43.43 23.30
C PRO B 275 -16.79 -43.39 23.80
N HIS B 276 -15.80 -43.38 22.92
CA HIS B 276 -14.44 -43.41 23.43
C HIS B 276 -13.68 -42.14 23.19
N LEU B 277 -14.24 -41.23 22.41
CA LEU B 277 -13.56 -39.97 22.17
C LEU B 277 -14.45 -38.77 22.42
N GLY B 278 -15.68 -39.00 22.86
CA GLY B 278 -16.57 -37.88 23.10
C GLY B 278 -16.80 -37.16 21.81
N TYR B 279 -16.63 -35.84 21.81
CA TYR B 279 -16.82 -35.07 20.59
C TYR B 279 -15.52 -34.99 19.80
N ILE B 280 -15.65 -34.96 18.48
CA ILE B 280 -14.49 -35.00 17.60
C ILE B 280 -13.98 -33.69 17.02
N LEU B 281 -12.70 -33.45 17.28
CA LEU B 281 -11.93 -32.32 16.76
C LEU B 281 -10.70 -32.80 15.98
N THR B 282 -9.99 -31.88 15.35
CA THR B 282 -8.83 -32.21 14.54
C THR B 282 -7.60 -32.57 15.32
N CYS B 283 -7.42 -31.96 16.47
CA CYS B 283 -6.23 -32.25 17.23
C CYS B 283 -6.52 -33.26 18.31
N PRO B 284 -5.80 -34.38 18.35
CA PRO B 284 -5.91 -35.47 19.29
C PRO B 284 -6.00 -35.02 20.74
N SER B 285 -5.23 -34.00 21.11
CA SER B 285 -5.23 -33.54 22.50
C SER B 285 -6.58 -33.01 22.93
N ASN B 286 -7.38 -32.58 21.97
CA ASN B 286 -8.66 -32.00 22.28
C ASN B 286 -9.81 -32.97 22.11
N LEU B 287 -9.53 -34.26 21.95
CA LEU B 287 -10.61 -35.22 21.84
C LEU B 287 -11.20 -35.46 23.18
N GLY B 288 -12.52 -35.60 23.25
CA GLY B 288 -13.17 -35.87 24.53
C GLY B 288 -14.29 -34.89 24.75
N THR B 289 -14.15 -34.09 25.80
CA THR B 289 -15.12 -33.07 26.03
C THR B 289 -14.74 -31.92 25.18
N GLY B 290 -13.44 -31.67 25.17
CA GLY B 290 -12.90 -30.57 24.40
C GLY B 290 -13.29 -29.28 25.09
N LEU B 291 -13.48 -29.35 26.40
CA LEU B 291 -13.95 -28.23 27.19
C LEU B 291 -12.86 -27.50 27.92
N ARG B 292 -12.74 -26.22 27.65
CA ARG B 292 -11.77 -25.40 28.32
C ARG B 292 -12.41 -24.25 29.04
N ALA B 293 -12.60 -24.41 30.34
CA ALA B 293 -13.09 -23.30 31.12
C ALA B 293 -11.89 -22.62 31.74
N GLY B 294 -11.90 -21.30 31.75
CA GLY B 294 -10.77 -20.58 32.28
C GLY B 294 -11.17 -19.30 32.99
N VAL B 295 -10.22 -18.74 33.71
CA VAL B 295 -10.49 -17.56 34.50
C VAL B 295 -9.29 -16.67 34.70
N HIS B 296 -9.50 -15.37 34.60
CA HIS B 296 -8.45 -14.40 34.84
C HIS B 296 -8.43 -14.11 36.30
N ILE B 297 -7.36 -14.52 36.95
CA ILE B 297 -7.22 -14.38 38.38
C ILE B 297 -6.14 -13.44 38.77
N LYS B 298 -6.52 -12.35 39.39
CA LYS B 298 -5.55 -11.42 39.92
C LYS B 298 -4.85 -12.16 41.01
N LEU B 299 -3.54 -12.27 40.95
CA LEU B 299 -2.88 -13.08 41.94
C LEU B 299 -1.44 -12.69 42.30
N PRO B 300 -1.17 -11.42 42.64
CA PRO B 300 0.14 -10.84 42.96
C PRO B 300 1.05 -11.58 43.93
N ASN B 301 0.50 -12.12 45.01
CA ASN B 301 1.39 -12.75 45.97
C ASN B 301 1.69 -14.18 45.59
N LEU B 302 0.64 -14.97 45.46
CA LEU B 302 0.77 -16.38 45.15
C LEU B 302 1.51 -16.64 43.86
N GLY B 303 1.32 -15.76 42.87
CA GLY B 303 2.03 -15.89 41.60
C GLY B 303 3.55 -15.91 41.75
N LYS B 304 4.07 -15.37 42.84
CA LYS B 304 5.50 -15.36 43.09
C LYS B 304 5.95 -16.49 44.01
N HIS B 305 4.99 -17.26 44.53
CA HIS B 305 5.33 -18.36 45.43
C HIS B 305 5.82 -19.54 44.63
N GLU B 306 6.87 -20.18 45.12
CA GLU B 306 7.52 -21.27 44.38
C GLU B 306 6.69 -22.53 44.18
N LYS B 307 5.63 -22.73 44.95
CA LYS B 307 4.83 -23.93 44.74
C LYS B 307 3.60 -23.69 43.91
N PHE B 308 3.42 -22.46 43.42
CA PHE B 308 2.25 -22.11 42.63
C PHE B 308 2.04 -23.09 41.50
N SER B 309 3.11 -23.37 40.77
CA SER B 309 3.08 -24.30 39.66
C SER B 309 2.49 -25.65 40.05
N GLU B 310 3.12 -26.32 41.02
CA GLU B 310 2.65 -27.64 41.40
C GLU B 310 1.24 -27.63 41.97
N VAL B 311 0.81 -26.51 42.54
CA VAL B 311 -0.56 -26.47 43.01
C VAL B 311 -1.51 -26.59 41.87
N LEU B 312 -1.25 -25.86 40.79
CA LEU B 312 -2.12 -25.96 39.64
C LEU B 312 -2.06 -27.37 39.08
N LYS B 313 -0.88 -27.97 39.09
CA LYS B 313 -0.72 -29.34 38.64
C LYS B 313 -1.60 -30.28 39.45
N ARG B 314 -1.54 -30.13 40.76
CA ARG B 314 -2.33 -30.92 41.68
C ARG B 314 -3.83 -30.74 41.44
N LEU B 315 -4.21 -29.54 41.03
CA LEU B 315 -5.59 -29.24 40.71
C LEU B 315 -5.98 -29.51 39.27
N ARG B 316 -5.05 -29.97 38.44
CA ARG B 316 -5.29 -30.21 37.02
C ARG B 316 -5.59 -28.91 36.28
N LEU B 317 -4.84 -27.88 36.60
CA LEU B 317 -5.02 -26.57 36.01
C LEU B 317 -3.78 -26.08 35.26
N GLN B 318 -4.00 -25.23 34.26
CA GLN B 318 -2.93 -24.69 33.45
C GLN B 318 -2.54 -23.31 33.90
N LYS B 319 -1.24 -23.04 33.86
CA LYS B 319 -0.72 -21.71 34.17
C LYS B 319 -0.52 -20.93 32.90
N ARG B 320 -1.60 -20.52 32.24
CA ARG B 320 -1.41 -19.79 31.01
C ARG B 320 -1.08 -18.35 31.32
N VAL B 333 -1.47 -11.38 36.82
CA VAL B 333 -2.81 -11.92 36.55
C VAL B 333 -2.59 -13.13 35.67
N PHE B 334 -3.18 -14.24 36.04
CA PHE B 334 -2.96 -15.45 35.28
C PHE B 334 -4.24 -15.95 34.67
N ASP B 335 -4.12 -16.63 33.54
CA ASP B 335 -5.28 -17.27 32.94
C ASP B 335 -5.23 -18.72 33.36
N VAL B 336 -6.02 -19.07 34.35
CA VAL B 336 -5.99 -20.42 34.83
C VAL B 336 -7.11 -21.20 34.21
N SER B 337 -6.81 -22.39 33.71
CA SER B 337 -7.85 -23.18 33.06
C SER B 337 -7.68 -24.66 33.28
N ASN B 338 -8.71 -25.44 33.01
CA ASN B 338 -8.55 -26.86 33.24
C ASN B 338 -7.59 -27.44 32.24
N ALA B 339 -6.61 -28.21 32.73
CA ALA B 339 -5.55 -28.79 31.92
C ALA B 339 -5.91 -30.09 31.19
N ASP B 340 -7.09 -30.61 31.40
CA ASP B 340 -7.49 -31.84 30.73
C ASP B 340 -8.61 -31.57 29.74
N ARG B 341 -8.79 -32.48 28.82
CA ARG B 341 -9.87 -32.35 27.84
C ARG B 341 -10.66 -33.64 27.80
N LEU B 342 -9.99 -34.70 28.25
CA LEU B 342 -10.52 -36.05 28.31
C LEU B 342 -10.03 -36.77 29.55
N GLY B 343 -10.93 -37.48 30.19
CA GLY B 343 -10.62 -38.25 31.39
C GLY B 343 -11.73 -38.16 32.41
N PHE B 344 -12.64 -37.22 32.20
CA PHE B 344 -13.76 -36.98 33.09
C PHE B 344 -14.74 -36.01 32.46
N SER B 345 -15.94 -35.96 33.01
CA SER B 345 -17.04 -35.19 32.43
C SER B 345 -16.86 -33.68 32.45
N GLU B 346 -17.69 -33.03 31.65
CA GLU B 346 -17.71 -31.59 31.48
C GLU B 346 -18.00 -30.88 32.77
N VAL B 347 -18.97 -31.38 33.52
CA VAL B 347 -19.25 -30.76 34.78
C VAL B 347 -18.14 -30.99 35.75
N GLU B 348 -17.63 -32.21 35.81
CA GLU B 348 -16.51 -32.49 36.71
C GLU B 348 -15.39 -31.50 36.46
N LEU B 349 -15.15 -31.24 35.18
CA LEU B 349 -14.12 -30.35 34.74
C LEU B 349 -14.29 -28.96 35.31
N VAL B 350 -15.46 -28.34 35.11
CA VAL B 350 -15.62 -26.99 35.63
C VAL B 350 -15.73 -26.98 37.14
N GLN B 351 -16.13 -28.09 37.74
CA GLN B 351 -16.18 -28.18 39.20
C GLN B 351 -14.78 -28.01 39.74
N MET B 352 -13.81 -28.64 39.06
CA MET B 352 -12.41 -28.51 39.43
C MET B 352 -11.92 -27.10 39.25
N VAL B 353 -12.42 -26.41 38.23
CA VAL B 353 -12.01 -25.04 38.03
C VAL B 353 -12.50 -24.17 39.18
N VAL B 354 -13.77 -24.31 39.52
CA VAL B 354 -14.35 -23.50 40.59
C VAL B 354 -13.68 -23.76 41.92
N ASP B 355 -13.50 -25.02 42.25
CA ASP B 355 -12.87 -25.36 43.51
C ASP B 355 -11.48 -24.80 43.57
N GLY B 356 -10.75 -24.95 42.47
CA GLY B 356 -9.40 -24.46 42.40
C GLY B 356 -9.33 -22.97 42.65
N VAL B 357 -10.23 -22.22 42.02
CA VAL B 357 -10.22 -20.79 42.21
C VAL B 357 -10.40 -20.44 43.66
N LYS B 358 -11.37 -21.05 44.32
CA LYS B 358 -11.61 -20.74 45.72
C LYS B 358 -10.40 -21.05 46.55
N LEU B 359 -9.76 -22.17 46.26
CA LEU B 359 -8.59 -22.55 46.99
C LEU B 359 -7.50 -21.52 46.78
N LEU B 360 -7.28 -21.16 45.53
CA LEU B 360 -6.24 -20.20 45.16
C LEU B 360 -6.45 -18.84 45.80
N ILE B 361 -7.69 -18.40 45.91
CA ILE B 361 -7.97 -17.14 46.55
C ILE B 361 -7.53 -17.15 47.98
N GLU B 362 -7.90 -18.18 48.72
CA GLU B 362 -7.52 -18.24 50.11
C GLU B 362 -6.03 -18.39 50.28
N MET B 363 -5.38 -19.09 49.36
CA MET B 363 -3.93 -19.22 49.40
C MET B 363 -3.26 -17.86 49.32
N GLU B 364 -3.72 -17.02 48.39
CA GLU B 364 -3.14 -15.70 48.29
C GLU B 364 -3.41 -14.91 49.55
N GLN B 365 -4.63 -15.06 50.08
CA GLN B 365 -5.01 -14.39 51.31
C GLN B 365 -4.07 -14.76 52.44
N ARG B 366 -3.64 -16.03 52.49
CA ARG B 366 -2.68 -16.42 53.49
C ARG B 366 -1.44 -15.59 53.35
N LEU B 367 -0.93 -15.50 52.13
CA LEU B 367 0.28 -14.74 51.89
C LEU B 367 0.11 -13.27 52.17
N GLU B 368 -1.07 -12.74 51.90
CA GLU B 368 -1.30 -11.34 52.17
C GLU B 368 -1.23 -11.07 53.65
N GLN B 369 -1.68 -12.02 54.45
CA GLN B 369 -1.62 -11.89 55.89
C GLN B 369 -0.31 -12.40 56.51
N GLY B 370 0.67 -12.74 55.69
CA GLY B 370 1.95 -13.20 56.20
C GLY B 370 1.85 -14.63 56.71
N GLN B 371 0.89 -15.38 56.22
CA GLN B 371 0.66 -16.73 56.66
C GLN B 371 1.23 -17.69 55.63
N ALA B 372 1.56 -18.91 56.06
CA ALA B 372 2.06 -19.94 55.15
C ALA B 372 0.89 -20.64 54.46
N ILE B 373 1.17 -21.37 53.38
CA ILE B 373 0.14 -22.10 52.67
C ILE B 373 -0.20 -23.42 53.35
N ASP B 374 0.84 -24.17 53.72
CA ASP B 374 0.69 -25.41 54.46
C ASP B 374 -0.52 -26.23 54.04
N ASP B 375 -1.49 -26.39 54.95
CA ASP B 375 -2.66 -27.23 54.76
C ASP B 375 -3.60 -26.89 53.58
N LEU B 376 -3.28 -25.89 52.78
CA LEU B 376 -4.11 -25.62 51.61
C LEU B 376 -3.62 -26.40 50.41
N MET B 377 -2.49 -27.07 50.53
CA MET B 377 -1.96 -27.85 49.42
C MET B 377 -2.86 -29.05 49.12
N PRO B 378 -3.37 -29.16 47.88
CA PRO B 378 -4.24 -30.19 47.36
C PRO B 378 -3.47 -31.44 46.94
N ALA B 379 -4.18 -32.42 46.36
CA ALA B 379 -3.55 -33.62 45.83
C ALA B 379 -3.72 -33.69 44.32
N LEU C 45 13.59 -11.10 3.54
CA LEU C 45 13.76 -11.85 4.78
C LEU C 45 15.04 -11.49 5.50
N SER C 46 16.19 -11.88 4.95
CA SER C 46 17.44 -11.61 5.63
C SER C 46 18.67 -11.54 4.72
N ASN C 47 18.50 -11.71 3.42
CA ASN C 47 19.68 -11.73 2.55
C ASN C 47 19.30 -11.63 1.08
N PRO C 48 20.28 -11.40 0.20
CA PRO C 48 20.15 -11.35 -1.24
C PRO C 48 20.06 -12.75 -1.77
N LEU C 49 18.87 -13.32 -1.65
CA LEU C 49 18.54 -14.65 -2.12
C LEU C 49 18.76 -14.86 -3.61
N MET C 50 18.89 -13.78 -4.38
CA MET C 50 19.11 -13.86 -5.80
C MET C 50 17.97 -14.58 -6.51
N GLY C 51 16.78 -14.52 -5.92
CA GLY C 51 15.61 -15.12 -6.51
C GLY C 51 14.74 -14.01 -7.03
N ASP C 52 13.54 -14.35 -7.47
CA ASP C 52 12.60 -13.36 -7.98
C ASP C 52 12.02 -12.56 -6.84
N ALA C 53 11.61 -11.32 -7.13
CA ALA C 53 11.05 -10.44 -6.12
C ALA C 53 9.82 -11.05 -5.46
N VAL C 54 9.06 -11.83 -6.21
CA VAL C 54 7.87 -12.50 -5.72
C VAL C 54 8.14 -13.43 -4.53
N SER C 55 9.38 -13.89 -4.42
CA SER C 55 9.76 -14.81 -3.37
C SER C 55 10.26 -14.11 -2.10
N ASP C 56 10.32 -12.79 -2.09
CA ASP C 56 10.88 -12.10 -0.93
C ASP C 56 9.93 -11.41 0.05
N TRP C 57 8.62 -11.55 -0.12
CA TRP C 57 7.72 -10.91 0.84
C TRP C 57 7.74 -11.54 2.20
N SER C 58 7.65 -10.72 3.23
CA SER C 58 7.50 -11.28 4.55
C SER C 58 6.01 -11.45 4.71
N PRO C 59 5.56 -12.18 5.71
CA PRO C 59 4.18 -12.37 6.05
C PRO C 59 3.60 -11.03 6.48
N MET C 60 4.47 -10.17 7.00
CA MET C 60 4.05 -8.85 7.42
C MET C 60 3.69 -8.00 6.24
N HIS C 61 4.46 -8.12 5.15
CA HIS C 61 4.14 -7.33 3.98
C HIS C 61 2.78 -7.71 3.46
N GLU C 62 2.48 -9.00 3.53
CA GLU C 62 1.18 -9.47 3.10
C GLU C 62 0.09 -8.96 4.00
N ALA C 63 0.32 -9.03 5.31
CA ALA C 63 -0.67 -8.55 6.26
C ALA C 63 -0.89 -7.07 6.11
N ALA C 64 0.20 -6.35 5.89
CA ALA C 64 0.14 -4.91 5.78
C ALA C 64 -0.67 -4.48 4.60
N ILE C 65 -0.37 -4.99 3.42
CA ILE C 65 -1.09 -4.54 2.24
C ILE C 65 -2.58 -4.88 2.27
N HIS C 66 -2.98 -5.95 2.96
CA HIS C 66 -4.40 -6.24 3.00
C HIS C 66 -5.10 -5.94 4.33
N GLY C 67 -4.44 -5.23 5.23
CA GLY C 67 -5.11 -4.81 6.46
C GLY C 67 -5.36 -5.88 7.51
N HIS C 68 -4.53 -6.90 7.58
CA HIS C 68 -4.73 -7.95 8.57
C HIS C 68 -4.07 -7.58 9.88
N GLN C 69 -4.72 -6.65 10.56
CA GLN C 69 -4.24 -6.06 11.80
C GLN C 69 -3.89 -7.06 12.88
N LEU C 70 -4.77 -7.99 13.17
CA LEU C 70 -4.46 -8.91 14.24
C LEU C 70 -3.33 -9.82 13.86
N SER C 71 -3.31 -10.25 12.61
CA SER C 71 -2.23 -11.07 12.10
C SER C 71 -0.93 -10.34 12.26
N LEU C 72 -0.94 -9.05 11.92
CA LEU C 72 0.22 -8.22 12.05
C LEU C 72 0.71 -8.24 13.48
N ARG C 73 -0.19 -8.04 14.41
CA ARG C 73 0.16 -8.03 15.81
C ARG C 73 0.75 -9.37 16.22
N ASN C 74 0.18 -10.44 15.71
CA ASN C 74 0.65 -11.76 16.03
C ASN C 74 2.05 -11.98 15.53
N LEU C 75 2.32 -11.53 14.31
CA LEU C 75 3.64 -11.67 13.73
C LEU C 75 4.66 -10.91 14.54
N ILE C 76 4.25 -9.74 15.00
CA ILE C 76 5.08 -8.92 15.84
C ILE C 76 5.37 -9.63 17.14
N SER C 77 4.36 -10.25 17.72
CA SER C 77 4.58 -10.96 18.97
C SER C 77 5.47 -12.19 18.78
N GLN C 78 5.48 -12.78 17.58
CA GLN C 78 6.39 -13.88 17.32
C GLN C 78 7.81 -13.35 17.26
N GLY C 79 7.97 -12.19 16.60
CA GLY C 79 9.27 -11.53 16.53
C GLY C 79 9.58 -10.94 15.16
N TRP C 80 8.57 -10.79 14.32
CA TRP C 80 8.79 -10.17 13.04
C TRP C 80 8.90 -8.67 13.20
N ALA C 81 10.14 -8.18 13.28
CA ALA C 81 10.43 -6.76 13.46
C ALA C 81 9.80 -5.90 12.36
N VAL C 82 9.30 -4.74 12.75
CA VAL C 82 8.63 -3.84 11.82
C VAL C 82 9.56 -3.20 10.79
N ASN C 83 10.86 -3.22 11.05
CA ASN C 83 11.79 -2.65 10.10
C ASN C 83 12.36 -3.70 9.14
N ILE C 84 11.72 -4.86 9.03
CA ILE C 84 12.15 -5.83 8.04
C ILE C 84 11.73 -5.37 6.67
N ILE C 85 12.69 -5.26 5.77
CA ILE C 85 12.46 -4.74 4.44
C ILE C 85 12.87 -5.67 3.35
N THR C 86 12.40 -5.39 2.15
CA THR C 86 12.70 -6.25 1.03
C THR C 86 13.10 -5.53 -0.22
N ALA C 87 13.93 -6.22 -1.01
CA ALA C 87 14.54 -5.87 -2.30
C ALA C 87 14.74 -4.38 -2.63
N ASP C 88 13.68 -3.60 -2.57
CA ASP C 88 13.74 -2.20 -2.88
C ASP C 88 13.64 -1.37 -1.62
N HIS C 89 14.00 -1.98 -0.49
CA HIS C 89 13.90 -1.32 0.79
C HIS C 89 12.48 -0.95 1.11
N VAL C 90 11.58 -1.90 0.91
CA VAL C 90 10.19 -1.67 1.18
C VAL C 90 9.79 -2.30 2.48
N SER C 91 9.28 -1.48 3.40
CA SER C 91 8.84 -1.95 4.70
C SER C 91 7.36 -2.21 4.70
N PRO C 92 6.85 -2.92 5.70
CA PRO C 92 5.45 -3.16 5.97
C PRO C 92 4.72 -1.84 6.03
N LEU C 93 5.40 -0.83 6.58
CA LEU C 93 4.87 0.50 6.68
C LEU C 93 4.57 1.05 5.31
N HIS C 94 5.51 0.87 4.40
CA HIS C 94 5.30 1.38 3.05
C HIS C 94 4.10 0.70 2.40
N GLU C 95 3.95 -0.60 2.63
CA GLU C 95 2.81 -1.30 2.05
C GLU C 95 1.52 -0.89 2.71
N ALA C 96 1.55 -0.70 4.02
CA ALA C 96 0.36 -0.30 4.75
C ALA C 96 -0.11 1.06 4.29
N CYS C 97 0.84 1.93 3.98
CA CYS C 97 0.53 3.25 3.51
C CYS C 97 -0.15 3.19 2.15
N LEU C 98 0.32 2.30 1.29
CA LEU C 98 -0.32 2.12 -0.01
C LEU C 98 -1.73 1.56 0.16
N GLY C 99 -1.93 0.69 1.13
CA GLY C 99 -3.24 0.13 1.36
C GLY C 99 -4.17 1.10 2.08
N GLY C 100 -3.60 2.05 2.83
CA GLY C 100 -4.41 3.02 3.56
C GLY C 100 -4.93 2.42 4.85
N HIS C 101 -4.19 1.46 5.39
CA HIS C 101 -4.65 0.76 6.57
C HIS C 101 -4.20 1.47 7.84
N LEU C 102 -4.92 2.53 8.16
CA LEU C 102 -4.64 3.39 9.31
C LEU C 102 -4.27 2.66 10.59
N SER C 103 -5.04 1.66 10.98
CA SER C 103 -4.72 0.99 12.23
C SER C 103 -3.41 0.23 12.15
N CYS C 104 -3.04 -0.20 10.95
CA CYS C 104 -1.82 -0.94 10.78
C CYS C 104 -0.64 -0.03 10.92
N VAL C 105 -0.73 1.17 10.35
CA VAL C 105 0.38 2.07 10.48
C VAL C 105 0.47 2.60 11.88
N LYS C 106 -0.66 2.65 12.60
CA LYS C 106 -0.58 3.04 14.00
C LYS C 106 0.26 2.05 14.77
N ILE C 107 0.02 0.77 14.51
CA ILE C 107 0.77 -0.29 15.16
C ILE C 107 2.22 -0.29 14.78
N LEU C 108 2.48 -0.22 13.48
CA LEU C 108 3.84 -0.26 13.01
C LEU C 108 4.66 0.90 13.52
N LEU C 109 4.06 2.08 13.52
CA LEU C 109 4.73 3.25 14.03
C LEU C 109 4.93 3.13 15.52
N LYS C 110 3.93 2.57 16.20
CA LYS C 110 4.02 2.34 17.63
C LYS C 110 5.24 1.49 17.96
N HIS C 111 5.57 0.54 17.10
CA HIS C 111 6.71 -0.31 17.35
C HIS C 111 8.00 0.13 16.65
N GLY C 112 8.08 1.38 16.21
CA GLY C 112 9.34 1.89 15.66
C GLY C 112 9.51 1.85 14.14
N ALA C 113 8.43 1.77 13.38
CA ALA C 113 8.57 1.77 11.93
C ALA C 113 9.15 3.08 11.45
N GLN C 114 9.92 3.03 10.38
CA GLN C 114 10.62 4.21 9.90
C GLN C 114 9.76 5.12 9.05
N VAL C 115 9.08 6.04 9.71
CA VAL C 115 8.19 7.01 9.07
C VAL C 115 8.78 7.76 7.86
N ASN C 116 10.09 7.96 7.82
CA ASN C 116 10.72 8.60 6.66
C ASN C 116 11.61 7.67 5.87
N GLY C 117 11.35 6.36 5.91
CA GLY C 117 12.15 5.40 5.16
C GLY C 117 12.02 5.63 3.66
N VAL C 118 13.11 5.44 2.92
CA VAL C 118 13.12 5.69 1.48
C VAL C 118 13.39 4.43 0.67
N THR C 119 12.52 4.15 -0.31
CA THR C 119 12.67 2.96 -1.14
C THR C 119 13.62 3.21 -2.28
N ALA C 120 13.93 2.16 -3.03
CA ALA C 120 14.78 2.25 -4.21
C ALA C 120 14.19 3.15 -5.29
N ASP C 121 12.87 3.41 -5.24
CA ASP C 121 12.23 4.29 -6.20
C ASP C 121 11.98 5.65 -5.59
N TRP C 122 12.62 5.90 -4.46
CA TRP C 122 12.53 7.13 -3.72
C TRP C 122 11.14 7.38 -3.21
N HIS C 123 10.52 6.36 -2.64
CA HIS C 123 9.21 6.56 -2.09
C HIS C 123 9.27 6.56 -0.60
N THR C 124 8.41 7.35 0.02
CA THR C 124 8.31 7.44 1.46
C THR C 124 6.92 7.04 1.85
N PRO C 125 6.69 6.62 3.09
CA PRO C 125 5.41 6.25 3.66
C PRO C 125 4.40 7.34 3.39
N LEU C 126 4.85 8.58 3.53
CA LEU C 126 4.01 9.73 3.31
C LEU C 126 3.58 9.77 1.87
N PHE C 127 4.55 9.62 0.97
CA PHE C 127 4.23 9.61 -0.44
C PHE C 127 3.23 8.52 -0.75
N ASN C 128 3.49 7.34 -0.23
CA ASN C 128 2.63 6.22 -0.49
C ASN C 128 1.23 6.46 0.03
N ALA C 129 1.13 7.10 1.19
CA ALA C 129 -0.17 7.41 1.73
C ALA C 129 -0.90 8.37 0.81
N CYS C 130 -0.17 9.32 0.24
CA CYS C 130 -0.76 10.28 -0.67
C CYS C 130 -1.26 9.59 -1.91
N VAL C 131 -0.56 8.55 -2.34
CA VAL C 131 -0.97 7.79 -3.50
C VAL C 131 -2.32 7.14 -3.26
N SER C 132 -2.50 6.56 -2.08
CA SER C 132 -3.78 5.93 -1.79
C SER C 132 -4.84 6.96 -1.46
N GLY C 133 -4.40 8.09 -0.92
CA GLY C 133 -5.29 9.16 -0.54
C GLY C 133 -5.65 9.17 0.93
N SER C 134 -5.44 8.05 1.63
CA SER C 134 -5.72 7.98 3.07
C SER C 134 -5.44 9.28 3.81
N TRP C 135 -6.46 10.09 3.99
CA TRP C 135 -6.31 11.37 4.66
C TRP C 135 -5.80 11.19 6.07
N ASP C 136 -6.37 10.22 6.76
CA ASP C 136 -5.98 9.93 8.12
C ASP C 136 -4.52 9.54 8.24
N CYS C 137 -4.03 8.71 7.31
CA CYS C 137 -2.64 8.30 7.40
C CYS C 137 -1.71 9.45 7.12
N VAL C 138 -2.10 10.31 6.18
CA VAL C 138 -1.27 11.45 5.89
C VAL C 138 -1.09 12.29 7.13
N ASN C 139 -2.18 12.55 7.81
CA ASN C 139 -2.11 13.34 9.01
C ASN C 139 -1.25 12.68 10.06
N LEU C 140 -1.47 11.40 10.27
CA LEU C 140 -0.76 10.64 11.28
C LEU C 140 0.74 10.64 11.05
N LEU C 141 1.13 10.33 9.83
CA LEU C 141 2.53 10.26 9.47
C LEU C 141 3.21 11.58 9.69
N LEU C 142 2.54 12.66 9.31
CA LEU C 142 3.09 13.98 9.50
C LEU C 142 3.28 14.25 10.97
N GLN C 143 2.32 13.81 11.78
CA GLN C 143 2.41 14.02 13.21
C GLN C 143 3.56 13.24 13.82
N HIS C 144 3.99 12.17 13.15
CA HIS C 144 5.16 11.44 13.65
C HIS C 144 6.45 11.89 12.99
N GLY C 145 6.45 13.04 12.35
CA GLY C 145 7.68 13.57 11.79
C GLY C 145 7.92 13.30 10.31
N ALA C 146 6.91 12.86 9.57
CA ALA C 146 7.13 12.67 8.14
C ALA C 146 7.45 14.01 7.52
N SER C 147 8.52 14.06 6.74
CA SER C 147 8.84 15.32 6.07
C SER C 147 7.97 15.51 4.86
N VAL C 148 7.33 16.67 4.76
CA VAL C 148 6.47 16.96 3.62
C VAL C 148 7.30 16.96 2.35
N GLN C 149 8.45 17.59 2.44
CA GLN C 149 9.40 17.61 1.36
C GLN C 149 10.18 16.29 1.30
N PRO C 150 10.27 15.66 0.13
CA PRO C 150 11.03 14.45 -0.14
C PRO C 150 12.45 14.78 -0.54
N GLU C 151 13.34 13.81 -0.38
CA GLU C 151 14.72 13.98 -0.78
C GLU C 151 14.87 14.01 -2.28
N SER C 152 14.14 13.14 -2.95
CA SER C 152 14.20 13.08 -4.39
C SER C 152 13.09 13.84 -5.08
N ASP C 153 13.45 14.42 -6.20
CA ASP C 153 12.52 15.16 -7.01
C ASP C 153 11.68 14.26 -7.91
N LEU C 154 11.77 12.95 -7.74
CA LEU C 154 10.95 12.04 -8.49
C LEU C 154 9.65 11.71 -7.78
N ALA C 155 9.47 12.17 -6.55
CA ALA C 155 8.26 11.77 -5.85
C ALA C 155 7.76 12.80 -4.84
N SER C 156 7.18 13.88 -5.33
CA SER C 156 6.58 14.89 -4.47
C SER C 156 5.15 14.56 -4.06
N PRO C 157 4.89 14.37 -2.76
CA PRO C 157 3.61 14.08 -2.14
C PRO C 157 2.56 15.07 -2.58
N ILE C 158 2.95 16.34 -2.63
CA ILE C 158 2.05 17.39 -3.00
C ILE C 158 1.66 17.26 -4.44
N HIS C 159 2.65 17.07 -5.30
CA HIS C 159 2.37 16.95 -6.71
C HIS C 159 1.56 15.70 -6.99
N GLU C 160 1.79 14.65 -6.22
CA GLU C 160 1.04 13.44 -6.42
C GLU C 160 -0.41 13.68 -6.08
N ALA C 161 -0.65 14.31 -4.93
CA ALA C 161 -1.99 14.59 -4.50
C ALA C 161 -2.70 15.48 -5.51
N ALA C 162 -1.96 16.43 -6.07
CA ALA C 162 -2.52 17.31 -7.06
C ALA C 162 -3.01 16.54 -8.26
N ARG C 163 -2.24 15.54 -8.69
CA ARG C 163 -2.65 14.75 -9.82
C ARG C 163 -3.82 13.83 -9.52
N ARG C 164 -3.91 13.40 -8.27
CA ARG C 164 -4.93 12.47 -7.87
C ARG C 164 -6.25 13.12 -7.52
N GLY C 165 -6.22 14.36 -7.09
CA GLY C 165 -7.45 15.01 -6.69
C GLY C 165 -7.67 14.87 -5.18
N HIS C 166 -6.60 14.59 -4.44
CA HIS C 166 -6.71 14.40 -2.99
C HIS C 166 -6.63 15.72 -2.25
N VAL C 167 -7.67 16.53 -2.41
CA VAL C 167 -7.77 17.89 -1.89
C VAL C 167 -7.45 18.04 -0.43
N GLU C 168 -8.07 17.22 0.40
CA GLU C 168 -7.86 17.29 1.82
C GLU C 168 -6.45 16.87 2.24
N CYS C 169 -5.73 16.17 1.38
CA CYS C 169 -4.38 15.78 1.71
C CYS C 169 -3.46 16.90 1.31
N VAL C 170 -3.83 17.57 0.22
CA VAL C 170 -3.10 18.73 -0.21
C VAL C 170 -3.16 19.75 0.90
N ASN C 171 -4.37 19.93 1.43
CA ASN C 171 -4.60 20.84 2.52
C ASN C 171 -3.71 20.53 3.69
N SER C 172 -3.68 19.27 4.12
CA SER C 172 -2.87 18.89 5.25
C SER C 172 -1.39 19.08 5.01
N LEU C 173 -0.90 18.74 3.82
CA LEU C 173 0.52 18.89 3.54
C LEU C 173 0.96 20.32 3.58
N ILE C 174 0.16 21.20 2.99
CA ILE C 174 0.48 22.60 2.97
C ILE C 174 0.44 23.18 4.35
N ALA C 175 -0.63 22.88 5.07
CA ALA C 175 -0.83 23.36 6.42
C ALA C 175 0.26 22.88 7.33
N TYR C 176 0.67 21.63 7.17
CA TYR C 176 1.72 21.09 8.00
C TYR C 176 3.03 21.80 7.70
N GLY C 177 3.17 22.25 6.46
CA GLY C 177 4.33 23.00 6.02
C GLY C 177 4.81 22.46 4.70
N GLY C 178 4.10 22.84 3.65
CA GLY C 178 4.45 22.43 2.30
C GLY C 178 4.42 23.59 1.33
N ASN C 179 5.41 23.63 0.45
CA ASN C 179 5.50 24.73 -0.50
C ASN C 179 4.55 24.57 -1.65
N ILE C 180 3.40 25.22 -1.54
CA ILE C 180 2.36 25.18 -2.55
C ILE C 180 2.80 25.57 -3.96
N ASP C 181 3.85 26.37 -4.09
CA ASP C 181 4.32 26.77 -5.41
C ASP C 181 5.61 26.12 -5.80
N HIS C 182 5.97 25.04 -5.16
CA HIS C 182 7.21 24.37 -5.48
C HIS C 182 7.24 23.94 -6.93
N LYS C 183 8.22 24.45 -7.67
CA LYS C 183 8.37 24.09 -9.06
C LYS C 183 9.36 22.95 -9.14
N ILE C 184 8.99 21.88 -9.83
CA ILE C 184 9.82 20.69 -9.85
C ILE C 184 10.05 20.11 -11.22
N SER C 185 10.77 20.85 -12.05
CA SER C 185 11.14 20.40 -13.38
C SER C 185 9.99 19.87 -14.23
N HIS C 186 10.05 18.59 -14.60
CA HIS C 186 9.04 17.97 -15.46
C HIS C 186 7.58 18.14 -15.03
N LEU C 187 7.32 18.41 -13.76
CA LEU C 187 5.93 18.55 -13.36
C LEU C 187 5.50 19.99 -13.18
N GLY C 188 6.43 20.93 -13.28
CA GLY C 188 6.06 22.32 -13.05
C GLY C 188 5.59 22.50 -11.62
N THR C 189 4.37 23.01 -11.46
CA THR C 189 3.80 23.26 -10.14
C THR C 189 2.59 22.38 -9.89
N PRO C 190 2.20 22.18 -8.64
CA PRO C 190 1.04 21.42 -8.19
C PRO C 190 -0.19 21.90 -8.92
N LEU C 191 -0.29 23.22 -9.05
CA LEU C 191 -1.40 23.84 -9.74
C LEU C 191 -1.43 23.42 -11.17
N TYR C 192 -0.28 23.50 -11.80
CA TYR C 192 -0.16 23.09 -13.18
C TYR C 192 -0.65 21.67 -13.35
N LEU C 193 -0.20 20.75 -12.49
CA LEU C 193 -0.61 19.37 -12.62
C LEU C 193 -2.08 19.14 -12.43
N ALA C 194 -2.68 19.85 -11.48
CA ALA C 194 -4.11 19.71 -11.25
C ALA C 194 -4.85 20.10 -12.51
N CYS C 195 -4.36 21.15 -13.16
CA CYS C 195 -4.97 21.59 -14.38
C CYS C 195 -4.81 20.53 -15.47
N GLU C 196 -3.64 19.88 -15.51
CA GLU C 196 -3.41 18.87 -16.54
C GLU C 196 -4.38 17.71 -16.39
N ASN C 197 -4.70 17.35 -15.15
CA ASN C 197 -5.64 16.25 -14.96
C ASN C 197 -7.07 16.69 -14.73
N GLN C 198 -7.37 17.96 -15.00
CA GLN C 198 -8.72 18.48 -14.84
C GLN C 198 -9.27 18.33 -13.43
N GLN C 199 -8.39 18.36 -12.43
CA GLN C 199 -8.81 18.18 -11.04
C GLN C 199 -9.31 19.48 -10.47
N ARG C 200 -10.44 19.96 -10.99
CA ARG C 200 -11.00 21.25 -10.63
C ARG C 200 -11.18 21.48 -9.14
N ALA C 201 -11.35 20.41 -8.37
CA ALA C 201 -11.47 20.55 -6.95
C ALA C 201 -10.18 21.04 -6.35
N CYS C 202 -9.06 20.50 -6.84
CA CYS C 202 -7.76 20.89 -6.36
C CYS C 202 -7.36 22.21 -6.93
N VAL C 203 -7.78 22.48 -8.15
CA VAL C 203 -7.44 23.75 -8.76
C VAL C 203 -8.01 24.87 -7.93
N LYS C 204 -9.29 24.76 -7.61
CA LYS C 204 -9.93 25.79 -6.82
C LYS C 204 -9.31 25.85 -5.44
N LYS C 205 -9.07 24.71 -4.83
CA LYS C 205 -8.46 24.68 -3.51
C LYS C 205 -7.10 25.34 -3.45
N LEU C 206 -6.25 25.01 -4.40
CA LEU C 206 -4.90 25.55 -4.44
C LEU C 206 -4.91 27.04 -4.66
N LEU C 207 -5.75 27.49 -5.57
CA LEU C 207 -5.81 28.90 -5.88
C LEU C 207 -6.33 29.71 -4.70
N GLU C 208 -7.29 29.15 -3.96
CA GLU C 208 -7.78 29.84 -2.77
C GLU C 208 -6.72 29.86 -1.70
N SER C 209 -5.96 28.77 -1.60
CA SER C 209 -4.88 28.64 -0.64
C SER C 209 -3.81 29.68 -0.92
N GLY C 210 -3.65 29.99 -2.21
CA GLY C 210 -2.72 31.02 -2.64
C GLY C 210 -1.68 30.52 -3.63
N ALA C 211 -2.07 29.59 -4.48
CA ALA C 211 -1.15 29.12 -5.50
C ALA C 211 -0.92 30.20 -6.53
N ASP C 212 0.30 30.28 -7.03
CA ASP C 212 0.60 31.29 -8.02
C ASP C 212 -0.08 30.97 -9.33
N VAL C 213 -1.20 31.62 -9.53
CA VAL C 213 -2.02 31.45 -10.72
C VAL C 213 -1.25 31.53 -12.03
N ASN C 214 -0.14 32.27 -12.10
CA ASN C 214 0.61 32.38 -13.34
C ASN C 214 1.89 31.55 -13.40
N GLN C 215 2.11 30.66 -12.45
CA GLN C 215 3.33 29.85 -12.47
C GLN C 215 3.05 28.40 -12.79
N GLY C 216 3.37 28.01 -14.01
CA GLY C 216 3.17 26.64 -14.45
C GLY C 216 4.49 25.97 -14.72
N LYS C 217 4.55 25.25 -15.83
CA LYS C 217 5.76 24.56 -16.23
C LYS C 217 6.47 25.32 -17.31
N GLY C 218 7.66 25.82 -17.01
CA GLY C 218 8.39 26.60 -17.97
C GLY C 218 7.59 27.86 -18.27
N GLN C 219 7.26 28.03 -19.54
CA GLN C 219 6.45 29.16 -19.98
C GLN C 219 4.97 28.77 -20.10
N ASP C 220 4.69 27.49 -19.92
CA ASP C 220 3.35 26.96 -20.05
C ASP C 220 2.55 27.20 -18.78
N SER C 221 1.96 28.38 -18.66
CA SER C 221 1.20 28.71 -17.46
C SER C 221 -0.03 27.83 -17.39
N PRO C 222 -0.65 27.69 -16.22
CA PRO C 222 -1.87 26.96 -15.97
C PRO C 222 -2.95 27.43 -16.93
N LEU C 223 -2.97 28.71 -17.25
CA LEU C 223 -3.95 29.22 -18.19
C LEU C 223 -3.70 28.66 -19.56
N HIS C 224 -2.43 28.59 -19.97
CA HIS C 224 -2.13 28.00 -21.27
C HIS C 224 -2.58 26.54 -21.27
N ALA C 225 -2.39 25.86 -20.13
CA ALA C 225 -2.78 24.47 -19.98
C ALA C 225 -4.25 24.28 -20.17
N VAL C 226 -5.04 25.16 -19.58
CA VAL C 226 -6.47 25.12 -19.76
C VAL C 226 -6.88 25.28 -21.19
N ALA C 227 -6.23 26.21 -21.88
CA ALA C 227 -6.53 26.40 -23.28
C ALA C 227 -6.24 25.13 -24.07
N ARG C 228 -5.12 24.49 -23.77
CA ARG C 228 -4.76 23.26 -24.46
C ARG C 228 -5.75 22.13 -24.19
N THR C 229 -6.32 22.10 -22.99
CA THR C 229 -7.27 21.06 -22.64
C THR C 229 -8.72 21.48 -22.83
N ALA C 230 -8.94 22.67 -23.38
CA ALA C 230 -10.28 23.18 -23.67
C ALA C 230 -11.26 23.15 -22.49
N SER C 231 -10.84 23.59 -21.30
CA SER C 231 -11.77 23.61 -20.16
C SER C 231 -12.29 24.99 -19.80
N GLU C 232 -13.53 25.28 -20.17
CA GLU C 232 -14.14 26.56 -19.86
C GLU C 232 -14.26 26.79 -18.36
N GLU C 233 -14.41 25.71 -17.63
CA GLU C 233 -14.56 25.78 -16.19
C GLU C 233 -13.29 26.22 -15.52
N LEU C 234 -12.16 25.64 -15.94
CA LEU C 234 -10.93 26.02 -15.33
C LEU C 234 -10.49 27.39 -15.81
N ALA C 235 -10.88 27.75 -17.03
CA ALA C 235 -10.56 29.05 -17.56
C ALA C 235 -11.17 30.13 -16.72
N CYS C 236 -12.44 29.94 -16.38
CA CYS C 236 -13.12 30.92 -15.56
C CYS C 236 -12.44 31.09 -14.22
N LEU C 237 -12.05 29.99 -13.61
CA LEU C 237 -11.38 30.11 -12.33
C LEU C 237 -10.07 30.85 -12.44
N LEU C 238 -9.22 30.43 -13.36
CA LEU C 238 -7.92 31.04 -13.45
C LEU C 238 -7.97 32.51 -13.78
N MET C 239 -8.88 32.90 -14.66
CA MET C 239 -9.02 34.31 -14.98
C MET C 239 -9.36 35.08 -13.73
N ASP C 240 -10.31 34.57 -12.96
CA ASP C 240 -10.73 35.24 -11.73
C ASP C 240 -9.63 35.29 -10.67
N PHE C 241 -8.73 34.32 -10.66
CA PHE C 241 -7.66 34.40 -9.69
C PHE C 241 -6.45 35.18 -10.19
N GLY C 242 -6.58 35.86 -11.34
CA GLY C 242 -5.49 36.72 -11.81
C GLY C 242 -4.60 36.14 -12.91
N ALA C 243 -5.08 35.15 -13.65
CA ALA C 243 -4.25 34.59 -14.70
C ALA C 243 -4.00 35.62 -15.79
N ASP C 244 -2.77 35.62 -16.31
CA ASP C 244 -2.34 36.54 -17.34
C ASP C 244 -2.65 36.06 -18.73
N THR C 245 -3.72 36.60 -19.31
CA THR C 245 -4.15 36.18 -20.63
C THR C 245 -3.21 36.59 -21.75
N GLN C 246 -2.25 37.45 -21.47
CA GLN C 246 -1.33 37.88 -22.49
C GLN C 246 0.03 37.21 -22.36
N ALA C 247 0.19 36.33 -21.38
CA ALA C 247 1.46 35.65 -21.19
C ALA C 247 1.73 34.71 -22.35
N LYS C 248 2.98 34.59 -22.76
CA LYS C 248 3.32 33.73 -23.87
C LYS C 248 4.03 32.46 -23.45
N ASN C 249 3.74 31.37 -24.14
CA ASN C 249 4.37 30.09 -23.87
C ASN C 249 5.72 30.04 -24.55
N ALA C 250 6.38 28.89 -24.52
CA ALA C 250 7.70 28.73 -25.12
C ALA C 250 7.68 29.05 -26.62
N GLU C 251 6.55 28.81 -27.26
CA GLU C 251 6.36 29.10 -28.67
C GLU C 251 6.03 30.57 -28.95
N GLY C 252 5.87 31.37 -27.90
CA GLY C 252 5.53 32.77 -28.05
C GLY C 252 4.03 32.96 -28.24
N LYS C 253 3.25 31.99 -27.78
CA LYS C 253 1.81 32.03 -27.96
C LYS C 253 1.04 32.29 -26.69
N ARG C 254 -0.04 33.04 -26.84
CA ARG C 254 -0.94 33.35 -25.74
C ARG C 254 -1.94 32.23 -25.65
N PRO C 255 -2.51 31.94 -24.49
CA PRO C 255 -3.48 30.90 -24.23
C PRO C 255 -4.59 30.87 -25.27
N VAL C 256 -5.10 32.05 -25.64
CA VAL C 256 -6.14 32.14 -26.66
C VAL C 256 -5.70 31.64 -28.03
N GLU C 257 -4.40 31.62 -28.27
CA GLU C 257 -3.83 31.16 -29.52
C GLU C 257 -3.58 29.65 -29.50
N LEU C 258 -3.80 29.01 -28.35
CA LEU C 258 -3.59 27.58 -28.18
C LEU C 258 -4.89 26.81 -28.24
N VAL C 259 -5.94 27.46 -28.72
CA VAL C 259 -7.22 26.82 -28.81
C VAL C 259 -7.94 27.36 -30.04
N PRO C 260 -8.67 26.51 -30.77
CA PRO C 260 -9.46 26.85 -31.94
C PRO C 260 -10.50 27.90 -31.59
N PRO C 261 -10.70 28.88 -32.48
CA PRO C 261 -11.58 30.04 -32.36
C PRO C 261 -13.04 29.66 -32.32
N GLU C 262 -13.35 28.45 -32.76
CA GLU C 262 -14.71 27.95 -32.71
C GLU C 262 -15.13 27.59 -31.29
N SER C 263 -14.16 27.40 -30.39
CA SER C 263 -14.47 27.01 -29.03
C SER C 263 -14.99 28.19 -28.23
N PRO C 264 -15.78 27.92 -27.18
CA PRO C 264 -16.34 28.85 -26.20
C PRO C 264 -15.24 29.66 -25.53
N LEU C 265 -14.05 29.04 -25.39
CA LEU C 265 -12.93 29.72 -24.79
C LEU C 265 -12.54 30.97 -25.53
N ALA C 266 -12.69 30.98 -26.85
CA ALA C 266 -12.31 32.16 -27.60
C ALA C 266 -13.10 33.35 -27.11
N GLN C 267 -14.39 33.16 -26.93
CA GLN C 267 -15.24 34.22 -26.42
C GLN C 267 -14.87 34.56 -25.00
N LEU C 268 -14.57 33.54 -24.22
CA LEU C 268 -14.21 33.75 -22.83
C LEU C 268 -12.92 34.53 -22.71
N PHE C 269 -12.00 34.34 -23.65
CA PHE C 269 -10.79 35.12 -23.62
C PHE C 269 -11.09 36.54 -24.03
N LEU C 270 -11.98 36.72 -25.02
CA LEU C 270 -12.37 38.06 -25.47
C LEU C 270 -12.95 38.90 -24.36
N GLU C 271 -13.70 38.26 -23.47
CA GLU C 271 -14.30 38.95 -22.35
C GLU C 271 -13.28 39.55 -21.40
N ARG C 272 -12.08 38.96 -21.34
CA ARG C 272 -11.07 39.44 -20.42
C ARG C 272 -9.88 40.07 -21.15
N GLU C 273 -10.06 40.48 -22.40
CA GLU C 273 -8.94 41.11 -23.12
C GLU C 273 -8.64 42.53 -22.64
N GLY C 274 -9.66 43.26 -22.21
CA GLY C 274 -9.44 44.62 -21.75
C GLY C 274 -8.93 44.62 -20.31
N PRO C 275 -8.66 45.80 -19.75
CA PRO C 275 -8.21 46.03 -18.39
C PRO C 275 -9.24 45.48 -17.43
N PRO C 276 -8.82 44.97 -16.29
CA PRO C 276 -9.60 44.39 -15.22
C PRO C 276 -10.32 45.48 -14.45
N SER C 277 -11.36 45.10 -13.72
CA SER C 277 -12.08 46.06 -12.91
C SER C 277 -11.23 46.49 -11.75
N LEU C 278 -11.56 47.63 -11.18
CA LEU C 278 -10.79 48.13 -10.07
C LEU C 278 -10.97 47.20 -8.90
N MET C 279 -12.21 46.73 -8.69
CA MET C 279 -12.44 45.80 -7.61
C MET C 279 -11.61 44.56 -7.79
N GLN C 280 -11.49 44.08 -9.02
CA GLN C 280 -10.65 42.92 -9.26
C GLN C 280 -9.24 43.19 -8.83
N LEU C 281 -8.71 44.33 -9.24
CA LEU C 281 -7.37 44.72 -8.90
C LEU C 281 -7.18 44.86 -7.41
N CYS C 282 -8.18 45.41 -6.75
CA CYS C 282 -8.12 45.62 -5.34
C CYS C 282 -8.07 44.30 -4.64
N ARG C 283 -8.95 43.40 -5.02
CA ARG C 283 -9.00 42.08 -4.44
C ARG C 283 -7.69 41.35 -4.59
N LEU C 284 -7.08 41.47 -5.76
CA LEU C 284 -5.81 40.83 -5.97
C LEU C 284 -4.75 41.40 -5.04
N ARG C 285 -4.77 42.72 -4.88
CA ARG C 285 -3.79 43.37 -4.04
C ARG C 285 -3.99 43.02 -2.59
N ILE C 286 -5.24 42.93 -2.16
CA ILE C 286 -5.56 42.58 -0.80
C ILE C 286 -5.13 41.18 -0.50
N ARG C 287 -5.44 40.27 -1.40
CA ARG C 287 -5.10 38.88 -1.19
C ARG C 287 -3.61 38.70 -1.02
N LYS C 288 -2.81 39.48 -1.76
CA LYS C 288 -1.37 39.41 -1.65
C LYS C 288 -0.82 39.72 -0.26
N CYS C 289 -1.60 40.36 0.59
CA CYS C 289 -1.14 40.66 1.93
C CYS C 289 -1.23 39.46 2.86
N PHE C 290 -1.93 38.42 2.43
CA PHE C 290 -2.08 37.24 3.26
C PHE C 290 -1.21 36.13 2.72
N GLY C 291 -0.68 35.30 3.61
CA GLY C 291 0.18 34.19 3.23
C GLY C 291 -0.64 32.98 2.79
N ILE C 292 0.01 31.83 2.70
CA ILE C 292 -0.68 30.64 2.24
C ILE C 292 -1.58 30.10 3.32
N GLN C 293 -2.86 29.99 2.98
CA GLN C 293 -3.94 29.60 3.88
C GLN C 293 -4.17 30.63 5.00
N GLN C 294 -3.65 31.84 4.85
CA GLN C 294 -3.79 32.83 5.91
C GLN C 294 -4.94 33.75 5.65
N HIS C 295 -5.58 33.60 4.50
CA HIS C 295 -6.68 34.47 4.11
C HIS C 295 -7.92 34.32 4.96
N HIS C 296 -7.95 33.34 5.86
CA HIS C 296 -9.06 33.24 6.80
C HIS C 296 -9.09 34.49 7.71
N LYS C 297 -7.95 35.17 7.82
CA LYS C 297 -7.83 36.38 8.61
C LYS C 297 -8.59 37.55 7.99
N ILE C 298 -9.01 37.41 6.72
CA ILE C 298 -9.84 38.40 6.05
C ILE C 298 -11.10 38.66 6.81
N THR C 299 -11.59 37.64 7.52
CA THR C 299 -12.80 37.79 8.30
C THR C 299 -12.68 38.84 9.40
N LYS C 300 -11.46 39.19 9.78
CA LYS C 300 -11.20 40.18 10.80
C LYS C 300 -11.09 41.61 10.24
N LEU C 301 -11.16 41.76 8.93
CA LEU C 301 -11.06 43.10 8.35
C LEU C 301 -12.32 43.89 8.59
N VAL C 302 -12.12 45.18 8.86
CA VAL C 302 -13.24 46.07 9.12
C VAL C 302 -13.92 46.50 7.84
N LEU C 303 -14.75 45.62 7.31
CA LEU C 303 -15.44 45.89 6.08
C LEU C 303 -16.72 45.06 5.97
N PRO C 304 -17.66 45.44 5.07
CA PRO C 304 -18.94 44.80 4.80
C PRO C 304 -18.80 43.35 4.46
N GLU C 305 -19.77 42.55 4.90
CA GLU C 305 -19.74 41.12 4.69
C GLU C 305 -19.81 40.76 3.22
N ASP C 306 -20.46 41.59 2.42
CA ASP C 306 -20.53 41.33 1.00
C ASP C 306 -19.14 41.32 0.41
N LEU C 307 -18.33 42.30 0.79
CA LEU C 307 -16.97 42.38 0.31
C LEU C 307 -16.11 41.35 0.98
N LYS C 308 -16.43 41.02 2.21
CA LYS C 308 -15.68 40.00 2.90
C LYS C 308 -15.78 38.70 2.14
N GLN C 309 -16.99 38.37 1.69
CA GLN C 309 -17.20 37.18 0.89
C GLN C 309 -16.54 37.32 -0.46
N PHE C 310 -16.59 38.51 -1.04
CA PHE C 310 -15.93 38.79 -2.31
C PHE C 310 -14.45 38.45 -2.23
N LEU C 311 -13.82 38.82 -1.13
CA LEU C 311 -12.41 38.54 -0.93
C LEU C 311 -12.19 37.06 -0.60
N LEU C 312 -13.03 36.49 0.23
CA LEU C 312 -12.88 35.09 0.63
C LEU C 312 -13.13 34.12 -0.50
N HIS C 313 -13.99 34.48 -1.43
CA HIS C 313 -14.27 33.63 -2.57
C HIS C 313 -13.47 34.05 -3.79
N LEU C 314 -12.36 34.73 -3.53
CA LEU C 314 -11.37 35.19 -4.50
C LEU C 314 -11.57 34.66 -5.92
N TYR D 3 -16.05 68.02 -19.44
CA TYR D 3 -15.50 67.63 -18.14
C TYR D 3 -16.53 67.73 -17.03
N VAL D 4 -16.38 66.88 -16.01
CA VAL D 4 -17.28 66.87 -14.86
C VAL D 4 -16.50 67.01 -13.57
N LYS D 5 -16.97 67.88 -12.68
CA LYS D 5 -16.29 68.05 -11.39
C LYS D 5 -16.83 67.08 -10.36
N LEU D 6 -15.94 66.32 -9.74
CA LEU D 6 -16.33 65.41 -8.70
C LEU D 6 -15.89 65.97 -7.36
N ILE D 7 -16.74 65.89 -6.35
CA ILE D 7 -16.37 66.43 -5.05
C ILE D 7 -16.10 65.34 -4.04
N SER D 8 -14.94 65.39 -3.38
CA SER D 8 -14.62 64.37 -2.37
C SER D 8 -15.30 64.72 -1.07
N SER D 9 -15.26 63.81 -0.10
CA SER D 9 -15.84 64.09 1.21
C SER D 9 -15.06 65.13 1.96
N ASP D 10 -13.85 65.42 1.49
CA ASP D 10 -12.98 66.34 2.16
C ASP D 10 -12.98 67.69 1.47
N GLY D 11 -13.81 67.85 0.43
CA GLY D 11 -13.92 69.12 -0.26
C GLY D 11 -12.95 69.30 -1.43
N HIS D 12 -12.36 68.23 -1.93
CA HIS D 12 -11.47 68.40 -3.06
C HIS D 12 -12.28 68.37 -4.34
N GLU D 13 -11.81 69.12 -5.33
CA GLU D 13 -12.51 69.26 -6.60
C GLU D 13 -11.76 68.58 -7.72
N PHE D 14 -12.34 67.55 -8.31
CA PHE D 14 -11.67 66.83 -9.40
C PHE D 14 -12.30 67.07 -10.73
N ILE D 15 -11.56 67.69 -11.63
CA ILE D 15 -12.06 67.89 -12.96
C ILE D 15 -11.67 66.70 -13.79
N VAL D 16 -12.66 65.92 -14.20
CA VAL D 16 -12.42 64.69 -14.91
C VAL D 16 -13.15 64.66 -16.22
N LYS D 17 -12.46 64.25 -17.27
CA LYS D 17 -13.13 64.18 -18.54
C LYS D 17 -14.29 63.24 -18.38
N ARG D 18 -15.49 63.74 -18.71
CA ARG D 18 -16.72 63.00 -18.56
C ARG D 18 -16.65 61.60 -19.11
N GLU D 19 -16.01 61.47 -20.26
CA GLU D 19 -15.94 60.19 -20.93
C GLU D 19 -15.16 59.17 -20.11
N HIS D 20 -14.20 59.62 -19.32
CA HIS D 20 -13.47 58.71 -18.47
C HIS D 20 -14.34 58.39 -17.26
N ALA D 21 -15.08 59.40 -16.80
CA ALA D 21 -15.96 59.24 -15.66
C ALA D 21 -16.99 58.18 -15.92
N LEU D 22 -17.45 58.07 -17.16
CA LEU D 22 -18.42 57.06 -17.55
C LEU D 22 -17.95 55.60 -17.37
N THR D 23 -16.71 55.38 -16.91
CA THR D 23 -16.22 54.07 -16.56
C THR D 23 -17.08 53.47 -15.46
N SER D 24 -17.43 54.30 -14.49
CA SER D 24 -18.24 53.90 -13.35
C SER D 24 -19.69 53.67 -13.67
N GLY D 25 -20.22 52.52 -13.26
CA GLY D 25 -21.62 52.24 -13.49
C GLY D 25 -22.49 53.21 -12.73
N THR D 26 -22.06 53.57 -11.53
CA THR D 26 -22.78 54.52 -10.71
C THR D 26 -22.80 55.87 -11.39
N ILE D 27 -21.66 56.32 -11.87
CA ILE D 27 -21.63 57.60 -12.56
C ILE D 27 -22.48 57.57 -13.81
N LYS D 28 -22.45 56.47 -14.56
CA LYS D 28 -23.31 56.38 -15.72
C LYS D 28 -24.77 56.54 -15.31
N ALA D 29 -25.13 55.93 -14.18
CA ALA D 29 -26.48 56.09 -13.64
C ALA D 29 -26.76 57.54 -13.28
N MET D 30 -25.73 58.26 -12.82
CA MET D 30 -25.83 59.67 -12.47
C MET D 30 -25.95 60.61 -13.67
N LEU D 31 -25.84 60.09 -14.89
CA LEU D 31 -25.96 60.92 -16.08
C LEU D 31 -27.20 60.55 -16.90
N GLU D 44 -22.12 68.05 -12.38
CA GLU D 44 -21.13 67.77 -11.33
C GLU D 44 -21.69 66.80 -10.31
N VAL D 45 -20.82 66.00 -9.67
CA VAL D 45 -21.28 65.02 -8.68
C VAL D 45 -20.50 65.11 -7.39
N ASN D 46 -21.22 65.17 -6.29
CA ASN D 46 -20.59 65.25 -4.99
C ASN D 46 -20.58 63.90 -4.27
N PHE D 47 -19.41 63.29 -4.21
CA PHE D 47 -19.28 62.01 -3.53
C PHE D 47 -18.84 62.18 -2.09
N ARG D 48 -19.78 62.60 -1.23
CA ARG D 48 -19.51 62.77 0.19
C ARG D 48 -19.17 61.45 0.89
N GLU D 49 -19.55 60.34 0.26
CA GLU D 49 -19.26 59.01 0.74
C GLU D 49 -17.80 58.58 0.52
N ILE D 50 -17.08 59.28 -0.36
CA ILE D 50 -15.72 58.89 -0.72
C ILE D 50 -14.68 59.94 -0.33
N PRO D 51 -13.70 59.60 0.50
CA PRO D 51 -12.64 60.45 0.98
C PRO D 51 -11.64 60.78 -0.10
N SER D 52 -10.97 61.93 0.07
CA SER D 52 -9.99 62.42 -0.88
C SER D 52 -8.80 61.53 -0.98
N HIS D 53 -8.59 60.73 0.04
CA HIS D 53 -7.50 59.79 0.05
C HIS D 53 -7.59 58.81 -1.09
N VAL D 54 -8.80 58.46 -1.53
CA VAL D 54 -8.90 57.50 -2.61
C VAL D 54 -9.66 58.00 -3.83
N LEU D 55 -10.42 59.09 -3.73
CA LEU D 55 -11.17 59.52 -4.92
C LEU D 55 -10.25 59.83 -6.08
N SER D 56 -9.14 60.48 -5.82
CA SER D 56 -8.21 60.80 -6.87
C SER D 56 -7.67 59.55 -7.54
N LYS D 57 -7.57 58.48 -6.76
CA LYS D 57 -7.04 57.22 -7.24
C LYS D 57 -8.01 56.64 -8.23
N VAL D 58 -9.29 56.71 -7.89
CA VAL D 58 -10.33 56.20 -8.75
C VAL D 58 -10.32 56.91 -10.08
N CYS D 59 -10.14 58.22 -10.04
CA CYS D 59 -10.06 58.98 -11.27
C CYS D 59 -8.94 58.48 -12.13
N MET D 60 -7.76 58.32 -11.53
CA MET D 60 -6.62 57.85 -12.27
C MET D 60 -6.96 56.55 -12.97
N TYR D 61 -7.59 55.62 -12.24
CA TYR D 61 -8.07 54.37 -12.80
C TYR D 61 -8.96 54.60 -14.01
N PHE D 62 -9.85 55.59 -13.94
CA PHE D 62 -10.73 55.84 -15.08
C PHE D 62 -9.93 56.07 -16.33
N THR D 63 -8.89 56.87 -16.23
CA THR D 63 -8.03 57.14 -17.37
C THR D 63 -7.32 55.89 -17.83
N TYR D 64 -6.76 55.16 -16.87
CA TYR D 64 -6.05 53.91 -17.13
C TYR D 64 -6.85 52.95 -17.96
N LYS D 65 -8.06 52.68 -17.54
CA LYS D 65 -8.88 51.74 -18.27
C LYS D 65 -9.19 52.25 -19.66
N VAL D 66 -9.51 53.52 -19.78
CA VAL D 66 -9.79 54.07 -21.09
C VAL D 66 -8.60 53.97 -22.01
N ARG D 67 -7.43 54.32 -21.50
CA ARG D 67 -6.23 54.30 -22.32
C ARG D 67 -5.88 52.96 -22.88
N TYR D 68 -6.06 51.92 -22.10
CA TYR D 68 -5.69 50.60 -22.56
C TYR D 68 -6.86 49.73 -22.96
N THR D 69 -7.98 50.34 -23.32
CA THR D 69 -9.14 49.56 -23.72
C THR D 69 -8.92 48.74 -24.98
N ASN D 70 -8.27 49.31 -26.00
CA ASN D 70 -8.04 48.58 -27.24
C ASN D 70 -6.61 48.71 -27.74
N SER D 71 -5.67 48.01 -27.10
CA SER D 71 -4.28 48.07 -27.52
C SER D 71 -3.41 46.99 -26.88
N GLU D 74 0.11 46.14 -25.35
CA GLU D 74 0.02 45.46 -24.05
C GLU D 74 -0.59 46.38 -23.02
N ILE D 75 -0.95 45.81 -21.87
CA ILE D 75 -1.54 46.60 -20.81
C ILE D 75 -0.68 46.50 -19.55
N PRO D 76 -0.17 47.61 -19.02
CA PRO D 76 0.66 47.73 -17.83
C PRO D 76 -0.18 47.53 -16.59
N GLU D 77 0.46 47.25 -15.47
CA GLU D 77 -0.26 47.03 -14.23
C GLU D 77 -0.59 48.32 -13.48
N PHE D 78 -1.85 48.44 -13.08
CA PHE D 78 -2.31 49.57 -12.29
C PHE D 78 -1.68 49.53 -10.90
N PRO D 79 -1.05 50.60 -10.44
CA PRO D 79 -0.40 50.73 -9.16
C PRO D 79 -1.42 50.87 -8.05
N ILE D 80 -1.12 50.28 -6.90
CA ILE D 80 -2.01 50.34 -5.75
C ILE D 80 -1.30 50.02 -4.44
N ALA D 81 -1.62 50.81 -3.41
CA ALA D 81 -1.03 50.67 -2.09
C ALA D 81 -1.97 49.94 -1.14
N PRO D 82 -1.45 49.16 -0.20
CA PRO D 82 -2.19 48.39 0.79
C PRO D 82 -2.97 49.33 1.70
N GLU D 83 -2.48 50.56 1.86
CA GLU D 83 -3.17 51.56 2.65
C GLU D 83 -4.45 52.04 2.03
N ILE D 84 -4.64 51.81 0.74
CA ILE D 84 -5.85 52.26 0.11
C ILE D 84 -6.65 51.11 -0.41
N ALA D 85 -6.03 49.94 -0.49
CA ALA D 85 -6.70 48.78 -1.06
C ALA D 85 -8.08 48.53 -0.46
N LEU D 86 -8.22 48.66 0.85
CA LEU D 86 -9.49 48.37 1.47
C LEU D 86 -10.54 49.42 1.19
N GLU D 87 -10.17 50.67 1.37
CA GLU D 87 -11.11 51.75 1.15
C GLU D 87 -11.43 51.88 -0.31
N LEU D 88 -10.42 51.66 -1.14
CA LEU D 88 -10.58 51.77 -2.56
C LEU D 88 -11.54 50.71 -3.02
N LEU D 89 -11.39 49.50 -2.50
CA LEU D 89 -12.31 48.43 -2.84
C LEU D 89 -13.72 48.87 -2.57
N MET D 90 -13.93 49.40 -1.38
CA MET D 90 -15.26 49.85 -0.98
C MET D 90 -15.76 50.94 -1.90
N ALA D 91 -14.88 51.87 -2.26
CA ALA D 91 -15.24 52.96 -3.15
C ALA D 91 -15.62 52.41 -4.51
N ALA D 92 -14.86 51.45 -4.98
CA ALA D 92 -15.12 50.84 -6.26
C ALA D 92 -16.44 50.13 -6.23
N ASN D 93 -16.73 49.47 -5.11
CA ASN D 93 -17.99 48.80 -4.95
C ASN D 93 -19.11 49.81 -5.07
N PHE D 94 -18.98 50.92 -4.36
CA PHE D 94 -19.95 52.00 -4.41
C PHE D 94 -20.14 52.53 -5.82
N LEU D 95 -19.03 52.73 -6.52
CA LEU D 95 -19.08 53.26 -7.86
C LEU D 95 -19.35 52.24 -8.95
N ASP D 96 -19.60 50.99 -8.58
CA ASP D 96 -19.82 49.94 -9.57
C ASP D 96 -18.64 49.85 -10.54
N CYS D 97 -17.47 49.55 -9.99
CA CYS D 97 -16.24 49.39 -10.75
C CYS D 97 -15.44 48.17 -10.30
N ASP E 2 1.88 60.46 -25.81
CA ASP E 2 0.90 61.25 -25.08
C ASP E 2 1.33 61.54 -23.64
N VAL E 3 0.90 62.68 -23.14
CA VAL E 3 1.21 63.15 -21.79
C VAL E 3 -0.03 63.15 -20.92
N PHE E 4 0.04 62.45 -19.80
CA PHE E 4 -1.06 62.40 -18.86
C PHE E 4 -0.72 63.30 -17.70
N LEU E 5 -1.34 64.46 -17.67
CA LEU E 5 -0.96 65.46 -16.71
C LEU E 5 -2.04 65.84 -15.73
N MET E 6 -1.69 65.86 -14.45
CA MET E 6 -2.60 66.29 -13.40
C MET E 6 -2.18 67.68 -12.87
N ILE E 7 -3.08 68.64 -12.96
CA ILE E 7 -2.77 69.99 -12.52
C ILE E 7 -3.59 70.37 -11.31
N ARG E 8 -2.94 70.96 -10.31
CA ARG E 8 -3.63 71.25 -9.06
C ARG E 8 -3.43 72.68 -8.52
N ARG E 9 -4.42 73.14 -7.75
CA ARG E 9 -4.39 74.46 -7.10
C ARG E 9 -5.17 74.42 -5.80
N HIS E 10 -4.48 74.60 -4.65
CA HIS E 10 -5.15 74.54 -3.36
C HIS E 10 -5.83 73.20 -3.18
N LYS E 11 -7.11 73.12 -3.49
CA LYS E 11 -7.84 71.87 -3.34
C LYS E 11 -8.49 71.43 -4.63
N THR E 12 -8.07 72.04 -5.74
CA THR E 12 -8.60 71.65 -7.03
C THR E 12 -7.60 70.80 -7.76
N THR E 13 -8.12 69.89 -8.57
CA THR E 13 -7.31 68.96 -9.34
C THR E 13 -7.94 68.74 -10.73
N ILE E 14 -7.12 68.69 -11.78
CA ILE E 14 -7.64 68.40 -13.10
C ILE E 14 -6.78 67.44 -13.87
N PHE E 15 -7.43 66.49 -14.54
CA PHE E 15 -6.74 65.48 -15.34
C PHE E 15 -6.89 65.75 -16.82
N THR E 16 -5.77 65.84 -17.54
CA THR E 16 -5.85 66.10 -18.96
C THR E 16 -4.70 65.49 -19.76
N ASP E 17 -5.00 65.15 -21.00
CA ASP E 17 -4.01 64.58 -21.90
C ASP E 17 -3.42 65.63 -22.82
N ALA E 18 -2.20 65.40 -23.27
CA ALA E 18 -1.53 66.35 -24.16
C ALA E 18 -0.47 65.69 -25.02
N LYS E 19 0.07 66.44 -25.97
CA LYS E 19 1.14 65.93 -26.83
C LYS E 19 2.48 66.44 -26.34
N GLU E 20 3.52 65.64 -26.44
CA GLU E 20 4.85 66.06 -25.98
C GLU E 20 5.33 67.31 -26.70
N SER E 21 4.87 67.47 -27.95
CA SER E 21 5.22 68.60 -28.79
C SER E 21 4.39 69.85 -28.49
N SER E 22 3.31 69.70 -27.74
CA SER E 22 2.51 70.86 -27.40
C SER E 22 3.26 71.64 -26.34
N THR E 23 2.95 72.92 -26.23
CA THR E 23 3.65 73.74 -25.27
C THR E 23 2.76 74.17 -24.16
N VAL E 24 3.41 74.74 -23.17
CA VAL E 24 2.78 75.31 -22.00
C VAL E 24 1.70 76.29 -22.39
N PHE E 25 1.94 77.08 -23.43
CA PHE E 25 0.92 78.01 -23.92
C PHE E 25 -0.41 77.31 -24.25
N GLU E 26 -0.35 76.21 -24.99
CA GLU E 26 -1.59 75.50 -25.28
C GLU E 26 -2.15 74.94 -24.00
N LEU E 27 -1.27 74.41 -23.15
CA LEU E 27 -1.66 73.88 -21.86
C LEU E 27 -2.39 74.95 -21.04
N LYS E 28 -1.96 76.21 -21.14
CA LYS E 28 -2.64 77.29 -20.47
C LYS E 28 -4.07 77.38 -20.99
N ARG E 29 -4.25 77.19 -22.29
CA ARG E 29 -5.60 77.20 -22.83
C ARG E 29 -6.36 75.93 -22.47
N ILE E 30 -5.64 74.86 -22.19
CA ILE E 30 -6.30 73.66 -21.73
C ILE E 30 -6.92 73.96 -20.38
N VAL E 31 -6.19 74.71 -19.56
CA VAL E 31 -6.73 75.13 -18.28
C VAL E 31 -7.90 76.07 -18.46
N GLU E 32 -7.74 77.04 -19.37
CA GLU E 32 -8.78 78.04 -19.70
C GLU E 32 -10.15 77.43 -19.93
N GLY E 33 -10.21 76.32 -20.65
CA GLY E 33 -11.47 75.65 -20.94
C GLY E 33 -12.32 75.36 -19.69
N ILE E 34 -11.68 75.21 -18.54
CA ILE E 34 -12.35 74.96 -17.27
C ILE E 34 -12.37 76.21 -16.42
N LEU E 35 -11.22 76.83 -16.31
CA LEU E 35 -10.98 78.03 -15.53
C LEU E 35 -11.82 79.23 -15.93
N LYS E 36 -11.95 79.44 -17.23
CA LYS E 36 -12.63 80.57 -17.83
C LYS E 36 -11.89 81.88 -17.58
N ARG E 37 -10.56 81.81 -17.54
CA ARG E 37 -9.69 82.97 -17.43
C ARG E 37 -8.53 82.73 -18.40
N PRO E 38 -8.04 83.76 -19.07
CA PRO E 38 -7.05 83.72 -20.12
C PRO E 38 -5.69 83.33 -19.59
N PRO E 39 -4.83 82.78 -20.44
CA PRO E 39 -3.46 82.31 -20.21
C PRO E 39 -2.59 83.29 -19.44
N ASP E 40 -2.76 84.58 -19.69
CA ASP E 40 -1.97 85.59 -18.98
C ASP E 40 -2.31 85.67 -17.50
N GLU E 41 -3.47 85.15 -17.11
CA GLU E 41 -3.86 85.13 -15.72
C GLU E 41 -3.56 83.81 -15.06
N GLN E 42 -2.83 82.95 -15.75
CA GLN E 42 -2.52 81.63 -15.24
C GLN E 42 -1.04 81.48 -14.95
N ARG E 43 -0.71 80.69 -13.93
CA ARG E 43 0.68 80.43 -13.61
C ARG E 43 0.92 78.95 -13.44
N LEU E 44 1.24 78.27 -14.52
CA LEU E 44 1.54 76.86 -14.44
C LEU E 44 2.94 76.70 -13.92
N TYR E 45 3.17 75.71 -13.06
CA TYR E 45 4.53 75.53 -12.59
C TYR E 45 4.85 74.10 -12.21
N LYS E 46 6.12 73.76 -12.34
CA LYS E 46 6.59 72.43 -11.99
C LYS E 46 7.33 72.51 -10.69
N ASP E 47 6.86 71.81 -9.68
CA ASP E 47 7.54 71.87 -8.39
C ASP E 47 7.41 73.31 -7.87
N ASP E 48 8.42 74.13 -8.07
CA ASP E 48 8.38 75.53 -7.69
C ASP E 48 8.89 76.40 -8.83
N GLN E 49 9.02 75.80 -10.01
CA GLN E 49 9.53 76.46 -11.19
C GLN E 49 8.43 76.83 -12.14
N LEU E 50 8.26 78.13 -12.33
CA LEU E 50 7.22 78.60 -13.21
C LEU E 50 7.51 78.10 -14.62
N LEU E 51 6.48 77.59 -15.28
CA LEU E 51 6.63 77.06 -16.63
C LEU E 51 6.55 78.13 -17.69
N ASP E 52 7.35 77.92 -18.72
CA ASP E 52 7.51 78.80 -19.88
C ASP E 52 6.57 78.47 -21.01
N ASP E 53 5.68 79.40 -21.35
CA ASP E 53 4.73 79.23 -22.44
C ASP E 53 5.37 78.71 -23.74
N GLY E 54 6.62 79.13 -24.00
CA GLY E 54 7.35 78.74 -25.21
C GLY E 54 8.10 77.41 -25.14
N LYS E 55 7.99 76.68 -24.04
CA LYS E 55 8.63 75.38 -23.96
C LYS E 55 7.61 74.27 -24.13
N THR E 56 8.04 73.20 -24.79
CA THR E 56 7.18 72.04 -25.00
C THR E 56 7.17 71.22 -23.74
N LEU E 57 6.22 70.31 -23.65
CA LEU E 57 6.18 69.45 -22.48
C LEU E 57 7.42 68.60 -22.41
N GLY E 58 7.88 68.12 -23.56
CA GLY E 58 9.14 67.38 -23.63
C GLY E 58 10.29 68.26 -23.15
N GLU E 59 10.31 69.52 -23.58
CA GLU E 59 11.34 70.48 -23.18
C GLU E 59 11.32 70.72 -21.68
N CYS E 60 10.14 70.72 -21.08
CA CYS E 60 9.99 70.95 -19.66
C CYS E 60 10.26 69.70 -18.80
N GLY E 61 10.70 68.59 -19.41
CA GLY E 61 11.03 67.40 -18.64
C GLY E 61 9.86 66.42 -18.44
N PHE E 62 8.81 66.55 -19.24
CA PHE E 62 7.68 65.64 -19.10
C PHE E 62 7.70 64.63 -20.22
N THR E 63 7.32 63.41 -19.91
CA THR E 63 7.32 62.36 -20.91
C THR E 63 6.49 61.14 -20.58
N SER E 64 6.51 60.17 -21.47
CA SER E 64 5.75 58.92 -21.36
C SER E 64 6.21 58.03 -20.21
N GLN E 65 7.41 58.29 -19.74
CA GLN E 65 7.98 57.56 -18.64
C GLN E 65 7.66 58.19 -17.30
N THR E 66 6.96 59.33 -17.32
CA THR E 66 6.60 60.06 -16.12
C THR E 66 5.11 60.26 -16.06
N ALA E 67 4.62 61.05 -17.01
CA ALA E 67 3.22 61.43 -17.10
C ALA E 67 2.41 60.31 -17.71
N ARG E 68 2.16 59.27 -16.93
CA ARG E 68 1.48 58.08 -17.42
C ARG E 68 0.01 58.00 -17.07
N PRO E 69 -0.72 57.06 -17.68
CA PRO E 69 -2.09 56.69 -17.40
C PRO E 69 -2.12 55.82 -16.16
N GLN E 70 -0.96 55.28 -15.81
CA GLN E 70 -0.76 54.56 -14.56
C GLN E 70 -0.66 55.52 -13.40
N ALA E 71 -0.20 56.73 -13.70
CA ALA E 71 0.04 57.76 -12.70
C ALA E 71 0.61 58.98 -13.41
N PRO E 72 -0.19 60.04 -13.55
CA PRO E 72 0.10 61.28 -14.25
C PRO E 72 1.08 62.16 -13.51
N ALA E 73 1.64 63.11 -14.23
CA ALA E 73 2.62 64.04 -13.68
C ALA E 73 1.91 65.12 -12.91
N THR E 74 2.64 65.81 -12.03
CA THR E 74 1.99 66.87 -11.26
C THR E 74 2.56 68.26 -11.54
N VAL E 75 1.68 69.15 -11.99
CA VAL E 75 1.96 70.56 -12.27
C VAL E 75 1.02 71.43 -11.48
N GLY E 76 1.54 72.48 -10.88
CA GLY E 76 0.67 73.33 -10.11
C GLY E 76 0.12 74.47 -10.94
N LEU E 77 -0.87 75.15 -10.39
CA LEU E 77 -1.50 76.28 -11.02
C LEU E 77 -1.84 77.40 -10.06
N ALA E 78 -1.31 78.58 -10.32
CA ALA E 78 -1.67 79.75 -9.53
C ALA E 78 -2.26 80.76 -10.48
N PHE E 79 -2.73 81.89 -9.97
CA PHE E 79 -3.36 82.87 -10.84
C PHE E 79 -2.80 84.27 -10.68
N ARG E 80 -3.00 85.10 -11.68
CA ARG E 80 -2.47 86.45 -11.64
C ARG E 80 -3.28 87.39 -10.80
N ALA E 81 -2.99 87.40 -9.51
CA ALA E 81 -3.62 88.32 -8.59
C ALA E 81 -3.15 89.74 -8.89
N ASP E 82 -3.86 90.39 -9.82
CA ASP E 82 -3.57 91.76 -10.23
C ASP E 82 -2.14 91.94 -10.73
N ASP E 83 -1.28 92.60 -9.95
CA ASP E 83 0.08 92.83 -10.37
C ASP E 83 1.04 91.72 -9.95
N THR E 84 0.50 90.65 -9.39
CA THR E 84 1.29 89.53 -8.93
C THR E 84 0.57 88.22 -9.19
N PHE E 85 0.96 87.20 -8.46
CA PHE E 85 0.29 85.93 -8.58
C PHE E 85 0.21 85.20 -7.26
N GLU E 86 -0.76 84.30 -7.19
CA GLU E 86 -1.12 83.60 -5.97
C GLU E 86 -0.04 82.65 -5.50
N ALA E 87 -0.06 82.40 -4.19
CA ALA E 87 0.90 81.51 -3.58
C ALA E 87 0.89 80.17 -4.28
N LEU E 88 2.08 79.64 -4.53
CA LEU E 88 2.22 78.39 -5.27
C LEU E 88 2.08 77.20 -4.31
N CYS E 89 0.89 77.06 -3.72
CA CYS E 89 0.64 76.02 -2.76
C CYS E 89 -0.51 75.12 -3.14
N ILE E 90 -0.34 73.83 -2.85
CA ILE E 90 -1.36 72.84 -3.14
C ILE E 90 -1.61 71.97 -1.92
N GLU E 91 -2.85 71.91 -1.47
CA GLU E 91 -3.25 71.10 -0.33
C GLU E 91 -3.28 69.61 -0.67
N PRO E 92 -2.49 68.79 0.02
CA PRO E 92 -2.42 67.34 -0.09
C PRO E 92 -3.75 66.71 0.23
N PHE E 93 -3.98 65.53 -0.33
CA PHE E 93 -5.19 64.79 -0.06
C PHE E 93 -5.06 64.17 1.32
N SER E 94 -6.14 63.64 1.85
CA SER E 94 -6.11 63.02 3.18
C SER E 94 -5.03 61.97 3.32
N SER E 95 -4.47 61.90 4.51
CA SER E 95 -3.48 60.92 4.84
C SER E 95 -4.16 59.55 4.89
N PRO E 96 -3.38 58.46 4.81
CA PRO E 96 -3.78 57.07 4.87
C PRO E 96 -4.10 56.61 6.28
N PRO E 97 -4.99 55.64 6.40
CA PRO E 97 -5.38 54.92 7.59
C PRO E 97 -4.31 53.91 7.92
N GLU E 98 -4.24 53.50 9.18
CA GLU E 98 -3.27 52.49 9.57
C GLU E 98 -3.61 51.14 8.96
N LEU E 99 -2.58 50.42 8.53
CA LEU E 99 -2.77 49.10 7.94
C LEU E 99 -3.14 48.10 9.03
N PRO E 100 -4.27 47.36 8.90
CA PRO E 100 -4.75 46.34 9.82
C PRO E 100 -3.72 45.27 10.03
N ASP E 101 -3.63 44.78 11.26
CA ASP E 101 -2.65 43.77 11.65
C ASP E 101 -2.65 42.53 10.79
N VAL E 102 -3.82 42.12 10.32
CA VAL E 102 -3.90 40.94 9.48
C VAL E 102 -3.31 41.17 8.09
N MET E 103 -3.22 42.43 7.66
CA MET E 103 -2.62 42.74 6.38
C MET E 103 -1.18 43.19 6.56
N LYS E 104 -0.82 43.53 7.79
CA LYS E 104 0.55 43.92 8.07
C LYS E 104 1.46 42.72 7.87
N PRO E 105 2.61 42.92 7.25
CA PRO E 105 3.62 41.93 6.88
C PRO E 105 4.29 41.37 8.10
N GLN E 106 4.74 40.12 7.99
CA GLN E 106 5.36 39.43 9.10
C GLN E 106 6.88 39.38 8.95
N SER A 6 -10.55 -40.08 -3.49
CA SER A 6 -11.87 -39.92 -2.88
C SER A 6 -12.25 -38.48 -2.64
N HIS A 7 -11.42 -37.72 -1.93
CA HIS A 7 -11.74 -36.32 -1.63
C HIS A 7 -12.05 -35.49 -2.87
N ASN A 8 -11.49 -35.88 -4.01
CA ASN A 8 -11.79 -35.21 -5.26
C ASN A 8 -13.19 -35.59 -5.72
N ALA A 9 -13.56 -36.85 -5.51
CA ALA A 9 -14.89 -37.30 -5.84
C ALA A 9 -15.89 -36.60 -4.94
N LEU A 10 -15.49 -36.35 -3.70
CA LEU A 10 -16.33 -35.62 -2.78
C LEU A 10 -16.50 -34.21 -3.28
N LYS A 11 -15.45 -33.63 -3.85
CA LYS A 11 -15.56 -32.31 -4.46
C LYS A 11 -16.56 -32.35 -5.60
N LEU A 12 -16.56 -33.47 -6.33
CA LEU A 12 -17.47 -33.67 -7.46
C LEU A 12 -18.90 -33.97 -7.04
N ARG A 13 -19.19 -33.97 -5.73
CA ARG A 13 -20.55 -34.14 -5.28
C ARG A 13 -21.21 -32.78 -5.19
N PHE A 14 -20.41 -31.72 -5.31
CA PHE A 14 -20.94 -30.40 -5.27
C PHE A 14 -20.97 -29.83 -6.67
N PRO A 15 -21.88 -28.91 -6.95
CA PRO A 15 -21.99 -28.14 -8.16
C PRO A 15 -20.71 -27.35 -8.35
N ALA A 16 -20.30 -27.20 -9.60
CA ALA A 16 -19.05 -26.53 -9.90
C ALA A 16 -19.01 -25.14 -9.35
N GLU A 17 -20.13 -24.43 -9.44
CA GLU A 17 -20.21 -23.08 -8.93
C GLU A 17 -20.05 -22.99 -7.42
N ASP A 18 -20.31 -24.09 -6.71
CA ASP A 18 -20.11 -24.08 -5.28
C ASP A 18 -18.65 -24.23 -4.98
N GLU A 19 -17.97 -25.00 -5.81
CA GLU A 19 -16.54 -25.18 -5.69
C GLU A 19 -15.78 -23.98 -6.25
N PHE A 20 -16.36 -23.31 -7.24
CA PHE A 20 -15.71 -22.19 -7.87
C PHE A 20 -15.35 -21.13 -6.83
N PRO A 21 -14.07 -20.82 -6.65
CA PRO A 21 -13.54 -19.90 -5.69
C PRO A 21 -13.88 -18.47 -6.06
N ASP A 22 -14.02 -17.63 -5.05
CA ASP A 22 -14.32 -16.23 -5.26
C ASP A 22 -13.05 -15.42 -5.43
N LEU A 23 -12.75 -15.07 -6.66
CA LEU A 23 -11.52 -14.36 -6.98
C LEU A 23 -11.72 -12.85 -7.14
N SER A 24 -12.85 -12.33 -6.69
CA SER A 24 -13.19 -10.92 -6.86
C SER A 24 -12.12 -9.94 -6.40
N ALA A 25 -11.52 -10.21 -5.26
CA ALA A 25 -10.51 -9.31 -4.69
C ALA A 25 -9.09 -9.65 -5.14
N HIS A 26 -8.96 -10.63 -6.02
CA HIS A 26 -7.65 -11.07 -6.44
C HIS A 26 -7.14 -10.27 -7.62
N ASN A 27 -5.82 -10.17 -7.70
CA ASN A 27 -5.17 -9.41 -8.73
C ASN A 27 -3.99 -10.15 -9.31
N ASN A 28 -4.27 -11.11 -10.19
CA ASN A 28 -3.19 -11.86 -10.82
C ASN A 28 -3.64 -12.40 -12.16
N HIS A 29 -2.71 -12.97 -12.92
CA HIS A 29 -3.02 -13.40 -14.26
C HIS A 29 -4.05 -14.51 -14.28
N MET A 30 -3.92 -15.46 -13.38
CA MET A 30 -4.85 -16.57 -13.29
C MET A 30 -6.24 -16.06 -13.03
N ALA A 31 -6.36 -15.11 -12.13
CA ALA A 31 -7.65 -14.54 -11.76
C ALA A 31 -8.34 -13.94 -12.95
N LYS A 32 -7.58 -13.36 -13.86
CA LYS A 32 -8.20 -12.79 -15.04
C LYS A 32 -8.60 -13.88 -16.02
N VAL A 33 -7.83 -14.95 -16.07
CA VAL A 33 -8.10 -16.05 -16.98
C VAL A 33 -9.20 -17.01 -16.56
N LEU A 34 -9.15 -17.51 -15.33
CA LEU A 34 -10.09 -18.53 -14.90
C LEU A 34 -11.52 -18.08 -14.81
N THR A 35 -12.41 -18.74 -15.54
CA THR A 35 -13.83 -18.43 -15.49
C THR A 35 -14.56 -19.62 -14.91
N PRO A 36 -15.80 -19.43 -14.45
CA PRO A 36 -16.71 -20.44 -13.93
C PRO A 36 -16.90 -21.55 -14.94
N GLU A 37 -16.92 -21.19 -16.21
CA GLU A 37 -17.07 -22.17 -17.26
C GLU A 37 -15.86 -23.05 -17.35
N LEU A 38 -14.68 -22.44 -17.32
CA LEU A 38 -13.45 -23.21 -17.38
C LEU A 38 -13.28 -24.06 -16.15
N TYR A 39 -13.67 -23.53 -15.00
CA TYR A 39 -13.55 -24.26 -13.77
C TYR A 39 -14.41 -25.50 -13.82
N ALA A 40 -15.65 -25.33 -14.26
CA ALA A 40 -16.57 -26.43 -14.35
C ALA A 40 -16.04 -27.53 -15.23
N GLU A 41 -15.41 -27.17 -16.34
CA GLU A 41 -14.86 -28.17 -17.22
C GLU A 41 -13.59 -28.81 -16.70
N LEU A 42 -12.64 -27.99 -16.32
CA LEU A 42 -11.34 -28.47 -15.91
C LEU A 42 -11.30 -29.19 -14.59
N ARG A 43 -12.24 -28.94 -13.69
CA ARG A 43 -12.19 -29.65 -12.43
C ARG A 43 -12.37 -31.15 -12.59
N ALA A 44 -12.92 -31.58 -13.72
CA ALA A 44 -13.13 -32.99 -13.96
C ALA A 44 -11.88 -33.69 -14.47
N LYS A 45 -10.86 -32.93 -14.84
CA LYS A 45 -9.65 -33.53 -15.38
C LYS A 45 -8.53 -33.58 -14.37
N SER A 46 -7.57 -34.44 -14.64
CA SER A 46 -6.42 -34.57 -13.78
C SER A 46 -5.23 -35.13 -14.53
N THR A 47 -4.04 -34.94 -13.97
CA THR A 47 -2.85 -35.46 -14.64
C THR A 47 -2.63 -36.86 -14.20
N PRO A 48 -1.77 -37.59 -14.89
CA PRO A 48 -1.29 -38.92 -14.55
C PRO A 48 -0.59 -38.93 -13.20
N SER A 49 -0.08 -37.77 -12.78
CA SER A 49 0.62 -37.67 -11.52
C SER A 49 -0.34 -37.39 -10.38
N GLY A 50 -1.56 -36.99 -10.69
CA GLY A 50 -2.53 -36.73 -9.65
C GLY A 50 -2.95 -35.26 -9.47
N PHE A 51 -2.55 -34.37 -10.37
CA PHE A 51 -3.05 -33.01 -10.20
C PHE A 51 -4.42 -32.77 -10.66
N THR A 52 -5.12 -32.00 -9.87
CA THR A 52 -6.44 -31.55 -10.20
C THR A 52 -6.38 -30.06 -10.26
N LEU A 53 -7.38 -29.48 -10.89
CA LEU A 53 -7.42 -28.07 -11.10
C LEU A 53 -7.18 -27.28 -9.83
N ASP A 54 -7.77 -27.72 -8.72
CA ASP A 54 -7.63 -26.99 -7.48
C ASP A 54 -6.20 -26.78 -7.03
N ASP A 55 -5.33 -27.76 -7.22
CA ASP A 55 -3.96 -27.53 -6.81
C ASP A 55 -3.29 -26.59 -7.77
N VAL A 56 -3.64 -26.69 -9.04
CA VAL A 56 -3.08 -25.81 -10.04
C VAL A 56 -3.33 -24.35 -9.70
N ILE A 57 -4.53 -24.05 -9.21
CA ILE A 57 -4.86 -22.66 -8.91
C ILE A 57 -4.95 -22.37 -7.43
N GLN A 58 -4.35 -23.21 -6.59
CA GLN A 58 -4.50 -22.99 -5.16
C GLN A 58 -3.74 -21.77 -4.68
N THR A 59 -2.52 -21.61 -5.17
CA THR A 59 -1.70 -20.48 -4.76
C THR A 59 -2.37 -19.18 -5.11
N GLY A 60 -2.95 -19.15 -6.30
CA GLY A 60 -3.68 -17.99 -6.77
C GLY A 60 -4.74 -17.57 -5.80
N VAL A 61 -5.74 -18.42 -5.59
CA VAL A 61 -6.80 -18.05 -4.67
C VAL A 61 -6.32 -17.78 -3.24
N ASP A 62 -5.22 -18.41 -2.83
CA ASP A 62 -4.68 -18.14 -1.50
C ASP A 62 -4.11 -16.73 -1.36
N ASN A 63 -3.60 -16.16 -2.44
CA ASN A 63 -2.98 -14.85 -2.35
C ASN A 63 -3.47 -13.89 -3.42
N PRO A 64 -4.41 -13.00 -3.09
CA PRO A 64 -4.95 -11.93 -3.92
C PRO A 64 -3.82 -11.14 -4.55
N GLY A 65 -2.73 -11.00 -3.80
CA GLY A 65 -1.54 -10.37 -4.34
C GLY A 65 -1.50 -8.89 -4.15
N HIS A 66 -0.47 -8.30 -4.72
CA HIS A 66 -0.21 -6.89 -4.62
C HIS A 66 -1.23 -6.16 -5.49
N PRO A 67 -1.70 -4.99 -5.08
CA PRO A 67 -2.66 -4.16 -5.78
C PRO A 67 -2.07 -3.52 -7.01
N TYR A 68 -0.74 -3.48 -7.12
CA TYR A 68 -0.13 -2.88 -8.28
C TYR A 68 0.75 -3.88 -9.02
N ILE A 69 1.54 -4.64 -8.29
CA ILE A 69 2.38 -5.65 -8.93
C ILE A 69 1.55 -6.88 -9.26
N MET A 70 1.51 -7.28 -10.52
CA MET A 70 0.69 -8.43 -10.86
C MET A 70 1.48 -9.72 -10.93
N THR A 71 1.12 -10.67 -10.07
CA THR A 71 1.75 -11.99 -10.02
C THR A 71 1.03 -12.93 -10.97
N VAL A 72 1.58 -14.12 -11.15
CA VAL A 72 0.98 -15.07 -12.07
C VAL A 72 -0.31 -15.65 -11.53
N GLY A 73 -0.27 -16.16 -10.31
CA GLY A 73 -1.47 -16.68 -9.68
C GLY A 73 -1.71 -18.18 -9.89
N CYS A 74 -0.71 -18.93 -10.31
CA CYS A 74 -0.92 -20.37 -10.44
C CYS A 74 0.40 -21.08 -10.39
N VAL A 75 0.35 -22.41 -10.36
CA VAL A 75 1.57 -23.19 -10.29
C VAL A 75 1.43 -24.49 -11.04
N ALA A 76 2.51 -24.91 -11.68
CA ALA A 76 2.54 -26.13 -12.45
C ALA A 76 2.78 -27.32 -11.56
N GLY A 77 2.46 -28.49 -12.06
CA GLY A 77 2.63 -29.69 -11.27
C GLY A 77 3.72 -30.60 -11.79
N ASP A 78 3.71 -30.78 -13.09
CA ASP A 78 4.68 -31.61 -13.77
C ASP A 78 4.62 -31.29 -15.23
N GLU A 79 5.41 -31.98 -16.03
CA GLU A 79 5.39 -31.77 -17.46
C GLU A 79 3.99 -31.90 -18.04
N GLU A 80 3.32 -32.98 -17.69
CA GLU A 80 1.98 -33.27 -18.17
C GLU A 80 0.95 -32.21 -17.81
N SER A 81 1.16 -31.48 -16.73
CA SER A 81 0.19 -30.50 -16.30
C SER A 81 0.08 -29.33 -17.24
N TYR A 82 1.08 -29.12 -18.10
CA TYR A 82 0.99 -28.04 -19.06
C TYR A 82 0.19 -28.47 -20.28
N GLU A 83 -0.23 -29.72 -20.32
CA GLU A 83 -1.09 -30.21 -21.37
C GLU A 83 -2.48 -30.39 -20.84
N VAL A 84 -2.57 -31.03 -19.70
CA VAL A 84 -3.87 -31.32 -19.10
C VAL A 84 -4.63 -30.05 -18.76
N PHE A 85 -3.93 -29.04 -18.27
CA PHE A 85 -4.60 -27.80 -17.94
C PHE A 85 -4.21 -26.67 -18.88
N LYS A 86 -3.92 -27.01 -20.13
CA LYS A 86 -3.54 -26.01 -21.11
C LYS A 86 -4.63 -25.00 -21.38
N ASP A 87 -5.87 -25.32 -21.05
CA ASP A 87 -6.93 -24.36 -21.25
C ASP A 87 -6.77 -23.14 -20.36
N LEU A 88 -5.97 -23.23 -19.29
CA LEU A 88 -5.65 -22.05 -18.52
C LEU A 88 -4.26 -21.60 -18.85
N PHE A 89 -3.34 -22.54 -18.99
CA PHE A 89 -1.97 -22.16 -19.23
C PHE A 89 -1.78 -21.45 -20.54
N ASP A 90 -2.48 -21.84 -21.58
CA ASP A 90 -2.30 -21.15 -22.84
C ASP A 90 -2.67 -19.65 -22.72
N PRO A 91 -3.76 -19.31 -22.03
CA PRO A 91 -4.10 -17.91 -21.80
C PRO A 91 -3.16 -17.21 -20.84
N ILE A 92 -2.76 -17.90 -19.78
CA ILE A 92 -1.87 -17.29 -18.80
C ILE A 92 -0.51 -17.04 -19.36
N ILE A 93 0.05 -18.04 -20.01
CA ILE A 93 1.36 -17.92 -20.62
C ILE A 93 1.37 -16.84 -21.66
N GLU A 94 0.36 -16.85 -22.52
CA GLU A 94 0.26 -15.84 -23.55
C GLU A 94 0.32 -14.46 -22.98
N ASP A 95 -0.51 -14.20 -21.99
CA ASP A 95 -0.58 -12.90 -21.37
C ASP A 95 0.68 -12.53 -20.61
N ARG A 96 1.18 -13.44 -19.80
CA ARG A 96 2.36 -13.17 -19.01
C ARG A 96 3.59 -12.90 -19.83
N HIS A 97 3.69 -13.52 -20.99
CA HIS A 97 4.86 -13.32 -21.83
C HIS A 97 4.65 -12.40 -23.03
N GLY A 98 3.61 -11.57 -22.98
CA GLY A 98 3.45 -10.57 -24.03
C GLY A 98 2.92 -11.07 -25.36
N GLY A 99 1.90 -11.92 -25.32
CA GLY A 99 1.30 -12.39 -26.55
C GLY A 99 2.01 -13.60 -27.12
N TYR A 100 2.58 -14.42 -26.25
CA TYR A 100 3.24 -15.63 -26.73
C TYR A 100 2.17 -16.54 -27.31
N LYS A 101 2.35 -17.01 -28.52
CA LYS A 101 1.27 -17.79 -29.13
C LYS A 101 1.42 -19.31 -29.00
N PRO A 102 0.32 -20.06 -29.13
CA PRO A 102 0.18 -21.52 -29.10
C PRO A 102 1.07 -22.26 -30.10
N SER A 103 1.44 -21.60 -31.19
CA SER A 103 2.33 -22.22 -32.18
C SER A 103 3.67 -21.50 -32.24
N ASP A 104 3.92 -20.66 -31.26
CA ASP A 104 5.11 -19.83 -31.24
C ASP A 104 6.32 -20.61 -30.76
N GLU A 105 6.96 -21.32 -31.67
CA GLU A 105 8.14 -22.13 -31.36
C GLU A 105 9.23 -21.39 -30.60
N HIS A 106 9.69 -22.00 -29.53
CA HIS A 106 10.75 -21.44 -28.72
C HIS A 106 12.07 -22.18 -28.96
N LYS A 107 13.18 -21.46 -28.91
CA LYS A 107 14.49 -22.07 -29.15
C LYS A 107 15.35 -22.13 -27.90
N THR A 108 16.54 -22.71 -28.06
CA THR A 108 17.53 -22.81 -26.99
C THR A 108 18.91 -22.69 -27.56
N ASP A 109 19.80 -22.08 -26.80
CA ASP A 109 21.15 -21.85 -27.30
C ASP A 109 22.09 -21.33 -26.25
N LEU A 110 22.93 -22.19 -25.69
CA LEU A 110 23.93 -21.69 -24.76
C LEU A 110 25.29 -21.59 -25.37
N ASN A 111 25.40 -21.64 -26.69
CA ASN A 111 26.70 -21.61 -27.31
C ASN A 111 27.30 -20.20 -27.27
N PRO A 112 28.31 -19.95 -26.40
CA PRO A 112 28.99 -18.67 -26.15
C PRO A 112 29.49 -17.98 -27.41
N ASP A 113 29.68 -18.72 -28.49
CA ASP A 113 30.16 -18.15 -29.73
C ASP A 113 29.21 -17.13 -30.31
N ASN A 114 27.95 -17.19 -29.93
CA ASN A 114 26.99 -16.24 -30.46
C ASN A 114 26.90 -14.95 -29.64
N LEU A 115 27.63 -14.84 -28.54
CA LEU A 115 27.58 -13.61 -27.75
C LEU A 115 28.62 -12.62 -28.25
N GLN A 116 28.15 -11.49 -28.73
CA GLN A 116 29.06 -10.50 -29.27
C GLN A 116 29.34 -9.42 -28.26
N GLY A 117 30.60 -8.99 -28.22
CA GLY A 117 31.03 -7.96 -27.28
C GLY A 117 30.86 -8.44 -25.85
N GLY A 118 30.83 -7.50 -24.92
CA GLY A 118 30.64 -7.86 -23.52
C GLY A 118 31.87 -8.50 -22.91
N ASP A 119 33.00 -8.36 -23.59
CA ASP A 119 34.23 -8.95 -23.11
C ASP A 119 34.68 -8.27 -21.84
N ASP A 120 34.38 -6.99 -21.75
CA ASP A 120 34.72 -6.22 -20.59
C ASP A 120 33.80 -5.02 -20.46
N LEU A 121 32.79 -5.12 -19.62
CA LEU A 121 31.89 -4.01 -19.39
C LEU A 121 32.66 -3.02 -18.54
N ASP A 122 32.41 -1.74 -18.70
CA ASP A 122 33.21 -0.77 -17.99
C ASP A 122 33.07 -0.93 -16.49
N PRO A 123 34.16 -1.34 -15.79
CA PRO A 123 34.27 -1.65 -14.37
C PRO A 123 34.02 -0.46 -13.45
N ASN A 124 33.94 0.74 -14.00
CA ASN A 124 33.63 1.91 -13.22
C ASN A 124 32.15 1.96 -12.91
N TYR A 125 31.39 1.19 -13.64
CA TYR A 125 29.97 1.13 -13.44
C TYR A 125 29.55 -0.26 -13.09
N VAL A 126 30.05 -1.23 -13.83
CA VAL A 126 29.62 -2.57 -13.55
C VAL A 126 30.40 -3.16 -12.42
N LEU A 127 29.75 -3.19 -11.28
CA LEU A 127 30.30 -3.75 -10.06
C LEU A 127 30.42 -5.25 -10.13
N SER A 128 29.34 -5.92 -10.53
CA SER A 128 29.40 -7.39 -10.57
C SER A 128 28.42 -8.04 -11.55
N SER A 129 28.85 -9.15 -12.13
CA SER A 129 28.03 -9.88 -13.08
C SER A 129 27.44 -11.17 -12.53
N ARG A 130 26.21 -11.46 -12.90
CA ARG A 130 25.57 -12.68 -12.45
C ARG A 130 24.57 -13.26 -13.44
N VAL A 131 24.58 -14.58 -13.57
CA VAL A 131 23.63 -15.26 -14.44
C VAL A 131 23.11 -16.52 -13.79
N ARG A 132 21.82 -16.79 -13.91
CA ARG A 132 21.31 -17.99 -13.28
C ARG A 132 20.06 -18.55 -13.91
N THR A 133 19.79 -19.81 -13.60
CA THR A 133 18.60 -20.45 -14.13
C THR A 133 18.13 -21.59 -13.25
N GLY A 134 17.17 -22.35 -13.77
CA GLY A 134 16.63 -23.48 -13.06
C GLY A 134 16.27 -24.60 -14.03
N ARG A 135 16.41 -25.83 -13.60
CA ARG A 135 16.08 -26.96 -14.44
C ARG A 135 15.32 -28.01 -13.68
N SER A 136 14.52 -28.77 -14.41
CA SER A 136 13.71 -29.84 -13.84
C SER A 136 14.02 -31.17 -14.49
N ILE A 137 14.04 -32.23 -13.70
CA ILE A 137 14.42 -33.53 -14.24
C ILE A 137 13.24 -34.36 -14.71
N ARG A 138 13.26 -34.71 -16.00
CA ARG A 138 12.23 -35.51 -16.62
C ARG A 138 12.08 -36.82 -15.92
N GLY A 139 10.84 -37.17 -15.61
CA GLY A 139 10.56 -38.44 -14.93
C GLY A 139 10.10 -38.21 -13.51
N PHE A 140 10.43 -37.07 -12.96
CA PHE A 140 9.97 -36.74 -11.64
C PHE A 140 8.92 -35.68 -11.74
N CYS A 141 8.26 -35.42 -10.64
CA CYS A 141 7.30 -34.34 -10.53
C CYS A 141 7.99 -33.10 -10.04
N LEU A 142 7.26 -32.01 -9.90
CA LEU A 142 7.85 -30.78 -9.41
C LEU A 142 7.69 -30.67 -7.89
N PRO A 143 8.47 -29.81 -7.22
CA PRO A 143 8.50 -29.53 -5.79
C PRO A 143 7.14 -29.33 -5.13
N PRO A 144 6.12 -28.69 -5.73
CA PRO A 144 4.76 -28.60 -5.22
C PRO A 144 3.98 -29.93 -5.22
N HIS A 145 4.61 -31.05 -5.59
CA HIS A 145 3.88 -32.31 -5.61
C HIS A 145 4.62 -33.53 -5.14
N CYS A 146 5.91 -33.58 -5.39
CA CYS A 146 6.68 -34.78 -5.09
C CYS A 146 6.70 -35.25 -3.65
N SER A 147 6.75 -36.57 -3.51
CA SER A 147 6.80 -37.21 -2.21
C SER A 147 8.17 -37.05 -1.62
N ARG A 148 8.29 -37.41 -0.36
CA ARG A 148 9.55 -37.33 0.33
C ARG A 148 10.56 -38.21 -0.35
N GLY A 149 10.14 -39.41 -0.76
CA GLY A 149 11.01 -40.32 -1.47
C GLY A 149 11.47 -39.76 -2.81
N GLU A 150 10.55 -39.18 -3.57
CA GLU A 150 10.90 -38.63 -4.86
C GLU A 150 11.90 -37.51 -4.73
N ARG A 151 11.71 -36.66 -3.74
CA ARG A 151 12.63 -35.58 -3.50
C ARG A 151 14.02 -36.12 -3.18
N ARG A 152 14.07 -37.16 -2.36
CA ARG A 152 15.33 -37.75 -1.98
C ARG A 152 16.07 -38.35 -3.16
N ALA A 153 15.34 -38.96 -4.07
CA ALA A 153 15.97 -39.54 -5.24
C ALA A 153 16.67 -38.48 -6.07
N ILE A 154 16.00 -37.34 -6.24
CA ILE A 154 16.57 -36.25 -6.99
C ILE A 154 17.82 -35.74 -6.36
N GLU A 155 17.79 -35.58 -5.04
CA GLU A 155 18.97 -35.15 -4.34
C GLU A 155 20.16 -36.03 -4.68
N LYS A 156 19.97 -37.33 -4.57
CA LYS A 156 21.05 -38.25 -4.79
C LYS A 156 21.62 -38.15 -6.20
N LEU A 157 20.75 -37.97 -7.20
CA LEU A 157 21.23 -37.84 -8.56
C LEU A 157 22.12 -36.63 -8.70
N ALA A 158 21.68 -35.53 -8.11
CA ALA A 158 22.43 -34.30 -8.16
C ALA A 158 23.75 -34.45 -7.48
N VAL A 159 23.76 -35.12 -6.32
CA VAL A 159 24.99 -35.32 -5.58
C VAL A 159 25.97 -36.09 -6.40
N GLU A 160 25.51 -37.14 -7.07
CA GLU A 160 26.43 -37.89 -7.89
C GLU A 160 27.04 -37.03 -8.99
N ALA A 161 26.19 -36.37 -9.77
CA ALA A 161 26.68 -35.58 -10.88
C ALA A 161 27.65 -34.53 -10.41
N LEU A 162 27.25 -33.77 -9.41
CA LEU A 162 28.08 -32.71 -8.90
C LEU A 162 29.38 -33.22 -8.33
N SER A 163 29.38 -34.38 -7.71
CA SER A 163 30.64 -34.87 -7.18
C SER A 163 31.63 -35.22 -8.30
N SER A 164 31.12 -35.51 -9.50
CA SER A 164 31.99 -35.84 -10.62
C SER A 164 32.32 -34.63 -11.49
N LEU A 165 31.81 -33.47 -11.14
CA LEU A 165 32.01 -32.28 -11.95
C LEU A 165 33.43 -31.78 -11.74
N ASP A 166 34.22 -31.76 -12.81
CA ASP A 166 35.64 -31.45 -12.72
C ASP A 166 36.08 -29.99 -12.95
N GLY A 167 37.40 -29.79 -12.93
CA GLY A 167 38.07 -28.51 -13.20
C GLY A 167 37.65 -27.40 -12.27
N ASP A 168 37.33 -26.26 -12.84
CA ASP A 168 36.87 -25.10 -12.08
C ASP A 168 35.51 -25.32 -11.53
N LEU A 169 34.83 -26.34 -11.98
CA LEU A 169 33.52 -26.59 -11.50
C LEU A 169 33.54 -27.68 -10.42
N ALA A 170 34.73 -28.05 -9.96
CA ALA A 170 34.79 -28.99 -8.85
C ALA A 170 34.48 -28.23 -7.57
N GLY A 171 33.83 -28.90 -6.61
CA GLY A 171 33.48 -28.23 -5.37
C GLY A 171 33.11 -29.16 -4.21
N ARG A 172 32.10 -28.75 -3.45
CA ARG A 172 31.65 -29.50 -2.28
C ARG A 172 30.17 -29.40 -2.04
N TYR A 173 29.58 -30.54 -1.71
CA TYR A 173 28.16 -30.62 -1.40
C TYR A 173 27.89 -30.53 0.08
N TYR A 174 26.95 -29.69 0.46
CA TYR A 174 26.54 -29.56 1.83
C TYR A 174 25.13 -30.06 2.01
N ALA A 175 24.91 -30.86 3.03
CA ALA A 175 23.58 -31.35 3.32
C ALA A 175 22.91 -30.36 4.23
N LEU A 176 21.93 -29.64 3.71
CA LEU A 176 21.32 -28.57 4.48
C LEU A 176 20.80 -29.03 5.82
N LYS A 177 20.10 -30.15 5.82
CA LYS A 177 19.51 -30.70 7.02
C LYS A 177 20.48 -31.02 8.16
N SER A 178 21.78 -31.11 7.89
CA SER A 178 22.69 -31.47 8.95
C SER A 178 23.99 -30.71 8.88
N MET A 179 24.01 -29.58 8.18
CA MET A 179 25.24 -28.82 8.06
C MET A 179 25.66 -28.15 9.37
N THR A 180 26.96 -28.06 9.60
CA THR A 180 27.54 -27.51 10.83
C THR A 180 27.39 -26.00 10.90
N GLU A 181 27.09 -25.47 12.08
CA GLU A 181 26.90 -24.03 12.27
C GLU A 181 28.04 -23.17 11.71
N ALA A 182 29.27 -23.65 11.82
CA ALA A 182 30.41 -22.96 11.25
C ALA A 182 30.26 -22.89 9.73
N GLU A 183 29.78 -23.97 9.14
CA GLU A 183 29.55 -24.04 7.72
C GLU A 183 28.43 -23.10 7.36
N GLN A 184 27.44 -22.99 8.25
CA GLN A 184 26.33 -22.10 8.04
C GLN A 184 26.83 -20.69 8.02
N GLN A 185 27.79 -20.38 8.88
CA GLN A 185 28.36 -19.06 8.90
C GLN A 185 29.11 -18.75 7.61
N GLN A 186 29.84 -19.72 7.10
CA GLN A 186 30.58 -19.48 5.88
C GLN A 186 29.67 -19.28 4.70
N LEU A 187 28.62 -20.06 4.61
CA LEU A 187 27.77 -19.92 3.48
C LEU A 187 26.81 -18.78 3.63
N ILE A 188 26.47 -18.38 4.85
CA ILE A 188 25.62 -17.21 4.94
C ILE A 188 26.41 -15.96 4.61
N ASP A 189 27.70 -15.96 4.92
CA ASP A 189 28.52 -14.81 4.58
C ASP A 189 28.55 -14.59 3.08
N ASP A 190 28.63 -15.67 2.33
CA ASP A 190 28.65 -15.58 0.88
C ASP A 190 27.27 -15.68 0.26
N HIS A 191 26.23 -15.68 1.10
CA HIS A 191 24.86 -15.78 0.64
C HIS A 191 24.57 -17.02 -0.19
N PHE A 192 25.32 -18.09 0.06
CA PHE A 192 25.10 -19.35 -0.62
C PHE A 192 24.07 -20.13 0.18
N LEU A 193 24.04 -19.84 1.48
CA LEU A 193 23.10 -20.46 2.40
C LEU A 193 21.72 -19.90 2.22
N PHE A 194 20.74 -20.79 2.10
CA PHE A 194 19.37 -20.38 1.97
C PHE A 194 18.60 -20.90 3.15
N ASP A 195 17.32 -20.61 3.20
CA ASP A 195 16.52 -21.04 4.32
C ASP A 195 15.09 -21.31 3.88
N LYS A 196 14.28 -21.81 4.81
CA LYS A 196 12.92 -22.18 4.52
C LYS A 196 12.18 -20.97 4.00
N PRO A 197 11.48 -21.07 2.87
CA PRO A 197 10.66 -20.05 2.25
C PRO A 197 9.71 -19.45 3.27
N VAL A 198 9.64 -18.13 3.28
CA VAL A 198 8.78 -17.43 4.22
C VAL A 198 7.69 -16.68 3.50
N SER A 199 7.85 -16.51 2.20
CA SER A 199 6.85 -15.80 1.44
C SER A 199 5.58 -16.60 1.33
N PRO A 200 4.42 -15.98 1.57
CA PRO A 200 3.08 -16.50 1.41
C PRO A 200 2.83 -16.95 -0.01
N LEU A 201 3.54 -16.34 -0.95
CA LEU A 201 3.37 -16.67 -2.36
C LEU A 201 4.00 -18.02 -2.69
N LEU A 202 4.89 -18.50 -1.83
CA LEU A 202 5.53 -19.77 -2.03
C LEU A 202 4.91 -20.82 -1.14
N LEU A 203 4.66 -20.44 0.10
CA LEU A 203 4.11 -21.37 1.07
C LEU A 203 2.76 -21.88 0.67
N ALA A 204 1.98 -21.06 -0.01
CA ALA A 204 0.67 -21.46 -0.50
C ALA A 204 0.73 -22.65 -1.45
N SER A 205 1.86 -22.89 -2.11
CA SER A 205 1.97 -24.00 -3.03
C SER A 205 2.26 -25.30 -2.34
N GLY A 206 2.73 -25.24 -1.10
CA GLY A 206 3.12 -26.42 -0.37
C GLY A 206 4.58 -26.80 -0.61
N MET A 207 5.26 -26.05 -1.47
CA MET A 207 6.63 -26.30 -1.85
C MET A 207 7.61 -26.49 -0.70
N ALA A 208 7.44 -25.73 0.37
CA ALA A 208 8.36 -25.79 1.50
C ALA A 208 8.11 -26.96 2.45
N ARG A 209 7.16 -27.83 2.16
CA ARG A 209 6.90 -28.93 3.08
C ARG A 209 8.09 -29.85 3.22
N ASP A 210 8.20 -30.42 4.42
CA ASP A 210 9.25 -31.35 4.81
C ASP A 210 10.64 -30.74 4.98
N TRP A 211 10.78 -29.44 4.72
CA TRP A 211 12.04 -28.74 4.82
C TRP A 211 12.68 -29.02 6.18
N PRO A 212 13.98 -29.30 6.24
CA PRO A 212 15.03 -29.34 5.24
C PRO A 212 15.32 -30.73 4.68
N ASP A 213 14.35 -31.61 4.70
CA ASP A 213 14.57 -32.95 4.19
C ASP A 213 14.92 -32.92 2.71
N ALA A 214 16.11 -33.41 2.42
CA ALA A 214 16.66 -33.50 1.07
C ALA A 214 16.90 -32.14 0.41
N ARG A 215 17.23 -31.13 1.20
CA ARG A 215 17.62 -29.85 0.61
C ARG A 215 19.15 -29.78 0.60
N GLY A 216 19.73 -29.20 -0.46
CA GLY A 216 21.18 -29.27 -0.63
C GLY A 216 21.84 -28.03 -1.25
N ILE A 217 23.07 -27.77 -0.82
CA ILE A 217 23.86 -26.64 -1.33
C ILE A 217 25.19 -27.09 -1.85
N TRP A 218 25.50 -26.72 -3.07
CA TRP A 218 26.77 -27.11 -3.65
C TRP A 218 27.45 -25.95 -4.31
N HIS A 219 28.72 -25.74 -4.05
CA HIS A 219 29.38 -24.66 -4.75
C HIS A 219 30.79 -25.05 -5.08
N ASN A 220 31.39 -24.37 -6.04
CA ASN A 220 32.73 -24.72 -6.45
C ASN A 220 33.78 -24.10 -5.57
N ASP A 221 35.01 -24.52 -5.78
CA ASP A 221 36.15 -24.07 -5.00
C ASP A 221 36.39 -22.58 -5.09
N ASN A 222 36.07 -21.96 -6.21
CA ASN A 222 36.32 -20.53 -6.36
C ASN A 222 35.11 -19.68 -6.06
N LYS A 223 34.05 -20.27 -5.52
CA LYS A 223 32.85 -19.52 -5.19
C LYS A 223 32.28 -18.72 -6.34
N THR A 224 32.29 -19.29 -7.53
CA THR A 224 31.74 -18.62 -8.70
C THR A 224 30.60 -19.41 -9.28
N PHE A 225 30.47 -20.65 -8.85
CA PHE A 225 29.43 -21.51 -9.38
C PHE A 225 28.67 -22.13 -8.22
N LEU A 226 27.39 -21.79 -8.12
CA LEU A 226 26.54 -22.18 -7.01
C LEU A 226 25.31 -22.98 -7.45
N VAL A 227 25.10 -24.14 -6.83
CA VAL A 227 23.96 -24.96 -7.16
C VAL A 227 23.07 -25.23 -5.97
N TRP A 228 21.77 -25.01 -6.13
CA TRP A 228 20.83 -25.32 -5.06
C TRP A 228 19.98 -26.51 -5.43
N VAL A 229 19.79 -27.41 -4.47
CA VAL A 229 19.08 -28.65 -4.68
C VAL A 229 17.74 -28.70 -3.98
N ASN A 230 16.68 -28.84 -4.77
CA ASN A 230 15.32 -28.96 -4.28
C ASN A 230 14.88 -27.79 -3.44
N GLU A 231 14.90 -26.60 -4.02
CA GLU A 231 14.48 -25.42 -3.29
C GLU A 231 13.26 -24.82 -3.97
N GLU A 232 13.43 -23.70 -4.66
CA GLU A 232 12.34 -23.08 -5.36
C GLU A 232 11.95 -23.90 -6.58
N ASP A 233 12.86 -24.73 -7.04
CA ASP A 233 12.62 -25.61 -8.15
C ASP A 233 13.64 -26.74 -8.01
N HIS A 234 13.70 -27.68 -8.96
CA HIS A 234 14.61 -28.82 -8.80
C HIS A 234 16.08 -28.43 -8.68
N LEU A 235 16.67 -27.97 -9.77
CA LEU A 235 18.05 -27.55 -9.67
C LEU A 235 18.22 -26.13 -10.06
N ARG A 236 18.85 -25.36 -9.19
CA ARG A 236 19.11 -23.97 -9.48
C ARG A 236 20.57 -23.77 -9.69
N VAL A 237 20.89 -23.04 -10.74
CA VAL A 237 22.27 -22.78 -11.07
C VAL A 237 22.56 -21.32 -11.14
N ILE A 238 23.49 -20.87 -10.32
CA ILE A 238 23.86 -19.47 -10.27
C ILE A 238 25.34 -19.30 -10.48
N SER A 239 25.71 -18.50 -11.46
CA SER A 239 27.11 -18.25 -11.69
C SER A 239 27.38 -16.77 -11.51
N MET A 240 28.46 -16.44 -10.82
CA MET A 240 28.70 -15.04 -10.57
C MET A 240 30.15 -14.69 -10.43
N GLN A 241 30.46 -13.41 -10.64
CA GLN A 241 31.82 -12.93 -10.49
C GLN A 241 31.84 -11.42 -10.49
N LYS A 242 32.57 -10.84 -9.54
CA LYS A 242 32.69 -9.39 -9.52
C LYS A 242 33.52 -8.97 -10.70
N GLY A 243 33.13 -7.87 -11.31
CA GLY A 243 33.81 -7.42 -12.51
C GLY A 243 32.80 -7.42 -13.63
N GLY A 244 33.20 -6.86 -14.77
CA GLY A 244 32.30 -6.72 -15.91
C GLY A 244 32.50 -7.78 -16.99
N ASN A 245 33.16 -8.88 -16.68
CA ASN A 245 33.41 -9.87 -17.73
C ASN A 245 32.24 -10.78 -18.00
N MET A 246 31.22 -10.24 -18.64
CA MET A 246 30.01 -10.97 -18.97
C MET A 246 30.27 -12.14 -19.88
N LYS A 247 31.13 -11.96 -20.85
CA LYS A 247 31.45 -13.01 -21.80
C LYS A 247 31.94 -14.28 -21.13
N GLU A 248 32.91 -14.14 -20.22
CA GLU A 248 33.44 -15.32 -19.57
C GLU A 248 32.44 -15.95 -18.64
N VAL A 249 31.71 -15.14 -17.89
CA VAL A 249 30.75 -15.69 -16.96
C VAL A 249 29.69 -16.46 -17.69
N PHE A 250 29.21 -15.93 -18.79
CA PHE A 250 28.24 -16.65 -19.58
C PHE A 250 28.77 -17.99 -19.99
N THR A 251 30.02 -18.03 -20.46
CA THR A 251 30.59 -19.31 -20.85
C THR A 251 30.69 -20.29 -19.69
N ARG A 252 31.16 -19.82 -18.54
CA ARG A 252 31.29 -20.70 -17.38
C ARG A 252 29.96 -21.34 -17.09
N PHE A 253 28.93 -20.52 -17.04
CA PHE A 253 27.56 -20.95 -16.85
C PHE A 253 27.18 -22.01 -17.84
N CYS A 254 27.44 -21.76 -19.11
CA CYS A 254 27.13 -22.73 -20.15
C CYS A 254 27.81 -24.06 -19.95
N THR A 255 29.10 -24.07 -19.63
CA THR A 255 29.80 -25.33 -19.46
C THR A 255 29.26 -26.06 -18.24
N GLY A 256 28.79 -25.31 -17.27
CA GLY A 256 28.13 -25.86 -16.12
C GLY A 256 27.00 -26.74 -16.56
N LEU A 257 26.04 -26.16 -17.25
CA LEU A 257 24.90 -26.94 -17.70
C LEU A 257 25.27 -27.99 -18.74
N THR A 258 26.27 -27.73 -19.55
CA THR A 258 26.65 -28.74 -20.54
C THR A 258 27.15 -30.01 -19.88
N GLN A 259 28.05 -29.88 -18.91
CA GLN A 259 28.55 -31.06 -18.23
C GLN A 259 27.49 -31.71 -17.35
N ILE A 260 26.69 -30.91 -16.66
CA ILE A 260 25.66 -31.52 -15.84
C ILE A 260 24.65 -32.25 -16.68
N GLU A 261 24.27 -31.69 -17.82
CA GLU A 261 23.34 -32.43 -18.65
C GLU A 261 23.97 -33.72 -19.08
N THR A 262 25.23 -33.68 -19.51
CA THR A 262 25.92 -34.89 -19.93
C THR A 262 25.86 -35.96 -18.86
N LEU A 263 26.19 -35.59 -17.64
CA LEU A 263 26.20 -36.52 -16.53
C LEU A 263 24.83 -37.10 -16.29
N PHE A 264 23.79 -36.30 -16.38
CA PHE A 264 22.47 -36.85 -16.23
C PHE A 264 22.12 -37.78 -17.38
N LYS A 265 22.53 -37.44 -18.58
CA LYS A 265 22.25 -38.28 -19.74
C LYS A 265 22.93 -39.64 -19.61
N SER A 266 24.06 -39.71 -18.93
CA SER A 266 24.73 -40.99 -18.73
C SER A 266 23.90 -41.92 -17.84
N LYS A 267 22.98 -41.36 -17.07
CA LYS A 267 22.10 -42.13 -16.20
C LYS A 267 20.69 -42.14 -16.73
N ASP A 268 20.51 -41.80 -18.01
CA ASP A 268 19.21 -41.74 -18.62
C ASP A 268 18.28 -40.71 -18.00
N TYR A 269 18.83 -39.53 -17.71
CA TYR A 269 18.01 -38.43 -17.23
C TYR A 269 18.26 -37.21 -18.07
N GLU A 270 17.27 -36.38 -18.22
CA GLU A 270 17.43 -35.17 -18.98
C GLU A 270 16.51 -34.15 -18.45
N PHE A 271 16.74 -32.92 -18.83
CA PHE A 271 15.92 -31.84 -18.35
C PHE A 271 14.61 -31.81 -19.11
N MET A 272 13.53 -31.46 -18.43
CA MET A 272 12.25 -31.41 -19.10
C MET A 272 12.30 -30.37 -20.16
N TRP A 273 11.92 -30.73 -21.37
CA TRP A 273 12.01 -29.78 -22.44
C TRP A 273 11.14 -30.15 -23.63
N ASN A 274 10.47 -29.16 -24.17
CA ASN A 274 9.71 -29.40 -25.37
C ASN A 274 9.76 -28.11 -26.18
N PRO A 275 9.69 -28.19 -27.50
CA PRO A 275 9.82 -27.09 -28.46
C PRO A 275 8.74 -26.04 -28.34
N HIS A 276 7.68 -26.31 -27.59
CA HIS A 276 6.65 -25.32 -27.45
C HIS A 276 6.84 -24.40 -26.26
N LEU A 277 7.43 -24.92 -25.20
CA LEU A 277 7.65 -24.09 -24.03
C LEU A 277 9.07 -24.12 -23.54
N GLY A 278 9.96 -24.72 -24.31
CA GLY A 278 11.34 -24.80 -23.90
C GLY A 278 11.48 -25.58 -22.62
N TYR A 279 12.19 -25.04 -21.66
CA TYR A 279 12.37 -25.75 -20.41
C TYR A 279 11.14 -25.62 -19.55
N ILE A 280 10.79 -26.73 -18.92
CA ILE A 280 9.61 -26.79 -18.08
C ILE A 280 9.91 -26.63 -16.62
N LEU A 281 9.41 -25.55 -16.04
CA LEU A 281 9.60 -25.26 -14.63
C LEU A 281 8.28 -25.06 -13.90
N THR A 282 8.37 -24.89 -12.58
CA THR A 282 7.22 -24.74 -11.68
C THR A 282 6.22 -23.62 -11.95
N CYS A 283 6.55 -22.60 -12.72
CA CYS A 283 5.53 -21.60 -12.96
C CYS A 283 5.72 -20.96 -14.31
N PRO A 284 4.66 -20.44 -14.93
CA PRO A 284 4.60 -19.83 -16.24
C PRO A 284 5.67 -18.78 -16.48
N SER A 285 5.99 -18.00 -15.47
CA SER A 285 6.97 -16.94 -15.63
C SER A 285 8.37 -17.44 -15.91
N ASN A 286 8.66 -18.69 -15.60
CA ASN A 286 9.99 -19.23 -15.84
C ASN A 286 10.07 -20.18 -17.02
N LEU A 287 9.04 -20.23 -17.84
CA LEU A 287 9.08 -21.13 -18.98
C LEU A 287 9.99 -20.66 -20.08
N GLY A 288 10.46 -21.61 -20.88
CA GLY A 288 11.32 -21.32 -22.02
C GLY A 288 12.78 -21.41 -21.67
N THR A 289 13.38 -20.30 -21.28
CA THR A 289 14.78 -20.38 -20.94
C THR A 289 14.93 -20.47 -19.47
N GLY A 290 14.08 -19.73 -18.77
CA GLY A 290 14.18 -19.67 -17.33
C GLY A 290 15.49 -19.00 -16.97
N LEU A 291 15.99 -18.16 -17.87
CA LEU A 291 17.30 -17.55 -17.71
C LEU A 291 17.25 -16.11 -17.27
N ARG A 292 17.96 -15.83 -16.20
CA ARG A 292 18.04 -14.48 -15.70
C ARG A 292 19.49 -14.07 -15.69
N ALA A 293 19.75 -12.88 -16.17
CA ALA A 293 21.11 -12.40 -16.17
C ALA A 293 21.11 -10.92 -15.97
N GLY A 294 22.12 -10.44 -15.29
CA GLY A 294 22.19 -9.03 -15.02
C GLY A 294 23.43 -8.63 -14.28
N VAL A 295 23.49 -7.37 -13.95
CA VAL A 295 24.64 -6.83 -13.28
C VAL A 295 24.32 -5.82 -12.23
N HIS A 296 25.25 -5.64 -11.31
CA HIS A 296 25.14 -4.60 -10.32
C HIS A 296 25.86 -3.38 -10.84
N ILE A 297 25.13 -2.30 -11.06
CA ILE A 297 25.71 -1.11 -11.66
C ILE A 297 25.56 0.11 -10.79
N LYS A 298 26.66 0.81 -10.53
CA LYS A 298 26.56 2.02 -9.74
C LYS A 298 25.91 3.08 -10.60
N LEU A 299 24.79 3.65 -10.17
CA LEU A 299 24.14 4.67 -10.98
C LEU A 299 23.72 5.92 -10.21
N PRO A 300 24.68 6.70 -9.68
CA PRO A 300 24.48 7.93 -8.93
C PRO A 300 23.55 8.91 -9.61
N ASN A 301 23.59 8.98 -10.93
CA ASN A 301 22.77 9.96 -11.60
C ASN A 301 21.57 9.35 -12.30
N LEU A 302 21.73 8.17 -12.87
CA LEU A 302 20.59 7.57 -13.55
C LEU A 302 19.55 7.12 -12.59
N GLY A 303 19.94 6.79 -11.36
CA GLY A 303 18.98 6.43 -10.34
C GLY A 303 18.07 7.61 -9.96
N LYS A 304 18.45 8.82 -10.34
CA LYS A 304 17.68 10.01 -10.05
C LYS A 304 17.04 10.61 -11.30
N HIS A 305 17.56 10.25 -12.46
CA HIS A 305 17.02 10.83 -13.68
C HIS A 305 15.58 10.41 -13.94
N GLU A 306 14.81 11.36 -14.41
CA GLU A 306 13.38 11.25 -14.64
C GLU A 306 12.96 10.21 -15.67
N LYS A 307 13.81 9.91 -16.64
CA LYS A 307 13.46 8.95 -17.67
C LYS A 307 14.15 7.62 -17.49
N PHE A 308 14.74 7.38 -16.33
CA PHE A 308 15.46 6.16 -16.08
C PHE A 308 14.59 4.95 -16.33
N SER A 309 13.40 4.92 -15.74
CA SER A 309 12.50 3.81 -15.94
C SER A 309 11.99 3.71 -17.36
N GLU A 310 11.96 4.83 -18.07
CA GLU A 310 11.51 4.83 -19.46
C GLU A 310 12.49 4.12 -20.34
N VAL A 311 13.76 4.37 -20.10
CA VAL A 311 14.81 3.72 -20.85
C VAL A 311 14.85 2.24 -20.57
N LEU A 312 14.72 1.87 -19.30
CA LEU A 312 14.75 0.47 -18.93
C LEU A 312 13.59 -0.29 -19.53
N LYS A 313 12.43 0.37 -19.64
CA LYS A 313 11.30 -0.24 -20.32
C LYS A 313 11.68 -0.57 -21.74
N ARG A 314 12.24 0.40 -22.42
CA ARG A 314 12.66 0.25 -23.81
C ARG A 314 13.70 -0.84 -23.97
N LEU A 315 14.62 -0.95 -23.04
CA LEU A 315 15.64 -1.97 -23.12
C LEU A 315 15.16 -3.35 -22.65
N ARG A 316 13.94 -3.42 -22.15
CA ARG A 316 13.39 -4.66 -21.67
C ARG A 316 14.23 -5.22 -20.55
N LEU A 317 14.58 -4.35 -19.60
CA LEU A 317 15.36 -4.73 -18.45
C LEU A 317 14.61 -4.45 -17.16
N GLN A 318 14.92 -5.21 -16.12
CA GLN A 318 14.27 -5.04 -14.85
C GLN A 318 15.14 -4.23 -13.92
N LYS A 319 14.48 -3.40 -13.15
CA LYS A 319 15.11 -2.53 -12.16
C LYS A 319 14.89 -3.03 -10.76
N ARG A 320 15.95 -3.38 -10.05
CA ARG A 320 15.76 -3.86 -8.70
C ARG A 320 16.89 -3.42 -7.80
N GLY A 321 16.57 -3.10 -6.55
CA GLY A 321 17.60 -2.65 -5.61
C GLY A 321 18.38 -3.83 -5.04
N THR A 322 19.20 -3.57 -4.03
CA THR A 322 19.97 -4.64 -3.42
C THR A 322 19.50 -4.91 -1.99
N GLY A 323 19.94 -6.02 -1.42
CA GLY A 323 19.50 -6.45 -0.10
C GLY A 323 20.15 -5.72 1.08
N VAL A 333 22.47 1.85 -6.33
CA VAL A 333 23.20 0.91 -7.13
C VAL A 333 22.12 -0.03 -7.55
N PHE A 334 22.11 -0.43 -8.79
CA PHE A 334 20.98 -1.21 -9.23
C PHE A 334 21.32 -2.52 -9.83
N ASP A 335 20.42 -3.45 -9.63
CA ASP A 335 20.50 -4.74 -10.22
C ASP A 335 19.70 -4.65 -11.50
N VAL A 336 20.41 -4.60 -12.60
CA VAL A 336 19.76 -4.48 -13.89
C VAL A 336 19.74 -5.84 -14.51
N SER A 337 18.58 -6.31 -14.95
CA SER A 337 18.53 -7.68 -15.42
C SER A 337 17.53 -7.97 -16.53
N ASN A 338 17.73 -9.08 -17.20
CA ASN A 338 16.87 -9.54 -18.27
C ASN A 338 15.40 -9.69 -17.91
N ALA A 339 14.53 -8.96 -18.60
CA ALA A 339 13.10 -9.06 -18.32
C ALA A 339 12.36 -10.14 -19.13
N ASP A 340 13.02 -10.82 -20.07
CA ASP A 340 12.33 -11.85 -20.86
C ASP A 340 12.80 -13.27 -20.59
N ARG A 341 11.87 -14.22 -20.66
CA ARG A 341 12.23 -15.61 -20.42
C ARG A 341 11.81 -16.54 -21.55
N LEU A 342 10.82 -16.15 -22.32
CA LEU A 342 10.25 -17.01 -23.34
C LEU A 342 10.12 -16.34 -24.70
N GLY A 343 10.55 -17.01 -25.76
CA GLY A 343 10.45 -16.46 -27.10
C GLY A 343 11.78 -15.93 -27.65
N PHE A 344 12.82 -15.97 -26.83
CA PHE A 344 14.12 -15.48 -27.24
C PHE A 344 15.18 -16.51 -26.94
N SER A 345 16.26 -16.51 -27.72
CA SER A 345 17.31 -17.48 -27.48
C SER A 345 18.08 -17.11 -26.23
N GLU A 346 18.66 -18.10 -25.59
CA GLU A 346 19.40 -17.88 -24.35
C GLU A 346 20.57 -16.94 -24.55
N VAL A 347 21.36 -17.15 -25.59
CA VAL A 347 22.41 -16.18 -25.88
C VAL A 347 21.83 -14.82 -26.19
N GLU A 348 20.80 -14.80 -27.02
CA GLU A 348 20.15 -13.56 -27.43
C GLU A 348 19.74 -12.71 -26.25
N LEU A 349 19.16 -13.32 -25.25
CA LEU A 349 18.76 -12.60 -24.07
C LEU A 349 19.94 -12.01 -23.33
N VAL A 350 21.04 -12.75 -23.26
CA VAL A 350 22.21 -12.19 -22.65
C VAL A 350 22.74 -11.05 -23.49
N GLN A 351 22.65 -11.19 -24.80
CA GLN A 351 23.08 -10.13 -25.70
C GLN A 351 22.30 -8.86 -25.40
N MET A 352 21.01 -9.00 -25.10
CA MET A 352 20.16 -7.87 -24.73
C MET A 352 20.66 -7.18 -23.51
N VAL A 353 21.06 -7.95 -22.51
CA VAL A 353 21.59 -7.34 -21.31
C VAL A 353 22.87 -6.60 -21.57
N VAL A 354 23.77 -7.20 -22.34
CA VAL A 354 25.02 -6.51 -22.63
C VAL A 354 24.77 -5.21 -23.36
N ASP A 355 23.90 -5.25 -24.35
CA ASP A 355 23.56 -4.07 -25.12
C ASP A 355 23.03 -2.95 -24.26
N GLY A 356 22.03 -3.28 -23.44
CA GLY A 356 21.41 -2.31 -22.58
C GLY A 356 22.39 -1.69 -21.61
N VAL A 357 23.24 -2.52 -21.01
CA VAL A 357 24.22 -2.00 -20.08
C VAL A 357 25.17 -1.06 -20.75
N LYS A 358 25.65 -1.42 -21.93
CA LYS A 358 26.57 -0.53 -22.63
C LYS A 358 25.91 0.81 -22.91
N LEU A 359 24.61 0.78 -23.26
CA LEU A 359 23.88 2.00 -23.50
C LEU A 359 23.79 2.82 -22.22
N LEU A 360 23.45 2.17 -21.11
CA LEU A 360 23.32 2.86 -19.84
C LEU A 360 24.64 3.41 -19.35
N ILE A 361 25.73 2.73 -19.63
CA ILE A 361 27.00 3.27 -19.25
C ILE A 361 27.19 4.59 -19.96
N GLU A 362 26.92 4.61 -21.25
CA GLU A 362 27.06 5.85 -22.00
C GLU A 362 26.05 6.89 -21.56
N MET A 363 24.87 6.44 -21.20
CA MET A 363 23.81 7.31 -20.73
C MET A 363 24.29 8.12 -19.55
N GLU A 364 24.89 7.46 -18.57
CA GLU A 364 25.37 8.20 -17.42
C GLU A 364 26.60 9.00 -17.77
N GLN A 365 27.44 8.48 -18.67
CA GLN A 365 28.62 9.25 -19.09
C GLN A 365 28.25 10.62 -19.62
N ARG A 366 27.09 10.75 -20.25
CA ARG A 366 26.63 12.04 -20.69
C ARG A 366 25.93 12.80 -19.56
N LEU A 367 25.05 12.12 -18.84
CA LEU A 367 24.28 12.74 -17.79
C LEU A 367 25.13 13.33 -16.69
N GLU A 368 26.18 12.61 -16.30
CA GLU A 368 27.10 13.06 -15.25
C GLU A 368 27.80 14.38 -15.60
N GLN A 369 27.84 14.73 -16.87
CA GLN A 369 28.46 15.96 -17.31
C GLN A 369 27.43 17.04 -17.58
N GLY A 370 26.17 16.76 -17.25
CA GLY A 370 25.11 17.72 -17.46
C GLY A 370 24.71 17.80 -18.91
N GLN A 371 24.93 16.74 -19.66
CA GLN A 371 24.62 16.80 -21.07
C GLN A 371 23.25 16.22 -21.33
N ALA A 372 22.65 16.60 -22.44
CA ALA A 372 21.35 16.06 -22.80
C ALA A 372 21.52 14.59 -23.13
N ILE A 373 20.57 13.77 -22.71
CA ILE A 373 20.67 12.36 -22.97
C ILE A 373 19.53 11.82 -23.82
N ASP A 374 18.80 12.73 -24.45
CA ASP A 374 17.65 12.40 -25.28
C ASP A 374 18.03 11.68 -26.57
N ASP A 375 19.30 11.76 -26.94
CA ASP A 375 19.78 11.08 -28.12
C ASP A 375 20.17 9.62 -27.87
N LEU A 376 19.97 9.14 -26.64
CA LEU A 376 20.26 7.75 -26.34
C LEU A 376 19.03 6.98 -25.94
N MET A 377 17.87 7.38 -26.42
CA MET A 377 16.63 6.71 -26.06
C MET A 377 16.00 6.04 -27.28
N PRO A 378 16.49 4.85 -27.65
CA PRO A 378 16.12 4.10 -28.83
C PRO A 378 14.72 3.60 -28.76
N ALA A 379 14.11 3.39 -29.92
CA ALA A 379 12.75 2.85 -29.98
C ALA A 379 12.77 1.34 -29.91
N GLN A 380 13.31 0.82 -28.82
CA GLN A 380 13.40 -0.60 -28.62
C GLN A 380 12.15 -1.08 -27.94
N LYS A 381 11.56 -2.12 -28.49
CA LYS A 381 10.35 -2.66 -27.96
C LYS A 381 10.46 -4.17 -27.82
N SER B 6 -4.12 -41.89 -8.90
CA SER B 6 -3.75 -41.18 -7.67
C SER B 6 -2.28 -41.20 -7.39
N HIS B 7 -1.76 -40.07 -6.91
CA HIS B 7 -0.35 -39.96 -6.60
C HIS B 7 0.02 -40.85 -5.44
N ASN B 8 -0.98 -41.25 -4.66
CA ASN B 8 -0.75 -42.15 -3.55
C ASN B 8 -0.20 -43.46 -4.08
N ALA B 9 -0.76 -43.93 -5.20
CA ALA B 9 -0.31 -45.17 -5.80
C ALA B 9 1.11 -45.00 -6.27
N LEU B 10 1.42 -43.82 -6.79
CA LEU B 10 2.78 -43.57 -7.24
C LEU B 10 3.75 -43.61 -6.08
N LYS B 11 3.34 -43.07 -4.93
CA LYS B 11 4.20 -43.11 -3.75
C LYS B 11 4.47 -44.53 -3.31
N LEU B 12 3.48 -45.41 -3.49
CA LEU B 12 3.63 -46.81 -3.11
C LEU B 12 4.65 -47.57 -3.95
N ARG B 13 5.11 -46.98 -5.04
CA ARG B 13 6.11 -47.64 -5.86
C ARG B 13 7.47 -47.60 -5.19
N PHE B 14 7.66 -46.70 -4.24
CA PHE B 14 8.90 -46.61 -3.51
C PHE B 14 8.89 -47.53 -2.32
N PRO B 15 10.05 -47.95 -1.86
CA PRO B 15 10.32 -48.58 -0.58
C PRO B 15 9.79 -47.73 0.55
N ALA B 16 9.22 -48.37 1.55
CA ALA B 16 8.62 -47.66 2.67
C ALA B 16 9.65 -46.79 3.36
N GLU B 17 10.88 -47.28 3.48
CA GLU B 17 11.94 -46.51 4.11
C GLU B 17 12.37 -45.29 3.30
N ASP B 18 12.05 -45.26 2.01
CA ASP B 18 12.36 -44.08 1.22
C ASP B 18 11.34 -43.02 1.53
N GLU B 19 10.11 -43.43 1.72
CA GLU B 19 9.05 -42.50 2.06
C GLU B 19 9.07 -42.11 3.54
N PHE B 20 9.54 -43.01 4.39
CA PHE B 20 9.62 -42.74 5.83
C PHE B 20 10.46 -41.50 6.14
N PRO B 21 9.88 -40.47 6.77
CA PRO B 21 10.48 -39.20 7.14
C PRO B 21 11.46 -39.40 8.27
N ASP B 22 12.48 -38.57 8.32
CA ASP B 22 13.46 -38.64 9.39
C ASP B 22 12.97 -37.88 10.58
N LEU B 23 12.47 -38.61 11.57
CA LEU B 23 11.91 -37.99 12.73
C LEU B 23 12.87 -37.89 13.91
N SER B 24 14.14 -38.18 13.69
CA SER B 24 15.11 -38.16 14.78
C SER B 24 15.36 -36.77 15.35
N ALA B 25 15.05 -35.74 14.59
CA ALA B 25 15.23 -34.38 15.05
C ALA B 25 13.95 -33.82 15.67
N HIS B 26 12.90 -34.62 15.73
CA HIS B 26 11.64 -34.11 16.20
C HIS B 26 11.37 -34.45 17.65
N ASN B 27 10.52 -33.65 18.27
CA ASN B 27 10.15 -33.83 19.65
C ASN B 27 8.66 -33.69 19.84
N ASN B 28 7.92 -34.70 19.42
CA ASN B 28 6.48 -34.67 19.61
C ASN B 28 5.95 -36.10 19.71
N HIS B 29 4.66 -36.25 19.99
CA HIS B 29 4.11 -37.57 20.20
C HIS B 29 4.19 -38.41 18.97
N MET B 30 3.95 -37.81 17.83
CA MET B 30 4.02 -38.54 16.60
C MET B 30 5.38 -39.16 16.44
N ALA B 31 6.41 -38.35 16.63
CA ALA B 31 7.77 -38.84 16.50
C ALA B 31 8.04 -40.00 17.45
N LYS B 32 7.48 -39.95 18.64
CA LYS B 32 7.67 -41.02 19.60
C LYS B 32 6.90 -42.30 19.26
N VAL B 33 5.85 -42.18 18.46
CA VAL B 33 5.02 -43.34 18.12
C VAL B 33 5.24 -43.93 16.75
N LEU B 34 5.35 -43.09 15.73
CA LEU B 34 5.46 -43.62 14.37
C LEU B 34 6.77 -44.29 14.08
N THR B 35 6.80 -45.60 14.25
CA THR B 35 7.97 -46.39 13.92
C THR B 35 7.93 -46.66 12.44
N PRO B 36 9.05 -47.01 11.81
CA PRO B 36 9.18 -47.31 10.40
C PRO B 36 8.42 -48.58 10.10
N GLU B 37 8.28 -49.42 11.09
CA GLU B 37 7.51 -50.63 10.92
C GLU B 37 6.05 -50.26 10.80
N LEU B 38 5.60 -49.39 11.69
CA LEU B 38 4.22 -48.93 11.66
C LEU B 38 3.94 -48.21 10.39
N TYR B 39 4.89 -47.38 9.99
CA TYR B 39 4.78 -46.60 8.79
C TYR B 39 4.54 -47.50 7.62
N ALA B 40 5.37 -48.53 7.50
CA ALA B 40 5.23 -49.47 6.43
C ALA B 40 3.87 -50.16 6.45
N GLU B 41 3.39 -50.46 7.64
CA GLU B 41 2.10 -51.12 7.76
C GLU B 41 0.94 -50.23 7.36
N LEU B 42 0.98 -48.97 7.76
CA LEU B 42 -0.12 -48.08 7.48
C LEU B 42 0.02 -47.26 6.21
N ARG B 43 1.20 -47.22 5.61
CA ARG B 43 1.43 -46.39 4.44
C ARG B 43 0.41 -46.61 3.33
N ALA B 44 0.03 -47.86 3.11
CA ALA B 44 -0.92 -48.16 2.05
C ALA B 44 -2.37 -48.02 2.49
N LYS B 45 -2.59 -47.64 3.74
CA LYS B 45 -3.94 -47.51 4.25
C LYS B 45 -4.48 -46.14 3.98
N SER B 46 -5.79 -46.02 3.86
CA SER B 46 -6.40 -44.73 3.63
C SER B 46 -7.80 -44.69 4.17
N THR B 47 -8.29 -43.49 4.38
CA THR B 47 -9.63 -43.28 4.88
C THR B 47 -10.60 -43.27 3.74
N PRO B 48 -11.88 -43.32 4.04
CA PRO B 48 -12.99 -43.18 3.11
C PRO B 48 -12.95 -41.83 2.43
N SER B 49 -12.42 -40.83 3.13
CA SER B 49 -12.29 -39.48 2.60
C SER B 49 -11.13 -39.30 1.66
N GLY B 50 -10.21 -40.26 1.64
CA GLY B 50 -9.03 -40.14 0.81
C GLY B 50 -7.84 -39.63 1.59
N PHE B 51 -8.07 -39.19 2.83
CA PHE B 51 -6.99 -38.72 3.69
C PHE B 51 -6.04 -39.89 3.97
N THR B 52 -4.72 -39.68 3.84
CA THR B 52 -3.79 -40.80 4.01
C THR B 52 -2.81 -40.61 5.15
N LEU B 53 -2.00 -41.64 5.39
CA LEU B 53 -1.00 -41.64 6.44
C LEU B 53 -0.05 -40.47 6.33
N ASP B 54 0.36 -40.15 5.12
CA ASP B 54 1.27 -39.04 4.94
C ASP B 54 0.64 -37.68 5.22
N ASP B 55 -0.68 -37.65 5.33
CA ASP B 55 -1.35 -36.40 5.60
C ASP B 55 -1.55 -36.26 7.10
N VAL B 56 -1.87 -37.36 7.78
CA VAL B 56 -2.04 -37.30 9.22
C VAL B 56 -0.75 -36.97 9.95
N ILE B 57 0.39 -37.30 9.35
CA ILE B 57 1.67 -37.01 9.99
C ILE B 57 2.33 -35.74 9.53
N GLN B 58 1.70 -34.99 8.64
CA GLN B 58 2.39 -33.87 8.02
C GLN B 58 2.84 -32.78 8.98
N THR B 59 2.00 -32.42 9.94
CA THR B 59 2.35 -31.37 10.87
C THR B 59 3.48 -31.77 11.79
N GLY B 60 3.41 -32.99 12.29
CA GLY B 60 4.45 -33.51 13.15
C GLY B 60 5.79 -33.53 12.45
N VAL B 61 5.80 -33.73 11.13
CA VAL B 61 7.03 -33.67 10.36
C VAL B 61 7.51 -32.25 10.19
N ASP B 62 6.61 -31.36 9.79
CA ASP B 62 6.94 -29.96 9.55
C ASP B 62 7.51 -29.22 10.74
N ASN B 63 6.84 -29.32 11.88
CA ASN B 63 7.30 -28.58 13.03
C ASN B 63 8.03 -29.49 14.01
N PRO B 64 9.37 -29.38 14.10
CA PRO B 64 10.25 -30.19 14.94
C PRO B 64 9.90 -30.15 16.41
N GLY B 65 9.24 -29.10 16.85
CA GLY B 65 8.82 -29.01 18.24
C GLY B 65 9.84 -28.34 19.14
N HIS B 66 9.33 -27.72 20.19
CA HIS B 66 10.14 -27.08 21.20
C HIS B 66 10.91 -28.14 21.98
N PRO B 67 12.17 -27.89 22.31
CA PRO B 67 13.07 -28.76 23.07
C PRO B 67 12.50 -29.27 24.38
N TYR B 68 11.64 -28.49 25.04
CA TYR B 68 11.08 -28.92 26.31
C TYR B 68 9.57 -29.02 26.28
N ILE B 69 8.92 -28.24 25.41
CA ILE B 69 7.48 -28.29 25.31
C ILE B 69 7.08 -29.10 24.10
N MET B 70 6.48 -30.25 24.31
CA MET B 70 6.15 -31.06 23.16
C MET B 70 4.70 -30.88 22.78
N THR B 71 4.30 -31.59 21.74
CA THR B 71 2.95 -31.55 21.24
C THR B 71 2.62 -32.85 20.58
N VAL B 72 1.50 -32.89 19.88
CA VAL B 72 1.12 -34.12 19.23
C VAL B 72 1.68 -34.19 17.82
N GLY B 73 1.26 -33.24 16.99
CA GLY B 73 1.72 -33.17 15.60
C GLY B 73 0.86 -33.97 14.64
N CYS B 74 -0.28 -34.44 15.07
CA CYS B 74 -1.11 -35.21 14.18
C CYS B 74 -2.42 -34.54 13.94
N VAL B 75 -2.92 -34.67 12.75
CA VAL B 75 -4.17 -34.02 12.39
C VAL B 75 -5.16 -34.97 11.77
N ALA B 76 -6.35 -35.02 12.31
CA ALA B 76 -7.37 -35.90 11.79
C ALA B 76 -7.94 -35.38 10.48
N GLY B 77 -8.55 -36.26 9.72
CA GLY B 77 -9.14 -35.86 8.45
C GLY B 77 -10.63 -35.90 8.60
N ASP B 78 -11.21 -37.05 8.35
CA ASP B 78 -12.62 -37.24 8.61
C ASP B 78 -12.73 -37.90 9.97
N GLU B 79 -13.94 -38.14 10.46
CA GLU B 79 -14.11 -38.78 11.76
C GLU B 79 -13.46 -40.14 11.77
N GLU B 80 -13.73 -40.88 10.72
CA GLU B 80 -13.25 -42.23 10.53
C GLU B 80 -11.74 -42.37 10.63
N SER B 81 -11.00 -41.29 10.37
CA SER B 81 -9.56 -41.35 10.40
C SER B 81 -9.01 -41.71 11.77
N TYR B 82 -9.78 -41.47 12.83
CA TYR B 82 -9.34 -41.91 14.13
C TYR B 82 -9.39 -43.42 14.26
N GLU B 83 -10.29 -44.05 13.52
CA GLU B 83 -10.39 -45.50 13.48
C GLU B 83 -9.39 -46.08 12.50
N VAL B 84 -9.32 -45.50 11.31
CA VAL B 84 -8.46 -45.98 10.24
C VAL B 84 -7.01 -46.02 10.64
N PHE B 85 -6.54 -44.97 11.30
CA PHE B 85 -5.16 -44.95 11.72
C PHE B 85 -5.04 -45.10 13.21
N LYS B 86 -5.96 -45.82 13.85
CA LYS B 86 -5.91 -45.97 15.29
C LYS B 86 -4.65 -46.66 15.78
N ASP B 87 -3.98 -47.40 14.91
CA ASP B 87 -2.74 -48.02 15.31
C ASP B 87 -1.71 -46.96 15.65
N LEU B 88 -1.85 -45.80 15.03
CA LEU B 88 -1.01 -44.66 15.31
C LEU B 88 -1.61 -43.83 16.45
N PHE B 89 -2.89 -43.49 16.33
CA PHE B 89 -3.52 -42.62 17.31
C PHE B 89 -3.65 -43.17 18.70
N ASP B 90 -3.94 -44.44 18.85
CA ASP B 90 -4.17 -44.99 20.18
C ASP B 90 -3.03 -44.76 21.15
N PRO B 91 -1.78 -44.97 20.76
CA PRO B 91 -0.64 -44.74 21.63
C PRO B 91 -0.41 -43.26 21.78
N ILE B 92 -0.76 -42.48 20.76
CA ILE B 92 -0.62 -41.04 20.90
C ILE B 92 -1.56 -40.50 21.95
N ILE B 93 -2.82 -40.90 21.88
CA ILE B 93 -3.82 -40.46 22.81
C ILE B 93 -3.50 -40.87 24.20
N GLU B 94 -3.09 -42.13 24.37
CA GLU B 94 -2.74 -42.61 25.69
C GLU B 94 -1.67 -41.75 26.35
N ASP B 95 -0.63 -41.41 25.61
CA ASP B 95 0.39 -40.57 26.22
C ASP B 95 -0.06 -39.15 26.46
N ARG B 96 -0.74 -38.55 25.49
CA ARG B 96 -1.14 -37.15 25.60
C ARG B 96 -2.11 -36.88 26.72
N HIS B 97 -2.99 -37.83 27.00
CA HIS B 97 -3.98 -37.61 28.02
C HIS B 97 -3.66 -38.28 29.35
N GLY B 98 -2.40 -38.62 29.57
CA GLY B 98 -2.01 -39.13 30.88
C GLY B 98 -2.46 -40.55 31.20
N GLY B 99 -2.56 -41.42 30.22
CA GLY B 99 -2.93 -42.79 30.51
C GLY B 99 -4.33 -43.17 30.06
N TYR B 100 -4.99 -42.30 29.31
CA TYR B 100 -6.31 -42.66 28.80
C TYR B 100 -6.21 -43.94 27.98
N LYS B 101 -6.79 -45.01 28.50
CA LYS B 101 -6.70 -46.30 27.84
C LYS B 101 -7.70 -46.44 26.71
N PRO B 102 -7.41 -47.29 25.73
CA PRO B 102 -8.22 -47.59 24.56
C PRO B 102 -9.52 -48.30 24.95
N SER B 103 -9.55 -48.86 26.15
CA SER B 103 -10.74 -49.50 26.67
C SER B 103 -11.67 -48.53 27.41
N ASP B 104 -11.17 -47.34 27.74
CA ASP B 104 -11.94 -46.39 28.53
C ASP B 104 -13.13 -45.76 27.79
N GLU B 105 -14.17 -45.49 28.54
CA GLU B 105 -15.35 -44.82 28.01
C GLU B 105 -15.42 -43.40 28.54
N HIS B 106 -15.62 -42.46 27.65
CA HIS B 106 -15.68 -41.06 28.05
C HIS B 106 -17.10 -40.57 28.25
N LYS B 107 -17.35 -39.93 29.38
CA LYS B 107 -18.68 -39.41 29.70
C LYS B 107 -18.80 -37.91 29.44
N THR B 108 -20.02 -37.45 29.25
CA THR B 108 -20.30 -36.03 29.04
C THR B 108 -21.34 -35.58 30.05
N ASP B 109 -21.65 -34.28 30.08
CA ASP B 109 -22.62 -33.76 31.03
C ASP B 109 -23.01 -32.31 30.77
N LEU B 110 -24.15 -32.08 30.15
CA LEU B 110 -24.63 -30.73 29.88
C LEU B 110 -25.72 -30.27 30.83
N ASN B 111 -25.63 -30.68 32.08
CA ASN B 111 -26.60 -30.27 33.08
C ASN B 111 -25.93 -29.53 34.23
N PRO B 112 -25.88 -28.18 34.17
CA PRO B 112 -25.29 -27.23 35.11
C PRO B 112 -25.69 -27.53 36.54
N ASP B 113 -26.86 -28.12 36.72
CA ASP B 113 -27.36 -28.52 38.01
C ASP B 113 -26.36 -29.34 38.82
N ASN B 114 -25.49 -30.09 38.15
CA ASN B 114 -24.51 -30.89 38.84
C ASN B 114 -23.34 -30.09 39.40
N LEU B 115 -23.15 -28.86 38.92
CA LEU B 115 -22.05 -28.03 39.37
C LEU B 115 -22.35 -27.47 40.75
N GLN B 116 -21.58 -27.90 41.73
CA GLN B 116 -21.86 -27.47 43.08
C GLN B 116 -21.17 -26.17 43.41
N GLY B 117 -21.83 -25.08 43.07
CA GLY B 117 -21.31 -23.75 43.31
C GLY B 117 -20.99 -23.05 42.01
N GLY B 118 -20.03 -22.14 42.04
CA GLY B 118 -19.63 -21.41 40.85
C GLY B 118 -20.41 -20.11 40.67
N ASP B 119 -21.41 -19.89 41.53
CA ASP B 119 -22.24 -18.71 41.47
C ASP B 119 -21.51 -17.49 42.02
N ASP B 120 -20.71 -17.71 43.06
CA ASP B 120 -19.94 -16.64 43.70
C ASP B 120 -18.51 -17.03 43.89
N LEU B 121 -17.65 -16.54 43.01
CA LEU B 121 -16.25 -16.86 43.08
C LEU B 121 -15.37 -15.78 43.67
N ASP B 122 -15.96 -14.75 44.29
CA ASP B 122 -15.16 -13.64 44.84
C ASP B 122 -14.54 -12.74 43.79
N PRO B 123 -15.30 -11.78 43.25
CA PRO B 123 -14.96 -10.81 42.20
C PRO B 123 -13.75 -9.92 42.55
N ASN B 124 -13.25 -10.01 43.78
CA ASN B 124 -12.04 -9.30 44.16
C ASN B 124 -10.82 -9.83 43.46
N TYR B 125 -10.84 -11.11 43.09
CA TYR B 125 -9.74 -11.70 42.36
C TYR B 125 -10.21 -12.25 41.04
N VAL B 126 -11.48 -12.61 40.95
CA VAL B 126 -11.94 -13.09 39.68
C VAL B 126 -12.29 -11.93 38.82
N LEU B 127 -11.49 -11.72 37.80
CA LEU B 127 -11.66 -10.60 36.93
C LEU B 127 -12.68 -10.95 35.88
N SER B 128 -12.53 -12.12 35.31
CA SER B 128 -13.48 -12.57 34.29
C SER B 128 -13.32 -14.05 34.00
N SER B 129 -14.30 -14.63 33.31
CA SER B 129 -14.24 -16.06 33.03
C SER B 129 -14.96 -16.44 31.74
N ARG B 130 -14.54 -17.56 31.17
CA ARG B 130 -15.13 -18.02 29.93
C ARG B 130 -15.10 -19.52 29.78
N VAL B 131 -15.94 -20.03 28.89
CA VAL B 131 -15.96 -21.44 28.57
C VAL B 131 -15.75 -21.59 27.08
N ARG B 132 -14.72 -22.30 26.69
CA ARG B 132 -14.50 -22.47 25.27
C ARG B 132 -14.50 -23.92 24.90
N THR B 133 -15.10 -24.23 23.77
CA THR B 133 -15.13 -25.59 23.26
C THR B 133 -15.29 -25.57 21.76
N GLY B 134 -15.56 -26.72 21.19
CA GLY B 134 -15.76 -26.79 19.76
C GLY B 134 -16.45 -28.05 19.34
N ARG B 135 -17.01 -28.03 18.15
CA ARG B 135 -17.73 -29.18 17.64
C ARG B 135 -17.45 -29.35 16.16
N SER B 136 -17.90 -30.47 15.62
CA SER B 136 -17.77 -30.72 14.20
C SER B 136 -18.98 -31.44 13.71
N ILE B 137 -19.32 -31.27 12.45
CA ILE B 137 -20.55 -31.88 11.96
C ILE B 137 -20.31 -33.22 11.32
N ARG B 138 -20.98 -34.24 11.84
CA ARG B 138 -20.82 -35.58 11.32
C ARG B 138 -21.28 -35.60 9.89
N GLY B 139 -20.43 -36.09 9.00
CA GLY B 139 -20.78 -36.14 7.59
C GLY B 139 -19.85 -35.28 6.76
N PHE B 140 -19.13 -34.38 7.39
CA PHE B 140 -18.18 -33.57 6.67
C PHE B 140 -16.82 -33.80 7.22
N CYS B 141 -15.80 -33.55 6.43
CA CYS B 141 -14.44 -33.73 6.93
C CYS B 141 -14.09 -32.58 7.81
N LEU B 142 -13.08 -32.74 8.62
CA LEU B 142 -12.63 -31.67 9.47
C LEU B 142 -11.82 -30.75 8.59
N PRO B 143 -11.85 -29.43 8.85
CA PRO B 143 -11.27 -28.33 8.05
C PRO B 143 -9.96 -28.63 7.32
N PRO B 144 -8.90 -29.21 7.95
CA PRO B 144 -7.62 -29.52 7.32
C PRO B 144 -7.79 -30.28 6.03
N HIS B 145 -8.81 -31.11 5.94
CA HIS B 145 -9.01 -31.86 4.74
C HIS B 145 -10.37 -31.58 4.08
N CYS B 146 -10.74 -30.31 4.03
CA CYS B 146 -11.96 -29.91 3.34
C CYS B 146 -11.75 -29.11 2.07
N SER B 147 -12.76 -29.12 1.23
CA SER B 147 -12.76 -28.29 0.03
C SER B 147 -13.69 -27.14 0.27
N ARG B 148 -13.79 -26.29 -0.72
CA ARG B 148 -14.65 -25.13 -0.67
C ARG B 148 -16.11 -25.52 -0.65
N GLY B 149 -16.44 -26.63 -1.28
CA GLY B 149 -17.81 -27.10 -1.34
C GLY B 149 -18.44 -27.22 0.03
N GLU B 150 -17.95 -28.17 0.82
CA GLU B 150 -18.55 -28.34 2.11
C GLU B 150 -18.17 -27.25 3.08
N ARG B 151 -17.08 -26.54 2.82
CA ARG B 151 -16.76 -25.44 3.72
C ARG B 151 -17.88 -24.44 3.65
N ARG B 152 -18.32 -24.15 2.44
CA ARG B 152 -19.45 -23.27 2.22
C ARG B 152 -20.77 -23.88 2.65
N ALA B 153 -20.95 -25.18 2.44
CA ALA B 153 -22.19 -25.82 2.86
C ALA B 153 -22.38 -25.71 4.36
N ILE B 154 -21.30 -25.94 5.09
CA ILE B 154 -21.32 -25.81 6.53
C ILE B 154 -21.60 -24.41 6.96
N GLU B 155 -20.94 -23.44 6.35
CA GLU B 155 -21.20 -22.07 6.71
C GLU B 155 -22.67 -21.75 6.60
N LYS B 156 -23.24 -22.04 5.43
CA LYS B 156 -24.64 -21.75 5.22
C LYS B 156 -25.52 -22.39 6.27
N LEU B 157 -25.28 -23.67 6.51
CA LEU B 157 -26.06 -24.41 7.49
C LEU B 157 -25.99 -23.78 8.86
N ALA B 158 -24.77 -23.53 9.32
CA ALA B 158 -24.56 -23.00 10.64
C ALA B 158 -25.20 -21.65 10.81
N VAL B 159 -25.03 -20.78 9.83
CA VAL B 159 -25.59 -19.45 9.93
C VAL B 159 -27.10 -19.49 10.01
N GLU B 160 -27.73 -20.33 9.20
CA GLU B 160 -29.18 -20.42 9.28
C GLU B 160 -29.62 -20.79 10.68
N ALA B 161 -29.00 -21.81 11.24
CA ALA B 161 -29.34 -22.23 12.58
C ALA B 161 -29.07 -21.13 13.60
N LEU B 162 -27.93 -20.48 13.51
CA LEU B 162 -27.56 -19.42 14.45
C LEU B 162 -28.53 -18.27 14.43
N SER B 163 -29.09 -17.96 13.26
CA SER B 163 -30.07 -16.88 13.16
C SER B 163 -31.38 -17.23 13.84
N SER B 164 -31.62 -18.51 14.13
CA SER B 164 -32.84 -18.91 14.79
C SER B 164 -32.70 -18.95 16.30
N LEU B 165 -31.51 -18.63 16.79
CA LEU B 165 -31.29 -18.58 18.23
C LEU B 165 -31.71 -17.20 18.72
N ASP B 166 -32.73 -17.16 19.57
CA ASP B 166 -33.26 -15.89 20.05
C ASP B 166 -33.04 -15.67 21.55
N GLY B 167 -33.96 -14.94 22.20
CA GLY B 167 -33.87 -14.65 23.62
C GLY B 167 -32.69 -13.73 23.84
N ASP B 168 -31.99 -13.92 24.95
CA ASP B 168 -30.82 -13.12 25.21
C ASP B 168 -29.60 -13.66 24.47
N LEU B 169 -29.82 -14.66 23.62
CA LEU B 169 -28.79 -15.20 22.79
C LEU B 169 -29.01 -14.77 21.35
N ALA B 170 -29.97 -13.89 21.11
CA ALA B 170 -30.18 -13.39 19.75
C ALA B 170 -28.96 -12.63 19.30
N GLY B 171 -28.57 -12.81 18.03
CA GLY B 171 -27.37 -12.14 17.54
C GLY B 171 -27.36 -11.85 16.05
N ARG B 172 -26.15 -11.74 15.51
CA ARG B 172 -25.94 -11.43 14.09
C ARG B 172 -24.66 -12.09 13.60
N TYR B 173 -24.56 -12.28 12.29
CA TYR B 173 -23.39 -12.94 11.70
C TYR B 173 -22.58 -12.03 10.80
N TYR B 174 -21.27 -12.05 10.99
CA TYR B 174 -20.34 -11.27 10.19
C TYR B 174 -19.42 -12.13 9.35
N ALA B 175 -19.71 -12.26 8.07
CA ALA B 175 -18.78 -12.98 7.23
C ALA B 175 -17.52 -12.15 7.09
N LEU B 176 -16.35 -12.77 7.21
CA LEU B 176 -15.12 -12.01 7.11
C LEU B 176 -14.90 -11.38 5.77
N LYS B 177 -15.35 -12.04 4.72
CA LYS B 177 -15.16 -11.54 3.37
C LYS B 177 -15.89 -10.22 3.07
N SER B 178 -16.82 -9.81 3.93
CA SER B 178 -17.53 -8.56 3.69
C SER B 178 -17.48 -7.65 4.90
N MET B 179 -16.47 -7.84 5.74
CA MET B 179 -16.32 -7.03 6.93
C MET B 179 -15.59 -5.74 6.63
N THR B 180 -16.12 -4.62 7.12
CA THR B 180 -15.45 -3.34 6.92
C THR B 180 -14.68 -3.02 8.18
N GLU B 181 -13.84 -2.00 8.10
CA GLU B 181 -13.00 -1.64 9.23
C GLU B 181 -13.79 -1.13 10.43
N ALA B 182 -15.03 -0.71 10.22
CA ALA B 182 -15.86 -0.20 11.30
C ALA B 182 -16.13 -1.29 12.33
N GLU B 183 -16.93 -2.28 11.95
CA GLU B 183 -17.24 -3.33 12.88
C GLU B 183 -16.02 -4.20 13.14
N GLN B 184 -15.04 -4.17 12.23
CA GLN B 184 -13.81 -4.89 12.45
C GLN B 184 -13.17 -4.35 13.71
N GLN B 185 -13.09 -3.03 13.81
CA GLN B 185 -12.50 -2.41 14.97
C GLN B 185 -13.25 -2.78 16.23
N GLN B 186 -14.57 -2.84 16.14
CA GLN B 186 -15.37 -3.19 17.31
C GLN B 186 -15.09 -4.61 17.78
N LEU B 187 -15.01 -5.53 16.84
CA LEU B 187 -14.77 -6.92 17.15
C LEU B 187 -13.35 -7.09 17.67
N ILE B 188 -12.42 -6.27 17.18
CA ILE B 188 -11.07 -6.29 17.70
C ILE B 188 -11.04 -5.83 19.13
N ASP B 189 -11.75 -4.75 19.41
CA ASP B 189 -11.80 -4.18 20.75
C ASP B 189 -12.29 -5.20 21.77
N ASP B 190 -13.26 -6.00 21.37
CA ASP B 190 -13.82 -7.00 22.26
C ASP B 190 -13.16 -8.36 22.18
N HIS B 191 -12.05 -8.48 21.44
CA HIS B 191 -11.35 -9.75 21.26
C HIS B 191 -12.22 -10.82 20.62
N PHE B 192 -13.19 -10.41 19.81
CA PHE B 192 -14.08 -11.35 19.16
C PHE B 192 -13.50 -11.81 17.85
N LEU B 193 -12.91 -10.87 17.12
CA LEU B 193 -12.37 -11.12 15.80
C LEU B 193 -11.17 -12.03 15.77
N PHE B 194 -11.17 -12.97 14.82
CA PHE B 194 -10.03 -13.83 14.62
C PHE B 194 -9.54 -13.80 13.17
N ASP B 195 -8.29 -13.40 13.01
CA ASP B 195 -7.65 -13.25 11.72
C ASP B 195 -6.97 -14.54 11.30
N LYS B 196 -6.33 -14.53 10.14
CA LYS B 196 -5.65 -15.69 9.60
C LYS B 196 -4.64 -16.27 10.58
N PRO B 197 -4.64 -17.59 10.79
CA PRO B 197 -3.75 -18.35 11.64
C PRO B 197 -2.31 -18.05 11.27
N VAL B 198 -1.44 -18.03 12.27
CA VAL B 198 -0.04 -17.70 12.03
C VAL B 198 0.93 -18.71 12.59
N SER B 199 0.43 -19.72 13.27
CA SER B 199 1.32 -20.74 13.81
C SER B 199 1.56 -21.85 12.81
N PRO B 200 2.80 -22.30 12.66
CA PRO B 200 3.25 -23.42 11.85
C PRO B 200 2.50 -24.69 12.18
N LEU B 201 2.07 -24.84 13.43
CA LEU B 201 1.32 -26.01 13.84
C LEU B 201 -0.05 -26.06 13.22
N LEU B 202 -0.54 -24.91 12.78
CA LEU B 202 -1.82 -24.85 12.13
C LEU B 202 -1.62 -24.78 10.64
N LEU B 203 -0.63 -24.01 10.22
CA LEU B 203 -0.36 -23.82 8.80
C LEU B 203 -0.01 -25.12 8.11
N ALA B 204 0.72 -25.99 8.80
CA ALA B 204 1.11 -27.28 8.26
C ALA B 204 -0.07 -28.17 7.91
N SER B 205 -1.24 -27.92 8.47
CA SER B 205 -2.40 -28.74 8.18
C SER B 205 -3.06 -28.31 6.90
N GLY B 206 -2.76 -27.10 6.44
CA GLY B 206 -3.38 -26.58 5.24
C GLY B 206 -4.72 -25.90 5.54
N MET B 207 -5.12 -25.83 6.81
CA MET B 207 -6.40 -25.26 7.23
C MET B 207 -6.59 -23.79 6.90
N ALA B 208 -5.50 -23.08 6.60
CA ALA B 208 -5.56 -21.67 6.27
C ALA B 208 -5.82 -21.41 4.79
N ARG B 209 -5.96 -22.47 4.00
CA ARG B 209 -6.19 -22.24 2.59
C ARG B 209 -7.54 -21.61 2.32
N ASP B 210 -7.58 -20.82 1.25
CA ASP B 210 -8.75 -20.07 0.85
C ASP B 210 -9.22 -19.05 1.88
N TRP B 211 -8.37 -18.70 2.84
CA TRP B 211 -8.75 -17.75 3.89
C TRP B 211 -9.12 -16.40 3.31
N PRO B 212 -10.23 -15.80 3.73
CA PRO B 212 -11.24 -16.21 4.70
C PRO B 212 -12.53 -16.60 4.04
N ASP B 213 -12.45 -17.33 2.95
CA ASP B 213 -13.68 -17.73 2.29
C ASP B 213 -14.47 -18.58 3.25
N ALA B 214 -15.74 -18.25 3.38
CA ALA B 214 -16.69 -18.95 4.25
C ALA B 214 -16.31 -18.94 5.73
N ARG B 215 -15.42 -18.04 6.14
CA ARG B 215 -15.11 -17.94 7.55
C ARG B 215 -15.86 -16.76 8.11
N GLY B 216 -16.29 -16.83 9.37
CA GLY B 216 -17.00 -15.68 9.95
C GLY B 216 -17.40 -15.86 11.40
N ILE B 217 -17.98 -14.80 11.97
CA ILE B 217 -18.33 -14.80 13.38
C ILE B 217 -19.75 -14.39 13.66
N TRP B 218 -20.43 -15.20 14.44
CA TRP B 218 -21.77 -14.90 14.89
C TRP B 218 -21.73 -14.58 16.37
N HIS B 219 -22.42 -13.55 16.81
CA HIS B 219 -22.43 -13.36 18.24
C HIS B 219 -23.69 -12.69 18.68
N ASN B 220 -24.01 -12.85 19.97
CA ASN B 220 -25.25 -12.30 20.49
C ASN B 220 -25.12 -10.84 20.85
N ASP B 221 -26.26 -10.21 21.00
CA ASP B 221 -26.37 -8.79 21.31
C ASP B 221 -25.78 -8.41 22.64
N ASN B 222 -25.73 -9.35 23.56
CA ASN B 222 -25.21 -9.07 24.88
C ASN B 222 -23.72 -9.35 24.98
N LYS B 223 -23.10 -9.75 23.87
CA LYS B 223 -21.68 -10.00 23.83
C LYS B 223 -21.22 -11.05 24.83
N THR B 224 -21.89 -12.19 24.84
CA THR B 224 -21.49 -13.26 25.73
C THR B 224 -21.21 -14.55 24.97
N PHE B 225 -21.78 -14.68 23.76
CA PHE B 225 -21.50 -15.84 22.92
C PHE B 225 -20.90 -15.54 21.59
N LEU B 226 -19.80 -16.23 21.31
CA LEU B 226 -19.15 -16.11 20.05
C LEU B 226 -19.18 -17.43 19.36
N VAL B 227 -19.70 -17.48 18.17
CA VAL B 227 -19.64 -18.72 17.45
C VAL B 227 -18.73 -18.53 16.27
N TRP B 228 -17.57 -19.14 16.35
CA TRP B 228 -16.64 -19.01 15.25
C TRP B 228 -16.99 -20.06 14.25
N VAL B 229 -17.17 -19.64 13.00
CA VAL B 229 -17.53 -20.59 11.98
C VAL B 229 -16.37 -20.82 11.03
N ASN B 230 -15.86 -22.05 11.06
CA ASN B 230 -14.74 -22.47 10.22
C ASN B 230 -13.42 -21.74 10.54
N GLU B 231 -13.32 -21.07 11.69
CA GLU B 231 -12.12 -20.29 11.99
C GLU B 231 -10.93 -21.13 12.39
N GLU B 232 -11.19 -22.21 13.09
CA GLU B 232 -10.12 -23.11 13.55
C GLU B 232 -10.60 -24.56 13.63
N ASP B 233 -11.90 -24.74 13.64
CA ASP B 233 -12.55 -26.03 13.62
C ASP B 233 -13.88 -25.75 12.94
N HIS B 234 -14.83 -26.67 12.94
CA HIS B 234 -16.08 -26.29 12.31
C HIS B 234 -16.78 -25.26 13.15
N LEU B 235 -16.99 -25.56 14.42
CA LEU B 235 -17.61 -24.59 15.28
C LEU B 235 -16.84 -24.42 16.55
N ARG B 236 -16.69 -23.17 16.97
CA ARG B 236 -16.11 -22.92 18.27
C ARG B 236 -17.10 -22.14 19.07
N VAL B 237 -17.32 -22.57 20.29
CA VAL B 237 -18.26 -21.88 21.12
C VAL B 237 -17.54 -21.23 22.25
N ILE B 238 -17.66 -19.91 22.32
CA ILE B 238 -17.05 -19.17 23.40
C ILE B 238 -18.11 -18.51 24.21
N SER B 239 -18.23 -18.90 25.46
CA SER B 239 -19.19 -18.29 26.35
C SER B 239 -18.43 -17.47 27.35
N MET B 240 -18.73 -16.20 27.52
CA MET B 240 -17.95 -15.49 28.52
C MET B 240 -18.67 -14.33 29.14
N GLN B 241 -18.19 -13.98 30.33
CA GLN B 241 -18.74 -12.88 31.11
C GLN B 241 -17.75 -12.41 32.15
N LYS B 242 -17.77 -11.12 32.44
CA LYS B 242 -16.89 -10.59 33.46
C LYS B 242 -17.43 -10.93 34.83
N GLY B 243 -16.56 -10.97 35.82
CA GLY B 243 -17.01 -11.30 37.15
C GLY B 243 -16.83 -12.77 37.46
N GLY B 244 -17.25 -13.17 38.66
CA GLY B 244 -17.06 -14.53 39.13
C GLY B 244 -18.34 -15.33 39.27
N ASN B 245 -19.08 -15.46 38.18
CA ASN B 245 -20.29 -16.27 38.23
C ASN B 245 -20.32 -17.27 37.11
N MET B 246 -19.45 -18.27 37.22
CA MET B 246 -19.34 -19.34 36.25
C MET B 246 -20.60 -20.11 36.13
N LYS B 247 -21.32 -20.28 37.23
CA LYS B 247 -22.55 -21.02 37.20
C LYS B 247 -23.47 -20.45 36.16
N GLU B 248 -23.58 -19.13 36.10
CA GLU B 248 -24.36 -18.46 35.08
C GLU B 248 -23.76 -18.62 33.70
N VAL B 249 -22.44 -18.47 33.61
CA VAL B 249 -21.76 -18.59 32.32
C VAL B 249 -22.03 -19.95 31.73
N PHE B 250 -21.80 -20.94 32.55
CA PHE B 250 -21.96 -22.33 32.21
C PHE B 250 -23.41 -22.66 31.95
N THR B 251 -24.32 -22.08 32.73
CA THR B 251 -25.74 -22.31 32.50
C THR B 251 -26.13 -21.88 31.12
N ARG B 252 -25.69 -20.69 30.72
CA ARG B 252 -26.02 -20.24 29.39
C ARG B 252 -25.31 -21.10 28.38
N PHE B 253 -24.07 -21.46 28.68
CA PHE B 253 -23.27 -22.27 27.77
C PHE B 253 -23.97 -23.55 27.41
N CYS B 254 -24.39 -24.29 28.42
CA CYS B 254 -25.06 -25.56 28.19
C CYS B 254 -26.39 -25.35 27.49
N THR B 255 -27.11 -24.31 27.89
CA THR B 255 -28.41 -24.05 27.31
C THR B 255 -28.31 -23.70 25.84
N GLY B 256 -27.47 -22.74 25.53
CA GLY B 256 -27.29 -22.30 24.17
C GLY B 256 -26.78 -23.42 23.31
N LEU B 257 -25.81 -24.16 23.84
CA LEU B 257 -25.23 -25.27 23.12
C LEU B 257 -26.27 -26.30 22.78
N THR B 258 -27.11 -26.64 23.75
CA THR B 258 -28.17 -27.60 23.53
C THR B 258 -29.13 -27.12 22.46
N GLN B 259 -29.46 -25.84 22.51
CA GLN B 259 -30.37 -25.25 21.56
C GLN B 259 -29.81 -25.27 20.15
N ILE B 260 -28.55 -24.90 19.97
CA ILE B 260 -28.03 -24.91 18.63
C ILE B 260 -27.87 -26.32 18.13
N GLU B 261 -27.60 -27.26 19.03
CA GLU B 261 -27.53 -28.66 18.66
C GLU B 261 -28.88 -29.11 18.16
N THR B 262 -29.92 -28.76 18.90
CA THR B 262 -31.29 -29.07 18.56
C THR B 262 -31.61 -28.58 17.16
N LEU B 263 -31.22 -27.36 16.87
CA LEU B 263 -31.47 -26.77 15.58
C LEU B 263 -30.75 -27.53 14.47
N PHE B 264 -29.53 -27.97 14.70
CA PHE B 264 -28.89 -28.80 13.68
C PHE B 264 -29.63 -30.10 13.49
N LYS B 265 -30.12 -30.66 14.59
CA LYS B 265 -30.88 -31.90 14.52
C LYS B 265 -32.22 -31.73 13.83
N SER B 266 -32.78 -30.53 13.85
CA SER B 266 -34.01 -30.29 13.10
C SER B 266 -33.75 -30.33 11.59
N LYS B 267 -32.47 -30.22 11.20
CA LYS B 267 -32.03 -30.28 9.82
C LYS B 267 -31.38 -31.61 9.46
N ASP B 268 -31.46 -32.59 10.36
CA ASP B 268 -30.83 -33.90 10.19
C ASP B 268 -29.31 -33.89 10.26
N TYR B 269 -28.75 -33.00 11.06
CA TYR B 269 -27.31 -33.00 11.27
C TYR B 269 -27.01 -33.23 12.72
N GLU B 270 -25.79 -33.63 13.02
CA GLU B 270 -25.43 -33.86 14.39
C GLU B 270 -23.96 -33.71 14.57
N PHE B 271 -23.55 -33.54 15.81
CA PHE B 271 -22.15 -33.37 16.11
C PHE B 271 -21.43 -34.70 16.12
N MET B 272 -20.17 -34.69 15.71
CA MET B 272 -19.40 -35.92 15.74
C MET B 272 -19.18 -36.31 17.17
N TRP B 273 -19.55 -37.53 17.49
CA TRP B 273 -19.45 -38.01 18.85
C TRP B 273 -19.48 -39.52 18.96
N ASN B 274 -18.63 -40.06 19.81
CA ASN B 274 -18.66 -41.49 20.05
C ASN B 274 -18.23 -41.76 21.48
N PRO B 275 -18.71 -42.84 22.09
CA PRO B 275 -18.49 -43.29 23.47
C PRO B 275 -17.04 -43.36 23.91
N HIS B 276 -16.12 -43.50 22.96
CA HIS B 276 -14.73 -43.65 23.31
C HIS B 276 -13.93 -42.37 23.25
N LEU B 277 -14.36 -41.41 22.44
CA LEU B 277 -13.59 -40.18 22.33
C LEU B 277 -14.41 -38.93 22.56
N GLY B 278 -15.67 -39.08 22.93
CA GLY B 278 -16.49 -37.91 23.18
C GLY B 278 -16.67 -37.19 21.87
N TYR B 279 -16.42 -35.89 21.87
CA TYR B 279 -16.59 -35.11 20.66
C TYR B 279 -15.32 -35.07 19.84
N ILE B 280 -15.50 -35.09 18.53
CA ILE B 280 -14.38 -35.15 17.61
C ILE B 280 -13.89 -33.83 17.04
N LEU B 281 -12.63 -33.55 17.32
CA LEU B 281 -11.92 -32.38 16.81
C LEU B 281 -10.68 -32.80 16.03
N THR B 282 -10.02 -31.85 15.38
CA THR B 282 -8.85 -32.15 14.55
C THR B 282 -7.62 -32.56 15.31
N CYS B 283 -7.47 -32.04 16.51
CA CYS B 283 -6.27 -32.37 17.26
C CYS B 283 -6.57 -33.35 18.37
N PRO B 284 -5.85 -34.46 18.44
CA PRO B 284 -5.94 -35.51 19.43
C PRO B 284 -5.95 -35.00 20.87
N SER B 285 -5.21 -33.92 21.14
CA SER B 285 -5.16 -33.36 22.49
C SER B 285 -6.50 -32.80 22.93
N ASN B 286 -7.37 -32.53 21.98
CA ASN B 286 -8.64 -31.95 22.29
C ASN B 286 -9.79 -32.94 22.18
N LEU B 287 -9.51 -34.24 22.06
CA LEU B 287 -10.62 -35.18 21.98
C LEU B 287 -11.27 -35.37 23.32
N GLY B 288 -12.60 -35.45 23.35
CA GLY B 288 -13.27 -35.66 24.63
C GLY B 288 -14.36 -34.65 24.86
N THR B 289 -14.17 -33.84 25.89
CA THR B 289 -15.11 -32.79 26.17
C THR B 289 -14.66 -31.64 25.36
N GLY B 290 -13.39 -31.32 25.54
CA GLY B 290 -12.79 -30.22 24.84
C GLY B 290 -13.18 -28.90 25.49
N LEU B 291 -13.61 -28.94 26.76
CA LEU B 291 -14.00 -27.70 27.42
C LEU B 291 -12.83 -27.02 28.00
N ARG B 292 -12.87 -25.71 27.93
CA ARG B 292 -11.87 -24.89 28.57
C ARG B 292 -12.55 -23.84 29.40
N ALA B 293 -12.75 -24.11 30.67
CA ALA B 293 -13.33 -23.12 31.54
C ALA B 293 -12.17 -22.31 32.06
N GLY B 294 -12.02 -21.11 31.55
CA GLY B 294 -10.88 -20.29 31.90
C GLY B 294 -11.26 -19.16 32.80
N VAL B 295 -10.30 -18.68 33.56
CA VAL B 295 -10.59 -17.57 34.43
C VAL B 295 -9.38 -16.72 34.67
N HIS B 296 -9.59 -15.40 34.67
CA HIS B 296 -8.52 -14.47 34.91
C HIS B 296 -8.48 -14.14 36.36
N ILE B 297 -7.44 -14.64 37.02
CA ILE B 297 -7.27 -14.49 38.44
C ILE B 297 -6.20 -13.53 38.80
N LYS B 298 -6.58 -12.46 39.48
CA LYS B 298 -5.60 -11.54 39.99
C LYS B 298 -4.88 -12.29 41.06
N LEU B 299 -3.57 -12.40 40.96
CA LEU B 299 -2.91 -13.26 41.91
C LEU B 299 -1.48 -12.88 42.22
N PRO B 300 -1.20 -11.62 42.54
CA PRO B 300 0.12 -11.01 42.70
C PRO B 300 1.02 -11.61 43.79
N ASN B 301 0.47 -12.17 44.85
CA ASN B 301 1.33 -12.75 45.87
C ASN B 301 1.70 -14.17 45.51
N LEU B 302 0.67 -14.99 45.36
CA LEU B 302 0.80 -16.40 45.05
C LEU B 302 1.51 -16.62 43.74
N GLY B 303 1.32 -15.72 42.78
CA GLY B 303 1.99 -15.79 41.49
C GLY B 303 3.51 -15.74 41.60
N LYS B 304 4.02 -15.29 42.74
CA LYS B 304 5.45 -15.28 42.98
C LYS B 304 5.85 -16.45 43.85
N HIS B 305 4.96 -16.84 44.77
CA HIS B 305 5.28 -17.96 45.65
C HIS B 305 5.53 -19.25 44.89
N GLU B 306 6.73 -19.79 45.09
CA GLU B 306 7.21 -21.04 44.52
C GLU B 306 6.17 -22.05 44.05
N LYS B 307 5.49 -22.64 45.01
CA LYS B 307 4.71 -23.82 44.78
C LYS B 307 3.37 -23.62 44.14
N PHE B 308 3.01 -22.40 43.77
CA PHE B 308 1.69 -22.25 43.20
C PHE B 308 1.59 -23.01 41.89
N SER B 309 2.73 -23.21 41.22
CA SER B 309 2.68 -23.97 39.99
C SER B 309 2.44 -25.43 40.32
N GLU B 310 2.99 -25.87 41.45
CA GLU B 310 2.80 -27.21 41.96
C GLU B 310 1.36 -27.42 42.32
N VAL B 311 0.76 -26.43 42.95
CA VAL B 311 -0.63 -26.49 43.33
C VAL B 311 -1.50 -26.69 42.13
N LEU B 312 -1.25 -25.93 41.06
CA LEU B 312 -2.04 -26.08 39.86
C LEU B 312 -1.88 -27.47 39.30
N LYS B 313 -0.67 -28.01 39.35
CA LYS B 313 -0.44 -29.38 38.92
C LYS B 313 -1.29 -30.32 39.74
N ARG B 314 -1.27 -30.13 41.06
CA ARG B 314 -2.05 -30.94 41.98
C ARG B 314 -3.55 -30.81 41.74
N LEU B 315 -3.97 -29.62 41.32
CA LEU B 315 -5.36 -29.37 40.98
C LEU B 315 -5.70 -29.73 39.54
N ARG B 316 -4.73 -30.20 38.78
CA ARG B 316 -4.94 -30.53 37.38
C ARG B 316 -5.40 -29.31 36.59
N LEU B 317 -4.85 -28.16 36.94
CA LEU B 317 -5.15 -26.92 36.28
C LEU B 317 -3.93 -26.42 35.54
N GLN B 318 -4.16 -25.69 34.47
CA GLN B 318 -3.07 -25.17 33.64
C GLN B 318 -2.93 -23.68 33.78
N LYS B 319 -1.70 -23.21 33.62
CA LYS B 319 -1.40 -21.81 33.73
C LYS B 319 -0.95 -21.19 32.43
N ARG B 320 -1.82 -20.44 31.78
CA ARG B 320 -1.38 -19.70 30.62
C ARG B 320 -1.03 -18.30 31.06
N VAL B 333 -1.31 -11.85 36.94
CA VAL B 333 -2.69 -12.24 36.63
C VAL B 333 -2.55 -13.41 35.70
N PHE B 334 -3.28 -14.48 35.97
CA PHE B 334 -3.08 -15.66 35.15
C PHE B 334 -4.36 -16.16 34.54
N ASP B 335 -4.25 -16.81 33.38
CA ASP B 335 -5.38 -17.46 32.76
C ASP B 335 -5.35 -18.90 33.19
N VAL B 336 -6.19 -19.26 34.14
CA VAL B 336 -6.16 -20.62 34.64
C VAL B 336 -7.33 -21.42 34.15
N SER B 337 -7.07 -22.67 33.77
CA SER B 337 -8.14 -23.57 33.35
C SER B 337 -7.85 -25.00 33.66
N ASN B 338 -8.69 -25.90 33.19
CA ASN B 338 -8.46 -27.31 33.45
C ASN B 338 -7.38 -27.78 32.50
N ALA B 339 -6.34 -28.39 33.04
CA ALA B 339 -5.24 -28.90 32.23
C ALA B 339 -5.66 -30.06 31.32
N ASP B 340 -6.62 -30.86 31.74
CA ASP B 340 -7.06 -32.04 31.01
C ASP B 340 -8.33 -31.80 30.19
N ARG B 341 -8.59 -32.63 29.20
CA ARG B 341 -9.72 -32.44 28.28
C ARG B 341 -10.60 -33.69 28.14
N LEU B 342 -10.02 -34.85 28.51
CA LEU B 342 -10.59 -36.20 28.28
C LEU B 342 -10.53 -37.14 29.48
N GLY B 343 -11.57 -37.94 29.69
CA GLY B 343 -11.54 -38.93 30.75
C GLY B 343 -12.44 -38.62 31.93
N PHE B 344 -13.17 -37.53 31.87
CA PHE B 344 -14.07 -37.15 32.93
C PHE B 344 -15.11 -36.19 32.42
N SER B 345 -16.19 -36.02 33.18
CA SER B 345 -17.33 -35.25 32.71
C SER B 345 -17.08 -33.76 32.58
N GLU B 346 -17.95 -33.14 31.79
CA GLU B 346 -17.94 -31.72 31.52
C GLU B 346 -18.16 -30.93 32.77
N VAL B 347 -19.10 -31.37 33.59
CA VAL B 347 -19.35 -30.67 34.81
C VAL B 347 -18.22 -30.81 35.78
N GLU B 348 -17.69 -32.01 35.95
CA GLU B 348 -16.58 -32.15 36.89
C GLU B 348 -15.44 -31.26 36.46
N LEU B 349 -15.20 -31.19 35.16
CA LEU B 349 -14.15 -30.35 34.62
C LEU B 349 -14.29 -28.94 35.17
N VAL B 350 -15.47 -28.37 35.03
CA VAL B 350 -15.73 -27.03 35.52
C VAL B 350 -15.60 -26.96 37.02
N GLN B 351 -16.12 -27.96 37.72
CA GLN B 351 -16.07 -28.06 39.17
C GLN B 351 -14.65 -27.91 39.67
N MET B 352 -13.72 -28.57 38.98
CA MET B 352 -12.31 -28.48 39.35
C MET B 352 -11.78 -27.08 39.19
N VAL B 353 -12.22 -26.37 38.17
CA VAL B 353 -11.80 -25.01 38.01
C VAL B 353 -12.34 -24.15 39.13
N VAL B 354 -13.63 -24.34 39.43
CA VAL B 354 -14.28 -23.61 40.50
C VAL B 354 -13.63 -23.82 41.85
N ASP B 355 -13.37 -25.07 42.18
CA ASP B 355 -12.74 -25.38 43.44
C ASP B 355 -11.36 -24.78 43.50
N GLY B 356 -10.64 -24.83 42.39
CA GLY B 356 -9.31 -24.27 42.33
C GLY B 356 -9.33 -22.79 42.63
N VAL B 357 -10.25 -22.07 42.01
CA VAL B 357 -10.34 -20.63 42.25
C VAL B 357 -10.53 -20.36 43.72
N LYS B 358 -11.45 -21.09 44.34
CA LYS B 358 -11.70 -20.94 45.77
C LYS B 358 -10.44 -21.13 46.56
N LEU B 359 -9.78 -22.26 46.33
CA LEU B 359 -8.57 -22.59 47.05
C LEU B 359 -7.48 -21.56 46.86
N LEU B 360 -7.27 -21.18 45.61
CA LEU B 360 -6.22 -20.25 45.26
C LEU B 360 -6.44 -18.87 45.84
N ILE B 361 -7.68 -18.41 45.86
CA ILE B 361 -7.94 -17.12 46.46
C ILE B 361 -7.68 -17.12 47.94
N GLU B 362 -8.10 -18.18 48.61
CA GLU B 362 -7.85 -18.27 50.03
C GLU B 362 -6.35 -18.28 50.29
N MET B 363 -5.61 -18.95 49.41
CA MET B 363 -4.17 -19.02 49.48
C MET B 363 -3.55 -17.64 49.31
N GLU B 364 -4.12 -16.85 48.39
CA GLU B 364 -3.67 -15.50 48.13
C GLU B 364 -3.88 -14.65 49.36
N GLN B 365 -5.04 -14.84 49.99
CA GLN B 365 -5.38 -14.13 51.22
C GLN B 365 -4.41 -14.47 52.34
N ARG B 366 -4.02 -15.74 52.44
CA ARG B 366 -3.05 -16.12 53.45
C ARG B 366 -1.78 -15.38 53.24
N LEU B 367 -1.32 -15.36 52.00
CA LEU B 367 -0.08 -14.69 51.70
C LEU B 367 -0.15 -13.20 51.94
N GLU B 368 -1.29 -12.59 51.66
CA GLU B 368 -1.44 -11.18 51.91
C GLU B 368 -1.34 -10.87 53.38
N GLN B 369 -1.85 -11.77 54.21
CA GLN B 369 -1.78 -11.58 55.65
C GLN B 369 -0.51 -12.14 56.28
N GLY B 370 0.43 -12.61 55.47
CA GLY B 370 1.68 -13.13 56.01
C GLY B 370 1.47 -14.48 56.69
N GLN B 371 0.43 -15.19 56.28
CA GLN B 371 0.10 -16.47 56.87
C GLN B 371 0.63 -17.57 55.99
N ALA B 372 0.86 -18.74 56.58
CA ALA B 372 1.34 -19.88 55.83
C ALA B 372 0.21 -20.51 55.03
N ILE B 373 0.57 -21.18 53.93
CA ILE B 373 -0.39 -21.86 53.07
C ILE B 373 -0.18 -23.37 53.06
N ASP B 374 0.49 -23.85 54.10
CA ASP B 374 0.91 -25.25 54.19
C ASP B 374 -0.27 -26.21 54.12
N ASP B 375 -1.33 -25.86 54.83
CA ASP B 375 -2.53 -26.70 54.89
C ASP B 375 -3.45 -26.54 53.71
N LEU B 376 -3.05 -25.77 52.71
CA LEU B 376 -3.87 -25.57 51.55
C LEU B 376 -3.41 -26.41 50.39
N MET B 377 -2.35 -27.19 50.57
CA MET B 377 -1.85 -28.01 49.48
C MET B 377 -2.79 -29.19 49.21
N PRO B 378 -3.36 -29.26 48.00
CA PRO B 378 -4.31 -30.25 47.51
C PRO B 378 -3.61 -31.55 47.06
N ALA B 379 -4.39 -32.50 46.57
CA ALA B 379 -3.83 -33.76 46.10
C ALA B 379 -3.53 -33.70 44.61
N LEU C 45 13.45 -11.09 2.80
CA LEU C 45 13.59 -11.57 4.17
C LEU C 45 14.83 -11.08 4.88
N SER C 46 16.01 -11.50 4.40
CA SER C 46 17.24 -11.12 5.10
C SER C 46 18.51 -11.13 4.24
N ASN C 47 18.39 -11.44 2.97
CA ASN C 47 19.61 -11.53 2.17
C ASN C 47 19.28 -11.48 0.69
N PRO C 48 20.29 -11.31 -0.18
CA PRO C 48 20.19 -11.33 -1.63
C PRO C 48 19.96 -12.75 -2.04
N LEU C 49 18.69 -13.13 -2.00
CA LEU C 49 18.23 -14.46 -2.35
C LEU C 49 18.53 -14.82 -3.78
N MET C 50 18.73 -13.82 -4.63
CA MET C 50 19.00 -14.03 -6.04
C MET C 50 17.85 -14.78 -6.71
N GLY C 51 16.66 -14.62 -6.13
CA GLY C 51 15.44 -15.20 -6.65
C GLY C 51 14.57 -14.04 -7.08
N ASP C 52 13.36 -14.33 -7.50
CA ASP C 52 12.45 -13.28 -7.94
C ASP C 52 11.83 -12.56 -6.75
N ALA C 53 11.21 -11.41 -7.04
CA ALA C 53 10.61 -10.54 -6.04
C ALA C 53 9.56 -11.25 -5.18
N VAL C 54 8.88 -12.24 -5.75
CA VAL C 54 7.86 -12.99 -5.03
C VAL C 54 8.39 -13.74 -3.83
N SER C 55 9.71 -13.93 -3.77
CA SER C 55 10.33 -14.63 -2.67
C SER C 55 10.81 -13.70 -1.57
N ASP C 56 10.63 -12.39 -1.73
CA ASP C 56 11.09 -11.44 -0.73
C ASP C 56 10.10 -11.14 0.39
N TRP C 57 8.81 -11.14 0.05
CA TRP C 57 7.78 -10.77 1.01
C TRP C 57 7.81 -11.50 2.30
N SER C 58 7.71 -10.74 3.39
CA SER C 58 7.54 -11.37 4.67
C SER C 58 6.03 -11.45 4.80
N PRO C 59 5.50 -12.22 5.72
CA PRO C 59 4.09 -12.36 5.99
C PRO C 59 3.53 -11.02 6.43
N MET C 60 4.38 -10.20 7.04
CA MET C 60 4.02 -8.86 7.47
C MET C 60 3.70 -7.97 6.30
N HIS C 61 4.37 -8.16 5.17
CA HIS C 61 4.09 -7.32 4.02
C HIS C 61 2.74 -7.66 3.50
N GLU C 62 2.42 -8.94 3.54
CA GLU C 62 1.12 -9.40 3.11
C GLU C 62 0.04 -8.89 4.03
N ALA C 63 0.29 -8.97 5.34
CA ALA C 63 -0.66 -8.51 6.31
C ALA C 63 -0.89 -7.03 6.17
N ALA C 64 0.19 -6.29 5.96
CA ALA C 64 0.09 -4.85 5.86
C ALA C 64 -0.73 -4.43 4.67
N ILE C 65 -0.41 -4.95 3.50
CA ILE C 65 -1.12 -4.50 2.32
C ILE C 65 -2.60 -4.86 2.29
N HIS C 66 -3.00 -5.95 2.94
CA HIS C 66 -4.41 -6.25 2.97
C HIS C 66 -5.12 -5.97 4.29
N GLY C 67 -4.51 -5.21 5.19
CA GLY C 67 -5.20 -4.80 6.40
C GLY C 67 -5.42 -5.87 7.46
N HIS C 68 -4.56 -6.87 7.52
CA HIS C 68 -4.72 -7.93 8.50
C HIS C 68 -4.07 -7.55 9.81
N GLN C 69 -4.71 -6.61 10.49
CA GLN C 69 -4.25 -6.02 11.72
C GLN C 69 -3.90 -7.02 12.80
N LEU C 70 -4.80 -7.93 13.09
CA LEU C 70 -4.53 -8.87 14.16
C LEU C 70 -3.40 -9.79 13.80
N SER C 71 -3.36 -10.21 12.53
CA SER C 71 -2.27 -11.03 12.05
C SER C 71 -0.97 -10.31 12.24
N LEU C 72 -0.96 -9.04 11.89
CA LEU C 72 0.22 -8.22 12.05
C LEU C 72 0.68 -8.23 13.49
N ARG C 73 -0.26 -8.02 14.41
CA ARG C 73 0.07 -8.02 15.81
C ARG C 73 0.65 -9.36 16.23
N ASN C 74 0.08 -10.42 15.71
CA ASN C 74 0.55 -11.74 16.03
C ASN C 74 1.95 -11.97 15.54
N LEU C 75 2.23 -11.52 14.31
CA LEU C 75 3.56 -11.69 13.74
C LEU C 75 4.57 -10.94 14.57
N ILE C 76 4.18 -9.77 15.04
CA ILE C 76 5.04 -8.98 15.89
C ILE C 76 5.30 -9.73 17.16
N SER C 77 4.26 -10.31 17.77
CA SER C 77 4.45 -11.05 19.00
C SER C 77 5.27 -12.33 18.78
N GLN C 78 5.29 -12.85 17.56
CA GLN C 78 6.12 -14.02 17.28
C GLN C 78 7.58 -13.67 17.12
N GLY C 79 7.93 -12.39 17.05
CA GLY C 79 9.32 -12.01 16.90
C GLY C 79 9.65 -11.40 15.53
N TRP C 80 8.64 -11.12 14.71
CA TRP C 80 8.97 -10.48 13.44
C TRP C 80 9.17 -9.01 13.69
N ALA C 81 10.32 -8.50 13.26
CA ALA C 81 10.66 -7.09 13.45
C ALA C 81 9.87 -6.21 12.51
N VAL C 82 9.69 -4.95 12.89
CA VAL C 82 8.97 -4.01 12.07
C VAL C 82 9.78 -3.58 10.87
N ASN C 83 11.04 -3.22 11.08
CA ASN C 83 11.89 -2.77 9.99
C ASN C 83 12.51 -3.90 9.17
N ILE C 84 11.66 -4.68 8.51
CA ILE C 84 12.08 -5.75 7.61
C ILE C 84 11.72 -5.35 6.22
N ILE C 85 12.70 -5.32 5.34
CA ILE C 85 12.49 -4.75 4.03
C ILE C 85 12.86 -5.67 2.89
N THR C 86 12.22 -5.43 1.76
CA THR C 86 12.46 -6.18 0.53
C THR C 86 13.73 -5.72 -0.14
N ALA C 87 14.04 -6.31 -1.29
CA ALA C 87 15.20 -5.89 -2.07
C ALA C 87 15.06 -4.43 -2.55
N ASP C 88 13.84 -3.91 -2.59
CA ASP C 88 13.64 -2.53 -3.00
C ASP C 88 13.46 -1.64 -1.78
N HIS C 89 13.77 -2.18 -0.62
CA HIS C 89 13.66 -1.50 0.64
C HIS C 89 12.24 -1.10 0.94
N VAL C 90 11.31 -2.01 0.71
CA VAL C 90 9.94 -1.72 1.02
C VAL C 90 9.59 -2.37 2.33
N SER C 91 9.16 -1.55 3.29
CA SER C 91 8.80 -2.07 4.61
C SER C 91 7.32 -2.29 4.67
N PRO C 92 6.84 -2.95 5.71
CA PRO C 92 5.45 -3.15 6.03
C PRO C 92 4.75 -1.80 6.14
N LEU C 93 5.50 -0.78 6.54
CA LEU C 93 4.93 0.55 6.68
C LEU C 93 4.57 1.05 5.32
N HIS C 94 5.49 0.85 4.38
CA HIS C 94 5.27 1.35 3.03
C HIS C 94 4.07 0.64 2.40
N GLU C 95 3.95 -0.65 2.65
CA GLU C 95 2.80 -1.37 2.12
C GLU C 95 1.52 -0.96 2.81
N ALA C 96 1.58 -0.74 4.12
CA ALA C 96 0.41 -0.33 4.86
C ALA C 96 -0.08 1.01 4.38
N CYS C 97 0.86 1.88 4.03
CA CYS C 97 0.53 3.20 3.55
C CYS C 97 -0.16 3.11 2.21
N LEU C 98 0.30 2.21 1.35
CA LEU C 98 -0.37 2.02 0.07
C LEU C 98 -1.76 1.45 0.25
N GLY C 99 -1.91 0.57 1.24
CA GLY C 99 -3.20 -0.03 1.52
C GLY C 99 -4.15 0.95 2.20
N GLY C 100 -3.59 1.91 2.93
CA GLY C 100 -4.40 2.90 3.61
C GLY C 100 -4.95 2.35 4.91
N HIS C 101 -4.26 1.39 5.49
CA HIS C 101 -4.77 0.76 6.69
C HIS C 101 -4.27 1.46 7.92
N LEU C 102 -4.95 2.56 8.24
CA LEU C 102 -4.64 3.42 9.36
C LEU C 102 -4.27 2.69 10.64
N SER C 103 -5.05 1.70 11.03
CA SER C 103 -4.73 1.01 12.27
C SER C 103 -3.40 0.25 12.18
N CYS C 104 -3.04 -0.18 10.99
CA CYS C 104 -1.82 -0.92 10.81
C CYS C 104 -0.64 -0.01 10.95
N VAL C 105 -0.74 1.19 10.38
CA VAL C 105 0.39 2.10 10.51
C VAL C 105 0.47 2.61 11.93
N LYS C 106 -0.65 2.66 12.64
CA LYS C 106 -0.58 3.05 14.04
C LYS C 106 0.25 2.05 14.81
N ILE C 107 0.02 0.77 14.53
CA ILE C 107 0.76 -0.29 15.19
C ILE C 107 2.22 -0.29 14.82
N LEU C 108 2.49 -0.20 13.52
CA LEU C 108 3.84 -0.24 13.05
C LEU C 108 4.66 0.93 13.56
N LEU C 109 4.06 2.11 13.57
CA LEU C 109 4.72 3.30 14.07
C LEU C 109 4.93 3.17 15.55
N LYS C 110 3.94 2.61 16.25
CA LYS C 110 4.04 2.36 17.67
C LYS C 110 5.25 1.51 17.99
N HIS C 111 5.53 0.54 17.13
CA HIS C 111 6.66 -0.33 17.36
C HIS C 111 7.95 0.07 16.62
N GLY C 112 8.07 1.34 16.20
CA GLY C 112 9.34 1.81 15.62
C GLY C 112 9.47 1.81 14.10
N ALA C 113 8.37 1.83 13.37
CA ALA C 113 8.48 1.89 11.90
C ALA C 113 9.12 3.18 11.45
N GLN C 114 9.89 3.10 10.38
CA GLN C 114 10.62 4.26 9.90
C GLN C 114 9.77 5.17 9.05
N VAL C 115 9.09 6.10 9.72
CA VAL C 115 8.19 7.06 9.10
C VAL C 115 8.77 7.80 7.87
N ASN C 116 10.08 8.00 7.81
CA ASN C 116 10.70 8.65 6.65
C ASN C 116 11.59 7.71 5.86
N GLY C 117 11.33 6.41 5.92
CA GLY C 117 12.14 5.45 5.18
C GLY C 117 12.01 5.67 3.68
N VAL C 118 13.12 5.53 2.96
CA VAL C 118 13.13 5.76 1.52
C VAL C 118 13.39 4.50 0.73
N THR C 119 12.53 4.21 -0.24
CA THR C 119 12.67 2.99 -1.03
C THR C 119 13.65 3.19 -2.15
N ALA C 120 13.93 2.11 -2.86
CA ALA C 120 14.81 2.14 -4.02
C ALA C 120 14.27 3.06 -5.13
N ASP C 121 12.98 3.37 -5.08
CA ASP C 121 12.38 4.27 -6.05
C ASP C 121 12.07 5.61 -5.42
N TRP C 122 12.76 5.93 -4.34
CA TRP C 122 12.66 7.18 -3.62
C TRP C 122 11.29 7.43 -3.02
N HIS C 123 10.53 6.39 -2.75
CA HIS C 123 9.22 6.62 -2.19
C HIS C 123 9.31 6.63 -0.68
N THR C 124 8.38 7.35 -0.06
CA THR C 124 8.30 7.42 1.39
C THR C 124 6.91 7.04 1.80
N PRO C 125 6.69 6.62 3.04
CA PRO C 125 5.42 6.25 3.63
C PRO C 125 4.41 7.32 3.38
N LEU C 126 4.87 8.57 3.52
CA LEU C 126 4.02 9.72 3.30
C LEU C 126 3.58 9.76 1.87
N PHE C 127 4.53 9.60 0.96
CA PHE C 127 4.21 9.60 -0.44
C PHE C 127 3.21 8.51 -0.75
N ASN C 128 3.44 7.33 -0.21
CA ASN C 128 2.58 6.21 -0.47
C ASN C 128 1.17 6.47 0.00
N ALA C 129 1.04 7.10 1.17
CA ALA C 129 -0.27 7.43 1.69
C ALA C 129 -0.98 8.38 0.75
N CYS C 130 -0.23 9.35 0.21
CA CYS C 130 -0.78 10.32 -0.71
C CYS C 130 -1.29 9.65 -1.96
N VAL C 131 -0.56 8.62 -2.40
CA VAL C 131 -0.98 7.86 -3.57
C VAL C 131 -2.33 7.23 -3.36
N SER C 132 -2.51 6.63 -2.18
CA SER C 132 -3.78 5.99 -1.87
C SER C 132 -4.88 6.97 -1.51
N GLY C 133 -4.52 8.16 -1.04
CA GLY C 133 -5.51 9.13 -0.63
C GLY C 133 -5.95 8.90 0.79
N SER C 134 -5.09 8.28 1.58
CA SER C 134 -5.40 7.95 2.96
C SER C 134 -5.12 9.12 3.86
N TRP C 135 -5.97 10.12 3.76
CA TRP C 135 -5.87 11.37 4.48
C TRP C 135 -5.56 11.21 5.96
N ASP C 136 -6.26 10.32 6.61
CA ASP C 136 -6.02 10.10 8.03
C ASP C 136 -4.62 9.61 8.30
N CYS C 137 -4.10 8.79 7.39
CA CYS C 137 -2.75 8.27 7.54
C CYS C 137 -1.76 9.38 7.29
N VAL C 138 -2.08 10.24 6.33
CA VAL C 138 -1.22 11.37 6.04
C VAL C 138 -1.05 12.23 7.26
N ASN C 139 -2.16 12.51 7.92
CA ASN C 139 -2.12 13.30 9.12
C ASN C 139 -1.27 12.65 10.18
N LEU C 140 -1.47 11.36 10.38
CA LEU C 140 -0.76 10.61 11.39
C LEU C 140 0.74 10.62 11.14
N LEU C 141 1.12 10.32 9.92
CA LEU C 141 2.52 10.26 9.55
C LEU C 141 3.19 11.59 9.78
N LEU C 142 2.51 12.66 9.42
CA LEU C 142 3.07 13.98 9.63
C LEU C 142 3.23 14.26 11.08
N GLN C 143 2.29 13.79 11.89
CA GLN C 143 2.37 13.98 13.33
C GLN C 143 3.53 13.21 13.93
N HIS C 144 3.99 12.16 13.25
CA HIS C 144 5.17 11.46 13.72
C HIS C 144 6.45 11.91 13.03
N GLY C 145 6.43 13.08 12.40
CA GLY C 145 7.65 13.62 11.83
C GLY C 145 7.87 13.34 10.35
N ALA C 146 6.86 12.87 9.63
CA ALA C 146 7.07 12.66 8.21
C ALA C 146 7.40 13.98 7.55
N SER C 147 8.42 14.01 6.71
CA SER C 147 8.79 15.25 6.05
C SER C 147 7.88 15.51 4.87
N VAL C 148 7.28 16.69 4.84
CA VAL C 148 6.43 17.07 3.72
C VAL C 148 7.28 17.18 2.48
N GLN C 149 8.44 17.77 2.67
CA GLN C 149 9.43 17.89 1.61
C GLN C 149 9.96 16.52 1.25
N PRO C 150 9.96 16.16 -0.03
CA PRO C 150 10.47 14.91 -0.56
C PRO C 150 11.98 14.96 -0.73
N GLU C 151 12.59 13.78 -0.68
CA GLU C 151 14.02 13.63 -0.87
C GLU C 151 14.42 13.87 -2.31
N SER C 152 13.54 13.49 -3.23
CA SER C 152 13.80 13.63 -4.63
C SER C 152 12.60 14.05 -5.41
N ASP C 153 12.89 14.75 -6.50
CA ASP C 153 11.89 15.26 -7.43
C ASP C 153 11.11 14.16 -8.12
N LEU C 154 11.62 12.94 -8.06
CA LEU C 154 10.92 11.82 -8.63
C LEU C 154 9.65 11.46 -7.86
N ALA C 155 9.50 11.94 -6.63
CA ALA C 155 8.32 11.55 -5.86
C ALA C 155 7.88 12.62 -4.87
N SER C 156 7.29 13.69 -5.37
CA SER C 156 6.70 14.70 -4.49
C SER C 156 5.27 14.39 -4.10
N PRO C 157 4.98 14.24 -2.81
CA PRO C 157 3.69 13.93 -2.25
C PRO C 157 2.69 15.02 -2.53
N ILE C 158 3.18 16.25 -2.65
CA ILE C 158 2.32 17.37 -2.94
C ILE C 158 1.89 17.29 -4.36
N HIS C 159 2.85 17.08 -5.24
CA HIS C 159 2.56 17.02 -6.66
C HIS C 159 1.72 15.79 -6.95
N GLU C 160 1.95 14.72 -6.21
CA GLU C 160 1.18 13.52 -6.41
C GLU C 160 -0.26 13.76 -6.03
N ALA C 161 -0.47 14.37 -4.87
CA ALA C 161 -1.82 14.64 -4.41
C ALA C 161 -2.53 15.54 -5.38
N ALA C 162 -1.80 16.49 -5.95
CA ALA C 162 -2.38 17.39 -6.93
C ALA C 162 -2.85 16.62 -8.14
N ARG C 163 -2.07 15.64 -8.58
CA ARG C 163 -2.47 14.86 -9.73
C ARG C 163 -3.65 13.96 -9.42
N ARG C 164 -3.78 13.55 -8.17
CA ARG C 164 -4.84 12.65 -7.78
C ARG C 164 -6.11 13.35 -7.38
N GLY C 165 -6.01 14.63 -7.00
CA GLY C 165 -7.19 15.36 -6.56
C GLY C 165 -7.49 15.10 -5.09
N HIS C 166 -6.46 14.75 -4.32
CA HIS C 166 -6.64 14.46 -2.90
C HIS C 166 -6.57 15.75 -2.09
N VAL C 167 -7.59 16.57 -2.25
CA VAL C 167 -7.68 17.91 -1.70
C VAL C 167 -7.36 18.04 -0.23
N GLU C 168 -8.00 17.24 0.60
CA GLU C 168 -7.74 17.32 2.03
C GLU C 168 -6.32 16.91 2.40
N CYS C 169 -5.68 16.09 1.57
CA CYS C 169 -4.32 15.68 1.84
C CYS C 169 -3.43 16.84 1.52
N VAL C 170 -3.75 17.53 0.44
CA VAL C 170 -3.01 18.71 0.03
C VAL C 170 -3.06 19.74 1.13
N ASN C 171 -4.25 19.96 1.66
CA ASN C 171 -4.43 20.93 2.71
C ASN C 171 -3.59 20.59 3.91
N SER C 172 -3.56 19.32 4.31
CA SER C 172 -2.76 18.92 5.44
C SER C 172 -1.28 19.09 5.19
N LEU C 173 -0.82 18.76 3.99
CA LEU C 173 0.59 18.90 3.68
C LEU C 173 1.03 20.34 3.73
N ILE C 174 0.21 21.22 3.17
CA ILE C 174 0.54 22.63 3.16
C ILE C 174 0.53 23.19 4.55
N ALA C 175 -0.54 22.88 5.28
CA ALA C 175 -0.70 23.35 6.64
C ALA C 175 0.40 22.86 7.53
N TYR C 176 0.82 21.61 7.35
CA TYR C 176 1.91 21.08 8.15
C TYR C 176 3.20 21.80 7.81
N GLY C 177 3.29 22.26 6.57
CA GLY C 177 4.44 23.02 6.11
C GLY C 177 4.89 22.49 4.77
N GLY C 178 4.15 22.87 3.73
CA GLY C 178 4.46 22.45 2.38
C GLY C 178 4.44 23.62 1.40
N ASN C 179 5.41 23.65 0.52
CA ASN C 179 5.50 24.74 -0.44
C ASN C 179 4.55 24.54 -1.59
N ILE C 180 3.39 25.17 -1.51
CA ILE C 180 2.35 25.09 -2.53
C ILE C 180 2.81 25.46 -3.94
N ASP C 181 3.85 26.26 -4.07
CA ASP C 181 4.33 26.64 -5.40
C ASP C 181 5.63 25.97 -5.77
N HIS C 182 5.97 24.88 -5.09
CA HIS C 182 7.22 24.20 -5.40
C HIS C 182 7.24 23.74 -6.84
N LYS C 183 8.26 24.15 -7.56
CA LYS C 183 8.37 23.85 -8.97
C LYS C 183 9.35 22.73 -9.26
N ILE C 184 8.86 21.67 -9.91
CA ILE C 184 9.72 20.56 -10.31
C ILE C 184 9.80 20.39 -11.80
N SER C 185 10.96 20.71 -12.37
CA SER C 185 11.30 20.54 -13.79
C SER C 185 10.14 20.26 -14.76
N HIS C 186 9.82 18.98 -14.94
CA HIS C 186 8.81 18.50 -15.89
C HIS C 186 7.36 18.58 -15.41
N LEU C 187 7.20 18.85 -14.13
CA LEU C 187 5.90 18.93 -13.51
C LEU C 187 5.45 20.37 -13.33
N GLY C 188 6.40 21.24 -13.06
CA GLY C 188 6.08 22.62 -12.78
C GLY C 188 5.49 22.67 -11.39
N THR C 189 4.39 23.38 -11.24
CA THR C 189 3.75 23.48 -9.94
C THR C 189 2.63 22.47 -9.80
N PRO C 190 2.21 22.17 -8.58
CA PRO C 190 1.09 21.34 -8.23
C PRO C 190 -0.15 21.82 -8.94
N LEU C 191 -0.27 23.14 -9.02
CA LEU C 191 -1.38 23.78 -9.70
C LEU C 191 -1.41 23.38 -11.13
N TYR C 192 -0.25 23.49 -11.77
CA TYR C 192 -0.13 23.11 -13.15
C TYR C 192 -0.59 21.67 -13.34
N LEU C 193 -0.11 20.78 -12.48
CA LEU C 193 -0.47 19.38 -12.61
C LEU C 193 -1.94 19.11 -12.41
N ALA C 194 -2.55 19.79 -11.46
CA ALA C 194 -3.97 19.61 -11.22
C ALA C 194 -4.75 20.01 -12.44
N CYS C 195 -4.29 21.08 -13.10
CA CYS C 195 -4.94 21.52 -14.30
C CYS C 195 -4.79 20.49 -15.39
N GLU C 196 -3.60 19.90 -15.50
CA GLU C 196 -3.36 18.85 -16.48
C GLU C 196 -4.27 17.66 -16.30
N ASN C 197 -4.55 17.29 -15.05
CA ASN C 197 -5.43 16.16 -14.83
C ASN C 197 -6.88 16.54 -14.59
N GLN C 198 -7.24 17.79 -14.88
CA GLN C 198 -8.62 18.23 -14.74
C GLN C 198 -9.16 18.07 -13.33
N GLN C 199 -8.30 18.16 -12.33
CA GLN C 199 -8.73 17.99 -10.94
C GLN C 199 -9.34 19.27 -10.43
N ARG C 200 -10.51 19.61 -10.95
CA ARG C 200 -11.20 20.87 -10.71
C ARG C 200 -11.29 21.27 -9.26
N ALA C 201 -11.63 20.32 -8.40
CA ALA C 201 -11.75 20.62 -6.98
C ALA C 201 -10.40 21.02 -6.40
N CYS C 202 -9.36 20.30 -6.82
CA CYS C 202 -8.01 20.56 -6.36
C CYS C 202 -7.54 21.91 -6.83
N VAL C 203 -7.75 22.19 -8.11
CA VAL C 203 -7.32 23.45 -8.68
C VAL C 203 -7.89 24.60 -7.89
N LYS C 204 -9.19 24.56 -7.66
CA LYS C 204 -9.85 25.61 -6.93
C LYS C 204 -9.30 25.75 -5.54
N LYS C 205 -9.08 24.64 -4.85
CA LYS C 205 -8.58 24.74 -3.49
C LYS C 205 -7.16 25.28 -3.43
N LEU C 206 -6.32 24.87 -4.38
CA LEU C 206 -4.95 25.36 -4.42
C LEU C 206 -4.92 26.86 -4.63
N LEU C 207 -5.77 27.33 -5.52
CA LEU C 207 -5.86 28.74 -5.81
C LEU C 207 -6.35 29.51 -4.59
N GLU C 208 -7.31 28.94 -3.86
CA GLU C 208 -7.81 29.57 -2.65
C GLU C 208 -6.73 29.67 -1.60
N SER C 209 -5.91 28.62 -1.48
CA SER C 209 -4.81 28.60 -0.54
C SER C 209 -3.80 29.67 -0.89
N GLY C 210 -3.67 29.94 -2.18
CA GLY C 210 -2.79 30.98 -2.67
C GLY C 210 -1.74 30.48 -3.64
N ALA C 211 -2.11 29.51 -4.46
CA ALA C 211 -1.18 29.03 -5.48
C ALA C 211 -0.95 30.12 -6.51
N ASP C 212 0.27 30.22 -6.99
CA ASP C 212 0.58 31.24 -7.98
C ASP C 212 -0.06 30.93 -9.30
N VAL C 213 -1.20 31.53 -9.53
CA VAL C 213 -1.97 31.36 -10.73
C VAL C 213 -1.19 31.49 -12.04
N ASN C 214 -0.11 32.27 -12.07
CA ASN C 214 0.65 32.42 -13.31
C ASN C 214 1.94 31.63 -13.38
N GLN C 215 2.20 30.76 -12.42
CA GLN C 215 3.41 29.96 -12.44
C GLN C 215 3.13 28.51 -12.79
N GLY C 216 3.56 28.10 -13.97
CA GLY C 216 3.35 26.72 -14.38
C GLY C 216 4.64 26.03 -14.79
N LYS C 217 4.54 25.26 -15.87
CA LYS C 217 5.69 24.51 -16.35
C LYS C 217 6.55 25.37 -17.23
N GLY C 218 7.51 26.04 -16.62
CA GLY C 218 8.38 26.92 -17.36
C GLY C 218 7.58 28.11 -17.83
N GLN C 219 7.45 28.27 -19.14
CA GLN C 219 6.66 29.36 -19.68
C GLN C 219 5.20 28.96 -19.89
N ASP C 220 4.90 27.69 -19.66
CA ASP C 220 3.56 27.19 -19.83
C ASP C 220 2.75 27.40 -18.58
N SER C 221 1.90 28.44 -18.56
CA SER C 221 1.13 28.72 -17.36
C SER C 221 -0.03 27.76 -17.27
N PRO C 222 -0.62 27.60 -16.09
CA PRO C 222 -1.80 26.82 -15.83
C PRO C 222 -2.91 27.24 -16.76
N LEU C 223 -2.96 28.53 -17.09
CA LEU C 223 -3.94 29.03 -18.04
C LEU C 223 -3.70 28.45 -19.41
N HIS C 224 -2.45 28.41 -19.84
CA HIS C 224 -2.15 27.83 -21.15
C HIS C 224 -2.56 26.35 -21.15
N ALA C 225 -2.31 25.66 -20.04
CA ALA C 225 -2.65 24.24 -19.92
C ALA C 225 -4.13 24.01 -20.03
N VAL C 226 -4.92 24.79 -19.32
CA VAL C 226 -6.36 24.69 -19.44
C VAL C 226 -6.82 24.99 -20.83
N ALA C 227 -6.22 26.02 -21.43
CA ALA C 227 -6.57 26.42 -22.78
C ALA C 227 -6.38 25.27 -23.75
N ARG C 228 -5.31 24.47 -23.58
CA ARG C 228 -5.12 23.32 -24.45
C ARG C 228 -6.24 22.29 -24.31
N THR C 229 -6.71 22.09 -23.08
CA THR C 229 -7.76 21.10 -22.86
C THR C 229 -9.15 21.69 -23.10
N ALA C 230 -9.23 23.01 -23.21
CA ALA C 230 -10.47 23.73 -23.48
C ALA C 230 -11.49 23.57 -22.36
N SER C 231 -11.02 23.45 -21.12
CA SER C 231 -11.94 23.33 -20.00
C SER C 231 -12.36 24.70 -19.50
N GLU C 232 -13.31 25.29 -20.20
CA GLU C 232 -13.81 26.64 -19.92
C GLU C 232 -14.11 26.92 -18.45
N GLU C 233 -14.53 25.90 -17.71
CA GLU C 233 -14.79 26.07 -16.28
C GLU C 233 -13.55 26.52 -15.56
N LEU C 234 -12.44 25.84 -15.82
CA LEU C 234 -11.19 26.16 -15.17
C LEU C 234 -10.60 27.41 -15.76
N ALA C 235 -10.91 27.68 -17.03
CA ALA C 235 -10.42 28.89 -17.64
C ALA C 235 -11.00 30.08 -16.91
N CYS C 236 -12.29 30.02 -16.63
CA CYS C 236 -12.96 31.08 -15.90
C CYS C 236 -12.35 31.23 -14.53
N LEU C 237 -12.20 30.10 -13.85
CA LEU C 237 -11.66 30.07 -12.51
C LEU C 237 -10.30 30.74 -12.45
N LEU C 238 -9.39 30.33 -13.32
CA LEU C 238 -8.06 30.89 -13.33
C LEU C 238 -8.04 32.37 -13.65
N MET C 239 -8.88 32.81 -14.58
CA MET C 239 -8.94 34.22 -14.90
C MET C 239 -9.30 35.02 -13.67
N ASP C 240 -10.29 34.54 -12.92
CA ASP C 240 -10.72 35.23 -11.71
C ASP C 240 -9.63 35.29 -10.66
N PHE C 241 -8.80 34.26 -10.57
CA PHE C 241 -7.69 34.31 -9.63
C PHE C 241 -6.50 35.13 -10.11
N GLY C 242 -6.59 35.73 -11.30
CA GLY C 242 -5.51 36.59 -11.76
C GLY C 242 -4.65 36.03 -12.88
N ALA C 243 -5.13 35.01 -13.59
CA ALA C 243 -4.35 34.45 -14.68
C ALA C 243 -4.09 35.50 -15.75
N ASP C 244 -2.85 35.51 -16.24
CA ASP C 244 -2.40 36.45 -17.25
C ASP C 244 -2.69 35.96 -18.65
N THR C 245 -3.75 36.50 -19.26
CA THR C 245 -4.16 36.08 -20.58
C THR C 245 -3.21 36.51 -21.69
N GLN C 246 -2.26 37.37 -21.40
CA GLN C 246 -1.33 37.80 -22.40
C GLN C 246 0.04 37.14 -22.27
N ALA C 247 0.18 36.25 -21.30
CA ALA C 247 1.46 35.57 -21.11
C ALA C 247 1.74 34.63 -22.27
N LYS C 248 2.99 34.55 -22.67
CA LYS C 248 3.36 33.69 -23.78
C LYS C 248 4.13 32.46 -23.32
N ASN C 249 3.82 31.33 -23.94
CA ASN C 249 4.48 30.08 -23.62
C ASN C 249 5.79 29.98 -24.37
N ALA C 250 6.44 28.82 -24.30
CA ALA C 250 7.72 28.61 -24.98
C ALA C 250 7.64 28.88 -26.48
N GLU C 251 6.48 28.62 -27.08
CA GLU C 251 6.23 28.89 -28.49
C GLU C 251 6.09 30.38 -28.78
N GLY C 252 5.87 31.18 -27.74
CA GLY C 252 5.62 32.60 -27.90
C GLY C 252 4.13 32.82 -28.11
N LYS C 253 3.33 31.87 -27.65
CA LYS C 253 1.90 31.94 -27.86
C LYS C 253 1.11 32.20 -26.60
N ARG C 254 0.05 32.98 -26.76
CA ARG C 254 -0.86 33.29 -25.68
C ARG C 254 -1.87 32.17 -25.58
N PRO C 255 -2.44 31.89 -24.43
CA PRO C 255 -3.41 30.85 -24.16
C PRO C 255 -4.50 30.81 -25.21
N VAL C 256 -5.03 31.98 -25.58
CA VAL C 256 -6.06 32.06 -26.60
C VAL C 256 -5.60 31.57 -27.97
N GLU C 257 -4.31 31.62 -28.22
CA GLU C 257 -3.73 31.22 -29.48
C GLU C 257 -3.53 29.71 -29.54
N LEU C 258 -3.79 29.03 -28.42
CA LEU C 258 -3.71 27.59 -28.33
C LEU C 258 -5.10 27.00 -28.50
N VAL C 259 -6.08 27.87 -28.70
CA VAL C 259 -7.47 27.46 -28.77
C VAL C 259 -8.07 27.67 -30.15
N PRO C 260 -8.75 26.67 -30.70
CA PRO C 260 -9.52 26.71 -31.94
C PRO C 260 -10.54 27.83 -31.83
N PRO C 261 -10.50 28.82 -32.72
CA PRO C 261 -11.32 30.03 -32.79
C PRO C 261 -12.82 29.78 -32.66
N GLU C 262 -13.27 28.66 -33.21
CA GLU C 262 -14.68 28.30 -33.16
C GLU C 262 -15.18 27.82 -31.79
N SER C 263 -14.26 27.50 -30.87
CA SER C 263 -14.66 27.00 -29.56
C SER C 263 -15.09 28.13 -28.62
N PRO C 264 -15.86 27.80 -27.56
CA PRO C 264 -16.39 28.67 -26.50
C PRO C 264 -15.32 29.52 -25.81
N LEU C 265 -14.10 29.02 -25.75
CA LEU C 265 -13.06 29.77 -25.08
C LEU C 265 -12.66 31.02 -25.82
N ALA C 266 -12.91 31.10 -27.12
CA ALA C 266 -12.49 32.28 -27.84
C ALA C 266 -13.15 33.52 -27.28
N GLN C 267 -14.47 33.50 -27.17
CA GLN C 267 -15.16 34.63 -26.59
C GLN C 267 -14.94 34.72 -25.10
N LEU C 268 -14.61 33.60 -24.46
CA LEU C 268 -14.28 33.65 -23.05
C LEU C 268 -13.05 34.50 -22.85
N PHE C 269 -12.04 34.31 -23.70
CA PHE C 269 -10.85 35.13 -23.62
C PHE C 269 -11.15 36.57 -24.01
N LEU C 270 -12.00 36.77 -25.01
CA LEU C 270 -12.35 38.14 -25.44
C LEU C 270 -12.90 38.98 -24.32
N GLU C 271 -13.69 38.36 -23.45
CA GLU C 271 -14.27 39.07 -22.32
C GLU C 271 -13.22 39.60 -21.36
N ARG C 272 -12.05 38.98 -21.31
CA ARG C 272 -11.02 39.43 -20.38
C ARG C 272 -9.83 40.05 -21.11
N GLU C 273 -10.00 40.46 -22.37
CA GLU C 273 -8.88 41.08 -23.08
C GLU C 273 -8.61 42.50 -22.62
N GLY C 274 -9.65 43.23 -22.20
CA GLY C 274 -9.44 44.60 -21.74
C GLY C 274 -8.93 44.60 -20.31
N PRO C 275 -8.66 45.78 -19.75
CA PRO C 275 -8.21 46.02 -18.40
C PRO C 275 -9.24 45.47 -17.43
N PRO C 276 -8.81 44.95 -16.29
CA PRO C 276 -9.59 44.39 -15.21
C PRO C 276 -10.31 45.48 -14.46
N SER C 277 -11.35 45.10 -13.71
CA SER C 277 -12.08 46.07 -12.92
C SER C 277 -11.22 46.51 -11.77
N LEU C 278 -11.57 47.65 -11.20
CA LEU C 278 -10.80 48.16 -10.08
C LEU C 278 -10.98 47.23 -8.92
N MET C 279 -12.21 46.76 -8.69
CA MET C 279 -12.44 45.83 -7.60
C MET C 279 -11.61 44.59 -7.77
N GLN C 280 -11.48 44.11 -9.01
CA GLN C 280 -10.65 42.95 -9.25
C GLN C 280 -9.24 43.23 -8.81
N LEU C 281 -8.71 44.36 -9.22
CA LEU C 281 -7.37 44.75 -8.88
C LEU C 281 -7.18 44.90 -7.39
N CYS C 282 -8.18 45.47 -6.74
CA CYS C 282 -8.14 45.69 -5.33
C CYS C 282 -8.06 44.37 -4.62
N ARG C 283 -8.95 43.47 -4.99
CA ARG C 283 -8.97 42.16 -4.40
C ARG C 283 -7.66 41.45 -4.57
N LEU C 284 -7.06 41.56 -5.74
CA LEU C 284 -5.80 40.90 -5.96
C LEU C 284 -4.74 41.47 -5.03
N ARG C 285 -4.74 42.77 -4.83
CA ARG C 285 -3.76 43.38 -3.94
C ARG C 285 -3.98 42.96 -2.51
N ILE C 286 -5.24 42.90 -2.10
CA ILE C 286 -5.57 42.50 -0.74
C ILE C 286 -5.14 41.08 -0.49
N ARG C 287 -5.42 40.21 -1.45
CA ARG C 287 -5.07 38.81 -1.33
C ARG C 287 -3.58 38.63 -1.13
N LYS C 288 -2.79 39.43 -1.84
CA LYS C 288 -1.34 39.38 -1.73
C LYS C 288 -0.81 39.68 -0.33
N CYS C 289 -1.61 40.30 0.52
CA CYS C 289 -1.17 40.61 1.87
C CYS C 289 -1.25 39.41 2.79
N PHE C 290 -1.92 38.36 2.38
CA PHE C 290 -2.06 37.19 3.22
C PHE C 290 -1.18 36.06 2.69
N GLY C 291 -0.66 35.24 3.59
CA GLY C 291 0.19 34.13 3.22
C GLY C 291 -0.62 32.91 2.79
N ILE C 292 0.05 31.77 2.70
CA ILE C 292 -0.63 30.57 2.24
C ILE C 292 -1.51 30.03 3.34
N GLN C 293 -2.79 29.87 2.99
CA GLN C 293 -3.85 29.45 3.92
C GLN C 293 -4.08 30.47 5.04
N GLN C 294 -3.65 31.72 4.85
CA GLN C 294 -3.84 32.73 5.85
C GLN C 294 -5.02 33.59 5.56
N HIS C 295 -5.77 33.21 4.54
CA HIS C 295 -6.89 33.98 4.07
C HIS C 295 -8.07 33.96 5.02
N HIS C 296 -8.03 33.10 6.03
CA HIS C 296 -9.06 33.10 7.04
C HIS C 296 -9.03 34.41 7.83
N LYS C 297 -7.89 35.10 7.82
CA LYS C 297 -7.75 36.35 8.53
C LYS C 297 -8.47 37.49 7.84
N ILE C 298 -8.91 37.28 6.60
CA ILE C 298 -9.71 38.26 5.88
C ILE C 298 -10.98 38.57 6.64
N THR C 299 -11.48 37.58 7.38
CA THR C 299 -12.70 37.76 8.14
C THR C 299 -12.58 38.80 9.24
N LYS C 300 -11.36 39.16 9.62
CA LYS C 300 -11.14 40.16 10.65
C LYS C 300 -11.01 41.57 10.09
N LEU C 301 -11.12 41.73 8.77
CA LEU C 301 -11.03 43.06 8.20
C LEU C 301 -12.28 43.86 8.47
N VAL C 302 -12.09 45.14 8.76
CA VAL C 302 -13.19 46.03 9.05
C VAL C 302 -13.91 46.47 7.80
N LEU C 303 -14.75 45.59 7.28
CA LEU C 303 -15.48 45.87 6.06
C LEU C 303 -16.74 45.02 5.96
N PRO C 304 -17.69 45.37 5.08
CA PRO C 304 -18.97 44.72 4.82
C PRO C 304 -18.80 43.26 4.46
N GLU C 305 -19.75 42.46 4.90
CA GLU C 305 -19.71 41.02 4.68
C GLU C 305 -19.76 40.67 3.21
N ASP C 306 -20.43 41.49 2.42
CA ASP C 306 -20.50 41.25 1.00
C ASP C 306 -19.10 41.26 0.40
N LEU C 307 -18.31 42.25 0.79
CA LEU C 307 -16.96 42.35 0.31
C LEU C 307 -16.07 41.33 0.97
N LYS C 308 -16.39 40.96 2.20
CA LYS C 308 -15.62 39.95 2.88
C LYS C 308 -15.69 38.66 2.10
N GLN C 309 -16.90 38.31 1.66
CA GLN C 309 -17.08 37.11 0.86
C GLN C 309 -16.43 37.28 -0.50
N PHE C 310 -16.52 38.48 -1.05
CA PHE C 310 -15.89 38.78 -2.33
C PHE C 310 -14.40 38.48 -2.26
N LEU C 311 -13.76 38.87 -1.16
CA LEU C 311 -12.34 38.61 -1.00
C LEU C 311 -12.07 37.14 -0.73
N LEU C 312 -12.87 36.54 0.12
CA LEU C 312 -12.68 35.14 0.48
C LEU C 312 -12.87 34.19 -0.69
N HIS C 313 -13.79 34.50 -1.57
CA HIS C 313 -14.06 33.62 -2.68
C HIS C 313 -13.43 34.05 -3.99
N LEU C 314 -12.39 34.90 -3.93
CA LEU C 314 -11.65 35.35 -5.11
C LEU C 314 -11.98 34.62 -6.40
N TYR D 3 -16.09 67.93 -19.50
CA TYR D 3 -15.52 67.57 -18.20
C TYR D 3 -16.53 67.70 -17.08
N VAL D 4 -16.39 66.86 -16.06
CA VAL D 4 -17.27 66.85 -14.90
C VAL D 4 -16.49 66.99 -13.61
N LYS D 5 -16.93 67.89 -12.73
CA LYS D 5 -16.27 68.07 -11.44
C LYS D 5 -16.80 67.09 -10.41
N LEU D 6 -15.90 66.34 -9.79
CA LEU D 6 -16.30 65.45 -8.74
C LEU D 6 -15.83 66.02 -7.41
N ILE D 7 -16.67 65.93 -6.38
CA ILE D 7 -16.29 66.47 -5.08
C ILE D 7 -16.05 65.37 -4.06
N SER D 8 -14.89 65.43 -3.38
CA SER D 8 -14.57 64.43 -2.37
C SER D 8 -15.25 64.78 -1.06
N SER D 9 -15.20 63.88 -0.09
CA SER D 9 -15.77 64.17 1.23
C SER D 9 -14.98 65.24 1.96
N ASP D 10 -13.78 65.53 1.47
CA ASP D 10 -12.91 66.45 2.12
C ASP D 10 -12.92 67.80 1.40
N GLY D 11 -13.78 67.93 0.38
CA GLY D 11 -13.92 69.18 -0.34
C GLY D 11 -12.95 69.36 -1.50
N HIS D 12 -12.34 68.29 -1.98
CA HIS D 12 -11.45 68.46 -3.10
C HIS D 12 -12.20 68.40 -4.40
N GLU D 13 -11.71 69.12 -5.39
CA GLU D 13 -12.35 69.16 -6.69
C GLU D 13 -11.58 68.33 -7.70
N PHE D 14 -12.27 67.51 -8.45
CA PHE D 14 -11.61 66.75 -9.49
C PHE D 14 -12.25 66.99 -10.81
N ILE D 15 -11.53 67.62 -11.71
CA ILE D 15 -12.05 67.85 -13.02
C ILE D 15 -11.67 66.67 -13.86
N VAL D 16 -12.67 65.89 -14.25
CA VAL D 16 -12.43 64.66 -14.97
C VAL D 16 -13.15 64.64 -16.28
N LYS D 17 -12.47 64.24 -17.32
CA LYS D 17 -13.14 64.17 -18.59
C LYS D 17 -14.30 63.23 -18.44
N ARG D 18 -15.49 63.73 -18.76
CA ARG D 18 -16.73 62.98 -18.60
C ARG D 18 -16.66 61.59 -19.15
N GLU D 19 -16.02 61.44 -20.29
CA GLU D 19 -15.95 60.17 -20.96
C GLU D 19 -15.17 59.15 -20.14
N HIS D 20 -14.21 59.61 -19.36
CA HIS D 20 -13.47 58.70 -18.50
C HIS D 20 -14.35 58.38 -17.29
N ALA D 21 -15.08 59.39 -16.83
CA ALA D 21 -15.96 59.25 -15.68
C ALA D 21 -16.99 58.18 -15.93
N LEU D 22 -17.47 58.08 -17.18
CA LEU D 22 -18.44 57.06 -17.56
C LEU D 22 -17.97 55.60 -17.38
N THR D 23 -16.74 55.39 -16.92
CA THR D 23 -16.25 54.07 -16.56
C THR D 23 -17.11 53.47 -15.46
N SER D 24 -17.46 54.31 -14.49
CA SER D 24 -18.25 53.91 -13.35
C SER D 24 -19.71 53.69 -13.67
N GLY D 25 -20.22 52.54 -13.24
CA GLY D 25 -21.63 52.25 -13.46
C GLY D 25 -22.49 53.24 -12.70
N THR D 26 -22.06 53.59 -11.50
CA THR D 26 -22.78 54.55 -10.69
C THR D 26 -22.80 55.90 -11.37
N ILE D 27 -21.65 56.34 -11.87
CA ILE D 27 -21.64 57.62 -12.57
C ILE D 27 -22.51 57.58 -13.81
N LYS D 28 -22.49 56.48 -14.56
CA LYS D 28 -23.37 56.37 -15.70
C LYS D 28 -24.82 56.51 -15.26
N ALA D 29 -25.16 55.92 -14.12
CA ALA D 29 -26.50 56.05 -13.55
C ALA D 29 -26.79 57.50 -13.20
N MET D 30 -25.75 58.25 -12.81
CA MET D 30 -25.86 59.67 -12.48
C MET D 30 -25.95 60.59 -13.70
N LEU D 31 -26.02 60.02 -14.91
CA LEU D 31 -26.14 60.83 -16.11
C LEU D 31 -27.22 60.28 -17.03
N GLU D 44 -22.09 68.10 -12.37
CA GLU D 44 -21.10 67.84 -11.33
C GLU D 44 -21.65 66.87 -10.30
N VAL D 45 -20.78 66.07 -9.67
CA VAL D 45 -21.25 65.10 -8.67
C VAL D 45 -20.45 65.17 -7.39
N ASN D 46 -21.15 65.25 -6.27
CA ASN D 46 -20.53 65.32 -4.97
C ASN D 46 -20.55 63.98 -4.27
N PHE D 47 -19.40 63.32 -4.21
CA PHE D 47 -19.29 62.04 -3.52
C PHE D 47 -18.84 62.20 -2.09
N ARG D 48 -19.73 62.66 -1.21
CA ARG D 48 -19.41 62.83 0.20
C ARG D 48 -19.10 61.50 0.90
N GLU D 49 -19.51 60.41 0.26
CA GLU D 49 -19.24 59.06 0.74
C GLU D 49 -17.78 58.63 0.54
N ILE D 50 -17.06 59.32 -0.34
CA ILE D 50 -15.70 58.92 -0.69
C ILE D 50 -14.66 59.99 -0.31
N PRO D 51 -13.67 59.65 0.51
CA PRO D 51 -12.59 60.51 0.99
C PRO D 51 -11.61 60.83 -0.11
N SER D 52 -10.93 61.96 0.04
CA SER D 52 -9.95 62.44 -0.92
C SER D 52 -8.76 61.54 -0.99
N HIS D 53 -8.57 60.74 0.03
CA HIS D 53 -7.49 59.80 0.05
C HIS D 53 -7.57 58.81 -1.11
N VAL D 54 -8.79 58.48 -1.54
CA VAL D 54 -8.90 57.52 -2.63
C VAL D 54 -9.66 58.02 -3.85
N LEU D 55 -10.42 59.11 -3.73
CA LEU D 55 -11.17 59.54 -4.91
C LEU D 55 -10.28 59.85 -6.09
N SER D 56 -9.17 60.52 -5.83
CA SER D 56 -8.25 60.85 -6.89
C SER D 56 -7.69 59.59 -7.56
N LYS D 57 -7.59 58.52 -6.78
CA LYS D 57 -7.05 57.27 -7.25
C LYS D 57 -8.01 56.67 -8.23
N VAL D 58 -9.30 56.74 -7.90
CA VAL D 58 -10.33 56.22 -8.76
C VAL D 58 -10.32 56.93 -10.09
N CYS D 59 -10.15 58.24 -10.05
CA CYS D 59 -10.05 58.99 -11.28
C CYS D 59 -8.93 58.49 -12.14
N MET D 60 -7.76 58.33 -11.54
CA MET D 60 -6.60 57.86 -12.27
C MET D 60 -6.96 56.55 -12.97
N TYR D 61 -7.59 55.64 -12.25
CA TYR D 61 -8.07 54.39 -12.82
C TYR D 61 -8.95 54.62 -14.02
N PHE D 62 -9.84 55.60 -13.97
CA PHE D 62 -10.72 55.85 -15.11
C PHE D 62 -9.91 56.08 -16.36
N THR D 63 -8.87 56.89 -16.24
CA THR D 63 -8.01 57.15 -17.39
C THR D 63 -7.30 55.90 -17.84
N TYR D 64 -6.75 55.17 -16.87
CA TYR D 64 -6.03 53.94 -17.13
C TYR D 64 -6.82 52.95 -17.96
N LYS D 65 -8.04 52.69 -17.54
CA LYS D 65 -8.85 51.75 -18.26
C LYS D 65 -9.16 52.24 -19.66
N VAL D 66 -9.47 53.52 -19.79
CA VAL D 66 -9.76 54.05 -21.10
C VAL D 66 -8.56 53.96 -22.02
N ARG D 67 -7.40 54.31 -21.50
CA ARG D 67 -6.20 54.32 -22.32
C ARG D 67 -5.83 52.98 -22.89
N TYR D 68 -5.99 51.92 -22.11
CA TYR D 68 -5.60 50.62 -22.61
C TYR D 68 -6.76 49.74 -22.95
N THR D 69 -7.89 50.32 -23.34
CA THR D 69 -9.06 49.53 -23.70
C THR D 69 -8.82 48.69 -24.96
N ASN D 70 -8.23 49.28 -25.99
CA ASN D 70 -7.98 48.56 -27.24
C ASN D 70 -6.57 48.76 -27.77
N SER D 71 -5.57 48.15 -27.12
CA SER D 71 -4.18 48.31 -27.56
C SER D 71 -3.22 47.31 -26.93
N GLU D 74 -1.09 45.43 -25.42
CA GLU D 74 -0.35 45.49 -24.15
C GLU D 74 -0.98 46.38 -23.11
N ILE D 75 -1.17 45.83 -21.91
CA ILE D 75 -1.73 46.59 -20.80
C ILE D 75 -0.78 46.51 -19.60
N PRO D 76 -0.29 47.62 -19.08
CA PRO D 76 0.58 47.76 -17.91
C PRO D 76 -0.21 47.57 -16.64
N GLU D 77 0.47 47.33 -15.54
CA GLU D 77 -0.21 47.12 -14.27
C GLU D 77 -0.57 48.39 -13.52
N PHE D 78 -1.81 48.48 -13.09
CA PHE D 78 -2.30 49.59 -12.29
C PHE D 78 -1.67 49.55 -10.90
N PRO D 79 -1.09 50.63 -10.43
CA PRO D 79 -0.44 50.77 -9.13
C PRO D 79 -1.47 50.86 -8.03
N ILE D 80 -1.15 50.30 -6.87
CA ILE D 80 -2.05 50.30 -5.72
C ILE D 80 -1.29 50.01 -4.43
N ALA D 81 -1.68 50.65 -3.34
CA ALA D 81 -1.03 50.43 -2.06
C ALA D 81 -2.01 49.85 -1.04
N PRO D 82 -1.54 49.06 -0.07
CA PRO D 82 -2.29 48.47 1.03
C PRO D 82 -3.10 49.51 1.76
N GLU D 83 -2.52 50.69 1.91
CA GLU D 83 -3.15 51.83 2.57
C GLU D 83 -4.44 52.27 1.94
N ILE D 84 -4.64 51.97 0.67
CA ILE D 84 -5.85 52.35 0.00
C ILE D 84 -6.64 51.16 -0.45
N ALA D 85 -6.01 49.99 -0.47
CA ALA D 85 -6.64 48.80 -0.98
C ALA D 85 -8.03 48.55 -0.39
N LEU D 86 -8.19 48.72 0.90
CA LEU D 86 -9.47 48.42 1.51
C LEU D 86 -10.52 49.47 1.22
N GLU D 87 -10.14 50.73 1.39
CA GLU D 87 -11.09 51.80 1.15
C GLU D 87 -11.41 51.91 -0.31
N LEU D 88 -10.41 51.70 -1.14
CA LEU D 88 -10.57 51.79 -2.56
C LEU D 88 -11.52 50.73 -3.01
N LEU D 89 -11.36 49.51 -2.49
CA LEU D 89 -12.29 48.45 -2.82
C LEU D 89 -13.70 48.89 -2.55
N MET D 90 -13.92 49.42 -1.36
CA MET D 90 -15.24 49.86 -0.97
C MET D 90 -15.75 50.96 -1.89
N ALA D 91 -14.87 51.89 -2.25
CA ALA D 91 -15.24 52.98 -3.13
C ALA D 91 -15.61 52.44 -4.49
N ALA D 92 -14.85 51.47 -4.96
CA ALA D 92 -15.11 50.86 -6.25
C ALA D 92 -16.43 50.15 -6.21
N ASN D 93 -16.72 49.49 -5.10
CA ASN D 93 -17.99 48.82 -4.94
C ASN D 93 -19.10 49.84 -5.07
N PHE D 94 -18.96 50.94 -4.34
CA PHE D 94 -19.94 52.02 -4.39
C PHE D 94 -20.13 52.56 -5.81
N LEU D 95 -19.03 52.76 -6.50
CA LEU D 95 -19.07 53.28 -7.85
C LEU D 95 -19.35 52.27 -8.93
N ASP D 96 -19.60 51.01 -8.56
CA ASP D 96 -19.82 49.97 -9.55
C ASP D 96 -18.65 49.88 -10.53
N CYS D 97 -17.47 49.57 -9.98
CA CYS D 97 -16.25 49.41 -10.76
C CYS D 97 -15.44 48.19 -10.31
N ASP E 2 1.72 60.57 -25.87
CA ASP E 2 0.79 61.40 -25.10
C ASP E 2 1.30 61.66 -23.69
N VAL E 3 0.91 62.81 -23.15
CA VAL E 3 1.31 63.26 -21.83
C VAL E 3 0.10 63.34 -20.92
N PHE E 4 0.15 62.67 -19.78
CA PHE E 4 -0.96 62.65 -18.84
C PHE E 4 -0.66 63.53 -17.64
N LEU E 5 -1.28 64.69 -17.56
CA LEU E 5 -0.99 65.61 -16.47
C LEU E 5 -2.11 65.75 -15.49
N MET E 6 -1.73 66.04 -14.26
CA MET E 6 -2.65 66.33 -13.19
C MET E 6 -2.27 67.70 -12.63
N ILE E 7 -3.07 68.71 -12.94
CA ILE E 7 -2.76 70.06 -12.56
C ILE E 7 -3.52 70.47 -11.33
N ARG E 8 -2.80 71.02 -10.34
CA ARG E 8 -3.46 71.35 -9.08
C ARG E 8 -3.22 72.78 -8.55
N ARG E 9 -4.25 73.31 -7.88
CA ARG E 9 -4.26 74.64 -7.26
C ARG E 9 -5.12 74.58 -6.00
N HIS E 10 -4.52 74.74 -4.81
CA HIS E 10 -5.29 74.60 -3.57
C HIS E 10 -5.97 73.24 -3.57
N LYS E 11 -7.29 73.19 -3.53
CA LYS E 11 -7.97 71.90 -3.60
C LYS E 11 -8.49 71.57 -4.99
N THR E 12 -8.16 72.41 -5.97
CA THR E 12 -8.60 72.19 -7.33
C THR E 12 -7.64 71.27 -8.06
N THR E 13 -8.16 70.16 -8.57
CA THR E 13 -7.35 69.20 -9.32
C THR E 13 -8.00 68.90 -10.69
N ILE E 14 -7.18 68.83 -11.75
CA ILE E 14 -7.67 68.51 -13.08
C ILE E 14 -6.80 67.55 -13.83
N PHE E 15 -7.43 66.59 -14.50
CA PHE E 15 -6.73 65.58 -15.29
C PHE E 15 -6.87 65.85 -16.78
N THR E 16 -5.75 65.91 -17.49
CA THR E 16 -5.81 66.17 -18.91
C THR E 16 -4.65 65.57 -19.70
N ASP E 17 -4.95 65.20 -20.94
CA ASP E 17 -3.97 64.65 -21.84
C ASP E 17 -3.41 65.71 -22.76
N ALA E 18 -2.18 65.52 -23.23
CA ALA E 18 -1.55 66.48 -24.13
C ALA E 18 -0.50 65.81 -25.00
N LYS E 19 0.02 66.56 -25.98
CA LYS E 19 1.08 66.04 -26.84
C LYS E 19 2.43 66.51 -26.34
N GLU E 20 3.46 65.69 -26.50
CA GLU E 20 4.80 66.08 -26.05
C GLU E 20 5.28 67.35 -26.72
N SER E 21 4.82 67.55 -27.96
CA SER E 21 5.15 68.71 -28.78
C SER E 21 4.33 69.95 -28.45
N SER E 22 3.26 69.79 -27.69
CA SER E 22 2.46 70.94 -27.33
C SER E 22 3.20 71.70 -26.27
N THR E 23 2.90 72.99 -26.14
CA THR E 23 3.62 73.79 -25.19
C THR E 23 2.76 74.22 -24.05
N VAL E 24 3.43 74.76 -23.05
CA VAL E 24 2.84 75.31 -21.86
C VAL E 24 1.75 76.31 -22.19
N PHE E 25 1.97 77.10 -23.24
CA PHE E 25 0.95 78.04 -23.70
C PHE E 25 -0.37 77.34 -24.03
N GLU E 26 -0.33 76.28 -24.82
CA GLU E 26 -1.56 75.57 -25.14
C GLU E 26 -2.12 74.92 -23.90
N LEU E 27 -1.24 74.44 -23.03
CA LEU E 27 -1.66 73.83 -21.78
C LEU E 27 -2.46 74.85 -20.98
N LYS E 28 -2.01 76.10 -20.96
CA LYS E 28 -2.77 77.16 -20.32
C LYS E 28 -4.13 77.32 -20.97
N ARG E 29 -4.18 77.23 -22.29
CA ARG E 29 -5.47 77.34 -22.95
C ARG E 29 -6.36 76.18 -22.57
N ILE E 30 -5.77 75.01 -22.35
CA ILE E 30 -6.53 73.87 -21.89
C ILE E 30 -7.12 74.17 -20.53
N VAL E 31 -6.33 74.76 -19.65
CA VAL E 31 -6.84 75.13 -18.35
C VAL E 31 -7.97 76.15 -18.43
N GLU E 32 -7.79 77.19 -19.25
CA GLU E 32 -8.82 78.22 -19.41
C GLU E 32 -10.16 77.64 -19.82
N GLY E 33 -10.15 76.67 -20.72
CA GLY E 33 -11.38 76.03 -21.17
C GLY E 33 -12.26 75.53 -20.01
N ILE E 34 -11.64 75.24 -18.86
CA ILE E 34 -12.36 74.77 -17.69
C ILE E 34 -12.57 75.84 -16.65
N LEU E 35 -11.51 76.53 -16.28
CA LEU E 35 -11.60 77.49 -15.20
C LEU E 35 -11.88 78.92 -15.64
N LYS E 36 -11.92 79.15 -16.94
CA LYS E 36 -12.25 80.45 -17.53
C LYS E 36 -11.34 81.57 -17.05
N ARG E 37 -10.04 81.29 -17.01
CA ARG E 37 -9.02 82.23 -16.60
C ARG E 37 -7.94 82.28 -17.68
N PRO E 38 -8.03 83.21 -18.63
CA PRO E 38 -7.12 83.41 -19.77
C PRO E 38 -5.68 83.21 -19.39
N PRO E 39 -4.85 82.67 -20.31
CA PRO E 39 -3.45 82.28 -20.17
C PRO E 39 -2.56 83.31 -19.50
N ASP E 40 -2.78 84.60 -19.76
CA ASP E 40 -1.96 85.61 -19.11
C ASP E 40 -2.22 85.68 -17.60
N GLU E 41 -3.35 85.14 -17.16
CA GLU E 41 -3.71 85.09 -15.77
C GLU E 41 -3.34 83.75 -15.15
N GLN E 42 -2.64 82.90 -15.90
CA GLN E 42 -2.29 81.60 -15.38
C GLN E 42 -0.82 81.49 -15.08
N ARG E 43 -0.52 80.72 -14.05
CA ARG E 43 0.86 80.47 -13.68
C ARG E 43 1.06 78.98 -13.51
N LEU E 44 1.39 78.30 -14.59
CA LEU E 44 1.65 76.88 -14.50
C LEU E 44 3.03 76.71 -14.00
N TYR E 45 3.26 75.71 -13.17
CA TYR E 45 4.60 75.52 -12.69
C TYR E 45 4.90 74.07 -12.36
N LYS E 46 6.17 73.71 -12.41
CA LYS E 46 6.62 72.38 -12.08
C LYS E 46 7.34 72.44 -10.78
N ASP E 47 6.88 71.70 -9.79
CA ASP E 47 7.53 71.74 -8.49
C ASP E 47 7.36 73.16 -7.94
N ASP E 48 8.37 74.00 -8.10
CA ASP E 48 8.28 75.40 -7.69
C ASP E 48 8.82 76.31 -8.80
N GLN E 49 9.00 75.74 -9.99
CA GLN E 49 9.53 76.43 -11.13
C GLN E 49 8.46 76.82 -12.11
N LEU E 50 8.28 78.13 -12.27
CA LEU E 50 7.27 78.61 -13.17
C LEU E 50 7.61 78.15 -14.57
N LEU E 51 6.60 77.60 -15.26
CA LEU E 51 6.78 77.10 -16.61
C LEU E 51 6.71 78.17 -17.67
N ASP E 52 7.56 78.00 -18.68
CA ASP E 52 7.68 78.88 -19.83
C ASP E 52 6.75 78.50 -20.96
N ASP E 53 5.84 79.41 -21.30
CA ASP E 53 4.88 79.21 -22.37
C ASP E 53 5.48 78.71 -23.68
N GLY E 54 6.73 79.10 -23.97
CA GLY E 54 7.42 78.72 -25.20
C GLY E 54 8.14 77.37 -25.14
N LYS E 55 8.02 76.64 -24.03
CA LYS E 55 8.64 75.32 -23.94
C LYS E 55 7.61 74.23 -24.12
N THR E 56 8.03 73.15 -24.76
CA THR E 56 7.15 72.02 -24.96
C THR E 56 7.12 71.20 -23.72
N LEU E 57 6.15 70.31 -23.62
CA LEU E 57 6.11 69.44 -22.45
C LEU E 57 7.34 68.57 -22.38
N GLY E 58 7.79 68.09 -23.54
CA GLY E 58 9.03 67.33 -23.62
C GLY E 58 10.19 68.19 -23.13
N GLU E 59 10.23 69.45 -23.55
CA GLU E 59 11.27 70.40 -23.14
C GLU E 59 11.26 70.62 -21.63
N CYS E 60 10.07 70.62 -21.04
CA CYS E 60 9.94 70.84 -19.62
C CYS E 60 10.15 69.57 -18.76
N GLY E 61 10.57 68.46 -19.38
CA GLY E 61 10.85 67.25 -18.62
C GLY E 61 9.66 66.32 -18.43
N PHE E 62 8.60 66.50 -19.22
CA PHE E 62 7.45 65.62 -19.08
C PHE E 62 7.47 64.62 -20.21
N THR E 63 7.13 63.37 -19.90
CA THR E 63 7.14 62.36 -20.92
C THR E 63 6.34 61.11 -20.60
N SER E 64 6.41 60.14 -21.51
CA SER E 64 5.69 58.87 -21.40
C SER E 64 6.18 58.01 -20.26
N GLN E 65 7.37 58.31 -19.78
CA GLN E 65 7.97 57.59 -18.69
C GLN E 65 7.66 58.23 -17.34
N THR E 66 6.97 59.37 -17.35
CA THR E 66 6.62 60.07 -16.12
C THR E 66 5.14 60.29 -16.05
N ALA E 67 4.67 61.11 -16.97
CA ALA E 67 3.28 61.52 -17.06
C ALA E 67 2.45 60.42 -17.69
N ARG E 68 2.19 59.36 -16.93
CA ARG E 68 1.49 58.19 -17.44
C ARG E 68 0.01 58.11 -17.11
N PRO E 69 -0.70 57.17 -17.73
CA PRO E 69 -2.08 56.79 -17.47
C PRO E 69 -2.11 55.91 -16.23
N GLN E 70 -0.96 55.35 -15.88
CA GLN E 70 -0.78 54.60 -14.65
C GLN E 70 -0.70 55.56 -13.49
N ALA E 71 -0.23 56.77 -13.76
CA ALA E 71 -0.03 57.80 -12.76
C ALA E 71 0.56 59.03 -13.45
N PRO E 72 -0.24 60.09 -13.61
CA PRO E 72 0.04 61.34 -14.30
C PRO E 72 1.02 62.18 -13.52
N ALA E 73 1.63 63.14 -14.21
CA ALA E 73 2.61 64.01 -13.58
C ALA E 73 1.91 65.15 -12.89
N THR E 74 2.44 65.58 -11.75
CA THR E 74 1.84 66.66 -11.01
C THR E 74 2.39 68.01 -11.42
N VAL E 75 1.50 68.88 -11.86
CA VAL E 75 1.84 70.22 -12.30
C VAL E 75 1.06 71.23 -11.47
N GLY E 76 1.73 72.26 -11.01
CA GLY E 76 1.04 73.23 -10.20
C GLY E 76 0.40 74.34 -11.04
N LEU E 77 -0.57 75.00 -10.43
CA LEU E 77 -1.30 76.11 -11.04
C LEU E 77 -1.64 77.19 -10.04
N ALA E 78 -1.36 78.43 -10.44
CA ALA E 78 -1.71 79.57 -9.64
C ALA E 78 -2.24 80.66 -10.55
N PHE E 79 -3.06 81.55 -10.02
CA PHE E 79 -3.63 82.57 -10.89
C PHE E 79 -3.13 83.96 -10.60
N ARG E 80 -3.22 84.82 -11.62
CA ARG E 80 -2.80 86.19 -11.46
C ARG E 80 -3.71 86.90 -10.49
N ALA E 81 -3.09 87.68 -9.65
CA ALA E 81 -3.71 88.45 -8.61
C ALA E 81 -3.28 89.89 -8.77
N ASP E 82 -3.86 90.57 -9.76
CA ASP E 82 -3.52 91.94 -10.06
C ASP E 82 -2.08 91.98 -10.58
N ASP E 83 -1.25 92.82 -9.96
CA ASP E 83 0.13 92.93 -10.38
C ASP E 83 0.97 91.71 -10.02
N THR E 84 0.45 90.86 -9.13
CA THR E 84 1.15 89.66 -8.70
C THR E 84 0.36 88.42 -9.05
N PHE E 85 0.63 87.34 -8.34
CA PHE E 85 -0.08 86.09 -8.55
C PHE E 85 -0.11 85.26 -7.28
N GLU E 86 -1.05 84.34 -7.24
CA GLU E 86 -1.34 83.51 -6.09
C GLU E 86 -0.17 82.68 -5.62
N ALA E 87 -0.14 82.44 -4.31
CA ALA E 87 0.89 81.62 -3.71
C ALA E 87 0.91 80.28 -4.37
N LEU E 88 2.10 79.76 -4.63
CA LEU E 88 2.25 78.51 -5.34
C LEU E 88 2.10 77.33 -4.39
N CYS E 89 0.90 77.15 -3.86
CA CYS E 89 0.62 76.10 -2.90
C CYS E 89 -0.51 75.17 -3.34
N ILE E 90 -0.36 73.91 -3.01
CA ILE E 90 -1.35 72.89 -3.35
C ILE E 90 -1.75 72.13 -2.10
N GLU E 91 -3.06 72.04 -1.86
CA GLU E 91 -3.59 71.35 -0.69
C GLU E 91 -3.56 69.84 -0.88
N PRO E 92 -2.82 69.10 -0.04
CA PRO E 92 -2.68 67.66 -0.02
C PRO E 92 -4.01 66.97 0.18
N PHE E 93 -4.10 65.74 -0.30
CA PHE E 93 -5.26 64.90 -0.10
C PHE E 93 -5.14 64.30 1.28
N SER E 94 -6.21 63.68 1.77
CA SER E 94 -6.18 63.06 3.08
C SER E 94 -5.10 62.02 3.23
N SER E 95 -4.54 61.96 4.43
CA SER E 95 -3.54 60.99 4.78
C SER E 95 -4.20 59.62 4.85
N PRO E 96 -3.42 58.54 4.79
CA PRO E 96 -3.81 57.13 4.86
C PRO E 96 -4.12 56.69 6.27
N PRO E 97 -5.00 55.69 6.39
CA PRO E 97 -5.40 54.99 7.58
C PRO E 97 -4.33 53.98 7.94
N GLU E 98 -4.28 53.58 9.19
CA GLU E 98 -3.32 52.59 9.62
C GLU E 98 -3.62 51.23 9.01
N LEU E 99 -2.58 50.51 8.63
CA LEU E 99 -2.71 49.18 8.03
C LEU E 99 -3.06 48.14 9.09
N PRO E 100 -4.17 47.40 8.94
CA PRO E 100 -4.64 46.35 9.82
C PRO E 100 -3.60 45.27 9.98
N ASP E 101 -3.49 44.73 11.19
CA ASP E 101 -2.50 43.73 11.54
C ASP E 101 -2.55 42.48 10.67
N VAL E 102 -3.74 42.11 10.21
CA VAL E 102 -3.87 40.94 9.37
C VAL E 102 -3.31 41.15 7.97
N MET E 103 -3.21 42.40 7.52
CA MET E 103 -2.62 42.70 6.23
C MET E 103 -1.19 43.15 6.41
N LYS E 104 -0.87 43.54 7.63
CA LYS E 104 0.46 43.96 8.00
C LYS E 104 1.45 42.83 7.83
N PRO E 105 2.57 43.07 7.12
CA PRO E 105 3.66 42.14 6.85
C PRO E 105 4.16 41.48 8.12
N GLN E 106 4.36 40.17 8.04
CA GLN E 106 4.81 39.38 9.17
C GLN E 106 6.30 39.06 9.07
N SER A 6 -10.59 -39.69 -3.82
CA SER A 6 -10.17 -39.08 -2.57
C SER A 6 -11.13 -37.96 -2.20
N HIS A 7 -10.62 -36.97 -1.48
CA HIS A 7 -11.39 -35.80 -1.12
C HIS A 7 -11.80 -35.03 -2.36
N ASN A 8 -11.09 -35.26 -3.46
CA ASN A 8 -11.43 -34.65 -4.72
C ASN A 8 -12.72 -35.27 -5.26
N ALA A 9 -12.97 -36.54 -4.94
CA ALA A 9 -14.21 -37.18 -5.35
C ALA A 9 -15.34 -36.55 -4.58
N LEU A 10 -15.07 -36.22 -3.33
CA LEU A 10 -16.06 -35.51 -2.54
C LEU A 10 -16.31 -34.13 -3.15
N LYS A 11 -15.27 -33.50 -3.69
CA LYS A 11 -15.45 -32.22 -4.36
C LYS A 11 -16.40 -32.36 -5.53
N LEU A 12 -16.33 -33.51 -6.21
CA LEU A 12 -17.19 -33.78 -7.36
C LEU A 12 -18.64 -34.09 -6.98
N ARG A 13 -18.96 -34.07 -5.69
CA ARG A 13 -20.32 -34.27 -5.25
C ARG A 13 -21.02 -32.91 -5.18
N PHE A 14 -20.26 -31.84 -5.31
CA PHE A 14 -20.83 -30.52 -5.27
C PHE A 14 -20.87 -29.96 -6.67
N PRO A 15 -21.81 -29.06 -6.95
CA PRO A 15 -21.93 -28.27 -8.15
C PRO A 15 -20.66 -27.46 -8.32
N ALA A 16 -20.24 -27.27 -9.55
CA ALA A 16 -19.00 -26.58 -9.84
C ALA A 16 -18.97 -25.19 -9.23
N GLU A 17 -20.09 -24.50 -9.32
CA GLU A 17 -20.19 -23.16 -8.77
C GLU A 17 -20.04 -23.11 -7.26
N ASP A 18 -20.30 -24.23 -6.59
CA ASP A 18 -20.12 -24.26 -5.16
C ASP A 18 -18.65 -24.39 -4.84
N GLU A 19 -17.94 -25.14 -5.67
CA GLU A 19 -16.52 -25.28 -5.51
C GLU A 19 -15.76 -24.09 -6.10
N PHE A 20 -16.36 -23.42 -7.07
CA PHE A 20 -15.73 -22.28 -7.71
C PHE A 20 -15.35 -21.21 -6.70
N PRO A 21 -14.07 -20.89 -6.58
CA PRO A 21 -13.50 -19.92 -5.67
C PRO A 21 -13.85 -18.53 -6.13
N ASP A 22 -14.03 -17.62 -5.18
CA ASP A 22 -14.33 -16.24 -5.51
C ASP A 22 -13.05 -15.44 -5.65
N LEU A 23 -12.68 -15.17 -6.89
CA LEU A 23 -11.45 -14.47 -7.21
C LEU A 23 -11.65 -12.99 -7.48
N SER A 24 -12.82 -12.44 -7.16
CA SER A 24 -13.10 -11.04 -7.47
C SER A 24 -12.22 -10.05 -6.75
N ALA A 25 -11.67 -10.42 -5.61
CA ALA A 25 -10.78 -9.54 -4.87
C ALA A 25 -9.32 -9.76 -5.24
N HIS A 26 -9.07 -10.68 -6.17
CA HIS A 26 -7.71 -11.03 -6.53
C HIS A 26 -7.20 -10.24 -7.69
N ASN A 27 -5.88 -10.10 -7.76
CA ASN A 27 -5.24 -9.34 -8.79
C ASN A 27 -4.04 -10.08 -9.36
N ASN A 28 -4.29 -11.05 -10.21
CA ASN A 28 -3.19 -11.78 -10.83
C ASN A 28 -3.61 -12.34 -12.18
N HIS A 29 -2.66 -12.91 -12.92
CA HIS A 29 -2.95 -13.35 -14.27
C HIS A 29 -3.98 -14.46 -14.30
N MET A 30 -3.86 -15.41 -13.39
CA MET A 30 -4.80 -16.52 -13.33
C MET A 30 -6.20 -16.03 -13.06
N ALA A 31 -6.32 -15.09 -12.14
CA ALA A 31 -7.62 -14.53 -11.76
C ALA A 31 -8.32 -13.94 -12.95
N LYS A 32 -7.57 -13.35 -13.86
CA LYS A 32 -8.20 -12.78 -15.02
C LYS A 32 -8.60 -13.87 -15.99
N VAL A 33 -7.83 -14.94 -16.04
CA VAL A 33 -8.11 -16.05 -16.95
C VAL A 33 -9.20 -17.01 -16.53
N LEU A 34 -9.14 -17.51 -15.30
CA LEU A 34 -10.09 -18.55 -14.87
C LEU A 34 -11.52 -18.09 -14.77
N THR A 35 -12.40 -18.74 -15.52
CA THR A 35 -13.83 -18.43 -15.48
C THR A 35 -14.57 -19.61 -14.89
N PRO A 36 -15.81 -19.44 -14.43
CA PRO A 36 -16.72 -20.44 -13.92
C PRO A 36 -16.91 -21.55 -14.92
N GLU A 37 -16.91 -21.20 -16.19
CA GLU A 37 -17.08 -22.18 -17.24
C GLU A 37 -15.85 -23.07 -17.32
N LEU A 38 -14.68 -22.45 -17.28
CA LEU A 38 -13.46 -23.22 -17.32
C LEU A 38 -13.29 -24.06 -16.10
N TYR A 39 -13.69 -23.53 -14.95
CA TYR A 39 -13.57 -24.28 -13.71
C TYR A 39 -14.43 -25.51 -13.77
N ALA A 40 -15.66 -25.34 -14.22
CA ALA A 40 -16.58 -26.44 -14.32
C ALA A 40 -16.05 -27.55 -15.20
N GLU A 41 -15.41 -27.17 -16.31
CA GLU A 41 -14.86 -28.16 -17.20
C GLU A 41 -13.60 -28.81 -16.68
N LEU A 42 -12.64 -27.99 -16.31
CA LEU A 42 -11.33 -28.47 -15.91
C LEU A 42 -11.28 -29.20 -14.60
N ARG A 43 -12.22 -28.96 -13.69
CA ARG A 43 -12.16 -29.68 -12.42
C ARG A 43 -12.35 -31.17 -12.60
N ALA A 44 -12.90 -31.60 -13.73
CA ALA A 44 -13.12 -33.01 -13.96
C ALA A 44 -11.85 -33.70 -14.47
N LYS A 45 -10.83 -32.93 -14.83
CA LYS A 45 -9.62 -33.52 -15.36
C LYS A 45 -8.52 -33.60 -14.32
N SER A 46 -7.56 -34.47 -14.59
CA SER A 46 -6.42 -34.64 -13.72
C SER A 46 -5.24 -35.19 -14.48
N THR A 47 -4.05 -35.07 -13.92
CA THR A 47 -2.88 -35.58 -14.62
C THR A 47 -2.66 -37.01 -14.23
N PRO A 48 -1.81 -37.70 -14.97
CA PRO A 48 -1.30 -39.04 -14.70
C PRO A 48 -0.54 -39.10 -13.40
N SER A 49 -0.16 -37.96 -12.84
CA SER A 49 0.58 -37.92 -11.61
C SER A 49 -0.24 -37.37 -10.47
N GLY A 50 -1.55 -37.26 -10.66
CA GLY A 50 -2.42 -36.90 -9.55
C GLY A 50 -2.68 -35.41 -9.33
N PHE A 51 -2.59 -34.57 -10.35
CA PHE A 51 -2.93 -33.17 -10.09
C PHE A 51 -4.29 -32.86 -10.54
N THR A 52 -4.86 -31.87 -9.88
CA THR A 52 -6.19 -31.44 -10.18
C THR A 52 -6.23 -29.95 -10.19
N LEU A 53 -7.19 -29.43 -10.92
CA LEU A 53 -7.35 -28.02 -11.12
C LEU A 53 -7.13 -27.20 -9.88
N ASP A 54 -7.69 -27.63 -8.75
CA ASP A 54 -7.53 -26.88 -7.52
C ASP A 54 -6.09 -26.66 -7.11
N ASP A 55 -5.22 -27.65 -7.30
CA ASP A 55 -3.84 -27.43 -6.98
C ASP A 55 -3.21 -26.47 -7.96
N VAL A 56 -3.63 -26.55 -9.21
CA VAL A 56 -3.13 -25.65 -10.22
C VAL A 56 -3.39 -24.21 -9.86
N ILE A 57 -4.58 -23.93 -9.33
CA ILE A 57 -4.96 -22.56 -9.01
C ILE A 57 -4.94 -22.30 -7.52
N GLN A 58 -4.20 -23.10 -6.77
CA GLN A 58 -4.19 -22.98 -5.33
C GLN A 58 -3.56 -21.71 -4.83
N THR A 59 -2.31 -21.47 -5.22
CA THR A 59 -1.62 -20.26 -4.78
C THR A 59 -2.38 -19.02 -5.16
N GLY A 60 -2.93 -19.02 -6.36
CA GLY A 60 -3.73 -17.91 -6.84
C GLY A 60 -4.82 -17.53 -5.87
N VAL A 61 -5.76 -18.44 -5.64
CA VAL A 61 -6.85 -18.11 -4.73
C VAL A 61 -6.39 -17.84 -3.30
N ASP A 62 -5.26 -18.42 -2.91
CA ASP A 62 -4.72 -18.19 -1.58
C ASP A 62 -4.12 -16.82 -1.36
N ASN A 63 -3.88 -16.06 -2.42
CA ASN A 63 -3.30 -14.77 -2.20
C ASN A 63 -3.60 -13.80 -3.33
N PRO A 64 -4.53 -12.86 -3.15
CA PRO A 64 -4.96 -11.82 -4.06
C PRO A 64 -3.79 -11.09 -4.69
N GLY A 65 -2.67 -11.02 -4.00
CA GLY A 65 -1.49 -10.40 -4.54
C GLY A 65 -1.44 -8.93 -4.28
N HIS A 66 -0.43 -8.29 -4.84
CA HIS A 66 -0.24 -6.87 -4.67
C HIS A 66 -1.25 -6.11 -5.51
N PRO A 67 -1.79 -5.01 -5.00
CA PRO A 67 -2.71 -4.10 -5.66
C PRO A 67 -2.16 -3.56 -6.97
N TYR A 68 -0.84 -3.44 -7.07
CA TYR A 68 -0.25 -2.88 -8.27
C TYR A 68 0.68 -3.85 -8.97
N ILE A 69 1.49 -4.57 -8.20
CA ILE A 69 2.39 -5.55 -8.81
C ILE A 69 1.66 -6.84 -9.13
N MET A 70 1.46 -7.12 -10.42
CA MET A 70 0.73 -8.32 -10.79
C MET A 70 1.59 -9.58 -10.81
N THR A 71 1.09 -10.61 -10.15
CA THR A 71 1.77 -11.91 -10.08
C THR A 71 1.06 -12.89 -11.01
N VAL A 72 1.60 -14.09 -11.13
CA VAL A 72 1.01 -15.08 -12.02
C VAL A 72 -0.28 -15.63 -11.47
N GLY A 73 -0.24 -16.11 -10.24
CA GLY A 73 -1.46 -16.62 -9.62
C GLY A 73 -1.72 -18.11 -9.86
N CYS A 74 -0.72 -18.86 -10.27
CA CYS A 74 -0.94 -20.29 -10.43
C CYS A 74 0.37 -21.01 -10.38
N VAL A 75 0.32 -22.34 -10.36
CA VAL A 75 1.54 -23.12 -10.30
C VAL A 75 1.35 -24.44 -11.00
N ALA A 76 2.40 -24.89 -11.67
CA ALA A 76 2.37 -26.13 -12.38
C ALA A 76 2.67 -27.29 -11.49
N GLY A 77 2.27 -28.47 -11.91
CA GLY A 77 2.48 -29.65 -11.10
C GLY A 77 3.47 -30.60 -11.70
N ASP A 78 3.34 -30.82 -12.99
CA ASP A 78 4.18 -31.76 -13.67
C ASP A 78 4.23 -31.41 -15.12
N GLU A 79 5.05 -32.11 -15.88
CA GLU A 79 5.13 -31.85 -17.30
C GLU A 79 3.77 -31.97 -17.93
N GLU A 80 3.08 -33.06 -17.62
CA GLU A 80 1.76 -33.32 -18.13
C GLU A 80 0.73 -32.28 -17.76
N SER A 81 0.95 -31.53 -16.66
CA SER A 81 -0.03 -30.55 -16.24
C SER A 81 -0.10 -29.39 -17.21
N TYR A 82 0.91 -29.23 -18.07
CA TYR A 82 0.86 -28.17 -19.06
C TYR A 82 0.07 -28.58 -20.27
N GLU A 83 -0.39 -29.83 -20.31
CA GLU A 83 -1.25 -30.30 -21.36
C GLU A 83 -2.64 -30.46 -20.83
N VAL A 84 -2.75 -31.09 -19.68
CA VAL A 84 -4.04 -31.35 -19.08
C VAL A 84 -4.77 -30.07 -18.74
N PHE A 85 -4.05 -29.07 -18.26
CA PHE A 85 -4.69 -27.82 -17.92
C PHE A 85 -4.27 -26.70 -18.86
N LYS A 86 -3.98 -27.04 -20.11
CA LYS A 86 -3.57 -26.04 -21.09
C LYS A 86 -4.65 -25.01 -21.36
N ASP A 87 -5.89 -25.32 -21.04
CA ASP A 87 -6.95 -24.36 -21.24
C ASP A 87 -6.79 -23.13 -20.35
N LEU A 88 -5.99 -23.24 -19.28
CA LEU A 88 -5.67 -22.07 -18.50
C LEU A 88 -4.29 -21.59 -18.84
N PHE A 89 -3.36 -22.53 -18.98
CA PHE A 89 -2.01 -22.14 -19.23
C PHE A 89 -1.81 -21.42 -20.53
N ASP A 90 -2.50 -21.82 -21.58
CA ASP A 90 -2.32 -21.13 -22.84
C ASP A 90 -2.70 -19.64 -22.71
N PRO A 91 -3.80 -19.31 -22.03
CA PRO A 91 -4.16 -17.92 -21.80
C PRO A 91 -3.24 -17.21 -20.83
N ILE A 92 -2.83 -17.90 -19.77
CA ILE A 92 -1.96 -17.27 -18.79
C ILE A 92 -0.60 -16.97 -19.36
N ILE A 93 -0.03 -17.95 -20.04
CA ILE A 93 1.27 -17.80 -20.65
C ILE A 93 1.27 -16.72 -21.70
N GLU A 94 0.27 -16.73 -22.57
CA GLU A 94 0.17 -15.71 -23.60
C GLU A 94 0.15 -14.34 -22.98
N ASP A 95 -0.68 -14.16 -21.97
CA ASP A 95 -0.78 -12.87 -21.33
C ASP A 95 0.51 -12.48 -20.64
N ARG A 96 1.08 -13.42 -19.89
CA ARG A 96 2.29 -13.16 -19.15
C ARG A 96 3.48 -12.82 -20.00
N HIS A 97 3.61 -13.47 -21.14
CA HIS A 97 4.75 -13.25 -21.98
C HIS A 97 4.51 -12.34 -23.18
N GLY A 98 3.46 -11.52 -23.13
CA GLY A 98 3.26 -10.51 -24.15
C GLY A 98 2.75 -10.99 -25.50
N GLY A 99 1.80 -11.89 -25.53
CA GLY A 99 1.23 -12.31 -26.79
C GLY A 99 1.85 -13.57 -27.35
N TYR A 100 2.68 -14.24 -26.56
CA TYR A 100 3.27 -15.48 -26.99
C TYR A 100 2.20 -16.46 -27.42
N LYS A 101 2.19 -16.82 -28.69
CA LYS A 101 1.16 -17.72 -29.17
C LYS A 101 1.51 -19.17 -28.92
N PRO A 102 0.51 -20.06 -28.77
CA PRO A 102 0.61 -21.49 -28.55
C PRO A 102 1.51 -22.20 -29.56
N SER A 103 1.47 -21.72 -30.80
CA SER A 103 2.28 -22.29 -31.88
C SER A 103 3.61 -21.56 -32.10
N ASP A 104 3.91 -20.58 -31.27
CA ASP A 104 5.12 -19.80 -31.44
C ASP A 104 6.33 -20.54 -30.90
N GLU A 105 6.91 -21.39 -31.73
CA GLU A 105 8.06 -22.20 -31.36
C GLU A 105 9.18 -21.44 -30.67
N HIS A 106 9.61 -21.97 -29.55
CA HIS A 106 10.69 -21.41 -28.76
C HIS A 106 11.98 -22.17 -28.98
N LYS A 107 13.09 -21.47 -29.01
CA LYS A 107 14.40 -22.09 -29.21
C LYS A 107 15.26 -22.04 -27.97
N THR A 108 16.39 -22.73 -28.02
CA THR A 108 17.34 -22.74 -26.91
C THR A 108 18.72 -22.81 -27.48
N ASP A 109 19.68 -22.14 -26.85
CA ASP A 109 21.02 -22.09 -27.40
C ASP A 109 22.02 -21.46 -26.46
N LEU A 110 22.82 -22.24 -25.76
CA LEU A 110 23.83 -21.67 -24.89
C LEU A 110 25.19 -21.56 -25.51
N ASN A 111 25.31 -21.71 -26.82
CA ASN A 111 26.63 -21.66 -27.41
C ASN A 111 27.23 -20.26 -27.33
N PRO A 112 28.23 -20.03 -26.46
CA PRO A 112 28.91 -18.76 -26.17
C PRO A 112 29.44 -18.04 -27.40
N ASP A 113 29.65 -18.76 -28.50
CA ASP A 113 30.16 -18.17 -29.72
C ASP A 113 29.21 -17.12 -30.30
N ASN A 114 27.95 -17.17 -29.92
CA ASN A 114 27.01 -16.22 -30.46
C ASN A 114 26.92 -14.92 -29.65
N LEU A 115 27.65 -14.82 -28.53
CA LEU A 115 27.59 -13.61 -27.74
C LEU A 115 28.63 -12.62 -28.24
N GLN A 116 28.16 -11.48 -28.73
CA GLN A 116 29.07 -10.48 -29.27
C GLN A 116 29.37 -9.42 -28.25
N GLY A 117 30.63 -9.00 -28.20
CA GLY A 117 31.08 -7.98 -27.27
C GLY A 117 30.90 -8.44 -25.84
N GLY A 118 30.92 -7.50 -24.90
CA GLY A 118 30.72 -7.84 -23.50
C GLY A 118 31.96 -8.51 -22.92
N ASP A 119 33.08 -8.39 -23.60
CA ASP A 119 34.31 -9.00 -23.14
C ASP A 119 34.76 -8.36 -21.86
N ASP A 120 34.53 -7.07 -21.76
CA ASP A 120 34.89 -6.32 -20.58
C ASP A 120 34.01 -5.09 -20.48
N LEU A 121 32.98 -5.16 -19.64
CA LEU A 121 32.11 -4.03 -19.45
C LEU A 121 32.84 -3.05 -18.55
N ASP A 122 32.56 -1.77 -18.69
CA ASP A 122 33.33 -0.79 -17.95
C ASP A 122 33.13 -0.91 -16.44
N PRO A 123 34.18 -1.33 -15.70
CA PRO A 123 34.25 -1.62 -14.28
C PRO A 123 34.01 -0.42 -13.37
N ASN A 124 33.96 0.79 -13.94
CA ASN A 124 33.66 1.97 -13.17
C ASN A 124 32.19 2.07 -12.88
N TYR A 125 31.41 1.30 -13.63
CA TYR A 125 29.99 1.27 -13.47
C TYR A 125 29.58 -0.13 -13.11
N VAL A 126 30.18 -1.11 -13.75
CA VAL A 126 29.81 -2.48 -13.45
C VAL A 126 30.50 -2.99 -12.22
N LEU A 127 29.72 -3.19 -11.17
CA LEU A 127 30.23 -3.72 -9.93
C LEU A 127 30.40 -5.22 -10.05
N SER A 128 29.36 -5.91 -10.52
CA SER A 128 29.44 -7.36 -10.65
C SER A 128 28.48 -7.94 -11.67
N SER A 129 28.78 -9.16 -12.12
CA SER A 129 27.96 -9.84 -13.12
C SER A 129 27.43 -11.18 -12.64
N ARG A 130 26.20 -11.50 -13.04
CA ARG A 130 25.59 -12.71 -12.57
C ARG A 130 24.59 -13.37 -13.53
N VAL A 131 24.63 -14.70 -13.60
CA VAL A 131 23.71 -15.48 -14.44
C VAL A 131 22.96 -16.53 -13.59
N ARG A 132 21.65 -16.67 -13.80
CA ARG A 132 20.89 -17.63 -12.98
C ARG A 132 19.76 -18.33 -13.73
N THR A 133 19.61 -19.64 -13.49
CA THR A 133 18.52 -20.38 -14.11
C THR A 133 18.09 -21.55 -13.27
N GLY A 134 17.23 -22.39 -13.82
CA GLY A 134 16.78 -23.57 -13.10
C GLY A 134 16.31 -24.68 -14.05
N ARG A 135 16.41 -25.92 -13.60
CA ARG A 135 15.98 -27.03 -14.43
C ARG A 135 15.23 -28.09 -13.66
N SER A 136 14.37 -28.81 -14.38
CA SER A 136 13.57 -29.91 -13.84
C SER A 136 13.92 -31.22 -14.50
N ILE A 137 14.11 -32.27 -13.71
CA ILE A 137 14.49 -33.56 -14.26
C ILE A 137 13.30 -34.36 -14.76
N ARG A 138 13.36 -34.74 -16.04
CA ARG A 138 12.30 -35.52 -16.67
C ARG A 138 12.13 -36.84 -15.99
N GLY A 139 10.90 -37.18 -15.67
CA GLY A 139 10.60 -38.46 -15.02
C GLY A 139 10.11 -38.25 -13.61
N PHE A 140 10.43 -37.11 -13.02
CA PHE A 140 9.95 -36.80 -11.71
C PHE A 140 8.90 -35.75 -11.82
N CYS A 141 8.23 -35.47 -10.72
CA CYS A 141 7.25 -34.41 -10.64
C CYS A 141 7.93 -33.12 -10.23
N LEU A 142 7.18 -32.03 -10.10
CA LEU A 142 7.78 -30.78 -9.69
C LEU A 142 7.67 -30.59 -8.16
N PRO A 143 8.54 -29.76 -7.56
CA PRO A 143 8.67 -29.42 -6.13
C PRO A 143 7.39 -29.04 -5.40
N PRO A 144 6.38 -28.39 -6.03
CA PRO A 144 5.04 -28.14 -5.50
C PRO A 144 4.28 -29.42 -5.13
N HIS A 145 4.81 -30.58 -5.45
CA HIS A 145 4.15 -31.83 -5.18
C HIS A 145 5.07 -32.86 -4.56
N CYS A 146 5.77 -33.64 -5.39
CA CYS A 146 6.66 -34.77 -5.08
C CYS A 146 6.80 -35.26 -3.65
N SER A 147 6.77 -36.58 -3.51
CA SER A 147 6.88 -37.22 -2.21
C SER A 147 8.27 -37.11 -1.68
N ARG A 148 8.41 -37.44 -0.41
CA ARG A 148 9.69 -37.41 0.26
C ARG A 148 10.67 -38.31 -0.46
N GLY A 149 10.21 -39.50 -0.85
CA GLY A 149 11.04 -40.44 -1.57
C GLY A 149 11.49 -39.86 -2.91
N GLU A 150 10.58 -39.25 -3.63
CA GLU A 150 10.92 -38.68 -4.92
C GLU A 150 11.94 -37.58 -4.79
N ARG A 151 11.76 -36.74 -3.78
CA ARG A 151 12.70 -35.66 -3.54
C ARG A 151 14.08 -36.21 -3.21
N ARG A 152 14.12 -37.25 -2.39
CA ARG A 152 15.38 -37.84 -2.00
C ARG A 152 16.12 -38.45 -3.16
N ALA A 153 15.39 -39.07 -4.08
CA ALA A 153 16.04 -39.66 -5.24
C ALA A 153 16.75 -38.60 -6.06
N ILE A 154 16.09 -37.46 -6.24
CA ILE A 154 16.67 -36.37 -6.98
C ILE A 154 17.89 -35.83 -6.32
N GLU A 155 17.85 -35.67 -5.02
CA GLU A 155 19.01 -35.20 -4.30
C GLU A 155 20.20 -36.06 -4.63
N LYS A 156 20.03 -37.38 -4.53
CA LYS A 156 21.13 -38.29 -4.76
C LYS A 156 21.68 -38.19 -6.17
N LEU A 157 20.79 -38.03 -7.17
CA LEU A 157 21.25 -37.90 -8.54
C LEU A 157 22.13 -36.69 -8.69
N ALA A 158 21.68 -35.59 -8.10
CA ALA A 158 22.41 -34.35 -8.19
C ALA A 158 23.74 -34.47 -7.51
N VAL A 159 23.78 -35.11 -6.34
CA VAL A 159 25.02 -35.26 -5.61
C VAL A 159 26.01 -36.03 -6.41
N GLU A 160 25.58 -37.12 -7.03
CA GLU A 160 26.50 -37.88 -7.84
C GLU A 160 27.06 -37.06 -8.98
N ALA A 161 26.19 -36.42 -9.76
CA ALA A 161 26.66 -35.65 -10.90
C ALA A 161 27.60 -34.56 -10.46
N LEU A 162 27.21 -33.80 -9.44
CA LEU A 162 28.01 -32.71 -8.97
C LEU A 162 29.36 -33.15 -8.45
N SER A 163 29.43 -34.32 -7.86
CA SER A 163 30.71 -34.78 -7.35
C SER A 163 31.72 -35.07 -8.47
N SER A 164 31.25 -35.22 -9.72
CA SER A 164 32.14 -35.53 -10.81
C SER A 164 32.58 -34.32 -11.65
N LEU A 165 32.13 -33.12 -11.30
CA LEU A 165 32.53 -31.97 -12.10
C LEU A 165 34.00 -31.66 -11.89
N ASP A 166 34.71 -31.42 -12.99
CA ASP A 166 36.15 -31.13 -12.95
C ASP A 166 36.51 -29.65 -13.04
N GLY A 167 37.82 -29.37 -13.00
CA GLY A 167 38.35 -28.02 -13.15
C GLY A 167 37.77 -27.05 -12.15
N ASP A 168 37.35 -25.89 -12.65
CA ASP A 168 36.71 -24.90 -11.80
C ASP A 168 35.32 -25.30 -11.41
N LEU A 169 34.80 -26.35 -12.00
CA LEU A 169 33.49 -26.77 -11.64
C LEU A 169 33.58 -27.82 -10.51
N ALA A 170 34.78 -28.10 -10.02
CA ALA A 170 34.92 -28.99 -8.87
C ALA A 170 34.49 -28.23 -7.62
N GLY A 171 33.93 -28.92 -6.63
CA GLY A 171 33.43 -28.26 -5.42
C GLY A 171 32.99 -29.21 -4.33
N ARG A 172 32.10 -28.72 -3.46
CA ARG A 172 31.63 -29.49 -2.32
C ARG A 172 30.14 -29.37 -2.06
N TYR A 173 29.53 -30.50 -1.76
CA TYR A 173 28.11 -30.56 -1.45
C TYR A 173 27.85 -30.49 0.05
N TYR A 174 26.92 -29.66 0.44
CA TYR A 174 26.52 -29.54 1.82
C TYR A 174 25.11 -30.06 2.00
N ALA A 175 24.91 -30.87 3.02
CA ALA A 175 23.60 -31.39 3.32
C ALA A 175 22.91 -30.40 4.22
N LEU A 176 21.90 -29.72 3.70
CA LEU A 176 21.28 -28.65 4.45
C LEU A 176 20.79 -29.07 5.82
N LYS A 177 20.08 -30.19 5.90
CA LYS A 177 19.50 -30.62 7.17
C LYS A 177 20.51 -30.93 8.28
N SER A 178 21.79 -31.07 7.96
CA SER A 178 22.73 -31.43 9.00
C SER A 178 24.04 -30.69 8.89
N MET A 179 24.04 -29.57 8.19
CA MET A 179 25.27 -28.80 8.05
C MET A 179 25.68 -28.13 9.37
N THR A 180 26.99 -28.03 9.59
CA THR A 180 27.56 -27.48 10.81
C THR A 180 27.40 -25.97 10.88
N GLU A 181 27.10 -25.45 12.07
CA GLU A 181 26.90 -24.00 12.25
C GLU A 181 28.04 -23.15 11.68
N ALA A 182 29.27 -23.62 11.79
CA ALA A 182 30.41 -22.92 11.21
C ALA A 182 30.25 -22.85 9.70
N GLU A 183 29.77 -23.95 9.12
CA GLU A 183 29.54 -24.02 7.69
C GLU A 183 28.41 -23.09 7.33
N GLN A 184 27.43 -22.99 8.22
CA GLN A 184 26.30 -22.09 8.02
C GLN A 184 26.81 -20.67 7.99
N GLN A 185 27.77 -20.37 8.84
CA GLN A 185 28.33 -19.04 8.86
C GLN A 185 29.07 -18.73 7.58
N GLN A 186 29.81 -19.70 7.07
CA GLN A 186 30.55 -19.47 5.85
C GLN A 186 29.65 -19.28 4.66
N LEU A 187 28.60 -20.07 4.59
CA LEU A 187 27.75 -19.93 3.45
C LEU A 187 26.79 -18.78 3.59
N ILE A 188 26.45 -18.38 4.81
CA ILE A 188 25.59 -17.22 4.89
C ILE A 188 26.37 -15.97 4.56
N ASP A 189 27.67 -15.96 4.87
CA ASP A 189 28.48 -14.81 4.52
C ASP A 189 28.52 -14.60 3.02
N ASP A 190 28.60 -15.68 2.28
CA ASP A 190 28.64 -15.59 0.84
C ASP A 190 27.27 -15.69 0.20
N HIS A 191 26.21 -15.68 1.02
CA HIS A 191 24.85 -15.77 0.55
C HIS A 191 24.58 -17.03 -0.27
N PHE A 192 25.30 -18.10 0.02
CA PHE A 192 25.09 -19.37 -0.65
C PHE A 192 24.06 -20.13 0.16
N LEU A 193 24.01 -19.83 1.46
CA LEU A 193 23.06 -20.44 2.36
C LEU A 193 21.69 -19.86 2.19
N PHE A 194 20.72 -20.74 2.07
CA PHE A 194 19.34 -20.31 1.95
C PHE A 194 18.57 -20.84 3.12
N ASP A 195 17.28 -20.55 3.18
CA ASP A 195 16.50 -20.99 4.30
C ASP A 195 15.07 -21.26 3.88
N LYS A 196 14.26 -21.76 4.79
CA LYS A 196 12.90 -22.13 4.51
C LYS A 196 12.14 -20.93 4.00
N PRO A 197 11.43 -21.05 2.88
CA PRO A 197 10.61 -20.03 2.24
C PRO A 197 9.67 -19.39 3.23
N VAL A 198 9.60 -18.06 3.19
CA VAL A 198 8.73 -17.31 4.08
C VAL A 198 7.64 -16.60 3.31
N SER A 199 7.80 -16.52 1.99
CA SER A 199 6.79 -15.89 1.19
C SER A 199 5.56 -16.74 1.09
N PRO A 200 4.38 -16.16 1.28
CA PRO A 200 3.07 -16.77 1.21
C PRO A 200 2.76 -17.19 -0.21
N LEU A 201 3.50 -16.66 -1.18
CA LEU A 201 3.28 -17.06 -2.56
C LEU A 201 4.03 -18.33 -2.89
N LEU A 202 4.91 -18.75 -1.98
CA LEU A 202 5.62 -19.98 -2.18
C LEU A 202 5.00 -21.02 -1.27
N LEU A 203 4.69 -20.60 -0.05
CA LEU A 203 4.13 -21.49 0.93
C LEU A 203 2.77 -21.98 0.53
N ALA A 204 2.01 -21.17 -0.20
CA ALA A 204 0.72 -21.62 -0.71
C ALA A 204 0.80 -22.87 -1.60
N SER A 205 1.95 -23.12 -2.23
CA SER A 205 2.09 -24.33 -3.04
C SER A 205 2.45 -25.52 -2.18
N GLY A 206 3.03 -25.23 -1.03
CA GLY A 206 3.51 -26.26 -0.14
C GLY A 206 4.88 -26.77 -0.56
N MET A 207 5.57 -26.04 -1.45
CA MET A 207 6.92 -26.44 -1.86
C MET A 207 7.90 -26.60 -0.69
N ALA A 208 7.59 -26.00 0.46
CA ALA A 208 8.43 -26.11 1.64
C ALA A 208 8.13 -27.35 2.49
N ARG A 209 7.22 -28.23 2.05
CA ARG A 209 6.93 -29.43 2.83
C ARG A 209 8.16 -30.25 3.11
N ASP A 210 8.26 -30.69 4.36
CA ASP A 210 9.32 -31.52 4.87
C ASP A 210 10.69 -30.84 5.01
N TRP A 211 10.78 -29.56 4.67
CA TRP A 211 12.03 -28.82 4.73
C TRP A 211 12.66 -29.04 6.10
N PRO A 212 13.96 -29.31 6.18
CA PRO A 212 15.02 -29.36 5.19
C PRO A 212 15.33 -30.74 4.63
N ASP A 213 14.37 -31.65 4.67
CA ASP A 213 14.61 -33.00 4.18
C ASP A 213 14.93 -32.98 2.70
N ALA A 214 16.13 -33.46 2.38
CA ALA A 214 16.66 -33.58 1.03
C ALA A 214 16.86 -32.24 0.33
N ARG A 215 17.19 -31.20 1.08
CA ARG A 215 17.55 -29.93 0.46
C ARG A 215 19.06 -29.77 0.56
N GLY A 216 19.69 -29.12 -0.43
CA GLY A 216 21.15 -29.11 -0.47
C GLY A 216 21.82 -27.94 -1.21
N ILE A 217 23.09 -27.70 -0.85
CA ILE A 217 23.90 -26.63 -1.42
C ILE A 217 25.21 -27.11 -1.94
N TRP A 218 25.53 -26.78 -3.19
CA TRP A 218 26.82 -27.15 -3.73
C TRP A 218 27.46 -25.98 -4.42
N HIS A 219 28.72 -25.73 -4.12
CA HIS A 219 29.39 -24.64 -4.80
C HIS A 219 30.81 -25.02 -5.08
N ASN A 220 31.42 -24.36 -6.06
CA ASN A 220 32.78 -24.68 -6.41
C ASN A 220 33.73 -24.02 -5.45
N ASP A 221 34.98 -24.42 -5.48
CA ASP A 221 35.93 -23.86 -4.53
C ASP A 221 36.43 -22.47 -4.91
N ASN A 222 35.96 -21.92 -6.03
CA ASN A 222 36.28 -20.56 -6.38
C ASN A 222 35.12 -19.64 -6.10
N LYS A 223 34.06 -20.18 -5.52
CA LYS A 223 32.86 -19.41 -5.19
C LYS A 223 32.30 -18.63 -6.36
N THR A 224 32.29 -19.23 -7.53
CA THR A 224 31.74 -18.59 -8.72
C THR A 224 30.61 -19.40 -9.30
N PHE A 225 30.53 -20.66 -8.88
CA PHE A 225 29.51 -21.55 -9.40
C PHE A 225 28.75 -22.17 -8.27
N LEU A 226 27.47 -21.85 -8.20
CA LEU A 226 26.58 -22.25 -7.12
C LEU A 226 25.32 -22.96 -7.59
N VAL A 227 25.00 -24.10 -7.00
CA VAL A 227 23.74 -24.74 -7.38
C VAL A 227 22.97 -25.14 -6.16
N TRP A 228 21.67 -24.93 -6.22
CA TRP A 228 20.78 -25.28 -5.12
C TRP A 228 19.92 -26.47 -5.48
N VAL A 229 19.77 -27.36 -4.51
CA VAL A 229 19.05 -28.60 -4.70
C VAL A 229 17.70 -28.63 -4.01
N ASN A 230 16.66 -28.76 -4.81
CA ASN A 230 15.28 -28.88 -4.34
C ASN A 230 14.79 -27.71 -3.52
N GLU A 231 15.04 -26.48 -3.98
CA GLU A 231 14.55 -25.33 -3.25
C GLU A 231 13.30 -24.72 -3.91
N GLU A 232 13.47 -23.67 -4.70
CA GLU A 232 12.33 -23.04 -5.34
C GLU A 232 11.88 -23.85 -6.54
N ASP A 233 12.83 -24.58 -7.10
CA ASP A 233 12.57 -25.46 -8.21
C ASP A 233 13.57 -26.61 -8.00
N HIS A 234 13.75 -27.49 -8.97
CA HIS A 234 14.66 -28.61 -8.73
C HIS A 234 16.13 -28.23 -8.68
N LEU A 235 16.72 -27.92 -9.80
CA LEU A 235 18.12 -27.53 -9.76
C LEU A 235 18.29 -26.09 -10.18
N ARG A 236 18.68 -25.25 -9.24
CA ARG A 236 18.89 -23.84 -9.52
C ARG A 236 20.35 -23.56 -9.71
N VAL A 237 20.71 -23.02 -10.86
CA VAL A 237 22.11 -22.79 -11.17
C VAL A 237 22.47 -21.33 -11.27
N ILE A 238 23.47 -20.93 -10.50
CA ILE A 238 23.91 -19.55 -10.45
C ILE A 238 25.40 -19.37 -10.72
N SER A 239 25.74 -18.50 -11.64
CA SER A 239 27.13 -18.20 -11.92
C SER A 239 27.38 -16.76 -11.59
N MET A 240 28.48 -16.45 -10.92
CA MET A 240 28.71 -15.05 -10.59
C MET A 240 30.16 -14.70 -10.45
N GLN A 241 30.46 -13.43 -10.64
CA GLN A 241 31.82 -12.94 -10.49
C GLN A 241 31.85 -11.42 -10.46
N LYS A 242 32.60 -10.86 -9.52
CA LYS A 242 32.73 -9.42 -9.47
C LYS A 242 33.54 -8.97 -10.66
N GLY A 243 33.18 -7.84 -11.20
CA GLY A 243 33.82 -7.36 -12.41
C GLY A 243 32.77 -7.33 -13.50
N GLY A 244 33.20 -7.11 -14.73
CA GLY A 244 32.22 -7.02 -15.80
C GLY A 244 32.52 -7.94 -16.96
N ASN A 245 33.11 -9.10 -16.69
CA ASN A 245 33.41 -9.98 -17.79
C ASN A 245 32.24 -10.89 -18.10
N MET A 246 31.23 -10.31 -18.72
CA MET A 246 30.02 -11.02 -19.06
C MET A 246 30.26 -12.18 -19.97
N LYS A 247 31.14 -12.00 -20.94
CA LYS A 247 31.46 -13.06 -21.88
C LYS A 247 31.96 -14.30 -21.19
N GLU A 248 32.90 -14.16 -20.26
CA GLU A 248 33.43 -15.33 -19.60
C GLU A 248 32.44 -15.96 -18.68
N VAL A 249 31.69 -15.16 -17.93
CA VAL A 249 30.72 -15.72 -17.01
C VAL A 249 29.68 -16.50 -17.76
N PHE A 250 29.19 -15.96 -18.86
CA PHE A 250 28.23 -16.68 -19.64
C PHE A 250 28.77 -18.02 -20.07
N THR A 251 30.03 -18.04 -20.54
CA THR A 251 30.61 -19.31 -20.95
C THR A 251 30.72 -20.28 -19.79
N ARG A 252 31.21 -19.80 -18.64
CA ARG A 252 31.32 -20.66 -17.46
C ARG A 252 30.02 -21.34 -17.18
N PHE A 253 28.98 -20.55 -17.14
CA PHE A 253 27.63 -21.00 -16.94
C PHE A 253 27.25 -22.05 -17.93
N CYS A 254 27.49 -21.79 -19.22
CA CYS A 254 27.17 -22.75 -20.25
C CYS A 254 27.86 -24.08 -20.05
N THR A 255 29.15 -24.07 -19.71
CA THR A 255 29.85 -25.32 -19.53
C THR A 255 29.35 -26.06 -18.30
N GLY A 256 28.84 -25.30 -17.33
CA GLY A 256 28.28 -25.91 -16.15
C GLY A 256 27.07 -26.74 -16.54
N LEU A 257 26.15 -26.15 -17.29
CA LEU A 257 25.00 -26.93 -17.71
C LEU A 257 25.34 -27.98 -18.73
N THR A 258 26.36 -27.74 -19.55
CA THR A 258 26.74 -28.75 -20.53
C THR A 258 27.22 -30.01 -19.86
N GLN A 259 28.09 -29.88 -18.85
CA GLN A 259 28.56 -31.07 -18.17
C GLN A 259 27.47 -31.71 -17.34
N ILE A 260 26.67 -30.92 -16.65
CA ILE A 260 25.59 -31.52 -15.87
C ILE A 260 24.62 -32.25 -16.73
N GLU A 261 24.26 -31.70 -17.87
CA GLU A 261 23.35 -32.43 -18.73
C GLU A 261 23.99 -33.72 -19.15
N THR A 262 25.24 -33.67 -19.58
CA THR A 262 25.93 -34.88 -19.99
C THR A 262 25.87 -35.96 -18.93
N LEU A 263 26.18 -35.58 -17.70
CA LEU A 263 26.19 -36.52 -16.60
C LEU A 263 24.83 -37.12 -16.36
N PHE A 264 23.77 -36.31 -16.45
CA PHE A 264 22.45 -36.87 -16.30
C PHE A 264 22.12 -37.78 -17.46
N LYS A 265 22.53 -37.43 -18.67
CA LYS A 265 22.23 -38.28 -19.81
C LYS A 265 22.90 -39.64 -19.70
N SER A 266 24.05 -39.70 -19.04
CA SER A 266 24.72 -40.99 -18.82
C SER A 266 23.92 -41.89 -17.88
N LYS A 267 23.00 -41.29 -17.12
CA LYS A 267 22.16 -41.98 -16.18
C LYS A 267 20.73 -42.08 -16.70
N ASP A 268 20.54 -41.80 -17.97
CA ASP A 268 19.23 -41.79 -18.58
C ASP A 268 18.29 -40.75 -17.99
N TYR A 269 18.82 -39.56 -17.72
CA TYR A 269 18.00 -38.45 -17.28
C TYR A 269 18.27 -37.23 -18.11
N GLU A 270 17.27 -36.39 -18.26
CA GLU A 270 17.44 -35.17 -19.01
C GLU A 270 16.55 -34.15 -18.40
N PHE A 271 16.50 -32.98 -19.00
CA PHE A 271 15.67 -31.94 -18.44
C PHE A 271 14.38 -31.87 -19.21
N MET A 272 13.33 -31.49 -18.52
CA MET A 272 12.05 -31.42 -19.19
C MET A 272 12.12 -30.34 -20.24
N TRP A 273 11.65 -30.66 -21.42
CA TRP A 273 11.74 -29.72 -22.50
C TRP A 273 10.80 -30.01 -23.64
N ASN A 274 10.16 -28.97 -24.16
CA ASN A 274 9.33 -29.14 -25.32
C ASN A 274 9.44 -27.85 -26.11
N PRO A 275 9.22 -27.87 -27.42
CA PRO A 275 9.37 -26.78 -28.36
C PRO A 275 8.35 -25.65 -28.19
N HIS A 276 7.43 -25.78 -27.25
CA HIS A 276 6.47 -24.72 -27.05
C HIS A 276 6.66 -24.02 -25.74
N LEU A 277 7.46 -24.60 -24.85
CA LEU A 277 7.74 -23.94 -23.59
C LEU A 277 9.21 -23.93 -23.25
N GLY A 278 10.04 -24.48 -24.11
CA GLY A 278 11.45 -24.53 -23.78
C GLY A 278 11.62 -25.41 -22.57
N TYR A 279 12.32 -24.92 -21.57
CA TYR A 279 12.49 -25.72 -20.38
C TYR A 279 11.27 -25.61 -19.52
N ILE A 280 10.83 -26.74 -19.01
CA ILE A 280 9.60 -26.77 -18.26
C ILE A 280 9.82 -26.71 -16.77
N LEU A 281 9.43 -25.59 -16.20
CA LEU A 281 9.58 -25.34 -14.77
C LEU A 281 8.25 -25.17 -14.05
N THR A 282 8.34 -24.93 -12.74
CA THR A 282 7.19 -24.79 -11.85
C THR A 282 6.16 -23.70 -12.11
N CYS A 283 6.46 -22.69 -12.91
CA CYS A 283 5.43 -21.68 -13.10
C CYS A 283 5.64 -20.91 -14.37
N PRO A 284 4.58 -20.31 -14.92
CA PRO A 284 4.53 -19.54 -16.16
C PRO A 284 5.60 -18.47 -16.28
N SER A 285 6.00 -17.88 -15.18
CA SER A 285 7.01 -16.84 -15.24
C SER A 285 8.36 -17.34 -15.73
N ASN A 286 8.62 -18.64 -15.66
CA ASN A 286 9.89 -19.15 -16.09
C ASN A 286 9.79 -20.17 -17.23
N LEU A 287 8.67 -20.18 -17.94
CA LEU A 287 8.53 -21.16 -19.02
C LEU A 287 9.14 -20.73 -20.31
N GLY A 288 10.45 -20.80 -20.38
CA GLY A 288 11.16 -20.46 -21.60
C GLY A 288 12.57 -20.95 -21.49
N THR A 289 13.49 -20.02 -21.41
CA THR A 289 14.85 -20.37 -21.16
C THR A 289 15.04 -20.46 -19.69
N GLY A 290 14.27 -19.66 -18.98
CA GLY A 290 14.37 -19.61 -17.55
C GLY A 290 15.68 -18.95 -17.19
N LEU A 291 16.22 -18.14 -18.11
CA LEU A 291 17.53 -17.56 -17.93
C LEU A 291 17.52 -16.11 -17.51
N ARG A 292 17.86 -15.89 -16.26
CA ARG A 292 18.00 -14.56 -15.72
C ARG A 292 19.44 -14.16 -15.80
N ALA A 293 19.69 -12.92 -16.13
CA ALA A 293 21.07 -12.46 -16.18
C ALA A 293 21.09 -10.99 -15.95
N GLY A 294 22.12 -10.53 -15.27
CA GLY A 294 22.17 -9.11 -14.99
C GLY A 294 23.42 -8.69 -14.26
N VAL A 295 23.44 -7.42 -13.92
CA VAL A 295 24.59 -6.81 -13.29
C VAL A 295 24.23 -5.81 -12.23
N HIS A 296 25.20 -5.56 -11.36
CA HIS A 296 25.05 -4.52 -10.35
C HIS A 296 25.77 -3.28 -10.84
N ILE A 297 25.01 -2.26 -11.20
CA ILE A 297 25.58 -1.04 -11.77
C ILE A 297 25.50 0.15 -10.86
N LYS A 298 26.62 0.84 -10.69
CA LYS A 298 26.61 2.04 -9.87
C LYS A 298 26.03 3.20 -10.66
N LEU A 299 24.73 3.41 -10.53
CA LEU A 299 24.05 4.48 -11.26
C LEU A 299 23.44 5.59 -10.40
N PRO A 300 24.23 6.32 -9.60
CA PRO A 300 23.80 7.38 -8.71
C PRO A 300 23.10 8.52 -9.44
N ASN A 301 23.37 8.69 -10.73
CA ASN A 301 22.77 9.78 -11.45
C ASN A 301 21.53 9.32 -12.17
N LEU A 302 21.62 8.20 -12.90
CA LEU A 302 20.43 7.71 -13.56
C LEU A 302 19.37 7.34 -12.57
N GLY A 303 19.75 6.88 -11.39
CA GLY A 303 18.78 6.54 -10.36
C GLY A 303 17.94 7.75 -9.91
N LYS A 304 18.38 8.96 -10.21
CA LYS A 304 17.66 10.16 -9.87
C LYS A 304 17.01 10.77 -11.09
N HIS A 305 17.52 10.44 -12.27
CA HIS A 305 16.96 10.97 -13.51
C HIS A 305 15.54 10.46 -13.71
N GLU A 306 14.68 11.32 -14.21
CA GLU A 306 13.27 11.00 -14.41
C GLU A 306 12.89 10.15 -15.62
N LYS A 307 13.79 9.91 -16.54
CA LYS A 307 13.40 9.15 -17.72
C LYS A 307 14.04 7.79 -17.85
N PHE A 308 15.09 7.51 -17.09
CA PHE A 308 15.82 6.26 -17.27
C PHE A 308 14.92 5.05 -17.05
N SER A 309 13.85 5.19 -16.27
CA SER A 309 12.94 4.08 -16.06
C SER A 309 12.19 3.74 -17.34
N GLU A 310 12.01 4.74 -18.20
CA GLU A 310 11.37 4.51 -19.48
C GLU A 310 12.36 3.83 -20.38
N VAL A 311 13.61 4.27 -20.28
CA VAL A 311 14.67 3.67 -21.06
C VAL A 311 14.80 2.20 -20.72
N LEU A 312 14.73 1.87 -19.44
CA LEU A 312 14.80 0.48 -19.02
C LEU A 312 13.63 -0.30 -19.57
N LYS A 313 12.45 0.33 -19.63
CA LYS A 313 11.32 -0.32 -20.28
C LYS A 313 11.66 -0.61 -21.73
N ARG A 314 12.21 0.38 -22.42
CA ARG A 314 12.59 0.25 -23.81
C ARG A 314 13.61 -0.85 -24.02
N LEU A 315 14.57 -0.95 -23.10
CA LEU A 315 15.59 -1.98 -23.21
C LEU A 315 15.13 -3.34 -22.73
N ARG A 316 13.92 -3.44 -22.22
CA ARG A 316 13.38 -4.68 -21.72
C ARG A 316 14.25 -5.21 -20.60
N LEU A 317 14.56 -4.35 -19.65
CA LEU A 317 15.35 -4.71 -18.49
C LEU A 317 14.59 -4.44 -17.21
N GLN A 318 14.90 -5.20 -16.18
CA GLN A 318 14.28 -5.02 -14.88
C GLN A 318 15.20 -4.26 -13.96
N LYS A 319 14.62 -3.43 -13.12
CA LYS A 319 15.39 -2.69 -12.14
C LYS A 319 15.06 -3.17 -10.75
N ARG A 320 16.08 -3.46 -9.97
CA ARG A 320 15.85 -3.95 -8.62
C ARG A 320 16.91 -3.44 -7.67
N GLY A 321 16.50 -3.18 -6.43
CA GLY A 321 17.40 -2.63 -5.41
C GLY A 321 18.52 -3.55 -4.93
N THR A 322 18.55 -3.79 -3.64
CA THR A 322 19.63 -4.55 -3.02
C THR A 322 19.27 -5.15 -1.68
N GLY A 323 20.04 -6.16 -1.30
CA GLY A 323 19.85 -6.81 -0.01
C GLY A 323 20.55 -6.04 1.10
N VAL A 333 22.37 1.93 -6.31
CA VAL A 333 23.11 0.97 -7.10
C VAL A 333 22.05 0.02 -7.53
N PHE A 334 22.04 -0.40 -8.76
CA PHE A 334 20.92 -1.21 -9.17
C PHE A 334 21.26 -2.52 -9.81
N ASP A 335 20.38 -3.46 -9.60
CA ASP A 335 20.46 -4.75 -10.20
C ASP A 335 19.67 -4.66 -11.48
N VAL A 336 20.37 -4.64 -12.59
CA VAL A 336 19.73 -4.55 -13.88
C VAL A 336 19.70 -5.92 -14.49
N SER A 337 18.54 -6.36 -14.95
CA SER A 337 18.49 -7.74 -15.43
C SER A 337 17.49 -8.02 -16.54
N ASN A 338 17.69 -9.16 -17.18
CA ASN A 338 16.85 -9.63 -18.27
C ASN A 338 15.37 -9.71 -17.92
N ALA A 339 14.53 -8.96 -18.61
CA ALA A 339 13.11 -9.01 -18.33
C ALA A 339 12.34 -10.07 -19.13
N ASP A 340 13.01 -10.77 -20.04
CA ASP A 340 12.33 -11.79 -20.84
C ASP A 340 12.72 -13.22 -20.49
N ARG A 341 11.92 -14.18 -20.93
CA ARG A 341 12.19 -15.57 -20.64
C ARG A 341 11.81 -16.48 -21.80
N LEU A 342 10.69 -16.19 -22.42
CA LEU A 342 10.15 -17.01 -23.49
C LEU A 342 10.07 -16.31 -24.83
N GLY A 343 10.54 -16.96 -25.89
CA GLY A 343 10.49 -16.39 -27.23
C GLY A 343 11.84 -15.87 -27.73
N PHE A 344 12.85 -15.96 -26.89
CA PHE A 344 14.16 -15.47 -27.27
C PHE A 344 15.22 -16.51 -26.99
N SER A 345 16.31 -16.49 -27.74
CA SER A 345 17.36 -17.47 -27.51
C SER A 345 18.12 -17.13 -26.25
N GLU A 346 18.72 -18.13 -25.64
CA GLU A 346 19.46 -17.94 -24.40
C GLU A 346 20.60 -16.96 -24.57
N VAL A 347 21.40 -17.14 -25.61
CA VAL A 347 22.43 -16.16 -25.88
C VAL A 347 21.85 -14.80 -26.18
N GLU A 348 20.82 -14.79 -27.02
CA GLU A 348 20.17 -13.55 -27.43
C GLU A 348 19.75 -12.70 -26.25
N LEU A 349 19.17 -13.33 -25.25
CA LEU A 349 18.77 -12.61 -24.06
C LEU A 349 19.96 -12.02 -23.32
N VAL A 350 21.04 -12.75 -23.26
CA VAL A 350 22.22 -12.19 -22.64
C VAL A 350 22.74 -11.05 -23.48
N GLN A 351 22.66 -11.18 -24.79
CA GLN A 351 23.10 -10.13 -25.69
C GLN A 351 22.31 -8.86 -25.39
N MET A 352 21.02 -9.00 -25.09
CA MET A 352 20.18 -7.86 -24.74
C MET A 352 20.68 -7.17 -23.51
N VAL A 353 21.07 -7.94 -22.51
CA VAL A 353 21.62 -7.33 -21.32
C VAL A 353 22.90 -6.61 -21.58
N VAL A 354 23.80 -7.21 -22.35
CA VAL A 354 25.06 -6.54 -22.64
C VAL A 354 24.83 -5.23 -23.35
N ASP A 355 23.97 -5.25 -24.36
CA ASP A 355 23.65 -4.07 -25.13
C ASP A 355 23.07 -2.97 -24.28
N GLY A 356 22.04 -3.31 -23.51
CA GLY A 356 21.38 -2.34 -22.68
C GLY A 356 22.30 -1.73 -21.65
N VAL A 357 23.12 -2.54 -21.01
CA VAL A 357 24.03 -2.03 -20.02
C VAL A 357 25.02 -1.08 -20.61
N LYS A 358 25.60 -1.42 -21.76
CA LYS A 358 26.54 -0.49 -22.36
C LYS A 358 25.86 0.82 -22.70
N LEU A 359 24.61 0.75 -23.17
CA LEU A 359 23.86 1.96 -23.46
C LEU A 359 23.69 2.78 -22.19
N LEU A 360 23.32 2.12 -21.09
CA LEU A 360 23.13 2.79 -19.82
C LEU A 360 24.42 3.37 -19.29
N ILE A 361 25.54 2.69 -19.53
CA ILE A 361 26.79 3.27 -19.12
C ILE A 361 27.00 4.56 -19.83
N GLU A 362 26.74 4.57 -21.13
CA GLU A 362 26.88 5.79 -21.91
C GLU A 362 25.87 6.83 -21.53
N MET A 363 24.66 6.39 -21.20
CA MET A 363 23.60 7.27 -20.81
C MET A 363 24.03 8.08 -19.60
N GLU A 364 24.55 7.40 -18.60
CA GLU A 364 25.00 8.09 -17.41
C GLU A 364 26.28 8.82 -17.69
N GLN A 365 27.10 8.29 -18.59
CA GLN A 365 28.36 8.93 -18.94
C GLN A 365 28.12 10.35 -19.44
N ARG A 366 27.01 10.56 -20.15
CA ARG A 366 26.65 11.89 -20.58
C ARG A 366 25.98 12.67 -19.44
N LEU A 367 25.06 12.03 -18.75
CA LEU A 367 24.31 12.68 -17.68
C LEU A 367 25.20 13.24 -16.58
N GLU A 368 26.21 12.47 -16.19
CA GLU A 368 27.15 12.88 -15.16
C GLU A 368 27.94 14.14 -15.51
N GLN A 369 27.98 14.49 -16.79
CA GLN A 369 28.68 15.67 -17.23
C GLN A 369 27.72 16.82 -17.49
N GLY A 370 26.45 16.61 -17.15
CA GLY A 370 25.43 17.64 -17.34
C GLY A 370 25.00 17.75 -18.78
N GLN A 371 25.16 16.68 -19.54
CA GLN A 371 24.82 16.75 -20.93
C GLN A 371 23.43 16.22 -21.18
N ALA A 372 22.83 16.63 -22.29
CA ALA A 372 21.52 16.13 -22.63
C ALA A 372 21.63 14.67 -22.98
N ILE A 373 20.67 13.87 -22.56
CA ILE A 373 20.72 12.45 -22.83
C ILE A 373 19.57 11.97 -23.70
N ASP A 374 18.88 12.91 -24.33
CA ASP A 374 17.72 12.58 -25.16
C ASP A 374 18.08 11.89 -26.48
N ASP A 375 19.37 11.89 -26.82
CA ASP A 375 19.81 11.24 -28.03
C ASP A 375 20.16 9.76 -27.82
N LEU A 376 19.93 9.22 -26.63
CA LEU A 376 20.20 7.81 -26.41
C LEU A 376 18.99 7.02 -25.99
N MET A 377 17.82 7.41 -26.47
CA MET A 377 16.59 6.73 -26.10
C MET A 377 15.98 6.03 -27.31
N PRO A 378 16.47 4.84 -27.67
CA PRO A 378 16.14 4.07 -28.85
C PRO A 378 14.74 3.55 -28.80
N ALA A 379 14.15 3.34 -29.97
CA ALA A 379 12.80 2.81 -30.07
C ALA A 379 12.82 1.28 -29.99
N GLN A 380 13.32 0.77 -28.88
CA GLN A 380 13.41 -0.65 -28.66
C GLN A 380 12.13 -1.14 -28.02
N LYS A 381 11.58 -2.18 -28.59
CA LYS A 381 10.36 -2.75 -28.07
C LYS A 381 10.50 -4.24 -27.91
N SER B 6 -3.96 -42.05 -9.11
CA SER B 6 -3.63 -41.31 -7.89
C SER B 6 -2.16 -41.28 -7.59
N HIS B 7 -1.71 -40.14 -7.10
CA HIS B 7 -0.32 -39.98 -6.73
C HIS B 7 0.03 -40.82 -5.52
N ASN B 8 -0.99 -41.24 -4.77
CA ASN B 8 -0.77 -42.09 -3.63
C ASN B 8 -0.21 -43.41 -4.10
N ALA B 9 -0.82 -43.95 -5.16
CA ALA B 9 -0.36 -45.18 -5.74
C ALA B 9 1.07 -45.02 -6.23
N LEU B 10 1.38 -43.85 -6.79
CA LEU B 10 2.73 -43.61 -7.23
C LEU B 10 3.71 -43.62 -6.07
N LYS B 11 3.31 -43.08 -4.93
CA LYS B 11 4.18 -43.10 -3.77
C LYS B 11 4.46 -44.52 -3.32
N LEU B 12 3.47 -45.40 -3.49
CA LEU B 12 3.61 -46.80 -3.10
C LEU B 12 4.61 -47.56 -3.95
N ARG B 13 5.08 -46.99 -5.05
CA ARG B 13 6.09 -47.65 -5.86
C ARG B 13 7.45 -47.61 -5.17
N PHE B 14 7.62 -46.68 -4.24
CA PHE B 14 8.85 -46.61 -3.49
C PHE B 14 8.78 -47.52 -2.29
N PRO B 15 9.91 -48.02 -1.84
CA PRO B 15 10.09 -48.77 -0.62
C PRO B 15 9.65 -47.90 0.53
N ALA B 16 9.04 -48.49 1.54
CA ALA B 16 8.59 -47.72 2.69
C ALA B 16 9.75 -46.97 3.30
N GLU B 17 10.93 -47.60 3.29
CA GLU B 17 12.15 -46.98 3.78
C GLU B 17 12.42 -45.62 3.13
N ASP B 18 12.14 -45.49 1.84
CA ASP B 18 12.38 -44.26 1.15
C ASP B 18 11.39 -43.19 1.53
N GLU B 19 10.15 -43.57 1.72
CA GLU B 19 9.12 -42.60 2.08
C GLU B 19 9.13 -42.22 3.55
N PHE B 20 9.64 -43.09 4.42
CA PHE B 20 9.69 -42.80 5.85
C PHE B 20 10.51 -41.53 6.13
N PRO B 21 9.91 -40.51 6.76
CA PRO B 21 10.47 -39.21 7.08
C PRO B 21 11.53 -39.30 8.17
N ASP B 22 12.51 -38.41 8.10
CA ASP B 22 13.58 -38.39 9.08
C ASP B 22 13.13 -37.73 10.34
N LEU B 23 12.57 -38.53 11.24
CA LEU B 23 12.04 -38.01 12.48
C LEU B 23 13.04 -37.98 13.62
N SER B 24 14.32 -38.22 13.34
CA SER B 24 15.30 -38.27 14.42
C SER B 24 15.50 -36.93 15.12
N ALA B 25 15.21 -35.84 14.45
CA ALA B 25 15.36 -34.52 15.04
C ALA B 25 14.08 -34.00 15.68
N HIS B 26 13.01 -34.77 15.63
CA HIS B 26 11.74 -34.27 16.12
C HIS B 26 11.46 -34.58 17.56
N ASN B 27 10.64 -33.74 18.17
CA ASN B 27 10.27 -33.90 19.55
C ASN B 27 8.78 -33.72 19.76
N ASN B 28 7.98 -34.67 19.32
CA ASN B 28 6.55 -34.59 19.54
C ASN B 28 5.95 -35.99 19.61
N HIS B 29 4.68 -36.10 19.93
CA HIS B 29 4.09 -37.40 20.14
C HIS B 29 4.10 -38.22 18.88
N MET B 30 3.85 -37.59 17.75
CA MET B 30 3.85 -38.33 16.51
C MET B 30 5.20 -39.00 16.32
N ALA B 31 6.25 -38.22 16.48
CA ALA B 31 7.60 -38.71 16.30
C ALA B 31 7.95 -39.85 17.26
N LYS B 32 7.38 -39.83 18.45
CA LYS B 32 7.70 -40.87 19.41
C LYS B 32 6.82 -42.11 19.28
N VAL B 33 5.89 -42.10 18.34
CA VAL B 33 5.01 -43.25 18.13
C VAL B 33 5.25 -43.94 16.81
N LEU B 34 5.38 -43.16 15.74
CA LEU B 34 5.50 -43.75 14.42
C LEU B 34 6.84 -44.38 14.16
N THR B 35 6.84 -45.70 14.16
CA THR B 35 8.03 -46.48 13.84
C THR B 35 7.99 -46.72 12.35
N PRO B 36 9.10 -47.08 11.73
CA PRO B 36 9.22 -47.38 10.32
C PRO B 36 8.44 -48.63 10.01
N GLU B 37 8.30 -49.48 11.01
CA GLU B 37 7.52 -50.67 10.85
C GLU B 37 6.07 -50.30 10.74
N LEU B 38 5.62 -49.42 11.63
CA LEU B 38 4.24 -48.97 11.62
C LEU B 38 3.95 -48.23 10.35
N TYR B 39 4.91 -47.41 9.94
CA TYR B 39 4.80 -46.63 8.74
C TYR B 39 4.53 -47.53 7.57
N ALA B 40 5.35 -48.57 7.45
CA ALA B 40 5.19 -49.52 6.38
C ALA B 40 3.83 -50.19 6.42
N GLU B 41 3.35 -50.48 7.62
CA GLU B 41 2.07 -51.13 7.76
C GLU B 41 0.90 -50.25 7.37
N LEU B 42 0.95 -48.98 7.76
CA LEU B 42 -0.16 -48.10 7.49
C LEU B 42 -0.04 -47.28 6.23
N ARG B 43 1.15 -47.25 5.62
CA ARG B 43 1.36 -46.42 4.44
C ARG B 43 0.33 -46.61 3.35
N ALA B 44 -0.07 -47.84 3.11
CA ALA B 44 -1.03 -48.12 2.06
C ALA B 44 -2.48 -47.96 2.50
N LYS B 45 -2.71 -47.58 3.75
CA LYS B 45 -4.06 -47.46 4.25
C LYS B 45 -4.62 -46.09 3.98
N SER B 46 -5.93 -46.01 3.86
CA SER B 46 -6.56 -44.72 3.61
C SER B 46 -8.00 -44.70 4.07
N THR B 47 -8.51 -43.50 4.27
CA THR B 47 -9.88 -43.29 4.69
C THR B 47 -10.77 -43.20 3.48
N PRO B 48 -12.09 -43.29 3.65
CA PRO B 48 -13.13 -43.11 2.65
C PRO B 48 -13.00 -41.75 2.00
N SER B 49 -12.53 -40.78 2.77
CA SER B 49 -12.29 -39.41 2.33
C SER B 49 -11.02 -39.23 1.55
N GLY B 50 -10.17 -40.24 1.53
CA GLY B 50 -8.90 -40.14 0.82
C GLY B 50 -7.76 -39.69 1.72
N PHE B 51 -8.04 -39.42 2.98
CA PHE B 51 -6.99 -39.00 3.90
C PHE B 51 -5.97 -40.12 4.11
N THR B 52 -4.67 -39.83 3.94
CA THR B 52 -3.66 -40.88 4.06
C THR B 52 -2.70 -40.67 5.21
N LEU B 53 -1.87 -41.68 5.45
CA LEU B 53 -0.87 -41.67 6.51
C LEU B 53 0.06 -40.48 6.40
N ASP B 54 0.44 -40.12 5.19
CA ASP B 54 1.34 -39.00 5.01
C ASP B 54 0.67 -37.66 5.29
N ASP B 55 -0.65 -37.65 5.42
CA ASP B 55 -1.34 -36.43 5.70
C ASP B 55 -1.52 -36.29 7.20
N VAL B 56 -1.85 -37.40 7.86
CA VAL B 56 -2.03 -37.36 9.30
C VAL B 56 -0.78 -36.98 10.07
N ILE B 57 0.40 -37.24 9.53
CA ILE B 57 1.59 -36.85 10.27
C ILE B 57 2.29 -35.65 9.68
N GLN B 58 1.68 -34.97 8.72
CA GLN B 58 2.40 -33.90 8.05
C GLN B 58 2.83 -32.77 8.95
N THR B 59 1.97 -32.37 9.89
CA THR B 59 2.29 -31.28 10.79
C THR B 59 3.42 -31.66 11.73
N GLY B 60 3.35 -32.87 12.25
CA GLY B 60 4.39 -33.37 13.13
C GLY B 60 5.74 -33.42 12.44
N VAL B 61 5.74 -33.65 11.13
CA VAL B 61 6.97 -33.63 10.37
C VAL B 61 7.46 -32.22 10.15
N ASP B 62 6.57 -31.35 9.71
CA ASP B 62 6.90 -29.96 9.44
C ASP B 62 7.46 -29.21 10.62
N ASN B 63 6.76 -29.24 11.73
CA ASN B 63 7.22 -28.52 12.89
C ASN B 63 8.05 -29.45 13.78
N PRO B 64 9.38 -29.25 13.83
CA PRO B 64 10.35 -30.07 14.54
C PRO B 64 10.04 -30.24 16.01
N GLY B 65 9.28 -29.32 16.58
CA GLY B 65 8.89 -29.39 17.97
C GLY B 65 9.83 -28.64 18.89
N HIS B 66 9.25 -28.09 19.94
CA HIS B 66 9.99 -27.39 20.97
C HIS B 66 10.81 -28.40 21.75
N PRO B 67 12.05 -28.09 22.14
CA PRO B 67 12.97 -28.94 22.86
C PRO B 67 12.48 -29.34 24.24
N TYR B 68 11.58 -28.55 24.84
CA TYR B 68 11.09 -28.88 26.16
C TYR B 68 9.58 -29.06 26.20
N ILE B 69 8.87 -28.41 25.29
CA ILE B 69 7.43 -28.53 25.27
C ILE B 69 6.98 -29.49 24.19
N MET B 70 6.31 -30.56 24.61
CA MET B 70 5.87 -31.56 23.65
C MET B 70 4.45 -31.30 23.17
N THR B 71 4.25 -31.56 21.88
CA THR B 71 2.96 -31.42 21.23
C THR B 71 2.65 -32.71 20.51
N VAL B 72 1.62 -32.71 19.68
CA VAL B 72 1.25 -33.95 19.02
C VAL B 72 1.70 -33.98 17.58
N GLY B 73 1.23 -33.02 16.80
CA GLY B 73 1.61 -32.92 15.40
C GLY B 73 0.73 -33.75 14.46
N CYS B 74 -0.39 -34.24 14.94
CA CYS B 74 -1.24 -35.03 14.10
C CYS B 74 -2.57 -34.39 13.92
N VAL B 75 -3.18 -34.58 12.77
CA VAL B 75 -4.50 -34.02 12.56
C VAL B 75 -5.39 -35.06 11.97
N ALA B 76 -6.67 -34.98 12.23
CA ALA B 76 -7.59 -35.92 11.64
C ALA B 76 -8.13 -35.41 10.35
N GLY B 77 -8.61 -36.32 9.53
CA GLY B 77 -9.22 -35.93 8.26
C GLY B 77 -10.71 -35.91 8.48
N ASP B 78 -11.17 -36.84 9.29
CA ASP B 78 -12.57 -36.94 9.67
C ASP B 78 -12.71 -37.89 10.84
N GLU B 79 -13.92 -38.13 11.30
CA GLU B 79 -14.10 -39.05 12.42
C GLU B 79 -13.52 -40.40 12.08
N GLU B 80 -13.84 -40.89 10.89
CA GLU B 80 -13.40 -42.20 10.45
C GLU B 80 -11.89 -42.36 10.51
N SER B 81 -11.15 -41.29 10.26
CA SER B 81 -9.70 -41.36 10.26
C SER B 81 -9.12 -41.67 11.63
N TYR B 82 -9.88 -41.44 12.70
CA TYR B 82 -9.39 -41.82 14.01
C TYR B 82 -9.41 -43.34 14.16
N GLU B 83 -10.33 -43.99 13.44
CA GLU B 83 -10.42 -45.44 13.43
C GLU B 83 -9.42 -46.04 12.46
N VAL B 84 -9.37 -45.48 11.26
CA VAL B 84 -8.50 -45.99 10.22
C VAL B 84 -7.05 -46.00 10.62
N PHE B 85 -6.59 -44.95 11.27
CA PHE B 85 -5.21 -44.92 11.69
C PHE B 85 -5.06 -45.05 13.18
N LYS B 86 -5.99 -45.78 13.82
CA LYS B 86 -5.96 -45.90 15.26
C LYS B 86 -4.72 -46.59 15.77
N ASP B 87 -4.05 -47.35 14.92
CA ASP B 87 -2.82 -48.00 15.33
C ASP B 87 -1.78 -46.96 15.67
N LEU B 88 -1.91 -45.79 15.07
CA LEU B 88 -1.05 -44.66 15.36
C LEU B 88 -1.66 -43.81 16.46
N PHE B 89 -2.93 -43.44 16.30
CA PHE B 89 -3.56 -42.51 17.22
C PHE B 89 -3.71 -43.01 18.63
N ASP B 90 -4.03 -44.29 18.81
CA ASP B 90 -4.27 -44.77 20.15
C ASP B 90 -3.05 -44.62 21.05
N PRO B 91 -1.85 -44.94 20.59
CA PRO B 91 -0.63 -44.72 21.34
C PRO B 91 -0.44 -43.26 21.63
N ILE B 92 -0.81 -42.40 20.68
CA ILE B 92 -0.67 -40.98 20.88
C ILE B 92 -1.60 -40.48 21.96
N ILE B 93 -2.86 -40.86 21.89
CA ILE B 93 -3.85 -40.41 22.85
C ILE B 93 -3.50 -40.87 24.22
N GLU B 94 -3.11 -42.12 24.36
CA GLU B 94 -2.74 -42.65 25.65
C GLU B 94 -1.68 -41.81 26.32
N ASP B 95 -0.63 -41.45 25.59
CA ASP B 95 0.38 -40.62 26.20
C ASP B 95 -0.06 -39.19 26.43
N ARG B 96 -0.77 -38.61 25.46
CA ARG B 96 -1.17 -37.22 25.54
C ARG B 96 -2.06 -36.89 26.71
N HIS B 97 -2.97 -37.79 27.06
CA HIS B 97 -3.88 -37.49 28.15
C HIS B 97 -3.48 -38.14 29.45
N GLY B 98 -2.22 -38.55 29.58
CA GLY B 98 -1.77 -39.10 30.85
C GLY B 98 -2.33 -40.48 31.16
N GLY B 99 -2.65 -41.24 30.14
CA GLY B 99 -3.18 -42.57 30.35
C GLY B 99 -4.64 -42.63 29.98
N TYR B 100 -4.93 -43.36 28.92
CA TYR B 100 -6.28 -43.58 28.47
C TYR B 100 -6.27 -44.77 27.56
N LYS B 101 -6.93 -45.83 27.98
CA LYS B 101 -6.92 -47.05 27.22
C LYS B 101 -8.00 -47.02 26.17
N PRO B 102 -7.83 -47.72 25.06
CA PRO B 102 -8.72 -47.82 23.93
C PRO B 102 -10.06 -48.43 24.32
N SER B 103 -10.08 -49.19 25.41
CA SER B 103 -11.29 -49.81 25.90
C SER B 103 -12.13 -48.88 26.78
N ASP B 104 -11.54 -47.78 27.23
CA ASP B 104 -12.21 -46.90 28.15
C ASP B 104 -13.29 -46.09 27.46
N GLU B 105 -14.37 -45.80 28.19
CA GLU B 105 -15.44 -44.99 27.64
C GLU B 105 -15.44 -43.64 28.29
N HIS B 106 -15.88 -42.63 27.57
CA HIS B 106 -15.87 -41.29 28.13
C HIS B 106 -17.29 -40.77 28.30
N LYS B 107 -17.49 -39.91 29.29
CA LYS B 107 -18.80 -39.36 29.59
C LYS B 107 -19.01 -37.98 28.96
N THR B 108 -20.27 -37.55 28.93
CA THR B 108 -20.69 -36.26 28.40
C THR B 108 -21.75 -35.68 29.33
N ASP B 109 -21.72 -34.36 29.59
CA ASP B 109 -22.68 -33.81 30.55
C ASP B 109 -23.01 -32.32 30.38
N LEU B 110 -24.20 -32.03 29.86
CA LEU B 110 -24.63 -30.63 29.70
C LEU B 110 -25.67 -30.18 30.72
N ASN B 111 -25.55 -30.64 31.97
CA ASN B 111 -26.48 -30.26 33.01
C ASN B 111 -25.79 -29.53 34.16
N PRO B 112 -25.77 -28.19 34.15
CA PRO B 112 -25.18 -27.25 35.10
C PRO B 112 -25.52 -27.58 36.53
N ASP B 113 -26.68 -28.19 36.73
CA ASP B 113 -27.16 -28.61 38.03
C ASP B 113 -26.14 -29.42 38.81
N ASN B 114 -25.26 -30.14 38.12
CA ASN B 114 -24.26 -30.94 38.80
C ASN B 114 -23.18 -30.11 39.50
N LEU B 115 -22.97 -28.87 39.07
CA LEU B 115 -21.96 -28.05 39.72
C LEU B 115 -22.43 -27.62 41.08
N GLN B 116 -21.53 -27.67 42.04
CA GLN B 116 -21.86 -27.27 43.38
C GLN B 116 -21.09 -26.00 43.68
N GLY B 117 -21.80 -24.89 43.66
CA GLY B 117 -21.16 -23.60 43.82
C GLY B 117 -20.85 -23.06 42.43
N GLY B 118 -19.89 -22.16 42.34
CA GLY B 118 -19.52 -21.56 41.05
C GLY B 118 -20.30 -20.28 40.77
N ASP B 119 -21.36 -20.07 41.53
CA ASP B 119 -22.18 -18.88 41.42
C ASP B 119 -21.47 -17.70 42.08
N ASP B 120 -20.71 -17.99 43.13
CA ASP B 120 -20.07 -16.95 43.91
C ASP B 120 -18.57 -17.09 44.09
N LEU B 121 -17.81 -16.45 43.22
CA LEU B 121 -16.38 -16.34 43.40
C LEU B 121 -16.09 -14.90 43.75
N ASP B 122 -15.02 -14.66 44.51
CA ASP B 122 -14.69 -13.30 44.94
C ASP B 122 -14.24 -12.40 43.78
N PRO B 123 -15.04 -11.41 43.37
CA PRO B 123 -14.81 -10.42 42.31
C PRO B 123 -13.50 -9.66 42.45
N ASN B 124 -12.93 -9.66 43.65
CA ASN B 124 -11.65 -9.01 43.89
C ASN B 124 -10.52 -9.71 43.16
N TYR B 125 -10.67 -10.99 42.91
CA TYR B 125 -9.64 -11.74 42.23
C TYR B 125 -10.13 -12.33 40.95
N VAL B 126 -11.43 -12.60 40.88
CA VAL B 126 -11.93 -13.09 39.63
C VAL B 126 -12.32 -11.95 38.77
N LEU B 127 -11.52 -11.72 37.76
CA LEU B 127 -11.70 -10.59 36.90
C LEU B 127 -12.73 -10.96 35.87
N SER B 128 -12.58 -12.15 35.32
CA SER B 128 -13.53 -12.64 34.33
C SER B 128 -13.36 -14.11 34.08
N SER B 129 -14.32 -14.72 33.41
CA SER B 129 -14.25 -16.13 33.15
C SER B 129 -14.97 -16.57 31.89
N ARG B 130 -14.50 -17.65 31.31
CA ARG B 130 -15.10 -18.13 30.08
C ARG B 130 -15.04 -19.63 29.91
N VAL B 131 -15.88 -20.12 29.01
CA VAL B 131 -15.91 -21.51 28.63
C VAL B 131 -15.75 -21.62 27.15
N ARG B 132 -14.71 -22.29 26.69
CA ARG B 132 -14.52 -22.44 25.27
C ARG B 132 -14.55 -23.90 24.88
N THR B 133 -15.18 -24.17 23.75
CA THR B 133 -15.17 -25.53 23.23
C THR B 133 -15.34 -25.51 21.74
N GLY B 134 -15.58 -26.67 21.16
CA GLY B 134 -15.80 -26.72 19.73
C GLY B 134 -16.45 -28.01 19.32
N ARG B 135 -17.00 -28.01 18.13
CA ARG B 135 -17.69 -29.17 17.61
C ARG B 135 -17.40 -29.35 16.14
N SER B 136 -17.84 -30.48 15.59
CA SER B 136 -17.71 -30.72 14.17
C SER B 136 -18.94 -31.43 13.68
N ILE B 137 -19.26 -31.30 12.42
CA ILE B 137 -20.50 -31.90 11.93
C ILE B 137 -20.27 -33.25 11.29
N ARG B 138 -20.94 -34.27 11.82
CA ARG B 138 -20.75 -35.62 11.30
C ARG B 138 -21.17 -35.65 9.85
N GLY B 139 -20.27 -36.12 9.00
CA GLY B 139 -20.55 -36.19 7.57
C GLY B 139 -19.68 -35.24 6.77
N PHE B 140 -19.07 -34.28 7.43
CA PHE B 140 -18.18 -33.35 6.76
C PHE B 140 -16.76 -33.60 7.16
N CYS B 141 -15.84 -33.22 6.30
CA CYS B 141 -14.45 -33.43 6.62
C CYS B 141 -14.01 -32.38 7.61
N LEU B 142 -13.01 -32.71 8.39
CA LEU B 142 -12.45 -31.76 9.32
C LEU B 142 -11.58 -30.81 8.50
N PRO B 143 -11.53 -29.53 8.88
CA PRO B 143 -10.81 -28.41 8.22
C PRO B 143 -9.67 -28.80 7.26
N PRO B 144 -8.62 -29.57 7.65
CA PRO B 144 -7.49 -29.90 6.78
C PRO B 144 -7.91 -30.39 5.41
N HIS B 145 -9.01 -31.13 5.30
CA HIS B 145 -9.44 -31.61 4.00
C HIS B 145 -10.80 -31.16 3.55
N CYS B 146 -11.21 -30.00 4.01
CA CYS B 146 -12.45 -29.47 3.51
C CYS B 146 -12.34 -28.90 2.12
N SER B 147 -13.34 -29.17 1.29
CA SER B 147 -13.40 -28.51 0.00
C SER B 147 -14.05 -27.20 0.22
N ARG B 148 -13.98 -26.31 -0.76
CA ARG B 148 -14.63 -25.03 -0.64
C ARG B 148 -16.12 -25.20 -0.59
N GLY B 149 -16.62 -26.12 -1.40
CA GLY B 149 -18.04 -26.41 -1.45
C GLY B 149 -18.56 -26.88 -0.11
N GLU B 150 -17.87 -27.83 0.53
CA GLU B 150 -18.40 -28.29 1.78
C GLU B 150 -18.17 -27.28 2.88
N ARG B 151 -17.10 -26.49 2.76
CA ARG B 151 -16.86 -25.45 3.74
C ARG B 151 -18.01 -24.48 3.71
N ARG B 152 -18.43 -24.12 2.50
CA ARG B 152 -19.56 -23.23 2.31
C ARG B 152 -20.86 -23.88 2.73
N ALA B 153 -21.00 -25.18 2.52
CA ALA B 153 -22.19 -25.89 2.95
C ALA B 153 -22.33 -25.81 4.46
N ILE B 154 -21.21 -25.92 5.17
CA ILE B 154 -21.21 -25.79 6.61
C ILE B 154 -21.57 -24.38 7.02
N GLU B 155 -20.95 -23.39 6.39
CA GLU B 155 -21.28 -22.00 6.72
C GLU B 155 -22.75 -21.78 6.59
N LYS B 156 -23.28 -22.07 5.41
CA LYS B 156 -24.71 -22.03 5.15
C LYS B 156 -25.51 -22.54 6.33
N LEU B 157 -25.40 -23.84 6.56
CA LEU B 157 -26.12 -24.51 7.62
C LEU B 157 -26.02 -23.81 8.96
N ALA B 158 -24.79 -23.53 9.37
CA ALA B 158 -24.54 -22.92 10.67
C ALA B 158 -25.21 -21.57 10.81
N VAL B 159 -25.12 -20.75 9.78
CA VAL B 159 -25.71 -19.43 9.87
C VAL B 159 -27.21 -19.50 9.96
N GLU B 160 -27.82 -20.37 9.15
CA GLU B 160 -29.26 -20.50 9.21
C GLU B 160 -29.72 -20.85 10.63
N ALA B 161 -29.01 -21.77 11.26
CA ALA B 161 -29.35 -22.15 12.61
C ALA B 161 -29.05 -21.03 13.62
N LEU B 162 -27.88 -20.39 13.52
CA LEU B 162 -27.51 -19.34 14.46
C LEU B 162 -28.45 -18.16 14.44
N SER B 163 -28.92 -17.79 13.26
CA SER B 163 -29.86 -16.69 13.11
C SER B 163 -31.26 -17.07 13.56
N SER B 164 -31.49 -18.35 13.83
CA SER B 164 -32.78 -18.81 14.28
C SER B 164 -32.86 -18.79 15.81
N LEU B 165 -31.77 -18.37 16.45
CA LEU B 165 -31.74 -18.25 17.90
C LEU B 165 -32.28 -16.91 18.35
N ASP B 166 -32.96 -16.87 19.49
CA ASP B 166 -33.48 -15.61 20.00
C ASP B 166 -33.16 -15.43 21.48
N GLY B 167 -33.89 -14.55 22.16
CA GLY B 167 -33.68 -14.30 23.58
C GLY B 167 -32.27 -13.79 23.79
N ASP B 168 -31.56 -14.40 24.71
CA ASP B 168 -30.17 -14.04 24.97
C ASP B 168 -29.25 -14.52 23.88
N LEU B 169 -29.78 -15.36 22.99
CA LEU B 169 -29.02 -15.84 21.87
C LEU B 169 -29.38 -15.10 20.59
N ALA B 170 -30.14 -14.01 20.69
CA ALA B 170 -30.37 -13.24 19.48
C ALA B 170 -29.04 -12.60 19.12
N GLY B 171 -28.74 -12.48 17.83
CA GLY B 171 -27.45 -11.93 17.45
C GLY B 171 -27.28 -11.63 15.96
N ARG B 172 -26.02 -11.56 15.53
CA ARG B 172 -25.67 -11.21 14.17
C ARG B 172 -24.47 -11.94 13.62
N TYR B 173 -24.56 -12.38 12.36
CA TYR B 173 -23.45 -13.05 11.69
C TYR B 173 -22.65 -12.10 10.82
N TYR B 174 -21.34 -12.11 11.00
CA TYR B 174 -20.41 -11.28 10.26
C TYR B 174 -19.52 -12.13 9.38
N ALA B 175 -19.81 -12.23 8.10
CA ALA B 175 -18.89 -12.99 7.25
C ALA B 175 -17.63 -12.18 7.09
N LEU B 176 -16.47 -12.80 7.27
CA LEU B 176 -15.22 -12.04 7.15
C LEU B 176 -15.01 -11.52 5.75
N LYS B 177 -15.50 -12.28 4.78
CA LYS B 177 -15.42 -11.93 3.38
C LYS B 177 -15.78 -10.48 3.06
N SER B 178 -16.74 -9.91 3.80
CA SER B 178 -17.14 -8.54 3.52
C SER B 178 -17.41 -7.78 4.80
N MET B 179 -16.64 -8.05 5.83
CA MET B 179 -16.80 -7.37 7.11
C MET B 179 -16.16 -5.99 7.07
N THR B 180 -16.96 -4.97 7.40
CA THR B 180 -16.57 -3.55 7.34
C THR B 180 -15.55 -3.15 8.41
N GLU B 181 -14.55 -2.37 8.01
CA GLU B 181 -13.48 -1.94 8.90
C GLU B 181 -13.95 -1.36 10.25
N ALA B 182 -15.03 -0.60 10.24
CA ALA B 182 -15.56 -0.10 11.50
C ALA B 182 -15.96 -1.26 12.40
N GLU B 183 -16.60 -2.27 11.79
CA GLU B 183 -17.03 -3.45 12.51
C GLU B 183 -15.81 -4.20 12.99
N GLN B 184 -14.78 -4.21 12.16
CA GLN B 184 -13.51 -4.84 12.48
C GLN B 184 -12.98 -4.26 13.75
N GLN B 185 -12.98 -2.95 13.84
CA GLN B 185 -12.48 -2.30 15.03
C GLN B 185 -13.25 -2.73 16.26
N GLN B 186 -14.57 -2.83 16.15
CA GLN B 186 -15.37 -3.24 17.29
C GLN B 186 -15.08 -4.66 17.71
N LEU B 187 -14.98 -5.55 16.73
CA LEU B 187 -14.73 -6.94 17.01
C LEU B 187 -13.35 -7.13 17.60
N ILE B 188 -12.40 -6.29 17.18
CA ILE B 188 -11.07 -6.35 17.76
C ILE B 188 -11.09 -5.86 19.19
N ASP B 189 -11.79 -4.76 19.43
CA ASP B 189 -11.87 -4.19 20.76
C ASP B 189 -12.38 -5.19 21.78
N ASP B 190 -13.33 -6.01 21.37
CA ASP B 190 -13.90 -7.00 22.27
C ASP B 190 -13.26 -8.39 22.17
N HIS B 191 -12.14 -8.50 21.46
CA HIS B 191 -11.46 -9.79 21.27
C HIS B 191 -12.32 -10.84 20.58
N PHE B 192 -13.25 -10.41 19.75
CA PHE B 192 -14.14 -11.33 19.07
C PHE B 192 -13.51 -11.83 17.78
N LEU B 193 -12.91 -10.90 17.07
CA LEU B 193 -12.34 -11.16 15.75
C LEU B 193 -11.14 -12.09 15.75
N PHE B 194 -11.16 -13.06 14.85
CA PHE B 194 -10.03 -13.95 14.67
C PHE B 194 -9.55 -13.92 13.23
N ASP B 195 -8.31 -13.50 13.05
CA ASP B 195 -7.67 -13.33 11.76
C ASP B 195 -7.02 -14.63 11.30
N LYS B 196 -6.40 -14.60 10.13
CA LYS B 196 -5.74 -15.77 9.57
C LYS B 196 -4.74 -16.37 10.54
N PRO B 197 -4.77 -17.69 10.75
CA PRO B 197 -3.88 -18.48 11.59
C PRO B 197 -2.45 -18.16 11.26
N VAL B 198 -1.63 -18.03 12.29
CA VAL B 198 -0.25 -17.65 12.11
C VAL B 198 0.73 -18.77 12.39
N SER B 199 0.53 -19.49 13.48
CA SER B 199 1.43 -20.56 13.85
C SER B 199 1.53 -21.68 12.81
N PRO B 200 2.75 -22.18 12.56
CA PRO B 200 3.11 -23.31 11.72
C PRO B 200 2.34 -24.57 12.09
N LEU B 201 1.99 -24.70 13.37
CA LEU B 201 1.24 -25.88 13.81
C LEU B 201 -0.14 -25.93 13.19
N LEU B 202 -0.64 -24.79 12.76
CA LEU B 202 -1.93 -24.76 12.12
C LEU B 202 -1.74 -24.71 10.63
N LEU B 203 -0.74 -23.95 10.19
CA LEU B 203 -0.50 -23.77 8.76
C LEU B 203 -0.17 -25.07 8.07
N ALA B 204 0.58 -25.92 8.75
CA ALA B 204 0.99 -27.21 8.19
C ALA B 204 -0.18 -28.12 7.84
N SER B 205 -1.36 -27.88 8.40
CA SER B 205 -2.50 -28.71 8.11
C SER B 205 -3.17 -28.33 6.81
N GLY B 206 -2.88 -27.13 6.33
CA GLY B 206 -3.54 -26.63 5.12
C GLY B 206 -4.87 -25.95 5.42
N MET B 207 -5.24 -25.86 6.70
CA MET B 207 -6.50 -25.27 7.13
C MET B 207 -6.67 -23.79 6.83
N ALA B 208 -5.57 -23.10 6.54
CA ALA B 208 -5.60 -21.69 6.25
C ALA B 208 -5.84 -21.40 4.77
N ARG B 209 -5.97 -22.43 3.95
CA ARG B 209 -6.19 -22.17 2.55
C ARG B 209 -7.53 -21.54 2.28
N ASP B 210 -7.57 -20.76 1.22
CA ASP B 210 -8.75 -20.04 0.80
C ASP B 210 -9.27 -19.03 1.83
N TRP B 211 -8.44 -18.66 2.80
CA TRP B 211 -8.83 -17.72 3.85
C TRP B 211 -9.23 -16.36 3.27
N PRO B 212 -10.36 -15.78 3.67
CA PRO B 212 -11.37 -16.20 4.62
C PRO B 212 -12.65 -16.63 3.94
N ASP B 213 -12.54 -17.37 2.87
CA ASP B 213 -13.72 -17.82 2.17
C ASP B 213 -14.53 -18.71 3.09
N ALA B 214 -15.76 -18.29 3.34
CA ALA B 214 -16.70 -18.98 4.22
C ALA B 214 -16.23 -19.04 5.66
N ARG B 215 -15.47 -18.05 6.07
CA ARG B 215 -15.08 -17.94 7.45
C ARG B 215 -15.83 -16.78 8.06
N GLY B 216 -16.21 -16.89 9.32
CA GLY B 216 -16.94 -15.76 9.91
C GLY B 216 -17.23 -15.92 11.39
N ILE B 217 -17.97 -14.96 11.92
CA ILE B 217 -18.29 -14.97 13.33
C ILE B 217 -19.69 -14.52 13.60
N TRP B 218 -20.33 -15.20 14.52
CA TRP B 218 -21.66 -14.85 14.95
C TRP B 218 -21.64 -14.55 16.42
N HIS B 219 -22.32 -13.50 16.84
CA HIS B 219 -22.35 -13.29 18.26
C HIS B 219 -23.66 -12.72 18.68
N ASN B 220 -23.96 -12.88 19.97
CA ASN B 220 -25.23 -12.39 20.46
C ASN B 220 -25.16 -10.93 20.84
N ASP B 221 -26.33 -10.34 21.00
CA ASP B 221 -26.48 -8.93 21.31
C ASP B 221 -25.89 -8.52 22.62
N ASN B 222 -25.83 -9.44 23.57
CA ASN B 222 -25.30 -9.11 24.88
C ASN B 222 -23.81 -9.34 24.98
N LYS B 223 -23.18 -9.75 23.88
CA LYS B 223 -21.75 -9.99 23.85
C LYS B 223 -21.28 -11.02 24.86
N THR B 224 -21.92 -12.19 24.85
CA THR B 224 -21.51 -13.25 25.75
C THR B 224 -21.21 -14.52 24.97
N PHE B 225 -21.77 -14.66 23.77
CA PHE B 225 -21.46 -15.80 22.91
C PHE B 225 -20.82 -15.48 21.61
N LEU B 226 -19.74 -16.18 21.34
CA LEU B 226 -19.06 -16.07 20.07
C LEU B 226 -19.08 -17.39 19.39
N VAL B 227 -19.56 -17.43 18.17
CA VAL B 227 -19.50 -18.66 17.46
C VAL B 227 -18.57 -18.49 16.30
N TRP B 228 -17.43 -19.14 16.36
CA TRP B 228 -16.52 -19.05 15.26
C TRP B 228 -16.90 -20.07 14.24
N VAL B 229 -17.06 -19.64 13.00
CA VAL B 229 -17.47 -20.56 11.97
C VAL B 229 -16.33 -20.85 11.01
N ASN B 230 -15.89 -22.11 11.02
CA ASN B 230 -14.81 -22.58 10.18
C ASN B 230 -13.51 -21.84 10.42
N GLU B 231 -13.26 -21.40 11.66
CA GLU B 231 -12.05 -20.63 11.92
C GLU B 231 -10.88 -21.52 12.30
N GLU B 232 -11.02 -22.26 13.38
CA GLU B 232 -9.96 -23.17 13.79
C GLU B 232 -10.45 -24.61 13.86
N ASP B 233 -11.76 -24.78 13.68
CA ASP B 233 -12.42 -26.06 13.63
C ASP B 233 -13.75 -25.75 13.00
N HIS B 234 -14.69 -26.67 12.94
CA HIS B 234 -15.95 -26.30 12.31
C HIS B 234 -16.68 -25.27 13.15
N LEU B 235 -16.89 -25.57 14.42
CA LEU B 235 -17.54 -24.60 15.27
C LEU B 235 -16.79 -24.42 16.55
N ARG B 236 -16.60 -23.18 16.95
CA ARG B 236 -16.11 -22.93 18.29
C ARG B 236 -17.14 -22.15 19.06
N VAL B 237 -17.33 -22.53 20.29
CA VAL B 237 -18.27 -21.83 21.13
C VAL B 237 -17.55 -21.20 22.26
N ILE B 238 -17.65 -19.89 22.34
CA ILE B 238 -17.03 -19.16 23.41
C ILE B 238 -18.10 -18.50 24.23
N SER B 239 -18.23 -18.90 25.48
CA SER B 239 -19.18 -18.28 26.36
C SER B 239 -18.42 -17.52 27.41
N MET B 240 -18.67 -16.22 27.55
CA MET B 240 -17.92 -15.53 28.57
C MET B 240 -18.62 -14.34 29.15
N GLN B 241 -18.19 -14.00 30.37
CA GLN B 241 -18.72 -12.87 31.09
C GLN B 241 -17.74 -12.42 32.16
N LYS B 242 -17.76 -11.15 32.46
CA LYS B 242 -16.90 -10.61 33.51
C LYS B 242 -17.47 -10.95 34.86
N GLY B 243 -16.62 -11.00 35.86
CA GLY B 243 -17.10 -11.31 37.20
C GLY B 243 -16.90 -12.78 37.51
N GLY B 244 -17.28 -13.19 38.72
CA GLY B 244 -17.07 -14.55 39.17
C GLY B 244 -18.34 -15.35 39.34
N ASN B 245 -19.14 -15.43 38.29
CA ASN B 245 -20.33 -16.25 38.35
C ASN B 245 -20.28 -17.26 37.24
N MET B 246 -19.42 -18.26 37.43
CA MET B 246 -19.21 -19.30 36.45
C MET B 246 -20.44 -20.12 36.26
N LYS B 247 -21.21 -20.31 37.33
CA LYS B 247 -22.43 -21.10 37.26
C LYS B 247 -23.33 -20.54 36.19
N GLU B 248 -23.45 -19.22 36.15
CA GLU B 248 -24.24 -18.54 35.13
C GLU B 248 -23.63 -18.70 33.77
N VAL B 249 -22.32 -18.55 33.68
CA VAL B 249 -21.64 -18.69 32.40
C VAL B 249 -21.88 -20.07 31.84
N PHE B 250 -21.72 -21.05 32.70
CA PHE B 250 -21.88 -22.43 32.33
C PHE B 250 -23.34 -22.72 32.01
N THR B 251 -24.27 -22.15 32.78
CA THR B 251 -25.69 -22.36 32.53
C THR B 251 -26.07 -21.93 31.14
N ARG B 252 -25.69 -20.73 30.76
CA ARG B 252 -26.02 -20.30 29.43
C ARG B 252 -25.23 -21.07 28.41
N PHE B 253 -24.04 -21.51 28.75
CA PHE B 253 -23.22 -22.29 27.85
C PHE B 253 -23.91 -23.58 27.45
N CYS B 254 -24.32 -24.34 28.46
CA CYS B 254 -24.94 -25.62 28.23
C CYS B 254 -26.25 -25.51 27.51
N THR B 255 -27.09 -24.59 27.98
CA THR B 255 -28.40 -24.48 27.40
C THR B 255 -28.36 -23.82 26.04
N GLY B 256 -27.40 -22.94 25.83
CA GLY B 256 -27.25 -22.32 24.54
C GLY B 256 -26.80 -23.36 23.54
N LEU B 257 -25.79 -24.13 23.94
CA LEU B 257 -25.25 -25.17 23.11
C LEU B 257 -26.31 -26.19 22.76
N THR B 258 -27.10 -26.58 23.74
CA THR B 258 -28.19 -27.52 23.51
C THR B 258 -29.13 -27.03 22.43
N GLN B 259 -29.47 -25.75 22.48
CA GLN B 259 -30.37 -25.18 21.50
C GLN B 259 -29.80 -25.19 20.09
N ILE B 260 -28.53 -24.82 19.93
CA ILE B 260 -28.01 -24.84 18.58
C ILE B 260 -27.86 -26.26 18.08
N GLU B 261 -27.61 -27.19 19.00
CA GLU B 261 -27.54 -28.60 18.64
C GLU B 261 -28.89 -29.06 18.16
N THR B 262 -29.91 -28.68 18.91
CA THR B 262 -31.30 -29.00 18.58
C THR B 262 -31.65 -28.58 17.17
N LEU B 263 -31.26 -27.37 16.82
CA LEU B 263 -31.55 -26.86 15.50
C LEU B 263 -30.85 -27.66 14.42
N PHE B 264 -29.61 -28.07 14.66
CA PHE B 264 -28.94 -28.89 13.67
C PHE B 264 -29.66 -30.20 13.50
N LYS B 265 -30.15 -30.74 14.60
CA LYS B 265 -30.90 -31.99 14.55
C LYS B 265 -32.23 -31.82 13.87
N SER B 266 -32.84 -30.64 13.95
CA SER B 266 -34.08 -30.43 13.20
C SER B 266 -33.78 -30.43 11.70
N LYS B 267 -32.52 -30.14 11.35
CA LYS B 267 -32.04 -30.17 9.98
C LYS B 267 -31.38 -31.49 9.58
N ASP B 268 -31.46 -32.52 10.42
CA ASP B 268 -30.83 -33.83 10.18
C ASP B 268 -29.32 -33.83 10.23
N TYR B 269 -28.74 -32.99 11.08
CA TYR B 269 -27.30 -32.97 11.27
C TYR B 269 -26.98 -33.21 12.72
N GLU B 270 -25.78 -33.65 13.00
CA GLU B 270 -25.42 -33.87 14.38
C GLU B 270 -23.95 -33.73 14.55
N PHE B 271 -23.53 -33.54 15.78
CA PHE B 271 -22.14 -33.37 16.08
C PHE B 271 -21.43 -34.70 16.08
N MET B 272 -20.17 -34.70 15.67
CA MET B 272 -19.41 -35.93 15.72
C MET B 272 -19.20 -36.30 17.17
N TRP B 273 -19.60 -37.50 17.49
CA TRP B 273 -19.54 -37.97 18.85
C TRP B 273 -19.62 -39.48 18.96
N ASN B 274 -18.79 -40.06 19.81
CA ASN B 274 -18.87 -41.48 20.04
C ASN B 274 -18.45 -41.79 21.46
N PRO B 275 -18.87 -42.92 22.02
CA PRO B 275 -18.64 -43.40 23.38
C PRO B 275 -17.19 -43.46 23.82
N HIS B 276 -16.26 -43.51 22.89
CA HIS B 276 -14.86 -43.65 23.24
C HIS B 276 -14.11 -42.34 23.27
N LEU B 277 -14.23 -41.56 22.21
CA LEU B 277 -13.53 -40.29 22.12
C LEU B 277 -14.40 -39.09 22.47
N GLY B 278 -15.68 -39.30 22.74
CA GLY B 278 -16.54 -38.18 23.06
C GLY B 278 -16.71 -37.35 21.82
N TYR B 279 -16.51 -36.04 21.93
CA TYR B 279 -16.66 -35.19 20.76
C TYR B 279 -15.40 -35.15 19.93
N ILE B 280 -15.59 -35.13 18.63
CA ILE B 280 -14.48 -35.19 17.70
C ILE B 280 -14.02 -33.87 17.14
N LEU B 281 -12.77 -33.54 17.43
CA LEU B 281 -12.11 -32.37 16.87
C LEU B 281 -10.89 -32.75 16.06
N THR B 282 -10.37 -31.78 15.33
CA THR B 282 -9.24 -32.02 14.45
C THR B 282 -7.98 -32.42 15.17
N CYS B 283 -7.63 -31.74 16.24
CA CYS B 283 -6.42 -32.08 16.96
C CYS B 283 -6.70 -33.09 18.06
N PRO B 284 -5.99 -34.22 18.12
CA PRO B 284 -6.10 -35.32 19.06
C PRO B 284 -6.15 -34.88 20.52
N SER B 285 -5.40 -33.84 20.88
CA SER B 285 -5.40 -33.41 22.28
C SER B 285 -6.73 -32.91 22.74
N ASN B 286 -7.58 -32.51 21.79
CA ASN B 286 -8.84 -31.96 22.14
C ASN B 286 -9.98 -32.97 22.04
N LEU B 287 -9.66 -34.24 21.90
CA LEU B 287 -10.71 -35.24 21.89
C LEU B 287 -11.28 -35.41 23.25
N GLY B 288 -12.61 -35.57 23.35
CA GLY B 288 -13.24 -35.78 24.66
C GLY B 288 -14.37 -34.82 24.89
N THR B 289 -14.23 -33.98 25.90
CA THR B 289 -15.22 -32.97 26.18
C THR B 289 -14.91 -31.82 25.31
N GLY B 290 -13.63 -31.51 25.25
CA GLY B 290 -13.17 -30.40 24.48
C GLY B 290 -13.44 -29.08 25.20
N LEU B 291 -13.57 -29.11 26.52
CA LEU B 291 -13.83 -27.86 27.25
C LEU B 291 -12.61 -27.14 27.73
N ARG B 292 -12.73 -25.84 27.70
CA ARG B 292 -11.74 -24.97 28.25
C ARG B 292 -12.38 -23.95 29.15
N ALA B 293 -12.49 -24.29 30.43
CA ALA B 293 -13.01 -23.33 31.37
C ALA B 293 -11.82 -22.57 31.88
N GLY B 294 -11.92 -21.25 31.89
CA GLY B 294 -10.78 -20.44 32.31
C GLY B 294 -11.20 -19.21 33.08
N VAL B 295 -10.35 -18.84 34.03
CA VAL B 295 -10.60 -17.71 34.87
C VAL B 295 -9.41 -16.77 34.93
N HIS B 296 -9.64 -15.49 34.71
CA HIS B 296 -8.56 -14.53 34.87
C HIS B 296 -8.51 -14.20 36.31
N ILE B 297 -7.42 -14.63 36.94
CA ILE B 297 -7.28 -14.49 38.37
C ILE B 297 -6.21 -13.54 38.74
N LYS B 298 -6.61 -12.45 39.37
CA LYS B 298 -5.65 -11.51 39.87
C LYS B 298 -4.93 -12.22 40.97
N LEU B 299 -3.62 -12.32 40.89
CA LEU B 299 -2.96 -13.12 41.89
C LEU B 299 -1.52 -12.72 42.22
N PRO B 300 -1.24 -11.44 42.52
CA PRO B 300 0.08 -10.84 42.79
C PRO B 300 1.01 -11.58 43.74
N ASN B 301 0.49 -12.11 44.84
CA ASN B 301 1.37 -12.74 45.81
C ASN B 301 1.69 -14.16 45.44
N LEU B 302 0.65 -14.97 45.35
CA LEU B 302 0.77 -16.39 45.06
C LEU B 302 1.49 -16.66 43.76
N GLY B 303 1.31 -15.80 42.76
CA GLY B 303 2.01 -15.95 41.49
C GLY B 303 3.53 -15.99 41.64
N LYS B 304 4.06 -15.42 42.72
CA LYS B 304 5.49 -15.42 42.97
C LYS B 304 5.92 -16.49 43.98
N HIS B 305 4.96 -17.25 44.50
CA HIS B 305 5.28 -18.27 45.48
C HIS B 305 5.86 -19.52 44.86
N GLU B 306 6.85 -20.07 45.54
CA GLU B 306 7.58 -21.26 45.13
C GLU B 306 6.73 -22.43 44.66
N LYS B 307 5.59 -22.67 45.29
CA LYS B 307 4.77 -23.84 44.93
C LYS B 307 3.59 -23.52 44.03
N PHE B 308 3.54 -22.33 43.46
CA PHE B 308 2.38 -21.95 42.66
C PHE B 308 2.04 -22.96 41.58
N SER B 309 3.02 -23.32 40.76
CA SER B 309 2.74 -24.26 39.70
C SER B 309 2.43 -25.64 40.24
N GLU B 310 3.02 -25.98 41.40
CA GLU B 310 2.77 -27.26 42.04
C GLU B 310 1.32 -27.40 42.40
N VAL B 311 0.77 -26.35 42.99
CA VAL B 311 -0.62 -26.36 43.37
C VAL B 311 -1.50 -26.55 42.17
N LEU B 312 -1.20 -25.83 41.08
CA LEU B 312 -2.01 -25.96 39.88
C LEU B 312 -1.94 -27.37 39.35
N LYS B 313 -0.76 -27.97 39.42
CA LYS B 313 -0.60 -29.34 38.99
C LYS B 313 -1.51 -30.25 39.80
N ARG B 314 -1.50 -30.06 41.11
CA ARG B 314 -2.33 -30.87 41.98
C ARG B 314 -3.81 -30.64 41.71
N LEU B 315 -4.17 -29.43 41.30
CA LEU B 315 -5.53 -29.09 40.92
C LEU B 315 -5.88 -29.42 39.49
N ARG B 316 -4.92 -29.93 38.72
CA ARG B 316 -5.12 -30.22 37.31
C ARG B 316 -5.49 -28.97 36.51
N LEU B 317 -4.94 -27.85 36.94
CA LEU B 317 -5.15 -26.58 36.29
C LEU B 317 -3.83 -26.15 35.69
N GLN B 318 -3.86 -25.23 34.74
CA GLN B 318 -2.59 -24.82 34.14
C GLN B 318 -2.33 -23.34 34.20
N LYS B 319 -1.06 -23.02 34.25
CA LYS B 319 -0.58 -21.66 34.34
C LYS B 319 -0.39 -21.04 33.00
N ARG B 320 -1.48 -20.71 32.35
CA ARG B 320 -1.33 -20.01 31.10
C ARG B 320 -1.12 -18.55 31.39
N VAL B 333 -1.33 -11.71 36.99
CA VAL B 333 -2.69 -12.11 36.67
C VAL B 333 -2.54 -13.29 35.75
N PHE B 334 -3.25 -14.36 36.01
CA PHE B 334 -3.05 -15.53 35.19
C PHE B 334 -4.32 -16.01 34.54
N ASP B 335 -4.19 -16.64 33.38
CA ASP B 335 -5.32 -17.24 32.71
C ASP B 335 -5.37 -18.69 33.16
N VAL B 336 -5.85 -18.93 34.38
CA VAL B 336 -5.83 -20.29 34.89
C VAL B 336 -6.96 -21.06 34.32
N SER B 337 -6.67 -22.24 33.81
CA SER B 337 -7.71 -23.03 33.19
C SER B 337 -7.57 -24.51 33.43
N ASN B 338 -8.61 -25.26 33.11
CA ASN B 338 -8.53 -26.69 33.32
C ASN B 338 -7.54 -27.32 32.39
N ALA B 339 -6.53 -27.97 32.95
CA ALA B 339 -5.48 -28.61 32.16
C ALA B 339 -5.85 -30.00 31.68
N ASP B 340 -6.95 -30.12 30.95
CA ASP B 340 -7.39 -31.39 30.42
C ASP B 340 -8.57 -31.20 29.47
N ARG B 341 -8.80 -32.21 28.66
CA ARG B 341 -9.92 -32.20 27.73
C ARG B 341 -10.67 -33.51 27.79
N LEU B 342 -10.00 -34.54 28.33
CA LEU B 342 -10.53 -35.90 28.40
C LEU B 342 -10.08 -36.68 29.60
N GLY B 343 -11.01 -37.39 30.23
CA GLY B 343 -10.70 -38.23 31.38
C GLY B 343 -11.79 -38.14 32.43
N PHE B 344 -12.70 -37.21 32.24
CA PHE B 344 -13.77 -36.95 33.17
C PHE B 344 -14.79 -36.00 32.58
N SER B 345 -15.98 -35.98 33.16
CA SER B 345 -17.10 -35.22 32.63
C SER B 345 -16.91 -33.73 32.60
N GLU B 346 -17.79 -33.09 31.85
CA GLU B 346 -17.81 -31.65 31.66
C GLU B 346 -18.02 -30.91 32.95
N VAL B 347 -18.95 -31.39 33.76
CA VAL B 347 -19.21 -30.71 35.00
C VAL B 347 -18.12 -31.01 36.00
N GLU B 348 -17.47 -32.16 35.88
CA GLU B 348 -16.38 -32.44 36.76
C GLU B 348 -15.27 -31.47 36.48
N LEU B 349 -15.04 -31.26 35.20
CA LEU B 349 -14.02 -30.37 34.70
C LEU B 349 -14.19 -28.96 35.25
N VAL B 350 -15.38 -28.40 35.07
CA VAL B 350 -15.65 -27.07 35.56
C VAL B 350 -15.56 -26.98 37.06
N GLN B 351 -16.09 -28.00 37.74
CA GLN B 351 -16.07 -28.04 39.20
C GLN B 351 -14.65 -27.93 39.71
N MET B 352 -13.70 -28.58 39.02
CA MET B 352 -12.30 -28.50 39.40
C MET B 352 -11.78 -27.10 39.27
N VAL B 353 -12.25 -26.36 38.27
CA VAL B 353 -11.82 -24.99 38.14
C VAL B 353 -12.36 -24.16 39.28
N VAL B 354 -13.65 -24.30 39.56
CA VAL B 354 -14.29 -23.54 40.61
C VAL B 354 -13.65 -23.77 41.96
N ASP B 355 -13.44 -25.03 42.29
CA ASP B 355 -12.82 -25.36 43.56
C ASP B 355 -11.45 -24.78 43.64
N GLY B 356 -10.69 -24.92 42.55
CA GLY B 356 -9.35 -24.40 42.48
C GLY B 356 -9.31 -22.92 42.72
N VAL B 357 -10.21 -22.18 42.08
CA VAL B 357 -10.22 -20.74 42.26
C VAL B 357 -10.40 -20.38 43.71
N LYS B 358 -11.37 -21.02 44.36
CA LYS B 358 -11.60 -20.71 45.76
C LYS B 358 -10.39 -21.01 46.61
N LEU B 359 -9.75 -22.15 46.32
CA LEU B 359 -8.57 -22.53 47.05
C LEU B 359 -7.48 -21.51 46.85
N LEU B 360 -7.25 -21.15 45.60
CA LEU B 360 -6.19 -20.22 45.23
C LEU B 360 -6.40 -18.84 45.81
N ILE B 361 -7.64 -18.37 45.87
CA ILE B 361 -7.87 -17.07 46.44
C ILE B 361 -7.52 -17.06 47.90
N GLU B 362 -8.01 -18.04 48.64
CA GLU B 362 -7.71 -18.07 50.06
C GLU B 362 -6.24 -18.28 50.30
N MET B 363 -5.58 -19.00 49.41
CA MET B 363 -4.16 -19.21 49.51
C MET B 363 -3.45 -17.87 49.44
N GLU B 364 -3.86 -17.03 48.50
CA GLU B 364 -3.29 -15.71 48.41
C GLU B 364 -3.61 -14.90 49.65
N GLN B 365 -4.81 -15.06 50.22
CA GLN B 365 -5.18 -14.33 51.42
C GLN B 365 -4.22 -14.64 52.54
N ARG B 366 -3.82 -15.91 52.64
CA ARG B 366 -2.87 -16.29 53.65
C ARG B 366 -1.60 -15.52 53.42
N LEU B 367 -1.15 -15.50 52.17
CA LEU B 367 0.08 -14.82 51.84
C LEU B 367 0.01 -13.32 52.11
N GLU B 368 -1.14 -12.73 51.85
CA GLU B 368 -1.30 -11.32 52.09
C GLU B 368 -1.21 -11.00 53.57
N GLN B 369 -1.71 -11.92 54.39
CA GLN B 369 -1.66 -11.74 55.83
C GLN B 369 -0.39 -12.29 56.47
N GLY B 370 0.57 -12.75 55.66
CA GLY B 370 1.81 -13.27 56.21
C GLY B 370 1.62 -14.64 56.84
N GLN B 371 0.58 -15.34 56.42
CA GLN B 371 0.26 -16.64 56.97
C GLN B 371 0.79 -17.71 56.05
N ALA B 372 1.00 -18.91 56.58
CA ALA B 372 1.48 -20.02 55.77
C ALA B 372 0.32 -20.65 54.99
N ILE B 373 0.65 -21.32 53.88
CA ILE B 373 -0.33 -22.00 53.04
C ILE B 373 -0.14 -23.51 53.04
N ASP B 374 0.52 -24.01 54.07
CA ASP B 374 0.94 -25.40 54.15
C ASP B 374 -0.22 -26.37 54.04
N ASP B 375 -1.29 -26.06 54.75
CA ASP B 375 -2.47 -26.90 54.79
C ASP B 375 -3.40 -26.73 53.60
N LEU B 376 -2.99 -25.96 52.61
CA LEU B 376 -3.84 -25.76 51.47
C LEU B 376 -3.42 -26.59 50.27
N MET B 377 -2.36 -27.38 50.41
CA MET B 377 -1.92 -28.19 49.27
C MET B 377 -2.92 -29.29 48.96
N PRO B 378 -3.66 -29.18 47.85
CA PRO B 378 -4.86 -29.94 47.48
C PRO B 378 -4.59 -31.34 46.94
N ALA B 379 -3.85 -32.15 47.68
CA ALA B 379 -3.52 -33.52 47.27
C ALA B 379 -3.21 -33.60 45.77
N LEU C 45 12.66 -11.51 3.68
CA LEU C 45 13.28 -11.73 4.97
C LEU C 45 14.57 -10.96 5.15
N SER C 46 15.68 -11.45 4.60
CA SER C 46 16.94 -10.75 4.81
C SER C 46 18.13 -11.25 3.97
N ASN C 47 17.96 -11.44 2.67
CA ASN C 47 19.10 -11.93 1.90
C ASN C 47 18.86 -11.89 0.39
N PRO C 48 19.78 -11.30 -0.40
CA PRO C 48 19.75 -11.19 -1.86
C PRO C 48 20.11 -12.54 -2.45
N LEU C 49 19.21 -13.50 -2.27
CA LEU C 49 19.33 -14.88 -2.70
C LEU C 49 19.21 -15.14 -4.18
N MET C 50 19.31 -14.12 -5.02
CA MET C 50 19.21 -14.29 -6.46
C MET C 50 17.83 -14.76 -6.93
N GLY C 51 16.83 -14.75 -6.03
CA GLY C 51 15.47 -15.12 -6.37
C GLY C 51 14.77 -13.86 -6.77
N ASP C 52 13.52 -13.97 -7.20
CA ASP C 52 12.76 -12.81 -7.64
C ASP C 52 11.88 -12.23 -6.54
N ALA C 53 11.11 -11.20 -6.89
CA ALA C 53 10.23 -10.49 -5.96
C ALA C 53 9.22 -11.40 -5.27
N VAL C 54 8.70 -12.38 -6.00
CA VAL C 54 7.76 -13.33 -5.43
C VAL C 54 8.28 -14.00 -4.17
N SER C 55 9.59 -14.25 -4.14
CA SER C 55 10.22 -14.91 -3.03
C SER C 55 10.68 -13.95 -1.93
N ASP C 56 10.42 -12.65 -2.09
CA ASP C 56 10.85 -11.68 -1.10
C ASP C 56 9.78 -11.29 -0.09
N TRP C 57 8.54 -11.62 -0.37
CA TRP C 57 7.46 -11.27 0.54
C TRP C 57 7.66 -11.82 1.92
N SER C 58 7.56 -10.95 2.90
CA SER C 58 7.60 -11.37 4.26
C SER C 58 6.15 -11.27 4.69
N PRO C 59 5.66 -12.12 5.58
CA PRO C 59 4.29 -12.21 6.00
C PRO C 59 3.75 -10.89 6.52
N MET C 60 4.62 -10.05 7.08
CA MET C 60 4.20 -8.76 7.57
C MET C 60 3.77 -7.85 6.45
N HIS C 61 4.43 -7.97 5.30
CA HIS C 61 4.09 -7.12 4.17
C HIS C 61 2.77 -7.56 3.65
N GLU C 62 2.54 -8.85 3.68
CA GLU C 62 1.28 -9.40 3.24
C GLU C 62 0.16 -8.91 4.12
N ALA C 63 0.38 -8.99 5.43
CA ALA C 63 -0.61 -8.53 6.38
C ALA C 63 -0.85 -7.05 6.23
N ALA C 64 0.22 -6.30 6.03
CA ALA C 64 0.11 -4.87 5.91
C ALA C 64 -0.70 -4.46 4.71
N ILE C 65 -0.35 -4.99 3.54
CA ILE C 65 -1.05 -4.54 2.34
C ILE C 65 -2.53 -4.90 2.31
N HIS C 66 -2.94 -5.99 2.96
CA HIS C 66 -4.36 -6.30 2.98
C HIS C 66 -5.07 -6.04 4.31
N GLY C 67 -4.46 -5.29 5.22
CA GLY C 67 -5.16 -4.89 6.43
C GLY C 67 -5.39 -5.96 7.49
N HIS C 68 -4.52 -6.95 7.55
CA HIS C 68 -4.68 -8.02 8.52
C HIS C 68 -4.02 -7.64 9.83
N GLN C 69 -4.67 -6.69 10.51
CA GLN C 69 -4.19 -6.10 11.73
C GLN C 69 -3.83 -7.09 12.81
N LEU C 70 -4.73 -8.01 13.10
CA LEU C 70 -4.46 -8.94 14.18
C LEU C 70 -3.31 -9.86 13.82
N SER C 71 -3.28 -10.28 12.55
CA SER C 71 -2.19 -11.11 12.07
C SER C 71 -0.89 -10.37 12.25
N LEU C 72 -0.89 -9.09 11.89
CA LEU C 72 0.28 -8.27 12.04
C LEU C 72 0.76 -8.27 13.47
N ARG C 73 -0.18 -8.07 14.39
CA ARG C 73 0.16 -8.06 15.79
C ARG C 73 0.75 -9.39 16.21
N ASN C 74 0.19 -10.47 15.69
CA ASN C 74 0.69 -11.78 16.03
C ASN C 74 2.10 -11.99 15.54
N LEU C 75 2.38 -11.53 14.33
CA LEU C 75 3.71 -11.67 13.77
C LEU C 75 4.71 -10.90 14.61
N ILE C 76 4.29 -9.73 15.05
CA ILE C 76 5.10 -8.90 15.90
C ILE C 76 5.36 -9.60 17.20
N SER C 77 4.33 -10.22 17.78
CA SER C 77 4.51 -10.91 19.04
C SER C 77 5.40 -12.13 18.90
N GLN C 78 5.42 -12.75 17.71
CA GLN C 78 6.33 -13.87 17.51
C GLN C 78 7.76 -13.37 17.45
N GLY C 79 7.97 -12.24 16.79
CA GLY C 79 9.29 -11.67 16.71
C GLY C 79 9.66 -11.11 15.35
N TRP C 80 8.68 -10.82 14.51
CA TRP C 80 9.00 -10.21 13.24
C TRP C 80 9.12 -8.70 13.46
N ALA C 81 10.25 -8.13 13.10
CA ALA C 81 10.47 -6.70 13.30
C ALA C 81 9.79 -5.86 12.25
N VAL C 82 9.35 -4.68 12.63
CA VAL C 82 8.66 -3.78 11.73
C VAL C 82 9.57 -3.17 10.67
N ASN C 83 10.87 -3.19 10.91
CA ASN C 83 11.79 -2.64 9.94
C ASN C 83 12.36 -3.70 8.99
N ILE C 84 11.73 -4.86 8.89
CA ILE C 84 12.18 -5.84 7.92
C ILE C 84 11.78 -5.40 6.53
N ILE C 85 12.76 -5.31 5.64
CA ILE C 85 12.53 -4.76 4.32
C ILE C 85 13.01 -5.66 3.20
N THR C 86 12.40 -5.49 2.04
CA THR C 86 12.75 -6.26 0.85
C THR C 86 13.91 -5.63 0.07
N ALA C 87 14.14 -6.12 -1.15
CA ALA C 87 15.24 -5.64 -2.01
C ALA C 87 15.09 -4.17 -2.33
N ASP C 88 13.87 -3.71 -2.47
CA ASP C 88 13.62 -2.33 -2.77
C ASP C 88 13.44 -1.49 -1.51
N HIS C 89 13.74 -2.09 -0.36
CA HIS C 89 13.62 -1.45 0.94
C HIS C 89 12.20 -1.16 1.36
N VAL C 90 11.24 -1.76 0.68
CA VAL C 90 9.87 -1.54 1.03
C VAL C 90 9.57 -2.23 2.34
N SER C 91 9.11 -1.46 3.32
CA SER C 91 8.78 -2.00 4.62
C SER C 91 7.30 -2.25 4.69
N PRO C 92 6.81 -2.93 5.71
CA PRO C 92 5.42 -3.15 6.02
C PRO C 92 4.71 -1.81 6.11
N LEU C 93 5.43 -0.77 6.54
CA LEU C 93 4.85 0.54 6.67
C LEU C 93 4.53 1.07 5.32
N HIS C 94 5.46 0.88 4.39
CA HIS C 94 5.25 1.37 3.05
C HIS C 94 4.06 0.68 2.41
N GLU C 95 3.92 -0.62 2.68
CA GLU C 95 2.78 -1.33 2.11
C GLU C 95 1.49 -0.90 2.79
N ALA C 96 1.54 -0.67 4.10
CA ALA C 96 0.36 -0.26 4.84
C ALA C 96 -0.12 1.08 4.33
N CYS C 97 0.82 1.95 4.00
CA CYS C 97 0.50 3.26 3.49
C CYS C 97 -0.17 3.15 2.14
N LEU C 98 0.31 2.26 1.29
CA LEU C 98 -0.32 2.06 0.00
C LEU C 98 -1.72 1.49 0.14
N GLY C 99 -1.91 0.61 1.12
CA GLY C 99 -3.22 0.03 1.34
C GLY C 99 -4.16 0.97 2.09
N GLY C 100 -3.60 1.90 2.85
CA GLY C 100 -4.42 2.84 3.59
C GLY C 100 -4.94 2.23 4.88
N HIS C 101 -4.21 1.27 5.42
CA HIS C 101 -4.67 0.57 6.60
C HIS C 101 -4.20 1.28 7.85
N LEU C 102 -4.84 2.39 8.14
CA LEU C 102 -4.52 3.28 9.24
C LEU C 102 -4.16 2.59 10.54
N SER C 103 -4.96 1.63 10.98
CA SER C 103 -4.66 0.99 12.25
C SER C 103 -3.37 0.20 12.21
N CYS C 104 -3.01 -0.31 11.04
CA CYS C 104 -1.79 -1.06 10.90
C CYS C 104 -0.64 -0.08 10.96
N VAL C 105 -0.86 1.08 10.37
CA VAL C 105 0.13 2.14 10.37
C VAL C 105 0.41 2.55 11.80
N LYS C 106 -0.65 2.69 12.58
CA LYS C 106 -0.52 3.07 13.98
C LYS C 106 0.32 2.06 14.73
N ILE C 107 0.06 0.77 14.50
CA ILE C 107 0.79 -0.29 15.17
C ILE C 107 2.24 -0.30 14.77
N LEU C 108 2.50 -0.22 13.49
CA LEU C 108 3.86 -0.26 13.01
C LEU C 108 4.68 0.90 13.55
N LEU C 109 4.07 2.08 13.56
CA LEU C 109 4.75 3.25 14.08
C LEU C 109 4.96 3.11 15.56
N LYS C 110 3.97 2.54 16.24
CA LYS C 110 4.05 2.28 17.67
C LYS C 110 5.26 1.45 18.00
N HIS C 111 5.59 0.50 17.12
CA HIS C 111 6.73 -0.35 17.36
C HIS C 111 8.02 0.09 16.66
N GLY C 112 8.11 1.35 16.22
CA GLY C 112 9.36 1.86 15.68
C GLY C 112 9.53 1.82 14.16
N ALA C 113 8.45 1.76 13.40
CA ALA C 113 8.58 1.77 11.94
C ALA C 113 9.17 3.09 11.46
N GLN C 114 9.93 3.03 10.39
CA GLN C 114 10.63 4.21 9.91
C GLN C 114 9.76 5.11 9.06
N VAL C 115 9.08 6.02 9.74
CA VAL C 115 8.17 6.99 9.13
C VAL C 115 8.74 7.75 7.91
N ASN C 116 10.04 7.97 7.86
CA ASN C 116 10.65 8.63 6.71
C ASN C 116 11.55 7.72 5.90
N GLY C 117 11.31 6.41 5.94
CA GLY C 117 12.13 5.46 5.19
C GLY C 117 11.99 5.69 3.69
N VAL C 118 13.09 5.54 2.96
CA VAL C 118 13.11 5.79 1.52
C VAL C 118 13.37 4.53 0.73
N THR C 119 12.50 4.24 -0.25
CA THR C 119 12.64 3.02 -1.03
C THR C 119 13.61 3.21 -2.18
N ALA C 120 13.87 2.12 -2.90
CA ALA C 120 14.72 2.15 -4.08
C ALA C 120 14.15 3.04 -5.19
N ASP C 121 12.87 3.38 -5.11
CA ASP C 121 12.24 4.27 -6.06
C ASP C 121 11.96 5.62 -5.42
N TRP C 122 12.69 5.91 -4.34
CA TRP C 122 12.59 7.16 -3.62
C TRP C 122 11.24 7.43 -3.00
N HIS C 123 10.46 6.39 -2.73
CA HIS C 123 9.17 6.63 -2.15
C HIS C 123 9.26 6.63 -0.65
N THR C 124 8.35 7.35 -0.03
CA THR C 124 8.27 7.43 1.42
C THR C 124 6.86 7.04 1.82
N PRO C 125 6.64 6.62 3.05
CA PRO C 125 5.36 6.25 3.63
C PRO C 125 4.36 7.33 3.38
N LEU C 126 4.81 8.57 3.52
CA LEU C 126 3.97 9.73 3.31
C LEU C 126 3.54 9.77 1.88
N PHE C 127 4.49 9.62 0.98
CA PHE C 127 4.19 9.63 -0.43
C PHE C 127 3.18 8.55 -0.75
N ASN C 128 3.43 7.36 -0.24
CA ASN C 128 2.57 6.23 -0.50
C ASN C 128 1.15 6.49 -0.01
N ALA C 129 1.02 7.11 1.15
CA ALA C 129 -0.30 7.42 1.66
C ALA C 129 -1.00 8.37 0.71
N CYS C 130 -0.25 9.34 0.18
CA CYS C 130 -0.81 10.31 -0.74
C CYS C 130 -1.28 9.64 -2.00
N VAL C 131 -0.56 8.60 -2.43
CA VAL C 131 -0.94 7.85 -3.60
C VAL C 131 -2.30 7.23 -3.43
N SER C 132 -2.52 6.64 -2.26
CA SER C 132 -3.80 6.01 -1.97
C SER C 132 -4.89 7.01 -1.62
N GLY C 133 -4.50 8.17 -1.11
CA GLY C 133 -5.47 9.18 -0.71
C GLY C 133 -5.88 9.00 0.75
N SER C 134 -5.11 8.19 1.48
CA SER C 134 -5.36 7.89 2.89
C SER C 134 -5.13 9.08 3.80
N TRP C 135 -6.01 10.07 3.71
CA TRP C 135 -5.88 11.32 4.41
C TRP C 135 -5.61 11.19 5.90
N ASP C 136 -6.30 10.28 6.55
CA ASP C 136 -6.08 10.07 7.97
C ASP C 136 -4.66 9.60 8.24
N CYS C 137 -4.12 8.79 7.34
CA CYS C 137 -2.77 8.28 7.49
C CYS C 137 -1.80 9.39 7.25
N VAL C 138 -2.12 10.26 6.30
CA VAL C 138 -1.26 11.39 6.01
C VAL C 138 -1.10 12.23 7.24
N ASN C 139 -2.21 12.51 7.90
CA ASN C 139 -2.16 13.31 9.10
C ASN C 139 -1.32 12.62 10.15
N LEU C 140 -1.56 11.33 10.34
CA LEU C 140 -0.85 10.56 11.35
C LEU C 140 0.65 10.57 11.15
N LEU C 141 1.05 10.29 9.92
CA LEU C 141 2.46 10.23 9.58
C LEU C 141 3.14 11.54 9.83
N LEU C 142 2.48 12.63 9.46
CA LEU C 142 3.04 13.95 9.66
C LEU C 142 3.18 14.22 11.13
N GLN C 143 2.22 13.76 11.92
CA GLN C 143 2.28 13.96 13.36
C GLN C 143 3.43 13.17 13.98
N HIS C 144 3.88 12.12 13.31
CA HIS C 144 5.03 11.39 13.81
C HIS C 144 6.33 11.81 13.16
N GLY C 145 6.35 12.98 12.53
CA GLY C 145 7.59 13.49 11.98
C GLY C 145 7.82 13.23 10.50
N ALA C 146 6.81 12.76 9.77
CA ALA C 146 7.01 12.58 8.34
C ALA C 146 7.28 13.94 7.75
N SER C 147 8.30 14.04 6.91
CA SER C 147 8.56 15.33 6.30
C SER C 147 7.81 15.46 5.01
N VAL C 148 7.22 16.64 4.80
CA VAL C 148 6.49 16.92 3.58
C VAL C 148 7.46 17.08 2.42
N GLN C 149 8.72 17.33 2.74
CA GLN C 149 9.76 17.48 1.76
C GLN C 149 10.22 16.13 1.24
N PRO C 150 10.25 15.94 -0.08
CA PRO C 150 10.75 14.74 -0.73
C PRO C 150 12.23 14.83 -0.95
N GLU C 151 12.89 13.68 -0.98
CA GLU C 151 14.30 13.61 -1.30
C GLU C 151 14.56 13.90 -2.75
N SER C 152 13.63 13.52 -3.59
CA SER C 152 13.76 13.72 -5.01
C SER C 152 12.46 14.06 -5.66
N ASP C 153 12.59 14.80 -6.75
CA ASP C 153 11.46 15.24 -7.56
C ASP C 153 10.70 14.08 -8.18
N LEU C 154 11.32 12.90 -8.17
CA LEU C 154 10.68 11.70 -8.65
C LEU C 154 9.44 11.33 -7.83
N ALA C 155 9.37 11.79 -6.59
CA ALA C 155 8.25 11.42 -5.74
C ALA C 155 7.90 12.53 -4.76
N SER C 156 7.25 13.56 -5.25
CA SER C 156 6.85 14.68 -4.40
C SER C 156 5.37 14.59 -4.01
N PRO C 157 5.08 14.24 -2.76
CA PRO C 157 3.77 14.04 -2.15
C PRO C 157 2.73 15.04 -2.61
N ILE C 158 3.07 16.32 -2.50
CA ILE C 158 2.14 17.37 -2.86
C ILE C 158 1.80 17.40 -4.33
N HIS C 159 2.74 16.99 -5.17
CA HIS C 159 2.50 17.00 -6.58
C HIS C 159 1.66 15.81 -6.93
N GLU C 160 1.89 14.72 -6.20
CA GLU C 160 1.12 13.54 -6.43
C GLU C 160 -0.31 13.80 -6.06
N ALA C 161 -0.51 14.42 -4.91
CA ALA C 161 -1.83 14.70 -4.43
C ALA C 161 -2.57 15.59 -5.40
N ALA C 162 -1.86 16.58 -5.95
CA ALA C 162 -2.48 17.46 -6.91
C ALA C 162 -2.97 16.71 -8.12
N ARG C 163 -2.13 15.82 -8.64
CA ARG C 163 -2.51 15.02 -9.78
C ARG C 163 -3.69 14.11 -9.46
N ARG C 164 -3.68 13.55 -8.27
CA ARG C 164 -4.71 12.64 -7.84
C ARG C 164 -6.02 13.31 -7.49
N GLY C 165 -5.97 14.58 -7.11
CA GLY C 165 -7.17 15.29 -6.71
C GLY C 165 -7.50 15.03 -5.25
N HIS C 166 -6.49 14.69 -4.46
CA HIS C 166 -6.69 14.40 -3.04
C HIS C 166 -6.62 15.68 -2.23
N VAL C 167 -7.67 16.49 -2.40
CA VAL C 167 -7.78 17.83 -1.85
C VAL C 167 -7.49 17.96 -0.37
N GLU C 168 -8.09 17.11 0.44
CA GLU C 168 -7.84 17.19 1.86
C GLU C 168 -6.40 16.83 2.23
N CYS C 169 -5.74 16.04 1.38
CA CYS C 169 -4.35 15.70 1.65
C CYS C 169 -3.50 16.88 1.30
N VAL C 170 -3.88 17.56 0.21
CA VAL C 170 -3.21 18.77 -0.22
C VAL C 170 -3.28 19.77 0.90
N ASN C 171 -4.47 19.93 1.45
CA ASN C 171 -4.71 20.83 2.55
C ASN C 171 -3.79 20.54 3.72
N SER C 172 -3.75 19.28 4.17
CA SER C 172 -2.92 18.93 5.30
C SER C 172 -1.45 19.09 5.04
N LEU C 173 -0.98 18.74 3.85
CA LEU C 173 0.43 18.88 3.56
C LEU C 173 0.86 20.33 3.57
N ILE C 174 0.04 21.19 2.98
CA ILE C 174 0.36 22.60 2.95
C ILE C 174 0.33 23.15 4.34
N ALA C 175 -0.73 22.83 5.07
CA ALA C 175 -0.91 23.29 6.44
C ALA C 175 0.22 22.84 7.33
N TYR C 176 0.71 21.62 7.12
CA TYR C 176 1.83 21.13 7.89
C TYR C 176 3.07 21.96 7.61
N GLY C 177 3.12 22.54 6.43
CA GLY C 177 4.20 23.43 6.03
C GLY C 177 4.87 22.93 4.78
N GLY C 178 4.09 22.92 3.70
CA GLY C 178 4.59 22.50 2.41
C GLY C 178 4.61 23.67 1.42
N ASN C 179 5.54 23.64 0.48
CA ASN C 179 5.63 24.71 -0.49
C ASN C 179 4.64 24.54 -1.60
N ILE C 180 3.50 25.22 -1.48
CA ILE C 180 2.44 25.16 -2.48
C ILE C 180 2.86 25.52 -3.90
N ASP C 181 3.92 26.29 -4.06
CA ASP C 181 4.37 26.65 -5.40
C ASP C 181 5.65 25.96 -5.80
N HIS C 182 5.97 24.86 -5.14
CA HIS C 182 7.19 24.16 -5.48
C HIS C 182 7.17 23.72 -6.94
N LYS C 183 8.20 24.11 -7.65
CA LYS C 183 8.31 23.82 -9.07
C LYS C 183 9.30 22.72 -9.37
N ILE C 184 8.82 21.63 -9.96
CA ILE C 184 9.68 20.52 -10.37
C ILE C 184 10.13 20.66 -11.81
N SER C 185 11.41 20.42 -12.04
CA SER C 185 12.05 20.63 -13.35
C SER C 185 11.31 20.08 -14.56
N HIS C 186 10.55 19.02 -14.41
CA HIS C 186 9.81 18.42 -15.50
C HIS C 186 8.31 18.33 -15.25
N LEU C 187 7.85 18.85 -14.12
CA LEU C 187 6.43 18.80 -13.81
C LEU C 187 5.85 20.19 -13.60
N GLY C 188 6.64 21.09 -13.04
CA GLY C 188 6.18 22.44 -12.77
C GLY C 188 5.53 22.49 -11.40
N THR C 189 4.58 23.39 -11.25
CA THR C 189 3.85 23.52 -10.01
C THR C 189 2.75 22.49 -9.92
N PRO C 190 2.25 22.20 -8.73
CA PRO C 190 1.19 21.26 -8.48
C PRO C 190 -0.08 21.82 -9.06
N LEU C 191 -0.16 23.14 -9.14
CA LEU C 191 -1.30 23.80 -9.75
C LEU C 191 -1.35 23.41 -11.19
N TYR C 192 -0.21 23.52 -11.86
CA TYR C 192 -0.10 23.14 -13.25
C TYR C 192 -0.55 21.71 -13.44
N LEU C 193 -0.05 20.82 -12.60
CA LEU C 193 -0.39 19.41 -12.74
C LEU C 193 -1.86 19.15 -12.56
N ALA C 194 -2.48 19.82 -11.59
CA ALA C 194 -3.90 19.64 -11.37
C ALA C 194 -4.69 20.12 -12.57
N CYS C 195 -4.24 21.21 -13.18
CA CYS C 195 -4.90 21.74 -14.34
C CYS C 195 -4.80 20.77 -15.50
N GLU C 196 -3.62 20.19 -15.68
CA GLU C 196 -3.43 19.21 -16.75
C GLU C 196 -4.28 17.99 -16.55
N ASN C 197 -4.51 17.60 -15.30
CA ASN C 197 -5.33 16.44 -15.02
C ASN C 197 -6.78 16.77 -14.73
N GLN C 198 -7.21 18.00 -15.01
CA GLN C 198 -8.60 18.40 -14.85
C GLN C 198 -9.14 18.21 -13.44
N GLN C 199 -8.29 18.34 -12.44
CA GLN C 199 -8.73 18.13 -11.07
C GLN C 199 -9.35 19.41 -10.54
N ARG C 200 -10.58 19.66 -10.96
CA ARG C 200 -11.29 20.88 -10.65
C ARG C 200 -11.28 21.29 -9.20
N ALA C 201 -11.64 20.37 -8.32
CA ALA C 201 -11.68 20.66 -6.91
C ALA C 201 -10.32 21.06 -6.39
N CYS C 202 -9.29 20.37 -6.84
CA CYS C 202 -7.94 20.65 -6.42
C CYS C 202 -7.50 22.03 -6.86
N VAL C 203 -7.74 22.35 -8.12
CA VAL C 203 -7.34 23.65 -8.64
C VAL C 203 -7.95 24.77 -7.83
N LYS C 204 -9.25 24.68 -7.57
CA LYS C 204 -9.94 25.70 -6.81
C LYS C 204 -9.35 25.81 -5.42
N LYS C 205 -9.10 24.67 -4.80
CA LYS C 205 -8.51 24.66 -3.48
C LYS C 205 -7.15 25.32 -3.44
N LEU C 206 -6.33 25.03 -4.43
CA LEU C 206 -5.00 25.60 -4.49
C LEU C 206 -5.03 27.10 -4.65
N LEU C 207 -5.92 27.60 -5.49
CA LEU C 207 -6.03 29.04 -5.68
C LEU C 207 -6.45 29.71 -4.39
N GLU C 208 -7.36 29.09 -3.65
CA GLU C 208 -7.81 29.64 -2.40
C GLU C 208 -6.70 29.67 -1.38
N SER C 209 -5.88 28.62 -1.37
CA SER C 209 -4.74 28.55 -0.48
C SER C 209 -3.73 29.64 -0.83
N GLY C 210 -3.63 29.95 -2.12
CA GLY C 210 -2.75 31.02 -2.58
C GLY C 210 -1.71 30.55 -3.58
N ALA C 211 -2.06 29.60 -4.42
CA ALA C 211 -1.14 29.13 -5.44
C ALA C 211 -0.91 30.21 -6.49
N ASP C 212 0.30 30.29 -7.00
CA ASP C 212 0.60 31.29 -8.01
C ASP C 212 -0.05 30.95 -9.32
N VAL C 213 -1.18 31.57 -9.56
CA VAL C 213 -1.97 31.38 -10.75
C VAL C 213 -1.20 31.48 -12.07
N ASN C 214 -0.09 32.21 -12.11
CA ASN C 214 0.63 32.36 -13.38
C ASN C 214 1.93 31.56 -13.44
N GLN C 215 2.18 30.70 -12.47
CA GLN C 215 3.39 29.88 -12.49
C GLN C 215 3.07 28.42 -12.72
N GLY C 216 3.41 27.93 -13.90
CA GLY C 216 3.11 26.54 -14.23
C GLY C 216 4.35 25.69 -14.44
N LYS C 217 4.65 25.39 -15.69
CA LYS C 217 5.80 24.58 -16.06
C LYS C 217 6.62 25.31 -17.09
N GLY C 218 7.84 25.67 -16.72
CA GLY C 218 8.66 26.44 -17.63
C GLY C 218 7.95 27.76 -17.88
N GLN C 219 7.68 28.06 -19.14
CA GLN C 219 6.95 29.27 -19.50
C GLN C 219 5.47 28.98 -19.73
N ASP C 220 5.08 27.73 -19.58
CA ASP C 220 3.72 27.28 -19.80
C ASP C 220 2.87 27.49 -18.55
N SER C 221 2.11 28.58 -18.50
CA SER C 221 1.29 28.86 -17.32
C SER C 221 0.09 27.93 -17.30
N PRO C 222 -0.52 27.71 -16.14
CA PRO C 222 -1.70 26.90 -15.91
C PRO C 222 -2.83 27.29 -16.84
N LEU C 223 -2.93 28.57 -17.17
CA LEU C 223 -3.94 29.02 -18.09
C LEU C 223 -3.76 28.42 -19.46
N HIS C 224 -2.50 28.31 -19.91
CA HIS C 224 -2.22 27.73 -21.20
C HIS C 224 -2.58 26.25 -21.18
N ALA C 225 -2.33 25.61 -20.03
CA ALA C 225 -2.69 24.21 -19.86
C ALA C 225 -4.19 24.02 -20.03
N VAL C 226 -4.95 24.90 -19.41
CA VAL C 226 -6.39 24.87 -19.53
C VAL C 226 -6.82 25.11 -20.94
N ALA C 227 -6.15 26.03 -21.60
CA ALA C 227 -6.45 26.34 -22.98
C ALA C 227 -6.28 25.11 -23.85
N ARG C 228 -5.15 24.41 -23.75
CA ARG C 228 -4.97 23.23 -24.61
C ARG C 228 -5.87 22.07 -24.23
N THR C 229 -6.37 22.03 -23.00
CA THR C 229 -7.26 20.95 -22.62
C THR C 229 -8.72 21.32 -22.81
N ALA C 230 -8.99 22.51 -23.32
CA ALA C 230 -10.35 22.95 -23.63
C ALA C 230 -11.31 22.89 -22.44
N SER C 231 -10.94 23.49 -21.31
CA SER C 231 -11.84 23.48 -20.16
C SER C 231 -12.33 24.84 -19.74
N GLU C 232 -13.52 25.20 -20.23
CA GLU C 232 -14.14 26.48 -19.90
C GLU C 232 -14.33 26.66 -18.40
N GLU C 233 -14.49 25.56 -17.69
CA GLU C 233 -14.69 25.61 -16.26
C GLU C 233 -13.43 26.06 -15.56
N LEU C 234 -12.30 25.47 -15.93
CA LEU C 234 -11.07 25.90 -15.31
C LEU C 234 -10.63 27.24 -15.86
N ALA C 235 -11.06 27.55 -17.07
CA ALA C 235 -10.72 28.81 -17.67
C ALA C 235 -11.30 29.94 -16.87
N CYS C 236 -12.59 29.88 -16.59
CA CYS C 236 -13.21 30.93 -15.81
C CYS C 236 -12.59 31.02 -14.44
N LEU C 237 -12.33 29.87 -13.84
CA LEU C 237 -11.74 29.84 -12.52
C LEU C 237 -10.39 30.55 -12.48
N LEU C 238 -9.49 30.21 -13.39
CA LEU C 238 -8.17 30.83 -13.39
C LEU C 238 -8.20 32.28 -13.87
N MET C 239 -8.99 32.56 -14.88
CA MET C 239 -9.09 33.90 -15.40
C MET C 239 -9.53 34.85 -14.34
N ASP C 240 -10.63 34.50 -13.68
CA ASP C 240 -11.20 35.33 -12.64
C ASP C 240 -10.28 35.41 -11.45
N PHE C 241 -9.55 34.35 -11.17
CA PHE C 241 -8.55 34.44 -10.12
C PHE C 241 -7.58 35.55 -10.44
N GLY C 242 -7.16 35.60 -11.69
CA GLY C 242 -6.23 36.62 -12.15
C GLY C 242 -5.11 36.02 -12.99
N ALA C 243 -5.50 35.19 -13.95
CA ALA C 243 -4.52 34.58 -14.83
C ALA C 243 -4.12 35.56 -15.92
N ASP C 244 -2.85 35.52 -16.31
CA ASP C 244 -2.35 36.45 -17.30
C ASP C 244 -2.61 35.99 -18.71
N THR C 245 -3.73 36.46 -19.25
CA THR C 245 -4.17 36.10 -20.58
C THR C 245 -3.28 36.63 -21.72
N GLN C 246 -2.34 37.50 -21.42
CA GLN C 246 -1.46 38.00 -22.46
C GLN C 246 -0.07 37.43 -22.41
N ALA C 247 0.22 36.59 -21.42
CA ALA C 247 1.56 36.01 -21.35
C ALA C 247 1.77 34.98 -22.45
N LYS C 248 2.97 34.92 -22.99
CA LYS C 248 3.28 33.92 -23.99
C LYS C 248 4.15 32.84 -23.41
N ASN C 249 3.84 31.61 -23.77
CA ASN C 249 4.57 30.46 -23.30
C ASN C 249 5.78 30.18 -24.17
N ALA C 250 6.45 29.05 -23.90
CA ALA C 250 7.63 28.62 -24.64
C ALA C 250 7.33 28.37 -26.12
N GLU C 251 6.06 28.12 -26.44
CA GLU C 251 5.58 27.90 -27.79
C GLU C 251 5.44 29.24 -28.52
N GLY C 252 5.59 30.34 -27.78
CA GLY C 252 5.46 31.68 -28.31
C GLY C 252 4.00 32.06 -28.43
N LYS C 253 3.14 31.37 -27.68
CA LYS C 253 1.73 31.61 -27.83
C LYS C 253 1.03 32.08 -26.57
N ARG C 254 0.00 32.87 -26.77
CA ARG C 254 -0.87 33.28 -25.70
C ARG C 254 -1.92 32.19 -25.60
N PRO C 255 -2.49 31.92 -24.44
CA PRO C 255 -3.48 30.89 -24.18
C PRO C 255 -4.57 30.86 -25.24
N VAL C 256 -5.08 32.03 -25.61
CA VAL C 256 -6.11 32.12 -26.63
C VAL C 256 -5.68 31.61 -28.00
N GLU C 257 -4.39 31.65 -28.27
CA GLU C 257 -3.84 31.24 -29.53
C GLU C 257 -3.68 29.73 -29.61
N LEU C 258 -3.93 29.05 -28.48
CA LEU C 258 -3.85 27.62 -28.42
C LEU C 258 -5.19 26.98 -28.67
N VAL C 259 -6.22 27.81 -28.84
CA VAL C 259 -7.56 27.28 -28.95
C VAL C 259 -8.25 27.69 -30.24
N PRO C 260 -8.89 26.76 -30.94
CA PRO C 260 -9.71 26.97 -32.11
C PRO C 260 -10.82 27.97 -31.77
N PRO C 261 -10.99 29.01 -32.58
CA PRO C 261 -11.87 30.17 -32.40
C PRO C 261 -13.35 29.81 -32.35
N GLU C 262 -13.69 28.63 -32.83
CA GLU C 262 -15.08 28.18 -32.78
C GLU C 262 -15.54 27.83 -31.37
N SER C 263 -14.58 27.58 -30.47
CA SER C 263 -14.90 27.18 -29.12
C SER C 263 -15.34 28.36 -28.24
N PRO C 264 -16.11 28.08 -27.18
CA PRO C 264 -16.58 29.00 -26.14
C PRO C 264 -15.45 29.74 -25.46
N LEU C 265 -14.27 29.11 -25.39
CA LEU C 265 -13.11 29.74 -24.80
C LEU C 265 -12.74 31.01 -25.49
N ALA C 266 -12.92 31.07 -26.81
CA ALA C 266 -12.57 32.27 -27.54
C ALA C 266 -13.35 33.45 -27.00
N GLN C 267 -14.62 33.22 -26.71
CA GLN C 267 -15.46 34.27 -26.19
C GLN C 267 -15.06 34.62 -24.77
N LEU C 268 -14.66 33.60 -24.01
CA LEU C 268 -14.22 33.80 -22.65
C LEU C 268 -12.93 34.62 -22.61
N PHE C 269 -12.10 34.47 -23.63
CA PHE C 269 -10.91 35.27 -23.72
C PHE C 269 -11.26 36.68 -24.18
N LEU C 270 -12.15 36.80 -25.17
CA LEU C 270 -12.51 38.11 -25.71
C LEU C 270 -13.11 39.04 -24.68
N GLU C 271 -13.99 38.53 -23.84
CA GLU C 271 -14.59 39.39 -22.83
C GLU C 271 -13.61 39.86 -21.75
N ARG C 272 -12.42 39.26 -21.68
CA ARG C 272 -11.42 39.67 -20.70
C ARG C 272 -10.18 40.27 -21.35
N GLU C 273 -10.28 40.69 -22.61
CA GLU C 273 -9.12 41.28 -23.27
C GLU C 273 -8.77 42.67 -22.75
N GLY C 274 -9.77 43.42 -22.30
CA GLY C 274 -9.50 44.76 -21.78
C GLY C 274 -9.00 44.70 -20.35
N PRO C 275 -8.67 45.84 -19.76
CA PRO C 275 -8.20 46.03 -18.40
C PRO C 275 -9.24 45.50 -17.42
N PRO C 276 -8.81 44.98 -16.29
CA PRO C 276 -9.59 44.42 -15.21
C PRO C 276 -10.30 45.52 -14.43
N SER C 277 -11.33 45.15 -13.70
CA SER C 277 -12.07 46.11 -12.89
C SER C 277 -11.20 46.54 -11.73
N LEU C 278 -11.54 47.68 -11.15
CA LEU C 278 -10.79 48.16 -10.03
C LEU C 278 -10.96 47.21 -8.88
N MET C 279 -12.18 46.73 -8.66
CA MET C 279 -12.41 45.79 -7.58
C MET C 279 -11.56 44.57 -7.76
N GLN C 280 -11.44 44.09 -9.01
CA GLN C 280 -10.59 42.95 -9.26
C GLN C 280 -9.18 43.22 -8.83
N LEU C 281 -8.67 44.37 -9.21
CA LEU C 281 -7.32 44.77 -8.88
C LEU C 281 -7.12 44.90 -7.40
N CYS C 282 -8.13 45.43 -6.72
CA CYS C 282 -8.05 45.60 -5.29
C CYS C 282 -7.97 44.26 -4.63
N ARG C 283 -8.85 43.36 -5.04
CA ARG C 283 -8.87 42.03 -4.48
C ARG C 283 -7.55 41.32 -4.66
N LEU C 284 -6.95 41.50 -5.84
CA LEU C 284 -5.67 40.90 -6.09
C LEU C 284 -4.63 41.44 -5.12
N ARG C 285 -4.63 42.76 -4.93
CA ARG C 285 -3.69 43.36 -4.02
C ARG C 285 -3.91 42.94 -2.60
N ILE C 286 -5.17 42.85 -2.19
CA ILE C 286 -5.50 42.46 -0.84
C ILE C 286 -5.06 41.05 -0.56
N ARG C 287 -5.37 40.13 -1.47
CA ARG C 287 -5.00 38.75 -1.24
C ARG C 287 -3.49 38.59 -1.15
N LYS C 288 -2.74 39.40 -1.88
CA LYS C 288 -1.28 39.35 -1.80
C LYS C 288 -0.72 39.63 -0.42
N CYS C 289 -1.50 40.26 0.45
CA CYS C 289 -1.03 40.54 1.80
C CYS C 289 -1.13 39.32 2.71
N PHE C 290 -1.79 38.27 2.26
CA PHE C 290 -1.93 37.09 3.07
C PHE C 290 -1.01 36.00 2.57
N GLY C 291 -0.51 35.19 3.51
CA GLY C 291 0.37 34.08 3.16
C GLY C 291 -0.44 32.88 2.75
N ILE C 292 0.21 31.72 2.68
CA ILE C 292 -0.48 30.55 2.23
C ILE C 292 -1.39 30.03 3.33
N GLN C 293 -2.66 29.86 2.96
CA GLN C 293 -3.74 29.49 3.86
C GLN C 293 -3.91 30.50 5.00
N GLN C 294 -3.56 31.76 4.75
CA GLN C 294 -3.75 32.77 5.77
C GLN C 294 -4.97 33.60 5.49
N HIS C 295 -5.66 33.29 4.39
CA HIS C 295 -6.82 34.06 3.96
C HIS C 295 -7.99 33.94 4.93
N HIS C 296 -7.91 32.98 5.84
CA HIS C 296 -8.85 32.85 6.92
C HIS C 296 -9.00 34.19 7.65
N LYS C 297 -7.88 34.87 7.84
CA LYS C 297 -7.79 36.14 8.55
C LYS C 297 -8.57 37.27 7.90
N ILE C 298 -8.98 37.13 6.64
CA ILE C 298 -9.77 38.14 5.95
C ILE C 298 -11.03 38.49 6.69
N THR C 299 -11.60 37.51 7.39
CA THR C 299 -12.83 37.74 8.13
C THR C 299 -12.66 38.70 9.31
N LYS C 300 -11.42 39.03 9.66
CA LYS C 300 -11.13 39.94 10.75
C LYS C 300 -10.98 41.38 10.26
N LEU C 301 -11.11 41.60 8.95
CA LEU C 301 -11.01 42.94 8.40
C LEU C 301 -12.28 43.74 8.61
N VAL C 302 -12.14 45.05 8.77
CA VAL C 302 -13.31 45.90 8.97
C VAL C 302 -13.99 46.16 7.64
N LEU C 303 -14.71 45.16 7.17
CA LEU C 303 -15.40 45.22 5.89
C LEU C 303 -16.81 44.71 6.00
N PRO C 304 -17.67 45.11 5.07
CA PRO C 304 -19.00 44.58 4.84
C PRO C 304 -18.81 43.11 4.52
N GLU C 305 -19.73 42.27 4.96
CA GLU C 305 -19.60 40.83 4.73
C GLU C 305 -19.64 40.48 3.26
N ASP C 306 -20.21 41.36 2.45
CA ASP C 306 -20.25 41.16 1.02
C ASP C 306 -18.85 41.17 0.47
N LEU C 307 -18.02 42.06 1.00
CA LEU C 307 -16.67 42.17 0.53
C LEU C 307 -15.83 41.10 1.15
N LYS C 308 -16.17 40.67 2.37
CA LYS C 308 -15.42 39.58 2.95
C LYS C 308 -15.58 38.36 2.08
N GLN C 309 -16.79 38.11 1.59
CA GLN C 309 -17.01 36.98 0.72
C GLN C 309 -16.34 37.20 -0.61
N PHE C 310 -16.41 38.43 -1.12
CA PHE C 310 -15.78 38.78 -2.38
C PHE C 310 -14.30 38.44 -2.35
N LEU C 311 -13.64 38.74 -1.23
CA LEU C 311 -12.23 38.44 -1.10
C LEU C 311 -11.98 36.94 -0.89
N LEU C 312 -12.84 36.31 -0.11
CA LEU C 312 -12.69 34.88 0.18
C LEU C 312 -12.99 33.97 -1.00
N HIS C 313 -13.73 34.44 -1.99
CA HIS C 313 -14.02 33.58 -3.12
C HIS C 313 -13.11 33.79 -4.33
N LEU C 314 -11.89 34.31 -4.08
CA LEU C 314 -10.81 34.49 -5.06
C LEU C 314 -10.93 35.80 -5.79
N TYR D 3 -15.89 67.97 -19.49
CA TYR D 3 -15.32 67.59 -18.19
C TYR D 3 -16.35 67.72 -17.07
N VAL D 4 -16.20 66.88 -16.05
CA VAL D 4 -17.09 66.84 -14.90
C VAL D 4 -16.34 66.98 -13.59
N LYS D 5 -16.87 67.81 -12.69
CA LYS D 5 -16.24 67.99 -11.38
C LYS D 5 -16.79 67.01 -10.35
N LEU D 6 -15.90 66.27 -9.70
CA LEU D 6 -16.31 65.37 -8.66
C LEU D 6 -15.91 65.97 -7.31
N ILE D 7 -16.81 65.90 -6.34
CA ILE D 7 -16.47 66.46 -5.02
C ILE D 7 -16.21 65.35 -4.01
N SER D 8 -15.05 65.41 -3.35
CA SER D 8 -14.72 64.40 -2.35
C SER D 8 -15.36 64.74 -1.03
N SER D 9 -15.29 63.84 -0.06
CA SER D 9 -15.83 64.10 1.27
C SER D 9 -15.03 65.15 2.01
N ASP D 10 -13.84 65.44 1.52
CA ASP D 10 -12.97 66.36 2.17
C ASP D 10 -13.00 67.72 1.49
N GLY D 11 -13.83 67.86 0.45
CA GLY D 11 -13.97 69.11 -0.25
C GLY D 11 -13.01 69.30 -1.43
N HIS D 12 -12.40 68.23 -1.92
CA HIS D 12 -11.53 68.43 -3.06
C HIS D 12 -12.34 68.36 -4.34
N GLU D 13 -11.88 69.10 -5.33
CA GLU D 13 -12.57 69.20 -6.60
C GLU D 13 -11.79 68.51 -7.71
N PHE D 14 -12.33 67.44 -8.27
CA PHE D 14 -11.63 66.73 -9.32
C PHE D 14 -12.26 66.93 -10.67
N ILE D 15 -11.50 67.50 -11.58
CA ILE D 15 -11.98 67.69 -12.92
C ILE D 15 -11.53 66.54 -13.78
N VAL D 16 -12.49 65.84 -14.37
CA VAL D 16 -12.18 64.69 -15.19
C VAL D 16 -13.04 64.63 -16.42
N LYS D 17 -12.44 64.21 -17.50
CA LYS D 17 -13.19 64.11 -18.73
C LYS D 17 -14.37 63.20 -18.49
N ARG D 18 -15.55 63.72 -18.81
CA ARG D 18 -16.80 63.01 -18.61
C ARG D 18 -16.76 61.60 -19.14
N GLU D 19 -16.14 61.43 -20.29
CA GLU D 19 -16.09 60.16 -20.94
C GLU D 19 -15.28 59.15 -20.13
N HIS D 20 -14.30 59.61 -19.37
CA HIS D 20 -13.56 58.72 -18.51
C HIS D 20 -14.41 58.42 -17.29
N ALA D 21 -15.15 59.43 -16.83
CA ALA D 21 -16.01 59.27 -15.66
C ALA D 21 -17.01 58.19 -15.90
N LEU D 22 -17.50 58.06 -17.12
CA LEU D 22 -18.43 57.01 -17.50
C LEU D 22 -17.92 55.57 -17.33
N THR D 23 -16.69 55.38 -16.86
CA THR D 23 -16.16 54.08 -16.50
C THR D 23 -17.02 53.44 -15.42
N SER D 24 -17.43 54.27 -14.48
CA SER D 24 -18.26 53.84 -13.35
C SER D 24 -19.70 53.62 -13.71
N GLY D 25 -20.23 52.46 -13.33
CA GLY D 25 -21.64 52.18 -13.59
C GLY D 25 -22.52 53.14 -12.81
N THR D 26 -22.10 53.47 -11.60
CA THR D 26 -22.84 54.40 -10.78
C THR D 26 -22.85 55.77 -11.42
N ILE D 27 -21.69 56.24 -11.89
CA ILE D 27 -21.66 57.52 -12.56
C ILE D 27 -22.51 57.50 -13.82
N LYS D 28 -22.47 56.41 -14.56
CA LYS D 28 -23.31 56.31 -15.74
C LYS D 28 -24.76 56.49 -15.35
N ALA D 29 -25.17 55.89 -14.24
CA ALA D 29 -26.52 56.05 -13.72
C ALA D 29 -26.79 57.51 -13.34
N MET D 30 -25.75 58.22 -12.88
CA MET D 30 -25.85 59.62 -12.53
C MET D 30 -25.97 60.57 -13.73
N LEU D 31 -25.88 60.04 -14.95
CA LEU D 31 -26.00 60.87 -16.13
C LEU D 31 -27.15 60.40 -17.02
N GLU D 44 -22.05 68.35 -12.65
CA GLU D 44 -21.07 68.01 -11.62
C GLU D 44 -21.68 67.04 -10.62
N VAL D 45 -20.83 66.24 -9.96
CA VAL D 45 -21.32 65.26 -8.97
C VAL D 45 -20.63 65.35 -7.64
N ASN D 46 -21.40 65.51 -6.58
CA ASN D 46 -20.84 65.55 -5.25
C ASN D 46 -20.83 64.16 -4.64
N PHE D 47 -19.64 63.56 -4.56
CA PHE D 47 -19.48 62.22 -4.02
C PHE D 47 -18.96 62.25 -2.59
N ARG D 48 -19.75 62.84 -1.69
CA ARG D 48 -19.39 63.02 -0.27
C ARG D 48 -19.10 61.74 0.54
N GLU D 49 -19.39 60.57 -0.02
CA GLU D 49 -19.16 59.32 0.68
C GLU D 49 -17.73 58.79 0.55
N ILE D 50 -16.89 59.42 -0.27
CA ILE D 50 -15.52 58.93 -0.45
C ILE D 50 -14.51 60.00 -0.06
N PRO D 51 -13.44 59.66 0.65
CA PRO D 51 -12.37 60.53 1.07
C PRO D 51 -11.45 60.89 -0.07
N SER D 52 -10.84 62.07 0.06
CA SER D 52 -9.91 62.60 -0.92
C SER D 52 -8.68 61.74 -1.04
N HIS D 53 -8.42 60.98 0.00
CA HIS D 53 -7.30 60.09 0.01
C HIS D 53 -7.34 59.09 -1.13
N VAL D 54 -8.53 58.65 -1.53
CA VAL D 54 -8.57 57.67 -2.58
C VAL D 54 -9.34 58.08 -3.83
N LEU D 55 -10.22 59.09 -3.73
CA LEU D 55 -10.97 59.50 -4.92
C LEU D 55 -10.10 59.86 -6.08
N SER D 56 -8.99 60.54 -5.82
CA SER D 56 -8.10 60.91 -6.90
C SER D 56 -7.56 59.71 -7.66
N LYS D 57 -7.39 58.60 -6.95
CA LYS D 57 -6.84 57.43 -7.56
C LYS D 57 -7.88 56.79 -8.42
N VAL D 58 -9.12 56.82 -7.95
CA VAL D 58 -10.22 56.28 -8.71
C VAL D 58 -10.33 56.99 -10.04
N CYS D 59 -10.18 58.31 -10.00
CA CYS D 59 -10.20 59.08 -11.22
C CYS D 59 -9.10 58.62 -12.14
N MET D 60 -7.89 58.50 -11.61
CA MET D 60 -6.76 58.05 -12.40
C MET D 60 -7.09 56.72 -13.07
N TYR D 61 -7.65 55.78 -12.31
CA TYR D 61 -8.11 54.51 -12.86
C TYR D 61 -9.01 54.69 -14.05
N PHE D 62 -9.92 55.67 -13.99
CA PHE D 62 -10.82 55.88 -15.12
C PHE D 62 -10.03 56.10 -16.39
N THR D 63 -9.00 56.93 -16.30
CA THR D 63 -8.17 57.19 -17.44
C THR D 63 -7.42 55.94 -17.89
N TYR D 64 -6.85 55.24 -16.93
CA TYR D 64 -6.11 54.02 -17.17
C TYR D 64 -6.89 53.01 -17.98
N LYS D 65 -8.10 52.71 -17.54
CA LYS D 65 -8.90 51.74 -18.25
C LYS D 65 -9.20 52.21 -19.64
N VAL D 66 -9.53 53.48 -19.80
CA VAL D 66 -9.81 54.00 -21.12
C VAL D 66 -8.61 53.90 -22.03
N ARG D 67 -7.45 54.28 -21.51
CA ARG D 67 -6.24 54.29 -22.31
C ARG D 67 -5.86 52.94 -22.87
N TYR D 68 -6.01 51.88 -22.10
CA TYR D 68 -5.62 50.59 -22.60
C TYR D 68 -6.77 49.69 -22.95
N THR D 69 -7.90 50.28 -23.33
CA THR D 69 -9.05 49.48 -23.71
C THR D 69 -8.82 48.66 -24.97
N ASN D 70 -8.22 49.27 -26.00
CA ASN D 70 -7.97 48.55 -27.26
C ASN D 70 -6.54 48.78 -27.76
N SER D 71 -5.56 48.14 -27.14
CA SER D 71 -4.18 48.33 -27.56
C SER D 71 -3.22 47.31 -26.94
N GLU D 74 -1.10 45.43 -25.39
CA GLU D 74 -0.34 45.49 -24.14
C GLU D 74 -0.99 46.38 -23.08
N ILE D 75 -1.19 45.82 -21.89
CA ILE D 75 -1.75 46.57 -20.78
C ILE D 75 -0.80 46.49 -19.57
N PRO D 76 -0.30 47.61 -19.06
CA PRO D 76 0.58 47.75 -17.91
C PRO D 76 -0.21 47.55 -16.63
N GLU D 77 0.49 47.31 -15.52
CA GLU D 77 -0.21 47.09 -14.26
C GLU D 77 -0.56 48.37 -13.51
N PHE D 78 -1.81 48.46 -13.09
CA PHE D 78 -2.30 49.58 -12.31
C PHE D 78 -1.68 49.56 -10.91
N PRO D 79 -1.10 50.66 -10.43
CA PRO D 79 -0.47 50.82 -9.15
C PRO D 79 -1.51 50.92 -8.05
N ILE D 80 -1.18 50.40 -6.86
CA ILE D 80 -2.07 50.42 -5.72
C ILE D 80 -1.33 50.22 -4.41
N ALA D 81 -1.75 50.92 -3.37
CA ALA D 81 -1.12 50.78 -2.07
C ALA D 81 -1.98 49.92 -1.14
N PRO D 82 -1.38 49.06 -0.33
CA PRO D 82 -2.03 48.17 0.61
C PRO D 82 -2.77 48.96 1.67
N GLU D 83 -2.30 50.17 1.94
CA GLU D 83 -2.95 51.04 2.91
C GLU D 83 -4.29 51.55 2.43
N ILE D 84 -4.55 51.48 1.13
CA ILE D 84 -5.80 52.03 0.66
C ILE D 84 -6.65 51.00 0.02
N ALA D 85 -6.08 49.83 -0.26
CA ALA D 85 -6.79 48.79 -0.96
C ALA D 85 -8.17 48.50 -0.38
N LEU D 86 -8.29 48.48 0.94
CA LEU D 86 -9.57 48.18 1.54
C LEU D 86 -10.61 49.25 1.28
N GLU D 87 -10.20 50.50 1.43
CA GLU D 87 -11.13 51.60 1.20
C GLU D 87 -11.41 51.74 -0.26
N LEU D 88 -10.40 51.50 -1.07
CA LEU D 88 -10.50 51.64 -2.49
C LEU D 88 -11.47 50.61 -2.99
N LEU D 89 -11.36 49.39 -2.47
CA LEU D 89 -12.29 48.34 -2.82
C LEU D 89 -13.70 48.78 -2.57
N MET D 90 -13.93 49.31 -1.36
CA MET D 90 -15.25 49.78 -0.98
C MET D 90 -15.73 50.86 -1.91
N ALA D 91 -14.83 51.77 -2.29
CA ALA D 91 -15.16 52.84 -3.19
C ALA D 91 -15.57 52.31 -4.54
N ALA D 92 -14.81 51.35 -5.01
CA ALA D 92 -15.08 50.74 -6.30
C ALA D 92 -16.41 50.03 -6.25
N ASN D 93 -16.71 49.40 -5.13
CA ASN D 93 -17.97 48.73 -4.96
C ASN D 93 -19.08 49.74 -5.11
N PHE D 94 -18.95 50.88 -4.42
CA PHE D 94 -19.95 51.93 -4.50
C PHE D 94 -20.15 52.42 -5.92
N LEU D 95 -19.05 52.62 -6.62
CA LEU D 95 -19.10 53.12 -7.99
C LEU D 95 -19.39 52.08 -9.04
N ASP D 96 -19.63 50.83 -8.67
CA ASP D 96 -19.84 49.79 -9.65
C ASP D 96 -18.65 49.72 -10.61
N CYS D 97 -17.48 49.45 -10.03
CA CYS D 97 -16.23 49.31 -10.77
C CYS D 97 -15.41 48.14 -10.29
N ASP E 2 1.82 60.49 -25.79
CA ASP E 2 0.83 61.29 -25.08
C ASP E 2 1.27 61.59 -23.64
N VAL E 3 0.83 62.74 -23.14
CA VAL E 3 1.14 63.21 -21.80
C VAL E 3 -0.09 63.19 -20.93
N PHE E 4 0.00 62.48 -19.81
CA PHE E 4 -1.11 62.42 -18.86
C PHE E 4 -0.75 63.31 -17.70
N LEU E 5 -1.35 64.49 -17.68
CA LEU E 5 -0.96 65.47 -16.70
C LEU E 5 -2.04 65.85 -15.72
N MET E 6 -1.68 65.86 -14.45
CA MET E 6 -2.58 66.27 -13.39
C MET E 6 -2.17 67.65 -12.85
N ILE E 7 -3.08 68.62 -12.95
CA ILE E 7 -2.77 69.96 -12.49
C ILE E 7 -3.56 70.34 -11.28
N ARG E 8 -2.89 70.90 -10.28
CA ARG E 8 -3.55 71.18 -9.01
C ARG E 8 -3.33 72.60 -8.48
N ARG E 9 -4.26 73.04 -7.65
CA ARG E 9 -4.22 74.34 -6.98
C ARG E 9 -5.11 74.33 -5.76
N HIS E 10 -4.57 74.66 -4.59
CA HIS E 10 -5.39 74.64 -3.40
C HIS E 10 -6.05 73.28 -3.28
N LYS E 11 -7.36 73.22 -3.30
CA LYS E 11 -8.05 71.94 -3.20
C LYS E 11 -8.65 71.48 -4.52
N THR E 12 -8.12 72.01 -5.63
CA THR E 12 -8.63 71.62 -6.94
C THR E 12 -7.60 70.78 -7.68
N THR E 13 -8.11 69.87 -8.49
CA THR E 13 -7.30 68.95 -9.29
C THR E 13 -7.93 68.72 -10.67
N ILE E 14 -7.11 68.67 -11.72
CA ILE E 14 -7.62 68.34 -13.04
C ILE E 14 -6.75 67.36 -13.78
N PHE E 15 -7.39 66.37 -14.39
CA PHE E 15 -6.70 65.36 -15.19
C PHE E 15 -6.91 65.62 -16.67
N THR E 16 -5.83 65.81 -17.42
CA THR E 16 -6.00 66.08 -18.84
C THR E 16 -4.81 65.59 -19.66
N ASP E 17 -5.09 65.26 -20.94
CA ASP E 17 -4.07 64.74 -21.82
C ASP E 17 -3.50 65.79 -22.78
N ALA E 18 -2.25 65.58 -23.20
CA ALA E 18 -1.60 66.50 -24.11
C ALA E 18 -0.54 65.81 -24.97
N LYS E 19 0.03 66.54 -25.92
CA LYS E 19 1.08 66.00 -26.78
C LYS E 19 2.44 66.50 -26.30
N GLU E 20 3.48 65.67 -26.41
CA GLU E 20 4.81 66.07 -25.97
C GLU E 20 5.29 67.32 -26.69
N SER E 21 4.85 67.47 -27.93
CA SER E 21 5.20 68.58 -28.79
C SER E 21 4.39 69.84 -28.50
N SER E 22 3.31 69.72 -27.74
CA SER E 22 2.53 70.89 -27.42
C SER E 22 3.28 71.65 -26.35
N THR E 23 2.99 72.93 -26.24
CA THR E 23 3.69 73.75 -25.29
C THR E 23 2.81 74.17 -24.16
N VAL E 24 3.46 74.74 -23.17
CA VAL E 24 2.82 75.30 -22.00
C VAL E 24 1.74 76.27 -22.40
N PHE E 25 1.96 77.07 -23.44
CA PHE E 25 0.92 77.97 -23.93
C PHE E 25 -0.38 77.24 -24.26
N GLU E 26 -0.30 76.13 -25.00
CA GLU E 26 -1.53 75.39 -25.28
C GLU E 26 -2.09 74.81 -24.01
N LEU E 27 -1.21 74.37 -23.11
CA LEU E 27 -1.63 73.86 -21.82
C LEU E 27 -2.39 74.94 -21.05
N LYS E 28 -1.94 76.19 -21.16
CA LYS E 28 -2.62 77.30 -20.54
C LYS E 28 -4.02 77.43 -21.11
N ARG E 29 -4.14 77.23 -22.42
CA ARG E 29 -5.44 77.26 -23.08
C ARG E 29 -6.30 76.09 -22.62
N ILE E 30 -5.67 74.95 -22.36
CA ILE E 30 -6.39 73.81 -21.84
C ILE E 30 -7.00 74.13 -20.50
N VAL E 31 -6.22 74.77 -19.64
CA VAL E 31 -6.75 75.16 -18.35
C VAL E 31 -7.87 76.17 -18.48
N GLU E 32 -7.67 77.18 -19.35
CA GLU E 32 -8.68 78.21 -19.60
C GLU E 32 -10.02 77.62 -19.98
N GLY E 33 -10.02 76.63 -20.85
CA GLY E 33 -11.25 75.99 -21.29
C GLY E 33 -12.12 75.49 -20.13
N ILE E 34 -11.52 75.22 -18.98
CA ILE E 34 -12.24 74.72 -17.82
C ILE E 34 -12.53 75.80 -16.80
N LEU E 35 -11.50 76.53 -16.42
CA LEU E 35 -11.66 77.52 -15.37
C LEU E 35 -12.01 78.91 -15.87
N LYS E 36 -11.97 79.10 -17.18
CA LYS E 36 -12.32 80.36 -17.83
C LYS E 36 -11.41 81.48 -17.35
N ARG E 37 -10.11 81.23 -17.33
CA ARG E 37 -9.13 82.18 -16.87
C ARG E 37 -8.01 82.36 -17.90
N PRO E 38 -8.15 83.32 -18.83
CA PRO E 38 -7.18 83.65 -19.89
C PRO E 38 -5.75 83.36 -19.47
N PRO E 39 -4.94 82.74 -20.34
CA PRO E 39 -3.56 82.27 -20.16
C PRO E 39 -2.63 83.25 -19.48
N ASP E 40 -2.76 84.55 -19.76
CA ASP E 40 -1.89 85.52 -19.12
C ASP E 40 -2.12 85.62 -17.62
N GLU E 41 -3.29 85.18 -17.16
CA GLU E 41 -3.62 85.16 -15.76
C GLU E 41 -3.25 83.86 -15.08
N GLN E 42 -2.68 82.93 -15.83
CA GLN E 42 -2.35 81.63 -15.27
C GLN E 42 -0.88 81.50 -14.94
N ARG E 43 -0.58 80.73 -13.91
CA ARG E 43 0.78 80.46 -13.54
C ARG E 43 0.97 78.97 -13.34
N LEU E 44 1.31 78.28 -14.42
CA LEU E 44 1.55 76.86 -14.33
C LEU E 44 2.95 76.66 -13.83
N TYR E 45 3.17 75.65 -13.00
CA TYR E 45 4.53 75.45 -12.55
C TYR E 45 4.86 74.02 -12.18
N LYS E 46 6.14 73.68 -12.32
CA LYS E 46 6.63 72.36 -11.99
C LYS E 46 7.36 72.45 -10.69
N ASP E 47 6.91 71.72 -9.68
CA ASP E 47 7.59 71.80 -8.40
C ASP E 47 7.43 73.22 -7.87
N ASP E 48 8.43 74.06 -8.07
CA ASP E 48 8.35 75.46 -7.68
C ASP E 48 8.85 76.35 -8.82
N GLN E 49 8.99 75.76 -10.00
CA GLN E 49 9.48 76.44 -11.18
C GLN E 49 8.39 76.81 -12.12
N LEU E 50 8.19 78.10 -12.31
CA LEU E 50 7.15 78.57 -13.20
C LEU E 50 7.47 78.09 -14.60
N LEU E 51 6.44 77.58 -15.28
CA LEU E 51 6.60 77.05 -16.62
C LEU E 51 6.55 78.13 -17.69
N ASP E 52 7.36 77.92 -18.71
CA ASP E 52 7.53 78.79 -19.86
C ASP E 52 6.59 78.46 -21.01
N ASP E 53 5.71 79.39 -21.35
CA ASP E 53 4.76 79.22 -22.46
C ASP E 53 5.41 78.71 -23.74
N GLY E 54 6.67 79.12 -23.99
CA GLY E 54 7.39 78.74 -25.20
C GLY E 54 8.14 77.40 -25.13
N LYS E 55 8.03 76.68 -24.03
CA LYS E 55 8.67 75.37 -23.95
C LYS E 55 7.65 74.26 -24.12
N THR E 56 8.08 73.19 -24.78
CA THR E 56 7.22 72.05 -24.98
C THR E 56 7.18 71.23 -23.73
N LEU E 57 6.22 70.34 -23.64
CA LEU E 57 6.16 69.48 -22.47
C LEU E 57 7.38 68.60 -22.38
N GLY E 58 7.85 68.12 -23.54
CA GLY E 58 9.09 67.37 -23.61
C GLY E 58 10.25 68.22 -23.12
N GLU E 59 10.30 69.48 -23.55
CA GLU E 59 11.33 70.43 -23.14
C GLU E 59 11.33 70.66 -21.63
N CYS E 60 10.14 70.66 -21.05
CA CYS E 60 10.00 70.88 -19.62
C CYS E 60 10.22 69.61 -18.76
N GLY E 61 10.65 68.50 -19.38
CA GLY E 61 10.93 67.29 -18.62
C GLY E 61 9.75 66.35 -18.44
N PHE E 62 8.70 66.49 -19.26
CA PHE E 62 7.56 65.62 -19.13
C PHE E 62 7.52 64.63 -20.27
N THR E 63 7.28 63.37 -19.96
CA THR E 63 7.23 62.37 -21.00
C THR E 63 6.40 61.13 -20.66
N SER E 64 6.50 60.13 -21.53
CA SER E 64 5.75 58.87 -21.38
C SER E 64 6.21 58.03 -20.21
N GLN E 65 7.40 58.34 -19.73
CA GLN E 65 7.99 57.65 -18.61
C GLN E 65 7.68 58.34 -17.30
N THR E 66 6.96 59.46 -17.35
CA THR E 66 6.62 60.20 -16.14
C THR E 66 5.12 60.39 -16.08
N ALA E 67 4.63 61.15 -17.04
CA ALA E 67 3.24 61.51 -17.13
C ALA E 67 2.43 60.37 -17.72
N ARG E 68 2.20 59.34 -16.91
CA ARG E 68 1.51 58.14 -17.37
C ARG E 68 0.05 58.06 -17.00
N PRO E 69 -0.70 57.15 -17.64
CA PRO E 69 -2.07 56.79 -17.36
C PRO E 69 -2.12 55.92 -16.11
N GLN E 70 -0.96 55.35 -15.76
CA GLN E 70 -0.78 54.63 -14.52
C GLN E 70 -0.63 55.60 -13.37
N ALA E 71 -0.02 56.74 -13.66
CA ALA E 71 0.30 57.74 -12.65
C ALA E 71 0.79 58.99 -13.34
N PRO E 72 -0.09 59.98 -13.54
CA PRO E 72 0.13 61.24 -14.23
C PRO E 72 1.08 62.16 -13.49
N ALA E 73 1.65 63.10 -14.22
CA ALA E 73 2.62 64.05 -13.68
C ALA E 73 1.92 65.13 -12.91
N THR E 74 2.64 65.83 -12.03
CA THR E 74 2.02 66.88 -11.25
C THR E 74 2.59 68.27 -11.55
N VAL E 75 1.70 69.15 -12.00
CA VAL E 75 1.96 70.57 -12.28
C VAL E 75 1.02 71.42 -11.48
N GLY E 76 1.52 72.48 -10.89
CA GLY E 76 0.64 73.30 -10.11
C GLY E 76 0.09 74.46 -10.93
N LEU E 77 -0.84 75.18 -10.33
CA LEU E 77 -1.50 76.32 -10.94
C LEU E 77 -1.79 77.42 -9.96
N ALA E 78 -1.51 78.65 -10.35
CA ALA E 78 -1.86 79.82 -9.57
C ALA E 78 -2.33 80.89 -10.53
N PHE E 79 -2.97 81.94 -10.02
CA PHE E 79 -3.44 82.96 -10.93
C PHE E 79 -2.88 84.34 -10.66
N ARG E 80 -3.01 85.20 -11.65
CA ARG E 80 -2.48 86.54 -11.59
C ARG E 80 -3.31 87.49 -10.78
N ALA E 81 -3.07 87.51 -9.49
CA ALA E 81 -3.71 88.46 -8.60
C ALA E 81 -3.20 89.87 -8.91
N ASP E 82 -3.87 90.53 -9.86
CA ASP E 82 -3.54 91.88 -10.27
C ASP E 82 -2.09 92.00 -10.76
N ASP E 83 -1.23 92.63 -9.97
CA ASP E 83 0.15 92.81 -10.37
C ASP E 83 1.06 91.67 -9.91
N THR E 84 0.48 90.64 -9.33
CA THR E 84 1.22 89.51 -8.83
C THR E 84 0.46 88.22 -9.07
N PHE E 85 0.81 87.20 -8.30
CA PHE E 85 0.10 85.94 -8.40
C PHE E 85 0.08 85.23 -7.06
N GLU E 86 -0.90 84.35 -6.89
CA GLU E 86 -1.12 83.70 -5.61
C GLU E 86 -0.03 82.73 -5.26
N ALA E 87 0.07 82.45 -3.97
CA ALA E 87 1.06 81.52 -3.45
C ALA E 87 0.95 80.20 -4.18
N LEU E 88 2.10 79.65 -4.54
CA LEU E 88 2.15 78.42 -5.30
C LEU E 88 2.01 77.21 -4.38
N CYS E 89 0.84 77.08 -3.76
CA CYS E 89 0.59 76.02 -2.82
C CYS E 89 -0.59 75.14 -3.20
N ILE E 90 -0.46 73.86 -2.90
CA ILE E 90 -1.47 72.88 -3.18
C ILE E 90 -1.82 72.12 -1.93
N GLU E 91 -3.11 72.05 -1.60
CA GLU E 91 -3.57 71.39 -0.39
C GLU E 91 -3.62 69.87 -0.58
N PRO E 92 -2.79 69.12 0.15
CA PRO E 92 -2.64 67.68 0.13
C PRO E 92 -3.96 66.98 0.39
N PHE E 93 -4.07 65.78 -0.16
CA PHE E 93 -5.25 64.96 0.06
C PHE E 93 -5.13 64.37 1.44
N SER E 94 -6.20 63.79 1.94
CA SER E 94 -6.16 63.17 3.26
C SER E 94 -5.09 62.13 3.38
N SER E 95 -4.54 62.03 4.58
CA SER E 95 -3.52 61.04 4.87
C SER E 95 -4.19 59.67 4.87
N PRO E 96 -3.42 58.58 4.74
CA PRO E 96 -3.82 57.19 4.76
C PRO E 96 -4.13 56.71 6.14
N PRO E 97 -5.00 55.72 6.27
CA PRO E 97 -5.37 55.01 7.46
C PRO E 97 -4.25 54.04 7.79
N GLU E 98 -4.12 53.68 9.06
CA GLU E 98 -3.10 52.73 9.44
C GLU E 98 -3.39 51.37 8.87
N LEU E 99 -2.35 50.68 8.40
CA LEU E 99 -2.51 49.34 7.84
C LEU E 99 -2.91 48.37 8.95
N PRO E 100 -4.07 47.71 8.85
CA PRO E 100 -4.60 46.75 9.81
C PRO E 100 -3.62 45.61 10.02
N ASP E 101 -3.54 45.15 11.26
CA ASP E 101 -2.66 44.05 11.64
C ASP E 101 -2.90 42.80 10.81
N VAL E 102 -4.13 42.63 10.36
CA VAL E 102 -4.53 41.53 9.53
C VAL E 102 -3.77 41.51 8.20
N MET E 103 -3.61 42.67 7.59
CA MET E 103 -2.89 42.76 6.32
C MET E 103 -1.44 43.15 6.52
N LYS E 104 -1.12 43.56 7.74
CA LYS E 104 0.23 43.92 8.09
C LYS E 104 1.11 42.69 7.95
N PRO E 105 2.21 42.79 7.21
CA PRO E 105 3.14 41.72 6.87
C PRO E 105 3.93 41.27 8.09
N GLN E 106 4.36 40.01 8.04
CA GLN E 106 5.14 39.42 9.12
C GLN E 106 6.58 39.88 9.08
N SER A 6 -12.03 -40.11 -3.46
CA SER A 6 -11.39 -39.40 -2.36
C SER A 6 -12.07 -38.07 -2.15
N HIS A 7 -11.40 -37.17 -1.43
CA HIS A 7 -11.85 -35.82 -1.20
C HIS A 7 -12.14 -35.09 -2.50
N ASN A 8 -11.46 -35.47 -3.59
CA ASN A 8 -11.73 -34.84 -4.87
C ASN A 8 -13.04 -35.36 -5.42
N ALA A 9 -13.35 -36.63 -5.16
CA ALA A 9 -14.64 -37.17 -5.57
C ALA A 9 -15.72 -36.49 -4.77
N LEU A 10 -15.42 -36.18 -3.51
CA LEU A 10 -16.36 -35.44 -2.70
C LEU A 10 -16.55 -34.04 -3.28
N LYS A 11 -15.49 -33.45 -3.82
CA LYS A 11 -15.63 -32.16 -4.48
C LYS A 11 -16.58 -32.29 -5.66
N LEU A 12 -16.54 -33.43 -6.34
CA LEU A 12 -17.40 -33.69 -7.47
C LEU A 12 -18.85 -34.01 -7.09
N ARG A 13 -19.17 -33.98 -5.80
CA ARG A 13 -20.53 -34.16 -5.36
C ARG A 13 -21.20 -32.80 -5.28
N PHE A 14 -20.42 -31.74 -5.41
CA PHE A 14 -20.96 -30.42 -5.37
C PHE A 14 -20.99 -29.85 -6.76
N PRO A 15 -21.91 -28.93 -7.04
CA PRO A 15 -22.01 -28.15 -8.25
C PRO A 15 -20.73 -27.37 -8.40
N ALA A 16 -20.30 -27.17 -9.63
CA ALA A 16 -19.02 -26.51 -9.89
C ALA A 16 -18.97 -25.14 -9.26
N GLU A 17 -20.07 -24.41 -9.34
CA GLU A 17 -20.16 -23.09 -8.78
C GLU A 17 -20.02 -23.07 -7.26
N ASP A 18 -20.29 -24.19 -6.61
CA ASP A 18 -20.12 -24.25 -5.18
C ASP A 18 -18.66 -24.41 -4.85
N GLU A 19 -17.95 -25.14 -5.69
CA GLU A 19 -16.52 -25.30 -5.52
C GLU A 19 -15.75 -24.12 -6.10
N PHE A 20 -16.36 -23.43 -7.07
CA PHE A 20 -15.72 -22.29 -7.72
C PHE A 20 -15.33 -21.23 -6.71
N PRO A 21 -14.04 -20.91 -6.60
CA PRO A 21 -13.46 -19.97 -5.68
C PRO A 21 -13.84 -18.56 -6.06
N ASP A 22 -13.98 -17.71 -5.05
CA ASP A 22 -14.32 -16.32 -5.25
C ASP A 22 -13.08 -15.49 -5.43
N LEU A 23 -12.79 -15.12 -6.67
CA LEU A 23 -11.60 -14.38 -7.00
C LEU A 23 -11.83 -12.88 -7.15
N SER A 24 -12.96 -12.38 -6.66
CA SER A 24 -13.32 -10.97 -6.83
C SER A 24 -12.26 -9.97 -6.39
N ALA A 25 -11.63 -10.24 -5.26
CA ALA A 25 -10.62 -9.33 -4.71
C ALA A 25 -9.20 -9.67 -5.18
N HIS A 26 -9.08 -10.65 -6.06
CA HIS A 26 -7.77 -11.09 -6.50
C HIS A 26 -7.27 -10.29 -7.67
N ASN A 27 -5.96 -10.21 -7.77
CA ASN A 27 -5.30 -9.45 -8.81
C ASN A 27 -4.08 -10.18 -9.33
N ASN A 28 -4.30 -11.12 -10.24
CA ASN A 28 -3.19 -11.85 -10.82
C ASN A 28 -3.59 -12.40 -12.18
N HIS A 29 -2.64 -12.97 -12.91
CA HIS A 29 -2.91 -13.42 -14.26
C HIS A 29 -3.96 -14.52 -14.31
N MET A 30 -3.86 -15.47 -13.39
CA MET A 30 -4.81 -16.57 -13.31
C MET A 30 -6.21 -16.07 -13.08
N ALA A 31 -6.35 -15.14 -12.16
CA ALA A 31 -7.63 -14.58 -11.80
C ALA A 31 -8.32 -13.96 -12.99
N LYS A 32 -7.56 -13.36 -13.88
CA LYS A 32 -8.17 -12.78 -15.04
C LYS A 32 -8.61 -13.86 -16.03
N VAL A 33 -7.86 -14.95 -16.08
CA VAL A 33 -8.16 -16.05 -16.98
C VAL A 33 -9.28 -16.98 -16.56
N LEU A 34 -9.22 -17.49 -15.34
CA LEU A 34 -10.18 -18.50 -14.89
C LEU A 34 -11.61 -18.02 -14.78
N THR A 35 -12.50 -18.71 -15.50
CA THR A 35 -13.92 -18.40 -15.45
C THR A 35 -14.64 -19.60 -14.89
N PRO A 36 -15.88 -19.44 -14.40
CA PRO A 36 -16.78 -20.47 -13.90
C PRO A 36 -16.94 -21.57 -14.92
N GLU A 37 -16.96 -21.21 -16.19
CA GLU A 37 -17.10 -22.19 -17.24
C GLU A 37 -15.87 -23.06 -17.32
N LEU A 38 -14.70 -22.44 -17.27
CA LEU A 38 -13.46 -23.19 -17.32
C LEU A 38 -13.29 -24.04 -16.10
N TYR A 39 -13.69 -23.53 -14.94
CA TYR A 39 -13.57 -24.27 -13.72
C TYR A 39 -14.43 -25.51 -13.77
N ALA A 40 -15.65 -25.34 -14.23
CA ALA A 40 -16.58 -26.45 -14.33
C ALA A 40 -16.03 -27.55 -15.22
N GLU A 41 -15.40 -27.17 -16.32
CA GLU A 41 -14.84 -28.16 -17.21
C GLU A 41 -13.57 -28.81 -16.68
N LEU A 42 -12.62 -27.98 -16.30
CA LEU A 42 -11.32 -28.46 -15.89
C LEU A 42 -11.28 -29.20 -14.59
N ARG A 43 -12.22 -28.96 -13.69
CA ARG A 43 -12.16 -29.69 -12.42
C ARG A 43 -12.35 -31.19 -12.61
N ALA A 44 -12.89 -31.61 -13.75
CA ALA A 44 -13.10 -33.01 -14.00
C ALA A 44 -11.85 -33.69 -14.54
N LYS A 45 -10.83 -32.92 -14.90
CA LYS A 45 -9.62 -33.50 -15.45
C LYS A 45 -8.53 -33.62 -14.42
N SER A 46 -7.57 -34.49 -14.69
CA SER A 46 -6.45 -34.66 -13.81
C SER A 46 -5.25 -35.20 -14.55
N THR A 47 -4.07 -35.06 -13.96
CA THR A 47 -2.88 -35.56 -14.63
C THR A 47 -2.63 -36.96 -14.18
N PRO A 48 -1.76 -37.68 -14.87
CA PRO A 48 -1.26 -39.00 -14.53
C PRO A 48 -0.53 -38.99 -13.19
N SER A 49 -0.08 -37.80 -12.76
CA SER A 49 0.64 -37.68 -11.52
C SER A 49 -0.27 -37.35 -10.37
N GLY A 50 -1.54 -37.10 -10.64
CA GLY A 50 -2.47 -36.82 -9.56
C GLY A 50 -2.89 -35.36 -9.41
N PHE A 51 -2.53 -34.48 -10.34
CA PHE A 51 -3.01 -33.12 -10.22
C PHE A 51 -4.40 -32.90 -10.62
N THR A 52 -4.98 -31.94 -9.94
CA THR A 52 -6.32 -31.52 -10.19
C THR A 52 -6.32 -30.03 -10.16
N LEU A 53 -7.25 -29.47 -10.90
CA LEU A 53 -7.36 -28.06 -11.09
C LEU A 53 -7.12 -27.25 -9.83
N ASP A 54 -7.71 -27.67 -8.72
CA ASP A 54 -7.56 -26.93 -7.47
C ASP A 54 -6.12 -26.71 -7.04
N ASP A 55 -5.27 -27.71 -7.20
CA ASP A 55 -3.88 -27.50 -6.83
C ASP A 55 -3.22 -26.57 -7.81
N VAL A 56 -3.62 -26.66 -9.07
CA VAL A 56 -3.05 -25.78 -10.09
C VAL A 56 -3.29 -24.32 -9.75
N ILE A 57 -4.48 -24.01 -9.22
CA ILE A 57 -4.83 -22.62 -8.94
C ILE A 57 -4.86 -22.31 -7.46
N GLN A 58 -4.20 -23.13 -6.66
CA GLN A 58 -4.28 -22.96 -5.22
C GLN A 58 -3.58 -21.72 -4.70
N THR A 59 -2.35 -21.50 -5.12
CA THR A 59 -1.62 -20.33 -4.66
C THR A 59 -2.34 -19.06 -5.03
N GLY A 60 -2.89 -19.04 -6.23
CA GLY A 60 -3.65 -17.92 -6.72
C GLY A 60 -4.75 -17.52 -5.77
N VAL A 61 -5.73 -18.42 -5.58
CA VAL A 61 -6.84 -18.07 -4.70
C VAL A 61 -6.42 -17.77 -3.27
N ASP A 62 -5.31 -18.34 -2.81
CA ASP A 62 -4.83 -18.07 -1.48
C ASP A 62 -4.16 -16.73 -1.31
N ASN A 63 -3.80 -16.09 -2.39
CA ASN A 63 -3.07 -14.85 -2.30
C ASN A 63 -3.52 -13.83 -3.33
N PRO A 64 -4.59 -13.08 -3.07
CA PRO A 64 -5.13 -12.00 -3.90
C PRO A 64 -4.03 -11.26 -4.64
N GLY A 65 -2.96 -10.96 -3.93
CA GLY A 65 -1.81 -10.35 -4.57
C GLY A 65 -1.75 -8.87 -4.34
N HIS A 66 -0.65 -8.29 -4.78
CA HIS A 66 -0.41 -6.89 -4.63
C HIS A 66 -1.40 -6.10 -5.49
N PRO A 67 -1.83 -4.94 -5.03
CA PRO A 67 -2.72 -4.00 -5.71
C PRO A 67 -2.16 -3.50 -7.01
N TYR A 68 -0.84 -3.41 -7.13
CA TYR A 68 -0.24 -2.89 -8.34
C TYR A 68 0.66 -3.90 -9.03
N ILE A 69 1.44 -4.64 -8.27
CA ILE A 69 2.30 -5.64 -8.86
C ILE A 69 1.49 -6.88 -9.20
N MET A 70 1.50 -7.29 -10.47
CA MET A 70 0.72 -8.46 -10.85
C MET A 70 1.51 -9.75 -10.89
N THR A 71 1.14 -10.67 -10.01
CA THR A 71 1.75 -11.99 -9.93
C THR A 71 1.03 -12.94 -10.86
N VAL A 72 1.55 -14.16 -11.00
CA VAL A 72 0.92 -15.11 -11.89
C VAL A 72 -0.36 -15.68 -11.33
N GLY A 73 -0.30 -16.22 -10.12
CA GLY A 73 -1.49 -16.78 -9.50
C GLY A 73 -1.71 -18.27 -9.77
N CYS A 74 -0.70 -18.99 -10.24
CA CYS A 74 -0.88 -20.42 -10.41
C CYS A 74 0.45 -21.11 -10.45
N VAL A 75 0.45 -22.44 -10.46
CA VAL A 75 1.69 -23.18 -10.50
C VAL A 75 1.48 -24.54 -11.14
N ALA A 76 2.45 -24.98 -11.92
CA ALA A 76 2.38 -26.28 -12.57
C ALA A 76 2.78 -27.39 -11.64
N GLY A 77 2.50 -28.61 -12.05
CA GLY A 77 2.80 -29.77 -11.24
C GLY A 77 3.89 -30.62 -11.83
N ASP A 78 3.82 -30.80 -13.13
CA ASP A 78 4.81 -31.57 -13.86
C ASP A 78 4.66 -31.27 -15.32
N GLU A 79 5.46 -31.94 -16.13
CA GLU A 79 5.38 -31.76 -17.58
C GLU A 79 3.96 -31.94 -18.10
N GLU A 80 3.33 -33.03 -17.72
CA GLU A 80 1.98 -33.34 -18.16
C GLU A 80 0.95 -32.29 -17.79
N SER A 81 1.17 -31.56 -16.70
CA SER A 81 0.20 -30.59 -16.26
C SER A 81 0.08 -29.40 -17.20
N TYR A 82 1.08 -29.20 -18.06
CA TYR A 82 0.97 -28.11 -19.03
C TYR A 82 0.18 -28.53 -20.25
N GLU A 83 -0.23 -29.78 -20.29
CA GLU A 83 -1.09 -30.26 -21.35
C GLU A 83 -2.48 -30.45 -20.84
N VAL A 84 -2.59 -31.09 -19.68
CA VAL A 84 -3.88 -31.36 -19.10
C VAL A 84 -4.62 -30.09 -18.77
N PHE A 85 -3.92 -29.09 -18.26
CA PHE A 85 -4.58 -27.84 -17.92
C PHE A 85 -4.17 -26.71 -18.85
N LYS A 86 -3.88 -27.05 -20.11
CA LYS A 86 -3.49 -26.06 -21.09
C LYS A 86 -4.58 -25.03 -21.36
N ASP A 87 -5.81 -25.35 -21.02
CA ASP A 87 -6.89 -24.41 -21.22
C ASP A 87 -6.73 -23.18 -20.34
N LEU A 88 -5.92 -23.26 -19.29
CA LEU A 88 -5.60 -22.08 -18.52
C LEU A 88 -4.23 -21.59 -18.88
N PHE A 89 -3.29 -22.52 -19.05
CA PHE A 89 -1.94 -22.11 -19.32
C PHE A 89 -1.77 -21.41 -20.65
N ASP A 90 -2.48 -21.82 -21.67
CA ASP A 90 -2.33 -21.14 -22.95
C ASP A 90 -2.77 -19.65 -22.84
N PRO A 91 -3.77 -19.34 -22.01
CA PRO A 91 -4.15 -17.96 -21.80
C PRO A 91 -3.23 -17.24 -20.84
N ILE A 92 -2.81 -17.91 -19.77
CA ILE A 92 -1.94 -17.27 -18.80
C ILE A 92 -0.58 -16.97 -19.37
N ILE A 93 0.00 -17.95 -20.03
CA ILE A 93 1.30 -17.79 -20.65
C ILE A 93 1.26 -16.72 -21.69
N GLU A 94 0.28 -16.77 -22.57
CA GLU A 94 0.15 -15.76 -23.59
C GLU A 94 0.09 -14.38 -23.00
N ASP A 95 -0.73 -14.21 -21.98
CA ASP A 95 -0.88 -12.92 -21.35
C ASP A 95 0.40 -12.42 -20.74
N ARG A 96 1.03 -13.22 -19.90
CA ARG A 96 2.23 -12.76 -19.24
C ARG A 96 3.42 -12.60 -20.15
N HIS A 97 3.51 -13.40 -21.19
CA HIS A 97 4.67 -13.30 -22.04
C HIS A 97 4.46 -12.47 -23.31
N GLY A 98 3.47 -11.60 -23.31
CA GLY A 98 3.31 -10.65 -24.40
C GLY A 98 2.76 -11.17 -25.71
N GLY A 99 1.76 -12.03 -25.65
CA GLY A 99 1.15 -12.50 -26.88
C GLY A 99 1.80 -13.75 -27.42
N TYR A 100 2.62 -14.40 -26.60
CA TYR A 100 3.25 -15.63 -27.00
C TYR A 100 2.19 -16.65 -27.37
N LYS A 101 2.09 -16.96 -28.65
CA LYS A 101 1.08 -17.90 -29.09
C LYS A 101 1.55 -19.33 -28.90
N PRO A 102 0.61 -20.28 -28.76
CA PRO A 102 0.81 -21.71 -28.60
C PRO A 102 1.75 -22.31 -29.64
N SER A 103 1.69 -21.78 -30.86
CA SER A 103 2.51 -22.24 -31.97
C SER A 103 3.87 -21.55 -32.09
N ASP A 104 4.17 -20.61 -31.22
CA ASP A 104 5.41 -19.87 -31.31
C ASP A 104 6.60 -20.66 -30.80
N GLU A 105 7.16 -21.47 -31.67
CA GLU A 105 8.31 -22.29 -31.33
C GLU A 105 9.40 -21.52 -30.62
N HIS A 106 9.81 -22.07 -29.50
CA HIS A 106 10.86 -21.50 -28.69
C HIS A 106 12.17 -22.23 -28.91
N LYS A 107 13.27 -21.51 -28.89
CA LYS A 107 14.58 -22.11 -29.13
C LYS A 107 15.45 -22.14 -27.87
N THR A 108 16.61 -22.75 -28.00
CA THR A 108 17.58 -22.86 -26.92
C THR A 108 18.97 -22.75 -27.48
N ASP A 109 19.86 -22.14 -26.71
CA ASP A 109 21.19 -21.90 -27.22
C ASP A 109 22.14 -21.38 -26.19
N LEU A 110 22.97 -22.23 -25.63
CA LEU A 110 23.97 -21.72 -24.70
C LEU A 110 25.33 -21.59 -25.33
N ASN A 111 25.44 -21.68 -26.64
CA ASN A 111 26.74 -21.62 -27.26
C ASN A 111 27.32 -20.22 -27.22
N PRO A 112 28.33 -19.96 -26.38
CA PRO A 112 29.01 -18.69 -26.13
C PRO A 112 29.49 -18.00 -27.40
N ASP A 113 29.70 -18.74 -28.47
CA ASP A 113 30.18 -18.17 -29.71
C ASP A 113 29.23 -17.15 -30.31
N ASN A 114 27.96 -17.20 -29.91
CA ASN A 114 27.01 -16.25 -30.45
C ASN A 114 26.90 -14.97 -29.64
N LEU A 115 27.65 -14.86 -28.53
CA LEU A 115 27.58 -13.63 -27.74
C LEU A 115 28.61 -12.64 -28.22
N GLN A 116 28.15 -11.50 -28.72
CA GLN A 116 29.05 -10.50 -29.25
C GLN A 116 29.35 -9.42 -28.24
N GLY A 117 30.62 -9.02 -28.20
CA GLY A 117 31.06 -7.99 -27.26
C GLY A 117 30.88 -8.44 -25.83
N GLY A 118 30.92 -7.49 -24.90
CA GLY A 118 30.73 -7.82 -23.49
C GLY A 118 31.96 -8.50 -22.90
N ASP A 119 33.08 -8.39 -23.60
CA ASP A 119 34.30 -9.01 -23.14
C ASP A 119 34.77 -8.36 -21.87
N ASP A 120 34.54 -7.07 -21.76
CA ASP A 120 34.91 -6.32 -20.60
C ASP A 120 34.04 -5.08 -20.50
N LEU A 121 33.02 -5.15 -19.66
CA LEU A 121 32.15 -4.02 -19.46
C LEU A 121 32.88 -3.05 -18.55
N ASP A 122 32.59 -1.76 -18.67
CA ASP A 122 33.35 -0.79 -17.90
C ASP A 122 33.21 -1.02 -16.40
N PRO A 123 34.30 -1.41 -15.72
CA PRO A 123 34.42 -1.77 -14.30
C PRO A 123 34.13 -0.63 -13.34
N ASN A 124 33.99 0.59 -13.85
CA ASN A 124 33.63 1.71 -13.02
C ASN A 124 32.15 1.72 -12.76
N TYR A 125 31.43 0.92 -13.52
CA TYR A 125 30.01 0.83 -13.39
C TYR A 125 29.61 -0.56 -13.05
N VAL A 126 30.19 -1.53 -13.73
CA VAL A 126 29.77 -2.87 -13.45
C VAL A 126 30.47 -3.37 -12.24
N LEU A 127 29.76 -3.34 -11.14
CA LEU A 127 30.25 -3.86 -9.89
C LEU A 127 30.35 -5.35 -9.96
N SER A 128 29.29 -6.00 -10.42
CA SER A 128 29.33 -7.46 -10.51
C SER A 128 28.39 -8.06 -11.54
N SER A 129 28.84 -9.14 -12.17
CA SER A 129 28.05 -9.84 -13.17
C SER A 129 27.46 -11.14 -12.65
N ARG A 130 26.25 -11.46 -13.09
CA ARG A 130 25.62 -12.69 -12.64
C ARG A 130 24.63 -13.32 -13.62
N VAL A 131 24.71 -14.65 -13.79
CA VAL A 131 23.81 -15.40 -14.66
C VAL A 131 23.21 -16.60 -13.96
N ARG A 132 21.90 -16.81 -14.02
CA ARG A 132 21.37 -18.00 -13.38
C ARG A 132 20.13 -18.58 -14.03
N THR A 133 19.84 -19.83 -13.69
CA THR A 133 18.65 -20.46 -14.20
C THR A 133 18.12 -21.57 -13.31
N GLY A 134 17.15 -22.31 -13.83
CA GLY A 134 16.55 -23.44 -13.14
C GLY A 134 16.25 -24.55 -14.14
N ARG A 135 16.32 -25.77 -13.67
CA ARG A 135 16.07 -26.93 -14.51
C ARG A 135 15.36 -28.03 -13.76
N SER A 136 14.37 -28.64 -14.42
CA SER A 136 13.62 -29.75 -13.86
C SER A 136 14.01 -31.07 -14.46
N ILE A 137 14.03 -32.12 -13.65
CA ILE A 137 14.45 -33.41 -14.16
C ILE A 137 13.28 -34.25 -14.63
N ARG A 138 13.33 -34.63 -15.91
CA ARG A 138 12.28 -35.43 -16.51
C ARG A 138 12.07 -36.73 -15.78
N GLY A 139 10.82 -37.02 -15.46
CA GLY A 139 10.49 -38.27 -14.79
C GLY A 139 10.09 -38.05 -13.34
N PHE A 140 10.45 -36.92 -12.77
CA PHE A 140 10.06 -36.63 -11.41
C PHE A 140 8.99 -35.59 -11.38
N CYS A 141 8.43 -35.38 -10.21
CA CYS A 141 7.41 -34.36 -10.04
C CYS A 141 8.07 -33.10 -9.55
N LEU A 142 7.44 -31.96 -9.81
CA LEU A 142 7.98 -30.69 -9.36
C LEU A 142 7.74 -30.56 -7.86
N PRO A 143 8.47 -29.69 -7.15
CA PRO A 143 8.44 -29.44 -5.70
C PRO A 143 7.04 -29.27 -5.12
N PRO A 144 6.05 -28.64 -5.78
CA PRO A 144 4.65 -28.55 -5.37
C PRO A 144 3.95 -29.91 -5.21
N HIS A 145 4.57 -31.01 -5.62
CA HIS A 145 3.89 -32.28 -5.55
C HIS A 145 4.73 -33.47 -5.15
N CYS A 146 6.02 -33.44 -5.42
CA CYS A 146 6.83 -34.63 -5.26
C CYS A 146 6.78 -35.21 -3.85
N SER A 147 6.90 -36.53 -3.76
CA SER A 147 6.88 -37.20 -2.46
C SER A 147 8.21 -37.04 -1.80
N ARG A 148 8.29 -37.42 -0.55
CA ARG A 148 9.53 -37.33 0.18
C ARG A 148 10.57 -38.21 -0.49
N GLY A 149 10.15 -39.39 -0.93
CA GLY A 149 11.02 -40.31 -1.63
C GLY A 149 11.50 -39.72 -2.95
N GLU A 150 10.60 -39.10 -3.72
CA GLU A 150 10.99 -38.53 -4.99
C GLU A 150 11.99 -37.43 -4.80
N ARG A 151 11.77 -36.60 -3.79
CA ARG A 151 12.70 -35.52 -3.50
C ARG A 151 14.07 -36.08 -3.17
N ARG A 152 14.10 -37.15 -2.37
CA ARG A 152 15.35 -37.76 -1.98
C ARG A 152 16.09 -38.35 -3.15
N ALA A 153 15.36 -38.94 -4.08
CA ALA A 153 16.00 -39.53 -5.25
C ALA A 153 16.70 -38.46 -6.07
N ILE A 154 16.05 -37.32 -6.24
CA ILE A 154 16.64 -36.22 -6.98
C ILE A 154 17.89 -35.75 -6.32
N GLU A 155 17.86 -35.59 -5.00
CA GLU A 155 19.04 -35.17 -4.29
C GLU A 155 20.20 -36.05 -4.63
N LYS A 156 20.00 -37.36 -4.54
CA LYS A 156 21.09 -38.29 -4.78
C LYS A 156 21.65 -38.17 -6.18
N LEU A 157 20.78 -37.99 -7.18
CA LEU A 157 21.26 -37.85 -8.54
C LEU A 157 22.13 -36.64 -8.68
N ALA A 158 21.69 -35.54 -8.07
CA ALA A 158 22.42 -34.30 -8.13
C ALA A 158 23.75 -34.44 -7.46
N VAL A 159 23.77 -35.11 -6.30
CA VAL A 159 25.02 -35.29 -5.59
C VAL A 159 26.00 -36.05 -6.41
N GLU A 160 25.54 -37.11 -7.07
CA GLU A 160 26.46 -37.85 -7.91
C GLU A 160 27.03 -36.99 -9.02
N ALA A 161 26.17 -36.33 -9.78
CA ALA A 161 26.64 -35.54 -10.91
C ALA A 161 27.58 -34.45 -10.45
N LEU A 162 27.18 -33.71 -9.43
CA LEU A 162 27.99 -32.61 -8.94
C LEU A 162 29.32 -33.07 -8.42
N SER A 163 29.39 -34.25 -7.83
CA SER A 163 30.65 -34.72 -7.33
C SER A 163 31.67 -35.02 -8.44
N SER A 164 31.20 -35.17 -9.67
CA SER A 164 32.09 -35.50 -10.77
C SER A 164 32.54 -34.30 -11.61
N LEU A 165 32.10 -33.09 -11.28
CA LEU A 165 32.51 -31.95 -12.09
C LEU A 165 33.98 -31.64 -11.90
N ASP A 166 34.68 -31.39 -13.00
CA ASP A 166 36.11 -31.11 -12.96
C ASP A 166 36.46 -29.62 -13.05
N GLY A 167 37.76 -29.31 -13.01
CA GLY A 167 38.28 -27.95 -13.17
C GLY A 167 37.67 -27.00 -12.16
N ASP A 168 37.26 -25.83 -12.64
CA ASP A 168 36.62 -24.86 -11.78
C ASP A 168 35.22 -25.26 -11.41
N LEU A 169 34.70 -26.29 -12.03
CA LEU A 169 33.38 -26.71 -11.70
C LEU A 169 33.45 -27.73 -10.55
N ALA A 170 34.64 -28.09 -10.11
CA ALA A 170 34.77 -28.97 -8.96
C ALA A 170 34.38 -28.20 -7.70
N GLY A 171 33.80 -28.90 -6.72
CA GLY A 171 33.35 -28.24 -5.49
C GLY A 171 32.91 -29.21 -4.39
N ARG A 172 32.13 -28.69 -3.46
CA ARG A 172 31.67 -29.46 -2.31
C ARG A 172 30.19 -29.36 -2.08
N TYR A 173 29.60 -30.50 -1.73
CA TYR A 173 28.18 -30.59 -1.44
C TYR A 173 27.90 -30.48 0.04
N TYR A 174 26.95 -29.64 0.39
CA TYR A 174 26.54 -29.52 1.77
C TYR A 174 25.12 -30.02 1.95
N ALA A 175 24.91 -30.81 2.98
CA ALA A 175 23.57 -31.29 3.29
C ALA A 175 22.92 -30.30 4.23
N LEU A 176 21.89 -29.62 3.76
CA LEU A 176 21.28 -28.59 4.56
C LEU A 176 20.80 -29.10 5.90
N LYS A 177 20.14 -30.24 5.89
CA LYS A 177 19.59 -30.85 7.11
C LYS A 177 20.60 -31.16 8.20
N SER A 178 21.88 -31.20 7.89
CA SER A 178 22.87 -31.54 8.90
C SER A 178 24.07 -30.63 8.82
N MET A 179 23.86 -29.42 8.32
CA MET A 179 24.94 -28.46 8.16
C MET A 179 25.48 -27.97 9.50
N THR A 180 26.81 -28.01 9.65
CA THR A 180 27.47 -27.56 10.87
C THR A 180 27.38 -26.06 10.99
N GLU A 181 27.13 -25.56 12.20
CA GLU A 181 27.02 -24.12 12.43
C GLU A 181 28.11 -23.30 11.73
N ALA A 182 29.36 -23.73 11.82
CA ALA A 182 30.46 -23.04 11.17
C ALA A 182 30.25 -23.00 9.67
N GLU A 183 29.74 -24.10 9.12
CA GLU A 183 29.46 -24.18 7.69
C GLU A 183 28.33 -23.22 7.36
N GLN A 184 27.36 -23.12 8.27
CA GLN A 184 26.25 -22.20 8.08
C GLN A 184 26.78 -20.79 8.03
N GLN A 185 27.76 -20.51 8.87
CA GLN A 185 28.37 -19.19 8.92
C GLN A 185 29.08 -18.84 7.63
N GLN A 186 29.79 -19.80 7.06
CA GLN A 186 30.51 -19.52 5.84
C GLN A 186 29.56 -19.31 4.68
N LEU A 187 28.53 -20.11 4.62
CA LEU A 187 27.62 -20.00 3.52
C LEU A 187 26.70 -18.81 3.67
N ILE A 188 26.38 -18.42 4.90
CA ILE A 188 25.52 -17.25 5.00
C ILE A 188 26.29 -15.99 4.66
N ASP A 189 27.59 -15.97 4.94
CA ASP A 189 28.37 -14.80 4.58
C ASP A 189 28.43 -14.59 3.09
N ASP A 190 28.49 -15.69 2.35
CA ASP A 190 28.53 -15.58 0.90
C ASP A 190 27.14 -15.65 0.29
N HIS A 191 26.11 -15.66 1.12
CA HIS A 191 24.72 -15.74 0.68
C HIS A 191 24.44 -17.01 -0.14
N PHE A 192 25.18 -18.07 0.14
CA PHE A 192 24.96 -19.34 -0.51
C PHE A 192 23.95 -20.11 0.31
N LEU A 193 23.91 -19.82 1.61
CA LEU A 193 22.97 -20.45 2.52
C LEU A 193 21.57 -20.00 2.23
N PHE A 194 20.69 -20.96 2.04
CA PHE A 194 19.31 -20.69 1.69
C PHE A 194 18.38 -21.33 2.68
N ASP A 195 17.65 -20.51 3.43
CA ASP A 195 16.77 -21.05 4.45
C ASP A 195 15.34 -21.24 3.92
N LYS A 196 14.47 -21.77 4.77
CA LYS A 196 13.10 -22.06 4.42
C LYS A 196 12.35 -20.84 3.92
N PRO A 197 11.66 -20.93 2.78
CA PRO A 197 10.83 -19.91 2.17
C PRO A 197 9.83 -19.38 3.16
N VAL A 198 9.66 -18.06 3.17
CA VAL A 198 8.72 -17.42 4.07
C VAL A 198 7.62 -16.70 3.33
N SER A 199 7.79 -16.51 2.04
CA SER A 199 6.75 -15.86 1.28
C SER A 199 5.53 -16.73 1.19
N PRO A 200 4.34 -16.17 1.42
CA PRO A 200 3.05 -16.79 1.35
C PRO A 200 2.70 -17.16 -0.08
N LEU A 201 3.41 -16.57 -1.03
CA LEU A 201 3.21 -16.90 -2.42
C LEU A 201 3.92 -18.19 -2.77
N LEU A 202 4.82 -18.63 -1.91
CA LEU A 202 5.51 -19.87 -2.11
C LEU A 202 4.92 -20.92 -1.21
N LEU A 203 4.65 -20.54 0.03
CA LEU A 203 4.13 -21.45 1.01
C LEU A 203 2.79 -22.03 0.62
N ALA A 204 1.97 -21.24 -0.07
CA ALA A 204 0.68 -21.72 -0.53
C ALA A 204 0.78 -22.91 -1.48
N SER A 205 1.92 -23.11 -2.13
CA SER A 205 2.07 -24.25 -3.04
C SER A 205 2.40 -25.52 -2.30
N GLY A 206 2.89 -25.39 -1.07
CA GLY A 206 3.29 -26.54 -0.27
C GLY A 206 4.75 -26.92 -0.51
N MET A 207 5.45 -26.21 -1.39
CA MET A 207 6.84 -26.50 -1.75
C MET A 207 7.85 -26.50 -0.59
N ALA A 208 7.52 -25.88 0.53
CA ALA A 208 8.43 -25.85 1.65
C ALA A 208 8.20 -27.01 2.63
N ARG A 209 7.27 -27.90 2.32
CA ARG A 209 6.97 -29.00 3.23
C ARG A 209 8.16 -29.92 3.40
N ASP A 210 8.24 -30.54 4.57
CA ASP A 210 9.30 -31.46 4.94
C ASP A 210 10.67 -30.81 5.17
N TRP A 211 10.77 -29.49 5.03
CA TRP A 211 12.03 -28.79 5.18
C TRP A 211 12.74 -29.21 6.45
N PRO A 212 14.03 -29.51 6.42
CA PRO A 212 15.05 -29.45 5.37
C PRO A 212 15.34 -30.80 4.72
N ASP A 213 14.37 -31.71 4.75
CA ASP A 213 14.61 -33.04 4.22
C ASP A 213 14.94 -32.97 2.73
N ALA A 214 16.12 -33.47 2.42
CA ALA A 214 16.68 -33.55 1.07
C ALA A 214 16.91 -32.19 0.42
N ARG A 215 17.24 -31.19 1.21
CA ARG A 215 17.63 -29.91 0.62
C ARG A 215 19.15 -29.81 0.58
N GLY A 216 19.71 -29.28 -0.51
CA GLY A 216 21.16 -29.34 -0.70
C GLY A 216 21.78 -28.09 -1.33
N ILE A 217 23.00 -27.76 -0.87
CA ILE A 217 23.73 -26.61 -1.37
C ILE A 217 25.11 -26.99 -1.81
N TRP A 218 25.44 -26.69 -3.05
CA TRP A 218 26.72 -27.06 -3.60
C TRP A 218 27.41 -25.89 -4.27
N HIS A 219 28.70 -25.71 -4.02
CA HIS A 219 29.36 -24.63 -4.72
C HIS A 219 30.77 -25.01 -5.04
N ASN A 220 31.35 -24.33 -6.02
CA ASN A 220 32.70 -24.67 -6.43
C ASN A 220 33.75 -24.05 -5.55
N ASP A 221 34.98 -24.45 -5.79
CA ASP A 221 36.12 -23.99 -5.01
C ASP A 221 36.37 -22.51 -5.13
N ASN A 222 36.00 -21.91 -6.24
CA ASN A 222 36.24 -20.49 -6.42
C ASN A 222 35.03 -19.63 -6.09
N LYS A 223 33.99 -20.23 -5.54
CA LYS A 223 32.78 -19.49 -5.19
C LYS A 223 32.20 -18.68 -6.34
N THR A 224 32.20 -19.25 -7.53
CA THR A 224 31.65 -18.59 -8.70
C THR A 224 30.51 -19.40 -9.29
N PHE A 225 30.43 -20.65 -8.88
CA PHE A 225 29.42 -21.54 -9.40
C PHE A 225 28.63 -22.14 -8.24
N LEU A 226 27.38 -21.75 -8.13
CA LEU A 226 26.51 -22.14 -7.03
C LEU A 226 25.31 -22.96 -7.46
N VAL A 227 25.10 -24.10 -6.85
CA VAL A 227 23.97 -24.94 -7.18
C VAL A 227 23.07 -25.23 -6.01
N TRP A 228 21.77 -25.00 -6.19
CA TRP A 228 20.80 -25.30 -5.14
C TRP A 228 19.96 -26.50 -5.55
N VAL A 229 19.76 -27.39 -4.59
CA VAL A 229 19.05 -28.64 -4.81
C VAL A 229 17.75 -28.75 -4.06
N ASN A 230 16.66 -28.89 -4.80
CA ASN A 230 15.33 -29.06 -4.22
C ASN A 230 14.91 -27.91 -3.35
N GLU A 231 14.80 -26.73 -3.94
CA GLU A 231 14.42 -25.54 -3.19
C GLU A 231 13.33 -24.84 -3.95
N GLU A 232 13.61 -23.66 -4.45
CA GLU A 232 12.59 -22.93 -5.20
C GLU A 232 12.11 -23.75 -6.41
N ASP A 233 13.00 -24.55 -7.00
CA ASP A 233 12.64 -25.44 -8.08
C ASP A 233 13.60 -26.64 -7.97
N HIS A 234 13.65 -27.53 -8.97
CA HIS A 234 14.53 -28.71 -8.83
C HIS A 234 16.00 -28.35 -8.73
N LEU A 235 16.61 -27.99 -9.84
CA LEU A 235 17.99 -27.57 -9.76
C LEU A 235 18.14 -26.14 -10.16
N ARG A 236 18.83 -25.39 -9.30
CA ARG A 236 19.08 -24.00 -9.56
C ARG A 236 20.54 -23.76 -9.72
N VAL A 237 20.90 -23.07 -10.77
CA VAL A 237 22.29 -22.82 -11.08
C VAL A 237 22.58 -21.36 -11.18
N ILE A 238 23.52 -20.90 -10.39
CA ILE A 238 23.88 -19.50 -10.37
C ILE A 238 25.36 -19.30 -10.60
N SER A 239 25.70 -18.56 -11.64
CA SER A 239 27.07 -18.25 -11.94
C SER A 239 27.31 -16.80 -11.62
N MET A 240 28.42 -16.49 -10.98
CA MET A 240 28.65 -15.10 -10.64
C MET A 240 30.11 -14.73 -10.61
N GLN A 241 30.37 -13.45 -10.72
CA GLN A 241 31.72 -12.95 -10.72
C GLN A 241 31.79 -11.45 -10.62
N LYS A 242 32.40 -10.97 -9.54
CA LYS A 242 32.63 -9.55 -9.37
C LYS A 242 33.48 -9.07 -10.52
N GLY A 243 33.05 -8.01 -11.16
CA GLY A 243 33.76 -7.53 -12.35
C GLY A 243 32.81 -7.46 -13.52
N GLY A 244 33.30 -6.95 -14.64
CA GLY A 244 32.48 -6.75 -15.83
C GLY A 244 32.63 -7.81 -16.91
N ASN A 245 33.24 -8.94 -16.62
CA ASN A 245 33.45 -9.90 -17.68
C ASN A 245 32.27 -10.80 -17.96
N MET A 246 31.25 -10.23 -18.58
CA MET A 246 30.03 -10.94 -18.92
C MET A 246 30.26 -12.11 -19.84
N LYS A 247 31.13 -11.92 -20.82
CA LYS A 247 31.42 -12.97 -21.77
C LYS A 247 31.90 -14.24 -21.12
N GLU A 248 32.85 -14.13 -20.21
CA GLU A 248 33.36 -15.31 -19.55
C GLU A 248 32.35 -15.96 -18.65
N VAL A 249 31.60 -15.14 -17.91
CA VAL A 249 30.61 -15.71 -17.03
C VAL A 249 29.60 -16.50 -17.79
N PHE A 250 29.13 -15.96 -18.89
CA PHE A 250 28.19 -16.69 -19.69
C PHE A 250 28.75 -18.02 -20.09
N THR A 251 30.00 -18.06 -20.53
CA THR A 251 30.61 -19.33 -20.91
C THR A 251 30.70 -20.28 -19.72
N ARG A 252 31.14 -19.79 -18.57
CA ARG A 252 31.24 -20.64 -17.39
C ARG A 252 29.93 -21.31 -17.13
N PHE A 253 28.88 -20.52 -17.11
CA PHE A 253 27.53 -20.97 -16.93
C PHE A 253 27.17 -22.05 -17.92
N CYS A 254 27.45 -21.80 -19.20
CA CYS A 254 27.17 -22.77 -20.23
C CYS A 254 27.87 -24.10 -20.00
N THR A 255 29.16 -24.07 -19.65
CA THR A 255 29.87 -25.33 -19.47
C THR A 255 29.34 -26.05 -18.24
N GLY A 256 28.86 -25.29 -17.28
CA GLY A 256 28.22 -25.84 -16.11
C GLY A 256 27.09 -26.73 -16.53
N LEU A 257 26.11 -26.16 -17.23
CA LEU A 257 24.98 -26.96 -17.66
C LEU A 257 25.34 -28.00 -18.69
N THR A 258 26.35 -27.74 -19.52
CA THR A 258 26.73 -28.73 -20.49
C THR A 258 27.21 -30.01 -19.83
N GLN A 259 28.09 -29.88 -18.83
CA GLN A 259 28.57 -31.08 -18.16
C GLN A 259 27.48 -31.72 -17.33
N ILE A 260 26.67 -30.91 -16.64
CA ILE A 260 25.60 -31.52 -15.86
C ILE A 260 24.63 -32.25 -16.73
N GLU A 261 24.27 -31.71 -17.87
CA GLU A 261 23.38 -32.45 -18.72
C GLU A 261 24.00 -33.76 -19.12
N THR A 262 25.27 -33.71 -19.55
CA THR A 262 25.95 -34.94 -19.95
C THR A 262 25.88 -35.99 -18.86
N LEU A 263 26.19 -35.59 -17.64
CA LEU A 263 26.20 -36.51 -16.52
C LEU A 263 24.83 -37.10 -16.27
N PHE A 264 23.78 -36.30 -16.38
CA PHE A 264 22.47 -36.86 -16.23
C PHE A 264 22.13 -37.79 -17.37
N LYS A 265 22.54 -37.45 -18.59
CA LYS A 265 22.25 -38.30 -19.73
C LYS A 265 22.93 -39.66 -19.61
N SER A 266 24.07 -39.71 -18.92
CA SER A 266 24.74 -41.00 -18.72
C SER A 266 23.90 -41.93 -17.82
N LYS A 267 22.98 -41.37 -17.05
CA LYS A 267 22.10 -42.14 -16.19
C LYS A 267 20.68 -42.14 -16.74
N ASP A 268 20.51 -41.80 -18.00
CA ASP A 268 19.21 -41.73 -18.64
C ASP A 268 18.30 -40.70 -18.01
N TYR A 269 18.83 -39.52 -17.72
CA TYR A 269 18.02 -38.42 -17.25
C TYR A 269 18.30 -37.19 -18.08
N GLU A 270 17.28 -36.38 -18.25
CA GLU A 270 17.45 -35.15 -18.99
C GLU A 270 16.57 -34.13 -18.39
N PHE A 271 16.49 -32.97 -19.02
CA PHE A 271 15.66 -31.95 -18.46
C PHE A 271 14.35 -31.86 -19.20
N MET A 272 13.31 -31.46 -18.49
CA MET A 272 12.02 -31.39 -19.14
C MET A 272 12.07 -30.31 -20.20
N TRP A 273 11.59 -30.65 -21.38
CA TRP A 273 11.65 -29.72 -22.48
C TRP A 273 10.72 -30.04 -23.62
N ASN A 274 10.08 -29.02 -24.16
CA ASN A 274 9.26 -29.23 -25.34
C ASN A 274 9.38 -27.94 -26.14
N PRO A 275 9.23 -28.00 -27.46
CA PRO A 275 9.42 -26.92 -28.41
C PRO A 275 8.39 -25.80 -28.32
N HIS A 276 7.40 -25.93 -27.46
CA HIS A 276 6.42 -24.87 -27.36
C HIS A 276 6.51 -24.14 -26.06
N LEU A 277 7.22 -24.70 -25.09
CA LEU A 277 7.40 -24.01 -23.83
C LEU A 277 8.85 -24.00 -23.39
N GLY A 278 9.73 -24.52 -24.23
CA GLY A 278 11.14 -24.56 -23.89
C GLY A 278 11.36 -25.42 -22.67
N TYR A 279 12.14 -24.95 -21.73
CA TYR A 279 12.39 -25.73 -20.53
C TYR A 279 11.24 -25.57 -19.60
N ILE A 280 10.87 -26.66 -18.98
CA ILE A 280 9.68 -26.69 -18.16
C ILE A 280 9.95 -26.62 -16.68
N LEU A 281 9.48 -25.56 -16.07
CA LEU A 281 9.61 -25.34 -14.64
C LEU A 281 8.24 -25.15 -13.99
N THR A 282 8.25 -24.93 -12.67
CA THR A 282 7.04 -24.73 -11.87
C THR A 282 6.15 -23.57 -12.34
N CYS A 283 6.40 -22.37 -11.84
CA CYS A 283 5.54 -21.28 -12.26
C CYS A 283 5.83 -21.00 -13.70
N PRO A 284 4.82 -20.64 -14.49
CA PRO A 284 4.85 -20.41 -15.92
C PRO A 284 5.72 -19.22 -16.30
N SER A 285 5.98 -18.33 -15.35
CA SER A 285 6.82 -17.18 -15.64
C SER A 285 8.25 -17.57 -15.93
N ASN A 286 8.67 -18.77 -15.52
CA ASN A 286 10.03 -19.21 -15.77
C ASN A 286 10.14 -20.17 -16.94
N LEU A 287 9.12 -20.27 -17.78
CA LEU A 287 9.18 -21.11 -18.97
C LEU A 287 10.13 -20.58 -20.02
N GLY A 288 10.37 -21.39 -21.04
CA GLY A 288 11.27 -21.01 -22.11
C GLY A 288 12.70 -21.24 -21.71
N THR A 289 13.41 -20.18 -21.41
CA THR A 289 14.79 -20.35 -21.03
C THR A 289 14.94 -20.48 -19.56
N GLY A 290 14.10 -19.75 -18.85
CA GLY A 290 14.19 -19.73 -17.40
C GLY A 290 15.50 -19.04 -17.03
N LEU A 291 16.00 -18.19 -17.93
CA LEU A 291 17.30 -17.56 -17.76
C LEU A 291 17.23 -16.14 -17.26
N ARG A 292 17.96 -15.88 -16.20
CA ARG A 292 18.04 -14.56 -15.66
C ARG A 292 19.48 -14.12 -15.67
N ALA A 293 19.72 -12.94 -16.15
CA ALA A 293 21.09 -12.45 -16.18
C ALA A 293 21.08 -10.98 -15.93
N GLY A 294 22.09 -10.52 -15.23
CA GLY A 294 22.10 -9.12 -14.87
C GLY A 294 23.36 -8.69 -14.17
N VAL A 295 23.40 -7.42 -13.85
CA VAL A 295 24.56 -6.82 -13.25
C VAL A 295 24.22 -5.82 -12.17
N HIS A 296 25.20 -5.58 -11.30
CA HIS A 296 25.08 -4.54 -10.29
C HIS A 296 25.78 -3.31 -10.79
N ILE A 297 25.02 -2.27 -11.15
CA ILE A 297 25.58 -1.06 -11.73
C ILE A 297 25.52 0.15 -10.82
N LYS A 298 26.64 0.83 -10.66
CA LYS A 298 26.65 2.03 -9.84
C LYS A 298 26.08 3.21 -10.60
N LEU A 299 24.76 3.39 -10.51
CA LEU A 299 24.11 4.50 -11.22
C LEU A 299 23.43 5.54 -10.34
N PRO A 300 24.13 6.24 -9.46
CA PRO A 300 23.61 7.28 -8.57
C PRO A 300 22.98 8.41 -9.36
N ASN A 301 23.42 8.58 -10.61
CA ASN A 301 22.92 9.62 -11.47
C ASN A 301 21.66 9.19 -12.19
N LEU A 302 21.74 8.08 -12.91
CA LEU A 302 20.58 7.64 -13.67
C LEU A 302 19.45 7.25 -12.76
N GLY A 303 19.77 6.81 -11.55
CA GLY A 303 18.75 6.45 -10.57
C GLY A 303 17.91 7.65 -10.11
N LYS A 304 18.37 8.86 -10.41
CA LYS A 304 17.64 10.06 -10.07
C LYS A 304 17.04 10.69 -11.31
N HIS A 305 17.54 10.33 -12.49
CA HIS A 305 17.00 10.91 -13.70
C HIS A 305 15.56 10.50 -13.95
N GLU A 306 14.80 11.44 -14.49
CA GLU A 306 13.37 11.33 -14.71
C GLU A 306 12.94 10.24 -15.67
N LYS A 307 13.77 9.91 -16.64
CA LYS A 307 13.40 8.93 -17.64
C LYS A 307 14.11 7.60 -17.46
N PHE A 308 14.68 7.37 -16.29
CA PHE A 308 15.41 6.15 -16.05
C PHE A 308 14.57 4.92 -16.31
N SER A 309 13.37 4.89 -15.74
CA SER A 309 12.49 3.75 -15.95
C SER A 309 11.98 3.67 -17.38
N GLU A 310 11.94 4.79 -18.07
CA GLU A 310 11.49 4.81 -19.45
C GLU A 310 12.48 4.13 -20.35
N VAL A 311 13.75 4.38 -20.10
CA VAL A 311 14.80 3.76 -20.85
C VAL A 311 14.87 2.28 -20.58
N LEU A 312 14.73 1.90 -19.32
CA LEU A 312 14.78 0.49 -18.96
C LEU A 312 13.64 -0.27 -19.61
N LYS A 313 12.48 0.35 -19.75
CA LYS A 313 11.39 -0.25 -20.49
C LYS A 313 11.82 -0.52 -21.91
N ARG A 314 12.40 0.48 -22.54
CA ARG A 314 12.87 0.40 -23.92
C ARG A 314 13.93 -0.67 -24.13
N LEU A 315 14.75 -0.89 -23.12
CA LEU A 315 15.78 -1.92 -23.17
C LEU A 315 15.29 -3.28 -22.70
N ARG A 316 14.06 -3.35 -22.22
CA ARG A 316 13.48 -4.59 -21.74
C ARG A 316 14.29 -5.15 -20.58
N LEU A 317 14.63 -4.28 -19.65
CA LEU A 317 15.39 -4.68 -18.47
C LEU A 317 14.63 -4.40 -17.18
N GLN A 318 14.94 -5.14 -16.14
CA GLN A 318 14.29 -4.97 -14.85
C GLN A 318 15.18 -4.19 -13.92
N LYS A 319 14.53 -3.38 -13.09
CA LYS A 319 15.18 -2.54 -12.09
C LYS A 319 14.97 -3.07 -10.68
N ARG A 320 16.04 -3.28 -9.94
CA ARG A 320 15.86 -3.77 -8.59
C ARG A 320 16.97 -3.33 -7.64
N GLY A 321 16.62 -3.08 -6.38
CA GLY A 321 17.60 -2.65 -5.39
C GLY A 321 18.42 -3.83 -4.86
N THR A 322 19.13 -3.63 -3.75
CA THR A 322 19.93 -4.72 -3.20
C THR A 322 19.54 -5.02 -1.76
N GLY A 323 20.20 -6.01 -1.18
CA GLY A 323 19.91 -6.41 0.19
C GLY A 323 20.67 -5.61 1.24
N VAL A 333 22.17 1.92 -6.42
CA VAL A 333 22.96 0.99 -7.19
C VAL A 333 21.92 0.05 -7.65
N PHE A 334 21.98 -0.39 -8.88
CA PHE A 334 20.88 -1.18 -9.32
C PHE A 334 21.24 -2.51 -9.88
N ASP A 335 20.37 -3.45 -9.61
CA ASP A 335 20.46 -4.76 -10.16
C ASP A 335 19.66 -4.69 -11.42
N VAL A 336 20.36 -4.68 -12.54
CA VAL A 336 19.72 -4.58 -13.83
C VAL A 336 19.66 -5.96 -14.41
N SER A 337 18.50 -6.41 -14.85
CA SER A 337 18.44 -7.77 -15.37
C SER A 337 17.47 -7.99 -16.51
N ASN A 338 17.66 -9.09 -17.22
CA ASN A 338 16.84 -9.41 -18.36
C ASN A 338 15.37 -9.61 -18.01
N ALA A 339 14.48 -8.85 -18.64
CA ALA A 339 13.06 -8.95 -18.34
C ALA A 339 12.26 -9.99 -19.15
N ASP A 340 12.92 -10.73 -20.03
CA ASP A 340 12.23 -11.74 -20.85
C ASP A 340 12.63 -13.16 -20.46
N ARG A 341 11.84 -14.13 -20.89
CA ARG A 341 12.12 -15.52 -20.56
C ARG A 341 11.79 -16.49 -21.67
N LEU A 342 10.67 -16.25 -22.32
CA LEU A 342 10.14 -17.12 -23.36
C LEU A 342 10.03 -16.44 -24.71
N GLY A 343 10.53 -17.08 -25.76
CA GLY A 343 10.47 -16.52 -27.11
C GLY A 343 11.79 -15.98 -27.63
N PHE A 344 12.83 -16.05 -26.82
CA PHE A 344 14.14 -15.55 -27.20
C PHE A 344 15.21 -16.57 -26.94
N SER A 345 16.29 -16.53 -27.70
CA SER A 345 17.35 -17.49 -27.49
C SER A 345 18.11 -17.14 -26.23
N GLU A 346 18.70 -18.14 -25.60
CA GLU A 346 19.43 -17.92 -24.35
C GLU A 346 20.61 -16.99 -24.55
N VAL A 347 21.38 -17.18 -25.61
CA VAL A 347 22.43 -16.21 -25.89
C VAL A 347 21.86 -14.86 -26.16
N GLU A 348 20.81 -14.82 -26.98
CA GLU A 348 20.17 -13.58 -27.38
C GLU A 348 19.75 -12.74 -26.19
N LEU A 349 19.17 -13.38 -25.17
CA LEU A 349 18.77 -12.66 -23.99
C LEU A 349 19.97 -12.07 -23.26
N VAL A 350 21.06 -12.80 -23.21
CA VAL A 350 22.24 -12.22 -22.60
C VAL A 350 22.76 -11.08 -23.43
N GLN A 351 22.67 -11.22 -24.75
CA GLN A 351 23.10 -10.17 -25.64
C GLN A 351 22.34 -8.89 -25.33
N MET A 352 21.04 -9.02 -25.02
CA MET A 352 20.21 -7.88 -24.66
C MET A 352 20.74 -7.18 -23.44
N VAL A 353 21.15 -7.94 -22.44
CA VAL A 353 21.71 -7.30 -21.27
C VAL A 353 22.99 -6.59 -21.56
N VAL A 354 23.87 -7.19 -22.33
CA VAL A 354 25.13 -6.53 -22.64
C VAL A 354 24.88 -5.21 -23.36
N ASP A 355 24.00 -5.24 -24.33
CA ASP A 355 23.66 -4.06 -25.10
C ASP A 355 23.11 -2.95 -24.24
N GLY A 356 22.10 -3.28 -23.45
CA GLY A 356 21.45 -2.31 -22.60
C GLY A 356 22.39 -1.69 -21.59
N VAL A 357 23.21 -2.51 -20.96
CA VAL A 357 24.15 -1.98 -19.98
C VAL A 357 25.12 -1.03 -20.59
N LYS A 358 25.67 -1.37 -21.75
CA LYS A 358 26.60 -0.44 -22.36
C LYS A 358 25.91 0.87 -22.70
N LEU A 359 24.67 0.80 -23.18
CA LEU A 359 23.92 2.02 -23.43
C LEU A 359 23.78 2.86 -22.18
N LEU A 360 23.42 2.20 -21.07
CA LEU A 360 23.27 2.91 -19.81
C LEU A 360 24.57 3.48 -19.31
N ILE A 361 25.68 2.82 -19.56
CA ILE A 361 26.94 3.40 -19.15
C ILE A 361 27.15 4.70 -19.89
N GLU A 362 26.89 4.70 -21.19
CA GLU A 362 27.03 5.91 -21.98
C GLU A 362 26.03 6.96 -21.58
N MET A 363 24.82 6.52 -21.25
CA MET A 363 23.77 7.40 -20.80
C MET A 363 24.24 8.15 -19.59
N GLU A 364 24.77 7.41 -18.63
CA GLU A 364 25.29 7.96 -17.41
C GLU A 364 26.45 8.90 -17.66
N GLN A 365 27.30 8.60 -18.64
CA GLN A 365 28.42 9.50 -18.91
C GLN A 365 27.94 10.87 -19.29
N ARG A 366 26.94 10.92 -20.16
CA ARG A 366 26.43 12.19 -20.61
C ARG A 366 25.71 12.91 -19.48
N LEU A 367 24.96 12.16 -18.68
CA LEU A 367 24.25 12.79 -17.57
C LEU A 367 25.24 13.33 -16.56
N GLU A 368 26.27 12.56 -16.24
CA GLU A 368 27.32 13.01 -15.34
C GLU A 368 27.93 14.32 -15.75
N GLN A 369 28.12 14.52 -17.05
CA GLN A 369 28.69 15.75 -17.53
C GLN A 369 27.67 16.87 -17.76
N GLY A 370 26.42 16.66 -17.35
CA GLY A 370 25.40 17.69 -17.49
C GLY A 370 24.93 17.84 -18.91
N GLN A 371 25.06 16.78 -19.70
CA GLN A 371 24.68 16.86 -21.09
C GLN A 371 23.29 16.33 -21.29
N ALA A 372 22.66 16.70 -22.39
CA ALA A 372 21.35 16.17 -22.69
C ALA A 372 21.50 14.71 -23.02
N ILE A 373 20.56 13.89 -22.58
CA ILE A 373 20.67 12.47 -22.84
C ILE A 373 19.53 11.97 -23.71
N ASP A 374 18.82 12.90 -24.35
CA ASP A 374 17.66 12.57 -25.17
C ASP A 374 18.03 11.87 -26.48
N ASP A 375 19.31 11.89 -26.84
CA ASP A 375 19.75 11.23 -28.05
C ASP A 375 20.14 9.77 -27.84
N LEU A 376 19.94 9.24 -26.63
CA LEU A 376 20.24 7.84 -26.38
C LEU A 376 19.02 7.05 -25.97
N MET A 377 17.86 7.46 -26.42
CA MET A 377 16.63 6.79 -26.04
C MET A 377 15.96 6.12 -27.25
N PRO A 378 16.36 4.89 -27.57
CA PRO A 378 16.00 4.10 -28.74
C PRO A 378 14.57 3.63 -28.62
N ALA A 379 13.99 3.22 -29.73
CA ALA A 379 12.65 2.68 -29.71
C ALA A 379 12.66 1.40 -28.90
N GLN A 380 11.59 1.13 -28.16
CA GLN A 380 11.55 -0.08 -27.37
C GLN A 380 11.79 -1.28 -28.25
N LYS A 381 12.83 -2.03 -27.92
CA LYS A 381 13.25 -3.16 -28.72
C LYS A 381 14.39 -3.91 -28.05
N SER B 6 -4.09 -42.11 -8.99
CA SER B 6 -3.76 -41.36 -7.79
C SER B 6 -2.28 -41.35 -7.48
N HIS B 7 -1.80 -40.19 -7.04
CA HIS B 7 -0.41 -40.04 -6.70
C HIS B 7 -0.04 -40.90 -5.50
N ASN B 8 -1.04 -41.31 -4.74
CA ASN B 8 -0.81 -42.16 -3.60
C ASN B 8 -0.19 -43.46 -4.08
N ALA B 9 -0.69 -43.98 -5.21
CA ALA B 9 -0.15 -45.21 -5.75
C ALA B 9 1.27 -44.99 -6.18
N LEU B 10 1.53 -43.83 -6.76
CA LEU B 10 2.88 -43.52 -7.20
C LEU B 10 3.82 -43.50 -6.01
N LYS B 11 3.35 -43.03 -4.87
CA LYS B 11 4.16 -43.05 -3.68
C LYS B 11 4.38 -44.47 -3.20
N LEU B 12 3.35 -45.31 -3.32
CA LEU B 12 3.44 -46.70 -2.90
C LEU B 12 4.48 -47.48 -3.67
N ARG B 13 4.79 -47.04 -4.90
CA ARG B 13 5.82 -47.70 -5.69
C ARG B 13 7.20 -47.61 -5.01
N PHE B 14 7.42 -46.60 -4.19
CA PHE B 14 8.68 -46.48 -3.48
C PHE B 14 8.69 -47.39 -2.27
N PRO B 15 9.85 -47.89 -1.88
CA PRO B 15 10.10 -48.65 -0.68
C PRO B 15 9.68 -47.81 0.51
N ALA B 16 9.13 -48.47 1.53
CA ALA B 16 8.62 -47.77 2.70
C ALA B 16 9.66 -46.88 3.34
N GLU B 17 10.89 -47.37 3.42
CA GLU B 17 11.98 -46.60 4.02
C GLU B 17 12.38 -45.37 3.21
N ASP B 18 12.01 -45.32 1.94
CA ASP B 18 12.31 -44.14 1.15
C ASP B 18 11.33 -43.06 1.48
N GLU B 19 10.07 -43.44 1.70
CA GLU B 19 9.07 -42.47 2.05
C GLU B 19 9.07 -42.11 3.54
N PHE B 20 9.55 -43.01 4.38
CA PHE B 20 9.62 -42.75 5.81
C PHE B 20 10.47 -41.50 6.13
N PRO B 21 9.89 -40.47 6.75
CA PRO B 21 10.49 -39.20 7.11
C PRO B 21 11.49 -39.36 8.24
N ASP B 22 12.53 -38.53 8.22
CA ASP B 22 13.52 -38.60 9.28
C ASP B 22 13.07 -37.88 10.49
N LEU B 23 12.47 -38.62 11.40
CA LEU B 23 11.92 -38.04 12.60
C LEU B 23 12.89 -37.98 13.77
N SER B 24 14.16 -38.28 13.55
CA SER B 24 15.12 -38.28 14.65
C SER B 24 15.37 -36.90 15.24
N ALA B 25 15.10 -35.86 14.49
CA ALA B 25 15.27 -34.50 14.98
C ALA B 25 14.01 -33.94 15.60
N HIS B 26 12.94 -34.71 15.62
CA HIS B 26 11.68 -34.20 16.11
C HIS B 26 11.43 -34.51 17.56
N ASN B 27 10.60 -33.67 18.18
CA ASN B 27 10.25 -33.86 19.57
C ASN B 27 8.77 -33.67 19.79
N ASN B 28 7.97 -34.64 19.35
CA ASN B 28 6.55 -34.56 19.58
C ASN B 28 5.95 -35.95 19.71
N HIS B 29 4.67 -36.05 20.03
CA HIS B 29 4.09 -37.36 20.28
C HIS B 29 4.11 -38.21 19.04
N MET B 30 3.84 -37.60 17.89
CA MET B 30 3.85 -38.34 16.65
C MET B 30 5.20 -38.99 16.45
N ALA B 31 6.25 -38.23 16.62
CA ALA B 31 7.60 -38.72 16.43
C ALA B 31 7.92 -39.87 17.37
N LYS B 32 7.38 -39.83 18.58
CA LYS B 32 7.66 -40.89 19.52
C LYS B 32 6.88 -42.16 19.22
N VAL B 33 5.71 -42.02 18.63
CA VAL B 33 4.89 -43.18 18.34
C VAL B 33 5.15 -43.86 17.01
N LEU B 34 5.28 -43.09 15.93
CA LEU B 34 5.45 -43.68 14.61
C LEU B 34 6.79 -44.35 14.40
N THR B 35 6.75 -45.65 14.19
CA THR B 35 7.93 -46.44 13.88
C THR B 35 7.91 -46.68 12.39
N PRO B 36 9.04 -47.05 11.79
CA PRO B 36 9.18 -47.34 10.38
C PRO B 36 8.42 -48.60 10.05
N GLU B 37 8.26 -49.46 11.06
CA GLU B 37 7.49 -50.65 10.87
C GLU B 37 6.03 -50.28 10.74
N LEU B 38 5.57 -49.40 11.62
CA LEU B 38 4.19 -48.94 11.56
C LEU B 38 3.93 -48.20 10.29
N TYR B 39 4.90 -47.40 9.89
CA TYR B 39 4.81 -46.62 8.68
C TYR B 39 4.55 -47.54 7.53
N ALA B 40 5.37 -48.58 7.43
CA ALA B 40 5.23 -49.56 6.37
C ALA B 40 3.85 -50.21 6.40
N GLU B 41 3.34 -50.47 7.59
CA GLU B 41 2.04 -51.09 7.69
C GLU B 41 0.91 -50.18 7.27
N LEU B 42 0.98 -48.91 7.64
CA LEU B 42 -0.12 -48.02 7.35
C LEU B 42 0.01 -47.16 6.10
N ARG B 43 1.17 -47.16 5.46
CA ARG B 43 1.36 -46.27 4.30
C ARG B 43 0.40 -46.55 3.15
N ALA B 44 -0.15 -47.75 3.10
CA ALA B 44 -1.10 -48.09 2.06
C ALA B 44 -2.55 -47.89 2.49
N LYS B 45 -2.76 -47.43 3.72
CA LYS B 45 -4.11 -47.29 4.24
C LYS B 45 -4.68 -45.92 3.98
N SER B 46 -6.00 -45.84 3.89
CA SER B 46 -6.64 -44.56 3.66
C SER B 46 -8.10 -44.56 4.08
N THR B 47 -8.63 -43.37 4.27
CA THR B 47 -10.03 -43.20 4.64
C THR B 47 -10.83 -43.14 3.38
N PRO B 48 -12.16 -43.15 3.49
CA PRO B 48 -13.11 -42.94 2.42
C PRO B 48 -12.94 -41.56 1.77
N SER B 49 -12.29 -40.63 2.46
CA SER B 49 -12.03 -39.30 1.96
C SER B 49 -10.64 -39.21 1.34
N GLY B 50 -9.90 -40.30 1.37
CA GLY B 50 -8.57 -40.34 0.78
C GLY B 50 -7.52 -39.76 1.68
N PHE B 51 -7.82 -39.64 2.96
CA PHE B 51 -6.85 -39.12 3.89
C PHE B 51 -5.83 -40.21 4.15
N THR B 52 -4.54 -39.91 3.98
CA THR B 52 -3.53 -40.94 4.12
C THR B 52 -2.59 -40.72 5.27
N LEU B 53 -1.76 -41.72 5.52
CA LEU B 53 -0.76 -41.68 6.56
C LEU B 53 0.16 -40.48 6.43
N ASP B 54 0.51 -40.14 5.21
CA ASP B 54 1.39 -39.01 4.99
C ASP B 54 0.72 -37.68 5.29
N ASP B 55 -0.59 -37.68 5.41
CA ASP B 55 -1.29 -36.45 5.69
C ASP B 55 -1.48 -36.31 7.18
N VAL B 56 -1.81 -37.41 7.85
CA VAL B 56 -2.00 -37.37 9.29
C VAL B 56 -0.77 -36.97 10.07
N ILE B 57 0.43 -37.20 9.54
CA ILE B 57 1.60 -36.79 10.30
C ILE B 57 2.31 -35.60 9.69
N GLN B 58 1.72 -34.94 8.71
CA GLN B 58 2.47 -33.89 8.03
C GLN B 58 2.88 -32.75 8.93
N THR B 59 2.00 -32.36 9.85
CA THR B 59 2.29 -31.27 10.76
C THR B 59 3.41 -31.62 11.71
N GLY B 60 3.35 -32.82 12.25
CA GLY B 60 4.37 -33.31 13.13
C GLY B 60 5.72 -33.35 12.45
N VAL B 61 5.74 -33.56 11.13
CA VAL B 61 6.97 -33.54 10.38
C VAL B 61 7.46 -32.12 10.14
N ASP B 62 6.58 -31.25 9.65
CA ASP B 62 6.97 -29.88 9.34
C ASP B 62 7.46 -29.10 10.53
N ASN B 63 6.81 -29.26 11.67
CA ASN B 63 7.23 -28.53 12.84
C ASN B 63 8.05 -29.43 13.74
N PRO B 64 9.38 -29.23 13.79
CA PRO B 64 10.35 -30.03 14.53
C PRO B 64 10.04 -30.19 16.00
N GLY B 65 9.26 -29.27 16.55
CA GLY B 65 8.86 -29.35 17.94
C GLY B 65 9.79 -28.60 18.87
N HIS B 66 9.21 -28.06 19.92
CA HIS B 66 9.94 -27.36 20.96
C HIS B 66 10.75 -28.39 21.73
N PRO B 67 11.99 -28.08 22.13
CA PRO B 67 12.92 -28.94 22.84
C PRO B 67 12.42 -29.33 24.23
N TYR B 68 11.53 -28.55 24.82
CA TYR B 68 11.03 -28.89 26.14
C TYR B 68 9.52 -29.06 26.18
N ILE B 69 8.81 -28.41 25.28
CA ILE B 69 7.38 -28.52 25.26
C ILE B 69 6.90 -29.49 24.19
N MET B 70 6.32 -30.59 24.62
CA MET B 70 5.85 -31.59 23.67
C MET B 70 4.45 -31.34 23.18
N THR B 71 4.26 -31.49 21.88
CA THR B 71 2.97 -31.36 21.23
C THR B 71 2.64 -32.65 20.52
N VAL B 72 1.59 -32.66 19.73
CA VAL B 72 1.20 -33.91 19.09
C VAL B 72 1.69 -33.97 17.65
N GLY B 73 1.23 -33.02 16.85
CA GLY B 73 1.64 -32.96 15.45
C GLY B 73 0.76 -33.77 14.50
N CYS B 74 -0.36 -34.26 14.98
CA CYS B 74 -1.22 -35.04 14.13
C CYS B 74 -2.55 -34.40 13.96
N VAL B 75 -3.15 -34.58 12.80
CA VAL B 75 -4.47 -34.02 12.59
C VAL B 75 -5.38 -35.06 12.02
N ALA B 76 -6.65 -34.95 12.28
CA ALA B 76 -7.58 -35.90 11.71
C ALA B 76 -8.10 -35.39 10.40
N GLY B 77 -8.61 -36.30 9.58
CA GLY B 77 -9.19 -35.92 8.31
C GLY B 77 -10.69 -35.89 8.50
N ASP B 78 -11.16 -36.82 9.31
CA ASP B 78 -12.57 -36.92 9.67
C ASP B 78 -12.71 -37.87 10.84
N GLU B 79 -13.93 -38.11 11.29
CA GLU B 79 -14.11 -39.02 12.42
C GLU B 79 -13.54 -40.38 12.08
N GLU B 80 -13.85 -40.86 10.89
CA GLU B 80 -13.40 -42.17 10.45
C GLU B 80 -11.90 -42.33 10.52
N SER B 81 -11.15 -41.26 10.28
CA SER B 81 -9.70 -41.34 10.29
C SER B 81 -9.13 -41.65 11.65
N TYR B 82 -9.90 -41.43 12.73
CA TYR B 82 -9.41 -41.83 14.03
C TYR B 82 -9.44 -43.34 14.16
N GLU B 83 -10.35 -43.98 13.44
CA GLU B 83 -10.44 -45.42 13.41
C GLU B 83 -9.44 -46.02 12.44
N VAL B 84 -9.40 -45.46 11.24
CA VAL B 84 -8.53 -45.96 10.18
C VAL B 84 -7.08 -45.98 10.59
N PHE B 85 -6.62 -44.94 11.24
CA PHE B 85 -5.24 -44.89 11.65
C PHE B 85 -5.10 -45.03 13.15
N LYS B 86 -6.03 -45.77 13.78
CA LYS B 86 -6.00 -45.90 15.23
C LYS B 86 -4.75 -46.59 15.74
N ASP B 87 -4.08 -47.36 14.88
CA ASP B 87 -2.86 -48.00 15.30
C ASP B 87 -1.81 -46.95 15.65
N LEU B 88 -1.96 -45.77 15.05
CA LEU B 88 -1.11 -44.65 15.35
C LEU B 88 -1.72 -43.79 16.46
N PHE B 89 -3.00 -43.44 16.30
CA PHE B 89 -3.63 -42.52 17.24
C PHE B 89 -3.76 -43.05 18.65
N ASP B 90 -4.08 -44.32 18.80
CA ASP B 90 -4.30 -44.87 20.13
C ASP B 90 -3.13 -44.69 21.08
N PRO B 91 -1.89 -44.95 20.67
CA PRO B 91 -0.75 -44.76 21.51
C PRO B 91 -0.46 -43.30 21.68
N ILE B 92 -0.82 -42.49 20.69
CA ILE B 92 -0.65 -41.06 20.85
C ILE B 92 -1.54 -40.53 21.96
N ILE B 93 -2.81 -40.90 21.91
CA ILE B 93 -3.78 -40.45 22.88
C ILE B 93 -3.43 -40.93 24.26
N GLU B 94 -3.07 -42.20 24.38
CA GLU B 94 -2.71 -42.74 25.68
C GLU B 94 -1.63 -41.92 26.34
N ASP B 95 -0.58 -41.59 25.60
CA ASP B 95 0.45 -40.77 26.20
C ASP B 95 -0.01 -39.35 26.46
N ARG B 96 -0.76 -38.77 25.54
CA ARG B 96 -1.16 -37.39 25.67
C ARG B 96 -2.03 -37.09 26.86
N HIS B 97 -2.98 -37.96 27.15
CA HIS B 97 -3.88 -37.67 28.25
C HIS B 97 -3.55 -38.39 29.54
N GLY B 98 -2.31 -38.83 29.69
CA GLY B 98 -1.89 -39.40 30.96
C GLY B 98 -2.42 -40.80 31.26
N GLY B 99 -2.43 -41.68 30.28
CA GLY B 99 -2.85 -43.05 30.54
C GLY B 99 -4.24 -43.38 30.06
N TYR B 100 -4.86 -42.49 29.31
CA TYR B 100 -6.16 -42.78 28.78
C TYR B 100 -6.13 -44.03 27.93
N LYS B 101 -6.73 -45.10 28.43
CA LYS B 101 -6.75 -46.36 27.71
C LYS B 101 -7.82 -46.34 26.63
N PRO B 102 -7.64 -47.11 25.57
CA PRO B 102 -8.53 -47.22 24.41
C PRO B 102 -9.90 -47.77 24.79
N SER B 103 -9.95 -48.51 25.90
CA SER B 103 -11.19 -49.08 26.39
C SER B 103 -11.85 -48.19 27.44
N ASP B 104 -11.22 -47.10 27.81
CA ASP B 104 -11.74 -46.23 28.86
C ASP B 104 -12.83 -45.31 28.34
N GLU B 105 -14.05 -45.83 28.28
CA GLU B 105 -15.20 -45.07 27.80
C GLU B 105 -15.34 -43.71 28.48
N HIS B 106 -15.47 -42.67 27.67
CA HIS B 106 -15.51 -41.28 28.13
C HIS B 106 -16.92 -40.73 28.31
N LYS B 107 -17.14 -40.00 29.40
CA LYS B 107 -18.45 -39.44 29.73
C LYS B 107 -18.71 -38.03 29.18
N THR B 108 -19.99 -37.70 29.00
CA THR B 108 -20.46 -36.41 28.49
C THR B 108 -21.54 -35.86 29.42
N ASP B 109 -21.54 -34.54 29.68
CA ASP B 109 -22.53 -33.99 30.61
C ASP B 109 -22.84 -32.50 30.43
N LEU B 110 -24.03 -32.20 29.91
CA LEU B 110 -24.45 -30.81 29.72
C LEU B 110 -25.50 -30.32 30.71
N ASN B 111 -25.42 -30.77 31.96
CA ASN B 111 -26.38 -30.33 32.97
C ASN B 111 -25.70 -29.56 34.12
N PRO B 112 -25.73 -28.22 34.10
CA PRO B 112 -25.17 -27.26 35.04
C PRO B 112 -25.51 -27.58 36.47
N ASP B 113 -26.66 -28.22 36.67
CA ASP B 113 -27.14 -28.63 37.97
C ASP B 113 -26.11 -29.42 38.77
N ASN B 114 -25.22 -30.13 38.10
CA ASN B 114 -24.21 -30.90 38.78
C ASN B 114 -23.15 -30.05 39.49
N LEU B 115 -22.96 -28.81 39.05
CA LEU B 115 -21.97 -27.97 39.71
C LEU B 115 -22.45 -27.54 41.06
N GLN B 116 -21.53 -27.55 42.01
CA GLN B 116 -21.86 -27.13 43.35
C GLN B 116 -21.14 -25.84 43.63
N GLY B 117 -21.88 -24.75 43.61
CA GLY B 117 -21.29 -23.44 43.77
C GLY B 117 -20.98 -22.87 42.40
N GLY B 118 -20.01 -21.96 42.34
CA GLY B 118 -19.63 -21.34 41.07
C GLY B 118 -20.40 -20.05 40.80
N ASP B 119 -21.42 -19.80 41.59
CA ASP B 119 -22.24 -18.60 41.45
C ASP B 119 -21.48 -17.38 41.96
N ASP B 120 -20.68 -17.58 43.01
CA ASP B 120 -19.91 -16.51 43.62
C ASP B 120 -18.49 -16.92 43.88
N LEU B 121 -17.59 -16.51 43.00
CA LEU B 121 -16.19 -16.83 43.13
C LEU B 121 -15.32 -15.74 43.71
N ASP B 122 -15.92 -14.71 44.30
CA ASP B 122 -15.13 -13.58 44.84
C ASP B 122 -14.50 -12.69 43.77
N PRO B 123 -15.29 -11.75 43.21
CA PRO B 123 -14.95 -10.81 42.15
C PRO B 123 -13.76 -9.89 42.47
N ASN B 124 -13.26 -9.94 43.70
CA ASN B 124 -12.07 -9.21 44.08
C ASN B 124 -10.83 -9.76 43.39
N TYR B 125 -10.85 -11.04 43.07
CA TYR B 125 -9.73 -11.66 42.40
C TYR B 125 -10.16 -12.25 41.08
N VAL B 126 -11.43 -12.61 40.99
CA VAL B 126 -11.90 -13.10 39.71
C VAL B 126 -12.27 -11.94 38.85
N LEU B 127 -11.45 -11.71 37.86
CA LEU B 127 -11.64 -10.57 37.01
C LEU B 127 -12.62 -10.91 35.92
N SER B 128 -12.44 -12.09 35.36
CA SER B 128 -13.31 -12.53 34.28
C SER B 128 -13.17 -14.01 34.03
N SER B 129 -14.23 -14.62 33.53
CA SER B 129 -14.16 -16.05 33.28
C SER B 129 -14.95 -16.44 32.05
N ARG B 130 -14.50 -17.52 31.42
CA ARG B 130 -15.14 -17.98 30.21
C ARG B 130 -15.00 -19.47 30.03
N VAL B 131 -15.79 -20.02 29.14
CA VAL B 131 -15.68 -21.42 28.84
C VAL B 131 -15.87 -21.59 27.38
N ARG B 132 -15.01 -22.36 26.76
CA ARG B 132 -15.16 -22.56 25.35
C ARG B 132 -14.86 -23.95 24.90
N THR B 133 -15.43 -24.31 23.76
CA THR B 133 -15.25 -25.63 23.21
C THR B 133 -15.40 -25.60 21.72
N GLY B 134 -15.49 -26.78 21.11
CA GLY B 134 -15.68 -26.83 19.69
C GLY B 134 -16.44 -28.05 19.28
N ARG B 135 -16.97 -28.04 18.08
CA ARG B 135 -17.73 -29.17 17.57
C ARG B 135 -17.45 -29.36 16.09
N SER B 136 -17.90 -30.48 15.55
CA SER B 136 -17.76 -30.75 14.13
C SER B 136 -18.99 -31.47 13.65
N ILE B 137 -19.32 -31.31 12.38
CA ILE B 137 -20.56 -31.93 11.92
C ILE B 137 -20.32 -33.28 11.29
N ARG B 138 -20.97 -34.31 11.82
CA ARG B 138 -20.78 -35.65 11.32
C ARG B 138 -21.21 -35.70 9.87
N GLY B 139 -20.32 -36.18 9.01
CA GLY B 139 -20.60 -36.26 7.59
C GLY B 139 -19.74 -35.30 6.77
N PHE B 140 -19.13 -34.33 7.43
CA PHE B 140 -18.26 -33.40 6.74
C PHE B 140 -16.85 -33.64 7.14
N CYS B 141 -15.93 -33.28 6.26
CA CYS B 141 -14.53 -33.47 6.56
C CYS B 141 -14.08 -32.40 7.52
N LEU B 142 -13.11 -32.74 8.33
CA LEU B 142 -12.53 -31.77 9.23
C LEU B 142 -11.69 -30.85 8.37
N PRO B 143 -11.58 -29.56 8.73
CA PRO B 143 -10.96 -28.48 7.99
C PRO B 143 -9.72 -28.83 7.15
N PRO B 144 -8.68 -29.55 7.65
CA PRO B 144 -7.47 -29.87 6.92
C PRO B 144 -7.77 -30.47 5.55
N HIS B 145 -8.85 -31.24 5.41
CA HIS B 145 -9.17 -31.83 4.12
C HIS B 145 -10.56 -31.57 3.62
N CYS B 146 -11.15 -30.45 4.00
CA CYS B 146 -12.45 -30.15 3.46
C CYS B 146 -12.36 -29.33 2.17
N SER B 147 -13.36 -29.44 1.32
CA SER B 147 -13.38 -28.65 0.09
C SER B 147 -14.02 -27.32 0.35
N ARG B 148 -13.89 -26.42 -0.62
CA ARG B 148 -14.53 -25.13 -0.51
C ARG B 148 -16.02 -25.27 -0.49
N GLY B 149 -16.53 -26.14 -1.34
CA GLY B 149 -17.95 -26.39 -1.44
C GLY B 149 -18.52 -26.90 -0.14
N GLU B 150 -17.88 -27.88 0.48
CA GLU B 150 -18.47 -28.37 1.71
C GLU B 150 -18.24 -27.39 2.83
N ARG B 151 -17.17 -26.61 2.77
CA ARG B 151 -16.96 -25.60 3.77
C ARG B 151 -18.06 -24.59 3.71
N ARG B 152 -18.43 -24.20 2.49
CA ARG B 152 -19.54 -23.30 2.27
C ARG B 152 -20.85 -23.90 2.69
N ALA B 153 -21.02 -25.21 2.46
CA ALA B 153 -22.25 -25.87 2.89
C ALA B 153 -22.39 -25.77 4.40
N ILE B 154 -21.28 -25.97 5.11
CA ILE B 154 -21.29 -25.85 6.56
C ILE B 154 -21.61 -24.46 6.99
N GLU B 155 -20.98 -23.46 6.38
CA GLU B 155 -21.25 -22.10 6.73
C GLU B 155 -22.71 -21.78 6.61
N LYS B 156 -23.28 -22.03 5.44
CA LYS B 156 -24.67 -21.74 5.21
C LYS B 156 -25.55 -22.39 6.25
N LEU B 157 -25.31 -23.66 6.51
CA LEU B 157 -26.09 -24.40 7.48
C LEU B 157 -26.03 -23.78 8.85
N ALA B 158 -24.82 -23.52 9.33
CA ALA B 158 -24.61 -22.97 10.65
C ALA B 158 -25.25 -21.61 10.80
N VAL B 159 -25.09 -20.76 9.80
CA VAL B 159 -25.64 -19.44 9.88
C VAL B 159 -27.14 -19.47 9.94
N GLU B 160 -27.76 -20.31 9.12
CA GLU B 160 -29.21 -20.41 9.16
C GLU B 160 -29.68 -20.77 10.55
N ALA B 161 -29.07 -21.78 11.14
CA ALA B 161 -29.46 -22.20 12.47
C ALA B 161 -29.22 -21.09 13.51
N LEU B 162 -28.06 -20.45 13.45
CA LEU B 162 -27.73 -19.40 14.41
C LEU B 162 -28.67 -18.22 14.34
N SER B 163 -29.16 -17.91 13.14
CA SER B 163 -30.09 -16.81 12.96
C SER B 163 -31.45 -17.07 13.58
N SER B 164 -31.77 -18.32 13.90
CA SER B 164 -33.06 -18.63 14.50
C SER B 164 -33.00 -18.55 16.01
N LEU B 165 -31.83 -18.25 16.57
CA LEU B 165 -31.74 -18.14 18.01
C LEU B 165 -32.26 -16.77 18.47
N ASP B 166 -32.93 -16.75 19.62
CA ASP B 166 -33.44 -15.49 20.14
C ASP B 166 -33.12 -15.33 21.62
N GLY B 167 -33.85 -14.45 22.30
CA GLY B 167 -33.63 -14.22 23.73
C GLY B 167 -32.22 -13.72 23.93
N ASP B 168 -31.51 -14.35 24.85
CA ASP B 168 -30.12 -13.99 25.09
C ASP B 168 -29.20 -14.47 23.99
N LEU B 169 -29.74 -15.30 23.09
CA LEU B 169 -29.00 -15.78 21.96
C LEU B 169 -29.37 -15.04 20.69
N ALA B 170 -30.10 -13.95 20.79
CA ALA B 170 -30.35 -13.18 19.59
C ALA B 170 -29.02 -12.57 19.19
N GLY B 171 -28.74 -12.48 17.90
CA GLY B 171 -27.43 -11.95 17.50
C GLY B 171 -27.27 -11.66 16.00
N ARG B 172 -26.02 -11.59 15.57
CA ARG B 172 -25.68 -11.25 14.18
C ARG B 172 -24.45 -11.96 13.65
N TYR B 173 -24.54 -12.39 12.39
CA TYR B 173 -23.41 -13.06 11.72
C TYR B 173 -22.60 -12.10 10.87
N TYR B 174 -21.30 -12.11 11.06
CA TYR B 174 -20.36 -11.28 10.33
C TYR B 174 -19.46 -12.10 9.42
N ALA B 175 -19.74 -12.14 8.13
CA ALA B 175 -18.84 -12.88 7.24
C ALA B 175 -17.54 -12.10 7.11
N LEU B 176 -16.41 -12.77 7.30
CA LEU B 176 -15.13 -12.07 7.25
C LEU B 176 -14.83 -11.48 5.90
N LYS B 177 -15.21 -12.18 4.85
CA LYS B 177 -14.94 -11.74 3.50
C LYS B 177 -15.59 -10.41 3.11
N SER B 178 -16.55 -9.92 3.88
CA SER B 178 -17.20 -8.67 3.52
C SER B 178 -17.49 -7.80 4.73
N MET B 179 -16.77 -8.02 5.82
CA MET B 179 -17.03 -7.24 7.03
C MET B 179 -16.56 -5.80 6.87
N THR B 180 -17.23 -4.87 7.54
CA THR B 180 -16.88 -3.45 7.47
C THR B 180 -15.78 -3.11 8.47
N GLU B 181 -14.79 -2.34 8.04
CA GLU B 181 -13.65 -1.96 8.87
C GLU B 181 -14.05 -1.42 10.24
N ALA B 182 -15.09 -0.62 10.32
CA ALA B 182 -15.56 -0.13 11.60
C ALA B 182 -15.99 -1.29 12.49
N GLU B 183 -16.68 -2.26 11.90
CA GLU B 183 -17.13 -3.43 12.62
C GLU B 183 -15.93 -4.22 13.06
N GLN B 184 -14.92 -4.27 12.20
CA GLN B 184 -13.66 -4.92 12.49
C GLN B 184 -13.07 -4.33 13.73
N GLN B 185 -13.02 -3.01 13.80
CA GLN B 185 -12.48 -2.36 14.96
C GLN B 185 -13.22 -2.75 16.22
N GLN B 186 -14.55 -2.84 16.14
CA GLN B 186 -15.34 -3.21 17.31
C GLN B 186 -15.06 -4.62 17.76
N LEU B 187 -14.95 -5.55 16.82
CA LEU B 187 -14.73 -6.92 17.17
C LEU B 187 -13.31 -7.11 17.68
N ILE B 188 -12.38 -6.28 17.20
CA ILE B 188 -11.04 -6.30 17.73
C ILE B 188 -11.03 -5.82 19.16
N ASP B 189 -11.74 -4.72 19.42
CA ASP B 189 -11.81 -4.15 20.75
C ASP B 189 -12.31 -5.16 21.78
N ASP B 190 -13.25 -5.98 21.37
CA ASP B 190 -13.82 -6.96 22.27
C ASP B 190 -13.15 -8.33 22.20
N HIS B 191 -12.03 -8.45 21.48
CA HIS B 191 -11.33 -9.73 21.31
C HIS B 191 -12.19 -10.81 20.68
N PHE B 192 -13.15 -10.41 19.86
CA PHE B 192 -14.04 -11.34 19.22
C PHE B 192 -13.48 -11.80 17.89
N LEU B 193 -12.87 -10.88 17.17
CA LEU B 193 -12.32 -11.12 15.85
C LEU B 193 -11.14 -12.07 15.83
N PHE B 194 -11.16 -13.00 14.88
CA PHE B 194 -10.03 -13.88 14.68
C PHE B 194 -9.53 -13.85 13.25
N ASP B 195 -8.26 -13.43 13.11
CA ASP B 195 -7.60 -13.28 11.82
C ASP B 195 -6.91 -14.56 11.41
N LYS B 196 -6.27 -14.53 10.24
CA LYS B 196 -5.58 -15.70 9.69
C LYS B 196 -4.55 -16.26 10.66
N PRO B 197 -4.53 -17.57 10.87
CA PRO B 197 -3.62 -18.31 11.71
C PRO B 197 -2.18 -18.02 11.32
N VAL B 198 -1.30 -17.99 12.31
CA VAL B 198 0.09 -17.66 12.07
C VAL B 198 1.04 -18.70 12.62
N SER B 199 0.50 -19.72 13.28
CA SER B 199 1.35 -20.76 13.81
C SER B 199 1.55 -21.88 12.80
N PRO B 200 2.78 -22.37 12.64
CA PRO B 200 3.18 -23.49 11.81
C PRO B 200 2.41 -24.75 12.15
N LEU B 201 1.99 -24.87 13.42
CA LEU B 201 1.23 -26.04 13.84
C LEU B 201 -0.15 -26.07 13.22
N LEU B 202 -0.64 -24.92 12.78
CA LEU B 202 -1.92 -24.85 12.14
C LEU B 202 -1.72 -24.77 10.65
N LEU B 203 -0.73 -24.00 10.23
CA LEU B 203 -0.47 -23.78 8.82
C LEU B 203 -0.12 -25.06 8.10
N ALA B 204 0.62 -25.94 8.76
CA ALA B 204 1.03 -27.21 8.17
C ALA B 204 -0.16 -28.12 7.82
N SER B 205 -1.32 -27.89 8.42
CA SER B 205 -2.46 -28.72 8.11
C SER B 205 -3.14 -28.31 6.82
N GLY B 206 -2.85 -27.11 6.34
CA GLY B 206 -3.48 -26.61 5.13
C GLY B 206 -4.82 -25.94 5.43
N MET B 207 -5.21 -25.85 6.71
CA MET B 207 -6.47 -25.26 7.14
C MET B 207 -6.64 -23.78 6.83
N ALA B 208 -5.53 -23.10 6.53
CA ALA B 208 -5.55 -21.68 6.23
C ALA B 208 -5.85 -21.41 4.75
N ARG B 209 -6.02 -22.46 3.96
CA ARG B 209 -6.30 -22.24 2.56
C ARG B 209 -7.65 -21.62 2.35
N ASP B 210 -7.73 -20.85 1.27
CA ASP B 210 -8.91 -20.13 0.85
C ASP B 210 -9.33 -19.05 1.86
N TRP B 211 -8.44 -18.64 2.76
CA TRP B 211 -8.75 -17.65 3.78
C TRP B 211 -9.22 -16.33 3.17
N PRO B 212 -10.33 -15.75 3.64
CA PRO B 212 -11.27 -16.15 4.67
C PRO B 212 -12.59 -16.57 4.08
N ASP B 213 -12.57 -17.30 2.99
CA ASP B 213 -13.83 -17.67 2.41
C ASP B 213 -14.58 -18.57 3.35
N ALA B 214 -15.89 -18.44 3.31
CA ALA B 214 -16.83 -19.19 4.14
C ALA B 214 -16.48 -19.16 5.63
N ARG B 215 -15.85 -18.10 6.09
CA ARG B 215 -15.52 -18.01 7.50
C ARG B 215 -16.13 -16.76 8.09
N GLY B 216 -16.51 -16.82 9.35
CA GLY B 216 -17.13 -15.67 9.97
C GLY B 216 -17.47 -15.86 11.43
N ILE B 217 -18.01 -14.81 12.02
CA ILE B 217 -18.33 -14.81 13.43
C ILE B 217 -19.74 -14.43 13.72
N TRP B 218 -20.42 -15.24 14.50
CA TRP B 218 -21.74 -14.91 14.95
C TRP B 218 -21.70 -14.60 16.41
N HIS B 219 -22.35 -13.54 16.84
CA HIS B 219 -22.35 -13.32 18.27
C HIS B 219 -23.65 -12.74 18.72
N ASN B 220 -23.93 -12.89 20.01
CA ASN B 220 -25.20 -12.39 20.52
C ASN B 220 -25.13 -10.94 20.88
N ASP B 221 -26.29 -10.34 21.05
CA ASP B 221 -26.45 -8.93 21.35
C ASP B 221 -25.83 -8.50 22.66
N ASN B 222 -25.74 -9.41 23.61
CA ASN B 222 -25.17 -9.07 24.90
C ASN B 222 -23.68 -9.28 24.95
N LYS B 223 -23.09 -9.72 23.84
CA LYS B 223 -21.66 -9.94 23.76
C LYS B 223 -21.15 -10.95 24.77
N THR B 224 -21.80 -12.11 24.83
CA THR B 224 -21.35 -13.15 25.72
C THR B 224 -21.10 -14.45 24.97
N PHE B 225 -21.71 -14.59 23.79
CA PHE B 225 -21.45 -15.75 22.93
C PHE B 225 -20.81 -15.46 21.63
N LEU B 226 -19.77 -16.23 21.34
CA LEU B 226 -19.08 -16.15 20.08
C LEU B 226 -19.15 -17.47 19.39
N VAL B 227 -19.65 -17.49 18.18
CA VAL B 227 -19.63 -18.72 17.45
C VAL B 227 -18.71 -18.54 16.28
N TRP B 228 -17.55 -19.15 16.36
CA TRP B 228 -16.62 -19.03 15.26
C TRP B 228 -16.99 -20.07 14.24
N VAL B 229 -17.17 -19.65 13.00
CA VAL B 229 -17.55 -20.58 11.97
C VAL B 229 -16.41 -20.86 11.04
N ASN B 230 -15.95 -22.11 11.05
CA ASN B 230 -14.86 -22.59 10.23
C ASN B 230 -13.56 -21.84 10.49
N GLU B 231 -13.32 -21.40 11.71
CA GLU B 231 -12.10 -20.63 11.98
C GLU B 231 -10.93 -21.52 12.32
N GLU B 232 -11.06 -22.28 13.39
CA GLU B 232 -10.00 -23.19 13.80
C GLU B 232 -10.49 -24.64 13.85
N ASP B 233 -11.79 -24.81 13.67
CA ASP B 233 -12.45 -26.09 13.62
C ASP B 233 -13.80 -25.77 12.98
N HIS B 234 -14.74 -26.70 12.92
CA HIS B 234 -16.00 -26.32 12.29
C HIS B 234 -16.72 -25.29 13.14
N LEU B 235 -16.91 -25.60 14.41
CA LEU B 235 -17.56 -24.63 15.27
C LEU B 235 -16.80 -24.43 16.55
N ARG B 236 -16.65 -23.18 16.94
CA ARG B 236 -16.17 -22.92 18.29
C ARG B 236 -17.22 -22.17 19.05
N VAL B 237 -17.47 -22.61 20.26
CA VAL B 237 -18.44 -21.95 21.10
C VAL B 237 -17.72 -21.33 22.24
N ILE B 238 -17.80 -20.02 22.34
CA ILE B 238 -17.16 -19.33 23.44
C ILE B 238 -18.18 -18.58 24.24
N SER B 239 -18.26 -18.88 25.52
CA SER B 239 -19.15 -18.16 26.39
C SER B 239 -18.35 -17.41 27.42
N MET B 240 -18.55 -16.11 27.55
CA MET B 240 -17.77 -15.37 28.52
C MET B 240 -18.52 -14.27 29.20
N GLN B 241 -18.10 -13.97 30.43
CA GLN B 241 -18.69 -12.92 31.22
C GLN B 241 -17.71 -12.42 32.28
N LYS B 242 -17.75 -11.12 32.54
CA LYS B 242 -16.87 -10.56 33.56
C LYS B 242 -17.39 -10.93 34.93
N GLY B 243 -16.50 -10.96 35.90
CA GLY B 243 -16.90 -11.34 37.25
C GLY B 243 -16.77 -12.83 37.45
N GLY B 244 -17.13 -13.30 38.65
CA GLY B 244 -16.97 -14.71 38.95
C GLY B 244 -18.26 -15.46 39.14
N ASN B 245 -19.17 -15.36 38.19
CA ASN B 245 -20.38 -16.15 38.25
C ASN B 245 -20.34 -17.24 37.20
N MET B 246 -19.45 -18.20 37.36
CA MET B 246 -19.29 -19.27 36.40
C MET B 246 -20.53 -20.11 36.28
N LYS B 247 -21.28 -20.24 37.37
CA LYS B 247 -22.50 -21.03 37.33
C LYS B 247 -23.41 -20.49 36.23
N GLU B 248 -23.52 -19.18 36.16
CA GLU B 248 -24.31 -18.54 35.10
C GLU B 248 -23.66 -18.72 33.76
N VAL B 249 -22.34 -18.54 33.70
CA VAL B 249 -21.63 -18.67 32.44
C VAL B 249 -21.87 -20.02 31.84
N PHE B 250 -21.68 -21.03 32.67
CA PHE B 250 -21.84 -22.41 32.28
C PHE B 250 -23.28 -22.72 31.96
N THR B 251 -24.21 -22.18 32.76
CA THR B 251 -25.63 -22.39 32.48
C THR B 251 -25.97 -21.91 31.10
N ARG B 252 -25.48 -20.73 30.77
CA ARG B 252 -25.72 -20.17 29.47
C ARG B 252 -25.11 -21.06 28.42
N PHE B 253 -23.87 -21.46 28.67
CA PHE B 253 -23.11 -22.28 27.75
C PHE B 253 -23.82 -23.57 27.40
N CYS B 254 -24.22 -24.32 28.42
CA CYS B 254 -24.86 -25.59 28.23
C CYS B 254 -26.19 -25.46 27.52
N THR B 255 -27.03 -24.55 27.98
CA THR B 255 -28.34 -24.43 27.41
C THR B 255 -28.29 -23.80 26.03
N GLY B 256 -27.33 -22.93 25.81
CA GLY B 256 -27.20 -22.33 24.51
C GLY B 256 -26.75 -23.37 23.52
N LEU B 257 -25.75 -24.13 23.92
CA LEU B 257 -25.21 -25.19 23.10
C LEU B 257 -26.27 -26.20 22.76
N THR B 258 -27.06 -26.59 23.76
CA THR B 258 -28.13 -27.55 23.55
C THR B 258 -29.10 -27.06 22.49
N GLN B 259 -29.44 -25.78 22.55
CA GLN B 259 -30.36 -25.22 21.57
C GLN B 259 -29.81 -25.24 20.17
N ILE B 260 -28.55 -24.85 19.99
CA ILE B 260 -28.04 -24.87 18.63
C ILE B 260 -27.87 -26.28 18.13
N GLU B 261 -27.57 -27.22 19.04
CA GLU B 261 -27.48 -28.62 18.67
C GLU B 261 -28.83 -29.09 18.19
N THR B 262 -29.87 -28.75 18.94
CA THR B 262 -31.23 -29.09 18.61
C THR B 262 -31.59 -28.64 17.21
N LEU B 263 -31.22 -27.42 16.89
CA LEU B 263 -31.51 -26.86 15.60
C LEU B 263 -30.82 -27.61 14.48
N PHE B 264 -29.58 -28.05 14.70
CA PHE B 264 -28.94 -28.84 13.67
C PHE B 264 -29.66 -30.15 13.49
N LYS B 265 -30.09 -30.73 14.61
CA LYS B 265 -30.82 -31.99 14.56
C LYS B 265 -32.18 -31.86 13.92
N SER B 266 -32.79 -30.67 13.98
CA SER B 266 -34.05 -30.47 13.30
C SER B 266 -33.86 -30.52 11.77
N LYS B 267 -32.61 -30.36 11.32
CA LYS B 267 -32.27 -30.39 9.93
C LYS B 267 -31.50 -31.66 9.54
N ASP B 268 -31.53 -32.68 10.40
CA ASP B 268 -30.84 -33.95 10.17
C ASP B 268 -29.31 -33.86 10.23
N TYR B 269 -28.78 -33.00 11.08
CA TYR B 269 -27.33 -32.93 11.26
C TYR B 269 -27.00 -33.16 12.71
N GLU B 270 -25.81 -33.61 12.98
CA GLU B 270 -25.44 -33.85 14.35
C GLU B 270 -23.96 -33.73 14.53
N PHE B 271 -23.57 -33.54 15.77
CA PHE B 271 -22.17 -33.40 16.08
C PHE B 271 -21.47 -34.73 16.10
N MET B 272 -20.20 -34.75 15.69
CA MET B 272 -19.45 -35.98 15.75
C MET B 272 -19.25 -36.37 17.19
N TRP B 273 -19.57 -37.60 17.50
CA TRP B 273 -19.47 -38.09 18.87
C TRP B 273 -19.45 -39.61 18.96
N ASN B 274 -18.57 -40.15 19.81
CA ASN B 274 -18.55 -41.58 20.02
C ASN B 274 -18.06 -41.88 21.43
N PRO B 275 -18.44 -43.02 22.00
CA PRO B 275 -18.18 -43.48 23.37
C PRO B 275 -16.75 -43.41 23.85
N HIS B 276 -15.76 -43.53 22.97
CA HIS B 276 -14.39 -43.52 23.49
C HIS B 276 -13.64 -42.26 23.17
N LEU B 277 -14.22 -41.38 22.39
CA LEU B 277 -13.55 -40.13 22.15
C LEU B 277 -14.45 -38.93 22.37
N GLY B 278 -15.67 -39.16 22.84
CA GLY B 278 -16.59 -38.07 23.11
C GLY B 278 -16.77 -37.28 21.84
N TYR B 279 -16.62 -35.98 21.92
CA TYR B 279 -16.78 -35.16 20.73
C TYR B 279 -15.50 -35.11 19.92
N ILE B 280 -15.67 -35.09 18.60
CA ILE B 280 -14.53 -35.14 17.71
C ILE B 280 -14.06 -33.83 17.13
N LEU B 281 -12.81 -33.51 17.41
CA LEU B 281 -12.13 -32.36 16.85
C LEU B 281 -10.90 -32.75 16.04
N THR B 282 -10.38 -31.79 15.30
CA THR B 282 -9.24 -32.02 14.44
C THR B 282 -7.97 -32.42 15.18
N CYS B 283 -7.66 -31.72 16.25
CA CYS B 283 -6.45 -32.06 16.99
C CYS B 283 -6.72 -33.03 18.11
N PRO B 284 -6.01 -34.18 18.18
CA PRO B 284 -6.12 -35.26 19.15
C PRO B 284 -6.16 -34.82 20.59
N SER B 285 -5.40 -33.77 20.94
CA SER B 285 -5.37 -33.34 22.33
C SER B 285 -6.71 -32.84 22.83
N ASN B 286 -7.57 -32.45 21.92
CA ASN B 286 -8.84 -31.89 22.30
C ASN B 286 -10.00 -32.86 22.21
N LEU B 287 -9.73 -34.16 22.17
CA LEU B 287 -10.81 -35.12 22.09
C LEU B 287 -11.53 -35.34 23.41
N GLY B 288 -12.80 -35.76 23.32
CA GLY B 288 -13.68 -36.04 24.47
C GLY B 288 -14.56 -34.88 24.89
N THR B 289 -14.11 -34.07 25.82
CA THR B 289 -14.91 -32.94 26.22
C THR B 289 -14.61 -31.85 25.28
N GLY B 290 -13.38 -31.40 25.37
CA GLY B 290 -12.92 -30.31 24.57
C GLY B 290 -13.31 -29.01 25.25
N LEU B 291 -13.44 -29.02 26.58
CA LEU B 291 -13.78 -27.80 27.29
C LEU B 291 -12.60 -27.05 27.78
N ARG B 292 -12.68 -25.75 27.68
CA ARG B 292 -11.70 -24.91 28.28
C ARG B 292 -12.38 -23.90 29.14
N ALA B 293 -12.59 -24.27 30.40
CA ALA B 293 -13.14 -23.31 31.33
C ALA B 293 -11.95 -22.61 31.92
N GLY B 294 -11.97 -21.30 31.90
CA GLY B 294 -10.84 -20.56 32.41
C GLY B 294 -11.22 -19.28 33.10
N VAL B 295 -10.26 -18.74 33.82
CA VAL B 295 -10.51 -17.56 34.59
C VAL B 295 -9.28 -16.69 34.78
N HIS B 296 -9.47 -15.38 34.69
CA HIS B 296 -8.41 -14.43 34.92
C HIS B 296 -8.40 -14.14 36.39
N ILE B 297 -7.34 -14.59 37.06
CA ILE B 297 -7.28 -14.45 38.50
C ILE B 297 -6.13 -13.58 38.91
N LYS B 298 -6.45 -12.50 39.60
CA LYS B 298 -5.43 -11.60 40.09
C LYS B 298 -4.65 -12.24 41.22
N LEU B 299 -3.39 -12.59 40.97
CA LEU B 299 -2.59 -13.26 41.98
C LEU B 299 -1.18 -12.69 42.13
N PRO B 300 -1.04 -11.44 42.56
CA PRO B 300 0.21 -10.70 42.70
C PRO B 300 1.16 -11.28 43.73
N ASN B 301 0.64 -12.01 44.71
CA ASN B 301 1.51 -12.62 45.70
C ASN B 301 1.71 -14.07 45.38
N LEU B 302 0.60 -14.76 45.17
CA LEU B 302 0.63 -16.19 44.92
C LEU B 302 1.46 -16.55 43.70
N GLY B 303 1.38 -15.75 42.65
CA GLY B 303 2.16 -15.99 41.45
C GLY B 303 3.67 -15.93 41.68
N LYS B 304 4.10 -15.35 42.79
CA LYS B 304 5.51 -15.28 43.13
C LYS B 304 5.92 -16.44 44.02
N HIS B 305 4.94 -17.08 44.66
CA HIS B 305 5.24 -18.21 45.51
C HIS B 305 5.71 -19.39 44.68
N GLU B 306 6.77 -20.04 45.14
CA GLU B 306 7.42 -21.11 44.39
C GLU B 306 6.61 -22.39 44.17
N LYS B 307 5.51 -22.58 44.88
CA LYS B 307 4.73 -23.79 44.64
C LYS B 307 3.46 -23.50 43.87
N PHE B 308 3.36 -22.32 43.28
CA PHE B 308 2.17 -21.94 42.55
C PHE B 308 1.81 -22.94 41.46
N SER B 309 2.77 -23.24 40.60
CA SER B 309 2.49 -24.18 39.53
C SER B 309 2.27 -25.59 40.07
N GLU B 310 2.89 -25.90 41.21
CA GLU B 310 2.70 -27.20 41.83
C GLU B 310 1.27 -27.39 42.22
N VAL B 311 0.70 -26.39 42.86
CA VAL B 311 -0.69 -26.44 43.26
C VAL B 311 -1.58 -26.63 42.06
N LEU B 312 -1.31 -25.87 40.99
CA LEU B 312 -2.14 -26.00 39.80
C LEU B 312 -2.04 -27.38 39.23
N LYS B 313 -0.84 -27.95 39.25
CA LYS B 313 -0.63 -29.30 38.77
C LYS B 313 -1.50 -30.26 39.57
N ARG B 314 -1.47 -30.11 40.88
CA ARG B 314 -2.25 -30.94 41.76
C ARG B 314 -3.74 -30.78 41.53
N LEU B 315 -4.15 -29.58 41.13
CA LEU B 315 -5.54 -29.29 40.83
C LEU B 315 -5.92 -29.58 39.39
N ARG B 316 -4.99 -30.10 38.59
CA ARG B 316 -5.23 -30.37 37.18
C ARG B 316 -5.53 -29.08 36.41
N LEU B 317 -4.95 -27.98 36.85
CA LEU B 317 -5.16 -26.70 36.24
C LEU B 317 -3.93 -26.23 35.49
N GLN B 318 -4.18 -25.49 34.44
CA GLN B 318 -3.16 -24.97 33.54
C GLN B 318 -2.75 -23.57 33.91
N LYS B 319 -1.45 -23.32 33.85
CA LYS B 319 -0.92 -22.00 34.13
C LYS B 319 -0.52 -21.28 32.88
N ARG B 320 -1.45 -20.60 32.22
CA ARG B 320 -1.02 -19.80 31.10
C ARG B 320 -0.78 -18.38 31.53
N VAL B 333 -1.46 -11.64 36.88
CA VAL B 333 -2.81 -12.11 36.64
C VAL B 333 -2.63 -13.29 35.72
N PHE B 334 -3.21 -14.41 36.08
CA PHE B 334 -2.98 -15.59 35.29
C PHE B 334 -4.22 -16.10 34.62
N ASP B 335 -4.04 -16.78 33.50
CA ASP B 335 -5.13 -17.42 32.82
C ASP B 335 -5.14 -18.86 33.32
N VAL B 336 -5.98 -19.13 34.31
CA VAL B 336 -6.01 -20.46 34.87
C VAL B 336 -7.17 -21.22 34.28
N SER B 337 -6.91 -22.44 33.83
CA SER B 337 -7.97 -23.23 33.22
C SER B 337 -7.83 -24.70 33.48
N ASN B 338 -8.84 -25.49 33.15
CA ASN B 338 -8.66 -26.91 33.36
C ASN B 338 -7.71 -27.44 32.31
N ALA B 339 -6.63 -28.07 32.75
CA ALA B 339 -5.59 -28.57 31.85
C ALA B 339 -5.95 -29.84 31.06
N ASP B 340 -6.95 -30.59 31.51
CA ASP B 340 -7.32 -31.85 30.85
C ASP B 340 -8.49 -31.69 29.89
N ARG B 341 -8.66 -32.64 28.99
CA ARG B 341 -9.75 -32.59 28.03
C ARG B 341 -10.52 -33.88 27.89
N LEU B 342 -9.91 -34.98 28.34
CA LEU B 342 -10.42 -36.33 28.15
C LEU B 342 -10.23 -37.20 29.39
N GLY B 343 -11.23 -37.98 29.76
CA GLY B 343 -11.07 -38.87 30.91
C GLY B 343 -12.09 -38.63 32.01
N PHE B 344 -12.82 -37.52 31.95
CA PHE B 344 -13.85 -37.26 32.92
C PHE B 344 -14.86 -36.24 32.44
N SER B 345 -15.97 -36.14 33.15
CA SER B 345 -17.09 -35.31 32.72
C SER B 345 -16.84 -33.83 32.67
N GLU B 346 -17.70 -33.18 31.91
CA GLU B 346 -17.71 -31.75 31.69
C GLU B 346 -17.97 -30.99 32.94
N VAL B 347 -18.90 -31.46 33.73
CA VAL B 347 -19.23 -30.74 34.92
C VAL B 347 -18.16 -30.94 35.98
N GLU B 348 -17.49 -32.08 35.98
CA GLU B 348 -16.43 -32.23 36.94
C GLU B 348 -15.32 -31.28 36.56
N LEU B 349 -15.04 -31.22 35.27
CA LEU B 349 -14.02 -30.37 34.71
C LEU B 349 -14.20 -28.94 35.22
N VAL B 350 -15.39 -28.40 35.04
CA VAL B 350 -15.66 -27.05 35.49
C VAL B 350 -15.58 -26.94 36.99
N GLN B 351 -16.10 -27.93 37.70
CA GLN B 351 -16.08 -27.96 39.15
C GLN B 351 -14.65 -27.86 39.67
N MET B 352 -13.71 -28.48 38.96
CA MET B 352 -12.31 -28.40 39.34
C MET B 352 -11.79 -26.99 39.21
N VAL B 353 -12.27 -26.27 38.20
CA VAL B 353 -11.86 -24.88 38.07
C VAL B 353 -12.42 -24.09 39.22
N VAL B 354 -13.70 -24.29 39.50
CA VAL B 354 -14.38 -23.59 40.58
C VAL B 354 -13.74 -23.80 41.93
N ASP B 355 -13.46 -25.06 42.24
CA ASP B 355 -12.83 -25.37 43.51
C ASP B 355 -11.46 -24.75 43.56
N GLY B 356 -10.73 -24.84 42.45
CA GLY B 356 -9.41 -24.29 42.36
C GLY B 356 -9.41 -22.80 42.63
N VAL B 357 -10.35 -22.08 42.04
CA VAL B 357 -10.40 -20.65 42.27
C VAL B 357 -10.52 -20.34 43.73
N LYS B 358 -11.42 -21.02 44.41
CA LYS B 358 -11.62 -20.75 45.82
C LYS B 358 -10.38 -21.08 46.62
N LEU B 359 -9.75 -22.20 46.29
CA LEU B 359 -8.54 -22.59 47.00
C LEU B 359 -7.45 -21.59 46.76
N LEU B 360 -7.27 -21.22 45.50
CA LEU B 360 -6.22 -20.29 45.10
C LEU B 360 -6.39 -18.91 45.69
N ILE B 361 -7.62 -18.42 45.78
CA ILE B 361 -7.79 -17.11 46.37
C ILE B 361 -7.44 -17.14 47.82
N GLU B 362 -7.93 -18.13 48.55
CA GLU B 362 -7.60 -18.21 49.97
C GLU B 362 -6.12 -18.47 50.18
N MET B 363 -5.49 -19.15 49.23
CA MET B 363 -4.07 -19.40 49.27
C MET B 363 -3.38 -18.06 49.36
N GLU B 364 -3.76 -17.17 48.45
CA GLU B 364 -3.19 -15.85 48.42
C GLU B 364 -3.57 -15.02 49.61
N GLN B 365 -4.80 -15.19 50.11
CA GLN B 365 -5.22 -14.42 51.28
C GLN B 365 -4.29 -14.67 52.43
N ARG B 366 -3.91 -15.90 52.62
CA ARG B 366 -3.01 -16.21 53.70
C ARG B 366 -1.66 -15.59 53.42
N LEU B 367 -1.23 -15.63 52.16
CA LEU B 367 0.04 -15.00 51.82
C LEU B 367 0.00 -13.51 52.06
N GLU B 368 -1.13 -12.87 51.78
CA GLU B 368 -1.26 -11.45 52.00
C GLU B 368 -1.15 -11.11 53.46
N GLN B 369 -1.68 -11.98 54.31
CA GLN B 369 -1.62 -11.77 55.74
C GLN B 369 -0.34 -12.29 56.38
N GLY B 370 0.62 -12.76 55.57
CA GLY B 370 1.88 -13.23 56.11
C GLY B 370 1.71 -14.58 56.79
N GLN B 371 0.69 -15.32 56.38
CA GLN B 371 0.40 -16.60 57.00
C GLN B 371 0.93 -17.71 56.11
N ALA B 372 1.29 -18.84 56.72
CA ALA B 372 1.77 -19.99 55.95
C ALA B 372 0.58 -20.64 55.25
N ILE B 373 0.84 -21.24 54.09
CA ILE B 373 -0.21 -21.88 53.30
C ILE B 373 -0.06 -23.40 53.22
N ASP B 374 0.62 -23.96 54.20
CA ASP B 374 1.00 -25.36 54.21
C ASP B 374 -0.20 -26.30 54.12
N ASP B 375 -1.24 -26.00 54.88
CA ASP B 375 -2.40 -26.87 54.93
C ASP B 375 -3.37 -26.69 53.79
N LEU B 376 -3.03 -25.85 52.81
CA LEU B 376 -3.91 -25.69 51.69
C LEU B 376 -3.46 -26.50 50.50
N MET B 377 -2.39 -27.26 50.65
CA MET B 377 -1.92 -28.06 49.53
C MET B 377 -2.89 -29.20 49.25
N PRO B 378 -3.42 -29.28 48.02
CA PRO B 378 -4.37 -30.26 47.51
C PRO B 378 -3.68 -31.56 47.15
N ALA B 379 -4.45 -32.52 46.65
CA ALA B 379 -3.91 -33.81 46.25
C ALA B 379 -3.39 -33.78 44.82
N LEU C 45 13.22 -11.23 2.33
CA LEU C 45 13.34 -11.49 3.76
C LEU C 45 14.59 -10.91 4.40
N SER C 46 15.76 -11.35 3.94
CA SER C 46 16.98 -10.89 4.57
C SER C 46 18.26 -11.05 3.74
N ASN C 47 18.20 -11.79 2.64
CA ASN C 47 19.41 -12.00 1.87
C ASN C 47 19.19 -11.88 0.37
N PRO C 48 20.19 -11.39 -0.38
CA PRO C 48 20.26 -11.24 -1.83
C PRO C 48 20.50 -12.61 -2.40
N LEU C 49 19.48 -13.44 -2.32
CA LEU C 49 19.57 -14.83 -2.72
C LEU C 49 19.23 -15.06 -4.17
N MET C 50 19.33 -14.02 -4.99
CA MET C 50 19.15 -14.15 -6.41
C MET C 50 17.74 -14.55 -6.80
N GLY C 51 16.80 -14.53 -5.85
CA GLY C 51 15.42 -14.91 -6.14
C GLY C 51 14.69 -13.70 -6.64
N ASP C 52 13.44 -13.87 -7.00
CA ASP C 52 12.62 -12.78 -7.52
C ASP C 52 11.84 -12.07 -6.44
N ALA C 53 11.02 -11.10 -6.84
CA ALA C 53 10.20 -10.34 -5.91
C ALA C 53 9.23 -11.22 -5.14
N VAL C 54 8.68 -12.23 -5.79
CA VAL C 54 7.75 -13.15 -5.15
C VAL C 54 8.36 -13.79 -3.93
N SER C 55 9.58 -14.24 -4.08
CA SER C 55 10.32 -14.90 -3.03
C SER C 55 10.78 -13.97 -1.89
N ASP C 56 10.58 -12.67 -2.00
CA ASP C 56 11.01 -11.77 -0.94
C ASP C 56 9.93 -11.39 0.07
N TRP C 57 8.65 -11.63 -0.25
CA TRP C 57 7.57 -11.24 0.65
C TRP C 57 7.64 -11.82 2.02
N SER C 58 7.52 -10.97 3.03
CA SER C 58 7.39 -11.50 4.36
C SER C 58 5.90 -11.63 4.55
N PRO C 59 5.44 -12.40 5.52
CA PRO C 59 4.05 -12.58 5.86
C PRO C 59 3.52 -11.27 6.38
N MET C 60 4.42 -10.48 6.95
CA MET C 60 4.10 -9.18 7.48
C MET C 60 3.75 -8.21 6.39
N HIS C 61 4.51 -8.24 5.30
CA HIS C 61 4.19 -7.35 4.19
C HIS C 61 2.83 -7.70 3.63
N GLU C 62 2.53 -8.99 3.59
CA GLU C 62 1.25 -9.42 3.09
C GLU C 62 0.13 -8.98 4.00
N ALA C 63 0.36 -9.10 5.30
CA ALA C 63 -0.62 -8.66 6.27
C ALA C 63 -0.84 -7.17 6.17
N ALA C 64 0.25 -6.44 5.99
CA ALA C 64 0.18 -5.00 5.92
C ALA C 64 -0.63 -4.53 4.73
N ILE C 65 -0.32 -5.05 3.55
CA ILE C 65 -1.02 -4.57 2.37
C ILE C 65 -2.51 -4.90 2.36
N HIS C 66 -2.94 -5.98 3.03
CA HIS C 66 -4.36 -6.26 3.04
C HIS C 66 -5.06 -5.96 4.36
N GLY C 67 -4.41 -5.24 5.27
CA GLY C 67 -5.09 -4.81 6.49
C GLY C 67 -5.34 -5.88 7.54
N HIS C 68 -4.50 -6.91 7.61
CA HIS C 68 -4.69 -7.97 8.58
C HIS C 68 -4.04 -7.61 9.90
N GLN C 69 -4.67 -6.66 10.56
CA GLN C 69 -4.21 -6.06 11.80
C GLN C 69 -3.87 -7.05 12.90
N LEU C 70 -4.75 -7.98 13.16
CA LEU C 70 -4.48 -8.89 14.24
C LEU C 70 -3.33 -9.82 13.91
N SER C 71 -3.26 -10.27 12.67
CA SER C 71 -2.14 -11.14 12.30
C SER C 71 -0.86 -10.36 12.33
N LEU C 72 -0.95 -9.06 12.08
CA LEU C 72 0.21 -8.20 12.17
C LEU C 72 0.73 -8.23 13.57
N ARG C 73 -0.17 -8.03 14.52
CA ARG C 73 0.19 -8.03 15.91
C ARG C 73 0.77 -9.37 16.30
N ASN C 74 0.19 -10.43 15.77
CA ASN C 74 0.65 -11.76 16.07
C ASN C 74 2.08 -11.98 15.58
N LEU C 75 2.36 -11.55 14.36
CA LEU C 75 3.70 -11.72 13.82
C LEU C 75 4.70 -10.96 14.64
N ILE C 76 4.29 -9.78 15.08
CA ILE C 76 5.13 -8.94 15.91
C ILE C 76 5.41 -9.65 17.21
N SER C 77 4.39 -10.26 17.80
CA SER C 77 4.60 -10.97 19.06
C SER C 77 5.45 -12.21 18.85
N GLN C 78 5.42 -12.80 17.65
CA GLN C 78 6.29 -13.94 17.38
C GLN C 78 7.74 -13.51 17.30
N GLY C 79 7.98 -12.32 16.75
CA GLY C 79 9.35 -11.84 16.65
C GLY C 79 9.66 -11.10 15.36
N TRP C 80 8.70 -11.02 14.44
CA TRP C 80 8.96 -10.33 13.19
C TRP C 80 9.06 -8.84 13.46
N ALA C 81 10.20 -8.25 13.12
CA ALA C 81 10.40 -6.83 13.34
C ALA C 81 9.65 -6.01 12.31
N VAL C 82 9.18 -4.86 12.71
CA VAL C 82 8.41 -3.98 11.83
C VAL C 82 9.26 -3.34 10.73
N ASN C 83 10.57 -3.33 10.91
CA ASN C 83 11.45 -2.78 9.90
C ASN C 83 12.09 -3.80 8.99
N ILE C 84 11.53 -5.01 8.90
CA ILE C 84 12.05 -5.97 7.93
C ILE C 84 11.66 -5.53 6.55
N ILE C 85 12.65 -5.41 5.67
CA ILE C 85 12.43 -4.89 4.33
C ILE C 85 12.88 -5.80 3.22
N THR C 86 12.29 -5.58 2.04
CA THR C 86 12.63 -6.34 0.84
C THR C 86 13.82 -5.75 0.08
N ALA C 87 14.05 -6.25 -1.13
CA ALA C 87 15.17 -5.82 -1.97
C ALA C 87 15.10 -4.34 -2.31
N ASP C 88 13.90 -3.83 -2.46
CA ASP C 88 13.70 -2.44 -2.78
C ASP C 88 13.53 -1.58 -1.53
N HIS C 89 13.83 -2.15 -0.35
CA HIS C 89 13.72 -1.44 0.92
C HIS C 89 12.29 -1.11 1.30
N VAL C 90 11.34 -1.75 0.67
CA VAL C 90 9.96 -1.48 0.99
C VAL C 90 9.62 -2.15 2.31
N SER C 91 9.17 -1.35 3.26
CA SER C 91 8.81 -1.85 4.57
C SER C 91 7.32 -2.13 4.63
N PRO C 92 6.86 -2.84 5.65
CA PRO C 92 5.47 -3.12 5.96
C PRO C 92 4.73 -1.80 6.04
N LEU C 93 5.40 -0.79 6.57
CA LEU C 93 4.85 0.54 6.70
C LEU C 93 4.53 1.09 5.34
N HIS C 94 5.46 0.94 4.40
CA HIS C 94 5.22 1.44 3.06
C HIS C 94 4.04 0.73 2.42
N GLU C 95 3.92 -0.58 2.64
CA GLU C 95 2.80 -1.29 2.06
C GLU C 95 1.50 -0.91 2.74
N ALA C 96 1.55 -0.70 4.05
CA ALA C 96 0.36 -0.32 4.78
C ALA C 96 -0.15 1.01 4.30
N CYS C 97 0.78 1.91 3.98
CA CYS C 97 0.43 3.21 3.46
C CYS C 97 -0.23 3.09 2.11
N LEU C 98 0.28 2.18 1.28
CA LEU C 98 -0.32 1.93 -0.01
C LEU C 98 -1.71 1.34 0.12
N GLY C 99 -1.93 0.54 1.15
CA GLY C 99 -3.24 -0.02 1.39
C GLY C 99 -4.18 0.96 2.09
N GLY C 100 -3.62 1.94 2.80
CA GLY C 100 -4.43 2.92 3.51
C GLY C 100 -4.95 2.35 4.82
N HIS C 101 -4.22 1.41 5.39
CA HIS C 101 -4.66 0.74 6.58
C HIS C 101 -4.21 1.47 7.83
N LEU C 102 -4.91 2.54 8.14
CA LEU C 102 -4.63 3.40 9.28
C LEU C 102 -4.26 2.67 10.58
N SER C 103 -5.03 1.68 10.96
CA SER C 103 -4.71 1.01 12.21
C SER C 103 -3.39 0.25 12.15
N CYS C 104 -3.02 -0.18 10.95
CA CYS C 104 -1.80 -0.93 10.78
C CYS C 104 -0.62 -0.01 10.92
N VAL C 105 -0.72 1.18 10.34
CA VAL C 105 0.40 2.08 10.46
C VAL C 105 0.49 2.60 11.88
N LYS C 106 -0.63 2.67 12.59
CA LYS C 106 -0.57 3.04 13.98
C LYS C 106 0.26 2.05 14.77
N ILE C 107 0.02 0.77 14.51
CA ILE C 107 0.74 -0.28 15.18
C ILE C 107 2.21 -0.31 14.81
N LEU C 108 2.47 -0.24 13.52
CA LEU C 108 3.84 -0.32 13.05
C LEU C 108 4.67 0.82 13.58
N LEU C 109 4.10 2.02 13.56
CA LEU C 109 4.78 3.19 14.05
C LEU C 109 4.94 3.11 15.54
N LYS C 110 3.93 2.58 16.22
CA LYS C 110 3.98 2.40 17.66
C LYS C 110 5.18 1.57 18.06
N HIS C 111 5.44 0.51 17.32
CA HIS C 111 6.57 -0.33 17.62
C HIS C 111 7.89 0.26 17.17
N GLY C 112 7.89 1.02 16.08
CA GLY C 112 9.13 1.67 15.68
C GLY C 112 9.44 1.66 14.18
N ALA C 113 8.43 1.48 13.35
CA ALA C 113 8.66 1.51 11.91
C ALA C 113 9.19 2.86 11.50
N GLN C 114 10.22 2.89 10.66
CA GLN C 114 10.79 4.17 10.27
C GLN C 114 9.85 5.00 9.39
N VAL C 115 9.31 6.06 9.97
CA VAL C 115 8.35 6.94 9.29
C VAL C 115 8.90 7.63 8.05
N ASN C 116 10.21 7.81 7.97
CA ASN C 116 10.80 8.44 6.79
C ASN C 116 11.65 7.49 5.98
N GLY C 117 11.34 6.20 6.01
CA GLY C 117 12.10 5.24 5.22
C GLY C 117 11.95 5.54 3.73
N VAL C 118 13.02 5.36 2.98
CA VAL C 118 13.02 5.65 1.55
C VAL C 118 13.28 4.41 0.72
N THR C 119 12.42 4.13 -0.24
CA THR C 119 12.56 2.92 -1.06
C THR C 119 13.53 3.15 -2.17
N ALA C 120 13.83 2.09 -2.90
CA ALA C 120 14.71 2.16 -4.07
C ALA C 120 14.17 3.08 -5.16
N ASP C 121 12.87 3.37 -5.14
CA ASP C 121 12.29 4.27 -6.12
C ASP C 121 12.08 5.65 -5.56
N TRP C 122 12.57 5.88 -4.33
CA TRP C 122 12.52 7.16 -3.65
C TRP C 122 11.16 7.41 -3.07
N HIS C 123 10.49 6.37 -2.61
CA HIS C 123 9.17 6.58 -2.06
C HIS C 123 9.21 6.55 -0.57
N THR C 124 8.35 7.35 0.04
CA THR C 124 8.23 7.43 1.49
C THR C 124 6.83 7.04 1.85
N PRO C 125 6.59 6.62 3.09
CA PRO C 125 5.30 6.25 3.64
C PRO C 125 4.31 7.34 3.37
N LEU C 126 4.73 8.58 3.55
CA LEU C 126 3.92 9.74 3.31
C LEU C 126 3.50 9.79 1.86
N PHE C 127 4.46 9.63 0.98
CA PHE C 127 4.17 9.63 -0.44
C PHE C 127 3.16 8.56 -0.76
N ASN C 128 3.39 7.36 -0.26
CA ASN C 128 2.52 6.24 -0.53
C ASN C 128 1.12 6.51 -0.01
N ALA C 129 1.00 7.14 1.16
CA ALA C 129 -0.30 7.45 1.70
C ALA C 129 -1.03 8.41 0.79
N CYS C 130 -0.29 9.36 0.22
CA CYS C 130 -0.89 10.33 -0.69
C CYS C 130 -1.38 9.64 -1.94
N VAL C 131 -0.65 8.63 -2.38
CA VAL C 131 -1.08 7.86 -3.54
C VAL C 131 -2.40 7.18 -3.24
N SER C 132 -2.50 6.61 -2.06
CA SER C 132 -3.70 5.95 -1.61
C SER C 132 -4.86 6.90 -1.41
N GLY C 133 -4.56 8.08 -0.89
CA GLY C 133 -5.59 9.05 -0.58
C GLY C 133 -6.03 8.93 0.86
N SER C 134 -5.21 8.29 1.67
CA SER C 134 -5.59 8.14 3.06
C SER C 134 -5.22 9.35 3.85
N TRP C 135 -6.13 10.30 3.86
CA TRP C 135 -5.95 11.55 4.56
C TRP C 135 -5.61 11.32 6.01
N ASP C 136 -6.28 10.37 6.63
CA ASP C 136 -6.03 10.06 8.01
C ASP C 136 -4.59 9.61 8.22
N CYS C 137 -4.08 8.74 7.33
CA CYS C 137 -2.70 8.31 7.46
C CYS C 137 -1.75 9.45 7.20
N VAL C 138 -2.10 10.34 6.27
CA VAL C 138 -1.26 11.48 5.98
C VAL C 138 -1.07 12.31 7.22
N ASN C 139 -2.17 12.58 7.91
CA ASN C 139 -2.11 13.37 9.12
C ASN C 139 -1.24 12.69 10.15
N LEU C 140 -1.48 11.40 10.35
CA LEU C 140 -0.76 10.64 11.35
C LEU C 140 0.74 10.65 11.11
N LEU C 141 1.13 10.37 9.88
CA LEU C 141 2.53 10.32 9.52
C LEU C 141 3.20 11.64 9.74
N LEU C 142 2.52 12.72 9.38
CA LEU C 142 3.08 14.05 9.57
C LEU C 142 3.22 14.33 11.04
N GLN C 143 2.27 13.85 11.85
CA GLN C 143 2.36 14.04 13.28
C GLN C 143 3.52 13.26 13.88
N HIS C 144 3.98 12.21 13.21
CA HIS C 144 5.15 11.51 13.69
C HIS C 144 6.43 11.96 13.03
N GLY C 145 6.43 13.12 12.39
CA GLY C 145 7.66 13.66 11.83
C GLY C 145 7.95 13.27 10.39
N ALA C 146 6.95 12.78 9.66
CA ALA C 146 7.21 12.48 8.25
C ALA C 146 7.58 13.76 7.57
N SER C 147 8.67 13.76 6.82
CA SER C 147 9.04 14.99 6.14
C SER C 147 8.09 15.29 5.03
N VAL C 148 7.59 16.51 5.03
CA VAL C 148 6.69 16.97 3.98
C VAL C 148 7.38 17.06 2.63
N GLN C 149 8.71 17.13 2.63
CA GLN C 149 9.46 17.26 1.40
C GLN C 149 10.53 16.18 1.27
N PRO C 150 10.39 15.24 0.32
CA PRO C 150 11.29 14.14 0.05
C PRO C 150 12.57 14.61 -0.61
N GLU C 151 13.61 13.81 -0.47
CA GLU C 151 14.93 14.12 -1.02
C GLU C 151 14.99 14.11 -2.53
N SER C 152 14.33 13.14 -3.13
CA SER C 152 14.37 13.05 -4.57
C SER C 152 13.26 13.79 -5.23
N ASP C 153 13.59 14.41 -6.35
CA ASP C 153 12.64 15.14 -7.15
C ASP C 153 11.79 14.23 -8.03
N LEU C 154 11.92 12.92 -7.88
CA LEU C 154 11.11 11.99 -8.61
C LEU C 154 9.81 11.71 -7.88
N ALA C 155 9.68 12.21 -6.65
CA ALA C 155 8.46 11.99 -5.92
C ALA C 155 8.12 13.21 -5.11
N SER C 156 6.84 13.50 -5.02
CA SER C 156 6.36 14.65 -4.27
C SER C 156 4.94 14.47 -3.86
N PRO C 157 4.69 14.28 -2.57
CA PRO C 157 3.40 14.09 -1.95
C PRO C 157 2.42 15.14 -2.43
N ILE C 158 2.90 16.38 -2.51
CA ILE C 158 2.05 17.47 -2.94
C ILE C 158 1.69 17.36 -4.38
N HIS C 159 2.68 17.13 -5.24
CA HIS C 159 2.39 17.05 -6.66
C HIS C 159 1.55 15.83 -6.96
N GLU C 160 1.75 14.76 -6.22
CA GLU C 160 1.00 13.56 -6.42
C GLU C 160 -0.43 13.79 -6.05
N ALA C 161 -0.66 14.43 -4.90
CA ALA C 161 -2.00 14.69 -4.46
C ALA C 161 -2.73 15.59 -5.43
N ALA C 162 -2.02 16.56 -5.99
CA ALA C 162 -2.62 17.46 -6.95
C ALA C 162 -3.10 16.68 -8.15
N ARG C 163 -2.28 15.77 -8.62
CA ARG C 163 -2.64 14.91 -9.73
C ARG C 163 -3.80 14.00 -9.42
N ARG C 164 -3.84 13.47 -8.21
CA ARG C 164 -4.86 12.52 -7.83
C ARG C 164 -6.19 13.15 -7.47
N GLY C 165 -6.17 14.40 -7.02
CA GLY C 165 -7.41 15.04 -6.63
C GLY C 165 -7.64 14.93 -5.12
N HIS C 166 -6.58 14.65 -4.37
CA HIS C 166 -6.70 14.44 -2.94
C HIS C 166 -6.60 15.76 -2.17
N VAL C 167 -7.65 16.56 -2.31
CA VAL C 167 -7.74 17.92 -1.78
C VAL C 167 -7.37 18.06 -0.32
N GLU C 168 -7.99 17.26 0.54
CA GLU C 168 -7.71 17.37 1.96
C GLU C 168 -6.30 16.95 2.32
N CYS C 169 -5.66 16.14 1.47
CA CYS C 169 -4.29 15.73 1.74
C CYS C 169 -3.41 16.90 1.43
N VAL C 170 -3.72 17.60 0.35
CA VAL C 170 -3.00 18.79 -0.03
C VAL C 170 -3.06 19.78 1.08
N ASN C 171 -4.27 19.97 1.63
CA ASN C 171 -4.49 20.89 2.71
C ASN C 171 -3.56 20.61 3.88
N SER C 172 -3.51 19.34 4.31
CA SER C 172 -2.65 18.98 5.43
C SER C 172 -1.17 19.13 5.10
N LEU C 173 -0.79 18.76 3.88
CA LEU C 173 0.61 18.89 3.50
C LEU C 173 1.07 20.33 3.55
N ILE C 174 0.20 21.24 3.11
CA ILE C 174 0.54 22.63 3.19
C ILE C 174 0.66 23.04 4.63
N ALA C 175 -0.32 22.65 5.44
CA ALA C 175 -0.36 23.00 6.85
C ALA C 175 0.91 22.63 7.61
N TYR C 176 1.51 21.49 7.29
CA TYR C 176 2.73 21.09 7.97
C TYR C 176 4.01 21.66 7.38
N GLY C 177 3.89 22.52 6.37
CA GLY C 177 5.06 23.17 5.81
C GLY C 177 5.25 22.86 4.34
N GLY C 178 4.16 22.61 3.63
CA GLY C 178 4.27 22.29 2.22
C GLY C 178 4.37 23.56 1.39
N ASN C 179 5.25 23.54 0.41
CA ASN C 179 5.40 24.68 -0.48
C ASN C 179 4.47 24.56 -1.65
N ILE C 180 3.34 25.27 -1.57
CA ILE C 180 2.31 25.20 -2.59
C ILE C 180 2.78 25.57 -3.99
N ASP C 181 3.83 26.36 -4.10
CA ASP C 181 4.32 26.76 -5.41
C ASP C 181 5.63 26.10 -5.75
N HIS C 182 5.94 24.99 -5.11
CA HIS C 182 7.20 24.34 -5.40
C HIS C 182 7.22 23.87 -6.84
N LYS C 183 8.30 24.20 -7.54
CA LYS C 183 8.42 23.83 -8.93
C LYS C 183 9.39 22.69 -9.12
N ILE C 184 8.92 21.59 -9.72
CA ILE C 184 9.81 20.46 -9.95
C ILE C 184 9.98 20.07 -11.38
N SER C 185 10.92 20.72 -12.05
CA SER C 185 11.30 20.33 -13.39
C SER C 185 10.11 20.14 -14.33
N HIS C 186 9.93 18.90 -14.82
CA HIS C 186 8.89 18.54 -15.75
C HIS C 186 7.47 18.62 -15.19
N LEU C 187 7.35 18.75 -13.88
CA LEU C 187 6.07 18.83 -13.24
C LEU C 187 5.58 20.24 -13.13
N GLY C 188 6.47 21.22 -13.25
CA GLY C 188 6.05 22.58 -13.03
C GLY C 188 5.54 22.70 -11.61
N THR C 189 4.35 23.26 -11.45
CA THR C 189 3.77 23.43 -10.14
C THR C 189 2.58 22.49 -9.92
N PRO C 190 2.20 22.25 -8.67
CA PRO C 190 1.06 21.45 -8.26
C PRO C 190 -0.18 21.95 -8.95
N LEU C 191 -0.31 23.27 -9.05
CA LEU C 191 -1.43 23.89 -9.70
C LEU C 191 -1.46 23.51 -11.14
N TYR C 192 -0.31 23.63 -11.79
CA TYR C 192 -0.19 23.23 -13.17
C TYR C 192 -0.63 21.81 -13.36
N LEU C 193 -0.15 20.90 -12.52
CA LEU C 193 -0.50 19.50 -12.67
C LEU C 193 -1.98 19.24 -12.48
N ALA C 194 -2.59 19.92 -11.52
CA ALA C 194 -4.01 19.73 -11.28
C ALA C 194 -4.79 20.15 -12.50
N CYS C 195 -4.35 21.23 -13.14
CA CYS C 195 -5.01 21.70 -14.34
C CYS C 195 -4.83 20.70 -15.46
N GLU C 196 -3.62 20.15 -15.58
CA GLU C 196 -3.36 19.13 -16.59
C GLU C 196 -4.21 17.89 -16.38
N ASN C 197 -4.49 17.56 -15.14
CA ASN C 197 -5.28 16.39 -14.84
C ASN C 197 -6.75 16.69 -14.59
N GLN C 198 -7.18 17.93 -14.87
CA GLN C 198 -8.59 18.30 -14.75
C GLN C 198 -9.15 18.25 -13.33
N GLN C 199 -8.28 18.25 -12.32
CA GLN C 199 -8.72 18.12 -10.94
C GLN C 199 -9.23 19.44 -10.38
N ARG C 200 -10.35 19.91 -10.92
CA ARG C 200 -10.92 21.20 -10.56
C ARG C 200 -11.11 21.43 -9.09
N ALA C 201 -11.30 20.38 -8.32
CA ALA C 201 -11.44 20.51 -6.89
C ALA C 201 -10.16 21.02 -6.29
N CYS C 202 -9.04 20.51 -6.78
CA CYS C 202 -7.75 20.91 -6.28
C CYS C 202 -7.35 22.23 -6.86
N VAL C 203 -7.77 22.51 -8.08
CA VAL C 203 -7.42 23.78 -8.68
C VAL C 203 -8.01 24.90 -7.85
N LYS C 204 -9.29 24.77 -7.54
CA LYS C 204 -9.98 25.77 -6.74
C LYS C 204 -9.35 25.86 -5.36
N LYS C 205 -9.08 24.71 -4.75
CA LYS C 205 -8.46 24.69 -3.45
C LYS C 205 -7.12 25.37 -3.41
N LEU C 206 -6.29 25.07 -4.38
CA LEU C 206 -4.96 25.64 -4.44
C LEU C 206 -4.99 27.13 -4.67
N LEU C 207 -5.89 27.61 -5.51
CA LEU C 207 -5.99 29.02 -5.75
C LEU C 207 -6.40 29.77 -4.51
N GLU C 208 -7.33 29.20 -3.75
CA GLU C 208 -7.79 29.83 -2.53
C GLU C 208 -6.69 29.81 -1.48
N SER C 209 -5.92 28.72 -1.47
CA SER C 209 -4.81 28.57 -0.55
C SER C 209 -3.75 29.61 -0.84
N GLY C 210 -3.62 29.96 -2.12
CA GLY C 210 -2.69 31.00 -2.54
C GLY C 210 -1.67 30.52 -3.55
N ALA C 211 -2.06 29.61 -4.43
CA ALA C 211 -1.15 29.14 -5.47
C ALA C 211 -0.94 30.23 -6.50
N ASP C 212 0.26 30.31 -7.03
CA ASP C 212 0.56 31.32 -8.03
C ASP C 212 -0.08 30.98 -9.34
N VAL C 213 -1.23 31.58 -9.56
CA VAL C 213 -2.02 31.40 -10.77
C VAL C 213 -1.24 31.51 -12.07
N ASN C 214 -0.16 32.29 -12.11
CA ASN C 214 0.57 32.45 -13.35
C ASN C 214 1.88 31.66 -13.42
N GLN C 215 2.12 30.75 -12.48
CA GLN C 215 3.34 29.96 -12.50
C GLN C 215 3.09 28.49 -12.79
N GLY C 216 3.45 28.08 -13.99
CA GLY C 216 3.27 26.68 -14.38
C GLY C 216 4.59 26.04 -14.80
N LYS C 217 4.53 25.26 -15.87
CA LYS C 217 5.70 24.55 -16.32
C LYS C 217 6.55 25.43 -17.21
N GLY C 218 7.49 26.12 -16.59
CA GLY C 218 8.33 27.04 -17.33
C GLY C 218 7.49 28.22 -17.74
N GLN C 219 7.28 28.39 -19.03
CA GLN C 219 6.43 29.47 -19.50
C GLN C 219 5.00 28.97 -19.74
N ASP C 220 4.80 27.66 -19.56
CA ASP C 220 3.51 27.07 -19.78
C ASP C 220 2.63 27.24 -18.55
N SER C 221 2.01 28.41 -18.41
CA SER C 221 1.19 28.67 -17.24
C SER C 221 -0.05 27.80 -17.29
N PRO C 222 -0.70 27.55 -16.16
CA PRO C 222 -1.91 26.78 -15.99
C PRO C 222 -2.98 27.22 -16.96
N LEU C 223 -3.06 28.51 -17.25
CA LEU C 223 -4.04 29.01 -18.19
C LEU C 223 -3.80 28.45 -19.58
N HIS C 224 -2.54 28.31 -19.97
CA HIS C 224 -2.21 27.78 -21.29
C HIS C 224 -2.66 26.32 -21.33
N ALA C 225 -2.46 25.61 -20.22
CA ALA C 225 -2.85 24.21 -20.13
C ALA C 225 -4.34 24.06 -20.32
N VAL C 226 -5.11 24.90 -19.67
CA VAL C 226 -6.54 24.87 -19.82
C VAL C 226 -6.97 25.10 -21.24
N ALA C 227 -6.33 26.07 -21.90
CA ALA C 227 -6.66 26.36 -23.28
C ALA C 227 -6.45 25.14 -24.16
N ARG C 228 -5.39 24.39 -23.90
CA ARG C 228 -5.14 23.18 -24.67
C ARG C 228 -6.18 22.11 -24.43
N THR C 229 -6.67 21.98 -23.20
CA THR C 229 -7.67 20.96 -22.93
C THR C 229 -9.09 21.45 -23.15
N ALA C 230 -9.24 22.75 -23.42
CA ALA C 230 -10.52 23.36 -23.69
C ALA C 230 -11.45 23.27 -22.49
N SER C 231 -10.89 23.35 -21.29
CA SER C 231 -11.70 23.21 -20.08
C SER C 231 -12.26 24.54 -19.61
N GLU C 232 -13.39 24.94 -20.19
CA GLU C 232 -14.03 26.23 -19.89
C GLU C 232 -14.27 26.47 -18.42
N GLU C 233 -14.46 25.40 -17.66
CA GLU C 233 -14.67 25.52 -16.23
C GLU C 233 -13.45 26.01 -15.52
N LEU C 234 -12.29 25.52 -15.93
CA LEU C 234 -11.06 25.95 -15.32
C LEU C 234 -10.65 27.27 -15.88
N ALA C 235 -11.07 27.55 -17.11
CA ALA C 235 -10.76 28.82 -17.72
C ALA C 235 -11.39 29.93 -16.95
N CYS C 236 -12.68 29.82 -16.67
CA CYS C 236 -13.34 30.86 -15.92
C CYS C 236 -12.73 31.00 -14.55
N LEU C 237 -12.44 29.88 -13.91
CA LEU C 237 -11.86 29.90 -12.59
C LEU C 237 -10.51 30.62 -12.58
N LEU C 238 -9.61 30.23 -13.47
CA LEU C 238 -8.29 30.86 -13.50
C LEU C 238 -8.31 32.29 -13.98
N MET C 239 -9.10 32.57 -15.01
CA MET C 239 -9.17 33.91 -15.53
C MET C 239 -9.61 34.86 -14.46
N ASP C 240 -10.76 34.54 -13.84
CA ASP C 240 -11.31 35.38 -12.81
C ASP C 240 -10.39 35.46 -11.62
N PHE C 241 -9.68 34.39 -11.33
CA PHE C 241 -8.69 34.43 -10.29
C PHE C 241 -7.63 35.48 -10.54
N GLY C 242 -7.31 35.73 -11.81
CA GLY C 242 -6.29 36.69 -12.18
C GLY C 242 -5.18 36.08 -13.03
N ALA C 243 -5.56 35.16 -13.90
CA ALA C 243 -4.60 34.54 -14.78
C ALA C 243 -4.20 35.52 -15.88
N ASP C 244 -2.93 35.49 -16.27
CA ASP C 244 -2.43 36.41 -17.27
C ASP C 244 -2.73 35.95 -18.67
N THR C 245 -3.83 36.45 -19.21
CA THR C 245 -4.27 36.08 -20.54
C THR C 245 -3.36 36.54 -21.67
N GLN C 246 -2.39 37.40 -21.39
CA GLN C 246 -1.48 37.83 -22.44
C GLN C 246 -0.10 37.19 -22.31
N ALA C 247 0.09 36.31 -21.33
CA ALA C 247 1.39 35.68 -21.15
C ALA C 247 1.68 34.70 -22.28
N LYS C 248 2.93 34.65 -22.71
CA LYS C 248 3.31 33.76 -23.78
C LYS C 248 4.07 32.56 -23.26
N ASN C 249 3.81 31.41 -23.85
CA ASN C 249 4.46 30.17 -23.46
C ASN C 249 5.80 30.06 -24.16
N ALA C 250 6.47 28.93 -24.01
CA ALA C 250 7.78 28.70 -24.61
C ALA C 250 7.75 28.88 -26.13
N GLU C 251 6.60 28.63 -26.76
CA GLU C 251 6.43 28.77 -28.18
C GLU C 251 6.09 30.20 -28.59
N GLY C 252 5.95 31.09 -27.60
CA GLY C 252 5.60 32.47 -27.86
C GLY C 252 4.10 32.62 -28.05
N LYS C 253 3.34 31.64 -27.57
CA LYS C 253 1.90 31.68 -27.78
C LYS C 253 1.13 32.05 -26.54
N ARG C 254 0.06 32.81 -26.75
CA ARG C 254 -0.84 33.18 -25.68
C ARG C 254 -1.88 32.09 -25.60
N PRO C 255 -2.47 31.83 -24.44
CA PRO C 255 -3.47 30.81 -24.18
C PRO C 255 -4.56 30.81 -25.23
N VAL C 256 -5.03 32.00 -25.62
CA VAL C 256 -6.05 32.13 -26.65
C VAL C 256 -5.63 31.58 -28.01
N GLU C 257 -4.33 31.50 -28.24
CA GLU C 257 -3.77 31.02 -29.48
C GLU C 257 -3.58 29.51 -29.45
N LEU C 258 -3.84 28.88 -28.30
CA LEU C 258 -3.68 27.45 -28.13
C LEU C 258 -4.99 26.71 -28.24
N VAL C 259 -6.01 27.38 -28.73
CA VAL C 259 -7.30 26.76 -28.89
C VAL C 259 -7.99 27.34 -30.11
N PRO C 260 -8.70 26.53 -30.89
CA PRO C 260 -9.47 26.91 -32.06
C PRO C 260 -10.52 27.94 -31.69
N PRO C 261 -10.75 28.93 -32.56
CA PRO C 261 -11.64 30.07 -32.44
C PRO C 261 -13.09 29.67 -32.39
N GLU C 262 -13.40 28.45 -32.83
CA GLU C 262 -14.74 27.94 -32.76
C GLU C 262 -15.15 27.58 -31.33
N SER C 263 -14.16 27.43 -30.44
CA SER C 263 -14.44 27.09 -29.06
C SER C 263 -15.00 28.29 -28.32
N PRO C 264 -15.75 28.06 -27.23
CA PRO C 264 -16.35 29.03 -26.35
C PRO C 264 -15.28 29.76 -25.56
N LEU C 265 -14.09 29.17 -25.47
CA LEU C 265 -12.99 29.83 -24.81
C LEU C 265 -12.63 31.11 -25.51
N ALA C 266 -12.77 31.13 -26.83
CA ALA C 266 -12.40 32.31 -27.58
C ALA C 266 -13.21 33.48 -27.08
N GLN C 267 -14.49 33.26 -26.86
CA GLN C 267 -15.34 34.31 -26.36
C GLN C 267 -14.95 34.67 -24.94
N LEU C 268 -14.61 33.66 -24.14
CA LEU C 268 -14.20 33.89 -22.77
C LEU C 268 -12.91 34.70 -22.70
N PHE C 269 -12.04 34.54 -23.68
CA PHE C 269 -10.83 35.35 -23.72
C PHE C 269 -11.20 36.75 -24.15
N LEU C 270 -12.09 36.88 -25.14
CA LEU C 270 -12.53 38.18 -25.64
C LEU C 270 -13.14 39.04 -24.56
N GLU C 271 -13.88 38.41 -23.66
CA GLU C 271 -14.53 39.13 -22.57
C GLU C 271 -13.56 39.67 -21.55
N ARG C 272 -12.29 39.28 -21.62
CA ARG C 272 -11.32 39.73 -20.65
C ARG C 272 -10.06 40.26 -21.32
N GLU C 273 -10.19 40.72 -22.57
CA GLU C 273 -9.03 41.29 -23.25
C GLU C 273 -8.64 42.66 -22.72
N GLY C 274 -9.63 43.44 -22.28
CA GLY C 274 -9.34 44.78 -21.76
C GLY C 274 -8.87 44.70 -20.32
N PRO C 275 -8.59 45.85 -19.71
CA PRO C 275 -8.15 46.05 -18.35
C PRO C 275 -9.21 45.50 -17.40
N PRO C 276 -8.81 44.96 -16.27
CA PRO C 276 -9.61 44.40 -15.20
C PRO C 276 -10.32 45.49 -14.43
N SER C 277 -11.35 45.11 -13.69
CA SER C 277 -12.06 46.06 -12.86
C SER C 277 -11.20 46.48 -11.71
N LEU C 278 -11.53 47.61 -11.13
CA LEU C 278 -10.76 48.08 -10.01
C LEU C 278 -10.94 47.15 -8.86
N MET C 279 -12.16 46.67 -8.65
CA MET C 279 -12.40 45.72 -7.57
C MET C 279 -11.57 44.48 -7.76
N GLN C 280 -11.43 44.02 -9.01
CA GLN C 280 -10.60 42.87 -9.26
C GLN C 280 -9.19 43.13 -8.83
N LEU C 281 -8.68 44.29 -9.21
CA LEU C 281 -7.33 44.68 -8.86
C LEU C 281 -7.15 44.79 -7.37
N CYS C 282 -8.17 45.31 -6.70
CA CYS C 282 -8.13 45.48 -5.28
C CYS C 282 -8.04 44.14 -4.61
N ARG C 283 -8.91 43.24 -5.02
CA ARG C 283 -8.91 41.90 -4.46
C ARG C 283 -7.58 41.21 -4.62
N LEU C 284 -6.97 41.39 -5.78
CA LEU C 284 -5.68 40.80 -6.01
C LEU C 284 -4.65 41.38 -5.06
N ARG C 285 -4.70 42.69 -4.87
CA ARG C 285 -3.74 43.35 -4.01
C ARG C 285 -3.93 42.98 -2.55
N ILE C 286 -5.18 42.87 -2.15
CA ILE C 286 -5.49 42.52 -0.77
C ILE C 286 -5.02 41.12 -0.46
N ARG C 287 -5.34 40.19 -1.35
CA ARG C 287 -4.99 38.81 -1.10
C ARG C 287 -3.49 38.66 -0.97
N LYS C 288 -2.72 39.44 -1.73
CA LYS C 288 -1.27 39.39 -1.64
C LYS C 288 -0.70 39.72 -0.26
N CYS C 289 -1.48 40.35 0.60
CA CYS C 289 -1.00 40.67 1.94
C CYS C 289 -1.06 39.47 2.87
N PHE C 290 -1.76 38.42 2.46
CA PHE C 290 -1.91 37.24 3.29
C PHE C 290 -1.08 36.10 2.75
N GLY C 291 -0.60 35.25 3.64
CA GLY C 291 0.24 34.12 3.24
C GLY C 291 -0.59 32.91 2.83
N ILE C 292 0.05 31.76 2.78
CA ILE C 292 -0.63 30.56 2.34
C ILE C 292 -1.54 30.05 3.43
N GLN C 293 -2.81 29.85 3.05
CA GLN C 293 -3.88 29.45 3.95
C GLN C 293 -4.21 30.54 4.99
N GLN C 294 -3.76 31.78 4.75
CA GLN C 294 -4.01 32.82 5.71
C GLN C 294 -5.21 33.64 5.36
N HIS C 295 -5.84 33.33 4.22
CA HIS C 295 -7.01 34.03 3.75
C HIS C 295 -8.15 34.12 4.76
N HIS C 296 -8.20 33.21 5.74
CA HIS C 296 -9.25 33.27 6.73
C HIS C 296 -9.20 34.53 7.60
N LYS C 297 -8.04 35.17 7.64
CA LYS C 297 -7.87 36.35 8.44
C LYS C 297 -8.48 37.59 7.84
N ILE C 298 -8.97 37.52 6.59
CA ILE C 298 -9.59 38.70 6.00
C ILE C 298 -10.93 38.97 6.66
N THR C 299 -11.45 37.99 7.40
CA THR C 299 -12.70 38.16 8.10
C THR C 299 -12.54 39.07 9.31
N LYS C 300 -11.28 39.39 9.66
CA LYS C 300 -10.99 40.28 10.76
C LYS C 300 -10.87 41.73 10.28
N LEU C 301 -10.99 41.95 8.97
CA LEU C 301 -10.90 43.28 8.41
C LEU C 301 -12.20 44.03 8.59
N VAL C 302 -12.09 45.34 8.75
CA VAL C 302 -13.29 46.16 8.92
C VAL C 302 -13.97 46.39 7.59
N LEU C 303 -14.68 45.37 7.14
CA LEU C 303 -15.37 45.38 5.88
C LEU C 303 -16.79 44.91 6.03
N PRO C 304 -17.67 45.26 5.11
CA PRO C 304 -19.03 44.80 5.03
C PRO C 304 -18.95 43.36 4.58
N GLU C 305 -19.88 42.54 5.04
CA GLU C 305 -19.90 41.11 4.73
C GLU C 305 -19.83 40.83 3.25
N ASP C 306 -20.48 41.66 2.45
CA ASP C 306 -20.47 41.50 1.02
C ASP C 306 -19.06 41.45 0.45
N LEU C 307 -18.21 42.33 0.96
CA LEU C 307 -16.85 42.35 0.48
C LEU C 307 -16.04 41.25 1.10
N LYS C 308 -16.39 40.86 2.32
CA LYS C 308 -15.68 39.75 2.89
C LYS C 308 -15.92 38.52 2.05
N GLN C 309 -17.14 38.34 1.58
CA GLN C 309 -17.46 37.21 0.73
C GLN C 309 -16.76 37.35 -0.62
N PHE C 310 -16.74 38.56 -1.15
CA PHE C 310 -16.06 38.81 -2.41
C PHE C 310 -14.61 38.38 -2.33
N LEU C 311 -13.96 38.72 -1.24
CA LEU C 311 -12.57 38.34 -1.06
C LEU C 311 -12.45 36.84 -0.72
N LEU C 312 -13.37 36.30 0.06
CA LEU C 312 -13.34 34.87 0.40
C LEU C 312 -13.52 33.97 -0.79
N HIS C 313 -14.28 34.42 -1.78
CA HIS C 313 -14.50 33.60 -2.95
C HIS C 313 -13.56 33.96 -4.09
N LEU C 314 -12.43 34.57 -3.73
CA LEU C 314 -11.32 34.94 -4.59
C LEU C 314 -11.33 34.24 -5.95
N TYR D 3 -16.11 67.91 -19.33
CA TYR D 3 -15.51 67.58 -18.04
C TYR D 3 -16.50 67.63 -16.90
N VAL D 4 -16.29 66.76 -15.92
CA VAL D 4 -17.15 66.67 -14.74
C VAL D 4 -16.36 66.80 -13.46
N LYS D 5 -16.88 67.59 -12.53
CA LYS D 5 -16.24 67.79 -11.25
C LYS D 5 -16.80 66.85 -10.17
N LEU D 6 -15.92 66.06 -9.57
CA LEU D 6 -16.31 65.16 -8.51
C LEU D 6 -15.87 65.77 -7.21
N ILE D 7 -16.71 65.75 -6.18
CA ILE D 7 -16.28 66.30 -4.90
C ILE D 7 -16.04 65.26 -3.84
N SER D 8 -14.84 65.28 -3.25
CA SER D 8 -14.50 64.29 -2.23
C SER D 8 -15.10 64.69 -0.90
N SER D 9 -15.07 63.78 0.08
CA SER D 9 -15.61 64.09 1.41
C SER D 9 -14.80 65.16 2.10
N ASP D 10 -13.56 65.34 1.64
CA ASP D 10 -12.65 66.31 2.16
C ASP D 10 -12.74 67.66 1.43
N GLY D 11 -13.65 67.76 0.48
CA GLY D 11 -13.86 69.01 -0.24
C GLY D 11 -12.91 69.23 -1.42
N HIS D 12 -12.29 68.18 -1.94
CA HIS D 12 -11.41 68.39 -3.06
C HIS D 12 -12.19 68.30 -4.35
N GLU D 13 -11.72 69.04 -5.34
CA GLU D 13 -12.36 69.09 -6.65
C GLU D 13 -11.61 68.25 -7.67
N PHE D 14 -12.24 67.22 -8.20
CA PHE D 14 -11.60 66.44 -9.24
C PHE D 14 -12.25 66.66 -10.55
N ILE D 15 -11.57 67.35 -11.43
CA ILE D 15 -12.11 67.65 -12.72
C ILE D 15 -11.57 66.67 -13.74
N VAL D 16 -12.46 65.93 -14.39
CA VAL D 16 -12.01 64.95 -15.36
C VAL D 16 -13.01 64.76 -16.47
N LYS D 17 -12.50 64.46 -17.65
CA LYS D 17 -13.35 64.24 -18.79
C LYS D 17 -14.45 63.27 -18.47
N ARG D 18 -15.68 63.72 -18.74
CA ARG D 18 -16.89 62.95 -18.51
C ARG D 18 -16.81 61.55 -19.05
N GLU D 19 -16.21 61.42 -20.22
CA GLU D 19 -16.12 60.16 -20.89
C GLU D 19 -15.31 59.15 -20.10
N HIS D 20 -14.34 59.62 -19.31
CA HIS D 20 -13.59 58.71 -18.47
C HIS D 20 -14.44 58.38 -17.26
N ALA D 21 -15.20 59.37 -16.79
CA ALA D 21 -16.08 59.21 -15.64
C ALA D 21 -17.12 58.14 -15.89
N LEU D 22 -17.53 57.98 -17.16
CA LEU D 22 -18.51 56.97 -17.52
C LEU D 22 -18.04 55.52 -17.29
N THR D 23 -16.77 55.33 -16.92
CA THR D 23 -16.24 54.04 -16.53
C THR D 23 -17.05 53.48 -15.38
N SER D 24 -17.41 54.33 -14.44
CA SER D 24 -18.20 53.94 -13.28
C SER D 24 -19.64 53.74 -13.62
N GLY D 25 -20.18 52.58 -13.25
CA GLY D 25 -21.58 52.31 -13.51
C GLY D 25 -22.45 53.26 -12.72
N THR D 26 -22.04 53.57 -11.49
CA THR D 26 -22.79 54.48 -10.64
C THR D 26 -22.79 55.88 -11.22
N ILE D 27 -21.63 56.37 -11.61
CA ILE D 27 -21.57 57.71 -12.18
C ILE D 27 -22.36 57.76 -13.47
N LYS D 28 -22.24 56.73 -14.29
CA LYS D 28 -23.00 56.66 -15.52
C LYS D 28 -24.49 56.72 -15.21
N ALA D 29 -24.91 56.02 -14.16
CA ALA D 29 -26.29 56.05 -13.70
C ALA D 29 -26.68 57.46 -13.26
N MET D 30 -25.70 58.24 -12.80
CA MET D 30 -25.93 59.63 -12.41
C MET D 30 -25.85 60.62 -13.57
N LEU D 31 -25.97 60.13 -14.81
CA LEU D 31 -25.99 60.99 -15.98
C LEU D 31 -27.19 60.68 -16.87
N GLU D 44 -22.63 67.33 -12.24
CA GLU D 44 -21.52 66.97 -11.35
C GLU D 44 -22.03 66.15 -10.17
N VAL D 45 -21.12 65.74 -9.28
CA VAL D 45 -21.57 64.92 -8.15
C VAL D 45 -20.63 64.98 -6.96
N ASN D 46 -21.23 64.95 -5.78
CA ASN D 46 -20.47 64.94 -4.55
C ASN D 46 -20.47 63.54 -3.96
N PHE D 47 -19.34 63.16 -3.38
CA PHE D 47 -19.22 61.87 -2.73
C PHE D 47 -18.80 62.03 -1.30
N ARG D 48 -19.73 62.37 -0.41
CA ARG D 48 -19.39 62.51 1.01
C ARG D 48 -18.86 61.21 1.57
N GLU D 49 -19.35 60.11 1.04
CA GLU D 49 -18.92 58.76 1.39
C GLU D 49 -17.50 58.37 0.92
N ILE D 50 -16.88 59.16 0.02
CA ILE D 50 -15.55 58.81 -0.47
C ILE D 50 -14.52 59.92 -0.18
N PRO D 51 -13.48 59.65 0.60
CA PRO D 51 -12.41 60.56 0.98
C PRO D 51 -11.50 60.83 -0.19
N SER D 52 -10.84 61.98 -0.15
CA SER D 52 -9.93 62.40 -1.21
C SER D 52 -8.77 61.48 -1.35
N HIS D 53 -8.45 60.82 -0.24
CA HIS D 53 -7.39 59.87 -0.18
C HIS D 53 -7.52 58.79 -1.24
N VAL D 54 -8.75 58.41 -1.58
CA VAL D 54 -8.89 57.40 -2.60
C VAL D 54 -9.65 57.89 -3.81
N LEU D 55 -10.37 59.01 -3.71
CA LEU D 55 -11.11 59.47 -4.88
C LEU D 55 -10.19 59.81 -6.01
N SER D 56 -9.06 60.45 -5.70
CA SER D 56 -8.12 60.78 -6.74
C SER D 56 -7.61 59.55 -7.46
N LYS D 57 -7.53 58.45 -6.72
CA LYS D 57 -7.02 57.20 -7.24
C LYS D 57 -7.98 56.65 -8.24
N VAL D 58 -9.26 56.70 -7.89
CA VAL D 58 -10.31 56.21 -8.76
C VAL D 58 -10.33 56.96 -10.06
N CYS D 59 -10.18 58.27 -9.99
CA CYS D 59 -10.16 59.07 -11.20
C CYS D 59 -9.04 58.60 -12.10
N MET D 60 -7.85 58.44 -11.54
CA MET D 60 -6.72 57.98 -12.31
C MET D 60 -7.05 56.67 -13.01
N TYR D 61 -7.63 55.74 -12.26
CA TYR D 61 -8.09 54.47 -12.82
C TYR D 61 -8.97 54.66 -14.03
N PHE D 62 -9.88 55.64 -13.97
CA PHE D 62 -10.76 55.86 -15.10
C PHE D 62 -9.96 56.09 -16.37
N THR D 63 -8.93 56.93 -16.27
CA THR D 63 -8.10 57.20 -17.42
C THR D 63 -7.36 55.95 -17.87
N TYR D 64 -6.80 55.23 -16.92
CA TYR D 64 -6.06 54.01 -17.17
C TYR D 64 -6.85 53.01 -17.98
N LYS D 65 -8.06 52.73 -17.55
CA LYS D 65 -8.87 51.77 -18.25
C LYS D 65 -9.19 52.26 -19.65
N VAL D 66 -9.51 53.53 -19.78
CA VAL D 66 -9.81 54.07 -21.09
C VAL D 66 -8.62 53.96 -22.03
N ARG D 67 -7.46 54.34 -21.54
CA ARG D 67 -6.26 54.32 -22.35
C ARG D 67 -5.90 52.97 -22.91
N TYR D 68 -6.05 51.94 -22.11
CA TYR D 68 -5.67 50.63 -22.55
C TYR D 68 -6.82 49.75 -22.94
N THR D 69 -7.95 50.33 -23.30
CA THR D 69 -9.11 49.54 -23.71
C THR D 69 -8.87 48.72 -24.97
N ASN D 70 -8.24 49.30 -25.98
CA ASN D 70 -8.00 48.57 -27.23
C ASN D 70 -6.56 48.70 -27.73
N SER D 71 -5.63 48.01 -27.09
CA SER D 71 -4.23 48.09 -27.51
C SER D 71 -3.36 47.00 -26.89
N GLU D 74 0.17 46.14 -25.37
CA GLU D 74 0.09 45.49 -24.07
C GLU D 74 -0.53 46.40 -23.05
N ILE D 75 -0.89 45.85 -21.89
CA ILE D 75 -1.48 46.65 -20.84
C ILE D 75 -0.64 46.52 -19.56
N PRO D 76 -0.15 47.63 -19.00
CA PRO D 76 0.63 47.75 -17.79
C PRO D 76 -0.24 47.53 -16.57
N GLU D 77 0.36 47.30 -15.42
CA GLU D 77 -0.43 47.04 -14.22
C GLU D 77 -0.67 48.26 -13.35
N PHE D 78 -1.93 48.63 -13.23
CA PHE D 78 -2.37 49.71 -12.33
C PHE D 78 -1.74 49.57 -10.95
N PRO D 79 -1.08 50.61 -10.44
CA PRO D 79 -0.42 50.67 -9.15
C PRO D 79 -1.43 50.83 -8.04
N ILE D 80 -1.13 50.25 -6.88
CA ILE D 80 -2.02 50.32 -5.74
C ILE D 80 -1.31 50.01 -4.42
N ALA D 81 -1.62 50.83 -3.41
CA ALA D 81 -1.04 50.70 -2.08
C ALA D 81 -1.97 49.96 -1.14
N PRO D 82 -1.44 49.18 -0.19
CA PRO D 82 -2.17 48.42 0.80
C PRO D 82 -2.95 49.35 1.72
N GLU D 83 -2.47 50.58 1.86
CA GLU D 83 -3.16 51.56 2.67
C GLU D 83 -4.47 52.03 2.05
N ILE D 84 -4.65 51.80 0.76
CA ILE D 84 -5.87 52.24 0.15
C ILE D 84 -6.66 51.08 -0.36
N ALA D 85 -6.05 49.91 -0.44
CA ALA D 85 -6.70 48.75 -0.99
C ALA D 85 -8.09 48.51 -0.42
N LEU D 86 -8.26 48.65 0.89
CA LEU D 86 -9.56 48.34 1.47
C LEU D 86 -10.58 49.42 1.20
N GLU D 87 -10.20 50.67 1.40
CA GLU D 87 -11.14 51.75 1.18
C GLU D 87 -11.44 51.89 -0.29
N LEU D 88 -10.43 51.66 -1.11
CA LEU D 88 -10.58 51.76 -2.54
C LEU D 88 -11.54 50.70 -3.00
N LEU D 89 -11.39 49.49 -2.46
CA LEU D 89 -12.31 48.42 -2.79
C LEU D 89 -13.71 48.85 -2.52
N MET D 90 -13.94 49.39 -1.33
CA MET D 90 -15.25 49.84 -0.93
C MET D 90 -15.76 50.92 -1.86
N ALA D 91 -14.89 51.86 -2.23
CA ALA D 91 -15.25 52.93 -3.13
C ALA D 91 -15.63 52.38 -4.48
N ALA D 92 -14.86 51.41 -4.95
CA ALA D 92 -15.11 50.80 -6.23
C ALA D 92 -16.43 50.07 -6.20
N ASN D 93 -16.71 49.41 -5.09
CA ASN D 93 -17.98 48.74 -4.92
C ASN D 93 -19.10 49.75 -5.06
N PHE D 94 -18.97 50.85 -4.34
CA PHE D 94 -19.94 51.94 -4.39
C PHE D 94 -20.13 52.47 -5.79
N LEU D 95 -19.04 52.70 -6.49
CA LEU D 95 -19.06 53.24 -7.82
C LEU D 95 -19.32 52.23 -8.93
N ASP D 96 -19.58 50.98 -8.58
CA ASP D 96 -19.79 49.94 -9.58
C ASP D 96 -18.60 49.86 -10.53
N CYS D 97 -17.43 49.54 -9.97
CA CYS D 97 -16.20 49.38 -10.72
C CYS D 97 -15.39 48.17 -10.25
N ASP E 2 1.86 60.45 -25.79
CA ASP E 2 0.87 61.24 -25.06
C ASP E 2 1.28 61.52 -23.62
N VAL E 3 0.83 62.66 -23.11
CA VAL E 3 1.12 63.12 -21.77
C VAL E 3 -0.09 63.08 -20.88
N PHE E 4 0.02 62.38 -19.76
CA PHE E 4 -1.08 62.29 -18.80
C PHE E 4 -0.72 63.18 -17.63
N LEU E 5 -1.37 64.33 -17.57
CA LEU E 5 -1.00 65.35 -16.62
C LEU E 5 -2.08 65.76 -15.65
N MET E 6 -1.72 65.80 -14.37
CA MET E 6 -2.61 66.27 -13.31
C MET E 6 -2.18 67.65 -12.81
N ILE E 7 -3.10 68.62 -12.87
CA ILE E 7 -2.79 69.98 -12.46
C ILE E 7 -3.56 70.37 -11.22
N ARG E 8 -2.86 70.94 -10.24
CA ARG E 8 -3.51 71.28 -8.98
C ARG E 8 -3.28 72.71 -8.46
N ARG E 9 -4.29 73.24 -7.78
CA ARG E 9 -4.31 74.56 -7.16
C ARG E 9 -5.15 74.53 -5.89
N HIS E 10 -4.53 74.67 -4.72
CA HIS E 10 -5.28 74.54 -3.47
C HIS E 10 -5.98 73.19 -3.49
N LYS E 11 -7.31 73.15 -3.44
CA LYS E 11 -8.00 71.86 -3.52
C LYS E 11 -8.51 71.55 -4.92
N THR E 12 -8.17 72.39 -5.88
CA THR E 12 -8.60 72.17 -7.25
C THR E 12 -7.66 71.21 -7.95
N THR E 13 -8.20 70.12 -8.49
CA THR E 13 -7.42 69.13 -9.21
C THR E 13 -8.03 68.82 -10.58
N ILE E 14 -7.21 68.73 -11.62
CA ILE E 14 -7.74 68.41 -12.94
C ILE E 14 -6.83 67.49 -13.73
N PHE E 15 -7.45 66.54 -14.44
CA PHE E 15 -6.73 65.57 -15.26
C PHE E 15 -6.88 65.84 -16.74
N THR E 16 -5.77 65.89 -17.47
CA THR E 16 -5.85 66.15 -18.89
C THR E 16 -4.72 65.52 -19.71
N ASP E 17 -5.05 65.18 -20.95
CA ASP E 17 -4.08 64.60 -21.86
C ASP E 17 -3.45 65.65 -22.74
N ALA E 18 -2.23 65.40 -23.20
CA ALA E 18 -1.54 66.36 -24.07
C ALA E 18 -0.49 65.68 -24.94
N LYS E 19 0.09 66.45 -25.87
CA LYS E 19 1.15 65.94 -26.73
C LYS E 19 2.49 66.43 -26.23
N GLU E 20 3.53 65.61 -26.33
CA GLU E 20 4.86 66.02 -25.87
C GLU E 20 5.36 67.27 -26.60
N SER E 21 4.90 67.42 -27.85
CA SER E 21 5.25 68.53 -28.70
C SER E 21 4.43 69.78 -28.42
N SER E 22 3.35 69.66 -27.66
CA SER E 22 2.56 70.83 -27.33
C SER E 22 3.31 71.61 -26.28
N THR E 23 3.02 72.89 -26.17
CA THR E 23 3.71 73.71 -25.23
C THR E 23 2.84 74.16 -24.11
N VAL E 24 3.50 74.74 -23.12
CA VAL E 24 2.88 75.30 -21.96
C VAL E 24 1.80 76.28 -22.34
N PHE E 25 2.02 77.08 -23.37
CA PHE E 25 1.00 78.00 -23.85
C PHE E 25 -0.31 77.29 -24.16
N GLU E 26 -0.26 76.18 -24.90
CA GLU E 26 -1.50 75.46 -25.16
C GLU E 26 -2.04 74.90 -23.87
N LEU E 27 -1.16 74.44 -23.00
CA LEU E 27 -1.59 73.94 -21.70
C LEU E 27 -2.32 75.05 -20.92
N LYS E 28 -1.87 76.30 -21.07
CA LYS E 28 -2.54 77.43 -20.44
C LYS E 28 -3.97 77.53 -21.00
N ARG E 29 -4.10 77.29 -22.32
CA ARG E 29 -5.41 77.28 -22.96
C ARG E 29 -6.24 76.11 -22.45
N ILE E 30 -5.58 75.01 -22.12
CA ILE E 30 -6.29 73.87 -21.56
C ILE E 30 -6.90 74.24 -20.23
N VAL E 31 -6.18 75.00 -19.42
CA VAL E 31 -6.76 75.43 -18.17
C VAL E 31 -7.91 76.37 -18.41
N GLU E 32 -7.70 77.35 -19.30
CA GLU E 32 -8.72 78.34 -19.65
C GLU E 32 -10.06 77.72 -20.04
N GLY E 33 -10.01 76.70 -20.88
CA GLY E 33 -11.22 76.02 -21.34
C GLY E 33 -12.11 75.51 -20.20
N ILE E 34 -11.52 75.26 -19.04
CA ILE E 34 -12.25 74.73 -17.90
C ILE E 34 -12.55 75.78 -16.86
N LEU E 35 -11.54 76.54 -16.48
CA LEU E 35 -11.70 77.51 -15.41
C LEU E 35 -12.00 78.91 -15.92
N LYS E 36 -12.17 79.05 -17.22
CA LYS E 36 -12.60 80.26 -17.90
C LYS E 36 -11.80 81.52 -17.58
N ARG E 37 -10.48 81.39 -17.47
CA ARG E 37 -9.62 82.55 -17.27
C ARG E 37 -8.52 82.55 -18.33
N PRO E 38 -8.14 83.70 -18.87
CA PRO E 38 -7.13 83.91 -19.91
C PRO E 38 -5.79 83.33 -19.54
N PRO E 39 -5.00 82.88 -20.52
CA PRO E 39 -3.66 82.29 -20.43
C PRO E 39 -2.72 83.10 -19.56
N ASP E 40 -2.82 84.42 -19.65
CA ASP E 40 -1.98 85.31 -18.88
C ASP E 40 -2.31 85.29 -17.39
N GLU E 41 -3.46 84.73 -17.02
CA GLU E 41 -3.85 84.64 -15.64
C GLU E 41 -3.45 83.32 -15.03
N GLN E 42 -2.77 82.46 -15.77
CA GLN E 42 -2.32 81.21 -15.19
C GLN E 42 -0.82 81.20 -14.97
N ARG E 43 -0.43 80.52 -13.91
CA ARG E 43 0.96 80.33 -13.58
C ARG E 43 1.18 78.86 -13.36
N LEU E 44 1.47 78.17 -14.44
CA LEU E 44 1.71 76.74 -14.36
C LEU E 44 3.11 76.55 -13.84
N TYR E 45 3.32 75.56 -12.99
CA TYR E 45 4.68 75.37 -12.51
C TYR E 45 5.02 73.94 -12.14
N LYS E 46 6.29 73.62 -12.24
CA LYS E 46 6.81 72.33 -11.89
C LYS E 46 7.49 72.44 -10.56
N ASP E 47 7.01 71.73 -9.55
CA ASP E 47 7.64 71.84 -8.25
C ASP E 47 7.46 73.29 -7.76
N ASP E 48 8.47 74.12 -7.96
CA ASP E 48 8.38 75.53 -7.60
C ASP E 48 8.89 76.40 -8.75
N GLN E 49 9.06 75.78 -9.91
CA GLN E 49 9.58 76.44 -11.10
C GLN E 49 8.49 76.79 -12.06
N LEU E 50 8.31 78.09 -12.27
CA LEU E 50 7.27 78.54 -13.18
C LEU E 50 7.60 78.05 -14.58
N LEU E 51 6.58 77.54 -15.26
CA LEU E 51 6.76 77.02 -16.61
C LEU E 51 6.69 78.10 -17.67
N ASP E 52 7.49 77.89 -18.71
CA ASP E 52 7.64 78.77 -19.86
C ASP E 52 6.69 78.45 -20.99
N ASP E 53 5.80 79.39 -21.32
CA ASP E 53 4.84 79.21 -22.41
C ASP E 53 5.47 78.68 -23.71
N GLY E 54 6.72 79.08 -23.98
CA GLY E 54 7.44 78.70 -25.20
C GLY E 54 8.18 77.36 -25.13
N LYS E 55 8.08 76.64 -24.02
CA LYS E 55 8.72 75.34 -23.94
C LYS E 55 7.70 74.24 -24.07
N THR E 56 8.12 73.14 -24.70
CA THR E 56 7.25 71.99 -24.89
C THR E 56 7.20 71.19 -23.63
N LEU E 57 6.22 70.29 -23.54
CA LEU E 57 6.14 69.45 -22.36
C LEU E 57 7.37 68.56 -22.28
N GLY E 58 7.83 68.06 -23.43
CA GLY E 58 9.05 67.29 -23.48
C GLY E 58 10.23 68.13 -23.00
N GLU E 59 10.29 69.39 -23.44
CA GLU E 59 11.34 70.32 -23.04
C GLU E 59 11.37 70.54 -21.53
N CYS E 60 10.20 70.58 -20.91
CA CYS E 60 10.13 70.78 -19.48
C CYS E 60 10.26 69.49 -18.65
N GLY E 61 10.62 68.37 -19.29
CA GLY E 61 10.82 67.11 -18.57
C GLY E 61 9.57 66.25 -18.44
N PHE E 62 8.45 66.69 -18.98
CA PHE E 62 7.22 65.93 -18.84
C PHE E 62 7.07 64.96 -19.97
N THR E 63 7.86 63.90 -19.90
CA THR E 63 7.84 62.88 -20.93
C THR E 63 6.77 61.86 -20.64
N SER E 64 6.53 61.01 -21.63
CA SER E 64 5.55 59.95 -21.53
C SER E 64 5.94 58.85 -20.57
N GLN E 65 7.18 58.87 -20.08
CA GLN E 65 7.63 57.85 -19.18
C GLN E 65 7.33 58.21 -17.74
N THR E 66 6.91 59.45 -17.51
CA THR E 66 6.53 59.87 -16.16
C THR E 66 5.06 60.19 -16.16
N ALA E 67 4.65 61.01 -17.11
CA ALA E 67 3.27 61.43 -17.24
C ALA E 67 2.46 60.33 -17.89
N ARG E 68 2.15 59.29 -17.13
CA ARG E 68 1.49 58.12 -17.71
C ARG E 68 0.16 57.80 -17.03
N PRO E 69 -0.72 57.02 -17.66
CA PRO E 69 -2.03 56.58 -17.20
C PRO E 69 -1.97 55.92 -15.83
N GLN E 70 -0.85 55.27 -15.53
CA GLN E 70 -0.65 54.64 -14.24
C GLN E 70 -0.42 55.65 -13.13
N ALA E 71 0.10 56.81 -13.49
CA ALA E 71 0.43 57.85 -12.52
C ALA E 71 0.81 59.12 -13.26
N PRO E 72 -0.14 60.03 -13.43
CA PRO E 72 -0.03 61.33 -14.08
C PRO E 72 1.01 62.20 -13.42
N ALA E 73 1.62 63.07 -14.21
CA ALA E 73 2.63 63.99 -13.70
C ALA E 73 1.94 65.09 -12.94
N THR E 74 2.67 65.79 -12.08
CA THR E 74 2.03 66.86 -11.31
C THR E 74 2.59 68.24 -11.63
N VAL E 75 1.70 69.12 -12.07
CA VAL E 75 1.99 70.53 -12.34
C VAL E 75 1.09 71.40 -11.50
N GLY E 76 1.67 72.40 -10.87
CA GLY E 76 0.86 73.26 -10.06
C GLY E 76 0.30 74.40 -10.87
N LEU E 77 -0.73 75.01 -10.33
CA LEU E 77 -1.39 76.14 -10.95
C LEU E 77 -1.69 77.26 -9.99
N ALA E 78 -1.15 78.43 -10.25
CA ALA E 78 -1.47 79.60 -9.47
C ALA E 78 -2.10 80.63 -10.38
N PHE E 79 -2.98 81.46 -9.85
CA PHE E 79 -3.60 82.46 -10.71
C PHE E 79 -3.11 83.87 -10.49
N ARG E 80 -3.20 84.67 -11.55
CA ARG E 80 -2.79 86.06 -11.44
C ARG E 80 -3.70 86.82 -10.51
N ALA E 81 -3.08 87.53 -9.61
CA ALA E 81 -3.73 88.39 -8.64
C ALA E 81 -3.30 89.81 -8.94
N ASP E 82 -4.03 90.47 -9.84
CA ASP E 82 -3.72 91.82 -10.26
C ASP E 82 -2.28 91.94 -10.79
N ASP E 83 -1.39 92.58 -10.04
CA ASP E 83 -0.02 92.77 -10.47
C ASP E 83 0.92 91.66 -10.02
N THR E 84 0.35 90.61 -9.43
CA THR E 84 1.12 89.48 -8.94
C THR E 84 0.35 88.20 -9.17
N PHE E 85 0.68 87.18 -8.42
CA PHE E 85 -0.01 85.91 -8.55
C PHE E 85 -0.02 85.13 -7.26
N GLU E 86 -0.96 84.20 -7.18
CA GLU E 86 -1.24 83.41 -5.99
C GLU E 86 -0.06 82.58 -5.53
N ALA E 87 -0.02 82.35 -4.23
CA ALA E 87 1.00 81.53 -3.62
C ALA E 87 1.03 80.18 -4.30
N LEU E 88 2.23 79.66 -4.53
CA LEU E 88 2.39 78.41 -5.25
C LEU E 88 2.20 77.24 -4.28
N CYS E 89 0.97 77.06 -3.81
CA CYS E 89 0.66 76.02 -2.85
C CYS E 89 -0.47 75.13 -3.28
N ILE E 90 -0.34 73.85 -2.97
CA ILE E 90 -1.34 72.85 -3.30
C ILE E 90 -1.75 72.09 -2.08
N GLU E 91 -3.05 72.00 -1.83
CA GLU E 91 -3.59 71.29 -0.68
C GLU E 91 -3.53 69.78 -0.89
N PRO E 92 -2.79 69.05 -0.05
CA PRO E 92 -2.64 67.61 -0.03
C PRO E 92 -3.97 66.93 0.16
N PHE E 93 -4.05 65.70 -0.32
CA PHE E 93 -5.23 64.88 -0.12
C PHE E 93 -5.12 64.29 1.27
N SER E 94 -6.20 63.71 1.77
CA SER E 94 -6.15 63.10 3.11
C SER E 94 -5.08 62.06 3.25
N SER E 95 -4.53 61.99 4.45
CA SER E 95 -3.53 61.00 4.79
C SER E 95 -4.20 59.63 4.84
N PRO E 96 -3.41 58.55 4.76
CA PRO E 96 -3.80 57.15 4.82
C PRO E 96 -4.13 56.68 6.21
N PRO E 97 -5.02 55.69 6.32
CA PRO E 97 -5.42 54.98 7.51
C PRO E 97 -4.35 53.98 7.87
N GLU E 98 -4.28 53.59 9.12
CA GLU E 98 -3.31 52.60 9.56
C GLU E 98 -3.61 51.24 8.94
N LEU E 99 -2.56 50.53 8.57
CA LEU E 99 -2.69 49.18 8.00
C LEU E 99 -3.14 48.21 9.08
N PRO E 100 -4.23 47.45 8.89
CA PRO E 100 -4.76 46.45 9.80
C PRO E 100 -3.72 45.39 10.08
N ASP E 101 -3.70 44.90 11.31
CA ASP E 101 -2.72 43.92 11.77
C ASP E 101 -2.61 42.69 10.89
N VAL E 102 -3.75 42.16 10.45
CA VAL E 102 -3.73 40.96 9.62
C VAL E 102 -3.13 41.20 8.23
N MET E 103 -3.01 42.46 7.81
CA MET E 103 -2.43 42.76 6.53
C MET E 103 -0.99 43.21 6.66
N LYS E 104 -0.46 43.23 7.89
CA LYS E 104 0.90 43.68 8.08
C LYS E 104 1.88 42.58 7.72
N PRO E 105 3.10 42.95 7.31
CA PRO E 105 4.22 42.09 6.98
C PRO E 105 4.58 41.21 8.15
N GLN E 106 4.93 39.96 7.86
CA GLN E 106 5.26 39.00 8.90
C GLN E 106 6.76 38.76 8.98
N SER A 6 -13.29 -40.85 -1.26
CA SER A 6 -12.32 -39.80 -1.52
C SER A 6 -12.91 -38.41 -1.38
N HIS A 7 -12.23 -37.55 -0.63
CA HIS A 7 -12.67 -36.17 -0.48
C HIS A 7 -12.40 -35.40 -1.75
N ASN A 8 -11.56 -35.96 -2.62
CA ASN A 8 -11.32 -35.32 -3.89
C ASN A 8 -12.49 -35.69 -4.78
N ALA A 9 -12.99 -36.91 -4.62
CA ALA A 9 -14.20 -37.31 -5.32
C ALA A 9 -15.37 -36.51 -4.77
N LEU A 10 -15.34 -36.23 -3.47
CA LEU A 10 -16.36 -35.41 -2.87
C LEU A 10 -16.32 -34.03 -3.49
N LYS A 11 -15.13 -33.50 -3.78
CA LYS A 11 -15.02 -32.26 -4.53
C LYS A 11 -15.74 -32.39 -5.87
N LEU A 12 -15.61 -33.55 -6.51
CA LEU A 12 -16.31 -33.77 -7.78
C LEU A 12 -17.82 -33.83 -7.58
N ARG A 13 -18.27 -34.37 -6.44
CA ARG A 13 -19.69 -34.48 -6.14
C ARG A 13 -20.37 -33.13 -5.95
N PHE A 14 -19.71 -32.18 -5.33
CA PHE A 14 -20.33 -30.87 -5.20
C PHE A 14 -20.43 -30.20 -6.55
N PRO A 15 -21.48 -29.43 -6.78
CA PRO A 15 -21.72 -28.63 -7.98
C PRO A 15 -20.57 -27.67 -8.21
N ALA A 16 -20.23 -27.48 -9.48
CA ALA A 16 -19.10 -26.65 -9.87
C ALA A 16 -19.15 -25.27 -9.28
N GLU A 17 -20.33 -24.68 -9.32
CA GLU A 17 -20.54 -23.32 -8.82
C GLU A 17 -20.37 -23.20 -7.31
N ASP A 18 -20.35 -24.30 -6.59
CA ASP A 18 -20.15 -24.24 -5.16
C ASP A 18 -18.68 -24.39 -4.87
N GLU A 19 -18.00 -25.17 -5.70
CA GLU A 19 -16.57 -25.32 -5.56
C GLU A 19 -15.83 -24.14 -6.18
N PHE A 20 -16.45 -23.48 -7.17
CA PHE A 20 -15.83 -22.34 -7.82
C PHE A 20 -15.47 -21.28 -6.80
N PRO A 21 -14.19 -20.95 -6.66
CA PRO A 21 -13.64 -20.01 -5.72
C PRO A 21 -13.99 -18.60 -6.08
N ASP A 22 -14.08 -17.74 -5.06
CA ASP A 22 -14.38 -16.33 -5.25
C ASP A 22 -13.11 -15.55 -5.50
N LEU A 23 -12.86 -15.24 -6.77
CA LEU A 23 -11.66 -14.55 -7.17
C LEU A 23 -11.89 -13.06 -7.41
N SER A 24 -13.04 -12.53 -7.00
CA SER A 24 -13.36 -11.13 -7.30
C SER A 24 -12.43 -10.12 -6.64
N ALA A 25 -11.83 -10.48 -5.51
CA ALA A 25 -10.92 -9.58 -4.83
C ALA A 25 -9.47 -9.82 -5.25
N HIS A 26 -9.26 -10.76 -6.15
CA HIS A 26 -7.92 -11.14 -6.54
C HIS A 26 -7.40 -10.31 -7.70
N ASN A 27 -6.08 -10.16 -7.74
CA ASN A 27 -5.43 -9.37 -8.76
C ASN A 27 -4.23 -10.08 -9.34
N ASN A 28 -4.47 -11.07 -10.19
CA ASN A 28 -3.36 -11.76 -10.81
C ASN A 28 -3.77 -12.35 -12.15
N HIS A 29 -2.81 -12.92 -12.86
CA HIS A 29 -3.07 -13.40 -14.21
C HIS A 29 -4.08 -14.53 -14.24
N MET A 30 -3.94 -15.47 -13.32
CA MET A 30 -4.84 -16.60 -13.24
C MET A 30 -6.25 -16.14 -13.01
N ALA A 31 -6.41 -15.20 -12.08
CA ALA A 31 -7.72 -14.69 -11.72
C ALA A 31 -8.45 -14.13 -12.91
N LYS A 32 -7.74 -13.41 -13.77
CA LYS A 32 -8.42 -12.89 -14.93
C LYS A 32 -8.80 -14.00 -15.91
N VAL A 33 -7.97 -15.02 -15.99
CA VAL A 33 -8.22 -16.11 -16.90
C VAL A 33 -9.30 -17.10 -16.49
N LEU A 34 -9.24 -17.60 -15.28
CA LEU A 34 -10.19 -18.63 -14.85
C LEU A 34 -11.61 -18.15 -14.71
N THR A 35 -12.50 -18.78 -15.47
CA THR A 35 -13.92 -18.45 -15.43
C THR A 35 -14.66 -19.65 -14.88
N PRO A 36 -15.89 -19.48 -14.42
CA PRO A 36 -16.81 -20.50 -13.93
C PRO A 36 -16.98 -21.60 -14.95
N GLU A 37 -16.97 -21.23 -16.23
CA GLU A 37 -17.10 -22.20 -17.28
C GLU A 37 -15.88 -23.08 -17.36
N LEU A 38 -14.71 -22.46 -17.31
CA LEU A 38 -13.47 -23.22 -17.36
C LEU A 38 -13.31 -24.09 -16.16
N TYR A 39 -13.70 -23.57 -15.00
CA TYR A 39 -13.59 -24.32 -13.77
C TYR A 39 -14.47 -25.54 -13.82
N ALA A 40 -15.70 -25.35 -14.26
CA ALA A 40 -16.64 -26.44 -14.35
C ALA A 40 -16.12 -27.55 -15.24
N GLU A 41 -15.46 -27.19 -16.33
CA GLU A 41 -14.91 -28.19 -17.22
C GLU A 41 -13.65 -28.85 -16.69
N LEU A 42 -12.69 -28.05 -16.31
CA LEU A 42 -11.39 -28.53 -15.91
C LEU A 42 -11.35 -29.26 -14.60
N ARG A 43 -12.32 -29.04 -13.72
CA ARG A 43 -12.28 -29.69 -12.41
C ARG A 43 -12.42 -31.19 -12.53
N ALA A 44 -12.88 -31.69 -13.67
CA ALA A 44 -13.01 -33.12 -13.86
C ALA A 44 -11.72 -33.76 -14.36
N LYS A 45 -10.68 -32.97 -14.58
CA LYS A 45 -9.44 -33.51 -15.10
C LYS A 45 -8.31 -33.47 -14.09
N SER A 46 -7.30 -34.30 -14.34
CA SER A 46 -6.11 -34.41 -13.53
C SER A 46 -5.01 -35.02 -14.34
N THR A 47 -3.79 -34.94 -13.84
CA THR A 47 -2.66 -35.49 -14.55
C THR A 47 -2.54 -36.95 -14.21
N PRO A 48 -1.68 -37.66 -14.92
CA PRO A 48 -1.27 -39.03 -14.66
C PRO A 48 -0.60 -39.14 -13.30
N SER A 49 -0.11 -38.03 -12.76
CA SER A 49 0.54 -38.00 -11.47
C SER A 49 -0.44 -37.70 -10.35
N GLY A 50 -1.70 -37.42 -10.71
CA GLY A 50 -2.72 -37.13 -9.72
C GLY A 50 -2.84 -35.66 -9.35
N PHE A 51 -2.22 -34.78 -10.12
CA PHE A 51 -2.30 -33.36 -9.82
C PHE A 51 -3.56 -32.83 -10.47
N THR A 52 -4.37 -32.04 -9.77
CA THR A 52 -5.61 -31.60 -10.41
C THR A 52 -5.83 -30.11 -10.40
N LEU A 53 -6.99 -29.70 -10.91
CA LEU A 53 -7.32 -28.30 -11.09
C LEU A 53 -7.23 -27.53 -9.80
N ASP A 54 -7.77 -28.10 -8.75
CA ASP A 54 -7.71 -27.43 -7.47
C ASP A 54 -6.31 -27.32 -6.92
N ASP A 55 -5.34 -28.01 -7.49
CA ASP A 55 -3.99 -27.86 -7.00
C ASP A 55 -3.30 -26.78 -7.80
N VAL A 56 -3.55 -26.75 -9.12
CA VAL A 56 -2.86 -25.77 -9.95
C VAL A 56 -3.30 -24.35 -9.64
N ILE A 57 -4.52 -24.17 -9.14
CA ILE A 57 -4.99 -22.82 -8.85
C ILE A 57 -4.86 -22.37 -7.39
N GLN A 58 -4.20 -23.17 -6.54
CA GLN A 58 -4.08 -22.81 -5.12
C GLN A 58 -3.48 -21.46 -4.84
N THR A 59 -2.18 -21.32 -5.02
CA THR A 59 -1.50 -20.09 -4.63
C THR A 59 -2.27 -18.84 -5.06
N GLY A 60 -2.81 -18.86 -6.27
CA GLY A 60 -3.65 -17.78 -6.77
C GLY A 60 -4.79 -17.48 -5.82
N VAL A 61 -5.75 -18.41 -5.69
CA VAL A 61 -6.88 -18.14 -4.82
C VAL A 61 -6.49 -17.94 -3.37
N ASP A 62 -5.38 -18.53 -2.95
CA ASP A 62 -4.88 -18.42 -1.60
C ASP A 62 -4.29 -17.04 -1.29
N ASN A 63 -4.05 -16.23 -2.31
CA ASN A 63 -3.53 -14.91 -2.05
C ASN A 63 -3.82 -13.97 -3.21
N PRO A 64 -4.77 -13.04 -3.06
CA PRO A 64 -5.21 -12.03 -4.01
C PRO A 64 -4.05 -11.31 -4.67
N GLY A 65 -2.93 -11.21 -3.96
CA GLY A 65 -1.76 -10.62 -4.53
C GLY A 65 -1.68 -9.16 -4.25
N HIS A 66 -0.69 -8.53 -4.84
CA HIS A 66 -0.45 -7.13 -4.64
C HIS A 66 -1.39 -6.33 -5.52
N PRO A 67 -1.82 -5.15 -5.06
CA PRO A 67 -2.63 -4.19 -5.77
C PRO A 67 -2.00 -3.67 -7.04
N TYR A 68 -0.67 -3.63 -7.08
CA TYR A 68 0.00 -3.11 -8.25
C TYR A 68 0.91 -4.14 -8.90
N ILE A 69 1.62 -4.92 -8.10
CA ILE A 69 2.48 -5.95 -8.69
C ILE A 69 1.65 -7.15 -9.10
N MET A 70 1.47 -7.30 -10.40
CA MET A 70 0.61 -8.36 -10.89
C MET A 70 1.31 -9.70 -11.03
N THR A 71 1.24 -10.50 -9.96
CA THR A 71 1.81 -11.85 -9.95
C THR A 71 0.99 -12.79 -10.84
N VAL A 72 1.48 -14.00 -11.06
CA VAL A 72 0.78 -14.93 -11.92
C VAL A 72 -0.42 -15.57 -11.29
N GLY A 73 -0.25 -16.15 -10.12
CA GLY A 73 -1.38 -16.77 -9.43
C GLY A 73 -1.60 -18.26 -9.70
N CYS A 74 -0.59 -18.98 -10.19
CA CYS A 74 -0.77 -20.42 -10.35
C CYS A 74 0.55 -21.12 -10.43
N VAL A 75 0.55 -22.44 -10.39
CA VAL A 75 1.80 -23.18 -10.50
C VAL A 75 1.58 -24.60 -11.00
N ALA A 76 2.45 -25.07 -11.89
CA ALA A 76 2.32 -26.41 -12.44
C ALA A 76 2.79 -27.46 -11.47
N GLY A 77 2.38 -28.71 -11.70
CA GLY A 77 2.73 -29.79 -10.79
C GLY A 77 3.78 -30.70 -11.40
N ASP A 78 3.72 -30.83 -12.71
CA ASP A 78 4.65 -31.67 -13.43
C ASP A 78 4.61 -31.30 -14.90
N GLU A 79 5.37 -32.00 -15.71
CA GLU A 79 5.34 -31.77 -17.15
C GLU A 79 3.95 -31.90 -17.74
N GLU A 80 3.30 -33.01 -17.44
CA GLU A 80 2.00 -33.32 -17.99
C GLU A 80 0.93 -32.27 -17.70
N SER A 81 1.02 -31.61 -16.56
CA SER A 81 0.05 -30.62 -16.16
C SER A 81 0.01 -29.42 -17.09
N TYR A 82 1.05 -29.17 -17.86
CA TYR A 82 0.97 -28.08 -18.81
C TYR A 82 0.05 -28.44 -19.96
N GLU A 83 -0.05 -29.73 -20.26
CA GLU A 83 -0.97 -30.17 -21.30
C GLU A 83 -2.36 -30.36 -20.76
N VAL A 84 -2.46 -30.99 -19.59
CA VAL A 84 -3.75 -31.27 -19.00
C VAL A 84 -4.54 -30.01 -18.71
N PHE A 85 -3.85 -28.99 -18.22
CA PHE A 85 -4.54 -27.74 -17.94
C PHE A 85 -4.17 -26.67 -18.94
N LYS A 86 -3.94 -27.10 -20.18
CA LYS A 86 -3.60 -26.23 -21.29
C LYS A 86 -4.62 -25.11 -21.45
N ASP A 87 -5.88 -25.40 -21.18
CA ASP A 87 -6.91 -24.38 -21.31
C ASP A 87 -6.71 -23.19 -20.39
N LEU A 88 -5.89 -23.32 -19.34
CA LEU A 88 -5.56 -22.17 -18.52
C LEU A 88 -4.19 -21.69 -18.86
N PHE A 89 -3.26 -22.61 -19.07
CA PHE A 89 -1.91 -22.19 -19.36
C PHE A 89 -1.79 -21.46 -20.66
N ASP A 90 -2.58 -21.86 -21.65
CA ASP A 90 -2.54 -21.17 -22.93
C ASP A 90 -2.81 -19.66 -22.80
N PRO A 91 -3.81 -19.23 -22.04
CA PRO A 91 -4.08 -17.81 -21.90
C PRO A 91 -3.25 -17.17 -20.81
N ILE A 92 -2.89 -17.92 -19.78
CA ILE A 92 -2.06 -17.33 -18.74
C ILE A 92 -0.67 -17.04 -19.27
N ILE A 93 -0.10 -18.00 -19.96
CA ILE A 93 1.23 -17.83 -20.52
C ILE A 93 1.24 -16.74 -21.56
N GLU A 94 0.27 -16.77 -22.47
CA GLU A 94 0.19 -15.75 -23.49
C GLU A 94 0.19 -14.37 -22.89
N ASP A 95 -0.66 -14.16 -21.90
CA ASP A 95 -0.76 -12.87 -21.27
C ASP A 95 0.52 -12.50 -20.54
N ARG A 96 1.05 -13.42 -19.75
CA ARG A 96 2.25 -13.13 -18.98
C ARG A 96 3.48 -12.87 -19.81
N HIS A 97 3.58 -13.49 -20.98
CA HIS A 97 4.76 -13.28 -21.79
C HIS A 97 4.55 -12.39 -23.01
N GLY A 98 3.49 -11.58 -23.00
CA GLY A 98 3.33 -10.59 -24.05
C GLY A 98 2.83 -11.07 -25.41
N GLY A 99 1.86 -11.96 -25.43
CA GLY A 99 1.29 -12.39 -26.70
C GLY A 99 1.93 -13.65 -27.25
N TYR A 100 2.73 -14.32 -26.45
CA TYR A 100 3.34 -15.56 -26.87
C TYR A 100 2.27 -16.57 -27.28
N LYS A 101 2.19 -16.86 -28.56
CA LYS A 101 1.18 -17.80 -29.05
C LYS A 101 1.67 -19.22 -28.85
N PRO A 102 0.76 -20.19 -28.74
CA PRO A 102 1.00 -21.61 -28.52
C PRO A 102 1.80 -22.25 -29.65
N SER A 103 1.76 -21.64 -30.83
CA SER A 103 2.51 -22.12 -31.98
C SER A 103 3.88 -21.47 -32.12
N ASP A 104 4.22 -20.55 -31.22
CA ASP A 104 5.49 -19.85 -31.32
C ASP A 104 6.64 -20.67 -30.81
N GLU A 105 7.19 -21.50 -31.68
CA GLU A 105 8.31 -22.35 -31.32
C GLU A 105 9.41 -21.60 -30.62
N HIS A 106 9.77 -22.10 -29.47
CA HIS A 106 10.83 -21.53 -28.67
C HIS A 106 12.14 -22.24 -28.91
N LYS A 107 13.20 -21.48 -29.13
CA LYS A 107 14.51 -22.06 -29.34
C LYS A 107 15.35 -22.02 -28.08
N THR A 108 16.43 -22.77 -28.07
CA THR A 108 17.35 -22.79 -26.94
C THR A 108 18.75 -22.86 -27.49
N ASP A 109 19.68 -22.18 -26.84
CA ASP A 109 21.02 -22.11 -27.39
C ASP A 109 22.01 -21.46 -26.44
N LEU A 110 22.82 -22.25 -25.74
CA LEU A 110 23.83 -21.65 -24.86
C LEU A 110 25.19 -21.53 -25.48
N ASN A 111 25.31 -21.68 -26.80
CA ASN A 111 26.63 -21.63 -27.40
C ASN A 111 27.24 -20.23 -27.31
N PRO A 112 28.25 -20.00 -26.43
CA PRO A 112 28.95 -18.75 -26.14
C PRO A 112 29.47 -18.02 -27.37
N ASP A 113 29.66 -18.74 -28.47
CA ASP A 113 30.17 -18.14 -29.69
C ASP A 113 29.22 -17.09 -30.26
N ASN A 114 27.96 -17.14 -29.87
CA ASN A 114 27.01 -16.19 -30.39
C ASN A 114 26.93 -14.91 -29.57
N LEU A 115 27.66 -14.81 -28.47
CA LEU A 115 27.61 -13.59 -27.68
C LEU A 115 28.65 -12.60 -28.19
N GLN A 116 28.19 -11.48 -28.70
CA GLN A 116 29.09 -10.49 -29.24
C GLN A 116 29.38 -9.40 -28.24
N GLY A 117 30.64 -9.00 -28.18
CA GLY A 117 31.08 -7.97 -27.24
C GLY A 117 30.90 -8.44 -25.82
N GLY A 118 30.87 -7.51 -24.88
CA GLY A 118 30.66 -7.86 -23.48
C GLY A 118 31.89 -8.50 -22.87
N ASP A 119 33.03 -8.36 -23.54
CA ASP A 119 34.26 -8.94 -23.06
C ASP A 119 34.69 -8.25 -21.80
N ASP A 120 34.40 -6.96 -21.71
CA ASP A 120 34.74 -6.18 -20.56
C ASP A 120 33.83 -4.97 -20.45
N LEU A 121 32.80 -5.08 -19.62
CA LEU A 121 31.92 -3.95 -19.38
C LEU A 121 32.71 -3.01 -18.50
N ASP A 122 32.51 -1.71 -18.65
CA ASP A 122 33.33 -0.79 -17.88
C ASP A 122 33.13 -0.97 -16.38
N PRO A 123 34.15 -1.45 -15.64
CA PRO A 123 34.19 -1.77 -14.21
C PRO A 123 33.96 -0.57 -13.31
N ASN A 124 34.00 0.64 -13.88
CA ASN A 124 33.69 1.85 -13.15
C ASN A 124 32.23 1.90 -12.79
N TYR A 125 31.42 1.18 -13.55
CA TYR A 125 30.01 1.15 -13.32
C TYR A 125 29.57 -0.25 -13.01
N VAL A 126 30.06 -1.21 -13.78
CA VAL A 126 29.62 -2.55 -13.53
C VAL A 126 30.40 -3.15 -12.41
N LEU A 127 29.76 -3.18 -11.26
CA LEU A 127 30.31 -3.74 -10.05
C LEU A 127 30.43 -5.25 -10.12
N SER A 128 29.37 -5.92 -10.52
CA SER A 128 29.41 -7.38 -10.56
C SER A 128 28.43 -8.01 -11.53
N SER A 129 28.80 -9.15 -12.08
CA SER A 129 27.96 -9.85 -13.05
C SER A 129 27.52 -11.22 -12.61
N ARG A 130 26.27 -11.56 -12.88
CA ARG A 130 25.78 -12.87 -12.48
C ARG A 130 24.70 -13.42 -13.42
N VAL A 131 24.67 -14.75 -13.53
CA VAL A 131 23.72 -15.46 -14.40
C VAL A 131 23.02 -16.57 -13.64
N ARG A 132 21.70 -16.72 -13.78
CA ARG A 132 21.09 -17.83 -13.07
C ARG A 132 19.89 -18.44 -13.78
N THR A 133 19.67 -19.71 -13.51
CA THR A 133 18.53 -20.40 -14.08
C THR A 133 18.06 -21.57 -13.22
N GLY A 134 17.14 -22.35 -13.77
CA GLY A 134 16.63 -23.52 -13.07
C GLY A 134 16.28 -24.62 -14.06
N ARG A 135 16.44 -25.86 -13.65
CA ARG A 135 16.09 -26.97 -14.51
C ARG A 135 15.36 -28.03 -13.74
N SER A 136 14.51 -28.76 -14.45
CA SER A 136 13.71 -29.83 -13.87
C SER A 136 14.02 -31.17 -14.50
N ILE A 137 14.12 -32.20 -13.68
CA ILE A 137 14.51 -33.50 -14.20
C ILE A 137 13.33 -34.32 -14.69
N ARG A 138 13.37 -34.67 -15.97
CA ARG A 138 12.31 -35.46 -16.58
C ARG A 138 12.14 -36.78 -15.90
N GLY A 139 10.91 -37.12 -15.59
CA GLY A 139 10.60 -38.39 -14.94
C GLY A 139 10.13 -38.19 -13.52
N PHE A 140 10.47 -37.05 -12.94
CA PHE A 140 10.01 -36.75 -11.62
C PHE A 140 8.96 -35.69 -11.71
N CYS A 141 8.30 -35.42 -10.61
CA CYS A 141 7.34 -34.34 -10.54
C CYS A 141 8.03 -33.08 -10.02
N LEU A 142 7.30 -31.99 -9.91
CA LEU A 142 7.84 -30.75 -9.40
C LEU A 142 7.51 -30.57 -7.92
N PRO A 143 8.21 -29.69 -7.18
CA PRO A 143 8.06 -29.37 -5.75
C PRO A 143 6.62 -29.07 -5.31
N PRO A 144 5.76 -28.42 -6.13
CA PRO A 144 4.32 -28.22 -5.91
C PRO A 144 3.52 -29.52 -5.77
N HIS A 145 4.14 -30.67 -6.01
CA HIS A 145 3.45 -31.94 -5.90
C HIS A 145 4.33 -32.91 -5.11
N CYS A 146 5.22 -33.65 -5.78
CA CYS A 146 6.20 -34.61 -5.21
C CYS A 146 6.22 -34.96 -3.73
N SER A 147 6.33 -36.26 -3.47
CA SER A 147 6.47 -36.78 -2.13
C SER A 147 7.93 -36.83 -1.78
N ARG A 148 8.21 -37.32 -0.60
CA ARG A 148 9.56 -37.48 -0.10
C ARG A 148 10.37 -38.45 -0.94
N GLY A 149 9.70 -39.41 -1.58
CA GLY A 149 10.42 -40.39 -2.38
C GLY A 149 11.12 -39.75 -3.55
N GLU A 150 10.38 -38.92 -4.29
CA GLU A 150 10.96 -38.27 -5.44
C GLU A 150 12.02 -37.30 -5.03
N ARG A 151 11.74 -36.51 -4.00
CA ARG A 151 12.69 -35.50 -3.59
C ARG A 151 14.02 -36.12 -3.19
N ARG A 152 13.98 -37.21 -2.44
CA ARG A 152 15.20 -37.84 -2.01
C ARG A 152 15.98 -38.42 -3.17
N ALA A 153 15.28 -39.01 -4.14
CA ALA A 153 15.97 -39.57 -5.28
C ALA A 153 16.70 -38.49 -6.08
N ILE A 154 16.05 -37.34 -6.26
CA ILE A 154 16.64 -36.24 -6.99
C ILE A 154 17.88 -35.75 -6.32
N GLU A 155 17.83 -35.60 -5.00
CA GLU A 155 19.02 -35.17 -4.28
C GLU A 155 20.19 -36.05 -4.63
N LYS A 156 19.99 -37.36 -4.53
CA LYS A 156 21.08 -38.29 -4.77
C LYS A 156 21.64 -38.17 -6.18
N LEU A 157 20.76 -37.99 -7.17
CA LEU A 157 21.24 -37.86 -8.54
C LEU A 157 22.11 -36.65 -8.68
N ALA A 158 21.67 -35.56 -8.08
CA ALA A 158 22.40 -34.31 -8.15
C ALA A 158 23.73 -34.45 -7.48
N VAL A 159 23.76 -35.10 -6.32
CA VAL A 159 25.00 -35.27 -5.61
C VAL A 159 25.99 -36.04 -6.43
N GLU A 160 25.53 -37.10 -7.08
CA GLU A 160 26.44 -37.85 -7.92
C GLU A 160 27.02 -37.00 -9.03
N ALA A 161 26.16 -36.34 -9.80
CA ALA A 161 26.64 -35.57 -10.92
C ALA A 161 27.57 -34.48 -10.47
N LEU A 162 27.16 -33.72 -9.47
CA LEU A 162 27.96 -32.62 -8.98
C LEU A 162 29.29 -33.06 -8.43
N SER A 163 29.36 -34.24 -7.85
CA SER A 163 30.63 -34.70 -7.32
C SER A 163 31.65 -35.00 -8.43
N SER A 164 31.19 -35.16 -9.68
CA SER A 164 32.09 -35.48 -10.76
C SER A 164 32.54 -34.29 -11.61
N LEU A 165 32.10 -33.08 -11.27
CA LEU A 165 32.50 -31.93 -12.09
C LEU A 165 33.97 -31.63 -11.89
N ASP A 166 34.68 -31.39 -12.98
CA ASP A 166 36.10 -31.10 -12.94
C ASP A 166 36.46 -29.61 -13.04
N GLY A 167 37.77 -29.32 -13.00
CA GLY A 167 38.30 -27.97 -13.16
C GLY A 167 37.69 -26.99 -12.18
N ASP A 168 37.27 -25.85 -12.69
CA ASP A 168 36.63 -24.84 -11.87
C ASP A 168 35.23 -25.23 -11.47
N LEU A 169 34.72 -26.28 -12.06
CA LEU A 169 33.41 -26.70 -11.71
C LEU A 169 33.50 -27.74 -10.56
N ALA A 170 34.70 -28.06 -10.11
CA ALA A 170 34.84 -28.96 -8.97
C ALA A 170 34.44 -28.21 -7.70
N GLY A 171 33.85 -28.93 -6.74
CA GLY A 171 33.39 -28.27 -5.52
C GLY A 171 32.98 -29.23 -4.41
N ARG A 172 32.12 -28.75 -3.52
CA ARG A 172 31.67 -29.53 -2.37
C ARG A 172 30.19 -29.41 -2.10
N TYR A 173 29.60 -30.54 -1.77
CA TYR A 173 28.18 -30.59 -1.45
C TYR A 173 27.94 -30.49 0.04
N TYR A 174 27.06 -29.57 0.40
CA TYR A 174 26.64 -29.37 1.76
C TYR A 174 25.21 -29.79 1.94
N ALA A 175 24.98 -30.96 2.52
CA ALA A 175 23.61 -31.34 2.79
C ALA A 175 23.05 -30.32 3.75
N LEU A 176 21.90 -29.76 3.44
CA LEU A 176 21.37 -28.71 4.28
C LEU A 176 20.95 -29.20 5.64
N LYS A 177 20.14 -30.24 5.66
CA LYS A 177 19.57 -30.79 6.88
C LYS A 177 20.53 -30.89 8.06
N SER A 178 21.73 -31.42 7.83
CA SER A 178 22.66 -31.63 8.93
C SER A 178 23.94 -30.79 8.88
N MET A 179 23.94 -29.69 8.15
CA MET A 179 25.17 -28.89 8.03
C MET A 179 25.58 -28.23 9.36
N THR A 180 26.88 -28.13 9.58
CA THR A 180 27.46 -27.56 10.80
C THR A 180 27.33 -26.05 10.87
N GLU A 181 27.04 -25.52 12.06
CA GLU A 181 26.87 -24.08 12.24
C GLU A 181 28.02 -23.23 11.69
N ALA A 182 29.24 -23.71 11.80
CA ALA A 182 30.38 -23.02 11.23
C ALA A 182 30.23 -22.93 9.72
N GLU A 183 29.75 -24.02 9.13
CA GLU A 183 29.53 -24.08 7.70
C GLU A 183 28.41 -23.13 7.34
N GLN A 184 27.41 -23.03 8.23
CA GLN A 184 26.30 -22.13 8.03
C GLN A 184 26.81 -20.72 8.00
N GLN A 185 27.77 -20.41 8.87
CA GLN A 185 28.34 -19.09 8.89
C GLN A 185 29.07 -18.78 7.60
N GLN A 186 29.80 -19.75 7.08
CA GLN A 186 30.54 -19.50 5.85
C GLN A 186 29.62 -19.30 4.67
N LEU A 187 28.58 -20.09 4.58
CA LEU A 187 27.73 -19.96 3.45
C LEU A 187 26.77 -18.80 3.59
N ILE A 188 26.43 -18.42 4.82
CA ILE A 188 25.56 -17.26 4.93
C ILE A 188 26.34 -16.01 4.60
N ASP A 189 27.64 -15.99 4.90
CA ASP A 189 28.45 -14.82 4.56
C ASP A 189 28.48 -14.61 3.07
N ASP A 190 28.56 -15.68 2.31
CA ASP A 190 28.60 -15.56 0.88
C ASP A 190 27.22 -15.62 0.24
N HIS A 191 26.17 -15.66 1.04
CA HIS A 191 24.79 -15.71 0.57
C HIS A 191 24.45 -17.01 -0.15
N PHE A 192 25.27 -18.04 0.04
CA PHE A 192 25.03 -19.32 -0.59
C PHE A 192 24.01 -20.09 0.22
N LEU A 193 23.95 -19.78 1.51
CA LEU A 193 23.02 -20.44 2.41
C LEU A 193 21.62 -19.90 2.30
N PHE A 194 20.71 -20.73 1.83
CA PHE A 194 19.32 -20.33 1.76
C PHE A 194 18.61 -20.80 3.00
N ASP A 195 17.31 -20.57 3.07
CA ASP A 195 16.56 -21.00 4.24
C ASP A 195 15.12 -21.30 3.84
N LYS A 196 14.33 -21.78 4.79
CA LYS A 196 12.96 -22.17 4.52
C LYS A 196 12.20 -20.96 4.01
N PRO A 197 11.50 -21.08 2.88
CA PRO A 197 10.69 -20.07 2.26
C PRO A 197 9.75 -19.43 3.25
N VAL A 198 9.67 -18.11 3.24
CA VAL A 198 8.78 -17.40 4.13
C VAL A 198 7.72 -16.65 3.38
N SER A 199 7.89 -16.50 2.07
CA SER A 199 6.89 -15.83 1.29
C SER A 199 5.63 -16.64 1.22
N PRO A 200 4.49 -16.04 1.52
CA PRO A 200 3.15 -16.61 1.44
C PRO A 200 2.84 -17.13 0.05
N LEU A 201 3.51 -16.61 -0.98
CA LEU A 201 3.24 -17.08 -2.32
C LEU A 201 4.04 -18.32 -2.66
N LEU A 202 4.94 -18.71 -1.78
CA LEU A 202 5.67 -19.94 -1.97
C LEU A 202 5.08 -20.98 -1.07
N LEU A 203 4.75 -20.57 0.16
CA LEU A 203 4.19 -21.48 1.12
C LEU A 203 2.87 -22.02 0.65
N ALA A 204 2.08 -21.20 -0.03
CA ALA A 204 0.80 -21.64 -0.57
C ALA A 204 0.93 -22.79 -1.59
N SER A 205 2.08 -22.96 -2.20
CA SER A 205 2.27 -24.01 -3.18
C SER A 205 2.64 -25.34 -2.57
N GLY A 206 3.13 -25.33 -1.34
CA GLY A 206 3.58 -26.56 -0.72
C GLY A 206 5.07 -26.81 -0.93
N MET A 207 5.79 -25.88 -1.55
CA MET A 207 7.24 -26.07 -1.77
C MET A 207 8.06 -26.31 -0.50
N ALA A 208 7.57 -25.87 0.65
CA ALA A 208 8.29 -26.04 1.90
C ALA A 208 8.00 -27.37 2.62
N ARG A 209 7.20 -28.25 2.01
CA ARG A 209 6.88 -29.51 2.66
C ARG A 209 8.09 -30.33 3.03
N ASP A 210 8.13 -30.74 4.29
CA ASP A 210 9.16 -31.57 4.88
C ASP A 210 10.55 -30.95 4.87
N TRP A 211 10.62 -29.63 4.79
CA TRP A 211 11.89 -28.93 4.80
C TRP A 211 12.58 -29.20 6.13
N PRO A 212 13.88 -29.43 6.16
CA PRO A 212 14.94 -29.43 5.15
C PRO A 212 15.27 -30.79 4.55
N ASP A 213 14.33 -31.71 4.55
CA ASP A 213 14.62 -33.03 4.03
C ASP A 213 14.99 -32.97 2.56
N ALA A 214 16.19 -33.42 2.27
CA ALA A 214 16.76 -33.51 0.93
C ALA A 214 16.93 -32.16 0.27
N ARG A 215 17.20 -31.14 1.06
CA ARG A 215 17.54 -29.84 0.51
C ARG A 215 19.07 -29.72 0.58
N GLY A 216 19.69 -29.04 -0.39
CA GLY A 216 21.15 -29.00 -0.37
C GLY A 216 21.83 -27.87 -1.17
N ILE A 217 23.07 -27.59 -0.79
CA ILE A 217 23.88 -26.54 -1.39
C ILE A 217 25.18 -27.04 -1.91
N TRP A 218 25.47 -26.76 -3.16
CA TRP A 218 26.73 -27.17 -3.73
C TRP A 218 27.43 -26.00 -4.40
N HIS A 219 28.70 -25.83 -4.14
CA HIS A 219 29.36 -24.75 -4.84
C HIS A 219 30.79 -25.10 -5.13
N ASN A 220 31.39 -24.42 -6.09
CA ASN A 220 32.76 -24.70 -6.44
C ASN A 220 33.69 -24.05 -5.47
N ASP A 221 34.95 -24.45 -5.50
CA ASP A 221 35.88 -23.88 -4.53
C ASP A 221 36.39 -22.50 -4.90
N ASN A 222 35.93 -21.94 -6.01
CA ASN A 222 36.25 -20.57 -6.35
C ASN A 222 35.09 -19.65 -6.07
N LYS A 223 34.02 -20.19 -5.50
CA LYS A 223 32.84 -19.42 -5.17
C LYS A 223 32.28 -18.62 -6.35
N THR A 224 32.28 -19.24 -7.52
CA THR A 224 31.73 -18.60 -8.71
C THR A 224 30.60 -19.41 -9.28
N PHE A 225 30.48 -20.66 -8.84
CA PHE A 225 29.46 -21.53 -9.37
C PHE A 225 28.69 -22.14 -8.21
N LEU A 226 27.41 -21.80 -8.14
CA LEU A 226 26.55 -22.19 -7.04
C LEU A 226 25.31 -22.97 -7.48
N VAL A 227 25.09 -24.12 -6.88
CA VAL A 227 23.94 -24.94 -7.21
C VAL A 227 23.05 -25.23 -6.02
N TRP A 228 21.75 -25.00 -6.17
CA TRP A 228 20.83 -25.32 -5.08
C TRP A 228 19.97 -26.51 -5.46
N VAL A 229 19.77 -27.40 -4.48
CA VAL A 229 19.06 -28.64 -4.69
C VAL A 229 17.70 -28.69 -4.00
N ASN A 230 16.66 -28.85 -4.80
CA ASN A 230 15.29 -28.99 -4.32
C ASN A 230 14.82 -27.82 -3.49
N GLU A 231 14.81 -26.64 -4.07
CA GLU A 231 14.37 -25.47 -3.32
C GLU A 231 13.13 -24.88 -4.00
N GLU A 232 13.28 -23.75 -4.66
CA GLU A 232 12.16 -23.13 -5.36
C GLU A 232 11.79 -23.94 -6.59
N ASP A 233 12.73 -24.75 -7.05
CA ASP A 233 12.51 -25.62 -8.19
C ASP A 233 13.57 -26.73 -8.05
N HIS A 234 13.65 -27.65 -9.01
CA HIS A 234 14.58 -28.78 -8.83
C HIS A 234 16.04 -28.38 -8.71
N LEU A 235 16.66 -27.99 -9.79
CA LEU A 235 18.04 -27.56 -9.67
C LEU A 235 18.21 -26.13 -10.06
N ARG A 236 18.86 -25.36 -9.20
CA ARG A 236 19.10 -23.97 -9.49
C ARG A 236 20.55 -23.78 -9.76
N VAL A 237 20.86 -23.05 -10.80
CA VAL A 237 22.22 -22.82 -11.17
C VAL A 237 22.54 -21.36 -11.24
N ILE A 238 23.55 -20.95 -10.47
CA ILE A 238 23.94 -19.56 -10.42
C ILE A 238 25.43 -19.38 -10.67
N SER A 239 25.77 -18.52 -11.62
CA SER A 239 27.16 -18.23 -11.89
C SER A 239 27.42 -16.79 -11.57
N MET A 240 28.54 -16.49 -10.93
CA MET A 240 28.78 -15.09 -10.62
C MET A 240 30.24 -14.75 -10.48
N GLN A 241 30.54 -13.47 -10.67
CA GLN A 241 31.88 -12.96 -10.51
C GLN A 241 31.89 -11.45 -10.50
N LYS A 242 32.60 -10.86 -9.54
CA LYS A 242 32.70 -9.41 -9.52
C LYS A 242 33.52 -8.97 -10.70
N GLY A 243 33.13 -7.86 -11.29
CA GLY A 243 33.80 -7.40 -12.49
C GLY A 243 32.79 -7.37 -13.61
N GLY A 244 33.18 -6.79 -14.73
CA GLY A 244 32.28 -6.65 -15.86
C GLY A 244 32.46 -7.70 -16.94
N ASN A 245 33.12 -8.80 -16.65
CA ASN A 245 33.37 -9.78 -17.70
C ASN A 245 32.20 -10.71 -17.95
N MET A 246 31.18 -10.17 -18.59
CA MET A 246 29.97 -10.91 -18.92
C MET A 246 30.24 -12.09 -19.80
N LYS A 247 31.11 -11.93 -20.77
CA LYS A 247 31.43 -12.99 -21.69
C LYS A 247 31.93 -14.23 -20.99
N GLU A 248 32.88 -14.07 -20.07
CA GLU A 248 33.41 -15.22 -19.39
C GLU A 248 32.40 -15.84 -18.45
N VAL A 249 31.65 -15.04 -17.74
CA VAL A 249 30.68 -15.62 -16.84
C VAL A 249 29.68 -16.42 -17.61
N PHE A 250 29.21 -15.89 -18.72
CA PHE A 250 28.27 -16.61 -19.51
C PHE A 250 28.81 -17.94 -19.99
N THR A 251 30.04 -17.97 -20.49
CA THR A 251 30.52 -19.26 -20.96
C THR A 251 30.78 -20.22 -19.81
N ARG A 252 31.13 -19.71 -18.62
CA ARG A 252 31.31 -20.61 -17.47
C ARG A 252 30.02 -21.31 -17.21
N PHE A 253 28.97 -20.53 -17.14
CA PHE A 253 27.62 -20.99 -16.94
C PHE A 253 27.24 -22.03 -17.94
N CYS A 254 27.49 -21.76 -19.22
CA CYS A 254 27.18 -22.72 -20.26
C CYS A 254 27.87 -24.05 -20.06
N THR A 255 29.17 -24.05 -19.72
CA THR A 255 29.84 -25.32 -19.53
C THR A 255 29.31 -26.04 -18.30
N GLY A 256 28.85 -25.26 -17.33
CA GLY A 256 28.20 -25.81 -16.15
C GLY A 256 27.07 -26.71 -16.58
N LEU A 257 26.08 -26.14 -17.26
CA LEU A 257 24.96 -26.94 -17.68
C LEU A 257 25.32 -27.98 -18.72
N THR A 258 26.32 -27.72 -19.54
CA THR A 258 26.71 -28.71 -20.52
C THR A 258 27.19 -29.98 -19.87
N GLN A 259 28.08 -29.86 -18.87
CA GLN A 259 28.55 -31.06 -18.20
C GLN A 259 27.46 -31.70 -17.36
N ILE A 260 26.66 -30.91 -16.67
CA ILE A 260 25.59 -31.50 -15.89
C ILE A 260 24.62 -32.24 -16.73
N GLU A 261 24.26 -31.70 -17.89
CA GLU A 261 23.35 -32.44 -18.73
C GLU A 261 23.99 -33.74 -19.14
N THR A 262 25.24 -33.71 -19.56
CA THR A 262 25.93 -34.93 -19.96
C THR A 262 25.86 -35.98 -18.88
N LEU A 263 26.18 -35.58 -17.66
CA LEU A 263 26.19 -36.50 -16.54
C LEU A 263 24.82 -37.09 -16.28
N PHE A 264 23.78 -36.29 -16.39
CA PHE A 264 22.46 -36.85 -16.23
C PHE A 264 22.12 -37.78 -17.38
N LYS A 265 22.53 -37.44 -18.59
CA LYS A 265 22.24 -38.29 -19.73
C LYS A 265 22.91 -39.65 -19.61
N SER A 266 24.06 -39.70 -18.92
CA SER A 266 24.73 -40.99 -18.71
C SER A 266 23.90 -41.92 -17.82
N LYS A 267 22.98 -41.36 -17.06
CA LYS A 267 22.10 -42.13 -16.20
C LYS A 267 20.69 -42.14 -16.73
N ASP A 268 20.51 -41.81 -18.00
CA ASP A 268 19.21 -41.74 -18.63
C ASP A 268 18.29 -40.70 -18.01
N TYR A 269 18.83 -39.54 -17.72
CA TYR A 269 18.01 -38.42 -17.26
C TYR A 269 18.29 -37.20 -18.10
N GLU A 270 17.28 -36.38 -18.27
CA GLU A 270 17.46 -35.18 -19.02
C GLU A 270 16.58 -34.13 -18.41
N PHE A 271 16.49 -32.99 -19.04
CA PHE A 271 15.68 -31.95 -18.48
C PHE A 271 14.36 -31.87 -19.22
N MET A 272 13.33 -31.46 -18.52
CA MET A 272 12.04 -31.37 -19.14
C MET A 272 12.08 -30.30 -20.20
N TRP A 273 11.63 -30.63 -21.39
CA TRP A 273 11.71 -29.70 -22.48
C TRP A 273 10.78 -30.03 -23.62
N ASN A 274 10.12 -29.01 -24.17
CA ASN A 274 9.31 -29.23 -25.33
C ASN A 274 9.40 -27.96 -26.16
N PRO A 275 9.25 -28.04 -27.48
CA PRO A 275 9.43 -26.96 -28.45
C PRO A 275 8.40 -25.84 -28.35
N HIS A 276 7.40 -25.97 -27.49
CA HIS A 276 6.43 -24.91 -27.39
C HIS A 276 6.52 -24.16 -26.11
N LEU A 277 7.24 -24.70 -25.14
CA LEU A 277 7.44 -23.99 -23.90
C LEU A 277 8.88 -24.00 -23.47
N GLY A 278 9.76 -24.55 -24.31
CA GLY A 278 11.16 -24.62 -23.97
C GLY A 278 11.36 -25.45 -22.72
N TYR A 279 12.15 -24.95 -21.79
CA TYR A 279 12.36 -25.69 -20.57
C TYR A 279 11.16 -25.56 -19.70
N ILE A 280 10.83 -26.65 -19.04
CA ILE A 280 9.63 -26.70 -18.24
C ILE A 280 9.90 -26.66 -16.76
N LEU A 281 9.47 -25.59 -16.14
CA LEU A 281 9.61 -25.38 -14.72
C LEU A 281 8.27 -25.22 -14.03
N THR A 282 8.30 -25.01 -12.72
CA THR A 282 7.11 -24.81 -11.87
C THR A 282 6.21 -23.66 -12.32
N CYS A 283 6.45 -22.46 -11.81
CA CYS A 283 5.59 -21.36 -12.19
C CYS A 283 5.84 -21.06 -13.64
N PRO A 284 4.81 -20.74 -14.41
CA PRO A 284 4.83 -20.51 -15.85
C PRO A 284 5.69 -19.33 -16.25
N SER A 285 5.95 -18.42 -15.33
CA SER A 285 6.76 -17.26 -15.67
C SER A 285 8.20 -17.64 -16.01
N ASN A 286 8.65 -18.81 -15.56
CA ASN A 286 10.01 -19.24 -15.82
C ASN A 286 10.14 -20.22 -16.99
N LEU A 287 9.11 -20.34 -17.80
CA LEU A 287 9.19 -21.22 -18.98
C LEU A 287 10.12 -20.70 -20.03
N GLY A 288 10.42 -21.54 -21.00
CA GLY A 288 11.31 -21.17 -22.11
C GLY A 288 12.75 -21.33 -21.73
N THR A 289 13.45 -20.24 -21.47
CA THR A 289 14.83 -20.40 -21.10
C THR A 289 14.95 -20.49 -19.63
N GLY A 290 14.11 -19.73 -18.95
CA GLY A 290 14.17 -19.66 -17.51
C GLY A 290 15.50 -19.01 -17.12
N LEU A 291 16.08 -18.24 -18.05
CA LEU A 291 17.40 -17.67 -17.88
C LEU A 291 17.36 -16.21 -17.58
N ARG A 292 17.92 -15.86 -16.45
CA ARG A 292 17.96 -14.48 -16.06
C ARG A 292 19.40 -14.12 -15.84
N ALA A 293 19.74 -12.90 -16.17
CA ALA A 293 21.11 -12.47 -16.01
C ALA A 293 21.16 -11.00 -15.85
N GLY A 294 22.14 -10.52 -15.13
CA GLY A 294 22.18 -9.11 -14.86
C GLY A 294 23.41 -8.70 -14.12
N VAL A 295 23.48 -7.41 -13.85
CA VAL A 295 24.63 -6.84 -13.22
C VAL A 295 24.30 -5.82 -12.16
N HIS A 296 25.25 -5.62 -11.26
CA HIS A 296 25.14 -4.59 -10.26
C HIS A 296 25.86 -3.37 -10.79
N ILE A 297 25.13 -2.27 -10.99
CA ILE A 297 25.73 -1.09 -11.60
C ILE A 297 25.63 0.16 -10.74
N LYS A 298 26.74 0.86 -10.61
CA LYS A 298 26.75 2.09 -9.86
C LYS A 298 26.13 3.21 -10.68
N LEU A 299 24.83 3.42 -10.52
CA LEU A 299 24.12 4.47 -11.25
C LEU A 299 23.55 5.59 -10.37
N PRO A 300 24.37 6.30 -9.59
CA PRO A 300 23.97 7.35 -8.67
C PRO A 300 23.30 8.52 -9.36
N ASN A 301 23.60 8.75 -10.63
CA ASN A 301 23.01 9.86 -11.33
C ASN A 301 21.82 9.42 -12.10
N LEU A 302 22.02 8.38 -12.90
CA LEU A 302 20.97 7.87 -13.74
C LEU A 302 19.77 7.41 -12.94
N GLY A 303 20.02 6.88 -11.74
CA GLY A 303 18.95 6.44 -10.84
C GLY A 303 18.05 7.59 -10.34
N LYS A 304 18.49 8.83 -10.52
CA LYS A 304 17.71 9.99 -10.14
C LYS A 304 17.08 10.63 -11.38
N HIS A 305 17.63 10.31 -12.55
CA HIS A 305 17.11 10.87 -13.77
C HIS A 305 15.68 10.44 -14.03
N GLU A 306 14.91 11.37 -14.54
CA GLU A 306 13.47 11.23 -14.71
C GLU A 306 13.05 10.18 -15.72
N LYS A 307 13.89 9.90 -16.70
CA LYS A 307 13.56 8.92 -17.73
C LYS A 307 14.19 7.57 -17.50
N PHE A 308 14.81 7.36 -16.34
CA PHE A 308 15.47 6.10 -16.03
C PHE A 308 14.54 4.94 -16.24
N SER A 309 13.34 5.05 -15.70
CA SER A 309 12.33 4.03 -15.86
C SER A 309 11.99 3.78 -17.32
N GLU A 310 11.85 4.86 -18.10
CA GLU A 310 11.49 4.75 -19.49
C GLU A 310 12.56 4.08 -20.33
N VAL A 311 13.81 4.39 -20.05
CA VAL A 311 14.89 3.77 -20.80
C VAL A 311 14.93 2.29 -20.55
N LEU A 312 14.83 1.88 -19.28
CA LEU A 312 14.87 0.47 -18.96
C LEU A 312 13.67 -0.24 -19.52
N LYS A 313 12.54 0.45 -19.56
CA LYS A 313 11.35 -0.11 -20.19
C LYS A 313 11.64 -0.47 -21.62
N ARG A 314 12.20 0.47 -22.35
CA ARG A 314 12.48 0.26 -23.75
C ARG A 314 13.52 -0.81 -23.97
N LEU A 315 14.51 -0.88 -23.09
CA LEU A 315 15.55 -1.88 -23.23
C LEU A 315 15.12 -3.26 -22.77
N ARG A 316 13.90 -3.39 -22.24
CA ARG A 316 13.40 -4.65 -21.76
C ARG A 316 14.29 -5.18 -20.66
N LEU A 317 14.62 -4.32 -19.71
CA LEU A 317 15.41 -4.70 -18.57
C LEU A 317 14.65 -4.46 -17.28
N GLN A 318 14.95 -5.25 -16.28
CA GLN A 318 14.33 -5.11 -14.98
C GLN A 318 15.17 -4.29 -14.05
N LYS A 319 14.48 -3.45 -13.30
CA LYS A 319 15.06 -2.57 -12.31
C LYS A 319 14.83 -3.06 -10.92
N ARG A 320 15.88 -3.37 -10.19
CA ARG A 320 15.71 -3.83 -8.84
C ARG A 320 16.82 -3.31 -7.96
N GLY A 321 16.51 -3.01 -6.72
CA GLY A 321 17.51 -2.48 -5.80
C GLY A 321 18.37 -3.60 -5.23
N THR A 322 18.79 -3.43 -4.00
CA THR A 322 19.59 -4.43 -3.32
C THR A 322 19.20 -4.56 -1.89
N GLY A 323 19.27 -5.79 -1.39
CA GLY A 323 18.92 -6.10 -0.02
C GLY A 323 19.89 -5.49 0.98
N VAL A 333 22.06 2.12 -6.36
CA VAL A 333 22.92 1.22 -7.06
C VAL A 333 21.96 0.18 -7.52
N PHE A 334 22.07 -0.29 -8.74
CA PHE A 334 20.99 -1.13 -9.21
C PHE A 334 21.35 -2.45 -9.78
N ASP A 335 20.42 -3.36 -9.63
CA ASP A 335 20.48 -4.66 -10.20
C ASP A 335 19.68 -4.60 -11.48
N VAL A 336 20.39 -4.62 -12.60
CA VAL A 336 19.73 -4.55 -13.88
C VAL A 336 19.72 -5.92 -14.49
N SER A 337 18.57 -6.40 -14.94
CA SER A 337 18.56 -7.76 -15.47
C SER A 337 17.57 -8.05 -16.59
N ASN A 338 17.76 -9.18 -17.22
CA ASN A 338 16.92 -9.66 -18.31
C ASN A 338 15.44 -9.74 -17.98
N ALA A 339 14.61 -9.02 -18.73
CA ALA A 339 13.16 -9.07 -18.49
C ALA A 339 12.42 -10.17 -19.25
N ASP A 340 13.05 -10.86 -20.19
CA ASP A 340 12.33 -11.89 -20.96
C ASP A 340 12.78 -13.31 -20.67
N ARG A 341 11.85 -14.26 -20.75
CA ARG A 341 12.23 -15.63 -20.49
C ARG A 341 11.82 -16.57 -21.61
N LEU A 342 10.81 -16.20 -22.37
CA LEU A 342 10.25 -17.06 -23.39
C LEU A 342 10.12 -16.37 -24.74
N GLY A 343 10.58 -17.04 -25.80
CA GLY A 343 10.48 -16.49 -27.15
C GLY A 343 11.82 -15.95 -27.68
N PHE A 344 12.85 -16.01 -26.85
CA PHE A 344 14.15 -15.51 -27.25
C PHE A 344 15.22 -16.53 -26.97
N SER A 345 16.30 -16.49 -27.74
CA SER A 345 17.36 -17.47 -27.51
C SER A 345 18.11 -17.13 -26.25
N GLU A 346 18.70 -18.13 -25.63
CA GLU A 346 19.41 -17.95 -24.38
C GLU A 346 20.56 -16.98 -24.53
N VAL A 347 21.38 -17.15 -25.56
CA VAL A 347 22.42 -16.17 -25.80
C VAL A 347 21.85 -14.81 -26.12
N GLU A 348 20.83 -14.79 -26.97
CA GLU A 348 20.19 -13.56 -27.40
C GLU A 348 19.77 -12.70 -26.22
N LEU A 349 19.18 -13.32 -25.22
CA LEU A 349 18.78 -12.59 -24.03
C LEU A 349 19.96 -12.01 -23.30
N VAL A 350 21.05 -12.74 -23.24
CA VAL A 350 22.23 -12.19 -22.62
C VAL A 350 22.76 -11.05 -23.45
N GLN A 351 22.67 -11.19 -24.77
CA GLN A 351 23.11 -10.13 -25.66
C GLN A 351 22.34 -8.86 -25.37
N MET A 352 21.05 -8.99 -25.07
CA MET A 352 20.21 -7.85 -24.72
C MET A 352 20.72 -7.17 -23.49
N VAL A 353 21.11 -7.92 -22.49
CA VAL A 353 21.65 -7.32 -21.30
C VAL A 353 22.93 -6.59 -21.56
N VAL A 354 23.83 -7.19 -22.33
CA VAL A 354 25.10 -6.52 -22.62
C VAL A 354 24.87 -5.21 -23.33
N ASP A 355 24.01 -5.23 -24.33
CA ASP A 355 23.69 -4.05 -25.11
C ASP A 355 23.13 -2.94 -24.25
N GLY A 356 22.11 -3.26 -23.47
CA GLY A 356 21.46 -2.30 -22.63
C GLY A 356 22.40 -1.69 -21.61
N VAL A 357 23.21 -2.52 -20.97
CA VAL A 357 24.15 -2.02 -19.99
C VAL A 357 25.13 -1.06 -20.58
N LYS A 358 25.68 -1.37 -21.74
CA LYS A 358 26.60 -0.43 -22.34
C LYS A 358 25.92 0.91 -22.60
N LEU A 359 24.67 0.87 -23.06
CA LEU A 359 23.93 2.09 -23.23
C LEU A 359 23.74 2.84 -21.93
N LEU A 360 23.42 2.11 -20.85
CA LEU A 360 23.22 2.73 -19.54
C LEU A 360 24.51 3.38 -19.06
N ILE A 361 25.64 2.78 -19.37
CA ILE A 361 26.90 3.39 -19.03
C ILE A 361 27.00 4.71 -19.77
N GLU A 362 26.65 4.70 -21.05
CA GLU A 362 26.68 5.92 -21.85
C GLU A 362 25.70 6.96 -21.33
N MET A 363 24.56 6.52 -20.79
CA MET A 363 23.61 7.44 -20.20
C MET A 363 24.28 8.27 -19.14
N GLU A 364 25.06 7.63 -18.27
CA GLU A 364 25.76 8.45 -17.31
C GLU A 364 26.95 9.15 -17.88
N GLN A 365 27.56 8.63 -18.95
CA GLN A 365 28.68 9.37 -19.52
C GLN A 365 28.26 10.77 -19.93
N ARG A 366 27.03 10.90 -20.39
CA ARG A 366 26.54 12.22 -20.75
C ARG A 366 25.90 12.92 -19.56
N LEU A 367 25.10 12.19 -18.79
CA LEU A 367 24.40 12.78 -17.65
C LEU A 367 25.34 13.32 -16.59
N GLU A 368 26.43 12.60 -16.30
CA GLU A 368 27.40 13.04 -15.31
C GLU A 368 28.03 14.39 -15.66
N GLN A 369 28.00 14.76 -16.94
CA GLN A 369 28.56 16.02 -17.39
C GLN A 369 27.49 17.07 -17.61
N GLY A 370 26.25 16.76 -17.23
CA GLY A 370 25.15 17.69 -17.38
C GLY A 370 24.67 17.78 -18.82
N GLN A 371 24.91 16.73 -19.59
CA GLN A 371 24.54 16.78 -20.99
C GLN A 371 23.20 16.12 -21.21
N ALA A 372 22.55 16.48 -22.30
CA ALA A 372 21.25 15.90 -22.62
C ALA A 372 21.43 14.43 -23.01
N ILE A 373 20.45 13.62 -22.66
CA ILE A 373 20.51 12.20 -22.95
C ILE A 373 19.45 11.78 -23.95
N ASP A 374 18.83 12.76 -24.61
CA ASP A 374 17.74 12.51 -25.54
C ASP A 374 18.18 11.79 -26.79
N ASP A 375 19.48 11.85 -27.10
CA ASP A 375 20.03 11.16 -28.25
C ASP A 375 20.43 9.72 -27.91
N LEU A 376 20.20 9.28 -26.68
CA LEU A 376 20.51 7.93 -26.30
C LEU A 376 19.27 7.09 -26.18
N MET A 377 18.19 7.69 -25.69
CA MET A 377 16.93 6.99 -25.50
C MET A 377 16.48 6.30 -26.79
N PRO A 378 16.77 5.01 -26.94
CA PRO A 378 16.71 4.19 -28.14
C PRO A 378 15.27 3.87 -28.45
N ALA A 379 14.95 3.66 -29.72
CA ALA A 379 13.58 3.29 -30.09
C ALA A 379 13.41 1.78 -30.00
N GLN A 380 13.58 1.24 -28.80
CA GLN A 380 13.50 -0.19 -28.59
C GLN A 380 12.20 -0.58 -27.92
N LYS A 381 11.59 -1.63 -28.44
CA LYS A 381 10.36 -2.13 -27.88
C LYS A 381 10.48 -3.62 -27.60
N SER B 6 -3.86 -40.85 -8.99
CA SER B 6 -3.59 -41.42 -7.69
C SER B 6 -2.11 -41.36 -7.33
N HIS B 7 -1.69 -40.23 -6.77
CA HIS B 7 -0.29 -40.06 -6.39
C HIS B 7 0.12 -41.04 -5.29
N ASN B 8 -0.85 -41.63 -4.61
CA ASN B 8 -0.57 -42.66 -3.63
C ASN B 8 0.06 -43.85 -4.32
N ALA B 9 -0.41 -44.15 -5.52
CA ALA B 9 0.13 -45.26 -6.26
C ALA B 9 1.58 -44.99 -6.57
N LEU B 10 1.87 -43.73 -6.88
CA LEU B 10 3.26 -43.36 -7.13
C LEU B 10 4.10 -43.55 -5.88
N LYS B 11 3.55 -43.21 -4.73
CA LYS B 11 4.28 -43.38 -3.48
C LYS B 11 4.58 -44.84 -3.21
N LEU B 12 3.64 -45.71 -3.58
CA LEU B 12 3.78 -47.13 -3.39
C LEU B 12 4.82 -47.78 -4.30
N ARG B 13 5.36 -47.02 -5.25
CA ARG B 13 6.39 -47.55 -6.11
C ARG B 13 7.76 -47.41 -5.46
N PHE B 14 7.81 -46.75 -4.32
CA PHE B 14 9.04 -46.62 -3.58
C PHE B 14 8.97 -47.54 -2.38
N PRO B 15 10.10 -48.00 -1.88
CA PRO B 15 10.26 -48.74 -0.66
C PRO B 15 9.76 -47.90 0.49
N ALA B 16 9.15 -48.54 1.48
CA ALA B 16 8.65 -47.81 2.63
C ALA B 16 9.78 -47.06 3.29
N GLU B 17 10.98 -47.66 3.29
CA GLU B 17 12.17 -47.03 3.80
C GLU B 17 12.45 -45.68 3.18
N ASP B 18 12.21 -45.54 1.89
CA ASP B 18 12.45 -44.29 1.20
C ASP B 18 11.41 -43.26 1.57
N GLU B 19 10.19 -43.69 1.75
CA GLU B 19 9.12 -42.77 2.10
C GLU B 19 9.14 -42.33 3.57
N PHE B 20 9.64 -43.19 4.45
CA PHE B 20 9.69 -42.88 5.87
C PHE B 20 10.51 -41.60 6.16
N PRO B 21 9.91 -40.58 6.77
CA PRO B 21 10.47 -39.28 7.09
C PRO B 21 11.49 -39.39 8.21
N ASP B 22 12.48 -38.51 8.17
CA ASP B 22 13.52 -38.51 9.19
C ASP B 22 13.07 -37.80 10.43
N LEU B 23 12.50 -38.57 11.33
CA LEU B 23 11.97 -38.02 12.55
C LEU B 23 12.95 -37.98 13.70
N SER B 24 14.24 -38.25 13.44
CA SER B 24 15.21 -38.28 14.53
C SER B 24 15.43 -36.92 15.18
N ALA B 25 15.14 -35.85 14.47
CA ALA B 25 15.31 -34.51 15.02
C ALA B 25 14.03 -33.97 15.63
N HIS B 26 12.97 -34.75 15.62
CA HIS B 26 11.70 -34.25 16.10
C HIS B 26 11.42 -34.58 17.54
N ASN B 27 10.58 -33.75 18.15
CA ASN B 27 10.19 -33.94 19.53
C ASN B 27 8.72 -33.69 19.72
N ASN B 28 7.92 -34.68 19.36
CA ASN B 28 6.48 -34.59 19.56
C ASN B 28 5.90 -35.99 19.66
N HIS B 29 4.62 -36.09 20.00
CA HIS B 29 4.04 -37.40 20.23
C HIS B 29 4.05 -38.23 18.98
N MET B 30 3.79 -37.62 17.84
CA MET B 30 3.80 -38.35 16.59
C MET B 30 5.14 -39.00 16.38
N ALA B 31 6.19 -38.22 16.52
CA ALA B 31 7.54 -38.69 16.33
C ALA B 31 7.92 -39.83 17.25
N LYS B 32 7.36 -39.84 18.45
CA LYS B 32 7.72 -40.89 19.39
C LYS B 32 6.86 -42.15 19.24
N VAL B 33 5.92 -42.15 18.32
CA VAL B 33 5.08 -43.31 18.08
C VAL B 33 5.31 -43.96 16.74
N LEU B 34 5.37 -43.14 15.69
CA LEU B 34 5.50 -43.68 14.35
C LEU B 34 6.82 -44.34 14.07
N THR B 35 6.87 -45.64 14.24
CA THR B 35 8.03 -46.42 13.90
C THR B 35 7.98 -46.69 12.43
N PRO B 36 9.09 -47.05 11.79
CA PRO B 36 9.21 -47.34 10.38
C PRO B 36 8.44 -48.59 10.07
N GLU B 37 8.29 -49.45 11.06
CA GLU B 37 7.52 -50.65 10.90
C GLU B 37 6.07 -50.28 10.77
N LEU B 38 5.61 -49.40 11.67
CA LEU B 38 4.23 -48.94 11.63
C LEU B 38 3.96 -48.20 10.36
N TYR B 39 4.92 -47.38 9.96
CA TYR B 39 4.82 -46.59 8.76
C TYR B 39 4.57 -47.49 7.59
N ALA B 40 5.39 -48.53 7.48
CA ALA B 40 5.24 -49.48 6.40
C ALA B 40 3.88 -50.15 6.42
N GLU B 41 3.39 -50.44 7.61
CA GLU B 41 2.10 -51.08 7.74
C GLU B 41 0.94 -50.19 7.34
N LEU B 42 1.01 -48.93 7.73
CA LEU B 42 -0.09 -48.03 7.44
C LEU B 42 0.05 -47.21 6.18
N ARG B 43 1.24 -47.19 5.58
CA ARG B 43 1.48 -46.35 4.42
C ARG B 43 0.46 -46.54 3.32
N ALA B 44 0.06 -47.77 3.07
CA ALA B 44 -0.89 -48.05 2.02
C ALA B 44 -2.34 -47.92 2.46
N LYS B 45 -2.57 -47.55 3.71
CA LYS B 45 -3.93 -47.44 4.21
C LYS B 45 -4.49 -46.06 3.97
N SER B 46 -5.80 -45.99 3.85
CA SER B 46 -6.45 -44.71 3.63
C SER B 46 -7.86 -44.74 4.15
N THR B 47 -8.41 -43.57 4.39
CA THR B 47 -9.77 -43.47 4.88
C THR B 47 -10.71 -43.50 3.72
N PRO B 48 -12.00 -43.57 3.98
CA PRO B 48 -13.09 -43.44 3.03
C PRO B 48 -13.03 -42.10 2.32
N SER B 49 -12.38 -41.12 2.95
CA SER B 49 -12.22 -39.77 2.43
C SER B 49 -10.86 -39.59 1.76
N GLY B 50 -10.07 -40.65 1.67
CA GLY B 50 -8.80 -40.57 0.97
C GLY B 50 -7.72 -39.88 1.78
N PHE B 51 -7.90 -39.80 3.08
CA PHE B 51 -6.91 -39.18 3.92
C PHE B 51 -5.83 -40.21 4.17
N THR B 52 -4.56 -39.87 3.97
CA THR B 52 -3.53 -40.88 4.10
C THR B 52 -2.60 -40.67 5.27
N LEU B 53 -1.76 -41.67 5.51
CA LEU B 53 -0.78 -41.65 6.58
C LEU B 53 0.13 -40.44 6.49
N ASP B 54 0.54 -40.07 5.29
CA ASP B 54 1.40 -38.92 5.14
C ASP B 54 0.70 -37.62 5.43
N ASP B 55 -0.63 -37.62 5.49
CA ASP B 55 -1.34 -36.41 5.75
C ASP B 55 -1.56 -36.30 7.25
N VAL B 56 -1.85 -37.41 7.90
CA VAL B 56 -2.07 -37.38 9.33
C VAL B 56 -0.82 -37.00 10.12
N ILE B 57 0.36 -37.29 9.58
CA ILE B 57 1.56 -36.92 10.32
C ILE B 57 2.23 -35.67 9.77
N GLN B 58 1.60 -34.99 8.82
CA GLN B 58 2.28 -33.90 8.16
C GLN B 58 2.74 -32.77 9.06
N THR B 59 1.90 -32.38 10.02
CA THR B 59 2.25 -31.30 10.92
C THR B 59 3.39 -31.67 11.82
N GLY B 60 3.34 -32.88 12.35
CA GLY B 60 4.39 -33.38 13.22
C GLY B 60 5.73 -33.42 12.50
N VAL B 61 5.72 -33.64 11.19
CA VAL B 61 6.94 -33.63 10.43
C VAL B 61 7.44 -32.21 10.21
N ASP B 62 6.55 -31.33 9.78
CA ASP B 62 6.89 -29.94 9.52
C ASP B 62 7.44 -29.19 10.71
N ASN B 63 6.77 -29.27 11.83
CA ASN B 63 7.22 -28.55 13.00
C ASN B 63 8.01 -29.47 13.92
N PRO B 64 9.34 -29.31 13.98
CA PRO B 64 10.28 -30.13 14.74
C PRO B 64 9.96 -30.24 16.21
N GLY B 65 9.20 -29.29 16.74
CA GLY B 65 8.78 -29.32 18.14
C GLY B 65 9.73 -28.56 19.05
N HIS B 66 9.15 -27.97 20.09
CA HIS B 66 9.91 -27.25 21.08
C HIS B 66 10.74 -28.22 21.91
N PRO B 67 12.02 -27.94 22.16
CA PRO B 67 12.96 -28.76 22.93
C PRO B 67 12.44 -29.23 24.27
N TYR B 68 11.59 -28.42 24.93
CA TYR B 68 11.09 -28.81 26.24
C TYR B 68 9.58 -28.89 26.31
N ILE B 69 8.89 -28.64 25.21
CA ILE B 69 7.43 -28.70 25.24
C ILE B 69 6.92 -29.65 24.18
N MET B 70 6.36 -30.75 24.61
CA MET B 70 5.88 -31.73 23.66
C MET B 70 4.46 -31.48 23.21
N THR B 71 4.27 -31.50 21.90
CA THR B 71 2.98 -31.36 21.27
C THR B 71 2.63 -32.67 20.61
N VAL B 72 1.61 -32.67 19.77
CA VAL B 72 1.22 -33.93 19.17
C VAL B 72 1.70 -34.02 17.74
N GLY B 73 1.26 -33.10 16.91
CA GLY B 73 1.66 -33.05 15.52
C GLY B 73 0.79 -33.91 14.61
N CYS B 74 -0.33 -34.38 15.09
CA CYS B 74 -1.18 -35.18 14.24
C CYS B 74 -2.47 -34.49 14.00
N VAL B 75 -2.99 -34.67 12.81
CA VAL B 75 -4.22 -34.00 12.45
C VAL B 75 -5.20 -34.95 11.83
N ALA B 76 -6.41 -34.99 12.34
CA ALA B 76 -7.41 -35.89 11.78
C ALA B 76 -7.98 -35.35 10.49
N GLY B 77 -8.50 -36.25 9.67
CA GLY B 77 -9.12 -35.86 8.42
C GLY B 77 -10.62 -35.84 8.63
N ASP B 78 -11.08 -36.79 9.42
CA ASP B 78 -12.48 -36.91 9.77
C ASP B 78 -12.64 -37.88 10.92
N GLU B 79 -13.86 -38.13 11.35
CA GLU B 79 -14.05 -39.06 12.45
C GLU B 79 -13.49 -40.42 12.10
N GLU B 80 -13.79 -40.87 10.89
CA GLU B 80 -13.34 -42.17 10.42
C GLU B 80 -11.84 -42.32 10.52
N SER B 81 -11.09 -41.25 10.28
CA SER B 81 -9.64 -41.32 10.30
C SER B 81 -9.08 -41.67 11.67
N TYR B 82 -9.86 -41.46 12.74
CA TYR B 82 -9.39 -41.85 14.05
C TYR B 82 -9.42 -43.36 14.18
N GLU B 83 -10.33 -44.00 13.45
CA GLU B 83 -10.42 -45.46 13.44
C GLU B 83 -9.42 -46.05 12.48
N VAL B 84 -9.35 -45.48 11.28
CA VAL B 84 -8.49 -45.97 10.23
C VAL B 84 -7.05 -46.00 10.64
N PHE B 85 -6.59 -44.95 11.28
CA PHE B 85 -5.21 -44.91 11.70
C PHE B 85 -5.07 -45.06 13.19
N LYS B 86 -5.99 -45.78 13.83
CA LYS B 86 -5.96 -45.92 15.27
C LYS B 86 -4.72 -46.62 15.77
N ASP B 87 -4.05 -47.38 14.91
CA ASP B 87 -2.81 -48.01 15.32
C ASP B 87 -1.78 -46.97 15.66
N LEU B 88 -1.91 -45.79 15.06
CA LEU B 88 -1.07 -44.66 15.37
C LEU B 88 -1.69 -43.82 16.49
N PHE B 89 -2.96 -43.49 16.35
CA PHE B 89 -3.58 -42.57 17.31
C PHE B 89 -3.70 -43.11 18.71
N ASP B 90 -4.01 -44.39 18.85
CA ASP B 90 -4.23 -44.94 20.18
C ASP B 90 -3.07 -44.75 21.13
N PRO B 91 -1.83 -44.98 20.73
CA PRO B 91 -0.69 -44.78 21.59
C PRO B 91 -0.42 -43.30 21.77
N ILE B 92 -0.80 -42.50 20.77
CA ILE B 92 -0.63 -41.07 20.93
C ILE B 92 -1.54 -40.53 22.01
N ILE B 93 -2.81 -40.89 21.94
CA ILE B 93 -3.79 -40.43 22.89
C ILE B 93 -3.46 -40.91 24.27
N GLU B 94 -3.11 -42.19 24.39
CA GLU B 94 -2.76 -42.74 25.68
C GLU B 94 -1.67 -41.93 26.36
N ASP B 95 -0.63 -41.59 25.63
CA ASP B 95 0.41 -40.78 26.25
C ASP B 95 -0.04 -39.36 26.53
N ARG B 96 -0.77 -38.77 25.59
CA ARG B 96 -1.17 -37.38 25.75
C ARG B 96 -2.04 -37.09 26.94
N HIS B 97 -2.98 -37.96 27.23
CA HIS B 97 -3.87 -37.68 28.33
C HIS B 97 -3.54 -38.42 29.60
N GLY B 98 -2.29 -38.86 29.75
CA GLY B 98 -1.87 -39.45 31.00
C GLY B 98 -2.41 -40.85 31.29
N GLY B 99 -2.47 -41.71 30.30
CA GLY B 99 -2.90 -43.08 30.54
C GLY B 99 -4.30 -43.39 30.06
N TYR B 100 -4.90 -42.49 29.31
CA TYR B 100 -6.21 -42.78 28.78
C TYR B 100 -6.18 -44.03 27.92
N LYS B 101 -6.78 -45.10 28.41
CA LYS B 101 -6.80 -46.36 27.70
C LYS B 101 -7.86 -46.34 26.62
N PRO B 102 -7.66 -47.08 25.53
CA PRO B 102 -8.53 -47.18 24.36
C PRO B 102 -9.88 -47.77 24.72
N SER B 103 -9.94 -48.53 25.81
CA SER B 103 -11.16 -49.14 26.27
C SER B 103 -11.90 -48.29 27.31
N ASP B 104 -11.31 -47.17 27.69
CA ASP B 104 -11.86 -46.34 28.76
C ASP B 104 -12.97 -45.45 28.24
N GLU B 105 -14.17 -46.02 28.11
CA GLU B 105 -15.34 -45.29 27.61
C GLU B 105 -15.54 -43.98 28.36
N HIS B 106 -15.60 -42.90 27.61
CA HIS B 106 -15.68 -41.56 28.19
C HIS B 106 -17.11 -41.04 28.34
N LYS B 107 -17.33 -40.21 29.34
CA LYS B 107 -18.64 -39.63 29.62
C LYS B 107 -18.86 -38.23 29.01
N THR B 108 -20.10 -37.78 29.04
CA THR B 108 -20.53 -36.46 28.53
C THR B 108 -21.53 -35.87 29.52
N ASP B 109 -21.50 -34.56 29.77
CA ASP B 109 -22.44 -34.01 30.76
C ASP B 109 -22.80 -32.53 30.56
N LEU B 110 -23.99 -32.28 30.00
CA LEU B 110 -24.45 -30.92 29.78
C LEU B 110 -25.54 -30.47 30.75
N ASN B 111 -25.45 -30.91 32.01
CA ASN B 111 -26.43 -30.53 33.01
C ASN B 111 -25.79 -29.78 34.18
N PRO B 112 -25.76 -28.44 34.13
CA PRO B 112 -25.20 -27.49 35.09
C PRO B 112 -25.62 -27.77 36.51
N ASP B 113 -26.77 -28.39 36.68
CA ASP B 113 -27.28 -28.77 37.99
C ASP B 113 -26.26 -29.56 38.81
N ASN B 114 -25.40 -30.32 38.14
CA ASN B 114 -24.39 -31.09 38.83
C ASN B 114 -23.29 -30.22 39.46
N LEU B 115 -23.09 -29.02 38.92
CA LEU B 115 -22.07 -28.10 39.43
C LEU B 115 -22.48 -27.55 40.78
N GLN B 116 -21.63 -27.74 41.77
CA GLN B 116 -21.94 -27.27 43.11
C GLN B 116 -21.19 -26.00 43.42
N GLY B 117 -21.87 -24.88 43.27
CA GLY B 117 -21.28 -23.57 43.49
C GLY B 117 -21.07 -22.86 42.17
N GLY B 118 -20.12 -21.95 42.12
CA GLY B 118 -19.82 -21.23 40.90
C GLY B 118 -20.57 -19.91 40.79
N ASP B 119 -21.28 -19.52 41.84
CA ASP B 119 -22.00 -18.26 41.79
C ASP B 119 -21.18 -17.10 42.32
N ASP B 120 -20.34 -17.37 43.30
CA ASP B 120 -19.54 -16.33 43.91
C ASP B 120 -18.13 -16.79 44.13
N LEU B 121 -17.25 -16.31 43.27
CA LEU B 121 -15.85 -16.64 43.39
C LEU B 121 -15.01 -15.51 43.94
N ASP B 122 -15.63 -14.49 44.50
CA ASP B 122 -14.89 -13.33 45.02
C ASP B 122 -14.27 -12.45 43.96
N PRO B 123 -15.05 -11.53 43.38
CA PRO B 123 -14.74 -10.52 42.36
C PRO B 123 -13.48 -9.70 42.67
N ASN B 124 -12.98 -9.73 43.90
CA ASN B 124 -11.75 -9.04 44.23
C ASN B 124 -10.54 -9.68 43.59
N TYR B 125 -10.63 -10.96 43.30
CA TYR B 125 -9.54 -11.68 42.67
C TYR B 125 -9.98 -12.25 41.33
N VAL B 126 -11.27 -12.51 41.18
CA VAL B 126 -11.73 -12.95 39.89
C VAL B 126 -12.12 -11.80 39.05
N LEU B 127 -11.37 -11.59 37.99
CA LEU B 127 -11.62 -10.48 37.13
C LEU B 127 -12.70 -10.84 36.15
N SER B 128 -12.54 -12.01 35.55
CA SER B 128 -13.52 -12.48 34.59
C SER B 128 -13.30 -13.94 34.26
N SER B 129 -14.24 -14.54 33.57
CA SER B 129 -14.13 -15.95 33.25
C SER B 129 -14.85 -16.33 31.99
N ARG B 130 -14.36 -17.38 31.34
CA ARG B 130 -14.96 -17.84 30.12
C ARG B 130 -14.83 -19.33 29.97
N VAL B 131 -15.62 -19.91 29.10
CA VAL B 131 -15.52 -21.32 28.84
C VAL B 131 -15.76 -21.54 27.38
N ARG B 132 -14.90 -22.32 26.76
CA ARG B 132 -15.06 -22.50 25.34
C ARG B 132 -14.79 -23.91 24.92
N THR B 133 -15.37 -24.27 23.79
CA THR B 133 -15.21 -25.60 23.24
C THR B 133 -15.37 -25.58 21.75
N GLY B 134 -15.46 -26.75 21.15
CA GLY B 134 -15.66 -26.81 19.73
C GLY B 134 -16.40 -28.04 19.31
N ARG B 135 -16.98 -28.01 18.13
CA ARG B 135 -17.74 -29.12 17.62
C ARG B 135 -17.47 -29.32 16.15
N SER B 136 -17.97 -30.40 15.60
CA SER B 136 -17.81 -30.69 14.18
C SER B 136 -19.04 -31.40 13.69
N ILE B 137 -19.36 -31.25 12.41
CA ILE B 137 -20.58 -31.87 11.93
C ILE B 137 -20.33 -33.22 11.30
N ARG B 138 -20.97 -34.25 11.84
CA ARG B 138 -20.78 -35.59 11.33
C ARG B 138 -21.24 -35.63 9.89
N GLY B 139 -20.38 -36.10 9.01
CA GLY B 139 -20.70 -36.17 7.60
C GLY B 139 -19.84 -35.24 6.76
N PHE B 140 -19.23 -34.25 7.38
CA PHE B 140 -18.34 -33.37 6.66
C PHE B 140 -16.92 -33.62 7.08
N CYS B 141 -16.00 -33.39 6.18
CA CYS B 141 -14.61 -33.58 6.53
C CYS B 141 -14.18 -32.48 7.45
N LEU B 142 -13.21 -32.78 8.29
CA LEU B 142 -12.66 -31.76 9.15
C LEU B 142 -11.86 -30.83 8.27
N PRO B 143 -11.78 -29.53 8.61
CA PRO B 143 -11.17 -28.44 7.87
C PRO B 143 -9.92 -28.79 7.04
N PRO B 144 -8.88 -29.49 7.56
CA PRO B 144 -7.65 -29.83 6.84
C PRO B 144 -7.92 -30.42 5.48
N HIS B 145 -8.96 -31.21 5.34
CA HIS B 145 -9.32 -31.75 4.02
C HIS B 145 -10.75 -31.56 3.65
N CYS B 146 -11.31 -30.41 3.96
CA CYS B 146 -12.62 -30.13 3.44
C CYS B 146 -12.52 -29.35 2.13
N SER B 147 -13.53 -29.46 1.30
CA SER B 147 -13.53 -28.71 0.06
C SER B 147 -14.13 -27.36 0.31
N ARG B 148 -14.04 -26.49 -0.67
CA ARG B 148 -14.66 -25.19 -0.57
C ARG B 148 -16.16 -25.35 -0.47
N GLY B 149 -16.67 -26.29 -1.24
CA GLY B 149 -18.08 -26.62 -1.22
C GLY B 149 -18.50 -27.06 0.17
N GLU B 150 -17.69 -27.91 0.81
CA GLU B 150 -18.01 -28.33 2.16
C GLU B 150 -17.96 -27.21 3.14
N ARG B 151 -16.92 -26.39 3.04
CA ARG B 151 -16.77 -25.31 3.99
C ARG B 151 -17.98 -24.40 3.88
N ARG B 152 -18.40 -24.13 2.65
CA ARG B 152 -19.55 -23.30 2.39
C ARG B 152 -20.84 -23.95 2.83
N ALA B 153 -20.96 -25.27 2.66
CA ALA B 153 -22.15 -25.98 3.10
C ALA B 153 -22.31 -25.87 4.60
N ILE B 154 -21.21 -25.97 5.32
CA ILE B 154 -21.22 -25.83 6.75
C ILE B 154 -21.59 -24.44 7.15
N GLU B 155 -21.00 -23.44 6.50
CA GLU B 155 -21.33 -22.06 6.79
C GLU B 155 -22.81 -21.84 6.65
N LYS B 156 -23.38 -22.33 5.56
CA LYS B 156 -24.80 -22.22 5.34
C LYS B 156 -25.61 -22.76 6.49
N LEU B 157 -25.29 -23.96 6.95
CA LEU B 157 -26.03 -24.52 8.06
C LEU B 157 -25.87 -23.73 9.33
N ALA B 158 -24.64 -23.32 9.62
CA ALA B 158 -24.35 -22.61 10.85
C ALA B 158 -25.07 -21.30 10.93
N VAL B 159 -25.03 -20.55 9.85
CA VAL B 159 -25.64 -19.25 9.85
C VAL B 159 -27.14 -19.36 9.93
N GLU B 160 -27.72 -20.25 9.15
CA GLU B 160 -29.15 -20.41 9.17
C GLU B 160 -29.63 -20.79 10.56
N ALA B 161 -28.99 -21.77 11.18
CA ALA B 161 -29.39 -22.19 12.50
C ALA B 161 -29.19 -21.07 13.54
N LEU B 162 -28.06 -20.41 13.51
CA LEU B 162 -27.77 -19.34 14.49
C LEU B 162 -28.74 -18.19 14.38
N SER B 163 -29.23 -17.92 13.19
CA SER B 163 -30.18 -16.83 13.01
C SER B 163 -31.52 -17.11 13.70
N SER B 164 -31.81 -18.37 14.02
CA SER B 164 -33.05 -18.70 14.70
C SER B 164 -32.88 -18.73 16.21
N LEU B 165 -31.66 -18.49 16.69
CA LEU B 165 -31.42 -18.47 18.12
C LEU B 165 -31.75 -17.10 18.67
N ASP B 166 -32.74 -17.03 19.56
CA ASP B 166 -33.19 -15.75 20.10
C ASP B 166 -32.94 -15.56 21.60
N GLY B 167 -33.78 -14.77 22.26
CA GLY B 167 -33.69 -14.50 23.69
C GLY B 167 -32.42 -13.75 23.98
N ASP B 168 -31.74 -14.16 25.05
CA ASP B 168 -30.46 -13.56 25.41
C ASP B 168 -29.37 -13.93 24.43
N LEU B 169 -29.66 -14.91 23.60
CA LEU B 169 -28.72 -15.38 22.64
C LEU B 169 -29.03 -14.88 21.25
N ALA B 170 -29.92 -13.90 21.12
CA ALA B 170 -30.18 -13.32 19.80
C ALA B 170 -28.91 -12.61 19.36
N GLY B 171 -28.61 -12.64 18.06
CA GLY B 171 -27.36 -12.04 17.61
C GLY B 171 -27.25 -11.75 16.12
N ARG B 172 -26.00 -11.62 15.67
CA ARG B 172 -25.68 -11.25 14.29
C ARG B 172 -24.46 -11.98 13.74
N TYR B 173 -24.54 -12.37 12.47
CA TYR B 173 -23.43 -13.03 11.81
C TYR B 173 -22.65 -12.08 10.91
N TYR B 174 -21.34 -12.11 11.04
CA TYR B 174 -20.43 -11.30 10.28
C TYR B 174 -19.53 -12.16 9.41
N ALA B 175 -19.64 -12.03 8.09
CA ALA B 175 -18.74 -12.80 7.25
C ALA B 175 -17.41 -12.06 7.14
N LEU B 176 -16.29 -12.76 7.34
CA LEU B 176 -15.00 -12.07 7.26
C LEU B 176 -14.70 -11.56 5.87
N LYS B 177 -15.15 -12.28 4.87
CA LYS B 177 -14.90 -11.89 3.48
C LYS B 177 -15.54 -10.56 3.08
N SER B 178 -16.46 -10.02 3.89
CA SER B 178 -17.08 -8.76 3.54
C SER B 178 -17.27 -7.90 4.76
N MET B 179 -16.33 -7.97 5.70
CA MET B 179 -16.41 -7.17 6.91
C MET B 179 -15.88 -5.76 6.69
N THR B 180 -16.63 -4.77 7.15
CA THR B 180 -16.23 -3.38 7.05
C THR B 180 -15.41 -3.01 8.27
N GLU B 181 -14.34 -2.25 8.03
CA GLU B 181 -13.41 -1.85 9.06
C GLU B 181 -14.04 -1.35 10.35
N ALA B 182 -15.15 -0.63 10.25
CA ALA B 182 -15.82 -0.11 11.43
C ALA B 182 -16.17 -1.21 12.43
N GLU B 183 -16.97 -2.19 12.01
CA GLU B 183 -17.31 -3.24 12.95
C GLU B 183 -16.13 -4.15 13.18
N GLN B 184 -15.18 -4.16 12.25
CA GLN B 184 -13.97 -4.93 12.45
C GLN B 184 -13.29 -4.41 13.68
N GLN B 185 -13.18 -3.09 13.78
CA GLN B 185 -12.56 -2.47 14.94
C GLN B 185 -13.29 -2.81 16.21
N GLN B 186 -14.62 -2.85 16.15
CA GLN B 186 -15.39 -3.20 17.34
C GLN B 186 -15.10 -4.61 17.80
N LEU B 187 -15.04 -5.53 16.85
CA LEU B 187 -14.78 -6.91 17.17
C LEU B 187 -13.36 -7.08 17.67
N ILE B 188 -12.44 -6.26 17.16
CA ILE B 188 -11.08 -6.27 17.66
C ILE B 188 -11.03 -5.82 19.10
N ASP B 189 -11.75 -4.73 19.38
CA ASP B 189 -11.79 -4.18 20.73
C ASP B 189 -12.27 -5.19 21.75
N ASP B 190 -13.23 -6.00 21.36
CA ASP B 190 -13.77 -6.99 22.26
C ASP B 190 -13.11 -8.36 22.18
N HIS B 191 -12.03 -8.49 21.40
CA HIS B 191 -11.32 -9.76 21.21
C HIS B 191 -12.14 -10.80 20.46
N PHE B 192 -13.22 -10.37 19.81
CA PHE B 192 -14.09 -11.27 19.11
C PHE B 192 -13.54 -11.66 17.76
N LEU B 193 -12.90 -10.70 17.11
CA LEU B 193 -12.36 -10.91 15.78
C LEU B 193 -11.27 -11.95 15.72
N PHE B 194 -11.39 -12.84 14.77
CA PHE B 194 -10.44 -13.90 14.57
C PHE B 194 -9.81 -13.83 13.19
N ASP B 195 -8.52 -13.49 13.14
CA ASP B 195 -7.80 -13.31 11.88
C ASP B 195 -7.13 -14.61 11.45
N LYS B 196 -6.45 -14.57 10.31
CA LYS B 196 -5.78 -15.71 9.73
C LYS B 196 -4.77 -16.34 10.68
N PRO B 197 -4.75 -17.67 10.81
CA PRO B 197 -3.84 -18.45 11.62
C PRO B 197 -2.41 -18.11 11.27
N VAL B 198 -1.54 -18.09 12.26
CA VAL B 198 -0.16 -17.71 12.06
C VAL B 198 0.84 -18.71 12.59
N SER B 199 0.35 -19.76 13.23
CA SER B 199 1.25 -20.77 13.76
C SER B 199 1.47 -21.88 12.75
N PRO B 200 2.72 -22.35 12.60
CA PRO B 200 3.16 -23.46 11.78
C PRO B 200 2.38 -24.73 12.11
N LEU B 201 1.96 -24.86 13.38
CA LEU B 201 1.21 -26.03 13.80
C LEU B 201 -0.17 -26.08 13.18
N LEU B 202 -0.66 -24.93 12.73
CA LEU B 202 -1.94 -24.87 12.09
C LEU B 202 -1.74 -24.80 10.60
N LEU B 203 -0.74 -24.05 10.17
CA LEU B 203 -0.47 -23.86 8.76
C LEU B 203 -0.15 -25.16 8.06
N ALA B 204 0.57 -26.04 8.75
CA ALA B 204 0.94 -27.33 8.19
C ALA B 204 -0.25 -28.22 7.84
N SER B 205 -1.42 -27.95 8.40
CA SER B 205 -2.58 -28.75 8.09
C SER B 205 -3.23 -28.37 6.79
N GLY B 206 -2.90 -27.18 6.28
CA GLY B 206 -3.51 -26.70 5.06
C GLY B 206 -4.83 -25.97 5.31
N MET B 207 -5.21 -25.83 6.58
CA MET B 207 -6.46 -25.19 7.00
C MET B 207 -6.56 -23.71 6.68
N ALA B 208 -5.46 -23.08 6.30
CA ALA B 208 -5.44 -21.67 5.98
C ALA B 208 -5.79 -21.41 4.51
N ARG B 209 -5.95 -22.47 3.72
CA ARG B 209 -6.26 -22.27 2.33
C ARG B 209 -7.62 -21.66 2.14
N ASP B 210 -7.77 -20.94 1.04
CA ASP B 210 -9.01 -20.27 0.69
C ASP B 210 -9.39 -19.11 1.62
N TRP B 211 -8.57 -18.79 2.62
CA TRP B 211 -8.86 -17.77 3.60
C TRP B 211 -9.26 -16.42 3.01
N PRO B 212 -10.34 -15.81 3.48
CA PRO B 212 -11.28 -16.19 4.52
C PRO B 212 -12.60 -16.61 3.94
N ASP B 213 -12.57 -17.35 2.85
CA ASP B 213 -13.81 -17.76 2.25
C ASP B 213 -14.58 -18.60 3.24
N ALA B 214 -15.85 -18.28 3.40
CA ALA B 214 -16.78 -18.95 4.29
C ALA B 214 -16.37 -18.94 5.76
N ARG B 215 -15.46 -18.04 6.15
CA ARG B 215 -15.12 -17.93 7.55
C ARG B 215 -15.90 -16.78 8.14
N GLY B 216 -16.30 -16.89 9.40
CA GLY B 216 -17.01 -15.76 9.98
C GLY B 216 -17.35 -15.90 11.46
N ILE B 217 -17.98 -14.87 12.00
CA ILE B 217 -18.29 -14.79 13.41
C ILE B 217 -19.72 -14.45 13.69
N TRP B 218 -20.35 -15.22 14.54
CA TRP B 218 -21.67 -14.88 14.99
C TRP B 218 -21.63 -14.57 16.46
N HIS B 219 -22.30 -13.52 16.89
CA HIS B 219 -22.30 -13.29 18.33
C HIS B 219 -23.59 -12.70 18.77
N ASN B 220 -23.88 -12.85 20.06
CA ASN B 220 -25.14 -12.33 20.57
C ASN B 220 -25.04 -10.87 20.95
N ASP B 221 -26.19 -10.26 21.12
CA ASP B 221 -26.32 -8.84 21.44
C ASP B 221 -25.74 -8.47 22.78
N ASN B 222 -25.65 -9.44 23.67
CA ASN B 222 -25.13 -9.18 24.99
C ASN B 222 -23.63 -9.43 25.08
N LYS B 223 -23.01 -9.75 23.95
CA LYS B 223 -21.58 -9.99 23.89
C LYS B 223 -21.08 -11.02 24.88
N THR B 224 -21.80 -12.14 24.99
CA THR B 224 -21.35 -13.20 25.87
C THR B 224 -21.09 -14.48 25.08
N PHE B 225 -21.69 -14.60 23.89
CA PHE B 225 -21.43 -15.75 23.02
C PHE B 225 -20.83 -15.46 21.70
N LEU B 226 -19.80 -16.23 21.39
CA LEU B 226 -19.17 -16.14 20.10
C LEU B 226 -19.24 -17.47 19.42
N VAL B 227 -19.57 -17.46 18.16
CA VAL B 227 -19.49 -18.70 17.43
C VAL B 227 -18.57 -18.50 16.27
N TRP B 228 -17.42 -19.14 16.34
CA TRP B 228 -16.50 -19.02 15.23
C TRP B 228 -16.90 -20.08 14.23
N VAL B 229 -17.09 -19.66 13.00
CA VAL B 229 -17.54 -20.59 11.98
C VAL B 229 -16.45 -20.90 10.98
N ASN B 230 -16.09 -22.17 10.90
CA ASN B 230 -15.07 -22.66 10.00
C ASN B 230 -13.73 -22.02 10.27
N GLU B 231 -13.39 -21.82 11.54
CA GLU B 231 -12.15 -21.14 11.86
C GLU B 231 -11.08 -22.13 12.26
N GLU B 232 -10.87 -22.32 13.55
CA GLU B 232 -9.87 -23.28 13.98
C GLU B 232 -10.40 -24.72 13.99
N ASP B 233 -11.71 -24.86 13.78
CA ASP B 233 -12.35 -26.14 13.63
C ASP B 233 -13.67 -25.85 12.93
N HIS B 234 -14.68 -26.73 12.99
CA HIS B 234 -15.92 -26.34 12.35
C HIS B 234 -16.64 -25.29 13.17
N LEU B 235 -16.86 -25.57 14.43
CA LEU B 235 -17.51 -24.59 15.28
C LEU B 235 -16.77 -24.39 16.56
N ARG B 236 -16.61 -23.15 16.97
CA ARG B 236 -16.13 -22.89 18.30
C ARG B 236 -17.17 -22.14 19.08
N VAL B 237 -17.45 -22.62 20.26
CA VAL B 237 -18.42 -21.97 21.11
C VAL B 237 -17.70 -21.34 22.25
N ILE B 238 -17.80 -20.03 22.35
CA ILE B 238 -17.14 -19.34 23.43
C ILE B 238 -18.14 -18.59 24.26
N SER B 239 -18.17 -18.87 25.54
CA SER B 239 -19.05 -18.16 26.43
C SER B 239 -18.22 -17.38 27.43
N MET B 240 -18.49 -16.09 27.56
CA MET B 240 -17.70 -15.33 28.51
C MET B 240 -18.48 -14.26 29.21
N GLN B 241 -18.05 -13.94 30.42
CA GLN B 241 -18.68 -12.90 31.19
C GLN B 241 -17.76 -12.40 32.29
N LYS B 242 -17.90 -11.14 32.63
CA LYS B 242 -17.08 -10.59 33.69
C LYS B 242 -17.60 -11.03 35.03
N GLY B 243 -16.74 -11.07 36.03
CA GLY B 243 -17.17 -11.48 37.34
C GLY B 243 -16.92 -12.95 37.58
N GLY B 244 -17.21 -13.40 38.80
CA GLY B 244 -16.96 -14.78 39.19
C GLY B 244 -18.15 -15.70 39.11
N ASN B 245 -19.24 -15.27 38.50
CA ASN B 245 -20.39 -16.16 38.43
C ASN B 245 -20.31 -17.15 37.27
N MET B 246 -19.41 -18.12 37.43
CA MET B 246 -19.18 -19.14 36.42
C MET B 246 -20.38 -19.99 36.19
N LYS B 247 -21.13 -20.25 37.24
CA LYS B 247 -22.32 -21.07 37.13
C LYS B 247 -23.22 -20.49 36.11
N GLU B 248 -23.48 -19.19 36.19
CA GLU B 248 -24.28 -18.53 35.18
C GLU B 248 -23.71 -18.74 33.81
N VAL B 249 -22.40 -18.50 33.67
CA VAL B 249 -21.74 -18.64 32.40
C VAL B 249 -21.98 -20.01 31.84
N PHE B 250 -21.81 -21.00 32.70
CA PHE B 250 -21.96 -22.39 32.37
C PHE B 250 -23.39 -22.74 32.01
N THR B 251 -24.38 -22.20 32.75
CA THR B 251 -25.77 -22.51 32.40
C THR B 251 -26.14 -21.90 31.10
N ARG B 252 -25.53 -20.77 30.79
CA ARG B 252 -25.79 -20.16 29.50
C ARG B 252 -25.15 -20.99 28.44
N PHE B 253 -23.93 -21.43 28.72
CA PHE B 253 -23.15 -22.23 27.81
C PHE B 253 -23.84 -23.51 27.44
N CYS B 254 -24.24 -24.27 28.45
CA CYS B 254 -24.92 -25.52 28.22
C CYS B 254 -26.24 -25.32 27.53
N THR B 255 -26.98 -24.29 27.93
CA THR B 255 -28.28 -24.05 27.34
C THR B 255 -28.17 -23.69 25.89
N GLY B 256 -27.32 -22.73 25.59
CA GLY B 256 -27.14 -22.30 24.22
C GLY B 256 -26.63 -23.42 23.36
N LEU B 257 -25.65 -24.14 23.89
CA LEU B 257 -25.05 -25.24 23.17
C LEU B 257 -26.08 -26.31 22.85
N THR B 258 -26.90 -26.65 23.83
CA THR B 258 -27.94 -27.63 23.63
C THR B 258 -28.92 -27.19 22.56
N GLN B 259 -29.29 -25.90 22.61
CA GLN B 259 -30.22 -25.35 21.65
C GLN B 259 -29.68 -25.38 20.25
N ILE B 260 -28.44 -24.96 20.05
CA ILE B 260 -27.92 -24.99 18.69
C ILE B 260 -27.74 -26.41 18.21
N GLU B 261 -27.43 -27.35 19.12
CA GLU B 261 -27.32 -28.74 18.73
C GLU B 261 -28.68 -29.22 18.27
N THR B 262 -29.71 -28.85 19.02
CA THR B 262 -31.09 -29.19 18.70
C THR B 262 -31.47 -28.70 17.32
N LEU B 263 -31.10 -27.45 17.04
CA LEU B 263 -31.42 -26.85 15.76
C LEU B 263 -30.75 -27.59 14.61
N PHE B 264 -29.52 -28.05 14.79
CA PHE B 264 -28.91 -28.83 13.73
C PHE B 264 -29.64 -30.13 13.55
N LYS B 265 -30.07 -30.75 14.66
CA LYS B 265 -30.79 -32.00 14.60
C LYS B 265 -32.14 -31.85 13.94
N SER B 266 -32.74 -30.66 14.02
CA SER B 266 -34.01 -30.45 13.33
C SER B 266 -33.81 -30.47 11.81
N LYS B 267 -32.56 -30.31 11.36
CA LYS B 267 -32.21 -30.33 9.95
C LYS B 267 -31.49 -31.61 9.55
N ASP B 268 -31.52 -32.63 10.40
CA ASP B 268 -30.84 -33.91 10.17
C ASP B 268 -29.32 -33.84 10.23
N TYR B 269 -28.77 -32.98 11.07
CA TYR B 269 -27.33 -32.93 11.25
C TYR B 269 -27.00 -33.13 12.70
N GLU B 270 -25.82 -33.62 12.97
CA GLU B 270 -25.45 -33.85 14.35
C GLU B 270 -23.99 -33.72 14.51
N PHE B 271 -23.57 -33.51 15.73
CA PHE B 271 -22.16 -33.36 16.03
C PHE B 271 -21.46 -34.70 16.07
N MET B 272 -20.21 -34.72 15.66
CA MET B 272 -19.45 -35.95 15.73
C MET B 272 -19.25 -36.32 17.17
N TRP B 273 -19.56 -37.56 17.49
CA TRP B 273 -19.47 -38.04 18.85
C TRP B 273 -19.44 -39.55 18.95
N ASN B 274 -18.57 -40.08 19.81
CA ASN B 274 -18.55 -41.53 20.00
C ASN B 274 -18.07 -41.84 21.41
N PRO B 275 -18.44 -43.01 21.96
CA PRO B 275 -18.20 -43.50 23.31
C PRO B 275 -16.76 -43.44 23.80
N HIS B 276 -15.77 -43.49 22.93
CA HIS B 276 -14.40 -43.48 23.44
C HIS B 276 -13.67 -42.21 23.18
N LEU B 277 -14.25 -41.30 22.41
CA LEU B 277 -13.56 -40.06 22.17
C LEU B 277 -14.45 -38.85 22.41
N GLY B 278 -15.67 -39.06 22.86
CA GLY B 278 -16.57 -37.95 23.13
C GLY B 278 -16.78 -37.20 21.84
N TYR B 279 -16.65 -35.89 21.87
CA TYR B 279 -16.83 -35.10 20.66
C TYR B 279 -15.54 -35.02 19.86
N ILE B 280 -15.66 -35.02 18.54
CA ILE B 280 -14.50 -35.09 17.67
C ILE B 280 -14.00 -33.80 17.05
N LEU B 281 -12.74 -33.50 17.33
CA LEU B 281 -12.03 -32.35 16.76
C LEU B 281 -10.79 -32.79 15.97
N THR B 282 -10.17 -31.83 15.27
CA THR B 282 -8.99 -32.15 14.47
C THR B 282 -7.75 -32.50 15.25
N CYS B 283 -7.59 -31.93 16.43
CA CYS B 283 -6.40 -32.21 17.18
C CYS B 283 -6.67 -33.22 18.27
N PRO B 284 -5.95 -34.34 18.33
CA PRO B 284 -6.04 -35.42 19.28
C PRO B 284 -6.11 -34.96 20.73
N SER B 285 -5.35 -33.92 21.08
CA SER B 285 -5.33 -33.45 22.46
C SER B 285 -6.68 -32.93 22.91
N ASN B 286 -7.52 -32.53 21.98
CA ASN B 286 -8.79 -31.96 22.31
C ASN B 286 -9.95 -32.92 22.18
N LEU B 287 -9.68 -34.21 22.11
CA LEU B 287 -10.79 -35.16 22.00
C LEU B 287 -11.47 -35.40 23.33
N GLY B 288 -12.78 -35.59 23.31
CA GLY B 288 -13.54 -35.89 24.54
C GLY B 288 -14.55 -34.81 24.87
N THR B 289 -14.19 -33.96 25.80
CA THR B 289 -15.08 -32.88 26.16
C THR B 289 -14.72 -31.73 25.32
N GLY B 290 -13.45 -31.41 25.37
CA GLY B 290 -12.95 -30.30 24.62
C GLY B 290 -13.29 -28.99 25.29
N LEU B 291 -13.45 -29.00 26.62
CA LEU B 291 -13.78 -27.75 27.31
C LEU B 291 -12.57 -27.02 27.81
N ARG B 292 -12.62 -25.72 27.71
CA ARG B 292 -11.60 -24.93 28.31
C ARG B 292 -12.24 -23.87 29.15
N ALA B 293 -12.47 -24.16 30.41
CA ALA B 293 -13.00 -23.16 31.31
C ALA B 293 -11.82 -22.48 31.94
N GLY B 294 -11.83 -21.15 31.91
CA GLY B 294 -10.70 -20.42 32.42
C GLY B 294 -11.10 -19.16 33.16
N VAL B 295 -10.31 -18.82 34.15
CA VAL B 295 -10.57 -17.68 34.98
C VAL B 295 -9.37 -16.76 35.02
N HIS B 296 -9.62 -15.48 34.84
CA HIS B 296 -8.57 -14.48 34.91
C HIS B 296 -8.46 -14.11 36.37
N ILE B 297 -7.42 -14.65 37.01
CA ILE B 297 -7.32 -14.55 38.45
C ILE B 297 -6.18 -13.65 38.82
N LYS B 298 -6.47 -12.58 39.51
CA LYS B 298 -5.46 -11.64 39.92
C LYS B 298 -4.68 -12.22 41.08
N LEU B 299 -3.42 -12.56 40.85
CA LEU B 299 -2.61 -13.19 41.89
C LEU B 299 -1.21 -12.60 42.03
N PRO B 300 -1.09 -11.34 42.44
CA PRO B 300 0.13 -10.58 42.59
C PRO B 300 1.09 -11.14 43.63
N ASN B 301 0.58 -11.87 44.61
CA ASN B 301 1.45 -12.46 45.62
C ASN B 301 1.69 -13.91 45.32
N LEU B 302 0.59 -14.63 45.12
CA LEU B 302 0.63 -16.07 44.90
C LEU B 302 1.45 -16.47 43.69
N GLY B 303 1.40 -15.67 42.62
CA GLY B 303 2.18 -15.97 41.42
C GLY B 303 3.69 -15.97 41.65
N LYS B 304 4.15 -15.39 42.76
CA LYS B 304 5.56 -15.38 43.08
C LYS B 304 5.94 -16.49 44.04
N HIS B 305 4.96 -17.23 44.54
CA HIS B 305 5.24 -18.31 45.46
C HIS B 305 5.75 -19.53 44.71
N GLU B 306 6.76 -20.17 45.26
CA GLU B 306 7.41 -21.30 44.59
C GLU B 306 6.55 -22.55 44.41
N LYS B 307 5.45 -22.65 45.13
CA LYS B 307 4.60 -23.82 44.96
C LYS B 307 3.43 -23.57 44.05
N PHE B 308 3.34 -22.37 43.47
CA PHE B 308 2.20 -22.02 42.62
C PHE B 308 1.99 -23.05 41.54
N SER B 309 3.07 -23.39 40.85
CA SER B 309 3.05 -24.40 39.82
C SER B 309 2.46 -25.71 40.34
N GLU B 310 3.10 -26.26 41.36
CA GLU B 310 2.71 -27.51 41.98
C GLU B 310 1.26 -27.54 42.39
N VAL B 311 0.78 -26.45 42.97
CA VAL B 311 -0.61 -26.39 43.36
C VAL B 311 -1.52 -26.56 42.18
N LEU B 312 -1.25 -25.83 41.10
CA LEU B 312 -2.09 -25.95 39.92
C LEU B 312 -1.99 -27.33 39.34
N LYS B 313 -0.81 -27.91 39.40
CA LYS B 313 -0.60 -29.26 38.93
C LYS B 313 -1.51 -30.21 39.67
N ARG B 314 -1.53 -30.10 40.99
CA ARG B 314 -2.37 -30.97 41.79
C ARG B 314 -3.85 -30.70 41.54
N LEU B 315 -4.19 -29.47 41.21
CA LEU B 315 -5.56 -29.12 40.86
C LEU B 315 -5.88 -29.43 39.41
N ARG B 316 -4.89 -29.89 38.66
CA ARG B 316 -5.03 -30.21 37.25
C ARG B 316 -5.45 -29.00 36.43
N LEU B 317 -4.95 -27.85 36.84
CA LEU B 317 -5.21 -26.60 36.17
C LEU B 317 -3.92 -26.15 35.53
N GLN B 318 -4.01 -25.37 34.46
CA GLN B 318 -2.79 -24.94 33.80
C GLN B 318 -2.55 -23.48 34.00
N LYS B 319 -1.26 -23.13 34.07
CA LYS B 319 -0.77 -21.79 34.27
C LYS B 319 -0.49 -21.04 32.99
N ARG B 320 -1.49 -20.59 32.27
CA ARG B 320 -1.11 -19.84 31.10
C ARG B 320 -0.89 -18.40 31.47
N VAL B 333 -1.31 -11.73 36.90
CA VAL B 333 -2.68 -12.14 36.62
C VAL B 333 -2.54 -13.31 35.70
N PHE B 334 -3.22 -14.41 36.00
CA PHE B 334 -3.01 -15.58 35.19
C PHE B 334 -4.27 -16.10 34.57
N ASP B 335 -4.13 -16.74 33.41
CA ASP B 335 -5.27 -17.40 32.81
C ASP B 335 -5.22 -18.83 33.28
N VAL B 336 -5.94 -19.12 34.35
CA VAL B 336 -5.90 -20.46 34.89
C VAL B 336 -7.07 -21.21 34.35
N SER B 337 -6.81 -22.39 33.81
CA SER B 337 -7.90 -23.16 33.22
C SER B 337 -7.72 -24.65 33.40
N ASN B 338 -8.77 -25.42 33.15
CA ASN B 338 -8.61 -26.85 33.35
C ASN B 338 -7.66 -27.38 32.29
N ALA B 339 -6.61 -28.05 32.74
CA ALA B 339 -5.56 -28.56 31.86
C ALA B 339 -5.95 -29.77 31.01
N ASP B 340 -6.97 -30.52 31.43
CA ASP B 340 -7.38 -31.72 30.71
C ASP B 340 -8.54 -31.50 29.76
N ARG B 341 -8.72 -32.42 28.84
CA ARG B 341 -9.81 -32.35 27.88
C ARG B 341 -10.53 -33.67 27.82
N LEU B 342 -9.87 -34.72 28.29
CA LEU B 342 -10.34 -36.09 28.24
C LEU B 342 -9.98 -36.82 29.51
N GLY B 343 -10.93 -37.48 30.14
CA GLY B 343 -10.66 -38.26 31.33
C GLY B 343 -11.75 -38.14 32.38
N PHE B 344 -12.65 -37.20 32.18
CA PHE B 344 -13.75 -36.97 33.09
C PHE B 344 -14.75 -36.01 32.49
N SER B 345 -15.95 -35.99 33.06
CA SER B 345 -17.06 -35.23 32.50
C SER B 345 -16.89 -33.73 32.48
N GLU B 346 -17.74 -33.11 31.67
CA GLU B 346 -17.76 -31.68 31.47
C GLU B 346 -18.04 -30.93 32.74
N VAL B 347 -18.99 -31.41 33.52
CA VAL B 347 -19.25 -30.75 34.78
C VAL B 347 -18.12 -30.97 35.73
N GLU B 348 -17.61 -32.18 35.82
CA GLU B 348 -16.49 -32.44 36.69
C GLU B 348 -15.37 -31.46 36.41
N LEU B 349 -15.14 -31.24 35.13
CA LEU B 349 -14.11 -30.35 34.65
C LEU B 349 -14.26 -28.93 35.21
N VAL B 350 -15.44 -28.33 35.04
CA VAL B 350 -15.59 -26.97 35.54
C VAL B 350 -15.66 -26.93 37.05
N GLN B 351 -16.09 -28.03 37.67
CA GLN B 351 -16.12 -28.12 39.13
C GLN B 351 -14.72 -27.97 39.67
N MET B 352 -13.76 -28.59 38.99
CA MET B 352 -12.37 -28.48 39.37
C MET B 352 -11.85 -27.07 39.24
N VAL B 353 -12.33 -26.34 38.24
CA VAL B 353 -11.91 -24.96 38.10
C VAL B 353 -12.45 -24.14 39.25
N VAL B 354 -13.74 -24.29 39.53
CA VAL B 354 -14.38 -23.56 40.61
C VAL B 354 -13.73 -23.80 41.95
N ASP B 355 -13.48 -25.05 42.27
CA ASP B 355 -12.85 -25.37 43.53
C ASP B 355 -11.48 -24.77 43.61
N GLY B 356 -10.73 -24.90 42.52
CA GLY B 356 -9.39 -24.37 42.47
C GLY B 356 -9.35 -22.88 42.71
N VAL B 357 -10.26 -22.14 42.08
CA VAL B 357 -10.28 -20.71 42.27
C VAL B 357 -10.45 -20.35 43.71
N LYS B 358 -11.40 -20.99 44.38
CA LYS B 358 -11.64 -20.68 45.77
C LYS B 358 -10.43 -20.99 46.62
N LEU B 359 -9.79 -22.11 46.35
CA LEU B 359 -8.61 -22.49 47.08
C LEU B 359 -7.51 -21.49 46.88
N LEU B 360 -7.27 -21.15 45.63
CA LEU B 360 -6.21 -20.24 45.25
C LEU B 360 -6.39 -18.85 45.83
N ILE B 361 -7.62 -18.36 45.87
CA ILE B 361 -7.83 -17.04 46.42
C ILE B 361 -7.55 -16.98 47.88
N GLU B 362 -8.06 -17.93 48.65
CA GLU B 362 -7.80 -17.89 50.08
C GLU B 362 -6.33 -18.05 50.35
N MET B 363 -5.67 -18.87 49.52
CA MET B 363 -4.24 -19.06 49.63
C MET B 363 -3.52 -17.75 49.52
N GLU B 364 -3.84 -16.98 48.49
CA GLU B 364 -3.21 -15.71 48.32
C GLU B 364 -3.53 -14.76 49.45
N GLN B 365 -4.76 -14.79 49.94
CA GLN B 365 -5.13 -13.92 51.04
C GLN B 365 -4.24 -14.19 52.23
N ARG B 366 -3.97 -15.48 52.49
CA ARG B 366 -3.11 -15.82 53.58
C ARG B 366 -1.73 -15.26 53.34
N LEU B 367 -1.26 -15.33 52.10
CA LEU B 367 0.04 -14.77 51.78
C LEU B 367 0.04 -13.27 52.01
N GLU B 368 -1.06 -12.60 51.67
CA GLU B 368 -1.17 -11.16 51.89
C GLU B 368 -1.10 -10.84 53.37
N GLN B 369 -1.65 -11.71 54.20
CA GLN B 369 -1.62 -11.53 55.63
C GLN B 369 -0.36 -12.09 56.31
N GLY B 370 0.60 -12.57 55.53
CA GLY B 370 1.82 -13.09 56.09
C GLY B 370 1.60 -14.43 56.76
N GLN B 371 0.56 -15.14 56.34
CA GLN B 371 0.22 -16.41 56.93
C GLN B 371 0.72 -17.52 56.04
N ALA B 372 1.08 -18.65 56.64
CA ALA B 372 1.56 -19.80 55.86
C ALA B 372 0.38 -20.46 55.16
N ILE B 373 0.63 -21.05 53.99
CA ILE B 373 -0.39 -21.72 53.19
C ILE B 373 -0.16 -23.23 53.12
N ASP B 374 0.57 -23.75 54.10
CA ASP B 374 1.05 -25.11 54.09
C ASP B 374 -0.07 -26.14 53.96
N ASP B 375 -1.13 -25.93 54.72
CA ASP B 375 -2.24 -26.88 54.73
C ASP B 375 -3.21 -26.71 53.58
N LEU B 376 -2.91 -25.84 52.64
CA LEU B 376 -3.79 -25.67 51.51
C LEU B 376 -3.34 -26.49 50.32
N MET B 377 -2.21 -27.18 50.46
CA MET B 377 -1.73 -28.02 49.37
C MET B 377 -2.81 -29.04 49.03
N PRO B 378 -3.36 -29.01 47.80
CA PRO B 378 -4.47 -29.83 47.28
C PRO B 378 -4.26 -31.32 47.48
N ALA B 379 -3.01 -31.76 47.48
CA ALA B 379 -2.64 -33.17 47.62
C ALA B 379 -3.19 -33.97 46.44
N LEU C 45 12.91 -11.64 2.31
CA LEU C 45 13.14 -11.56 3.75
C LEU C 45 14.34 -10.72 4.11
N SER C 46 15.53 -11.18 3.75
CA SER C 46 16.74 -10.44 4.10
C SER C 46 18.00 -10.98 3.44
N ASN C 47 17.97 -11.22 2.13
CA ASN C 47 19.17 -11.73 1.47
C ASN C 47 19.04 -11.77 -0.05
N PRO C 48 20.01 -11.23 -0.80
CA PRO C 48 20.15 -11.30 -2.24
C PRO C 48 20.43 -12.72 -2.65
N LEU C 49 19.37 -13.51 -2.67
CA LEU C 49 19.42 -14.93 -3.02
C LEU C 49 19.27 -15.19 -4.49
N MET C 50 19.46 -14.17 -5.33
CA MET C 50 19.40 -14.34 -6.76
C MET C 50 18.04 -14.89 -7.24
N GLY C 51 16.98 -14.63 -6.47
CA GLY C 51 15.65 -15.08 -6.82
C GLY C 51 14.81 -13.89 -7.22
N ASP C 52 13.51 -14.11 -7.46
CA ASP C 52 12.61 -13.04 -7.84
C ASP C 52 11.93 -12.41 -6.65
N ALA C 53 11.34 -11.23 -6.89
CA ALA C 53 10.64 -10.44 -5.88
C ALA C 53 9.53 -11.21 -5.18
N VAL C 54 8.93 -12.17 -5.88
CA VAL C 54 7.87 -13.00 -5.32
C VAL C 54 8.31 -13.75 -4.06
N SER C 55 9.62 -13.97 -3.93
CA SER C 55 10.18 -14.68 -2.82
C SER C 55 10.64 -13.75 -1.69
N ASP C 56 10.41 -12.45 -1.84
CA ASP C 56 10.84 -11.51 -0.81
C ASP C 56 9.76 -11.16 0.20
N TRP C 57 8.49 -11.28 -0.20
CA TRP C 57 7.39 -10.90 0.68
C TRP C 57 7.48 -11.54 2.02
N SER C 58 7.36 -10.75 3.07
CA SER C 58 7.26 -11.36 4.37
C SER C 58 5.79 -11.48 4.62
N PRO C 59 5.39 -12.26 5.59
CA PRO C 59 4.04 -12.39 6.06
C PRO C 59 3.50 -11.03 6.49
N MET C 60 4.38 -10.16 6.98
CA MET C 60 3.97 -8.88 7.49
C MET C 60 3.60 -7.98 6.37
N HIS C 61 4.35 -8.04 5.28
CA HIS C 61 4.05 -7.18 4.15
C HIS C 61 2.72 -7.54 3.57
N GLU C 62 2.43 -8.84 3.51
CA GLU C 62 1.16 -9.25 2.96
C GLU C 62 0.03 -8.90 3.90
N ALA C 63 0.29 -9.01 5.20
CA ALA C 63 -0.71 -8.61 6.17
C ALA C 63 -0.97 -7.13 6.09
N ALA C 64 0.10 -6.36 5.92
CA ALA C 64 -0.01 -4.93 5.86
C ALA C 64 -0.81 -4.47 4.67
N ILE C 65 -0.47 -4.95 3.49
CA ILE C 65 -1.18 -4.49 2.31
C ILE C 65 -2.64 -4.88 2.29
N HIS C 66 -3.02 -5.98 2.93
CA HIS C 66 -4.43 -6.34 2.97
C HIS C 66 -5.14 -6.07 4.29
N GLY C 67 -4.53 -5.30 5.19
CA GLY C 67 -5.24 -4.88 6.41
C GLY C 67 -5.45 -5.94 7.47
N HIS C 68 -4.58 -6.93 7.56
CA HIS C 68 -4.75 -7.98 8.56
C HIS C 68 -4.09 -7.59 9.85
N GLN C 69 -4.74 -6.66 10.53
CA GLN C 69 -4.25 -6.06 11.75
C GLN C 69 -3.89 -7.05 12.84
N LEU C 70 -4.77 -7.98 13.14
CA LEU C 70 -4.47 -8.90 14.21
C LEU C 70 -3.33 -9.81 13.83
N SER C 71 -3.32 -10.24 12.57
CA SER C 71 -2.23 -11.06 12.08
C SER C 71 -0.93 -10.33 12.24
N LEU C 72 -0.93 -9.06 11.90
CA LEU C 72 0.24 -8.22 12.04
C LEU C 72 0.71 -8.24 13.48
N ARG C 73 -0.21 -8.03 14.40
CA ARG C 73 0.12 -8.03 15.81
C ARG C 73 0.72 -9.35 16.23
N ASN C 74 0.15 -10.43 15.70
CA ASN C 74 0.62 -11.75 16.03
C ASN C 74 2.04 -11.97 15.54
N LEU C 75 2.32 -11.53 14.32
CA LEU C 75 3.64 -11.67 13.76
C LEU C 75 4.65 -10.90 14.57
N ILE C 76 4.23 -9.72 15.03
CA ILE C 76 5.07 -8.91 15.87
C ILE C 76 5.35 -9.65 17.15
N SER C 77 4.32 -10.24 17.75
CA SER C 77 4.52 -10.98 18.99
C SER C 77 5.36 -12.23 18.79
N GLN C 78 5.41 -12.76 17.57
CA GLN C 78 6.26 -13.90 17.31
C GLN C 78 7.72 -13.52 17.14
N GLY C 79 8.02 -12.23 17.05
CA GLY C 79 9.41 -11.81 16.89
C GLY C 79 9.73 -11.21 15.53
N TRP C 80 8.72 -10.94 14.71
CA TRP C 80 9.02 -10.32 13.43
C TRP C 80 9.13 -8.82 13.63
N ALA C 81 10.25 -8.24 13.21
CA ALA C 81 10.48 -6.81 13.37
C ALA C 81 9.67 -6.02 12.36
N VAL C 82 9.40 -4.77 12.67
CA VAL C 82 8.63 -3.93 11.77
C VAL C 82 9.47 -3.26 10.71
N ASN C 83 10.78 -3.33 10.84
CA ASN C 83 11.66 -2.74 9.83
C ASN C 83 12.28 -3.80 8.93
N ILE C 84 11.58 -4.90 8.71
CA ILE C 84 12.04 -5.91 7.77
C ILE C 84 11.70 -5.46 6.39
N ILE C 85 12.68 -5.40 5.52
CA ILE C 85 12.47 -4.86 4.19
C ILE C 85 12.83 -5.75 3.04
N THR C 86 12.21 -5.47 1.90
CA THR C 86 12.44 -6.20 0.66
C THR C 86 13.73 -5.76 0.01
N ALA C 87 14.02 -6.34 -1.14
CA ALA C 87 15.20 -5.96 -1.92
C ALA C 87 15.12 -4.50 -2.39
N ASP C 88 13.94 -3.91 -2.41
CA ASP C 88 13.78 -2.52 -2.81
C ASP C 88 13.64 -1.63 -1.59
N HIS C 89 13.91 -2.19 -0.42
CA HIS C 89 13.78 -1.49 0.83
C HIS C 89 12.36 -1.06 1.08
N VAL C 90 11.42 -1.96 0.85
CA VAL C 90 10.05 -1.65 1.12
C VAL C 90 9.66 -2.26 2.44
N SER C 91 9.20 -1.43 3.37
CA SER C 91 8.79 -1.90 4.68
C SER C 91 7.30 -2.16 4.70
N PRO C 92 6.81 -2.87 5.71
CA PRO C 92 5.41 -3.13 6.00
C PRO C 92 4.68 -1.80 6.05
N LEU C 93 5.36 -0.80 6.59
CA LEU C 93 4.81 0.55 6.69
C LEU C 93 4.52 1.09 5.32
N HIS C 94 5.46 0.93 4.40
CA HIS C 94 5.26 1.43 3.05
C HIS C 94 4.05 0.73 2.42
N GLU C 95 3.89 -0.56 2.68
CA GLU C 95 2.75 -1.26 2.11
C GLU C 95 1.45 -0.84 2.77
N ALA C 96 1.49 -0.61 4.08
CA ALA C 96 0.31 -0.21 4.81
C ALA C 96 -0.18 1.13 4.30
N CYS C 97 0.76 2.00 3.98
CA CYS C 97 0.44 3.30 3.49
C CYS C 97 -0.22 3.22 2.14
N LEU C 98 0.25 2.32 1.28
CA LEU C 98 -0.38 2.13 0.00
C LEU C 98 -1.78 1.57 0.14
N GLY C 99 -1.97 0.71 1.12
CA GLY C 99 -3.29 0.13 1.35
C GLY C 99 -4.23 1.08 2.08
N GLY C 100 -3.66 2.02 2.83
CA GLY C 100 -4.47 2.97 3.58
C GLY C 100 -4.99 2.35 4.87
N HIS C 101 -4.27 1.37 5.38
CA HIS C 101 -4.72 0.66 6.56
C HIS C 101 -4.23 1.34 7.82
N LEU C 102 -4.88 2.46 8.13
CA LEU C 102 -4.54 3.32 9.25
C LEU C 102 -4.18 2.62 10.54
N SER C 103 -4.97 1.65 10.96
CA SER C 103 -4.67 1.00 12.23
C SER C 103 -3.38 0.21 12.18
N CYS C 104 -3.03 -0.28 10.99
CA CYS C 104 -1.80 -1.03 10.84
C CYS C 104 -0.66 -0.07 10.92
N VAL C 105 -0.87 1.10 10.33
CA VAL C 105 0.12 2.15 10.34
C VAL C 105 0.40 2.56 11.77
N LYS C 106 -0.66 2.70 12.56
CA LYS C 106 -0.53 3.07 13.95
C LYS C 106 0.30 2.06 14.71
N ILE C 107 0.04 0.78 14.47
CA ILE C 107 0.77 -0.28 15.14
C ILE C 107 2.22 -0.30 14.75
N LEU C 108 2.49 -0.22 13.47
CA LEU C 108 3.85 -0.28 13.00
C LEU C 108 4.66 0.89 13.52
N LEU C 109 4.07 2.06 13.53
CA LEU C 109 4.74 3.24 14.04
C LEU C 109 4.94 3.11 15.52
N LYS C 110 3.95 2.55 16.21
CA LYS C 110 4.04 2.29 17.64
C LYS C 110 5.26 1.45 17.97
N HIS C 111 5.58 0.50 17.10
CA HIS C 111 6.71 -0.35 17.33
C HIS C 111 8.00 0.08 16.63
N GLY C 112 8.09 1.34 16.20
CA GLY C 112 9.35 1.85 15.65
C GLY C 112 9.52 1.81 14.13
N ALA C 113 8.43 1.75 13.37
CA ALA C 113 8.56 1.77 11.92
C ALA C 113 9.15 3.09 11.44
N GLN C 114 9.91 3.04 10.36
CA GLN C 114 10.61 4.21 9.89
C GLN C 114 9.76 5.13 9.04
N VAL C 115 9.07 6.04 9.71
CA VAL C 115 8.17 7.02 9.10
C VAL C 115 8.76 7.76 7.89
N ASN C 116 10.08 7.98 7.84
CA ASN C 116 10.69 8.64 6.69
C ASN C 116 11.60 7.72 5.88
N GLY C 117 11.34 6.42 5.91
CA GLY C 117 12.16 5.47 5.16
C GLY C 117 12.00 5.70 3.66
N VAL C 118 13.08 5.53 2.91
CA VAL C 118 13.06 5.75 1.47
C VAL C 118 13.35 4.49 0.68
N THR C 119 12.48 4.18 -0.28
CA THR C 119 12.65 2.96 -1.08
C THR C 119 13.60 3.18 -2.21
N ALA C 120 13.91 2.10 -2.92
CA ALA C 120 14.78 2.13 -4.10
C ALA C 120 14.21 2.99 -5.22
N ASP C 121 12.92 3.29 -5.18
CA ASP C 121 12.33 4.16 -6.18
C ASP C 121 11.99 5.51 -5.60
N TRP C 122 12.64 5.83 -4.49
CA TRP C 122 12.49 7.10 -3.81
C TRP C 122 11.10 7.32 -3.29
N HIS C 123 10.51 6.33 -2.64
CA HIS C 123 9.20 6.58 -2.10
C HIS C 123 9.24 6.56 -0.59
N THR C 124 8.36 7.34 0.00
CA THR C 124 8.25 7.42 1.45
C THR C 124 6.85 7.03 1.83
N PRO C 125 6.61 6.62 3.07
CA PRO C 125 5.34 6.25 3.64
C PRO C 125 4.34 7.34 3.38
N LEU C 126 4.78 8.57 3.57
CA LEU C 126 3.95 9.72 3.32
C LEU C 126 3.54 9.78 1.88
N PHE C 127 4.50 9.62 1.00
CA PHE C 127 4.20 9.64 -0.42
C PHE C 127 3.18 8.57 -0.75
N ASN C 128 3.42 7.37 -0.25
CA ASN C 128 2.54 6.26 -0.50
C ASN C 128 1.13 6.53 -0.02
N ALA C 129 1.01 7.18 1.13
CA ALA C 129 -0.31 7.52 1.64
C ALA C 129 -1.01 8.48 0.70
N CYS C 130 -0.25 9.42 0.14
CA CYS C 130 -0.81 10.37 -0.80
C CYS C 130 -1.27 9.65 -2.06
N VAL C 131 -0.53 8.63 -2.45
CA VAL C 131 -0.89 7.85 -3.63
C VAL C 131 -2.22 7.18 -3.43
N SER C 132 -2.42 6.59 -2.26
CA SER C 132 -3.65 5.90 -1.96
C SER C 132 -4.81 6.87 -1.83
N GLY C 133 -4.72 7.72 -0.82
CA GLY C 133 -5.76 8.69 -0.58
C GLY C 133 -6.05 8.83 0.90
N SER C 134 -5.51 7.89 1.69
CA SER C 134 -5.72 7.89 3.14
C SER C 134 -5.28 9.14 3.85
N TRP C 135 -6.13 10.16 3.78
CA TRP C 135 -5.90 11.42 4.45
C TRP C 135 -5.59 11.23 5.93
N ASP C 136 -6.30 10.32 6.56
CA ASP C 136 -6.06 10.05 7.95
C ASP C 136 -4.62 9.60 8.19
N CYS C 137 -4.08 8.73 7.31
CA CYS C 137 -2.71 8.30 7.46
C CYS C 137 -1.77 9.44 7.19
N VAL C 138 -2.13 10.30 6.24
CA VAL C 138 -1.29 11.43 5.94
C VAL C 138 -1.10 12.27 7.16
N ASN C 139 -2.19 12.55 7.86
CA ASN C 139 -2.12 13.33 9.06
C ASN C 139 -1.26 12.64 10.10
N LEU C 140 -1.50 11.35 10.30
CA LEU C 140 -0.79 10.60 11.31
C LEU C 140 0.70 10.62 11.09
N LEU C 141 1.10 10.34 9.86
CA LEU C 141 2.50 10.30 9.51
C LEU C 141 3.16 11.63 9.72
N LEU C 142 2.49 12.70 9.33
CA LEU C 142 3.02 14.03 9.53
C LEU C 142 3.15 14.32 11.00
N GLN C 143 2.21 13.84 11.80
CA GLN C 143 2.29 14.04 13.24
C GLN C 143 3.45 13.28 13.86
N HIS C 144 3.92 12.23 13.18
CA HIS C 144 5.08 11.53 13.67
C HIS C 144 6.37 11.97 13.01
N GLY C 145 6.37 13.15 12.38
CA GLY C 145 7.60 13.68 11.82
C GLY C 145 7.86 13.38 10.36
N ALA C 146 6.85 12.90 9.62
CA ALA C 146 7.09 12.68 8.21
C ALA C 146 7.39 14.00 7.55
N SER C 147 8.42 14.04 6.72
CA SER C 147 8.74 15.28 6.03
C SER C 147 7.93 15.43 4.79
N VAL C 148 7.45 16.64 4.53
CA VAL C 148 6.68 16.90 3.33
C VAL C 148 7.58 17.10 2.11
N GLN C 149 8.88 17.23 2.35
CA GLN C 149 9.82 17.42 1.26
C GLN C 149 10.75 16.23 1.10
N PRO C 150 10.55 15.40 0.07
CA PRO C 150 11.33 14.22 -0.26
C PRO C 150 12.68 14.61 -0.82
N GLU C 151 13.62 13.66 -0.74
CA GLU C 151 14.96 13.89 -1.26
C GLU C 151 14.98 13.97 -2.76
N SER C 152 14.19 13.14 -3.41
CA SER C 152 14.14 13.13 -4.85
C SER C 152 12.95 13.84 -5.42
N ASP C 153 13.17 14.44 -6.58
CA ASP C 153 12.12 15.10 -7.33
C ASP C 153 11.27 14.13 -8.12
N LEU C 154 11.55 12.84 -8.00
CA LEU C 154 10.77 11.84 -8.68
C LEU C 154 9.53 11.47 -7.90
N ALA C 155 9.40 11.93 -6.66
CA ALA C 155 8.23 11.54 -5.90
C ALA C 155 7.79 12.58 -4.89
N SER C 156 7.20 13.66 -5.37
CA SER C 156 6.65 14.69 -4.49
C SER C 156 5.22 14.37 -4.06
N PRO C 157 4.95 14.29 -2.76
CA PRO C 157 3.67 14.05 -2.13
C PRO C 157 2.64 15.06 -2.57
N ILE C 158 3.07 16.32 -2.62
CA ILE C 158 2.20 17.40 -3.00
C ILE C 158 1.81 17.29 -4.44
N HIS C 159 2.79 17.08 -5.30
CA HIS C 159 2.51 17.02 -6.71
C HIS C 159 1.67 15.79 -7.02
N GLU C 160 1.90 14.72 -6.28
CA GLU C 160 1.14 13.52 -6.50
C GLU C 160 -0.30 13.73 -6.11
N ALA C 161 -0.51 14.29 -4.93
CA ALA C 161 -1.84 14.52 -4.43
C ALA C 161 -2.59 15.45 -5.35
N ALA C 162 -1.89 16.43 -5.92
CA ALA C 162 -2.51 17.32 -6.86
C ALA C 162 -3.02 16.56 -8.05
N ARG C 163 -2.21 15.65 -8.58
CA ARG C 163 -2.62 14.88 -9.74
C ARG C 163 -3.78 13.95 -9.44
N ARG C 164 -3.88 13.52 -8.19
CA ARG C 164 -4.88 12.56 -7.78
C ARG C 164 -6.19 13.19 -7.31
N GLY C 165 -6.24 14.51 -7.18
CA GLY C 165 -7.46 15.13 -6.69
C GLY C 165 -7.63 15.00 -5.17
N HIS C 166 -6.54 14.77 -4.45
CA HIS C 166 -6.61 14.59 -3.00
C HIS C 166 -6.52 15.93 -2.26
N VAL C 167 -7.63 16.65 -2.31
CA VAL C 167 -7.78 17.99 -1.75
C VAL C 167 -7.45 18.10 -0.27
N GLU C 168 -8.02 17.24 0.55
CA GLU C 168 -7.74 17.31 1.96
C GLU C 168 -6.29 16.93 2.28
N CYS C 169 -5.66 16.18 1.39
CA CYS C 169 -4.29 15.80 1.60
C CYS C 169 -3.37 16.97 1.33
N VAL C 170 -3.63 17.72 0.26
CA VAL C 170 -2.76 18.87 0.02
C VAL C 170 -3.01 19.92 1.06
N ASN C 171 -4.22 19.96 1.62
CA ASN C 171 -4.51 20.87 2.69
C ASN C 171 -3.56 20.62 3.85
N SER C 172 -3.48 19.36 4.27
CA SER C 172 -2.61 19.00 5.37
C SER C 172 -1.14 19.14 5.04
N LEU C 173 -0.75 18.79 3.83
CA LEU C 173 0.65 18.90 3.45
C LEU C 173 1.11 20.34 3.51
N ILE C 174 0.25 21.26 3.07
CA ILE C 174 0.58 22.65 3.18
C ILE C 174 0.68 23.06 4.61
N ALA C 175 -0.30 22.65 5.42
CA ALA C 175 -0.34 23.00 6.83
C ALA C 175 0.91 22.61 7.60
N TYR C 176 1.52 21.49 7.26
CA TYR C 176 2.75 21.10 7.95
C TYR C 176 4.02 21.69 7.37
N GLY C 177 3.90 22.55 6.36
CA GLY C 177 5.07 23.22 5.82
C GLY C 177 5.28 22.91 4.35
N GLY C 178 4.20 22.64 3.63
CA GLY C 178 4.33 22.31 2.22
C GLY C 178 4.41 23.56 1.38
N ASN C 179 5.31 23.55 0.41
CA ASN C 179 5.46 24.68 -0.49
C ASN C 179 4.49 24.56 -1.65
N ILE C 180 3.39 25.29 -1.56
CA ILE C 180 2.35 25.22 -2.57
C ILE C 180 2.79 25.57 -3.98
N ASP C 181 3.87 26.34 -4.12
CA ASP C 181 4.35 26.70 -5.45
C ASP C 181 5.63 25.98 -5.81
N HIS C 182 5.95 24.89 -5.13
CA HIS C 182 7.17 24.19 -5.45
C HIS C 182 7.17 23.73 -6.89
N LYS C 183 8.19 24.14 -7.62
CA LYS C 183 8.30 23.85 -9.03
C LYS C 183 9.30 22.73 -9.33
N ILE C 184 8.82 21.64 -9.94
CA ILE C 184 9.71 20.55 -10.32
C ILE C 184 9.80 20.33 -11.79
N SER C 185 10.94 20.67 -12.38
CA SER C 185 11.28 20.47 -13.79
C SER C 185 10.12 20.12 -14.75
N HIS C 186 9.85 18.82 -14.89
CA HIS C 186 8.84 18.29 -15.82
C HIS C 186 7.39 18.39 -15.34
N LEU C 187 7.22 18.73 -14.10
CA LEU C 187 5.92 18.86 -13.48
C LEU C 187 5.51 20.30 -13.34
N GLY C 188 6.48 21.13 -12.99
CA GLY C 188 6.22 22.51 -12.72
C GLY C 188 5.55 22.59 -11.36
N THR C 189 4.56 23.45 -11.23
CA THR C 189 3.83 23.55 -9.97
C THR C 189 2.74 22.51 -9.88
N PRO C 190 2.24 22.22 -8.70
CA PRO C 190 1.19 21.28 -8.43
C PRO C 190 -0.11 21.85 -8.96
N LEU C 191 -0.18 23.17 -9.04
CA LEU C 191 -1.32 23.84 -9.62
C LEU C 191 -1.40 23.45 -11.06
N TYR C 192 -0.26 23.57 -11.73
CA TYR C 192 -0.16 23.20 -13.12
C TYR C 192 -0.64 21.78 -13.32
N LEU C 193 -0.15 20.87 -12.49
CA LEU C 193 -0.53 19.47 -12.63
C LEU C 193 -1.99 19.21 -12.43
N ALA C 194 -2.59 19.87 -11.45
CA ALA C 194 -4.01 19.69 -11.19
C ALA C 194 -4.80 20.15 -12.38
N CYS C 195 -4.37 21.26 -12.97
CA CYS C 195 -5.05 21.79 -14.12
C CYS C 195 -4.90 20.83 -15.28
N GLU C 196 -3.71 20.30 -15.44
CA GLU C 196 -3.41 19.34 -16.50
C GLU C 196 -4.32 18.12 -16.40
N ASN C 197 -4.59 17.65 -15.19
CA ASN C 197 -5.46 16.49 -15.01
C ASN C 197 -6.91 16.82 -14.74
N GLN C 198 -7.32 18.07 -14.97
CA GLN C 198 -8.71 18.48 -14.78
C GLN C 198 -9.21 18.26 -13.35
N GLN C 199 -8.33 18.35 -12.36
CA GLN C 199 -8.71 18.13 -10.97
C GLN C 199 -9.23 19.42 -10.37
N ARG C 200 -10.34 19.92 -10.91
CA ARG C 200 -10.91 21.21 -10.54
C ARG C 200 -11.11 21.43 -9.06
N ALA C 201 -11.29 20.36 -8.31
CA ALA C 201 -11.44 20.49 -6.88
C ALA C 201 -10.16 21.00 -6.27
N CYS C 202 -9.04 20.48 -6.74
CA CYS C 202 -7.75 20.88 -6.24
C CYS C 202 -7.32 22.18 -6.83
N VAL C 203 -7.74 22.44 -8.06
CA VAL C 203 -7.36 23.69 -8.66
C VAL C 203 -7.94 24.82 -7.86
N LYS C 204 -9.23 24.72 -7.55
CA LYS C 204 -9.90 25.73 -6.78
C LYS C 204 -9.29 25.82 -5.39
N LYS C 205 -9.05 24.67 -4.77
CA LYS C 205 -8.45 24.63 -3.45
C LYS C 205 -7.09 25.32 -3.38
N LEU C 206 -6.23 25.00 -4.33
CA LEU C 206 -4.90 25.55 -4.34
C LEU C 206 -4.90 27.04 -4.60
N LEU C 207 -5.74 27.48 -5.53
CA LEU C 207 -5.83 28.89 -5.82
C LEU C 207 -6.29 29.68 -4.61
N GLU C 208 -7.24 29.13 -3.86
CA GLU C 208 -7.73 29.80 -2.67
C GLU C 208 -6.67 29.80 -1.59
N SER C 209 -5.91 28.72 -1.51
CA SER C 209 -4.83 28.60 -0.54
C SER C 209 -3.76 29.63 -0.83
N GLY C 210 -3.61 29.97 -2.11
CA GLY C 210 -2.68 31.00 -2.54
C GLY C 210 -1.64 30.52 -3.53
N ALA C 211 -2.04 29.59 -4.40
CA ALA C 211 -1.13 29.12 -5.43
C ALA C 211 -0.90 30.21 -6.46
N ASP C 212 0.31 30.29 -6.97
CA ASP C 212 0.61 31.30 -7.97
C ASP C 212 -0.05 30.98 -9.28
N VAL C 213 -1.18 31.61 -9.50
CA VAL C 213 -1.98 31.42 -10.71
C VAL C 213 -1.20 31.51 -12.01
N ASN C 214 -0.10 32.26 -12.07
CA ASN C 214 0.66 32.38 -13.30
C ASN C 214 1.94 31.56 -13.37
N GLN C 215 2.17 30.70 -12.40
CA GLN C 215 3.37 29.88 -12.41
C GLN C 215 3.05 28.43 -12.68
N GLY C 216 3.39 27.96 -13.86
CA GLY C 216 3.09 26.58 -14.22
C GLY C 216 4.35 25.76 -14.46
N LYS C 217 4.62 25.50 -15.73
CA LYS C 217 5.78 24.73 -16.14
C LYS C 217 6.56 25.50 -17.19
N GLY C 218 7.76 25.93 -16.86
CA GLY C 218 8.53 26.72 -17.80
C GLY C 218 7.76 28.00 -18.06
N GLN C 219 7.45 28.27 -19.32
CA GLN C 219 6.66 29.44 -19.69
C GLN C 219 5.19 29.07 -19.89
N ASP C 220 4.87 27.80 -19.69
CA ASP C 220 3.52 27.30 -19.87
C ASP C 220 2.72 27.55 -18.60
N SER C 221 1.85 28.56 -18.61
CA SER C 221 1.09 28.84 -17.41
C SER C 221 -0.03 27.84 -17.30
N PRO C 222 -0.60 27.67 -16.13
CA PRO C 222 -1.74 26.84 -15.85
C PRO C 222 -2.86 27.21 -16.80
N LEU C 223 -2.97 28.49 -17.12
CA LEU C 223 -3.97 28.97 -18.05
C LEU C 223 -3.71 28.40 -19.43
N HIS C 224 -2.46 28.40 -19.87
CA HIS C 224 -2.15 27.82 -21.18
C HIS C 224 -2.53 26.33 -21.19
N ALA C 225 -2.25 25.64 -20.08
CA ALA C 225 -2.57 24.23 -19.96
C ALA C 225 -4.07 24.01 -20.07
N VAL C 226 -4.84 24.83 -19.39
CA VAL C 226 -6.28 24.77 -19.50
C VAL C 226 -6.74 24.99 -20.92
N ALA C 227 -6.13 25.94 -21.61
CA ALA C 227 -6.50 26.19 -22.98
C ALA C 227 -6.28 24.94 -23.83
N ARG C 228 -5.18 24.22 -23.61
CA ARG C 228 -4.96 22.99 -24.37
C ARG C 228 -6.05 21.96 -24.14
N THR C 229 -6.49 21.83 -22.89
CA THR C 229 -7.53 20.86 -22.58
C THR C 229 -8.92 21.42 -22.87
N ALA C 230 -8.98 22.72 -23.10
CA ALA C 230 -10.20 23.43 -23.42
C ALA C 230 -11.28 23.28 -22.37
N SER C 231 -10.93 23.61 -21.13
CA SER C 231 -11.90 23.60 -20.05
C SER C 231 -12.37 25.00 -19.70
N GLU C 232 -13.58 25.34 -20.14
CA GLU C 232 -14.15 26.65 -19.86
C GLU C 232 -14.31 26.88 -18.37
N GLU C 233 -14.50 25.80 -17.63
CA GLU C 233 -14.66 25.87 -16.20
C GLU C 233 -13.38 26.29 -15.52
N LEU C 234 -12.27 25.65 -15.89
CA LEU C 234 -11.02 26.02 -15.28
C LEU C 234 -10.54 27.36 -15.80
N ALA C 235 -10.91 27.70 -17.03
CA ALA C 235 -10.51 28.96 -17.60
C ALA C 235 -11.09 30.10 -16.80
N CYS C 236 -12.39 30.03 -16.54
CA CYS C 236 -13.03 31.08 -15.76
C CYS C 236 -12.41 31.19 -14.39
N LEU C 237 -12.19 30.04 -13.76
CA LEU C 237 -11.62 30.00 -12.45
C LEU C 237 -10.26 30.69 -12.40
N LEU C 238 -9.37 30.30 -13.30
CA LEU C 238 -8.03 30.90 -13.33
C LEU C 238 -8.05 32.38 -13.66
N MET C 239 -8.91 32.79 -14.57
CA MET C 239 -9.00 34.20 -14.92
C MET C 239 -9.35 35.01 -13.69
N ASP C 240 -10.31 34.52 -12.91
CA ASP C 240 -10.73 35.22 -11.72
C ASP C 240 -9.63 35.33 -10.67
N PHE C 241 -8.74 34.36 -10.62
CA PHE C 241 -7.63 34.49 -9.69
C PHE C 241 -6.43 35.24 -10.24
N GLY C 242 -6.58 35.90 -11.39
CA GLY C 242 -5.51 36.73 -11.93
C GLY C 242 -4.63 36.10 -13.00
N ALA C 243 -5.12 35.06 -13.67
CA ALA C 243 -4.32 34.46 -14.72
C ALA C 243 -4.02 35.46 -15.83
N ASP C 244 -2.77 35.48 -16.25
CA ASP C 244 -2.32 36.42 -17.26
C ASP C 244 -2.64 35.94 -18.66
N THR C 245 -3.75 36.43 -19.17
CA THR C 245 -4.21 36.06 -20.50
C THR C 245 -3.33 36.54 -21.65
N GLN C 246 -2.36 37.41 -21.37
CA GLN C 246 -1.46 37.84 -22.41
C GLN C 246 -0.08 37.20 -22.32
N ALA C 247 0.12 36.32 -21.34
CA ALA C 247 1.42 35.67 -21.19
C ALA C 247 1.69 34.71 -22.33
N LYS C 248 2.94 34.65 -22.76
CA LYS C 248 3.31 33.76 -23.85
C LYS C 248 4.08 32.56 -23.35
N ASN C 249 3.80 31.40 -23.94
CA ASN C 249 4.48 30.17 -23.56
C ASN C 249 5.80 30.10 -24.30
N ALA C 250 6.50 28.98 -24.18
CA ALA C 250 7.79 28.79 -24.84
C ALA C 250 7.71 28.99 -26.36
N GLU C 251 6.57 28.63 -26.93
CA GLU C 251 6.29 28.81 -28.36
C GLU C 251 6.08 30.27 -28.73
N GLY C 252 5.79 31.11 -27.73
CA GLY C 252 5.49 32.51 -27.97
C GLY C 252 3.98 32.68 -28.15
N LYS C 253 3.21 31.70 -27.68
CA LYS C 253 1.77 31.74 -27.85
C LYS C 253 1.02 32.10 -26.59
N ARG C 254 -0.05 32.86 -26.79
CA ARG C 254 -0.95 33.23 -25.70
C ARG C 254 -2.00 32.15 -25.61
N PRO C 255 -2.55 31.87 -24.44
CA PRO C 255 -3.55 30.85 -24.16
C PRO C 255 -4.67 30.82 -25.18
N VAL C 256 -5.18 31.99 -25.56
CA VAL C 256 -6.25 32.06 -26.55
C VAL C 256 -5.83 31.54 -27.93
N GLU C 257 -4.54 31.60 -28.21
CA GLU C 257 -4.01 31.19 -29.49
C GLU C 257 -3.83 29.69 -29.55
N LEU C 258 -4.07 29.01 -28.43
CA LEU C 258 -3.92 27.58 -28.37
C LEU C 258 -5.22 26.88 -28.72
N VAL C 259 -6.31 27.63 -28.91
CA VAL C 259 -7.56 26.97 -29.21
C VAL C 259 -8.24 27.54 -30.44
N PRO C 260 -9.13 26.75 -31.06
CA PRO C 260 -9.97 27.10 -32.18
C PRO C 260 -10.88 28.26 -31.81
N PRO C 261 -11.03 29.25 -32.69
CA PRO C 261 -11.82 30.46 -32.54
C PRO C 261 -13.31 30.16 -32.48
N GLU C 262 -13.70 28.98 -32.94
CA GLU C 262 -15.09 28.56 -32.89
C GLU C 262 -15.53 28.17 -31.47
N SER C 263 -14.57 27.93 -30.59
CA SER C 263 -14.90 27.52 -29.24
C SER C 263 -15.46 28.67 -28.40
N PRO C 264 -16.25 28.34 -27.37
CA PRO C 264 -16.81 29.25 -26.39
C PRO C 264 -15.70 29.71 -25.48
N LEU C 265 -14.66 28.90 -25.40
CA LEU C 265 -13.47 29.24 -24.65
C LEU C 265 -12.80 30.44 -25.27
N ALA C 266 -12.66 30.43 -26.59
CA ALA C 266 -12.09 31.58 -27.28
C ALA C 266 -12.90 32.83 -26.95
N GLN C 267 -14.22 32.68 -26.92
CA GLN C 267 -15.07 33.81 -26.55
C GLN C 267 -14.80 34.26 -25.13
N LEU C 268 -14.56 33.31 -24.22
CA LEU C 268 -14.26 33.66 -22.84
C LEU C 268 -12.97 34.44 -22.75
N PHE C 269 -12.00 34.13 -23.60
CA PHE C 269 -10.79 34.91 -23.60
C PHE C 269 -11.07 36.33 -24.08
N LEU C 270 -11.93 36.46 -25.09
CA LEU C 270 -12.29 37.77 -25.63
C LEU C 270 -12.91 38.65 -24.57
N GLU C 271 -13.69 38.05 -23.69
CA GLU C 271 -14.35 38.79 -22.63
C GLU C 271 -13.37 39.42 -21.64
N ARG C 272 -12.18 38.85 -21.50
CA ARG C 272 -11.21 39.37 -20.55
C ARG C 272 -10.02 40.03 -21.24
N GLU C 273 -10.17 40.44 -22.50
CA GLU C 273 -9.05 41.08 -23.19
C GLU C 273 -8.75 42.49 -22.70
N GLY C 274 -9.77 43.23 -22.26
CA GLY C 274 -9.53 44.59 -21.78
C GLY C 274 -9.00 44.58 -20.36
N PRO C 275 -8.71 45.76 -19.80
CA PRO C 275 -8.22 46.00 -18.46
C PRO C 275 -9.24 45.47 -17.47
N PRO C 276 -8.80 44.97 -16.33
CA PRO C 276 -9.57 44.41 -15.23
C PRO C 276 -10.29 45.51 -14.48
N SER C 277 -11.33 45.15 -13.75
CA SER C 277 -12.06 46.12 -12.97
C SER C 277 -11.21 46.55 -11.80
N LEU C 278 -11.53 47.71 -11.22
CA LEU C 278 -10.79 48.18 -10.09
C LEU C 278 -10.97 47.22 -8.95
N MET C 279 -12.19 46.75 -8.75
CA MET C 279 -12.42 45.78 -7.70
C MET C 279 -11.58 44.56 -7.92
N GLN C 280 -11.50 44.08 -9.16
CA GLN C 280 -10.69 42.92 -9.44
C GLN C 280 -9.27 43.14 -8.98
N LEU C 281 -8.72 44.28 -9.35
CA LEU C 281 -7.37 44.64 -8.99
C LEU C 281 -7.20 44.73 -7.50
N CYS C 282 -8.21 45.29 -6.86
CA CYS C 282 -8.15 45.48 -5.44
C CYS C 282 -8.19 44.17 -4.71
N ARG C 283 -9.03 43.25 -5.18
CA ARG C 283 -9.14 41.97 -4.51
C ARG C 283 -7.83 41.25 -4.62
N LEU C 284 -7.20 41.34 -5.78
CA LEU C 284 -5.92 40.69 -5.97
C LEU C 284 -4.87 41.32 -5.08
N ARG C 285 -4.91 42.65 -4.99
CA ARG C 285 -3.95 43.38 -4.20
C ARG C 285 -4.06 43.02 -2.74
N ILE C 286 -5.29 42.94 -2.26
CA ILE C 286 -5.56 42.60 -0.88
C ILE C 286 -5.17 41.18 -0.60
N ARG C 287 -5.54 40.27 -1.49
CA ARG C 287 -5.23 38.87 -1.28
C ARG C 287 -3.74 38.66 -1.10
N LYS C 288 -2.92 39.42 -1.83
CA LYS C 288 -1.47 39.33 -1.71
C LYS C 288 -0.93 39.62 -0.31
N CYS C 289 -1.71 40.27 0.53
CA CYS C 289 -1.26 40.58 1.87
C CYS C 289 -1.37 39.39 2.80
N PHE C 290 -2.07 38.34 2.38
CA PHE C 290 -2.23 37.18 3.23
C PHE C 290 -1.39 36.04 2.67
N GLY C 291 -0.74 35.30 3.57
CA GLY C 291 0.11 34.18 3.17
C GLY C 291 -0.69 32.93 2.82
N ILE C 292 0.01 31.81 2.74
CA ILE C 292 -0.65 30.58 2.34
C ILE C 292 -1.53 30.08 3.46
N GLN C 293 -2.80 29.89 3.12
CA GLN C 293 -3.86 29.53 4.06
C GLN C 293 -4.01 30.55 5.20
N GLN C 294 -3.63 31.79 4.96
CA GLN C 294 -3.75 32.81 5.98
C GLN C 294 -4.93 33.70 5.73
N HIS C 295 -5.56 33.52 4.58
CA HIS C 295 -6.67 34.35 4.16
C HIS C 295 -7.91 34.22 5.03
N HIS C 296 -7.93 33.27 5.97
CA HIS C 296 -9.04 33.19 6.90
C HIS C 296 -9.09 34.45 7.77
N LYS C 297 -7.96 35.17 7.88
CA LYS C 297 -7.87 36.39 8.63
C LYS C 297 -8.63 37.53 8.00
N ILE C 298 -9.06 37.36 6.74
CA ILE C 298 -9.90 38.33 6.04
C ILE C 298 -11.17 38.61 6.81
N THR C 299 -11.66 37.62 7.54
CA THR C 299 -12.86 37.78 8.33
C THR C 299 -12.69 38.82 9.44
N LYS C 300 -11.45 39.16 9.79
CA LYS C 300 -11.17 40.15 10.81
C LYS C 300 -11.02 41.56 10.25
N LEU C 301 -11.19 41.73 8.95
CA LEU C 301 -11.12 43.05 8.36
C LEU C 301 -12.35 43.86 8.66
N VAL C 302 -12.20 45.18 8.59
CA VAL C 302 -13.29 46.11 8.87
C VAL C 302 -14.18 46.38 7.65
N LEU C 303 -14.49 45.34 6.91
CA LEU C 303 -15.30 45.42 5.71
C LEU C 303 -16.68 44.88 5.95
N PRO C 304 -17.61 45.14 5.05
CA PRO C 304 -18.93 44.57 5.01
C PRO C 304 -18.75 43.14 4.58
N GLU C 305 -19.70 42.28 4.97
CA GLU C 305 -19.59 40.87 4.67
C GLU C 305 -19.61 40.58 3.18
N ASP C 306 -20.17 41.49 2.39
CA ASP C 306 -20.20 41.31 0.95
C ASP C 306 -18.79 41.28 0.41
N LEU C 307 -17.98 42.21 0.86
CA LEU C 307 -16.62 42.26 0.40
C LEU C 307 -15.81 41.16 1.01
N LYS C 308 -16.16 40.75 2.22
CA LYS C 308 -15.46 39.62 2.79
C LYS C 308 -15.70 38.38 1.94
N GLN C 309 -16.90 38.24 1.40
CA GLN C 309 -17.16 37.11 0.52
C GLN C 309 -16.38 37.26 -0.78
N PHE C 310 -16.25 38.49 -1.28
CA PHE C 310 -15.43 38.70 -2.47
C PHE C 310 -13.98 38.36 -2.27
N LEU C 311 -13.47 38.60 -1.09
CA LEU C 311 -12.07 38.31 -0.83
C LEU C 311 -11.86 36.84 -0.47
N LEU C 312 -12.79 36.24 0.24
CA LEU C 312 -12.67 34.84 0.60
C LEU C 312 -12.97 33.92 -0.57
N HIS C 313 -13.86 34.33 -1.46
CA HIS C 313 -14.19 33.55 -2.63
C HIS C 313 -13.60 34.17 -3.87
N LEU C 314 -12.40 34.71 -3.72
CA LEU C 314 -11.66 35.39 -4.76
C LEU C 314 -11.88 34.78 -6.15
N TYR D 3 -15.91 67.97 -19.45
CA TYR D 3 -15.36 67.56 -18.15
C TYR D 3 -16.39 67.70 -17.03
N VAL D 4 -16.27 66.85 -16.02
CA VAL D 4 -17.17 66.84 -14.88
C VAL D 4 -16.42 66.96 -13.56
N LYS D 5 -16.89 67.83 -12.67
CA LYS D 5 -16.24 67.99 -11.37
C LYS D 5 -16.78 67.02 -10.33
N LEU D 6 -15.87 66.28 -9.69
CA LEU D 6 -16.26 65.37 -8.63
C LEU D 6 -15.85 65.95 -7.29
N ILE D 7 -16.73 65.89 -6.29
CA ILE D 7 -16.39 66.44 -4.98
C ILE D 7 -16.11 65.34 -3.96
N SER D 8 -14.96 65.40 -3.30
CA SER D 8 -14.61 64.40 -2.29
C SER D 8 -15.17 64.80 -0.94
N SER D 9 -15.04 63.90 0.03
CA SER D 9 -15.48 64.17 1.40
C SER D 9 -14.63 65.22 2.07
N ASP D 10 -13.46 65.50 1.50
CA ASP D 10 -12.53 66.41 2.09
C ASP D 10 -12.61 67.77 1.40
N GLY D 11 -13.55 67.91 0.46
CA GLY D 11 -13.71 69.16 -0.24
C GLY D 11 -12.80 69.31 -1.44
N HIS D 12 -12.24 68.21 -1.94
CA HIS D 12 -11.41 68.37 -3.12
C HIS D 12 -12.26 68.31 -4.36
N GLU D 13 -11.81 69.03 -5.37
CA GLU D 13 -12.53 69.16 -6.63
C GLU D 13 -11.75 68.51 -7.76
N PHE D 14 -12.29 67.43 -8.31
CA PHE D 14 -11.58 66.75 -9.38
C PHE D 14 -12.21 66.97 -10.71
N ILE D 15 -11.46 67.52 -11.64
CA ILE D 15 -11.94 67.73 -12.98
C ILE D 15 -11.60 66.52 -13.81
N VAL D 16 -12.63 65.80 -14.22
CA VAL D 16 -12.42 64.55 -14.91
C VAL D 16 -13.13 64.54 -16.24
N LYS D 17 -12.44 64.12 -17.28
CA LYS D 17 -13.11 64.08 -18.55
C LYS D 17 -14.30 63.17 -18.40
N ARG D 18 -15.47 63.70 -18.74
CA ARG D 18 -16.73 62.99 -18.59
C ARG D 18 -16.69 61.57 -19.12
N GLU D 19 -16.04 61.41 -20.26
CA GLU D 19 -15.99 60.13 -20.91
C GLU D 19 -15.21 59.12 -20.09
N HIS D 20 -14.23 59.59 -19.32
CA HIS D 20 -13.50 58.69 -18.45
C HIS D 20 -14.36 58.39 -17.24
N ALA D 21 -15.10 59.39 -16.78
CA ALA D 21 -15.98 59.25 -15.64
C ALA D 21 -16.99 58.16 -15.87
N LEU D 22 -17.46 58.05 -17.11
CA LEU D 22 -18.41 57.01 -17.50
C LEU D 22 -17.90 55.56 -17.32
N THR D 23 -16.67 55.37 -16.84
CA THR D 23 -16.16 54.06 -16.49
C THR D 23 -17.02 53.43 -15.42
N SER D 24 -17.42 54.26 -14.47
CA SER D 24 -18.25 53.84 -13.34
C SER D 24 -19.69 53.63 -13.70
N GLY D 25 -20.23 52.47 -13.33
CA GLY D 25 -21.63 52.19 -13.59
C GLY D 25 -22.51 53.15 -12.81
N THR D 26 -22.08 53.49 -11.59
CA THR D 26 -22.82 54.41 -10.76
C THR D 26 -22.83 55.78 -11.40
N ILE D 27 -21.68 56.25 -11.88
CA ILE D 27 -21.65 57.54 -12.55
C ILE D 27 -22.50 57.52 -13.80
N LYS D 28 -22.47 56.42 -14.55
CA LYS D 28 -23.32 56.33 -15.73
C LYS D 28 -24.77 56.50 -15.32
N ALA D 29 -25.16 55.90 -14.20
CA ALA D 29 -26.51 56.05 -13.68
C ALA D 29 -26.79 57.50 -13.29
N MET D 30 -25.75 58.22 -12.87
CA MET D 30 -25.84 59.64 -12.51
C MET D 30 -25.92 60.58 -13.72
N LEU D 31 -25.91 60.04 -14.94
CA LEU D 31 -26.02 60.86 -16.13
C LEU D 31 -27.14 60.38 -17.04
N GLU D 44 -22.05 68.27 -12.55
CA GLU D 44 -21.08 67.95 -11.51
C GLU D 44 -21.66 66.98 -10.50
N VAL D 45 -20.81 66.20 -9.83
CA VAL D 45 -21.28 65.21 -8.86
C VAL D 45 -20.57 65.32 -7.53
N ASN D 46 -21.34 65.43 -6.46
CA ASN D 46 -20.77 65.50 -5.13
C ASN D 46 -20.78 64.14 -4.46
N PHE D 47 -19.61 63.52 -4.41
CA PHE D 47 -19.45 62.21 -3.80
C PHE D 47 -18.87 62.30 -2.40
N ARG D 48 -19.59 62.95 -1.49
CA ARG D 48 -19.12 63.19 -0.12
C ARG D 48 -18.79 61.96 0.74
N GLU D 49 -19.12 60.76 0.28
CA GLU D 49 -18.83 59.56 1.05
C GLU D 49 -17.41 59.00 0.85
N ILE D 50 -16.65 59.53 -0.10
CA ILE D 50 -15.31 59.01 -0.35
C ILE D 50 -14.24 60.03 0.01
N PRO D 51 -13.17 59.62 0.69
CA PRO D 51 -12.04 60.44 1.09
C PRO D 51 -11.15 60.77 -0.08
N SER D 52 -10.47 61.91 0.01
CA SER D 52 -9.64 62.40 -1.07
C SER D 52 -8.47 61.50 -1.41
N HIS D 53 -7.96 60.76 -0.42
CA HIS D 53 -6.87 59.85 -0.72
C HIS D 53 -7.30 58.61 -1.47
N VAL D 54 -8.59 58.47 -1.71
CA VAL D 54 -9.05 57.36 -2.51
C VAL D 54 -9.57 57.87 -3.84
N LEU D 55 -10.46 58.86 -3.79
CA LEU D 55 -11.09 59.36 -5.00
C LEU D 55 -10.13 59.78 -6.07
N SER D 56 -9.04 60.44 -5.70
CA SER D 56 -8.10 60.86 -6.73
C SER D 56 -7.53 59.66 -7.50
N LYS D 57 -7.39 58.53 -6.82
CA LYS D 57 -6.84 57.36 -7.46
C LYS D 57 -7.87 56.74 -8.33
N VAL D 58 -9.11 56.76 -7.87
CA VAL D 58 -10.21 56.24 -8.66
C VAL D 58 -10.28 56.93 -9.99
N CYS D 59 -10.10 58.24 -9.97
CA CYS D 59 -10.06 58.99 -11.20
C CYS D 59 -8.95 58.49 -12.09
N MET D 60 -7.76 58.38 -11.54
CA MET D 60 -6.62 57.90 -12.30
C MET D 60 -6.96 56.58 -12.99
N TYR D 61 -7.59 55.67 -12.24
CA TYR D 61 -8.07 54.42 -12.79
C TYR D 61 -8.97 54.63 -13.99
N PHE D 62 -9.86 55.61 -13.92
CA PHE D 62 -10.77 55.84 -15.05
C PHE D 62 -9.98 56.06 -16.32
N THR D 63 -8.93 56.87 -16.22
CA THR D 63 -8.08 57.13 -17.36
C THR D 63 -7.36 55.89 -17.82
N TYR D 64 -6.80 55.16 -16.86
CA TYR D 64 -6.07 53.93 -17.12
C TYR D 64 -6.87 52.96 -17.94
N LYS D 65 -8.08 52.67 -17.53
CA LYS D 65 -8.89 51.73 -18.25
C LYS D 65 -9.20 52.22 -19.63
N VAL D 66 -9.52 53.50 -19.77
CA VAL D 66 -9.80 54.04 -21.08
C VAL D 66 -8.61 53.94 -22.00
N ARG D 67 -7.44 54.29 -21.49
CA ARG D 67 -6.24 54.29 -22.30
C ARG D 67 -5.88 52.95 -22.88
N TYR D 68 -6.05 51.90 -22.09
CA TYR D 68 -5.68 50.59 -22.57
C TYR D 68 -6.83 49.72 -22.97
N THR D 69 -7.96 50.33 -23.32
CA THR D 69 -9.13 49.55 -23.71
C THR D 69 -8.90 48.73 -24.98
N ASN D 70 -8.27 49.30 -26.00
CA ASN D 70 -8.03 48.58 -27.25
C ASN D 70 -6.59 48.70 -27.74
N SER D 71 -5.67 47.99 -27.10
CA SER D 71 -4.27 48.05 -27.51
C SER D 71 -3.41 46.96 -26.86
N GLU D 74 0.08 46.13 -25.23
CA GLU D 74 -0.01 45.46 -23.94
C GLU D 74 -0.63 46.36 -22.89
N ILE D 75 -0.96 45.80 -21.74
CA ILE D 75 -1.55 46.58 -20.67
C ILE D 75 -0.67 46.49 -19.42
N PRO D 76 -0.17 47.61 -18.90
CA PRO D 76 0.67 47.75 -17.72
C PRO D 76 -0.17 47.57 -16.46
N GLU D 77 0.48 47.33 -15.33
CA GLU D 77 -0.25 47.12 -14.08
C GLU D 77 -0.58 48.40 -13.33
N PHE D 78 -1.84 48.53 -12.95
CA PHE D 78 -2.32 49.65 -12.17
C PHE D 78 -1.77 49.55 -10.73
N PRO D 79 -1.12 50.58 -10.22
CA PRO D 79 -0.53 50.67 -8.89
C PRO D 79 -1.57 50.87 -7.80
N ILE D 80 -1.47 50.08 -6.72
CA ILE D 80 -2.35 50.22 -5.55
C ILE D 80 -1.58 50.15 -4.24
N ALA D 81 -1.77 51.15 -3.40
CA ALA D 81 -1.15 51.14 -2.07
C ALA D 81 -2.01 50.33 -1.10
N PRO D 82 -1.41 49.44 -0.30
CA PRO D 82 -2.05 48.57 0.66
C PRO D 82 -2.78 49.36 1.72
N GLU D 83 -2.33 50.57 2.01
CA GLU D 83 -2.96 51.40 3.01
C GLU D 83 -4.33 51.90 2.58
N ILE D 84 -4.63 51.86 1.29
CA ILE D 84 -5.91 52.34 0.86
C ILE D 84 -6.69 51.25 0.20
N ALA D 85 -6.05 50.13 -0.09
CA ALA D 85 -6.68 49.04 -0.81
C ALA D 85 -8.05 48.68 -0.29
N LEU D 86 -8.23 48.63 1.03
CA LEU D 86 -9.53 48.26 1.57
C LEU D 86 -10.60 49.29 1.24
N GLU D 87 -10.25 50.55 1.41
CA GLU D 87 -11.18 51.62 1.13
C GLU D 87 -11.41 51.77 -0.34
N LEU D 88 -10.36 51.53 -1.11
CA LEU D 88 -10.40 51.62 -2.54
C LEU D 88 -11.39 50.61 -3.05
N LEU D 89 -11.29 49.39 -2.51
CA LEU D 89 -12.22 48.34 -2.86
C LEU D 89 -13.63 48.77 -2.59
N MET D 90 -13.86 49.32 -1.39
CA MET D 90 -15.19 49.77 -1.01
C MET D 90 -15.70 50.84 -1.96
N ALA D 91 -14.81 51.76 -2.33
CA ALA D 91 -15.17 52.83 -3.24
C ALA D 91 -15.56 52.26 -4.59
N ALA D 92 -14.78 51.30 -5.06
CA ALA D 92 -15.05 50.68 -6.33
C ALA D 92 -16.38 49.97 -6.29
N ASN D 93 -16.67 49.33 -5.16
CA ASN D 93 -17.93 48.66 -4.99
C ASN D 93 -19.06 49.67 -5.13
N PHE D 94 -18.93 50.79 -4.43
CA PHE D 94 -19.92 51.86 -4.51
C PHE D 94 -20.13 52.36 -5.92
N LEU D 95 -19.03 52.58 -6.63
CA LEU D 95 -19.08 53.10 -7.97
C LEU D 95 -19.38 52.07 -9.04
N ASP D 96 -19.62 50.83 -8.69
CA ASP D 96 -19.84 49.79 -9.68
C ASP D 96 -18.65 49.73 -10.65
N CYS D 97 -17.48 49.45 -10.07
CA CYS D 97 -16.24 49.32 -10.83
C CYS D 97 -15.41 48.14 -10.35
N ASP E 2 1.81 60.49 -25.76
CA ASP E 2 0.83 61.29 -25.04
C ASP E 2 1.27 61.59 -23.61
N VAL E 3 0.84 62.73 -23.11
CA VAL E 3 1.15 63.21 -21.77
C VAL E 3 -0.07 63.20 -20.88
N PHE E 4 0.01 62.50 -19.76
CA PHE E 4 -1.09 62.46 -18.81
C PHE E 4 -0.72 63.35 -17.65
N LEU E 5 -1.31 64.54 -17.62
CA LEU E 5 -0.90 65.54 -16.67
C LEU E 5 -1.98 65.94 -15.69
N MET E 6 -1.61 66.00 -14.43
CA MET E 6 -2.52 66.38 -13.35
C MET E 6 -2.19 67.79 -12.82
N ILE E 7 -3.13 68.72 -13.00
CA ILE E 7 -2.96 70.12 -12.64
C ILE E 7 -3.61 70.44 -11.32
N ARG E 8 -2.87 71.01 -10.38
CA ARG E 8 -3.47 71.28 -9.07
C ARG E 8 -3.23 72.66 -8.47
N ARG E 9 -4.15 73.05 -7.58
CA ARG E 9 -4.05 74.30 -6.81
C ARG E 9 -5.07 74.27 -5.70
N HIS E 10 -4.66 74.66 -4.48
CA HIS E 10 -5.56 74.62 -3.34
C HIS E 10 -6.14 73.23 -3.23
N LYS E 11 -7.46 73.09 -3.32
CA LYS E 11 -8.05 71.78 -3.26
C LYS E 11 -8.62 71.34 -4.60
N THR E 12 -8.10 71.88 -5.69
CA THR E 12 -8.59 71.50 -6.99
C THR E 12 -7.55 70.70 -7.75
N THR E 13 -8.03 69.79 -8.58
CA THR E 13 -7.21 68.91 -9.40
C THR E 13 -7.81 68.70 -10.81
N ILE E 14 -6.99 68.78 -11.85
CA ILE E 14 -7.48 68.50 -13.19
C ILE E 14 -6.72 67.40 -13.87
N PHE E 15 -7.43 66.37 -14.33
CA PHE E 15 -6.79 65.30 -15.09
C PHE E 15 -6.98 65.52 -16.58
N THR E 16 -5.88 65.73 -17.32
CA THR E 16 -6.03 65.98 -18.74
C THR E 16 -4.84 65.51 -19.58
N ASP E 17 -5.10 65.20 -20.84
CA ASP E 17 -4.07 64.69 -21.75
C ASP E 17 -3.51 65.75 -22.68
N ALA E 18 -2.27 65.54 -23.13
CA ALA E 18 -1.60 66.47 -24.03
C ALA E 18 -0.56 65.78 -24.90
N LYS E 19 0.01 66.52 -25.85
CA LYS E 19 1.06 65.99 -26.71
C LYS E 19 2.42 66.47 -26.25
N GLU E 20 3.45 65.65 -26.37
CA GLU E 20 4.79 66.05 -25.93
C GLU E 20 5.27 67.29 -26.67
N SER E 21 4.81 67.44 -27.91
CA SER E 21 5.16 68.56 -28.78
C SER E 21 4.35 69.80 -28.50
N SER E 22 3.27 69.67 -27.72
CA SER E 22 2.47 70.84 -27.41
C SER E 22 3.23 71.62 -26.36
N THR E 23 2.93 72.90 -26.26
CA THR E 23 3.63 73.74 -25.31
C THR E 23 2.74 74.17 -24.20
N VAL E 24 3.39 74.76 -23.22
CA VAL E 24 2.76 75.32 -22.06
C VAL E 24 1.67 76.29 -22.45
N PHE E 25 1.89 77.08 -23.50
CA PHE E 25 0.87 78.00 -23.99
C PHE E 25 -0.45 77.28 -24.31
N GLU E 26 -0.39 76.17 -25.04
CA GLU E 26 -1.64 75.46 -25.31
C GLU E 26 -2.19 74.90 -24.04
N LEU E 27 -1.31 74.39 -23.18
CA LEU E 27 -1.70 73.88 -21.88
C LEU E 27 -2.42 74.97 -21.07
N LYS E 28 -2.00 76.22 -21.22
CA LYS E 28 -2.68 77.32 -20.56
C LYS E 28 -4.12 77.38 -21.06
N ARG E 29 -4.30 77.17 -22.36
CA ARG E 29 -5.66 77.17 -22.87
C ARG E 29 -6.41 75.91 -22.47
N ILE E 30 -5.69 74.85 -22.15
CA ILE E 30 -6.35 73.67 -21.62
C ILE E 30 -6.97 74.02 -20.29
N VAL E 31 -6.25 74.79 -19.49
CA VAL E 31 -6.79 75.26 -18.24
C VAL E 31 -7.97 76.19 -18.46
N GLU E 32 -7.82 77.10 -19.42
CA GLU E 32 -8.87 78.07 -19.77
C GLU E 32 -10.23 77.40 -20.00
N GLY E 33 -10.23 76.30 -20.73
CA GLY E 33 -11.47 75.58 -21.02
C GLY E 33 -12.18 75.06 -19.76
N ILE E 34 -11.47 74.97 -18.63
CA ILE E 34 -12.04 74.48 -17.40
C ILE E 34 -12.37 75.60 -16.44
N LEU E 35 -11.40 76.46 -16.19
CA LEU E 35 -11.55 77.49 -15.21
C LEU E 35 -11.89 78.87 -15.78
N LYS E 36 -12.05 78.93 -17.10
CA LYS E 36 -12.50 80.13 -17.79
C LYS E 36 -11.73 81.41 -17.50
N ARG E 37 -10.41 81.32 -17.35
CA ARG E 37 -9.60 82.51 -17.16
C ARG E 37 -8.45 82.52 -18.18
N PRO E 38 -8.08 83.70 -18.70
CA PRO E 38 -7.07 83.95 -19.72
C PRO E 38 -5.71 83.38 -19.38
N PRO E 39 -4.98 82.85 -20.36
CA PRO E 39 -3.63 82.31 -20.31
C PRO E 39 -2.66 83.26 -19.62
N ASP E 40 -2.84 84.57 -19.82
CA ASP E 40 -1.98 85.54 -19.16
C ASP E 40 -2.23 85.61 -17.65
N GLU E 41 -3.44 85.27 -17.21
CA GLU E 41 -3.75 85.26 -15.79
C GLU E 41 -3.34 83.94 -15.17
N GLN E 42 -3.02 82.97 -16.02
CA GLN E 42 -2.60 81.68 -15.55
C GLN E 42 -1.09 81.55 -15.36
N ARG E 43 -0.69 80.87 -14.31
CA ARG E 43 0.71 80.56 -14.06
C ARG E 43 0.93 79.10 -13.78
N LEU E 44 1.32 78.38 -14.81
CA LEU E 44 1.62 76.99 -14.67
C LEU E 44 3.02 76.84 -14.19
N TYR E 45 3.25 75.88 -13.31
CA TYR E 45 4.60 75.68 -12.84
C TYR E 45 4.83 74.25 -12.37
N LYS E 46 6.07 73.81 -12.49
CA LYS E 46 6.47 72.47 -12.08
C LYS E 46 7.20 72.58 -10.78
N ASP E 47 6.70 71.92 -9.74
CA ASP E 47 7.35 72.04 -8.44
C ASP E 47 7.30 73.52 -8.05
N ASP E 48 8.41 74.22 -8.15
CA ASP E 48 8.41 75.67 -7.91
C ASP E 48 9.02 76.40 -9.10
N GLN E 49 9.27 75.64 -10.17
CA GLN E 49 9.81 76.16 -11.41
C GLN E 49 8.72 76.65 -12.31
N LEU E 50 8.75 77.93 -12.61
CA LEU E 50 7.70 78.46 -13.42
C LEU E 50 7.83 77.93 -14.83
N LEU E 51 6.71 77.52 -15.42
CA LEU E 51 6.75 76.99 -16.77
C LEU E 51 6.64 78.10 -17.81
N ASP E 52 7.39 77.89 -18.89
CA ASP E 52 7.53 78.79 -20.02
C ASP E 52 6.57 78.47 -21.14
N ASP E 53 5.68 79.41 -21.47
CA ASP E 53 4.73 79.24 -22.58
C ASP E 53 5.37 78.70 -23.85
N GLY E 54 6.61 79.11 -24.13
CA GLY E 54 7.34 78.72 -25.33
C GLY E 54 8.10 77.38 -25.26
N LYS E 55 7.99 76.66 -24.14
CA LYS E 55 8.63 75.36 -24.04
C LYS E 55 7.61 74.25 -24.18
N THR E 56 8.03 73.17 -24.82
CA THR E 56 7.17 72.03 -25.01
C THR E 56 7.15 71.22 -23.74
N LEU E 57 6.18 70.33 -23.63
CA LEU E 57 6.13 69.47 -22.46
C LEU E 57 7.36 68.60 -22.38
N GLY E 58 7.82 68.11 -23.52
CA GLY E 58 9.06 67.35 -23.59
C GLY E 58 10.23 68.21 -23.09
N GLU E 59 10.27 69.48 -23.54
CA GLU E 59 11.30 70.42 -23.14
C GLU E 59 11.26 70.68 -21.64
N CYS E 60 10.07 70.69 -21.06
CA CYS E 60 9.91 70.94 -19.65
C CYS E 60 10.12 69.71 -18.76
N GLY E 61 10.56 68.59 -19.33
CA GLY E 61 10.85 67.40 -18.53
C GLY E 61 9.66 66.45 -18.34
N PHE E 62 8.61 66.61 -19.14
CA PHE E 62 7.47 65.72 -19.03
C PHE E 62 7.52 64.69 -20.14
N THR E 63 7.16 63.46 -19.83
CA THR E 63 7.21 62.43 -20.85
C THR E 63 6.38 61.19 -20.55
N SER E 64 6.46 60.23 -21.47
CA SER E 64 5.73 58.97 -21.38
C SER E 64 6.20 58.09 -20.24
N GLN E 65 7.38 58.38 -19.73
CA GLN E 65 7.96 57.64 -18.64
C GLN E 65 7.63 58.27 -17.29
N THR E 66 6.92 59.39 -17.30
CA THR E 66 6.56 60.09 -16.08
C THR E 66 5.06 60.28 -16.04
N ALA E 67 4.60 61.07 -16.99
CA ALA E 67 3.20 61.46 -17.10
C ALA E 67 2.39 60.34 -17.72
N ARG E 68 2.14 59.29 -16.94
CA ARG E 68 1.46 58.10 -17.43
C ARG E 68 -0.01 58.00 -17.06
N PRO E 69 -0.73 57.06 -17.66
CA PRO E 69 -2.09 56.66 -17.37
C PRO E 69 -2.11 55.81 -16.12
N GLN E 70 -0.93 55.27 -15.77
CA GLN E 70 -0.73 54.55 -14.53
C GLN E 70 -0.62 55.51 -13.38
N ALA E 71 -0.17 56.72 -13.68
CA ALA E 71 0.05 57.77 -12.70
C ALA E 71 0.60 58.99 -13.42
N PRO E 72 -0.20 60.03 -13.57
CA PRO E 72 0.06 61.28 -14.27
C PRO E 72 1.04 62.14 -13.51
N ALA E 73 1.62 63.10 -14.22
CA ALA E 73 2.60 64.00 -13.63
C ALA E 73 1.90 65.11 -12.89
N THR E 74 2.57 65.67 -11.90
CA THR E 74 1.94 66.75 -11.13
C THR E 74 2.50 68.11 -11.49
N VAL E 75 1.60 69.05 -11.79
CA VAL E 75 1.98 70.41 -12.13
C VAL E 75 1.05 71.36 -11.41
N GLY E 76 1.56 72.50 -10.97
CA GLY E 76 0.75 73.44 -10.22
C GLY E 76 0.22 74.58 -11.08
N LEU E 77 -0.87 75.18 -10.60
CA LEU E 77 -1.53 76.29 -11.26
C LEU E 77 -1.82 77.46 -10.35
N ALA E 78 -1.25 78.60 -10.65
CA ALA E 78 -1.55 79.79 -9.88
C ALA E 78 -2.22 80.81 -10.77
N PHE E 79 -3.22 81.48 -10.25
CA PHE E 79 -3.83 82.57 -10.98
C PHE E 79 -3.43 83.92 -10.49
N ARG E 80 -3.41 84.87 -11.42
CA ARG E 80 -3.07 86.21 -11.09
C ARG E 80 -4.09 86.76 -10.13
N ALA E 81 -3.62 87.27 -9.00
CA ALA E 81 -4.50 87.82 -7.98
C ALA E 81 -4.63 89.33 -8.15
N ASP E 82 -3.50 89.98 -8.26
CA ASP E 82 -3.35 91.42 -8.45
C ASP E 82 -2.31 91.59 -9.54
N ASP E 83 -1.35 92.48 -9.37
CA ASP E 83 -0.28 92.52 -10.35
C ASP E 83 0.49 91.20 -10.32
N THR E 84 0.50 90.54 -9.16
CA THR E 84 1.16 89.27 -8.92
C THR E 84 0.16 88.11 -8.86
N PHE E 85 0.70 86.91 -8.75
CA PHE E 85 -0.09 85.68 -8.72
C PHE E 85 -0.22 85.13 -7.32
N GLU E 86 -1.37 84.50 -7.06
CA GLU E 86 -1.70 83.87 -5.78
C GLU E 86 -0.60 82.94 -5.30
N ALA E 87 -0.61 82.62 -4.03
CA ALA E 87 0.39 81.74 -3.47
C ALA E 87 0.37 80.39 -4.18
N LEU E 88 1.56 79.94 -4.59
CA LEU E 88 1.74 78.68 -5.32
C LEU E 88 1.66 77.46 -4.40
N CYS E 89 0.53 77.27 -3.73
CA CYS E 89 0.37 76.17 -2.80
C CYS E 89 -0.76 75.24 -3.17
N ILE E 90 -0.56 73.96 -2.89
CA ILE E 90 -1.53 72.92 -3.17
C ILE E 90 -1.86 72.16 -1.90
N GLU E 91 -3.14 72.04 -1.59
CA GLU E 91 -3.57 71.35 -0.37
C GLU E 91 -3.56 69.84 -0.57
N PRO E 92 -2.70 69.11 0.16
CA PRO E 92 -2.50 67.67 0.14
C PRO E 92 -3.77 66.92 0.41
N PHE E 93 -3.84 65.71 -0.11
CA PHE E 93 -4.99 64.85 0.13
C PHE E 93 -4.85 64.28 1.53
N SER E 94 -5.94 63.74 2.06
CA SER E 94 -5.93 63.16 3.40
C SER E 94 -4.93 62.04 3.57
N SER E 95 -4.41 61.91 4.77
CA SER E 95 -3.58 60.77 5.02
C SER E 95 -4.46 59.55 4.94
N PRO E 96 -3.94 58.44 4.42
CA PRO E 96 -4.54 57.14 4.40
C PRO E 96 -4.43 56.60 5.80
N PRO E 97 -5.28 55.63 6.16
CA PRO E 97 -5.37 54.95 7.43
C PRO E 97 -4.27 53.94 7.61
N GLU E 98 -4.03 53.55 8.85
CA GLU E 98 -3.02 52.57 9.18
C GLU E 98 -3.41 51.20 8.66
N LEU E 99 -2.42 50.44 8.18
CA LEU E 99 -2.64 49.10 7.66
C LEU E 99 -3.01 48.16 8.82
N PRO E 100 -4.14 47.45 8.76
CA PRO E 100 -4.62 46.48 9.73
C PRO E 100 -3.61 45.36 9.95
N ASP E 101 -3.53 44.89 11.19
CA ASP E 101 -2.58 43.86 11.60
C ASP E 101 -2.62 42.61 10.76
N VAL E 102 -3.80 42.21 10.30
CA VAL E 102 -3.91 41.02 9.48
C VAL E 102 -3.34 41.22 8.08
N MET E 103 -3.24 42.47 7.64
CA MET E 103 -2.66 42.76 6.34
C MET E 103 -1.21 43.16 6.50
N LYS E 104 -0.81 43.54 7.71
CA LYS E 104 0.57 43.89 7.96
C LYS E 104 1.45 42.66 7.80
N PRO E 105 2.61 42.83 7.16
CA PRO E 105 3.60 41.82 6.83
C PRO E 105 4.27 41.30 8.08
N GLN E 106 4.71 40.06 8.02
CA GLN E 106 5.35 39.40 9.15
C GLN E 106 6.86 39.31 8.98
N SER A 6 -10.41 -39.81 -2.15
CA SER A 6 -11.73 -39.52 -2.70
C SER A 6 -12.13 -38.09 -2.47
N HIS A 7 -11.27 -37.29 -1.85
CA HIS A 7 -11.61 -35.90 -1.57
C HIS A 7 -11.98 -35.14 -2.82
N ASN A 8 -11.41 -35.53 -3.96
CA ASN A 8 -11.77 -34.90 -5.22
C ASN A 8 -13.14 -35.39 -5.66
N ALA A 9 -13.43 -36.66 -5.41
CA ALA A 9 -14.73 -37.21 -5.74
C ALA A 9 -15.78 -36.52 -4.89
N LEU A 10 -15.41 -36.20 -3.65
CA LEU A 10 -16.30 -35.48 -2.77
C LEU A 10 -16.51 -34.08 -3.31
N LYS A 11 -15.46 -33.48 -3.88
CA LYS A 11 -15.60 -32.17 -4.51
C LYS A 11 -16.59 -32.28 -5.67
N LEU A 12 -16.57 -33.41 -6.37
CA LEU A 12 -17.47 -33.65 -7.49
C LEU A 12 -18.90 -33.97 -7.07
N ARG A 13 -19.19 -33.95 -5.78
CA ARG A 13 -20.54 -34.14 -5.31
C ARG A 13 -21.22 -32.78 -5.23
N PHE A 14 -20.44 -31.72 -5.38
CA PHE A 14 -20.97 -30.40 -5.34
C PHE A 14 -21.00 -29.84 -6.75
N PRO A 15 -21.92 -28.93 -7.03
CA PRO A 15 -22.02 -28.14 -8.24
C PRO A 15 -20.74 -27.36 -8.40
N ALA A 16 -20.30 -27.17 -9.62
CA ALA A 16 -19.05 -26.49 -9.89
C ALA A 16 -19.00 -25.12 -9.27
N GLU A 17 -20.11 -24.40 -9.34
CA GLU A 17 -20.20 -23.08 -8.77
C GLU A 17 -20.06 -23.07 -7.26
N ASP A 18 -20.34 -24.18 -6.60
CA ASP A 18 -20.17 -24.26 -5.17
C ASP A 18 -18.71 -24.42 -4.85
N GLU A 19 -18.00 -25.14 -5.70
CA GLU A 19 -16.57 -25.28 -5.52
C GLU A 19 -15.81 -24.10 -6.10
N PHE A 20 -16.41 -23.40 -7.06
CA PHE A 20 -15.77 -22.27 -7.71
C PHE A 20 -15.35 -21.21 -6.69
N PRO A 21 -14.05 -20.92 -6.58
CA PRO A 21 -13.45 -20.00 -5.65
C PRO A 21 -13.78 -18.58 -6.04
N ASP A 22 -13.88 -17.72 -5.04
CA ASP A 22 -14.20 -16.31 -5.26
C ASP A 22 -12.93 -15.49 -5.43
N LEU A 23 -12.64 -15.11 -6.66
CA LEU A 23 -11.43 -14.38 -6.98
C LEU A 23 -11.64 -12.87 -7.14
N SER A 24 -12.77 -12.36 -6.65
CA SER A 24 -13.12 -10.95 -6.83
C SER A 24 -12.05 -9.96 -6.40
N ALA A 25 -11.41 -10.20 -5.26
CA ALA A 25 -10.39 -9.29 -4.73
C ALA A 25 -8.98 -9.63 -5.20
N HIS A 26 -8.85 -10.61 -6.09
CA HIS A 26 -7.54 -11.05 -6.52
C HIS A 26 -7.01 -10.26 -7.68
N ASN A 27 -5.68 -10.19 -7.75
CA ASN A 27 -5.01 -9.42 -8.80
C ASN A 27 -3.83 -10.19 -9.35
N ASN A 28 -4.13 -11.12 -10.25
CA ASN A 28 -3.09 -11.91 -10.87
C ASN A 28 -3.54 -12.43 -12.21
N HIS A 29 -2.62 -13.01 -12.97
CA HIS A 29 -2.93 -13.44 -14.31
C HIS A 29 -3.99 -14.53 -14.34
N MET A 30 -3.86 -15.49 -13.43
CA MET A 30 -4.83 -16.57 -13.34
C MET A 30 -6.22 -16.04 -13.07
N ALA A 31 -6.32 -15.08 -12.16
CA ALA A 31 -7.59 -14.50 -11.80
C ALA A 31 -8.30 -13.91 -13.00
N LYS A 32 -7.54 -13.34 -13.91
CA LYS A 32 -8.16 -12.77 -15.08
C LYS A 32 -8.57 -13.87 -16.05
N VAL A 33 -7.81 -14.95 -16.10
CA VAL A 33 -8.09 -16.06 -17.00
C VAL A 33 -9.18 -17.01 -16.57
N LEU A 34 -9.13 -17.51 -15.34
CA LEU A 34 -10.07 -18.53 -14.90
C LEU A 34 -11.50 -18.07 -14.80
N THR A 35 -12.40 -18.74 -15.53
CA THR A 35 -13.81 -18.43 -15.48
C THR A 35 -14.56 -19.61 -14.91
N PRO A 36 -15.79 -19.42 -14.43
CA PRO A 36 -16.71 -20.43 -13.92
C PRO A 36 -16.90 -21.54 -14.93
N GLU A 37 -16.91 -21.18 -16.21
CA GLU A 37 -17.07 -22.16 -17.25
C GLU A 37 -15.85 -23.05 -17.33
N LEU A 38 -14.67 -22.44 -17.29
CA LEU A 38 -13.45 -23.21 -17.35
C LEU A 38 -13.29 -24.06 -16.12
N TYR A 39 -13.68 -23.53 -14.97
CA TYR A 39 -13.56 -24.26 -13.74
C TYR A 39 -14.42 -25.49 -13.79
N ALA A 40 -15.66 -25.31 -14.23
CA ALA A 40 -16.59 -26.42 -14.33
C ALA A 40 -16.06 -27.52 -15.21
N GLU A 41 -15.43 -27.15 -16.31
CA GLU A 41 -14.87 -28.15 -17.20
C GLU A 41 -13.61 -28.81 -16.67
N LEU A 42 -12.65 -27.99 -16.30
CA LEU A 42 -11.36 -28.47 -15.89
C LEU A 42 -11.32 -29.20 -14.57
N ARG A 43 -12.26 -28.94 -13.68
CA ARG A 43 -12.20 -29.65 -12.41
C ARG A 43 -12.40 -31.15 -12.58
N ALA A 44 -12.94 -31.58 -13.72
CA ALA A 44 -13.15 -32.99 -13.95
C ALA A 44 -11.89 -33.66 -14.47
N LYS A 45 -10.88 -32.89 -14.84
CA LYS A 45 -9.66 -33.46 -15.38
C LYS A 45 -8.59 -33.57 -14.33
N SER A 46 -7.62 -34.43 -14.61
CA SER A 46 -6.51 -34.64 -13.71
C SER A 46 -5.33 -35.19 -14.49
N THR A 47 -4.14 -35.09 -13.91
CA THR A 47 -2.99 -35.61 -14.62
C THR A 47 -2.74 -37.02 -14.20
N PRO A 48 -1.92 -37.74 -14.95
CA PRO A 48 -1.40 -39.07 -14.67
C PRO A 48 -0.59 -39.09 -13.39
N SER A 49 -0.13 -37.93 -12.95
CA SER A 49 0.69 -37.83 -11.77
C SER A 49 -0.12 -37.45 -10.54
N GLY A 50 -1.41 -37.17 -10.72
CA GLY A 50 -2.24 -36.87 -9.57
C GLY A 50 -2.55 -35.40 -9.32
N PHE A 51 -2.55 -34.56 -10.35
CA PHE A 51 -2.93 -33.18 -10.11
C PHE A 51 -4.33 -32.91 -10.51
N THR A 52 -4.90 -31.93 -9.87
CA THR A 52 -6.24 -31.49 -10.14
C THR A 52 -6.25 -30.01 -10.15
N LEU A 53 -7.20 -29.48 -10.89
CA LEU A 53 -7.34 -28.07 -11.10
C LEU A 53 -7.12 -27.25 -9.86
N ASP A 54 -7.71 -27.66 -8.74
CA ASP A 54 -7.56 -26.91 -7.51
C ASP A 54 -6.13 -26.69 -7.08
N ASP A 55 -5.27 -27.69 -7.24
CA ASP A 55 -3.89 -27.47 -6.86
C ASP A 55 -3.23 -26.52 -7.82
N VAL A 56 -3.60 -26.61 -9.09
CA VAL A 56 -3.05 -25.72 -10.09
C VAL A 56 -3.30 -24.26 -9.73
N ILE A 57 -4.49 -23.97 -9.23
CA ILE A 57 -4.85 -22.59 -8.91
C ILE A 57 -4.92 -22.31 -7.42
N GLN A 58 -4.32 -23.17 -6.60
CA GLN A 58 -4.45 -22.96 -5.17
C GLN A 58 -3.70 -21.76 -4.67
N THR A 59 -2.49 -21.57 -5.15
CA THR A 59 -1.68 -20.44 -4.71
C THR A 59 -2.35 -19.14 -5.05
N GLY A 60 -2.90 -19.08 -6.26
CA GLY A 60 -3.61 -17.91 -6.73
C GLY A 60 -4.68 -17.49 -5.75
N VAL A 61 -5.68 -18.35 -5.55
CA VAL A 61 -6.76 -17.99 -4.65
C VAL A 61 -6.29 -17.75 -3.22
N ASP A 62 -5.20 -18.39 -2.80
CA ASP A 62 -4.66 -18.15 -1.47
C ASP A 62 -4.06 -16.76 -1.29
N ASN A 63 -3.58 -16.16 -2.36
CA ASN A 63 -2.91 -14.87 -2.23
C ASN A 63 -3.32 -13.86 -3.28
N PRO A 64 -4.43 -13.13 -3.09
CA PRO A 64 -4.92 -12.04 -3.94
C PRO A 64 -3.80 -11.27 -4.59
N GLY A 65 -2.76 -10.96 -3.84
CA GLY A 65 -1.59 -10.33 -4.41
C GLY A 65 -1.52 -8.84 -4.19
N HIS A 66 -0.48 -8.26 -4.74
CA HIS A 66 -0.20 -6.86 -4.63
C HIS A 66 -1.21 -6.09 -5.47
N PRO A 67 -1.70 -4.95 -5.01
CA PRO A 67 -2.66 -4.10 -5.68
C PRO A 67 -2.07 -3.42 -6.90
N TYR A 68 -0.75 -3.27 -6.94
CA TYR A 68 -0.15 -2.60 -8.07
C TYR A 68 0.80 -3.50 -8.86
N ILE A 69 1.05 -4.70 -8.38
CA ILE A 69 1.91 -5.63 -9.10
C ILE A 69 1.17 -6.92 -9.42
N MET A 70 0.91 -7.15 -10.69
CA MET A 70 0.20 -8.36 -11.05
C MET A 70 1.09 -9.58 -10.95
N THR A 71 0.64 -10.56 -10.18
CA THR A 71 1.42 -11.79 -9.99
C THR A 71 0.90 -12.85 -10.92
N VAL A 72 1.49 -14.03 -10.88
CA VAL A 72 1.07 -15.08 -11.79
C VAL A 72 -0.26 -15.67 -11.42
N GLY A 73 -0.40 -16.10 -10.17
CA GLY A 73 -1.67 -16.65 -9.71
C GLY A 73 -1.83 -18.16 -9.87
N CYS A 74 -0.80 -18.86 -10.29
CA CYS A 74 -0.94 -20.30 -10.42
C CYS A 74 0.41 -20.96 -10.43
N VAL A 75 0.41 -22.28 -10.40
CA VAL A 75 1.66 -23.02 -10.44
C VAL A 75 1.46 -24.35 -11.13
N ALA A 76 2.42 -24.76 -11.93
CA ALA A 76 2.32 -26.03 -12.62
C ALA A 76 2.69 -27.17 -11.72
N GLY A 77 2.41 -28.37 -12.17
CA GLY A 77 2.67 -29.53 -11.38
C GLY A 77 3.83 -30.36 -11.93
N ASP A 78 3.84 -30.50 -13.23
CA ASP A 78 4.88 -31.22 -13.95
C ASP A 78 4.61 -31.13 -15.42
N GLU A 79 5.49 -31.69 -16.22
CA GLU A 79 5.36 -31.64 -17.66
C GLU A 79 3.95 -31.94 -18.14
N GLU A 80 3.37 -33.03 -17.66
CA GLU A 80 2.03 -33.42 -18.06
C GLU A 80 0.97 -32.39 -17.73
N SER A 81 1.16 -31.64 -16.65
CA SER A 81 0.15 -30.67 -16.25
C SER A 81 0.05 -29.51 -17.21
N TYR A 82 1.08 -29.27 -18.02
CA TYR A 82 0.99 -28.20 -19.01
C TYR A 82 0.13 -28.60 -20.19
N GLU A 83 -0.20 -29.87 -20.29
CA GLU A 83 -1.07 -30.33 -21.34
C GLU A 83 -2.47 -30.51 -20.82
N VAL A 84 -2.58 -31.14 -19.66
CA VAL A 84 -3.88 -31.40 -19.07
C VAL A 84 -4.63 -30.13 -18.77
N PHE A 85 -3.94 -29.13 -18.24
CA PHE A 85 -4.61 -27.90 -17.92
C PHE A 85 -4.22 -26.76 -18.86
N LYS A 86 -3.91 -27.10 -20.11
CA LYS A 86 -3.53 -26.10 -21.08
C LYS A 86 -4.63 -25.09 -21.36
N ASP A 87 -5.86 -25.41 -21.02
CA ASP A 87 -6.94 -24.47 -21.23
C ASP A 87 -6.77 -23.22 -20.36
N LEU A 88 -5.98 -23.31 -19.30
CA LEU A 88 -5.66 -22.12 -18.53
C LEU A 88 -4.28 -21.65 -18.88
N PHE A 89 -3.35 -22.58 -19.01
CA PHE A 89 -2.00 -22.18 -19.28
C PHE A 89 -1.81 -21.48 -20.59
N ASP A 90 -2.53 -21.89 -21.62
CA ASP A 90 -2.36 -21.21 -22.89
C ASP A 90 -2.73 -19.71 -22.77
N PRO A 91 -3.81 -19.35 -22.07
CA PRO A 91 -4.16 -17.97 -21.84
C PRO A 91 -3.22 -17.27 -20.88
N ILE A 92 -2.81 -17.97 -19.82
CA ILE A 92 -1.93 -17.35 -18.83
C ILE A 92 -0.56 -17.09 -19.40
N ILE A 93 0.00 -18.06 -20.07
CA ILE A 93 1.31 -17.93 -20.68
C ILE A 93 1.30 -16.83 -21.71
N GLU A 94 0.30 -16.83 -22.58
CA GLU A 94 0.18 -15.79 -23.58
C GLU A 94 0.16 -14.42 -22.96
N ASP A 95 -0.66 -14.23 -21.95
CA ASP A 95 -0.77 -12.94 -21.32
C ASP A 95 0.53 -12.55 -20.63
N ARG A 96 1.09 -13.47 -19.87
CA ARG A 96 2.31 -13.20 -19.12
C ARG A 96 3.49 -12.88 -19.98
N HIS A 97 3.63 -13.56 -21.10
CA HIS A 97 4.79 -13.37 -21.93
C HIS A 97 4.56 -12.48 -23.16
N GLY A 98 3.51 -11.66 -23.14
CA GLY A 98 3.33 -10.68 -24.20
C GLY A 98 2.82 -11.19 -25.54
N GLY A 99 1.86 -12.09 -25.54
CA GLY A 99 1.27 -12.54 -26.80
C GLY A 99 1.91 -13.81 -27.33
N TYR A 100 2.68 -14.49 -26.50
CA TYR A 100 3.29 -15.74 -26.92
C TYR A 100 2.21 -16.72 -27.35
N LYS A 101 2.12 -17.00 -28.64
CA LYS A 101 1.08 -17.88 -29.16
C LYS A 101 1.45 -19.35 -29.08
N PRO A 102 0.45 -20.24 -29.11
CA PRO A 102 0.51 -21.70 -29.11
C PRO A 102 1.42 -22.26 -30.21
N SER A 103 1.56 -21.54 -31.31
CA SER A 103 2.41 -21.98 -32.40
C SER A 103 3.83 -21.40 -32.35
N ASP A 104 4.13 -20.56 -31.37
CA ASP A 104 5.41 -19.90 -31.31
C ASP A 104 6.55 -20.75 -30.79
N GLU A 105 7.14 -21.53 -31.67
CA GLU A 105 8.27 -22.37 -31.31
C GLU A 105 9.36 -21.61 -30.58
N HIS A 106 9.77 -22.14 -29.45
CA HIS A 106 10.83 -21.56 -28.66
C HIS A 106 12.16 -22.24 -28.92
N LYS A 107 13.20 -21.47 -29.13
CA LYS A 107 14.52 -22.03 -29.37
C LYS A 107 15.39 -21.98 -28.13
N THR A 108 16.50 -22.69 -28.17
CA THR A 108 17.46 -22.68 -27.09
C THR A 108 18.87 -22.78 -27.63
N ASP A 109 19.79 -22.15 -26.93
CA ASP A 109 21.16 -22.04 -27.40
C ASP A 109 22.11 -21.49 -26.36
N LEU A 110 22.90 -22.33 -25.72
CA LEU A 110 23.89 -21.81 -24.79
C LEU A 110 25.26 -21.65 -25.40
N ASN A 111 25.39 -21.74 -26.71
CA ASN A 111 26.70 -21.66 -27.31
C ASN A 111 27.26 -20.24 -27.25
N PRO A 112 28.27 -19.96 -26.39
CA PRO A 112 28.92 -18.69 -26.12
C PRO A 112 29.45 -18.00 -27.38
N ASP A 113 29.68 -18.76 -28.45
CA ASP A 113 30.20 -18.19 -29.67
C ASP A 113 29.25 -17.19 -30.30
N ASN A 114 27.99 -17.25 -29.94
CA ASN A 114 27.04 -16.34 -30.52
C ASN A 114 26.89 -15.04 -29.72
N LEU A 115 27.64 -14.89 -28.63
CA LEU A 115 27.59 -13.65 -27.85
C LEU A 115 28.61 -12.65 -28.34
N GLN A 116 28.13 -11.52 -28.82
CA GLN A 116 29.03 -10.51 -29.34
C GLN A 116 29.31 -9.44 -28.32
N GLY A 117 30.56 -9.02 -28.26
CA GLY A 117 31.00 -7.99 -27.32
C GLY A 117 30.83 -8.45 -25.88
N GLY A 118 30.87 -7.51 -24.95
CA GLY A 118 30.68 -7.82 -23.54
C GLY A 118 31.91 -8.51 -22.96
N ASP A 119 33.04 -8.39 -23.64
CA ASP A 119 34.26 -9.01 -23.19
C ASP A 119 34.73 -8.37 -21.91
N ASP A 120 34.50 -7.08 -21.81
CA ASP A 120 34.87 -6.33 -20.63
C ASP A 120 34.01 -5.09 -20.52
N LEU A 121 32.99 -5.16 -19.67
CA LEU A 121 32.12 -4.03 -19.47
C LEU A 121 32.87 -3.05 -18.56
N ASP A 122 32.58 -1.77 -18.67
CA ASP A 122 33.36 -0.81 -17.91
C ASP A 122 33.17 -1.00 -16.41
N PRO A 123 34.22 -1.44 -15.69
CA PRO A 123 34.29 -1.80 -14.28
C PRO A 123 34.03 -0.65 -13.32
N ASN A 124 33.97 0.57 -13.84
CA ASN A 124 33.65 1.72 -13.00
C ASN A 124 32.18 1.79 -12.73
N TYR A 125 31.41 1.04 -13.50
CA TYR A 125 29.99 1.02 -13.35
C TYR A 125 29.57 -0.39 -13.04
N VAL A 126 30.15 -1.34 -13.74
CA VAL A 126 29.76 -2.70 -13.51
C VAL A 126 30.48 -3.25 -12.32
N LEU A 127 29.78 -3.25 -11.21
CA LEU A 127 30.29 -3.80 -9.98
C LEU A 127 30.38 -5.30 -10.05
N SER A 128 29.29 -5.95 -10.46
CA SER A 128 29.32 -7.40 -10.51
C SER A 128 28.32 -8.03 -11.46
N SER A 129 28.71 -9.17 -12.04
CA SER A 129 27.86 -9.89 -12.98
C SER A 129 27.33 -11.20 -12.43
N ARG A 130 26.12 -11.58 -12.85
CA ARG A 130 25.57 -12.86 -12.41
C ARG A 130 24.56 -13.45 -13.41
N VAL A 131 24.55 -14.78 -13.48
CA VAL A 131 23.66 -15.51 -14.38
C VAL A 131 22.92 -16.63 -13.62
N ARG A 132 21.62 -16.77 -13.79
CA ARG A 132 20.92 -17.82 -13.05
C ARG A 132 19.79 -18.47 -13.81
N THR A 133 19.56 -19.75 -13.52
CA THR A 133 18.44 -20.44 -14.12
C THR A 133 17.97 -21.61 -13.27
N GLY A 134 17.06 -22.41 -13.83
CA GLY A 134 16.55 -23.55 -13.11
C GLY A 134 16.22 -24.69 -14.08
N ARG A 135 16.40 -25.92 -13.64
CA ARG A 135 16.08 -27.03 -14.50
C ARG A 135 15.34 -28.12 -13.77
N SER A 136 14.33 -28.68 -14.42
CA SER A 136 13.57 -29.79 -13.89
C SER A 136 14.00 -31.11 -14.49
N ILE A 137 13.99 -32.17 -13.69
CA ILE A 137 14.41 -33.45 -14.21
C ILE A 137 13.26 -34.33 -14.67
N ARG A 138 13.29 -34.70 -15.94
CA ARG A 138 12.25 -35.52 -16.55
C ARG A 138 12.09 -36.82 -15.80
N GLY A 139 10.85 -37.15 -15.47
CA GLY A 139 10.56 -38.39 -14.76
C GLY A 139 10.12 -38.13 -13.34
N PHE A 140 10.46 -36.97 -12.82
CA PHE A 140 10.02 -36.60 -11.49
C PHE A 140 9.08 -35.45 -11.63
N CYS A 141 8.17 -35.29 -10.69
CA CYS A 141 7.29 -34.14 -10.74
C CYS A 141 7.96 -32.97 -10.05
N LEU A 142 7.32 -31.81 -10.09
CA LEU A 142 7.88 -30.60 -9.51
C LEU A 142 7.67 -30.55 -8.00
N PRO A 143 8.49 -29.76 -7.27
CA PRO A 143 8.53 -29.59 -5.81
C PRO A 143 7.19 -29.35 -5.12
N PRO A 144 6.22 -28.61 -5.69
CA PRO A 144 4.86 -28.42 -5.17
C PRO A 144 4.08 -29.72 -4.96
N HIS A 145 4.55 -30.84 -5.50
CA HIS A 145 3.81 -32.08 -5.36
C HIS A 145 4.64 -33.27 -4.91
N CYS A 146 5.78 -33.47 -5.52
CA CYS A 146 6.60 -34.63 -5.21
C CYS A 146 6.85 -34.89 -3.75
N SER A 147 6.69 -36.17 -3.42
CA SER A 147 6.84 -36.75 -2.10
C SER A 147 8.27 -36.92 -1.71
N ARG A 148 8.47 -37.28 -0.45
CA ARG A 148 9.80 -37.43 0.12
C ARG A 148 10.68 -38.40 -0.63
N GLY A 149 10.16 -39.55 -0.99
CA GLY A 149 10.97 -40.52 -1.73
C GLY A 149 11.47 -39.94 -3.04
N GLU A 150 10.57 -39.27 -3.76
CA GLU A 150 10.90 -38.67 -5.03
C GLU A 150 11.95 -37.60 -4.87
N ARG A 151 11.77 -36.75 -3.86
CA ARG A 151 12.72 -35.69 -3.59
C ARG A 151 14.09 -36.24 -3.25
N ARG A 152 14.11 -37.28 -2.43
CA ARG A 152 15.36 -37.87 -2.01
C ARG A 152 16.11 -38.45 -3.18
N ALA A 153 15.41 -39.07 -4.11
CA ALA A 153 16.06 -39.62 -5.28
C ALA A 153 16.74 -38.53 -6.09
N ILE A 154 16.06 -37.40 -6.26
CA ILE A 154 16.63 -36.27 -6.99
C ILE A 154 17.88 -35.78 -6.34
N GLU A 155 17.85 -35.64 -5.02
CA GLU A 155 19.03 -35.19 -4.31
C GLU A 155 20.21 -36.06 -4.65
N LYS A 156 20.02 -37.37 -4.56
CA LYS A 156 21.12 -38.28 -4.79
C LYS A 156 21.67 -38.17 -6.21
N LEU A 157 20.80 -38.00 -7.20
CA LEU A 157 21.26 -37.85 -8.56
C LEU A 157 22.13 -36.64 -8.71
N ALA A 158 21.68 -35.55 -8.10
CA ALA A 158 22.42 -34.31 -8.17
C ALA A 158 23.75 -34.44 -7.49
N VAL A 159 23.78 -35.11 -6.34
CA VAL A 159 25.02 -35.28 -5.62
C VAL A 159 26.01 -36.05 -6.45
N GLU A 160 25.55 -37.11 -7.09
CA GLU A 160 26.46 -37.85 -7.94
C GLU A 160 27.04 -37.00 -9.04
N ALA A 161 26.18 -36.35 -9.80
CA ALA A 161 26.66 -35.56 -10.92
C ALA A 161 27.61 -34.47 -10.46
N LEU A 162 27.22 -33.74 -9.43
CA LEU A 162 28.03 -32.66 -8.93
C LEU A 162 29.36 -33.12 -8.40
N SER A 163 29.42 -34.30 -7.83
CA SER A 163 30.69 -34.79 -7.33
C SER A 163 31.70 -35.06 -8.44
N SER A 164 31.24 -35.19 -9.69
CA SER A 164 32.14 -35.48 -10.79
C SER A 164 32.57 -34.26 -11.61
N LEU A 165 32.11 -33.07 -11.25
CA LEU A 165 32.52 -31.91 -12.05
C LEU A 165 33.98 -31.61 -11.83
N ASP A 166 34.70 -31.39 -12.92
CA ASP A 166 36.13 -31.12 -12.86
C ASP A 166 36.51 -29.64 -13.00
N GLY A 167 37.82 -29.38 -12.95
CA GLY A 167 38.38 -28.04 -13.17
C GLY A 167 37.79 -26.98 -12.26
N ASP A 168 37.35 -25.90 -12.88
CA ASP A 168 36.74 -24.80 -12.16
C ASP A 168 35.37 -25.15 -11.65
N LEU A 169 34.83 -26.25 -12.11
CA LEU A 169 33.54 -26.66 -11.66
C LEU A 169 33.66 -27.69 -10.54
N ALA A 170 34.86 -27.95 -10.04
CA ALA A 170 35.00 -28.84 -8.90
C ALA A 170 34.54 -28.11 -7.65
N GLY A 171 33.99 -28.84 -6.68
CA GLY A 171 33.47 -28.20 -5.46
C GLY A 171 33.04 -29.16 -4.37
N ARG A 172 32.15 -28.69 -3.49
CA ARG A 172 31.68 -29.46 -2.35
C ARG A 172 30.19 -29.34 -2.09
N TYR A 173 29.58 -30.48 -1.77
CA TYR A 173 28.18 -30.55 -1.46
C TYR A 173 27.91 -30.49 0.02
N TYR A 174 26.97 -29.65 0.41
CA TYR A 174 26.55 -29.54 1.79
C TYR A 174 25.14 -30.04 1.95
N ALA A 175 24.91 -30.83 2.98
CA ALA A 175 23.57 -31.32 3.26
C ALA A 175 22.90 -30.33 4.18
N LEU A 176 21.91 -29.61 3.66
CA LEU A 176 21.30 -28.55 4.42
C LEU A 176 20.79 -29.00 5.77
N LYS A 177 20.07 -30.11 5.77
CA LYS A 177 19.47 -30.66 6.99
C LYS A 177 20.45 -31.00 8.11
N SER A 178 21.73 -31.11 7.83
CA SER A 178 22.66 -31.49 8.87
C SER A 178 23.97 -30.75 8.82
N MET A 179 23.99 -29.61 8.14
CA MET A 179 25.23 -28.83 8.02
C MET A 179 25.63 -28.17 9.35
N THR A 180 26.93 -28.08 9.57
CA THR A 180 27.52 -27.53 10.80
C THR A 180 27.37 -26.02 10.87
N GLU A 181 27.06 -25.49 12.06
CA GLU A 181 26.87 -24.05 12.24
C GLU A 181 28.02 -23.19 11.68
N ALA A 182 29.25 -23.67 11.80
CA ALA A 182 30.40 -22.97 11.23
C ALA A 182 30.25 -22.89 9.72
N GLU A 183 29.76 -23.98 9.13
CA GLU A 183 29.54 -24.05 7.70
C GLU A 183 28.41 -23.11 7.34
N GLN A 184 27.42 -23.01 8.23
CA GLN A 184 26.30 -22.11 8.03
C GLN A 184 26.81 -20.69 8.01
N GLN A 185 27.78 -20.39 8.87
CA GLN A 185 28.34 -19.06 8.90
C GLN A 185 29.08 -18.75 7.61
N GLN A 186 29.82 -19.72 7.09
CA GLN A 186 30.56 -19.47 5.87
C GLN A 186 29.66 -19.27 4.70
N LEU A 187 28.61 -20.06 4.61
CA LEU A 187 27.76 -19.93 3.46
C LEU A 187 26.79 -18.78 3.62
N ILE A 188 26.46 -18.39 4.85
CA ILE A 188 25.58 -17.23 4.94
C ILE A 188 26.35 -15.98 4.60
N ASP A 189 27.65 -15.96 4.90
CA ASP A 189 28.46 -14.80 4.56
C ASP A 189 28.48 -14.58 3.07
N ASP A 190 28.57 -15.66 2.31
CA ASP A 190 28.60 -15.56 0.88
C ASP A 190 27.22 -15.66 0.24
N HIS A 191 26.18 -15.66 1.06
CA HIS A 191 24.81 -15.77 0.60
C HIS A 191 24.55 -17.03 -0.22
N PHE A 192 25.30 -18.09 0.07
CA PHE A 192 25.10 -19.36 -0.59
C PHE A 192 24.09 -20.14 0.21
N LEU A 193 24.03 -19.82 1.51
CA LEU A 193 23.08 -20.44 2.40
C LEU A 193 21.70 -19.87 2.23
N PHE A 194 20.73 -20.75 2.09
CA PHE A 194 19.35 -20.32 1.95
C PHE A 194 18.58 -20.86 3.11
N ASP A 195 17.29 -20.57 3.17
CA ASP A 195 16.50 -21.01 4.30
C ASP A 195 15.07 -21.27 3.86
N LYS A 196 14.27 -21.77 4.77
CA LYS A 196 12.89 -22.14 4.48
C LYS A 196 12.15 -20.92 4.00
N PRO A 197 11.44 -21.01 2.87
CA PRO A 197 10.64 -19.97 2.27
C PRO A 197 9.71 -19.36 3.28
N VAL A 198 9.64 -18.03 3.29
CA VAL A 198 8.76 -17.34 4.22
C VAL A 198 7.69 -16.58 3.47
N SER A 199 7.87 -16.41 2.18
CA SER A 199 6.87 -15.72 1.41
C SER A 199 5.65 -16.58 1.30
N PRO A 200 4.47 -16.04 1.57
CA PRO A 200 3.17 -16.67 1.50
C PRO A 200 2.82 -17.00 0.07
N LEU A 201 3.53 -16.37 -0.88
CA LEU A 201 3.32 -16.62 -2.27
C LEU A 201 3.97 -17.93 -2.67
N LEU A 202 4.90 -18.40 -1.84
CA LEU A 202 5.59 -19.65 -2.10
C LEU A 202 5.02 -20.73 -1.22
N LEU A 203 4.75 -20.40 0.03
CA LEU A 203 4.26 -21.38 0.98
C LEU A 203 2.94 -21.97 0.57
N ALA A 204 2.10 -21.19 -0.08
CA ALA A 204 0.81 -21.69 -0.56
C ALA A 204 0.94 -22.85 -1.55
N SER A 205 2.10 -23.01 -2.18
CA SER A 205 2.30 -24.07 -3.14
C SER A 205 2.64 -25.41 -2.51
N GLY A 206 3.12 -25.39 -1.28
CA GLY A 206 3.53 -26.62 -0.64
C GLY A 206 5.02 -26.94 -0.86
N MET A 207 5.76 -26.04 -1.51
CA MET A 207 7.18 -26.28 -1.74
C MET A 207 8.02 -26.47 -0.48
N ALA A 208 7.57 -25.93 0.64
CA ALA A 208 8.32 -26.06 1.89
C ALA A 208 8.02 -27.36 2.67
N ARG A 209 7.20 -28.24 2.11
CA ARG A 209 6.88 -29.47 2.82
C ARG A 209 8.10 -30.29 3.14
N ASP A 210 8.15 -30.74 4.39
CA ASP A 210 9.19 -31.58 4.92
C ASP A 210 10.59 -30.97 4.90
N TRP A 211 10.65 -29.65 4.83
CA TRP A 211 11.91 -28.94 4.80
C TRP A 211 12.61 -29.19 6.13
N PRO A 212 13.92 -29.37 6.16
CA PRO A 212 14.95 -29.35 5.13
C PRO A 212 15.31 -30.71 4.54
N ASP A 213 14.40 -31.66 4.58
CA ASP A 213 14.73 -32.98 4.06
C ASP A 213 15.06 -32.93 2.59
N ALA A 214 16.26 -33.38 2.27
CA ALA A 214 16.79 -33.48 0.92
C ALA A 214 16.95 -32.13 0.24
N ARG A 215 17.23 -31.09 1.01
CA ARG A 215 17.58 -29.82 0.41
C ARG A 215 19.10 -29.68 0.48
N GLY A 216 19.71 -29.13 -0.57
CA GLY A 216 21.18 -29.22 -0.71
C GLY A 216 21.86 -27.99 -1.32
N ILE A 217 23.11 -27.75 -0.89
CA ILE A 217 23.91 -26.63 -1.38
C ILE A 217 25.24 -27.06 -1.91
N TRP A 218 25.55 -26.71 -3.15
CA TRP A 218 26.84 -27.07 -3.70
C TRP A 218 27.47 -25.89 -4.38
N HIS A 219 28.74 -25.66 -4.08
CA HIS A 219 29.41 -24.56 -4.76
C HIS A 219 30.81 -24.96 -5.09
N ASN A 220 31.40 -24.28 -6.06
CA ASN A 220 32.74 -24.64 -6.47
C ASN A 220 33.79 -24.04 -5.58
N ASP A 221 35.02 -24.45 -5.82
CA ASP A 221 36.16 -24.01 -5.04
C ASP A 221 36.40 -22.52 -5.11
N ASN A 222 36.06 -21.89 -6.23
CA ASN A 222 36.28 -20.47 -6.36
C ASN A 222 35.07 -19.62 -6.07
N LYS A 223 34.02 -20.22 -5.52
CA LYS A 223 32.82 -19.49 -5.17
C LYS A 223 32.22 -18.68 -6.31
N THR A 224 32.21 -19.25 -7.51
CA THR A 224 31.64 -18.59 -8.66
C THR A 224 30.54 -19.40 -9.27
N PHE A 225 30.46 -20.67 -8.88
CA PHE A 225 29.45 -21.56 -9.41
C PHE A 225 28.69 -22.17 -8.26
N LEU A 226 27.41 -21.84 -8.20
CA LEU A 226 26.54 -22.22 -7.10
C LEU A 226 25.29 -22.94 -7.55
N VAL A 227 24.97 -24.07 -6.93
CA VAL A 227 23.71 -24.71 -7.31
C VAL A 227 22.96 -25.14 -6.07
N TRP A 228 21.65 -24.93 -6.11
CA TRP A 228 20.79 -25.32 -5.00
C TRP A 228 19.91 -26.49 -5.41
N VAL A 229 19.76 -27.42 -4.47
CA VAL A 229 19.04 -28.64 -4.73
C VAL A 229 17.70 -28.70 -4.04
N ASN A 230 16.66 -28.85 -4.85
CA ASN A 230 15.29 -28.98 -4.37
C ASN A 230 14.79 -27.83 -3.54
N GLU A 231 15.03 -26.61 -3.98
CA GLU A 231 14.53 -25.47 -3.22
C GLU A 231 13.27 -24.89 -3.87
N GLU A 232 13.41 -23.83 -4.65
CA GLU A 232 12.27 -23.21 -5.29
C GLU A 232 11.85 -24.00 -6.52
N ASP A 233 12.79 -24.74 -7.07
CA ASP A 233 12.52 -25.59 -8.21
C ASP A 233 13.50 -26.75 -8.07
N HIS A 234 13.67 -27.60 -9.08
CA HIS A 234 14.58 -28.74 -8.91
C HIS A 234 16.05 -28.35 -8.81
N LEU A 235 16.65 -27.98 -9.92
CA LEU A 235 18.05 -27.56 -9.84
C LEU A 235 18.23 -26.11 -10.18
N ARG A 236 18.53 -25.33 -9.15
CA ARG A 236 18.75 -23.91 -9.25
C ARG A 236 20.21 -23.61 -9.50
N VAL A 237 20.53 -23.14 -10.70
CA VAL A 237 21.93 -22.91 -11.07
C VAL A 237 22.30 -21.44 -11.20
N ILE A 238 23.29 -21.02 -10.43
CA ILE A 238 23.72 -19.62 -10.43
C ILE A 238 25.22 -19.44 -10.65
N SER A 239 25.59 -18.65 -11.64
CA SER A 239 26.99 -18.35 -11.89
C SER A 239 27.24 -16.89 -11.52
N MET A 240 28.41 -16.57 -11.00
CA MET A 240 28.64 -15.18 -10.66
C MET A 240 30.10 -14.80 -10.67
N GLN A 241 30.35 -13.51 -10.76
CA GLN A 241 31.70 -12.99 -10.78
C GLN A 241 31.74 -11.48 -10.66
N LYS A 242 32.35 -11.01 -9.59
CA LYS A 242 32.53 -9.58 -9.40
C LYS A 242 33.43 -9.09 -10.51
N GLY A 243 33.02 -8.03 -11.18
CA GLY A 243 33.75 -7.55 -12.33
C GLY A 243 32.80 -7.48 -13.52
N GLY A 244 33.30 -6.99 -14.64
CA GLY A 244 32.46 -6.80 -15.83
C GLY A 244 32.64 -7.83 -16.93
N ASN A 245 33.23 -8.98 -16.63
CA ASN A 245 33.46 -9.93 -17.70
C ASN A 245 32.26 -10.82 -18.00
N MET A 246 31.26 -10.24 -18.62
CA MET A 246 30.03 -10.95 -18.96
C MET A 246 30.26 -12.11 -19.89
N LYS A 247 31.12 -11.93 -20.87
CA LYS A 247 31.41 -12.98 -21.84
C LYS A 247 31.89 -14.25 -21.18
N GLU A 248 32.84 -14.15 -20.27
CA GLU A 248 33.34 -15.34 -19.62
C GLU A 248 32.34 -15.98 -18.73
N VAL A 249 31.58 -15.18 -17.99
CA VAL A 249 30.60 -15.76 -17.10
C VAL A 249 29.56 -16.53 -17.85
N PHE A 250 29.08 -15.99 -18.96
CA PHE A 250 28.12 -16.71 -19.74
C PHE A 250 28.69 -18.03 -20.18
N THR A 251 29.95 -18.04 -20.61
CA THR A 251 30.57 -19.30 -21.00
C THR A 251 30.66 -20.29 -19.86
N ARG A 252 31.14 -19.84 -18.69
CA ARG A 252 31.24 -20.74 -17.56
C ARG A 252 29.90 -21.36 -17.24
N PHE A 253 28.89 -20.54 -17.19
CA PHE A 253 27.53 -20.97 -16.99
C PHE A 253 27.15 -22.04 -17.96
N CYS A 254 27.40 -21.81 -19.24
CA CYS A 254 27.11 -22.80 -20.26
C CYS A 254 27.80 -24.12 -20.03
N THR A 255 29.09 -24.10 -19.68
CA THR A 255 29.80 -25.35 -19.48
C THR A 255 29.29 -26.07 -18.25
N GLY A 256 28.78 -25.31 -17.29
CA GLY A 256 28.19 -25.91 -16.12
C GLY A 256 27.00 -26.74 -16.51
N LEU A 257 26.09 -26.16 -17.27
CA LEU A 257 24.94 -26.93 -17.70
C LEU A 257 25.30 -27.99 -18.71
N THR A 258 26.32 -27.76 -19.52
CA THR A 258 26.70 -28.76 -20.49
C THR A 258 27.19 -30.02 -19.82
N GLN A 259 28.07 -29.88 -18.82
CA GLN A 259 28.56 -31.07 -18.15
C GLN A 259 27.48 -31.72 -17.31
N ILE A 260 26.67 -30.93 -16.61
CA ILE A 260 25.61 -31.52 -15.83
C ILE A 260 24.63 -32.26 -16.68
N GLU A 261 24.25 -31.69 -17.82
CA GLU A 261 23.34 -32.42 -18.66
C GLU A 261 23.96 -33.72 -19.10
N THR A 262 25.22 -33.66 -19.52
CA THR A 262 25.91 -34.88 -19.95
C THR A 262 25.85 -35.96 -18.88
N LEU A 263 26.16 -35.58 -17.66
CA LEU A 263 26.18 -36.51 -16.56
C LEU A 263 24.81 -37.11 -16.31
N PHE A 264 23.78 -36.31 -16.41
CA PHE A 264 22.46 -36.87 -16.26
C PHE A 264 22.12 -37.79 -17.40
N LYS A 265 22.52 -37.45 -18.62
CA LYS A 265 22.25 -38.30 -19.76
C LYS A 265 22.92 -39.65 -19.64
N SER A 266 24.07 -39.70 -18.95
CA SER A 266 24.74 -40.99 -18.76
C SER A 266 23.92 -41.93 -17.86
N LYS A 267 22.99 -41.37 -17.09
CA LYS A 267 22.12 -42.13 -16.23
C LYS A 267 20.70 -42.15 -16.75
N ASP A 268 20.52 -41.83 -18.02
CA ASP A 268 19.22 -41.78 -18.63
C ASP A 268 18.29 -40.74 -18.00
N TYR A 269 18.83 -39.56 -17.71
CA TYR A 269 18.01 -38.46 -17.24
C TYR A 269 18.27 -37.25 -18.08
N GLU A 270 17.27 -36.42 -18.22
CA GLU A 270 17.43 -35.22 -19.00
C GLU A 270 16.52 -34.18 -18.47
N PHE A 271 16.75 -32.95 -18.84
CA PHE A 271 15.94 -31.89 -18.35
C PHE A 271 14.62 -31.87 -19.11
N MET A 272 13.55 -31.51 -18.43
CA MET A 272 12.27 -31.46 -19.12
C MET A 272 12.33 -30.40 -20.16
N TRP A 273 11.93 -30.74 -21.36
CA TRP A 273 12.03 -29.80 -22.45
C TRP A 273 11.15 -30.16 -23.61
N ASN A 274 10.48 -29.18 -24.17
CA ASN A 274 9.71 -29.42 -25.37
C ASN A 274 9.76 -28.14 -26.17
N PRO A 275 9.68 -28.23 -27.50
CA PRO A 275 9.82 -27.13 -28.45
C PRO A 275 8.74 -26.07 -28.33
N HIS A 276 7.70 -26.33 -27.55
CA HIS A 276 6.68 -25.32 -27.42
C HIS A 276 6.88 -24.41 -26.23
N LEU A 277 7.51 -24.92 -25.18
CA LEU A 277 7.71 -24.09 -24.00
C LEU A 277 9.14 -24.11 -23.53
N GLY A 278 10.02 -24.71 -24.30
CA GLY A 278 11.41 -24.77 -23.89
C GLY A 278 11.53 -25.58 -22.63
N TYR A 279 12.25 -25.06 -21.65
CA TYR A 279 12.42 -25.78 -20.42
C TYR A 279 11.20 -25.66 -19.55
N ILE A 280 10.84 -26.78 -18.93
CA ILE A 280 9.65 -26.85 -18.12
C ILE A 280 9.93 -26.69 -16.64
N LEU A 281 9.44 -25.59 -16.08
CA LEU A 281 9.57 -25.30 -14.67
C LEU A 281 8.22 -25.08 -14.02
N THR A 282 8.25 -24.84 -12.70
CA THR A 282 7.04 -24.62 -11.88
C THR A 282 6.18 -23.45 -12.35
N CYS A 283 6.45 -22.25 -11.87
CA CYS A 283 5.60 -21.16 -12.30
C CYS A 283 5.85 -20.89 -13.76
N PRO A 284 4.84 -20.50 -14.52
CA PRO A 284 4.84 -20.26 -15.95
C PRO A 284 5.72 -19.08 -16.35
N SER A 285 6.02 -18.20 -15.40
CA SER A 285 6.88 -17.06 -15.71
C SER A 285 8.31 -17.49 -16.00
N ASN A 286 8.68 -18.72 -15.64
CA ASN A 286 10.01 -19.20 -15.93
C ASN A 286 10.08 -20.17 -17.11
N LEU A 287 9.00 -20.30 -17.88
CA LEU A 287 9.04 -21.19 -19.03
C LEU A 287 9.89 -20.67 -20.15
N GLY A 288 10.58 -21.57 -20.82
CA GLY A 288 11.38 -21.16 -21.97
C GLY A 288 12.83 -21.40 -21.71
N THR A 289 13.53 -20.34 -21.38
CA THR A 289 14.92 -20.48 -21.01
C THR A 289 15.02 -20.53 -19.54
N GLY A 290 14.14 -19.80 -18.88
CA GLY A 290 14.20 -19.71 -17.45
C GLY A 290 15.47 -18.99 -17.06
N LEU A 291 15.98 -18.15 -17.96
CA LEU A 291 17.25 -17.49 -17.76
C LEU A 291 17.16 -16.04 -17.37
N ARG A 292 17.76 -15.72 -16.26
CA ARG A 292 17.84 -14.36 -15.80
C ARG A 292 19.29 -14.03 -15.60
N ALA A 293 19.71 -12.90 -16.13
CA ALA A 293 21.09 -12.51 -16.00
C ALA A 293 21.16 -11.03 -15.88
N GLY A 294 22.15 -10.55 -15.16
CA GLY A 294 22.21 -9.13 -14.96
C GLY A 294 23.44 -8.70 -14.19
N VAL A 295 23.47 -7.43 -13.88
CA VAL A 295 24.60 -6.82 -13.23
C VAL A 295 24.25 -5.82 -12.16
N HIS A 296 25.20 -5.56 -11.30
CA HIS A 296 25.09 -4.54 -10.27
C HIS A 296 25.79 -3.30 -10.77
N ILE A 297 25.01 -2.27 -11.12
CA ILE A 297 25.58 -1.08 -11.71
C ILE A 297 25.53 0.13 -10.81
N LYS A 298 26.65 0.82 -10.66
CA LYS A 298 26.69 2.03 -9.87
C LYS A 298 26.11 3.19 -10.64
N LEU A 299 24.81 3.42 -10.51
CA LEU A 299 24.15 4.50 -11.24
C LEU A 299 23.52 5.60 -10.37
N PRO A 300 24.30 6.37 -9.64
CA PRO A 300 23.87 7.44 -8.75
C PRO A 300 23.16 8.55 -9.49
N ASN A 301 23.42 8.70 -10.79
CA ASN A 301 22.78 9.76 -11.53
C ASN A 301 21.53 9.26 -12.20
N LEU A 302 21.64 8.15 -12.91
CA LEU A 302 20.47 7.64 -13.61
C LEU A 302 19.39 7.22 -12.67
N GLY A 303 19.77 6.81 -11.46
CA GLY A 303 18.78 6.45 -10.46
C GLY A 303 17.89 7.62 -10.03
N LYS A 304 18.29 8.85 -10.36
CA LYS A 304 17.52 10.03 -10.04
C LYS A 304 16.88 10.63 -11.29
N HIS A 305 17.45 10.35 -12.45
CA HIS A 305 16.90 10.92 -13.67
C HIS A 305 15.50 10.41 -14.00
N GLU A 306 14.66 11.31 -14.45
CA GLU A 306 13.27 11.07 -14.77
C GLU A 306 12.96 9.99 -15.79
N LYS A 307 13.87 9.73 -16.71
CA LYS A 307 13.58 8.76 -17.75
C LYS A 307 14.26 7.42 -17.52
N PHE A 308 14.79 7.22 -16.34
CA PHE A 308 15.48 5.99 -16.03
C PHE A 308 14.58 4.80 -16.27
N SER A 309 13.38 4.83 -15.70
CA SER A 309 12.45 3.74 -15.89
C SER A 309 11.95 3.64 -17.33
N GLU A 310 11.95 4.76 -18.04
CA GLU A 310 11.50 4.78 -19.42
C GLU A 310 12.48 4.06 -20.32
N VAL A 311 13.74 4.31 -20.10
CA VAL A 311 14.79 3.66 -20.86
C VAL A 311 14.84 2.19 -20.57
N LEU A 312 14.72 1.82 -19.30
CA LEU A 312 14.75 0.42 -18.92
C LEU A 312 13.57 -0.33 -19.52
N LYS A 313 12.43 0.33 -19.62
CA LYS A 313 11.29 -0.27 -20.29
C LYS A 313 11.66 -0.58 -21.72
N ARG A 314 12.22 0.40 -22.41
CA ARG A 314 12.63 0.26 -23.78
C ARG A 314 13.67 -0.82 -23.98
N LEU A 315 14.60 -0.94 -23.05
CA LEU A 315 15.63 -1.95 -23.16
C LEU A 315 15.16 -3.33 -22.70
N ARG A 316 13.94 -3.42 -22.19
CA ARG A 316 13.41 -4.67 -21.71
C ARG A 316 14.27 -5.23 -20.60
N LEU A 317 14.61 -4.37 -19.65
CA LEU A 317 15.40 -4.75 -18.51
C LEU A 317 14.64 -4.55 -17.23
N GLN A 318 14.97 -5.32 -16.21
CA GLN A 318 14.34 -5.22 -14.93
C GLN A 318 15.10 -4.28 -14.05
N LYS A 319 14.37 -3.47 -13.33
CA LYS A 319 14.94 -2.54 -12.37
C LYS A 319 14.72 -3.06 -10.97
N ARG A 320 15.78 -3.38 -10.26
CA ARG A 320 15.61 -3.85 -8.92
C ARG A 320 16.73 -3.35 -8.05
N GLY A 321 16.43 -3.04 -6.80
CA GLY A 321 17.46 -2.52 -5.91
C GLY A 321 18.30 -3.63 -5.32
N THR A 322 18.72 -3.45 -4.09
CA THR A 322 19.52 -4.43 -3.40
C THR A 322 19.12 -4.54 -1.96
N GLY A 323 19.19 -5.76 -1.44
CA GLY A 323 18.83 -6.04 -0.06
C GLY A 323 19.78 -5.42 0.94
N VAL A 333 22.10 1.99 -6.40
CA VAL A 333 22.95 1.07 -7.13
C VAL A 333 21.96 0.04 -7.55
N PHE A 334 22.05 -0.45 -8.77
CA PHE A 334 20.95 -1.27 -9.21
C PHE A 334 21.26 -2.60 -9.81
N ASP A 335 20.33 -3.50 -9.62
CA ASP A 335 20.34 -4.79 -10.25
C ASP A 335 19.62 -4.63 -11.56
N VAL A 336 20.37 -4.64 -12.63
CA VAL A 336 19.79 -4.51 -13.95
C VAL A 336 19.77 -5.88 -14.56
N SER A 337 18.61 -6.36 -14.98
CA SER A 337 18.61 -7.74 -15.48
C SER A 337 17.61 -8.04 -16.57
N ASN A 338 17.82 -9.18 -17.21
CA ASN A 338 16.95 -9.66 -18.27
C ASN A 338 15.49 -9.76 -17.90
N ALA A 339 14.62 -9.03 -18.62
CA ALA A 339 13.19 -9.11 -18.33
C ALA A 339 12.43 -10.16 -19.15
N ASP A 340 13.08 -10.85 -20.09
CA ASP A 340 12.36 -11.86 -20.88
C ASP A 340 12.80 -13.30 -20.59
N ARG A 341 11.88 -14.24 -20.65
CA ARG A 341 12.25 -15.62 -20.38
C ARG A 341 11.87 -16.57 -21.50
N LEU A 342 10.88 -16.19 -22.28
CA LEU A 342 10.32 -17.04 -23.32
C LEU A 342 10.25 -16.36 -24.68
N GLY A 343 10.69 -17.04 -25.73
CA GLY A 343 10.65 -16.46 -27.07
C GLY A 343 12.01 -16.00 -27.59
N PHE A 344 13.00 -15.99 -26.73
CA PHE A 344 14.33 -15.57 -27.13
C PHE A 344 15.34 -16.59 -26.67
N SER A 345 16.43 -16.77 -27.42
CA SER A 345 17.44 -17.72 -27.00
C SER A 345 18.26 -17.16 -25.87
N GLU A 346 18.95 -18.04 -25.14
CA GLU A 346 19.78 -17.61 -24.03
C GLU A 346 20.86 -16.66 -24.47
N VAL A 347 21.31 -16.81 -25.71
CA VAL A 347 22.29 -15.88 -26.23
C VAL A 347 21.66 -14.54 -26.48
N GLU A 348 20.50 -14.53 -27.12
CA GLU A 348 19.86 -13.26 -27.38
C GLU A 348 19.54 -12.53 -26.11
N LEU A 349 19.12 -13.24 -25.09
CA LEU A 349 18.78 -12.60 -23.84
C LEU A 349 19.99 -12.03 -23.14
N VAL A 350 21.09 -12.78 -23.10
CA VAL A 350 22.25 -12.21 -22.47
C VAL A 350 22.82 -11.10 -23.35
N GLN A 351 22.59 -11.19 -24.66
CA GLN A 351 23.03 -10.15 -25.58
C GLN A 351 22.31 -8.86 -25.24
N MET A 352 21.02 -8.96 -24.93
CA MET A 352 20.22 -7.81 -24.55
C MET A 352 20.76 -7.15 -23.33
N VAL A 353 21.18 -7.93 -22.35
CA VAL A 353 21.75 -7.34 -21.17
C VAL A 353 23.03 -6.61 -21.48
N VAL A 354 23.91 -7.20 -22.27
CA VAL A 354 25.16 -6.52 -22.61
C VAL A 354 24.90 -5.21 -23.32
N ASP A 355 24.00 -5.25 -24.30
CA ASP A 355 23.67 -4.08 -25.07
C ASP A 355 23.12 -2.96 -24.22
N GLY A 356 22.10 -3.28 -23.45
CA GLY A 356 21.44 -2.30 -22.61
C GLY A 356 22.38 -1.69 -21.60
N VAL A 357 23.19 -2.51 -20.95
CA VAL A 357 24.11 -1.99 -19.97
C VAL A 357 25.11 -1.05 -20.58
N LYS A 358 25.67 -1.39 -21.73
CA LYS A 358 26.62 -0.47 -22.33
C LYS A 358 25.93 0.85 -22.67
N LEU A 359 24.69 0.79 -23.13
CA LEU A 359 23.94 1.99 -23.42
C LEU A 359 23.78 2.82 -22.16
N LEU A 360 23.40 2.16 -21.06
CA LEU A 360 23.22 2.83 -19.78
C LEU A 360 24.50 3.41 -19.25
N ILE A 361 25.62 2.75 -19.49
CA ILE A 361 26.87 3.32 -19.05
C ILE A 361 27.07 4.64 -19.75
N GLU A 362 26.86 4.65 -21.06
CA GLU A 362 26.99 5.86 -21.85
C GLU A 362 25.95 6.90 -21.48
N MET A 363 24.76 6.43 -21.16
CA MET A 363 23.69 7.29 -20.75
C MET A 363 24.12 8.10 -19.56
N GLU A 364 24.69 7.41 -18.57
CA GLU A 364 25.13 8.11 -17.39
C GLU A 364 26.29 9.02 -17.71
N GLN A 365 27.26 8.57 -18.50
CA GLN A 365 28.36 9.45 -18.93
C GLN A 365 27.88 10.86 -19.18
N ARG A 366 27.07 10.99 -20.21
CA ARG A 366 26.54 12.27 -20.63
C ARG A 366 25.80 12.98 -19.51
N LEU A 367 24.99 12.25 -18.76
CA LEU A 367 24.24 12.86 -17.66
C LEU A 367 25.19 13.43 -16.61
N GLU A 368 26.22 12.67 -16.26
CA GLU A 368 27.24 13.10 -15.33
C GLU A 368 27.89 14.41 -15.75
N GLN A 369 28.09 14.58 -17.04
CA GLN A 369 28.68 15.80 -17.55
C GLN A 369 27.67 16.92 -17.80
N GLY A 370 26.41 16.73 -17.41
CA GLY A 370 25.40 17.75 -17.55
C GLY A 370 24.92 17.88 -18.98
N GLN A 371 25.06 16.82 -19.75
CA GLN A 371 24.68 16.88 -21.15
C GLN A 371 23.30 16.32 -21.34
N ALA A 372 22.67 16.68 -22.44
CA ALA A 372 21.35 16.14 -22.74
C ALA A 372 21.51 14.66 -23.08
N ILE A 373 20.58 13.85 -22.64
CA ILE A 373 20.68 12.43 -22.88
C ILE A 373 19.54 11.91 -23.74
N ASP A 374 18.80 12.82 -24.37
CA ASP A 374 17.65 12.48 -25.20
C ASP A 374 18.02 11.78 -26.49
N ASP A 375 19.28 11.82 -26.87
CA ASP A 375 19.74 11.16 -28.07
C ASP A 375 20.13 9.70 -27.86
N LEU A 376 19.94 9.18 -26.64
CA LEU A 376 20.26 7.78 -26.38
C LEU A 376 19.04 6.98 -25.97
N MET A 377 17.87 7.38 -26.44
CA MET A 377 16.65 6.69 -26.06
C MET A 377 16.01 6.01 -27.27
N PRO A 378 16.49 4.82 -27.65
CA PRO A 378 16.13 4.06 -28.83
C PRO A 378 14.72 3.55 -28.76
N ALA A 379 14.11 3.34 -29.92
CA ALA A 379 12.76 2.82 -29.99
C ALA A 379 12.77 1.30 -29.93
N GLN A 380 13.28 0.77 -28.83
CA GLN A 380 13.36 -0.66 -28.63
C GLN A 380 12.09 -1.13 -27.97
N LYS A 381 11.51 -2.16 -28.55
CA LYS A 381 10.29 -2.71 -28.01
C LYS A 381 10.42 -4.22 -27.86
N SER B 6 -4.05 -40.82 -9.02
CA SER B 6 -3.78 -41.27 -7.65
C SER B 6 -2.30 -41.24 -7.33
N HIS B 7 -1.80 -40.07 -6.92
CA HIS B 7 -0.40 -39.93 -6.60
C HIS B 7 0.00 -40.79 -5.42
N ASN B 8 -0.97 -41.18 -4.61
CA ASN B 8 -0.73 -42.07 -3.50
C ASN B 8 -0.19 -43.39 -4.04
N ALA B 9 -0.77 -43.86 -5.13
CA ALA B 9 -0.34 -45.11 -5.74
C ALA B 9 1.08 -44.95 -6.23
N LEU B 10 1.40 -43.77 -6.74
CA LEU B 10 2.75 -43.53 -7.21
C LEU B 10 3.73 -43.57 -6.06
N LYS B 11 3.33 -43.06 -4.90
CA LYS B 11 4.18 -43.11 -3.73
C LYS B 11 4.43 -44.55 -3.31
N LEU B 12 3.43 -45.41 -3.50
CA LEU B 12 3.55 -46.82 -3.16
C LEU B 12 4.55 -47.58 -4.02
N ARG B 13 5.06 -46.97 -5.09
CA ARG B 13 6.05 -47.63 -5.90
C ARG B 13 7.42 -47.62 -5.22
N PHE B 14 7.58 -46.77 -4.21
CA PHE B 14 8.82 -46.70 -3.46
C PHE B 14 8.73 -47.63 -2.27
N PRO B 15 9.86 -48.08 -1.75
CA PRO B 15 10.01 -48.87 -0.55
C PRO B 15 9.75 -47.96 0.64
N ALA B 16 9.29 -48.55 1.74
CA ALA B 16 8.95 -47.78 2.91
C ALA B 16 10.12 -46.97 3.40
N GLU B 17 11.31 -47.54 3.28
CA GLU B 17 12.53 -46.86 3.69
C GLU B 17 12.69 -45.49 3.02
N ASP B 18 12.31 -45.39 1.75
CA ASP B 18 12.44 -44.14 1.04
C ASP B 18 11.42 -43.13 1.48
N GLU B 19 10.21 -43.57 1.76
CA GLU B 19 9.16 -42.63 2.13
C GLU B 19 9.18 -42.23 3.61
N PHE B 20 9.70 -43.10 4.47
CA PHE B 20 9.76 -42.81 5.90
C PHE B 20 10.56 -41.54 6.20
N PRO B 21 9.95 -40.52 6.83
CA PRO B 21 10.52 -39.24 7.17
C PRO B 21 11.52 -39.37 8.29
N ASP B 22 12.57 -38.56 8.25
CA ASP B 22 13.58 -38.62 9.27
C ASP B 22 13.15 -37.86 10.49
N LEU B 23 12.55 -38.58 11.41
CA LEU B 23 12.04 -37.98 12.61
C LEU B 23 13.01 -37.97 13.77
N SER B 24 14.28 -38.32 13.52
CA SER B 24 15.25 -38.38 14.62
C SER B 24 15.53 -37.02 15.24
N ALA B 25 15.29 -35.95 14.50
CA ALA B 25 15.50 -34.61 15.02
C ALA B 25 14.24 -34.02 15.63
N HIS B 26 13.15 -34.77 15.60
CA HIS B 26 11.90 -34.23 16.07
C HIS B 26 11.60 -34.54 17.51
N ASN B 27 10.78 -33.68 18.12
CA ASN B 27 10.39 -33.90 19.48
C ASN B 27 8.93 -33.58 19.70
N ASN B 28 8.09 -34.55 19.41
CA ASN B 28 6.64 -34.48 19.62
C ASN B 28 6.09 -35.89 19.73
N HIS B 29 4.80 -36.02 20.03
CA HIS B 29 4.26 -37.35 20.27
C HIS B 29 4.19 -38.17 19.01
N MET B 30 3.93 -37.53 17.88
CA MET B 30 3.88 -38.27 16.64
C MET B 30 5.19 -38.98 16.41
N ALA B 31 6.28 -38.25 16.57
CA ALA B 31 7.61 -38.81 16.39
C ALA B 31 7.88 -39.94 17.35
N LYS B 32 7.40 -39.81 18.58
CA LYS B 32 7.61 -40.87 19.55
C LYS B 32 6.89 -42.16 19.18
N VAL B 33 5.69 -42.04 18.68
CA VAL B 33 4.89 -43.19 18.32
C VAL B 33 5.20 -43.84 17.00
N LEU B 34 5.34 -43.06 15.95
CA LEU B 34 5.48 -43.64 14.62
C LEU B 34 6.79 -44.36 14.41
N THR B 35 6.72 -45.66 14.19
CA THR B 35 7.89 -46.46 13.89
C THR B 35 7.88 -46.70 12.40
N PRO B 36 8.99 -47.09 11.80
CA PRO B 36 9.13 -47.37 10.39
C PRO B 36 8.36 -48.62 10.05
N GLU B 37 8.20 -49.48 11.04
CA GLU B 37 7.42 -50.67 10.86
C GLU B 37 5.97 -50.31 10.74
N LEU B 38 5.51 -49.44 11.65
CA LEU B 38 4.15 -48.97 11.64
C LEU B 38 3.87 -48.22 10.37
N TYR B 39 4.81 -47.39 9.99
CA TYR B 39 4.72 -46.58 8.81
C TYR B 39 4.45 -47.46 7.64
N ALA B 40 5.28 -48.47 7.47
CA ALA B 40 5.15 -49.40 6.36
C ALA B 40 3.78 -50.07 6.35
N GLU B 41 3.28 -50.41 7.52
CA GLU B 41 1.97 -51.03 7.58
C GLU B 41 0.87 -50.09 7.19
N LEU B 42 0.98 -48.84 7.59
CA LEU B 42 -0.07 -47.89 7.30
C LEU B 42 0.05 -47.16 5.97
N ARG B 43 1.18 -47.29 5.26
CA ARG B 43 1.36 -46.55 4.00
C ARG B 43 0.24 -46.73 3.02
N ALA B 44 -0.24 -47.95 2.88
CA ALA B 44 -1.28 -48.24 1.91
C ALA B 44 -2.68 -48.06 2.48
N LYS B 45 -2.79 -47.65 3.73
CA LYS B 45 -4.09 -47.51 4.34
C LYS B 45 -4.63 -46.14 4.05
N SER B 46 -5.95 -46.01 4.01
CA SER B 46 -6.56 -44.73 3.76
C SER B 46 -7.97 -44.69 4.25
N THR B 47 -8.47 -43.50 4.48
CA THR B 47 -9.83 -43.31 4.93
C THR B 47 -10.72 -43.25 3.74
N PRO B 48 -12.03 -43.29 3.94
CA PRO B 48 -13.07 -43.12 2.94
C PRO B 48 -12.95 -41.76 2.24
N SER B 49 -12.29 -40.79 2.86
CA SER B 49 -12.10 -39.46 2.30
C SER B 49 -10.89 -39.39 1.42
N GLY B 50 -9.99 -40.35 1.56
CA GLY B 50 -8.74 -40.32 0.82
C GLY B 50 -7.59 -39.86 1.70
N PHE B 51 -7.91 -39.39 2.90
CA PHE B 51 -6.90 -38.96 3.85
C PHE B 51 -5.89 -40.08 4.12
N THR B 52 -4.60 -39.80 3.88
CA THR B 52 -3.58 -40.86 3.99
C THR B 52 -2.65 -40.67 5.15
N LEU B 53 -1.81 -41.66 5.37
CA LEU B 53 -0.81 -41.65 6.42
C LEU B 53 0.10 -40.45 6.36
N ASP B 54 0.49 -40.04 5.18
CA ASP B 54 1.38 -38.91 5.06
C ASP B 54 0.68 -37.59 5.33
N ASP B 55 -0.64 -37.60 5.43
CA ASP B 55 -1.36 -36.39 5.70
C ASP B 55 -1.56 -36.29 7.21
N VAL B 56 -1.87 -37.42 7.85
CA VAL B 56 -2.06 -37.41 9.28
C VAL B 56 -0.82 -37.05 10.08
N ILE B 57 0.37 -37.27 9.55
CA ILE B 57 1.54 -36.86 10.31
C ILE B 57 2.24 -35.67 9.71
N GLN B 58 1.58 -34.94 8.82
CA GLN B 58 2.27 -33.86 8.13
C GLN B 58 2.75 -32.75 9.03
N THR B 59 1.94 -32.35 10.00
CA THR B 59 2.31 -31.29 10.91
C THR B 59 3.45 -31.68 11.81
N GLY B 60 3.38 -32.90 12.31
CA GLY B 60 4.43 -33.43 13.17
C GLY B 60 5.77 -33.47 12.46
N VAL B 61 5.76 -33.66 11.14
CA VAL B 61 6.98 -33.62 10.37
C VAL B 61 7.46 -32.20 10.16
N ASP B 62 6.55 -31.33 9.72
CA ASP B 62 6.89 -29.94 9.46
C ASP B 62 7.42 -29.19 10.66
N ASN B 63 6.71 -29.25 11.76
CA ASN B 63 7.15 -28.58 12.95
C ASN B 63 8.11 -29.47 13.71
N PRO B 64 9.39 -29.12 13.77
CA PRO B 64 10.49 -29.88 14.37
C PRO B 64 10.26 -30.27 15.82
N GLY B 65 9.34 -29.61 16.50
CA GLY B 65 9.08 -29.94 17.88
C GLY B 65 9.77 -28.96 18.79
N HIS B 66 9.97 -29.37 20.02
CA HIS B 66 10.57 -28.49 21.01
C HIS B 66 11.16 -29.30 22.15
N PRO B 67 12.32 -28.92 22.67
CA PRO B 67 13.08 -29.59 23.73
C PRO B 67 12.41 -29.63 25.10
N TYR B 68 11.42 -28.77 25.34
CA TYR B 68 10.79 -28.80 26.65
C TYR B 68 9.29 -28.89 26.60
N ILE B 69 8.69 -28.26 25.61
CA ILE B 69 7.24 -28.29 25.51
C ILE B 69 6.81 -28.92 24.22
N MET B 70 6.34 -30.16 24.28
CA MET B 70 5.99 -30.82 23.05
C MET B 70 4.53 -30.74 22.74
N THR B 71 4.17 -31.32 21.62
CA THR B 71 2.81 -31.40 21.13
C THR B 71 2.61 -32.74 20.48
N VAL B 72 1.59 -32.84 19.63
CA VAL B 72 1.35 -34.10 18.98
C VAL B 72 1.81 -34.05 17.55
N GLY B 73 1.25 -33.12 16.79
CA GLY B 73 1.61 -32.97 15.40
C GLY B 73 0.74 -33.81 14.46
N CYS B 74 -0.35 -34.34 14.96
CA CYS B 74 -1.21 -35.13 14.11
C CYS B 74 -2.54 -34.48 13.96
N VAL B 75 -3.15 -34.65 12.80
CA VAL B 75 -4.46 -34.07 12.61
C VAL B 75 -5.39 -35.09 12.04
N ALA B 76 -6.66 -34.94 12.31
CA ALA B 76 -7.63 -35.85 11.76
C ALA B 76 -8.07 -35.38 10.40
N GLY B 77 -8.70 -36.28 9.66
CA GLY B 77 -9.23 -35.92 8.35
C GLY B 77 -10.73 -35.94 8.49
N ASP B 78 -11.33 -37.09 8.31
CA ASP B 78 -12.73 -37.26 8.59
C ASP B 78 -12.81 -37.90 9.96
N GLU B 79 -14.01 -38.11 10.49
CA GLU B 79 -14.14 -38.75 11.80
C GLU B 79 -13.52 -40.12 11.81
N GLU B 80 -13.81 -40.86 10.75
CA GLU B 80 -13.33 -42.22 10.57
C GLU B 80 -11.83 -42.35 10.65
N SER B 81 -11.09 -41.28 10.38
CA SER B 81 -9.65 -41.34 10.39
C SER B 81 -9.08 -41.69 11.76
N TYR B 82 -9.85 -41.45 12.82
CA TYR B 82 -9.36 -41.85 14.14
C TYR B 82 -9.39 -43.36 14.27
N GLU B 83 -10.30 -44.00 13.55
CA GLU B 83 -10.39 -45.46 13.52
C GLU B 83 -9.39 -46.05 12.54
N VAL B 84 -9.36 -45.49 11.34
CA VAL B 84 -8.53 -45.98 10.27
C VAL B 84 -7.08 -46.03 10.65
N PHE B 85 -6.60 -44.97 11.28
CA PHE B 85 -5.22 -44.95 11.69
C PHE B 85 -5.07 -45.09 13.18
N LYS B 86 -5.98 -45.81 13.83
CA LYS B 86 -5.94 -45.95 15.27
C LYS B 86 -4.68 -46.63 15.75
N ASP B 87 -4.01 -47.38 14.90
CA ASP B 87 -2.77 -48.00 15.30
C ASP B 87 -1.73 -46.93 15.64
N LEU B 88 -1.89 -45.77 15.03
CA LEU B 88 -1.06 -44.63 15.31
C LEU B 88 -1.67 -43.81 16.46
N PHE B 89 -2.95 -43.48 16.33
CA PHE B 89 -3.58 -42.61 17.31
C PHE B 89 -3.72 -43.16 18.71
N ASP B 90 -4.01 -44.44 18.85
CA ASP B 90 -4.23 -44.99 20.18
C ASP B 90 -3.07 -44.76 21.14
N PRO B 91 -1.82 -44.97 20.74
CA PRO B 91 -0.69 -44.74 21.59
C PRO B 91 -0.45 -43.26 21.73
N ILE B 92 -0.83 -42.47 20.73
CA ILE B 92 -0.69 -41.03 20.88
C ILE B 92 -1.59 -40.51 21.98
N ILE B 93 -2.85 -40.91 21.93
CA ILE B 93 -3.83 -40.46 22.90
C ILE B 93 -3.46 -40.90 24.28
N GLU B 94 -3.07 -42.16 24.42
CA GLU B 94 -2.69 -42.67 25.73
C GLU B 94 -1.60 -41.81 26.36
N ASP B 95 -0.59 -41.46 25.60
CA ASP B 95 0.45 -40.62 26.18
C ASP B 95 -0.04 -39.20 26.45
N ARG B 96 -0.79 -38.63 25.53
CA ARG B 96 -1.22 -37.26 25.68
C ARG B 96 -2.14 -36.99 26.84
N HIS B 97 -3.06 -37.88 27.10
CA HIS B 97 -4.00 -37.61 28.17
C HIS B 97 -3.67 -38.33 29.46
N GLY B 98 -2.42 -38.71 29.64
CA GLY B 98 -1.99 -39.17 30.95
C GLY B 98 -2.44 -40.59 31.29
N GLY B 99 -2.57 -41.45 30.28
CA GLY B 99 -2.95 -42.82 30.55
C GLY B 99 -4.34 -43.21 30.08
N TYR B 100 -5.00 -42.34 29.33
CA TYR B 100 -6.31 -42.70 28.81
C TYR B 100 -6.21 -43.97 27.99
N LYS B 101 -6.79 -45.05 28.49
CA LYS B 101 -6.70 -46.34 27.81
C LYS B 101 -7.70 -46.46 26.70
N PRO B 102 -7.43 -47.30 25.70
CA PRO B 102 -8.24 -47.59 24.54
C PRO B 102 -9.53 -48.30 24.92
N SER B 103 -9.54 -48.88 26.11
CA SER B 103 -10.73 -49.54 26.63
C SER B 103 -11.66 -48.60 27.37
N ASP B 104 -11.19 -47.40 27.71
CA ASP B 104 -11.96 -46.47 28.51
C ASP B 104 -13.14 -45.83 27.77
N GLU B 105 -14.19 -45.54 28.53
CA GLU B 105 -15.36 -44.87 28.02
C GLU B 105 -15.40 -43.44 28.54
N HIS B 106 -15.64 -42.50 27.65
CA HIS B 106 -15.67 -41.10 28.05
C HIS B 106 -17.10 -40.58 28.23
N LYS B 107 -17.33 -39.91 29.35
CA LYS B 107 -18.66 -39.38 29.65
C LYS B 107 -18.78 -37.88 29.37
N THR B 108 -20.01 -37.41 29.20
CA THR B 108 -20.31 -36.00 28.96
C THR B 108 -21.33 -35.51 29.97
N ASP B 109 -21.63 -34.20 29.99
CA ASP B 109 -22.59 -33.70 30.96
C ASP B 109 -23.01 -32.25 30.73
N LEU B 110 -24.18 -32.05 30.14
CA LEU B 110 -24.71 -30.71 29.92
C LEU B 110 -25.84 -30.36 30.89
N ASN B 111 -25.70 -30.77 32.13
CA ASN B 111 -26.68 -30.51 33.16
C ASN B 111 -26.04 -29.78 34.34
N PRO B 112 -25.84 -28.45 34.23
CA PRO B 112 -25.21 -27.53 35.17
C PRO B 112 -25.61 -27.75 36.61
N ASP B 113 -26.79 -28.33 36.84
CA ASP B 113 -27.27 -28.65 38.16
C ASP B 113 -26.25 -29.45 38.97
N ASN B 114 -25.43 -30.25 38.29
CA ASN B 114 -24.41 -31.04 38.97
C ASN B 114 -23.30 -30.18 39.56
N LEU B 115 -23.07 -29.00 39.00
CA LEU B 115 -22.04 -28.10 39.50
C LEU B 115 -22.43 -27.53 40.84
N GLN B 116 -21.58 -27.75 41.83
CA GLN B 116 -21.85 -27.26 43.16
C GLN B 116 -21.06 -26.01 43.43
N GLY B 117 -21.70 -24.87 43.25
CA GLY B 117 -21.05 -23.58 43.42
C GLY B 117 -20.89 -22.91 42.06
N GLY B 118 -19.95 -21.98 41.97
CA GLY B 118 -19.69 -21.28 40.72
C GLY B 118 -20.50 -20.00 40.58
N ASP B 119 -21.49 -19.81 41.45
CA ASP B 119 -22.33 -18.63 41.42
C ASP B 119 -21.61 -17.42 41.99
N ASP B 120 -20.78 -17.65 43.02
CA ASP B 120 -20.02 -16.59 43.66
C ASP B 120 -18.58 -17.01 43.87
N LEU B 121 -17.72 -16.55 42.99
CA LEU B 121 -16.32 -16.89 43.06
C LEU B 121 -15.43 -15.81 43.62
N ASP B 122 -15.99 -14.79 44.25
CA ASP B 122 -15.20 -13.67 44.79
C ASP B 122 -14.60 -12.76 43.73
N PRO B 123 -15.40 -11.82 43.19
CA PRO B 123 -15.09 -10.86 42.14
C PRO B 123 -13.91 -9.94 42.44
N ASN B 124 -13.37 -9.99 43.67
CA ASN B 124 -12.17 -9.26 44.02
C ASN B 124 -10.95 -9.79 43.30
N TYR B 125 -10.97 -11.08 42.97
CA TYR B 125 -9.86 -11.67 42.26
C TYR B 125 -10.32 -12.28 40.96
N VAL B 126 -11.58 -12.66 40.90
CA VAL B 126 -12.05 -13.16 39.63
C VAL B 126 -12.41 -11.99 38.77
N LEU B 127 -11.57 -11.76 37.78
CA LEU B 127 -11.75 -10.63 36.92
C LEU B 127 -12.76 -10.97 35.88
N SER B 128 -12.61 -12.16 35.31
CA SER B 128 -13.54 -12.63 34.31
C SER B 128 -13.33 -14.09 34.03
N SER B 129 -14.27 -14.72 33.34
CA SER B 129 -14.11 -16.12 33.03
C SER B 129 -14.81 -16.52 31.75
N ARG B 130 -14.48 -17.71 31.26
CA ARG B 130 -15.07 -18.18 30.04
C ARG B 130 -15.03 -19.67 29.88
N VAL B 131 -15.86 -20.15 28.96
CA VAL B 131 -15.89 -21.55 28.58
C VAL B 131 -15.70 -21.65 27.09
N ARG B 132 -14.63 -22.28 26.66
CA ARG B 132 -14.42 -22.43 25.23
C ARG B 132 -14.47 -23.88 24.83
N THR B 133 -15.10 -24.16 23.71
CA THR B 133 -15.12 -25.52 23.23
C THR B 133 -15.31 -25.54 21.75
N GLY B 134 -15.57 -26.71 21.19
CA GLY B 134 -15.80 -26.79 19.78
C GLY B 134 -16.51 -28.06 19.40
N ARG B 135 -17.15 -28.03 18.25
CA ARG B 135 -17.90 -29.16 17.75
C ARG B 135 -17.63 -29.34 16.28
N SER B 136 -18.20 -30.39 15.70
CA SER B 136 -17.99 -30.70 14.30
C SER B 136 -19.19 -31.38 13.69
N ILE B 137 -19.48 -31.09 12.45
CA ILE B 137 -20.70 -31.68 11.88
C ILE B 137 -20.45 -33.00 11.18
N ARG B 138 -21.13 -34.05 11.65
CA ARG B 138 -20.99 -35.35 11.04
C ARG B 138 -21.47 -35.32 9.61
N GLY B 139 -20.62 -35.80 8.72
CA GLY B 139 -20.93 -35.81 7.30
C GLY B 139 -19.98 -34.92 6.53
N PHE B 140 -19.24 -34.07 7.23
CA PHE B 140 -18.28 -33.22 6.59
C PHE B 140 -16.91 -33.54 7.11
N CYS B 141 -15.90 -33.23 6.34
CA CYS B 141 -14.55 -33.50 6.78
C CYS B 141 -14.09 -32.38 7.67
N LEU B 142 -13.13 -32.67 8.52
CA LEU B 142 -12.58 -31.65 9.37
C LEU B 142 -11.73 -30.77 8.48
N PRO B 143 -11.64 -29.47 8.81
CA PRO B 143 -11.02 -28.39 8.03
C PRO B 143 -9.80 -28.77 7.18
N PRO B 144 -8.75 -29.47 7.68
CA PRO B 144 -7.55 -29.82 6.93
C PRO B 144 -7.86 -30.43 5.58
N HIS B 145 -8.95 -31.19 5.47
CA HIS B 145 -9.30 -31.80 4.19
C HIS B 145 -10.70 -31.53 3.68
N CYS B 146 -11.29 -30.41 4.06
CA CYS B 146 -12.59 -30.11 3.51
C CYS B 146 -12.47 -29.34 2.21
N SER B 147 -13.49 -29.43 1.37
CA SER B 147 -13.48 -28.66 0.13
C SER B 147 -14.12 -27.34 0.37
N ARG B 148 -14.04 -26.46 -0.61
CA ARG B 148 -14.69 -25.18 -0.51
C ARG B 148 -16.17 -25.35 -0.44
N GLY B 149 -16.68 -26.28 -1.25
CA GLY B 149 -18.10 -26.60 -1.25
C GLY B 149 -18.52 -27.07 0.12
N GLU B 150 -17.72 -27.94 0.73
CA GLU B 150 -18.05 -28.42 2.06
C GLU B 150 -18.00 -27.31 3.08
N ARG B 151 -16.98 -26.47 3.00
CA ARG B 151 -16.85 -25.37 3.92
C ARG B 151 -18.06 -24.47 3.82
N ARG B 152 -18.47 -24.18 2.60
CA ARG B 152 -19.61 -23.34 2.34
C ARG B 152 -20.91 -23.99 2.79
N ALA B 153 -21.02 -25.30 2.64
CA ALA B 153 -22.20 -26.01 3.10
C ALA B 153 -22.34 -25.88 4.61
N ILE B 154 -21.22 -25.97 5.31
CA ILE B 154 -21.24 -25.81 6.75
C ILE B 154 -21.61 -24.41 7.13
N GLU B 155 -21.03 -23.42 6.47
CA GLU B 155 -21.37 -22.04 6.75
C GLU B 155 -22.85 -21.83 6.62
N LYS B 156 -23.42 -22.32 5.53
CA LYS B 156 -24.84 -22.22 5.31
C LYS B 156 -25.64 -22.76 6.48
N LEU B 157 -25.31 -23.96 6.94
CA LEU B 157 -26.04 -24.53 8.06
C LEU B 157 -25.87 -23.73 9.33
N ALA B 158 -24.64 -23.32 9.61
CA ALA B 158 -24.34 -22.62 10.85
C ALA B 158 -25.04 -21.30 10.93
N VAL B 159 -25.00 -20.56 9.85
CA VAL B 159 -25.62 -19.25 9.85
C VAL B 159 -27.11 -19.35 9.94
N GLU B 160 -27.69 -20.23 9.14
CA GLU B 160 -29.13 -20.37 9.19
C GLU B 160 -29.61 -20.75 10.57
N ALA B 161 -28.98 -21.74 11.17
CA ALA B 161 -29.38 -22.17 12.49
C ALA B 161 -29.16 -21.07 13.54
N LEU B 162 -28.00 -20.43 13.54
CA LEU B 162 -27.72 -19.39 14.51
C LEU B 162 -28.66 -18.22 14.42
N SER B 163 -29.15 -17.91 13.22
CA SER B 163 -30.08 -16.82 13.06
C SER B 163 -31.43 -17.09 13.73
N SER B 164 -31.73 -18.36 14.03
CA SER B 164 -32.99 -18.68 14.68
C SER B 164 -32.84 -18.71 16.19
N LEU B 165 -31.63 -18.51 16.70
CA LEU B 165 -31.42 -18.49 18.13
C LEU B 165 -31.82 -17.12 18.67
N ASP B 166 -32.82 -17.08 19.55
CA ASP B 166 -33.33 -15.83 20.07
C ASP B 166 -33.06 -15.65 21.58
N GLY B 167 -33.97 -14.95 22.27
CA GLY B 167 -33.84 -14.69 23.69
C GLY B 167 -32.66 -13.79 23.92
N ASP B 168 -31.96 -13.99 25.03
CA ASP B 168 -30.77 -13.18 25.29
C ASP B 168 -29.57 -13.73 24.52
N LEU B 169 -29.80 -14.73 23.66
CA LEU B 169 -28.79 -15.26 22.82
C LEU B 169 -29.00 -14.79 21.39
N ALA B 170 -29.98 -13.91 21.18
CA ALA B 170 -30.20 -13.38 19.84
C ALA B 170 -28.97 -12.63 19.39
N GLY B 171 -28.57 -12.81 18.14
CA GLY B 171 -27.39 -12.15 17.65
C GLY B 171 -27.38 -11.87 16.16
N ARG B 172 -26.17 -11.75 15.61
CA ARG B 172 -25.98 -11.46 14.20
C ARG B 172 -24.71 -12.11 13.70
N TYR B 173 -24.65 -12.36 12.40
CA TYR B 173 -23.49 -13.01 11.79
C TYR B 173 -22.74 -12.10 10.87
N TYR B 174 -21.42 -12.10 11.00
CA TYR B 174 -20.57 -11.33 10.13
C TYR B 174 -19.73 -12.26 9.30
N ALA B 175 -19.62 -11.98 8.03
CA ALA B 175 -18.76 -12.79 7.20
C ALA B 175 -17.44 -12.07 7.04
N LEU B 176 -16.33 -12.78 7.18
CA LEU B 176 -15.03 -12.12 7.03
C LEU B 176 -14.83 -11.56 5.64
N LYS B 177 -15.43 -12.21 4.65
CA LYS B 177 -15.30 -11.79 3.27
C LYS B 177 -15.77 -10.37 3.00
N SER B 178 -16.66 -9.84 3.83
CA SER B 178 -17.16 -8.49 3.60
C SER B 178 -17.34 -7.75 4.91
N MET B 179 -16.48 -8.03 5.86
CA MET B 179 -16.58 -7.37 7.16
C MET B 179 -16.06 -5.94 7.06
N THR B 180 -16.92 -4.97 7.39
CA THR B 180 -16.57 -3.56 7.31
C THR B 180 -15.52 -3.20 8.35
N GLU B 181 -14.53 -2.41 7.96
CA GLU B 181 -13.44 -2.02 8.85
C GLU B 181 -13.92 -1.51 10.20
N ALA B 182 -14.96 -0.71 10.22
CA ALA B 182 -15.52 -0.24 11.48
C ALA B 182 -16.01 -1.40 12.32
N GLU B 183 -16.65 -2.37 11.67
CA GLU B 183 -17.13 -3.54 12.36
C GLU B 183 -15.96 -4.31 12.91
N GLN B 184 -14.88 -4.36 12.12
CA GLN B 184 -13.68 -5.05 12.54
C GLN B 184 -13.12 -4.38 13.76
N GLN B 185 -13.14 -3.05 13.78
CA GLN B 185 -12.62 -2.35 14.94
C GLN B 185 -13.35 -2.74 16.19
N GLN B 186 -14.67 -2.86 16.11
CA GLN B 186 -15.45 -3.24 17.28
C GLN B 186 -15.15 -4.65 17.72
N LEU B 187 -15.07 -5.55 16.76
CA LEU B 187 -14.82 -6.95 17.06
C LEU B 187 -13.41 -7.13 17.60
N ILE B 188 -12.48 -6.31 17.14
CA ILE B 188 -11.13 -6.33 17.67
C ILE B 188 -11.11 -5.84 19.09
N ASP B 189 -11.82 -4.74 19.36
CA ASP B 189 -11.86 -4.17 20.70
C ASP B 189 -12.34 -5.19 21.72
N ASP B 190 -13.31 -6.01 21.33
CA ASP B 190 -13.86 -6.99 22.24
C ASP B 190 -13.21 -8.37 22.15
N HIS B 191 -12.10 -8.49 21.42
CA HIS B 191 -11.41 -9.78 21.22
C HIS B 191 -12.29 -10.84 20.56
N PHE B 192 -13.23 -10.42 19.74
CA PHE B 192 -14.12 -11.34 19.06
C PHE B 192 -13.52 -11.81 17.75
N LEU B 193 -12.94 -10.86 17.02
CA LEU B 193 -12.40 -11.13 15.70
C LEU B 193 -11.18 -12.02 15.70
N PHE B 194 -11.20 -13.00 14.81
CA PHE B 194 -10.08 -13.91 14.63
C PHE B 194 -9.57 -13.89 13.20
N ASP B 195 -8.31 -13.48 13.06
CA ASP B 195 -7.66 -13.33 11.76
C ASP B 195 -6.99 -14.63 11.33
N LYS B 196 -6.36 -14.60 10.17
CA LYS B 196 -5.72 -15.78 9.61
C LYS B 196 -4.69 -16.37 10.56
N PRO B 197 -4.73 -17.68 10.80
CA PRO B 197 -3.83 -18.46 11.63
C PRO B 197 -2.40 -18.16 11.28
N VAL B 198 -1.58 -17.99 12.29
CA VAL B 198 -0.19 -17.64 12.08
C VAL B 198 0.77 -18.78 12.37
N SER B 199 0.55 -19.48 13.46
CA SER B 199 1.44 -20.57 13.84
C SER B 199 1.52 -21.70 12.81
N PRO B 200 2.74 -22.22 12.58
CA PRO B 200 3.09 -23.36 11.74
C PRO B 200 2.32 -24.60 12.13
N LEU B 201 1.96 -24.72 13.41
CA LEU B 201 1.20 -25.87 13.87
C LEU B 201 -0.16 -25.95 13.23
N LEU B 202 -0.67 -24.83 12.76
CA LEU B 202 -1.93 -24.82 12.08
C LEU B 202 -1.72 -24.78 10.59
N LEU B 203 -0.72 -24.00 10.16
CA LEU B 203 -0.46 -23.84 8.75
C LEU B 203 -0.10 -25.14 8.07
N ALA B 204 0.64 -25.99 8.77
CA ALA B 204 1.08 -27.27 8.24
C ALA B 204 -0.08 -28.20 7.88
N SER B 205 -1.27 -27.97 8.43
CA SER B 205 -2.40 -28.81 8.11
C SER B 205 -3.06 -28.42 6.81
N GLY B 206 -2.77 -27.21 6.34
CA GLY B 206 -3.41 -26.72 5.13
C GLY B 206 -4.76 -26.08 5.41
N MET B 207 -5.15 -26.01 6.70
CA MET B 207 -6.44 -25.48 7.11
C MET B 207 -6.65 -24.00 6.82
N ALA B 208 -5.57 -23.27 6.57
CA ALA B 208 -5.63 -21.84 6.29
C ALA B 208 -5.89 -21.54 4.81
N ARG B 209 -6.01 -22.58 3.99
CA ARG B 209 -6.25 -22.31 2.59
C ARG B 209 -7.57 -21.65 2.32
N ASP B 210 -7.59 -20.90 1.25
CA ASP B 210 -8.77 -20.17 0.80
C ASP B 210 -9.27 -19.15 1.83
N TRP B 211 -8.42 -18.73 2.76
CA TRP B 211 -8.79 -17.74 3.77
C TRP B 211 -9.27 -16.44 3.15
N PRO B 212 -10.41 -15.90 3.58
CA PRO B 212 -11.38 -16.35 4.56
C PRO B 212 -12.67 -16.77 3.92
N ASP B 213 -12.62 -17.48 2.81
CA ASP B 213 -13.85 -17.83 2.17
C ASP B 213 -14.69 -18.70 3.07
N ALA B 214 -15.94 -18.29 3.25
CA ALA B 214 -16.93 -18.96 4.06
C ALA B 214 -16.53 -19.06 5.52
N ARG B 215 -15.79 -18.08 6.00
CA ARG B 215 -15.40 -18.10 7.38
C ARG B 215 -15.97 -16.86 8.04
N GLY B 216 -16.35 -16.94 9.32
CA GLY B 216 -16.96 -15.77 9.92
C GLY B 216 -17.26 -15.91 11.41
N ILE B 217 -18.04 -14.97 11.91
CA ILE B 217 -18.36 -14.95 13.32
C ILE B 217 -19.76 -14.50 13.62
N TRP B 218 -20.39 -15.20 14.55
CA TRP B 218 -21.72 -14.86 15.00
C TRP B 218 -21.70 -14.57 16.47
N HIS B 219 -22.39 -13.54 16.90
CA HIS B 219 -22.43 -13.34 18.33
C HIS B 219 -23.69 -12.70 18.77
N ASN B 220 -24.01 -12.86 20.04
CA ASN B 220 -25.24 -12.30 20.57
C ASN B 220 -25.09 -10.86 20.94
N ASP B 221 -26.23 -10.21 21.08
CA ASP B 221 -26.32 -8.78 21.40
C ASP B 221 -25.74 -8.42 22.74
N ASN B 222 -25.71 -9.39 23.65
CA ASN B 222 -25.21 -9.13 24.98
C ASN B 222 -23.72 -9.41 25.08
N LYS B 223 -23.09 -9.79 23.97
CA LYS B 223 -21.66 -10.05 23.95
C LYS B 223 -21.20 -11.10 24.93
N THR B 224 -21.87 -12.24 24.94
CA THR B 224 -21.46 -13.33 25.81
C THR B 224 -21.17 -14.59 25.02
N PHE B 225 -21.74 -14.73 23.83
CA PHE B 225 -21.45 -15.87 22.97
C PHE B 225 -20.86 -15.55 21.65
N LEU B 226 -19.76 -16.22 21.34
CA LEU B 226 -19.12 -16.09 20.06
C LEU B 226 -19.13 -17.41 19.38
N VAL B 227 -19.48 -17.42 18.11
CA VAL B 227 -19.38 -18.65 17.39
C VAL B 227 -18.44 -18.47 16.24
N TRP B 228 -17.29 -19.12 16.29
CA TRP B 228 -16.38 -19.01 15.17
C TRP B 228 -16.79 -20.05 14.18
N VAL B 229 -16.99 -19.65 12.95
CA VAL B 229 -17.45 -20.59 11.94
C VAL B 229 -16.38 -20.89 10.92
N ASN B 230 -16.01 -22.16 10.84
CA ASN B 230 -15.00 -22.63 9.90
C ASN B 230 -13.67 -21.93 10.09
N GLU B 231 -13.22 -21.80 11.32
CA GLU B 231 -11.94 -21.13 11.56
C GLU B 231 -10.97 -22.11 12.13
N GLU B 232 -10.67 -22.01 13.41
CA GLU B 232 -9.73 -22.95 14.01
C GLU B 232 -10.29 -24.40 13.99
N ASP B 233 -11.60 -24.54 13.87
CA ASP B 233 -12.25 -25.83 13.72
C ASP B 233 -13.63 -25.52 13.13
N HIS B 234 -14.51 -26.53 12.99
CA HIS B 234 -15.83 -26.26 12.42
C HIS B 234 -16.59 -25.24 13.24
N LEU B 235 -16.99 -25.59 14.44
CA LEU B 235 -17.67 -24.64 15.28
C LEU B 235 -16.96 -24.44 16.57
N ARG B 236 -16.62 -23.20 16.88
CA ARG B 236 -16.11 -22.93 18.21
C ARG B 236 -17.12 -22.15 18.99
N VAL B 237 -17.31 -22.54 20.24
CA VAL B 237 -18.23 -21.84 21.09
C VAL B 237 -17.49 -21.20 22.21
N ILE B 238 -17.60 -19.89 22.29
CA ILE B 238 -16.96 -19.16 23.36
C ILE B 238 -18.01 -18.50 24.20
N SER B 239 -18.11 -18.91 25.44
CA SER B 239 -19.06 -18.30 26.35
C SER B 239 -18.29 -17.52 27.38
N MET B 240 -18.57 -16.24 27.53
CA MET B 240 -17.82 -15.53 28.54
C MET B 240 -18.52 -14.36 29.15
N GLN B 241 -18.07 -14.00 30.34
CA GLN B 241 -18.62 -12.90 31.09
C GLN B 241 -17.66 -12.42 32.17
N LYS B 242 -17.75 -11.15 32.50
CA LYS B 242 -16.90 -10.60 33.54
C LYS B 242 -17.46 -10.97 34.88
N GLY B 243 -16.61 -11.01 35.90
CA GLY B 243 -17.06 -11.35 37.23
C GLY B 243 -16.91 -12.82 37.52
N GLY B 244 -17.34 -13.22 38.70
CA GLY B 244 -17.18 -14.60 39.16
C GLY B 244 -18.46 -15.37 39.27
N ASN B 245 -19.20 -15.45 38.17
CA ASN B 245 -20.42 -16.22 38.16
C ASN B 245 -20.41 -17.22 37.04
N MET B 246 -19.46 -18.15 37.14
CA MET B 246 -19.30 -19.19 36.16
C MET B 246 -20.51 -20.03 36.04
N LYS B 247 -21.22 -20.23 37.14
CA LYS B 247 -22.41 -21.04 37.11
C LYS B 247 -23.36 -20.56 36.05
N GLU B 248 -23.73 -19.28 36.10
CA GLU B 248 -24.62 -18.78 35.06
C GLU B 248 -24.00 -18.88 33.69
N VAL B 249 -22.70 -18.57 33.59
CA VAL B 249 -22.02 -18.65 32.30
C VAL B 249 -22.22 -20.01 31.73
N PHE B 250 -21.99 -21.00 32.59
CA PHE B 250 -22.10 -22.38 32.25
C PHE B 250 -23.54 -22.77 31.94
N THR B 251 -24.52 -22.22 32.68
CA THR B 251 -25.90 -22.56 32.36
C THR B 251 -26.29 -21.99 31.03
N ARG B 252 -25.73 -20.84 30.67
CA ARG B 252 -26.03 -20.32 29.36
C ARG B 252 -25.34 -21.16 28.34
N PHE B 253 -24.11 -21.54 28.65
CA PHE B 253 -23.32 -22.35 27.76
C PHE B 253 -24.01 -23.63 27.40
N CYS B 254 -24.42 -24.37 28.42
CA CYS B 254 -25.08 -25.63 28.19
C CYS B 254 -26.40 -25.44 27.49
N THR B 255 -27.15 -24.41 27.88
CA THR B 255 -28.45 -24.17 27.28
C THR B 255 -28.34 -23.80 25.83
N GLY B 256 -27.51 -22.81 25.55
CA GLY B 256 -27.31 -22.35 24.20
C GLY B 256 -26.77 -23.45 23.33
N LEU B 257 -25.79 -24.17 23.85
CA LEU B 257 -25.19 -25.26 23.10
C LEU B 257 -26.22 -26.31 22.77
N THR B 258 -27.05 -26.66 23.74
CA THR B 258 -28.09 -27.63 23.52
C THR B 258 -29.06 -27.15 22.46
N GLN B 259 -29.44 -25.89 22.55
CA GLN B 259 -30.38 -25.32 21.60
C GLN B 259 -29.84 -25.38 20.19
N ILE B 260 -28.61 -24.93 19.98
CA ILE B 260 -28.08 -24.97 18.63
C ILE B 260 -27.89 -26.39 18.16
N GLU B 261 -27.63 -27.31 19.09
CA GLU B 261 -27.51 -28.71 18.72
C GLU B 261 -28.83 -29.21 18.18
N THR B 262 -29.93 -28.90 18.86
CA THR B 262 -31.24 -29.36 18.41
C THR B 262 -31.64 -28.69 17.12
N LEU B 263 -31.21 -27.47 16.91
CA LEU B 263 -31.47 -26.81 15.64
C LEU B 263 -30.78 -27.54 14.50
N PHE B 264 -29.57 -28.03 14.72
CA PHE B 264 -28.94 -28.82 13.67
C PHE B 264 -29.67 -30.12 13.48
N LYS B 265 -30.13 -30.72 14.58
CA LYS B 265 -30.86 -31.97 14.51
C LYS B 265 -32.19 -31.82 13.83
N SER B 266 -32.79 -30.64 13.86
CA SER B 266 -34.03 -30.43 13.14
C SER B 266 -33.80 -30.48 11.63
N LYS B 267 -32.54 -30.34 11.20
CA LYS B 267 -32.15 -30.39 9.81
C LYS B 267 -31.41 -31.69 9.47
N ASP B 268 -31.47 -32.69 10.35
CA ASP B 268 -30.79 -33.97 10.18
C ASP B 268 -29.26 -33.91 10.25
N TYR B 269 -28.73 -33.02 11.08
CA TYR B 269 -27.29 -32.98 11.29
C TYR B 269 -26.98 -33.20 12.75
N GLU B 270 -25.78 -33.64 13.04
CA GLU B 270 -25.43 -33.88 14.41
C GLU B 270 -23.98 -33.67 14.64
N PHE B 271 -23.61 -33.47 15.88
CA PHE B 271 -22.22 -33.28 16.22
C PHE B 271 -21.50 -34.60 16.21
N MET B 272 -20.24 -34.57 15.80
CA MET B 272 -19.47 -35.79 15.80
C MET B 272 -19.21 -36.22 17.22
N TRP B 273 -19.62 -37.45 17.53
CA TRP B 273 -19.50 -37.96 18.88
C TRP B 273 -19.58 -39.46 18.97
N ASN B 274 -18.71 -40.06 19.79
CA ASN B 274 -18.78 -41.49 20.02
C ASN B 274 -18.37 -41.77 21.46
N PRO B 275 -18.80 -42.87 22.06
CA PRO B 275 -18.58 -43.32 23.43
C PRO B 275 -17.13 -43.39 23.88
N HIS B 276 -16.20 -43.51 22.95
CA HIS B 276 -14.80 -43.67 23.31
C HIS B 276 -14.02 -42.37 23.30
N LEU B 277 -14.13 -41.62 22.22
CA LEU B 277 -13.41 -40.37 22.13
C LEU B 277 -14.28 -39.15 22.42
N GLY B 278 -15.54 -39.36 22.73
CA GLY B 278 -16.41 -38.23 23.03
C GLY B 278 -16.58 -37.40 21.78
N TYR B 279 -16.45 -36.09 21.91
CA TYR B 279 -16.60 -35.23 20.75
C TYR B 279 -15.34 -35.20 19.92
N ILE B 280 -15.54 -35.20 18.61
CA ILE B 280 -14.44 -35.27 17.67
C ILE B 280 -14.00 -33.95 17.09
N LEU B 281 -12.76 -33.60 17.36
CA LEU B 281 -12.14 -32.40 16.80
C LEU B 281 -10.88 -32.75 16.01
N THR B 282 -10.35 -31.74 15.31
CA THR B 282 -9.18 -31.96 14.46
C THR B 282 -7.94 -32.38 15.20
N CYS B 283 -7.61 -31.69 16.28
CA CYS B 283 -6.41 -32.05 17.02
C CYS B 283 -6.72 -33.04 18.12
N PRO B 284 -6.00 -34.17 18.19
CA PRO B 284 -6.12 -35.26 19.15
C PRO B 284 -6.20 -34.81 20.58
N SER B 285 -5.47 -33.75 20.95
CA SER B 285 -5.47 -33.28 22.33
C SER B 285 -6.83 -32.82 22.78
N ASN B 286 -7.68 -32.45 21.85
CA ASN B 286 -8.97 -31.93 22.19
C ASN B 286 -10.09 -32.96 22.11
N LEU B 287 -9.76 -34.24 22.05
CA LEU B 287 -10.79 -35.25 22.00
C LEU B 287 -11.46 -35.44 23.35
N GLY B 288 -12.77 -35.67 23.34
CA GLY B 288 -13.50 -35.95 24.58
C GLY B 288 -14.54 -34.89 24.90
N THR B 289 -14.20 -33.99 25.80
CA THR B 289 -15.10 -32.91 26.13
C THR B 289 -14.76 -31.79 25.25
N GLY B 290 -13.48 -31.45 25.29
CA GLY B 290 -13.00 -30.35 24.51
C GLY B 290 -13.34 -29.04 25.20
N LEU B 291 -13.50 -29.04 26.52
CA LEU B 291 -13.81 -27.80 27.22
C LEU B 291 -12.61 -27.09 27.73
N ARG B 292 -12.67 -25.79 27.68
CA ARG B 292 -11.68 -24.95 28.27
C ARG B 292 -12.33 -23.93 29.14
N ALA B 293 -12.55 -24.28 30.39
CA ALA B 293 -13.08 -23.29 31.30
C ALA B 293 -11.90 -22.58 31.88
N GLY B 294 -11.92 -21.26 31.84
CA GLY B 294 -10.78 -20.50 32.29
C GLY B 294 -11.18 -19.24 33.02
N VAL B 295 -10.36 -18.87 33.98
CA VAL B 295 -10.62 -17.71 34.79
C VAL B 295 -9.42 -16.79 34.84
N HIS B 296 -9.65 -15.50 34.65
CA HIS B 296 -8.59 -14.52 34.80
C HIS B 296 -8.56 -14.21 36.26
N ILE B 297 -7.48 -14.65 36.91
CA ILE B 297 -7.38 -14.54 38.34
C ILE B 297 -6.33 -13.59 38.76
N LYS B 298 -6.75 -12.51 39.39
CA LYS B 298 -5.80 -11.59 39.93
C LYS B 298 -5.10 -12.32 41.03
N LEU B 299 -3.79 -12.43 40.96
CA LEU B 299 -3.11 -13.23 41.94
C LEU B 299 -1.67 -12.82 42.26
N PRO B 300 -1.38 -11.54 42.56
CA PRO B 300 -0.07 -10.95 42.82
C PRO B 300 0.87 -11.68 43.79
N ASN B 301 0.34 -12.21 44.88
CA ASN B 301 1.24 -12.82 45.86
C ASN B 301 1.57 -14.24 45.50
N LEU B 302 0.54 -15.07 45.41
CA LEU B 302 0.68 -16.48 45.11
C LEU B 302 1.42 -16.72 43.82
N GLY B 303 1.23 -15.85 42.82
CA GLY B 303 1.94 -15.98 41.56
C GLY B 303 3.47 -16.00 41.71
N LYS B 304 3.99 -15.43 42.79
CA LYS B 304 5.42 -15.43 43.04
C LYS B 304 5.85 -16.50 44.04
N HIS B 305 4.90 -17.27 44.56
CA HIS B 305 5.22 -18.28 45.53
C HIS B 305 5.82 -19.53 44.91
N GLU B 306 6.81 -20.07 45.58
CA GLU B 306 7.55 -21.26 45.17
C GLU B 306 6.71 -22.44 44.68
N LYS B 307 5.56 -22.69 45.30
CA LYS B 307 4.77 -23.85 44.93
C LYS B 307 3.57 -23.54 44.04
N PHE B 308 3.52 -22.35 43.47
CA PHE B 308 2.36 -21.97 42.67
C PHE B 308 2.02 -22.97 41.58
N SER B 309 3.00 -23.32 40.76
CA SER B 309 2.73 -24.25 39.69
C SER B 309 2.42 -25.65 40.23
N GLU B 310 3.01 -25.98 41.38
CA GLU B 310 2.75 -27.26 42.01
C GLU B 310 1.30 -27.41 42.37
N VAL B 311 0.75 -26.36 42.96
CA VAL B 311 -0.64 -26.38 43.35
C VAL B 311 -1.53 -26.58 42.14
N LEU B 312 -1.24 -25.86 41.06
CA LEU B 312 -2.05 -25.99 39.87
C LEU B 312 -1.95 -27.40 39.31
N LYS B 313 -0.75 -27.97 39.38
CA LYS B 313 -0.56 -29.33 38.94
C LYS B 313 -1.46 -30.27 39.74
N ARG B 314 -1.46 -30.10 41.05
CA ARG B 314 -2.28 -30.92 41.91
C ARG B 314 -3.77 -30.72 41.63
N LEU B 315 -4.14 -29.52 41.22
CA LEU B 315 -5.50 -29.20 40.87
C LEU B 315 -5.86 -29.52 39.42
N ARG B 316 -4.91 -30.05 38.65
CA ARG B 316 -5.15 -30.34 37.23
C ARG B 316 -5.46 -29.06 36.45
N LEU B 317 -4.88 -27.95 36.88
CA LEU B 317 -5.13 -26.69 36.23
C LEU B 317 -3.92 -26.20 35.48
N GLN B 318 -4.18 -25.50 34.40
CA GLN B 318 -3.19 -24.97 33.49
C GLN B 318 -2.82 -23.56 33.81
N LYS B 319 -1.53 -23.29 33.87
CA LYS B 319 -1.02 -21.94 34.08
C LYS B 319 -0.76 -21.26 32.77
N ARG B 320 -1.78 -20.82 32.04
CA ARG B 320 -1.42 -20.18 30.79
C ARG B 320 -0.83 -18.85 31.12
N VAL B 333 -1.42 -11.63 37.20
CA VAL B 333 -2.76 -12.06 36.83
C VAL B 333 -2.54 -13.24 35.89
N PHE B 334 -3.24 -14.32 36.11
CA PHE B 334 -2.99 -15.48 35.27
C PHE B 334 -4.25 -16.00 34.62
N ASP B 335 -4.08 -16.72 33.52
CA ASP B 335 -5.21 -17.36 32.91
C ASP B 335 -5.18 -18.81 33.34
N VAL B 336 -5.99 -19.15 34.33
CA VAL B 336 -5.97 -20.50 34.83
C VAL B 336 -7.15 -21.25 34.30
N SER B 337 -6.90 -22.46 33.79
CA SER B 337 -7.97 -23.23 33.18
C SER B 337 -7.84 -24.72 33.44
N ASN B 338 -8.87 -25.48 33.11
CA ASN B 338 -8.72 -26.91 33.33
C ASN B 338 -7.79 -27.45 32.28
N ALA B 339 -6.69 -28.07 32.73
CA ALA B 339 -5.65 -28.59 31.83
C ALA B 339 -6.03 -29.84 31.04
N ASP B 340 -7.02 -30.60 31.48
CA ASP B 340 -7.40 -31.85 30.81
C ASP B 340 -8.57 -31.68 29.87
N ARG B 341 -8.76 -32.63 28.98
CA ARG B 341 -9.87 -32.56 28.02
C ARG B 341 -10.65 -33.85 27.88
N LEU B 342 -10.06 -34.95 28.38
CA LEU B 342 -10.56 -36.31 28.19
C LEU B 342 -10.42 -37.16 29.44
N GLY B 343 -11.44 -37.95 29.77
CA GLY B 343 -11.33 -38.82 30.94
C GLY B 343 -12.37 -38.55 32.01
N PHE B 344 -13.12 -37.47 31.87
CA PHE B 344 -14.16 -37.16 32.83
C PHE B 344 -15.13 -36.12 32.30
N SER B 345 -16.27 -36.01 32.95
CA SER B 345 -17.37 -35.18 32.47
C SER B 345 -17.12 -33.69 32.44
N GLU B 346 -17.99 -33.02 31.67
CA GLU B 346 -17.97 -31.60 31.48
C GLU B 346 -18.18 -30.86 32.77
N VAL B 347 -19.12 -31.32 33.58
CA VAL B 347 -19.32 -30.68 34.84
C VAL B 347 -18.17 -30.92 35.77
N GLU B 348 -17.68 -32.15 35.82
CA GLU B 348 -16.53 -32.44 36.66
C GLU B 348 -15.41 -31.47 36.35
N LEU B 349 -15.22 -31.22 35.08
CA LEU B 349 -14.20 -30.34 34.58
C LEU B 349 -14.33 -28.93 35.15
N VAL B 350 -15.50 -28.32 34.99
CA VAL B 350 -15.63 -26.95 35.50
C VAL B 350 -15.68 -26.92 37.02
N GLN B 351 -16.10 -28.02 37.63
CA GLN B 351 -16.12 -28.13 39.09
C GLN B 351 -14.72 -27.97 39.62
N MET B 352 -13.75 -28.56 38.91
CA MET B 352 -12.35 -28.45 39.30
C MET B 352 -11.86 -27.02 39.19
N VAL B 353 -12.33 -26.30 38.19
CA VAL B 353 -11.93 -24.91 38.06
C VAL B 353 -12.48 -24.10 39.21
N VAL B 354 -13.74 -24.31 39.53
CA VAL B 354 -14.39 -23.61 40.64
C VAL B 354 -13.74 -23.90 41.96
N ASP B 355 -13.50 -25.16 42.27
CA ASP B 355 -12.87 -25.48 43.52
C ASP B 355 -11.50 -24.86 43.58
N GLY B 356 -10.78 -24.97 42.46
CA GLY B 356 -9.46 -24.44 42.33
C GLY B 356 -9.39 -22.97 42.69
N VAL B 357 -10.04 -22.13 41.90
CA VAL B 357 -9.99 -20.70 42.16
C VAL B 357 -10.36 -20.34 43.58
N LYS B 358 -11.26 -21.08 44.23
CA LYS B 358 -11.59 -20.76 45.60
C LYS B 358 -10.41 -21.05 46.49
N LEU B 359 -9.78 -22.20 46.27
CA LEU B 359 -8.61 -22.57 47.03
C LEU B 359 -7.52 -21.56 46.83
N LEU B 360 -7.30 -21.19 45.58
CA LEU B 360 -6.25 -20.29 45.19
C LEU B 360 -6.42 -18.90 45.79
N ILE B 361 -7.64 -18.40 45.82
CA ILE B 361 -7.84 -17.08 46.39
C ILE B 361 -7.54 -17.08 47.86
N GLU B 362 -8.08 -18.04 48.59
CA GLU B 362 -7.83 -18.07 50.02
C GLU B 362 -6.37 -18.26 50.32
N MET B 363 -5.69 -19.02 49.47
CA MET B 363 -4.27 -19.21 49.61
C MET B 363 -3.57 -17.88 49.54
N GLU B 364 -3.92 -17.07 48.54
CA GLU B 364 -3.36 -15.75 48.43
C GLU B 364 -3.67 -14.90 49.64
N GLN B 365 -4.89 -15.03 50.17
CA GLN B 365 -5.27 -14.23 51.33
C GLN B 365 -4.36 -14.53 52.50
N ARG B 366 -4.03 -15.80 52.67
CA ARG B 366 -3.14 -16.16 53.74
C ARG B 366 -1.79 -15.56 53.49
N LEU B 367 -1.34 -15.59 52.24
CA LEU B 367 -0.07 -15.00 51.90
C LEU B 367 -0.06 -13.50 52.14
N GLU B 368 -1.18 -12.85 51.87
CA GLU B 368 -1.29 -11.42 52.10
C GLU B 368 -1.17 -11.10 53.56
N GLN B 369 -1.71 -11.97 54.40
CA GLN B 369 -1.62 -11.78 55.83
C GLN B 369 -0.35 -12.33 56.46
N GLY B 370 0.60 -12.80 55.64
CA GLY B 370 1.85 -13.31 56.17
C GLY B 370 1.66 -14.66 56.82
N GLN B 371 0.63 -15.39 56.41
CA GLN B 371 0.32 -16.68 56.97
C GLN B 371 0.83 -17.77 56.05
N ALA B 372 1.20 -18.91 56.63
CA ALA B 372 1.66 -20.04 55.82
C ALA B 372 0.46 -20.71 55.15
N ILE B 373 0.69 -21.28 53.97
CA ILE B 373 -0.34 -21.95 53.19
C ILE B 373 -0.13 -23.46 53.10
N ASP B 374 0.58 -24.00 54.08
CA ASP B 374 1.05 -25.37 54.07
C ASP B 374 -0.08 -26.38 53.93
N ASP B 375 -1.15 -26.16 54.68
CA ASP B 375 -2.27 -27.08 54.70
C ASP B 375 -3.23 -26.93 53.54
N LEU B 376 -2.90 -26.10 52.57
CA LEU B 376 -3.78 -25.93 51.44
C LEU B 376 -3.37 -26.75 50.24
N MET B 377 -2.28 -27.50 50.35
CA MET B 377 -1.85 -28.28 49.20
C MET B 377 -2.85 -29.41 48.90
N PRO B 378 -3.61 -29.30 47.81
CA PRO B 378 -4.82 -30.05 47.47
C PRO B 378 -4.56 -31.44 46.91
N ALA B 379 -3.80 -32.27 47.62
CA ALA B 379 -3.48 -33.63 47.18
C ALA B 379 -3.18 -33.67 45.68
N LEU C 45 13.37 -11.33 2.38
CA LEU C 45 13.48 -11.36 3.83
C LEU C 45 14.79 -10.85 4.39
N SER C 46 15.89 -11.50 4.01
CA SER C 46 17.17 -11.15 4.62
C SER C 46 18.38 -11.16 3.69
N ASN C 47 18.39 -12.00 2.68
CA ASN C 47 19.58 -12.10 1.85
C ASN C 47 19.31 -11.95 0.35
N PRO C 48 20.30 -11.46 -0.41
CA PRO C 48 20.34 -11.29 -1.85
C PRO C 48 20.60 -12.64 -2.45
N LEU C 49 19.60 -13.50 -2.35
CA LEU C 49 19.72 -14.88 -2.75
C LEU C 49 19.39 -15.13 -4.21
N MET C 50 19.46 -14.09 -5.03
CA MET C 50 19.19 -14.23 -6.43
C MET C 50 17.80 -14.79 -6.70
N GLY C 51 16.87 -14.53 -5.78
CA GLY C 51 15.51 -14.99 -5.94
C GLY C 51 14.74 -13.92 -6.67
N ASP C 52 13.49 -14.19 -6.99
CA ASP C 52 12.69 -13.23 -7.70
C ASP C 52 11.90 -12.42 -6.67
N ALA C 53 11.09 -11.49 -7.14
CA ALA C 53 10.30 -10.62 -6.26
C ALA C 53 9.37 -11.42 -5.37
N VAL C 54 8.84 -12.52 -5.92
CA VAL C 54 7.93 -13.40 -5.22
C VAL C 54 8.51 -13.97 -3.93
N SER C 55 9.84 -14.03 -3.83
CA SER C 55 10.49 -14.61 -2.69
C SER C 55 10.88 -13.60 -1.62
N ASP C 56 10.57 -12.32 -1.82
CA ASP C 56 10.98 -11.31 -0.84
C ASP C 56 9.99 -11.06 0.28
N TRP C 57 8.70 -11.10 -0.02
CA TRP C 57 7.67 -10.76 0.96
C TRP C 57 7.74 -11.50 2.26
N SER C 58 7.64 -10.74 3.33
CA SER C 58 7.47 -11.34 4.62
C SER C 58 5.97 -11.50 4.77
N PRO C 59 5.51 -12.24 5.74
CA PRO C 59 4.11 -12.41 6.05
C PRO C 59 3.56 -11.07 6.51
N MET C 60 4.43 -10.22 7.06
CA MET C 60 4.05 -8.90 7.49
C MET C 60 3.71 -8.03 6.32
N HIS C 61 4.47 -8.17 5.23
CA HIS C 61 4.17 -7.38 4.04
C HIS C 61 2.81 -7.75 3.53
N GLU C 62 2.49 -9.03 3.57
CA GLU C 62 1.18 -9.47 3.13
C GLU C 62 0.09 -8.92 4.02
N ALA C 63 0.31 -8.98 5.33
CA ALA C 63 -0.65 -8.47 6.28
C ALA C 63 -0.85 -6.99 6.09
N ALA C 64 0.23 -6.28 5.83
CA ALA C 64 0.17 -4.85 5.64
C ALA C 64 -0.67 -4.51 4.44
N ILE C 65 -0.44 -5.18 3.33
CA ILE C 65 -1.17 -4.87 2.12
C ILE C 65 -2.66 -5.03 2.25
N HIS C 66 -3.10 -6.11 2.84
CA HIS C 66 -4.53 -6.35 2.94
C HIS C 66 -5.15 -6.05 4.30
N GLY C 67 -4.47 -5.30 5.16
CA GLY C 67 -5.11 -4.85 6.40
C GLY C 67 -5.33 -5.92 7.45
N HIS C 68 -4.48 -6.92 7.52
CA HIS C 68 -4.67 -7.98 8.51
C HIS C 68 -4.02 -7.59 9.81
N GLN C 69 -4.67 -6.66 10.48
CA GLN C 69 -4.21 -6.06 11.72
C GLN C 69 -3.86 -7.05 12.80
N LEU C 70 -4.77 -7.98 13.07
CA LEU C 70 -4.52 -8.91 14.15
C LEU C 70 -3.38 -9.83 13.80
N SER C 71 -3.32 -10.26 12.53
CA SER C 71 -2.23 -11.09 12.07
C SER C 71 -0.93 -10.36 12.27
N LEU C 72 -0.92 -9.09 11.91
CA LEU C 72 0.25 -8.26 12.09
C LEU C 72 0.71 -8.27 13.52
N ARG C 73 -0.24 -8.07 14.43
CA ARG C 73 0.09 -8.07 15.84
C ARG C 73 0.68 -9.39 16.26
N ASN C 74 0.12 -10.48 15.74
CA ASN C 74 0.61 -11.79 16.06
C ASN C 74 2.03 -11.99 15.59
N LEU C 75 2.31 -11.55 14.36
CA LEU C 75 3.63 -11.69 13.81
C LEU C 75 4.63 -10.91 14.63
N ILE C 76 4.22 -9.74 15.08
CA ILE C 76 5.05 -8.92 15.92
C ILE C 76 5.33 -9.63 17.21
N SER C 77 4.30 -10.22 17.81
CA SER C 77 4.48 -10.92 19.07
C SER C 77 5.35 -12.16 18.90
N GLN C 78 5.41 -12.73 17.70
CA GLN C 78 6.28 -13.87 17.48
C GLN C 78 7.73 -13.49 17.27
N GLY C 79 8.03 -12.21 17.15
CA GLY C 79 9.42 -11.81 16.96
C GLY C 79 9.71 -11.24 15.58
N TRP C 80 8.70 -10.99 14.76
CA TRP C 80 9.00 -10.40 13.48
C TRP C 80 9.17 -8.91 13.68
N ALA C 81 10.31 -8.39 13.25
CA ALA C 81 10.64 -6.98 13.42
C ALA C 81 9.84 -6.11 12.49
N VAL C 82 9.65 -4.87 12.87
CA VAL C 82 8.92 -3.93 12.03
C VAL C 82 9.73 -3.52 10.83
N ASN C 83 11.00 -3.20 11.04
CA ASN C 83 11.86 -2.77 9.95
C ASN C 83 12.45 -3.93 9.14
N ILE C 84 11.58 -4.70 8.49
CA ILE C 84 11.98 -5.78 7.60
C ILE C 84 11.64 -5.36 6.21
N ILE C 85 12.63 -5.37 5.33
CA ILE C 85 12.45 -4.78 4.04
C ILE C 85 12.81 -5.69 2.89
N THR C 86 12.19 -5.41 1.75
CA THR C 86 12.42 -6.16 0.52
C THR C 86 13.70 -5.72 -0.14
N ALA C 87 14.00 -6.30 -1.30
CA ALA C 87 15.17 -5.90 -2.07
C ALA C 87 15.07 -4.44 -2.53
N ASP C 88 13.88 -3.86 -2.55
CA ASP C 88 13.69 -2.48 -2.95
C ASP C 88 13.54 -1.59 -1.72
N HIS C 89 13.82 -2.16 -0.55
CA HIS C 89 13.69 -1.47 0.71
C HIS C 89 12.27 -1.05 0.96
N VAL C 90 11.34 -1.95 0.73
CA VAL C 90 9.96 -1.66 1.02
C VAL C 90 9.59 -2.31 2.33
N SER C 91 9.17 -1.50 3.29
CA SER C 91 8.80 -2.02 4.60
C SER C 91 7.31 -2.23 4.66
N PRO C 92 6.83 -2.89 5.71
CA PRO C 92 5.45 -3.07 6.04
C PRO C 92 4.76 -1.74 6.15
N LEU C 93 5.50 -0.70 6.55
CA LEU C 93 4.93 0.62 6.69
C LEU C 93 4.59 1.12 5.32
N HIS C 94 5.50 0.92 4.38
CA HIS C 94 5.30 1.41 3.04
C HIS C 94 4.10 0.73 2.42
N GLU C 95 3.97 -0.57 2.66
CA GLU C 95 2.83 -1.27 2.12
C GLU C 95 1.54 -0.91 2.81
N ALA C 96 1.59 -0.71 4.12
CA ALA C 96 0.40 -0.34 4.86
C ALA C 96 -0.10 1.01 4.38
N CYS C 97 0.83 1.90 4.04
CA CYS C 97 0.48 3.20 3.54
C CYS C 97 -0.20 3.08 2.20
N LEU C 98 0.32 2.20 1.34
CA LEU C 98 -0.30 1.95 0.05
C LEU C 98 -1.67 1.33 0.19
N GLY C 99 -1.86 0.52 1.22
CA GLY C 99 -3.17 -0.05 1.45
C GLY C 99 -4.13 0.93 2.13
N GLY C 100 -3.58 1.91 2.84
CA GLY C 100 -4.41 2.90 3.52
C GLY C 100 -4.94 2.35 4.82
N HIS C 101 -4.23 1.41 5.41
CA HIS C 101 -4.72 0.75 6.60
C HIS C 101 -4.25 1.46 7.85
N LEU C 102 -4.95 2.54 8.16
CA LEU C 102 -4.66 3.39 9.30
C LEU C 102 -4.30 2.66 10.59
N SER C 103 -5.08 1.68 10.98
CA SER C 103 -4.77 1.00 12.22
C SER C 103 -3.46 0.23 12.15
N CYS C 104 -3.09 -0.21 10.95
CA CYS C 104 -1.87 -0.96 10.79
C CYS C 104 -0.70 -0.06 10.94
N VAL C 105 -0.78 1.15 10.37
CA VAL C 105 0.35 2.04 10.52
C VAL C 105 0.41 2.54 11.93
N LYS C 106 -0.72 2.61 12.63
CA LYS C 106 -0.65 3.00 14.03
C LYS C 106 0.17 2.00 14.81
N ILE C 107 -0.04 0.72 14.53
CA ILE C 107 0.71 -0.33 15.19
C ILE C 107 2.17 -0.32 14.81
N LEU C 108 2.44 -0.24 13.53
CA LEU C 108 3.80 -0.27 13.05
C LEU C 108 4.59 0.91 13.57
N LEU C 109 3.97 2.08 13.58
CA LEU C 109 4.61 3.27 14.09
C LEU C 109 4.83 3.15 15.56
N LYS C 110 3.85 2.58 16.27
CA LYS C 110 3.96 2.32 17.69
C LYS C 110 5.18 1.49 18.00
N HIS C 111 5.48 0.53 17.13
CA HIS C 111 6.62 -0.32 17.34
C HIS C 111 7.90 0.09 16.60
N GLY C 112 8.00 1.35 16.18
CA GLY C 112 9.27 1.83 15.60
C GLY C 112 9.41 1.83 14.08
N ALA C 113 8.30 1.89 13.34
CA ALA C 113 8.42 1.93 11.88
C ALA C 113 9.10 3.21 11.42
N GLN C 114 9.83 3.12 10.33
CA GLN C 114 10.60 4.25 9.85
C GLN C 114 9.78 5.20 9.00
N VAL C 115 9.22 6.19 9.66
CA VAL C 115 8.36 7.20 9.05
C VAL C 115 8.92 7.83 7.78
N ASN C 116 10.21 8.08 7.75
CA ASN C 116 10.81 8.69 6.57
C ASN C 116 11.70 7.73 5.80
N GLY C 117 11.40 6.43 5.86
CA GLY C 117 12.19 5.45 5.12
C GLY C 117 12.02 5.67 3.61
N VAL C 118 13.10 5.50 2.87
CA VAL C 118 13.09 5.74 1.43
C VAL C 118 13.35 4.48 0.63
N THR C 119 12.48 4.19 -0.34
CA THR C 119 12.62 2.97 -1.13
C THR C 119 13.59 3.18 -2.26
N ALA C 120 13.87 2.10 -3.00
CA ALA C 120 14.73 2.15 -4.17
C ALA C 120 14.17 3.07 -5.26
N ASP C 121 12.88 3.38 -5.20
CA ASP C 121 12.27 4.27 -6.16
C ASP C 121 11.96 5.61 -5.53
N TRP C 122 12.67 5.92 -4.44
CA TRP C 122 12.55 7.18 -3.72
C TRP C 122 11.19 7.41 -3.10
N HIS C 123 10.44 6.35 -2.83
CA HIS C 123 9.14 6.58 -2.26
C HIS C 123 9.24 6.61 -0.75
N THR C 124 8.32 7.34 -0.13
CA THR C 124 8.25 7.45 1.31
C THR C 124 6.86 7.07 1.73
N PRO C 125 6.65 6.65 2.98
CA PRO C 125 5.39 6.29 3.57
C PRO C 125 4.37 7.38 3.34
N LEU C 126 4.84 8.63 3.45
CA LEU C 126 3.99 9.77 3.25
C LEU C 126 3.53 9.82 1.83
N PHE C 127 4.46 9.63 0.89
CA PHE C 127 4.10 9.62 -0.50
C PHE C 127 3.09 8.54 -0.76
N ASN C 128 3.34 7.36 -0.21
CA ASN C 128 2.47 6.23 -0.39
C ASN C 128 1.09 6.51 0.17
N ALA C 129 1.01 7.24 1.27
CA ALA C 129 -0.29 7.59 1.81
C ALA C 129 -1.05 8.46 0.83
N CYS C 130 -0.33 9.37 0.16
CA CYS C 130 -0.94 10.24 -0.84
C CYS C 130 -1.41 9.43 -2.03
N VAL C 131 -0.66 8.38 -2.36
CA VAL C 131 -1.05 7.48 -3.43
C VAL C 131 -2.38 6.84 -3.12
N SER C 132 -2.55 6.42 -1.87
CA SER C 132 -3.78 5.82 -1.42
C SER C 132 -4.90 6.83 -1.29
N GLY C 133 -4.57 8.03 -0.85
CA GLY C 133 -5.56 9.04 -0.58
C GLY C 133 -6.02 8.94 0.86
N SER C 134 -5.21 8.29 1.70
CA SER C 134 -5.60 8.15 3.08
C SER C 134 -5.23 9.36 3.86
N TRP C 135 -6.15 10.30 3.87
CA TRP C 135 -5.99 11.54 4.59
C TRP C 135 -5.59 11.33 6.02
N ASP C 136 -6.23 10.37 6.66
CA ASP C 136 -5.94 10.05 8.03
C ASP C 136 -4.51 9.60 8.21
N CYS C 137 -4.01 8.73 7.32
CA CYS C 137 -2.63 8.29 7.43
C CYS C 137 -1.68 9.43 7.16
N VAL C 138 -2.05 10.32 6.24
CA VAL C 138 -1.22 11.47 5.95
C VAL C 138 -1.04 12.29 7.20
N ASN C 139 -2.15 12.56 7.88
CA ASN C 139 -2.09 13.34 9.09
C ASN C 139 -1.22 12.68 10.12
N LEU C 140 -1.42 11.38 10.31
CA LEU C 140 -0.69 10.65 11.32
C LEU C 140 0.80 10.68 11.09
N LEU C 141 1.20 10.40 9.87
CA LEU C 141 2.61 10.40 9.54
C LEU C 141 3.24 11.75 9.73
N LEU C 142 2.53 12.80 9.34
CA LEU C 142 3.05 14.14 9.52
C LEU C 142 3.19 14.44 11.00
N GLN C 143 2.27 13.94 11.81
CA GLN C 143 2.35 14.12 13.24
C GLN C 143 3.53 13.36 13.84
N HIS C 144 4.00 12.32 13.14
CA HIS C 144 5.18 11.63 13.60
C HIS C 144 6.45 12.09 12.91
N GLY C 145 6.43 13.26 12.29
CA GLY C 145 7.65 13.81 11.71
C GLY C 145 7.91 13.48 10.25
N ALA C 146 6.91 13.02 9.51
CA ALA C 146 7.15 12.77 8.09
C ALA C 146 7.51 14.07 7.42
N SER C 147 8.59 14.10 6.67
CA SER C 147 8.91 15.34 5.98
C SER C 147 8.03 15.51 4.80
N VAL C 148 7.51 16.71 4.63
CA VAL C 148 6.66 17.00 3.49
C VAL C 148 7.47 17.00 2.21
N GLN C 149 8.74 17.37 2.31
CA GLN C 149 9.60 17.44 1.14
C GLN C 149 10.55 16.25 1.06
N PRO C 150 10.40 15.38 0.06
CA PRO C 150 11.20 14.20 -0.23
C PRO C 150 12.55 14.56 -0.81
N GLU C 151 13.45 13.60 -0.79
CA GLU C 151 14.79 13.79 -1.31
C GLU C 151 14.83 13.99 -2.80
N SER C 152 13.94 13.32 -3.51
CA SER C 152 13.90 13.45 -4.95
C SER C 152 12.57 13.91 -5.45
N ASP C 153 12.63 14.72 -6.50
CA ASP C 153 11.44 15.26 -7.15
C ASP C 153 10.65 14.20 -7.88
N LEU C 154 11.20 13.00 -8.00
CA LEU C 154 10.49 11.91 -8.61
C LEU C 154 9.25 11.52 -7.81
N ALA C 155 9.21 11.84 -6.50
CA ALA C 155 8.08 11.44 -5.70
C ALA C 155 7.56 12.53 -4.78
N SER C 156 7.21 13.69 -5.33
CA SER C 156 6.63 14.73 -4.50
C SER C 156 5.18 14.42 -4.14
N PRO C 157 4.87 14.29 -2.85
CA PRO C 157 3.56 13.95 -2.33
C PRO C 157 2.57 15.06 -2.61
N ILE C 158 3.07 16.28 -2.70
CA ILE C 158 2.22 17.40 -2.98
C ILE C 158 1.77 17.34 -4.40
N HIS C 159 2.73 17.14 -5.28
CA HIS C 159 2.42 17.12 -6.69
C HIS C 159 1.57 15.93 -7.04
N GLU C 160 1.82 14.79 -6.40
CA GLU C 160 1.01 13.65 -6.72
C GLU C 160 -0.40 13.85 -6.23
N ALA C 161 -0.55 14.38 -5.02
CA ALA C 161 -1.89 14.62 -4.50
C ALA C 161 -2.66 15.54 -5.41
N ALA C 162 -1.97 16.53 -5.96
CA ALA C 162 -2.60 17.44 -6.90
C ALA C 162 -3.06 16.69 -8.13
N ARG C 163 -2.25 15.73 -8.57
CA ARG C 163 -2.60 14.94 -9.74
C ARG C 163 -3.75 13.98 -9.48
N ARG C 164 -3.98 13.63 -8.22
CA ARG C 164 -5.04 12.70 -7.89
C ARG C 164 -6.34 13.36 -7.55
N GLY C 165 -6.29 14.54 -6.98
CA GLY C 165 -7.52 15.19 -6.54
C GLY C 165 -7.72 15.01 -5.04
N HIS C 166 -6.63 14.71 -4.32
CA HIS C 166 -6.72 14.48 -2.87
C HIS C 166 -6.59 15.78 -2.09
N VAL C 167 -7.63 16.61 -2.22
CA VAL C 167 -7.68 17.96 -1.67
C VAL C 167 -7.30 18.11 -0.22
N GLU C 168 -7.92 17.33 0.64
CA GLU C 168 -7.64 17.44 2.06
C GLU C 168 -6.24 16.98 2.42
N CYS C 169 -5.63 16.15 1.58
CA CYS C 169 -4.29 15.70 1.84
C CYS C 169 -3.36 16.85 1.54
N VAL C 170 -3.66 17.55 0.45
CA VAL C 170 -2.90 18.71 0.07
C VAL C 170 -2.92 19.73 1.17
N ASN C 171 -4.11 19.97 1.71
CA ASN C 171 -4.26 20.94 2.77
C ASN C 171 -3.39 20.62 3.96
N SER C 172 -3.36 19.35 4.35
CA SER C 172 -2.52 18.95 5.46
C SER C 172 -1.04 19.09 5.14
N LEU C 173 -0.65 18.75 3.92
CA LEU C 173 0.74 18.87 3.53
C LEU C 173 1.19 20.32 3.61
N ILE C 174 0.31 21.22 3.20
CA ILE C 174 0.60 22.63 3.28
C ILE C 174 0.76 23.03 4.71
N ALA C 175 -0.18 22.61 5.55
CA ALA C 175 -0.19 22.93 6.97
C ALA C 175 1.10 22.55 7.66
N TYR C 176 1.72 21.45 7.25
CA TYR C 176 2.97 21.06 7.85
C TYR C 176 4.21 21.55 7.10
N GLY C 177 4.09 22.66 6.38
CA GLY C 177 5.23 23.27 5.73
C GLY C 177 5.33 23.01 4.23
N GLY C 178 4.23 22.57 3.62
CA GLY C 178 4.25 22.28 2.20
C GLY C 178 4.36 23.55 1.37
N ASN C 179 5.29 23.55 0.42
CA ASN C 179 5.46 24.68 -0.47
C ASN C 179 4.53 24.55 -1.64
N ILE C 180 3.41 25.26 -1.58
CA ILE C 180 2.39 25.18 -2.60
C ILE C 180 2.86 25.58 -4.00
N ASP C 181 3.91 26.37 -4.09
CA ASP C 181 4.42 26.78 -5.38
C ASP C 181 5.68 26.04 -5.79
N HIS C 182 6.01 24.96 -5.10
CA HIS C 182 7.20 24.23 -5.47
C HIS C 182 7.12 23.78 -6.92
N LYS C 183 8.08 24.23 -7.71
CA LYS C 183 8.08 23.95 -9.14
C LYS C 183 9.12 22.89 -9.47
N ILE C 184 8.68 21.75 -9.99
CA ILE C 184 9.58 20.65 -10.37
C ILE C 184 10.00 20.75 -11.83
N SER C 185 11.28 20.56 -12.10
CA SER C 185 11.86 20.74 -13.43
C SER C 185 11.14 20.08 -14.62
N HIS C 186 10.36 19.04 -14.37
CA HIS C 186 9.65 18.39 -15.45
C HIS C 186 8.14 18.35 -15.22
N LEU C 187 7.68 18.90 -14.10
CA LEU C 187 6.26 18.88 -13.79
C LEU C 187 5.70 20.26 -13.61
N GLY C 188 6.49 21.15 -13.06
CA GLY C 188 6.05 22.49 -12.81
C GLY C 188 5.42 22.56 -11.43
N THR C 189 4.46 23.47 -11.30
CA THR C 189 3.75 23.62 -10.05
C THR C 189 2.69 22.55 -9.95
N PRO C 190 2.20 22.26 -8.75
CA PRO C 190 1.17 21.29 -8.49
C PRO C 190 -0.13 21.81 -9.05
N LEU C 191 -0.24 23.13 -9.13
CA LEU C 191 -1.38 23.78 -9.73
C LEU C 191 -1.47 23.38 -11.17
N TYR C 192 -0.35 23.50 -11.86
CA TYR C 192 -0.27 23.12 -13.25
C TYR C 192 -0.69 21.68 -13.43
N LEU C 193 -0.16 20.80 -12.60
CA LEU C 193 -0.49 19.40 -12.71
C LEU C 193 -1.95 19.10 -12.50
N ALA C 194 -2.56 19.78 -11.53
CA ALA C 194 -3.97 19.59 -11.28
C ALA C 194 -4.77 20.03 -12.49
N CYS C 195 -4.33 21.11 -13.12
CA CYS C 195 -5.01 21.59 -14.30
C CYS C 195 -4.86 20.59 -15.43
N GLU C 196 -3.69 19.97 -15.54
CA GLU C 196 -3.48 18.97 -16.57
C GLU C 196 -4.38 17.76 -16.38
N ASN C 197 -4.64 17.39 -15.14
CA ASN C 197 -5.54 16.27 -14.91
C ASN C 197 -6.98 16.67 -14.65
N GLN C 198 -7.33 17.93 -14.92
CA GLN C 198 -8.68 18.43 -14.74
C GLN C 198 -9.21 18.26 -13.32
N GLN C 199 -8.33 18.30 -12.32
CA GLN C 199 -8.73 18.11 -10.94
C GLN C 199 -9.24 19.41 -10.34
N ARG C 200 -10.36 19.90 -10.87
CA ARG C 200 -10.91 21.20 -10.49
C ARG C 200 -11.09 21.41 -9.00
N ALA C 201 -11.27 20.33 -8.24
CA ALA C 201 -11.41 20.45 -6.81
C ALA C 201 -10.11 20.97 -6.21
N CYS C 202 -8.99 20.42 -6.66
CA CYS C 202 -7.71 20.84 -6.16
C CYS C 202 -7.29 22.13 -6.79
N VAL C 203 -7.68 22.36 -8.03
CA VAL C 203 -7.30 23.60 -8.65
C VAL C 203 -7.86 24.75 -7.85
N LYS C 204 -9.15 24.66 -7.55
CA LYS C 204 -9.78 25.71 -6.79
C LYS C 204 -9.19 25.84 -5.41
N LYS C 205 -8.97 24.72 -4.73
CA LYS C 205 -8.45 24.81 -3.38
C LYS C 205 -7.03 25.36 -3.33
N LEU C 206 -6.20 24.97 -4.29
CA LEU C 206 -4.84 25.48 -4.34
C LEU C 206 -4.84 26.97 -4.56
N LEU C 207 -5.71 27.44 -5.43
CA LEU C 207 -5.80 28.85 -5.71
C LEU C 207 -6.27 29.62 -4.50
N GLU C 208 -7.21 29.05 -3.75
CA GLU C 208 -7.69 29.70 -2.53
C GLU C 208 -6.59 29.79 -1.50
N SER C 209 -5.79 28.72 -1.40
CA SER C 209 -4.68 28.66 -0.48
C SER C 209 -3.64 29.71 -0.84
N GLY C 210 -3.52 29.98 -2.13
CA GLY C 210 -2.62 31.01 -2.62
C GLY C 210 -1.57 30.51 -3.59
N ALA C 211 -1.94 29.54 -4.41
CA ALA C 211 -1.02 29.07 -5.43
C ALA C 211 -0.79 30.16 -6.47
N ASP C 212 0.43 30.27 -6.96
CA ASP C 212 0.69 31.31 -7.95
C ASP C 212 0.07 30.97 -9.27
N VAL C 213 -1.08 31.55 -9.50
CA VAL C 213 -1.87 31.36 -10.69
C VAL C 213 -1.11 31.52 -12.00
N ASN C 214 -0.03 32.30 -12.04
CA ASN C 214 0.69 32.47 -13.30
C ASN C 214 1.96 31.64 -13.48
N GLN C 215 2.23 30.70 -12.57
CA GLN C 215 3.34 29.79 -12.83
C GLN C 215 2.84 28.39 -13.09
N GLY C 216 3.53 27.70 -13.99
CA GLY C 216 3.15 26.35 -14.33
C GLY C 216 4.37 25.49 -14.55
N LYS C 217 4.63 25.14 -15.81
CA LYS C 217 5.78 24.33 -16.13
C LYS C 217 6.61 25.07 -17.15
N GLY C 218 7.84 25.41 -16.80
CA GLY C 218 8.65 26.20 -17.70
C GLY C 218 7.96 27.55 -17.85
N GLN C 219 7.62 27.91 -19.09
CA GLN C 219 6.90 29.13 -19.39
C GLN C 219 5.41 28.88 -19.63
N ASP C 220 5.01 27.62 -19.54
CA ASP C 220 3.65 27.20 -19.79
C ASP C 220 2.77 27.41 -18.56
N SER C 221 1.90 28.41 -18.58
CA SER C 221 1.06 28.66 -17.41
C SER C 221 -0.09 27.71 -17.38
N PRO C 222 -0.74 27.54 -16.22
CA PRO C 222 -1.93 26.78 -16.00
C PRO C 222 -3.00 27.22 -16.95
N LEU C 223 -3.04 28.51 -17.26
CA LEU C 223 -4.02 29.02 -18.19
C LEU C 223 -3.76 28.48 -19.57
N HIS C 224 -2.49 28.43 -19.97
CA HIS C 224 -2.16 27.87 -21.28
C HIS C 224 -2.61 26.39 -21.33
N ALA C 225 -2.41 25.69 -20.21
CA ALA C 225 -2.81 24.30 -20.10
C ALA C 225 -4.32 24.15 -20.26
N VAL C 226 -5.06 25.03 -19.64
CA VAL C 226 -6.50 25.00 -19.77
C VAL C 226 -6.93 25.19 -21.18
N ALA C 227 -6.26 26.10 -21.87
CA ALA C 227 -6.58 26.34 -23.26
C ALA C 227 -6.40 25.08 -24.10
N ARG C 228 -5.27 24.36 -23.91
CA ARG C 228 -5.10 23.16 -24.72
C ARG C 228 -6.04 22.04 -24.31
N THR C 229 -6.56 22.05 -23.08
CA THR C 229 -7.49 21.02 -22.66
C THR C 229 -8.94 21.45 -22.82
N ALA C 230 -9.17 22.63 -23.39
CA ALA C 230 -10.50 23.13 -23.66
C ALA C 230 -11.45 23.12 -22.45
N SER C 231 -10.98 23.55 -21.28
CA SER C 231 -11.89 23.58 -20.12
C SER C 231 -12.37 24.98 -19.76
N GLU C 232 -13.61 25.29 -20.12
CA GLU C 232 -14.20 26.58 -19.80
C GLU C 232 -14.30 26.80 -18.30
N GLU C 233 -14.45 25.70 -17.57
CA GLU C 233 -14.59 25.77 -16.13
C GLU C 233 -13.32 26.20 -15.47
N LEU C 234 -12.21 25.60 -15.88
CA LEU C 234 -10.95 25.99 -15.27
C LEU C 234 -10.51 27.34 -15.79
N ALA C 235 -10.92 27.69 -17.00
CA ALA C 235 -10.56 28.97 -17.54
C ALA C 235 -11.13 30.08 -16.71
N CYS C 236 -12.42 30.03 -16.43
CA CYS C 236 -13.04 31.07 -15.64
C CYS C 236 -12.41 31.15 -14.28
N LEU C 237 -12.17 30.00 -13.67
CA LEU C 237 -11.58 29.94 -12.36
C LEU C 237 -10.21 30.61 -12.30
N LEU C 238 -9.31 30.22 -13.19
CA LEU C 238 -7.98 30.80 -13.20
C LEU C 238 -7.98 32.27 -13.53
N MET C 239 -8.81 32.68 -14.47
CA MET C 239 -8.89 34.08 -14.84
C MET C 239 -9.25 34.93 -13.65
N ASP C 240 -10.25 34.49 -12.90
CA ASP C 240 -10.69 35.26 -11.75
C ASP C 240 -9.62 35.33 -10.66
N PHE C 241 -8.79 34.30 -10.53
CA PHE C 241 -7.69 34.40 -9.58
C PHE C 241 -6.49 35.19 -10.07
N GLY C 242 -6.56 35.76 -11.28
CA GLY C 242 -5.47 36.61 -11.75
C GLY C 242 -4.61 36.03 -12.87
N ALA C 243 -5.08 34.99 -13.54
CA ALA C 243 -4.30 34.43 -14.63
C ALA C 243 -4.06 35.46 -15.72
N ASP C 244 -2.83 35.51 -16.20
CA ASP C 244 -2.42 36.47 -17.22
C ASP C 244 -2.71 35.97 -18.62
N THR C 245 -3.78 36.50 -19.21
CA THR C 245 -4.21 36.09 -20.54
C THR C 245 -3.28 36.52 -21.66
N GLN C 246 -2.33 37.39 -21.38
CA GLN C 246 -1.39 37.82 -22.40
C GLN C 246 -0.02 37.18 -22.24
N ALA C 247 0.14 36.29 -21.27
CA ALA C 247 1.43 35.65 -21.07
C ALA C 247 1.73 34.68 -22.21
N LYS C 248 2.98 34.62 -22.61
CA LYS C 248 3.39 33.72 -23.67
C LYS C 248 4.17 32.53 -23.15
N ASN C 249 3.91 31.37 -23.71
CA ASN C 249 4.59 30.15 -23.32
C ASN C 249 5.90 30.04 -24.04
N ALA C 250 6.58 28.91 -23.90
CA ALA C 250 7.88 28.68 -24.55
C ALA C 250 7.79 28.84 -26.07
N GLU C 251 6.65 28.50 -26.65
CA GLU C 251 6.40 28.64 -28.07
C GLU C 251 6.21 30.10 -28.49
N GLY C 252 5.96 30.97 -27.51
CA GLY C 252 5.69 32.37 -27.77
C GLY C 252 4.19 32.57 -27.96
N LYS C 253 3.40 31.61 -27.49
CA LYS C 253 1.97 31.66 -27.69
C LYS C 253 1.18 32.04 -26.45
N ARG C 254 0.13 32.78 -26.67
CA ARG C 254 -0.79 33.16 -25.61
C ARG C 254 -1.86 32.08 -25.54
N PRO C 255 -2.46 31.83 -24.40
CA PRO C 255 -3.49 30.83 -24.15
C PRO C 255 -4.56 30.85 -25.21
N VAL C 256 -5.01 32.05 -25.59
CA VAL C 256 -6.01 32.20 -26.64
C VAL C 256 -5.59 31.66 -28.00
N GLU C 257 -4.29 31.56 -28.21
CA GLU C 257 -3.71 31.08 -29.46
C GLU C 257 -3.55 29.56 -29.44
N LEU C 258 -3.82 28.93 -28.30
CA LEU C 258 -3.67 27.49 -28.13
C LEU C 258 -5.00 26.78 -28.23
N VAL C 259 -5.99 27.48 -28.74
CA VAL C 259 -7.32 26.94 -28.87
C VAL C 259 -7.95 27.52 -30.12
N PRO C 260 -8.73 26.75 -30.87
CA PRO C 260 -9.42 27.16 -32.09
C PRO C 260 -10.57 28.09 -31.73
N PRO C 261 -10.87 29.05 -32.60
CA PRO C 261 -11.84 30.14 -32.47
C PRO C 261 -13.27 29.66 -32.32
N GLU C 262 -13.54 28.44 -32.74
CA GLU C 262 -14.86 27.87 -32.59
C GLU C 262 -15.16 27.53 -31.12
N SER C 263 -14.12 27.42 -30.31
CA SER C 263 -14.28 27.11 -28.90
C SER C 263 -14.86 28.27 -28.12
N PRO C 264 -15.73 27.99 -27.15
CA PRO C 264 -16.30 28.91 -26.18
C PRO C 264 -15.22 29.66 -25.44
N LEU C 265 -14.02 29.06 -25.33
CA LEU C 265 -12.91 29.73 -24.68
C LEU C 265 -12.54 31.00 -25.38
N ALA C 266 -12.68 31.05 -26.70
CA ALA C 266 -12.32 32.25 -27.44
C ALA C 266 -13.15 33.41 -26.95
N GLN C 267 -14.44 33.15 -26.70
CA GLN C 267 -15.32 34.19 -26.21
C GLN C 267 -14.96 34.55 -24.79
N LEU C 268 -14.55 33.55 -24.03
CA LEU C 268 -14.14 33.75 -22.65
C LEU C 268 -12.84 34.54 -22.58
N PHE C 269 -12.00 34.41 -23.60
CA PHE C 269 -10.81 35.22 -23.63
C PHE C 269 -11.16 36.63 -24.04
N LEU C 270 -12.07 36.77 -25.00
CA LEU C 270 -12.47 38.09 -25.49
C LEU C 270 -13.06 38.98 -24.43
N GLU C 271 -13.89 38.43 -23.55
CA GLU C 271 -14.49 39.26 -22.52
C GLU C 271 -13.47 39.83 -21.51
N ARG C 272 -12.26 39.25 -21.45
CA ARG C 272 -11.24 39.77 -20.54
C ARG C 272 -10.03 40.33 -21.28
N GLU C 273 -10.18 40.71 -22.54
CA GLU C 273 -9.03 41.27 -23.25
C GLU C 273 -8.68 42.67 -22.78
N GLY C 274 -9.68 43.44 -22.33
CA GLY C 274 -9.40 44.78 -21.83
C GLY C 274 -8.91 44.73 -20.39
N PRO C 275 -8.63 45.89 -19.80
CA PRO C 275 -8.18 46.09 -18.44
C PRO C 275 -9.22 45.53 -17.48
N PRO C 276 -8.79 45.00 -16.34
CA PRO C 276 -9.58 44.43 -15.27
C PRO C 276 -10.29 45.53 -14.50
N SER C 277 -11.35 45.16 -13.79
CA SER C 277 -12.07 46.12 -13.01
C SER C 277 -11.24 46.55 -11.83
N LEU C 278 -11.57 47.69 -11.27
CA LEU C 278 -10.84 48.19 -10.13
C LEU C 278 -11.01 47.25 -8.97
N MET C 279 -12.24 46.77 -8.77
CA MET C 279 -12.48 45.81 -7.70
C MET C 279 -11.63 44.59 -7.89
N GLN C 280 -11.53 44.11 -9.13
CA GLN C 280 -10.72 42.95 -9.39
C GLN C 280 -9.31 43.16 -8.93
N LEU C 281 -8.75 44.31 -9.32
CA LEU C 281 -7.40 44.67 -8.95
C LEU C 281 -7.24 44.78 -7.46
N CYS C 282 -8.25 45.34 -6.81
CA CYS C 282 -8.22 45.53 -5.40
C CYS C 282 -8.18 44.21 -4.70
N ARG C 283 -9.03 43.29 -5.11
CA ARG C 283 -9.09 42.00 -4.45
C ARG C 283 -7.78 41.28 -4.59
N LEU C 284 -7.17 41.40 -5.76
CA LEU C 284 -5.90 40.75 -5.99
C LEU C 284 -4.85 41.33 -5.07
N ARG C 285 -4.84 42.66 -4.95
CA ARG C 285 -3.85 43.32 -4.13
C ARG C 285 -4.03 42.97 -2.67
N ILE C 286 -5.27 42.91 -2.23
CA ILE C 286 -5.58 42.57 -0.85
C ILE C 286 -5.17 41.15 -0.57
N ARG C 287 -5.52 40.25 -1.47
CA ARG C 287 -5.22 38.85 -1.27
C ARG C 287 -3.72 38.64 -1.14
N LYS C 288 -2.92 39.42 -1.87
CA LYS C 288 -1.46 39.32 -1.77
C LYS C 288 -0.90 39.60 -0.38
N CYS C 289 -1.68 40.24 0.49
CA CYS C 289 -1.21 40.53 1.82
C CYS C 289 -1.31 39.32 2.75
N PHE C 290 -2.01 38.29 2.33
CA PHE C 290 -2.17 37.12 3.17
C PHE C 290 -1.34 35.97 2.62
N GLY C 291 -0.68 35.25 3.51
CA GLY C 291 0.19 34.13 3.13
C GLY C 291 -0.61 32.88 2.79
N ILE C 292 0.09 31.75 2.72
CA ILE C 292 -0.57 30.53 2.32
C ILE C 292 -1.47 30.03 3.43
N GLN C 293 -2.75 29.90 3.07
CA GLN C 293 -3.84 29.56 3.97
C GLN C 293 -3.97 30.55 5.14
N GLN C 294 -3.51 31.78 4.94
CA GLN C 294 -3.64 32.78 5.98
C GLN C 294 -4.80 33.69 5.72
N HIS C 295 -5.43 33.51 4.56
CA HIS C 295 -6.54 34.35 4.15
C HIS C 295 -7.78 34.23 5.01
N HIS C 296 -7.81 33.27 5.93
CA HIS C 296 -8.92 33.18 6.85
C HIS C 296 -8.97 34.44 7.73
N LYS C 297 -7.85 35.14 7.85
CA LYS C 297 -7.74 36.37 8.62
C LYS C 297 -8.51 37.52 7.97
N ILE C 298 -8.91 37.35 6.71
CA ILE C 298 -9.75 38.32 6.01
C ILE C 298 -11.02 38.58 6.76
N THR C 299 -11.50 37.58 7.48
CA THR C 299 -12.73 37.72 8.24
C THR C 299 -12.63 38.77 9.35
N LYS C 300 -11.40 39.14 9.73
CA LYS C 300 -11.17 40.14 10.76
C LYS C 300 -11.06 41.56 10.19
N LEU C 301 -11.14 41.71 8.88
CA LEU C 301 -11.06 43.04 8.29
C LEU C 301 -12.31 43.85 8.54
N VAL C 302 -12.10 45.13 8.82
CA VAL C 302 -13.21 46.02 9.09
C VAL C 302 -13.90 46.46 7.82
N LEU C 303 -14.75 45.59 7.30
CA LEU C 303 -15.45 45.86 6.06
C LEU C 303 -16.73 45.03 5.96
N PRO C 304 -17.65 45.40 5.06
CA PRO C 304 -18.93 44.76 4.78
C PRO C 304 -18.76 43.31 4.43
N GLU C 305 -19.71 42.49 4.87
CA GLU C 305 -19.66 41.06 4.66
C GLU C 305 -19.70 40.70 3.19
N ASP C 306 -20.38 41.50 2.39
CA ASP C 306 -20.44 41.24 0.97
C ASP C 306 -19.04 41.23 0.38
N LEU C 307 -18.26 42.24 0.73
CA LEU C 307 -16.91 42.34 0.25
C LEU C 307 -16.03 41.30 0.87
N LYS C 308 -16.32 40.95 2.12
CA LYS C 308 -15.58 39.91 2.78
C LYS C 308 -15.72 38.63 1.99
N GLN C 309 -16.92 38.35 1.50
CA GLN C 309 -17.15 37.19 0.68
C GLN C 309 -16.46 37.32 -0.66
N PHE C 310 -16.41 38.53 -1.22
CA PHE C 310 -15.68 38.74 -2.47
C PHE C 310 -14.20 38.45 -2.32
N LEU C 311 -13.64 38.71 -1.15
CA LEU C 311 -12.24 38.44 -0.93
C LEU C 311 -12.02 36.96 -0.66
N LEU C 312 -12.87 36.37 0.14
CA LEU C 312 -12.73 34.96 0.47
C LEU C 312 -13.03 34.07 -0.72
N HIS C 313 -13.90 34.50 -1.60
CA HIS C 313 -14.22 33.74 -2.79
C HIS C 313 -13.58 34.29 -4.05
N LEU C 314 -12.40 34.90 -3.89
CA LEU C 314 -11.64 35.42 -5.02
C LEU C 314 -11.18 34.35 -5.99
N TYR D 3 -16.25 67.95 -19.34
CA TYR D 3 -15.62 67.59 -18.07
C TYR D 3 -16.59 67.60 -16.89
N VAL D 4 -16.31 66.73 -15.93
CA VAL D 4 -17.11 66.58 -14.73
C VAL D 4 -16.29 66.83 -13.47
N LYS D 5 -16.86 67.61 -12.56
CA LYS D 5 -16.18 67.89 -11.29
C LYS D 5 -16.76 67.03 -10.17
N LEU D 6 -15.93 66.19 -9.59
CA LEU D 6 -16.33 65.33 -8.51
C LEU D 6 -15.91 65.94 -7.19
N ILE D 7 -16.80 65.93 -6.20
CA ILE D 7 -16.44 66.50 -4.91
C ILE D 7 -16.19 65.42 -3.89
N SER D 8 -15.01 65.46 -3.26
CA SER D 8 -14.67 64.46 -2.25
C SER D 8 -15.22 64.85 -0.89
N SER D 9 -15.08 63.96 0.08
CA SER D 9 -15.53 64.26 1.46
C SER D 9 -14.65 65.31 2.11
N ASP D 10 -13.50 65.58 1.51
CA ASP D 10 -12.56 66.49 2.08
C ASP D 10 -12.65 67.85 1.39
N GLY D 11 -13.59 67.99 0.45
CA GLY D 11 -13.76 69.24 -0.25
C GLY D 11 -12.83 69.38 -1.45
N HIS D 12 -12.28 68.29 -1.95
CA HIS D 12 -11.44 68.42 -3.12
C HIS D 12 -12.28 68.35 -4.37
N GLU D 13 -11.81 69.04 -5.39
CA GLU D 13 -12.52 69.17 -6.64
C GLU D 13 -11.80 68.46 -7.77
N PHE D 14 -12.24 67.27 -8.14
CA PHE D 14 -11.57 66.53 -9.19
C PHE D 14 -12.24 66.74 -10.51
N ILE D 15 -11.53 67.33 -11.43
CA ILE D 15 -12.07 67.61 -12.72
C ILE D 15 -11.54 66.62 -13.73
N VAL D 16 -12.44 65.91 -14.40
CA VAL D 16 -12.00 64.91 -15.37
C VAL D 16 -13.00 64.77 -16.49
N LYS D 17 -12.49 64.47 -17.67
CA LYS D 17 -13.33 64.29 -18.81
C LYS D 17 -14.44 63.32 -18.49
N ARG D 18 -15.66 63.77 -18.74
CA ARG D 18 -16.87 63.01 -18.51
C ARG D 18 -16.79 61.59 -19.05
N GLU D 19 -16.21 61.46 -20.21
CA GLU D 19 -16.11 60.20 -20.88
C GLU D 19 -15.30 59.19 -20.09
N HIS D 20 -14.33 59.66 -19.31
CA HIS D 20 -13.58 58.75 -18.48
C HIS D 20 -14.41 58.43 -17.26
N ALA D 21 -15.16 59.43 -16.77
CA ALA D 21 -16.02 59.25 -15.60
C ALA D 21 -17.04 58.17 -15.85
N LEU D 22 -17.49 58.05 -17.10
CA LEU D 22 -18.45 57.02 -17.49
C LEU D 22 -17.95 55.57 -17.31
N THR D 23 -16.70 55.39 -16.86
CA THR D 23 -16.17 54.09 -16.50
C THR D 23 -17.02 53.45 -15.43
N SER D 24 -17.44 54.27 -14.47
CA SER D 24 -18.26 53.85 -13.35
C SER D 24 -19.70 53.62 -13.70
N GLY D 25 -20.23 52.45 -13.31
CA GLY D 25 -21.63 52.16 -13.56
C GLY D 25 -22.52 53.13 -12.81
N THR D 26 -22.10 53.47 -11.59
CA THR D 26 -22.85 54.40 -10.77
C THR D 26 -22.85 55.77 -11.42
N ILE D 27 -21.70 56.22 -11.89
CA ILE D 27 -21.67 57.52 -12.55
C ILE D 27 -22.51 57.50 -13.81
N LYS D 28 -22.48 56.41 -14.56
CA LYS D 28 -23.33 56.33 -15.75
C LYS D 28 -24.79 56.47 -15.34
N ALA D 29 -25.16 55.85 -14.22
CA ALA D 29 -26.51 55.99 -13.69
C ALA D 29 -26.81 57.44 -13.31
N MET D 30 -25.78 58.16 -12.86
CA MET D 30 -25.89 59.58 -12.49
C MET D 30 -26.01 60.53 -13.69
N LEU D 31 -25.94 59.99 -14.92
CA LEU D 31 -26.09 60.82 -16.11
C LEU D 31 -27.30 60.40 -16.93
N GLU D 44 -19.99 69.29 -10.26
CA GLU D 44 -21.02 68.58 -10.99
C GLU D 44 -21.65 67.47 -10.12
N VAL D 45 -20.82 66.56 -9.61
CA VAL D 45 -21.33 65.48 -8.75
C VAL D 45 -20.61 65.47 -7.41
N ASN D 46 -21.37 65.51 -6.34
CA ASN D 46 -20.79 65.51 -5.02
C ASN D 46 -20.78 64.12 -4.40
N PHE D 47 -19.61 63.51 -4.36
CA PHE D 47 -19.42 62.18 -3.80
C PHE D 47 -18.84 62.24 -2.39
N ARG D 48 -19.58 62.85 -1.47
CA ARG D 48 -19.13 63.06 -0.07
C ARG D 48 -18.82 61.80 0.74
N GLU D 49 -19.16 60.62 0.23
CA GLU D 49 -18.89 59.38 0.94
C GLU D 49 -17.47 58.84 0.76
N ILE D 50 -16.67 59.47 -0.09
CA ILE D 50 -15.30 58.98 -0.30
C ILE D 50 -14.29 60.08 0.01
N PRO D 51 -13.18 59.77 0.67
CA PRO D 51 -12.09 60.65 1.02
C PRO D 51 -11.27 60.98 -0.19
N SER D 52 -10.63 62.15 -0.16
CA SER D 52 -9.79 62.60 -1.26
C SER D 52 -8.61 61.68 -1.43
N HIS D 53 -8.22 61.08 -0.32
CA HIS D 53 -7.15 60.12 -0.27
C HIS D 53 -7.36 58.96 -1.22
N VAL D 54 -8.61 58.63 -1.49
CA VAL D 54 -8.92 57.53 -2.36
C VAL D 54 -9.44 57.99 -3.71
N LEU D 55 -10.38 58.92 -3.70
CA LEU D 55 -11.03 59.38 -4.93
C LEU D 55 -10.08 59.80 -6.00
N SER D 56 -8.99 60.47 -5.65
CA SER D 56 -8.06 60.88 -6.67
C SER D 56 -7.52 59.71 -7.48
N LYS D 57 -7.36 58.57 -6.84
CA LYS D 57 -6.81 57.42 -7.52
C LYS D 57 -7.85 56.82 -8.38
N VAL D 58 -9.08 56.80 -7.89
CA VAL D 58 -10.19 56.28 -8.66
C VAL D 58 -10.30 57.00 -9.98
N CYS D 59 -10.15 58.31 -9.94
CA CYS D 59 -10.19 59.08 -11.16
C CYS D 59 -9.09 58.63 -12.10
N MET D 60 -7.87 58.51 -11.57
CA MET D 60 -6.76 58.07 -12.37
C MET D 60 -7.09 56.74 -13.06
N TYR D 61 -7.65 55.80 -12.32
CA TYR D 61 -8.11 54.54 -12.88
C TYR D 61 -9.02 54.73 -14.06
N PHE D 62 -9.92 55.71 -13.99
CA PHE D 62 -10.83 55.93 -15.11
C PHE D 62 -10.06 56.17 -16.39
N THR D 63 -9.02 57.00 -16.31
CA THR D 63 -8.20 57.27 -17.47
C THR D 63 -7.47 56.03 -17.92
N TYR D 64 -6.89 55.32 -16.97
CA TYR D 64 -6.15 54.10 -17.23
C TYR D 64 -6.94 53.09 -18.04
N LYS D 65 -8.14 52.79 -17.59
CA LYS D 65 -8.94 51.82 -18.31
C LYS D 65 -9.25 52.30 -19.71
N VAL D 66 -9.59 53.58 -19.86
CA VAL D 66 -9.87 54.08 -21.17
C VAL D 66 -8.67 53.98 -22.09
N ARG D 67 -7.52 54.37 -21.59
CA ARG D 67 -6.29 54.35 -22.36
C ARG D 67 -5.92 53.00 -22.91
N TYR D 68 -6.11 51.96 -22.13
CA TYR D 68 -5.74 50.64 -22.57
C TYR D 68 -6.89 49.76 -22.99
N THR D 69 -8.02 50.35 -23.34
CA THR D 69 -9.17 49.57 -23.75
C THR D 69 -8.93 48.75 -25.02
N ASN D 70 -8.29 49.35 -26.03
CA ASN D 70 -8.02 48.64 -27.28
C ASN D 70 -6.58 48.80 -27.76
N SER D 71 -5.64 48.12 -27.11
CA SER D 71 -4.24 48.21 -27.52
C SER D 71 -3.37 47.12 -26.90
N GLU D 74 -0.69 45.27 -25.33
CA GLU D 74 0.08 45.46 -24.10
C GLU D 74 -0.58 46.38 -23.10
N ILE D 75 -0.86 45.87 -21.90
CA ILE D 75 -1.45 46.67 -20.84
C ILE D 75 -0.61 46.54 -19.57
N PRO D 76 -0.13 47.65 -19.00
CA PRO D 76 0.67 47.76 -17.79
C PRO D 76 -0.18 47.53 -16.55
N GLU D 77 0.46 47.24 -15.43
CA GLU D 77 -0.29 46.99 -14.20
C GLU D 77 -0.62 48.26 -13.43
N PHE D 78 -1.87 48.41 -13.07
CA PHE D 78 -2.33 49.54 -12.30
C PHE D 78 -1.73 49.49 -10.89
N PRO D 79 -1.09 50.55 -10.42
CA PRO D 79 -0.45 50.68 -9.13
C PRO D 79 -1.48 50.84 -8.03
N ILE D 80 -1.16 50.30 -6.86
CA ILE D 80 -2.07 50.36 -5.71
C ILE D 80 -1.35 50.11 -4.39
N ALA D 81 -1.68 50.90 -3.39
CA ALA D 81 -1.10 50.78 -2.06
C ALA D 81 -2.00 49.98 -1.12
N PRO D 82 -1.43 49.13 -0.27
CA PRO D 82 -2.12 48.28 0.68
C PRO D 82 -2.89 49.11 1.70
N GLU D 83 -2.42 50.34 1.94
CA GLU D 83 -3.09 51.22 2.88
C GLU D 83 -4.42 51.72 2.35
N ILE D 84 -4.64 51.62 1.05
CA ILE D 84 -5.88 52.14 0.52
C ILE D 84 -6.69 51.08 -0.10
N ALA D 85 -6.09 49.91 -0.34
CA ALA D 85 -6.77 48.84 -1.03
C ALA D 85 -8.14 48.53 -0.43
N LEU D 86 -8.26 48.56 0.88
CA LEU D 86 -9.53 48.23 1.51
C LEU D 86 -10.59 49.27 1.21
N GLU D 87 -10.23 50.53 1.36
CA GLU D 87 -11.18 51.60 1.13
C GLU D 87 -11.46 51.75 -0.34
N LEU D 88 -10.43 51.52 -1.14
CA LEU D 88 -10.53 51.62 -2.57
C LEU D 88 -11.50 50.58 -3.06
N LEU D 89 -11.39 49.37 -2.52
CA LEU D 89 -12.32 48.32 -2.86
C LEU D 89 -13.73 48.77 -2.60
N MET D 90 -13.95 49.30 -1.40
CA MET D 90 -15.26 49.77 -1.02
C MET D 90 -15.75 50.86 -1.96
N ALA D 91 -14.85 51.76 -2.34
CA ALA D 91 -15.18 52.83 -3.25
C ALA D 91 -15.59 52.28 -4.59
N ALA D 92 -14.83 51.32 -5.06
CA ALA D 92 -15.11 50.71 -6.34
C ALA D 92 -16.43 50.00 -6.30
N ASN D 93 -16.72 49.37 -5.17
CA ASN D 93 -17.98 48.70 -4.98
C ASN D 93 -19.10 49.72 -5.13
N PHE D 94 -18.96 50.84 -4.43
CA PHE D 94 -19.95 51.92 -4.52
C PHE D 94 -20.15 52.40 -5.94
N LEU D 95 -19.05 52.61 -6.63
CA LEU D 95 -19.10 53.11 -7.99
C LEU D 95 -19.40 52.09 -9.05
N ASP D 96 -19.64 50.84 -8.68
CA ASP D 96 -19.87 49.80 -9.66
C ASP D 96 -18.70 49.73 -10.64
N CYS D 97 -17.51 49.45 -10.09
CA CYS D 97 -16.29 49.32 -10.85
C CYS D 97 -15.46 48.13 -10.40
N ASP E 2 1.72 60.42 -25.58
CA ASP E 2 0.82 61.32 -24.86
C ASP E 2 1.31 61.58 -23.44
N VAL E 3 0.94 62.74 -22.91
CA VAL E 3 1.32 63.19 -21.57
C VAL E 3 0.11 63.19 -20.65
N PHE E 4 0.14 62.38 -19.61
CA PHE E 4 -0.95 62.32 -18.64
C PHE E 4 -0.69 63.29 -17.54
N LEU E 5 -1.25 64.48 -17.66
CA LEU E 5 -0.93 65.51 -16.70
C LEU E 5 -2.05 65.87 -15.75
N MET E 6 -1.69 65.94 -14.46
CA MET E 6 -2.62 66.34 -13.42
C MET E 6 -2.24 67.74 -12.88
N ILE E 7 -3.17 68.68 -12.95
CA ILE E 7 -2.89 70.03 -12.51
C ILE E 7 -3.71 70.40 -11.30
N ARG E 8 -3.04 70.99 -10.31
CA ARG E 8 -3.71 71.29 -9.04
C ARG E 8 -3.50 72.72 -8.51
N ARG E 9 -4.44 73.14 -7.66
CA ARG E 9 -4.42 74.46 -7.02
C ARG E 9 -5.29 74.42 -5.77
N HIS E 10 -4.74 74.73 -4.61
CA HIS E 10 -5.53 74.65 -3.38
C HIS E 10 -6.12 73.25 -3.30
N LYS E 11 -7.44 73.12 -3.31
CA LYS E 11 -8.04 71.80 -3.27
C LYS E 11 -8.58 71.34 -4.61
N THR E 12 -8.21 72.04 -5.70
CA THR E 12 -8.69 71.64 -7.00
C THR E 12 -7.67 70.76 -7.70
N THR E 13 -8.18 69.85 -8.52
CA THR E 13 -7.37 68.92 -9.30
C THR E 13 -7.99 68.71 -10.69
N ILE E 14 -7.18 68.65 -11.73
CA ILE E 14 -7.73 68.35 -13.05
C ILE E 14 -6.84 67.42 -13.85
N PHE E 15 -7.48 66.46 -14.51
CA PHE E 15 -6.76 65.47 -15.31
C PHE E 15 -6.92 65.68 -16.81
N THR E 16 -5.80 65.75 -17.53
CA THR E 16 -5.87 65.89 -18.97
C THR E 16 -4.67 65.32 -19.70
N ASP E 17 -4.90 64.80 -20.89
CA ASP E 17 -3.82 64.27 -21.71
C ASP E 17 -3.36 65.33 -22.71
N ALA E 18 -2.09 65.27 -23.11
CA ALA E 18 -1.55 66.23 -24.06
C ALA E 18 -0.44 65.64 -24.92
N LYS E 19 0.00 66.39 -25.92
CA LYS E 19 1.09 65.93 -26.78
C LYS E 19 2.42 66.44 -26.29
N GLU E 20 3.47 65.64 -26.40
CA GLU E 20 4.80 66.04 -25.95
C GLU E 20 5.31 67.29 -26.65
N SER E 21 4.86 67.47 -27.88
CA SER E 21 5.23 68.61 -28.71
C SER E 21 4.44 69.87 -28.39
N SER E 22 3.34 69.72 -27.67
CA SER E 22 2.55 70.88 -27.30
C SER E 22 3.27 71.64 -26.24
N THR E 23 3.12 72.95 -26.28
CA THR E 23 3.78 73.82 -25.34
C THR E 23 2.86 74.25 -24.25
N VAL E 24 3.48 74.77 -23.21
CA VAL E 24 2.82 75.31 -22.06
C VAL E 24 1.74 76.29 -22.43
N PHE E 25 1.96 77.08 -23.48
CA PHE E 25 0.94 77.99 -23.96
C PHE E 25 -0.38 77.28 -24.28
N GLU E 26 -0.33 76.15 -25.00
CA GLU E 26 -1.58 75.47 -25.29
C GLU E 26 -2.13 74.90 -24.01
N LEU E 27 -1.25 74.44 -23.13
CA LEU E 27 -1.67 73.93 -21.84
C LEU E 27 -2.42 75.02 -21.08
N LYS E 28 -1.96 76.26 -21.20
CA LYS E 28 -2.64 77.38 -20.58
C LYS E 28 -4.04 77.50 -21.16
N ARG E 29 -4.17 77.29 -22.48
CA ARG E 29 -5.47 77.32 -23.14
C ARG E 29 -6.32 76.15 -22.68
N ILE E 30 -5.69 75.01 -22.42
CA ILE E 30 -6.41 73.86 -21.92
C ILE E 30 -7.02 74.17 -20.57
N VAL E 31 -6.26 74.82 -19.71
CA VAL E 31 -6.79 75.21 -18.43
C VAL E 31 -7.92 76.20 -18.57
N GLU E 32 -7.74 77.20 -19.43
CA GLU E 32 -8.74 78.25 -19.69
C GLU E 32 -10.08 77.67 -20.07
N GLY E 33 -10.09 76.68 -20.95
CA GLY E 33 -11.33 76.06 -21.38
C GLY E 33 -12.19 75.53 -20.23
N ILE E 34 -11.57 75.23 -19.09
CA ILE E 34 -12.30 74.71 -17.94
C ILE E 34 -12.56 75.74 -16.88
N LEU E 35 -11.50 76.43 -16.47
CA LEU E 35 -11.64 77.37 -15.37
C LEU E 35 -11.99 78.78 -15.81
N LYS E 36 -12.01 79.00 -17.12
CA LYS E 36 -12.42 80.27 -17.72
C LYS E 36 -11.51 81.43 -17.34
N ARG E 37 -10.23 81.15 -17.13
CA ARG E 37 -9.26 82.18 -16.84
C ARG E 37 -8.25 82.17 -17.99
N PRO E 38 -7.94 83.32 -18.58
CA PRO E 38 -7.08 83.48 -19.73
C PRO E 38 -5.65 83.18 -19.33
N PRO E 39 -4.80 82.74 -20.27
CA PRO E 39 -3.41 82.35 -20.13
C PRO E 39 -2.56 83.32 -19.33
N ASP E 40 -2.79 84.62 -19.53
CA ASP E 40 -2.02 85.62 -18.80
C ASP E 40 -2.33 85.65 -17.32
N GLU E 41 -3.47 85.10 -16.93
CA GLU E 41 -3.84 85.02 -15.52
C GLU E 41 -3.49 83.67 -14.93
N GLN E 42 -2.77 82.85 -15.67
CA GLN E 42 -2.42 81.53 -15.18
C GLN E 42 -0.93 81.43 -14.89
N ARG E 43 -0.59 80.67 -13.87
CA ARG E 43 0.80 80.42 -13.55
C ARG E 43 1.02 78.94 -13.38
N LEU E 44 1.31 78.26 -14.47
CA LEU E 44 1.58 76.84 -14.40
C LEU E 44 2.97 76.66 -13.89
N TYR E 45 3.18 75.67 -13.03
CA TYR E 45 4.54 75.47 -12.55
C TYR E 45 4.86 74.04 -12.18
N LYS E 46 6.13 73.69 -12.31
CA LYS E 46 6.61 72.36 -11.98
C LYS E 46 7.35 72.44 -10.69
N ASP E 47 6.89 71.73 -9.67
CA ASP E 47 7.58 71.79 -8.38
C ASP E 47 7.43 73.22 -7.86
N ASP E 48 8.44 74.05 -8.07
CA ASP E 48 8.36 75.45 -7.68
C ASP E 48 8.87 76.33 -8.82
N GLN E 49 9.00 75.74 -10.00
CA GLN E 49 9.50 76.42 -11.18
C GLN E 49 8.40 76.80 -12.12
N LEU E 50 8.23 78.10 -12.31
CA LEU E 50 7.19 78.58 -13.19
C LEU E 50 7.51 78.11 -14.60
N LEU E 51 6.49 77.61 -15.28
CA LEU E 51 6.65 77.10 -16.63
C LEU E 51 6.57 78.20 -17.69
N ASP E 52 7.39 78.03 -18.72
CA ASP E 52 7.52 78.93 -19.86
C ASP E 52 6.59 78.55 -21.00
N ASP E 53 5.68 79.44 -21.36
CA ASP E 53 4.73 79.23 -22.45
C ASP E 53 5.38 78.70 -23.74
N GLY E 54 6.62 79.11 -24.02
CA GLY E 54 7.34 78.72 -25.22
C GLY E 54 8.09 77.38 -25.14
N LYS E 55 7.96 76.66 -24.04
CA LYS E 55 8.62 75.36 -23.94
C LYS E 55 7.62 74.24 -24.12
N THR E 56 8.07 73.16 -24.75
CA THR E 56 7.21 72.00 -24.96
C THR E 56 7.17 71.19 -23.70
N LEU E 57 6.22 70.28 -23.61
CA LEU E 57 6.15 69.43 -22.44
C LEU E 57 7.41 68.58 -22.35
N GLY E 58 7.89 68.11 -23.49
CA GLY E 58 9.15 67.37 -23.55
C GLY E 58 10.30 68.26 -23.05
N GLU E 59 10.31 69.52 -23.48
CA GLU E 59 11.32 70.49 -23.06
C GLU E 59 11.32 70.70 -21.55
N CYS E 60 10.13 70.68 -20.96
CA CYS E 60 10.01 70.88 -19.52
C CYS E 60 10.23 69.60 -18.69
N GLY E 61 10.68 68.51 -19.32
CA GLY E 61 10.96 67.28 -18.59
C GLY E 61 9.77 66.34 -18.42
N PHE E 62 8.72 66.51 -19.22
CA PHE E 62 7.57 65.62 -19.10
C PHE E 62 7.59 64.62 -20.24
N THR E 63 7.24 63.39 -19.92
CA THR E 63 7.23 62.34 -20.91
C THR E 63 6.43 61.10 -20.53
N SER E 64 6.47 60.11 -21.43
CA SER E 64 5.73 58.86 -21.28
C SER E 64 6.24 57.99 -20.14
N GLN E 65 7.45 58.27 -19.69
CA GLN E 65 8.09 57.57 -18.60
C GLN E 65 7.84 58.27 -17.26
N THR E 66 7.05 59.34 -17.28
CA THR E 66 6.73 60.12 -16.10
C THR E 66 5.24 60.30 -16.02
N ALA E 67 4.73 61.18 -16.87
CA ALA E 67 3.31 61.45 -16.97
C ALA E 67 2.59 60.26 -17.54
N ARG E 68 2.20 59.33 -16.67
CA ARG E 68 1.60 58.06 -17.08
C ARG E 68 0.16 57.88 -16.65
N PRO E 69 -0.56 56.93 -17.24
CA PRO E 69 -1.90 56.49 -16.90
C PRO E 69 -1.86 55.73 -15.60
N GLN E 70 -0.67 55.26 -15.26
CA GLN E 70 -0.41 54.62 -13.99
C GLN E 70 -0.24 55.68 -12.90
N ALA E 71 0.29 56.83 -13.28
CA ALA E 71 0.55 57.90 -12.33
C ALA E 71 0.92 59.17 -13.08
N PRO E 72 -0.05 60.06 -13.30
CA PRO E 72 0.03 61.35 -13.97
C PRO E 72 1.05 62.27 -13.28
N ALA E 73 1.63 63.14 -14.08
CA ALA E 73 2.62 64.10 -13.59
C ALA E 73 1.90 65.22 -12.87
N THR E 74 2.59 65.91 -11.98
CA THR E 74 1.91 66.98 -11.27
C THR E 74 2.48 68.37 -11.56
N VAL E 75 1.61 69.24 -12.06
CA VAL E 75 1.90 70.65 -12.32
C VAL E 75 0.96 71.51 -11.53
N GLY E 76 1.50 72.52 -10.87
CA GLY E 76 0.65 73.38 -10.09
C GLY E 76 0.13 74.53 -10.92
N LEU E 77 -0.92 75.15 -10.42
CA LEU E 77 -1.53 76.30 -11.07
C LEU E 77 -1.88 77.39 -10.10
N ALA E 78 -1.31 78.57 -10.29
CA ALA E 78 -1.66 79.72 -9.48
C ALA E 78 -2.25 80.77 -10.39
N PHE E 79 -3.07 81.66 -9.85
CA PHE E 79 -3.64 82.68 -10.72
C PHE E 79 -3.10 84.07 -10.46
N ARG E 80 -3.12 84.89 -11.49
CA ARG E 80 -2.66 86.25 -11.38
C ARG E 80 -3.56 87.04 -10.45
N ALA E 81 -2.94 87.68 -9.50
CA ALA E 81 -3.59 88.54 -8.55
C ALA E 81 -3.15 89.96 -8.85
N ASP E 82 -3.85 90.60 -9.78
CA ASP E 82 -3.53 91.95 -10.19
C ASP E 82 -2.09 92.05 -10.70
N ASP E 83 -1.21 92.69 -9.93
CA ASP E 83 0.18 92.87 -10.35
C ASP E 83 1.10 91.74 -9.90
N THR E 84 0.52 90.70 -9.31
CA THR E 84 1.27 89.55 -8.84
C THR E 84 0.49 88.28 -9.08
N PHE E 85 0.81 87.24 -8.34
CA PHE E 85 0.09 85.98 -8.47
C PHE E 85 0.05 85.21 -7.17
N GLU E 86 -0.93 84.32 -7.09
CA GLU E 86 -1.24 83.55 -5.91
C GLU E 86 -0.12 82.64 -5.46
N ALA E 87 -0.08 82.41 -4.16
CA ALA E 87 0.91 81.54 -3.57
C ALA E 87 0.89 80.21 -4.26
N LEU E 88 2.08 79.68 -4.51
CA LEU E 88 2.20 78.42 -5.24
C LEU E 88 2.03 77.26 -4.27
N CYS E 89 0.79 77.09 -3.79
CA CYS E 89 0.49 76.07 -2.80
C CYS E 89 -0.71 75.22 -3.17
N ILE E 90 -0.55 73.93 -2.93
CA ILE E 90 -1.58 72.95 -3.21
C ILE E 90 -1.90 72.17 -1.95
N GLU E 91 -3.18 72.07 -1.63
CA GLU E 91 -3.63 71.39 -0.42
C GLU E 91 -3.63 69.88 -0.61
N PRO E 92 -2.81 69.15 0.15
CA PRO E 92 -2.62 67.71 0.14
C PRO E 92 -3.91 66.98 0.38
N PHE E 93 -3.99 65.77 -0.16
CA PHE E 93 -5.15 64.93 0.04
C PHE E 93 -5.04 64.35 1.44
N SER E 94 -6.12 63.77 1.93
CA SER E 94 -6.08 63.16 3.26
C SER E 94 -5.01 62.12 3.39
N SER E 95 -4.49 62.00 4.60
CA SER E 95 -3.49 61.00 4.91
C SER E 95 -4.18 59.63 4.89
N PRO E 96 -3.40 58.54 4.78
CA PRO E 96 -3.81 57.15 4.79
C PRO E 96 -4.13 56.67 6.18
N PRO E 97 -5.02 55.68 6.29
CA PRO E 97 -5.41 54.96 7.46
C PRO E 97 -4.33 53.95 7.80
N GLU E 98 -4.25 53.56 9.06
CA GLU E 98 -3.26 52.57 9.46
C GLU E 98 -3.57 51.21 8.86
N LEU E 99 -2.54 50.51 8.44
CA LEU E 99 -2.69 49.17 7.85
C LEU E 99 -3.02 48.16 8.94
N PRO E 100 -4.15 47.42 8.84
CA PRO E 100 -4.61 46.39 9.76
C PRO E 100 -3.56 45.30 9.92
N ASP E 101 -3.45 44.79 11.14
CA ASP E 101 -2.48 43.78 11.50
C ASP E 101 -2.53 42.53 10.64
N VAL E 102 -3.72 42.15 10.19
CA VAL E 102 -3.86 40.97 9.36
C VAL E 102 -3.30 41.17 7.95
N MET E 103 -3.20 42.42 7.50
CA MET E 103 -2.61 42.70 6.20
C MET E 103 -1.17 43.15 6.38
N LYS E 104 -0.85 43.55 7.60
CA LYS E 104 0.47 43.99 7.96
C LYS E 104 1.48 42.86 7.79
N PRO E 105 2.58 43.10 7.07
CA PRO E 105 3.68 42.19 6.79
C PRO E 105 4.21 41.57 8.07
N GLN E 106 4.44 40.26 8.01
CA GLN E 106 4.93 39.51 9.15
C GLN E 106 6.42 39.18 9.00
N SER A 6 -10.67 -39.69 -4.16
CA SER A 6 -10.26 -39.14 -2.87
C SER A 6 -11.20 -38.04 -2.45
N HIS A 7 -10.66 -37.02 -1.79
CA HIS A 7 -11.42 -35.88 -1.36
C HIS A 7 -11.90 -35.09 -2.57
N ASN A 8 -11.24 -35.32 -3.70
CA ASN A 8 -11.66 -34.70 -4.94
C ASN A 8 -12.98 -35.30 -5.41
N ALA A 9 -13.21 -36.57 -5.09
CA ALA A 9 -14.47 -37.21 -5.45
C ALA A 9 -15.57 -36.55 -4.65
N LEU A 10 -15.26 -36.23 -3.40
CA LEU A 10 -16.20 -35.50 -2.59
C LEU A 10 -16.45 -34.13 -3.17
N LYS A 11 -15.41 -33.51 -3.74
CA LYS A 11 -15.58 -32.21 -4.40
C LYS A 11 -16.55 -32.34 -5.56
N LEU A 12 -16.51 -33.48 -6.24
CA LEU A 12 -17.38 -33.74 -7.38
C LEU A 12 -18.82 -34.05 -6.98
N ARG A 13 -19.13 -34.03 -5.69
CA ARG A 13 -20.49 -34.21 -5.25
C ARG A 13 -21.17 -32.85 -5.17
N PHE A 14 -20.39 -31.79 -5.32
CA PHE A 14 -20.94 -30.46 -5.30
C PHE A 14 -20.96 -29.91 -6.70
N PRO A 15 -21.88 -28.98 -6.97
CA PRO A 15 -21.99 -28.20 -8.19
C PRO A 15 -20.71 -27.42 -8.35
N ALA A 16 -20.28 -27.24 -9.58
CA ALA A 16 -19.01 -26.57 -9.86
C ALA A 16 -18.97 -25.20 -9.27
N GLU A 17 -20.08 -24.48 -9.35
CA GLU A 17 -20.16 -23.14 -8.82
C GLU A 17 -20.01 -23.08 -7.31
N ASP A 18 -20.28 -24.18 -6.62
CA ASP A 18 -20.10 -24.21 -5.18
C ASP A 18 -18.64 -24.35 -4.87
N GLU A 19 -17.95 -25.13 -5.68
CA GLU A 19 -16.51 -25.30 -5.53
C GLU A 19 -15.74 -24.12 -6.12
N PHE A 20 -16.34 -23.45 -7.11
CA PHE A 20 -15.71 -22.32 -7.76
C PHE A 20 -15.32 -21.27 -6.76
N PRO A 21 -14.03 -20.95 -6.63
CA PRO A 21 -13.46 -20.01 -5.70
C PRO A 21 -13.83 -18.61 -6.06
N ASP A 22 -13.96 -17.77 -5.06
CA ASP A 22 -14.30 -16.37 -5.25
C ASP A 22 -13.06 -15.54 -5.44
N LEU A 23 -12.77 -15.17 -6.68
CA LEU A 23 -11.57 -14.44 -7.03
C LEU A 23 -11.81 -12.94 -7.18
N SER A 24 -12.94 -12.45 -6.71
CA SER A 24 -13.32 -11.04 -6.88
C SER A 24 -12.27 -10.03 -6.42
N ALA A 25 -11.65 -10.29 -5.28
CA ALA A 25 -10.66 -9.37 -4.72
C ALA A 25 -9.24 -9.69 -5.17
N HIS A 26 -9.08 -10.66 -6.05
CA HIS A 26 -7.76 -11.07 -6.47
C HIS A 26 -7.26 -10.26 -7.63
N ASN A 27 -5.95 -10.12 -7.69
CA ASN A 27 -5.31 -9.34 -8.72
C ASN A 27 -4.12 -10.09 -9.28
N ASN A 28 -4.38 -11.10 -10.10
CA ASN A 28 -3.31 -11.86 -10.72
C ASN A 28 -3.78 -12.41 -12.05
N HIS A 29 -2.87 -13.00 -12.80
CA HIS A 29 -3.20 -13.42 -14.14
C HIS A 29 -4.19 -14.55 -14.16
N MET A 30 -4.03 -15.50 -13.26
CA MET A 30 -4.96 -16.61 -13.19
C MET A 30 -6.37 -16.09 -12.97
N ALA A 31 -6.52 -15.14 -12.06
CA ALA A 31 -7.81 -14.56 -11.75
C ALA A 31 -8.45 -13.92 -12.96
N LYS A 32 -7.65 -13.37 -13.85
CA LYS A 32 -8.20 -12.76 -15.04
C LYS A 32 -8.50 -13.78 -16.15
N VAL A 33 -8.18 -15.05 -15.91
CA VAL A 33 -8.40 -16.09 -16.89
C VAL A 33 -9.45 -17.09 -16.48
N LEU A 34 -9.36 -17.61 -15.27
CA LEU A 34 -10.27 -18.66 -14.84
C LEU A 34 -11.70 -18.19 -14.71
N THR A 35 -12.59 -18.81 -15.48
CA THR A 35 -14.01 -18.50 -15.41
C THR A 35 -14.73 -19.69 -14.85
N PRO A 36 -15.97 -19.53 -14.37
CA PRO A 36 -16.86 -20.55 -13.88
C PRO A 36 -17.03 -21.65 -14.90
N GLU A 37 -17.05 -21.27 -16.18
CA GLU A 37 -17.18 -22.23 -17.25
C GLU A 37 -15.96 -23.11 -17.34
N LEU A 38 -14.79 -22.48 -17.29
CA LEU A 38 -13.55 -23.22 -17.34
C LEU A 38 -13.37 -24.08 -16.14
N TYR A 39 -13.76 -23.58 -14.98
CA TYR A 39 -13.63 -24.31 -13.76
C TYR A 39 -14.47 -25.56 -13.81
N ALA A 40 -15.71 -25.40 -14.25
CA ALA A 40 -16.63 -26.52 -14.35
C ALA A 40 -16.07 -27.60 -15.23
N GLU A 41 -15.45 -27.22 -16.34
CA GLU A 41 -14.89 -28.20 -17.24
C GLU A 41 -13.62 -28.84 -16.71
N LEU A 42 -12.66 -28.01 -16.33
CA LEU A 42 -11.36 -28.47 -15.93
C LEU A 42 -11.30 -29.20 -14.61
N ARG A 43 -12.26 -28.97 -13.71
CA ARG A 43 -12.18 -29.67 -12.44
C ARG A 43 -12.35 -31.18 -12.62
N ALA A 44 -12.89 -31.61 -13.76
CA ALA A 44 -13.07 -33.03 -14.00
C ALA A 44 -11.81 -33.69 -14.52
N LYS A 45 -10.80 -32.90 -14.88
CA LYS A 45 -9.58 -33.46 -15.42
C LYS A 45 -8.49 -33.57 -14.37
N SER A 46 -7.52 -34.42 -14.66
CA SER A 46 -6.41 -34.62 -13.76
C SER A 46 -5.20 -35.15 -14.50
N THR A 47 -4.03 -35.03 -13.90
CA THR A 47 -2.83 -35.54 -14.56
C THR A 47 -2.58 -36.92 -14.09
N PRO A 48 -1.74 -37.67 -14.79
CA PRO A 48 -1.24 -38.98 -14.44
C PRO A 48 -0.49 -38.95 -13.12
N SER A 49 0.00 -37.79 -12.72
CA SER A 49 0.76 -37.67 -11.50
C SER A 49 -0.13 -37.40 -10.30
N GLY A 50 -1.38 -37.03 -10.55
CA GLY A 50 -2.30 -36.78 -9.45
C GLY A 50 -2.77 -35.33 -9.32
N PHE A 51 -2.45 -34.45 -10.27
CA PHE A 51 -2.96 -33.10 -10.15
C PHE A 51 -4.35 -32.90 -10.57
N THR A 52 -4.95 -31.94 -9.92
CA THR A 52 -6.30 -31.53 -10.19
C THR A 52 -6.32 -30.04 -10.19
N LEU A 53 -7.26 -29.50 -10.92
CA LEU A 53 -7.37 -28.09 -11.13
C LEU A 53 -7.14 -27.28 -9.89
N ASP A 54 -7.76 -27.68 -8.78
CA ASP A 54 -7.62 -26.94 -7.54
C ASP A 54 -6.20 -26.73 -7.08
N ASP A 55 -5.36 -27.74 -7.20
CA ASP A 55 -3.99 -27.52 -6.78
C ASP A 55 -3.29 -26.59 -7.74
N VAL A 56 -3.64 -26.68 -9.01
CA VAL A 56 -3.06 -25.80 -10.00
C VAL A 56 -3.33 -24.34 -9.66
N ILE A 57 -4.52 -24.04 -9.19
CA ILE A 57 -4.89 -22.66 -8.90
C ILE A 57 -4.97 -22.35 -7.41
N GLN A 58 -4.37 -23.19 -6.57
CA GLN A 58 -4.52 -22.98 -5.14
C GLN A 58 -3.75 -21.77 -4.64
N THR A 59 -2.52 -21.61 -5.12
CA THR A 59 -1.70 -20.48 -4.72
C THR A 59 -2.38 -19.18 -5.10
N GLY A 60 -2.99 -19.18 -6.27
CA GLY A 60 -3.73 -18.05 -6.79
C GLY A 60 -4.80 -17.59 -5.83
N VAL A 61 -5.78 -18.46 -5.57
CA VAL A 61 -6.86 -18.05 -4.69
C VAL A 61 -6.41 -17.72 -3.28
N ASP A 62 -5.30 -18.30 -2.83
CA ASP A 62 -4.78 -18.01 -1.51
C ASP A 62 -4.04 -16.69 -1.39
N ASN A 63 -3.73 -16.06 -2.51
CA ASN A 63 -2.95 -14.84 -2.49
C ASN A 63 -3.43 -13.83 -3.50
N PRO A 64 -4.43 -13.00 -3.18
CA PRO A 64 -5.01 -11.93 -3.98
C PRO A 64 -3.89 -11.11 -4.62
N GLY A 65 -2.78 -10.97 -3.91
CA GLY A 65 -1.61 -10.33 -4.49
C GLY A 65 -1.55 -8.85 -4.25
N HIS A 66 -0.57 -8.24 -4.88
CA HIS A 66 -0.33 -6.83 -4.73
C HIS A 66 -1.31 -6.04 -5.57
N PRO A 67 -1.80 -4.91 -5.08
CA PRO A 67 -2.68 -3.97 -5.74
C PRO A 67 -2.12 -3.47 -7.05
N TYR A 68 -0.80 -3.40 -7.16
CA TYR A 68 -0.19 -2.86 -8.35
C TYR A 68 0.71 -3.87 -9.04
N ILE A 69 1.51 -4.59 -8.27
CA ILE A 69 2.39 -5.60 -8.86
C ILE A 69 1.62 -6.88 -9.15
N MET A 70 1.37 -7.17 -10.41
CA MET A 70 0.59 -8.36 -10.73
C MET A 70 1.44 -9.61 -10.79
N THR A 71 0.99 -10.65 -10.08
CA THR A 71 1.68 -11.93 -10.03
C THR A 71 0.97 -12.93 -10.92
N VAL A 72 1.54 -14.11 -11.08
CA VAL A 72 0.98 -15.11 -11.97
C VAL A 72 -0.34 -15.65 -11.48
N GLY A 73 -0.36 -16.14 -10.26
CA GLY A 73 -1.59 -16.66 -9.69
C GLY A 73 -1.80 -18.17 -9.88
N CYS A 74 -0.78 -18.91 -10.30
CA CYS A 74 -0.96 -20.35 -10.41
C CYS A 74 0.36 -21.05 -10.37
N VAL A 75 0.33 -22.38 -10.34
CA VAL A 75 1.55 -23.15 -10.27
C VAL A 75 1.40 -24.47 -11.02
N ALA A 76 2.47 -24.89 -11.68
CA ALA A 76 2.50 -26.11 -12.45
C ALA A 76 2.76 -27.30 -11.58
N GLY A 77 2.46 -28.48 -12.09
CA GLY A 77 2.65 -29.68 -11.32
C GLY A 77 3.74 -30.57 -11.84
N ASP A 78 3.73 -30.76 -13.14
CA ASP A 78 4.71 -31.57 -13.82
C ASP A 78 4.62 -31.28 -15.29
N GLU A 79 5.41 -31.96 -16.10
CA GLU A 79 5.37 -31.78 -17.54
C GLU A 79 3.95 -31.93 -18.08
N GLU A 80 3.30 -33.02 -17.70
CA GLU A 80 1.95 -33.33 -18.16
C GLU A 80 0.92 -32.28 -17.80
N SER A 81 1.14 -31.53 -16.72
CA SER A 81 0.17 -30.55 -16.28
C SER A 81 0.04 -29.39 -17.24
N TYR A 82 1.04 -29.20 -18.11
CA TYR A 82 0.93 -28.15 -19.08
C TYR A 82 0.16 -28.59 -20.31
N GLU A 83 -0.27 -29.85 -20.33
CA GLU A 83 -1.08 -30.35 -21.40
C GLU A 83 -2.50 -30.52 -20.90
N VAL A 84 -2.60 -31.11 -19.72
CA VAL A 84 -3.89 -31.37 -19.11
C VAL A 84 -4.63 -30.10 -18.78
N PHE A 85 -3.92 -29.10 -18.27
CA PHE A 85 -4.56 -27.86 -17.93
C PHE A 85 -4.14 -26.74 -18.85
N LYS A 86 -3.83 -27.08 -20.10
CA LYS A 86 -3.42 -26.09 -21.08
C LYS A 86 -4.49 -25.05 -21.33
N ASP A 87 -5.74 -25.36 -21.02
CA ASP A 87 -6.81 -24.43 -21.26
C ASP A 87 -6.70 -23.20 -20.36
N LEU A 88 -5.93 -23.29 -19.27
CA LEU A 88 -5.66 -22.10 -18.49
C LEU A 88 -4.26 -21.63 -18.76
N PHE A 89 -3.34 -22.57 -18.87
CA PHE A 89 -1.97 -22.17 -19.05
C PHE A 89 -1.74 -21.43 -20.32
N ASP A 90 -2.37 -21.83 -21.41
CA ASP A 90 -2.15 -21.14 -22.66
C ASP A 90 -2.56 -19.65 -22.59
N PRO A 91 -3.71 -19.32 -21.98
CA PRO A 91 -4.11 -17.94 -21.79
C PRO A 91 -3.17 -17.18 -20.87
N ILE A 92 -2.68 -17.84 -19.84
CA ILE A 92 -1.80 -17.17 -18.91
C ILE A 92 -0.43 -16.89 -19.50
N ILE A 93 0.16 -17.87 -20.16
CA ILE A 93 1.46 -17.65 -20.73
C ILE A 93 1.36 -16.73 -21.92
N GLU A 94 0.22 -16.70 -22.59
CA GLU A 94 0.06 -15.75 -23.67
C GLU A 94 0.19 -14.36 -23.11
N ASP A 95 -0.59 -14.10 -22.07
CA ASP A 95 -0.64 -12.82 -21.39
C ASP A 95 0.71 -12.34 -20.91
N ARG A 96 1.43 -13.16 -20.15
CA ARG A 96 2.69 -12.68 -19.62
C ARG A 96 3.86 -12.74 -20.54
N HIS A 97 3.67 -13.11 -21.79
CA HIS A 97 4.81 -13.12 -22.65
C HIS A 97 4.55 -12.28 -23.89
N GLY A 98 3.59 -11.37 -23.78
CA GLY A 98 3.33 -10.43 -24.84
C GLY A 98 2.56 -11.01 -26.01
N GLY A 99 1.56 -11.83 -25.74
CA GLY A 99 0.79 -12.39 -26.82
C GLY A 99 1.48 -13.60 -27.41
N TYR A 100 2.19 -14.33 -26.57
CA TYR A 100 2.86 -15.53 -27.02
C TYR A 100 1.83 -16.53 -27.47
N LYS A 101 1.96 -17.01 -28.69
CA LYS A 101 1.00 -17.97 -29.19
C LYS A 101 1.52 -19.37 -28.95
N PRO A 102 0.63 -20.37 -28.84
CA PRO A 102 0.91 -21.77 -28.60
C PRO A 102 1.75 -22.40 -29.69
N SER A 103 1.72 -21.79 -30.89
CA SER A 103 2.49 -22.27 -32.02
C SER A 103 3.86 -21.58 -32.15
N ASP A 104 4.15 -20.65 -31.25
CA ASP A 104 5.41 -19.91 -31.34
C ASP A 104 6.58 -20.70 -30.80
N GLU A 105 7.17 -21.51 -31.66
CA GLU A 105 8.30 -22.32 -31.31
C GLU A 105 9.40 -21.55 -30.59
N HIS A 106 9.81 -22.08 -29.47
CA HIS A 106 10.86 -21.49 -28.66
C HIS A 106 12.18 -22.23 -28.91
N LYS A 107 13.28 -21.50 -28.89
CA LYS A 107 14.59 -22.11 -29.14
C LYS A 107 15.47 -22.15 -27.90
N THR A 108 16.64 -22.73 -28.06
CA THR A 108 17.62 -22.85 -26.99
C THR A 108 19.01 -22.73 -27.59
N ASP A 109 19.92 -22.10 -26.86
CA ASP A 109 21.24 -21.86 -27.36
C ASP A 109 22.19 -21.30 -26.32
N LEU A 110 23.01 -22.15 -25.73
CA LEU A 110 23.99 -21.64 -24.80
C LEU A 110 25.36 -21.54 -25.40
N ASN A 111 25.46 -21.62 -26.72
CA ASN A 111 26.76 -21.57 -27.34
C ASN A 111 27.33 -20.16 -27.27
N PRO A 112 28.36 -19.91 -26.43
CA PRO A 112 29.02 -18.64 -26.17
C PRO A 112 29.48 -17.92 -27.43
N ASP A 113 29.67 -18.65 -28.53
CA ASP A 113 30.11 -18.05 -29.78
C ASP A 113 29.11 -17.04 -30.33
N ASN A 114 27.85 -17.12 -29.89
CA ASN A 114 26.87 -16.19 -30.37
C ASN A 114 26.75 -14.92 -29.53
N LEU A 115 27.60 -14.77 -28.52
CA LEU A 115 27.60 -13.54 -27.73
C LEU A 115 28.64 -12.58 -28.24
N GLN A 116 28.19 -11.46 -28.78
CA GLN A 116 29.09 -10.48 -29.32
C GLN A 116 29.38 -9.40 -28.30
N GLY A 117 30.64 -9.00 -28.24
CA GLY A 117 31.07 -7.98 -27.30
C GLY A 117 30.87 -8.45 -25.87
N GLY A 118 30.85 -7.53 -24.93
CA GLY A 118 30.63 -7.86 -23.53
C GLY A 118 31.86 -8.49 -22.92
N ASP A 119 33.00 -8.36 -23.58
CA ASP A 119 34.23 -8.94 -23.10
C ASP A 119 34.66 -8.26 -21.83
N ASP A 120 34.37 -6.97 -21.75
CA ASP A 120 34.70 -6.20 -20.58
C ASP A 120 33.79 -4.99 -20.47
N LEU A 121 32.77 -5.10 -19.62
CA LEU A 121 31.89 -3.98 -19.38
C LEU A 121 32.67 -3.01 -18.52
N ASP A 122 32.45 -1.73 -18.66
CA ASP A 122 33.27 -0.79 -17.94
C ASP A 122 33.13 -0.97 -16.43
N PRO A 123 34.21 -1.43 -15.76
CA PRO A 123 34.32 -1.80 -14.34
C PRO A 123 34.09 -0.64 -13.38
N ASN A 124 34.04 0.59 -13.89
CA ASN A 124 33.77 1.73 -13.06
C ASN A 124 32.30 1.82 -12.75
N TYR A 125 31.49 1.08 -13.49
CA TYR A 125 30.08 1.09 -13.29
C TYR A 125 29.63 -0.30 -12.97
N VAL A 126 30.09 -1.26 -13.75
CA VAL A 126 29.64 -2.60 -13.49
C VAL A 126 30.41 -3.21 -12.37
N LEU A 127 29.75 -3.25 -11.22
CA LEU A 127 30.28 -3.82 -10.02
C LEU A 127 30.40 -5.32 -10.10
N SER A 128 29.32 -5.98 -10.52
CA SER A 128 29.36 -7.44 -10.57
C SER A 128 28.41 -8.07 -11.56
N SER A 129 28.85 -9.18 -12.16
CA SER A 129 28.04 -9.90 -13.15
C SER A 129 27.45 -11.20 -12.62
N ARG A 130 26.24 -11.51 -13.03
CA ARG A 130 25.59 -12.73 -12.59
C ARG A 130 24.62 -13.35 -13.58
N VAL A 131 24.68 -14.68 -13.72
CA VAL A 131 23.80 -15.43 -14.61
C VAL A 131 23.17 -16.63 -13.89
N ARG A 132 21.86 -16.85 -14.00
CA ARG A 132 21.31 -18.04 -13.37
C ARG A 132 20.09 -18.62 -14.06
N THR A 133 19.80 -19.88 -13.74
CA THR A 133 18.63 -20.52 -14.29
C THR A 133 18.14 -21.65 -13.40
N GLY A 134 17.18 -22.41 -13.90
CA GLY A 134 16.65 -23.55 -13.18
C GLY A 134 16.27 -24.66 -14.13
N ARG A 135 16.43 -25.90 -13.71
CA ARG A 135 16.03 -27.01 -14.54
C ARG A 135 15.30 -28.05 -13.76
N SER A 136 14.43 -28.78 -14.46
CA SER A 136 13.65 -29.85 -13.87
C SER A 136 13.96 -31.18 -14.51
N ILE A 137 14.07 -32.22 -13.69
CA ILE A 137 14.46 -33.51 -14.22
C ILE A 137 13.28 -34.33 -14.72
N ARG A 138 13.34 -34.68 -16.01
CA ARG A 138 12.30 -35.47 -16.64
C ARG A 138 12.12 -36.79 -15.95
N GLY A 139 10.88 -37.13 -15.64
CA GLY A 139 10.58 -38.39 -14.98
C GLY A 139 10.11 -38.18 -13.56
N PHE A 140 10.44 -37.04 -12.99
CA PHE A 140 9.97 -36.73 -11.66
C PHE A 140 8.92 -35.68 -11.75
N CYS A 141 8.26 -35.42 -10.65
CA CYS A 141 7.30 -34.35 -10.54
C CYS A 141 8.00 -33.11 -10.04
N LEU A 142 7.27 -32.02 -9.89
CA LEU A 142 7.85 -30.79 -9.39
C LEU A 142 7.67 -30.69 -7.87
N PRO A 143 8.44 -29.83 -7.20
CA PRO A 143 8.46 -29.56 -5.76
C PRO A 143 7.10 -29.39 -5.10
N PRO A 144 6.08 -28.74 -5.69
CA PRO A 144 4.71 -28.66 -5.18
C PRO A 144 3.94 -30.00 -5.19
N HIS A 145 4.57 -31.11 -5.56
CA HIS A 145 3.84 -32.36 -5.60
C HIS A 145 4.58 -33.59 -5.15
N CYS A 146 5.88 -33.64 -5.40
CA CYS A 146 6.66 -34.82 -5.09
C CYS A 146 6.68 -35.29 -3.65
N SER A 147 6.77 -36.61 -3.50
CA SER A 147 6.84 -37.23 -2.20
C SER A 147 8.21 -37.09 -1.64
N ARG A 148 8.35 -37.45 -0.38
CA ARG A 148 9.64 -37.40 0.28
C ARG A 148 10.63 -38.29 -0.44
N GLY A 149 10.19 -39.48 -0.82
CA GLY A 149 11.05 -40.40 -1.55
C GLY A 149 11.49 -39.82 -2.88
N GLU A 150 10.56 -39.22 -3.62
CA GLU A 150 10.90 -38.67 -4.90
C GLU A 150 11.90 -37.55 -4.77
N ARG A 151 11.72 -36.69 -3.77
CA ARG A 151 12.64 -35.61 -3.55
C ARG A 151 14.03 -36.16 -3.23
N ARG A 152 14.07 -37.20 -2.41
CA ARG A 152 15.35 -37.78 -2.03
C ARG A 152 16.08 -38.37 -3.21
N ALA A 153 15.36 -38.99 -4.12
CA ALA A 153 15.99 -39.55 -5.30
C ALA A 153 16.68 -38.47 -6.11
N ILE A 154 16.00 -37.34 -6.28
CA ILE A 154 16.56 -36.22 -7.02
C ILE A 154 17.81 -35.72 -6.37
N GLU A 155 17.78 -35.59 -5.05
CA GLU A 155 18.96 -35.15 -4.33
C GLU A 155 20.14 -36.01 -4.68
N LYS A 156 19.95 -37.32 -4.59
CA LYS A 156 21.06 -38.24 -4.81
C LYS A 156 21.62 -38.14 -6.21
N LEU A 157 20.74 -37.97 -7.21
CA LEU A 157 21.22 -37.85 -8.57
C LEU A 157 22.09 -36.63 -8.71
N ALA A 158 21.65 -35.54 -8.12
CA ALA A 158 22.40 -34.29 -8.17
C ALA A 158 23.72 -34.44 -7.49
N VAL A 159 23.73 -35.10 -6.34
CA VAL A 159 24.97 -35.27 -5.60
C VAL A 159 25.96 -36.05 -6.41
N GLU A 160 25.51 -37.11 -7.06
CA GLU A 160 26.43 -37.86 -7.88
C GLU A 160 27.02 -37.01 -9.00
N ALA A 161 26.16 -36.37 -9.78
CA ALA A 161 26.65 -35.60 -10.90
C ALA A 161 27.57 -34.49 -10.46
N LEU A 162 27.15 -33.74 -9.46
CA LEU A 162 27.93 -32.63 -8.99
C LEU A 162 29.28 -33.05 -8.43
N SER A 163 29.34 -34.22 -7.83
CA SER A 163 30.61 -34.67 -7.30
C SER A 163 31.64 -34.96 -8.39
N SER A 164 31.19 -35.14 -9.64
CA SER A 164 32.10 -35.47 -10.72
C SER A 164 32.52 -34.28 -11.59
N LEU A 165 32.04 -33.07 -11.29
CA LEU A 165 32.44 -31.95 -12.13
C LEU A 165 33.91 -31.62 -11.91
N ASP A 166 34.63 -31.41 -13.01
CA ASP A 166 36.06 -31.12 -12.94
C ASP A 166 36.43 -29.64 -13.04
N GLY A 167 37.73 -29.35 -13.00
CA GLY A 167 38.27 -28.00 -13.15
C GLY A 167 37.67 -27.03 -12.16
N ASP A 168 37.26 -25.87 -12.63
CA ASP A 168 36.62 -24.89 -11.79
C ASP A 168 35.23 -25.27 -11.41
N LEU A 169 34.71 -26.31 -12.03
CA LEU A 169 33.39 -26.74 -11.70
C LEU A 169 33.46 -27.77 -10.55
N ALA A 170 34.67 -28.10 -10.09
CA ALA A 170 34.79 -28.98 -8.94
C ALA A 170 34.39 -28.22 -7.68
N GLY A 171 33.81 -28.92 -6.71
CA GLY A 171 33.32 -28.26 -5.50
C GLY A 171 32.89 -29.23 -4.40
N ARG A 172 32.01 -28.76 -3.54
CA ARG A 172 31.55 -29.57 -2.41
C ARG A 172 30.09 -29.38 -2.07
N TYR A 173 29.45 -30.49 -1.74
CA TYR A 173 28.04 -30.54 -1.39
C TYR A 173 27.82 -30.51 0.10
N TYR A 174 26.85 -29.70 0.51
CA TYR A 174 26.48 -29.60 1.91
C TYR A 174 25.06 -30.09 2.07
N ALA A 175 24.83 -30.89 3.09
CA ALA A 175 23.48 -31.36 3.37
C ALA A 175 22.83 -30.35 4.26
N LEU A 176 21.83 -29.64 3.74
CA LEU A 176 21.21 -28.58 4.52
C LEU A 176 20.73 -29.06 5.86
N LYS A 177 20.04 -30.19 5.87
CA LYS A 177 19.48 -30.77 7.07
C LYS A 177 20.47 -31.07 8.19
N SER A 178 21.76 -31.15 7.90
CA SER A 178 22.70 -31.50 8.94
C SER A 178 24.00 -30.72 8.86
N MET A 179 23.99 -29.60 8.17
CA MET A 179 25.21 -28.82 8.02
C MET A 179 25.64 -28.16 9.33
N THR A 180 26.95 -28.07 9.53
CA THR A 180 27.55 -27.52 10.75
C THR A 180 27.40 -26.02 10.83
N GLU A 181 27.12 -25.49 12.02
CA GLU A 181 26.93 -24.04 12.21
C GLU A 181 28.07 -23.20 11.64
N ALA A 182 29.30 -23.68 11.73
CA ALA A 182 30.44 -22.99 11.15
C ALA A 182 30.27 -22.92 9.64
N GLU A 183 29.76 -23.99 9.05
CA GLU A 183 29.51 -24.04 7.63
C GLU A 183 28.39 -23.09 7.29
N GLN A 184 27.41 -22.99 8.19
CA GLN A 184 26.29 -22.09 8.01
C GLN A 184 26.82 -20.67 8.01
N GLN A 185 27.80 -20.40 8.86
CA GLN A 185 28.41 -19.08 8.91
C GLN A 185 29.14 -18.75 7.62
N GLN A 186 29.84 -19.71 7.06
CA GLN A 186 30.56 -19.45 5.84
C GLN A 186 29.64 -19.22 4.68
N LEU A 187 28.59 -20.01 4.60
CA LEU A 187 27.72 -19.87 3.47
C LEU A 187 26.76 -18.73 3.65
N ILE A 188 26.43 -18.35 4.88
CA ILE A 188 25.55 -17.21 5.00
C ILE A 188 26.30 -15.93 4.65
N ASP A 189 27.59 -15.89 4.92
CA ASP A 189 28.36 -14.72 4.56
C ASP A 189 28.43 -14.54 3.07
N ASP A 190 28.51 -15.64 2.34
CA ASP A 190 28.55 -15.56 0.90
C ASP A 190 27.16 -15.65 0.27
N HIS A 191 26.13 -15.63 1.10
CA HIS A 191 24.74 -15.73 0.66
C HIS A 191 24.47 -16.98 -0.16
N PHE A 192 25.22 -18.05 0.12
CA PHE A 192 25.00 -19.31 -0.53
C PHE A 192 24.02 -20.10 0.29
N LEU A 193 24.00 -19.80 1.59
CA LEU A 193 23.09 -20.46 2.51
C LEU A 193 21.66 -20.05 2.25
N PHE A 194 20.85 -21.04 1.93
CA PHE A 194 19.46 -20.83 1.61
C PHE A 194 18.62 -21.32 2.75
N ASP A 195 17.53 -20.64 3.06
CA ASP A 195 16.70 -21.08 4.18
C ASP A 195 15.24 -21.14 3.77
N LYS A 196 14.44 -21.77 4.62
CA LYS A 196 13.03 -22.03 4.37
C LYS A 196 12.29 -20.82 3.90
N PRO A 197 11.57 -20.91 2.78
CA PRO A 197 10.69 -19.90 2.20
C PRO A 197 9.74 -19.35 3.23
N VAL A 198 9.60 -18.03 3.25
CA VAL A 198 8.72 -17.36 4.19
C VAL A 198 7.60 -16.64 3.49
N SER A 199 7.75 -16.43 2.20
CA SER A 199 6.69 -15.75 1.48
C SER A 199 5.50 -16.64 1.32
N PRO A 200 4.29 -16.14 1.56
CA PRO A 200 3.00 -16.79 1.43
C PRO A 200 2.71 -17.08 -0.02
N LEU A 201 3.42 -16.40 -0.91
CA LEU A 201 3.28 -16.61 -2.34
C LEU A 201 3.92 -17.93 -2.73
N LEU A 202 4.83 -18.42 -1.89
CA LEU A 202 5.49 -19.68 -2.13
C LEU A 202 4.91 -20.77 -1.25
N LEU A 203 4.64 -20.42 0.00
CA LEU A 203 4.16 -21.38 0.96
C LEU A 203 2.82 -21.96 0.58
N ALA A 204 1.98 -21.19 -0.08
CA ALA A 204 0.70 -21.69 -0.53
C ALA A 204 0.82 -22.87 -1.49
N SER A 205 1.96 -23.04 -2.15
CA SER A 205 2.14 -24.16 -3.06
C SER A 205 2.46 -25.44 -2.34
N GLY A 206 2.93 -25.34 -1.11
CA GLY A 206 3.34 -26.50 -0.34
C GLY A 206 4.81 -26.84 -0.57
N MET A 207 5.49 -26.05 -1.39
CA MET A 207 6.89 -26.27 -1.76
C MET A 207 7.85 -26.48 -0.58
N ALA A 208 7.61 -25.82 0.53
CA ALA A 208 8.50 -25.92 1.68
C ALA A 208 8.17 -27.09 2.63
N ARG A 209 7.22 -27.94 2.28
CA ARG A 209 6.88 -29.03 3.18
C ARG A 209 8.05 -29.99 3.35
N ASP A 210 8.10 -30.65 4.49
CA ASP A 210 9.15 -31.60 4.85
C ASP A 210 10.53 -30.96 5.11
N TRP A 211 10.63 -29.64 5.04
CA TRP A 211 11.88 -28.91 5.23
C TRP A 211 12.61 -29.39 6.47
N PRO A 212 13.92 -29.59 6.42
CA PRO A 212 14.91 -29.48 5.36
C PRO A 212 15.24 -30.79 4.68
N ASP A 213 14.30 -31.72 4.70
CA ASP A 213 14.56 -33.04 4.15
C ASP A 213 14.88 -32.97 2.67
N ALA A 214 16.08 -33.44 2.35
CA ALA A 214 16.62 -33.51 1.00
C ALA A 214 16.83 -32.16 0.34
N ARG A 215 17.13 -31.13 1.12
CA ARG A 215 17.52 -29.86 0.53
C ARG A 215 19.03 -29.72 0.64
N GLY A 216 19.68 -29.10 -0.34
CA GLY A 216 21.13 -29.04 -0.30
C GLY A 216 21.81 -27.93 -1.12
N ILE A 217 23.08 -27.69 -0.77
CA ILE A 217 23.89 -26.64 -1.37
C ILE A 217 25.17 -27.17 -1.93
N TRP A 218 25.50 -26.77 -3.14
CA TRP A 218 26.76 -27.18 -3.72
C TRP A 218 27.44 -26.00 -4.38
N HIS A 219 28.70 -25.80 -4.09
CA HIS A 219 29.38 -24.69 -4.76
C HIS A 219 30.78 -25.08 -5.08
N ASN A 220 31.37 -24.38 -6.05
CA ASN A 220 32.74 -24.69 -6.42
C ASN A 220 33.68 -24.03 -5.47
N ASP A 221 34.94 -24.42 -5.51
CA ASP A 221 35.87 -23.85 -4.55
C ASP A 221 36.38 -22.47 -4.91
N ASN A 222 35.90 -21.91 -6.02
CA ASN A 222 36.24 -20.54 -6.35
C ASN A 222 35.07 -19.63 -6.08
N LYS A 223 34.00 -20.18 -5.51
CA LYS A 223 32.81 -19.40 -5.19
C LYS A 223 32.25 -18.62 -6.36
N THR A 224 32.24 -19.23 -7.53
CA THR A 224 31.70 -18.59 -8.72
C THR A 224 30.57 -19.40 -9.30
N PHE A 225 30.45 -20.65 -8.86
CA PHE A 225 29.43 -21.53 -9.39
C PHE A 225 28.67 -22.15 -8.24
N LEU A 226 27.40 -21.80 -8.14
CA LEU A 226 26.53 -22.20 -7.05
C LEU A 226 25.31 -23.01 -7.49
N VAL A 227 25.11 -24.17 -6.89
CA VAL A 227 23.96 -24.98 -7.22
C VAL A 227 23.10 -25.25 -6.01
N TRP A 228 21.82 -24.96 -6.16
CA TRP A 228 20.85 -25.21 -5.10
C TRP A 228 19.98 -26.41 -5.45
N VAL A 229 19.85 -27.32 -4.50
CA VAL A 229 19.11 -28.55 -4.68
C VAL A 229 17.78 -28.55 -3.98
N ASN A 230 16.71 -28.57 -4.77
CA ASN A 230 15.34 -28.59 -4.27
C ASN A 230 15.00 -27.40 -3.40
N GLU A 231 15.58 -26.24 -3.70
CA GLU A 231 15.33 -25.05 -2.88
C GLU A 231 14.11 -24.26 -3.31
N GLU A 232 13.82 -24.26 -4.61
CA GLU A 232 12.68 -23.50 -5.13
C GLU A 232 12.13 -24.13 -6.40
N ASP A 233 12.94 -24.94 -7.02
CA ASP A 233 12.62 -25.72 -8.18
C ASP A 233 13.60 -26.87 -8.03
N HIS A 234 13.77 -27.72 -9.02
CA HIS A 234 14.68 -28.86 -8.85
C HIS A 234 16.15 -28.43 -8.77
N LEU A 235 16.72 -28.06 -9.89
CA LEU A 235 18.10 -27.63 -9.84
C LEU A 235 18.25 -26.18 -10.21
N ARG A 236 18.65 -25.41 -9.23
CA ARG A 236 18.88 -23.99 -9.38
C ARG A 236 20.36 -23.74 -9.58
N VAL A 237 20.70 -23.14 -10.71
CA VAL A 237 22.10 -22.91 -11.02
C VAL A 237 22.43 -21.45 -11.16
N ILE A 238 23.37 -20.99 -10.35
CA ILE A 238 23.74 -19.59 -10.32
C ILE A 238 25.23 -19.39 -10.51
N SER A 239 25.62 -18.57 -11.47
CA SER A 239 27.03 -18.30 -11.67
C SER A 239 27.31 -16.83 -11.50
N MET A 240 28.37 -16.49 -10.81
CA MET A 240 28.63 -15.07 -10.59
C MET A 240 30.08 -14.73 -10.41
N GLN A 241 30.40 -13.46 -10.63
CA GLN A 241 31.76 -12.98 -10.48
C GLN A 241 31.80 -11.47 -10.48
N LYS A 242 32.51 -10.88 -9.53
CA LYS A 242 32.65 -9.44 -9.52
C LYS A 242 33.48 -9.02 -10.69
N GLY A 243 33.11 -7.92 -11.29
CA GLY A 243 33.78 -7.46 -12.49
C GLY A 243 32.78 -7.42 -13.62
N GLY A 244 33.19 -6.86 -14.74
CA GLY A 244 32.30 -6.69 -15.88
C GLY A 244 32.47 -7.75 -16.97
N ASN A 245 33.13 -8.86 -16.67
CA ASN A 245 33.36 -9.83 -17.71
C ASN A 245 32.17 -10.76 -17.98
N MET A 246 31.15 -10.20 -18.61
CA MET A 246 29.94 -10.94 -18.93
C MET A 246 30.19 -12.10 -19.85
N LYS A 247 31.07 -11.91 -20.82
CA LYS A 247 31.37 -12.95 -21.78
C LYS A 247 31.87 -14.22 -21.11
N GLU A 248 32.82 -14.10 -20.20
CA GLU A 248 33.33 -15.29 -19.56
C GLU A 248 32.33 -15.92 -18.64
N VAL A 249 31.59 -15.13 -17.89
CA VAL A 249 30.61 -15.69 -16.99
C VAL A 249 29.58 -16.47 -17.74
N PHE A 250 29.10 -15.94 -18.84
CA PHE A 250 28.13 -16.66 -19.62
C PHE A 250 28.70 -17.99 -20.05
N THR A 251 29.95 -18.02 -20.49
CA THR A 251 30.56 -19.28 -20.88
C THR A 251 30.66 -20.25 -19.71
N ARG A 252 31.13 -19.77 -18.56
CA ARG A 252 31.25 -20.63 -17.39
C ARG A 252 29.95 -21.30 -17.10
N PHE A 253 28.90 -20.51 -17.06
CA PHE A 253 27.55 -20.97 -16.87
C PHE A 253 27.19 -22.04 -17.85
N CYS A 254 27.44 -21.78 -19.14
CA CYS A 254 27.15 -22.77 -20.17
C CYS A 254 27.85 -24.08 -19.95
N THR A 255 29.14 -24.06 -19.61
CA THR A 255 29.86 -25.31 -19.43
C THR A 255 29.36 -26.05 -18.21
N GLY A 256 28.84 -25.31 -17.23
CA GLY A 256 28.27 -25.92 -16.06
C GLY A 256 27.09 -26.76 -16.47
N LEU A 257 26.17 -26.18 -17.24
CA LEU A 257 25.03 -26.95 -17.65
C LEU A 257 25.38 -28.00 -18.69
N THR A 258 26.39 -27.76 -19.49
CA THR A 258 26.77 -28.76 -20.48
C THR A 258 27.27 -30.03 -19.81
N GLN A 259 28.14 -29.89 -18.82
CA GLN A 259 28.64 -31.08 -18.15
C GLN A 259 27.57 -31.73 -17.30
N ILE A 260 26.76 -30.94 -16.60
CA ILE A 260 25.71 -31.54 -15.79
C ILE A 260 24.72 -32.28 -16.64
N GLU A 261 24.31 -31.69 -17.76
CA GLU A 261 23.39 -32.41 -18.62
C GLU A 261 24.01 -33.72 -19.06
N THR A 262 25.27 -33.68 -19.50
CA THR A 262 25.94 -34.89 -19.92
C THR A 262 25.88 -35.97 -18.87
N LEU A 263 26.21 -35.60 -17.65
CA LEU A 263 26.21 -36.54 -16.55
C LEU A 263 24.85 -37.12 -16.31
N PHE A 264 23.81 -36.31 -16.40
CA PHE A 264 22.49 -36.86 -16.25
C PHE A 264 22.14 -37.78 -17.39
N LYS A 265 22.55 -37.44 -18.61
CA LYS A 265 22.27 -38.29 -19.75
C LYS A 265 22.93 -39.65 -19.63
N SER A 266 24.08 -39.71 -18.95
CA SER A 266 24.74 -41.00 -18.76
C SER A 266 23.91 -41.93 -17.86
N LYS A 267 22.99 -41.36 -17.08
CA LYS A 267 22.12 -42.11 -16.23
C LYS A 267 20.69 -42.12 -16.75
N ASP A 268 20.52 -41.80 -18.03
CA ASP A 268 19.21 -41.73 -18.64
C ASP A 268 18.30 -40.68 -18.03
N TYR A 269 18.84 -39.51 -17.73
CA TYR A 269 18.02 -38.41 -17.27
C TYR A 269 18.29 -37.18 -18.10
N GLU A 270 17.29 -36.36 -18.27
CA GLU A 270 17.46 -35.14 -19.00
C GLU A 270 16.56 -34.12 -18.40
N PHE A 271 16.49 -32.96 -19.00
CA PHE A 271 15.67 -31.93 -18.45
C PHE A 271 14.37 -31.85 -19.20
N MET A 272 13.32 -31.46 -18.51
CA MET A 272 12.03 -31.38 -19.16
C MET A 272 12.09 -30.32 -20.22
N TRP A 273 11.62 -30.65 -21.40
CA TRP A 273 11.70 -29.71 -22.49
C TRP A 273 10.76 -30.02 -23.63
N ASN A 274 10.10 -29.00 -24.15
CA ASN A 274 9.28 -29.19 -25.31
C ASN A 274 9.39 -27.90 -26.12
N PRO A 275 9.22 -27.95 -27.43
CA PRO A 275 9.39 -26.86 -28.38
C PRO A 275 8.37 -25.74 -28.26
N HIS A 276 7.41 -25.86 -27.36
CA HIS A 276 6.44 -24.79 -27.23
C HIS A 276 6.57 -24.07 -25.93
N LEU A 277 7.32 -24.63 -24.99
CA LEU A 277 7.55 -23.96 -23.74
C LEU A 277 9.01 -23.96 -23.36
N GLY A 278 9.86 -24.51 -24.21
CA GLY A 278 11.26 -24.57 -23.88
C GLY A 278 11.44 -25.42 -22.64
N TYR A 279 12.20 -24.93 -21.69
CA TYR A 279 12.39 -25.68 -20.47
C TYR A 279 11.18 -25.53 -19.60
N ILE A 280 10.79 -26.64 -18.99
CA ILE A 280 9.59 -26.70 -18.21
C ILE A 280 9.86 -26.62 -16.73
N LEU A 281 9.40 -25.55 -16.11
CA LEU A 281 9.57 -25.32 -14.69
C LEU A 281 8.25 -25.10 -13.96
N THR A 282 8.34 -24.95 -12.64
CA THR A 282 7.19 -24.78 -11.75
C THR A 282 6.18 -23.68 -12.03
N CYS A 283 6.48 -22.70 -12.86
CA CYS A 283 5.47 -21.68 -13.09
C CYS A 283 5.74 -20.90 -14.36
N PRO A 284 4.71 -20.25 -14.93
CA PRO A 284 4.73 -19.46 -16.15
C PRO A 284 5.84 -18.42 -16.20
N SER A 285 6.18 -17.85 -15.05
CA SER A 285 7.20 -16.83 -15.01
C SER A 285 8.60 -17.35 -15.33
N ASN A 286 8.78 -18.66 -15.38
CA ASN A 286 10.08 -19.20 -15.73
C ASN A 286 10.05 -20.13 -16.94
N LEU A 287 8.99 -20.12 -17.72
CA LEU A 287 8.96 -21.01 -18.88
C LEU A 287 9.78 -20.49 -20.02
N GLY A 288 10.46 -21.39 -20.71
CA GLY A 288 11.23 -20.99 -21.88
C GLY A 288 12.70 -21.24 -21.64
N THR A 289 13.42 -20.19 -21.31
CA THR A 289 14.81 -20.36 -21.00
C THR A 289 14.96 -20.49 -19.53
N GLY A 290 14.12 -19.77 -18.81
CA GLY A 290 14.21 -19.75 -17.36
C GLY A 290 15.52 -19.09 -16.98
N LEU A 291 16.03 -18.23 -17.87
CA LEU A 291 17.33 -17.62 -17.72
C LEU A 291 17.29 -16.19 -17.28
N ARG A 292 18.11 -15.86 -16.30
CA ARG A 292 18.24 -14.51 -15.86
C ARG A 292 19.67 -14.13 -15.86
N ALA A 293 19.91 -12.88 -16.20
CA ALA A 293 21.25 -12.40 -16.22
C ALA A 293 21.22 -10.93 -15.95
N GLY A 294 22.22 -10.45 -15.28
CA GLY A 294 22.23 -9.06 -14.97
C GLY A 294 23.47 -8.64 -14.23
N VAL A 295 23.50 -7.38 -13.88
CA VAL A 295 24.65 -6.82 -13.23
C VAL A 295 24.32 -5.82 -12.18
N HIS A 296 25.24 -5.64 -11.26
CA HIS A 296 25.12 -4.59 -10.26
C HIS A 296 25.86 -3.40 -10.79
N ILE A 297 25.14 -2.29 -11.02
CA ILE A 297 25.77 -1.14 -11.62
C ILE A 297 25.65 0.11 -10.78
N LYS A 298 26.76 0.80 -10.59
CA LYS A 298 26.73 2.04 -9.82
C LYS A 298 26.15 3.17 -10.64
N LEU A 299 24.83 3.35 -10.59
CA LEU A 299 24.18 4.41 -11.36
C LEU A 299 23.49 5.49 -10.52
N PRO A 300 24.21 6.24 -9.67
CA PRO A 300 23.71 7.26 -8.78
C PRO A 300 23.03 8.40 -9.51
N ASN A 301 23.38 8.61 -10.78
CA ASN A 301 22.77 9.71 -11.50
C ASN A 301 21.53 9.25 -12.20
N LEU A 302 21.63 8.13 -12.91
CA LEU A 302 20.48 7.64 -13.63
C LEU A 302 19.38 7.25 -12.69
N GLY A 303 19.73 6.82 -11.48
CA GLY A 303 18.74 6.48 -10.47
C GLY A 303 17.89 7.66 -10.05
N LYS A 304 18.32 8.88 -10.37
CA LYS A 304 17.59 10.08 -10.05
C LYS A 304 16.97 10.68 -11.31
N HIS A 305 17.50 10.32 -12.48
CA HIS A 305 16.96 10.88 -13.70
C HIS A 305 15.54 10.44 -13.97
N GLU A 306 14.76 11.38 -14.45
CA GLU A 306 13.33 11.27 -14.71
C GLU A 306 12.91 10.22 -15.72
N LYS A 307 13.76 9.93 -16.69
CA LYS A 307 13.41 8.97 -17.73
C LYS A 307 14.08 7.63 -17.55
N PHE A 308 14.69 7.40 -16.41
CA PHE A 308 15.42 6.16 -16.17
C PHE A 308 14.54 4.95 -16.38
N SER A 309 13.35 4.97 -15.81
CA SER A 309 12.45 3.85 -15.98
C SER A 309 11.97 3.69 -17.41
N GLU A 310 11.92 4.79 -18.17
CA GLU A 310 11.51 4.70 -19.56
C GLU A 310 12.57 4.03 -20.40
N VAL A 311 13.81 4.34 -20.12
CA VAL A 311 14.90 3.73 -20.84
C VAL A 311 14.94 2.24 -20.58
N LEU A 312 14.81 1.87 -19.31
CA LEU A 312 14.82 0.47 -18.93
C LEU A 312 13.64 -0.26 -19.51
N LYS A 313 12.50 0.42 -19.60
CA LYS A 313 11.34 -0.14 -20.23
C LYS A 313 11.64 -0.54 -21.65
N ARG A 314 12.23 0.38 -22.39
CA ARG A 314 12.53 0.11 -23.78
C ARG A 314 13.59 -0.95 -23.94
N LEU A 315 14.56 -0.97 -23.05
CA LEU A 315 15.60 -1.98 -23.14
C LEU A 315 15.16 -3.35 -22.65
N ARG A 316 13.94 -3.46 -22.13
CA ARG A 316 13.42 -4.71 -21.64
C ARG A 316 14.29 -5.22 -20.51
N LEU A 317 14.61 -4.33 -19.58
CA LEU A 317 15.40 -4.67 -18.42
C LEU A 317 14.66 -4.37 -17.13
N GLN A 318 14.97 -5.12 -16.08
CA GLN A 318 14.34 -4.93 -14.80
C GLN A 318 15.27 -4.21 -13.85
N LYS A 319 14.65 -3.42 -12.98
CA LYS A 319 15.33 -2.61 -11.99
C LYS A 319 15.08 -3.12 -10.58
N ARG A 320 16.14 -3.34 -9.83
CA ARG A 320 15.94 -3.82 -8.47
C ARG A 320 17.05 -3.38 -7.52
N GLY A 321 16.70 -3.13 -6.27
CA GLY A 321 17.69 -2.70 -5.27
C GLY A 321 18.52 -3.89 -4.79
N THR A 322 19.25 -3.70 -3.68
CA THR A 322 20.08 -4.79 -3.18
C THR A 322 19.71 -5.16 -1.76
N GLY A 323 20.42 -6.14 -1.21
CA GLY A 323 20.16 -6.60 0.14
C GLY A 323 20.87 -5.79 1.22
N VAL A 333 22.20 2.01 -6.36
CA VAL A 333 22.99 1.08 -7.12
C VAL A 333 21.97 0.11 -7.58
N PHE A 334 22.05 -0.34 -8.80
CA PHE A 334 20.95 -1.16 -9.24
C PHE A 334 21.32 -2.48 -9.80
N ASP A 335 20.43 -3.42 -9.58
CA ASP A 335 20.54 -4.72 -10.14
C ASP A 335 19.72 -4.66 -11.40
N VAL A 336 20.42 -4.65 -12.52
CA VAL A 336 19.76 -4.57 -13.80
C VAL A 336 19.71 -5.96 -14.37
N SER A 337 18.53 -6.41 -14.78
CA SER A 337 18.45 -7.79 -15.26
C SER A 337 17.50 -8.01 -16.41
N ASN A 338 17.69 -9.11 -17.11
CA ASN A 338 16.89 -9.43 -18.28
C ASN A 338 15.42 -9.64 -17.96
N ALA A 339 14.53 -8.93 -18.64
CA ALA A 339 13.10 -9.03 -18.39
C ALA A 339 12.35 -10.11 -19.19
N ASP A 340 13.06 -10.90 -19.98
CA ASP A 340 12.43 -11.91 -20.82
C ASP A 340 12.74 -13.34 -20.39
N ARG A 341 12.30 -14.30 -21.20
CA ARG A 341 12.40 -15.71 -20.88
C ARG A 341 11.86 -16.64 -21.94
N LEU A 342 10.82 -16.21 -22.63
CA LEU A 342 10.21 -17.07 -23.63
C LEU A 342 10.16 -16.37 -24.97
N GLY A 343 10.64 -17.03 -26.01
CA GLY A 343 10.65 -16.45 -27.35
C GLY A 343 12.02 -15.93 -27.77
N PHE A 344 12.99 -16.01 -26.87
CA PHE A 344 14.33 -15.54 -27.17
C PHE A 344 15.34 -16.63 -26.95
N SER A 345 16.39 -16.67 -27.76
CA SER A 345 17.30 -17.80 -27.74
C SER A 345 18.42 -17.74 -26.71
N GLU A 346 18.07 -17.73 -25.42
CA GLU A 346 19.06 -17.82 -24.33
C GLU A 346 20.21 -16.85 -24.49
N VAL A 347 21.24 -17.21 -25.26
CA VAL A 347 22.34 -16.28 -25.51
C VAL A 347 21.84 -14.97 -26.12
N GLU A 348 20.74 -15.03 -26.83
CA GLU A 348 20.12 -13.82 -27.35
C GLU A 348 19.77 -12.86 -26.23
N LEU A 349 19.29 -13.40 -25.12
CA LEU A 349 18.92 -12.59 -23.99
C LEU A 349 20.11 -12.03 -23.27
N VAL A 350 21.18 -12.80 -23.13
CA VAL A 350 22.32 -12.20 -22.46
C VAL A 350 22.91 -11.13 -23.36
N GLN A 351 22.72 -11.27 -24.68
CA GLN A 351 23.16 -10.24 -25.61
C GLN A 351 22.41 -8.95 -25.30
N MET A 352 21.11 -9.07 -25.02
CA MET A 352 20.29 -7.92 -24.66
C MET A 352 20.79 -7.23 -23.43
N VAL A 353 21.23 -7.99 -22.44
CA VAL A 353 21.78 -7.36 -21.26
C VAL A 353 23.03 -6.61 -21.56
N VAL A 354 23.94 -7.20 -22.33
CA VAL A 354 25.17 -6.49 -22.64
C VAL A 354 24.91 -5.20 -23.37
N ASP A 355 24.01 -5.24 -24.34
CA ASP A 355 23.66 -4.08 -25.11
C ASP A 355 23.10 -2.96 -24.25
N GLY A 356 22.10 -3.30 -23.46
CA GLY A 356 21.44 -2.33 -22.60
C GLY A 356 22.39 -1.72 -21.60
N VAL A 357 23.22 -2.53 -20.99
CA VAL A 357 24.16 -2.02 -20.01
C VAL A 357 25.13 -1.06 -20.62
N LYS A 358 25.68 -1.38 -21.78
CA LYS A 358 26.62 -0.45 -22.39
C LYS A 358 25.93 0.87 -22.70
N LEU A 359 24.67 0.80 -23.15
CA LEU A 359 23.91 2.01 -23.41
C LEU A 359 23.76 2.82 -22.13
N LEU A 360 23.39 2.15 -21.04
CA LEU A 360 23.23 2.81 -19.76
C LEU A 360 24.51 3.39 -19.24
N ILE A 361 25.63 2.73 -19.48
CA ILE A 361 26.88 3.31 -19.04
C ILE A 361 27.08 4.63 -19.75
N GLU A 362 26.86 4.64 -21.06
CA GLU A 362 27.00 5.86 -21.84
C GLU A 362 25.96 6.89 -21.46
N MET A 363 24.77 6.41 -21.14
CA MET A 363 23.69 7.28 -20.73
C MET A 363 24.12 8.08 -19.53
N GLU A 364 24.70 7.40 -18.55
CA GLU A 364 25.13 8.10 -17.36
C GLU A 364 26.29 9.02 -17.68
N GLN A 365 27.26 8.57 -18.49
CA GLN A 365 28.36 9.44 -18.92
C GLN A 365 27.87 10.86 -19.15
N ARG A 366 27.07 11.00 -20.19
CA ARG A 366 26.53 12.28 -20.60
C ARG A 366 25.79 12.98 -19.48
N LEU A 367 24.98 12.24 -18.72
CA LEU A 367 24.24 12.84 -17.63
C LEU A 367 25.18 13.41 -16.57
N GLU A 368 26.22 12.66 -16.22
CA GLU A 368 27.24 13.10 -15.29
C GLU A 368 27.88 14.40 -15.70
N GLN A 369 28.06 14.57 -17.00
CA GLN A 369 28.67 15.79 -17.51
C GLN A 369 27.64 16.91 -17.77
N GLY A 370 26.39 16.72 -17.37
CA GLY A 370 25.37 17.74 -17.52
C GLY A 370 24.89 17.87 -18.95
N GLN A 371 25.03 16.80 -19.73
CA GLN A 371 24.66 16.87 -21.12
C GLN A 371 23.28 16.30 -21.32
N ALA A 372 22.65 16.66 -22.43
CA ALA A 372 21.35 16.10 -22.73
C ALA A 372 21.52 14.63 -23.08
N ILE A 373 20.59 13.80 -22.65
CA ILE A 373 20.72 12.39 -22.91
C ILE A 373 19.59 11.84 -23.77
N ASP A 374 18.83 12.72 -24.41
CA ASP A 374 17.70 12.33 -25.25
C ASP A 374 18.12 11.55 -26.48
N ASP A 375 19.35 11.78 -26.95
CA ASP A 375 19.85 11.09 -28.12
C ASP A 375 20.29 9.65 -27.86
N LEU A 376 20.13 9.18 -26.63
CA LEU A 376 20.45 7.80 -26.33
C LEU A 376 19.23 7.00 -25.96
N MET A 377 18.06 7.45 -26.36
CA MET A 377 16.83 6.73 -26.00
C MET A 377 16.17 6.13 -27.23
N PRO A 378 16.66 4.96 -27.71
CA PRO A 378 16.22 4.27 -28.89
C PRO A 378 14.85 3.71 -28.69
N ALA A 379 14.08 3.59 -29.76
CA ALA A 379 12.76 3.00 -29.66
C ALA A 379 12.85 1.49 -29.67
N GLN A 380 13.34 0.94 -28.57
CA GLN A 380 13.48 -0.49 -28.44
C GLN A 380 12.21 -1.05 -27.84
N LYS A 381 11.71 -2.09 -28.45
CA LYS A 381 10.48 -2.70 -27.98
C LYS A 381 10.66 -4.20 -27.86
N SER B 6 -3.96 -41.90 -9.00
CA SER B 6 -3.65 -41.22 -7.75
C SER B 6 -2.18 -41.20 -7.44
N HIS B 7 -1.72 -40.07 -6.90
CA HIS B 7 -0.33 -39.91 -6.52
C HIS B 7 0.02 -40.81 -5.35
N ASN B 8 -1.00 -41.26 -4.62
CA ASN B 8 -0.78 -42.15 -3.51
C ASN B 8 -0.24 -43.46 -4.05
N ALA B 9 -0.85 -43.94 -5.11
CA ALA B 9 -0.42 -45.17 -5.75
C ALA B 9 1.00 -45.00 -6.25
N LEU B 10 1.33 -43.81 -6.75
CA LEU B 10 2.67 -43.56 -7.21
C LEU B 10 3.67 -43.61 -6.05
N LYS B 11 3.28 -43.11 -4.90
CA LYS B 11 4.15 -43.18 -3.74
C LYS B 11 4.40 -44.61 -3.32
N LEU B 12 3.41 -45.47 -3.52
CA LEU B 12 3.53 -46.87 -3.18
C LEU B 12 4.55 -47.64 -4.02
N ARG B 13 5.05 -47.02 -5.09
CA ARG B 13 6.07 -47.66 -5.91
C ARG B 13 7.41 -47.64 -5.20
N PHE B 14 7.57 -46.78 -4.20
CA PHE B 14 8.80 -46.72 -3.43
C PHE B 14 8.71 -47.64 -2.24
N PRO B 15 9.85 -48.08 -1.71
CA PRO B 15 9.99 -48.80 -0.48
C PRO B 15 9.73 -47.87 0.68
N ALA B 16 9.27 -48.43 1.78
CA ALA B 16 8.94 -47.65 2.96
C ALA B 16 10.13 -46.85 3.41
N GLU B 17 11.31 -47.42 3.30
CA GLU B 17 12.54 -46.76 3.68
C GLU B 17 12.70 -45.40 3.00
N ASP B 18 12.30 -45.30 1.73
CA ASP B 18 12.43 -44.05 1.02
C ASP B 18 11.39 -43.04 1.45
N GLU B 19 10.18 -43.50 1.70
CA GLU B 19 9.12 -42.59 2.07
C GLU B 19 9.10 -42.20 3.56
N PHE B 20 9.69 -43.03 4.40
CA PHE B 20 9.72 -42.73 5.84
C PHE B 20 10.55 -41.48 6.14
N PRO B 21 9.98 -40.48 6.82
CA PRO B 21 10.57 -39.21 7.19
C PRO B 21 11.58 -39.36 8.31
N ASP B 22 12.61 -38.53 8.28
CA ASP B 22 13.61 -38.60 9.33
C ASP B 22 13.14 -37.86 10.55
N LEU B 23 12.53 -38.59 11.45
CA LEU B 23 11.97 -38.01 12.63
C LEU B 23 12.93 -37.95 13.82
N SER B 24 14.21 -38.26 13.61
CA SER B 24 15.16 -38.27 14.71
C SER B 24 15.40 -36.88 15.30
N ALA B 25 15.13 -35.84 14.54
CA ALA B 25 15.32 -34.49 15.02
C ALA B 25 14.04 -33.92 15.62
N HIS B 26 12.98 -34.70 15.64
CA HIS B 26 11.71 -34.18 16.10
C HIS B 26 11.42 -34.51 17.54
N ASN B 27 10.56 -33.70 18.14
CA ASN B 27 10.17 -33.91 19.52
C ASN B 27 8.70 -33.66 19.70
N ASN B 28 7.90 -34.65 19.36
CA ASN B 28 6.46 -34.57 19.55
C ASN B 28 5.88 -35.96 19.67
N HIS B 29 4.61 -36.08 20.00
CA HIS B 29 4.04 -37.40 20.23
C HIS B 29 4.06 -38.23 18.98
N MET B 30 3.80 -37.61 17.84
CA MET B 30 3.82 -38.35 16.59
C MET B 30 5.17 -39.00 16.38
N ALA B 31 6.21 -38.21 16.54
CA ALA B 31 7.57 -38.69 16.34
C ALA B 31 7.92 -39.83 17.28
N LYS B 32 7.36 -39.85 18.48
CA LYS B 32 7.70 -40.90 19.42
C LYS B 32 6.85 -42.16 19.25
N VAL B 33 5.90 -42.14 18.32
CA VAL B 33 5.06 -43.30 18.08
C VAL B 33 5.29 -43.95 16.74
N LEU B 34 5.36 -43.14 15.69
CA LEU B 34 5.47 -43.68 14.35
C LEU B 34 6.80 -44.34 14.07
N THR B 35 6.83 -45.66 14.24
CA THR B 35 8.00 -46.45 13.91
C THR B 35 7.92 -46.71 12.42
N PRO B 36 9.04 -47.05 11.78
CA PRO B 36 9.15 -47.35 10.36
C PRO B 36 8.38 -48.61 10.05
N GLU B 37 8.24 -49.46 11.05
CA GLU B 37 7.47 -50.65 10.88
C GLU B 37 6.01 -50.30 10.77
N LEU B 38 5.55 -49.44 11.68
CA LEU B 38 4.18 -48.98 11.66
C LEU B 38 3.88 -48.24 10.39
N TYR B 39 4.84 -47.41 10.00
CA TYR B 39 4.73 -46.61 8.81
C TYR B 39 4.46 -47.49 7.64
N ALA B 40 5.30 -48.50 7.47
CA ALA B 40 5.17 -49.43 6.37
C ALA B 40 3.82 -50.11 6.37
N GLU B 41 3.33 -50.45 7.54
CA GLU B 41 2.04 -51.08 7.63
C GLU B 41 0.91 -50.16 7.22
N LEU B 42 0.99 -48.91 7.61
CA LEU B 42 -0.08 -47.98 7.31
C LEU B 42 0.03 -47.23 5.99
N ARG B 43 1.16 -47.34 5.27
CA ARG B 43 1.32 -46.58 4.03
C ARG B 43 0.18 -46.70 3.05
N ALA B 44 -0.33 -47.91 2.88
CA ALA B 44 -1.38 -48.14 1.91
C ALA B 44 -2.78 -47.93 2.47
N LYS B 45 -2.89 -47.51 3.72
CA LYS B 45 -4.20 -47.35 4.32
C LYS B 45 -4.77 -46.00 4.01
N SER B 46 -6.08 -45.91 3.94
CA SER B 46 -6.71 -44.64 3.66
C SER B 46 -8.16 -44.63 4.12
N THR B 47 -8.68 -43.43 4.30
CA THR B 47 -10.06 -43.26 4.69
C THR B 47 -10.90 -43.21 3.46
N PRO B 48 -12.22 -43.26 3.61
CA PRO B 48 -13.22 -43.05 2.57
C PRO B 48 -13.13 -41.66 1.96
N SER B 49 -12.48 -40.71 2.67
CA SER B 49 -12.33 -39.35 2.21
C SER B 49 -11.09 -39.18 1.39
N GLY B 50 -10.24 -40.20 1.36
CA GLY B 50 -9.00 -40.12 0.63
C GLY B 50 -7.85 -39.69 1.53
N PHE B 51 -8.13 -39.37 2.77
CA PHE B 51 -7.10 -38.96 3.71
C PHE B 51 -6.10 -40.09 3.98
N THR B 52 -4.79 -39.80 3.91
CA THR B 52 -3.80 -40.87 4.09
C THR B 52 -2.81 -40.62 5.21
N LEU B 53 -1.97 -41.62 5.44
CA LEU B 53 -0.94 -41.61 6.47
C LEU B 53 -0.01 -40.44 6.38
N ASP B 54 0.39 -40.10 5.17
CA ASP B 54 1.32 -39.00 5.01
C ASP B 54 0.65 -37.65 5.26
N ASP B 55 -0.66 -37.63 5.38
CA ASP B 55 -1.35 -36.39 5.65
C ASP B 55 -1.52 -36.25 7.14
N VAL B 56 -1.84 -37.34 7.83
CA VAL B 56 -2.01 -37.27 9.27
C VAL B 56 -0.74 -36.92 10.03
N ILE B 57 0.42 -37.22 9.49
CA ILE B 57 1.64 -36.85 10.21
C ILE B 57 2.33 -35.64 9.66
N GLN B 58 1.75 -34.94 8.69
CA GLN B 58 2.49 -33.88 8.04
C GLN B 58 2.90 -32.76 8.98
N THR B 59 2.02 -32.39 9.91
CA THR B 59 2.32 -31.31 10.84
C THR B 59 3.44 -31.68 11.77
N GLY B 60 3.39 -32.89 12.30
CA GLY B 60 4.43 -33.37 13.17
C GLY B 60 5.78 -33.40 12.47
N VAL B 61 5.78 -33.59 11.16
CA VAL B 61 7.00 -33.55 10.39
C VAL B 61 7.50 -32.13 10.17
N ASP B 62 6.61 -31.25 9.72
CA ASP B 62 7.00 -29.88 9.41
C ASP B 62 7.47 -29.11 10.63
N ASN B 63 6.82 -29.28 11.76
CA ASN B 63 7.22 -28.57 12.95
C ASN B 63 8.03 -29.46 13.87
N PRO B 64 9.35 -29.27 13.94
CA PRO B 64 10.31 -30.07 14.69
C PRO B 64 9.99 -30.21 16.16
N GLY B 65 9.21 -29.28 16.71
CA GLY B 65 8.81 -29.33 18.09
C GLY B 65 9.73 -28.56 19.01
N HIS B 66 9.16 -27.99 20.05
CA HIS B 66 9.91 -27.26 21.05
C HIS B 66 10.73 -28.24 21.88
N PRO B 67 12.00 -27.94 22.13
CA PRO B 67 12.96 -28.75 22.89
C PRO B 67 12.44 -29.22 24.25
N TYR B 68 11.59 -28.43 24.89
CA TYR B 68 11.10 -28.81 26.20
C TYR B 68 9.59 -28.90 26.29
N ILE B 69 8.89 -28.64 25.19
CA ILE B 69 7.43 -28.71 25.23
C ILE B 69 6.92 -29.66 24.17
N MET B 70 6.37 -30.77 24.61
CA MET B 70 5.89 -31.74 23.66
C MET B 70 4.47 -31.49 23.21
N THR B 71 4.29 -31.50 21.90
CA THR B 71 2.99 -31.36 21.27
C THR B 71 2.64 -32.67 20.60
N VAL B 72 1.63 -32.67 19.76
CA VAL B 72 1.25 -33.92 19.15
C VAL B 72 1.72 -34.01 17.72
N GLY B 73 1.29 -33.08 16.89
CA GLY B 73 1.70 -33.05 15.51
C GLY B 73 0.83 -33.90 14.58
N CYS B 74 -0.31 -34.37 15.06
CA CYS B 74 -1.15 -35.16 14.21
C CYS B 74 -2.44 -34.48 13.96
N VAL B 75 -2.96 -34.64 12.76
CA VAL B 75 -4.19 -33.98 12.40
C VAL B 75 -5.15 -34.93 11.77
N ALA B 76 -6.35 -35.02 12.28
CA ALA B 76 -7.35 -35.92 11.71
C ALA B 76 -7.94 -35.37 10.44
N GLY B 77 -8.48 -36.26 9.63
CA GLY B 77 -9.11 -35.85 8.39
C GLY B 77 -10.62 -35.85 8.58
N ASP B 78 -11.08 -36.81 9.36
CA ASP B 78 -12.48 -36.93 9.70
C ASP B 78 -12.63 -37.89 10.86
N GLU B 79 -13.86 -38.15 11.29
CA GLU B 79 -14.05 -39.07 12.40
C GLU B 79 -13.49 -40.43 12.05
N GLU B 80 -13.79 -40.89 10.84
CA GLU B 80 -13.34 -42.19 10.39
C GLU B 80 -11.85 -42.36 10.46
N SER B 81 -11.10 -41.28 10.25
CA SER B 81 -9.65 -41.36 10.26
C SER B 81 -9.09 -41.70 11.63
N TYR B 82 -9.87 -41.50 12.69
CA TYR B 82 -9.41 -41.91 14.00
C TYR B 82 -9.45 -43.42 14.13
N GLU B 83 -10.35 -44.06 13.39
CA GLU B 83 -10.42 -45.50 13.36
C GLU B 83 -9.42 -46.08 12.39
N VAL B 84 -9.37 -45.51 11.20
CA VAL B 84 -8.49 -46.00 10.15
C VAL B 84 -7.04 -46.02 10.57
N PHE B 85 -6.60 -44.96 11.23
CA PHE B 85 -5.22 -44.91 11.65
C PHE B 85 -5.08 -45.05 13.14
N LYS B 86 -5.99 -45.79 13.78
CA LYS B 86 -5.98 -45.92 15.23
C LYS B 86 -4.73 -46.60 15.73
N ASP B 87 -4.05 -47.35 14.89
CA ASP B 87 -2.82 -47.99 15.30
C ASP B 87 -1.78 -46.94 15.66
N LEU B 88 -1.92 -45.77 15.05
CA LEU B 88 -1.07 -44.65 15.35
C LEU B 88 -1.69 -43.80 16.47
N PHE B 89 -2.97 -43.46 16.33
CA PHE B 89 -3.59 -42.55 17.28
C PHE B 89 -3.72 -43.08 18.68
N ASP B 90 -4.02 -44.36 18.82
CA ASP B 90 -4.25 -44.92 20.14
C ASP B 90 -3.09 -44.73 21.11
N PRO B 91 -1.84 -44.97 20.71
CA PRO B 91 -0.70 -44.77 21.57
C PRO B 91 -0.43 -43.30 21.74
N ILE B 92 -0.80 -42.49 20.75
CA ILE B 92 -0.63 -41.06 20.91
C ILE B 92 -1.53 -40.53 22.00
N ILE B 93 -2.81 -40.89 21.94
CA ILE B 93 -3.78 -40.45 22.89
C ILE B 93 -3.44 -40.92 24.27
N GLU B 94 -3.09 -42.20 24.39
CA GLU B 94 -2.74 -42.75 25.68
C GLU B 94 -1.66 -41.94 26.36
N ASP B 95 -0.61 -41.59 25.63
CA ASP B 95 0.42 -40.78 26.24
C ASP B 95 -0.04 -39.37 26.52
N ARG B 96 -0.77 -38.77 25.59
CA ARG B 96 -1.17 -37.38 25.75
C ARG B 96 -2.04 -37.10 26.94
N HIS B 97 -2.98 -37.97 27.23
CA HIS B 97 -3.88 -37.70 28.33
C HIS B 97 -3.55 -38.44 29.60
N GLY B 98 -2.31 -38.89 29.74
CA GLY B 98 -1.89 -39.48 31.01
C GLY B 98 -2.43 -40.88 31.29
N GLY B 99 -2.47 -41.75 30.30
CA GLY B 99 -2.90 -43.11 30.55
C GLY B 99 -4.29 -43.45 30.05
N TYR B 100 -4.91 -42.54 29.32
CA TYR B 100 -6.22 -42.83 28.77
C TYR B 100 -6.17 -44.08 27.91
N LYS B 101 -6.77 -45.16 28.38
CA LYS B 101 -6.76 -46.42 27.64
C LYS B 101 -7.82 -46.38 26.56
N PRO B 102 -7.63 -47.11 25.46
CA PRO B 102 -8.49 -47.20 24.30
C PRO B 102 -9.85 -47.81 24.64
N SER B 103 -9.89 -48.58 25.72
CA SER B 103 -11.10 -49.21 26.18
C SER B 103 -11.83 -48.37 27.24
N ASP B 104 -11.24 -47.25 27.63
CA ASP B 104 -11.78 -46.45 28.70
C ASP B 104 -12.93 -45.56 28.21
N GLU B 105 -14.14 -46.14 28.17
CA GLU B 105 -15.32 -45.40 27.73
C GLU B 105 -15.47 -44.07 28.43
N HIS B 106 -15.64 -43.02 27.65
CA HIS B 106 -15.70 -41.67 28.19
C HIS B 106 -17.13 -41.12 28.18
N LYS B 107 -17.46 -40.31 29.18
CA LYS B 107 -18.80 -39.76 29.30
C LYS B 107 -18.82 -38.26 29.01
N THR B 108 -20.03 -37.68 29.02
CA THR B 108 -20.24 -36.24 28.84
C THR B 108 -21.22 -35.75 29.86
N ASP B 109 -21.48 -34.43 29.90
CA ASP B 109 -22.48 -33.91 30.83
C ASP B 109 -22.81 -32.44 30.56
N LEU B 110 -23.92 -32.20 29.86
CA LEU B 110 -24.36 -30.84 29.57
C LEU B 110 -25.43 -30.33 30.51
N ASN B 111 -25.64 -30.99 31.64
CA ASN B 111 -26.65 -30.49 32.55
C ASN B 111 -25.99 -29.77 33.73
N PRO B 112 -25.95 -28.43 33.72
CA PRO B 112 -25.28 -27.55 34.67
C PRO B 112 -25.75 -27.71 36.11
N ASP B 113 -26.87 -28.39 36.32
CA ASP B 113 -27.38 -28.61 37.65
C ASP B 113 -26.44 -29.46 38.49
N ASN B 114 -25.55 -30.21 37.85
CA ASN B 114 -24.61 -31.01 38.61
C ASN B 114 -23.48 -30.19 39.22
N LEU B 115 -23.28 -28.96 38.75
CA LEU B 115 -22.24 -28.11 39.29
C LEU B 115 -22.60 -27.63 40.68
N GLN B 116 -21.74 -27.90 41.64
CA GLN B 116 -22.02 -27.51 43.01
C GLN B 116 -21.25 -26.27 43.37
N GLY B 117 -21.92 -25.13 43.28
CA GLY B 117 -21.28 -23.85 43.55
C GLY B 117 -20.92 -23.19 42.23
N GLY B 118 -19.95 -22.29 42.26
CA GLY B 118 -19.51 -21.59 41.05
C GLY B 118 -20.29 -20.32 40.81
N ASP B 119 -21.36 -20.11 41.58
CA ASP B 119 -22.18 -18.93 41.47
C ASP B 119 -21.48 -17.74 42.10
N ASP B 120 -20.72 -17.98 43.16
CA ASP B 120 -20.07 -16.92 43.91
C ASP B 120 -18.58 -17.06 44.09
N LEU B 121 -17.81 -16.44 43.21
CA LEU B 121 -16.38 -16.35 43.39
C LEU B 121 -16.04 -14.95 43.81
N ASP B 122 -14.94 -14.76 44.52
CA ASP B 122 -14.56 -13.45 44.98
C ASP B 122 -14.10 -12.54 43.83
N PRO B 123 -14.91 -11.54 43.45
CA PRO B 123 -14.74 -10.59 42.34
C PRO B 123 -13.52 -9.70 42.48
N ASN B 124 -12.82 -9.76 43.62
CA ASN B 124 -11.61 -9.00 43.78
C ASN B 124 -10.43 -9.71 43.16
N TYR B 125 -10.59 -10.99 42.90
CA TYR B 125 -9.53 -11.77 42.27
C TYR B 125 -10.02 -12.34 40.98
N VAL B 126 -11.32 -12.54 40.87
CA VAL B 126 -11.88 -12.97 39.62
C VAL B 126 -12.23 -11.79 38.79
N LEU B 127 -11.47 -11.58 37.74
CA LEU B 127 -11.70 -10.43 36.91
C LEU B 127 -12.79 -10.75 35.91
N SER B 128 -12.67 -11.92 35.31
CA SER B 128 -13.63 -12.40 34.35
C SER B 128 -13.37 -13.86 34.07
N SER B 129 -14.30 -14.51 33.41
CA SER B 129 -14.15 -15.92 33.14
C SER B 129 -14.81 -16.34 31.85
N ARG B 130 -14.27 -17.39 31.25
CA ARG B 130 -14.82 -17.86 30.00
C ARG B 130 -14.75 -19.37 29.90
N VAL B 131 -15.54 -19.89 29.00
CA VAL B 131 -15.60 -21.30 28.77
C VAL B 131 -15.82 -21.55 27.30
N ARG B 132 -15.08 -22.49 26.72
CA ARG B 132 -15.22 -22.72 25.31
C ARG B 132 -14.93 -24.13 24.90
N THR B 133 -15.54 -24.53 23.80
CA THR B 133 -15.36 -25.86 23.26
C THR B 133 -15.56 -25.84 21.79
N GLY B 134 -15.60 -26.99 21.17
CA GLY B 134 -15.80 -26.99 19.74
C GLY B 134 -16.52 -28.22 19.27
N ARG B 135 -17.11 -28.13 18.10
CA ARG B 135 -17.85 -29.22 17.54
C ARG B 135 -17.54 -29.39 16.08
N SER B 136 -18.03 -30.48 15.50
CA SER B 136 -17.86 -30.76 14.10
C SER B 136 -19.08 -31.48 13.61
N ILE B 137 -19.42 -31.32 12.35
CA ILE B 137 -20.65 -31.94 11.88
C ILE B 137 -20.38 -33.29 11.25
N ARG B 138 -21.02 -34.32 11.80
CA ARG B 138 -20.81 -35.67 11.30
C ARG B 138 -21.25 -35.72 9.85
N GLY B 139 -20.37 -36.18 8.98
CA GLY B 139 -20.68 -36.26 7.56
C GLY B 139 -19.83 -35.31 6.74
N PHE B 140 -19.23 -34.32 7.39
CA PHE B 140 -18.35 -33.40 6.69
C PHE B 140 -16.94 -33.64 7.09
N CYS B 141 -16.02 -33.30 6.21
CA CYS B 141 -14.63 -33.49 6.53
C CYS B 141 -14.20 -32.43 7.50
N LEU B 142 -13.22 -32.77 8.33
CA LEU B 142 -12.68 -31.77 9.21
C LEU B 142 -11.90 -30.81 8.34
N PRO B 143 -11.85 -29.52 8.70
CA PRO B 143 -11.26 -28.41 7.95
C PRO B 143 -9.99 -28.74 7.14
N PRO B 144 -8.94 -29.41 7.68
CA PRO B 144 -7.71 -29.73 6.99
C PRO B 144 -7.93 -30.37 5.63
N HIS B 145 -8.99 -31.14 5.47
CA HIS B 145 -9.27 -31.76 4.17
C HIS B 145 -10.65 -31.49 3.62
N CYS B 146 -11.24 -30.38 4.00
CA CYS B 146 -12.53 -30.07 3.45
C CYS B 146 -12.42 -29.29 2.15
N SER B 147 -13.43 -29.40 1.31
CA SER B 147 -13.45 -28.63 0.07
C SER B 147 -14.06 -27.29 0.32
N ARG B 148 -13.94 -26.40 -0.65
CA ARG B 148 -14.55 -25.09 -0.53
C ARG B 148 -16.05 -25.22 -0.50
N GLY B 149 -16.56 -26.08 -1.35
CA GLY B 149 -17.99 -26.32 -1.44
C GLY B 149 -18.56 -26.82 -0.13
N GLU B 150 -17.90 -27.81 0.50
CA GLU B 150 -18.48 -28.29 1.72
C GLU B 150 -18.23 -27.32 2.85
N ARG B 151 -17.14 -26.54 2.78
CA ARG B 151 -16.92 -25.55 3.80
C ARG B 151 -18.07 -24.57 3.76
N ARG B 152 -18.46 -24.18 2.55
CA ARG B 152 -19.59 -23.31 2.34
C ARG B 152 -20.90 -23.94 2.77
N ALA B 153 -21.06 -25.24 2.52
CA ALA B 153 -22.27 -25.92 2.95
C ALA B 153 -22.43 -25.84 4.46
N ILE B 154 -21.33 -26.02 5.17
CA ILE B 154 -21.33 -25.92 6.61
C ILE B 154 -21.68 -24.52 7.05
N GLU B 155 -21.05 -23.53 6.43
CA GLU B 155 -21.34 -22.15 6.77
C GLU B 155 -22.81 -21.89 6.68
N LYS B 156 -23.40 -22.28 5.58
CA LYS B 156 -24.83 -22.08 5.38
C LYS B 156 -25.63 -22.64 6.54
N LEU B 157 -25.35 -23.88 6.92
CA LEU B 157 -26.07 -24.50 8.02
C LEU B 157 -25.89 -23.74 9.32
N ALA B 158 -24.66 -23.33 9.58
CA ALA B 158 -24.36 -22.64 10.83
C ALA B 158 -25.10 -21.35 10.92
N VAL B 159 -25.11 -20.59 9.84
CA VAL B 159 -25.77 -19.31 9.85
C VAL B 159 -27.26 -19.47 10.03
N GLU B 160 -27.84 -20.42 9.31
CA GLU B 160 -29.27 -20.62 9.45
C GLU B 160 -29.65 -20.94 10.88
N ALA B 161 -28.93 -21.85 11.51
CA ALA B 161 -29.20 -22.21 12.88
C ALA B 161 -28.98 -21.04 13.83
N LEU B 162 -27.87 -20.33 13.67
CA LEU B 162 -27.55 -19.21 14.52
C LEU B 162 -28.59 -18.12 14.44
N SER B 163 -29.18 -17.91 13.27
CA SER B 163 -30.21 -16.89 13.11
C SER B 163 -31.50 -17.27 13.84
N SER B 164 -31.67 -18.54 14.19
CA SER B 164 -32.86 -18.98 14.89
C SER B 164 -32.66 -18.98 16.39
N LEU B 165 -31.46 -18.62 16.84
CA LEU B 165 -31.19 -18.54 18.26
C LEU B 165 -31.60 -17.16 18.73
N ASP B 166 -32.47 -17.08 19.73
CA ASP B 166 -33.00 -15.78 20.13
C ASP B 166 -32.95 -15.53 21.64
N GLY B 167 -33.79 -14.61 22.11
CA GLY B 167 -33.85 -14.24 23.50
C GLY B 167 -32.57 -13.56 23.88
N ASP B 168 -31.99 -13.97 25.00
CA ASP B 168 -30.73 -13.41 25.45
C ASP B 168 -29.58 -13.85 24.57
N LEU B 169 -29.83 -14.84 23.73
CA LEU B 169 -28.85 -15.36 22.84
C LEU B 169 -29.07 -14.90 21.41
N ALA B 170 -29.95 -13.91 21.21
CA ALA B 170 -30.15 -13.35 19.87
C ALA B 170 -28.89 -12.63 19.44
N GLY B 171 -28.59 -12.63 18.15
CA GLY B 171 -27.36 -12.00 17.71
C GLY B 171 -27.25 -11.72 16.22
N ARG B 172 -26.01 -11.56 15.76
CA ARG B 172 -25.72 -11.22 14.38
C ARG B 172 -24.51 -11.94 13.81
N TYR B 173 -24.65 -12.43 12.57
CA TYR B 173 -23.56 -13.10 11.88
C TYR B 173 -22.84 -12.16 10.94
N TYR B 174 -21.52 -12.18 11.01
CA TYR B 174 -20.67 -11.38 10.16
C TYR B 174 -19.84 -12.30 9.29
N ALA B 175 -19.63 -11.94 8.05
CA ALA B 175 -18.75 -12.74 7.21
C ALA B 175 -17.44 -12.02 7.08
N LEU B 176 -16.33 -12.74 7.22
CA LEU B 176 -15.03 -12.09 7.10
C LEU B 176 -14.81 -11.51 5.72
N LYS B 177 -15.40 -12.15 4.72
CA LYS B 177 -15.24 -11.72 3.34
C LYS B 177 -15.73 -10.30 3.09
N SER B 178 -16.63 -9.78 3.91
CA SER B 178 -17.12 -8.43 3.70
C SER B 178 -17.33 -7.69 5.01
N MET B 179 -16.48 -7.96 5.98
CA MET B 179 -16.61 -7.28 7.26
C MET B 179 -16.12 -5.84 7.16
N THR B 180 -16.98 -4.89 7.49
CA THR B 180 -16.64 -3.47 7.41
C THR B 180 -15.58 -3.13 8.44
N GLU B 181 -14.58 -2.35 8.02
CA GLU B 181 -13.47 -1.98 8.90
C GLU B 181 -13.91 -1.47 10.26
N ALA B 182 -14.94 -0.67 10.30
CA ALA B 182 -15.48 -0.18 11.58
C ALA B 182 -15.96 -1.35 12.41
N GLU B 183 -16.64 -2.31 11.76
CA GLU B 183 -17.13 -3.48 12.45
C GLU B 183 -15.96 -4.29 12.94
N GLN B 184 -14.89 -4.34 12.14
CA GLN B 184 -13.69 -5.05 12.54
C GLN B 184 -13.13 -4.41 13.77
N GLN B 185 -13.11 -3.09 13.81
CA GLN B 185 -12.57 -2.40 14.96
C GLN B 185 -13.32 -2.76 16.21
N GLN B 186 -14.64 -2.86 16.12
CA GLN B 186 -15.43 -3.21 17.29
C GLN B 186 -15.14 -4.63 17.76
N LEU B 187 -15.06 -5.56 16.82
CA LEU B 187 -14.84 -6.93 17.16
C LEU B 187 -13.41 -7.13 17.67
N ILE B 188 -12.49 -6.31 17.18
CA ILE B 188 -11.13 -6.33 17.69
C ILE B 188 -11.10 -5.84 19.10
N ASP B 189 -11.80 -4.74 19.37
CA ASP B 189 -11.85 -4.17 20.71
C ASP B 189 -12.36 -5.18 21.73
N ASP B 190 -13.32 -5.99 21.33
CA ASP B 190 -13.89 -6.98 22.22
C ASP B 190 -13.18 -8.34 22.19
N HIS B 191 -12.10 -8.47 21.41
CA HIS B 191 -11.36 -9.74 21.27
C HIS B 191 -12.17 -10.80 20.55
N PHE B 192 -13.22 -10.41 19.86
CA PHE B 192 -14.09 -11.34 19.18
C PHE B 192 -13.52 -11.81 17.85
N LEU B 193 -12.94 -10.86 17.12
CA LEU B 193 -12.40 -11.13 15.81
C LEU B 193 -11.11 -11.92 15.80
N PHE B 194 -11.03 -12.91 14.93
CA PHE B 194 -9.79 -13.67 14.80
C PHE B 194 -9.39 -13.78 13.33
N ASP B 195 -8.15 -13.41 13.08
CA ASP B 195 -7.55 -13.31 11.74
C ASP B 195 -6.91 -14.62 11.31
N LYS B 196 -6.31 -14.61 10.13
CA LYS B 196 -5.66 -15.79 9.57
C LYS B 196 -4.64 -16.37 10.53
N PRO B 197 -4.63 -17.69 10.72
CA PRO B 197 -3.71 -18.47 11.54
C PRO B 197 -2.27 -18.11 11.22
N VAL B 198 -1.46 -18.00 12.27
CA VAL B 198 -0.08 -17.57 12.15
C VAL B 198 0.91 -18.54 12.75
N SER B 199 0.64 -19.82 12.65
CA SER B 199 1.55 -20.79 13.24
C SER B 199 1.64 -22.06 12.44
N PRO B 200 2.85 -22.60 12.28
CA PRO B 200 3.19 -23.85 11.61
C PRO B 200 2.36 -25.01 12.11
N LEU B 201 1.98 -24.99 13.39
CA LEU B 201 1.17 -26.06 13.94
C LEU B 201 -0.21 -26.10 13.32
N LEU B 202 -0.66 -24.97 12.79
CA LEU B 202 -1.93 -24.89 12.13
C LEU B 202 -1.75 -24.88 10.63
N LEU B 203 -0.76 -24.13 10.17
CA LEU B 203 -0.51 -23.96 8.76
C LEU B 203 -0.18 -25.25 8.06
N ALA B 204 0.56 -26.12 8.72
CA ALA B 204 0.94 -27.40 8.14
C ALA B 204 -0.26 -28.30 7.82
N SER B 205 -1.41 -28.04 8.42
CA SER B 205 -2.58 -28.84 8.13
C SER B 205 -3.25 -28.42 6.85
N GLY B 206 -2.92 -27.24 6.35
CA GLY B 206 -3.55 -26.73 5.15
C GLY B 206 -4.86 -26.00 5.45
N MET B 207 -5.23 -25.89 6.73
CA MET B 207 -6.48 -25.25 7.16
C MET B 207 -6.61 -23.77 6.84
N ALA B 208 -5.51 -23.13 6.49
CA ALA B 208 -5.53 -21.71 6.17
C ALA B 208 -5.82 -21.47 4.69
N ARG B 209 -5.97 -22.53 3.91
CA ARG B 209 -6.23 -22.33 2.51
C ARG B 209 -7.61 -21.74 2.29
N ASP B 210 -7.73 -21.00 1.19
CA ASP B 210 -8.96 -20.35 0.79
C ASP B 210 -9.36 -19.18 1.72
N TRP B 211 -8.56 -18.88 2.75
CA TRP B 211 -8.87 -17.85 3.73
C TRP B 211 -9.23 -16.51 3.13
N PRO B 212 -10.30 -15.88 3.58
CA PRO B 212 -11.26 -16.26 4.60
C PRO B 212 -12.58 -16.67 3.99
N ASP B 213 -12.53 -17.38 2.89
CA ASP B 213 -13.79 -17.76 2.29
C ASP B 213 -14.53 -18.66 3.24
N ALA B 214 -15.81 -18.37 3.40
CA ALA B 214 -16.73 -19.09 4.27
C ALA B 214 -16.33 -19.08 5.74
N ARG B 215 -15.45 -18.17 6.13
CA ARG B 215 -15.13 -18.05 7.53
C ARG B 215 -15.90 -16.88 8.08
N GLY B 216 -16.35 -16.97 9.32
CA GLY B 216 -17.08 -15.84 9.87
C GLY B 216 -17.31 -15.93 11.37
N ILE B 217 -18.12 -15.01 11.88
CA ILE B 217 -18.37 -14.95 13.29
C ILE B 217 -19.75 -14.51 13.63
N TRP B 218 -20.33 -15.14 14.62
CA TRP B 218 -21.62 -14.78 15.11
C TRP B 218 -21.56 -14.48 16.58
N HIS B 219 -22.23 -13.43 17.01
CA HIS B 219 -22.23 -13.19 18.42
C HIS B 219 -23.55 -12.63 18.86
N ASN B 220 -23.84 -12.78 20.14
CA ASN B 220 -25.12 -12.29 20.63
C ASN B 220 -25.04 -10.83 21.00
N ASP B 221 -26.20 -10.23 21.15
CA ASP B 221 -26.34 -8.82 21.46
C ASP B 221 -25.76 -8.43 22.80
N ASN B 222 -25.65 -9.39 23.70
CA ASN B 222 -25.14 -9.11 25.02
C ASN B 222 -23.63 -9.33 25.11
N LYS B 223 -22.99 -9.65 23.98
CA LYS B 223 -21.55 -9.88 23.95
C LYS B 223 -21.09 -10.95 24.91
N THR B 224 -21.77 -12.09 24.94
CA THR B 224 -21.35 -13.16 25.82
C THR B 224 -21.07 -14.44 25.05
N PHE B 225 -21.67 -14.59 23.86
CA PHE B 225 -21.38 -15.74 22.99
C PHE B 225 -20.73 -15.43 21.69
N LEU B 226 -19.74 -16.24 21.36
CA LEU B 226 -19.08 -16.16 20.08
C LEU B 226 -19.16 -17.48 19.39
N VAL B 227 -19.43 -17.45 18.11
CA VAL B 227 -19.39 -18.67 17.36
C VAL B 227 -18.47 -18.47 16.19
N TRP B 228 -17.30 -19.10 16.22
CA TRP B 228 -16.42 -18.96 15.09
C TRP B 228 -16.81 -20.02 14.10
N VAL B 229 -17.06 -19.63 12.87
CA VAL B 229 -17.54 -20.57 11.88
C VAL B 229 -16.47 -20.98 10.90
N ASN B 230 -16.16 -22.27 10.89
CA ASN B 230 -15.15 -22.85 10.01
C ASN B 230 -13.80 -22.21 10.21
N GLU B 231 -13.44 -21.87 11.43
CA GLU B 231 -12.21 -21.12 11.58
C GLU B 231 -11.04 -21.95 12.08
N GLU B 232 -11.25 -22.73 13.11
CA GLU B 232 -10.19 -23.62 13.58
C GLU B 232 -10.73 -25.02 13.88
N ASP B 233 -11.96 -25.23 13.45
CA ASP B 233 -12.76 -26.41 13.62
C ASP B 233 -14.06 -26.01 12.97
N HIS B 234 -15.08 -26.85 12.94
CA HIS B 234 -16.28 -26.35 12.30
C HIS B 234 -16.96 -25.31 13.17
N LEU B 235 -17.19 -25.62 14.43
CA LEU B 235 -17.85 -24.67 15.30
C LEU B 235 -17.11 -24.43 16.59
N ARG B 236 -16.59 -23.24 16.78
CA ARG B 236 -16.02 -22.88 18.07
C ARG B 236 -17.04 -22.14 18.90
N VAL B 237 -17.37 -22.68 20.05
CA VAL B 237 -18.35 -22.04 20.92
C VAL B 237 -17.66 -21.44 22.11
N ILE B 238 -17.78 -20.12 22.23
CA ILE B 238 -17.15 -19.44 23.36
C ILE B 238 -18.18 -18.67 24.15
N SER B 239 -18.19 -18.87 25.45
CA SER B 239 -19.08 -18.11 26.29
C SER B 239 -18.29 -17.40 27.37
N MET B 240 -18.59 -16.14 27.61
CA MET B 240 -17.84 -15.45 28.63
C MET B 240 -18.60 -14.32 29.26
N GLN B 241 -18.16 -13.95 30.45
CA GLN B 241 -18.75 -12.84 31.18
C GLN B 241 -17.80 -12.36 32.25
N LYS B 242 -17.87 -11.07 32.54
CA LYS B 242 -17.05 -10.50 33.58
C LYS B 242 -17.59 -10.88 34.93
N GLY B 243 -16.73 -10.89 35.94
CA GLY B 243 -17.19 -11.25 37.27
C GLY B 243 -16.99 -12.73 37.52
N GLY B 244 -17.33 -13.18 38.71
CA GLY B 244 -17.12 -14.57 39.08
C GLY B 244 -18.38 -15.37 39.29
N ASN B 245 -19.25 -15.36 38.30
CA ASN B 245 -20.42 -16.20 38.39
C ASN B 245 -20.36 -17.24 37.31
N MET B 246 -19.49 -18.21 37.51
CA MET B 246 -19.27 -19.26 36.54
C MET B 246 -20.48 -20.10 36.35
N LYS B 247 -21.25 -20.30 37.42
CA LYS B 247 -22.45 -21.09 37.34
C LYS B 247 -23.35 -20.55 36.26
N GLU B 248 -23.50 -19.23 36.22
CA GLU B 248 -24.27 -18.58 35.19
C GLU B 248 -23.66 -18.71 33.82
N VAL B 249 -22.34 -18.53 33.75
CA VAL B 249 -21.63 -18.64 32.49
C VAL B 249 -21.82 -20.02 31.91
N PHE B 250 -21.63 -20.99 32.77
CA PHE B 250 -21.75 -22.38 32.41
C PHE B 250 -23.19 -22.72 32.08
N THR B 251 -24.14 -22.18 32.84
CA THR B 251 -25.55 -22.43 32.58
C THR B 251 -25.94 -22.00 31.20
N ARG B 252 -25.58 -20.79 30.82
CA ARG B 252 -25.92 -20.36 29.48
C ARG B 252 -25.11 -21.09 28.45
N PHE B 253 -23.89 -21.49 28.80
CA PHE B 253 -23.04 -22.24 27.89
C PHE B 253 -23.71 -23.52 27.49
N CYS B 254 -24.11 -24.27 28.50
CA CYS B 254 -24.78 -25.53 28.29
C CYS B 254 -26.10 -25.34 27.57
N THR B 255 -26.86 -24.35 28.01
CA THR B 255 -28.16 -24.09 27.45
C THR B 255 -28.11 -23.73 26.00
N GLY B 256 -27.34 -22.72 25.66
CA GLY B 256 -27.23 -22.26 24.30
C GLY B 256 -26.70 -23.35 23.42
N LEU B 257 -25.66 -24.05 23.89
CA LEU B 257 -25.05 -25.11 23.13
C LEU B 257 -26.06 -26.19 22.82
N THR B 258 -26.83 -26.59 23.82
CA THR B 258 -27.85 -27.61 23.63
C THR B 258 -28.89 -27.15 22.63
N GLN B 259 -29.32 -25.91 22.76
CA GLN B 259 -30.33 -25.38 21.87
C GLN B 259 -29.89 -25.44 20.42
N ILE B 260 -28.70 -24.94 20.12
CA ILE B 260 -28.28 -24.99 18.73
C ILE B 260 -28.05 -26.40 18.27
N GLU B 261 -27.69 -27.31 19.19
CA GLU B 261 -27.54 -28.70 18.79
C GLU B 261 -28.86 -29.23 18.26
N THR B 262 -29.95 -28.90 18.95
CA THR B 262 -31.26 -29.38 18.50
C THR B 262 -31.67 -28.71 17.20
N LEU B 263 -31.20 -27.49 16.97
CA LEU B 263 -31.49 -26.83 15.72
C LEU B 263 -30.84 -27.57 14.57
N PHE B 264 -29.63 -28.07 14.78
CA PHE B 264 -28.99 -28.85 13.72
C PHE B 264 -29.72 -30.16 13.54
N LYS B 265 -30.18 -30.75 14.64
CA LYS B 265 -30.90 -32.00 14.55
C LYS B 265 -32.24 -31.84 13.84
N SER B 266 -32.83 -30.65 13.88
CA SER B 266 -34.06 -30.43 13.13
C SER B 266 -33.80 -30.44 11.63
N LYS B 267 -32.52 -30.31 11.24
CA LYS B 267 -32.10 -30.32 9.86
C LYS B 267 -31.40 -31.62 9.48
N ASP B 268 -31.48 -32.64 10.35
CA ASP B 268 -30.82 -33.93 10.14
C ASP B 268 -29.30 -33.88 10.21
N TYR B 269 -28.76 -33.01 11.06
CA TYR B 269 -27.32 -32.98 11.26
C TYR B 269 -27.00 -33.18 12.72
N GLU B 270 -25.82 -33.66 13.00
CA GLU B 270 -25.46 -33.90 14.37
C GLU B 270 -23.98 -33.77 14.54
N PHE B 271 -23.57 -33.59 15.78
CA PHE B 271 -22.18 -33.42 16.09
C PHE B 271 -21.46 -34.75 16.10
N MET B 272 -20.20 -34.75 15.68
CA MET B 272 -19.43 -35.97 15.72
C MET B 272 -19.21 -36.36 17.15
N TRP B 273 -19.52 -37.59 17.46
CA TRP B 273 -19.42 -38.08 18.83
C TRP B 273 -19.39 -39.60 18.93
N ASN B 274 -18.51 -40.12 19.77
CA ASN B 274 -18.48 -41.55 19.99
C ASN B 274 -18.00 -41.87 21.40
N PRO B 275 -18.37 -43.03 21.94
CA PRO B 275 -18.11 -43.54 23.29
C PRO B 275 -16.68 -43.51 23.79
N HIS B 276 -15.69 -43.48 22.90
CA HIS B 276 -14.33 -43.48 23.41
C HIS B 276 -13.58 -42.21 23.15
N LEU B 277 -14.15 -41.30 22.37
CA LEU B 277 -13.45 -40.06 22.13
C LEU B 277 -14.32 -38.85 22.39
N GLY B 278 -15.55 -39.05 22.84
CA GLY B 278 -16.41 -37.93 23.11
C GLY B 278 -16.63 -37.20 21.81
N TYR B 279 -16.41 -35.90 21.80
CA TYR B 279 -16.62 -35.11 20.60
C TYR B 279 -15.34 -35.03 19.77
N ILE B 280 -15.53 -35.02 18.47
CA ILE B 280 -14.40 -35.08 17.55
C ILE B 280 -13.90 -33.79 16.94
N LEU B 281 -12.64 -33.49 17.22
CA LEU B 281 -11.90 -32.38 16.64
C LEU B 281 -10.66 -32.86 15.89
N THR B 282 -9.98 -31.93 15.23
CA THR B 282 -8.81 -32.26 14.43
C THR B 282 -7.59 -32.59 15.23
N CYS B 283 -7.44 -31.99 16.38
CA CYS B 283 -6.26 -32.25 17.17
C CYS B 283 -6.55 -33.26 18.26
N PRO B 284 -5.82 -34.37 18.32
CA PRO B 284 -5.93 -35.46 19.28
C PRO B 284 -6.00 -34.98 20.71
N SER B 285 -5.25 -33.94 21.07
CA SER B 285 -5.26 -33.47 22.46
C SER B 285 -6.60 -32.96 22.89
N ASN B 286 -7.43 -32.55 21.94
CA ASN B 286 -8.71 -32.00 22.25
C ASN B 286 -9.86 -32.99 22.09
N LEU B 287 -9.55 -34.27 21.97
CA LEU B 287 -10.63 -35.24 21.88
C LEU B 287 -11.23 -35.47 23.22
N GLY B 288 -12.55 -35.59 23.29
CA GLY B 288 -13.19 -35.88 24.58
C GLY B 288 -14.29 -34.88 24.82
N THR B 289 -14.12 -34.10 25.87
CA THR B 289 -15.08 -33.06 26.11
C THR B 289 -14.68 -31.93 25.24
N GLY B 290 -13.36 -31.70 25.23
CA GLY B 290 -12.81 -30.62 24.45
C GLY B 290 -13.22 -29.32 25.09
N LEU B 291 -13.44 -29.35 26.40
CA LEU B 291 -13.94 -28.23 27.13
C LEU B 291 -12.86 -27.45 27.87
N ARG B 292 -12.70 -26.21 27.50
CA ARG B 292 -11.74 -25.38 28.19
C ARG B 292 -12.47 -24.37 29.00
N ALA B 293 -12.08 -24.21 30.24
CA ALA B 293 -12.70 -23.21 31.06
C ALA B 293 -11.63 -22.60 31.89
N GLY B 294 -11.72 -21.29 32.09
CA GLY B 294 -10.68 -20.64 32.84
C GLY B 294 -11.08 -19.30 33.37
N VAL B 295 -10.30 -18.84 34.33
CA VAL B 295 -10.61 -17.62 35.01
C VAL B 295 -9.39 -16.73 35.12
N HIS B 296 -9.56 -15.46 34.84
CA HIS B 296 -8.48 -14.50 34.94
C HIS B 296 -8.25 -14.15 36.40
N ILE B 297 -7.41 -14.93 37.06
CA ILE B 297 -7.19 -14.74 38.48
C ILE B 297 -6.04 -13.83 38.76
N LYS B 298 -6.36 -12.75 39.44
CA LYS B 298 -5.37 -11.78 39.85
C LYS B 298 -4.61 -12.29 41.05
N LEU B 299 -3.32 -12.57 40.89
CA LEU B 299 -2.54 -13.11 42.00
C LEU B 299 -1.19 -12.45 42.24
N PRO B 300 -1.14 -11.18 42.64
CA PRO B 300 0.06 -10.39 42.92
C PRO B 300 1.04 -11.09 43.84
N ASN B 301 0.54 -11.86 44.81
CA ASN B 301 1.42 -12.53 45.75
C ASN B 301 1.62 -13.97 45.38
N LEU B 302 0.52 -14.67 45.19
CA LEU B 302 0.53 -16.11 44.92
C LEU B 302 1.30 -16.48 43.67
N GLY B 303 1.21 -15.66 42.62
CA GLY B 303 1.93 -15.93 41.38
C GLY B 303 3.45 -15.93 41.55
N LYS B 304 3.94 -15.36 42.65
CA LYS B 304 5.37 -15.34 42.92
C LYS B 304 5.78 -16.44 43.89
N HIS B 305 4.83 -17.21 44.39
CA HIS B 305 5.15 -18.27 45.33
C HIS B 305 5.80 -19.43 44.62
N GLU B 306 6.84 -19.98 45.24
CA GLU B 306 7.64 -21.05 44.65
C GLU B 306 6.92 -22.38 44.42
N LYS B 307 5.77 -22.59 45.02
CA LYS B 307 5.05 -23.84 44.78
C LYS B 307 3.76 -23.60 44.01
N PHE B 308 3.62 -22.41 43.44
CA PHE B 308 2.41 -22.03 42.73
C PHE B 308 2.06 -22.98 41.61
N SER B 309 3.01 -23.25 40.73
CA SER B 309 2.72 -24.14 39.63
C SER B 309 2.44 -25.55 40.10
N GLU B 310 3.05 -25.95 41.22
CA GLU B 310 2.80 -27.27 41.75
C GLU B 310 1.37 -27.41 42.17
N VAL B 311 0.87 -26.40 42.85
CA VAL B 311 -0.51 -26.43 43.28
C VAL B 311 -1.43 -26.55 42.08
N LEU B 312 -1.15 -25.78 41.03
CA LEU B 312 -1.98 -25.87 39.84
C LEU B 312 -1.92 -27.25 39.24
N LYS B 313 -0.73 -27.85 39.25
CA LYS B 313 -0.55 -29.20 38.77
C LYS B 313 -1.42 -30.16 39.56
N ARG B 314 -1.39 -30.03 40.87
CA ARG B 314 -2.17 -30.91 41.72
C ARG B 314 -3.65 -30.74 41.47
N LEU B 315 -4.06 -29.53 41.12
CA LEU B 315 -5.43 -29.22 40.82
C LEU B 315 -5.83 -29.49 39.38
N ARG B 316 -4.88 -29.93 38.55
CA ARG B 316 -5.15 -30.18 37.13
C ARG B 316 -5.44 -28.87 36.41
N LEU B 317 -4.66 -27.85 36.71
CA LEU B 317 -4.85 -26.54 36.11
C LEU B 317 -3.63 -26.05 35.34
N GLN B 318 -3.87 -25.26 34.30
CA GLN B 318 -2.82 -24.71 33.45
C GLN B 318 -2.45 -23.32 33.88
N LYS B 319 -1.15 -23.04 33.88
CA LYS B 319 -0.65 -21.72 34.21
C LYS B 319 -0.43 -20.91 32.95
N ARG B 320 -1.48 -20.64 32.20
CA ARG B 320 -1.29 -19.82 31.03
C ARG B 320 -1.34 -18.37 31.40
N VAL B 333 -1.50 -11.79 36.73
CA VAL B 333 -2.86 -12.24 36.45
C VAL B 333 -2.72 -13.42 35.52
N PHE B 334 -3.37 -14.52 35.84
CA PHE B 334 -3.16 -15.68 35.02
C PHE B 334 -4.47 -16.22 34.48
N ASP B 335 -4.43 -16.74 33.27
CA ASP B 335 -5.61 -17.38 32.70
C ASP B 335 -5.59 -18.83 33.16
N VAL B 336 -5.97 -19.05 34.40
CA VAL B 336 -5.90 -20.39 34.94
C VAL B 336 -7.01 -21.20 34.36
N SER B 337 -6.67 -22.37 33.82
CA SER B 337 -7.71 -23.17 33.16
C SER B 337 -7.56 -24.67 33.39
N ASN B 338 -8.60 -25.42 33.14
CA ASN B 338 -8.50 -26.85 33.36
C ASN B 338 -7.53 -27.47 32.37
N ALA B 339 -6.56 -28.23 32.88
CA ALA B 339 -5.50 -28.85 32.08
C ALA B 339 -5.86 -30.17 31.39
N ASP B 340 -7.07 -30.65 31.60
CA ASP B 340 -7.48 -31.90 30.97
C ASP B 340 -8.54 -31.64 29.91
N ARG B 341 -8.82 -32.63 29.11
CA ARG B 341 -9.78 -32.50 28.02
C ARG B 341 -10.55 -33.79 27.91
N LEU B 342 -9.82 -34.88 28.09
CA LEU B 342 -10.30 -36.24 28.05
C LEU B 342 -9.97 -36.95 29.36
N GLY B 343 -10.95 -37.56 29.99
CA GLY B 343 -10.72 -38.31 31.21
C GLY B 343 -11.81 -38.17 32.26
N PHE B 344 -12.69 -37.21 32.07
CA PHE B 344 -13.81 -37.00 32.98
C PHE B 344 -14.81 -36.00 32.42
N SER B 345 -15.97 -35.93 33.04
CA SER B 345 -17.09 -35.14 32.53
C SER B 345 -16.87 -33.64 32.51
N GLU B 346 -17.70 -33.00 31.69
CA GLU B 346 -17.73 -31.56 31.49
C GLU B 346 -18.02 -30.83 32.77
N VAL B 347 -18.97 -31.34 33.52
CA VAL B 347 -19.29 -30.70 34.77
C VAL B 347 -18.18 -30.85 35.76
N GLU B 348 -17.63 -32.05 35.91
CA GLU B 348 -16.54 -32.18 36.86
C GLU B 348 -15.42 -31.25 36.49
N LEU B 349 -15.16 -31.13 35.20
CA LEU B 349 -14.12 -30.29 34.70
C LEU B 349 -14.26 -28.86 35.21
N VAL B 350 -15.42 -28.24 35.03
CA VAL B 350 -15.56 -26.88 35.52
C VAL B 350 -15.66 -26.84 37.03
N GLN B 351 -16.12 -27.94 37.65
CA GLN B 351 -16.16 -28.03 39.11
C GLN B 351 -14.75 -27.87 39.65
N MET B 352 -13.79 -28.49 38.96
CA MET B 352 -12.40 -28.39 39.34
C MET B 352 -11.88 -26.98 39.18
N VAL B 353 -12.35 -26.28 38.15
CA VAL B 353 -11.92 -24.91 37.99
C VAL B 353 -12.42 -24.07 39.14
N VAL B 354 -13.70 -24.23 39.48
CA VAL B 354 -14.30 -23.48 40.57
C VAL B 354 -13.62 -23.75 41.89
N ASP B 355 -13.41 -25.02 42.20
CA ASP B 355 -12.77 -25.37 43.44
C ASP B 355 -11.38 -24.81 43.50
N GLY B 356 -10.66 -24.90 42.38
CA GLY B 356 -9.31 -24.40 42.31
C GLY B 356 -9.27 -22.91 42.59
N VAL B 357 -10.15 -22.15 41.95
CA VAL B 357 -10.16 -20.72 42.17
C VAL B 357 -10.39 -20.42 43.63
N LYS B 358 -11.35 -21.09 44.24
CA LYS B 358 -11.62 -20.89 45.64
C LYS B 358 -10.38 -21.11 46.48
N LEU B 359 -9.75 -22.25 46.27
CA LEU B 359 -8.56 -22.59 47.01
C LEU B 359 -7.47 -21.58 46.81
N LEU B 360 -7.23 -21.23 45.56
CA LEU B 360 -6.16 -20.31 45.20
C LEU B 360 -6.36 -18.92 45.77
N ILE B 361 -7.59 -18.43 45.79
CA ILE B 361 -7.81 -17.11 46.34
C ILE B 361 -7.55 -17.12 47.81
N GLU B 362 -8.09 -18.12 48.51
CA GLU B 362 -7.89 -18.23 49.93
C GLU B 362 -6.42 -18.37 50.27
N MET B 363 -5.69 -19.08 49.43
CA MET B 363 -4.28 -19.25 49.59
C MET B 363 -3.60 -17.90 49.55
N GLU B 364 -3.93 -17.10 48.55
CA GLU B 364 -3.34 -15.79 48.47
C GLU B 364 -3.74 -14.92 49.65
N GLN B 365 -4.96 -15.08 50.17
CA GLN B 365 -5.37 -14.29 51.32
C GLN B 365 -4.44 -14.53 52.47
N ARG B 366 -4.07 -15.78 52.67
CA ARG B 366 -3.16 -16.09 53.74
C ARG B 366 -1.81 -15.48 53.45
N LEU B 367 -1.38 -15.52 52.19
CA LEU B 367 -0.12 -14.92 51.83
C LEU B 367 -0.12 -13.43 52.06
N GLU B 368 -1.24 -12.78 51.80
CA GLU B 368 -1.34 -11.35 52.02
C GLU B 368 -1.22 -11.03 53.49
N GLN B 369 -1.74 -11.90 54.34
CA GLN B 369 -1.64 -11.70 55.76
C GLN B 369 -0.34 -12.24 56.37
N GLY B 370 0.60 -12.67 55.54
CA GLY B 370 1.87 -13.17 56.04
C GLY B 370 1.72 -14.52 56.70
N GLN B 371 0.70 -15.26 56.31
CA GLN B 371 0.42 -16.55 56.89
C GLN B 371 0.93 -17.64 55.96
N ALA B 372 1.34 -18.77 56.52
CA ALA B 372 1.79 -19.89 55.71
C ALA B 372 0.57 -20.57 55.09
N ILE B 373 0.72 -21.15 53.91
CA ILE B 373 -0.39 -21.80 53.21
C ILE B 373 -0.19 -23.31 53.13
N ASP B 374 0.59 -23.85 54.05
CA ASP B 374 1.06 -25.21 54.00
C ASP B 374 -0.07 -26.22 53.90
N ASP B 375 -1.09 -26.03 54.71
CA ASP B 375 -2.21 -26.96 54.75
C ASP B 375 -3.22 -26.76 53.64
N LEU B 376 -2.96 -25.84 52.73
CA LEU B 376 -3.86 -25.65 51.62
C LEU B 376 -3.40 -26.38 50.40
N MET B 377 -2.22 -26.98 50.43
CA MET B 377 -1.82 -27.66 49.23
C MET B 377 -2.63 -28.93 49.07
N PRO B 378 -3.37 -29.06 47.97
CA PRO B 378 -4.28 -30.13 47.56
C PRO B 378 -3.54 -31.42 47.22
N ALA B 379 -4.29 -32.41 46.74
CA ALA B 379 -3.72 -33.68 46.31
C ALA B 379 -3.74 -33.80 44.79
N LEU C 45 13.37 -10.90 3.09
CA LEU C 45 13.59 -11.53 4.38
C LEU C 45 14.91 -11.14 5.01
N SER C 46 16.00 -11.53 4.38
CA SER C 46 17.31 -11.23 4.97
C SER C 46 18.51 -11.33 4.04
N ASN C 47 18.35 -11.93 2.86
CA ASN C 47 19.51 -12.09 2.00
C ASN C 47 19.21 -11.89 0.52
N PRO C 48 20.20 -11.42 -0.26
CA PRO C 48 20.21 -11.21 -1.70
C PRO C 48 20.43 -12.56 -2.32
N LEU C 49 19.40 -13.40 -2.22
CA LEU C 49 19.47 -14.78 -2.65
C LEU C 49 19.18 -15.00 -4.11
N MET C 50 19.28 -13.96 -4.92
CA MET C 50 19.09 -14.09 -6.35
C MET C 50 17.66 -14.48 -6.72
N GLY C 51 16.73 -14.40 -5.77
CA GLY C 51 15.36 -14.78 -6.01
C GLY C 51 14.60 -13.68 -6.71
N ASP C 52 13.29 -13.81 -6.78
CA ASP C 52 12.47 -12.83 -7.47
C ASP C 52 11.67 -12.04 -6.46
N ALA C 53 11.10 -10.92 -6.88
CA ALA C 53 10.29 -10.12 -5.96
C ALA C 53 9.14 -10.94 -5.39
N VAL C 54 8.53 -11.78 -6.23
CA VAL C 54 7.44 -12.66 -5.83
C VAL C 54 7.86 -13.66 -4.77
N SER C 55 9.14 -13.93 -4.65
CA SER C 55 9.65 -14.89 -3.71
C SER C 55 10.18 -14.23 -2.45
N ASP C 56 9.94 -12.93 -2.24
CA ASP C 56 10.53 -12.32 -1.05
C ASP C 56 9.62 -11.42 -0.19
N TRP C 57 8.34 -11.72 -0.08
CA TRP C 57 7.50 -10.95 0.84
C TRP C 57 7.57 -11.52 2.21
N SER C 58 7.57 -10.67 3.23
CA SER C 58 7.47 -11.22 4.55
C SER C 58 6.00 -11.40 4.79
N PRO C 59 5.61 -12.20 5.77
CA PRO C 59 4.26 -12.38 6.23
C PRO C 59 3.65 -11.03 6.55
N MET C 60 4.48 -10.13 7.09
CA MET C 60 4.05 -8.80 7.46
C MET C 60 3.70 -7.99 6.27
N HIS C 61 4.46 -8.12 5.17
CA HIS C 61 4.12 -7.36 3.99
C HIS C 61 2.77 -7.75 3.49
N GLU C 62 2.47 -9.05 3.57
CA GLU C 62 1.16 -9.50 3.16
C GLU C 62 0.08 -8.93 4.05
N ALA C 63 0.32 -8.96 5.35
CA ALA C 63 -0.64 -8.44 6.31
C ALA C 63 -0.86 -6.97 6.10
N ALA C 64 0.21 -6.25 5.84
CA ALA C 64 0.13 -4.81 5.64
C ALA C 64 -0.70 -4.48 4.43
N ILE C 65 -0.45 -5.16 3.33
CA ILE C 65 -1.16 -4.87 2.10
C ILE C 65 -2.65 -5.02 2.21
N HIS C 66 -3.10 -6.10 2.82
CA HIS C 66 -4.53 -6.32 2.92
C HIS C 66 -5.16 -6.02 4.27
N GLY C 67 -4.48 -5.26 5.13
CA GLY C 67 -5.11 -4.81 6.37
C GLY C 67 -5.34 -5.88 7.43
N HIS C 68 -4.48 -6.88 7.51
CA HIS C 68 -4.67 -7.93 8.50
C HIS C 68 -4.03 -7.55 9.81
N GLN C 69 -4.67 -6.61 10.47
CA GLN C 69 -4.21 -6.02 11.70
C GLN C 69 -3.88 -7.01 12.79
N LEU C 70 -4.78 -7.92 13.06
CA LEU C 70 -4.54 -8.87 14.13
C LEU C 70 -3.39 -9.78 13.80
N SER C 71 -3.34 -10.22 12.54
CA SER C 71 -2.23 -11.04 12.09
C SER C 71 -0.94 -10.31 12.28
N LEU C 72 -0.93 -9.03 11.91
CA LEU C 72 0.24 -8.20 12.06
C LEU C 72 0.69 -8.19 13.49
N ARG C 73 -0.23 -8.00 14.41
CA ARG C 73 0.10 -7.98 15.82
C ARG C 73 0.72 -9.30 16.24
N ASN C 74 0.16 -10.38 15.74
CA ASN C 74 0.65 -11.69 16.08
C ASN C 74 2.06 -11.90 15.59
N LEU C 75 2.33 -11.46 14.36
CA LEU C 75 3.65 -11.60 13.78
C LEU C 75 4.66 -10.83 14.58
N ILE C 76 4.26 -9.65 15.03
CA ILE C 76 5.09 -8.81 15.85
C ILE C 76 5.38 -9.49 17.16
N SER C 77 4.36 -10.11 17.76
CA SER C 77 4.60 -10.78 19.04
C SER C 77 5.52 -11.99 18.87
N GLN C 78 5.53 -12.61 17.69
CA GLN C 78 6.46 -13.70 17.47
C GLN C 78 7.87 -13.17 17.35
N GLY C 79 8.02 -12.05 16.66
CA GLY C 79 9.32 -11.40 16.53
C GLY C 79 9.61 -10.85 15.13
N TRP C 80 8.58 -10.70 14.32
CA TRP C 80 8.79 -10.12 13.01
C TRP C 80 8.92 -8.62 13.16
N ALA C 81 10.15 -8.15 13.21
CA ALA C 81 10.44 -6.72 13.38
C ALA C 81 9.84 -5.87 12.29
N VAL C 82 9.35 -4.69 12.66
CA VAL C 82 8.69 -3.78 11.73
C VAL C 82 9.62 -3.18 10.69
N ASN C 83 10.93 -3.22 10.92
CA ASN C 83 11.84 -2.69 9.94
C ASN C 83 12.38 -3.76 8.98
N ILE C 84 11.71 -4.91 8.88
CA ILE C 84 12.12 -5.90 7.90
C ILE C 84 11.71 -5.45 6.52
N ILE C 85 12.68 -5.35 5.63
CA ILE C 85 12.48 -4.84 4.29
C ILE C 85 12.99 -5.75 3.21
N THR C 86 12.42 -5.62 2.02
CA THR C 86 12.86 -6.39 0.87
C THR C 86 14.03 -5.73 0.13
N ALA C 87 14.34 -6.23 -1.06
CA ALA C 87 15.47 -5.74 -1.86
C ALA C 87 15.32 -4.28 -2.25
N ASP C 88 14.09 -3.86 -2.46
CA ASP C 88 13.82 -2.49 -2.82
C ASP C 88 13.65 -1.59 -1.61
N HIS C 89 14.00 -2.07 -0.43
CA HIS C 89 13.88 -1.30 0.80
C HIS C 89 12.46 -0.91 1.05
N VAL C 90 11.56 -1.86 0.92
CA VAL C 90 10.18 -1.59 1.16
C VAL C 90 9.76 -2.26 2.44
N SER C 91 9.29 -1.45 3.38
CA SER C 91 8.85 -1.93 4.68
C SER C 91 7.37 -2.20 4.64
N PRO C 92 6.83 -2.87 5.66
CA PRO C 92 5.43 -3.13 5.84
C PRO C 92 4.72 -1.81 6.02
N LEU C 93 5.44 -0.82 6.54
CA LEU C 93 4.90 0.52 6.69
C LEU C 93 4.60 1.08 5.33
N HIS C 94 5.54 0.93 4.41
CA HIS C 94 5.34 1.47 3.07
C HIS C 94 4.15 0.81 2.42
N GLU C 95 3.98 -0.48 2.63
CA GLU C 95 2.85 -1.17 2.03
C GLU C 95 1.56 -0.78 2.71
N ALA C 96 1.59 -0.60 4.02
CA ALA C 96 0.40 -0.21 4.77
C ALA C 96 -0.09 1.12 4.30
N CYS C 97 0.85 2.01 4.00
CA CYS C 97 0.52 3.33 3.53
C CYS C 97 -0.15 3.26 2.18
N LEU C 98 0.33 2.39 1.31
CA LEU C 98 -0.31 2.20 0.02
C LEU C 98 -1.71 1.62 0.16
N GLY C 99 -1.90 0.76 1.14
CA GLY C 99 -3.20 0.17 1.37
C GLY C 99 -4.14 1.12 2.10
N GLY C 100 -3.59 2.05 2.86
CA GLY C 100 -4.40 3.01 3.60
C GLY C 100 -4.94 2.39 4.88
N HIS C 101 -4.23 1.40 5.41
CA HIS C 101 -4.69 0.69 6.57
C HIS C 101 -4.21 1.37 7.84
N LEU C 102 -4.85 2.48 8.16
CA LEU C 102 -4.53 3.34 9.28
C LEU C 102 -4.16 2.63 10.56
N SER C 103 -4.96 1.67 10.99
CA SER C 103 -4.67 1.01 12.24
C SER C 103 -3.37 0.21 12.19
N CYS C 104 -3.03 -0.28 11.02
CA CYS C 104 -1.81 -1.04 10.87
C CYS C 104 -0.66 -0.09 10.94
N VAL C 105 -0.86 1.08 10.35
CA VAL C 105 0.13 2.13 10.36
C VAL C 105 0.41 2.54 11.78
N LYS C 106 -0.65 2.70 12.57
CA LYS C 106 -0.52 3.07 13.96
C LYS C 106 0.31 2.05 14.72
N ILE C 107 0.05 0.78 14.48
CA ILE C 107 0.78 -0.28 15.14
C ILE C 107 2.24 -0.31 14.75
N LEU C 108 2.49 -0.21 13.47
CA LEU C 108 3.85 -0.27 12.99
C LEU C 108 4.67 0.90 13.53
N LEU C 109 4.06 2.08 13.54
CA LEU C 109 4.74 3.24 14.06
C LEU C 109 4.95 3.10 15.54
N LYS C 110 3.95 2.54 16.22
CA LYS C 110 4.03 2.28 17.65
C LYS C 110 5.25 1.44 17.98
N HIS C 111 5.58 0.50 17.10
CA HIS C 111 6.71 -0.36 17.35
C HIS C 111 8.01 0.08 16.65
N GLY C 112 8.09 1.35 16.23
CA GLY C 112 9.36 1.86 15.68
C GLY C 112 9.54 1.82 14.16
N ALA C 113 8.46 1.75 13.40
CA ALA C 113 8.60 1.76 11.94
C ALA C 113 9.17 3.09 11.46
N GLN C 114 9.92 3.03 10.39
CA GLN C 114 10.61 4.22 9.91
C GLN C 114 9.75 5.12 9.05
N VAL C 115 9.08 6.04 9.72
CA VAL C 115 8.19 7.01 9.10
C VAL C 115 8.78 7.76 7.88
N ASN C 116 10.09 7.96 7.84
CA ASN C 116 10.71 8.62 6.70
C ASN C 116 11.62 7.69 5.90
N GLY C 117 11.35 6.39 5.94
CA GLY C 117 12.17 5.44 5.18
C GLY C 117 12.03 5.67 3.69
N VAL C 118 13.13 5.49 2.96
CA VAL C 118 13.15 5.74 1.53
C VAL C 118 13.39 4.48 0.73
N THR C 119 12.52 4.20 -0.25
CA THR C 119 12.65 2.98 -1.05
C THR C 119 13.62 3.18 -2.16
N ALA C 120 13.91 2.11 -2.88
CA ALA C 120 14.78 2.14 -4.05
C ALA C 120 14.25 3.07 -5.14
N ASP C 121 12.95 3.38 -5.10
CA ASP C 121 12.36 4.29 -6.07
C ASP C 121 12.05 5.63 -5.43
N TRP C 122 12.74 5.94 -4.34
CA TRP C 122 12.62 7.18 -3.61
C TRP C 122 11.26 7.43 -3.00
N HIS C 123 10.52 6.38 -2.73
CA HIS C 123 9.22 6.60 -2.16
C HIS C 123 9.31 6.62 -0.65
N THR C 124 8.40 7.35 -0.02
CA THR C 124 8.32 7.41 1.42
C THR C 124 6.92 7.05 1.83
N PRO C 125 6.70 6.62 3.08
CA PRO C 125 5.42 6.26 3.65
C PRO C 125 4.43 7.35 3.41
N LEU C 126 4.89 8.59 3.54
CA LEU C 126 4.05 9.75 3.34
C LEU C 126 3.62 9.80 1.90
N PHE C 127 4.57 9.66 1.00
CA PHE C 127 4.26 9.68 -0.41
C PHE C 127 3.26 8.60 -0.72
N ASN C 128 3.49 7.41 -0.20
CA ASN C 128 2.62 6.30 -0.46
C ASN C 128 1.21 6.56 0.02
N ALA C 129 1.08 7.20 1.17
CA ALA C 129 -0.24 7.52 1.68
C ALA C 129 -0.95 8.49 0.74
N CYS C 130 -0.20 9.43 0.18
CA CYS C 130 -0.78 10.37 -0.76
C CYS C 130 -1.24 9.66 -2.01
N VAL C 131 -0.47 8.66 -2.43
CA VAL C 131 -0.83 7.87 -3.60
C VAL C 131 -2.15 7.18 -3.41
N SER C 132 -2.34 6.60 -2.23
CA SER C 132 -3.57 5.89 -1.93
C SER C 132 -4.74 6.84 -1.79
N GLY C 133 -4.66 7.69 -0.79
CA GLY C 133 -5.72 8.64 -0.53
C GLY C 133 -6.01 8.77 0.94
N SER C 134 -5.44 7.86 1.74
CA SER C 134 -5.64 7.83 3.19
C SER C 134 -5.26 9.10 3.91
N TRP C 135 -6.14 10.08 3.84
CA TRP C 135 -5.96 11.35 4.51
C TRP C 135 -5.59 11.20 5.97
N ASP C 136 -6.25 10.27 6.63
CA ASP C 136 -5.98 10.01 8.01
C ASP C 136 -4.53 9.58 8.23
N CYS C 137 -4.01 8.71 7.36
CA CYS C 137 -2.62 8.31 7.50
C CYS C 137 -1.69 9.45 7.21
N VAL C 138 -2.07 10.31 6.27
CA VAL C 138 -1.24 11.46 5.97
C VAL C 138 -1.07 12.29 7.21
N ASN C 139 -2.17 12.55 7.89
CA ASN C 139 -2.10 13.33 9.10
C ASN C 139 -1.25 12.65 10.15
N LEU C 140 -1.47 11.36 10.34
CA LEU C 140 -0.76 10.59 11.34
C LEU C 140 0.73 10.61 11.12
N LEU C 141 1.14 10.32 9.90
CA LEU C 141 2.54 10.25 9.55
C LEU C 141 3.21 11.58 9.78
N LEU C 142 2.53 12.66 9.41
CA LEU C 142 3.07 13.98 9.62
C LEU C 142 3.23 14.26 11.08
N GLN C 143 2.28 13.78 11.88
CA GLN C 143 2.36 13.98 13.32
C GLN C 143 3.51 13.21 13.93
N HIS C 144 3.97 12.17 13.26
CA HIS C 144 5.14 11.45 13.73
C HIS C 144 6.42 11.90 13.05
N GLY C 145 6.42 13.06 12.42
CA GLY C 145 7.64 13.60 11.86
C GLY C 145 7.88 13.31 10.38
N ALA C 146 6.86 12.87 9.65
CA ALA C 146 7.09 12.65 8.22
C ALA C 146 7.42 13.98 7.57
N SER C 147 8.44 14.00 6.73
CA SER C 147 8.79 15.23 6.06
C SER C 147 7.91 15.48 4.87
N VAL C 148 7.29 16.67 4.83
CA VAL C 148 6.44 17.04 3.70
C VAL C 148 7.31 17.14 2.47
N GLN C 149 8.47 17.75 2.66
CA GLN C 149 9.45 17.87 1.61
C GLN C 149 10.01 16.51 1.26
N PRO C 150 10.02 16.14 -0.03
CA PRO C 150 10.56 14.91 -0.57
C PRO C 150 12.06 14.97 -0.75
N GLU C 151 12.70 13.82 -0.65
CA GLU C 151 14.13 13.72 -0.91
C GLU C 151 14.46 13.87 -2.39
N SER C 152 13.59 13.34 -3.23
CA SER C 152 13.81 13.39 -4.65
C SER C 152 12.64 13.95 -5.40
N ASP C 153 12.96 14.62 -6.49
CA ASP C 153 12.00 15.21 -7.38
C ASP C 153 11.16 14.17 -8.10
N LEU C 154 11.57 12.92 -8.03
CA LEU C 154 10.82 11.84 -8.63
C LEU C 154 9.59 11.47 -7.82
N ALA C 155 9.46 11.97 -6.59
CA ALA C 155 8.32 11.56 -5.78
C ALA C 155 7.89 12.64 -4.79
N SER C 156 7.22 13.66 -5.28
CA SER C 156 6.68 14.71 -4.41
C SER C 156 5.25 14.48 -3.97
N PRO C 157 5.00 14.28 -2.68
CA PRO C 157 3.71 14.08 -2.04
C PRO C 157 2.70 15.10 -2.49
N ILE C 158 3.13 16.35 -2.53
CA ILE C 158 2.26 17.44 -2.91
C ILE C 158 1.89 17.36 -4.35
N HIS C 159 2.90 17.16 -5.19
CA HIS C 159 2.63 17.12 -6.62
C HIS C 159 1.77 15.93 -6.96
N GLU C 160 1.98 14.82 -6.27
CA GLU C 160 1.18 13.66 -6.55
C GLU C 160 -0.23 13.85 -6.08
N ALA C 161 -0.39 14.45 -4.91
CA ALA C 161 -1.73 14.69 -4.41
C ALA C 161 -2.50 15.58 -5.37
N ALA C 162 -1.81 16.56 -5.95
CA ALA C 162 -2.41 17.43 -6.92
C ALA C 162 -2.87 16.65 -8.14
N ARG C 163 -2.05 15.70 -8.57
CA ARG C 163 -2.40 14.87 -9.71
C ARG C 163 -3.56 13.95 -9.41
N ARG C 164 -3.70 13.58 -8.15
CA ARG C 164 -4.75 12.67 -7.71
C ARG C 164 -6.04 13.36 -7.36
N GLY C 165 -5.96 14.64 -6.98
CA GLY C 165 -7.15 15.35 -6.57
C GLY C 165 -7.47 15.09 -5.09
N HIS C 166 -6.45 14.74 -4.32
CA HIS C 166 -6.64 14.45 -2.90
C HIS C 166 -6.56 15.74 -2.09
N VAL C 167 -7.60 16.56 -2.26
CA VAL C 167 -7.69 17.90 -1.72
C VAL C 167 -7.37 18.04 -0.25
N GLU C 168 -8.00 17.25 0.59
CA GLU C 168 -7.74 17.35 2.01
C GLU C 168 -6.32 16.94 2.39
N CYS C 169 -5.68 16.11 1.56
CA CYS C 169 -4.32 15.71 1.84
C CYS C 169 -3.43 16.86 1.52
N VAL C 170 -3.74 17.54 0.43
CA VAL C 170 -3.01 18.72 0.03
C VAL C 170 -3.05 19.74 1.12
N ASN C 171 -4.25 19.96 1.64
CA ASN C 171 -4.43 20.93 2.69
C ASN C 171 -3.58 20.60 3.90
N SER C 172 -3.57 19.33 4.30
CA SER C 172 -2.76 18.94 5.44
C SER C 172 -1.28 19.10 5.18
N LEU C 173 -0.83 18.76 3.98
CA LEU C 173 0.58 18.90 3.67
C LEU C 173 1.03 20.34 3.73
N ILE C 174 0.22 21.22 3.16
CA ILE C 174 0.55 22.63 3.16
C ILE C 174 0.53 23.19 4.54
N ALA C 175 -0.54 22.89 5.28
CA ALA C 175 -0.70 23.36 6.64
C ALA C 175 0.41 22.87 7.52
N TYR C 176 0.82 21.61 7.35
CA TYR C 176 1.90 21.07 8.14
C TYR C 176 3.19 21.80 7.81
N GLY C 177 3.29 22.26 6.57
CA GLY C 177 4.44 23.01 6.11
C GLY C 177 4.89 22.49 4.78
N GLY C 178 4.16 22.87 3.74
CA GLY C 178 4.48 22.45 2.38
C GLY C 178 4.45 23.62 1.41
N ASN C 179 5.42 23.67 0.52
CA ASN C 179 5.51 24.76 -0.43
C ASN C 179 4.57 24.54 -1.59
N ILE C 180 3.40 25.16 -1.51
CA ILE C 180 2.38 25.05 -2.53
C ILE C 180 2.83 25.45 -3.94
N ASP C 181 3.87 26.27 -4.06
CA ASP C 181 4.33 26.67 -5.38
C ASP C 181 5.64 26.02 -5.76
N HIS C 182 6.02 24.94 -5.09
CA HIS C 182 7.27 24.29 -5.41
C HIS C 182 7.25 23.80 -6.85
N LYS C 183 8.25 24.23 -7.60
CA LYS C 183 8.34 23.91 -9.01
C LYS C 183 9.34 22.81 -9.30
N ILE C 184 8.88 21.71 -9.89
CA ILE C 184 9.78 20.61 -10.25
C ILE C 184 9.85 20.36 -11.73
N SER C 185 10.98 20.72 -12.34
CA SER C 185 11.30 20.47 -13.76
C SER C 185 10.15 20.05 -14.68
N HIS C 186 9.92 18.74 -14.77
CA HIS C 186 8.93 18.14 -15.67
C HIS C 186 7.48 18.23 -15.20
N LEU C 187 7.30 18.62 -13.96
CA LEU C 187 6.00 18.75 -13.35
C LEU C 187 5.55 20.19 -13.26
N GLY C 188 6.50 21.07 -13.00
CA GLY C 188 6.17 22.46 -12.79
C GLY C 188 5.54 22.58 -11.43
N THR C 189 4.44 23.29 -11.33
CA THR C 189 3.78 23.45 -10.04
C THR C 189 2.64 22.48 -9.88
N PRO C 190 2.21 22.20 -8.65
CA PRO C 190 1.08 21.40 -8.27
C PRO C 190 -0.15 21.89 -8.97
N LEU C 191 -0.27 23.21 -9.06
CA LEU C 191 -1.38 23.84 -9.73
C LEU C 191 -1.43 23.45 -11.16
N TYR C 192 -0.29 23.57 -11.82
CA TYR C 192 -0.17 23.17 -13.20
C TYR C 192 -0.61 21.73 -13.38
N LEU C 193 -0.11 20.84 -12.52
CA LEU C 193 -0.45 19.44 -12.62
C LEU C 193 -1.92 19.15 -12.46
N ALA C 194 -2.55 19.82 -11.50
CA ALA C 194 -3.97 19.63 -11.28
C ALA C 194 -4.75 20.06 -12.49
N CYS C 195 -4.30 21.13 -13.14
CA CYS C 195 -4.95 21.61 -14.33
C CYS C 195 -4.79 20.59 -15.44
N GLU C 196 -3.60 20.00 -15.55
CA GLU C 196 -3.37 18.98 -16.55
C GLU C 196 -4.26 17.77 -16.38
N ASN C 197 -4.54 17.40 -15.13
CA ASN C 197 -5.42 16.26 -14.90
C ASN C 197 -6.87 16.64 -14.67
N GLN C 198 -7.25 17.89 -14.94
CA GLN C 198 -8.63 18.33 -14.76
C GLN C 198 -9.17 18.13 -13.36
N GLN C 199 -8.31 18.22 -12.36
CA GLN C 199 -8.72 18.03 -10.97
C GLN C 199 -9.34 19.30 -10.44
N ARG C 200 -10.51 19.63 -10.97
CA ARG C 200 -11.19 20.90 -10.70
C ARG C 200 -11.28 21.29 -9.25
N ALA C 201 -11.65 20.33 -8.40
CA ALA C 201 -11.76 20.62 -6.98
C ALA C 201 -10.41 21.01 -6.40
N CYS C 202 -9.38 20.30 -6.82
CA CYS C 202 -8.03 20.55 -6.36
C CYS C 202 -7.55 21.90 -6.84
N VAL C 203 -7.75 22.19 -8.12
CA VAL C 203 -7.32 23.45 -8.68
C VAL C 203 -7.87 24.59 -7.88
N LYS C 204 -9.18 24.56 -7.65
CA LYS C 204 -9.82 25.62 -6.91
C LYS C 204 -9.25 25.75 -5.53
N LYS C 205 -9.05 24.64 -4.84
CA LYS C 205 -8.56 24.71 -3.48
C LYS C 205 -7.13 25.23 -3.42
N LEU C 206 -6.30 24.83 -4.38
CA LEU C 206 -4.93 25.31 -4.42
C LEU C 206 -4.88 26.80 -4.59
N LEU C 207 -5.73 27.30 -5.48
CA LEU C 207 -5.81 28.70 -5.73
C LEU C 207 -6.30 29.45 -4.52
N GLU C 208 -7.27 28.87 -3.80
CA GLU C 208 -7.77 29.47 -2.58
C GLU C 208 -6.71 29.51 -1.50
N SER C 209 -5.85 28.50 -1.46
CA SER C 209 -4.76 28.47 -0.50
C SER C 209 -3.76 29.55 -0.83
N GLY C 210 -3.65 29.87 -2.12
CA GLY C 210 -2.77 30.92 -2.58
C GLY C 210 -1.74 30.44 -3.59
N ALA C 211 -2.11 29.48 -4.42
CA ALA C 211 -1.20 29.02 -5.46
C ALA C 211 -0.97 30.12 -6.47
N ASP C 212 0.25 30.22 -6.98
CA ASP C 212 0.54 31.25 -7.95
C ASP C 212 -0.10 30.94 -9.26
N VAL C 213 -1.24 31.57 -9.48
CA VAL C 213 -2.04 31.41 -10.67
C VAL C 213 -1.27 31.50 -11.99
N ASN C 214 -0.17 32.25 -12.04
CA ASN C 214 0.59 32.38 -13.28
C ASN C 214 1.88 31.57 -13.34
N GLN C 215 2.11 30.69 -12.38
CA GLN C 215 3.35 29.91 -12.40
C GLN C 215 3.11 28.45 -12.70
N GLY C 216 3.46 28.03 -13.90
CA GLY C 216 3.33 26.64 -14.29
C GLY C 216 4.68 26.04 -14.65
N LYS C 217 4.65 25.03 -15.51
CA LYS C 217 5.84 24.35 -15.99
C LYS C 217 6.57 25.19 -17.02
N GLY C 218 7.80 25.55 -16.72
CA GLY C 218 8.56 26.37 -17.65
C GLY C 218 7.83 27.69 -17.83
N GLN C 219 7.55 28.02 -19.09
CA GLN C 219 6.81 29.23 -19.42
C GLN C 219 5.34 28.92 -19.69
N ASP C 220 4.97 27.66 -19.55
CA ASP C 220 3.63 27.20 -19.80
C ASP C 220 2.76 27.43 -18.57
N SER C 221 1.91 28.45 -18.59
CA SER C 221 1.11 28.73 -17.41
C SER C 221 -0.04 27.76 -17.31
N PRO C 222 -0.64 27.64 -16.12
CA PRO C 222 -1.83 26.87 -15.84
C PRO C 222 -2.94 27.29 -16.78
N LEU C 223 -2.98 28.58 -17.11
CA LEU C 223 -3.99 29.07 -18.03
C LEU C 223 -3.77 28.49 -19.42
N HIS C 224 -2.51 28.43 -19.84
CA HIS C 224 -2.23 27.83 -21.14
C HIS C 224 -2.66 26.35 -21.12
N ALA C 225 -2.42 25.68 -19.99
CA ALA C 225 -2.79 24.28 -19.85
C ALA C 225 -4.29 24.09 -19.97
N VAL C 226 -5.05 24.94 -19.31
CA VAL C 226 -6.49 24.88 -19.44
C VAL C 226 -6.95 25.07 -20.86
N ALA C 227 -6.33 26.02 -21.55
CA ALA C 227 -6.70 26.27 -22.93
C ALA C 227 -6.51 25.02 -23.76
N ARG C 228 -5.41 24.30 -23.57
CA ARG C 228 -5.18 23.08 -24.32
C ARG C 228 -6.18 22.00 -24.02
N THR C 229 -6.59 21.88 -22.76
CA THR C 229 -7.55 20.86 -22.38
C THR C 229 -8.98 21.31 -22.62
N ALA C 230 -9.13 22.60 -22.92
CA ALA C 230 -10.40 23.22 -23.25
C ALA C 230 -11.44 23.12 -22.15
N SER C 231 -11.09 23.57 -20.94
CA SER C 231 -12.07 23.61 -19.86
C SER C 231 -12.54 25.02 -19.58
N GLU C 232 -13.76 25.34 -20.02
CA GLU C 232 -14.31 26.68 -19.81
C GLU C 232 -14.42 27.00 -18.34
N GLU C 233 -14.73 26.00 -17.53
CA GLU C 233 -14.86 26.17 -16.11
C GLU C 233 -13.54 26.58 -15.49
N LEU C 234 -12.49 25.85 -15.79
CA LEU C 234 -11.20 26.18 -15.22
C LEU C 234 -10.66 27.47 -15.79
N ALA C 235 -11.02 27.80 -17.02
CA ALA C 235 -10.57 29.04 -17.59
C ALA C 235 -11.11 30.20 -16.80
N CYS C 236 -12.41 30.15 -16.52
CA CYS C 236 -13.04 31.21 -15.76
C CYS C 236 -12.43 31.31 -14.38
N LEU C 237 -12.21 30.15 -13.77
CA LEU C 237 -11.64 30.09 -12.45
C LEU C 237 -10.29 30.77 -12.40
N LEU C 238 -9.39 30.39 -13.29
CA LEU C 238 -8.06 30.97 -13.30
C LEU C 238 -8.07 32.45 -13.62
N MET C 239 -8.92 32.87 -14.55
CA MET C 239 -9.01 34.28 -14.88
C MET C 239 -9.35 35.08 -13.64
N ASP C 240 -10.32 34.61 -12.87
CA ASP C 240 -10.72 35.30 -11.67
C ASP C 240 -9.61 35.36 -10.62
N PHE C 241 -8.76 34.34 -10.56
CA PHE C 241 -7.64 34.41 -9.65
C PHE C 241 -6.46 35.24 -10.15
N GLY C 242 -6.58 35.85 -11.33
CA GLY C 242 -5.52 36.71 -11.82
C GLY C 242 -4.63 36.12 -12.91
N ALA C 243 -5.13 35.09 -13.59
CA ALA C 243 -4.33 34.51 -14.67
C ALA C 243 -4.08 35.53 -15.77
N ASP C 244 -2.85 35.54 -16.25
CA ASP C 244 -2.41 36.47 -17.27
C ASP C 244 -2.70 35.99 -18.67
N THR C 245 -3.75 36.52 -19.27
CA THR C 245 -4.18 36.09 -20.60
C THR C 245 -3.23 36.52 -21.71
N GLN C 246 -2.28 37.40 -21.41
CA GLN C 246 -1.35 37.82 -22.42
C GLN C 246 0.00 37.17 -22.29
N ALA C 247 0.17 36.30 -21.30
CA ALA C 247 1.46 35.64 -21.12
C ALA C 247 1.72 34.65 -22.25
N LYS C 248 2.97 34.58 -22.69
CA LYS C 248 3.30 33.67 -23.76
C LYS C 248 4.07 32.47 -23.25
N ASN C 249 3.79 31.31 -23.83
CA ASN C 249 4.46 30.08 -23.43
C ASN C 249 5.82 30.00 -24.10
N ALA C 250 6.52 28.88 -23.89
CA ALA C 250 7.86 28.70 -24.44
C ALA C 250 7.86 28.84 -25.95
N GLU C 251 6.80 28.35 -26.58
CA GLU C 251 6.58 28.49 -28.01
C GLU C 251 6.55 29.95 -28.40
N GLY C 252 5.76 30.71 -27.65
CA GLY C 252 5.59 32.13 -27.85
C GLY C 252 4.12 32.44 -28.13
N LYS C 253 3.23 31.67 -27.50
CA LYS C 253 1.81 31.86 -27.74
C LYS C 253 1.02 32.16 -26.49
N ARG C 254 -0.04 32.91 -26.68
CA ARG C 254 -0.96 33.26 -25.61
C ARG C 254 -2.00 32.16 -25.54
N PRO C 255 -2.59 31.89 -24.38
CA PRO C 255 -3.59 30.86 -24.13
C PRO C 255 -4.69 30.85 -25.19
N VAL C 256 -5.19 32.03 -25.56
CA VAL C 256 -6.22 32.11 -26.59
C VAL C 256 -5.78 31.59 -27.95
N GLU C 257 -4.48 31.63 -28.20
CA GLU C 257 -3.91 31.21 -29.46
C GLU C 257 -3.72 29.70 -29.49
N LEU C 258 -3.99 29.03 -28.37
CA LEU C 258 -3.86 27.60 -28.28
C LEU C 258 -5.15 26.90 -28.67
N VAL C 259 -6.22 27.66 -28.90
CA VAL C 259 -7.47 27.00 -29.23
C VAL C 259 -8.07 27.54 -30.52
N PRO C 260 -8.92 26.76 -31.17
CA PRO C 260 -9.71 27.09 -32.34
C PRO C 260 -10.63 28.23 -32.00
N PRO C 261 -10.90 29.13 -32.94
CA PRO C 261 -11.76 30.30 -32.83
C PRO C 261 -13.21 29.89 -32.59
N GLU C 262 -13.56 28.67 -32.96
CA GLU C 262 -14.88 28.12 -32.72
C GLU C 262 -15.11 27.77 -31.25
N SER C 263 -14.02 27.62 -30.49
CA SER C 263 -14.12 27.27 -29.09
C SER C 263 -14.77 28.37 -28.28
N PRO C 264 -15.64 28.02 -27.32
CA PRO C 264 -16.27 28.88 -26.34
C PRO C 264 -15.21 29.69 -25.59
N LEU C 265 -14.02 29.12 -25.45
CA LEU C 265 -12.93 29.80 -24.79
C LEU C 265 -12.54 31.06 -25.49
N ALA C 266 -12.63 31.09 -26.82
CA ALA C 266 -12.22 32.27 -27.55
C ALA C 266 -13.05 33.44 -27.09
N GLN C 267 -14.35 33.22 -26.92
CA GLN C 267 -15.22 34.27 -26.45
C GLN C 267 -14.89 34.62 -25.02
N LEU C 268 -14.60 33.60 -24.22
CA LEU C 268 -14.26 33.83 -22.84
C LEU C 268 -12.97 34.61 -22.69
N PHE C 269 -12.03 34.41 -23.61
CA PHE C 269 -10.82 35.20 -23.57
C PHE C 269 -11.13 36.62 -23.99
N LEU C 270 -12.00 36.79 -24.99
CA LEU C 270 -12.37 38.12 -25.46
C LEU C 270 -12.97 38.96 -24.35
N GLU C 271 -13.73 38.33 -23.48
CA GLU C 271 -14.35 39.02 -22.36
C GLU C 271 -13.33 39.60 -21.40
N ARG C 272 -12.15 39.00 -21.32
CA ARG C 272 -11.12 39.48 -20.42
C ARG C 272 -9.92 40.10 -21.12
N GLU C 273 -10.08 40.51 -22.38
CA GLU C 273 -8.95 41.12 -23.08
C GLU C 273 -8.64 42.54 -22.60
N GLY C 274 -9.66 43.28 -22.19
CA GLY C 274 -9.41 44.65 -21.72
C GLY C 274 -8.92 44.64 -20.28
N PRO C 275 -8.63 45.81 -19.72
CA PRO C 275 -8.19 46.04 -18.36
C PRO C 275 -9.24 45.51 -17.41
N PRO C 276 -8.83 44.98 -16.26
CA PRO C 276 -9.63 44.43 -15.20
C PRO C 276 -10.32 45.53 -14.44
N SER C 277 -11.38 45.18 -13.72
CA SER C 277 -12.08 46.17 -12.92
C SER C 277 -11.24 46.61 -11.76
N LEU C 278 -11.56 47.76 -11.21
CA LEU C 278 -10.81 48.26 -10.09
C LEU C 278 -10.98 47.31 -8.93
N MET C 279 -12.21 46.86 -8.72
CA MET C 279 -12.45 45.91 -7.64
C MET C 279 -11.62 44.68 -7.84
N GLN C 280 -11.53 44.19 -9.07
CA GLN C 280 -10.72 43.02 -9.32
C GLN C 280 -9.30 43.24 -8.86
N LEU C 281 -8.75 44.38 -9.26
CA LEU C 281 -7.40 44.73 -8.90
C LEU C 281 -7.23 44.87 -7.40
N CYS C 282 -8.24 45.44 -6.77
CA CYS C 282 -8.21 45.65 -5.36
C CYS C 282 -8.19 44.34 -4.63
N ARG C 283 -9.06 43.43 -5.05
CA ARG C 283 -9.14 42.14 -4.40
C ARG C 283 -7.81 41.44 -4.50
N LEU C 284 -7.20 41.52 -5.68
CA LEU C 284 -5.92 40.89 -5.90
C LEU C 284 -4.85 41.49 -5.00
N ARG C 285 -4.90 42.80 -4.82
CA ARG C 285 -3.90 43.46 -4.00
C ARG C 285 -4.05 43.09 -2.54
N ILE C 286 -5.29 43.01 -2.08
CA ILE C 286 -5.56 42.65 -0.70
C ILE C 286 -5.08 41.25 -0.45
N ARG C 287 -5.42 40.37 -1.38
CA ARG C 287 -5.01 38.99 -1.31
C ARG C 287 -3.52 38.82 -1.14
N LYS C 288 -2.75 39.61 -1.89
CA LYS C 288 -1.30 39.55 -1.79
C LYS C 288 -0.73 39.83 -0.41
N CYS C 289 -1.50 40.45 0.47
CA CYS C 289 -1.03 40.74 1.82
C CYS C 289 -1.09 39.53 2.74
N PHE C 290 -1.80 38.49 2.33
CA PHE C 290 -1.95 37.31 3.16
C PHE C 290 -1.08 36.19 2.63
N GLY C 291 -0.60 35.34 3.52
CA GLY C 291 0.25 34.23 3.13
C GLY C 291 -0.57 33.00 2.75
N ILE C 292 0.10 31.86 2.69
CA ILE C 292 -0.57 30.63 2.28
C ILE C 292 -1.45 30.12 3.39
N GLN C 293 -2.71 29.90 3.03
CA GLN C 293 -3.76 29.49 3.96
C GLN C 293 -3.94 30.48 5.11
N GLN C 294 -3.68 31.76 4.85
CA GLN C 294 -3.87 32.78 5.87
C GLN C 294 -5.15 33.53 5.62
N HIS C 295 -5.92 33.10 4.62
CA HIS C 295 -7.12 33.78 4.17
C HIS C 295 -8.21 33.78 5.21
N HIS C 296 -8.11 32.92 6.20
CA HIS C 296 -9.01 32.92 7.33
C HIS C 296 -9.07 34.31 7.95
N LYS C 297 -7.91 34.96 8.03
CA LYS C 297 -7.75 36.27 8.64
C LYS C 297 -8.47 37.38 7.91
N ILE C 298 -8.90 37.15 6.67
CA ILE C 298 -9.65 38.14 5.90
C ILE C 298 -10.91 38.55 6.64
N THR C 299 -11.51 37.62 7.39
CA THR C 299 -12.72 37.89 8.12
C THR C 299 -12.52 38.86 9.28
N LYS C 300 -11.28 39.18 9.61
CA LYS C 300 -10.97 40.11 10.68
C LYS C 300 -10.85 41.54 10.17
N LEU C 301 -10.97 41.74 8.86
CA LEU C 301 -10.90 43.07 8.28
C LEU C 301 -12.16 43.86 8.53
N VAL C 302 -12.01 45.16 8.70
CA VAL C 302 -13.17 46.02 8.93
C VAL C 302 -13.88 46.29 7.61
N LEU C 303 -14.62 45.30 7.15
CA LEU C 303 -15.34 45.35 5.90
C LEU C 303 -16.75 44.87 6.08
N PRO C 304 -17.64 45.22 5.17
CA PRO C 304 -19.00 44.74 5.09
C PRO C 304 -18.90 43.30 4.62
N GLU C 305 -19.82 42.47 5.09
CA GLU C 305 -19.80 41.05 4.78
C GLU C 305 -19.71 40.76 3.30
N ASP C 306 -20.37 41.58 2.49
CA ASP C 306 -20.33 41.40 1.05
C ASP C 306 -18.92 41.39 0.52
N LEU C 307 -18.08 42.29 1.01
CA LEU C 307 -16.74 42.35 0.53
C LEU C 307 -15.92 41.26 1.13
N LYS C 308 -16.27 40.84 2.35
CA LYS C 308 -15.56 39.71 2.91
C LYS C 308 -15.79 38.49 2.05
N GLN C 309 -16.99 38.37 1.50
CA GLN C 309 -17.28 37.26 0.61
C GLN C 309 -16.51 37.42 -0.70
N PHE C 310 -16.40 38.66 -1.19
CA PHE C 310 -15.61 38.88 -2.39
C PHE C 310 -14.15 38.53 -2.22
N LEU C 311 -13.60 38.77 -1.05
CA LEU C 311 -12.22 38.43 -0.83
C LEU C 311 -12.04 36.95 -0.57
N LEU C 312 -12.95 36.36 0.17
CA LEU C 312 -12.85 34.94 0.44
C LEU C 312 -13.10 34.11 -0.80
N HIS C 313 -13.94 34.62 -1.71
CA HIS C 313 -14.20 33.90 -2.94
C HIS C 313 -13.41 34.44 -4.12
N LEU C 314 -12.34 35.18 -3.84
CA LEU C 314 -11.44 35.63 -4.89
C LEU C 314 -10.60 34.47 -5.32
N TYR D 3 -15.74 67.97 -19.82
CA TYR D 3 -15.26 67.66 -18.48
C TYR D 3 -16.34 67.82 -17.44
N VAL D 4 -16.25 67.04 -16.37
CA VAL D 4 -17.20 67.11 -15.26
C VAL D 4 -16.47 67.20 -13.94
N LYS D 5 -17.19 67.61 -12.90
CA LYS D 5 -16.57 67.75 -11.59
C LYS D 5 -17.05 66.75 -10.56
N LEU D 6 -16.11 66.22 -9.79
CA LEU D 6 -16.43 65.32 -8.70
C LEU D 6 -15.91 65.95 -7.41
N ILE D 7 -16.66 65.84 -6.33
CA ILE D 7 -16.20 66.42 -5.07
C ILE D 7 -15.90 65.36 -4.02
N SER D 8 -14.72 65.46 -3.39
CA SER D 8 -14.34 64.47 -2.37
C SER D 8 -15.10 64.75 -1.10
N SER D 9 -15.06 63.83 -0.15
CA SER D 9 -15.72 64.08 1.14
C SER D 9 -15.00 65.17 1.93
N ASP D 10 -13.79 65.50 1.51
CA ASP D 10 -12.96 66.47 2.17
C ASP D 10 -12.99 67.82 1.46
N GLY D 11 -13.82 67.93 0.43
CA GLY D 11 -13.97 69.19 -0.29
C GLY D 11 -13.00 69.41 -1.45
N HIS D 12 -12.42 68.35 -1.99
CA HIS D 12 -11.52 68.56 -3.11
C HIS D 12 -12.30 68.56 -4.39
N GLU D 13 -11.83 69.34 -5.33
CA GLU D 13 -12.47 69.48 -6.61
C GLU D 13 -11.73 68.71 -7.68
N PHE D 14 -12.36 67.71 -8.27
CA PHE D 14 -11.72 66.96 -9.34
C PHE D 14 -12.34 67.22 -10.66
N ILE D 15 -11.52 67.62 -11.61
CA ILE D 15 -12.03 67.84 -12.94
C ILE D 15 -11.54 66.73 -13.83
N VAL D 16 -12.47 66.05 -14.47
CA VAL D 16 -12.14 64.89 -15.29
C VAL D 16 -13.00 64.79 -16.50
N LYS D 17 -12.42 64.34 -17.58
CA LYS D 17 -13.16 64.17 -18.80
C LYS D 17 -14.33 63.28 -18.53
N ARG D 18 -15.51 63.76 -18.86
CA ARG D 18 -16.76 63.04 -18.64
C ARG D 18 -16.70 61.63 -19.12
N GLU D 19 -16.10 61.43 -20.28
CA GLU D 19 -16.05 60.14 -20.91
C GLU D 19 -15.25 59.16 -20.08
N HIS D 20 -14.27 59.64 -19.32
CA HIS D 20 -13.52 58.75 -18.45
C HIS D 20 -14.37 58.46 -17.23
N ALA D 21 -15.10 59.47 -16.77
CA ALA D 21 -15.95 59.33 -15.60
C ALA D 21 -16.99 58.25 -15.83
N LEU D 22 -17.50 58.18 -17.05
CA LEU D 22 -18.47 57.17 -17.45
C LEU D 22 -17.98 55.71 -17.35
N THR D 23 -16.74 55.49 -16.92
CA THR D 23 -16.23 54.17 -16.68
C THR D 23 -17.04 53.41 -15.64
N SER D 24 -17.42 54.09 -14.56
CA SER D 24 -18.12 53.40 -13.50
C SER D 24 -19.60 53.30 -13.79
N GLY D 25 -20.25 52.28 -13.23
CA GLY D 25 -21.68 52.10 -13.43
C GLY D 25 -22.48 53.17 -12.71
N THR D 26 -22.05 53.51 -11.50
CA THR D 26 -22.73 54.52 -10.72
C THR D 26 -22.70 55.87 -11.41
N ILE D 27 -21.54 56.27 -11.94
CA ILE D 27 -21.53 57.55 -12.62
C ILE D 27 -22.40 57.52 -13.86
N LYS D 28 -22.38 56.41 -14.59
CA LYS D 28 -23.28 56.32 -15.74
C LYS D 28 -24.72 56.47 -15.29
N ALA D 29 -25.06 55.88 -14.15
CA ALA D 29 -26.39 56.01 -13.59
C ALA D 29 -26.70 57.47 -13.23
N MET D 30 -25.65 58.22 -12.85
CA MET D 30 -25.78 59.64 -12.53
C MET D 30 -25.88 60.55 -13.75
N LEU D 31 -25.96 59.99 -14.95
CA LEU D 31 -26.11 60.80 -16.15
C LEU D 31 -27.21 60.26 -17.05
N GLU D 44 -20.69 67.04 -11.79
CA GLU D 44 -21.06 67.77 -10.59
C GLU D 44 -21.60 66.82 -9.53
N VAL D 45 -20.80 65.84 -9.13
CA VAL D 45 -21.26 64.88 -8.13
C VAL D 45 -20.40 64.93 -6.89
N ASN D 46 -21.05 65.14 -5.77
CA ASN D 46 -20.37 65.22 -4.50
C ASN D 46 -20.40 63.91 -3.75
N PHE D 47 -19.27 63.20 -3.76
CA PHE D 47 -19.21 61.92 -3.08
C PHE D 47 -18.83 62.08 -1.64
N ARG D 48 -19.78 62.46 -0.81
CA ARG D 48 -19.52 62.61 0.62
C ARG D 48 -19.03 61.30 1.24
N GLU D 49 -19.54 60.21 0.70
CA GLU D 49 -19.16 58.86 1.10
C GLU D 49 -17.73 58.42 0.69
N ILE D 50 -17.05 59.16 -0.18
CA ILE D 50 -15.71 58.78 -0.61
C ILE D 50 -14.67 59.84 -0.25
N PRO D 51 -13.66 59.50 0.57
CA PRO D 51 -12.59 60.36 1.04
C PRO D 51 -11.63 60.71 -0.05
N SER D 52 -10.99 61.88 0.10
CA SER D 52 -10.03 62.40 -0.86
C SER D 52 -8.82 61.54 -0.96
N HIS D 53 -8.58 60.76 0.06
CA HIS D 53 -7.46 59.87 0.06
C HIS D 53 -7.50 58.88 -1.09
N VAL D 54 -8.69 58.50 -1.54
CA VAL D 54 -8.74 57.54 -2.63
C VAL D 54 -9.46 58.04 -3.87
N LEU D 55 -10.33 59.05 -3.75
CA LEU D 55 -11.08 59.49 -4.92
C LEU D 55 -10.20 59.87 -6.08
N SER D 56 -9.11 60.55 -5.81
CA SER D 56 -8.22 60.95 -6.89
C SER D 56 -7.67 59.76 -7.65
N LYS D 57 -7.48 58.65 -6.95
CA LYS D 57 -6.92 57.49 -7.58
C LYS D 57 -7.94 56.85 -8.45
N VAL D 58 -9.18 56.86 -8.00
CA VAL D 58 -10.27 56.31 -8.80
C VAL D 58 -10.33 57.03 -10.13
N CYS D 59 -10.18 58.34 -10.09
CA CYS D 59 -10.15 59.12 -11.30
C CYS D 59 -9.03 58.64 -12.19
N MET D 60 -7.84 58.48 -11.63
CA MET D 60 -6.70 58.00 -12.39
C MET D 60 -7.04 56.68 -13.07
N TYR D 61 -7.64 55.75 -12.32
CA TYR D 61 -8.10 54.49 -12.87
C TYR D 61 -8.99 54.68 -14.07
N PHE D 62 -9.89 55.66 -14.02
CA PHE D 62 -10.77 55.87 -15.16
C PHE D 62 -9.97 56.10 -16.42
N THR D 63 -8.93 56.91 -16.31
CA THR D 63 -8.09 57.17 -17.46
C THR D 63 -7.38 55.92 -17.91
N TYR D 64 -6.82 55.19 -16.95
CA TYR D 64 -6.10 53.95 -17.20
C TYR D 64 -6.89 52.97 -18.02
N LYS D 65 -8.10 52.68 -17.58
CA LYS D 65 -8.90 51.73 -18.31
C LYS D 65 -9.23 52.22 -19.70
N VAL D 66 -9.54 53.51 -19.83
CA VAL D 66 -9.83 54.03 -21.14
C VAL D 66 -8.63 53.94 -22.06
N ARG D 67 -7.47 54.31 -21.56
CA ARG D 67 -6.27 54.30 -22.36
C ARG D 67 -5.92 52.94 -22.92
N TYR D 68 -6.08 51.92 -22.11
CA TYR D 68 -5.71 50.59 -22.54
C TYR D 68 -6.87 49.73 -22.96
N THR D 69 -7.98 50.33 -23.34
CA THR D 69 -9.13 49.55 -23.77
C THR D 69 -8.87 48.72 -25.02
N ASN D 70 -8.21 49.31 -26.03
CA ASN D 70 -7.94 48.59 -27.27
C ASN D 70 -6.51 48.74 -27.74
N SER D 71 -5.56 48.08 -27.08
CA SER D 71 -4.16 48.18 -27.47
C SER D 71 -3.29 47.09 -26.83
N GLU D 74 -0.47 45.34 -25.32
CA GLU D 74 0.23 45.43 -24.04
C GLU D 74 -0.40 46.38 -23.06
N ILE D 75 -0.70 45.88 -21.86
CA ILE D 75 -1.29 46.70 -20.81
C ILE D 75 -0.49 46.58 -19.51
N PRO D 76 -0.04 47.68 -18.91
CA PRO D 76 0.72 47.78 -17.66
C PRO D 76 -0.19 47.51 -16.47
N GLU D 77 0.41 47.25 -15.31
CA GLU D 77 -0.39 46.98 -14.13
C GLU D 77 -0.61 48.20 -13.25
N PHE D 78 -1.88 48.60 -13.15
CA PHE D 78 -2.32 49.69 -12.29
C PHE D 78 -1.71 49.59 -10.88
N PRO D 79 -1.07 50.64 -10.38
CA PRO D 79 -0.43 50.73 -9.09
C PRO D 79 -1.45 50.87 -7.99
N ILE D 80 -1.14 50.30 -6.83
CA ILE D 80 -2.03 50.36 -5.68
C ILE D 80 -1.31 50.04 -4.36
N ALA D 81 -1.61 50.83 -3.34
CA ALA D 81 -1.01 50.67 -2.01
C ALA D 81 -1.92 49.88 -1.08
N PRO D 82 -1.37 49.07 -0.18
CA PRO D 82 -2.07 48.26 0.78
C PRO D 82 -2.84 49.13 1.75
N GLU D 83 -2.38 50.35 1.96
CA GLU D 83 -3.06 51.30 2.84
C GLU D 83 -4.37 51.79 2.27
N ILE D 84 -4.58 51.62 0.98
CA ILE D 84 -5.79 52.12 0.39
C ILE D 84 -6.62 51.03 -0.19
N ALA D 85 -6.04 49.85 -0.34
CA ALA D 85 -6.73 48.76 -0.97
C ALA D 85 -8.11 48.49 -0.39
N LEU D 86 -8.24 48.59 0.94
CA LEU D 86 -9.53 48.30 1.55
C LEU D 86 -10.55 49.37 1.26
N GLU D 87 -10.16 50.62 1.45
CA GLU D 87 -11.09 51.71 1.21
C GLU D 87 -11.39 51.86 -0.25
N LEU D 88 -10.38 51.64 -1.07
CA LEU D 88 -10.52 51.76 -2.49
C LEU D 88 -11.48 50.72 -2.97
N LEU D 89 -11.35 49.50 -2.46
CA LEU D 89 -12.28 48.45 -2.80
C LEU D 89 -13.69 48.88 -2.52
N MET D 90 -13.89 49.41 -1.31
CA MET D 90 -15.20 49.87 -0.91
C MET D 90 -15.72 50.95 -1.83
N ALA D 91 -14.85 51.89 -2.19
CA ALA D 91 -15.22 52.97 -3.08
C ALA D 91 -15.60 52.43 -4.43
N ALA D 92 -14.82 51.47 -4.92
CA ALA D 92 -15.10 50.88 -6.20
C ALA D 92 -16.42 50.17 -6.17
N ASN D 93 -16.69 49.48 -5.06
CA ASN D 93 -17.94 48.79 -4.90
C ASN D 93 -19.06 49.79 -5.02
N PHE D 94 -18.95 50.90 -4.29
CA PHE D 94 -19.93 51.97 -4.36
C PHE D 94 -20.13 52.49 -5.78
N LEU D 95 -19.04 52.69 -6.48
CA LEU D 95 -19.13 53.23 -7.82
C LEU D 95 -19.47 52.20 -8.87
N ASP D 96 -19.50 50.92 -8.51
CA ASP D 96 -19.80 49.88 -9.49
C ASP D 96 -18.66 49.77 -10.48
N CYS D 97 -17.45 49.59 -9.94
CA CYS D 97 -16.25 49.45 -10.74
C CYS D 97 -15.42 48.25 -10.30
N ASP E 2 1.83 60.50 -25.78
CA ASP E 2 0.82 61.26 -25.07
C ASP E 2 1.24 61.55 -23.63
N VAL E 3 0.76 62.67 -23.11
CA VAL E 3 1.05 63.15 -21.77
C VAL E 3 -0.18 63.10 -20.89
N PHE E 4 -0.08 62.39 -19.77
CA PHE E 4 -1.19 62.32 -18.83
C PHE E 4 -0.87 63.19 -17.64
N LEU E 5 -1.35 64.40 -17.68
CA LEU E 5 -0.97 65.39 -16.70
C LEU E 5 -2.03 65.78 -15.70
N MET E 6 -1.67 65.79 -14.43
CA MET E 6 -2.54 66.24 -13.37
C MET E 6 -2.09 67.62 -12.84
N ILE E 7 -2.99 68.59 -12.91
CA ILE E 7 -2.65 69.94 -12.48
C ILE E 7 -3.40 70.35 -11.25
N ARG E 8 -2.69 70.91 -10.27
CA ARG E 8 -3.33 71.23 -9.00
C ARG E 8 -3.12 72.66 -8.47
N ARG E 9 -4.13 73.15 -7.76
CA ARG E 9 -4.16 74.47 -7.11
C ARG E 9 -5.01 74.41 -5.85
N HIS E 10 -4.39 74.52 -4.67
CA HIS E 10 -5.14 74.38 -3.42
C HIS E 10 -5.86 73.05 -3.44
N LYS E 11 -7.18 73.05 -3.37
CA LYS E 11 -7.90 71.78 -3.41
C LYS E 11 -8.44 71.44 -4.79
N THR E 12 -8.07 72.22 -5.80
CA THR E 12 -8.50 71.96 -7.16
C THR E 12 -7.50 71.08 -7.90
N THR E 13 -7.99 69.97 -8.42
CA THR E 13 -7.17 69.02 -9.18
C THR E 13 -7.82 68.66 -10.52
N ILE E 14 -7.05 68.72 -11.61
CA ILE E 14 -7.59 68.39 -12.92
C ILE E 14 -6.73 67.42 -13.69
N PHE E 15 -7.38 66.45 -14.31
CA PHE E 15 -6.70 65.44 -15.13
C PHE E 15 -6.91 65.70 -16.60
N THR E 16 -5.82 65.83 -17.36
CA THR E 16 -5.98 66.11 -18.78
C THR E 16 -4.83 65.56 -19.62
N ASP E 17 -5.14 65.24 -20.88
CA ASP E 17 -4.15 64.70 -21.80
C ASP E 17 -3.55 65.75 -22.72
N ALA E 18 -2.32 65.51 -23.14
CA ALA E 18 -1.63 66.44 -24.04
C ALA E 18 -0.58 65.74 -24.90
N LYS E 19 -0.02 66.49 -25.84
CA LYS E 19 1.05 65.98 -26.70
C LYS E 19 2.40 66.47 -26.18
N GLU E 20 3.45 65.69 -26.37
CA GLU E 20 4.78 66.11 -25.91
C GLU E 20 5.23 67.39 -26.58
N SER E 21 4.80 67.57 -27.83
CA SER E 21 5.09 68.75 -28.63
C SER E 21 4.23 69.95 -28.27
N SER E 22 3.19 69.75 -27.46
CA SER E 22 2.33 70.84 -27.09
C SER E 22 3.05 71.78 -26.15
N THR E 23 2.78 73.07 -26.31
CA THR E 23 3.46 74.06 -25.51
C THR E 23 2.74 74.35 -24.23
N VAL E 24 3.46 74.93 -23.29
CA VAL E 24 2.91 75.40 -22.04
C VAL E 24 1.82 76.41 -22.29
N PHE E 25 2.04 77.30 -23.26
CA PHE E 25 0.99 78.21 -23.68
C PHE E 25 -0.28 77.47 -24.06
N GLU E 26 -0.14 76.43 -24.89
CA GLU E 26 -1.30 75.65 -25.28
C GLU E 26 -1.93 74.97 -24.08
N LEU E 27 -1.09 74.52 -23.15
CA LEU E 27 -1.57 73.92 -21.91
C LEU E 27 -2.40 74.92 -21.15
N LYS E 28 -1.97 76.19 -21.12
CA LYS E 28 -2.77 77.21 -20.48
C LYS E 28 -4.12 77.35 -21.14
N ARG E 29 -4.17 77.21 -22.47
CA ARG E 29 -5.44 77.24 -23.16
C ARG E 29 -6.29 76.05 -22.76
N ILE E 30 -5.64 74.91 -22.53
CA ILE E 30 -6.34 73.74 -22.07
C ILE E 30 -6.94 74.02 -20.70
N VAL E 31 -6.16 74.64 -19.83
CA VAL E 31 -6.66 75.00 -18.52
C VAL E 31 -7.82 75.96 -18.60
N GLU E 32 -7.69 76.98 -19.45
CA GLU E 32 -8.71 78.01 -19.66
C GLU E 32 -10.09 77.43 -19.94
N GLY E 33 -10.15 76.36 -20.72
CA GLY E 33 -11.42 75.72 -21.03
C GLY E 33 -12.26 75.37 -19.78
N ILE E 34 -11.60 75.17 -18.65
CA ILE E 34 -12.26 74.86 -17.38
C ILE E 34 -12.27 76.08 -16.47
N LEU E 35 -11.11 76.68 -16.35
CA LEU E 35 -10.85 77.86 -15.55
C LEU E 35 -11.68 79.08 -15.89
N LYS E 36 -11.81 79.33 -17.18
CA LYS E 36 -12.49 80.49 -17.74
C LYS E 36 -11.72 81.78 -17.47
N ARG E 37 -10.39 81.71 -17.47
CA ARG E 37 -9.54 82.88 -17.34
C ARG E 37 -8.39 82.75 -18.34
N PRO E 38 -7.99 83.83 -19.02
CA PRO E 38 -6.96 83.92 -20.04
C PRO E 38 -5.63 83.41 -19.55
N PRO E 39 -4.80 82.85 -20.43
CA PRO E 39 -3.45 82.34 -20.22
C PRO E 39 -2.56 83.33 -19.49
N ASP E 40 -2.72 84.61 -19.75
CA ASP E 40 -1.93 85.62 -19.05
C ASP E 40 -2.26 85.68 -17.55
N GLU E 41 -3.42 85.15 -17.16
CA GLU E 41 -3.81 85.11 -15.77
C GLU E 41 -3.48 83.76 -15.15
N GLN E 42 -2.76 82.92 -15.88
CA GLN E 42 -2.42 81.60 -15.38
C GLN E 42 -0.94 81.49 -15.06
N ARG E 43 -0.63 80.73 -14.02
CA ARG E 43 0.76 80.52 -13.65
C ARG E 43 1.05 79.05 -13.49
N LEU E 44 1.33 78.39 -14.60
CA LEU E 44 1.67 76.98 -14.52
C LEU E 44 3.07 76.87 -14.01
N TYR E 45 3.31 75.92 -13.13
CA TYR E 45 4.65 75.73 -12.63
C TYR E 45 4.84 74.28 -12.28
N LYS E 46 6.08 73.80 -12.33
CA LYS E 46 6.31 72.39 -12.04
C LYS E 46 6.23 72.09 -10.54
N ASP E 47 7.38 72.18 -9.87
CA ASP E 47 7.49 71.96 -8.44
C ASP E 47 7.42 73.30 -7.72
N ASP E 48 7.89 74.31 -8.43
CA ASP E 48 7.94 75.68 -7.98
C ASP E 48 8.44 76.54 -9.14
N GLN E 49 9.26 75.93 -9.99
CA GLN E 49 9.74 76.56 -11.19
C GLN E 49 8.60 76.88 -12.11
N LEU E 50 8.46 78.16 -12.40
CA LEU E 50 7.38 78.60 -13.25
C LEU E 50 7.65 78.07 -14.65
N LEU E 51 6.62 77.58 -15.31
CA LEU E 51 6.79 77.04 -16.64
C LEU E 51 6.74 78.13 -17.70
N ASP E 52 7.60 77.95 -18.70
CA ASP E 52 7.75 78.86 -19.82
C ASP E 52 6.80 78.54 -20.96
N ASP E 53 5.90 79.46 -21.26
CA ASP E 53 4.93 79.32 -22.34
C ASP E 53 5.52 78.88 -23.67
N GLY E 54 6.77 79.27 -23.94
CA GLY E 54 7.46 78.95 -25.19
C GLY E 54 8.16 77.58 -25.19
N LYS E 55 8.02 76.82 -24.12
CA LYS E 55 8.59 75.49 -24.07
C LYS E 55 7.53 74.43 -24.23
N THR E 56 7.90 73.31 -24.80
CA THR E 56 6.99 72.19 -24.94
C THR E 56 7.05 71.35 -23.71
N LEU E 57 6.11 70.44 -23.57
CA LEU E 57 6.12 69.55 -22.42
C LEU E 57 7.37 68.69 -22.43
N GLY E 58 7.77 68.22 -23.61
CA GLY E 58 9.01 67.49 -23.76
C GLY E 58 10.19 68.35 -23.33
N GLU E 59 10.19 69.62 -23.76
CA GLU E 59 11.24 70.56 -23.41
C GLU E 59 11.32 70.79 -21.90
N CYS E 60 10.16 70.78 -21.24
CA CYS E 60 10.10 70.98 -19.81
C CYS E 60 10.43 69.73 -18.98
N GLY E 61 10.79 68.62 -19.62
CA GLY E 61 11.16 67.41 -18.89
C GLY E 61 10.01 66.44 -18.65
N PHE E 62 8.91 66.58 -19.40
CA PHE E 62 7.79 65.66 -19.22
C PHE E 62 7.76 64.67 -20.37
N THR E 63 7.48 63.43 -20.06
CA THR E 63 7.43 62.40 -21.10
C THR E 63 6.58 61.19 -20.77
N SER E 64 6.67 60.18 -21.63
CA SER E 64 5.90 58.94 -21.52
C SER E 64 6.32 58.07 -20.35
N GLN E 65 7.48 58.36 -19.80
CA GLN E 65 8.03 57.65 -18.67
C GLN E 65 7.71 58.37 -17.36
N THR E 66 6.93 59.44 -17.44
CA THR E 66 6.57 60.23 -16.28
C THR E 66 5.06 60.36 -16.24
N ALA E 67 4.53 61.28 -17.02
CA ALA E 67 3.11 61.53 -17.13
C ALA E 67 2.42 60.36 -17.81
N ARG E 68 2.05 59.36 -17.02
CA ARG E 68 1.49 58.12 -17.53
C ARG E 68 0.04 57.93 -17.15
N PRO E 69 -0.71 57.14 -17.91
CA PRO E 69 -2.11 56.85 -17.71
C PRO E 69 -2.35 56.07 -16.43
N GLN E 70 -1.34 55.33 -15.96
CA GLN E 70 -1.47 54.64 -14.69
C GLN E 70 -0.90 55.48 -13.55
N ALA E 71 -0.28 56.61 -13.86
CA ALA E 71 0.32 57.47 -12.85
C ALA E 71 0.75 58.77 -13.51
N PRO E 72 -0.08 59.82 -13.46
CA PRO E 72 0.08 61.12 -14.09
C PRO E 72 1.11 61.98 -13.39
N ALA E 73 1.62 62.95 -14.12
CA ALA E 73 2.61 63.88 -13.59
C ALA E 73 1.92 64.97 -12.83
N THR E 74 2.61 65.62 -11.92
CA THR E 74 2.01 66.70 -11.16
C THR E 74 2.64 68.06 -11.46
N VAL E 75 1.80 68.97 -11.95
CA VAL E 75 2.17 70.35 -12.24
C VAL E 75 1.27 71.29 -11.48
N GLY E 76 1.87 72.26 -10.82
CA GLY E 76 1.05 73.19 -10.07
C GLY E 76 0.48 74.32 -10.91
N LEU E 77 -0.50 75.01 -10.36
CA LEU E 77 -1.14 76.14 -11.01
C LEU E 77 -1.55 77.23 -10.05
N ALA E 78 -1.10 78.44 -10.32
CA ALA E 78 -1.52 79.59 -9.56
C ALA E 78 -2.15 80.56 -10.52
N PHE E 79 -2.68 81.68 -10.02
CA PHE E 79 -3.32 82.63 -10.91
C PHE E 79 -2.87 84.04 -10.69
N ARG E 80 -3.00 84.87 -11.71
CA ARG E 80 -2.62 86.25 -11.56
C ARG E 80 -3.53 86.96 -10.59
N ALA E 81 -2.92 87.61 -9.63
CA ALA E 81 -3.58 88.42 -8.64
C ALA E 81 -3.17 89.87 -8.89
N ASP E 82 -3.89 90.54 -9.76
CA ASP E 82 -3.58 91.91 -10.13
C ASP E 82 -2.15 92.04 -10.66
N ASP E 83 -1.26 92.65 -9.88
CA ASP E 83 0.12 92.85 -10.33
C ASP E 83 1.06 91.73 -9.88
N THR E 84 0.49 90.68 -9.31
CA THR E 84 1.25 89.54 -8.82
C THR E 84 0.50 88.26 -9.09
N PHE E 85 0.81 87.22 -8.34
CA PHE E 85 0.11 85.96 -8.50
C PHE E 85 0.05 85.16 -7.21
N GLU E 86 -0.93 84.26 -7.16
CA GLU E 86 -1.26 83.48 -5.99
C GLU E 86 -0.15 82.60 -5.51
N ALA E 87 -0.14 82.34 -4.21
CA ALA E 87 0.86 81.49 -3.59
C ALA E 87 0.90 80.16 -4.29
N LEU E 88 2.10 79.65 -4.52
CA LEU E 88 2.28 78.41 -5.25
C LEU E 88 2.12 77.21 -4.30
N CYS E 89 0.91 77.04 -3.78
CA CYS E 89 0.63 75.98 -2.83
C CYS E 89 -0.47 75.05 -3.26
N ILE E 90 -0.33 73.79 -2.89
CA ILE E 90 -1.30 72.76 -3.21
C ILE E 90 -1.70 72.04 -1.95
N GLU E 91 -3.01 71.89 -1.73
CA GLU E 91 -3.53 71.25 -0.54
C GLU E 91 -3.55 69.74 -0.72
N PRO E 92 -2.87 68.99 0.13
CA PRO E 92 -2.77 67.54 0.16
C PRO E 92 -4.12 66.89 0.30
N PHE E 93 -4.20 65.67 -0.18
CA PHE E 93 -5.38 64.85 0.00
C PHE E 93 -5.27 64.25 1.39
N SER E 94 -6.33 63.65 1.89
CA SER E 94 -6.28 63.05 3.22
C SER E 94 -5.16 62.04 3.35
N SER E 95 -4.61 61.96 4.55
CA SER E 95 -3.59 61.00 4.87
C SER E 95 -4.23 59.61 4.89
N PRO E 96 -3.42 58.54 4.81
CA PRO E 96 -3.79 57.14 4.84
C PRO E 96 -4.13 56.66 6.24
N PRO E 97 -5.00 55.67 6.34
CA PRO E 97 -5.41 54.94 7.52
C PRO E 97 -4.34 53.93 7.87
N GLU E 98 -4.29 53.52 9.12
CA GLU E 98 -3.32 52.52 9.52
C GLU E 98 -3.66 51.16 8.91
N LEU E 99 -2.64 50.44 8.49
CA LEU E 99 -2.83 49.12 7.90
C LEU E 99 -3.18 48.10 8.98
N PRO E 100 -4.28 47.35 8.88
CA PRO E 100 -4.73 46.32 9.80
C PRO E 100 -3.67 45.25 9.99
N ASP E 101 -3.58 44.75 11.22
CA ASP E 101 -2.58 43.76 11.60
C ASP E 101 -2.55 42.52 10.72
N VAL E 102 -3.69 42.09 10.25
CA VAL E 102 -3.74 40.91 9.40
C VAL E 102 -3.16 41.17 8.00
N MET E 103 -3.11 42.44 7.59
CA MET E 103 -2.51 42.78 6.32
C MET E 103 -1.09 43.26 6.51
N LYS E 104 -0.75 43.64 7.74
CA LYS E 104 0.61 44.07 8.02
C LYS E 104 1.57 42.91 7.86
N PRO E 105 2.74 43.15 7.25
CA PRO E 105 3.80 42.20 6.97
C PRO E 105 4.01 41.23 8.11
N GLN E 106 3.91 39.95 7.79
CA GLN E 106 4.09 38.87 8.75
C GLN E 106 5.53 38.76 9.22
N SER A 6 -10.55 -39.76 -2.15
CA SER A 6 -11.84 -39.39 -2.69
C SER A 6 -12.22 -37.97 -2.30
N HIS A 7 -11.24 -37.16 -1.85
CA HIS A 7 -11.57 -35.79 -1.46
C HIS A 7 -12.02 -35.03 -2.67
N ASN A 8 -11.40 -35.33 -3.79
CA ASN A 8 -11.74 -34.71 -5.05
C ASN A 8 -13.07 -35.26 -5.54
N ALA A 9 -13.35 -36.53 -5.24
CA ALA A 9 -14.62 -37.12 -5.59
C ALA A 9 -15.72 -36.43 -4.78
N LEU A 10 -15.42 -36.11 -3.53
CA LEU A 10 -16.34 -35.35 -2.73
C LEU A 10 -16.54 -33.98 -3.30
N LYS A 11 -15.49 -33.38 -3.85
CA LYS A 11 -15.63 -32.09 -4.52
C LYS A 11 -16.60 -32.21 -5.68
N LEU A 12 -16.57 -33.36 -6.35
CA LEU A 12 -17.45 -33.63 -7.48
C LEU A 12 -18.88 -33.94 -7.08
N ARG A 13 -19.18 -33.91 -5.78
CA ARG A 13 -20.54 -34.10 -5.33
C ARG A 13 -21.22 -32.74 -5.23
N PHE A 14 -20.43 -31.68 -5.37
CA PHE A 14 -20.97 -30.35 -5.33
C PHE A 14 -21.02 -29.79 -6.73
N PRO A 15 -21.93 -28.88 -7.01
CA PRO A 15 -22.04 -28.11 -8.22
C PRO A 15 -20.76 -27.33 -8.40
N ALA A 16 -20.33 -27.16 -9.64
CA ALA A 16 -19.07 -26.50 -9.92
C ALA A 16 -19.02 -25.11 -9.33
N GLU A 17 -20.13 -24.40 -9.42
CA GLU A 17 -20.21 -23.05 -8.89
C GLU A 17 -20.07 -23.00 -7.38
N ASP A 18 -20.34 -24.09 -6.69
CA ASP A 18 -20.16 -24.13 -5.25
C ASP A 18 -18.69 -24.26 -4.95
N GLU A 19 -17.99 -25.02 -5.78
CA GLU A 19 -16.57 -25.19 -5.63
C GLU A 19 -15.79 -24.01 -6.22
N PHE A 20 -16.39 -23.32 -7.20
CA PHE A 20 -15.75 -22.19 -7.83
C PHE A 20 -15.38 -21.15 -6.79
N PRO A 21 -14.09 -20.84 -6.64
CA PRO A 21 -13.52 -19.93 -5.66
C PRO A 21 -13.91 -18.51 -5.95
N ASP A 22 -14.00 -17.71 -4.89
CA ASP A 22 -14.35 -16.31 -5.00
C ASP A 22 -13.13 -15.48 -5.32
N LEU A 23 -13.02 -15.08 -6.57
CA LEU A 23 -11.86 -14.33 -7.05
C LEU A 23 -12.08 -12.82 -7.11
N SER A 24 -13.15 -12.34 -6.47
CA SER A 24 -13.50 -10.91 -6.54
C SER A 24 -12.38 -9.94 -6.20
N ALA A 25 -11.65 -10.23 -5.13
CA ALA A 25 -10.58 -9.35 -4.67
C ALA A 25 -9.22 -9.72 -5.24
N HIS A 26 -9.18 -10.68 -6.14
CA HIS A 26 -7.92 -11.15 -6.65
C HIS A 26 -7.42 -10.32 -7.80
N ASN A 27 -6.10 -10.19 -7.88
CA ASN A 27 -5.46 -9.40 -8.90
C ASN A 27 -4.25 -10.12 -9.46
N ASN A 28 -4.50 -11.11 -10.31
CA ASN A 28 -3.40 -11.83 -10.92
C ASN A 28 -3.84 -12.44 -12.24
N HIS A 29 -2.89 -13.01 -12.97
CA HIS A 29 -3.20 -13.54 -14.29
C HIS A 29 -4.20 -14.67 -14.26
N MET A 30 -4.04 -15.56 -13.31
CA MET A 30 -4.94 -16.69 -13.18
C MET A 30 -6.34 -16.21 -12.94
N ALA A 31 -6.48 -15.23 -12.04
CA ALA A 31 -7.78 -14.71 -11.70
C ALA A 31 -8.49 -14.15 -12.91
N LYS A 32 -7.76 -13.49 -13.78
CA LYS A 32 -8.40 -12.97 -14.98
C LYS A 32 -8.81 -14.07 -15.93
N VAL A 33 -7.99 -15.11 -16.03
CA VAL A 33 -8.26 -16.22 -16.93
C VAL A 33 -9.31 -17.20 -16.47
N LEU A 34 -9.25 -17.62 -15.22
CA LEU A 34 -10.14 -18.69 -14.75
C LEU A 34 -11.59 -18.31 -14.62
N THR A 35 -12.36 -18.60 -15.66
CA THR A 35 -13.80 -18.36 -15.61
C THR A 35 -14.49 -19.55 -15.00
N PRO A 36 -15.74 -19.39 -14.53
CA PRO A 36 -16.63 -20.40 -13.99
C PRO A 36 -16.84 -21.52 -14.98
N GLU A 37 -16.85 -21.17 -16.26
CA GLU A 37 -17.03 -22.16 -17.29
C GLU A 37 -15.83 -23.06 -17.38
N LEU A 38 -14.64 -22.46 -17.35
CA LEU A 38 -13.43 -23.24 -17.40
C LEU A 38 -13.26 -24.07 -16.15
N TYR A 39 -13.65 -23.52 -15.00
CA TYR A 39 -13.54 -24.24 -13.77
C TYR A 39 -14.40 -25.48 -13.81
N ALA A 40 -15.63 -25.30 -14.26
CA ALA A 40 -16.57 -26.41 -14.35
C ALA A 40 -16.04 -27.52 -15.22
N GLU A 41 -15.41 -27.16 -16.33
CA GLU A 41 -14.86 -28.16 -17.22
C GLU A 41 -13.61 -28.82 -16.68
N LEU A 42 -12.65 -28.01 -16.32
CA LEU A 42 -11.35 -28.50 -15.92
C LEU A 42 -11.30 -29.22 -14.61
N ARG A 43 -12.24 -28.96 -13.70
CA ARG A 43 -12.18 -29.67 -12.43
C ARG A 43 -12.36 -31.18 -12.59
N ALA A 44 -12.90 -31.62 -13.72
CA ALA A 44 -13.09 -33.03 -13.96
C ALA A 44 -11.83 -33.72 -14.48
N LYS A 45 -10.81 -32.94 -14.84
CA LYS A 45 -9.60 -33.52 -15.38
C LYS A 45 -8.49 -33.60 -14.37
N SER A 46 -7.52 -34.45 -14.65
CA SER A 46 -6.38 -34.60 -13.79
C SER A 46 -5.18 -35.18 -14.53
N THR A 47 -4.00 -35.03 -13.95
CA THR A 47 -2.81 -35.55 -14.60
C THR A 47 -2.57 -36.94 -14.12
N PRO A 48 -1.70 -37.67 -14.79
CA PRO A 48 -1.20 -38.98 -14.41
C PRO A 48 -0.46 -38.93 -13.08
N SER A 49 -0.01 -37.73 -12.68
CA SER A 49 0.73 -37.57 -11.45
C SER A 49 -0.17 -37.21 -10.30
N GLY A 50 -1.46 -36.99 -10.57
CA GLY A 50 -2.39 -36.70 -9.51
C GLY A 50 -2.83 -35.24 -9.38
N PHE A 51 -2.46 -34.37 -10.32
CA PHE A 51 -2.96 -33.01 -10.18
C PHE A 51 -4.32 -32.80 -10.67
N THR A 52 -5.04 -32.00 -9.91
CA THR A 52 -6.36 -31.58 -10.26
C THR A 52 -6.33 -30.08 -10.33
N LEU A 53 -7.36 -29.54 -10.91
CA LEU A 53 -7.44 -28.13 -11.14
C LEU A 53 -7.17 -27.32 -9.90
N ASP A 54 -7.73 -27.72 -8.77
CA ASP A 54 -7.57 -26.96 -7.55
C ASP A 54 -6.15 -26.74 -7.13
N ASP A 55 -5.31 -27.77 -7.22
CA ASP A 55 -3.93 -27.53 -6.83
C ASP A 55 -3.24 -26.61 -7.82
N VAL A 56 -3.60 -26.72 -9.09
CA VAL A 56 -3.02 -25.84 -10.08
C VAL A 56 -3.27 -24.37 -9.74
N ILE A 57 -4.48 -24.07 -9.30
CA ILE A 57 -4.85 -22.68 -9.01
C ILE A 57 -4.89 -22.37 -7.54
N GLN A 58 -4.35 -23.23 -6.69
CA GLN A 58 -4.52 -23.01 -5.26
C GLN A 58 -3.80 -21.79 -4.75
N THR A 59 -2.59 -21.55 -5.23
CA THR A 59 -1.82 -20.42 -4.76
C THR A 59 -2.47 -19.10 -5.07
N GLY A 60 -3.00 -18.98 -6.28
CA GLY A 60 -3.67 -17.75 -6.66
C GLY A 60 -4.87 -17.48 -5.80
N VAL A 61 -5.67 -18.51 -5.54
CA VAL A 61 -6.82 -18.32 -4.70
C VAL A 61 -6.42 -17.97 -3.28
N ASP A 62 -5.39 -18.65 -2.77
CA ASP A 62 -4.89 -18.40 -1.42
C ASP A 62 -4.42 -16.99 -1.20
N ASN A 63 -3.78 -16.41 -2.21
CA ASN A 63 -3.28 -15.07 -2.04
C ASN A 63 -3.63 -14.17 -3.21
N PRO A 64 -4.67 -13.33 -3.10
CA PRO A 64 -5.20 -12.37 -4.06
C PRO A 64 -4.12 -11.58 -4.76
N GLY A 65 -2.97 -11.43 -4.13
CA GLY A 65 -1.87 -10.72 -4.75
C GLY A 65 -1.81 -9.31 -4.29
N HIS A 66 -1.22 -8.47 -5.10
CA HIS A 66 -1.05 -7.09 -4.75
C HIS A 66 -1.60 -6.23 -5.84
N PRO A 67 -2.07 -5.04 -5.52
CA PRO A 67 -2.53 -4.02 -6.44
C PRO A 67 -1.30 -3.30 -6.94
N TYR A 68 -0.26 -3.35 -6.12
CA TYR A 68 1.03 -2.77 -6.40
C TYR A 68 1.76 -3.54 -7.51
N ILE A 69 1.90 -4.85 -7.33
CA ILE A 69 2.58 -5.69 -8.33
C ILE A 69 1.73 -6.88 -8.75
N MET A 70 1.44 -6.99 -10.04
CA MET A 70 0.64 -8.11 -10.54
C MET A 70 1.44 -9.40 -10.63
N THR A 71 0.91 -10.45 -10.00
CA THR A 71 1.56 -11.77 -10.00
C THR A 71 0.81 -12.71 -10.94
N VAL A 72 1.33 -13.92 -11.11
CA VAL A 72 0.68 -14.87 -11.98
C VAL A 72 -0.53 -15.51 -11.35
N GLY A 73 -0.35 -16.09 -10.18
CA GLY A 73 -1.47 -16.72 -9.48
C GLY A 73 -1.66 -18.22 -9.72
N CYS A 74 -0.66 -18.92 -10.25
CA CYS A 74 -0.83 -20.36 -10.40
C CYS A 74 0.50 -21.06 -10.47
N VAL A 75 0.48 -22.39 -10.45
CA VAL A 75 1.71 -23.15 -10.53
C VAL A 75 1.48 -24.53 -11.13
N ALA A 76 2.43 -25.00 -11.91
CA ALA A 76 2.31 -26.32 -12.52
C ALA A 76 2.76 -27.41 -11.59
N GLY A 77 2.46 -28.64 -11.96
CA GLY A 77 2.79 -29.77 -11.11
C GLY A 77 3.88 -30.63 -11.72
N ASP A 78 3.81 -30.80 -13.01
CA ASP A 78 4.75 -31.61 -13.74
C ASP A 78 4.66 -31.26 -15.20
N GLU A 79 5.41 -31.97 -16.02
CA GLU A 79 5.33 -31.77 -17.46
C GLU A 79 3.91 -31.94 -18.00
N GLU A 80 3.28 -33.05 -17.63
CA GLU A 80 1.94 -33.38 -18.12
C GLU A 80 0.88 -32.33 -17.82
N SER A 81 1.01 -31.64 -16.70
CA SER A 81 0.04 -30.63 -16.30
C SER A 81 -0.01 -29.45 -17.24
N TYR A 82 1.04 -29.23 -18.02
CA TYR A 82 0.99 -28.15 -18.99
C TYR A 82 0.14 -28.51 -20.19
N GLU A 83 -0.21 -29.78 -20.32
CA GLU A 83 -1.12 -30.22 -21.35
C GLU A 83 -2.51 -30.40 -20.81
N VAL A 84 -2.61 -31.05 -19.67
CA VAL A 84 -3.90 -31.33 -19.07
C VAL A 84 -4.66 -30.06 -18.76
N PHE A 85 -3.98 -29.06 -18.23
CA PHE A 85 -4.65 -27.83 -17.90
C PHE A 85 -4.24 -26.69 -18.82
N LYS A 86 -3.94 -27.01 -20.07
CA LYS A 86 -3.52 -26.00 -21.03
C LYS A 86 -4.61 -24.97 -21.31
N ASP A 87 -5.85 -25.31 -21.00
CA ASP A 87 -6.92 -24.36 -21.21
C ASP A 87 -6.78 -23.13 -20.31
N LEU A 88 -6.01 -23.25 -19.23
CA LEU A 88 -5.70 -22.07 -18.44
C LEU A 88 -4.32 -21.61 -18.74
N PHE A 89 -3.39 -22.56 -18.84
CA PHE A 89 -2.02 -22.16 -19.03
C PHE A 89 -1.78 -21.41 -20.30
N ASP A 90 -2.41 -21.80 -21.39
CA ASP A 90 -2.16 -21.10 -22.63
C ASP A 90 -2.56 -19.61 -22.55
N PRO A 91 -3.72 -19.28 -21.96
CA PRO A 91 -4.11 -17.89 -21.77
C PRO A 91 -3.22 -17.17 -20.79
N ILE A 92 -2.81 -17.87 -19.74
CA ILE A 92 -1.96 -17.24 -18.74
C ILE A 92 -0.58 -16.93 -19.26
N ILE A 93 0.06 -17.88 -19.94
CA ILE A 93 1.40 -17.63 -20.40
C ILE A 93 1.37 -16.65 -21.54
N GLU A 94 0.27 -16.60 -22.29
CA GLU A 94 0.17 -15.63 -23.35
C GLU A 94 0.29 -14.25 -22.79
N ASP A 95 -0.50 -13.96 -21.78
CA ASP A 95 -0.48 -12.64 -21.17
C ASP A 95 0.80 -12.36 -20.41
N ARG A 96 1.26 -13.32 -19.62
CA ARG A 96 2.43 -13.08 -18.82
C ARG A 96 3.67 -12.89 -19.63
N HIS A 97 3.74 -13.52 -20.79
CA HIS A 97 4.91 -13.38 -21.64
C HIS A 97 4.73 -12.44 -22.83
N GLY A 98 3.75 -11.54 -22.77
CA GLY A 98 3.63 -10.52 -23.81
C GLY A 98 2.99 -10.95 -25.12
N GLY A 99 1.90 -11.69 -25.05
CA GLY A 99 1.21 -12.10 -26.27
C GLY A 99 1.84 -13.30 -26.91
N TYR A 100 2.48 -14.14 -26.10
CA TYR A 100 3.11 -15.34 -26.61
C TYR A 100 2.06 -16.29 -27.16
N LYS A 101 2.22 -16.75 -28.39
CA LYS A 101 1.23 -17.66 -28.94
C LYS A 101 1.70 -19.10 -28.78
N PRO A 102 0.78 -20.06 -28.71
CA PRO A 102 0.99 -21.50 -28.50
C PRO A 102 1.77 -22.14 -29.62
N SER A 103 1.78 -21.51 -30.80
CA SER A 103 2.53 -22.02 -31.93
C SER A 103 3.92 -21.41 -32.05
N ASP A 104 4.28 -20.52 -31.14
CA ASP A 104 5.56 -19.83 -31.21
C ASP A 104 6.72 -20.68 -30.74
N GLU A 105 7.26 -21.48 -31.65
CA GLU A 105 8.39 -22.33 -31.33
C GLU A 105 9.49 -21.58 -30.62
N HIS A 106 9.88 -22.11 -29.49
CA HIS A 106 10.92 -21.54 -28.67
C HIS A 106 12.23 -22.26 -28.90
N LYS A 107 13.33 -21.52 -28.88
CA LYS A 107 14.63 -22.12 -29.12
C LYS A 107 15.51 -22.16 -27.88
N THR A 108 16.69 -22.71 -28.04
CA THR A 108 17.67 -22.82 -26.97
C THR A 108 19.07 -22.68 -27.55
N ASP A 109 19.96 -22.08 -26.78
CA ASP A 109 21.29 -21.83 -27.28
C ASP A 109 22.23 -21.33 -26.22
N LEU A 110 23.06 -22.19 -25.68
CA LEU A 110 24.05 -21.71 -24.72
C LEU A 110 25.41 -21.57 -25.31
N ASN A 111 25.54 -21.59 -26.62
CA ASN A 111 26.85 -21.53 -27.22
C ASN A 111 27.43 -20.12 -27.20
N PRO A 112 28.42 -19.83 -26.33
CA PRO A 112 29.09 -18.54 -26.11
C PRO A 112 29.57 -17.87 -27.39
N ASP A 113 29.79 -18.64 -28.44
CA ASP A 113 30.27 -18.08 -29.69
C ASP A 113 29.28 -17.09 -30.30
N ASN A 114 28.03 -17.17 -29.92
CA ASN A 114 27.05 -16.26 -30.48
C ASN A 114 26.90 -14.96 -29.68
N LEU A 115 27.62 -14.84 -28.57
CA LEU A 115 27.52 -13.61 -27.78
C LEU A 115 28.54 -12.61 -28.28
N GLN A 116 28.08 -11.47 -28.77
CA GLN A 116 29.00 -10.49 -29.31
C GLN A 116 29.29 -9.40 -28.31
N GLY A 117 30.55 -9.00 -28.24
CA GLY A 117 31.01 -7.98 -27.31
C GLY A 117 30.80 -8.44 -25.88
N GLY A 118 30.82 -7.51 -24.94
CA GLY A 118 30.62 -7.85 -23.55
C GLY A 118 31.84 -8.52 -22.94
N ASP A 119 32.97 -8.40 -23.60
CA ASP A 119 34.19 -9.01 -23.13
C ASP A 119 34.64 -8.33 -21.86
N ASP A 120 34.37 -7.05 -21.76
CA ASP A 120 34.72 -6.28 -20.59
C ASP A 120 33.83 -5.06 -20.45
N LEU A 121 32.83 -5.16 -19.58
CA LEU A 121 31.95 -4.03 -19.34
C LEU A 121 32.73 -3.05 -18.49
N ASP A 122 32.46 -1.76 -18.61
CA ASP A 122 33.26 -0.80 -17.89
C ASP A 122 33.12 -0.98 -16.39
N PRO A 123 34.20 -1.40 -15.69
CA PRO A 123 34.32 -1.73 -14.28
C PRO A 123 34.09 -0.55 -13.36
N ASN A 124 34.04 0.67 -13.90
CA ASN A 124 33.75 1.83 -13.12
C ASN A 124 32.28 1.89 -12.77
N TYR A 125 31.48 1.13 -13.49
CA TYR A 125 30.07 1.11 -13.25
C TYR A 125 29.64 -0.28 -12.89
N VAL A 126 30.12 -1.26 -13.64
CA VAL A 126 29.69 -2.60 -13.35
C VAL A 126 30.47 -3.17 -12.19
N LEU A 127 29.76 -3.38 -11.10
CA LEU A 127 30.32 -3.93 -9.89
C LEU A 127 30.51 -5.42 -10.03
N SER A 128 29.47 -6.11 -10.47
CA SER A 128 29.56 -7.56 -10.62
C SER A 128 28.52 -8.12 -11.58
N SER A 129 28.76 -9.33 -12.05
CA SER A 129 27.85 -9.95 -13.01
C SER A 129 27.40 -11.33 -12.57
N ARG A 130 26.15 -11.66 -12.88
CA ARG A 130 25.65 -12.97 -12.50
C ARG A 130 24.60 -13.52 -13.44
N VAL A 131 24.52 -14.85 -13.51
CA VAL A 131 23.57 -15.55 -14.36
C VAL A 131 22.80 -16.62 -13.56
N ARG A 132 21.48 -16.64 -13.67
CA ARG A 132 20.69 -17.62 -12.94
C ARG A 132 19.67 -18.38 -13.77
N THR A 133 19.52 -19.68 -13.51
CA THR A 133 18.47 -20.43 -14.17
C THR A 133 18.04 -21.61 -13.32
N GLY A 134 17.21 -22.46 -13.89
CA GLY A 134 16.78 -23.65 -13.18
C GLY A 134 16.32 -24.73 -14.14
N ARG A 135 16.40 -25.97 -13.72
CA ARG A 135 15.99 -27.06 -14.58
C ARG A 135 15.27 -28.14 -13.82
N SER A 136 14.23 -28.70 -14.44
CA SER A 136 13.51 -29.82 -13.89
C SER A 136 13.95 -31.13 -14.49
N ILE A 137 14.01 -32.17 -13.67
CA ILE A 137 14.46 -33.45 -14.19
C ILE A 137 13.29 -34.30 -14.66
N ARG A 138 13.32 -34.66 -15.93
CA ARG A 138 12.26 -35.46 -16.53
C ARG A 138 12.05 -36.76 -15.80
N GLY A 139 10.80 -37.04 -15.48
CA GLY A 139 10.46 -38.28 -14.81
C GLY A 139 10.08 -38.08 -13.36
N PHE A 140 10.44 -36.95 -12.78
CA PHE A 140 10.08 -36.68 -11.41
C PHE A 140 9.01 -35.63 -11.35
N CYS A 141 8.45 -35.41 -10.18
CA CYS A 141 7.44 -34.39 -10.01
C CYS A 141 8.10 -33.12 -9.52
N LEU A 142 7.47 -31.98 -9.79
CA LEU A 142 8.01 -30.70 -9.37
C LEU A 142 7.78 -30.53 -7.87
N PRO A 143 8.57 -29.70 -7.17
CA PRO A 143 8.58 -29.44 -5.73
C PRO A 143 7.19 -29.21 -5.11
N PRO A 144 6.20 -28.56 -5.77
CA PRO A 144 4.80 -28.43 -5.34
C PRO A 144 4.06 -29.76 -5.15
N HIS A 145 4.68 -30.88 -5.51
CA HIS A 145 4.03 -32.17 -5.40
C HIS A 145 4.98 -33.25 -4.95
N CYS A 146 6.22 -33.13 -5.40
CA CYS A 146 7.29 -34.05 -5.08
C CYS A 146 7.24 -34.55 -3.64
N SER A 147 6.89 -35.82 -3.48
CA SER A 147 6.85 -36.41 -2.15
C SER A 147 8.26 -36.80 -1.76
N ARG A 148 8.43 -37.22 -0.52
CA ARG A 148 9.74 -37.50 0.03
C ARG A 148 10.56 -38.49 -0.77
N GLY A 149 9.93 -39.54 -1.29
CA GLY A 149 10.62 -40.53 -2.10
C GLY A 149 11.40 -39.90 -3.25
N GLU A 150 10.70 -39.33 -4.22
CA GLU A 150 11.39 -38.72 -5.33
C GLU A 150 12.25 -37.55 -4.94
N ARG A 151 11.90 -36.85 -3.87
CA ARG A 151 12.71 -35.71 -3.46
C ARG A 151 14.09 -36.20 -3.07
N ARG A 152 14.13 -37.31 -2.38
CA ARG A 152 15.39 -37.88 -1.97
C ARG A 152 16.15 -38.43 -3.15
N ALA A 153 15.44 -39.02 -4.10
CA ALA A 153 16.08 -39.57 -5.28
C ALA A 153 16.79 -38.49 -6.07
N ILE A 154 16.13 -37.35 -6.24
CA ILE A 154 16.71 -36.24 -6.97
C ILE A 154 17.95 -35.74 -6.29
N GLU A 155 17.90 -35.60 -4.97
CA GLU A 155 19.07 -35.17 -4.25
C GLU A 155 20.25 -36.05 -4.59
N LYS A 156 20.06 -37.36 -4.51
CA LYS A 156 21.15 -38.28 -4.75
C LYS A 156 21.71 -38.16 -6.16
N LEU A 157 20.84 -38.00 -7.15
CA LEU A 157 21.30 -37.85 -8.52
C LEU A 157 22.17 -36.63 -8.66
N ALA A 158 21.73 -35.55 -8.06
CA ALA A 158 22.46 -34.30 -8.13
C ALA A 158 23.79 -34.45 -7.46
N VAL A 159 23.82 -35.11 -6.30
CA VAL A 159 25.06 -35.29 -5.60
C VAL A 159 26.04 -36.05 -6.42
N GLU A 160 25.58 -37.11 -7.07
CA GLU A 160 26.48 -37.87 -7.92
C GLU A 160 27.06 -37.01 -9.03
N ALA A 161 26.20 -36.35 -9.78
CA ALA A 161 26.67 -35.56 -10.90
C ALA A 161 27.62 -34.48 -10.45
N LEU A 162 27.23 -33.75 -9.43
CA LEU A 162 28.04 -32.66 -8.92
C LEU A 162 29.38 -33.12 -8.40
N SER A 163 29.44 -34.30 -7.83
CA SER A 163 30.72 -34.79 -7.34
C SER A 163 31.72 -35.06 -8.45
N SER A 164 31.25 -35.19 -9.70
CA SER A 164 32.14 -35.49 -10.80
C SER A 164 32.57 -34.28 -11.62
N LEU A 165 32.11 -33.08 -11.27
CA LEU A 165 32.51 -31.93 -12.07
C LEU A 165 33.98 -31.62 -11.86
N ASP A 166 34.70 -31.40 -12.95
CA ASP A 166 36.13 -31.13 -12.89
C ASP A 166 36.50 -29.64 -13.01
N GLY A 167 37.81 -29.38 -12.95
CA GLY A 167 38.38 -28.05 -13.14
C GLY A 167 37.77 -27.01 -12.21
N ASP A 168 37.36 -25.90 -12.80
CA ASP A 168 36.75 -24.81 -12.05
C ASP A 168 35.34 -25.16 -11.61
N LEU A 169 34.82 -26.26 -12.10
CA LEU A 169 33.51 -26.66 -11.69
C LEU A 169 33.60 -27.70 -10.57
N ALA A 170 34.80 -27.96 -10.06
CA ALA A 170 34.94 -28.86 -8.91
C ALA A 170 34.50 -28.11 -7.66
N GLY A 171 33.95 -28.85 -6.68
CA GLY A 171 33.45 -28.20 -5.47
C GLY A 171 33.02 -29.17 -4.36
N ARG A 172 32.14 -28.69 -3.49
CA ARG A 172 31.67 -29.47 -2.34
C ARG A 172 30.20 -29.34 -2.08
N TYR A 173 29.58 -30.48 -1.77
CA TYR A 173 28.16 -30.55 -1.45
C TYR A 173 27.91 -30.48 0.04
N TYR A 174 26.96 -29.66 0.43
CA TYR A 174 26.55 -29.54 1.81
C TYR A 174 25.13 -30.03 1.97
N ALA A 175 24.90 -30.82 3.00
CA ALA A 175 23.56 -31.30 3.29
C ALA A 175 22.90 -30.31 4.20
N LEU A 176 21.91 -29.59 3.69
CA LEU A 176 21.29 -28.53 4.47
C LEU A 176 20.80 -29.00 5.80
N LYS A 177 20.08 -30.12 5.81
CA LYS A 177 19.48 -30.67 7.01
C LYS A 177 20.44 -30.99 8.15
N SER A 178 21.74 -31.09 7.88
CA SER A 178 22.67 -31.44 8.93
C SER A 178 23.97 -30.69 8.87
N MET A 179 23.99 -29.55 8.17
CA MET A 179 25.21 -28.79 8.04
C MET A 179 25.62 -28.12 9.36
N THR A 180 26.93 -28.04 9.59
CA THR A 180 27.51 -27.49 10.81
C THR A 180 27.37 -25.97 10.87
N GLU A 181 27.07 -25.45 12.06
CA GLU A 181 26.89 -24.00 12.24
C GLU A 181 28.04 -23.16 11.68
N ALA A 182 29.27 -23.65 11.79
CA ALA A 182 30.41 -22.97 11.21
C ALA A 182 30.27 -22.90 9.70
N GLU A 183 29.77 -23.98 9.12
CA GLU A 183 29.54 -24.05 7.69
C GLU A 183 28.42 -23.09 7.33
N GLN A 184 27.43 -22.97 8.22
CA GLN A 184 26.32 -22.06 8.02
C GLN A 184 26.85 -20.65 7.99
N GLN A 185 27.82 -20.37 8.86
CA GLN A 185 28.42 -19.05 8.90
C GLN A 185 29.17 -18.74 7.62
N GLN A 186 29.88 -19.73 7.08
CA GLN A 186 30.62 -19.47 5.87
C GLN A 186 29.71 -19.26 4.69
N LEU A 187 28.67 -20.05 4.60
CA LEU A 187 27.81 -19.92 3.45
C LEU A 187 26.85 -18.77 3.59
N ILE A 188 26.52 -18.36 4.81
CA ILE A 188 25.65 -17.20 4.89
C ILE A 188 26.42 -15.95 4.53
N ASP A 189 27.71 -15.92 4.85
CA ASP A 189 28.52 -14.76 4.50
C ASP A 189 28.66 -14.63 3.00
N ASP A 190 28.77 -15.75 2.31
CA ASP A 190 28.86 -15.71 0.87
C ASP A 190 27.50 -15.78 0.19
N HIS A 191 26.43 -15.68 0.97
CA HIS A 191 25.07 -15.71 0.44
C HIS A 191 24.75 -16.97 -0.35
N PHE A 192 25.41 -18.08 -0.02
CA PHE A 192 25.16 -19.35 -0.66
C PHE A 192 24.12 -20.11 0.14
N LEU A 193 24.09 -19.80 1.43
CA LEU A 193 23.13 -20.42 2.34
C LEU A 193 21.75 -19.86 2.16
N PHE A 194 20.78 -20.75 2.03
CA PHE A 194 19.40 -20.33 1.90
C PHE A 194 18.65 -20.85 3.08
N ASP A 195 17.37 -20.56 3.15
CA ASP A 195 16.57 -21.00 4.27
C ASP A 195 15.14 -21.24 3.84
N LYS A 196 14.33 -21.74 4.76
CA LYS A 196 12.96 -22.08 4.48
C LYS A 196 12.20 -20.88 3.95
N PRO A 197 11.47 -21.01 2.84
CA PRO A 197 10.62 -20.02 2.22
C PRO A 197 9.68 -19.41 3.22
N VAL A 198 9.56 -18.09 3.18
CA VAL A 198 8.67 -17.37 4.07
C VAL A 198 7.61 -16.62 3.31
N SER A 199 7.79 -16.47 2.01
CA SER A 199 6.79 -15.82 1.23
C SER A 199 5.55 -16.65 1.16
N PRO A 200 4.38 -16.06 1.36
CA PRO A 200 3.07 -16.67 1.31
C PRO A 200 2.72 -17.10 -0.09
N LEU A 201 3.45 -16.58 -1.08
CA LEU A 201 3.21 -16.98 -2.44
C LEU A 201 3.97 -18.24 -2.78
N LEU A 202 4.84 -18.68 -1.88
CA LEU A 202 5.55 -19.92 -2.07
C LEU A 202 4.94 -20.96 -1.17
N LEU A 203 4.67 -20.57 0.06
CA LEU A 203 4.12 -21.48 1.04
C LEU A 203 2.78 -22.00 0.62
N ALA A 204 2.00 -21.18 -0.05
CA ALA A 204 0.70 -21.59 -0.55
C ALA A 204 0.76 -22.79 -1.51
N SER A 205 1.91 -23.04 -2.13
CA SER A 205 2.02 -24.16 -3.06
C SER A 205 2.31 -25.48 -2.36
N GLY A 206 2.77 -25.41 -1.12
CA GLY A 206 3.13 -26.64 -0.41
C GLY A 206 4.57 -27.07 -0.66
N MET A 207 5.32 -26.28 -1.43
CA MET A 207 6.70 -26.57 -1.78
C MET A 207 7.70 -26.59 -0.61
N ALA A 208 7.29 -26.10 0.54
CA ALA A 208 8.15 -26.12 1.71
C ALA A 208 7.96 -27.38 2.56
N ARG A 209 7.03 -28.25 2.15
CA ARG A 209 6.77 -29.45 2.91
C ARG A 209 8.02 -30.27 3.21
N ASP A 210 8.11 -30.72 4.45
CA ASP A 210 9.21 -31.55 4.93
C ASP A 210 10.58 -30.89 5.01
N TRP A 211 10.68 -29.60 4.68
CA TRP A 211 11.93 -28.87 4.73
C TRP A 211 12.58 -29.10 6.09
N PRO A 212 13.88 -29.36 6.16
CA PRO A 212 14.94 -29.39 5.17
C PRO A 212 15.25 -30.76 4.58
N ASP A 213 14.30 -31.67 4.58
CA ASP A 213 14.57 -33.00 4.05
C ASP A 213 14.94 -32.93 2.58
N ALA A 214 16.15 -33.39 2.28
CA ALA A 214 16.70 -33.45 0.94
C ALA A 214 16.90 -32.10 0.29
N ARG A 215 17.20 -31.09 1.09
CA ARG A 215 17.55 -29.80 0.51
C ARG A 215 19.07 -29.67 0.55
N GLY A 216 19.68 -29.14 -0.53
CA GLY A 216 21.14 -29.23 -0.69
C GLY A 216 21.83 -28.00 -1.32
N ILE A 217 23.08 -27.76 -0.90
CA ILE A 217 23.89 -26.65 -1.39
C ILE A 217 25.23 -27.10 -1.91
N TRP A 218 25.55 -26.73 -3.15
CA TRP A 218 26.85 -27.09 -3.69
C TRP A 218 27.48 -25.90 -4.37
N HIS A 219 28.75 -25.66 -4.08
CA HIS A 219 29.40 -24.56 -4.75
C HIS A 219 30.81 -24.96 -5.08
N ASN A 220 31.40 -24.28 -6.06
CA ASN A 220 32.74 -24.64 -6.47
C ASN A 220 33.79 -24.04 -5.58
N ASP A 221 35.02 -24.45 -5.82
CA ASP A 221 36.16 -24.01 -5.05
C ASP A 221 36.42 -22.52 -5.14
N ASN A 222 36.06 -21.92 -6.26
CA ASN A 222 36.29 -20.50 -6.44
C ASN A 222 35.10 -19.65 -6.11
N LYS A 223 34.06 -20.23 -5.54
CA LYS A 223 32.86 -19.50 -5.14
C LYS A 223 32.24 -18.69 -6.27
N THR A 224 32.20 -19.24 -7.46
CA THR A 224 31.60 -18.57 -8.61
C THR A 224 30.50 -19.40 -9.22
N PHE A 225 30.45 -20.67 -8.85
CA PHE A 225 29.45 -21.57 -9.39
C PHE A 225 28.68 -22.17 -8.25
N LEU A 226 27.39 -21.87 -8.21
CA LEU A 226 26.52 -22.21 -7.11
C LEU A 226 25.27 -22.95 -7.54
N VAL A 227 24.96 -24.08 -6.92
CA VAL A 227 23.72 -24.74 -7.30
C VAL A 227 22.96 -25.16 -6.07
N TRP A 228 21.64 -24.98 -6.11
CA TRP A 228 20.78 -25.36 -5.02
C TRP A 228 19.90 -26.53 -5.44
N VAL A 229 19.70 -27.45 -4.51
CA VAL A 229 18.98 -28.67 -4.80
C VAL A 229 17.64 -28.76 -4.08
N ASN A 230 16.57 -28.90 -4.87
CA ASN A 230 15.23 -29.06 -4.33
C ASN A 230 14.77 -27.88 -3.51
N GLU A 231 14.60 -26.73 -4.12
CA GLU A 231 14.21 -25.56 -3.33
C GLU A 231 13.10 -24.78 -3.97
N GLU A 232 13.44 -23.92 -4.91
CA GLU A 232 12.41 -23.16 -5.59
C GLU A 232 11.96 -23.96 -6.79
N ASP A 233 12.85 -24.80 -7.28
CA ASP A 233 12.58 -25.68 -8.38
C ASP A 233 13.55 -26.85 -8.19
N HIS A 234 13.71 -27.72 -9.16
CA HIS A 234 14.61 -28.87 -8.95
C HIS A 234 16.06 -28.45 -8.84
N LEU A 235 16.68 -28.11 -9.94
CA LEU A 235 18.05 -27.67 -9.85
C LEU A 235 18.18 -26.22 -10.19
N ARG A 236 18.62 -25.45 -9.20
CA ARG A 236 18.81 -24.02 -9.31
C ARG A 236 20.26 -23.68 -9.55
N VAL A 237 20.57 -23.12 -10.71
CA VAL A 237 21.96 -22.84 -11.06
C VAL A 237 22.30 -21.37 -11.18
N ILE A 238 23.31 -20.95 -10.43
CA ILE A 238 23.74 -19.56 -10.42
C ILE A 238 25.23 -19.40 -10.66
N SER A 239 25.59 -18.57 -11.62
CA SER A 239 26.99 -18.29 -11.89
C SER A 239 27.26 -16.85 -11.56
N MET A 240 28.39 -16.55 -10.95
CA MET A 240 28.64 -15.14 -10.64
C MET A 240 30.10 -14.81 -10.52
N GLN A 241 30.42 -13.53 -10.72
CA GLN A 241 31.78 -13.08 -10.59
C GLN A 241 31.88 -11.58 -10.47
N LYS A 242 32.70 -11.13 -9.52
CA LYS A 242 32.94 -9.71 -9.35
C LYS A 242 33.68 -9.19 -10.56
N GLY A 243 33.21 -8.09 -11.11
CA GLY A 243 33.82 -7.55 -12.32
C GLY A 243 32.76 -7.46 -13.39
N GLY A 244 33.18 -7.20 -14.62
CA GLY A 244 32.22 -7.04 -15.69
C GLY A 244 32.50 -7.94 -16.88
N ASN A 245 33.08 -9.10 -16.64
CA ASN A 245 33.37 -9.98 -17.75
C ASN A 245 32.20 -10.88 -18.05
N MET A 246 31.19 -10.30 -18.69
CA MET A 246 29.98 -11.01 -19.03
C MET A 246 30.23 -12.20 -19.89
N LYS A 247 31.11 -12.05 -20.87
CA LYS A 247 31.41 -13.13 -21.78
C LYS A 247 31.91 -14.37 -21.06
N GLU A 248 32.85 -14.20 -20.15
CA GLU A 248 33.39 -15.37 -19.46
C GLU A 248 32.39 -15.99 -18.54
N VAL A 249 31.63 -15.18 -17.82
CA VAL A 249 30.65 -15.73 -16.90
C VAL A 249 29.64 -16.53 -17.66
N PHE A 250 29.18 -16.00 -18.78
CA PHE A 250 28.25 -16.73 -19.60
C PHE A 250 28.82 -18.07 -20.01
N THR A 251 30.09 -18.09 -20.39
CA THR A 251 30.71 -19.35 -20.77
C THR A 251 30.73 -20.37 -19.64
N ARG A 252 31.14 -19.98 -18.42
CA ARG A 252 31.08 -20.95 -17.34
C ARG A 252 29.71 -21.45 -17.11
N PHE A 253 28.74 -20.57 -17.14
CA PHE A 253 27.37 -20.95 -16.99
C PHE A 253 27.01 -22.02 -17.98
N CYS A 254 27.36 -21.81 -19.24
CA CYS A 254 27.09 -22.80 -20.26
C CYS A 254 27.76 -24.13 -20.01
N THR A 255 29.05 -24.13 -19.69
CA THR A 255 29.75 -25.39 -19.49
C THR A 255 29.25 -26.11 -18.26
N GLY A 256 28.77 -25.35 -17.28
CA GLY A 256 28.15 -25.95 -16.12
C GLY A 256 26.96 -26.76 -16.54
N LEU A 257 26.06 -26.17 -17.31
CA LEU A 257 24.92 -26.94 -17.73
C LEU A 257 25.27 -28.00 -18.74
N THR A 258 26.30 -27.77 -19.54
CA THR A 258 26.69 -28.78 -20.51
C THR A 258 27.18 -30.04 -19.83
N GLN A 259 28.06 -29.90 -18.83
CA GLN A 259 28.54 -31.08 -18.14
C GLN A 259 27.47 -31.72 -17.30
N ILE A 260 26.65 -30.93 -16.62
CA ILE A 260 25.59 -31.53 -15.84
C ILE A 260 24.62 -32.26 -16.69
N GLU A 261 24.26 -31.72 -17.84
CA GLU A 261 23.36 -32.45 -18.70
C GLU A 261 23.98 -33.75 -19.11
N THR A 262 25.24 -33.71 -19.53
CA THR A 262 25.94 -34.92 -19.94
C THR A 262 25.87 -35.99 -18.87
N LEU A 263 26.18 -35.60 -17.65
CA LEU A 263 26.20 -36.52 -16.53
C LEU A 263 24.83 -37.12 -16.30
N PHE A 264 23.79 -36.31 -16.40
CA PHE A 264 22.47 -36.87 -16.25
C PHE A 264 22.12 -37.79 -17.39
N LYS A 265 22.55 -37.46 -18.61
CA LYS A 265 22.25 -38.31 -19.76
C LYS A 265 22.92 -39.66 -19.63
N SER A 266 24.07 -39.72 -18.95
CA SER A 266 24.73 -41.01 -18.74
C SER A 266 23.89 -41.94 -17.84
N LYS A 267 22.98 -41.36 -17.07
CA LYS A 267 22.10 -42.12 -16.21
C LYS A 267 20.67 -42.13 -16.74
N ASP A 268 20.51 -41.80 -18.01
CA ASP A 268 19.19 -41.72 -18.63
C ASP A 268 18.28 -40.68 -18.01
N TYR A 269 18.83 -39.52 -17.72
CA TYR A 269 18.02 -38.40 -17.26
C TYR A 269 18.29 -37.18 -18.10
N GLU A 270 17.29 -36.35 -18.24
CA GLU A 270 17.44 -35.14 -19.01
C GLU A 270 16.53 -34.12 -18.41
N PHE A 271 16.50 -32.95 -19.00
CA PHE A 271 15.67 -31.91 -18.44
C PHE A 271 14.37 -31.84 -19.19
N MET A 272 13.30 -31.48 -18.49
CA MET A 272 12.03 -31.40 -19.15
C MET A 272 12.08 -30.33 -20.20
N TRP A 273 11.61 -30.65 -21.39
CA TRP A 273 11.69 -29.71 -22.48
C TRP A 273 10.76 -30.02 -23.63
N ASN A 274 10.12 -29.00 -24.15
CA ASN A 274 9.29 -29.19 -25.32
C ASN A 274 9.40 -27.90 -26.15
N PRO A 275 9.20 -27.96 -27.46
CA PRO A 275 9.35 -26.87 -28.41
C PRO A 275 8.32 -25.76 -28.28
N HIS A 276 7.35 -25.90 -27.39
CA HIS A 276 6.36 -24.85 -27.25
C HIS A 276 6.46 -24.14 -25.94
N LEU A 277 7.33 -24.61 -25.07
CA LEU A 277 7.55 -23.94 -23.80
C LEU A 277 9.01 -23.92 -23.42
N GLY A 278 9.87 -24.55 -24.19
CA GLY A 278 11.26 -24.58 -23.86
C GLY A 278 11.45 -25.43 -22.63
N TYR A 279 12.21 -24.93 -21.68
CA TYR A 279 12.41 -25.71 -20.47
C TYR A 279 11.20 -25.57 -19.60
N ILE A 280 10.82 -26.69 -19.03
CA ILE A 280 9.61 -26.76 -18.25
C ILE A 280 9.86 -26.69 -16.77
N LEU A 281 9.45 -25.60 -16.17
CA LEU A 281 9.60 -25.37 -14.75
C LEU A 281 8.26 -25.20 -14.05
N THR A 282 8.31 -25.00 -12.73
CA THR A 282 7.13 -24.79 -11.87
C THR A 282 6.24 -23.63 -12.29
N CYS A 283 6.53 -22.45 -11.78
CA CYS A 283 5.67 -21.33 -12.12
C CYS A 283 5.86 -21.03 -13.60
N PRO A 284 4.81 -20.66 -14.30
CA PRO A 284 4.74 -20.40 -15.73
C PRO A 284 5.56 -19.21 -16.14
N SER A 285 5.90 -18.34 -15.19
CA SER A 285 6.69 -17.17 -15.51
C SER A 285 8.12 -17.54 -15.90
N ASN A 286 8.57 -18.75 -15.55
CA ASN A 286 9.91 -19.17 -15.94
C ASN A 286 9.93 -20.16 -17.09
N LEU A 287 8.83 -20.32 -17.81
CA LEU A 287 8.84 -21.23 -18.95
C LEU A 287 9.63 -20.66 -20.06
N GLY A 288 10.48 -21.46 -20.68
CA GLY A 288 11.26 -20.95 -21.79
C GLY A 288 12.70 -21.23 -21.57
N THR A 289 13.46 -20.17 -21.43
CA THR A 289 14.85 -20.32 -21.13
C THR A 289 15.02 -20.48 -19.66
N GLY A 290 14.14 -19.84 -18.92
CA GLY A 290 14.22 -19.85 -17.48
C GLY A 290 15.47 -19.12 -17.06
N LEU A 291 15.93 -18.21 -17.93
CA LEU A 291 17.19 -17.52 -17.75
C LEU A 291 17.06 -16.08 -17.33
N ARG A 292 17.76 -15.73 -16.27
CA ARG A 292 17.80 -14.35 -15.83
C ARG A 292 19.23 -13.99 -15.58
N ALA A 293 19.67 -12.90 -16.17
CA ALA A 293 21.05 -12.50 -16.02
C ALA A 293 21.15 -11.01 -15.95
N GLY A 294 22.13 -10.53 -15.24
CA GLY A 294 22.26 -9.09 -15.08
C GLY A 294 23.47 -8.70 -14.28
N VAL A 295 23.55 -7.42 -13.95
CA VAL A 295 24.69 -6.94 -13.23
C VAL A 295 24.32 -6.02 -12.11
N HIS A 296 25.25 -5.89 -11.18
CA HIS A 296 25.14 -4.88 -10.15
C HIS A 296 25.92 -3.72 -10.69
N ILE A 297 25.25 -2.60 -10.87
CA ILE A 297 25.84 -1.46 -11.55
C ILE A 297 25.57 -0.17 -10.83
N LYS A 298 26.61 0.65 -10.69
CA LYS A 298 26.47 1.93 -10.01
C LYS A 298 25.82 2.92 -10.92
N LEU A 299 24.67 3.45 -10.51
CA LEU A 299 23.97 4.42 -11.33
C LEU A 299 23.43 5.57 -10.51
N PRO A 300 24.25 6.20 -9.67
CA PRO A 300 23.90 7.27 -8.74
C PRO A 300 23.24 8.47 -9.39
N ASN A 301 23.52 8.71 -10.67
CA ASN A 301 22.93 9.86 -11.32
C ASN A 301 21.70 9.44 -12.07
N LEU A 302 21.88 8.40 -12.87
CA LEU A 302 20.81 7.86 -13.68
C LEU A 302 19.63 7.44 -12.84
N GLY A 303 19.90 6.94 -11.62
CA GLY A 303 18.88 6.54 -10.67
C GLY A 303 17.98 7.69 -10.20
N LYS A 304 18.39 8.92 -10.46
CA LYS A 304 17.62 10.09 -10.11
C LYS A 304 17.00 10.70 -11.36
N HIS A 305 17.54 10.36 -12.52
CA HIS A 305 17.04 10.90 -13.76
C HIS A 305 15.59 10.50 -14.02
N GLU A 306 14.83 11.46 -14.49
CA GLU A 306 13.40 11.35 -14.71
C GLU A 306 12.96 10.31 -15.73
N LYS A 307 13.79 10.02 -16.70
CA LYS A 307 13.43 9.07 -17.75
C LYS A 307 14.15 7.74 -17.60
N PHE A 308 14.72 7.48 -16.44
CA PHE A 308 15.47 6.27 -16.24
C PHE A 308 14.60 5.05 -16.48
N SER A 309 13.43 5.03 -15.88
CA SER A 309 12.54 3.90 -16.07
C SER A 309 12.04 3.78 -17.49
N GLU A 310 12.01 4.90 -18.22
CA GLU A 310 11.57 4.85 -19.60
C GLU A 310 12.59 4.16 -20.47
N VAL A 311 13.86 4.45 -20.23
CA VAL A 311 14.91 3.80 -20.97
C VAL A 311 14.95 2.32 -20.68
N LEU A 312 14.80 1.96 -19.40
CA LEU A 312 14.79 0.56 -19.01
C LEU A 312 13.66 -0.19 -19.65
N LYS A 313 12.51 0.46 -19.77
CA LYS A 313 11.39 -0.16 -20.43
C LYS A 313 11.73 -0.44 -21.86
N ARG A 314 12.36 0.52 -22.52
CA ARG A 314 12.68 0.34 -23.91
C ARG A 314 13.74 -0.72 -24.12
N LEU A 315 14.67 -0.84 -23.18
CA LEU A 315 15.69 -1.85 -23.27
C LEU A 315 15.23 -3.22 -22.81
N ARG A 316 14.00 -3.30 -22.30
CA ARG A 316 13.44 -4.55 -21.85
C ARG A 316 14.27 -5.13 -20.72
N LEU A 317 14.60 -4.27 -19.76
CA LEU A 317 15.37 -4.68 -18.60
C LEU A 317 14.62 -4.40 -17.32
N GLN A 318 14.92 -5.18 -16.29
CA GLN A 318 14.32 -4.99 -14.98
C GLN A 318 15.29 -4.33 -14.05
N LYS A 319 14.75 -3.63 -13.07
CA LYS A 319 15.55 -2.93 -12.10
C LYS A 319 15.12 -3.19 -10.69
N ARG A 320 16.01 -3.74 -9.89
CA ARG A 320 15.73 -3.94 -8.48
C ARG A 320 16.87 -3.40 -7.65
N GLY A 321 16.57 -3.08 -6.40
CA GLY A 321 17.60 -2.60 -5.50
C GLY A 321 18.33 -3.79 -4.93
N THR A 322 19.09 -3.59 -3.87
CA THR A 322 19.79 -4.69 -3.25
C THR A 322 19.43 -4.79 -1.78
N GLY A 323 19.63 -5.97 -1.21
CA GLY A 323 19.25 -6.25 0.18
C GLY A 323 20.27 -5.84 1.24
N VAL A 333 22.28 2.16 -6.64
CA VAL A 333 23.11 1.14 -7.25
C VAL A 333 22.10 0.09 -7.53
N PHE A 334 22.14 -0.51 -8.71
CA PHE A 334 21.03 -1.36 -9.04
C PHE A 334 21.37 -2.70 -9.62
N ASP A 335 20.43 -3.58 -9.48
CA ASP A 335 20.47 -4.87 -10.08
C ASP A 335 19.69 -4.76 -11.37
N VAL A 336 20.40 -4.70 -12.47
CA VAL A 336 19.74 -4.57 -13.76
C VAL A 336 19.80 -5.90 -14.45
N SER A 337 18.66 -6.38 -14.94
CA SER A 337 18.65 -7.73 -15.47
C SER A 337 17.62 -7.99 -16.56
N ASN A 338 17.80 -9.10 -17.26
CA ASN A 338 16.92 -9.52 -18.33
C ASN A 338 15.46 -9.65 -17.99
N ALA A 339 14.61 -8.91 -18.69
CA ALA A 339 13.17 -8.98 -18.45
C ALA A 339 12.43 -10.12 -19.18
N ASP A 340 13.00 -10.67 -20.26
CA ASP A 340 12.28 -11.69 -21.02
C ASP A 340 12.80 -13.11 -20.84
N ARG A 341 11.90 -14.07 -20.75
CA ARG A 341 12.30 -15.45 -20.54
C ARG A 341 11.81 -16.42 -21.60
N LEU A 342 11.03 -15.94 -22.56
CA LEU A 342 10.40 -16.85 -23.51
C LEU A 342 10.28 -16.23 -24.89
N GLY A 343 10.65 -16.98 -25.93
CA GLY A 343 10.56 -16.47 -27.30
C GLY A 343 11.89 -15.94 -27.81
N PHE A 344 12.91 -15.97 -26.96
CA PHE A 344 14.21 -15.48 -27.32
C PHE A 344 15.27 -16.51 -27.01
N SER A 345 16.35 -16.51 -27.77
CA SER A 345 17.40 -17.48 -27.51
C SER A 345 18.16 -17.11 -26.25
N GLU A 346 18.73 -18.09 -25.60
CA GLU A 346 19.46 -17.86 -24.36
C GLU A 346 20.61 -16.91 -24.56
N VAL A 347 21.41 -17.12 -25.60
CA VAL A 347 22.44 -16.13 -25.90
C VAL A 347 21.86 -14.78 -26.21
N GLU A 348 20.83 -14.77 -27.05
CA GLU A 348 20.18 -13.54 -27.47
C GLU A 348 19.76 -12.67 -26.31
N LEU A 349 19.17 -13.28 -25.29
CA LEU A 349 18.78 -12.55 -24.11
C LEU A 349 19.97 -11.96 -23.39
N VAL A 350 21.06 -12.68 -23.32
CA VAL A 350 22.23 -12.12 -22.71
C VAL A 350 22.74 -10.97 -23.54
N GLN A 351 22.67 -11.10 -24.87
CA GLN A 351 23.09 -10.04 -25.76
C GLN A 351 22.31 -8.77 -25.45
N MET A 352 21.01 -8.92 -25.15
CA MET A 352 20.18 -7.78 -24.79
C MET A 352 20.71 -7.10 -23.57
N VAL A 353 21.08 -7.86 -22.56
CA VAL A 353 21.62 -7.28 -21.37
C VAL A 353 22.93 -6.58 -21.61
N VAL A 354 23.82 -7.18 -22.38
CA VAL A 354 25.11 -6.54 -22.63
C VAL A 354 24.96 -5.19 -23.29
N ASP A 355 24.17 -5.12 -24.33
CA ASP A 355 24.00 -3.88 -25.05
C ASP A 355 23.26 -2.84 -24.23
N GLY A 356 22.24 -3.29 -23.51
CA GLY A 356 21.47 -2.39 -22.67
C GLY A 356 22.34 -1.75 -21.61
N VAL A 357 23.17 -2.55 -20.95
CA VAL A 357 24.05 -2.02 -19.93
C VAL A 357 25.04 -1.06 -20.49
N LYS A 358 25.62 -1.36 -21.64
CA LYS A 358 26.57 -0.41 -22.21
C LYS A 358 25.88 0.92 -22.50
N LEU A 359 24.64 0.87 -22.96
CA LEU A 359 23.89 2.09 -23.20
C LEU A 359 23.67 2.84 -21.89
N LEU A 360 23.30 2.12 -20.83
CA LEU A 360 23.07 2.74 -19.53
C LEU A 360 24.35 3.36 -19.00
N ILE A 361 25.50 2.76 -19.29
CA ILE A 361 26.74 3.37 -18.90
C ILE A 361 26.87 4.68 -19.64
N GLU A 362 26.57 4.67 -20.94
CA GLU A 362 26.64 5.87 -21.73
C GLU A 362 25.68 6.93 -21.24
N MET A 363 24.52 6.52 -20.72
CA MET A 363 23.59 7.47 -20.15
C MET A 363 24.26 8.30 -19.10
N GLU A 364 25.02 7.67 -18.22
CA GLU A 364 25.73 8.46 -17.24
C GLU A 364 26.96 9.14 -17.81
N GLN A 365 27.53 8.63 -18.88
CA GLN A 365 28.67 9.35 -19.44
C GLN A 365 28.26 10.75 -19.86
N ARG A 366 27.03 10.89 -20.33
CA ARG A 366 26.55 12.20 -20.71
C ARG A 366 25.90 12.90 -19.53
N LEU A 367 25.10 12.19 -18.73
CA LEU A 367 24.41 12.80 -17.61
C LEU A 367 25.38 13.35 -16.58
N GLU A 368 26.45 12.62 -16.31
CA GLU A 368 27.50 13.09 -15.41
C GLU A 368 28.03 14.47 -15.74
N GLN A 369 28.07 14.79 -17.02
CA GLN A 369 28.59 16.05 -17.47
C GLN A 369 27.51 17.09 -17.70
N GLY A 370 26.27 16.77 -17.31
CA GLY A 370 25.17 17.70 -17.46
C GLY A 370 24.70 17.79 -18.90
N GLN A 371 24.93 16.74 -19.66
CA GLN A 371 24.56 16.78 -21.06
C GLN A 371 23.22 16.14 -21.27
N ALA A 372 22.57 16.48 -22.36
CA ALA A 372 21.28 15.90 -22.69
C ALA A 372 21.46 14.44 -23.04
N ILE A 373 20.47 13.63 -22.70
CA ILE A 373 20.55 12.21 -22.97
C ILE A 373 19.49 11.77 -23.97
N ASP A 374 18.89 12.75 -24.65
CA ASP A 374 17.82 12.48 -25.60
C ASP A 374 18.31 11.75 -26.84
N ASP A 375 19.60 11.82 -27.12
CA ASP A 375 20.18 11.10 -28.24
C ASP A 375 20.58 9.66 -27.88
N LEU A 376 20.34 9.25 -26.64
CA LEU A 376 20.63 7.90 -26.23
C LEU A 376 19.39 7.09 -26.09
N MET A 377 18.30 7.72 -25.69
CA MET A 377 17.06 7.00 -25.52
C MET A 377 16.71 6.28 -26.83
N PRO A 378 16.67 4.94 -26.83
CA PRO A 378 16.47 4.04 -27.95
C PRO A 378 15.01 3.87 -28.31
N ALA A 379 14.77 3.06 -29.32
CA ALA A 379 13.42 2.71 -29.75
C ALA A 379 13.27 1.20 -29.73
N GLN A 380 14.04 0.55 -28.86
CA GLN A 380 14.08 -0.91 -28.72
C GLN A 380 12.79 -1.54 -28.22
N LYS A 381 12.08 -0.85 -27.35
CA LYS A 381 10.84 -1.31 -26.73
C LYS A 381 10.07 -2.28 -27.59
N SER B 6 -4.06 -40.90 -8.98
CA SER B 6 -3.78 -41.35 -7.62
C SER B 6 -2.31 -41.29 -7.29
N HIS B 7 -1.84 -40.12 -6.87
CA HIS B 7 -0.43 -39.94 -6.54
C HIS B 7 -0.01 -40.82 -5.38
N ASN B 8 -0.98 -41.22 -4.57
CA ASN B 8 -0.72 -42.11 -3.48
C ASN B 8 -0.16 -43.42 -4.01
N ALA B 9 -0.73 -43.90 -5.12
CA ALA B 9 -0.27 -45.13 -5.72
C ALA B 9 1.14 -44.95 -6.22
N LEU B 10 1.45 -43.76 -6.72
CA LEU B 10 2.78 -43.50 -7.19
C LEU B 10 3.78 -43.54 -6.04
N LYS B 11 3.38 -43.05 -4.87
CA LYS B 11 4.25 -43.11 -3.72
C LYS B 11 4.52 -44.55 -3.32
N LEU B 12 3.52 -45.41 -3.50
CA LEU B 12 3.65 -46.82 -3.16
C LEU B 12 4.61 -47.59 -4.08
N ARG B 13 5.10 -46.95 -5.14
CA ARG B 13 6.07 -47.61 -6.00
C ARG B 13 7.44 -47.61 -5.36
N PHE B 14 7.62 -46.78 -4.33
CA PHE B 14 8.87 -46.74 -3.59
C PHE B 14 8.74 -47.66 -2.41
N PRO B 15 9.83 -48.16 -1.87
CA PRO B 15 9.91 -48.96 -0.67
C PRO B 15 9.61 -48.03 0.48
N ALA B 16 9.03 -48.55 1.54
CA ALA B 16 8.63 -47.73 2.67
C ALA B 16 9.79 -46.91 3.19
N GLU B 17 10.97 -47.50 3.22
CA GLU B 17 12.18 -46.83 3.67
C GLU B 17 12.40 -45.47 3.03
N ASP B 18 12.07 -45.35 1.75
CA ASP B 18 12.25 -44.08 1.04
C ASP B 18 11.27 -43.02 1.46
N GLU B 19 10.08 -43.42 1.88
CA GLU B 19 9.06 -42.46 2.23
C GLU B 19 9.08 -42.11 3.71
N PHE B 20 9.62 -42.99 4.53
CA PHE B 20 9.69 -42.73 5.96
C PHE B 20 10.51 -41.47 6.27
N PRO B 21 9.92 -40.45 6.91
CA PRO B 21 10.51 -39.18 7.29
C PRO B 21 11.49 -39.33 8.42
N ASP B 22 12.51 -38.48 8.45
CA ASP B 22 13.53 -38.56 9.48
C ASP B 22 13.08 -37.92 10.77
N LEU B 23 12.38 -38.69 11.57
CA LEU B 23 11.82 -38.20 12.80
C LEU B 23 12.81 -38.04 13.94
N SER B 24 14.08 -38.35 13.73
CA SER B 24 15.06 -38.20 14.80
C SER B 24 15.27 -36.75 15.15
N ALA B 25 14.91 -35.84 14.24
CA ALA B 25 15.04 -34.43 14.48
C ALA B 25 13.79 -33.83 15.14
N HIS B 26 12.82 -34.66 15.46
CA HIS B 26 11.57 -34.15 15.98
C HIS B 26 11.33 -34.51 17.41
N ASN B 27 10.51 -33.72 18.07
CA ASN B 27 10.15 -33.95 19.44
C ASN B 27 8.70 -33.67 19.69
N ASN B 28 7.87 -34.65 19.40
CA ASN B 28 6.43 -34.55 19.63
C ASN B 28 5.86 -35.93 19.80
N HIS B 29 4.57 -36.04 20.14
CA HIS B 29 4.00 -37.34 20.41
C HIS B 29 4.03 -38.22 19.18
N MET B 30 3.77 -37.63 18.02
CA MET B 30 3.79 -38.39 16.79
C MET B 30 5.14 -39.02 16.57
N ALA B 31 6.19 -38.23 16.71
CA ALA B 31 7.54 -38.70 16.49
C ALA B 31 7.91 -39.85 17.41
N LYS B 32 7.36 -39.86 18.61
CA LYS B 32 7.70 -40.91 19.55
C LYS B 32 6.83 -42.15 19.41
N VAL B 33 5.89 -42.14 18.47
CA VAL B 33 5.03 -43.28 18.24
C VAL B 33 5.27 -43.97 16.92
N LEU B 34 5.38 -43.18 15.86
CA LEU B 34 5.50 -43.77 14.52
C LEU B 34 6.84 -44.39 14.24
N THR B 35 6.85 -45.70 14.22
CA THR B 35 8.03 -46.48 13.88
C THR B 35 7.98 -46.71 12.39
N PRO B 36 9.09 -47.07 11.76
CA PRO B 36 9.22 -47.35 10.35
C PRO B 36 8.44 -48.60 10.02
N GLU B 37 8.30 -49.46 11.03
CA GLU B 37 7.52 -50.65 10.86
C GLU B 37 6.06 -50.30 10.74
N LEU B 38 5.61 -49.43 11.65
CA LEU B 38 4.24 -48.99 11.62
C LEU B 38 3.94 -48.23 10.36
N TYR B 39 4.90 -47.40 9.97
CA TYR B 39 4.78 -46.61 8.77
C TYR B 39 4.56 -47.50 7.60
N ALA B 40 5.36 -48.54 7.48
CA ALA B 40 5.21 -49.49 6.41
C ALA B 40 3.86 -50.16 6.42
N GLU B 41 3.37 -50.46 7.62
CA GLU B 41 2.09 -51.11 7.73
C GLU B 41 0.92 -50.21 7.34
N LEU B 42 0.98 -48.96 7.74
CA LEU B 42 -0.12 -48.05 7.46
C LEU B 42 0.03 -47.24 6.19
N ARG B 43 1.21 -47.23 5.59
CA ARG B 43 1.45 -46.39 4.42
C ARG B 43 0.44 -46.57 3.32
N ALA B 44 0.02 -47.81 3.09
CA ALA B 44 -0.93 -48.09 2.02
C ALA B 44 -2.39 -47.94 2.47
N LYS B 45 -2.61 -47.56 3.72
CA LYS B 45 -3.96 -47.45 4.23
C LYS B 45 -4.53 -46.08 3.97
N SER B 46 -5.84 -45.99 3.86
CA SER B 46 -6.49 -44.72 3.64
C SER B 46 -7.90 -44.74 4.14
N THR B 47 -8.45 -43.57 4.38
CA THR B 47 -9.82 -43.44 4.83
C THR B 47 -10.71 -43.42 3.63
N PRO B 48 -12.02 -43.52 3.83
CA PRO B 48 -13.06 -43.38 2.82
C PRO B 48 -13.01 -42.02 2.13
N SER B 49 -12.39 -41.03 2.78
CA SER B 49 -12.28 -39.69 2.25
C SER B 49 -11.07 -39.54 1.37
N GLY B 50 -10.12 -40.46 1.48
CA GLY B 50 -8.89 -40.39 0.73
C GLY B 50 -7.75 -39.88 1.60
N PHE B 51 -8.06 -39.43 2.80
CA PHE B 51 -7.04 -38.99 3.71
C PHE B 51 -6.03 -40.10 4.00
N THR B 52 -4.71 -39.81 3.92
CA THR B 52 -3.72 -40.88 4.10
C THR B 52 -2.76 -40.65 5.24
N LEU B 53 -1.91 -41.65 5.47
CA LEU B 53 -0.90 -41.63 6.53
C LEU B 53 0.03 -40.44 6.42
N ASP B 54 0.42 -40.09 5.22
CA ASP B 54 1.31 -38.97 5.04
C ASP B 54 0.63 -37.63 5.31
N ASP B 55 -0.69 -37.63 5.42
CA ASP B 55 -1.39 -36.40 5.70
C ASP B 55 -1.57 -36.27 7.19
N VAL B 56 -1.87 -37.38 7.86
CA VAL B 56 -2.08 -37.34 9.30
C VAL B 56 -0.82 -36.98 10.07
N ILE B 57 0.35 -37.25 9.53
CA ILE B 57 1.54 -36.86 10.28
C ILE B 57 2.27 -35.71 9.65
N GLN B 58 1.63 -34.94 8.78
CA GLN B 58 2.40 -33.89 8.13
C GLN B 58 2.84 -32.79 9.06
N THR B 59 1.94 -32.34 9.93
CA THR B 59 2.24 -31.26 10.85
C THR B 59 3.36 -31.54 11.79
N GLY B 60 3.41 -32.74 12.33
CA GLY B 60 4.46 -33.11 13.25
C GLY B 60 5.81 -33.32 12.57
N VAL B 61 5.86 -33.26 11.25
CA VAL B 61 7.09 -33.35 10.52
C VAL B 61 7.57 -31.97 10.15
N ASP B 62 6.64 -31.13 9.68
CA ASP B 62 6.99 -29.77 9.32
C ASP B 62 7.46 -28.97 10.53
N ASN B 63 6.82 -29.18 11.66
CA ASN B 63 7.21 -28.47 12.85
C ASN B 63 8.02 -29.40 13.76
N PRO B 64 9.34 -29.20 13.87
CA PRO B 64 10.29 -30.00 14.63
C PRO B 64 9.94 -30.16 16.09
N GLY B 65 9.16 -29.23 16.63
CA GLY B 65 8.75 -29.29 18.02
C GLY B 65 9.68 -28.54 18.94
N HIS B 66 9.11 -27.97 19.99
CA HIS B 66 9.86 -27.26 20.99
C HIS B 66 10.70 -28.24 21.81
N PRO B 67 11.97 -27.96 22.05
CA PRO B 67 12.93 -28.77 22.79
C PRO B 67 12.43 -29.24 24.15
N TYR B 68 11.59 -28.44 24.81
CA TYR B 68 11.12 -28.82 26.13
C TYR B 68 9.60 -28.90 26.24
N ILE B 69 8.90 -28.65 25.14
CA ILE B 69 7.44 -28.71 25.20
C ILE B 69 6.92 -29.67 24.14
N MET B 70 6.37 -30.77 24.59
CA MET B 70 5.88 -31.76 23.66
C MET B 70 4.47 -31.47 23.18
N THR B 71 4.30 -31.49 21.86
CA THR B 71 3.00 -31.33 21.24
C THR B 71 2.61 -32.63 20.61
N VAL B 72 1.60 -32.64 19.75
CA VAL B 72 1.19 -33.90 19.17
C VAL B 72 1.69 -34.03 17.75
N GLY B 73 1.28 -33.10 16.90
CA GLY B 73 1.71 -33.08 15.52
C GLY B 73 0.84 -33.91 14.58
N CYS B 74 -0.30 -34.39 15.06
CA CYS B 74 -1.16 -35.17 14.21
C CYS B 74 -2.45 -34.49 13.98
N VAL B 75 -2.99 -34.66 12.80
CA VAL B 75 -4.22 -34.00 12.45
C VAL B 75 -5.21 -34.95 11.83
N ALA B 76 -6.41 -35.02 12.36
CA ALA B 76 -7.40 -35.91 11.80
C ALA B 76 -7.97 -35.40 10.51
N GLY B 77 -8.42 -36.30 9.66
CA GLY B 77 -9.01 -35.91 8.40
C GLY B 77 -10.51 -35.83 8.58
N ASP B 78 -11.04 -36.78 9.31
CA ASP B 78 -12.45 -36.83 9.63
C ASP B 78 -12.66 -37.78 10.79
N GLU B 79 -13.91 -37.99 11.18
CA GLU B 79 -14.20 -38.87 12.29
C GLU B 79 -13.65 -40.27 12.02
N GLU B 80 -13.90 -40.77 10.82
CA GLU B 80 -13.44 -42.09 10.44
C GLU B 80 -11.94 -42.27 10.54
N SER B 81 -11.18 -41.22 10.30
CA SER B 81 -9.73 -41.32 10.32
C SER B 81 -9.17 -41.64 11.69
N TYR B 82 -9.93 -41.41 12.75
CA TYR B 82 -9.45 -41.81 14.06
C TYR B 82 -9.48 -43.32 14.20
N GLU B 83 -10.39 -43.97 13.47
CA GLU B 83 -10.46 -45.41 13.47
C GLU B 83 -9.47 -46.01 12.50
N VAL B 84 -9.42 -45.45 11.30
CA VAL B 84 -8.55 -45.95 10.26
C VAL B 84 -7.10 -45.99 10.65
N PHE B 85 -6.62 -44.93 11.29
CA PHE B 85 -5.24 -44.91 11.70
C PHE B 85 -5.09 -45.05 13.20
N LYS B 86 -6.01 -45.77 13.83
CA LYS B 86 -5.99 -45.90 15.28
C LYS B 86 -4.74 -46.59 15.79
N ASP B 87 -4.08 -47.36 14.93
CA ASP B 87 -2.85 -48.00 15.34
C ASP B 87 -1.79 -46.98 15.68
N LEU B 88 -1.92 -45.80 15.10
CA LEU B 88 -1.07 -44.69 15.39
C LEU B 88 -1.68 -43.83 16.51
N PHE B 89 -2.94 -43.45 16.33
CA PHE B 89 -3.58 -42.52 17.25
C PHE B 89 -3.72 -43.04 18.66
N ASP B 90 -4.04 -44.30 18.83
CA ASP B 90 -4.28 -44.80 20.17
C ASP B 90 -3.07 -44.67 21.08
N PRO B 91 -1.87 -44.97 20.61
CA PRO B 91 -0.65 -44.77 21.37
C PRO B 91 -0.46 -43.31 21.68
N ILE B 92 -0.82 -42.45 20.73
CA ILE B 92 -0.68 -41.03 20.94
C ILE B 92 -1.60 -40.54 22.03
N ILE B 93 -2.87 -40.90 21.95
CA ILE B 93 -3.85 -40.47 22.91
C ILE B 93 -3.51 -40.94 24.29
N GLU B 94 -3.12 -42.20 24.41
CA GLU B 94 -2.75 -42.73 25.71
C GLU B 94 -1.67 -41.90 26.36
N ASP B 95 -0.64 -41.55 25.62
CA ASP B 95 0.39 -40.73 26.21
C ASP B 95 -0.08 -39.31 26.48
N ARG B 96 -0.85 -38.75 25.56
CA ARG B 96 -1.27 -37.36 25.69
C ARG B 96 -2.14 -37.07 26.88
N HIS B 97 -3.07 -37.95 27.18
CA HIS B 97 -3.96 -37.67 28.28
C HIS B 97 -3.61 -38.38 29.56
N GLY B 98 -2.35 -38.80 29.69
CA GLY B 98 -1.93 -39.37 30.96
C GLY B 98 -2.47 -40.76 31.26
N GLY B 99 -2.55 -41.63 30.26
CA GLY B 99 -2.98 -42.99 30.54
C GLY B 99 -4.38 -43.32 30.06
N TYR B 100 -5.01 -42.42 29.30
CA TYR B 100 -6.33 -42.75 28.78
C TYR B 100 -6.24 -44.02 27.94
N LYS B 101 -6.82 -45.10 28.45
CA LYS B 101 -6.73 -46.38 27.77
C LYS B 101 -7.73 -46.50 26.66
N PRO B 102 -7.47 -47.35 25.67
CA PRO B 102 -8.28 -47.64 24.51
C PRO B 102 -9.58 -48.33 24.91
N SER B 103 -9.60 -48.90 26.12
CA SER B 103 -10.79 -49.54 26.65
C SER B 103 -11.70 -48.56 27.40
N ASP B 104 -11.20 -47.38 27.72
CA ASP B 104 -11.96 -46.41 28.52
C ASP B 104 -13.14 -45.78 27.79
N GLU B 105 -14.19 -45.50 28.55
CA GLU B 105 -15.36 -44.82 28.03
C GLU B 105 -15.41 -43.41 28.55
N HIS B 106 -15.63 -42.46 27.66
CA HIS B 106 -15.67 -41.07 28.05
C HIS B 106 -17.08 -40.56 28.25
N LYS B 107 -17.33 -39.90 29.38
CA LYS B 107 -18.65 -39.36 29.70
C LYS B 107 -18.76 -37.86 29.43
N THR B 108 -19.98 -37.39 29.24
CA THR B 108 -20.26 -35.98 29.02
C THR B 108 -21.31 -35.52 30.00
N ASP B 109 -21.60 -34.22 30.04
CA ASP B 109 -22.60 -33.71 30.99
C ASP B 109 -22.98 -32.26 30.74
N LEU B 110 -24.13 -32.03 30.11
CA LEU B 110 -24.59 -30.67 29.85
C LEU B 110 -25.70 -30.23 30.80
N ASN B 111 -25.62 -30.66 32.05
CA ASN B 111 -26.60 -30.28 33.05
C ASN B 111 -25.94 -29.53 34.20
N PRO B 112 -25.90 -28.19 34.15
CA PRO B 112 -25.32 -27.24 35.10
C PRO B 112 -25.70 -27.54 36.52
N ASP B 113 -26.87 -28.15 36.71
CA ASP B 113 -27.37 -28.55 38.00
C ASP B 113 -26.36 -29.37 38.80
N ASN B 114 -25.50 -30.12 38.12
CA ASN B 114 -24.52 -30.92 38.81
C ASN B 114 -23.34 -30.11 39.35
N LEU B 115 -23.15 -28.89 38.87
CA LEU B 115 -22.04 -28.06 39.31
C LEU B 115 -22.35 -27.50 40.69
N GLN B 116 -21.59 -27.91 41.68
CA GLN B 116 -21.87 -27.48 43.02
C GLN B 116 -21.22 -26.18 43.36
N GLY B 117 -21.90 -25.10 43.02
CA GLY B 117 -21.41 -23.77 43.28
C GLY B 117 -21.04 -23.05 42.00
N GLY B 118 -20.08 -22.15 42.09
CA GLY B 118 -19.62 -21.39 40.93
C GLY B 118 -20.41 -20.10 40.73
N ASP B 119 -21.43 -19.89 41.56
CA ASP B 119 -22.26 -18.70 41.49
C ASP B 119 -21.55 -17.49 42.10
N ASP B 120 -20.79 -17.73 43.16
CA ASP B 120 -20.05 -16.69 43.86
C ASP B 120 -18.59 -17.02 44.01
N LEU B 121 -17.77 -16.50 43.13
CA LEU B 121 -16.36 -16.77 43.20
C LEU B 121 -15.51 -15.60 43.62
N ASP B 122 -16.04 -14.71 44.46
CA ASP B 122 -15.26 -13.55 44.91
C ASP B 122 -14.62 -12.70 43.80
N PRO B 123 -15.39 -11.80 43.19
CA PRO B 123 -15.02 -10.91 42.09
C PRO B 123 -13.83 -9.99 42.39
N ASN B 124 -13.34 -9.97 43.63
CA ASN B 124 -12.14 -9.24 43.98
C ASN B 124 -10.91 -9.82 43.29
N TYR B 125 -10.96 -11.11 43.03
CA TYR B 125 -9.89 -11.79 42.35
C TYR B 125 -10.32 -12.30 41.01
N VAL B 126 -11.60 -12.66 40.91
CA VAL B 126 -12.05 -13.13 39.64
C VAL B 126 -12.42 -11.99 38.75
N LEU B 127 -11.46 -11.60 37.94
CA LEU B 127 -11.65 -10.52 37.01
C LEU B 127 -12.64 -10.91 35.96
N SER B 128 -12.40 -12.05 35.35
CA SER B 128 -13.27 -12.50 34.27
C SER B 128 -13.12 -13.98 34.00
N SER B 129 -14.19 -14.59 33.51
CA SER B 129 -14.13 -16.02 33.25
C SER B 129 -14.90 -16.42 32.01
N ARG B 130 -14.46 -17.51 31.40
CA ARG B 130 -15.10 -17.98 30.20
C ARG B 130 -14.93 -19.48 30.03
N VAL B 131 -15.72 -20.04 29.15
CA VAL B 131 -15.61 -21.44 28.86
C VAL B 131 -15.83 -21.63 27.40
N ARG B 132 -14.98 -22.40 26.77
CA ARG B 132 -15.14 -22.59 25.37
C ARG B 132 -14.88 -24.00 24.94
N THR B 133 -15.44 -24.36 23.80
CA THR B 133 -15.31 -25.70 23.28
C THR B 133 -15.43 -25.69 21.79
N GLY B 134 -15.55 -26.86 21.19
CA GLY B 134 -15.71 -26.92 19.77
C GLY B 134 -16.48 -28.14 19.36
N ARG B 135 -17.08 -28.07 18.20
CA ARG B 135 -17.83 -29.18 17.68
C ARG B 135 -17.53 -29.34 16.21
N SER B 136 -18.02 -30.42 15.63
CA SER B 136 -17.82 -30.67 14.22
C SER B 136 -19.02 -31.38 13.69
N ILE B 137 -19.32 -31.21 12.42
CA ILE B 137 -20.54 -31.81 11.92
C ILE B 137 -20.28 -33.13 11.22
N ARG B 138 -20.90 -34.18 11.74
CA ARG B 138 -20.76 -35.48 11.14
C ARG B 138 -21.34 -35.47 9.75
N GLY B 139 -20.56 -35.94 8.81
CA GLY B 139 -20.97 -35.93 7.41
C GLY B 139 -20.04 -35.04 6.59
N PHE B 140 -19.28 -34.19 7.26
CA PHE B 140 -18.32 -33.34 6.58
C PHE B 140 -16.95 -33.66 7.08
N CYS B 141 -15.95 -33.36 6.27
CA CYS B 141 -14.59 -33.60 6.68
C CYS B 141 -14.18 -32.52 7.63
N LEU B 142 -13.16 -32.78 8.42
CA LEU B 142 -12.66 -31.77 9.30
C LEU B 142 -11.84 -30.79 8.47
N PRO B 143 -11.91 -29.48 8.79
CA PRO B 143 -11.26 -28.34 8.10
C PRO B 143 -10.04 -28.66 7.21
N PRO B 144 -8.95 -29.31 7.69
CA PRO B 144 -7.74 -29.61 6.93
C PRO B 144 -8.05 -30.19 5.56
N HIS B 145 -9.10 -30.98 5.45
CA HIS B 145 -9.44 -31.54 4.15
C HIS B 145 -10.85 -31.24 3.70
N CYS B 146 -11.28 -30.02 3.89
CA CYS B 146 -12.56 -29.63 3.35
C CYS B 146 -12.42 -28.97 1.99
N SER B 147 -13.46 -29.13 1.18
CA SER B 147 -13.49 -28.42 -0.08
C SER B 147 -14.13 -27.11 0.18
N ARG B 148 -14.10 -26.23 -0.80
CA ARG B 148 -14.76 -24.95 -0.66
C ARG B 148 -16.24 -25.16 -0.54
N GLY B 149 -16.75 -26.11 -1.31
CA GLY B 149 -18.15 -26.47 -1.27
C GLY B 149 -18.52 -26.93 0.13
N GLU B 150 -17.68 -27.75 0.75
CA GLU B 150 -17.96 -28.22 2.09
C GLU B 150 -17.94 -27.10 3.09
N ARG B 151 -16.97 -26.20 2.98
CA ARG B 151 -16.93 -25.09 3.91
C ARG B 151 -18.15 -24.24 3.76
N ARG B 152 -18.58 -24.04 2.53
CA ARG B 152 -19.76 -23.24 2.27
C ARG B 152 -21.02 -23.94 2.71
N ALA B 153 -21.08 -25.26 2.59
CA ALA B 153 -22.23 -26.00 3.05
C ALA B 153 -22.39 -25.86 4.55
N ILE B 154 -21.27 -25.98 5.26
CA ILE B 154 -21.29 -25.83 6.70
C ILE B 154 -21.65 -24.44 7.10
N GLU B 155 -21.05 -23.45 6.45
CA GLU B 155 -21.35 -22.07 6.76
C GLU B 155 -22.82 -21.82 6.65
N LYS B 156 -23.40 -22.24 5.53
CA LYS B 156 -24.81 -22.08 5.31
C LYS B 156 -25.62 -22.63 6.47
N LEU B 157 -25.33 -23.85 6.88
CA LEU B 157 -26.07 -24.45 7.99
C LEU B 157 -25.91 -23.68 9.28
N ALA B 158 -24.68 -23.27 9.57
CA ALA B 158 -24.40 -22.58 10.80
C ALA B 158 -25.12 -21.27 10.87
N VAL B 159 -25.09 -20.52 9.79
CA VAL B 159 -25.75 -19.23 9.78
C VAL B 159 -27.23 -19.38 9.89
N GLU B 160 -27.81 -20.30 9.14
CA GLU B 160 -29.24 -20.49 9.21
C GLU B 160 -29.69 -20.81 10.61
N ALA B 161 -29.04 -21.79 11.23
CA ALA B 161 -29.42 -22.18 12.57
C ALA B 161 -29.18 -21.07 13.59
N LEU B 162 -28.03 -20.42 13.54
CA LEU B 162 -27.72 -19.37 14.50
C LEU B 162 -28.65 -18.19 14.39
N SER B 163 -29.12 -17.90 13.18
CA SER B 163 -30.05 -16.80 12.98
C SER B 163 -31.42 -17.06 13.59
N SER B 164 -31.73 -18.31 13.92
CA SER B 164 -33.01 -18.62 14.52
C SER B 164 -32.96 -18.54 16.03
N LEU B 165 -31.79 -18.24 16.59
CA LEU B 165 -31.68 -18.12 18.03
C LEU B 165 -32.23 -16.77 18.48
N ASP B 166 -32.89 -16.76 19.63
CA ASP B 166 -33.44 -15.53 20.15
C ASP B 166 -33.11 -15.37 21.63
N GLY B 167 -33.87 -14.52 22.32
CA GLY B 167 -33.65 -14.30 23.74
C GLY B 167 -32.25 -13.75 23.94
N ASP B 168 -31.51 -14.36 24.85
CA ASP B 168 -30.14 -13.96 25.10
C ASP B 168 -29.19 -14.38 23.99
N LEU B 169 -29.69 -15.21 23.08
CA LEU B 169 -28.92 -15.64 21.96
C LEU B 169 -29.29 -14.92 20.69
N ALA B 170 -30.08 -13.87 20.77
CA ALA B 170 -30.34 -13.14 19.54
C ALA B 170 -29.05 -12.44 19.17
N GLY B 171 -28.71 -12.40 17.89
CA GLY B 171 -27.45 -11.76 17.51
C GLY B 171 -27.30 -11.42 16.03
N ARG B 172 -26.07 -11.59 15.53
CA ARG B 172 -25.74 -11.25 14.15
C ARG B 172 -24.52 -11.98 13.61
N TYR B 173 -24.58 -12.38 12.34
CA TYR B 173 -23.46 -13.04 11.69
C TYR B 173 -22.62 -12.07 10.88
N TYR B 174 -21.33 -12.10 11.13
CA TYR B 174 -20.35 -11.26 10.45
C TYR B 174 -19.43 -12.07 9.55
N ALA B 175 -19.71 -12.11 8.25
CA ALA B 175 -18.81 -12.83 7.36
C ALA B 175 -17.52 -12.04 7.19
N LEU B 176 -16.38 -12.71 7.26
CA LEU B 176 -15.12 -11.98 7.13
C LEU B 176 -14.90 -11.36 5.76
N LYS B 177 -15.37 -12.01 4.72
CA LYS B 177 -15.16 -11.49 3.37
C LYS B 177 -15.82 -10.13 3.12
N SER B 178 -16.80 -9.74 3.92
CA SER B 178 -17.46 -8.46 3.71
C SER B 178 -17.51 -7.64 4.98
N MET B 179 -16.56 -7.87 5.87
CA MET B 179 -16.52 -7.13 7.12
C MET B 179 -16.02 -5.71 6.94
N THR B 180 -16.82 -4.74 7.40
CA THR B 180 -16.47 -3.33 7.33
C THR B 180 -15.47 -3.01 8.44
N GLU B 181 -14.45 -2.21 8.13
CA GLU B 181 -13.39 -1.93 9.10
C GLU B 181 -13.86 -1.29 10.42
N ALA B 182 -15.01 -0.65 10.41
CA ALA B 182 -15.55 -0.06 11.63
C ALA B 182 -16.02 -1.16 12.56
N GLU B 183 -16.91 -2.00 12.07
CA GLU B 183 -17.40 -3.11 12.87
C GLU B 183 -16.28 -4.09 13.15
N GLN B 184 -15.28 -4.12 12.26
CA GLN B 184 -14.10 -4.92 12.48
C GLN B 184 -13.40 -4.43 13.73
N GLN B 185 -13.22 -3.11 13.81
CA GLN B 185 -12.58 -2.52 14.96
C GLN B 185 -13.31 -2.85 16.24
N GLN B 186 -14.64 -2.88 16.18
CA GLN B 186 -15.42 -3.22 17.36
C GLN B 186 -15.13 -4.64 17.82
N LEU B 187 -15.07 -5.56 16.86
CA LEU B 187 -14.80 -6.95 17.17
C LEU B 187 -13.37 -7.11 17.66
N ILE B 188 -12.46 -6.27 17.16
CA ILE B 188 -11.09 -6.29 17.65
C ILE B 188 -11.04 -5.84 19.08
N ASP B 189 -11.75 -4.76 19.39
CA ASP B 189 -11.78 -4.20 20.73
C ASP B 189 -12.26 -5.21 21.75
N ASP B 190 -13.23 -6.02 21.36
CA ASP B 190 -13.79 -7.02 22.26
C ASP B 190 -13.12 -8.38 22.17
N HIS B 191 -12.01 -8.49 21.44
CA HIS B 191 -11.31 -9.76 21.27
C HIS B 191 -12.19 -10.83 20.62
N PHE B 192 -13.14 -10.42 19.81
CA PHE B 192 -14.02 -11.36 19.15
C PHE B 192 -13.47 -11.79 17.81
N LEU B 193 -12.84 -10.83 17.14
CA LEU B 193 -12.31 -11.07 15.81
C LEU B 193 -11.15 -12.04 15.77
N PHE B 194 -11.21 -12.99 14.85
CA PHE B 194 -10.13 -13.93 14.65
C PHE B 194 -9.62 -13.89 13.23
N ASP B 195 -8.37 -13.49 13.08
CA ASP B 195 -7.71 -13.32 11.79
C ASP B 195 -7.04 -14.62 11.35
N LYS B 196 -6.41 -14.59 10.19
CA LYS B 196 -5.73 -15.75 9.63
C LYS B 196 -4.71 -16.34 10.60
N PRO B 197 -4.68 -17.66 10.76
CA PRO B 197 -3.76 -18.43 11.57
C PRO B 197 -2.32 -18.08 11.23
N VAL B 198 -1.48 -18.06 12.24
CA VAL B 198 -0.08 -17.68 12.07
C VAL B 198 0.89 -18.68 12.63
N SER B 199 0.38 -19.73 13.25
CA SER B 199 1.25 -20.76 13.78
C SER B 199 1.49 -21.86 12.78
N PRO B 200 2.72 -22.34 12.63
CA PRO B 200 3.15 -23.45 11.80
C PRO B 200 2.38 -24.72 12.12
N LEU B 201 1.95 -24.87 13.39
CA LEU B 201 1.19 -26.03 13.80
C LEU B 201 -0.19 -26.07 13.18
N LEU B 202 -0.67 -24.92 12.74
CA LEU B 202 -1.95 -24.84 12.10
C LEU B 202 -1.76 -24.77 10.61
N LEU B 203 -0.76 -24.01 10.18
CA LEU B 203 -0.48 -23.80 8.78
C LEU B 203 -0.15 -25.09 8.07
N ALA B 204 0.58 -25.97 8.73
CA ALA B 204 0.96 -27.25 8.17
C ALA B 204 -0.22 -28.14 7.82
N SER B 205 -1.38 -27.90 8.39
CA SER B 205 -2.54 -28.72 8.08
C SER B 205 -3.20 -28.31 6.79
N GLY B 206 -2.91 -27.11 6.30
CA GLY B 206 -3.53 -26.62 5.09
C GLY B 206 -4.88 -25.93 5.38
N MET B 207 -5.25 -25.84 6.66
CA MET B 207 -6.52 -25.23 7.09
C MET B 207 -6.67 -23.75 6.79
N ALA B 208 -5.55 -23.09 6.49
CA ALA B 208 -5.57 -21.66 6.18
C ALA B 208 -5.84 -21.38 4.71
N ARG B 209 -5.99 -22.41 3.90
CA ARG B 209 -6.23 -22.17 2.49
C ARG B 209 -7.57 -21.53 2.26
N ASP B 210 -7.63 -20.76 1.19
CA ASP B 210 -8.82 -20.04 0.78
C ASP B 210 -9.31 -19.01 1.81
N TRP B 211 -8.47 -18.65 2.78
CA TRP B 211 -8.84 -17.70 3.82
C TRP B 211 -9.24 -16.35 3.24
N PRO B 212 -10.36 -15.77 3.66
CA PRO B 212 -11.35 -16.20 4.63
C PRO B 212 -12.65 -16.61 4.00
N ASP B 213 -12.59 -17.33 2.91
CA ASP B 213 -13.83 -17.74 2.29
C ASP B 213 -14.57 -18.63 3.27
N ALA B 214 -15.85 -18.35 3.43
CA ALA B 214 -16.75 -19.07 4.34
C ALA B 214 -16.33 -19.01 5.81
N ARG B 215 -15.47 -18.08 6.17
CA ARG B 215 -15.12 -17.93 7.56
C ARG B 215 -15.89 -16.75 8.13
N GLY B 216 -16.29 -16.84 9.39
CA GLY B 216 -16.99 -15.69 9.97
C GLY B 216 -17.36 -15.86 11.43
N ILE B 217 -17.95 -14.81 11.99
CA ILE B 217 -18.29 -14.80 13.40
C ILE B 217 -19.72 -14.46 13.68
N TRP B 218 -20.37 -15.30 14.45
CA TRP B 218 -21.70 -15.00 14.88
C TRP B 218 -21.68 -14.71 16.36
N HIS B 219 -22.37 -13.68 16.78
CA HIS B 219 -22.40 -13.48 18.21
C HIS B 219 -23.67 -12.83 18.63
N ASN B 220 -23.98 -12.98 19.92
CA ASN B 220 -25.21 -12.41 20.43
C ASN B 220 -25.00 -10.95 20.75
N ASP B 221 -26.09 -10.22 20.87
CA ASP B 221 -25.99 -8.78 21.10
C ASP B 221 -25.70 -8.40 22.54
N ASN B 222 -25.53 -9.39 23.40
CA ASN B 222 -25.13 -9.12 24.76
C ASN B 222 -23.65 -9.34 24.91
N LYS B 223 -22.99 -9.74 23.82
CA LYS B 223 -21.56 -9.98 23.81
C LYS B 223 -21.12 -11.03 24.83
N THR B 224 -21.80 -12.16 24.84
CA THR B 224 -21.41 -13.23 25.74
C THR B 224 -21.15 -14.52 24.97
N PHE B 225 -21.75 -14.67 23.78
CA PHE B 225 -21.49 -15.83 22.94
C PHE B 225 -20.88 -15.56 21.62
N LEU B 226 -19.81 -16.28 21.35
CA LEU B 226 -19.15 -16.18 20.08
C LEU B 226 -19.20 -17.50 19.38
N VAL B 227 -19.46 -17.48 18.10
CA VAL B 227 -19.37 -18.71 17.36
C VAL B 227 -18.44 -18.51 16.20
N TRP B 228 -17.26 -19.11 16.28
CA TRP B 228 -16.36 -18.97 15.15
C TRP B 228 -16.75 -20.04 14.18
N VAL B 229 -16.99 -19.64 12.94
CA VAL B 229 -17.45 -20.58 11.95
C VAL B 229 -16.37 -20.92 10.94
N ASN B 230 -16.01 -22.19 10.88
CA ASN B 230 -15.01 -22.70 9.96
C ASN B 230 -13.66 -22.05 10.13
N GLU B 231 -13.21 -21.80 11.35
CA GLU B 231 -11.93 -21.13 11.48
C GLU B 231 -10.88 -22.01 12.13
N GLU B 232 -10.86 -22.11 13.43
CA GLU B 232 -9.86 -22.99 14.02
C GLU B 232 -10.35 -24.45 14.01
N ASP B 233 -11.66 -24.61 13.84
CA ASP B 233 -12.30 -25.91 13.71
C ASP B 233 -13.66 -25.59 13.11
N HIS B 234 -14.56 -26.58 12.97
CA HIS B 234 -15.88 -26.26 12.41
C HIS B 234 -16.60 -25.21 13.25
N LEU B 235 -17.00 -25.58 14.46
CA LEU B 235 -17.68 -24.63 15.30
C LEU B 235 -16.96 -24.43 16.60
N ARG B 236 -16.60 -23.20 16.89
CA ARG B 236 -16.06 -22.89 18.21
C ARG B 236 -17.04 -22.10 19.01
N VAL B 237 -17.44 -22.64 20.15
CA VAL B 237 -18.40 -21.99 21.00
C VAL B 237 -17.70 -21.39 22.17
N ILE B 238 -17.78 -20.07 22.29
CA ILE B 238 -17.15 -19.40 23.40
C ILE B 238 -18.16 -18.64 24.22
N SER B 239 -18.22 -18.94 25.51
CA SER B 239 -19.12 -18.21 26.38
C SER B 239 -18.30 -17.44 27.40
N MET B 240 -18.52 -16.14 27.50
CA MET B 240 -17.73 -15.39 28.48
C MET B 240 -18.48 -14.27 29.13
N GLN B 241 -18.08 -13.98 30.36
CA GLN B 241 -18.63 -12.87 31.13
C GLN B 241 -17.68 -12.43 32.22
N LYS B 242 -17.65 -11.14 32.48
CA LYS B 242 -16.80 -10.61 33.52
C LYS B 242 -17.39 -10.93 34.88
N GLY B 243 -16.56 -11.00 35.89
CA GLY B 243 -17.05 -11.31 37.21
C GLY B 243 -16.87 -12.77 37.54
N GLY B 244 -17.30 -13.16 38.73
CA GLY B 244 -17.10 -14.52 39.22
C GLY B 244 -18.38 -15.33 39.34
N ASN B 245 -19.10 -15.46 38.25
CA ASN B 245 -20.30 -16.29 38.31
C ASN B 245 -20.29 -17.29 37.18
N MET B 246 -19.42 -18.27 37.32
CA MET B 246 -19.27 -19.34 36.34
C MET B 246 -20.51 -20.13 36.19
N LYS B 247 -21.25 -20.30 37.29
CA LYS B 247 -22.48 -21.06 37.24
C LYS B 247 -23.40 -20.48 36.19
N GLU B 248 -23.50 -19.17 36.14
CA GLU B 248 -24.28 -18.50 35.12
C GLU B 248 -23.68 -18.67 33.75
N VAL B 249 -22.36 -18.49 33.65
CA VAL B 249 -21.69 -18.63 32.37
C VAL B 249 -21.93 -19.99 31.78
N PHE B 250 -21.72 -20.99 32.61
CA PHE B 250 -21.87 -22.37 32.28
C PHE B 250 -23.32 -22.71 31.99
N THR B 251 -24.23 -22.17 32.78
CA THR B 251 -25.65 -22.41 32.53
C THR B 251 -26.04 -21.98 31.16
N ARG B 252 -25.56 -20.80 30.77
CA ARG B 252 -25.84 -20.28 29.47
C ARG B 252 -25.21 -21.15 28.42
N PHE B 253 -23.97 -21.52 28.68
CA PHE B 253 -23.17 -22.31 27.77
C PHE B 253 -23.85 -23.60 27.44
N CYS B 254 -24.23 -24.35 28.46
CA CYS B 254 -24.90 -25.61 28.26
C CYS B 254 -26.22 -25.44 27.56
N THR B 255 -26.98 -24.44 27.99
CA THR B 255 -28.30 -24.21 27.42
C THR B 255 -28.23 -23.84 25.96
N GLY B 256 -27.43 -22.85 25.65
CA GLY B 256 -27.29 -22.39 24.29
C GLY B 256 -26.75 -23.46 23.41
N LEU B 257 -25.73 -24.16 23.90
CA LEU B 257 -25.11 -25.23 23.13
C LEU B 257 -26.12 -26.30 22.81
N THR B 258 -26.94 -26.66 23.79
CA THR B 258 -27.97 -27.65 23.57
C THR B 258 -28.96 -27.18 22.53
N GLN B 259 -29.38 -25.92 22.64
CA GLN B 259 -30.33 -25.37 21.71
C GLN B 259 -29.85 -25.41 20.28
N ILE B 260 -28.62 -24.95 20.05
CA ILE B 260 -28.11 -24.96 18.69
C ILE B 260 -27.93 -26.38 18.20
N GLU B 261 -27.64 -27.31 19.11
CA GLU B 261 -27.54 -28.71 18.72
C GLU B 261 -28.85 -29.22 18.19
N THR B 262 -29.95 -28.89 18.87
CA THR B 262 -31.25 -29.37 18.44
C THR B 262 -31.65 -28.72 17.13
N LEU B 263 -31.18 -27.51 16.89
CA LEU B 263 -31.46 -26.85 15.64
C LEU B 263 -30.77 -27.57 14.49
N PHE B 264 -29.56 -28.05 14.71
CA PHE B 264 -28.91 -28.83 13.66
C PHE B 264 -29.63 -30.14 13.47
N LYS B 265 -30.11 -30.72 14.57
CA LYS B 265 -30.86 -31.96 14.49
C LYS B 265 -32.19 -31.80 13.80
N SER B 266 -32.77 -30.60 13.84
CA SER B 266 -34.00 -30.38 13.10
C SER B 266 -33.75 -30.39 11.59
N LYS B 267 -32.47 -30.27 11.20
CA LYS B 267 -32.05 -30.28 9.82
C LYS B 267 -31.37 -31.59 9.44
N ASP B 268 -31.46 -32.60 10.31
CA ASP B 268 -30.81 -33.90 10.12
C ASP B 268 -29.29 -33.86 10.19
N TYR B 269 -28.73 -33.00 11.03
CA TYR B 269 -27.29 -32.98 11.23
C TYR B 269 -26.98 -33.21 12.67
N GLU B 270 -25.80 -33.69 12.94
CA GLU B 270 -25.43 -33.98 14.31
C GLU B 270 -23.96 -33.81 14.51
N PHE B 271 -23.57 -33.60 15.73
CA PHE B 271 -22.18 -33.43 16.06
C PHE B 271 -21.45 -34.74 16.07
N MET B 272 -20.18 -34.71 15.68
CA MET B 272 -19.40 -35.92 15.71
C MET B 272 -19.19 -36.32 17.15
N TRP B 273 -19.58 -37.53 17.47
CA TRP B 273 -19.48 -38.00 18.84
C TRP B 273 -19.54 -39.52 18.97
N ASN B 274 -18.67 -40.07 19.81
CA ASN B 274 -18.72 -41.50 20.07
C ASN B 274 -18.28 -41.76 21.49
N PRO B 275 -18.75 -42.84 22.11
CA PRO B 275 -18.53 -43.28 23.49
C PRO B 275 -17.08 -43.36 23.91
N HIS B 276 -16.18 -43.53 22.96
CA HIS B 276 -14.78 -43.69 23.30
C HIS B 276 -13.97 -42.42 23.23
N LEU B 277 -14.39 -41.48 22.40
CA LEU B 277 -13.62 -40.25 22.27
C LEU B 277 -14.44 -38.99 22.48
N GLY B 278 -15.69 -39.15 22.88
CA GLY B 278 -16.53 -37.99 23.10
C GLY B 278 -16.69 -37.24 21.81
N TYR B 279 -16.48 -35.93 21.84
CA TYR B 279 -16.63 -35.13 20.64
C TYR B 279 -15.34 -35.08 19.83
N ILE B 280 -15.51 -35.06 18.51
CA ILE B 280 -14.39 -35.13 17.60
C ILE B 280 -13.90 -33.83 17.01
N LEU B 281 -12.64 -33.50 17.30
CA LEU B 281 -11.96 -32.35 16.74
C LEU B 281 -10.70 -32.75 15.97
N THR B 282 -10.09 -31.80 15.28
CA THR B 282 -8.90 -32.12 14.48
C THR B 282 -7.68 -32.49 15.27
N CYS B 283 -7.52 -31.92 16.45
CA CYS B 283 -6.34 -32.24 17.21
C CYS B 283 -6.64 -33.24 18.29
N PRO B 284 -5.93 -34.37 18.34
CA PRO B 284 -6.07 -35.46 19.29
C PRO B 284 -6.14 -34.99 20.73
N SER B 285 -5.37 -33.96 21.09
CA SER B 285 -5.37 -33.49 22.48
C SER B 285 -6.71 -32.97 22.90
N ASN B 286 -7.54 -32.56 21.96
CA ASN B 286 -8.81 -31.98 22.28
C ASN B 286 -9.96 -32.95 22.16
N LEU B 287 -9.69 -34.24 22.09
CA LEU B 287 -10.78 -35.20 22.01
C LEU B 287 -11.47 -35.39 23.34
N GLY B 288 -12.78 -35.58 23.31
CA GLY B 288 -13.55 -35.85 24.53
C GLY B 288 -14.56 -34.76 24.83
N THR B 289 -14.21 -33.89 25.76
CA THR B 289 -15.08 -32.79 26.08
C THR B 289 -14.68 -31.66 25.23
N GLY B 290 -13.40 -31.35 25.31
CA GLY B 290 -12.85 -30.25 24.58
C GLY B 290 -13.14 -28.93 25.28
N LEU B 291 -13.44 -28.99 26.58
CA LEU B 291 -13.73 -27.75 27.29
C LEU B 291 -12.52 -27.03 27.77
N ARG B 292 -12.56 -25.74 27.67
CA ARG B 292 -11.54 -24.94 28.26
C ARG B 292 -12.21 -23.91 29.12
N ALA B 293 -12.45 -24.27 30.37
CA ALA B 293 -13.00 -23.31 31.29
C ALA B 293 -11.83 -22.61 31.91
N GLY B 294 -11.86 -21.29 31.90
CA GLY B 294 -10.73 -20.55 32.41
C GLY B 294 -11.12 -19.27 33.10
N VAL B 295 -10.17 -18.70 33.79
CA VAL B 295 -10.44 -17.51 34.55
C VAL B 295 -9.21 -16.64 34.77
N HIS B 296 -9.42 -15.33 34.74
CA HIS B 296 -8.37 -14.37 34.97
C HIS B 296 -8.34 -14.03 36.44
N ILE B 297 -7.31 -14.53 37.12
CA ILE B 297 -7.16 -14.33 38.56
C ILE B 297 -6.03 -13.43 38.90
N LYS B 298 -6.31 -12.37 39.64
CA LYS B 298 -5.27 -11.46 40.08
C LYS B 298 -4.48 -12.10 41.19
N LEU B 299 -3.24 -12.47 40.94
CA LEU B 299 -2.44 -13.10 41.97
C LEU B 299 -1.07 -12.47 42.16
N PRO B 300 -0.99 -11.23 42.63
CA PRO B 300 0.23 -10.46 42.83
C PRO B 300 1.15 -11.05 43.89
N ASN B 301 0.60 -11.83 44.83
CA ASN B 301 1.43 -12.46 45.83
C ASN B 301 1.68 -13.91 45.49
N LEU B 302 0.57 -14.60 45.24
CA LEU B 302 0.63 -16.03 44.95
C LEU B 302 1.44 -16.33 43.72
N GLY B 303 1.37 -15.46 42.72
CA GLY B 303 2.12 -15.63 41.48
C GLY B 303 3.63 -15.64 41.70
N LYS B 304 4.10 -15.15 42.84
CA LYS B 304 5.52 -15.14 43.13
C LYS B 304 5.90 -16.28 44.07
N HIS B 305 4.92 -17.03 44.55
CA HIS B 305 5.19 -18.10 45.47
C HIS B 305 5.84 -19.27 44.75
N GLU B 306 6.87 -19.82 45.38
CA GLU B 306 7.66 -20.88 44.78
C GLU B 306 6.94 -22.20 44.46
N LYS B 307 5.74 -22.42 44.98
CA LYS B 307 5.05 -23.65 44.68
C LYS B 307 3.64 -23.47 44.15
N PHE B 308 3.26 -22.27 43.73
CA PHE B 308 1.87 -22.14 43.32
C PHE B 308 1.60 -22.92 42.04
N SER B 309 2.63 -23.12 41.24
CA SER B 309 2.47 -23.91 40.03
C SER B 309 2.26 -25.37 40.40
N GLU B 310 2.81 -25.77 41.54
CA GLU B 310 2.64 -27.12 42.04
C GLU B 310 1.22 -27.30 42.45
N VAL B 311 0.65 -26.29 43.06
CA VAL B 311 -0.74 -26.37 43.46
C VAL B 311 -1.62 -26.59 42.24
N LEU B 312 -1.37 -25.82 41.17
CA LEU B 312 -2.15 -25.96 39.95
C LEU B 312 -2.00 -27.35 39.39
N LYS B 313 -0.80 -27.89 39.46
CA LYS B 313 -0.55 -29.25 39.04
C LYS B 313 -1.44 -30.21 39.80
N ARG B 314 -1.50 -30.04 41.12
CA ARG B 314 -2.31 -30.90 41.96
C ARG B 314 -3.78 -30.78 41.62
N LEU B 315 -4.19 -29.59 41.23
CA LEU B 315 -5.55 -29.29 40.85
C LEU B 315 -5.90 -29.61 39.40
N ARG B 316 -4.93 -30.12 38.63
CA ARG B 316 -5.16 -30.39 37.21
C ARG B 316 -5.47 -29.11 36.43
N LEU B 317 -4.90 -28.00 36.85
CA LEU B 317 -5.11 -26.73 36.19
C LEU B 317 -3.84 -26.30 35.51
N GLN B 318 -3.97 -25.57 34.41
CA GLN B 318 -2.81 -25.11 33.68
C GLN B 318 -2.67 -23.63 33.82
N LYS B 319 -1.44 -23.17 33.72
CA LYS B 319 -1.12 -21.78 33.88
C LYS B 319 -0.63 -21.11 32.64
N ARG B 320 -1.47 -20.31 32.02
CA ARG B 320 -0.97 -19.47 30.97
C ARG B 320 -0.88 -18.04 31.43
N VAL B 333 -1.53 -11.50 36.73
CA VAL B 333 -2.84 -12.06 36.45
C VAL B 333 -2.62 -13.25 35.58
N PHE B 334 -3.19 -14.36 35.95
CA PHE B 334 -2.96 -15.55 35.18
C PHE B 334 -4.22 -16.10 34.59
N ASP B 335 -4.10 -16.73 33.43
CA ASP B 335 -5.22 -17.41 32.82
C ASP B 335 -5.18 -18.84 33.32
N VAL B 336 -5.95 -19.13 34.34
CA VAL B 336 -5.94 -20.47 34.88
C VAL B 336 -7.09 -21.23 34.29
N SER B 337 -6.81 -22.43 33.80
CA SER B 337 -7.85 -23.22 33.17
C SER B 337 -7.68 -24.71 33.37
N ASN B 338 -8.72 -25.48 33.10
CA ASN B 338 -8.60 -26.91 33.30
C ASN B 338 -7.63 -27.49 32.28
N ALA B 339 -6.65 -28.24 32.78
CA ALA B 339 -5.59 -28.81 31.94
C ALA B 339 -5.92 -30.15 31.25
N ASP B 340 -7.11 -30.70 31.49
CA ASP B 340 -7.49 -31.98 30.89
C ASP B 340 -8.63 -31.79 29.88
N ARG B 341 -8.79 -32.74 28.99
CA ARG B 341 -9.86 -32.63 27.99
C ARG B 341 -10.67 -33.91 27.84
N LEU B 342 -10.09 -35.01 28.30
CA LEU B 342 -10.61 -36.37 28.10
C LEU B 342 -10.45 -37.24 29.34
N GLY B 343 -11.47 -38.01 29.68
CA GLY B 343 -11.36 -38.90 30.82
C GLY B 343 -12.39 -38.65 31.91
N PHE B 344 -13.09 -37.54 31.83
CA PHE B 344 -14.13 -37.27 32.79
C PHE B 344 -15.09 -36.19 32.31
N SER B 345 -16.22 -36.08 33.00
CA SER B 345 -17.32 -35.23 32.57
C SER B 345 -17.04 -33.75 32.52
N GLU B 346 -17.88 -33.08 31.74
CA GLU B 346 -17.86 -31.66 31.53
C GLU B 346 -18.08 -30.91 32.81
N VAL B 347 -19.03 -31.37 33.60
CA VAL B 347 -19.29 -30.70 34.84
C VAL B 347 -18.16 -30.87 35.82
N GLU B 348 -17.64 -32.08 35.98
CA GLU B 348 -16.55 -32.21 36.92
C GLU B 348 -15.40 -31.34 36.52
N LEU B 349 -15.14 -31.28 35.23
CA LEU B 349 -14.09 -30.45 34.70
C LEU B 349 -14.22 -29.02 35.21
N VAL B 350 -15.42 -28.44 35.04
CA VAL B 350 -15.66 -27.10 35.52
C VAL B 350 -15.56 -27.01 37.02
N GLN B 351 -16.09 -28.01 37.72
CA GLN B 351 -16.07 -28.08 39.17
C GLN B 351 -14.64 -27.93 39.68
N MET B 352 -13.69 -28.57 39.00
CA MET B 352 -12.29 -28.47 39.37
C MET B 352 -11.77 -27.07 39.23
N VAL B 353 -12.25 -26.35 38.21
CA VAL B 353 -11.84 -24.97 38.06
C VAL B 353 -12.40 -24.15 39.20
N VAL B 354 -13.67 -24.34 39.49
CA VAL B 354 -14.34 -23.63 40.57
C VAL B 354 -13.70 -23.84 41.92
N ASP B 355 -13.42 -25.08 42.24
CA ASP B 355 -12.80 -25.38 43.50
C ASP B 355 -11.44 -24.77 43.59
N GLY B 356 -10.68 -24.86 42.50
CA GLY B 356 -9.35 -24.30 42.43
C GLY B 356 -9.36 -22.82 42.70
N VAL B 357 -10.29 -22.10 42.07
CA VAL B 357 -10.35 -20.67 42.28
C VAL B 357 -10.53 -20.35 43.74
N LYS B 358 -11.45 -21.03 44.40
CA LYS B 358 -11.68 -20.75 45.81
C LYS B 358 -10.47 -21.07 46.65
N LEU B 359 -9.82 -22.19 46.35
CA LEU B 359 -8.63 -22.56 47.07
C LEU B 359 -7.54 -21.53 46.91
N LEU B 360 -7.31 -21.17 45.67
CA LEU B 360 -6.26 -20.24 45.31
C LEU B 360 -6.48 -18.85 45.87
N ILE B 361 -7.72 -18.39 45.90
CA ILE B 361 -7.96 -17.08 46.46
C ILE B 361 -7.66 -17.03 47.93
N GLU B 362 -8.15 -18.02 48.68
CA GLU B 362 -7.87 -18.02 50.10
C GLU B 362 -6.40 -18.19 50.36
N MET B 363 -5.73 -18.95 49.50
CA MET B 363 -4.30 -19.13 49.61
C MET B 363 -3.59 -17.81 49.54
N GLU B 364 -3.92 -17.01 48.53
CA GLU B 364 -3.29 -15.72 48.41
C GLU B 364 -3.64 -14.83 49.55
N GLN B 365 -4.89 -14.90 50.02
CA GLN B 365 -5.30 -14.10 51.17
C GLN B 365 -4.41 -14.39 52.36
N ARG B 366 -4.09 -15.65 52.57
CA ARG B 366 -3.20 -15.99 53.66
C ARG B 366 -1.84 -15.40 53.42
N LEU B 367 -1.37 -15.44 52.18
CA LEU B 367 -0.09 -14.85 51.86
C LEU B 367 -0.09 -13.35 52.10
N GLU B 368 -1.21 -12.69 51.80
CA GLU B 368 -1.32 -11.26 52.03
C GLU B 368 -1.22 -10.94 53.49
N GLN B 369 -1.76 -11.82 54.33
CA GLN B 369 -1.69 -11.63 55.77
C GLN B 369 -0.42 -12.18 56.40
N GLY B 370 0.54 -12.63 55.59
CA GLY B 370 1.79 -13.14 56.12
C GLY B 370 1.60 -14.49 56.76
N GLN B 371 0.57 -15.21 56.35
CA GLN B 371 0.27 -16.49 56.93
C GLN B 371 0.78 -17.59 56.01
N ALA B 372 1.16 -18.72 56.59
CA ALA B 372 1.63 -19.84 55.79
C ALA B 372 0.43 -20.52 55.12
N ILE B 373 0.66 -21.09 53.94
CA ILE B 373 -0.39 -21.77 53.17
C ILE B 373 -0.15 -23.28 53.09
N ASP B 374 0.59 -23.79 54.06
CA ASP B 374 1.09 -25.16 54.04
C ASP B 374 -0.02 -26.18 53.92
N ASP B 375 -1.07 -26.00 54.70
CA ASP B 375 -2.16 -26.95 54.72
C ASP B 375 -3.16 -26.79 53.59
N LEU B 376 -2.90 -25.90 52.65
CA LEU B 376 -3.80 -25.73 51.55
C LEU B 376 -3.39 -26.54 50.35
N MET B 377 -2.21 -27.15 50.40
CA MET B 377 -1.73 -27.95 49.28
C MET B 377 -2.57 -29.21 49.11
N PRO B 378 -3.32 -29.33 48.00
CA PRO B 378 -4.20 -30.41 47.62
C PRO B 378 -3.41 -31.57 47.00
N ALA B 379 -4.10 -32.64 46.63
CA ALA B 379 -3.46 -33.78 46.00
C ALA B 379 -3.82 -33.87 44.52
N LEU C 45 13.54 -11.05 3.04
CA LEU C 45 13.69 -11.32 4.47
C LEU C 45 15.06 -11.00 5.01
N SER C 46 16.10 -11.57 4.44
CA SER C 46 17.43 -11.36 4.98
C SER C 46 18.59 -11.53 4.01
N ASN C 47 18.32 -11.80 2.75
CA ASN C 47 19.45 -12.03 1.87
C ASN C 47 19.12 -11.87 0.39
N PRO C 48 20.01 -11.25 -0.41
CA PRO C 48 19.94 -11.07 -1.85
C PRO C 48 20.29 -12.37 -2.51
N LEU C 49 19.40 -13.34 -2.35
CA LEU C 49 19.51 -14.72 -2.82
C LEU C 49 19.38 -14.92 -4.32
N MET C 50 19.47 -13.85 -5.11
CA MET C 50 19.36 -13.94 -6.56
C MET C 50 17.96 -14.38 -7.00
N GLY C 51 16.98 -14.39 -6.07
CA GLY C 51 15.63 -14.82 -6.38
C GLY C 51 14.76 -13.68 -6.84
N ASP C 52 13.54 -14.01 -7.20
CA ASP C 52 12.57 -13.08 -7.73
C ASP C 52 11.73 -12.48 -6.62
N ALA C 53 11.11 -11.34 -6.90
CA ALA C 53 10.31 -10.59 -5.93
C ALA C 53 9.22 -11.43 -5.28
N VAL C 54 8.67 -12.38 -6.01
CA VAL C 54 7.66 -13.28 -5.49
C VAL C 54 8.09 -14.03 -4.23
N SER C 55 9.39 -14.22 -4.07
CA SER C 55 9.95 -14.93 -2.94
C SER C 55 10.39 -14.02 -1.81
N ASP C 56 10.24 -12.71 -1.98
CA ASP C 56 10.73 -11.77 -0.98
C ASP C 56 9.67 -11.18 -0.05
N TRP C 57 8.39 -11.35 -0.36
CA TRP C 57 7.35 -10.80 0.50
C TRP C 57 7.38 -11.42 1.87
N SER C 58 7.40 -10.61 2.93
CA SER C 58 7.30 -11.21 4.25
C SER C 58 5.83 -11.35 4.52
N PRO C 59 5.44 -12.12 5.53
CA PRO C 59 4.09 -12.28 5.98
C PRO C 59 3.58 -10.96 6.51
N MET C 60 4.49 -10.11 6.99
CA MET C 60 4.09 -8.82 7.49
C MET C 60 3.68 -7.94 6.36
N HIS C 61 4.39 -8.02 5.24
CA HIS C 61 4.03 -7.19 4.10
C HIS C 61 2.67 -7.60 3.61
N GLU C 62 2.42 -8.90 3.64
CA GLU C 62 1.14 -9.42 3.24
C GLU C 62 0.04 -8.89 4.13
N ALA C 63 0.27 -8.96 5.43
CA ALA C 63 -0.71 -8.48 6.38
C ALA C 63 -0.92 -6.99 6.22
N ALA C 64 0.16 -6.27 5.99
CA ALA C 64 0.08 -4.84 5.87
C ALA C 64 -0.75 -4.41 4.69
N ILE C 65 -0.44 -4.94 3.51
CA ILE C 65 -1.16 -4.51 2.33
C ILE C 65 -2.65 -4.86 2.35
N HIS C 66 -3.03 -5.93 3.02
CA HIS C 66 -4.45 -6.26 3.06
C HIS C 66 -5.14 -5.98 4.39
N GLY C 67 -4.51 -5.24 5.28
CA GLY C 67 -5.19 -4.83 6.51
C GLY C 67 -5.41 -5.90 7.56
N HIS C 68 -4.56 -6.91 7.61
CA HIS C 68 -4.73 -7.97 8.58
C HIS C 68 -4.06 -7.60 9.89
N GLN C 69 -4.71 -6.66 10.57
CA GLN C 69 -4.24 -6.08 11.80
C GLN C 69 -3.87 -7.07 12.87
N LEU C 70 -4.75 -8.01 13.16
CA LEU C 70 -4.45 -8.94 14.22
C LEU C 70 -3.31 -9.85 13.85
N SER C 71 -3.30 -10.27 12.59
CA SER C 71 -2.20 -11.09 12.08
C SER C 71 -0.90 -10.36 12.26
N LEU C 72 -0.91 -9.08 11.92
CA LEU C 72 0.26 -8.24 12.05
C LEU C 72 0.74 -8.24 13.48
N ARG C 73 -0.18 -8.05 14.41
CA ARG C 73 0.17 -8.04 15.82
C ARG C 73 0.77 -9.36 16.23
N ASN C 74 0.22 -10.45 15.72
CA ASN C 74 0.70 -11.76 16.05
C ASN C 74 2.12 -11.95 15.54
N LEU C 75 2.38 -11.52 14.32
CA LEU C 75 3.70 -11.63 13.75
C LEU C 75 4.70 -10.85 14.56
N ILE C 76 4.28 -9.68 15.01
CA ILE C 76 5.11 -8.85 15.85
C ILE C 76 5.42 -9.58 17.14
N SER C 77 4.42 -10.20 17.74
CA SER C 77 4.66 -10.94 18.98
C SER C 77 5.56 -12.15 18.75
N GLN C 78 5.60 -12.68 17.52
CA GLN C 78 6.50 -13.77 17.24
C GLN C 78 7.94 -13.33 16.98
N GLY C 79 8.19 -12.02 16.87
CA GLY C 79 9.54 -11.53 16.63
C GLY C 79 9.74 -10.91 15.24
N TRP C 80 8.70 -10.82 14.45
CA TRP C 80 8.85 -10.20 13.13
C TRP C 80 8.92 -8.69 13.27
N ALA C 81 10.13 -8.17 13.29
CA ALA C 81 10.40 -6.74 13.44
C ALA C 81 9.79 -5.92 12.31
N VAL C 82 9.33 -4.72 12.67
CA VAL C 82 8.69 -3.82 11.72
C VAL C 82 9.62 -3.23 10.67
N ASN C 83 10.92 -3.30 10.90
CA ASN C 83 11.86 -2.80 9.92
C ASN C 83 12.39 -3.87 8.97
N ILE C 84 11.71 -5.02 8.87
CA ILE C 84 12.12 -6.01 7.89
C ILE C 84 11.71 -5.54 6.51
N ILE C 85 12.67 -5.46 5.60
CA ILE C 85 12.43 -4.92 4.27
C ILE C 85 12.82 -5.81 3.12
N THR C 86 12.23 -5.50 1.96
CA THR C 86 12.49 -6.22 0.72
C THR C 86 13.78 -5.75 0.10
N ALA C 87 14.12 -6.33 -1.04
CA ALA C 87 15.30 -5.92 -1.79
C ALA C 87 15.20 -4.46 -2.28
N ASP C 88 13.98 -3.92 -2.35
CA ASP C 88 13.80 -2.55 -2.77
C ASP C 88 13.63 -1.65 -1.56
N HIS C 89 13.88 -2.20 -0.38
CA HIS C 89 13.74 -1.51 0.87
C HIS C 89 12.32 -1.09 1.11
N VAL C 90 11.39 -1.99 0.84
CA VAL C 90 10.01 -1.69 1.11
C VAL C 90 9.63 -2.30 2.44
N SER C 91 9.19 -1.48 3.37
CA SER C 91 8.80 -1.95 4.68
C SER C 91 7.32 -2.21 4.71
N PRO C 92 6.84 -2.91 5.74
CA PRO C 92 5.44 -3.15 6.04
C PRO C 92 4.72 -1.83 6.11
N LEU C 93 5.41 -0.81 6.63
CA LEU C 93 4.88 0.52 6.74
C LEU C 93 4.55 1.05 5.37
N HIS C 94 5.48 0.87 4.43
CA HIS C 94 5.25 1.36 3.08
C HIS C 94 4.07 0.66 2.46
N GLU C 95 3.91 -0.64 2.71
CA GLU C 95 2.78 -1.35 2.16
C GLU C 95 1.49 -0.94 2.82
N ALA C 96 1.52 -0.72 4.12
CA ALA C 96 0.34 -0.31 4.84
C ALA C 96 -0.13 1.03 4.36
N CYS C 97 0.82 1.89 4.03
CA CYS C 97 0.50 3.21 3.54
C CYS C 97 -0.15 3.11 2.18
N LEU C 98 0.35 2.22 1.34
CA LEU C 98 -0.25 2.02 0.03
C LEU C 98 -1.66 1.45 0.15
N GLY C 99 -1.88 0.60 1.13
CA GLY C 99 -3.19 0.02 1.33
C GLY C 99 -4.14 0.98 2.05
N GLY C 100 -3.59 1.93 2.81
CA GLY C 100 -4.43 2.89 3.52
C GLY C 100 -4.96 2.30 4.82
N HIS C 101 -4.22 1.37 5.38
CA HIS C 101 -4.68 0.70 6.58
C HIS C 101 -4.22 1.43 7.83
N LEU C 102 -4.93 2.50 8.13
CA LEU C 102 -4.64 3.37 9.27
C LEU C 102 -4.28 2.66 10.55
N SER C 103 -5.05 1.66 10.95
CA SER C 103 -4.73 1.00 12.20
C SER C 103 -3.41 0.25 12.13
N CYS C 104 -3.04 -0.19 10.94
CA CYS C 104 -1.80 -0.93 10.77
C CYS C 104 -0.63 0.00 10.92
N VAL C 105 -0.73 1.19 10.34
CA VAL C 105 0.38 2.11 10.48
C VAL C 105 0.46 2.62 11.89
N LYS C 106 -0.67 2.67 12.60
CA LYS C 106 -0.61 3.06 14.00
C LYS C 106 0.23 2.06 14.77
N ILE C 107 0.00 0.78 14.50
CA ILE C 107 0.75 -0.28 15.17
C ILE C 107 2.21 -0.28 14.78
N LEU C 108 2.46 -0.20 13.49
CA LEU C 108 3.82 -0.25 13.01
C LEU C 108 4.64 0.91 13.53
N LEU C 109 4.05 2.09 13.52
CA LEU C 109 4.73 3.27 14.03
C LEU C 109 4.93 3.14 15.51
N LYS C 110 3.92 2.58 16.21
CA LYS C 110 4.02 2.34 17.63
C LYS C 110 5.24 1.49 17.96
N HIS C 111 5.55 0.54 17.08
CA HIS C 111 6.70 -0.31 17.32
C HIS C 111 7.98 0.12 16.62
N GLY C 112 8.08 1.38 16.20
CA GLY C 112 9.34 1.88 15.65
C GLY C 112 9.51 1.84 14.13
N ALA C 113 8.42 1.77 13.37
CA ALA C 113 8.56 1.79 11.92
C ALA C 113 9.14 3.11 11.44
N GLN C 114 9.91 3.06 10.38
CA GLN C 114 10.61 4.25 9.91
C GLN C 114 9.75 5.15 9.05
N VAL C 115 9.06 6.07 9.72
CA VAL C 115 8.17 7.04 9.10
C VAL C 115 8.74 7.79 7.89
N ASN C 116 10.06 8.01 7.84
CA ASN C 116 10.67 8.67 6.70
C ASN C 116 11.58 7.76 5.89
N GLY C 117 11.33 6.46 5.94
CA GLY C 117 12.15 5.50 5.19
C GLY C 117 11.98 5.73 3.69
N VAL C 118 13.06 5.56 2.94
CA VAL C 118 13.05 5.78 1.50
C VAL C 118 13.34 4.52 0.73
N THR C 119 12.48 4.19 -0.24
CA THR C 119 12.66 2.97 -1.02
C THR C 119 13.63 3.18 -2.15
N ALA C 120 13.95 2.09 -2.83
CA ALA C 120 14.84 2.11 -3.99
C ALA C 120 14.27 2.94 -5.14
N ASP C 121 12.96 3.23 -5.13
CA ASP C 121 12.36 4.05 -6.15
C ASP C 121 11.99 5.42 -5.60
N TRP C 122 12.64 5.77 -4.49
CA TRP C 122 12.47 7.04 -3.82
C TRP C 122 11.08 7.28 -3.32
N HIS C 123 10.50 6.31 -2.64
CA HIS C 123 9.19 6.56 -2.10
C HIS C 123 9.23 6.54 -0.60
N THR C 124 8.33 7.33 0.00
CA THR C 124 8.23 7.42 1.44
C THR C 124 6.83 7.03 1.83
N PRO C 125 6.61 6.63 3.08
CA PRO C 125 5.33 6.26 3.66
C PRO C 125 4.33 7.36 3.40
N LEU C 126 4.79 8.60 3.51
CA LEU C 126 3.95 9.75 3.29
C LEU C 126 3.51 9.78 1.85
N PHE C 127 4.46 9.61 0.95
CA PHE C 127 4.14 9.59 -0.46
C PHE C 127 3.13 8.51 -0.74
N ASN C 128 3.36 7.34 -0.17
CA ASN C 128 2.48 6.22 -0.38
C ASN C 128 1.09 6.49 0.15
N ALA C 129 0.99 7.21 1.25
CA ALA C 129 -0.32 7.56 1.77
C ALA C 129 -1.06 8.42 0.75
N CYS C 130 -0.34 9.35 0.13
CA CYS C 130 -0.92 10.22 -0.87
C CYS C 130 -1.38 9.41 -2.07
N VAL C 131 -0.62 8.37 -2.40
CA VAL C 131 -0.97 7.48 -3.48
C VAL C 131 -2.32 6.84 -3.24
N SER C 132 -2.56 6.41 -2.01
CA SER C 132 -3.84 5.80 -1.68
C SER C 132 -4.93 6.84 -1.41
N GLY C 133 -4.53 8.04 -1.02
CA GLY C 133 -5.50 9.08 -0.68
C GLY C 133 -5.96 8.92 0.76
N SER C 134 -5.14 8.25 1.58
CA SER C 134 -5.51 8.01 2.96
C SER C 134 -5.20 9.20 3.82
N TRP C 135 -6.10 10.17 3.78
CA TRP C 135 -5.99 11.42 4.49
C TRP C 135 -5.64 11.25 5.95
N ASP C 136 -6.32 10.35 6.63
CA ASP C 136 -6.06 10.13 8.03
C ASP C 136 -4.64 9.65 8.26
N CYS C 137 -4.15 8.81 7.35
CA CYS C 137 -2.79 8.30 7.46
C CYS C 137 -1.82 9.42 7.21
N VAL C 138 -2.14 10.30 6.27
CA VAL C 138 -1.29 11.43 5.97
C VAL C 138 -1.10 12.26 7.21
N ASN C 139 -2.21 12.55 7.88
CA ASN C 139 -2.17 13.34 9.09
C ASN C 139 -1.31 12.68 10.14
N LEU C 140 -1.52 11.38 10.33
CA LEU C 140 -0.80 10.64 11.33
C LEU C 140 0.70 10.63 11.09
N LEU C 141 1.08 10.35 9.87
CA LEU C 141 2.47 10.29 9.50
C LEU C 141 3.15 11.61 9.72
N LEU C 142 2.46 12.69 9.36
CA LEU C 142 3.02 14.01 9.55
C LEU C 142 3.18 14.29 11.02
N GLN C 143 2.24 13.82 11.83
CA GLN C 143 2.32 14.01 13.27
C GLN C 143 3.49 13.25 13.86
N HIS C 144 3.93 12.19 13.20
CA HIS C 144 5.10 11.48 13.68
C HIS C 144 6.38 11.94 12.99
N GLY C 145 6.36 13.10 12.36
CA GLY C 145 7.57 13.66 11.79
C GLY C 145 7.82 13.38 10.32
N ALA C 146 6.82 12.89 9.60
CA ALA C 146 7.04 12.69 8.17
C ALA C 146 7.34 14.02 7.51
N SER C 147 8.43 14.09 6.75
CA SER C 147 8.74 15.33 6.05
C SER C 147 7.89 15.48 4.83
N VAL C 148 7.41 16.70 4.59
CA VAL C 148 6.61 16.97 3.40
C VAL C 148 7.49 17.16 2.17
N GLN C 149 8.79 17.29 2.39
CA GLN C 149 9.71 17.48 1.28
C GLN C 149 10.65 16.29 1.15
N PRO C 150 10.47 15.44 0.14
CA PRO C 150 11.26 14.27 -0.15
C PRO C 150 12.60 14.65 -0.74
N GLU C 151 13.55 13.74 -0.65
CA GLU C 151 14.89 13.97 -1.17
C GLU C 151 14.93 14.01 -2.68
N SER C 152 14.17 13.13 -3.30
CA SER C 152 14.14 13.07 -4.74
C SER C 152 13.00 13.81 -5.37
N ASP C 153 13.27 14.38 -6.52
CA ASP C 153 12.30 15.10 -7.31
C ASP C 153 11.39 14.16 -8.09
N LEU C 154 11.63 12.86 -7.97
CA LEU C 154 10.82 11.90 -8.66
C LEU C 154 9.55 11.55 -7.90
N ALA C 155 9.41 12.02 -6.65
CA ALA C 155 8.21 11.65 -5.93
C ALA C 155 7.77 12.68 -4.91
N SER C 156 7.26 13.81 -5.36
CA SER C 156 6.68 14.78 -4.45
C SER C 156 5.25 14.45 -4.11
N PRO C 157 4.93 14.27 -2.82
CA PRO C 157 3.63 13.92 -2.30
C PRO C 157 2.64 15.03 -2.57
N ILE C 158 3.14 16.25 -2.63
CA ILE C 158 2.31 17.38 -2.89
C ILE C 158 1.91 17.37 -4.33
N HIS C 159 2.89 17.19 -5.19
CA HIS C 159 2.62 17.20 -6.61
C HIS C 159 1.76 16.01 -6.99
N GLU C 160 1.99 14.87 -6.36
CA GLU C 160 1.19 13.73 -6.70
C GLU C 160 -0.23 13.88 -6.22
N ALA C 161 -0.40 14.41 -5.01
CA ALA C 161 -1.74 14.61 -4.50
C ALA C 161 -2.51 15.53 -5.41
N ALA C 162 -1.84 16.54 -5.94
CA ALA C 162 -2.46 17.45 -6.88
C ALA C 162 -2.90 16.71 -8.13
N ARG C 163 -2.08 15.77 -8.58
CA ARG C 163 -2.42 14.99 -9.75
C ARG C 163 -3.57 14.04 -9.51
N ARG C 164 -3.82 13.69 -8.25
CA ARG C 164 -4.89 12.78 -7.93
C ARG C 164 -6.17 13.49 -7.57
N GLY C 165 -6.06 14.70 -7.06
CA GLY C 165 -7.24 15.42 -6.62
C GLY C 165 -7.55 15.13 -5.15
N HIS C 166 -6.52 14.75 -4.38
CA HIS C 166 -6.70 14.44 -2.97
C HIS C 166 -6.62 15.70 -2.13
N VAL C 167 -7.66 16.53 -2.28
CA VAL C 167 -7.75 17.87 -1.73
C VAL C 167 -7.43 17.99 -0.25
N GLU C 168 -8.06 17.19 0.58
CA GLU C 168 -7.81 17.28 2.01
C GLU C 168 -6.39 16.86 2.38
N CYS C 169 -5.76 16.04 1.54
CA CYS C 169 -4.41 15.62 1.82
C CYS C 169 -3.51 16.78 1.52
N VAL C 170 -3.82 17.46 0.41
CA VAL C 170 -3.09 18.63 0.00
C VAL C 170 -3.14 19.67 1.08
N ASN C 171 -4.34 19.91 1.60
CA ASN C 171 -4.51 20.89 2.64
C ASN C 171 -3.67 20.59 3.85
N SER C 172 -3.63 19.32 4.27
CA SER C 172 -2.81 18.95 5.40
C SER C 172 -1.34 19.14 5.11
N LEU C 173 -0.91 18.78 3.90
CA LEU C 173 0.50 18.93 3.55
C LEU C 173 0.92 20.38 3.54
N ILE C 174 0.04 21.24 3.03
CA ILE C 174 0.35 22.64 3.01
C ILE C 174 0.40 23.18 4.39
N ALA C 175 -0.63 22.90 5.18
CA ALA C 175 -0.74 23.37 6.55
C ALA C 175 0.45 22.93 7.38
N TYR C 176 0.91 21.71 7.14
CA TYR C 176 2.05 21.19 7.85
C TYR C 176 3.35 21.95 7.56
N GLY C 177 3.38 22.67 6.43
CA GLY C 177 4.54 23.42 5.99
C GLY C 177 5.00 23.00 4.60
N GLY C 178 4.04 22.64 3.75
CA GLY C 178 4.36 22.25 2.38
C GLY C 178 4.43 23.45 1.46
N ASN C 179 5.41 23.47 0.57
CA ASN C 179 5.55 24.58 -0.35
C ASN C 179 4.63 24.44 -1.54
N ILE C 180 3.47 25.08 -1.46
CA ILE C 180 2.46 25.01 -2.50
C ILE C 180 2.92 25.44 -3.89
N ASP C 181 3.96 26.24 -4.01
CA ASP C 181 4.42 26.65 -5.32
C ASP C 181 5.74 26.02 -5.70
N HIS C 182 6.08 24.92 -5.07
CA HIS C 182 7.32 24.26 -5.39
C HIS C 182 7.31 23.77 -6.83
N LYS C 183 8.38 24.07 -7.55
CA LYS C 183 8.47 23.73 -8.96
C LYS C 183 9.42 22.58 -9.24
N ILE C 184 8.96 21.55 -9.94
CA ILE C 184 9.86 20.44 -10.27
C ILE C 184 10.01 20.14 -11.75
N SER C 185 10.87 20.90 -12.42
CA SER C 185 11.27 20.65 -13.80
C SER C 185 10.12 20.40 -14.78
N HIS C 186 9.76 19.12 -14.91
CA HIS C 186 8.74 18.66 -15.85
C HIS C 186 7.34 18.73 -15.27
N LEU C 187 7.24 18.95 -13.98
CA LEU C 187 5.98 19.02 -13.31
C LEU C 187 5.49 20.43 -13.14
N GLY C 188 6.42 21.38 -13.07
CA GLY C 188 6.02 22.73 -12.81
C GLY C 188 5.49 22.76 -11.39
N THR C 189 4.36 23.40 -11.19
CA THR C 189 3.76 23.48 -9.87
C THR C 189 2.63 22.50 -9.74
N PRO C 190 2.21 22.17 -8.51
CA PRO C 190 1.08 21.34 -8.17
C PRO C 190 -0.15 21.88 -8.86
N LEU C 191 -0.26 23.20 -8.92
CA LEU C 191 -1.36 23.86 -9.58
C LEU C 191 -1.40 23.48 -11.01
N TYR C 192 -0.25 23.60 -11.67
CA TYR C 192 -0.14 23.24 -13.05
C TYR C 192 -0.62 21.82 -13.27
N LEU C 193 -0.13 20.91 -12.43
CA LEU C 193 -0.48 19.51 -12.58
C LEU C 193 -1.94 19.22 -12.41
N ALA C 194 -2.55 19.84 -11.41
CA ALA C 194 -3.97 19.62 -11.15
C ALA C 194 -4.78 20.11 -12.34
N CYS C 195 -4.36 21.24 -12.90
CA CYS C 195 -5.04 21.79 -14.05
C CYS C 195 -4.93 20.84 -15.20
N GLU C 196 -3.72 20.34 -15.43
CA GLU C 196 -3.47 19.39 -16.49
C GLU C 196 -4.36 18.16 -16.37
N ASN C 197 -4.51 17.65 -15.14
CA ASN C 197 -5.32 16.47 -14.93
C ASN C 197 -6.79 16.74 -14.66
N GLN C 198 -7.24 17.97 -14.86
CA GLN C 198 -8.65 18.31 -14.72
C GLN C 198 -9.19 18.18 -13.31
N GLN C 199 -8.32 18.19 -12.31
CA GLN C 199 -8.74 18.02 -10.93
C GLN C 199 -9.33 19.32 -10.39
N ARG C 200 -10.51 19.67 -10.90
CA ARG C 200 -11.17 20.93 -10.63
C ARG C 200 -11.29 21.30 -9.18
N ALA C 201 -11.64 20.34 -8.34
CA ALA C 201 -11.78 20.62 -6.92
C ALA C 201 -10.43 21.02 -6.34
N CYS C 202 -9.39 20.31 -6.76
CA CYS C 202 -8.06 20.57 -6.29
C CYS C 202 -7.57 21.92 -6.75
N VAL C 203 -7.76 22.20 -8.04
CA VAL C 203 -7.33 23.46 -8.60
C VAL C 203 -7.91 24.62 -7.83
N LYS C 204 -9.20 24.57 -7.61
CA LYS C 204 -9.87 25.63 -6.89
C LYS C 204 -9.33 25.78 -5.51
N LYS C 205 -9.13 24.68 -4.80
CA LYS C 205 -8.64 24.78 -3.44
C LYS C 205 -7.22 25.30 -3.39
N LEU C 206 -6.38 24.89 -4.33
CA LEU C 206 -5.01 25.36 -4.36
C LEU C 206 -4.97 26.85 -4.56
N LEU C 207 -5.79 27.32 -5.48
CA LEU C 207 -5.86 28.73 -5.78
C LEU C 207 -6.35 29.52 -4.58
N GLU C 208 -7.32 28.98 -3.86
CA GLU C 208 -7.84 29.66 -2.68
C GLU C 208 -6.78 29.80 -1.61
N SER C 209 -6.00 28.75 -1.41
CA SER C 209 -4.94 28.77 -0.41
C SER C 209 -3.82 29.71 -0.82
N GLY C 210 -3.71 29.97 -2.11
CA GLY C 210 -2.74 30.95 -2.60
C GLY C 210 -1.74 30.41 -3.59
N ALA C 211 -2.15 29.47 -4.43
CA ALA C 211 -1.26 28.98 -5.46
C ALA C 211 -0.98 30.08 -6.47
N ASP C 212 0.26 30.16 -6.97
CA ASP C 212 0.57 31.19 -7.94
C ASP C 212 -0.05 30.91 -9.26
N VAL C 213 -1.18 31.52 -9.49
CA VAL C 213 -1.97 31.38 -10.70
C VAL C 213 -1.18 31.51 -12.00
N ASN C 214 -0.09 32.27 -12.03
CA ASN C 214 0.66 32.42 -13.27
C ASN C 214 1.96 31.65 -13.35
N GLN C 215 2.21 30.75 -12.40
CA GLN C 215 3.42 29.94 -12.43
C GLN C 215 3.14 28.51 -12.77
N GLY C 216 3.54 28.09 -13.96
CA GLY C 216 3.31 26.71 -14.37
C GLY C 216 4.59 26.00 -14.77
N LYS C 217 4.50 25.21 -15.82
CA LYS C 217 5.63 24.43 -16.30
C LYS C 217 6.53 25.26 -17.18
N GLY C 218 7.46 25.95 -16.56
CA GLY C 218 8.37 26.80 -17.31
C GLY C 218 7.59 27.98 -17.85
N GLN C 219 7.47 28.05 -19.16
CA GLN C 219 6.72 29.12 -19.79
C GLN C 219 5.23 28.74 -19.89
N ASP C 220 4.93 27.47 -19.65
CA ASP C 220 3.58 26.99 -19.79
C ASP C 220 2.78 27.23 -18.53
N SER C 221 2.14 28.40 -18.44
CA SER C 221 1.33 28.70 -17.27
C SER C 221 0.08 27.84 -17.28
N PRO C 222 -0.55 27.61 -16.13
CA PRO C 222 -1.74 26.82 -15.91
C PRO C 222 -2.85 27.21 -16.87
N LEU C 223 -2.94 28.51 -17.17
CA LEU C 223 -3.94 28.99 -18.10
C LEU C 223 -3.75 28.39 -19.48
N HIS C 224 -2.49 28.24 -19.91
CA HIS C 224 -2.22 27.65 -21.20
C HIS C 224 -2.62 26.19 -21.19
N ALA C 225 -2.38 25.51 -20.07
CA ALA C 225 -2.75 24.10 -19.95
C ALA C 225 -4.25 23.93 -20.12
N VAL C 226 -5.01 24.79 -19.46
CA VAL C 226 -6.45 24.78 -19.63
C VAL C 226 -6.87 25.04 -21.05
N ALA C 227 -6.20 26.00 -21.68
CA ALA C 227 -6.49 26.34 -23.06
C ALA C 227 -6.33 25.12 -23.95
N ARG C 228 -5.31 24.30 -23.69
CA ARG C 228 -5.12 23.09 -24.47
C ARG C 228 -6.23 22.08 -24.27
N THR C 229 -6.72 21.95 -23.03
CA THR C 229 -7.74 20.94 -22.77
C THR C 229 -9.15 21.46 -22.98
N ALA C 230 -9.28 22.75 -23.27
CA ALA C 230 -10.58 23.37 -23.54
C ALA C 230 -11.50 23.31 -22.33
N SER C 231 -10.93 23.41 -21.14
CA SER C 231 -11.74 23.31 -19.93
C SER C 231 -12.25 24.67 -19.47
N GLU C 232 -13.34 25.12 -20.09
CA GLU C 232 -13.93 26.44 -19.84
C GLU C 232 -14.11 26.78 -18.37
N GLU C 233 -14.50 25.81 -17.57
CA GLU C 233 -14.70 26.04 -16.15
C GLU C 233 -13.42 26.49 -15.49
N LEU C 234 -12.35 25.77 -15.75
CA LEU C 234 -11.06 26.10 -15.18
C LEU C 234 -10.53 27.40 -15.74
N ALA C 235 -10.85 27.69 -16.99
CA ALA C 235 -10.39 28.93 -17.58
C ALA C 235 -11.00 30.10 -16.83
N CYS C 236 -12.29 30.03 -16.56
CA CYS C 236 -12.95 31.08 -15.83
C CYS C 236 -12.35 31.22 -14.46
N LEU C 237 -12.17 30.09 -13.80
CA LEU C 237 -11.62 30.03 -12.47
C LEU C 237 -10.27 30.72 -12.40
N LEU C 238 -9.35 30.31 -13.27
CA LEU C 238 -8.02 30.88 -13.29
C LEU C 238 -8.00 32.37 -13.59
N MET C 239 -8.84 32.80 -14.52
CA MET C 239 -8.91 34.22 -14.84
C MET C 239 -9.29 35.01 -13.61
N ASP C 240 -10.26 34.52 -12.87
CA ASP C 240 -10.71 35.23 -11.67
C ASP C 240 -9.62 35.29 -10.61
N PHE C 241 -8.77 34.28 -10.53
CA PHE C 241 -7.67 34.35 -9.59
C PHE C 241 -6.48 35.17 -10.09
N GLY C 242 -6.56 35.76 -11.27
CA GLY C 242 -5.49 36.62 -11.76
C GLY C 242 -4.63 36.04 -12.87
N ALA C 243 -5.12 35.02 -13.57
CA ALA C 243 -4.32 34.45 -14.64
C ALA C 243 -4.08 35.50 -15.73
N ASP C 244 -2.84 35.53 -16.22
CA ASP C 244 -2.42 36.47 -17.24
C ASP C 244 -2.71 35.99 -18.63
N THR C 245 -3.77 36.51 -19.22
CA THR C 245 -4.20 36.09 -20.55
C THR C 245 -3.26 36.56 -21.67
N GLN C 246 -2.33 37.45 -21.37
CA GLN C 246 -1.40 37.89 -22.39
C GLN C 246 -0.03 37.27 -22.23
N ALA C 247 0.13 36.36 -21.27
CA ALA C 247 1.41 35.70 -21.07
C ALA C 247 1.70 34.77 -22.22
N LYS C 248 2.96 34.60 -22.57
CA LYS C 248 3.31 33.73 -23.68
C LYS C 248 4.07 32.49 -23.24
N ASN C 249 3.81 31.38 -23.92
CA ASN C 249 4.47 30.12 -23.64
C ASN C 249 5.81 30.06 -24.36
N ALA C 250 6.46 28.90 -24.31
CA ALA C 250 7.76 28.70 -24.93
C ALA C 250 7.76 28.99 -26.42
N GLU C 251 6.62 28.78 -27.08
CA GLU C 251 6.49 29.06 -28.50
C GLU C 251 6.18 30.52 -28.78
N GLY C 252 6.01 31.32 -27.72
CA GLY C 252 5.68 32.72 -27.87
C GLY C 252 4.19 32.90 -28.09
N LYS C 253 3.41 31.92 -27.66
CA LYS C 253 1.98 31.98 -27.87
C LYS C 253 1.19 32.21 -26.62
N ARG C 254 0.11 32.95 -26.76
CA ARG C 254 -0.80 33.24 -25.67
C ARG C 254 -1.81 32.13 -25.57
N PRO C 255 -2.37 31.85 -24.41
CA PRO C 255 -3.34 30.79 -24.13
C PRO C 255 -4.45 30.77 -25.17
N VAL C 256 -4.98 31.95 -25.52
CA VAL C 256 -6.03 32.02 -26.52
C VAL C 256 -5.62 31.51 -27.90
N GLU C 257 -4.33 31.53 -28.18
CA GLU C 257 -3.81 31.10 -29.46
C GLU C 257 -3.66 29.59 -29.51
N LEU C 258 -3.87 28.92 -28.38
CA LEU C 258 -3.85 27.48 -28.29
C LEU C 258 -5.25 26.94 -28.47
N VAL C 259 -6.22 27.86 -28.56
CA VAL C 259 -7.61 27.50 -28.66
C VAL C 259 -8.14 27.60 -30.08
N PRO C 260 -8.82 26.57 -30.57
CA PRO C 260 -9.52 26.52 -31.83
C PRO C 260 -10.51 27.67 -31.84
N PRO C 261 -10.47 28.54 -32.85
CA PRO C 261 -11.27 29.75 -33.04
C PRO C 261 -12.73 29.49 -32.80
N GLU C 262 -13.21 28.35 -33.25
CA GLU C 262 -14.61 28.01 -33.09
C GLU C 262 -14.85 27.31 -31.76
N SER C 263 -14.78 28.07 -30.67
CA SER C 263 -15.01 27.48 -29.36
C SER C 263 -15.35 28.53 -28.28
N PRO C 264 -16.05 28.10 -27.21
CA PRO C 264 -16.45 28.87 -26.05
C PRO C 264 -15.29 29.62 -25.41
N LEU C 265 -14.10 29.00 -25.38
CA LEU C 265 -12.97 29.69 -24.82
C LEU C 265 -12.57 30.91 -25.62
N ALA C 266 -12.73 30.87 -26.93
CA ALA C 266 -12.36 32.02 -27.71
C ALA C 266 -13.17 33.20 -27.25
N GLN C 267 -14.47 32.95 -27.03
CA GLN C 267 -15.32 34.02 -26.55
C GLN C 267 -14.93 34.41 -25.14
N LEU C 268 -14.62 33.43 -24.31
CA LEU C 268 -14.22 33.71 -22.94
C LEU C 268 -13.00 34.60 -22.87
N PHE C 269 -12.00 34.31 -23.69
CA PHE C 269 -10.80 35.13 -23.71
C PHE C 269 -11.13 36.54 -24.17
N LEU C 270 -12.03 36.66 -25.15
CA LEU C 270 -12.46 37.97 -25.63
C LEU C 270 -13.07 38.81 -24.52
N GLU C 271 -13.79 38.16 -23.61
CA GLU C 271 -14.43 38.87 -22.53
C GLU C 271 -13.48 39.35 -21.43
N ARG C 272 -12.20 39.02 -21.54
CA ARG C 272 -11.23 39.47 -20.56
C ARG C 272 -10.02 40.09 -21.24
N GLU C 273 -10.19 40.58 -22.46
CA GLU C 273 -9.07 41.23 -23.17
C GLU C 273 -8.77 42.62 -22.65
N GLY C 274 -9.78 43.35 -22.17
CA GLY C 274 -9.54 44.70 -21.68
C GLY C 274 -8.98 44.67 -20.26
N PRO C 275 -8.68 45.84 -19.70
CA PRO C 275 -8.16 46.07 -18.38
C PRO C 275 -9.13 45.51 -17.34
N PRO C 276 -8.64 44.89 -16.27
CA PRO C 276 -9.35 44.36 -15.13
C PRO C 276 -10.16 45.44 -14.43
N SER C 277 -11.25 45.04 -13.78
CA SER C 277 -12.03 46.00 -13.02
C SER C 277 -11.25 46.45 -11.83
N LEU C 278 -11.60 47.59 -11.28
CA LEU C 278 -10.87 48.09 -10.14
C LEU C 278 -11.06 47.16 -8.98
N MET C 279 -12.28 46.68 -8.78
CA MET C 279 -12.52 45.74 -7.69
C MET C 279 -11.67 44.51 -7.87
N GLN C 280 -11.54 44.03 -9.09
CA GLN C 280 -10.70 42.88 -9.33
C GLN C 280 -9.29 43.15 -8.92
N LEU C 281 -8.78 44.30 -9.32
CA LEU C 281 -7.41 44.68 -9.00
C LEU C 281 -7.23 44.82 -7.51
N CYS C 282 -8.23 45.37 -6.86
CA CYS C 282 -8.18 45.58 -5.44
C CYS C 282 -8.12 44.26 -4.73
N ARG C 283 -9.02 43.37 -5.11
CA ARG C 283 -9.05 42.06 -4.51
C ARG C 283 -7.75 41.32 -4.66
N LEU C 284 -7.14 41.42 -5.83
CA LEU C 284 -5.87 40.77 -6.05
C LEU C 284 -4.82 41.37 -5.14
N ARG C 285 -4.84 42.69 -5.02
CA ARG C 285 -3.88 43.39 -4.20
C ARG C 285 -4.03 43.01 -2.74
N ILE C 286 -5.27 42.89 -2.29
CA ILE C 286 -5.56 42.52 -0.93
C ILE C 286 -5.12 41.13 -0.63
N ARG C 287 -5.45 40.21 -1.52
CA ARG C 287 -5.11 38.82 -1.30
C ARG C 287 -3.63 38.63 -1.13
N LYS C 288 -2.84 39.40 -1.87
CA LYS C 288 -1.38 39.33 -1.78
C LYS C 288 -0.83 39.64 -0.39
N CYS C 289 -1.60 40.29 0.46
CA CYS C 289 -1.12 40.60 1.79
C CYS C 289 -1.19 39.40 2.73
N PHE C 290 -1.87 38.34 2.31
CA PHE C 290 -2.00 37.17 3.15
C PHE C 290 -1.12 36.05 2.64
N GLY C 291 -0.61 35.24 3.56
CA GLY C 291 0.24 34.12 3.21
C GLY C 291 -0.59 32.91 2.79
N ILE C 292 0.05 31.75 2.72
CA ILE C 292 -0.65 30.57 2.28
C ILE C 292 -1.57 30.06 3.36
N GLN C 293 -2.86 29.96 3.01
CA GLN C 293 -3.95 29.58 3.90
C GLN C 293 -4.18 30.62 5.01
N GLN C 294 -3.66 31.84 4.85
CA GLN C 294 -3.80 32.84 5.88
C GLN C 294 -4.96 33.76 5.64
N HIS C 295 -5.59 33.62 4.48
CA HIS C 295 -6.68 34.49 4.09
C HIS C 295 -7.94 34.34 4.95
N HIS C 296 -7.97 33.36 5.84
CA HIS C 296 -9.09 33.24 6.75
C HIS C 296 -9.13 34.47 7.68
N LYS C 297 -7.99 35.15 7.82
CA LYS C 297 -7.89 36.34 8.63
C LYS C 297 -8.67 37.50 8.04
N ILE C 298 -9.07 37.41 6.76
CA ILE C 298 -9.88 38.42 6.11
C ILE C 298 -11.17 38.67 6.86
N THR C 299 -11.68 37.65 7.54
CA THR C 299 -12.89 37.78 8.32
C THR C 299 -12.77 38.84 9.42
N LYS C 300 -11.54 39.21 9.81
CA LYS C 300 -11.31 40.20 10.83
C LYS C 300 -11.19 41.62 10.30
N LEU C 301 -11.26 41.80 8.98
CA LEU C 301 -11.17 43.13 8.40
C LEU C 301 -12.46 43.90 8.55
N VAL C 302 -12.34 45.20 8.70
CA VAL C 302 -13.52 46.05 8.86
C VAL C 302 -14.19 46.29 7.52
N LEU C 303 -14.90 45.27 7.07
CA LEU C 303 -15.59 45.28 5.80
C LEU C 303 -17.00 44.76 5.95
N PRO C 304 -17.89 45.11 5.05
CA PRO C 304 -19.24 44.61 4.93
C PRO C 304 -19.13 43.19 4.41
N GLU C 305 -20.13 42.35 4.70
CA GLU C 305 -20.08 40.96 4.29
C GLU C 305 -20.01 40.80 2.79
N ASP C 306 -20.58 41.73 2.06
CA ASP C 306 -20.52 41.68 0.62
C ASP C 306 -19.07 41.62 0.15
N LEU C 307 -18.20 42.37 0.80
CA LEU C 307 -16.82 42.39 0.37
C LEU C 307 -16.03 41.32 1.07
N LYS C 308 -16.43 40.97 2.28
CA LYS C 308 -15.72 39.92 2.98
C LYS C 308 -15.85 38.63 2.21
N GLN C 309 -17.04 38.38 1.67
CA GLN C 309 -17.27 37.19 0.89
C GLN C 309 -16.61 37.33 -0.48
N PHE C 310 -16.64 38.53 -1.03
CA PHE C 310 -15.99 38.80 -2.31
C PHE C 310 -14.51 38.44 -2.25
N LEU C 311 -13.87 38.80 -1.15
CA LEU C 311 -12.46 38.50 -0.98
C LEU C 311 -12.22 37.02 -0.68
N LEU C 312 -13.03 36.46 0.21
CA LEU C 312 -12.86 35.06 0.58
C LEU C 312 -13.16 34.10 -0.55
N HIS C 313 -14.07 34.47 -1.43
CA HIS C 313 -14.39 33.61 -2.55
C HIS C 313 -13.69 34.03 -3.82
N LEU C 314 -12.57 34.76 -3.66
CA LEU C 314 -11.68 35.17 -4.74
C LEU C 314 -11.87 34.44 -6.06
N TYR D 3 -16.00 68.09 -19.28
CA TYR D 3 -15.42 67.70 -18.00
C TYR D 3 -16.43 67.68 -16.87
N VAL D 4 -16.23 66.79 -15.92
CA VAL D 4 -17.09 66.67 -14.75
C VAL D 4 -16.29 66.81 -13.47
N LYS D 5 -16.80 67.62 -12.56
CA LYS D 5 -16.13 67.81 -11.28
C LYS D 5 -16.72 66.91 -10.21
N LEU D 6 -15.86 66.16 -9.55
CA LEU D 6 -16.29 65.30 -8.48
C LEU D 6 -15.89 65.92 -7.16
N ILE D 7 -16.79 65.94 -6.19
CA ILE D 7 -16.43 66.53 -4.91
C ILE D 7 -16.17 65.45 -3.89
N SER D 8 -14.98 65.47 -3.27
CA SER D 8 -14.62 64.46 -2.28
C SER D 8 -15.21 64.81 -0.93
N SER D 9 -15.10 63.89 0.03
CA SER D 9 -15.56 64.15 1.39
C SER D 9 -14.71 65.20 2.08
N ASP D 10 -13.56 65.49 1.51
CA ASP D 10 -12.64 66.41 2.11
C ASP D 10 -12.75 67.77 1.46
N GLY D 11 -13.66 67.91 0.49
CA GLY D 11 -13.86 69.17 -0.18
C GLY D 11 -12.92 69.38 -1.37
N HIS D 12 -12.32 68.32 -1.89
CA HIS D 12 -11.47 68.50 -3.04
C HIS D 12 -12.26 68.43 -4.31
N GLU D 13 -11.79 69.14 -5.31
CA GLU D 13 -12.48 69.23 -6.59
C GLU D 13 -11.73 68.49 -7.70
N PHE D 14 -12.17 67.27 -8.00
CA PHE D 14 -11.53 66.48 -9.04
C PHE D 14 -12.17 66.70 -10.36
N ILE D 15 -11.45 67.26 -11.29
CA ILE D 15 -12.01 67.53 -12.59
C ILE D 15 -11.51 66.52 -13.59
N VAL D 16 -12.43 65.83 -14.24
CA VAL D 16 -12.04 64.78 -15.17
C VAL D 16 -12.96 64.70 -16.35
N LYS D 17 -12.38 64.38 -17.49
CA LYS D 17 -13.14 64.23 -18.70
C LYS D 17 -14.31 63.31 -18.44
N ARG D 18 -15.50 63.79 -18.75
CA ARG D 18 -16.74 63.07 -18.55
C ARG D 18 -16.68 61.66 -19.09
N GLU D 19 -16.08 61.51 -20.25
CA GLU D 19 -16.02 60.23 -20.91
C GLU D 19 -15.24 59.22 -20.11
N HIS D 20 -14.26 59.67 -19.34
CA HIS D 20 -13.52 58.75 -18.50
C HIS D 20 -14.37 58.42 -17.29
N ALA D 21 -15.11 59.43 -16.81
CA ALA D 21 -15.98 59.26 -15.65
C ALA D 21 -17.00 58.20 -15.90
N LEU D 22 -17.48 58.10 -17.14
CA LEU D 22 -18.45 57.08 -17.54
C LEU D 22 -17.96 55.61 -17.37
N THR D 23 -16.74 55.41 -16.91
CA THR D 23 -16.24 54.08 -16.58
C THR D 23 -17.10 53.46 -15.50
N SER D 24 -17.47 54.26 -14.52
CA SER D 24 -18.29 53.83 -13.39
C SER D 24 -19.73 53.61 -13.73
N GLY D 25 -20.25 52.45 -13.33
CA GLY D 25 -21.66 52.16 -13.57
C GLY D 25 -22.53 53.14 -12.81
N THR D 26 -22.11 53.47 -11.59
CA THR D 26 -22.84 54.42 -10.77
C THR D 26 -22.84 55.79 -11.42
N ILE D 27 -21.70 56.24 -11.90
CA ILE D 27 -21.68 57.53 -12.57
C ILE D 27 -22.54 57.51 -13.82
N LYS D 28 -22.51 56.43 -14.58
CA LYS D 28 -23.37 56.35 -15.75
C LYS D 28 -24.82 56.48 -15.32
N ALA D 29 -25.17 55.88 -14.18
CA ALA D 29 -26.52 56.00 -13.65
C ALA D 29 -26.81 57.45 -13.26
N MET D 30 -25.78 58.18 -12.86
CA MET D 30 -25.89 59.60 -12.51
C MET D 30 -25.97 60.54 -13.72
N LEU D 31 -26.04 59.98 -14.93
CA LEU D 31 -26.16 60.80 -16.13
C LEU D 31 -27.24 60.27 -17.06
N GLU D 44 -21.92 68.29 -12.55
CA GLU D 44 -20.95 67.94 -11.52
C GLU D 44 -21.57 67.00 -10.49
N VAL D 45 -20.75 66.21 -9.81
CA VAL D 45 -21.27 65.25 -8.82
C VAL D 45 -20.56 65.33 -7.47
N ASN D 46 -21.34 65.53 -6.43
CA ASN D 46 -20.80 65.55 -5.08
C ASN D 46 -20.78 64.15 -4.49
N PHE D 47 -19.60 63.61 -4.28
CA PHE D 47 -19.45 62.27 -3.73
C PHE D 47 -18.80 62.34 -2.33
N ARG D 48 -19.60 62.71 -1.35
CA ARG D 48 -19.15 62.92 0.03
C ARG D 48 -18.83 61.65 0.80
N GLU D 49 -19.20 60.50 0.26
CA GLU D 49 -18.93 59.24 0.93
C GLU D 49 -17.50 58.71 0.70
N ILE D 50 -16.70 59.39 -0.12
CA ILE D 50 -15.33 58.92 -0.36
C ILE D 50 -14.33 60.01 -0.02
N PRO D 51 -13.22 59.68 0.64
CA PRO D 51 -12.13 60.57 0.99
C PRO D 51 -11.31 60.90 -0.21
N SER D 52 -10.69 62.08 -0.19
CA SER D 52 -9.85 62.53 -1.28
C SER D 52 -8.67 61.62 -1.46
N HIS D 53 -8.27 61.03 -0.35
CA HIS D 53 -7.20 60.07 -0.30
C HIS D 53 -7.40 58.93 -1.27
N VAL D 54 -8.65 58.53 -1.47
CA VAL D 54 -8.94 57.44 -2.34
C VAL D 54 -9.46 57.89 -3.70
N LEU D 55 -10.34 58.89 -3.71
CA LEU D 55 -10.96 59.35 -4.95
C LEU D 55 -9.96 59.68 -6.03
N SER D 56 -8.81 60.21 -5.67
CA SER D 56 -7.81 60.52 -6.68
C SER D 56 -7.36 59.29 -7.47
N LYS D 57 -7.39 58.12 -6.84
CA LYS D 57 -6.95 56.92 -7.50
C LYS D 57 -8.02 56.44 -8.40
N VAL D 58 -9.26 56.62 -7.96
CA VAL D 58 -10.40 56.22 -8.75
C VAL D 58 -10.43 56.96 -10.05
N CYS D 59 -10.17 58.26 -9.99
CA CYS D 59 -10.14 59.06 -11.19
C CYS D 59 -9.03 58.57 -12.10
N MET D 60 -7.85 58.39 -11.53
CA MET D 60 -6.71 57.91 -12.29
C MET D 60 -7.07 56.62 -13.01
N TYR D 61 -7.71 55.69 -12.31
CA TYR D 61 -8.19 54.45 -12.89
C TYR D 61 -9.07 54.69 -14.09
N PHE D 62 -9.96 55.68 -14.02
CA PHE D 62 -10.84 55.94 -15.14
C PHE D 62 -10.05 56.18 -16.40
N THR D 63 -8.99 56.98 -16.29
CA THR D 63 -8.16 57.24 -17.44
C THR D 63 -7.42 55.99 -17.89
N TYR D 64 -6.86 55.27 -16.93
CA TYR D 64 -6.11 54.05 -17.18
C TYR D 64 -6.90 53.05 -18.01
N LYS D 65 -8.11 52.77 -17.58
CA LYS D 65 -8.90 51.81 -18.30
C LYS D 65 -9.20 52.29 -19.71
N VAL D 66 -9.54 53.56 -19.84
CA VAL D 66 -9.80 54.10 -21.16
C VAL D 66 -8.59 53.99 -22.06
N ARG D 67 -7.43 54.36 -21.54
CA ARG D 67 -6.22 54.34 -22.34
C ARG D 67 -5.86 52.99 -22.89
N TYR D 68 -6.05 51.95 -22.09
CA TYR D 68 -5.68 50.63 -22.53
C TYR D 68 -6.84 49.76 -22.94
N THR D 69 -7.95 50.37 -23.33
CA THR D 69 -9.11 49.59 -23.74
C THR D 69 -8.88 48.74 -24.99
N ASN D 70 -8.23 49.31 -26.00
CA ASN D 70 -7.98 48.58 -27.25
C ASN D 70 -6.55 48.69 -27.73
N SER D 71 -5.62 48.00 -27.08
CA SER D 71 -4.22 48.07 -27.50
C SER D 71 -3.35 46.98 -26.86
N GLU D 74 0.14 46.11 -25.30
CA GLU D 74 0.01 45.43 -24.02
C GLU D 74 -0.60 46.35 -22.98
N ILE D 75 -1.01 45.78 -21.85
CA ILE D 75 -1.61 46.56 -20.79
C ILE D 75 -0.78 46.43 -19.52
N PRO D 76 -0.25 47.52 -18.97
CA PRO D 76 0.55 47.63 -17.76
C PRO D 76 -0.32 47.50 -16.52
N GLU D 77 0.31 47.37 -15.36
CA GLU D 77 -0.43 47.24 -14.11
C GLU D 77 -0.93 48.59 -13.59
N PHE D 78 -1.83 48.53 -12.62
CA PHE D 78 -2.42 49.69 -11.96
C PHE D 78 -2.08 49.76 -10.49
N PRO D 79 -0.89 50.22 -10.12
CA PRO D 79 -0.33 50.32 -8.77
C PRO D 79 -1.33 50.73 -7.69
N ILE D 80 -1.45 49.91 -6.65
CA ILE D 80 -2.32 50.18 -5.51
C ILE D 80 -1.55 50.09 -4.19
N ALA D 81 -1.59 51.14 -3.41
CA ALA D 81 -0.96 51.14 -2.10
C ALA D 81 -1.80 50.31 -1.14
N PRO D 82 -1.18 49.54 -0.24
CA PRO D 82 -1.84 48.68 0.72
C PRO D 82 -2.72 49.48 1.66
N GLU D 83 -2.37 50.74 1.90
CA GLU D 83 -3.16 51.58 2.78
C GLU D 83 -4.52 51.91 2.23
N ILE D 84 -4.72 51.78 0.93
CA ILE D 84 -6.00 52.08 0.36
C ILE D 84 -6.63 50.87 -0.22
N ALA D 85 -6.04 49.71 0.02
CA ALA D 85 -6.56 48.53 -0.61
C ALA D 85 -8.01 48.28 -0.22
N LEU D 86 -8.32 48.49 1.04
CA LEU D 86 -9.65 48.21 1.51
C LEU D 86 -10.62 49.30 1.15
N GLU D 87 -10.21 50.55 1.35
CA GLU D 87 -11.09 51.65 1.06
C GLU D 87 -11.33 51.78 -0.42
N LEU D 88 -10.30 51.53 -1.21
CA LEU D 88 -10.43 51.62 -2.65
C LEU D 88 -11.42 50.57 -3.10
N LEU D 89 -11.30 49.36 -2.55
CA LEU D 89 -12.26 48.31 -2.89
C LEU D 89 -13.66 48.78 -2.62
N MET D 90 -13.87 49.33 -1.43
CA MET D 90 -15.19 49.81 -1.04
C MET D 90 -15.68 50.88 -1.99
N ALA D 91 -14.80 51.79 -2.38
CA ALA D 91 -15.13 52.84 -3.30
C ALA D 91 -15.56 52.28 -4.62
N ALA D 92 -14.82 51.32 -5.10
CA ALA D 92 -15.11 50.69 -6.37
C ALA D 92 -16.43 49.98 -6.29
N ASN D 93 -16.71 49.36 -5.16
CA ASN D 93 -17.97 48.70 -4.96
C ASN D 93 -19.10 49.71 -5.11
N PHE D 94 -18.96 50.83 -4.43
CA PHE D 94 -19.95 51.90 -4.50
C PHE D 94 -20.16 52.39 -5.93
N LEU D 95 -19.06 52.59 -6.64
CA LEU D 95 -19.12 53.09 -7.99
C LEU D 95 -19.41 52.06 -9.06
N ASP D 96 -19.66 50.81 -8.68
CA ASP D 96 -19.88 49.77 -9.67
C ASP D 96 -18.71 49.70 -10.65
N CYS D 97 -17.53 49.42 -10.10
CA CYS D 97 -16.31 49.29 -10.88
C CYS D 97 -15.49 48.07 -10.46
N ASP E 2 1.78 60.54 -25.82
CA ASP E 2 0.84 61.37 -25.06
C ASP E 2 1.34 61.61 -23.65
N VAL E 3 0.96 62.77 -23.10
CA VAL E 3 1.35 63.19 -21.77
C VAL E 3 0.13 63.29 -20.88
N PHE E 4 0.17 62.63 -19.74
CA PHE E 4 -0.95 62.63 -18.80
C PHE E 4 -0.64 63.52 -17.61
N LEU E 5 -1.28 64.69 -17.56
CA LEU E 5 -1.00 65.60 -16.48
C LEU E 5 -2.12 65.75 -15.49
N MET E 6 -1.74 66.07 -14.26
CA MET E 6 -2.66 66.35 -13.19
C MET E 6 -2.31 67.73 -12.65
N ILE E 7 -3.14 68.72 -12.97
CA ILE E 7 -2.85 70.09 -12.60
C ILE E 7 -3.61 70.48 -11.36
N ARG E 8 -2.91 71.02 -10.36
CA ARG E 8 -3.54 71.30 -9.07
C ARG E 8 -3.36 72.73 -8.54
N ARG E 9 -4.35 73.18 -7.77
CA ARG E 9 -4.35 74.48 -7.10
C ARG E 9 -5.09 74.35 -5.78
N HIS E 10 -4.40 74.61 -4.67
CA HIS E 10 -4.94 74.39 -3.32
C HIS E 10 -5.82 73.15 -3.23
N LYS E 11 -7.13 73.26 -3.33
CA LYS E 11 -7.94 72.05 -3.19
C LYS E 11 -8.60 71.59 -4.48
N THR E 12 -8.08 72.04 -5.60
CA THR E 12 -8.63 71.66 -6.88
C THR E 12 -7.61 70.87 -7.68
N THR E 13 -8.10 70.05 -8.58
CA THR E 13 -7.22 69.27 -9.44
C THR E 13 -7.91 68.88 -10.74
N ILE E 14 -7.13 68.75 -11.81
CA ILE E 14 -7.71 68.37 -13.09
C ILE E 14 -6.82 67.45 -13.89
N PHE E 15 -7.45 66.45 -14.50
CA PHE E 15 -6.76 65.46 -15.31
C PHE E 15 -6.88 65.75 -16.79
N THR E 16 -5.76 65.84 -17.48
CA THR E 16 -5.80 66.12 -18.91
C THR E 16 -4.64 65.54 -19.70
N ASP E 17 -4.91 65.19 -20.94
CA ASP E 17 -3.90 64.64 -21.83
C ASP E 17 -3.32 65.72 -22.73
N ALA E 18 -2.09 65.51 -23.18
CA ALA E 18 -1.42 66.46 -24.05
C ALA E 18 -0.39 65.78 -24.94
N LYS E 19 0.15 66.53 -25.89
CA LYS E 19 1.19 66.00 -26.77
C LYS E 19 2.55 66.45 -26.28
N GLU E 20 3.58 65.62 -26.45
CA GLU E 20 4.93 66.01 -26.02
C GLU E 20 5.40 67.28 -26.70
N SER E 21 4.93 67.48 -27.93
CA SER E 21 5.26 68.63 -28.75
C SER E 21 4.43 69.87 -28.41
N SER E 22 3.37 69.70 -27.64
CA SER E 22 2.56 70.84 -27.27
C SER E 22 3.30 71.60 -26.20
N THR E 23 2.99 72.87 -26.06
CA THR E 23 3.67 73.70 -25.10
C THR E 23 2.78 74.12 -23.98
N VAL E 24 3.42 74.75 -23.02
CA VAL E 24 2.77 75.33 -21.87
C VAL E 24 1.66 76.25 -22.30
N PHE E 25 1.88 77.02 -23.36
CA PHE E 25 0.84 77.89 -23.89
C PHE E 25 -0.44 77.13 -24.24
N GLU E 26 -0.34 75.98 -24.93
CA GLU E 26 -1.56 75.24 -25.19
C GLU E 26 -2.18 74.77 -23.91
N LEU E 27 -1.35 74.40 -22.92
CA LEU E 27 -1.88 73.99 -21.63
C LEU E 27 -2.56 75.15 -20.95
N LYS E 28 -2.10 76.37 -21.18
CA LYS E 28 -2.76 77.52 -20.63
C LYS E 28 -4.18 77.58 -21.20
N ARG E 29 -4.31 77.25 -22.48
CA ARG E 29 -5.62 77.19 -23.11
C ARG E 29 -6.42 76.03 -22.55
N ILE E 30 -5.75 74.93 -22.22
CA ILE E 30 -6.43 73.79 -21.62
C ILE E 30 -7.01 74.17 -20.27
N VAL E 31 -6.26 74.92 -19.50
CA VAL E 31 -6.76 75.38 -18.24
C VAL E 31 -7.91 76.34 -18.42
N GLU E 32 -7.75 77.29 -19.35
CA GLU E 32 -8.79 78.28 -19.66
C GLU E 32 -10.15 77.67 -19.89
N GLY E 33 -10.21 76.55 -20.60
CA GLY E 33 -11.48 75.87 -20.86
C GLY E 33 -12.31 75.61 -19.59
N ILE E 34 -11.65 75.47 -18.45
CA ILE E 34 -12.31 75.25 -17.17
C ILE E 34 -12.29 76.49 -16.29
N LEU E 35 -11.10 77.06 -16.12
CA LEU E 35 -10.86 78.24 -15.31
C LEU E 35 -11.61 79.46 -15.78
N LYS E 36 -11.75 79.60 -17.08
CA LYS E 36 -12.37 80.73 -17.75
C LYS E 36 -11.55 82.00 -17.58
N ARG E 37 -10.24 81.84 -17.49
CA ARG E 37 -9.32 82.97 -17.47
C ARG E 37 -8.29 82.75 -18.55
N PRO E 38 -7.83 83.80 -19.21
CA PRO E 38 -6.90 83.79 -20.31
C PRO E 38 -5.53 83.41 -19.80
N PRO E 39 -4.67 82.90 -20.67
CA PRO E 39 -3.30 82.44 -20.44
C PRO E 39 -2.45 83.44 -19.65
N ASP E 40 -2.65 84.73 -19.91
CA ASP E 40 -1.89 85.76 -19.19
C ASP E 40 -2.25 85.82 -17.71
N GLU E 41 -3.43 85.30 -17.35
CA GLU E 41 -3.85 85.26 -15.96
C GLU E 41 -3.56 83.91 -15.33
N GLN E 42 -2.78 83.07 -15.98
CA GLN E 42 -2.51 81.77 -15.45
C GLN E 42 -1.05 81.58 -15.15
N ARG E 43 -0.75 80.76 -14.16
CA ARG E 43 0.64 80.47 -13.83
C ARG E 43 0.86 78.97 -13.69
N LEU E 44 1.25 78.34 -14.78
CA LEU E 44 1.54 76.92 -14.72
C LEU E 44 2.94 76.73 -14.25
N TYR E 45 3.15 75.75 -13.39
CA TYR E 45 4.50 75.53 -12.93
C TYR E 45 4.77 74.09 -12.55
N LYS E 46 6.05 73.72 -12.59
CA LYS E 46 6.48 72.37 -12.27
C LYS E 46 7.19 72.42 -10.95
N ASP E 47 6.79 71.56 -10.02
CA ASP E 47 7.40 71.61 -8.69
C ASP E 47 7.20 73.03 -8.18
N ASP E 48 8.27 73.82 -8.08
CA ASP E 48 8.14 75.22 -7.71
C ASP E 48 8.71 76.14 -8.79
N GLN E 49 9.07 75.53 -9.92
CA GLN E 49 9.62 76.22 -11.07
C GLN E 49 8.55 76.71 -12.01
N LEU E 50 8.46 78.01 -12.18
CA LEU E 50 7.46 78.57 -13.07
C LEU E 50 7.80 78.15 -14.49
N LEU E 51 6.78 77.72 -15.23
CA LEU E 51 7.00 77.26 -16.59
C LEU E 51 6.74 78.32 -17.66
N ASP E 52 7.53 78.24 -18.72
CA ASP E 52 7.54 79.12 -19.87
C ASP E 52 6.60 78.66 -20.98
N ASP E 53 5.67 79.53 -21.37
CA ASP E 53 4.71 79.27 -22.44
C ASP E 53 5.34 78.67 -23.70
N GLY E 54 6.57 79.08 -24.01
CA GLY E 54 7.27 78.64 -25.21
C GLY E 54 8.03 77.31 -25.09
N LYS E 55 7.93 76.64 -23.95
CA LYS E 55 8.58 75.34 -23.80
C LYS E 55 7.60 74.21 -24.01
N THR E 56 8.06 73.16 -24.65
CA THR E 56 7.23 71.99 -24.87
C THR E 56 7.24 71.14 -23.65
N LEU E 57 6.32 70.20 -23.58
CA LEU E 57 6.32 69.28 -22.46
C LEU E 57 7.58 68.45 -22.42
N GLY E 58 8.05 68.03 -23.59
CA GLY E 58 9.33 67.33 -23.67
C GLY E 58 10.44 68.23 -23.12
N GLU E 59 10.42 69.50 -23.50
CA GLU E 59 11.40 70.48 -23.04
C GLU E 59 11.34 70.68 -21.54
N CYS E 60 10.14 70.62 -20.97
CA CYS E 60 9.95 70.82 -19.55
C CYS E 60 10.17 69.54 -18.72
N GLY E 61 10.65 68.46 -19.33
CA GLY E 61 10.95 67.24 -18.59
C GLY E 61 9.76 66.29 -18.39
N PHE E 62 8.71 66.44 -19.19
CA PHE E 62 7.56 65.55 -19.07
C PHE E 62 7.60 64.53 -20.19
N THR E 63 7.21 63.31 -19.89
CA THR E 63 7.23 62.27 -20.89
C THR E 63 6.39 61.05 -20.56
N SER E 64 6.44 60.08 -21.47
CA SER E 64 5.69 58.84 -21.36
C SER E 64 6.18 57.96 -20.22
N GLN E 65 7.37 58.23 -19.75
CA GLN E 65 7.97 57.51 -18.66
C GLN E 65 7.67 58.15 -17.31
N THR E 66 6.98 59.29 -17.32
CA THR E 66 6.64 59.99 -16.08
C THR E 66 5.16 60.22 -16.01
N ALA E 67 4.69 61.05 -16.92
CA ALA E 67 3.30 61.46 -17.00
C ALA E 67 2.47 60.37 -17.65
N ARG E 68 2.21 59.31 -16.88
CA ARG E 68 1.51 58.14 -17.40
C ARG E 68 0.02 58.07 -17.07
N PRO E 69 -0.68 57.13 -17.70
CA PRO E 69 -2.07 56.76 -17.45
C PRO E 69 -2.13 55.90 -16.20
N GLN E 70 -0.98 55.35 -15.82
CA GLN E 70 -0.82 54.61 -14.59
C GLN E 70 -0.75 55.56 -13.42
N ALA E 71 -0.27 56.77 -13.69
CA ALA E 71 -0.05 57.82 -12.70
C ALA E 71 0.54 59.02 -13.40
N PRO E 72 -0.26 60.08 -13.58
CA PRO E 72 0.04 61.33 -14.27
C PRO E 72 1.01 62.19 -13.49
N ALA E 73 1.61 63.16 -14.18
CA ALA E 73 2.57 64.05 -13.54
C ALA E 73 1.86 65.21 -12.89
N THR E 74 2.37 65.66 -11.75
CA THR E 74 1.74 66.76 -11.04
C THR E 74 2.29 68.11 -11.45
N VAL E 75 1.39 68.98 -11.89
CA VAL E 75 1.71 70.34 -12.32
C VAL E 75 0.93 71.34 -11.48
N GLY E 76 1.57 72.39 -11.03
CA GLY E 76 0.87 73.35 -10.21
C GLY E 76 0.22 74.46 -11.04
N LEU E 77 -0.83 75.05 -10.48
CA LEU E 77 -1.54 76.15 -11.10
C LEU E 77 -1.84 77.29 -10.13
N ALA E 78 -1.38 78.48 -10.48
CA ALA E 78 -1.67 79.69 -9.74
C ALA E 78 -2.28 80.67 -10.75
N PHE E 79 -2.59 81.88 -10.34
CA PHE E 79 -3.16 82.82 -11.30
C PHE E 79 -2.72 84.25 -11.04
N ARG E 80 -2.88 85.10 -12.03
CA ARG E 80 -2.46 86.48 -11.91
C ARG E 80 -3.35 87.28 -11.00
N ALA E 81 -2.92 87.39 -9.78
CA ALA E 81 -3.57 88.17 -8.75
C ALA E 81 -3.20 89.64 -8.94
N ASP E 82 -3.80 90.25 -9.95
CA ASP E 82 -3.57 91.64 -10.32
C ASP E 82 -2.12 91.88 -10.76
N ASP E 83 -1.28 92.41 -9.87
CA ASP E 83 0.10 92.65 -10.22
C ASP E 83 1.03 91.54 -9.77
N THR E 84 0.45 90.47 -9.22
CA THR E 84 1.21 89.34 -8.73
C THR E 84 0.48 88.05 -9.00
N PHE E 85 0.82 87.01 -8.27
CA PHE E 85 0.12 85.76 -8.45
C PHE E 85 0.02 84.93 -7.20
N GLU E 86 -1.01 84.08 -7.23
CA GLU E 86 -1.42 83.23 -6.12
C GLU E 86 -0.29 82.39 -5.58
N ALA E 87 -0.26 82.27 -4.27
CA ALA E 87 0.75 81.48 -3.61
C ALA E 87 0.80 80.12 -4.24
N LEU E 88 2.01 79.63 -4.48
CA LEU E 88 2.22 78.38 -5.19
C LEU E 88 2.06 77.18 -4.25
N CYS E 89 0.88 77.04 -3.67
CA CYS E 89 0.61 75.97 -2.73
C CYS E 89 -0.53 75.08 -3.14
N ILE E 90 -0.39 73.81 -2.81
CA ILE E 90 -1.39 72.80 -3.10
C ILE E 90 -1.70 72.05 -1.83
N GLU E 91 -2.99 71.90 -1.54
CA GLU E 91 -3.46 71.27 -0.31
C GLU E 91 -3.55 69.76 -0.52
N PRO E 92 -2.69 68.98 0.13
CA PRO E 92 -2.58 67.54 0.05
C PRO E 92 -3.89 66.86 0.34
N PHE E 93 -4.05 65.69 -0.24
CA PHE E 93 -5.24 64.90 -0.02
C PHE E 93 -5.11 64.28 1.36
N SER E 94 -6.20 63.73 1.88
CA SER E 94 -6.15 63.13 3.22
C SER E 94 -5.06 62.09 3.35
N SER E 95 -4.51 62.02 4.54
CA SER E 95 -3.49 61.03 4.85
C SER E 95 -4.16 59.66 4.86
N PRO E 96 -3.38 58.58 4.74
CA PRO E 96 -3.78 57.20 4.76
C PRO E 96 -4.09 56.72 6.16
N PRO E 97 -4.97 55.73 6.27
CA PRO E 97 -5.35 55.02 7.47
C PRO E 97 -4.24 54.05 7.81
N GLU E 98 -4.12 53.69 9.07
CA GLU E 98 -3.11 52.74 9.47
C GLU E 98 -3.39 51.37 8.89
N LEU E 99 -2.35 50.69 8.45
CA LEU E 99 -2.51 49.35 7.89
C LEU E 99 -2.93 48.39 9.00
N PRO E 100 -4.09 47.72 8.89
CA PRO E 100 -4.63 46.77 9.83
C PRO E 100 -3.65 45.65 10.07
N ASP E 101 -3.56 45.20 11.31
CA ASP E 101 -2.68 44.10 11.72
C ASP E 101 -2.94 42.85 10.91
N VAL E 102 -4.19 42.68 10.49
CA VAL E 102 -4.63 41.58 9.68
C VAL E 102 -3.88 41.54 8.34
N MET E 103 -3.70 42.68 7.71
CA MET E 103 -3.01 42.75 6.43
C MET E 103 -1.55 43.11 6.60
N LYS E 104 -1.20 43.54 7.80
CA LYS E 104 0.16 43.89 8.12
C LYS E 104 1.04 42.65 7.98
N PRO E 105 2.13 42.73 7.22
CA PRO E 105 3.05 41.67 6.88
C PRO E 105 3.87 41.24 8.08
N GLN E 106 4.30 39.98 8.05
CA GLN E 106 5.10 39.40 9.12
C GLN E 106 6.55 39.88 9.07
N SER A 6 -10.79 -39.80 -3.77
CA SER A 6 -10.35 -39.18 -2.52
C SER A 6 -11.30 -38.05 -2.16
N HIS A 7 -10.78 -37.07 -1.43
CA HIS A 7 -11.54 -35.89 -1.07
C HIS A 7 -11.89 -35.09 -2.33
N ASN A 8 -11.16 -35.34 -3.40
CA ASN A 8 -11.44 -34.72 -4.67
C ASN A 8 -12.72 -35.31 -5.27
N ALA A 9 -13.01 -36.58 -4.96
CA ALA A 9 -14.24 -37.19 -5.40
C ALA A 9 -15.39 -36.56 -4.65
N LEU A 10 -15.15 -36.24 -3.39
CA LEU A 10 -16.13 -35.52 -2.63
C LEU A 10 -16.36 -34.14 -3.21
N LYS A 11 -15.30 -33.52 -3.74
CA LYS A 11 -15.46 -32.23 -4.41
C LYS A 11 -16.42 -32.35 -5.58
N LEU A 12 -16.34 -33.49 -6.28
CA LEU A 12 -17.19 -33.76 -7.43
C LEU A 12 -18.65 -34.02 -7.07
N ARG A 13 -18.97 -34.05 -5.78
CA ARG A 13 -20.34 -34.24 -5.35
C ARG A 13 -21.05 -32.89 -5.27
N PHE A 14 -20.29 -31.82 -5.39
CA PHE A 14 -20.87 -30.49 -5.35
C PHE A 14 -20.90 -29.92 -6.75
N PRO A 15 -21.84 -29.02 -7.00
CA PRO A 15 -21.96 -28.23 -8.21
C PRO A 15 -20.70 -27.41 -8.37
N ALA A 16 -20.26 -27.22 -9.60
CA ALA A 16 -19.02 -26.51 -9.87
C ALA A 16 -19.02 -25.14 -9.28
N GLU A 17 -20.14 -24.44 -9.36
CA GLU A 17 -20.26 -23.11 -8.83
C GLU A 17 -20.12 -23.06 -7.31
N ASP A 18 -20.38 -24.17 -6.64
CA ASP A 18 -20.21 -24.22 -5.20
C ASP A 18 -18.74 -24.33 -4.88
N GLU A 19 -18.03 -25.07 -5.72
CA GLU A 19 -16.60 -25.23 -5.57
C GLU A 19 -15.84 -24.04 -6.15
N PHE A 20 -16.43 -23.35 -7.11
CA PHE A 20 -15.79 -22.21 -7.74
C PHE A 20 -15.40 -21.16 -6.72
N PRO A 21 -14.11 -20.85 -6.59
CA PRO A 21 -13.53 -19.91 -5.67
C PRO A 21 -13.87 -18.51 -6.10
N ASP A 22 -14.05 -17.62 -5.14
CA ASP A 22 -14.35 -16.22 -5.45
C ASP A 22 -13.06 -15.44 -5.62
N LEU A 23 -12.72 -15.18 -6.86
CA LEU A 23 -11.48 -14.48 -7.19
C LEU A 23 -11.67 -13.00 -7.45
N SER A 24 -12.84 -12.46 -7.13
CA SER A 24 -13.12 -11.05 -7.43
C SER A 24 -12.24 -10.05 -6.71
N ALA A 25 -11.69 -10.45 -5.56
CA ALA A 25 -10.80 -9.56 -4.83
C ALA A 25 -9.35 -9.78 -5.20
N HIS A 26 -9.09 -10.71 -6.12
CA HIS A 26 -7.75 -11.05 -6.50
C HIS A 26 -7.25 -10.24 -7.67
N ASN A 27 -5.95 -10.08 -7.75
CA ASN A 27 -5.34 -9.31 -8.81
C ASN A 27 -4.13 -10.02 -9.35
N ASN A 28 -4.36 -11.03 -10.18
CA ASN A 28 -3.26 -11.77 -10.78
C ASN A 28 -3.70 -12.33 -12.12
N HIS A 29 -2.77 -12.92 -12.86
CA HIS A 29 -3.08 -13.37 -14.20
C HIS A 29 -4.10 -14.48 -14.22
N MET A 30 -3.97 -15.45 -13.31
CA MET A 30 -4.89 -16.55 -13.24
C MET A 30 -6.29 -16.05 -12.97
N ALA A 31 -6.40 -15.10 -12.06
CA ALA A 31 -7.70 -14.55 -11.69
C ALA A 31 -8.39 -13.93 -12.89
N LYS A 32 -7.62 -13.34 -13.78
CA LYS A 32 -8.25 -12.76 -14.95
C LYS A 32 -8.64 -13.85 -15.94
N VAL A 33 -7.86 -14.92 -16.00
CA VAL A 33 -8.14 -16.01 -16.92
C VAL A 33 -9.23 -16.99 -16.52
N LEU A 34 -9.17 -17.51 -15.31
CA LEU A 34 -10.10 -18.56 -14.89
C LEU A 34 -11.53 -18.10 -14.77
N THR A 35 -12.42 -18.74 -15.53
CA THR A 35 -13.83 -18.43 -15.48
C THR A 35 -14.57 -19.62 -14.90
N PRO A 36 -15.82 -19.43 -14.44
CA PRO A 36 -16.73 -20.44 -13.92
C PRO A 36 -16.92 -21.55 -14.94
N GLU A 37 -16.93 -21.18 -16.21
CA GLU A 37 -17.09 -22.17 -17.26
C GLU A 37 -15.87 -23.05 -17.35
N LEU A 38 -14.70 -22.44 -17.31
CA LEU A 38 -13.47 -23.21 -17.36
C LEU A 38 -13.30 -24.06 -16.13
N TYR A 39 -13.70 -23.53 -14.98
CA TYR A 39 -13.57 -24.27 -13.75
C TYR A 39 -14.44 -25.49 -13.80
N ALA A 40 -15.67 -25.32 -14.25
CA ALA A 40 -16.61 -26.43 -14.34
C ALA A 40 -16.06 -27.53 -15.22
N GLU A 41 -15.45 -27.16 -16.33
CA GLU A 41 -14.89 -28.16 -17.23
C GLU A 41 -13.63 -28.81 -16.70
N LEU A 42 -12.66 -27.99 -16.36
CA LEU A 42 -11.36 -28.46 -15.95
C LEU A 42 -11.30 -29.19 -14.65
N ARG A 43 -12.23 -28.93 -13.72
CA ARG A 43 -12.17 -29.63 -12.45
C ARG A 43 -12.36 -31.14 -12.62
N ALA A 44 -12.92 -31.57 -13.74
CA ALA A 44 -13.14 -32.98 -13.96
C ALA A 44 -11.88 -33.69 -14.45
N LYS A 45 -10.86 -32.93 -14.82
CA LYS A 45 -9.65 -33.54 -15.34
C LYS A 45 -8.54 -33.57 -14.33
N SER A 46 -7.58 -34.45 -14.57
CA SER A 46 -6.42 -34.57 -13.71
C SER A 46 -5.26 -35.16 -14.48
N THR A 47 -4.06 -35.00 -13.96
CA THR A 47 -2.90 -35.53 -14.65
C THR A 47 -2.69 -36.96 -14.24
N PRO A 48 -1.84 -37.69 -14.96
CA PRO A 48 -1.36 -39.03 -14.65
C PRO A 48 -0.63 -39.06 -13.32
N SER A 49 -0.15 -37.90 -12.86
CA SER A 49 0.58 -37.81 -11.63
C SER A 49 -0.33 -37.40 -10.48
N GLY A 50 -1.60 -37.12 -10.77
CA GLY A 50 -2.55 -36.81 -9.71
C GLY A 50 -2.87 -35.34 -9.48
N PHE A 51 -2.61 -34.44 -10.42
CA PHE A 51 -2.99 -33.06 -10.13
C PHE A 51 -4.36 -32.76 -10.58
N THR A 52 -5.07 -32.04 -9.76
CA THR A 52 -6.39 -31.59 -10.10
C THR A 52 -6.34 -30.11 -10.30
N LEU A 53 -7.39 -29.57 -10.86
CA LEU A 53 -7.44 -28.17 -11.14
C LEU A 53 -7.17 -27.34 -9.93
N ASP A 54 -7.74 -27.72 -8.80
CA ASP A 54 -7.56 -26.95 -7.58
C ASP A 54 -6.12 -26.74 -7.20
N ASP A 55 -5.29 -27.77 -7.32
CA ASP A 55 -3.89 -27.56 -6.99
C ASP A 55 -3.24 -26.60 -7.96
N VAL A 56 -3.62 -26.67 -9.21
CA VAL A 56 -3.08 -25.75 -10.20
C VAL A 56 -3.32 -24.31 -9.81
N ILE A 57 -4.53 -24.02 -9.33
CA ILE A 57 -4.90 -22.65 -9.00
C ILE A 57 -4.97 -22.40 -7.52
N GLN A 58 -4.37 -23.26 -6.71
CA GLN A 58 -4.49 -23.10 -5.28
C GLN A 58 -3.73 -21.91 -4.75
N THR A 59 -2.53 -21.71 -5.24
CA THR A 59 -1.71 -20.60 -4.78
C THR A 59 -2.37 -19.29 -5.12
N GLY A 60 -2.93 -19.21 -6.30
CA GLY A 60 -3.66 -18.05 -6.78
C GLY A 60 -4.76 -17.64 -5.82
N VAL A 61 -5.74 -18.52 -5.61
CA VAL A 61 -6.83 -18.17 -4.73
C VAL A 61 -6.38 -17.89 -3.30
N ASP A 62 -5.27 -18.49 -2.88
CA ASP A 62 -4.75 -18.25 -1.54
C ASP A 62 -4.14 -16.87 -1.33
N ASN A 63 -3.90 -16.13 -2.39
CA ASN A 63 -3.32 -14.83 -2.17
C ASN A 63 -3.64 -13.87 -3.30
N PRO A 64 -4.57 -12.92 -3.10
CA PRO A 64 -5.02 -11.88 -4.02
C PRO A 64 -3.86 -11.16 -4.68
N GLY A 65 -2.72 -11.11 -4.02
CA GLY A 65 -1.54 -10.54 -4.63
C GLY A 65 -1.28 -9.13 -4.18
N HIS A 66 -1.33 -8.21 -5.12
CA HIS A 66 -0.96 -6.85 -4.83
C HIS A 66 -1.73 -5.92 -5.73
N PRO A 67 -2.16 -4.76 -5.23
CA PRO A 67 -2.88 -3.71 -5.93
C PRO A 67 -2.18 -3.24 -7.18
N TYR A 68 -0.86 -3.28 -7.20
CA TYR A 68 -0.13 -2.74 -8.33
C TYR A 68 0.73 -3.79 -9.01
N ILE A 69 1.40 -4.61 -8.22
CA ILE A 69 2.24 -5.66 -8.79
C ILE A 69 1.41 -6.88 -9.18
N MET A 70 1.43 -7.26 -10.44
CA MET A 70 0.61 -8.39 -10.85
C MET A 70 1.41 -9.68 -10.93
N THR A 71 1.08 -10.61 -10.03
CA THR A 71 1.71 -11.92 -9.98
C THR A 71 0.98 -12.86 -10.92
N VAL A 72 1.50 -14.07 -11.09
CA VAL A 72 0.87 -15.01 -12.00
C VAL A 72 -0.40 -15.58 -11.44
N GLY A 73 -0.33 -16.13 -10.23
CA GLY A 73 -1.53 -16.69 -9.61
C GLY A 73 -1.74 -18.18 -9.86
N CYS A 74 -0.74 -18.90 -10.32
CA CYS A 74 -0.91 -20.33 -10.47
C CYS A 74 0.42 -21.01 -10.49
N VAL A 75 0.42 -22.33 -10.50
CA VAL A 75 1.68 -23.06 -10.53
C VAL A 75 1.50 -24.41 -11.19
N ALA A 76 2.50 -24.83 -11.97
CA ALA A 76 2.46 -26.11 -12.63
C ALA A 76 2.78 -27.22 -11.68
N GLY A 77 2.44 -28.44 -12.07
CA GLY A 77 2.67 -29.56 -11.21
C GLY A 77 3.76 -30.49 -11.71
N ASP A 78 3.74 -30.73 -13.00
CA ASP A 78 4.70 -31.59 -13.64
C ASP A 78 4.67 -31.28 -15.11
N GLU A 79 5.43 -32.01 -15.90
CA GLU A 79 5.42 -31.80 -17.33
C GLU A 79 4.01 -31.96 -17.93
N GLU A 80 3.37 -33.06 -17.61
CA GLU A 80 2.05 -33.38 -18.15
C GLU A 80 0.97 -32.35 -17.88
N SER A 81 1.06 -31.67 -16.75
CA SER A 81 0.07 -30.70 -16.35
C SER A 81 -0.03 -29.51 -17.27
N TYR A 82 1.01 -29.25 -18.06
CA TYR A 82 0.90 -28.16 -19.00
C TYR A 82 -0.04 -28.53 -20.13
N GLU A 83 -0.15 -29.82 -20.42
CA GLU A 83 -1.09 -30.26 -21.43
C GLU A 83 -2.47 -30.46 -20.85
N VAL A 84 -2.53 -31.08 -19.69
CA VAL A 84 -3.80 -31.39 -19.07
C VAL A 84 -4.60 -30.14 -18.74
N PHE A 85 -3.93 -29.11 -18.28
CA PHE A 85 -4.63 -27.87 -17.97
C PHE A 85 -4.27 -26.77 -18.95
N LYS A 86 -4.02 -27.19 -20.19
CA LYS A 86 -3.68 -26.31 -21.29
C LYS A 86 -4.67 -25.17 -21.46
N ASP A 87 -5.94 -25.43 -21.21
CA ASP A 87 -6.95 -24.39 -21.36
C ASP A 87 -6.73 -23.18 -20.46
N LEU A 88 -5.95 -23.30 -19.39
CA LEU A 88 -5.61 -22.13 -18.61
C LEU A 88 -4.24 -21.66 -18.97
N PHE A 89 -3.33 -22.59 -19.20
CA PHE A 89 -1.99 -22.17 -19.50
C PHE A 89 -1.88 -21.42 -20.82
N ASP A 90 -2.67 -21.77 -21.81
CA ASP A 90 -2.60 -21.04 -23.06
C ASP A 90 -2.87 -19.53 -22.89
N PRO A 91 -3.84 -19.13 -22.09
CA PRO A 91 -4.11 -17.72 -21.91
C PRO A 91 -3.27 -17.11 -20.81
N ILE A 92 -2.89 -17.89 -19.81
CA ILE A 92 -2.04 -17.32 -18.78
C ILE A 92 -0.65 -17.05 -19.32
N ILE A 93 -0.10 -18.02 -20.05
CA ILE A 93 1.21 -17.86 -20.65
C ILE A 93 1.21 -16.74 -21.66
N GLU A 94 0.24 -16.74 -22.56
CA GLU A 94 0.16 -15.70 -23.57
C GLU A 94 0.16 -14.34 -22.94
N ASP A 95 -0.66 -14.16 -21.92
CA ASP A 95 -0.73 -12.89 -21.25
C ASP A 95 0.57 -12.52 -20.57
N ARG A 96 1.09 -13.43 -19.75
CA ARG A 96 2.30 -13.14 -19.00
C ARG A 96 3.52 -12.90 -19.85
N HIS A 97 3.60 -13.51 -21.03
CA HIS A 97 4.77 -13.31 -21.85
C HIS A 97 4.56 -12.41 -23.06
N GLY A 98 3.50 -11.62 -23.04
CA GLY A 98 3.33 -10.61 -24.08
C GLY A 98 2.86 -11.10 -25.45
N GLY A 99 1.91 -12.01 -25.49
CA GLY A 99 1.37 -12.45 -26.77
C GLY A 99 2.00 -13.71 -27.31
N TYR A 100 2.76 -14.41 -26.48
CA TYR A 100 3.36 -15.66 -26.90
C TYR A 100 2.27 -16.62 -27.35
N LYS A 101 2.21 -16.89 -28.65
CA LYS A 101 1.15 -17.73 -29.19
C LYS A 101 1.39 -19.22 -29.00
N PRO A 102 0.31 -20.02 -29.01
CA PRO A 102 0.24 -21.48 -28.93
C PRO A 102 1.07 -22.21 -29.99
N SER A 103 1.38 -21.54 -31.10
CA SER A 103 2.20 -22.14 -32.13
C SER A 103 3.55 -21.44 -32.26
N ASP A 104 3.86 -20.56 -31.33
CA ASP A 104 5.09 -19.80 -31.40
C ASP A 104 6.28 -20.60 -30.87
N GLU A 105 6.89 -21.38 -31.75
CA GLU A 105 8.05 -22.21 -31.40
C GLU A 105 9.16 -21.46 -30.67
N HIS A 106 9.60 -22.04 -29.56
CA HIS A 106 10.69 -21.48 -28.77
C HIS A 106 11.99 -22.21 -29.04
N LYS A 107 13.08 -21.46 -29.13
CA LYS A 107 14.40 -22.04 -29.35
C LYS A 107 15.26 -21.99 -28.11
N THR A 108 16.34 -22.75 -28.10
CA THR A 108 17.31 -22.73 -27.01
C THR A 108 18.70 -22.93 -27.56
N ASP A 109 19.66 -22.24 -26.96
CA ASP A 109 21.02 -22.29 -27.44
C ASP A 109 22.01 -21.61 -26.51
N LEU A 110 22.77 -22.40 -25.74
CA LEU A 110 23.76 -21.80 -24.85
C LEU A 110 25.13 -21.61 -25.47
N ASN A 111 25.27 -21.78 -26.78
CA ASN A 111 26.60 -21.69 -27.35
C ASN A 111 27.18 -20.28 -27.27
N PRO A 112 28.19 -20.04 -26.40
CA PRO A 112 28.87 -18.78 -26.11
C PRO A 112 29.41 -18.08 -27.34
N ASP A 113 29.65 -18.81 -28.42
CA ASP A 113 30.19 -18.23 -29.63
C ASP A 113 29.26 -17.20 -30.25
N ASN A 114 27.99 -17.24 -29.91
CA ASN A 114 27.06 -16.30 -30.48
C ASN A 114 26.92 -15.01 -29.68
N LEU A 115 27.62 -14.89 -28.55
CA LEU A 115 27.53 -13.67 -27.76
C LEU A 115 28.55 -12.66 -28.25
N GLN A 116 28.07 -11.52 -28.73
CA GLN A 116 28.98 -10.53 -29.27
C GLN A 116 29.28 -9.44 -28.26
N GLY A 117 30.55 -9.03 -28.22
CA GLY A 117 31.00 -8.00 -27.30
C GLY A 117 30.84 -8.45 -25.85
N GLY A 118 30.87 -7.50 -24.93
CA GLY A 118 30.68 -7.82 -23.52
C GLY A 118 31.90 -8.49 -22.94
N ASP A 119 33.03 -8.37 -23.62
CA ASP A 119 34.26 -8.99 -23.17
C ASP A 119 34.72 -8.36 -21.89
N ASP A 120 34.50 -7.07 -21.78
CA ASP A 120 34.86 -6.32 -20.59
C ASP A 120 33.99 -5.08 -20.49
N LEU A 121 32.97 -5.15 -19.65
CA LEU A 121 32.10 -4.01 -19.45
C LEU A 121 32.84 -3.05 -18.54
N ASP A 122 32.58 -1.75 -18.66
CA ASP A 122 33.35 -0.79 -17.90
C ASP A 122 33.14 -0.94 -16.39
N PRO A 123 34.19 -1.38 -15.64
CA PRO A 123 34.22 -1.64 -14.21
C PRO A 123 33.98 -0.41 -13.34
N ASN A 124 34.00 0.77 -13.94
CA ASN A 124 33.66 2.00 -13.25
C ASN A 124 32.20 2.00 -12.88
N TYR A 125 31.41 1.29 -13.66
CA TYR A 125 30.00 1.22 -13.43
C TYR A 125 29.59 -0.18 -13.08
N VAL A 126 30.23 -1.17 -13.69
CA VAL A 126 29.83 -2.52 -13.41
C VAL A 126 30.52 -3.05 -12.20
N LEU A 127 29.75 -3.27 -11.16
CA LEU A 127 30.26 -3.83 -9.93
C LEU A 127 30.43 -5.32 -10.06
N SER A 128 29.38 -6.00 -10.53
CA SER A 128 29.48 -7.45 -10.69
C SER A 128 28.46 -8.03 -11.66
N SER A 129 28.73 -9.26 -12.09
CA SER A 129 27.86 -9.94 -13.04
C SER A 129 27.35 -11.27 -12.54
N ARG A 130 26.11 -11.58 -12.89
CA ARG A 130 25.49 -12.80 -12.44
C ARG A 130 24.51 -13.43 -13.44
N VAL A 131 24.58 -14.74 -13.59
CA VAL A 131 23.69 -15.48 -14.49
C VAL A 131 22.95 -16.57 -13.69
N ARG A 132 21.63 -16.68 -13.88
CA ARG A 132 20.86 -17.65 -13.10
C ARG A 132 19.78 -18.39 -13.87
N THR A 133 19.66 -19.69 -13.62
CA THR A 133 18.56 -20.40 -14.24
C THR A 133 18.08 -21.55 -13.37
N GLY A 134 17.13 -22.31 -13.90
CA GLY A 134 16.58 -23.44 -13.17
C GLY A 134 16.24 -24.58 -14.11
N ARG A 135 16.39 -25.81 -13.65
CA ARG A 135 16.05 -26.95 -14.48
C ARG A 135 15.28 -27.97 -13.70
N SER A 136 14.49 -28.76 -14.43
CA SER A 136 13.71 -29.83 -13.84
C SER A 136 14.00 -31.15 -14.50
N ILE A 137 14.03 -32.21 -13.71
CA ILE A 137 14.38 -33.51 -14.26
C ILE A 137 13.18 -34.31 -14.71
N ARG A 138 13.12 -34.60 -15.99
CA ARG A 138 12.04 -35.39 -16.56
C ARG A 138 11.99 -36.75 -15.95
N GLY A 139 10.79 -37.16 -15.55
CA GLY A 139 10.58 -38.44 -14.90
C GLY A 139 10.11 -38.23 -13.47
N PHE A 140 10.42 -37.08 -12.92
CA PHE A 140 9.95 -36.74 -11.59
C PHE A 140 8.91 -35.68 -11.69
N CYS A 141 8.26 -35.41 -10.59
CA CYS A 141 7.31 -34.33 -10.49
C CYS A 141 8.02 -33.08 -9.99
N LEU A 142 7.30 -31.98 -9.85
CA LEU A 142 7.89 -30.74 -9.36
C LEU A 142 7.69 -30.60 -7.85
N PRO A 143 8.48 -29.73 -7.18
CA PRO A 143 8.51 -29.42 -5.75
C PRO A 143 7.16 -29.11 -5.11
N PRO A 144 6.19 -28.45 -5.79
CA PRO A 144 4.81 -28.23 -5.36
C PRO A 144 4.02 -29.53 -5.10
N HIS A 145 4.60 -30.69 -5.40
CA HIS A 145 3.87 -31.92 -5.23
C HIS A 145 4.63 -33.06 -4.64
N CYS A 146 5.62 -33.56 -5.38
CA CYS A 146 6.46 -34.72 -5.02
C CYS A 146 6.48 -35.23 -3.58
N SER A 147 6.77 -36.52 -3.45
CA SER A 147 6.88 -37.18 -2.16
C SER A 147 8.25 -37.02 -1.60
N ARG A 148 8.40 -37.42 -0.36
CA ARG A 148 9.67 -37.37 0.31
C ARG A 148 10.66 -38.26 -0.41
N GLY A 149 10.21 -39.44 -0.81
CA GLY A 149 11.05 -40.37 -1.54
C GLY A 149 11.51 -39.79 -2.87
N GLU A 150 10.59 -39.18 -3.60
CA GLU A 150 10.93 -38.61 -4.90
C GLU A 150 11.94 -37.52 -4.75
N ARG A 151 11.76 -36.67 -3.75
CA ARG A 151 12.69 -35.59 -3.50
C ARG A 151 14.07 -36.15 -3.18
N ARG A 152 14.11 -37.19 -2.36
CA ARG A 152 15.37 -37.78 -1.99
C ARG A 152 16.11 -38.39 -3.17
N ALA A 153 15.38 -38.99 -4.08
CA ALA A 153 16.01 -39.57 -5.25
C ALA A 153 16.70 -38.49 -6.08
N ILE A 154 16.03 -37.35 -6.25
CA ILE A 154 16.60 -36.25 -7.00
C ILE A 154 17.85 -35.74 -6.34
N GLU A 155 17.82 -35.60 -5.03
CA GLU A 155 19.00 -35.16 -4.31
C GLU A 155 20.18 -36.03 -4.66
N LYS A 156 19.99 -37.33 -4.55
CA LYS A 156 21.09 -38.26 -4.77
C LYS A 156 21.65 -38.14 -6.19
N LEU A 157 20.78 -37.97 -7.18
CA LEU A 157 21.24 -37.85 -8.54
C LEU A 157 22.13 -36.64 -8.69
N ALA A 158 21.69 -35.54 -8.09
CA ALA A 158 22.42 -34.30 -8.16
C ALA A 158 23.75 -34.45 -7.48
N VAL A 159 23.77 -35.11 -6.33
CA VAL A 159 25.01 -35.28 -5.61
C VAL A 159 25.99 -36.05 -6.43
N GLU A 160 25.54 -37.12 -7.08
CA GLU A 160 26.45 -37.86 -7.93
C GLU A 160 27.03 -37.01 -9.03
N ALA A 161 26.18 -36.35 -9.80
CA ALA A 161 26.66 -35.56 -10.91
C ALA A 161 27.60 -34.48 -10.46
N LEU A 162 27.21 -33.75 -9.43
CA LEU A 162 28.02 -32.66 -8.93
C LEU A 162 29.36 -33.12 -8.42
N SER A 163 29.41 -34.30 -7.84
CA SER A 163 30.69 -34.78 -7.33
C SER A 163 31.70 -35.06 -8.45
N SER A 164 31.24 -35.20 -9.69
CA SER A 164 32.13 -35.52 -10.80
C SER A 164 32.57 -34.31 -11.63
N LEU A 165 32.12 -33.11 -11.28
CA LEU A 165 32.53 -31.96 -12.09
C LEU A 165 34.00 -31.65 -11.89
N ASP A 166 34.70 -31.41 -12.99
CA ASP A 166 36.14 -31.12 -12.94
C ASP A 166 36.50 -29.64 -13.05
N GLY A 167 37.81 -29.35 -13.01
CA GLY A 167 38.34 -28.00 -13.17
C GLY A 167 37.74 -27.03 -12.16
N ASP A 168 37.33 -25.88 -12.66
CA ASP A 168 36.68 -24.89 -11.81
C ASP A 168 35.30 -25.29 -11.42
N LEU A 169 34.79 -26.34 -12.03
CA LEU A 169 33.47 -26.77 -11.67
C LEU A 169 33.56 -27.80 -10.54
N ALA A 170 34.76 -28.10 -10.06
CA ALA A 170 34.90 -28.98 -8.91
C ALA A 170 34.49 -28.21 -7.66
N GLY A 171 33.94 -28.91 -6.66
CA GLY A 171 33.47 -28.24 -5.44
C GLY A 171 33.02 -29.19 -4.34
N ARG A 172 32.15 -28.68 -3.47
CA ARG A 172 31.68 -29.45 -2.32
C ARG A 172 30.19 -29.33 -2.07
N TYR A 173 29.59 -30.46 -1.75
CA TYR A 173 28.16 -30.55 -1.45
C TYR A 173 27.90 -30.47 0.04
N TYR A 174 26.96 -29.64 0.42
CA TYR A 174 26.55 -29.53 1.80
C TYR A 174 25.13 -30.04 1.98
N ALA A 175 24.92 -30.83 3.01
CA ALA A 175 23.59 -31.32 3.31
C ALA A 175 22.94 -30.34 4.22
N LEU A 176 21.94 -29.62 3.71
CA LEU A 176 21.33 -28.55 4.48
C LEU A 176 20.81 -29.02 5.81
N LYS A 177 20.09 -30.12 5.81
CA LYS A 177 19.48 -30.67 7.01
C LYS A 177 20.45 -30.99 8.15
N SER A 178 21.74 -31.09 7.89
CA SER A 178 22.66 -31.46 8.95
C SER A 178 23.98 -30.72 8.91
N MET A 179 24.01 -29.60 8.20
CA MET A 179 25.25 -28.85 8.08
C MET A 179 25.65 -28.15 9.39
N THR A 180 26.95 -28.06 9.63
CA THR A 180 27.52 -27.47 10.85
C THR A 180 27.36 -25.96 10.88
N GLU A 181 27.04 -25.41 12.05
CA GLU A 181 26.83 -23.97 12.20
C GLU A 181 27.98 -23.12 11.66
N ALA A 182 29.21 -23.58 11.80
CA ALA A 182 30.35 -22.87 11.24
C ALA A 182 30.24 -22.84 9.73
N GLU A 183 29.82 -23.96 9.16
CA GLU A 183 29.63 -24.08 7.73
C GLU A 183 28.50 -23.16 7.31
N GLN A 184 27.48 -23.06 8.17
CA GLN A 184 26.36 -22.19 7.89
C GLN A 184 26.86 -20.79 7.79
N GLN A 185 27.71 -20.38 8.73
CA GLN A 185 28.22 -19.03 8.72
C GLN A 185 29.01 -18.73 7.46
N GLN A 186 29.75 -19.70 6.97
CA GLN A 186 30.51 -19.49 5.76
C GLN A 186 29.59 -19.27 4.58
N LEU A 187 28.50 -20.01 4.52
CA LEU A 187 27.63 -19.83 3.40
C LEU A 187 26.70 -18.63 3.63
N ILE A 188 26.53 -18.22 4.88
CA ILE A 188 25.80 -16.99 5.14
C ILE A 188 26.57 -15.82 4.61
N ASP A 189 27.85 -15.78 4.92
CA ASP A 189 28.70 -14.68 4.47
C ASP A 189 28.69 -14.52 2.97
N ASP A 190 28.70 -15.64 2.26
CA ASP A 190 28.68 -15.58 0.82
C ASP A 190 27.29 -15.63 0.22
N HIS A 191 26.27 -15.62 1.07
CA HIS A 191 24.88 -15.66 0.65
C HIS A 191 24.55 -16.89 -0.18
N PHE A 192 25.27 -17.98 0.06
CA PHE A 192 25.02 -19.23 -0.64
C PHE A 192 23.98 -20.02 0.12
N LEU A 193 23.91 -19.78 1.42
CA LEU A 193 22.97 -20.45 2.31
C LEU A 193 21.57 -19.93 2.14
N PHE A 194 20.61 -20.84 2.04
CA PHE A 194 19.23 -20.45 1.93
C PHE A 194 18.50 -20.96 3.13
N ASP A 195 17.20 -20.66 3.20
CA ASP A 195 16.44 -21.08 4.35
C ASP A 195 15.00 -21.34 3.93
N LYS A 196 14.20 -21.82 4.85
CA LYS A 196 12.83 -22.18 4.56
C LYS A 196 12.10 -20.97 4.05
N PRO A 197 11.41 -21.07 2.92
CA PRO A 197 10.61 -20.04 2.29
C PRO A 197 9.67 -19.40 3.29
N VAL A 198 9.61 -18.08 3.28
CA VAL A 198 8.74 -17.35 4.19
C VAL A 198 7.67 -16.60 3.45
N SER A 199 7.85 -16.44 2.16
CA SER A 199 6.84 -15.76 1.38
C SER A 199 5.61 -16.60 1.29
N PRO A 200 4.43 -16.02 1.50
CA PRO A 200 3.12 -16.62 1.44
C PRO A 200 2.80 -17.02 0.02
N LEU A 201 3.53 -16.49 -0.94
CA LEU A 201 3.32 -16.87 -2.32
C LEU A 201 4.05 -18.16 -2.64
N LEU A 202 4.94 -18.57 -1.74
CA LEU A 202 5.66 -19.82 -1.91
C LEU A 202 5.05 -20.85 -1.01
N LEU A 203 4.69 -20.44 0.21
CA LEU A 203 4.12 -21.36 1.16
C LEU A 203 2.79 -21.88 0.68
N ALA A 204 2.04 -21.05 -0.04
CA ALA A 204 0.76 -21.45 -0.60
C ALA A 204 0.88 -22.41 -1.79
N SER A 205 2.10 -22.82 -2.16
CA SER A 205 2.26 -23.80 -3.22
C SER A 205 2.54 -25.17 -2.65
N GLY A 206 2.96 -25.23 -1.40
CA GLY A 206 3.34 -26.51 -0.82
C GLY A 206 4.83 -26.82 -1.02
N MET A 207 5.59 -25.90 -1.60
CA MET A 207 7.02 -26.16 -1.82
C MET A 207 7.87 -26.23 -0.56
N ALA A 208 7.33 -25.87 0.60
CA ALA A 208 8.09 -25.93 1.84
C ALA A 208 7.92 -27.26 2.57
N ARG A 209 7.12 -28.17 2.02
CA ARG A 209 6.88 -29.43 2.69
C ARG A 209 8.13 -30.21 3.02
N ASP A 210 8.18 -30.68 4.26
CA ASP A 210 9.24 -31.52 4.79
C ASP A 210 10.60 -30.84 4.99
N TRP A 211 10.70 -29.56 4.68
CA TRP A 211 11.95 -28.82 4.77
C TRP A 211 12.58 -29.06 6.14
N PRO A 212 13.89 -29.31 6.22
CA PRO A 212 14.95 -29.36 5.24
C PRO A 212 15.27 -30.74 4.69
N ASP A 213 14.31 -31.64 4.71
CA ASP A 213 14.55 -32.98 4.22
C ASP A 213 14.91 -32.96 2.75
N ALA A 214 16.11 -33.45 2.47
CA ALA A 214 16.69 -33.54 1.14
C ALA A 214 16.92 -32.19 0.47
N ARG A 215 17.25 -31.16 1.25
CA ARG A 215 17.64 -29.90 0.65
C ARG A 215 19.17 -29.83 0.63
N GLY A 216 19.74 -29.28 -0.44
CA GLY A 216 21.19 -29.34 -0.62
C GLY A 216 21.84 -28.12 -1.29
N ILE A 217 23.07 -27.81 -0.89
CA ILE A 217 23.83 -26.69 -1.45
C ILE A 217 25.19 -27.09 -1.93
N TRP A 218 25.51 -26.77 -3.17
CA TRP A 218 26.82 -27.11 -3.71
C TRP A 218 27.45 -25.91 -4.38
N HIS A 219 28.71 -25.68 -4.09
CA HIS A 219 29.38 -24.58 -4.76
C HIS A 219 30.79 -24.98 -5.07
N ASN A 220 31.39 -24.29 -6.03
CA ASN A 220 32.74 -24.66 -6.43
C ASN A 220 33.78 -24.03 -5.56
N ASP A 221 35.01 -24.44 -5.78
CA ASP A 221 36.15 -23.98 -5.01
C ASP A 221 36.40 -22.49 -5.14
N ASN A 222 36.05 -21.91 -6.27
CA ASN A 222 36.28 -20.49 -6.46
C ASN A 222 35.07 -19.63 -6.17
N LYS A 223 34.03 -20.22 -5.60
CA LYS A 223 32.82 -19.49 -5.26
C LYS A 223 32.24 -18.69 -6.41
N THR A 224 32.25 -19.27 -7.61
CA THR A 224 31.70 -18.62 -8.78
C THR A 224 30.58 -19.44 -9.36
N PHE A 225 30.48 -20.69 -8.94
CA PHE A 225 29.46 -21.58 -9.46
C PHE A 225 28.70 -22.18 -8.31
N LEU A 226 27.42 -21.85 -8.25
CA LEU A 226 26.55 -22.21 -7.15
C LEU A 226 25.28 -22.93 -7.59
N VAL A 227 24.95 -24.06 -6.97
CA VAL A 227 23.68 -24.69 -7.32
C VAL A 227 22.94 -25.12 -6.08
N TRP A 228 21.63 -24.87 -6.08
CA TRP A 228 20.78 -25.28 -4.97
C TRP A 228 19.93 -26.45 -5.40
N VAL A 229 19.78 -27.41 -4.51
CA VAL A 229 19.04 -28.61 -4.78
C VAL A 229 17.73 -28.64 -4.04
N ASN A 230 16.62 -28.53 -4.77
CA ASN A 230 15.27 -28.54 -4.21
C ASN A 230 15.00 -27.28 -3.41
N GLU A 231 14.63 -26.19 -4.06
CA GLU A 231 14.44 -24.97 -3.29
C GLU A 231 13.45 -23.99 -3.88
N GLU A 232 13.17 -24.13 -5.15
CA GLU A 232 12.23 -23.28 -5.87
C GLU A 232 11.71 -24.14 -6.97
N ASP A 233 12.66 -24.81 -7.57
CA ASP A 233 12.45 -25.73 -8.61
C ASP A 233 13.48 -26.79 -8.32
N HIS A 234 13.73 -27.72 -9.22
CA HIS A 234 14.67 -28.80 -8.91
C HIS A 234 16.11 -28.33 -8.79
N LEU A 235 16.73 -28.00 -9.90
CA LEU A 235 18.09 -27.53 -9.81
C LEU A 235 18.19 -26.07 -10.16
N ARG A 236 18.64 -25.29 -9.20
CA ARG A 236 18.77 -23.86 -9.35
C ARG A 236 20.23 -23.52 -9.54
N VAL A 237 20.59 -22.96 -10.68
CA VAL A 237 21.99 -22.72 -10.99
C VAL A 237 22.39 -21.26 -11.18
N ILE A 238 23.42 -20.83 -10.45
CA ILE A 238 23.94 -19.48 -10.56
C ILE A 238 25.42 -19.40 -10.84
N SER A 239 25.78 -18.58 -11.81
CA SER A 239 27.17 -18.31 -12.09
C SER A 239 27.41 -16.86 -11.75
N MET A 240 28.49 -16.56 -11.05
CA MET A 240 28.70 -15.17 -10.70
C MET A 240 30.15 -14.81 -10.58
N GLN A 241 30.44 -13.51 -10.73
CA GLN A 241 31.79 -13.04 -10.59
C GLN A 241 31.86 -11.54 -10.48
N LYS A 242 32.64 -11.06 -9.53
CA LYS A 242 32.85 -9.64 -9.38
C LYS A 242 33.60 -9.14 -10.58
N GLY A 243 33.14 -8.06 -11.17
CA GLY A 243 33.77 -7.55 -12.38
C GLY A 243 32.77 -7.54 -13.50
N GLY A 244 33.17 -6.99 -14.64
CA GLY A 244 32.27 -6.86 -15.78
C GLY A 244 32.51 -7.85 -16.91
N ASN A 245 33.11 -9.00 -16.63
CA ASN A 245 33.38 -9.93 -17.71
C ASN A 245 32.20 -10.82 -18.02
N MET A 246 31.19 -10.25 -18.65
CA MET A 246 29.97 -10.97 -19.00
C MET A 246 30.22 -12.12 -19.92
N LYS A 247 31.08 -11.94 -20.90
CA LYS A 247 31.39 -12.99 -21.85
C LYS A 247 31.89 -14.25 -21.19
N GLU A 248 32.83 -14.12 -20.27
CA GLU A 248 33.36 -15.30 -19.62
C GLU A 248 32.35 -15.96 -18.72
N VAL A 249 31.60 -15.17 -17.97
CA VAL A 249 30.62 -15.75 -17.07
C VAL A 249 29.59 -16.52 -17.84
N PHE A 250 29.11 -15.98 -18.94
CA PHE A 250 28.15 -16.70 -19.73
C PHE A 250 28.71 -18.02 -20.16
N THR A 251 29.97 -18.05 -20.60
CA THR A 251 30.58 -19.31 -20.99
C THR A 251 30.67 -20.28 -19.82
N ARG A 252 31.14 -19.80 -18.67
CA ARG A 252 31.25 -20.66 -17.49
C ARG A 252 29.94 -21.34 -17.22
N PHE A 253 28.90 -20.55 -17.19
CA PHE A 253 27.55 -21.01 -16.99
C PHE A 253 27.18 -22.07 -17.98
N CYS A 254 27.42 -21.81 -19.26
CA CYS A 254 27.12 -22.77 -20.30
C CYS A 254 27.82 -24.09 -20.10
N THR A 255 29.11 -24.08 -19.76
CA THR A 255 29.82 -25.33 -19.57
C THR A 255 29.34 -26.05 -18.33
N GLY A 256 28.85 -25.30 -17.36
CA GLY A 256 28.30 -25.90 -16.17
C GLY A 256 27.10 -26.74 -16.55
N LEU A 257 26.17 -26.16 -17.28
CA LEU A 257 25.01 -26.93 -17.67
C LEU A 257 25.34 -27.98 -18.71
N THR A 258 26.35 -27.75 -19.53
CA THR A 258 26.72 -28.75 -20.51
C THR A 258 27.19 -30.01 -19.84
N GLN A 259 28.08 -29.89 -18.84
CA GLN A 259 28.55 -31.08 -18.18
C GLN A 259 27.47 -31.73 -17.34
N ILE A 260 26.65 -30.93 -16.65
CA ILE A 260 25.58 -31.53 -15.88
C ILE A 260 24.60 -32.26 -16.74
N GLU A 261 24.24 -31.69 -17.88
CA GLU A 261 23.33 -32.41 -18.74
C GLU A 261 23.93 -33.72 -19.18
N THR A 262 25.21 -33.71 -19.52
CA THR A 262 25.88 -34.93 -19.92
C THR A 262 25.83 -35.98 -18.84
N LEU A 263 26.15 -35.57 -17.62
CA LEU A 263 26.18 -36.49 -16.50
C LEU A 263 24.82 -37.09 -16.22
N PHE A 264 23.78 -36.27 -16.30
CA PHE A 264 22.46 -36.82 -16.13
C PHE A 264 22.08 -37.73 -17.28
N LYS A 265 22.49 -37.36 -18.48
CA LYS A 265 22.17 -38.15 -19.65
C LYS A 265 22.81 -39.53 -19.58
N SER A 266 23.98 -39.62 -18.95
CA SER A 266 24.66 -40.90 -18.80
C SER A 266 23.87 -41.86 -17.90
N LYS A 267 22.97 -41.33 -17.08
CA LYS A 267 22.12 -42.12 -16.22
C LYS A 267 20.70 -42.14 -16.71
N ASP A 268 20.50 -41.81 -17.99
CA ASP A 268 19.19 -41.75 -18.58
C ASP A 268 18.28 -40.72 -17.94
N TYR A 269 18.81 -39.55 -17.66
CA TYR A 269 17.99 -38.45 -17.18
C TYR A 269 18.21 -37.26 -18.07
N GLU A 270 17.17 -36.47 -18.21
CA GLU A 270 17.25 -35.32 -19.07
C GLU A 270 16.35 -34.26 -18.53
N PHE A 271 16.60 -33.04 -18.93
CA PHE A 271 15.82 -31.94 -18.43
C PHE A 271 14.50 -31.88 -19.15
N MET A 272 13.44 -31.50 -18.45
CA MET A 272 12.16 -31.43 -19.10
C MET A 272 12.23 -30.35 -20.14
N TRP A 273 11.86 -30.69 -21.36
CA TRP A 273 11.97 -29.74 -22.43
C TRP A 273 11.12 -30.08 -23.62
N ASN A 274 10.47 -29.10 -24.19
CA ASN A 274 9.75 -29.37 -25.41
C ASN A 274 9.77 -28.13 -26.28
N PRO A 275 9.64 -28.28 -27.60
CA PRO A 275 9.66 -27.26 -28.63
C PRO A 275 8.68 -26.12 -28.42
N HIS A 276 7.63 -26.35 -27.65
CA HIS A 276 6.65 -25.31 -27.48
C HIS A 276 6.86 -24.43 -26.28
N LEU A 277 7.49 -24.93 -25.23
CA LEU A 277 7.68 -24.10 -24.06
C LEU A 277 9.12 -24.11 -23.58
N GLY A 278 10.01 -24.70 -24.34
CA GLY A 278 11.39 -24.74 -23.93
C GLY A 278 11.51 -25.55 -22.66
N TYR A 279 12.23 -25.03 -21.69
CA TYR A 279 12.39 -25.76 -20.45
C TYR A 279 11.15 -25.66 -19.63
N ILE A 280 10.76 -26.79 -19.06
CA ILE A 280 9.56 -26.87 -18.28
C ILE A 280 9.82 -26.75 -16.80
N LEU A 281 9.33 -25.66 -16.23
CA LEU A 281 9.51 -25.39 -14.81
C LEU A 281 8.18 -25.19 -14.11
N THR A 282 8.25 -25.03 -12.78
CA THR A 282 7.11 -24.78 -11.89
C THR A 282 6.32 -23.52 -12.26
N CYS A 283 6.73 -22.39 -11.72
CA CYS A 283 6.03 -21.17 -12.03
C CYS A 283 6.15 -20.88 -13.49
N PRO A 284 5.04 -20.84 -14.23
CA PRO A 284 4.93 -20.70 -15.68
C PRO A 284 5.64 -19.45 -16.20
N SER A 285 5.90 -18.47 -15.35
CA SER A 285 6.62 -17.29 -15.78
C SER A 285 8.04 -17.62 -16.23
N ASN A 286 8.58 -18.74 -15.76
CA ASN A 286 9.93 -19.14 -16.10
C ASN A 286 10.02 -20.14 -17.24
N LEU A 287 8.94 -20.34 -17.97
CA LEU A 287 8.98 -21.23 -19.11
C LEU A 287 9.84 -20.69 -20.22
N GLY A 288 10.57 -21.58 -20.88
CA GLY A 288 11.37 -21.16 -22.02
C GLY A 288 12.82 -21.36 -21.74
N THR A 289 13.51 -20.30 -21.40
CA THR A 289 14.90 -20.44 -21.03
C THR A 289 15.02 -20.50 -19.56
N GLY A 290 14.14 -19.79 -18.89
CA GLY A 290 14.20 -19.73 -17.45
C GLY A 290 15.48 -19.02 -17.06
N LEU A 291 15.95 -18.13 -17.93
CA LEU A 291 17.22 -17.46 -17.72
C LEU A 291 17.14 -16.02 -17.29
N ARG A 292 17.77 -15.74 -16.17
CA ARG A 292 17.87 -14.40 -15.65
C ARG A 292 19.33 -14.03 -15.67
N ALA A 293 19.64 -12.85 -16.13
CA ALA A 293 21.03 -12.45 -16.13
C ALA A 293 21.10 -10.98 -15.94
N GLY A 294 22.11 -10.53 -15.24
CA GLY A 294 22.20 -9.12 -14.99
C GLY A 294 23.43 -8.71 -14.24
N VAL A 295 23.47 -7.44 -13.91
CA VAL A 295 24.61 -6.85 -13.27
C VAL A 295 24.25 -5.84 -12.21
N HIS A 296 25.19 -5.58 -11.33
CA HIS A 296 25.05 -4.54 -10.32
C HIS A 296 25.77 -3.31 -10.81
N ILE A 297 25.01 -2.28 -11.18
CA ILE A 297 25.57 -1.07 -11.76
C ILE A 297 25.50 0.13 -10.85
N LYS A 298 26.61 0.83 -10.70
CA LYS A 298 26.62 2.03 -9.90
C LYS A 298 26.02 3.18 -10.68
N LEU A 299 24.72 3.39 -10.53
CA LEU A 299 24.03 4.46 -11.26
C LEU A 299 23.41 5.55 -10.39
N PRO A 300 24.19 6.32 -9.64
CA PRO A 300 23.75 7.38 -8.74
C PRO A 300 23.06 8.52 -9.46
N ASN A 301 23.32 8.68 -10.74
CA ASN A 301 22.71 9.77 -11.47
C ASN A 301 21.47 9.29 -12.17
N LEU A 302 21.59 8.20 -12.91
CA LEU A 302 20.43 7.68 -13.59
C LEU A 302 19.36 7.24 -12.63
N GLY A 303 19.74 6.82 -11.43
CA GLY A 303 18.76 6.45 -10.43
C GLY A 303 17.88 7.62 -10.00
N LYS A 304 18.29 8.85 -10.32
CA LYS A 304 17.54 10.04 -10.00
C LYS A 304 16.94 10.65 -11.26
N HIS A 305 17.47 10.31 -12.42
CA HIS A 305 16.96 10.87 -13.65
C HIS A 305 15.52 10.47 -13.94
N GLU A 306 14.77 11.43 -14.43
CA GLU A 306 13.35 11.33 -14.72
C GLU A 306 12.93 10.25 -15.69
N LYS A 307 13.76 9.95 -16.67
CA LYS A 307 13.41 8.97 -17.69
C LYS A 307 14.08 7.63 -17.52
N PHE A 308 14.69 7.41 -16.37
CA PHE A 308 15.42 6.17 -16.13
C PHE A 308 14.55 4.96 -16.35
N SER A 309 13.35 4.97 -15.79
CA SER A 309 12.45 3.84 -15.96
C SER A 309 11.97 3.68 -17.40
N GLU A 310 11.93 4.79 -18.15
CA GLU A 310 11.52 4.71 -19.55
C GLU A 310 12.56 4.04 -20.39
N VAL A 311 13.81 4.36 -20.12
CA VAL A 311 14.89 3.74 -20.85
C VAL A 311 14.93 2.26 -20.59
N LEU A 312 14.81 1.87 -19.33
CA LEU A 312 14.81 0.47 -18.95
C LEU A 312 13.62 -0.25 -19.53
N LYS A 313 12.49 0.43 -19.60
CA LYS A 313 11.32 -0.13 -20.23
C LYS A 313 11.62 -0.53 -21.64
N ARG A 314 12.20 0.39 -22.40
CA ARG A 314 12.50 0.12 -23.78
C ARG A 314 13.54 -0.95 -23.94
N LEU A 315 14.53 -0.97 -23.06
CA LEU A 315 15.56 -1.98 -23.14
C LEU A 315 15.12 -3.36 -22.66
N ARG A 316 13.91 -3.45 -22.13
CA ARG A 316 13.37 -4.70 -21.66
C ARG A 316 14.25 -5.24 -20.54
N LEU A 317 14.58 -4.36 -19.60
CA LEU A 317 15.38 -4.73 -18.45
C LEU A 317 14.63 -4.46 -17.15
N GLN A 318 14.94 -5.22 -16.12
CA GLN A 318 14.30 -5.02 -14.84
C GLN A 318 15.20 -4.25 -13.92
N LYS A 319 14.58 -3.43 -13.10
CA LYS A 319 15.23 -2.59 -12.12
C LYS A 319 14.99 -3.09 -10.72
N ARG A 320 16.05 -3.31 -9.95
CA ARG A 320 15.84 -3.79 -8.60
C ARG A 320 16.95 -3.35 -7.65
N GLY A 321 16.59 -3.08 -6.40
CA GLY A 321 17.59 -2.66 -5.42
C GLY A 321 18.41 -3.84 -4.91
N THR A 322 19.10 -3.66 -3.79
CA THR A 322 19.91 -4.75 -3.26
C THR A 322 19.49 -5.15 -1.86
N GLY A 323 20.19 -6.11 -1.28
CA GLY A 323 19.87 -6.61 0.04
C GLY A 323 20.37 -5.73 1.18
N VAL A 333 22.21 2.06 -6.51
CA VAL A 333 22.95 1.06 -7.23
C VAL A 333 21.90 0.09 -7.64
N PHE A 334 21.97 -0.40 -8.85
CA PHE A 334 20.85 -1.21 -9.28
C PHE A 334 21.22 -2.54 -9.87
N ASP A 335 20.34 -3.47 -9.64
CA ASP A 335 20.43 -4.76 -10.22
C ASP A 335 19.65 -4.67 -11.50
N VAL A 336 20.37 -4.65 -12.60
CA VAL A 336 19.75 -4.54 -13.90
C VAL A 336 19.73 -5.91 -14.52
N SER A 337 18.56 -6.36 -14.96
CA SER A 337 18.51 -7.74 -15.43
C SER A 337 17.51 -8.04 -16.53
N ASN A 338 17.70 -9.18 -17.17
CA ASN A 338 16.83 -9.65 -18.24
C ASN A 338 15.37 -9.74 -17.88
N ALA A 339 14.52 -8.99 -18.58
CA ALA A 339 13.09 -9.04 -18.30
C ALA A 339 12.33 -10.10 -19.10
N ASP A 340 12.99 -10.80 -20.02
CA ASP A 340 12.29 -11.83 -20.82
C ASP A 340 12.66 -13.26 -20.44
N ARG A 341 11.87 -14.21 -20.89
CA ARG A 341 12.09 -15.61 -20.57
C ARG A 341 11.77 -16.55 -21.70
N LEU A 342 10.69 -16.26 -22.38
CA LEU A 342 10.16 -17.12 -23.42
C LEU A 342 10.11 -16.43 -24.77
N GLY A 343 10.61 -17.08 -25.81
CA GLY A 343 10.59 -16.49 -27.15
C GLY A 343 11.96 -16.01 -27.65
N PHE A 344 12.95 -16.01 -26.76
CA PHE A 344 14.28 -15.59 -27.14
C PHE A 344 15.30 -16.60 -26.69
N SER A 345 16.39 -16.74 -27.43
CA SER A 345 17.42 -17.69 -27.02
C SER A 345 18.23 -17.12 -25.88
N GLU A 346 18.92 -18.00 -25.15
CA GLU A 346 19.74 -17.57 -24.03
C GLU A 346 20.83 -16.62 -24.47
N VAL A 347 21.31 -16.78 -25.68
CA VAL A 347 22.30 -15.87 -26.18
C VAL A 347 21.69 -14.52 -26.44
N GLU A 348 20.56 -14.49 -27.11
CA GLU A 348 19.91 -13.23 -27.39
C GLU A 348 19.57 -12.47 -26.13
N LEU A 349 19.11 -13.18 -25.12
CA LEU A 349 18.75 -12.53 -23.88
C LEU A 349 19.95 -11.94 -23.18
N VAL A 350 21.06 -12.66 -23.19
CA VAL A 350 22.25 -12.09 -22.60
C VAL A 350 22.75 -10.95 -23.45
N GLN A 351 22.62 -11.09 -24.76
CA GLN A 351 23.04 -10.04 -25.67
C GLN A 351 22.27 -8.76 -25.35
N MET A 352 20.98 -8.90 -25.02
CA MET A 352 20.16 -7.76 -24.63
C MET A 352 20.70 -7.10 -23.40
N VAL A 353 21.11 -7.88 -22.42
CA VAL A 353 21.67 -7.30 -21.23
C VAL A 353 22.96 -6.57 -21.52
N VAL A 354 23.83 -7.16 -22.32
CA VAL A 354 25.09 -6.49 -22.63
C VAL A 354 24.85 -5.18 -23.34
N ASP A 355 23.97 -5.21 -24.32
CA ASP A 355 23.63 -4.02 -25.09
C ASP A 355 23.09 -2.91 -24.23
N GLY A 356 22.07 -3.25 -23.45
CA GLY A 356 21.42 -2.27 -22.59
C GLY A 356 22.36 -1.66 -21.58
N VAL A 357 23.19 -2.49 -20.96
CA VAL A 357 24.12 -1.99 -19.99
C VAL A 357 25.11 -1.04 -20.59
N LYS A 358 25.66 -1.37 -21.75
CA LYS A 358 26.59 -0.46 -22.37
C LYS A 358 25.91 0.86 -22.71
N LEU A 359 24.66 0.79 -23.15
CA LEU A 359 23.91 2.00 -23.43
C LEU A 359 23.78 2.83 -22.17
N LEU A 360 23.42 2.18 -21.06
CA LEU A 360 23.28 2.87 -19.79
C LEU A 360 24.59 3.43 -19.29
N ILE A 361 25.68 2.75 -19.54
CA ILE A 361 26.96 3.29 -19.15
C ILE A 361 27.18 4.61 -19.84
N GLU A 362 26.91 4.66 -21.14
CA GLU A 362 27.08 5.89 -21.88
C GLU A 362 26.04 6.92 -21.48
N MET A 363 24.83 6.46 -21.20
CA MET A 363 23.74 7.30 -20.79
C MET A 363 24.11 8.09 -19.57
N GLU A 364 24.62 7.39 -18.56
CA GLU A 364 25.00 8.06 -17.35
C GLU A 364 26.23 8.88 -17.55
N GLN A 365 27.16 8.39 -18.37
CA GLN A 365 28.38 9.12 -18.63
C GLN A 365 28.06 10.55 -19.07
N ARG A 366 27.13 10.68 -20.00
CA ARG A 366 26.70 11.99 -20.48
C ARG A 366 25.98 12.78 -19.41
N LEU A 367 25.12 12.09 -18.65
CA LEU A 367 24.37 12.75 -17.60
C LEU A 367 25.31 13.31 -16.54
N GLU A 368 26.34 12.55 -16.18
CA GLU A 368 27.35 13.00 -15.25
C GLU A 368 27.98 14.30 -15.65
N GLN A 369 28.20 14.48 -16.95
CA GLN A 369 28.79 15.71 -17.44
C GLN A 369 27.76 16.82 -17.71
N GLY A 370 26.51 16.63 -17.30
CA GLY A 370 25.48 17.64 -17.45
C GLY A 370 25.02 17.76 -18.88
N GLN A 371 25.14 16.70 -19.65
CA GLN A 371 24.78 16.76 -21.04
C GLN A 371 23.38 16.23 -21.26
N ALA A 372 22.77 16.61 -22.36
CA ALA A 372 21.45 16.08 -22.68
C ALA A 372 21.62 14.61 -23.03
N ILE A 373 20.67 13.80 -22.61
CA ILE A 373 20.79 12.38 -22.86
C ILE A 373 19.66 11.83 -23.72
N ASP A 374 18.89 12.72 -24.35
CA ASP A 374 17.76 12.33 -25.19
C ASP A 374 18.18 11.57 -26.43
N ASP A 375 19.41 11.80 -26.89
CA ASP A 375 19.91 11.13 -28.07
C ASP A 375 20.32 9.68 -27.84
N LEU A 376 20.17 9.18 -26.62
CA LEU A 376 20.47 7.79 -26.37
C LEU A 376 19.24 7.01 -25.97
N MET A 377 18.06 7.46 -26.37
CA MET A 377 16.84 6.76 -25.99
C MET A 377 16.17 6.14 -27.22
N PRO A 378 16.65 4.99 -27.70
CA PRO A 378 16.20 4.28 -28.89
C PRO A 378 14.84 3.71 -28.67
N ALA A 379 14.06 3.61 -29.73
CA ALA A 379 12.74 3.02 -29.64
C ALA A 379 12.82 1.50 -29.64
N GLN A 380 13.33 0.96 -28.55
CA GLN A 380 13.47 -0.48 -28.42
C GLN A 380 12.20 -1.04 -27.85
N LYS A 381 11.70 -2.09 -28.47
CA LYS A 381 10.48 -2.69 -28.01
C LYS A 381 10.65 -4.21 -27.92
N SER B 6 -4.23 -41.02 -8.94
CA SER B 6 -3.92 -41.40 -7.57
C SER B 6 -2.43 -41.35 -7.30
N HIS B 7 -1.93 -40.17 -6.92
CA HIS B 7 -0.51 -40.01 -6.66
C HIS B 7 -0.06 -40.86 -5.48
N ASN B 8 -1.01 -41.23 -4.63
CA ASN B 8 -0.73 -42.09 -3.51
C ASN B 8 -0.20 -43.43 -4.01
N ALA B 9 -0.80 -43.93 -5.08
CA ALA B 9 -0.37 -45.19 -5.67
C ALA B 9 1.04 -45.03 -6.18
N LEU B 10 1.33 -43.87 -6.74
CA LEU B 10 2.67 -43.63 -7.25
C LEU B 10 3.67 -43.61 -6.12
N LYS B 11 3.29 -43.06 -4.97
CA LYS B 11 4.18 -43.05 -3.82
C LYS B 11 4.49 -44.46 -3.35
N LEU B 12 3.52 -45.36 -3.49
CA LEU B 12 3.71 -46.74 -3.10
C LEU B 12 4.69 -47.51 -3.97
N ARG B 13 5.15 -46.93 -5.08
CA ARG B 13 6.15 -47.58 -5.89
C ARG B 13 7.50 -47.55 -5.19
N PHE B 14 7.69 -46.61 -4.29
CA PHE B 14 8.90 -46.53 -3.51
C PHE B 14 8.74 -47.44 -2.32
N PRO B 15 9.84 -47.97 -1.78
CA PRO B 15 9.90 -48.75 -0.57
C PRO B 15 9.62 -47.83 0.59
N ALA B 16 9.10 -48.40 1.66
CA ALA B 16 8.75 -47.63 2.84
C ALA B 16 9.97 -46.89 3.36
N GLU B 17 11.14 -47.52 3.26
CA GLU B 17 12.37 -46.89 3.68
C GLU B 17 12.59 -45.52 3.04
N ASP B 18 12.24 -45.38 1.77
CA ASP B 18 12.42 -44.11 1.10
C ASP B 18 11.40 -43.09 1.51
N GLU B 19 10.16 -43.52 1.72
CA GLU B 19 9.12 -42.58 2.08
C GLU B 19 9.12 -42.20 3.56
N PHE B 20 9.62 -43.07 4.43
CA PHE B 20 9.68 -42.78 5.86
C PHE B 20 10.51 -41.52 6.15
N PRO B 21 9.92 -40.50 6.79
CA PRO B 21 10.51 -39.22 7.14
C PRO B 21 11.52 -39.37 8.26
N ASP B 22 12.55 -38.55 8.23
CA ASP B 22 13.56 -38.61 9.28
C ASP B 22 13.10 -37.87 10.49
N LEU B 23 12.51 -38.61 11.41
CA LEU B 23 11.97 -38.02 12.61
C LEU B 23 12.93 -37.97 13.77
N SER B 24 14.21 -38.27 13.55
CA SER B 24 15.17 -38.29 14.65
C SER B 24 15.42 -36.92 15.26
N ALA B 25 15.15 -35.86 14.50
CA ALA B 25 15.33 -34.51 15.00
C ALA B 25 14.06 -33.95 15.62
N HIS B 26 12.99 -34.71 15.62
CA HIS B 26 11.73 -34.21 16.11
C HIS B 26 11.46 -34.54 17.55
N ASN B 27 10.64 -33.71 18.17
CA ASN B 27 10.27 -33.90 19.55
C ASN B 27 8.79 -33.70 19.76
N ASN B 28 8.00 -34.67 19.37
CA ASN B 28 6.56 -34.59 19.57
C ASN B 28 5.98 -35.99 19.68
N HIS B 29 4.70 -36.11 20.01
CA HIS B 29 4.13 -37.42 20.23
C HIS B 29 4.13 -38.25 18.98
N MET B 30 3.87 -37.62 17.84
CA MET B 30 3.87 -38.35 16.59
C MET B 30 5.20 -39.00 16.37
N ALA B 31 6.26 -38.24 16.54
CA ALA B 31 7.61 -38.75 16.36
C ALA B 31 7.93 -39.88 17.30
N LYS B 32 7.40 -39.85 18.51
CA LYS B 32 7.70 -40.90 19.45
C LYS B 32 6.91 -42.17 19.18
N VAL B 33 5.73 -42.03 18.60
CA VAL B 33 4.90 -43.19 18.32
C VAL B 33 5.18 -43.86 16.99
N LEU B 34 5.29 -43.09 15.92
CA LEU B 34 5.47 -43.69 14.60
C LEU B 34 6.81 -44.36 14.39
N THR B 35 6.75 -45.67 14.17
CA THR B 35 7.94 -46.44 13.87
C THR B 35 7.92 -46.68 12.38
N PRO B 36 9.05 -47.05 11.77
CA PRO B 36 9.19 -47.34 10.37
C PRO B 36 8.42 -48.59 10.02
N GLU B 37 8.27 -49.45 11.01
CA GLU B 37 7.50 -50.64 10.82
C GLU B 37 6.04 -50.29 10.70
N LEU B 38 5.59 -49.41 11.58
CA LEU B 38 4.21 -48.96 11.56
C LEU B 38 3.93 -48.20 10.29
N TYR B 39 4.89 -47.37 9.90
CA TYR B 39 4.79 -46.58 8.70
C TYR B 39 4.55 -47.47 7.52
N ALA B 40 5.36 -48.51 7.42
CA ALA B 40 5.24 -49.45 6.32
C ALA B 40 3.86 -50.10 6.32
N GLU B 41 3.37 -50.43 7.50
CA GLU B 41 2.07 -51.04 7.59
C GLU B 41 0.93 -50.12 7.23
N LEU B 42 0.99 -48.88 7.66
CA LEU B 42 -0.12 -47.99 7.44
C LEU B 42 -0.05 -47.12 6.20
N ARG B 43 1.12 -47.01 5.55
CA ARG B 43 1.19 -46.07 4.44
C ARG B 43 0.30 -46.45 3.27
N ALA B 44 -0.11 -47.70 3.18
CA ALA B 44 -1.00 -48.11 2.12
C ALA B 44 -2.46 -47.99 2.52
N LYS B 45 -2.72 -47.56 3.76
CA LYS B 45 -4.07 -47.47 4.26
C LYS B 45 -4.66 -46.11 3.98
N SER B 46 -5.97 -46.02 3.92
CA SER B 46 -6.60 -44.75 3.68
C SER B 46 -8.05 -44.73 4.13
N THR B 47 -8.57 -43.54 4.32
CA THR B 47 -9.94 -43.34 4.69
C THR B 47 -10.79 -43.32 3.46
N PRO B 48 -12.11 -43.38 3.59
CA PRO B 48 -13.09 -43.27 2.52
C PRO B 48 -13.09 -41.85 1.97
N SER B 49 -12.60 -40.91 2.78
CA SER B 49 -12.44 -39.52 2.39
C SER B 49 -11.17 -39.30 1.61
N GLY B 50 -10.29 -40.29 1.56
CA GLY B 50 -9.04 -40.16 0.85
C GLY B 50 -7.90 -39.71 1.72
N PHE B 51 -8.16 -39.44 2.98
CA PHE B 51 -7.10 -39.02 3.88
C PHE B 51 -6.06 -40.13 4.10
N THR B 52 -4.76 -39.82 3.95
CA THR B 52 -3.74 -40.86 4.08
C THR B 52 -2.75 -40.64 5.22
N LEU B 53 -1.93 -41.65 5.47
CA LEU B 53 -0.92 -41.62 6.52
C LEU B 53 0.02 -40.44 6.40
N ASP B 54 0.41 -40.11 5.18
CA ASP B 54 1.32 -39.00 5.00
C ASP B 54 0.67 -37.67 5.28
N ASP B 55 -0.65 -37.64 5.41
CA ASP B 55 -1.33 -36.41 5.69
C ASP B 55 -1.51 -36.27 7.19
N VAL B 56 -1.82 -37.38 7.87
CA VAL B 56 -2.02 -37.32 9.30
C VAL B 56 -0.77 -36.98 10.08
N ILE B 57 0.42 -37.27 9.55
CA ILE B 57 1.62 -36.90 10.29
C ILE B 57 2.31 -35.70 9.73
N GLN B 58 1.70 -35.01 8.76
CA GLN B 58 2.41 -33.93 8.10
C GLN B 58 2.84 -32.80 9.00
N THR B 59 1.99 -32.42 9.94
CA THR B 59 2.32 -31.34 10.87
C THR B 59 3.45 -31.71 11.78
N GLY B 60 3.40 -32.92 12.30
CA GLY B 60 4.44 -33.41 13.17
C GLY B 60 5.79 -33.45 12.47
N VAL B 61 5.78 -33.67 11.16
CA VAL B 61 7.00 -33.63 10.37
C VAL B 61 7.49 -32.21 10.17
N ASP B 62 6.58 -31.34 9.76
CA ASP B 62 6.89 -29.94 9.51
C ASP B 62 7.46 -29.19 10.69
N ASN B 63 6.79 -29.29 11.83
CA ASN B 63 7.24 -28.57 12.99
C ASN B 63 8.04 -29.48 13.92
N PRO B 64 9.36 -29.30 13.98
CA PRO B 64 10.31 -30.11 14.75
C PRO B 64 9.98 -30.22 16.23
N GLY B 65 9.22 -29.27 16.75
CA GLY B 65 8.81 -29.30 18.14
C GLY B 65 9.75 -28.54 19.05
N HIS B 66 9.18 -27.95 20.09
CA HIS B 66 9.94 -27.23 21.08
C HIS B 66 10.76 -28.20 21.92
N PRO B 67 12.03 -27.94 22.18
CA PRO B 67 12.97 -28.74 22.93
C PRO B 67 12.44 -29.21 24.28
N TYR B 68 11.61 -28.40 24.93
CA TYR B 68 11.10 -28.77 26.24
C TYR B 68 9.58 -28.85 26.32
N ILE B 69 8.90 -28.59 25.22
CA ILE B 69 7.45 -28.63 25.26
C ILE B 69 6.92 -29.58 24.20
N MET B 70 6.35 -30.67 24.63
CA MET B 70 5.86 -31.66 23.70
C MET B 70 4.43 -31.42 23.27
N THR B 71 4.23 -31.53 21.95
CA THR B 71 2.94 -31.42 21.31
C THR B 71 2.69 -32.70 20.58
N VAL B 72 1.65 -32.76 19.76
CA VAL B 72 1.37 -34.02 19.11
C VAL B 72 1.85 -34.02 17.68
N GLY B 73 1.33 -33.10 16.88
CA GLY B 73 1.70 -33.02 15.48
C GLY B 73 0.83 -33.88 14.57
N CYS B 74 -0.28 -34.36 15.07
CA CYS B 74 -1.14 -35.16 14.21
C CYS B 74 -2.44 -34.48 13.99
N VAL B 75 -2.97 -34.63 12.81
CA VAL B 75 -4.20 -33.97 12.47
C VAL B 75 -5.18 -34.93 11.85
N ALA B 76 -6.39 -34.98 12.37
CA ALA B 76 -7.38 -35.87 11.81
C ALA B 76 -7.95 -35.34 10.53
N GLY B 77 -8.48 -36.22 9.70
CA GLY B 77 -9.08 -35.81 8.46
C GLY B 77 -10.58 -35.81 8.61
N ASP B 78 -11.06 -36.75 9.41
CA ASP B 78 -12.47 -36.91 9.70
C ASP B 78 -12.62 -37.90 10.83
N GLU B 79 -13.83 -38.11 11.33
CA GLU B 79 -14.02 -39.04 12.43
C GLU B 79 -13.46 -40.40 12.08
N GLU B 80 -13.75 -40.86 10.87
CA GLU B 80 -13.30 -42.16 10.41
C GLU B 80 -11.80 -42.32 10.49
N SER B 81 -11.05 -41.23 10.31
CA SER B 81 -9.60 -41.31 10.32
C SER B 81 -9.04 -41.66 11.69
N TYR B 82 -9.83 -41.47 12.75
CA TYR B 82 -9.37 -41.88 14.05
C TYR B 82 -9.42 -43.40 14.17
N GLU B 83 -10.32 -44.03 13.42
CA GLU B 83 -10.43 -45.46 13.38
C GLU B 83 -9.42 -46.07 12.42
N VAL B 84 -9.36 -45.50 11.23
CA VAL B 84 -8.48 -46.00 10.18
C VAL B 84 -7.05 -46.01 10.60
N PHE B 85 -6.59 -44.95 11.26
CA PHE B 85 -5.22 -44.91 11.68
C PHE B 85 -5.09 -45.06 13.18
N LYS B 86 -6.01 -45.79 13.80
CA LYS B 86 -5.98 -45.94 15.24
C LYS B 86 -4.74 -46.64 15.74
N ASP B 87 -4.06 -47.39 14.88
CA ASP B 87 -2.84 -48.03 15.30
C ASP B 87 -1.81 -46.98 15.65
N LEU B 88 -1.94 -45.80 15.06
CA LEU B 88 -1.10 -44.68 15.36
C LEU B 88 -1.72 -43.83 16.48
N PHE B 89 -2.99 -43.49 16.34
CA PHE B 89 -3.61 -42.58 17.29
C PHE B 89 -3.75 -43.12 18.69
N ASP B 90 -4.04 -44.41 18.83
CA ASP B 90 -4.27 -44.96 20.15
C ASP B 90 -3.11 -44.76 21.11
N PRO B 91 -1.86 -44.99 20.71
CA PRO B 91 -0.72 -44.79 21.57
C PRO B 91 -0.46 -43.31 21.73
N ILE B 92 -0.83 -42.52 20.73
CA ILE B 92 -0.66 -41.08 20.89
C ILE B 92 -1.56 -40.55 21.99
N ILE B 93 -2.82 -40.92 21.93
CA ILE B 93 -3.80 -40.46 22.90
C ILE B 93 -3.47 -40.94 24.27
N GLU B 94 -3.11 -42.21 24.39
CA GLU B 94 -2.77 -42.76 25.69
C GLU B 94 -1.67 -41.94 26.36
N ASP B 95 -0.63 -41.61 25.63
CA ASP B 95 0.42 -40.81 26.24
C ASP B 95 -0.02 -39.39 26.51
N ARG B 96 -0.75 -38.79 25.58
CA ARG B 96 -1.14 -37.40 25.73
C ARG B 96 -2.00 -37.10 26.93
N HIS B 97 -2.96 -37.97 27.21
CA HIS B 97 -3.85 -37.68 28.30
C HIS B 97 -3.53 -38.40 29.58
N GLY B 98 -2.29 -38.84 29.74
CA GLY B 98 -1.89 -39.43 31.01
C GLY B 98 -2.42 -40.83 31.27
N GLY B 99 -2.57 -41.64 30.23
CA GLY B 99 -2.99 -43.02 30.46
C GLY B 99 -4.40 -43.34 30.01
N TYR B 100 -5.06 -42.43 29.29
CA TYR B 100 -6.39 -42.74 28.77
C TYR B 100 -6.30 -44.03 27.97
N LYS B 101 -7.01 -45.05 28.42
CA LYS B 101 -6.93 -46.35 27.76
C LYS B 101 -7.91 -46.46 26.60
N PRO B 102 -7.60 -47.29 25.61
CA PRO B 102 -8.37 -47.56 24.41
C PRO B 102 -9.69 -48.24 24.73
N SER B 103 -9.78 -48.83 25.92
CA SER B 103 -10.99 -49.49 26.37
C SER B 103 -11.95 -48.54 27.09
N ASP B 104 -11.48 -47.35 27.47
CA ASP B 104 -12.27 -46.46 28.30
C ASP B 104 -13.46 -45.82 27.58
N GLU B 105 -14.56 -45.68 28.31
CA GLU B 105 -15.76 -45.02 27.80
C GLU B 105 -15.85 -43.63 28.39
N HIS B 106 -15.84 -42.62 27.55
CA HIS B 106 -15.89 -41.27 28.07
C HIS B 106 -17.32 -40.76 28.21
N LYS B 107 -17.58 -40.01 29.27
CA LYS B 107 -18.90 -39.47 29.55
C LYS B 107 -19.02 -37.98 29.19
N THR B 108 -20.24 -37.46 29.19
CA THR B 108 -20.50 -36.05 28.94
C THR B 108 -21.46 -35.54 29.99
N ASP B 109 -21.72 -34.22 30.00
CA ASP B 109 -22.65 -33.67 30.99
C ASP B 109 -23.02 -32.23 30.72
N LEU B 110 -24.19 -31.99 30.13
CA LEU B 110 -24.66 -30.63 29.88
C LEU B 110 -25.75 -30.19 30.84
N ASN B 111 -25.65 -30.62 32.08
CA ASN B 111 -26.62 -30.24 33.10
C ASN B 111 -25.94 -29.50 34.24
N PRO B 112 -25.90 -28.16 34.19
CA PRO B 112 -25.31 -27.23 35.14
C PRO B 112 -25.68 -27.54 36.56
N ASP B 113 -26.84 -28.14 36.76
CA ASP B 113 -27.32 -28.56 38.05
C ASP B 113 -26.32 -29.39 38.84
N ASN B 114 -25.45 -30.12 38.16
CA ASN B 114 -24.46 -30.92 38.85
C ASN B 114 -23.30 -30.11 39.42
N LEU B 115 -23.12 -28.88 38.95
CA LEU B 115 -22.04 -28.04 39.43
C LEU B 115 -22.35 -27.45 40.78
N GLN B 116 -21.62 -27.88 41.78
CA GLN B 116 -21.90 -27.44 43.13
C GLN B 116 -21.19 -26.16 43.44
N GLY B 117 -21.83 -25.07 43.08
CA GLY B 117 -21.28 -23.74 43.33
C GLY B 117 -20.96 -23.05 42.01
N GLY B 118 -19.97 -22.15 42.05
CA GLY B 118 -19.54 -21.42 40.86
C GLY B 118 -20.32 -20.12 40.68
N ASP B 119 -21.33 -19.90 41.52
CA ASP B 119 -22.15 -18.71 41.45
C ASP B 119 -21.42 -17.49 41.98
N ASP B 120 -20.59 -17.70 43.00
CA ASP B 120 -19.83 -16.62 43.63
C ASP B 120 -18.40 -16.99 43.87
N LEU B 121 -17.52 -16.52 42.99
CA LEU B 121 -16.11 -16.79 43.12
C LEU B 121 -15.30 -15.64 43.68
N ASP B 122 -15.95 -14.61 44.22
CA ASP B 122 -15.26 -13.43 44.74
C ASP B 122 -14.63 -12.53 43.68
N PRO B 123 -15.37 -11.52 43.20
CA PRO B 123 -15.03 -10.49 42.23
C PRO B 123 -13.75 -9.72 42.55
N ASN B 124 -13.25 -9.83 43.79
CA ASN B 124 -12.01 -9.16 44.15
C ASN B 124 -10.80 -9.81 43.49
N TYR B 125 -10.93 -11.08 43.15
CA TYR B 125 -9.84 -11.80 42.52
C TYR B 125 -10.23 -12.33 41.16
N VAL B 126 -11.51 -12.59 40.97
CA VAL B 126 -11.91 -13.03 39.67
C VAL B 126 -12.26 -11.87 38.82
N LEU B 127 -11.47 -11.67 37.80
CA LEU B 127 -11.65 -10.55 36.93
C LEU B 127 -12.67 -10.92 35.90
N SER B 128 -12.53 -12.12 35.36
CA SER B 128 -13.48 -12.60 34.37
C SER B 128 -13.30 -14.08 34.10
N SER B 129 -14.26 -14.68 33.42
CA SER B 129 -14.19 -16.10 33.15
C SER B 129 -14.91 -16.51 31.89
N ARG B 130 -14.43 -17.61 31.28
CA ARG B 130 -15.02 -18.09 30.05
C ARG B 130 -14.97 -19.58 29.89
N VAL B 131 -15.80 -20.09 28.99
CA VAL B 131 -15.84 -21.49 28.64
C VAL B 131 -15.68 -21.62 27.15
N ARG B 132 -14.67 -22.35 26.71
CA ARG B 132 -14.47 -22.52 25.29
C ARG B 132 -14.56 -23.96 24.90
N THR B 133 -15.18 -24.23 23.76
CA THR B 133 -15.20 -25.59 23.24
C THR B 133 -15.35 -25.57 21.75
N GLY B 134 -15.61 -26.74 21.18
CA GLY B 134 -15.81 -26.80 19.76
C GLY B 134 -16.48 -28.08 19.34
N ARG B 135 -17.05 -28.07 18.17
CA ARG B 135 -17.76 -29.22 17.65
C ARG B 135 -17.46 -29.37 16.17
N SER B 136 -17.91 -30.47 15.60
CA SER B 136 -17.76 -30.69 14.17
C SER B 136 -18.98 -31.41 13.67
N ILE B 137 -19.32 -31.23 12.40
CA ILE B 137 -20.56 -31.85 11.93
C ILE B 137 -20.31 -33.20 11.29
N ARG B 138 -20.97 -34.22 11.81
CA ARG B 138 -20.78 -35.57 11.29
C ARG B 138 -21.26 -35.59 9.85
N GLY B 139 -20.40 -36.07 8.97
CA GLY B 139 -20.76 -36.12 7.55
C GLY B 139 -19.88 -35.20 6.71
N PHE B 140 -19.25 -34.24 7.36
CA PHE B 140 -18.34 -33.36 6.66
C PHE B 140 -16.94 -33.64 7.10
N CYS B 141 -15.99 -33.36 6.25
CA CYS B 141 -14.62 -33.57 6.61
C CYS B 141 -14.20 -32.50 7.56
N LEU B 142 -13.16 -32.76 8.33
CA LEU B 142 -12.65 -31.76 9.21
C LEU B 142 -11.84 -30.78 8.37
N PRO B 143 -11.86 -29.48 8.71
CA PRO B 143 -11.19 -28.37 8.01
C PRO B 143 -10.02 -28.74 7.07
N PRO B 144 -8.94 -29.46 7.50
CA PRO B 144 -7.79 -29.80 6.67
C PRO B 144 -8.15 -30.36 5.31
N HIS B 145 -9.26 -31.09 5.20
CA HIS B 145 -9.66 -31.64 3.91
C HIS B 145 -11.02 -31.23 3.43
N CYS B 146 -11.50 -30.09 3.89
CA CYS B 146 -12.76 -29.60 3.39
C CYS B 146 -12.63 -29.02 2.00
N SER B 147 -13.62 -29.25 1.17
CA SER B 147 -13.63 -28.59 -0.11
C SER B 147 -14.23 -27.25 0.13
N ARG B 148 -14.16 -26.38 -0.85
CA ARG B 148 -14.79 -25.09 -0.68
C ARG B 148 -16.28 -25.27 -0.58
N GLY B 149 -16.81 -26.21 -1.35
CA GLY B 149 -18.22 -26.55 -1.31
C GLY B 149 -18.61 -27.01 0.08
N GLU B 150 -17.79 -27.88 0.68
CA GLU B 150 -18.08 -28.37 2.02
C GLU B 150 -18.01 -27.27 3.04
N ARG B 151 -16.97 -26.46 2.95
CA ARG B 151 -16.80 -25.37 3.88
C ARG B 151 -17.98 -24.43 3.80
N ARG B 152 -18.41 -24.13 2.59
CA ARG B 152 -19.54 -23.26 2.37
C ARG B 152 -20.84 -23.90 2.81
N ALA B 153 -20.98 -25.21 2.62
CA ALA B 153 -22.19 -25.91 3.06
C ALA B 153 -22.35 -25.81 4.56
N ILE B 154 -21.23 -25.96 5.27
CA ILE B 154 -21.26 -25.84 6.71
C ILE B 154 -21.61 -24.45 7.12
N GLU B 155 -20.99 -23.46 6.48
CA GLU B 155 -21.30 -22.08 6.80
C GLU B 155 -22.77 -21.83 6.68
N LYS B 156 -23.36 -22.25 5.57
CA LYS B 156 -24.77 -22.06 5.34
C LYS B 156 -25.58 -22.61 6.50
N LEU B 157 -25.31 -23.84 6.90
CA LEU B 157 -26.05 -24.44 8.01
C LEU B 157 -25.89 -23.67 9.29
N ALA B 158 -24.66 -23.26 9.59
CA ALA B 158 -24.39 -22.58 10.83
C ALA B 158 -25.12 -21.27 10.90
N VAL B 159 -25.09 -20.52 9.82
CA VAL B 159 -25.74 -19.23 9.81
C VAL B 159 -27.23 -19.38 9.91
N GLU B 160 -27.80 -20.30 9.16
CA GLU B 160 -29.24 -20.49 9.23
C GLU B 160 -29.69 -20.81 10.64
N ALA B 161 -29.04 -21.77 11.26
CA ALA B 161 -29.41 -22.16 12.60
C ALA B 161 -29.19 -21.04 13.61
N LEU B 162 -28.04 -20.38 13.56
CA LEU B 162 -27.74 -19.32 14.51
C LEU B 162 -28.70 -18.15 14.40
N SER B 163 -29.17 -17.87 13.18
CA SER B 163 -30.10 -16.79 12.97
C SER B 163 -31.47 -17.04 13.60
N SER B 164 -31.78 -18.30 13.92
CA SER B 164 -33.06 -18.61 14.51
C SER B 164 -33.01 -18.54 16.03
N LEU B 165 -31.85 -18.23 16.60
CA LEU B 165 -31.75 -18.11 18.04
C LEU B 165 -32.27 -16.76 18.51
N ASP B 166 -32.92 -16.74 19.67
CA ASP B 166 -33.43 -15.49 20.20
C ASP B 166 -33.08 -15.33 21.69
N GLY B 167 -33.80 -14.47 22.39
CA GLY B 167 -33.55 -14.24 23.81
C GLY B 167 -32.13 -13.75 23.99
N ASP B 168 -31.41 -14.37 24.90
CA ASP B 168 -30.02 -14.02 25.14
C ASP B 168 -29.12 -14.49 24.00
N LEU B 169 -29.67 -15.33 23.12
CA LEU B 169 -28.94 -15.79 21.98
C LEU B 169 -29.32 -15.06 20.72
N ALA B 170 -30.07 -13.97 20.82
CA ALA B 170 -30.33 -13.20 19.62
C ALA B 170 -29.01 -12.58 19.22
N GLY B 171 -28.73 -12.48 17.92
CA GLY B 171 -27.43 -11.95 17.52
C GLY B 171 -27.28 -11.65 16.03
N ARG B 172 -26.03 -11.56 15.59
CA ARG B 172 -25.68 -11.20 14.23
C ARG B 172 -24.47 -11.92 13.67
N TYR B 173 -24.56 -12.34 12.41
CA TYR B 173 -23.45 -13.00 11.74
C TYR B 173 -22.63 -12.03 10.90
N TYR B 174 -21.32 -12.04 11.11
CA TYR B 174 -20.39 -11.19 10.40
C TYR B 174 -19.46 -12.03 9.54
N ALA B 175 -19.73 -12.15 8.26
CA ALA B 175 -18.79 -12.90 7.43
C ALA B 175 -17.51 -12.11 7.28
N LEU B 176 -16.36 -12.77 7.40
CA LEU B 176 -15.09 -12.07 7.23
C LEU B 176 -14.92 -11.57 5.83
N LYS B 177 -15.47 -12.31 4.88
CA LYS B 177 -15.41 -11.97 3.47
C LYS B 177 -15.76 -10.52 3.14
N SER B 178 -16.65 -9.90 3.91
CA SER B 178 -17.04 -8.54 3.59
C SER B 178 -17.20 -7.70 4.83
N MET B 179 -16.33 -7.92 5.80
CA MET B 179 -16.36 -7.14 7.03
C MET B 179 -15.82 -5.73 6.80
N THR B 180 -16.59 -4.74 7.22
CA THR B 180 -16.18 -3.34 7.10
C THR B 180 -15.36 -2.97 8.32
N GLU B 181 -14.28 -2.23 8.07
CA GLU B 181 -13.33 -1.83 9.12
C GLU B 181 -13.97 -1.32 10.40
N ALA B 182 -15.08 -0.60 10.29
CA ALA B 182 -15.75 -0.08 11.47
C ALA B 182 -16.11 -1.18 12.47
N GLU B 183 -16.92 -2.16 12.05
CA GLU B 183 -17.25 -3.22 12.98
C GLU B 183 -16.08 -4.13 13.21
N GLN B 184 -15.13 -4.13 12.28
CA GLN B 184 -13.93 -4.91 12.47
C GLN B 184 -13.25 -4.41 13.72
N GLN B 185 -13.12 -3.09 13.82
CA GLN B 185 -12.50 -2.49 14.98
C GLN B 185 -13.25 -2.82 16.24
N GLN B 186 -14.57 -2.85 16.18
CA GLN B 186 -15.37 -3.19 17.35
C GLN B 186 -15.08 -4.61 17.81
N LEU B 187 -15.02 -5.53 16.87
CA LEU B 187 -14.78 -6.92 17.18
C LEU B 187 -13.35 -7.10 17.68
N ILE B 188 -12.43 -6.27 17.19
CA ILE B 188 -11.07 -6.28 17.69
C ILE B 188 -11.04 -5.83 19.12
N ASP B 189 -11.74 -4.74 19.42
CA ASP B 189 -11.79 -4.18 20.76
C ASP B 189 -12.27 -5.19 21.77
N ASP B 190 -13.25 -5.99 21.38
CA ASP B 190 -13.81 -6.99 22.27
C ASP B 190 -13.14 -8.36 22.19
N HIS B 191 -12.02 -8.48 21.46
CA HIS B 191 -11.33 -9.75 21.28
C HIS B 191 -12.20 -10.81 20.63
N PHE B 192 -13.16 -10.40 19.82
CA PHE B 192 -14.06 -11.33 19.17
C PHE B 192 -13.48 -11.78 17.84
N LEU B 193 -12.88 -10.83 17.14
CA LEU B 193 -12.34 -11.06 15.81
C LEU B 193 -11.15 -12.01 15.79
N PHE B 194 -11.17 -12.92 14.82
CA PHE B 194 -10.07 -13.84 14.60
C PHE B 194 -9.59 -13.81 13.17
N ASP B 195 -8.32 -13.45 13.00
CA ASP B 195 -7.67 -13.29 11.71
C ASP B 195 -7.02 -14.60 11.28
N LYS B 196 -6.38 -14.59 10.12
CA LYS B 196 -5.71 -15.75 9.56
C LYS B 196 -4.71 -16.34 10.54
N PRO B 197 -4.70 -17.66 10.74
CA PRO B 197 -3.79 -18.43 11.57
C PRO B 197 -2.36 -18.09 11.24
N VAL B 198 -1.54 -17.99 12.27
CA VAL B 198 -0.15 -17.58 12.13
C VAL B 198 0.83 -18.56 12.74
N SER B 199 0.58 -19.84 12.61
CA SER B 199 1.49 -20.81 13.21
C SER B 199 1.58 -22.06 12.38
N PRO B 200 2.79 -22.62 12.22
CA PRO B 200 3.12 -23.81 11.47
C PRO B 200 2.36 -25.02 12.01
N LEU B 201 1.97 -24.96 13.28
CA LEU B 201 1.19 -26.05 13.84
C LEU B 201 -0.20 -26.11 13.24
N LEU B 202 -0.65 -24.99 12.71
CA LEU B 202 -1.94 -24.94 12.06
C LEU B 202 -1.77 -24.92 10.56
N LEU B 203 -0.78 -24.17 10.08
CA LEU B 203 -0.56 -24.01 8.66
C LEU B 203 -0.23 -25.31 7.98
N ALA B 204 0.51 -26.18 8.65
CA ALA B 204 0.89 -27.46 8.08
C ALA B 204 -0.31 -28.34 7.75
N SER B 205 -1.47 -28.08 8.33
CA SER B 205 -2.65 -28.87 8.04
C SER B 205 -3.32 -28.44 6.77
N GLY B 206 -3.00 -27.24 6.29
CA GLY B 206 -3.64 -26.70 5.10
C GLY B 206 -4.96 -26.01 5.42
N MET B 207 -5.31 -25.91 6.70
CA MET B 207 -6.57 -25.31 7.15
C MET B 207 -6.72 -23.83 6.85
N ALA B 208 -5.62 -23.15 6.56
CA ALA B 208 -5.64 -21.73 6.27
C ALA B 208 -5.88 -21.46 4.79
N ARG B 209 -6.03 -22.48 3.98
CA ARG B 209 -6.24 -22.24 2.57
C ARG B 209 -7.57 -21.59 2.31
N ASP B 210 -7.61 -20.81 1.25
CA ASP B 210 -8.78 -20.08 0.81
C ASP B 210 -9.28 -19.06 1.84
N TRP B 211 -8.45 -18.70 2.82
CA TRP B 211 -8.82 -17.75 3.86
C TRP B 211 -9.21 -16.40 3.28
N PRO B 212 -10.32 -15.81 3.69
CA PRO B 212 -11.32 -16.22 4.66
C PRO B 212 -12.62 -16.63 4.00
N ASP B 213 -12.53 -17.37 2.91
CA ASP B 213 -13.74 -17.79 2.25
C ASP B 213 -14.54 -18.63 3.21
N ALA B 214 -15.81 -18.26 3.37
CA ALA B 214 -16.76 -18.93 4.26
C ALA B 214 -16.36 -18.93 5.73
N ARG B 215 -15.46 -18.05 6.13
CA ARG B 215 -15.13 -17.95 7.53
C ARG B 215 -15.89 -16.77 8.11
N GLY B 216 -16.31 -16.87 9.36
CA GLY B 216 -17.01 -15.71 9.94
C GLY B 216 -17.37 -15.88 11.40
N ILE B 217 -17.93 -14.83 11.97
CA ILE B 217 -18.26 -14.81 13.38
C ILE B 217 -19.67 -14.42 13.68
N TRP B 218 -20.33 -15.22 14.48
CA TRP B 218 -21.66 -14.89 14.94
C TRP B 218 -21.62 -14.58 16.40
N HIS B 219 -22.30 -13.54 16.83
CA HIS B 219 -22.31 -13.33 18.26
C HIS B 219 -23.63 -12.75 18.70
N ASN B 220 -23.91 -12.90 19.99
CA ASN B 220 -25.17 -12.41 20.50
C ASN B 220 -25.10 -10.95 20.88
N ASP B 221 -26.27 -10.36 21.05
CA ASP B 221 -26.41 -8.95 21.36
C ASP B 221 -25.82 -8.54 22.68
N ASN B 222 -25.74 -9.46 23.62
CA ASN B 222 -25.20 -9.13 24.92
C ASN B 222 -23.71 -9.36 25.00
N LYS B 223 -23.09 -9.79 23.89
CA LYS B 223 -21.66 -10.02 23.85
C LYS B 223 -21.19 -11.05 24.86
N THR B 224 -21.84 -12.21 24.88
CA THR B 224 -21.43 -13.27 25.76
C THR B 224 -21.15 -14.56 24.99
N PHE B 225 -21.71 -14.68 23.79
CA PHE B 225 -21.44 -15.84 22.95
C PHE B 225 -20.84 -15.53 21.62
N LEU B 226 -19.76 -16.26 21.33
CA LEU B 226 -19.12 -16.14 20.05
C LEU B 226 -19.14 -17.45 19.35
N VAL B 227 -19.51 -17.45 18.10
CA VAL B 227 -19.43 -18.68 17.37
C VAL B 227 -18.49 -18.50 16.22
N TRP B 228 -17.32 -19.12 16.29
CA TRP B 228 -16.41 -18.99 15.17
C TRP B 228 -16.80 -20.04 14.18
N VAL B 229 -17.03 -19.63 12.95
CA VAL B 229 -17.49 -20.56 11.94
C VAL B 229 -16.42 -20.88 10.92
N ASN B 230 -16.05 -22.15 10.87
CA ASN B 230 -15.05 -22.68 9.95
C ASN B 230 -13.70 -22.06 10.13
N GLU B 231 -13.33 -21.69 11.35
CA GLU B 231 -12.03 -21.05 11.55
C GLU B 231 -11.02 -22.02 12.12
N GLU B 232 -10.80 -22.00 13.41
CA GLU B 232 -9.82 -22.92 13.98
C GLU B 232 -10.33 -24.38 13.95
N ASP B 233 -11.63 -24.56 13.81
CA ASP B 233 -12.26 -25.86 13.66
C ASP B 233 -13.64 -25.56 13.07
N HIS B 234 -14.53 -26.55 12.93
CA HIS B 234 -15.85 -26.26 12.37
C HIS B 234 -16.57 -25.21 13.21
N LEU B 235 -16.96 -25.59 14.41
CA LEU B 235 -17.64 -24.64 15.25
C LEU B 235 -16.92 -24.44 16.55
N ARG B 236 -16.61 -23.21 16.88
CA ARG B 236 -16.09 -22.93 18.21
C ARG B 236 -17.10 -22.15 18.98
N VAL B 237 -17.29 -22.53 20.23
CA VAL B 237 -18.22 -21.83 21.06
C VAL B 237 -17.48 -21.21 22.21
N ILE B 238 -17.59 -19.90 22.31
CA ILE B 238 -16.97 -19.19 23.40
C ILE B 238 -18.03 -18.51 24.21
N SER B 239 -18.13 -18.90 25.46
CA SER B 239 -19.09 -18.29 26.36
C SER B 239 -18.33 -17.51 27.39
N MET B 240 -18.63 -16.24 27.57
CA MET B 240 -17.87 -15.52 28.58
C MET B 240 -18.59 -14.35 29.19
N GLN B 241 -18.14 -14.00 30.39
CA GLN B 241 -18.70 -12.89 31.14
C GLN B 241 -17.71 -12.41 32.19
N LYS B 242 -17.75 -11.13 32.49
CA LYS B 242 -16.89 -10.58 33.50
C LYS B 242 -17.42 -10.94 34.87
N GLY B 243 -16.55 -10.97 35.85
CA GLY B 243 -16.97 -11.31 37.20
C GLY B 243 -16.78 -12.78 37.47
N GLY B 244 -17.17 -13.21 38.67
CA GLY B 244 -16.97 -14.58 39.10
C GLY B 244 -18.24 -15.37 39.26
N ASN B 245 -19.05 -15.42 38.21
CA ASN B 245 -20.25 -16.22 38.27
C ASN B 245 -20.26 -17.23 37.15
N MET B 246 -19.41 -18.23 37.29
CA MET B 246 -19.27 -19.28 36.31
C MET B 246 -20.52 -20.08 36.17
N LYS B 247 -21.26 -20.24 37.27
CA LYS B 247 -22.48 -21.00 37.23
C LYS B 247 -23.40 -20.45 36.17
N GLU B 248 -23.51 -19.12 36.13
CA GLU B 248 -24.29 -18.46 35.09
C GLU B 248 -23.69 -18.62 33.71
N VAL B 249 -22.38 -18.45 33.62
CA VAL B 249 -21.70 -18.59 32.34
C VAL B 249 -21.96 -19.94 31.77
N PHE B 250 -21.71 -20.94 32.60
CA PHE B 250 -21.85 -22.33 32.28
C PHE B 250 -23.30 -22.67 32.00
N THR B 251 -24.23 -22.10 32.78
CA THR B 251 -25.64 -22.35 32.53
C THR B 251 -26.03 -21.91 31.16
N ARG B 252 -25.62 -20.71 30.78
CA ARG B 252 -25.94 -20.27 29.45
C ARG B 252 -25.25 -21.13 28.43
N PHE B 253 -24.00 -21.47 28.72
CA PHE B 253 -23.22 -22.29 27.81
C PHE B 253 -23.87 -23.60 27.48
N CYS B 254 -24.24 -24.34 28.51
CA CYS B 254 -24.84 -25.64 28.34
C CYS B 254 -26.17 -25.57 27.62
N THR B 255 -27.03 -24.67 28.07
CA THR B 255 -28.35 -24.59 27.49
C THR B 255 -28.35 -23.95 26.13
N GLY B 256 -27.43 -23.04 25.90
CA GLY B 256 -27.33 -22.40 24.62
C GLY B 256 -26.83 -23.40 23.61
N LEU B 257 -25.82 -24.15 24.02
CA LEU B 257 -25.23 -25.17 23.18
C LEU B 257 -26.27 -26.21 22.83
N THR B 258 -27.05 -26.63 23.81
CA THR B 258 -28.11 -27.59 23.59
C THR B 258 -29.08 -27.10 22.53
N GLN B 259 -29.44 -25.82 22.59
CA GLN B 259 -30.36 -25.25 21.62
C GLN B 259 -29.80 -25.27 20.21
N ILE B 260 -28.55 -24.84 20.04
CA ILE B 260 -28.03 -24.85 18.69
C ILE B 260 -27.86 -26.27 18.17
N GLU B 261 -27.58 -27.21 19.07
CA GLU B 261 -27.49 -28.61 18.69
C GLU B 261 -28.82 -29.09 18.19
N THR B 262 -29.87 -28.75 18.95
CA THR B 262 -31.24 -29.10 18.62
C THR B 262 -31.59 -28.64 17.21
N LEU B 263 -31.21 -27.40 16.91
CA LEU B 263 -31.48 -26.83 15.62
C LEU B 263 -30.78 -27.58 14.50
N PHE B 264 -29.54 -28.03 14.73
CA PHE B 264 -28.90 -28.81 13.69
C PHE B 264 -29.62 -30.12 13.51
N LYS B 265 -30.08 -30.70 14.62
CA LYS B 265 -30.82 -31.95 14.56
C LYS B 265 -32.17 -31.80 13.87
N SER B 266 -32.75 -30.61 13.92
CA SER B 266 -34.00 -30.38 13.18
C SER B 266 -33.74 -30.40 11.68
N LYS B 267 -32.48 -30.28 11.27
CA LYS B 267 -32.07 -30.29 9.89
C LYS B 267 -31.37 -31.59 9.50
N ASP B 268 -31.45 -32.61 10.36
CA ASP B 268 -30.80 -33.90 10.15
C ASP B 268 -29.27 -33.86 10.23
N TYR B 269 -28.73 -32.99 11.07
CA TYR B 269 -27.28 -32.96 11.26
C TYR B 269 -26.97 -33.15 12.72
N GLU B 270 -25.78 -33.62 13.00
CA GLU B 270 -25.43 -33.83 14.37
C GLU B 270 -23.95 -33.71 14.56
N PHE B 271 -23.54 -33.49 15.78
CA PHE B 271 -22.15 -33.34 16.09
C PHE B 271 -21.43 -34.66 16.09
N MET B 272 -20.18 -34.67 15.67
CA MET B 272 -19.41 -35.90 15.70
C MET B 272 -19.20 -36.28 17.14
N TRP B 273 -19.61 -37.49 17.46
CA TRP B 273 -19.51 -37.98 18.82
C TRP B 273 -19.60 -39.48 18.91
N ASN B 274 -18.75 -40.07 19.74
CA ASN B 274 -18.84 -41.48 19.98
C ASN B 274 -18.40 -41.77 21.40
N PRO B 275 -18.83 -42.88 21.99
CA PRO B 275 -18.60 -43.34 23.36
C PRO B 275 -17.14 -43.42 23.79
N HIS B 276 -16.22 -43.51 22.84
CA HIS B 276 -14.83 -43.67 23.19
C HIS B 276 -14.06 -42.37 23.18
N LEU B 277 -14.16 -41.62 22.09
CA LEU B 277 -13.45 -40.37 21.99
C LEU B 277 -14.29 -39.15 22.30
N GLY B 278 -15.57 -39.34 22.61
CA GLY B 278 -16.43 -38.22 22.92
C GLY B 278 -16.60 -37.38 21.68
N TYR B 279 -16.46 -36.07 21.81
CA TYR B 279 -16.61 -35.19 20.67
C TYR B 279 -15.34 -35.12 19.84
N ILE B 280 -15.53 -35.05 18.53
CA ILE B 280 -14.41 -35.10 17.61
C ILE B 280 -13.94 -33.77 17.03
N LEU B 281 -12.66 -33.49 17.26
CA LEU B 281 -11.98 -32.33 16.70
C LEU B 281 -10.73 -32.74 15.92
N THR B 282 -10.10 -31.78 15.23
CA THR B 282 -8.92 -32.11 14.43
C THR B 282 -7.70 -32.46 15.22
N CYS B 283 -7.53 -31.85 16.37
CA CYS B 283 -6.35 -32.15 17.15
C CYS B 283 -6.71 -33.16 18.20
N PRO B 284 -6.04 -34.31 18.22
CA PRO B 284 -6.30 -35.44 19.11
C PRO B 284 -6.23 -35.05 20.58
N SER B 285 -5.47 -34.00 20.93
CA SER B 285 -5.39 -33.59 22.32
C SER B 285 -6.71 -33.05 22.83
N ASN B 286 -7.58 -32.65 21.91
CA ASN B 286 -8.83 -32.06 22.28
C ASN B 286 -10.00 -33.02 22.16
N LEU B 287 -9.74 -34.31 22.07
CA LEU B 287 -10.84 -35.26 21.98
C LEU B 287 -11.51 -35.46 23.31
N GLY B 288 -12.83 -35.66 23.30
CA GLY B 288 -13.58 -35.94 24.52
C GLY B 288 -14.60 -34.87 24.82
N THR B 289 -14.25 -33.98 25.74
CA THR B 289 -15.14 -32.90 26.08
C THR B 289 -14.80 -31.75 25.21
N GLY B 290 -13.53 -31.42 25.24
CA GLY B 290 -13.04 -30.30 24.47
C GLY B 290 -13.31 -28.98 25.20
N LEU B 291 -13.54 -29.03 26.53
CA LEU B 291 -13.82 -27.79 27.25
C LEU B 291 -12.60 -27.09 27.76
N ARG B 292 -12.65 -25.78 27.71
CA ARG B 292 -11.62 -24.99 28.32
C ARG B 292 -12.26 -23.94 29.17
N ALA B 293 -12.47 -24.25 30.43
CA ALA B 293 -13.00 -23.22 31.30
C ALA B 293 -11.82 -22.50 31.89
N GLY B 294 -11.87 -21.19 31.87
CA GLY B 294 -10.74 -20.41 32.35
C GLY B 294 -11.15 -19.17 33.10
N VAL B 295 -10.33 -18.81 34.06
CA VAL B 295 -10.59 -17.68 34.90
C VAL B 295 -9.38 -16.77 34.99
N HIS B 296 -9.59 -15.47 34.80
CA HIS B 296 -8.50 -14.52 34.97
C HIS B 296 -8.46 -14.21 36.42
N ILE B 297 -7.38 -14.67 37.06
CA ILE B 297 -7.28 -14.60 38.50
C ILE B 297 -6.14 -13.71 38.89
N LYS B 298 -6.44 -12.64 39.59
CA LYS B 298 -5.43 -11.70 40.02
C LYS B 298 -4.66 -12.27 41.20
N LEU B 299 -3.40 -12.65 41.00
CA LEU B 299 -2.64 -13.24 42.09
C LEU B 299 -1.29 -12.61 42.30
N PRO B 300 -1.25 -11.34 42.70
CA PRO B 300 -0.05 -10.53 42.89
C PRO B 300 0.93 -11.15 43.89
N ASN B 301 0.44 -11.94 44.82
CA ASN B 301 1.31 -12.59 45.79
C ASN B 301 1.55 -14.03 45.44
N LEU B 302 0.46 -14.76 45.22
CA LEU B 302 0.52 -16.19 44.96
C LEU B 302 1.31 -16.55 43.73
N GLY B 303 1.25 -15.73 42.68
CA GLY B 303 2.00 -15.98 41.47
C GLY B 303 3.52 -15.97 41.68
N LYS B 304 3.98 -15.39 42.79
CA LYS B 304 5.39 -15.36 43.09
C LYS B 304 5.81 -16.46 44.06
N HIS B 305 4.83 -17.22 44.57
CA HIS B 305 5.15 -18.28 45.49
C HIS B 305 5.77 -19.45 44.76
N GLU B 306 6.83 -20.01 45.32
CA GLU B 306 7.59 -21.08 44.69
C GLU B 306 6.87 -22.40 44.47
N LYS B 307 5.73 -22.62 45.10
CA LYS B 307 5.02 -23.87 44.88
C LYS B 307 3.77 -23.69 44.03
N PHE B 308 3.52 -22.45 43.58
CA PHE B 308 2.35 -22.13 42.76
C PHE B 308 2.10 -23.22 41.74
N SER B 309 3.00 -23.30 40.77
CA SER B 309 3.08 -24.38 39.79
C SER B 309 2.39 -25.66 40.24
N GLU B 310 3.05 -26.32 41.20
CA GLU B 310 2.62 -27.59 41.79
C GLU B 310 1.21 -27.59 42.27
N VAL B 311 0.79 -26.51 42.91
CA VAL B 311 -0.58 -26.46 43.38
C VAL B 311 -1.54 -26.58 42.22
N LEU B 312 -1.27 -25.83 41.15
CA LEU B 312 -2.15 -25.92 39.98
C LEU B 312 -2.10 -27.30 39.38
N LYS B 313 -0.91 -27.89 39.38
CA LYS B 313 -0.73 -29.23 38.87
C LYS B 313 -1.64 -30.19 39.60
N ARG B 314 -1.64 -30.10 40.92
CA ARG B 314 -2.48 -30.95 41.74
C ARG B 314 -3.96 -30.67 41.52
N LEU B 315 -4.28 -29.43 41.20
CA LEU B 315 -5.64 -29.04 40.89
C LEU B 315 -6.01 -29.33 39.45
N ARG B 316 -5.06 -29.84 38.67
CA ARG B 316 -5.24 -30.14 37.26
C ARG B 316 -5.59 -28.89 36.48
N LEU B 317 -4.98 -27.79 36.86
CA LEU B 317 -5.18 -26.52 36.22
C LEU B 317 -3.87 -26.06 35.59
N GLN B 318 -3.95 -25.27 34.55
CA GLN B 318 -2.72 -24.82 33.89
C GLN B 318 -2.50 -23.35 34.09
N LYS B 319 -1.22 -23.00 34.14
CA LYS B 319 -0.74 -21.65 34.33
C LYS B 319 -0.46 -20.95 33.03
N ARG B 320 -1.47 -20.54 32.29
CA ARG B 320 -1.09 -19.80 31.10
C ARG B 320 -0.91 -18.35 31.44
N VAL B 333 -1.42 -11.65 36.94
CA VAL B 333 -2.78 -12.11 36.65
C VAL B 333 -2.60 -13.27 35.69
N PHE B 334 -3.23 -14.39 35.97
CA PHE B 334 -3.01 -15.54 35.10
C PHE B 334 -4.28 -16.04 34.48
N ASP B 335 -4.15 -16.69 33.33
CA ASP B 335 -5.29 -17.35 32.73
C ASP B 335 -5.24 -18.77 33.24
N VAL B 336 -5.93 -19.03 34.32
CA VAL B 336 -5.90 -20.37 34.87
C VAL B 336 -7.05 -21.13 34.31
N SER B 337 -6.76 -22.31 33.77
CA SER B 337 -7.83 -23.07 33.16
C SER B 337 -7.67 -24.56 33.38
N ASN B 338 -8.69 -25.32 33.04
CA ASN B 338 -8.60 -26.75 33.27
C ASN B 338 -7.60 -27.42 32.36
N ALA B 339 -6.53 -27.96 32.96
CA ALA B 339 -5.48 -28.64 32.20
C ALA B 339 -5.86 -30.08 31.86
N ASP B 340 -6.81 -30.22 30.94
CA ASP B 340 -7.29 -31.51 30.50
C ASP B 340 -8.37 -31.28 29.45
N ARG B 341 -8.99 -32.34 29.00
CA ARG B 341 -10.03 -32.35 27.98
C ARG B 341 -10.64 -33.73 27.80
N LEU B 342 -10.02 -34.76 28.41
CA LEU B 342 -10.43 -36.15 28.25
C LEU B 342 -10.09 -36.96 29.50
N GLY B 343 -11.10 -37.55 30.11
CA GLY B 343 -10.88 -38.37 31.29
C GLY B 343 -11.96 -38.20 32.34
N PHE B 344 -12.90 -37.29 32.09
CA PHE B 344 -13.95 -36.97 33.04
C PHE B 344 -14.97 -36.02 32.44
N SER B 345 -16.14 -35.97 33.04
CA SER B 345 -17.26 -35.20 32.50
C SER B 345 -17.06 -33.70 32.48
N GLU B 346 -17.92 -33.06 31.70
CA GLU B 346 -17.93 -31.62 31.49
C GLU B 346 -18.13 -30.87 32.78
N VAL B 347 -19.07 -31.34 33.59
CA VAL B 347 -19.29 -30.70 34.85
C VAL B 347 -18.14 -30.94 35.79
N GLU B 348 -17.64 -32.17 35.85
CA GLU B 348 -16.51 -32.45 36.70
C GLU B 348 -15.38 -31.49 36.40
N LEU B 349 -15.17 -31.25 35.12
CA LEU B 349 -14.13 -30.38 34.63
C LEU B 349 -14.27 -28.97 35.20
N VAL B 350 -15.43 -28.33 35.04
CA VAL B 350 -15.56 -26.97 35.55
C VAL B 350 -15.62 -26.94 37.07
N GLN B 351 -16.05 -28.06 37.68
CA GLN B 351 -16.09 -28.16 39.14
C GLN B 351 -14.69 -27.99 39.68
N MET B 352 -13.71 -28.61 38.99
CA MET B 352 -12.33 -28.50 39.38
C MET B 352 -11.83 -27.08 39.25
N VAL B 353 -12.31 -26.36 38.24
CA VAL B 353 -11.91 -24.98 38.10
C VAL B 353 -12.45 -24.16 39.26
N VAL B 354 -13.73 -24.33 39.56
CA VAL B 354 -14.36 -23.60 40.65
C VAL B 354 -13.70 -23.84 41.98
N ASP B 355 -13.45 -25.09 42.29
CA ASP B 355 -12.81 -25.42 43.55
C ASP B 355 -11.44 -24.80 43.62
N GLY B 356 -10.70 -24.91 42.52
CA GLY B 356 -9.37 -24.36 42.45
C GLY B 356 -9.37 -22.87 42.70
N VAL B 357 -10.28 -22.14 42.06
CA VAL B 357 -10.33 -20.71 42.26
C VAL B 357 -10.49 -20.37 43.72
N LYS B 358 -11.41 -21.03 44.38
CA LYS B 358 -11.64 -20.73 45.78
C LYS B 358 -10.41 -21.04 46.62
N LEU B 359 -9.76 -22.16 46.33
CA LEU B 359 -8.57 -22.52 47.06
C LEU B 359 -7.49 -21.49 46.86
N LEU B 360 -7.29 -21.13 45.61
CA LEU B 360 -6.25 -20.19 45.23
C LEU B 360 -6.46 -18.81 45.82
N ILE B 361 -7.70 -18.36 45.89
CA ILE B 361 -7.95 -17.06 46.47
C ILE B 361 -7.62 -17.00 47.92
N GLU B 362 -8.08 -17.97 48.69
CA GLU B 362 -7.78 -17.94 50.11
C GLU B 362 -6.31 -18.08 50.34
N MET B 363 -5.65 -18.87 49.51
CA MET B 363 -4.21 -19.04 49.60
C MET B 363 -3.50 -17.71 49.44
N GLU B 364 -3.89 -16.98 48.41
CA GLU B 364 -3.33 -15.66 48.18
C GLU B 364 -3.56 -14.73 49.35
N GLN B 365 -4.76 -14.78 49.92
CA GLN B 365 -5.08 -13.92 51.04
C GLN B 365 -4.18 -14.21 52.21
N ARG B 366 -3.92 -15.49 52.45
CA ARG B 366 -3.05 -15.84 53.54
C ARG B 366 -1.69 -15.28 53.29
N LEU B 367 -1.23 -15.36 52.05
CA LEU B 367 0.06 -14.78 51.72
C LEU B 367 0.07 -13.28 51.94
N GLU B 368 -1.03 -12.62 51.61
CA GLU B 368 -1.14 -11.18 51.83
C GLU B 368 -1.06 -10.86 53.30
N GLN B 369 -1.60 -11.73 54.14
CA GLN B 369 -1.58 -11.54 55.58
C GLN B 369 -0.32 -12.09 56.25
N GLY B 370 0.63 -12.60 55.47
CA GLY B 370 1.86 -13.12 56.04
C GLY B 370 1.63 -14.45 56.73
N GLN B 371 0.58 -15.16 56.32
CA GLN B 371 0.24 -16.43 56.92
C GLN B 371 0.75 -17.54 56.04
N ALA B 372 1.10 -18.67 56.64
CA ALA B 372 1.56 -19.82 55.87
C ALA B 372 0.39 -20.49 55.17
N ILE B 373 0.64 -21.07 54.00
CA ILE B 373 -0.39 -21.74 53.21
C ILE B 373 -0.16 -23.24 53.13
N ASP B 374 0.56 -23.77 54.11
CA ASP B 374 1.05 -25.14 54.09
C ASP B 374 -0.08 -26.15 53.97
N ASP B 375 -1.13 -25.96 54.74
CA ASP B 375 -2.24 -26.89 54.76
C ASP B 375 -3.22 -26.72 53.61
N LEU B 376 -2.92 -25.84 52.67
CA LEU B 376 -3.82 -25.67 51.56
C LEU B 376 -3.42 -26.53 50.37
N MET B 377 -2.30 -27.23 50.48
CA MET B 377 -1.89 -28.10 49.39
C MET B 377 -3.00 -29.12 49.14
N PRO B 378 -3.63 -29.11 47.96
CA PRO B 378 -4.82 -29.85 47.57
C PRO B 378 -4.57 -31.35 47.33
N ALA B 379 -3.30 -31.75 47.30
CA ALA B 379 -2.92 -33.15 47.08
C ALA B 379 -3.43 -33.64 45.72
N LEU C 45 14.36 -10.73 3.53
CA LEU C 45 14.40 -11.15 4.92
C LEU C 45 15.80 -11.25 5.50
N SER C 46 16.72 -11.89 4.77
CA SER C 46 18.06 -12.08 5.33
C SER C 46 19.21 -11.89 4.35
N ASN C 47 19.00 -12.18 3.07
CA ASN C 47 20.12 -12.04 2.16
C ASN C 47 19.69 -11.81 0.73
N PRO C 48 20.66 -11.57 -0.17
CA PRO C 48 20.45 -11.49 -1.58
C PRO C 48 20.13 -12.88 -2.02
N LEU C 49 18.84 -13.18 -2.02
CA LEU C 49 18.34 -14.48 -2.40
C LEU C 49 18.64 -14.79 -3.85
N MET C 50 18.80 -13.73 -4.65
CA MET C 50 19.05 -13.85 -6.06
C MET C 50 17.88 -14.54 -6.75
N GLY C 51 16.70 -14.46 -6.13
CA GLY C 51 15.47 -14.97 -6.66
C GLY C 51 14.66 -13.75 -7.01
N ASP C 52 13.41 -13.92 -7.38
CA ASP C 52 12.60 -12.76 -7.76
C ASP C 52 11.79 -12.19 -6.59
N ALA C 53 11.00 -11.17 -6.89
CA ALA C 53 10.18 -10.46 -5.91
C ALA C 53 9.22 -11.36 -5.17
N VAL C 54 8.68 -12.37 -5.85
CA VAL C 54 7.77 -13.32 -5.25
C VAL C 54 8.31 -13.92 -3.97
N SER C 55 9.62 -14.13 -3.94
CA SER C 55 10.27 -14.74 -2.79
C SER C 55 10.72 -13.76 -1.72
N ASP C 56 10.44 -12.47 -1.89
CA ASP C 56 10.89 -11.48 -0.91
C ASP C 56 9.86 -11.09 0.17
N TRP C 57 8.58 -11.20 -0.11
CA TRP C 57 7.58 -10.77 0.86
C TRP C 57 7.65 -11.47 2.18
N SER C 58 7.63 -10.70 3.26
CA SER C 58 7.50 -11.30 4.56
C SER C 58 6.01 -11.45 4.76
N PRO C 59 5.58 -12.20 5.74
CA PRO C 59 4.20 -12.36 6.11
C PRO C 59 3.66 -11.03 6.61
N MET C 60 4.55 -10.18 7.13
CA MET C 60 4.16 -8.88 7.59
C MET C 60 3.80 -8.02 6.43
N HIS C 61 4.56 -8.13 5.33
CA HIS C 61 4.22 -7.33 4.16
C HIS C 61 2.87 -7.73 3.68
N GLU C 62 2.60 -9.03 3.69
CA GLU C 62 1.31 -9.51 3.27
C GLU C 62 0.19 -8.92 4.11
N ALA C 63 0.38 -8.96 5.43
CA ALA C 63 -0.60 -8.43 6.34
C ALA C 63 -0.82 -6.95 6.13
N ALA C 64 0.27 -6.23 5.91
CA ALA C 64 0.19 -4.81 5.71
C ALA C 64 -0.61 -4.49 4.47
N ILE C 65 -0.33 -5.19 3.39
CA ILE C 65 -0.98 -4.92 2.12
C ILE C 65 -2.48 -5.05 2.19
N HIS C 66 -2.96 -6.10 2.83
CA HIS C 66 -4.38 -6.34 2.86
C HIS C 66 -5.06 -6.03 4.19
N GLY C 67 -4.40 -5.30 5.09
CA GLY C 67 -5.07 -4.87 6.32
C GLY C 67 -5.32 -5.93 7.37
N HIS C 68 -4.47 -6.95 7.45
CA HIS C 68 -4.69 -8.02 8.44
C HIS C 68 -4.05 -7.66 9.77
N GLN C 69 -4.68 -6.68 10.41
CA GLN C 69 -4.22 -6.08 11.65
C GLN C 69 -3.89 -7.05 12.76
N LEU C 70 -4.78 -7.98 13.04
CA LEU C 70 -4.51 -8.87 14.14
C LEU C 70 -3.37 -9.81 13.84
N SER C 71 -3.30 -10.30 12.60
CA SER C 71 -2.21 -11.17 12.26
C SER C 71 -0.90 -10.41 12.29
N LEU C 72 -0.96 -9.12 12.00
CA LEU C 72 0.21 -8.29 12.06
C LEU C 72 0.69 -8.26 13.48
N ARG C 73 -0.22 -8.02 14.41
CA ARG C 73 0.12 -7.98 15.81
C ARG C 73 0.72 -9.30 16.24
N ASN C 74 0.16 -10.38 15.74
CA ASN C 74 0.65 -11.69 16.09
C ASN C 74 2.06 -11.90 15.60
N LEU C 75 2.34 -11.51 14.38
CA LEU C 75 3.68 -11.66 13.82
C LEU C 75 4.68 -10.88 14.63
N ILE C 76 4.26 -9.69 15.06
CA ILE C 76 5.10 -8.86 15.87
C ILE C 76 5.38 -9.55 17.19
N SER C 77 4.35 -10.13 17.80
CA SER C 77 4.53 -10.82 19.06
C SER C 77 5.39 -12.06 18.91
N GLN C 78 5.46 -12.63 17.71
CA GLN C 78 6.31 -13.80 17.49
C GLN C 78 7.76 -13.44 17.28
N GLY C 79 8.08 -12.16 17.15
CA GLY C 79 9.46 -11.77 16.94
C GLY C 79 9.76 -11.22 15.56
N TRP C 80 8.75 -10.99 14.73
CA TRP C 80 9.05 -10.39 13.45
C TRP C 80 9.21 -8.91 13.66
N ALA C 81 10.35 -8.39 13.24
CA ALA C 81 10.68 -6.98 13.42
C ALA C 81 9.88 -6.12 12.47
N VAL C 82 9.65 -4.88 12.85
CA VAL C 82 8.93 -3.95 12.00
C VAL C 82 9.76 -3.53 10.81
N ASN C 83 11.02 -3.22 11.03
CA ASN C 83 11.89 -2.78 9.96
C ASN C 83 12.51 -3.93 9.16
N ILE C 84 11.66 -4.71 8.50
CA ILE C 84 12.10 -5.79 7.63
C ILE C 84 11.79 -5.38 6.21
N ILE C 85 12.80 -5.41 5.38
CA ILE C 85 12.67 -4.83 4.07
C ILE C 85 13.00 -5.77 2.95
N THR C 86 12.41 -5.50 1.78
CA THR C 86 12.65 -6.30 0.59
C THR C 86 13.89 -5.79 -0.11
N ALA C 87 14.14 -6.27 -1.32
CA ALA C 87 15.27 -5.81 -2.11
C ALA C 87 15.14 -4.33 -2.47
N ASP C 88 13.93 -3.80 -2.44
CA ASP C 88 13.74 -2.39 -2.76
C ASP C 88 13.64 -1.54 -1.51
N HIS C 89 13.99 -2.13 -0.36
CA HIS C 89 13.95 -1.48 0.93
C HIS C 89 12.52 -1.22 1.39
N VAL C 90 11.55 -1.86 0.76
CA VAL C 90 10.18 -1.64 1.11
C VAL C 90 9.81 -2.29 2.42
N SER C 91 9.32 -1.49 3.36
CA SER C 91 8.90 -1.98 4.66
C SER C 91 7.41 -2.21 4.69
N PRO C 92 6.90 -2.92 5.69
CA PRO C 92 5.50 -3.14 5.97
C PRO C 92 4.78 -1.83 6.03
N LEU C 93 5.46 -0.82 6.58
CA LEU C 93 4.90 0.52 6.66
C LEU C 93 4.61 1.05 5.30
N HIS C 94 5.57 0.90 4.39
CA HIS C 94 5.38 1.43 3.05
C HIS C 94 4.18 0.77 2.38
N GLU C 95 4.02 -0.52 2.60
CA GLU C 95 2.89 -1.19 2.00
C GLU C 95 1.58 -0.81 2.69
N ALA C 96 1.63 -0.63 4.00
CA ALA C 96 0.44 -0.25 4.75
C ALA C 96 -0.06 1.10 4.28
N CYS C 97 0.88 1.97 3.98
CA CYS C 97 0.55 3.29 3.50
C CYS C 97 -0.12 3.23 2.15
N LEU C 98 0.38 2.37 1.28
CA LEU C 98 -0.26 2.20 -0.02
C LEU C 98 -1.65 1.61 0.11
N GLY C 99 -1.82 0.72 1.07
CA GLY C 99 -3.13 0.11 1.28
C GLY C 99 -4.09 1.05 2.01
N GLY C 100 -3.54 1.99 2.78
CA GLY C 100 -4.38 2.93 3.51
C GLY C 100 -4.93 2.30 4.78
N HIS C 101 -4.22 1.33 5.32
CA HIS C 101 -4.71 0.62 6.49
C HIS C 101 -4.25 1.31 7.75
N LEU C 102 -4.87 2.44 8.03
CA LEU C 102 -4.54 3.31 9.16
C LEU C 102 -4.22 2.62 10.46
N SER C 103 -5.05 1.67 10.87
CA SER C 103 -4.80 1.02 12.15
C SER C 103 -3.52 0.22 12.14
N CYS C 104 -3.15 -0.31 10.98
CA CYS C 104 -1.93 -1.09 10.86
C CYS C 104 -0.78 -0.14 10.94
N VAL C 105 -0.97 1.03 10.32
CA VAL C 105 0.04 2.06 10.33
C VAL C 105 0.31 2.48 11.75
N LYS C 106 -0.75 2.67 12.52
CA LYS C 106 -0.62 3.05 13.91
C LYS C 106 0.20 2.05 14.69
N ILE C 107 -0.08 0.77 14.47
CA ILE C 107 0.64 -0.29 15.15
C ILE C 107 2.11 -0.31 14.79
N LEU C 108 2.39 -0.23 13.52
CA LEU C 108 3.76 -0.29 13.07
C LEU C 108 4.55 0.90 13.60
N LEU C 109 3.92 2.06 13.61
CA LEU C 109 4.56 3.25 14.13
C LEU C 109 4.76 3.14 15.61
N LYS C 110 3.79 2.55 16.29
CA LYS C 110 3.88 2.33 17.73
C LYS C 110 5.11 1.52 18.06
N HIS C 111 5.38 0.50 17.26
CA HIS C 111 6.53 -0.33 17.50
C HIS C 111 7.84 0.24 16.95
N GLY C 112 7.76 1.22 16.05
CA GLY C 112 8.98 1.88 15.58
C GLY C 112 9.26 1.82 14.08
N ALA C 113 8.21 1.88 13.28
CA ALA C 113 8.38 1.89 11.83
C ALA C 113 9.06 3.17 11.37
N GLN C 114 9.82 3.08 10.30
CA GLN C 114 10.59 4.20 9.84
C GLN C 114 9.78 5.16 8.98
N VAL C 115 9.22 6.16 9.65
CA VAL C 115 8.35 7.16 9.04
C VAL C 115 8.93 7.80 7.79
N ASN C 116 10.23 8.04 7.76
CA ASN C 116 10.83 8.65 6.59
C ASN C 116 11.74 7.71 5.82
N GLY C 117 11.46 6.40 5.89
CA GLY C 117 12.25 5.43 5.15
C GLY C 117 12.09 5.65 3.66
N VAL C 118 13.17 5.46 2.91
CA VAL C 118 13.16 5.69 1.47
C VAL C 118 13.39 4.43 0.67
N THR C 119 12.51 4.15 -0.29
CA THR C 119 12.63 2.95 -1.10
C THR C 119 13.58 3.14 -2.24
N ALA C 120 13.86 2.05 -2.96
CA ALA C 120 14.72 2.08 -4.13
C ALA C 120 14.19 2.98 -5.24
N ASP C 121 12.90 3.30 -5.21
CA ASP C 121 12.34 4.19 -6.21
C ASP C 121 12.04 5.55 -5.62
N TRP C 122 12.69 5.83 -4.49
CA TRP C 122 12.58 7.07 -3.78
C TRP C 122 11.19 7.35 -3.27
N HIS C 123 10.57 6.37 -2.65
CA HIS C 123 9.26 6.63 -2.11
C HIS C 123 9.32 6.62 -0.61
N THR C 124 8.44 7.40 0.00
CA THR C 124 8.34 7.45 1.45
C THR C 124 6.94 7.07 1.83
N PRO C 125 6.72 6.63 3.06
CA PRO C 125 5.44 6.26 3.64
C PRO C 125 4.45 7.37 3.41
N LEU C 126 4.91 8.60 3.56
CA LEU C 126 4.10 9.76 3.37
C LEU C 126 3.63 9.82 1.95
N PHE C 127 4.57 9.67 1.02
CA PHE C 127 4.23 9.69 -0.38
C PHE C 127 3.23 8.62 -0.68
N ASN C 128 3.48 7.43 -0.18
CA ASN C 128 2.63 6.30 -0.43
C ASN C 128 1.22 6.54 0.08
N ALA C 129 1.11 7.17 1.23
CA ALA C 129 -0.20 7.49 1.77
C ALA C 129 -0.94 8.43 0.85
N CYS C 130 -0.22 9.40 0.29
CA CYS C 130 -0.84 10.34 -0.64
C CYS C 130 -1.30 9.64 -1.89
N VAL C 131 -0.55 8.62 -2.31
CA VAL C 131 -0.93 7.85 -3.49
C VAL C 131 -2.27 7.20 -3.29
N SER C 132 -2.49 6.63 -2.11
CA SER C 132 -3.76 5.97 -1.81
C SER C 132 -4.88 6.98 -1.71
N GLY C 133 -4.78 7.85 -0.72
CA GLY C 133 -5.79 8.86 -0.48
C GLY C 133 -6.08 9.01 1.01
N SER C 134 -5.61 8.04 1.79
CA SER C 134 -5.79 8.02 3.24
C SER C 134 -5.19 9.22 3.96
N TRP C 135 -5.88 10.36 3.87
CA TRP C 135 -5.43 11.59 4.51
C TRP C 135 -5.29 11.45 6.03
N ASP C 136 -5.97 10.47 6.61
CA ASP C 136 -5.81 10.19 8.02
C ASP C 136 -4.40 9.70 8.29
N CYS C 137 -3.88 8.89 7.37
CA CYS C 137 -2.54 8.35 7.51
C CYS C 137 -1.56 9.46 7.26
N VAL C 138 -1.90 10.33 6.32
CA VAL C 138 -1.05 11.47 6.02
C VAL C 138 -0.89 12.30 7.25
N ASN C 139 -2.00 12.59 7.92
CA ASN C 139 -1.95 13.37 9.12
C ASN C 139 -1.12 12.70 10.18
N LEU C 140 -1.35 11.41 10.36
CA LEU C 140 -0.65 10.65 11.37
C LEU C 140 0.86 10.69 11.16
N LEU C 141 1.28 10.41 9.94
CA LEU C 141 2.68 10.41 9.62
C LEU C 141 3.31 11.76 9.81
N LEU C 142 2.61 12.81 9.42
CA LEU C 142 3.12 14.15 9.61
C LEU C 142 3.27 14.44 11.07
N GLN C 143 2.33 13.94 11.88
CA GLN C 143 2.41 14.12 13.31
C GLN C 143 3.58 13.36 13.90
N HIS C 144 4.04 12.32 13.23
CA HIS C 144 5.22 11.60 13.68
C HIS C 144 6.49 12.05 12.99
N GLY C 145 6.49 13.23 12.37
CA GLY C 145 7.71 13.77 11.79
C GLY C 145 7.97 13.44 10.34
N ALA C 146 6.96 13.01 9.59
CA ALA C 146 7.18 12.76 8.18
C ALA C 146 7.57 14.05 7.52
N SER C 147 8.63 14.04 6.71
CA SER C 147 9.00 15.27 6.05
C SER C 147 8.14 15.50 4.86
N VAL C 148 7.55 16.68 4.80
CA VAL C 148 6.72 17.07 3.68
C VAL C 148 7.52 17.17 2.38
N GLN C 149 8.82 17.36 2.50
CA GLN C 149 9.69 17.51 1.34
C GLN C 149 10.66 16.35 1.22
N PRO C 150 10.47 15.44 0.27
CA PRO C 150 11.27 14.27 -0.01
C PRO C 150 12.61 14.66 -0.61
N GLU C 151 13.59 13.77 -0.47
CA GLU C 151 14.92 14.00 -0.99
C GLU C 151 14.94 14.00 -2.50
N SER C 152 14.20 13.08 -3.09
CA SER C 152 14.16 13.01 -4.53
C SER C 152 13.04 13.79 -5.13
N ASP C 153 13.37 14.42 -6.24
CA ASP C 153 12.41 15.19 -6.99
C ASP C 153 11.54 14.33 -7.90
N LEU C 154 11.65 13.01 -7.78
CA LEU C 154 10.83 12.11 -8.54
C LEU C 154 9.54 11.76 -7.83
N ALA C 155 9.39 12.17 -6.56
CA ALA C 155 8.19 11.77 -5.86
C ALA C 155 7.73 12.74 -4.80
N SER C 156 7.21 13.88 -5.22
CA SER C 156 6.62 14.84 -4.29
C SER C 156 5.18 14.52 -3.93
N PRO C 157 4.88 14.32 -2.64
CA PRO C 157 3.58 14.07 -2.06
C PRO C 157 2.57 15.09 -2.51
N ILE C 158 3.00 16.34 -2.52
CA ILE C 158 2.14 17.43 -2.91
C ILE C 158 1.79 17.35 -4.35
N HIS C 159 2.80 17.16 -5.18
CA HIS C 159 2.57 17.12 -6.60
C HIS C 159 1.72 15.91 -6.96
N GLU C 160 1.93 14.80 -6.28
CA GLU C 160 1.12 13.65 -6.59
C GLU C 160 -0.30 13.83 -6.14
N ALA C 161 -0.49 14.40 -4.96
CA ALA C 161 -1.83 14.63 -4.47
C ALA C 161 -2.58 15.54 -5.41
N ALA C 162 -1.88 16.53 -5.97
CA ALA C 162 -2.48 17.43 -6.93
C ALA C 162 -2.93 16.66 -8.15
N ARG C 163 -2.13 15.69 -8.58
CA ARG C 163 -2.49 14.88 -9.73
C ARG C 163 -3.63 13.94 -9.44
N ARG C 164 -3.78 13.57 -8.18
CA ARG C 164 -4.81 12.64 -7.75
C ARG C 164 -6.13 13.28 -7.40
N GLY C 165 -6.11 14.56 -7.01
CA GLY C 165 -7.35 15.20 -6.59
C GLY C 165 -7.58 15.05 -5.10
N HIS C 166 -6.52 14.78 -4.35
CA HIS C 166 -6.64 14.57 -2.91
C HIS C 166 -6.55 15.89 -2.14
N VAL C 167 -7.63 16.66 -2.23
CA VAL C 167 -7.72 18.00 -1.66
C VAL C 167 -7.36 18.09 -0.19
N GLU C 168 -7.95 17.24 0.62
CA GLU C 168 -7.64 17.30 2.03
C GLU C 168 -6.20 16.90 2.34
N CYS C 169 -5.56 16.17 1.44
CA CYS C 169 -4.18 15.80 1.66
C CYS C 169 -3.29 17.00 1.44
N VAL C 170 -3.55 17.75 0.37
CA VAL C 170 -2.70 18.90 0.15
C VAL C 170 -2.95 19.95 1.20
N ASN C 171 -4.14 19.97 1.77
CA ASN C 171 -4.40 20.91 2.83
C ASN C 171 -3.48 20.63 4.00
N SER C 172 -3.36 19.36 4.37
CA SER C 172 -2.50 18.97 5.47
C SER C 172 -1.03 19.13 5.12
N LEU C 173 -0.66 18.79 3.90
CA LEU C 173 0.73 18.90 3.50
C LEU C 173 1.17 20.34 3.55
N ILE C 174 0.31 21.25 3.11
CA ILE C 174 0.63 22.66 3.19
C ILE C 174 0.77 23.07 4.63
N ALA C 175 -0.18 22.65 5.47
CA ALA C 175 -0.14 22.99 6.88
C ALA C 175 1.21 22.62 7.49
N TYR C 176 1.73 21.44 7.17
CA TYR C 176 3.03 21.08 7.70
C TYR C 176 4.17 21.49 6.78
N GLY C 177 4.29 22.80 6.57
CA GLY C 177 5.39 23.38 5.80
C GLY C 177 5.39 23.09 4.30
N GLY C 178 4.26 22.68 3.73
CA GLY C 178 4.24 22.34 2.32
C GLY C 178 4.33 23.56 1.41
N ASN C 179 5.32 23.56 0.53
CA ASN C 179 5.48 24.67 -0.39
C ASN C 179 4.55 24.52 -1.56
N ILE C 180 3.39 25.16 -1.46
CA ILE C 180 2.36 25.10 -2.49
C ILE C 180 2.80 25.50 -3.90
N ASP C 181 3.86 26.29 -4.03
CA ASP C 181 4.32 26.69 -5.35
C ASP C 181 5.63 26.07 -5.72
N HIS C 182 6.00 24.97 -5.07
CA HIS C 182 7.26 24.35 -5.39
C HIS C 182 7.26 23.86 -6.83
N LYS C 183 8.26 24.25 -7.58
CA LYS C 183 8.36 23.90 -8.98
C LYS C 183 9.36 22.78 -9.19
N ILE C 184 8.92 21.66 -9.77
CA ILE C 184 9.84 20.56 -10.00
C ILE C 184 9.99 20.12 -11.43
N SER C 185 10.89 20.77 -12.15
CA SER C 185 11.24 20.31 -13.48
C SER C 185 10.04 20.02 -14.38
N HIS C 186 9.92 18.75 -14.77
CA HIS C 186 8.85 18.26 -15.65
C HIS C 186 7.45 18.35 -15.06
N LEU C 187 7.35 18.59 -13.77
CA LEU C 187 6.09 18.71 -13.09
C LEU C 187 5.60 20.14 -13.03
N GLY C 188 6.50 21.10 -13.15
CA GLY C 188 6.09 22.47 -12.97
C GLY C 188 5.56 22.61 -11.54
N THR C 189 4.39 23.20 -11.40
CA THR C 189 3.80 23.38 -10.09
C THR C 189 2.62 22.45 -9.87
N PRO C 190 2.24 22.19 -8.63
CA PRO C 190 1.11 21.38 -8.21
C PRO C 190 -0.13 21.88 -8.91
N LEU C 191 -0.24 23.20 -9.01
CA LEU C 191 -1.35 23.84 -9.69
C LEU C 191 -1.39 23.41 -11.12
N TYR C 192 -0.26 23.53 -11.78
CA TYR C 192 -0.13 23.12 -13.16
C TYR C 192 -0.58 21.69 -13.33
N LEU C 193 -0.10 20.80 -12.47
CA LEU C 193 -0.44 19.40 -12.57
C LEU C 193 -1.91 19.13 -12.40
N ALA C 194 -2.54 19.81 -11.45
CA ALA C 194 -3.96 19.63 -11.22
C ALA C 194 -4.73 20.05 -12.45
N CYS C 195 -4.27 21.14 -13.07
CA CYS C 195 -4.93 21.60 -14.28
C CYS C 195 -4.76 20.59 -15.39
N GLU C 196 -3.59 19.98 -15.48
CA GLU C 196 -3.34 18.96 -16.48
C GLU C 196 -4.27 17.77 -16.33
N ASN C 197 -4.57 17.39 -15.10
CA ASN C 197 -5.47 16.27 -14.90
C ASN C 197 -6.92 16.68 -14.65
N GLN C 198 -7.26 17.95 -14.89
CA GLN C 198 -8.62 18.43 -14.69
C GLN C 198 -9.13 18.21 -13.28
N GLN C 199 -8.26 18.26 -12.28
CA GLN C 199 -8.67 18.05 -10.90
C GLN C 199 -9.17 19.35 -10.30
N ARG C 200 -10.29 19.84 -10.85
CA ARG C 200 -10.86 21.13 -10.49
C ARG C 200 -11.04 21.37 -9.00
N ALA C 201 -11.23 20.30 -8.24
CA ALA C 201 -11.37 20.45 -6.81
C ALA C 201 -10.09 20.98 -6.21
N CYS C 202 -8.96 20.46 -6.67
CA CYS C 202 -7.67 20.89 -6.18
C CYS C 202 -7.24 22.16 -6.83
N VAL C 203 -7.65 22.37 -8.08
CA VAL C 203 -7.27 23.60 -8.72
C VAL C 203 -7.85 24.74 -7.93
N LYS C 204 -9.13 24.65 -7.63
CA LYS C 204 -9.81 25.67 -6.88
C LYS C 204 -9.24 25.80 -5.49
N LYS C 205 -9.06 24.69 -4.80
CA LYS C 205 -8.56 24.78 -3.43
C LYS C 205 -7.15 25.33 -3.34
N LEU C 206 -6.28 24.91 -4.24
CA LEU C 206 -4.90 25.38 -4.20
C LEU C 206 -4.84 26.86 -4.47
N LEU C 207 -5.65 27.33 -5.41
CA LEU C 207 -5.68 28.74 -5.72
C LEU C 207 -6.18 29.53 -4.53
N GLU C 208 -7.16 28.99 -3.81
CA GLU C 208 -7.68 29.64 -2.62
C GLU C 208 -6.64 29.67 -1.52
N SER C 209 -5.83 28.62 -1.42
CA SER C 209 -4.76 28.57 -0.45
C SER C 209 -3.71 29.62 -0.78
N GLY C 210 -3.60 29.92 -2.07
CA GLY C 210 -2.69 30.96 -2.54
C GLY C 210 -1.68 30.46 -3.55
N ALA C 211 -2.08 29.51 -4.38
CA ALA C 211 -1.19 29.03 -5.43
C ALA C 211 -0.99 30.13 -6.46
N ASP C 212 0.23 30.23 -6.98
CA ASP C 212 0.51 31.26 -7.96
C ASP C 212 -0.14 30.94 -9.28
N VAL C 213 -1.28 31.58 -9.51
CA VAL C 213 -2.06 31.41 -10.72
C VAL C 213 -1.28 31.53 -12.01
N ASN C 214 -0.17 32.27 -12.05
CA ASN C 214 0.60 32.41 -13.28
C ASN C 214 1.89 31.62 -13.33
N GLN C 215 2.11 30.73 -12.38
CA GLN C 215 3.33 29.93 -12.39
C GLN C 215 3.06 28.47 -12.71
N GLY C 216 3.41 28.08 -13.92
CA GLY C 216 3.21 26.71 -14.34
C GLY C 216 4.54 26.03 -14.64
N LYS C 217 4.58 25.32 -15.75
CA LYS C 217 5.76 24.59 -16.17
C LYS C 217 6.53 25.33 -17.23
N GLY C 218 7.73 25.76 -16.90
CA GLY C 218 8.52 26.53 -17.86
C GLY C 218 7.76 27.80 -18.17
N GLN C 219 7.45 27.99 -19.45
CA GLN C 219 6.68 29.14 -19.89
C GLN C 219 5.19 28.79 -19.98
N ASP C 220 4.87 27.53 -19.76
CA ASP C 220 3.51 27.06 -19.87
C ASP C 220 2.74 27.29 -18.60
N SER C 221 2.12 28.46 -18.49
CA SER C 221 1.32 28.76 -17.31
C SER C 221 0.07 27.91 -17.35
N PRO C 222 -0.58 27.66 -16.21
CA PRO C 222 -1.78 26.88 -16.03
C PRO C 222 -2.87 27.30 -17.00
N LEU C 223 -2.96 28.59 -17.28
CA LEU C 223 -3.94 29.08 -18.22
C LEU C 223 -3.72 28.52 -19.60
N HIS C 224 -2.46 28.42 -20.02
CA HIS C 224 -2.15 27.88 -21.34
C HIS C 224 -2.57 26.42 -21.39
N ALA C 225 -2.34 25.71 -20.28
CA ALA C 225 -2.72 24.31 -20.19
C ALA C 225 -4.21 24.16 -20.34
N VAL C 226 -4.96 25.00 -19.65
CA VAL C 226 -6.41 24.96 -19.78
C VAL C 226 -6.86 25.22 -21.19
N ALA C 227 -6.21 26.17 -21.84
CA ALA C 227 -6.56 26.49 -23.20
C ALA C 227 -6.39 25.29 -24.14
N ARG C 228 -5.24 24.60 -24.06
CA ARG C 228 -5.06 23.47 -24.97
C ARG C 228 -5.95 22.29 -24.61
N THR C 229 -6.42 22.22 -23.37
CA THR C 229 -7.29 21.13 -22.97
C THR C 229 -8.77 21.48 -23.11
N ALA C 230 -9.06 22.69 -23.60
CA ALA C 230 -10.43 23.11 -23.85
C ALA C 230 -11.34 22.97 -22.63
N SER C 231 -10.92 23.46 -21.47
CA SER C 231 -11.75 23.33 -20.28
C SER C 231 -12.19 24.68 -19.70
N GLU C 232 -13.37 25.13 -20.16
CA GLU C 232 -13.94 26.42 -19.77
C GLU C 232 -14.12 26.60 -18.28
N GLU C 233 -14.30 25.51 -17.57
CA GLU C 233 -14.48 25.56 -16.14
C GLU C 233 -13.24 26.03 -15.44
N LEU C 234 -12.09 25.58 -15.90
CA LEU C 234 -10.87 26.00 -15.26
C LEU C 234 -10.43 27.33 -15.81
N ALA C 235 -10.86 27.62 -17.03
CA ALA C 235 -10.52 28.90 -17.62
C ALA C 235 -11.10 30.02 -16.82
N CYS C 236 -12.40 29.94 -16.54
CA CYS C 236 -13.04 30.98 -15.76
C CYS C 236 -12.42 31.09 -14.39
N LEU C 237 -12.15 29.95 -13.78
CA LEU C 237 -11.58 29.91 -12.45
C LEU C 237 -10.22 30.61 -12.41
N LEU C 238 -9.30 30.20 -13.28
CA LEU C 238 -7.97 30.79 -13.30
C LEU C 238 -7.99 32.27 -13.66
N MET C 239 -8.82 32.63 -14.63
CA MET C 239 -8.90 34.02 -15.01
C MET C 239 -9.23 34.88 -13.83
N ASP C 240 -10.27 34.50 -13.10
CA ASP C 240 -10.69 35.27 -11.94
C ASP C 240 -9.63 35.33 -10.85
N PHE C 241 -8.84 34.29 -10.68
CA PHE C 241 -7.73 34.39 -9.73
C PHE C 241 -6.62 35.31 -10.19
N GLY C 242 -6.58 35.62 -11.49
CA GLY C 242 -5.61 36.58 -11.99
C GLY C 242 -4.70 36.00 -13.05
N ALA C 243 -5.24 35.10 -13.86
CA ALA C 243 -4.40 34.49 -14.88
C ALA C 243 -4.04 35.51 -15.95
N ASP C 244 -2.79 35.50 -16.36
CA ASP C 244 -2.32 36.44 -17.35
C ASP C 244 -2.63 35.99 -18.74
N THR C 245 -3.73 36.49 -19.27
CA THR C 245 -4.19 36.13 -20.60
C THR C 245 -3.29 36.62 -21.73
N GLN C 246 -2.34 37.50 -21.43
CA GLN C 246 -1.43 37.95 -22.47
C GLN C 246 -0.05 37.33 -22.36
N ALA C 247 0.14 36.43 -21.40
CA ALA C 247 1.42 35.76 -21.24
C ALA C 247 1.67 34.82 -22.39
N LYS C 248 2.93 34.61 -22.74
CA LYS C 248 3.26 33.73 -23.84
C LYS C 248 4.02 32.50 -23.39
N ASN C 249 3.76 31.38 -24.04
CA ASN C 249 4.44 30.12 -23.73
C ASN C 249 5.77 30.07 -24.46
N ALA C 250 6.44 28.93 -24.40
CA ALA C 250 7.74 28.75 -25.05
C ALA C 250 7.69 29.03 -26.55
N GLU C 251 6.54 28.74 -27.16
CA GLU C 251 6.32 29.01 -28.58
C GLU C 251 6.14 30.49 -28.88
N GLY C 252 5.89 31.28 -27.84
CA GLY C 252 5.61 32.70 -28.01
C GLY C 252 4.13 32.88 -28.24
N LYS C 253 3.34 31.90 -27.81
CA LYS C 253 1.91 31.95 -28.04
C LYS C 253 1.12 32.19 -26.77
N ARG C 254 0.06 32.95 -26.91
CA ARG C 254 -0.84 33.24 -25.81
C ARG C 254 -1.86 32.14 -25.71
N PRO C 255 -2.45 31.88 -24.54
CA PRO C 255 -3.44 30.85 -24.27
C PRO C 255 -4.56 30.86 -25.31
N VAL C 256 -5.03 32.05 -25.67
CA VAL C 256 -6.08 32.18 -26.69
C VAL C 256 -5.66 31.65 -28.06
N GLU C 257 -4.37 31.60 -28.30
CA GLU C 257 -3.81 31.14 -29.56
C GLU C 257 -3.60 29.62 -29.54
N LEU C 258 -3.84 28.99 -28.39
CA LEU C 258 -3.66 27.55 -28.24
C LEU C 258 -4.96 26.79 -28.33
N VAL C 259 -6.00 27.46 -28.80
CA VAL C 259 -7.29 26.83 -28.93
C VAL C 259 -8.01 27.40 -30.14
N PRO C 260 -8.75 26.58 -30.89
CA PRO C 260 -9.55 26.95 -32.03
C PRO C 260 -10.60 27.98 -31.63
N PRO C 261 -10.82 28.98 -32.47
CA PRO C 261 -11.70 30.14 -32.31
C PRO C 261 -13.17 29.75 -32.25
N GLU C 262 -13.48 28.56 -32.71
CA GLU C 262 -14.85 28.06 -32.64
C GLU C 262 -15.23 27.68 -31.22
N SER C 263 -14.24 27.47 -30.35
CA SER C 263 -14.53 27.08 -28.99
C SER C 263 -15.05 28.24 -28.15
N PRO C 264 -15.81 27.95 -27.09
CA PRO C 264 -16.34 28.86 -26.09
C PRO C 264 -15.23 29.65 -25.41
N LEU C 265 -14.04 29.05 -25.32
CA LEU C 265 -12.91 29.71 -24.73
C LEU C 265 -12.56 30.99 -25.44
N ALA C 266 -12.75 31.03 -26.76
CA ALA C 266 -12.41 32.23 -27.49
C ALA C 266 -13.21 33.40 -26.96
N GLN C 267 -14.48 33.15 -26.69
CA GLN C 267 -15.34 34.20 -26.17
C GLN C 267 -14.95 34.53 -24.76
N LEU C 268 -14.54 33.52 -24.01
CA LEU C 268 -14.12 33.71 -22.63
C LEU C 268 -12.83 34.50 -22.56
N PHE C 269 -11.98 34.39 -23.58
CA PHE C 269 -10.79 35.21 -23.61
C PHE C 269 -11.16 36.62 -24.00
N LEU C 270 -12.05 36.75 -24.99
CA LEU C 270 -12.46 38.06 -25.48
C LEU C 270 -13.06 38.97 -24.42
N GLU C 271 -13.88 38.41 -23.54
CA GLU C 271 -14.48 39.24 -22.51
C GLU C 271 -13.46 39.81 -21.50
N ARG C 272 -12.25 39.24 -21.45
CA ARG C 272 -11.22 39.77 -20.55
C ARG C 272 -10.01 40.33 -21.29
N GLU C 273 -10.17 40.71 -22.55
CA GLU C 273 -9.04 41.27 -23.27
C GLU C 273 -8.69 42.67 -22.78
N GLY C 274 -9.68 43.44 -22.34
CA GLY C 274 -9.40 44.78 -21.83
C GLY C 274 -8.91 44.72 -20.39
N PRO C 275 -8.62 45.87 -19.79
CA PRO C 275 -8.18 46.06 -18.43
C PRO C 275 -9.23 45.51 -17.47
N PRO C 276 -8.81 44.98 -16.33
CA PRO C 276 -9.62 44.41 -15.27
C PRO C 276 -10.33 45.49 -14.50
N SER C 277 -11.37 45.12 -13.78
CA SER C 277 -12.10 46.10 -12.98
C SER C 277 -11.24 46.54 -11.82
N LEU C 278 -11.59 47.67 -11.25
CA LEU C 278 -10.83 48.18 -10.13
C LEU C 278 -11.00 47.25 -8.96
N MET C 279 -12.23 46.77 -8.73
CA MET C 279 -12.44 45.83 -7.67
C MET C 279 -11.61 44.60 -7.86
N GLN C 280 -11.52 44.13 -9.10
CA GLN C 280 -10.71 42.96 -9.37
C GLN C 280 -9.29 43.19 -8.93
N LEU C 281 -8.75 44.33 -9.32
CA LEU C 281 -7.38 44.69 -8.97
C LEU C 281 -7.21 44.81 -7.48
N CYS C 282 -8.21 45.36 -6.83
CA CYS C 282 -8.17 45.56 -5.41
C CYS C 282 -8.10 44.24 -4.70
N ARG C 283 -8.98 43.33 -5.08
CA ARG C 283 -9.03 42.04 -4.43
C ARG C 283 -7.73 41.31 -4.60
N LEU C 284 -7.14 41.43 -5.78
CA LEU C 284 -5.87 40.78 -6.04
C LEU C 284 -4.80 41.34 -5.11
N ARG C 285 -4.79 42.66 -4.95
CA ARG C 285 -3.81 43.32 -4.12
C ARG C 285 -3.96 42.93 -2.67
N ILE C 286 -5.20 42.82 -2.24
CA ILE C 286 -5.51 42.44 -0.87
C ILE C 286 -5.02 41.05 -0.56
N ARG C 287 -5.29 40.11 -1.46
CA ARG C 287 -4.91 38.74 -1.20
C ARG C 287 -3.41 38.60 -1.11
N LYS C 288 -2.67 39.42 -1.83
CA LYS C 288 -1.22 39.39 -1.76
C LYS C 288 -0.66 39.66 -0.37
N CYS C 289 -1.45 40.26 0.50
CA CYS C 289 -0.99 40.55 1.85
C CYS C 289 -1.11 39.35 2.78
N PHE C 290 -1.79 38.29 2.34
CA PHE C 290 -1.96 37.12 3.19
C PHE C 290 -1.07 35.99 2.71
N GLY C 291 -0.60 35.18 3.65
CA GLY C 291 0.27 34.05 3.33
C GLY C 291 -0.55 32.84 2.91
N ILE C 292 0.11 31.69 2.82
CA ILE C 292 -0.59 30.51 2.36
C ILE C 292 -1.49 29.97 3.45
N GLN C 293 -2.77 29.82 3.09
CA GLN C 293 -3.84 29.41 4.00
C GLN C 293 -4.10 30.43 5.10
N GLN C 294 -3.64 31.66 4.91
CA GLN C 294 -3.83 32.70 5.91
C GLN C 294 -5.00 33.58 5.55
N HIS C 295 -5.69 33.21 4.48
CA HIS C 295 -6.75 34.01 3.93
C HIS C 295 -7.99 34.00 4.80
N HIS C 296 -8.05 33.09 5.78
CA HIS C 296 -9.14 33.08 6.71
C HIS C 296 -9.15 34.34 7.58
N LYS C 297 -7.99 35.01 7.66
CA LYS C 297 -7.85 36.22 8.45
C LYS C 297 -8.58 37.39 7.83
N ILE C 298 -9.01 37.26 6.57
CA ILE C 298 -9.79 38.28 5.89
C ILE C 298 -11.06 38.60 6.68
N THR C 299 -11.60 37.60 7.37
CA THR C 299 -12.81 37.79 8.16
C THR C 299 -12.62 38.77 9.32
N LYS C 300 -11.37 39.07 9.67
CA LYS C 300 -11.06 39.98 10.75
C LYS C 300 -10.90 41.42 10.27
N LEU C 301 -11.06 41.65 8.97
CA LEU C 301 -10.93 43.00 8.44
C LEU C 301 -12.20 43.79 8.66
N VAL C 302 -12.06 45.11 8.83
CA VAL C 302 -13.22 45.95 9.04
C VAL C 302 -13.91 46.22 7.71
N LEU C 303 -14.64 45.24 7.23
CA LEU C 303 -15.32 45.29 5.96
C LEU C 303 -16.75 44.85 6.06
N PRO C 304 -17.58 45.27 5.12
CA PRO C 304 -18.92 44.81 4.87
C PRO C 304 -18.82 43.33 4.58
N GLU C 305 -19.81 42.57 5.02
CA GLU C 305 -19.78 41.13 4.82
C GLU C 305 -19.70 40.76 3.36
N ASP C 306 -20.38 41.53 2.53
CA ASP C 306 -20.37 41.28 1.09
C ASP C 306 -18.96 41.29 0.56
N LEU C 307 -18.17 42.27 0.97
CA LEU C 307 -16.82 42.35 0.49
C LEU C 307 -15.97 41.26 1.08
N LYS C 308 -16.27 40.85 2.32
CA LYS C 308 -15.52 39.74 2.87
C LYS C 308 -15.76 38.51 2.02
N GLN C 309 -16.98 38.35 1.53
CA GLN C 309 -17.27 37.23 0.66
C GLN C 309 -16.59 37.39 -0.68
N PHE C 310 -16.50 38.62 -1.18
CA PHE C 310 -15.81 38.83 -2.45
C PHE C 310 -14.32 38.55 -2.34
N LEU C 311 -13.75 38.76 -1.17
CA LEU C 311 -12.34 38.46 -1.00
C LEU C 311 -12.12 36.97 -0.76
N LEU C 312 -12.93 36.39 0.09
CA LEU C 312 -12.80 34.97 0.39
C LEU C 312 -13.12 34.10 -0.80
N HIS C 313 -14.02 34.52 -1.66
CA HIS C 313 -14.35 33.72 -2.82
C HIS C 313 -13.66 34.19 -4.09
N LEU C 314 -12.63 35.03 -3.96
CA LEU C 314 -11.87 35.39 -5.13
C LEU C 314 -11.10 34.19 -5.57
N TYR D 3 -15.85 68.02 -19.37
CA TYR D 3 -15.31 67.61 -18.08
C TYR D 3 -16.35 67.72 -16.97
N VAL D 4 -16.23 66.87 -15.95
CA VAL D 4 -17.14 66.85 -14.81
C VAL D 4 -16.42 66.98 -13.49
N LYS D 5 -16.94 67.84 -12.61
CA LYS D 5 -16.35 68.02 -11.29
C LYS D 5 -16.87 67.02 -10.27
N LEU D 6 -15.96 66.32 -9.61
CA LEU D 6 -16.34 65.40 -8.56
C LEU D 6 -15.92 65.98 -7.22
N ILE D 7 -16.81 65.93 -6.23
CA ILE D 7 -16.46 66.48 -4.93
C ILE D 7 -16.16 65.39 -3.91
N SER D 8 -15.00 65.46 -3.28
CA SER D 8 -14.61 64.47 -2.28
C SER D 8 -15.16 64.85 -0.93
N SER D 9 -15.01 63.97 0.06
CA SER D 9 -15.45 64.26 1.42
C SER D 9 -14.59 65.31 2.07
N ASP D 10 -13.43 65.59 1.48
CA ASP D 10 -12.49 66.50 2.06
C ASP D 10 -12.59 67.86 1.38
N GLY D 11 -13.54 68.01 0.45
CA GLY D 11 -13.73 69.27 -0.24
C GLY D 11 -12.83 69.42 -1.46
N HIS D 12 -12.29 68.34 -1.98
CA HIS D 12 -11.46 68.49 -3.16
C HIS D 12 -12.32 68.45 -4.40
N GLU D 13 -11.87 69.18 -5.41
CA GLU D 13 -12.60 69.34 -6.64
C GLU D 13 -11.87 68.69 -7.80
N PHE D 14 -12.29 67.50 -8.18
CA PHE D 14 -11.64 66.77 -9.25
C PHE D 14 -12.29 66.99 -10.58
N ILE D 15 -11.56 67.56 -11.51
CA ILE D 15 -12.06 67.78 -12.84
C ILE D 15 -11.65 66.60 -13.70
N VAL D 16 -12.64 65.83 -14.11
CA VAL D 16 -12.37 64.60 -14.84
C VAL D 16 -13.10 64.59 -16.17
N LYS D 17 -12.40 64.20 -17.22
CA LYS D 17 -13.07 64.15 -18.49
C LYS D 17 -14.25 63.23 -18.34
N ARG D 18 -15.43 63.74 -18.67
CA ARG D 18 -16.68 63.02 -18.53
C ARG D 18 -16.62 61.61 -19.08
N GLU D 19 -15.99 61.48 -20.23
CA GLU D 19 -15.93 60.20 -20.89
C GLU D 19 -15.16 59.17 -20.08
N HIS D 20 -14.19 59.62 -19.30
CA HIS D 20 -13.45 58.70 -18.45
C HIS D 20 -14.32 58.38 -17.24
N ALA D 21 -15.07 59.39 -16.78
CA ALA D 21 -15.94 59.22 -15.62
C ALA D 21 -16.98 58.16 -15.90
N LEU D 22 -17.44 58.08 -17.14
CA LEU D 22 -18.41 57.06 -17.54
C LEU D 22 -17.95 55.60 -17.37
N THR D 23 -16.72 55.38 -16.90
CA THR D 23 -16.24 54.06 -16.56
C THR D 23 -17.10 53.44 -15.47
N SER D 24 -17.46 54.27 -14.50
CA SER D 24 -18.27 53.84 -13.37
C SER D 24 -19.72 53.62 -13.71
N GLY D 25 -20.25 52.46 -13.32
CA GLY D 25 -21.65 52.18 -13.56
C GLY D 25 -22.52 53.15 -12.80
N THR D 26 -22.09 53.49 -11.59
CA THR D 26 -22.83 54.43 -10.77
C THR D 26 -22.84 55.80 -11.42
N ILE D 27 -21.69 56.25 -11.89
CA ILE D 27 -21.66 57.54 -12.56
C ILE D 27 -22.51 57.53 -13.81
N LYS D 28 -22.49 56.45 -14.57
CA LYS D 28 -23.36 56.36 -15.73
C LYS D 28 -24.81 56.50 -15.30
N ALA D 29 -25.16 55.89 -14.17
CA ALA D 29 -26.50 56.02 -13.62
C ALA D 29 -26.80 57.48 -13.24
N MET D 30 -25.76 58.20 -12.83
CA MET D 30 -25.86 59.62 -12.48
C MET D 30 -25.95 60.56 -13.70
N LEU D 31 -26.00 60.01 -14.91
CA LEU D 31 -26.12 60.83 -16.11
C LEU D 31 -27.20 60.29 -17.04
N GLU D 44 -22.84 67.74 -12.34
CA GLU D 44 -21.66 67.24 -11.64
C GLU D 44 -22.04 66.32 -10.49
N VAL D 45 -21.05 65.77 -9.78
CA VAL D 45 -21.36 64.85 -8.69
C VAL D 45 -20.63 65.13 -7.40
N ASN D 46 -21.40 65.25 -6.33
CA ASN D 46 -20.82 65.42 -5.01
C ASN D 46 -20.77 64.09 -4.31
N PHE D 47 -19.60 63.48 -4.28
CA PHE D 47 -19.42 62.18 -3.67
C PHE D 47 -18.81 62.29 -2.29
N ARG D 48 -19.54 62.92 -1.37
CA ARG D 48 -19.07 63.16 0.00
C ARG D 48 -18.75 61.91 0.84
N GLU D 49 -19.10 60.71 0.37
CA GLU D 49 -18.81 59.50 1.10
C GLU D 49 -17.39 58.94 0.88
N ILE D 50 -16.64 59.51 -0.07
CA ILE D 50 -15.30 59.01 -0.32
C ILE D 50 -14.28 60.08 0.02
N PRO D 51 -13.17 59.74 0.68
CA PRO D 51 -12.07 60.60 1.04
C PRO D 51 -11.26 60.92 -0.19
N SER D 52 -10.62 62.09 -0.17
CA SER D 52 -9.77 62.51 -1.28
C SER D 52 -8.61 61.59 -1.44
N HIS D 53 -8.22 60.98 -0.32
CA HIS D 53 -7.17 60.00 -0.25
C HIS D 53 -7.39 58.87 -1.21
N VAL D 54 -8.65 58.54 -1.47
CA VAL D 54 -8.99 57.45 -2.34
C VAL D 54 -9.50 57.92 -3.69
N LEU D 55 -10.38 58.91 -3.69
CA LEU D 55 -11.00 59.38 -4.94
C LEU D 55 -10.01 59.72 -6.03
N SER D 56 -8.88 60.29 -5.67
CA SER D 56 -7.91 60.61 -6.71
C SER D 56 -7.42 59.37 -7.46
N LYS D 57 -7.42 58.22 -6.80
CA LYS D 57 -6.94 56.99 -7.43
C LYS D 57 -8.00 56.47 -8.32
N VAL D 58 -9.25 56.66 -7.92
CA VAL D 58 -10.37 56.24 -8.73
C VAL D 58 -10.35 56.94 -10.05
N CYS D 59 -10.07 58.24 -10.02
CA CYS D 59 -9.97 59.01 -11.23
C CYS D 59 -8.86 58.48 -12.09
N MET D 60 -7.69 58.31 -11.50
CA MET D 60 -6.55 57.81 -12.23
C MET D 60 -6.91 56.52 -12.95
N TYR D 61 -7.57 55.61 -12.24
CA TYR D 61 -8.08 54.38 -12.82
C TYR D 61 -8.96 54.62 -14.02
N PHE D 62 -9.85 55.61 -13.94
CA PHE D 62 -10.73 55.87 -15.07
C PHE D 62 -9.93 56.12 -16.33
N THR D 63 -8.87 56.90 -16.22
CA THR D 63 -8.03 57.16 -17.37
C THR D 63 -7.32 55.91 -17.84
N TYR D 64 -6.76 55.17 -16.89
CA TYR D 64 -6.05 53.94 -17.16
C TYR D 64 -6.85 52.96 -17.99
N LYS D 65 -8.07 52.68 -17.56
CA LYS D 65 -8.88 51.74 -18.27
C LYS D 65 -9.20 52.25 -19.66
N VAL D 66 -9.51 53.53 -19.79
CA VAL D 66 -9.80 54.07 -21.10
C VAL D 66 -8.61 53.97 -22.02
N ARG D 67 -7.44 54.33 -21.51
CA ARG D 67 -6.23 54.33 -22.31
C ARG D 67 -5.88 52.98 -22.88
N TYR D 68 -6.04 51.95 -22.10
CA TYR D 68 -5.67 50.63 -22.55
C TYR D 68 -6.82 49.75 -22.96
N THR D 69 -7.96 50.35 -23.32
CA THR D 69 -9.11 49.56 -23.71
C THR D 69 -8.88 48.73 -24.98
N ASN D 70 -8.24 49.31 -25.99
CA ASN D 70 -8.00 48.58 -27.24
C ASN D 70 -6.57 48.71 -27.74
N SER D 71 -5.64 48.02 -27.10
CA SER D 71 -4.24 48.10 -27.52
C SER D 71 -3.36 47.00 -26.89
N GLU D 74 0.16 46.14 -25.38
CA GLU D 74 0.06 45.47 -24.08
C GLU D 74 -0.55 46.39 -23.05
N ILE D 75 -0.91 45.83 -21.91
CA ILE D 75 -1.50 46.62 -20.85
C ILE D 75 -0.66 46.50 -19.57
N PRO D 76 -0.16 47.61 -19.02
CA PRO D 76 0.64 47.72 -17.82
C PRO D 76 -0.22 47.50 -16.60
N GLU D 77 0.40 47.25 -15.44
CA GLU D 77 -0.39 47.00 -14.24
C GLU D 77 -0.62 48.22 -13.39
N PHE D 78 -1.89 48.59 -13.25
CA PHE D 78 -2.34 49.68 -12.38
C PHE D 78 -1.70 49.59 -10.99
N PRO D 79 -1.06 50.66 -10.52
CA PRO D 79 -0.40 50.76 -9.23
C PRO D 79 -1.42 50.89 -8.12
N ILE D 80 -1.11 50.30 -6.98
CA ILE D 80 -2.00 50.34 -5.82
C ILE D 80 -1.29 50.05 -4.51
N ALA D 81 -1.59 50.85 -3.51
CA ALA D 81 -1.00 50.72 -2.19
C ALA D 81 -1.92 49.94 -1.26
N PRO D 82 -1.36 49.12 -0.35
CA PRO D 82 -2.07 48.34 0.64
C PRO D 82 -2.81 49.26 1.59
N GLU D 83 -2.34 50.49 1.69
CA GLU D 83 -2.90 51.52 2.53
C GLU D 83 -4.24 52.02 2.02
N ILE D 84 -4.52 51.79 0.74
CA ILE D 84 -5.77 52.26 0.18
C ILE D 84 -6.60 51.12 -0.31
N ALA D 85 -6.00 49.94 -0.42
CA ALA D 85 -6.68 48.79 -1.00
C ALA D 85 -8.06 48.54 -0.43
N LEU D 86 -8.24 48.60 0.88
CA LEU D 86 -9.55 48.26 1.43
C LEU D 86 -10.57 49.33 1.18
N GLU D 87 -10.19 50.58 1.36
CA GLU D 87 -11.11 51.67 1.15
C GLU D 87 -11.41 51.82 -0.32
N LEU D 88 -10.40 51.57 -1.14
CA LEU D 88 -10.55 51.67 -2.57
C LEU D 88 -11.52 50.62 -3.02
N LEU D 89 -11.37 49.42 -2.50
CA LEU D 89 -12.30 48.35 -2.82
C LEU D 89 -13.71 48.79 -2.55
N MET D 90 -13.93 49.34 -1.36
CA MET D 90 -15.24 49.81 -0.97
C MET D 90 -15.74 50.87 -1.92
N ALA D 91 -14.87 51.79 -2.30
CA ALA D 91 -15.22 52.86 -3.21
C ALA D 91 -15.62 52.30 -4.55
N ALA D 92 -14.86 51.34 -5.04
CA ALA D 92 -15.13 50.74 -6.31
C ALA D 92 -16.44 50.01 -6.26
N ASN D 93 -16.72 49.37 -5.13
CA ASN D 93 -17.99 48.70 -4.96
C ASN D 93 -19.11 49.70 -5.11
N PHE D 94 -18.99 50.83 -4.42
CA PHE D 94 -19.98 51.89 -4.50
C PHE D 94 -20.18 52.39 -5.92
N LEU D 95 -19.07 52.60 -6.61
CA LEU D 95 -19.10 53.11 -7.96
C LEU D 95 -19.41 52.09 -9.04
N ASP D 96 -19.66 50.83 -8.67
CA ASP D 96 -19.89 49.80 -9.66
C ASP D 96 -18.71 49.73 -10.63
N CYS D 97 -17.53 49.45 -10.06
CA CYS D 97 -16.31 49.31 -10.82
C CYS D 97 -15.47 48.12 -10.34
N ASP E 2 1.78 60.55 -25.87
CA ASP E 2 0.84 61.37 -25.11
C ASP E 2 1.33 61.64 -23.69
N VAL E 3 0.92 62.79 -23.16
CA VAL E 3 1.29 63.24 -21.83
C VAL E 3 0.07 63.34 -20.94
N PHE E 4 0.13 62.67 -19.79
CA PHE E 4 -0.99 62.66 -18.85
C PHE E 4 -0.68 63.54 -17.66
N LEU E 5 -1.31 64.71 -17.59
CA LEU E 5 -1.01 65.62 -16.49
C LEU E 5 -2.12 65.76 -15.51
N MET E 6 -1.73 66.04 -14.27
CA MET E 6 -2.65 66.33 -13.19
C MET E 6 -2.30 67.71 -12.63
N ILE E 7 -3.12 68.70 -12.93
CA ILE E 7 -2.84 70.05 -12.55
C ILE E 7 -3.65 70.46 -11.33
N ARG E 8 -2.97 71.02 -10.33
CA ARG E 8 -3.65 71.32 -9.07
C ARG E 8 -3.43 72.74 -8.52
N ARG E 9 -4.37 73.18 -7.68
CA ARG E 9 -4.31 74.49 -7.00
C ARG E 9 -5.20 74.45 -5.78
N HIS E 10 -4.67 74.74 -4.59
CA HIS E 10 -5.48 74.67 -3.38
C HIS E 10 -6.10 73.27 -3.33
N LYS E 11 -7.42 73.17 -3.35
CA LYS E 11 -8.04 71.86 -3.34
C LYS E 11 -8.58 71.43 -4.70
N THR E 12 -8.20 72.13 -5.76
CA THR E 12 -8.67 71.74 -7.07
C THR E 12 -7.65 70.86 -7.76
N THR E 13 -8.16 69.94 -8.56
CA THR E 13 -7.35 68.99 -9.32
C THR E 13 -7.95 68.74 -10.71
N ILE E 14 -7.14 68.72 -11.76
CA ILE E 14 -7.67 68.37 -13.07
C ILE E 14 -6.78 67.41 -13.82
N PHE E 15 -7.42 66.40 -14.41
CA PHE E 15 -6.74 65.39 -15.21
C PHE E 15 -6.94 65.64 -16.68
N THR E 16 -5.84 65.81 -17.41
CA THR E 16 -5.97 66.09 -18.84
C THR E 16 -4.77 65.60 -19.65
N ASP E 17 -5.03 65.28 -20.91
CA ASP E 17 -4.01 64.76 -21.81
C ASP E 17 -3.45 65.81 -22.75
N ALA E 18 -2.21 65.60 -23.19
CA ALA E 18 -1.56 66.53 -24.10
C ALA E 18 -0.50 65.82 -24.96
N LYS E 19 0.05 66.54 -25.92
CA LYS E 19 1.11 66.00 -26.77
C LYS E 19 2.46 66.45 -26.25
N GLU E 20 3.50 65.65 -26.45
CA GLU E 20 4.84 66.03 -26.00
C GLU E 20 5.29 67.35 -26.63
N SER E 21 4.85 67.56 -27.87
CA SER E 21 5.17 68.76 -28.63
C SER E 21 4.30 69.95 -28.27
N SER E 22 3.26 69.74 -27.48
CA SER E 22 2.39 70.82 -27.09
C SER E 22 3.12 71.75 -26.16
N THR E 23 2.90 73.05 -26.35
CA THR E 23 3.58 74.02 -25.54
C THR E 23 2.83 74.31 -24.28
N VAL E 24 3.54 74.88 -23.32
CA VAL E 24 2.94 75.33 -22.09
C VAL E 24 1.83 76.32 -22.38
N PHE E 25 2.06 77.21 -23.33
CA PHE E 25 1.01 78.13 -23.76
C PHE E 25 -0.25 77.37 -24.17
N GLU E 26 -0.10 76.34 -25.01
CA GLU E 26 -1.26 75.56 -25.41
C GLU E 26 -1.91 74.91 -24.22
N LEU E 27 -1.09 74.42 -23.28
CA LEU E 27 -1.61 73.82 -22.06
C LEU E 27 -2.41 74.84 -21.27
N LYS E 28 -1.94 76.09 -21.25
CA LYS E 28 -2.66 77.15 -20.58
C LYS E 28 -4.02 77.36 -21.23
N ARG E 29 -4.09 77.22 -22.56
CA ARG E 29 -5.38 77.30 -23.23
C ARG E 29 -6.25 76.12 -22.83
N ILE E 30 -5.63 74.96 -22.63
CA ILE E 30 -6.37 73.79 -22.17
C ILE E 30 -6.93 74.06 -20.80
N VAL E 31 -6.13 74.65 -19.92
CA VAL E 31 -6.60 74.99 -18.60
C VAL E 31 -7.74 75.97 -18.64
N GLU E 32 -7.61 77.01 -19.47
CA GLU E 32 -8.64 78.04 -19.65
C GLU E 32 -10.03 77.46 -19.90
N GLY E 33 -10.11 76.40 -20.70
CA GLY E 33 -11.39 75.77 -20.99
C GLY E 33 -12.21 75.43 -19.72
N ILE E 34 -11.54 75.18 -18.60
CA ILE E 34 -12.18 74.88 -17.33
C ILE E 34 -12.12 76.05 -16.38
N LEU E 35 -10.93 76.62 -16.25
CA LEU E 35 -10.67 77.75 -15.37
C LEU E 35 -11.46 79.00 -15.73
N LYS E 36 -11.61 79.24 -17.02
CA LYS E 36 -12.29 80.40 -17.59
C LYS E 36 -11.50 81.67 -17.34
N ARG E 37 -10.17 81.56 -17.38
CA ARG E 37 -9.28 82.70 -17.23
C ARG E 37 -8.20 82.60 -18.30
N PRO E 38 -7.95 83.67 -19.06
CA PRO E 38 -6.97 83.77 -20.14
C PRO E 38 -5.59 83.41 -19.65
N PRO E 39 -4.74 82.87 -20.52
CA PRO E 39 -3.37 82.43 -20.28
C PRO E 39 -2.53 83.45 -19.54
N ASP E 40 -2.72 84.74 -19.79
CA ASP E 40 -1.95 85.75 -19.07
C ASP E 40 -2.29 85.78 -17.57
N GLU E 41 -3.45 85.23 -17.21
CA GLU E 41 -3.87 85.14 -15.83
C GLU E 41 -3.53 83.79 -15.23
N GLN E 42 -2.79 82.97 -15.96
CA GLN E 42 -2.46 81.64 -15.49
C GLN E 42 -0.99 81.50 -15.19
N ARG E 43 -0.66 80.71 -14.19
CA ARG E 43 0.73 80.44 -13.88
C ARG E 43 0.97 78.96 -13.70
N LEU E 44 1.31 78.27 -14.76
CA LEU E 44 1.61 76.85 -14.60
C LEU E 44 3.00 76.71 -14.10
N TYR E 45 3.22 75.73 -13.24
CA TYR E 45 4.56 75.54 -12.74
C TYR E 45 4.84 74.09 -12.37
N LYS E 46 6.11 73.73 -12.41
CA LYS E 46 6.55 72.40 -12.06
C LYS E 46 7.26 72.46 -10.75
N ASP E 47 6.77 71.74 -9.75
CA ASP E 47 7.42 71.81 -8.44
C ASP E 47 7.27 73.23 -7.91
N ASP E 48 8.31 74.04 -8.08
CA ASP E 48 8.26 75.44 -7.69
C ASP E 48 8.83 76.32 -8.79
N GLN E 49 9.00 75.72 -9.97
CA GLN E 49 9.55 76.37 -11.13
C GLN E 49 8.49 76.77 -12.10
N LEU E 50 8.35 78.06 -12.31
CA LEU E 50 7.34 78.56 -13.22
C LEU E 50 7.65 78.04 -14.61
N LEU E 51 6.63 77.53 -15.29
CA LEU E 51 6.82 77.00 -16.64
C LEU E 51 6.80 78.09 -17.70
N ASP E 52 7.65 77.87 -18.69
CA ASP E 52 7.83 78.75 -19.84
C ASP E 52 6.85 78.46 -20.95
N ASP E 53 6.00 79.43 -21.26
CA ASP E 53 5.01 79.28 -22.31
C ASP E 53 5.58 78.80 -23.64
N GLY E 54 6.83 79.19 -23.93
CA GLY E 54 7.51 78.82 -25.18
C GLY E 54 8.21 77.46 -25.16
N LYS E 55 8.13 76.73 -24.06
CA LYS E 55 8.70 75.39 -24.01
C LYS E 55 7.62 74.34 -24.16
N THR E 56 8.00 73.22 -24.73
CA THR E 56 7.07 72.10 -24.88
C THR E 56 7.09 71.26 -23.66
N LEU E 57 6.12 70.37 -23.53
CA LEU E 57 6.09 69.49 -22.38
C LEU E 57 7.32 68.60 -22.36
N GLY E 58 7.73 68.11 -23.53
CA GLY E 58 8.95 67.33 -23.64
C GLY E 58 10.14 68.17 -23.19
N GLU E 59 10.18 69.43 -23.62
CA GLU E 59 11.24 70.36 -23.23
C GLU E 59 11.28 70.59 -21.73
N CYS E 60 10.10 70.61 -21.10
CA CYS E 60 10.00 70.83 -19.67
C CYS E 60 10.20 69.57 -18.82
N GLY E 61 10.60 68.45 -19.43
CA GLY E 61 10.87 67.24 -18.66
C GLY E 61 9.68 66.32 -18.46
N PHE E 62 8.61 66.51 -19.23
CA PHE E 62 7.45 65.64 -19.09
C PHE E 62 7.46 64.63 -20.21
N THR E 63 7.13 63.39 -19.89
CA THR E 63 7.14 62.36 -20.91
C THR E 63 6.34 61.12 -20.59
N SER E 64 6.41 60.16 -21.50
CA SER E 64 5.69 58.89 -21.39
C SER E 64 6.18 58.02 -20.25
N GLN E 65 7.36 58.32 -19.76
CA GLN E 65 7.95 57.60 -18.67
C GLN E 65 7.64 58.25 -17.33
N THR E 66 6.95 59.38 -17.34
CA THR E 66 6.60 60.08 -16.11
C THR E 66 5.11 60.30 -16.05
N ALA E 67 4.64 61.12 -16.98
CA ALA E 67 3.26 61.52 -17.08
C ALA E 67 2.43 60.42 -17.70
N ARG E 68 2.17 59.36 -16.94
CA ARG E 68 1.48 58.18 -17.45
C ARG E 68 0.00 58.11 -17.12
N PRO E 69 -0.70 57.16 -17.75
CA PRO E 69 -2.09 56.79 -17.51
C PRO E 69 -2.15 55.92 -16.26
N GLN E 70 -1.00 55.36 -15.88
CA GLN E 70 -0.86 54.63 -14.64
C GLN E 70 -0.80 55.58 -13.48
N ALA E 71 -0.31 56.78 -13.74
CA ALA E 71 -0.10 57.81 -12.74
C ALA E 71 0.51 59.03 -13.44
N PRO E 72 -0.27 60.09 -13.62
CA PRO E 72 0.04 61.33 -14.31
C PRO E 72 1.02 62.19 -13.53
N ALA E 73 1.62 63.16 -14.22
CA ALA E 73 2.59 64.03 -13.58
C ALA E 73 1.89 65.16 -12.86
N THR E 74 2.46 65.58 -11.74
CA THR E 74 1.86 66.65 -10.97
C THR E 74 2.39 68.01 -11.39
N VAL E 75 1.47 68.86 -11.81
CA VAL E 75 1.77 70.22 -12.26
C VAL E 75 0.97 71.20 -11.44
N GLY E 76 1.60 72.28 -11.01
CA GLY E 76 0.86 73.22 -10.22
C GLY E 76 0.28 74.35 -11.06
N LEU E 77 -0.81 74.92 -10.55
CA LEU E 77 -1.45 76.06 -11.18
C LEU E 77 -1.68 77.17 -10.19
N ALA E 78 -1.19 78.34 -10.52
CA ALA E 78 -1.44 79.53 -9.75
C ALA E 78 -2.09 80.49 -10.71
N PHE E 79 -2.39 81.69 -10.27
CA PHE E 79 -3.04 82.63 -11.16
C PHE E 79 -2.66 84.06 -10.86
N ARG E 80 -2.92 84.93 -11.82
CA ARG E 80 -2.50 86.32 -11.69
C ARG E 80 -3.37 87.16 -10.80
N ALA E 81 -3.08 87.12 -9.52
CA ALA E 81 -3.73 87.97 -8.55
C ALA E 81 -3.32 89.43 -8.79
N ASP E 82 -4.02 90.10 -9.68
CA ASP E 82 -3.79 91.49 -10.03
C ASP E 82 -2.36 91.75 -10.53
N ASP E 83 -1.53 92.40 -9.74
CA ASP E 83 -0.17 92.71 -10.17
C ASP E 83 0.82 91.61 -9.81
N THR E 84 0.33 90.50 -9.28
CA THR E 84 1.17 89.39 -8.89
C THR E 84 0.48 88.08 -9.19
N PHE E 85 0.91 87.04 -8.50
CA PHE E 85 0.27 85.77 -8.69
C PHE E 85 0.22 84.98 -7.39
N GLU E 86 -0.74 84.05 -7.35
CA GLU E 86 -1.05 83.28 -6.16
C GLU E 86 0.09 82.42 -5.67
N ALA E 87 0.11 82.24 -4.36
CA ALA E 87 1.09 81.40 -3.71
C ALA E 87 1.11 80.04 -4.34
N LEU E 88 2.29 79.49 -4.51
CA LEU E 88 2.46 78.22 -5.19
C LEU E 88 2.21 77.08 -4.20
N CYS E 89 0.95 76.96 -3.76
CA CYS E 89 0.58 75.98 -2.77
C CYS E 89 -0.63 75.15 -3.16
N ILE E 90 -0.51 73.86 -2.91
CA ILE E 90 -1.55 72.90 -3.21
C ILE E 90 -1.91 72.13 -1.96
N GLU E 91 -3.19 72.05 -1.65
CA GLU E 91 -3.65 71.38 -0.45
C GLU E 91 -3.66 69.86 -0.65
N PRO E 92 -2.83 69.12 0.09
CA PRO E 92 -2.65 67.68 0.05
C PRO E 92 -3.94 66.96 0.28
N PHE E 93 -4.03 65.77 -0.30
CA PHE E 93 -5.18 64.92 -0.11
C PHE E 93 -5.06 64.33 1.28
N SER E 94 -6.14 63.76 1.79
CA SER E 94 -6.08 63.17 3.13
C SER E 94 -5.00 62.13 3.26
N SER E 95 -4.43 62.07 4.44
CA SER E 95 -3.42 61.08 4.77
C SER E 95 -4.10 59.73 4.84
N PRO E 96 -3.35 58.64 4.78
CA PRO E 96 -3.76 57.25 4.88
C PRO E 96 -4.08 56.88 6.30
N PRO E 97 -4.95 55.89 6.48
CA PRO E 97 -5.37 55.26 7.71
C PRO E 97 -4.28 54.32 8.18
N GLU E 98 -4.39 53.88 9.42
CA GLU E 98 -3.45 52.89 9.94
C GLU E 98 -3.56 51.65 9.09
N LEU E 99 -2.45 50.96 8.88
CA LEU E 99 -2.45 49.83 7.97
C LEU E 99 -2.92 48.53 8.62
N PRO E 100 -4.23 48.22 8.55
CA PRO E 100 -4.81 46.93 9.01
C PRO E 100 -3.82 45.92 9.58
N ASP E 101 -3.66 45.87 10.90
CA ASP E 101 -2.76 44.92 11.54
C ASP E 101 -2.89 43.50 10.99
N VAL E 102 -4.10 43.12 10.60
CA VAL E 102 -4.38 41.84 9.98
C VAL E 102 -3.60 41.66 8.67
N MET E 103 -3.54 42.70 7.86
CA MET E 103 -2.84 42.67 6.59
C MET E 103 -1.37 43.01 6.71
N LYS E 104 -0.95 43.51 7.87
CA LYS E 104 0.47 43.79 8.03
C LYS E 104 1.26 42.50 7.90
N PRO E 105 2.40 42.55 7.20
CA PRO E 105 3.29 41.46 6.87
C PRO E 105 4.03 40.96 8.10
N GLN E 106 4.44 39.70 8.05
CA GLN E 106 5.17 39.07 9.14
C GLN E 106 6.60 39.58 9.21
N SER A 6 -13.29 -40.85 -1.26
CA SER A 6 -12.32 -39.80 -1.52
C SER A 6 -12.91 -38.41 -1.38
N HIS A 7 -12.23 -37.55 -0.63
CA HIS A 7 -12.67 -36.17 -0.48
C HIS A 7 -12.40 -35.40 -1.75
N ASN A 8 -11.56 -35.96 -2.62
CA ASN A 8 -11.32 -35.32 -3.89
C ASN A 8 -12.49 -35.69 -4.78
N ALA A 9 -12.99 -36.91 -4.62
CA ALA A 9 -14.20 -37.31 -5.32
C ALA A 9 -15.37 -36.51 -4.77
N LEU A 10 -15.34 -36.23 -3.47
CA LEU A 10 -16.36 -35.41 -2.87
C LEU A 10 -16.32 -34.03 -3.49
N LYS A 11 -15.13 -33.50 -3.78
CA LYS A 11 -15.02 -32.26 -4.53
C LYS A 11 -15.74 -32.39 -5.87
N LEU A 12 -15.61 -33.55 -6.51
CA LEU A 12 -16.31 -33.77 -7.78
C LEU A 12 -17.82 -33.83 -7.58
N ARG A 13 -18.27 -34.37 -6.44
CA ARG A 13 -19.69 -34.48 -6.14
C ARG A 13 -20.37 -33.13 -5.95
N PHE A 14 -19.71 -32.18 -5.33
CA PHE A 14 -20.33 -30.87 -5.20
C PHE A 14 -20.43 -30.20 -6.55
N PRO A 15 -21.48 -29.43 -6.78
CA PRO A 15 -21.72 -28.63 -7.98
C PRO A 15 -20.57 -27.67 -8.21
N ALA A 16 -20.23 -27.48 -9.48
CA ALA A 16 -19.10 -26.65 -9.87
C ALA A 16 -19.15 -25.27 -9.28
N GLU A 17 -20.33 -24.68 -9.32
CA GLU A 17 -20.54 -23.32 -8.82
C GLU A 17 -20.37 -23.20 -7.31
N ASP A 18 -20.35 -24.30 -6.59
CA ASP A 18 -20.15 -24.24 -5.16
C ASP A 18 -18.68 -24.39 -4.87
N GLU A 19 -18.00 -25.17 -5.70
CA GLU A 19 -16.57 -25.32 -5.56
C GLU A 19 -15.83 -24.14 -6.18
N PHE A 20 -16.45 -23.48 -7.17
CA PHE A 20 -15.83 -22.34 -7.82
C PHE A 20 -15.47 -21.28 -6.80
N PRO A 21 -14.19 -20.95 -6.66
CA PRO A 21 -13.64 -20.01 -5.72
C PRO A 21 -13.99 -18.60 -6.08
N ASP A 22 -14.08 -17.74 -5.06
CA ASP A 22 -14.38 -16.33 -5.25
C ASP A 22 -13.11 -15.55 -5.50
N LEU A 23 -12.86 -15.24 -6.77
CA LEU A 23 -11.66 -14.55 -7.17
C LEU A 23 -11.89 -13.06 -7.41
N SER A 24 -13.04 -12.53 -7.00
CA SER A 24 -13.36 -11.13 -7.30
C SER A 24 -12.43 -10.12 -6.64
N ALA A 25 -11.83 -10.48 -5.51
CA ALA A 25 -10.92 -9.58 -4.83
C ALA A 25 -9.47 -9.82 -5.25
N HIS A 26 -9.26 -10.76 -6.15
CA HIS A 26 -7.92 -11.14 -6.54
C HIS A 26 -7.40 -10.31 -7.70
N ASN A 27 -6.08 -10.16 -7.74
CA ASN A 27 -5.43 -9.37 -8.76
C ASN A 27 -4.23 -10.08 -9.34
N ASN A 28 -4.47 -11.07 -10.19
CA ASN A 28 -3.36 -11.76 -10.81
C ASN A 28 -3.77 -12.35 -12.15
N HIS A 29 -2.81 -12.92 -12.86
CA HIS A 29 -3.07 -13.40 -14.21
C HIS A 29 -4.08 -14.53 -14.24
N MET A 30 -3.94 -15.47 -13.32
CA MET A 30 -4.84 -16.60 -13.24
C MET A 30 -6.25 -16.14 -13.01
N ALA A 31 -6.41 -15.20 -12.08
CA ALA A 31 -7.72 -14.69 -11.72
C ALA A 31 -8.45 -14.13 -12.91
N LYS A 32 -7.74 -13.41 -13.77
CA LYS A 32 -8.42 -12.89 -14.93
C LYS A 32 -8.80 -14.00 -15.91
N VAL A 33 -7.97 -15.02 -15.99
CA VAL A 33 -8.22 -16.11 -16.90
C VAL A 33 -9.30 -17.10 -16.49
N LEU A 34 -9.24 -17.60 -15.28
CA LEU A 34 -10.19 -18.63 -14.85
C LEU A 34 -11.61 -18.15 -14.71
N THR A 35 -12.50 -18.78 -15.47
CA THR A 35 -13.92 -18.45 -15.43
C THR A 35 -14.66 -19.65 -14.88
N PRO A 36 -15.89 -19.48 -14.42
CA PRO A 36 -16.81 -20.50 -13.93
C PRO A 36 -16.98 -21.60 -14.95
N GLU A 37 -16.97 -21.23 -16.23
CA GLU A 37 -17.10 -22.20 -17.28
C GLU A 37 -15.88 -23.08 -17.36
N LEU A 38 -14.71 -22.46 -17.31
CA LEU A 38 -13.47 -23.22 -17.36
C LEU A 38 -13.31 -24.09 -16.16
N TYR A 39 -13.70 -23.57 -15.00
CA TYR A 39 -13.59 -24.32 -13.77
C TYR A 39 -14.47 -25.54 -13.82
N ALA A 40 -15.70 -25.35 -14.26
CA ALA A 40 -16.64 -26.44 -14.35
C ALA A 40 -16.12 -27.55 -15.24
N GLU A 41 -15.46 -27.19 -16.33
CA GLU A 41 -14.91 -28.19 -17.22
C GLU A 41 -13.65 -28.85 -16.69
N LEU A 42 -12.69 -28.05 -16.31
CA LEU A 42 -11.39 -28.53 -15.91
C LEU A 42 -11.35 -29.26 -14.60
N ARG A 43 -12.32 -29.04 -13.72
CA ARG A 43 -12.28 -29.69 -12.41
C ARG A 43 -12.42 -31.19 -12.53
N ALA A 44 -12.88 -31.69 -13.67
CA ALA A 44 -13.01 -33.12 -13.86
C ALA A 44 -11.72 -33.76 -14.36
N LYS A 45 -10.68 -32.97 -14.58
CA LYS A 45 -9.44 -33.51 -15.10
C LYS A 45 -8.31 -33.47 -14.09
N SER A 46 -7.30 -34.30 -14.34
CA SER A 46 -6.11 -34.41 -13.53
C SER A 46 -5.01 -35.02 -14.34
N THR A 47 -3.79 -34.94 -13.84
CA THR A 47 -2.66 -35.49 -14.55
C THR A 47 -2.54 -36.95 -14.21
N PRO A 48 -1.68 -37.66 -14.92
CA PRO A 48 -1.27 -39.03 -14.66
C PRO A 48 -0.60 -39.14 -13.30
N SER A 49 -0.11 -38.03 -12.76
CA SER A 49 0.54 -38.00 -11.47
C SER A 49 -0.44 -37.70 -10.35
N GLY A 50 -1.70 -37.42 -10.71
CA GLY A 50 -2.72 -37.13 -9.72
C GLY A 50 -2.84 -35.66 -9.35
N PHE A 51 -2.22 -34.78 -10.12
CA PHE A 51 -2.30 -33.36 -9.82
C PHE A 51 -3.56 -32.83 -10.47
N THR A 52 -4.37 -32.04 -9.77
CA THR A 52 -5.61 -31.60 -10.41
C THR A 52 -5.83 -30.11 -10.40
N LEU A 53 -6.99 -29.70 -10.91
CA LEU A 53 -7.32 -28.30 -11.09
C LEU A 53 -7.23 -27.53 -9.80
N ASP A 54 -7.77 -28.10 -8.75
CA ASP A 54 -7.71 -27.43 -7.47
C ASP A 54 -6.31 -27.32 -6.92
N ASP A 55 -5.34 -28.01 -7.49
CA ASP A 55 -3.99 -27.86 -7.00
C ASP A 55 -3.30 -26.78 -7.80
N VAL A 56 -3.55 -26.75 -9.12
CA VAL A 56 -2.86 -25.77 -9.95
C VAL A 56 -3.30 -24.35 -9.64
N ILE A 57 -4.52 -24.17 -9.14
CA ILE A 57 -4.99 -22.82 -8.85
C ILE A 57 -4.86 -22.37 -7.39
N GLN A 58 -4.20 -23.17 -6.54
CA GLN A 58 -4.08 -22.81 -5.12
C GLN A 58 -3.48 -21.46 -4.84
N THR A 59 -2.18 -21.32 -5.02
CA THR A 59 -1.50 -20.09 -4.63
C THR A 59 -2.27 -18.84 -5.06
N GLY A 60 -2.81 -18.86 -6.27
CA GLY A 60 -3.65 -17.78 -6.77
C GLY A 60 -4.79 -17.48 -5.82
N VAL A 61 -5.75 -18.41 -5.69
CA VAL A 61 -6.88 -18.14 -4.82
C VAL A 61 -6.49 -17.94 -3.37
N ASP A 62 -5.38 -18.53 -2.95
CA ASP A 62 -4.88 -18.42 -1.60
C ASP A 62 -4.29 -17.04 -1.29
N ASN A 63 -4.05 -16.23 -2.31
CA ASN A 63 -3.53 -14.91 -2.05
C ASN A 63 -3.82 -13.97 -3.21
N PRO A 64 -4.77 -13.04 -3.06
CA PRO A 64 -5.21 -12.03 -4.01
C PRO A 64 -4.05 -11.31 -4.67
N GLY A 65 -2.93 -11.21 -3.96
CA GLY A 65 -1.76 -10.62 -4.53
C GLY A 65 -1.68 -9.16 -4.25
N HIS A 66 -0.69 -8.53 -4.84
CA HIS A 66 -0.45 -7.13 -4.64
C HIS A 66 -1.39 -6.33 -5.52
N PRO A 67 -1.82 -5.15 -5.06
CA PRO A 67 -2.63 -4.19 -5.77
C PRO A 67 -2.00 -3.67 -7.04
N TYR A 68 -0.67 -3.63 -7.08
CA TYR A 68 0.00 -3.11 -8.25
C TYR A 68 0.91 -4.14 -8.90
N ILE A 69 1.62 -4.92 -8.10
CA ILE A 69 2.48 -5.95 -8.69
C ILE A 69 1.65 -7.15 -9.10
N MET A 70 1.47 -7.30 -10.40
CA MET A 70 0.61 -8.36 -10.89
C MET A 70 1.31 -9.70 -11.03
N THR A 71 1.24 -10.50 -9.96
CA THR A 71 1.81 -11.85 -9.95
C THR A 71 0.99 -12.79 -10.84
N VAL A 72 1.48 -14.00 -11.06
CA VAL A 72 0.78 -14.93 -11.92
C VAL A 72 -0.42 -15.57 -11.29
N GLY A 73 -0.25 -16.15 -10.12
CA GLY A 73 -1.38 -16.77 -9.43
C GLY A 73 -1.60 -18.26 -9.70
N CYS A 74 -0.59 -18.98 -10.19
CA CYS A 74 -0.77 -20.42 -10.35
C CYS A 74 0.55 -21.12 -10.43
N VAL A 75 0.55 -22.44 -10.39
CA VAL A 75 1.80 -23.18 -10.50
C VAL A 75 1.58 -24.60 -11.00
N ALA A 76 2.45 -25.07 -11.89
CA ALA A 76 2.32 -26.41 -12.44
C ALA A 76 2.79 -27.46 -11.47
N GLY A 77 2.38 -28.71 -11.70
CA GLY A 77 2.73 -29.79 -10.79
C GLY A 77 3.78 -30.70 -11.40
N ASP A 78 3.72 -30.83 -12.71
CA ASP A 78 4.65 -31.67 -13.43
C ASP A 78 4.61 -31.30 -14.90
N GLU A 79 5.37 -32.00 -15.71
CA GLU A 79 5.34 -31.77 -17.15
C GLU A 79 3.95 -31.90 -17.74
N GLU A 80 3.30 -33.01 -17.44
CA GLU A 80 2.00 -33.32 -17.99
C GLU A 80 0.93 -32.27 -17.70
N SER A 81 1.02 -31.61 -16.56
CA SER A 81 0.05 -30.62 -16.16
C SER A 81 0.01 -29.42 -17.09
N TYR A 82 1.05 -29.17 -17.86
CA TYR A 82 0.97 -28.08 -18.81
C TYR A 82 0.05 -28.44 -19.96
N GLU A 83 -0.05 -29.73 -20.26
CA GLU A 83 -0.97 -30.17 -21.30
C GLU A 83 -2.36 -30.36 -20.76
N VAL A 84 -2.46 -30.99 -19.59
CA VAL A 84 -3.75 -31.27 -19.00
C VAL A 84 -4.54 -30.01 -18.71
N PHE A 85 -3.85 -28.99 -18.22
CA PHE A 85 -4.54 -27.74 -17.94
C PHE A 85 -4.17 -26.67 -18.94
N LYS A 86 -3.94 -27.10 -20.18
CA LYS A 86 -3.60 -26.23 -21.29
C LYS A 86 -4.62 -25.11 -21.45
N ASP A 87 -5.88 -25.40 -21.18
CA ASP A 87 -6.91 -24.38 -21.31
C ASP A 87 -6.71 -23.19 -20.39
N LEU A 88 -5.89 -23.32 -19.34
CA LEU A 88 -5.56 -22.17 -18.52
C LEU A 88 -4.19 -21.69 -18.86
N PHE A 89 -3.26 -22.61 -19.07
CA PHE A 89 -1.91 -22.19 -19.36
C PHE A 89 -1.79 -21.46 -20.66
N ASP A 90 -2.58 -21.86 -21.65
CA ASP A 90 -2.54 -21.17 -22.93
C ASP A 90 -2.81 -19.66 -22.80
N PRO A 91 -3.81 -19.23 -22.04
CA PRO A 91 -4.08 -17.81 -21.90
C PRO A 91 -3.25 -17.17 -20.81
N ILE A 92 -2.89 -17.92 -19.78
CA ILE A 92 -2.06 -17.33 -18.74
C ILE A 92 -0.67 -17.04 -19.27
N ILE A 93 -0.10 -18.00 -19.96
CA ILE A 93 1.23 -17.83 -20.52
C ILE A 93 1.24 -16.74 -21.56
N GLU A 94 0.27 -16.77 -22.47
CA GLU A 94 0.19 -15.75 -23.49
C GLU A 94 0.19 -14.37 -22.89
N ASP A 95 -0.66 -14.16 -21.90
CA ASP A 95 -0.76 -12.87 -21.27
C ASP A 95 0.52 -12.50 -20.54
N ARG A 96 1.05 -13.42 -19.75
CA ARG A 96 2.25 -13.13 -18.98
C ARG A 96 3.48 -12.87 -19.81
N HIS A 97 3.58 -13.49 -20.98
CA HIS A 97 4.76 -13.28 -21.79
C HIS A 97 4.55 -12.39 -23.01
N GLY A 98 3.49 -11.58 -23.00
CA GLY A 98 3.33 -10.59 -24.05
C GLY A 98 2.83 -11.07 -25.41
N GLY A 99 1.86 -11.96 -25.43
CA GLY A 99 1.29 -12.39 -26.70
C GLY A 99 1.93 -13.65 -27.25
N TYR A 100 2.73 -14.32 -26.45
CA TYR A 100 3.34 -15.56 -26.87
C TYR A 100 2.27 -16.57 -27.28
N LYS A 101 2.19 -16.86 -28.56
CA LYS A 101 1.18 -17.80 -29.05
C LYS A 101 1.67 -19.22 -28.85
N PRO A 102 0.76 -20.19 -28.74
CA PRO A 102 1.00 -21.61 -28.52
C PRO A 102 1.80 -22.25 -29.65
N SER A 103 1.76 -21.64 -30.83
CA SER A 103 2.51 -22.12 -31.98
C SER A 103 3.88 -21.47 -32.12
N ASP A 104 4.22 -20.55 -31.22
CA ASP A 104 5.49 -19.85 -31.32
C ASP A 104 6.64 -20.67 -30.81
N GLU A 105 7.19 -21.50 -31.68
CA GLU A 105 8.31 -22.35 -31.32
C GLU A 105 9.41 -21.60 -30.62
N HIS A 106 9.77 -22.10 -29.47
CA HIS A 106 10.83 -21.53 -28.67
C HIS A 106 12.14 -22.24 -28.91
N LYS A 107 13.20 -21.48 -29.13
CA LYS A 107 14.51 -22.06 -29.34
C LYS A 107 15.35 -22.02 -28.08
N THR A 108 16.43 -22.77 -28.07
CA THR A 108 17.35 -22.79 -26.94
C THR A 108 18.75 -22.86 -27.49
N ASP A 109 19.68 -22.18 -26.84
CA ASP A 109 21.02 -22.11 -27.39
C ASP A 109 22.01 -21.46 -26.44
N LEU A 110 22.82 -22.25 -25.74
CA LEU A 110 23.83 -21.65 -24.86
C LEU A 110 25.19 -21.53 -25.48
N ASN A 111 25.31 -21.68 -26.80
CA ASN A 111 26.63 -21.63 -27.40
C ASN A 111 27.24 -20.23 -27.31
N PRO A 112 28.25 -20.00 -26.43
CA PRO A 112 28.95 -18.75 -26.14
C PRO A 112 29.47 -18.02 -27.37
N ASP A 113 29.66 -18.74 -28.47
CA ASP A 113 30.17 -18.14 -29.69
C ASP A 113 29.22 -17.09 -30.26
N ASN A 114 27.96 -17.14 -29.87
CA ASN A 114 27.01 -16.19 -30.39
C ASN A 114 26.93 -14.91 -29.57
N LEU A 115 27.66 -14.81 -28.47
CA LEU A 115 27.61 -13.59 -27.68
C LEU A 115 28.65 -12.60 -28.19
N GLN A 116 28.19 -11.48 -28.70
CA GLN A 116 29.09 -10.49 -29.24
C GLN A 116 29.38 -9.40 -28.24
N GLY A 117 30.64 -9.00 -28.18
CA GLY A 117 31.08 -7.97 -27.24
C GLY A 117 30.90 -8.44 -25.82
N GLY A 118 30.87 -7.51 -24.88
CA GLY A 118 30.66 -7.86 -23.48
C GLY A 118 31.89 -8.50 -22.87
N ASP A 119 33.03 -8.36 -23.54
CA ASP A 119 34.26 -8.94 -23.06
C ASP A 119 34.69 -8.25 -21.80
N ASP A 120 34.40 -6.96 -21.71
CA ASP A 120 34.74 -6.18 -20.56
C ASP A 120 33.83 -4.97 -20.45
N LEU A 121 32.80 -5.08 -19.62
CA LEU A 121 31.92 -3.95 -19.38
C LEU A 121 32.71 -3.01 -18.50
N ASP A 122 32.51 -1.71 -18.65
CA ASP A 122 33.33 -0.79 -17.88
C ASP A 122 33.13 -0.97 -16.38
N PRO A 123 34.15 -1.45 -15.64
CA PRO A 123 34.19 -1.77 -14.21
C PRO A 123 33.96 -0.57 -13.31
N ASN A 124 34.00 0.64 -13.88
CA ASN A 124 33.69 1.85 -13.15
C ASN A 124 32.23 1.90 -12.79
N TYR A 125 31.42 1.18 -13.55
CA TYR A 125 30.01 1.15 -13.32
C TYR A 125 29.57 -0.25 -13.01
N VAL A 126 30.06 -1.21 -13.78
CA VAL A 126 29.62 -2.55 -13.53
C VAL A 126 30.40 -3.15 -12.41
N LEU A 127 29.76 -3.18 -11.26
CA LEU A 127 30.31 -3.74 -10.05
C LEU A 127 30.43 -5.25 -10.12
N SER A 128 29.37 -5.92 -10.52
CA SER A 128 29.41 -7.38 -10.56
C SER A 128 28.43 -8.01 -11.53
N SER A 129 28.80 -9.15 -12.08
CA SER A 129 27.96 -9.85 -13.05
C SER A 129 27.52 -11.22 -12.61
N ARG A 130 26.27 -11.56 -12.88
CA ARG A 130 25.78 -12.87 -12.48
C ARG A 130 24.70 -13.42 -13.42
N VAL A 131 24.67 -14.75 -13.53
CA VAL A 131 23.72 -15.46 -14.40
C VAL A 131 23.02 -16.57 -13.64
N ARG A 132 21.70 -16.72 -13.78
CA ARG A 132 21.09 -17.83 -13.07
C ARG A 132 19.89 -18.44 -13.78
N THR A 133 19.67 -19.71 -13.51
CA THR A 133 18.53 -20.40 -14.08
C THR A 133 18.06 -21.57 -13.22
N GLY A 134 17.14 -22.35 -13.77
CA GLY A 134 16.63 -23.52 -13.07
C GLY A 134 16.28 -24.62 -14.06
N ARG A 135 16.44 -25.86 -13.65
CA ARG A 135 16.09 -26.97 -14.51
C ARG A 135 15.36 -28.03 -13.74
N SER A 136 14.51 -28.76 -14.45
CA SER A 136 13.71 -29.83 -13.87
C SER A 136 14.02 -31.17 -14.50
N ILE A 137 14.12 -32.20 -13.68
CA ILE A 137 14.51 -33.50 -14.20
C ILE A 137 13.33 -34.32 -14.69
N ARG A 138 13.37 -34.67 -15.97
CA ARG A 138 12.31 -35.46 -16.58
C ARG A 138 12.14 -36.78 -15.90
N GLY A 139 10.91 -37.12 -15.59
CA GLY A 139 10.60 -38.39 -14.94
C GLY A 139 10.13 -38.19 -13.52
N PHE A 140 10.47 -37.05 -12.94
CA PHE A 140 10.01 -36.75 -11.62
C PHE A 140 8.96 -35.69 -11.71
N CYS A 141 8.30 -35.42 -10.61
CA CYS A 141 7.34 -34.34 -10.54
C CYS A 141 8.03 -33.08 -10.02
N LEU A 142 7.30 -31.99 -9.91
CA LEU A 142 7.84 -30.75 -9.40
C LEU A 142 7.51 -30.57 -7.92
N PRO A 143 8.21 -29.69 -7.18
CA PRO A 143 8.06 -29.37 -5.75
C PRO A 143 6.62 -29.07 -5.31
N PRO A 144 5.76 -28.42 -6.13
CA PRO A 144 4.32 -28.22 -5.91
C PRO A 144 3.52 -29.52 -5.77
N HIS A 145 4.14 -30.67 -6.01
CA HIS A 145 3.45 -31.94 -5.90
C HIS A 145 4.33 -32.91 -5.11
N CYS A 146 5.22 -33.65 -5.78
CA CYS A 146 6.20 -34.61 -5.21
C CYS A 146 6.22 -34.96 -3.73
N SER A 147 6.33 -36.26 -3.47
CA SER A 147 6.47 -36.78 -2.13
C SER A 147 7.93 -36.83 -1.78
N ARG A 148 8.21 -37.32 -0.60
CA ARG A 148 9.56 -37.48 -0.10
C ARG A 148 10.37 -38.45 -0.94
N GLY A 149 9.70 -39.41 -1.58
CA GLY A 149 10.42 -40.39 -2.38
C GLY A 149 11.12 -39.75 -3.55
N GLU A 150 10.38 -38.92 -4.29
CA GLU A 150 10.96 -38.27 -5.44
C GLU A 150 12.02 -37.30 -5.03
N ARG A 151 11.74 -36.51 -4.00
CA ARG A 151 12.69 -35.50 -3.59
C ARG A 151 14.02 -36.12 -3.19
N ARG A 152 13.98 -37.21 -2.44
CA ARG A 152 15.20 -37.84 -2.01
C ARG A 152 15.98 -38.42 -3.17
N ALA A 153 15.28 -39.01 -4.14
CA ALA A 153 15.97 -39.57 -5.28
C ALA A 153 16.70 -38.49 -6.08
N ILE A 154 16.05 -37.34 -6.26
CA ILE A 154 16.64 -36.24 -6.99
C ILE A 154 17.88 -35.75 -6.32
N GLU A 155 17.83 -35.60 -5.00
CA GLU A 155 19.02 -35.17 -4.28
C GLU A 155 20.19 -36.05 -4.63
N LYS A 156 19.99 -37.36 -4.53
CA LYS A 156 21.08 -38.29 -4.77
C LYS A 156 21.64 -38.17 -6.18
N LEU A 157 20.76 -37.99 -7.17
CA LEU A 157 21.24 -37.86 -8.54
C LEU A 157 22.11 -36.65 -8.68
N ALA A 158 21.67 -35.56 -8.08
CA ALA A 158 22.40 -34.31 -8.15
C ALA A 158 23.73 -34.45 -7.48
N VAL A 159 23.76 -35.10 -6.32
CA VAL A 159 25.00 -35.27 -5.61
C VAL A 159 25.99 -36.04 -6.43
N GLU A 160 25.53 -37.10 -7.08
CA GLU A 160 26.44 -37.85 -7.92
C GLU A 160 27.02 -37.00 -9.03
N ALA A 161 26.16 -36.34 -9.80
CA ALA A 161 26.64 -35.57 -10.92
C ALA A 161 27.57 -34.48 -10.47
N LEU A 162 27.16 -33.72 -9.47
CA LEU A 162 27.96 -32.62 -8.98
C LEU A 162 29.29 -33.06 -8.43
N SER A 163 29.36 -34.24 -7.85
CA SER A 163 30.63 -34.70 -7.32
C SER A 163 31.65 -35.00 -8.43
N SER A 164 31.19 -35.16 -9.68
CA SER A 164 32.09 -35.48 -10.76
C SER A 164 32.54 -34.29 -11.61
N LEU A 165 32.10 -33.08 -11.27
CA LEU A 165 32.50 -31.93 -12.09
C LEU A 165 33.97 -31.63 -11.89
N ASP A 166 34.68 -31.39 -12.98
CA ASP A 166 36.10 -31.10 -12.94
C ASP A 166 36.46 -29.61 -13.04
N GLY A 167 37.77 -29.32 -13.00
CA GLY A 167 38.30 -27.97 -13.16
C GLY A 167 37.69 -26.99 -12.18
N ASP A 168 37.27 -25.85 -12.69
CA ASP A 168 36.63 -24.84 -11.87
C ASP A 168 35.23 -25.23 -11.47
N LEU A 169 34.72 -26.28 -12.06
CA LEU A 169 33.41 -26.70 -11.71
C LEU A 169 33.50 -27.74 -10.56
N ALA A 170 34.70 -28.06 -10.11
CA ALA A 170 34.84 -28.96 -8.97
C ALA A 170 34.44 -28.21 -7.70
N GLY A 171 33.85 -28.93 -6.74
CA GLY A 171 33.39 -28.27 -5.52
C GLY A 171 32.98 -29.23 -4.41
N ARG A 172 32.12 -28.75 -3.52
CA ARG A 172 31.67 -29.53 -2.37
C ARG A 172 30.19 -29.41 -2.10
N TYR A 173 29.60 -30.54 -1.77
CA TYR A 173 28.18 -30.59 -1.45
C TYR A 173 27.94 -30.49 0.04
N TYR A 174 27.06 -29.57 0.40
CA TYR A 174 26.64 -29.37 1.76
C TYR A 174 25.21 -29.79 1.94
N ALA A 175 24.98 -30.96 2.52
CA ALA A 175 23.61 -31.34 2.79
C ALA A 175 23.05 -30.32 3.75
N LEU A 176 21.90 -29.76 3.44
CA LEU A 176 21.37 -28.71 4.28
C LEU A 176 20.95 -29.20 5.64
N LYS A 177 20.14 -30.24 5.66
CA LYS A 177 19.57 -30.79 6.88
C LYS A 177 20.53 -30.89 8.06
N SER A 178 21.73 -31.42 7.83
CA SER A 178 22.66 -31.63 8.93
C SER A 178 23.94 -30.79 8.88
N MET A 179 23.94 -29.69 8.15
CA MET A 179 25.17 -28.89 8.03
C MET A 179 25.58 -28.23 9.36
N THR A 180 26.88 -28.13 9.58
CA THR A 180 27.46 -27.56 10.80
C THR A 180 27.33 -26.05 10.87
N GLU A 181 27.04 -25.52 12.06
CA GLU A 181 26.87 -24.08 12.24
C GLU A 181 28.02 -23.23 11.69
N ALA A 182 29.24 -23.71 11.80
CA ALA A 182 30.38 -23.02 11.23
C ALA A 182 30.23 -22.93 9.72
N GLU A 183 29.75 -24.02 9.13
CA GLU A 183 29.53 -24.08 7.70
C GLU A 183 28.41 -23.13 7.34
N GLN A 184 27.41 -23.03 8.23
CA GLN A 184 26.30 -22.13 8.03
C GLN A 184 26.81 -20.72 8.00
N GLN A 185 27.77 -20.41 8.87
CA GLN A 185 28.34 -19.09 8.89
C GLN A 185 29.07 -18.78 7.60
N GLN A 186 29.80 -19.75 7.08
CA GLN A 186 30.54 -19.50 5.85
C GLN A 186 29.62 -19.30 4.67
N LEU A 187 28.58 -20.09 4.58
CA LEU A 187 27.73 -19.96 3.45
C LEU A 187 26.77 -18.80 3.59
N ILE A 188 26.43 -18.42 4.82
CA ILE A 188 25.56 -17.26 4.93
C ILE A 188 26.34 -16.01 4.60
N ASP A 189 27.64 -15.99 4.90
CA ASP A 189 28.45 -14.82 4.56
C ASP A 189 28.48 -14.61 3.07
N ASP A 190 28.56 -15.68 2.31
CA ASP A 190 28.60 -15.56 0.88
C ASP A 190 27.22 -15.62 0.24
N HIS A 191 26.17 -15.66 1.04
CA HIS A 191 24.79 -15.71 0.57
C HIS A 191 24.45 -17.01 -0.15
N PHE A 192 25.27 -18.04 0.04
CA PHE A 192 25.03 -19.32 -0.59
C PHE A 192 24.01 -20.09 0.22
N LEU A 193 23.95 -19.78 1.51
CA LEU A 193 23.02 -20.44 2.41
C LEU A 193 21.62 -19.90 2.30
N PHE A 194 20.71 -20.73 1.83
CA PHE A 194 19.32 -20.33 1.76
C PHE A 194 18.61 -20.80 3.00
N ASP A 195 17.31 -20.57 3.07
CA ASP A 195 16.56 -21.00 4.24
C ASP A 195 15.12 -21.30 3.84
N LYS A 196 14.33 -21.78 4.79
CA LYS A 196 12.96 -22.17 4.52
C LYS A 196 12.20 -20.96 4.01
N PRO A 197 11.50 -21.08 2.88
CA PRO A 197 10.69 -20.07 2.26
C PRO A 197 9.75 -19.43 3.25
N VAL A 198 9.67 -18.11 3.24
CA VAL A 198 8.78 -17.40 4.13
C VAL A 198 7.72 -16.65 3.38
N SER A 199 7.89 -16.50 2.07
CA SER A 199 6.89 -15.83 1.29
C SER A 199 5.63 -16.64 1.22
N PRO A 200 4.49 -16.04 1.52
CA PRO A 200 3.15 -16.61 1.44
C PRO A 200 2.84 -17.13 0.05
N LEU A 201 3.51 -16.61 -0.98
CA LEU A 201 3.24 -17.08 -2.32
C LEU A 201 4.04 -18.32 -2.66
N LEU A 202 4.94 -18.71 -1.78
CA LEU A 202 5.67 -19.94 -1.97
C LEU A 202 5.08 -20.98 -1.07
N LEU A 203 4.75 -20.57 0.16
CA LEU A 203 4.19 -21.48 1.12
C LEU A 203 2.87 -22.02 0.65
N ALA A 204 2.08 -21.20 -0.03
CA ALA A 204 0.80 -21.64 -0.57
C ALA A 204 0.93 -22.79 -1.59
N SER A 205 2.08 -22.96 -2.20
CA SER A 205 2.27 -24.01 -3.18
C SER A 205 2.64 -25.34 -2.57
N GLY A 206 3.13 -25.33 -1.34
CA GLY A 206 3.58 -26.56 -0.72
C GLY A 206 5.07 -26.81 -0.93
N MET A 207 5.79 -25.88 -1.55
CA MET A 207 7.24 -26.07 -1.77
C MET A 207 8.06 -26.31 -0.50
N ALA A 208 7.57 -25.87 0.65
CA ALA A 208 8.29 -26.04 1.90
C ALA A 208 8.00 -27.37 2.62
N ARG A 209 7.20 -28.25 2.01
CA ARG A 209 6.88 -29.51 2.66
C ARG A 209 8.09 -30.33 3.03
N ASP A 210 8.13 -30.74 4.29
CA ASP A 210 9.16 -31.57 4.88
C ASP A 210 10.55 -30.95 4.87
N TRP A 211 10.62 -29.63 4.79
CA TRP A 211 11.89 -28.93 4.80
C TRP A 211 12.58 -29.20 6.13
N PRO A 212 13.88 -29.43 6.16
CA PRO A 212 14.94 -29.43 5.15
C PRO A 212 15.27 -30.79 4.55
N ASP A 213 14.33 -31.71 4.55
CA ASP A 213 14.62 -33.03 4.03
C ASP A 213 14.99 -32.97 2.56
N ALA A 214 16.19 -33.42 2.27
CA ALA A 214 16.76 -33.51 0.93
C ALA A 214 16.93 -32.16 0.27
N ARG A 215 17.20 -31.14 1.06
CA ARG A 215 17.54 -29.84 0.51
C ARG A 215 19.07 -29.72 0.58
N GLY A 216 19.69 -29.04 -0.39
CA GLY A 216 21.15 -29.00 -0.37
C GLY A 216 21.83 -27.87 -1.17
N ILE A 217 23.07 -27.59 -0.79
CA ILE A 217 23.88 -26.54 -1.39
C ILE A 217 25.18 -27.04 -1.91
N TRP A 218 25.47 -26.76 -3.16
CA TRP A 218 26.73 -27.17 -3.73
C TRP A 218 27.43 -26.00 -4.40
N HIS A 219 28.70 -25.83 -4.14
CA HIS A 219 29.36 -24.75 -4.84
C HIS A 219 30.79 -25.10 -5.13
N ASN A 220 31.39 -24.42 -6.09
CA ASN A 220 32.76 -24.70 -6.44
C ASN A 220 33.69 -24.05 -5.47
N ASP A 221 34.95 -24.45 -5.50
CA ASP A 221 35.88 -23.88 -4.53
C ASP A 221 36.39 -22.50 -4.90
N ASN A 222 35.93 -21.94 -6.01
CA ASN A 222 36.25 -20.57 -6.35
C ASN A 222 35.09 -19.65 -6.07
N LYS A 223 34.02 -20.19 -5.50
CA LYS A 223 32.84 -19.42 -5.17
C LYS A 223 32.28 -18.62 -6.35
N THR A 224 32.28 -19.24 -7.52
CA THR A 224 31.73 -18.60 -8.71
C THR A 224 30.60 -19.41 -9.28
N PHE A 225 30.48 -20.66 -8.84
CA PHE A 225 29.46 -21.53 -9.37
C PHE A 225 28.69 -22.14 -8.21
N LEU A 226 27.41 -21.80 -8.14
CA LEU A 226 26.55 -22.19 -7.04
C LEU A 226 25.31 -22.97 -7.48
N VAL A 227 25.09 -24.12 -6.88
CA VAL A 227 23.94 -24.94 -7.21
C VAL A 227 23.05 -25.23 -6.02
N TRP A 228 21.75 -25.00 -6.17
CA TRP A 228 20.83 -25.32 -5.08
C TRP A 228 19.97 -26.51 -5.46
N VAL A 229 19.77 -27.40 -4.48
CA VAL A 229 19.06 -28.64 -4.69
C VAL A 229 17.70 -28.69 -4.00
N ASN A 230 16.66 -28.85 -4.80
CA ASN A 230 15.29 -28.99 -4.32
C ASN A 230 14.82 -27.82 -3.49
N GLU A 231 14.81 -26.64 -4.07
CA GLU A 231 14.37 -25.47 -3.32
C GLU A 231 13.13 -24.88 -4.00
N GLU A 232 13.28 -23.75 -4.66
CA GLU A 232 12.16 -23.13 -5.36
C GLU A 232 11.79 -23.94 -6.59
N ASP A 233 12.73 -24.75 -7.05
CA ASP A 233 12.51 -25.62 -8.19
C ASP A 233 13.57 -26.73 -8.05
N HIS A 234 13.65 -27.65 -9.01
CA HIS A 234 14.58 -28.78 -8.83
C HIS A 234 16.04 -28.38 -8.71
N LEU A 235 16.66 -27.99 -9.79
CA LEU A 235 18.04 -27.56 -9.67
C LEU A 235 18.21 -26.13 -10.06
N ARG A 236 18.86 -25.36 -9.20
CA ARG A 236 19.10 -23.97 -9.49
C ARG A 236 20.55 -23.78 -9.76
N VAL A 237 20.86 -23.05 -10.80
CA VAL A 237 22.22 -22.82 -11.17
C VAL A 237 22.54 -21.36 -11.24
N ILE A 238 23.55 -20.95 -10.47
CA ILE A 238 23.94 -19.56 -10.42
C ILE A 238 25.43 -19.38 -10.67
N SER A 239 25.77 -18.52 -11.62
CA SER A 239 27.16 -18.23 -11.89
C SER A 239 27.42 -16.79 -11.57
N MET A 240 28.54 -16.49 -10.93
CA MET A 240 28.78 -15.09 -10.62
C MET A 240 30.24 -14.75 -10.48
N GLN A 241 30.54 -13.47 -10.67
CA GLN A 241 31.88 -12.96 -10.51
C GLN A 241 31.89 -11.45 -10.50
N LYS A 242 32.60 -10.86 -9.54
CA LYS A 242 32.70 -9.41 -9.52
C LYS A 242 33.52 -8.97 -10.70
N GLY A 243 33.13 -7.86 -11.29
CA GLY A 243 33.80 -7.40 -12.49
C GLY A 243 32.79 -7.37 -13.61
N GLY A 244 33.18 -6.79 -14.73
CA GLY A 244 32.28 -6.65 -15.86
C GLY A 244 32.46 -7.70 -16.94
N ASN A 245 33.12 -8.80 -16.65
CA ASN A 245 33.37 -9.78 -17.70
C ASN A 245 32.20 -10.71 -17.95
N MET A 246 31.18 -10.17 -18.59
CA MET A 246 29.97 -10.91 -18.92
C MET A 246 30.24 -12.09 -19.80
N LYS A 247 31.11 -11.93 -20.77
CA LYS A 247 31.43 -12.99 -21.69
C LYS A 247 31.93 -14.23 -20.99
N GLU A 248 32.88 -14.07 -20.07
CA GLU A 248 33.41 -15.22 -19.39
C GLU A 248 32.40 -15.84 -18.45
N VAL A 249 31.65 -15.04 -17.74
CA VAL A 249 30.68 -15.62 -16.84
C VAL A 249 29.68 -16.42 -17.61
N PHE A 250 29.21 -15.89 -18.72
CA PHE A 250 28.27 -16.61 -19.51
C PHE A 250 28.81 -17.94 -19.99
N THR A 251 30.04 -17.97 -20.49
CA THR A 251 30.52 -19.26 -20.96
C THR A 251 30.78 -20.22 -19.81
N ARG A 252 31.13 -19.71 -18.62
CA ARG A 252 31.31 -20.61 -17.47
C ARG A 252 30.02 -21.31 -17.21
N PHE A 253 28.97 -20.53 -17.14
CA PHE A 253 27.62 -20.99 -16.94
C PHE A 253 27.24 -22.03 -17.94
N CYS A 254 27.49 -21.76 -19.22
CA CYS A 254 27.18 -22.72 -20.26
C CYS A 254 27.87 -24.05 -20.06
N THR A 255 29.17 -24.05 -19.72
CA THR A 255 29.84 -25.32 -19.53
C THR A 255 29.31 -26.04 -18.30
N GLY A 256 28.85 -25.26 -17.33
CA GLY A 256 28.20 -25.81 -16.15
C GLY A 256 27.07 -26.71 -16.58
N LEU A 257 26.08 -26.14 -17.26
CA LEU A 257 24.96 -26.94 -17.68
C LEU A 257 25.32 -27.98 -18.72
N THR A 258 26.32 -27.72 -19.54
CA THR A 258 26.71 -28.71 -20.52
C THR A 258 27.19 -29.98 -19.87
N GLN A 259 28.08 -29.86 -18.87
CA GLN A 259 28.55 -31.06 -18.20
C GLN A 259 27.46 -31.70 -17.36
N ILE A 260 26.66 -30.91 -16.67
CA ILE A 260 25.59 -31.50 -15.89
C ILE A 260 24.62 -32.24 -16.73
N GLU A 261 24.26 -31.70 -17.89
CA GLU A 261 23.35 -32.44 -18.73
C GLU A 261 23.99 -33.74 -19.14
N THR A 262 25.24 -33.71 -19.56
CA THR A 262 25.93 -34.93 -19.96
C THR A 262 25.86 -35.98 -18.88
N LEU A 263 26.18 -35.58 -17.66
CA LEU A 263 26.19 -36.50 -16.54
C LEU A 263 24.82 -37.09 -16.28
N PHE A 264 23.78 -36.29 -16.39
CA PHE A 264 22.46 -36.85 -16.23
C PHE A 264 22.12 -37.78 -17.38
N LYS A 265 22.53 -37.44 -18.59
CA LYS A 265 22.24 -38.29 -19.73
C LYS A 265 22.91 -39.65 -19.61
N SER A 266 24.06 -39.70 -18.92
CA SER A 266 24.73 -40.99 -18.71
C SER A 266 23.90 -41.92 -17.82
N LYS A 267 22.98 -41.36 -17.06
CA LYS A 267 22.10 -42.13 -16.20
C LYS A 267 20.69 -42.14 -16.73
N ASP A 268 20.51 -41.81 -18.00
CA ASP A 268 19.21 -41.74 -18.63
C ASP A 268 18.29 -40.70 -18.01
N TYR A 269 18.83 -39.54 -17.72
CA TYR A 269 18.01 -38.42 -17.26
C TYR A 269 18.29 -37.20 -18.10
N GLU A 270 17.28 -36.38 -18.27
CA GLU A 270 17.46 -35.18 -19.02
C GLU A 270 16.58 -34.13 -18.41
N PHE A 271 16.49 -32.99 -19.04
CA PHE A 271 15.68 -31.95 -18.48
C PHE A 271 14.36 -31.87 -19.22
N MET A 272 13.33 -31.46 -18.52
CA MET A 272 12.04 -31.37 -19.14
C MET A 272 12.08 -30.30 -20.20
N TRP A 273 11.63 -30.63 -21.39
CA TRP A 273 11.71 -29.70 -22.48
C TRP A 273 10.78 -30.03 -23.62
N ASN A 274 10.12 -29.01 -24.17
CA ASN A 274 9.31 -29.23 -25.33
C ASN A 274 9.40 -27.96 -26.16
N PRO A 275 9.25 -28.04 -27.48
CA PRO A 275 9.43 -26.96 -28.45
C PRO A 275 8.40 -25.84 -28.35
N HIS A 276 7.40 -25.97 -27.49
CA HIS A 276 6.43 -24.91 -27.39
C HIS A 276 6.52 -24.16 -26.11
N LEU A 277 7.24 -24.70 -25.14
CA LEU A 277 7.44 -23.99 -23.90
C LEU A 277 8.88 -24.00 -23.47
N GLY A 278 9.76 -24.55 -24.31
CA GLY A 278 11.16 -24.62 -23.97
C GLY A 278 11.36 -25.45 -22.72
N TYR A 279 12.15 -24.95 -21.79
CA TYR A 279 12.36 -25.69 -20.57
C TYR A 279 11.16 -25.56 -19.70
N ILE A 280 10.83 -26.65 -19.04
CA ILE A 280 9.63 -26.70 -18.24
C ILE A 280 9.90 -26.66 -16.76
N LEU A 281 9.47 -25.59 -16.14
CA LEU A 281 9.61 -25.38 -14.72
C LEU A 281 8.27 -25.22 -14.03
N THR A 282 8.30 -25.01 -12.72
CA THR A 282 7.11 -24.81 -11.87
C THR A 282 6.21 -23.66 -12.32
N CYS A 283 6.45 -22.46 -11.81
CA CYS A 283 5.59 -21.36 -12.19
C CYS A 283 5.84 -21.06 -13.64
N PRO A 284 4.81 -20.74 -14.41
CA PRO A 284 4.83 -20.51 -15.85
C PRO A 284 5.69 -19.33 -16.25
N SER A 285 5.95 -18.42 -15.33
CA SER A 285 6.76 -17.26 -15.67
C SER A 285 8.20 -17.64 -16.01
N ASN A 286 8.65 -18.81 -15.56
CA ASN A 286 10.01 -19.24 -15.82
C ASN A 286 10.14 -20.22 -16.99
N LEU A 287 9.11 -20.34 -17.80
CA LEU A 287 9.19 -21.22 -18.98
C LEU A 287 10.12 -20.70 -20.03
N GLY A 288 10.42 -21.54 -21.00
CA GLY A 288 11.31 -21.17 -22.11
C GLY A 288 12.75 -21.33 -21.73
N THR A 289 13.45 -20.24 -21.47
CA THR A 289 14.83 -20.40 -21.10
C THR A 289 14.95 -20.49 -19.63
N GLY A 290 14.11 -19.73 -18.95
CA GLY A 290 14.17 -19.66 -17.51
C GLY A 290 15.50 -19.01 -17.12
N LEU A 291 16.08 -18.24 -18.05
CA LEU A 291 17.40 -17.67 -17.88
C LEU A 291 17.36 -16.21 -17.58
N ARG A 292 17.92 -15.86 -16.45
CA ARG A 292 17.96 -14.48 -16.06
C ARG A 292 19.40 -14.12 -15.84
N ALA A 293 19.74 -12.90 -16.17
CA ALA A 293 21.11 -12.47 -16.01
C ALA A 293 21.16 -11.00 -15.85
N GLY A 294 22.14 -10.52 -15.13
CA GLY A 294 22.18 -9.11 -14.86
C GLY A 294 23.41 -8.70 -14.12
N VAL A 295 23.48 -7.41 -13.85
CA VAL A 295 24.63 -6.84 -13.22
C VAL A 295 24.30 -5.82 -12.16
N HIS A 296 25.25 -5.62 -11.26
CA HIS A 296 25.14 -4.59 -10.26
C HIS A 296 25.86 -3.37 -10.79
N ILE A 297 25.13 -2.27 -10.99
CA ILE A 297 25.73 -1.09 -11.60
C ILE A 297 25.63 0.16 -10.74
N LYS A 298 26.74 0.86 -10.61
CA LYS A 298 26.75 2.09 -9.86
C LYS A 298 26.13 3.21 -10.68
N LEU A 299 24.83 3.42 -10.52
CA LEU A 299 24.12 4.47 -11.25
C LEU A 299 23.55 5.59 -10.37
N PRO A 300 24.37 6.30 -9.59
CA PRO A 300 23.97 7.35 -8.67
C PRO A 300 23.30 8.52 -9.36
N ASN A 301 23.60 8.75 -10.63
CA ASN A 301 23.01 9.86 -11.33
C ASN A 301 21.82 9.42 -12.10
N LEU A 302 22.02 8.38 -12.90
CA LEU A 302 20.97 7.87 -13.74
C LEU A 302 19.77 7.41 -12.94
N GLY A 303 20.02 6.88 -11.74
CA GLY A 303 18.95 6.44 -10.84
C GLY A 303 18.05 7.59 -10.34
N LYS A 304 18.49 8.83 -10.52
CA LYS A 304 17.71 9.99 -10.14
C LYS A 304 17.08 10.63 -11.38
N HIS A 305 17.63 10.31 -12.55
CA HIS A 305 17.11 10.87 -13.77
C HIS A 305 15.68 10.44 -14.03
N GLU A 306 14.91 11.37 -14.54
CA GLU A 306 13.47 11.23 -14.71
C GLU A 306 13.05 10.18 -15.72
N LYS A 307 13.89 9.90 -16.70
CA LYS A 307 13.56 8.92 -17.73
C LYS A 307 14.19 7.57 -17.50
N PHE A 308 14.81 7.36 -16.34
CA PHE A 308 15.47 6.10 -16.03
C PHE A 308 14.54 4.94 -16.24
N SER A 309 13.34 5.05 -15.70
CA SER A 309 12.33 4.03 -15.86
C SER A 309 11.99 3.78 -17.32
N GLU A 310 11.85 4.86 -18.10
CA GLU A 310 11.49 4.75 -19.49
C GLU A 310 12.56 4.08 -20.33
N VAL A 311 13.81 4.39 -20.05
CA VAL A 311 14.89 3.77 -20.80
C VAL A 311 14.93 2.29 -20.55
N LEU A 312 14.83 1.88 -19.28
CA LEU A 312 14.87 0.47 -18.96
C LEU A 312 13.67 -0.24 -19.52
N LYS A 313 12.54 0.45 -19.56
CA LYS A 313 11.35 -0.11 -20.19
C LYS A 313 11.64 -0.47 -21.62
N ARG A 314 12.20 0.47 -22.35
CA ARG A 314 12.48 0.26 -23.75
C ARG A 314 13.52 -0.81 -23.97
N LEU A 315 14.51 -0.88 -23.09
CA LEU A 315 15.55 -1.88 -23.23
C LEU A 315 15.12 -3.26 -22.77
N ARG A 316 13.90 -3.39 -22.24
CA ARG A 316 13.40 -4.65 -21.76
C ARG A 316 14.29 -5.18 -20.66
N LEU A 317 14.62 -4.32 -19.71
CA LEU A 317 15.41 -4.70 -18.57
C LEU A 317 14.65 -4.46 -17.28
N GLN A 318 14.95 -5.25 -16.28
CA GLN A 318 14.33 -5.11 -14.98
C GLN A 318 15.17 -4.29 -14.05
N LYS A 319 14.48 -3.45 -13.30
CA LYS A 319 15.06 -2.57 -12.31
C LYS A 319 14.83 -3.06 -10.92
N ARG A 320 15.88 -3.37 -10.19
CA ARG A 320 15.71 -3.83 -8.84
C ARG A 320 16.82 -3.31 -7.96
N GLY A 321 16.51 -3.01 -6.72
CA GLY A 321 17.51 -2.48 -5.80
C GLY A 321 18.37 -3.60 -5.23
N THR A 322 18.79 -3.43 -4.00
CA THR A 322 19.59 -4.43 -3.32
C THR A 322 19.20 -4.56 -1.89
N GLY A 323 19.27 -5.79 -1.39
CA GLY A 323 18.92 -6.10 -0.02
C GLY A 323 19.89 -5.49 0.98
N VAL A 333 22.06 2.12 -6.36
CA VAL A 333 22.92 1.22 -7.06
C VAL A 333 21.96 0.18 -7.52
N PHE A 334 22.07 -0.29 -8.74
CA PHE A 334 20.99 -1.13 -9.21
C PHE A 334 21.35 -2.45 -9.78
N ASP A 335 20.42 -3.36 -9.63
CA ASP A 335 20.48 -4.66 -10.20
C ASP A 335 19.68 -4.60 -11.48
N VAL A 336 20.39 -4.62 -12.60
CA VAL A 336 19.73 -4.55 -13.88
C VAL A 336 19.72 -5.92 -14.49
N SER A 337 18.57 -6.40 -14.94
CA SER A 337 18.56 -7.76 -15.47
C SER A 337 17.57 -8.05 -16.59
N ASN A 338 17.76 -9.18 -17.22
CA ASN A 338 16.92 -9.66 -18.31
C ASN A 338 15.44 -9.74 -17.98
N ALA A 339 14.61 -9.02 -18.73
CA ALA A 339 13.16 -9.07 -18.49
C ALA A 339 12.42 -10.17 -19.25
N ASP A 340 13.05 -10.86 -20.19
CA ASP A 340 12.33 -11.89 -20.96
C ASP A 340 12.78 -13.31 -20.67
N ARG A 341 11.85 -14.26 -20.75
CA ARG A 341 12.23 -15.63 -20.49
C ARG A 341 11.82 -16.57 -21.61
N LEU A 342 10.81 -16.20 -22.37
CA LEU A 342 10.25 -17.06 -23.39
C LEU A 342 10.12 -16.37 -24.74
N GLY A 343 10.58 -17.04 -25.80
CA GLY A 343 10.48 -16.49 -27.15
C GLY A 343 11.82 -15.95 -27.68
N PHE A 344 12.85 -16.01 -26.85
CA PHE A 344 14.15 -15.51 -27.25
C PHE A 344 15.22 -16.53 -26.97
N SER A 345 16.30 -16.49 -27.74
CA SER A 345 17.36 -17.47 -27.51
C SER A 345 18.11 -17.13 -26.25
N GLU A 346 18.70 -18.13 -25.63
CA GLU A 346 19.41 -17.95 -24.38
C GLU A 346 20.56 -16.98 -24.53
N VAL A 347 21.38 -17.15 -25.56
CA VAL A 347 22.42 -16.17 -25.80
C VAL A 347 21.85 -14.81 -26.12
N GLU A 348 20.83 -14.79 -26.97
CA GLU A 348 20.19 -13.56 -27.40
C GLU A 348 19.77 -12.70 -26.22
N LEU A 349 19.18 -13.32 -25.22
CA LEU A 349 18.78 -12.59 -24.03
C LEU A 349 19.96 -12.01 -23.30
N VAL A 350 21.05 -12.74 -23.24
CA VAL A 350 22.23 -12.19 -22.62
C VAL A 350 22.76 -11.05 -23.45
N GLN A 351 22.67 -11.19 -24.77
CA GLN A 351 23.11 -10.13 -25.66
C GLN A 351 22.34 -8.86 -25.37
N MET A 352 21.05 -8.99 -25.07
CA MET A 352 20.21 -7.85 -24.72
C MET A 352 20.72 -7.17 -23.49
N VAL A 353 21.11 -7.92 -22.49
CA VAL A 353 21.65 -7.32 -21.30
C VAL A 353 22.93 -6.59 -21.56
N VAL A 354 23.83 -7.19 -22.33
CA VAL A 354 25.10 -6.52 -22.62
C VAL A 354 24.87 -5.21 -23.33
N ASP A 355 24.01 -5.23 -24.33
CA ASP A 355 23.69 -4.05 -25.11
C ASP A 355 23.13 -2.94 -24.25
N GLY A 356 22.11 -3.26 -23.47
CA GLY A 356 21.46 -2.30 -22.63
C GLY A 356 22.40 -1.69 -21.61
N VAL A 357 23.21 -2.52 -20.97
CA VAL A 357 24.15 -2.02 -19.99
C VAL A 357 25.13 -1.06 -20.58
N LYS A 358 25.68 -1.37 -21.74
CA LYS A 358 26.60 -0.43 -22.34
C LYS A 358 25.92 0.91 -22.60
N LEU A 359 24.67 0.87 -23.06
CA LEU A 359 23.93 2.09 -23.23
C LEU A 359 23.74 2.84 -21.93
N LEU A 360 23.42 2.11 -20.85
CA LEU A 360 23.22 2.73 -19.54
C LEU A 360 24.51 3.38 -19.06
N ILE A 361 25.64 2.78 -19.37
CA ILE A 361 26.90 3.39 -19.03
C ILE A 361 27.00 4.71 -19.77
N GLU A 362 26.65 4.70 -21.05
CA GLU A 362 26.68 5.92 -21.85
C GLU A 362 25.70 6.96 -21.33
N MET A 363 24.56 6.52 -20.79
CA MET A 363 23.61 7.44 -20.20
C MET A 363 24.28 8.27 -19.14
N GLU A 364 25.06 7.63 -18.27
CA GLU A 364 25.76 8.45 -17.31
C GLU A 364 26.95 9.15 -17.88
N GLN A 365 27.56 8.63 -18.95
CA GLN A 365 28.68 9.37 -19.52
C GLN A 365 28.26 10.77 -19.93
N ARG A 366 27.03 10.90 -20.39
CA ARG A 366 26.54 12.22 -20.75
C ARG A 366 25.90 12.92 -19.56
N LEU A 367 25.10 12.19 -18.79
CA LEU A 367 24.40 12.78 -17.65
C LEU A 367 25.34 13.32 -16.59
N GLU A 368 26.43 12.60 -16.30
CA GLU A 368 27.40 13.04 -15.31
C GLU A 368 28.03 14.39 -15.66
N GLN A 369 28.00 14.76 -16.94
CA GLN A 369 28.56 16.02 -17.39
C GLN A 369 27.49 17.07 -17.61
N GLY A 370 26.25 16.76 -17.23
CA GLY A 370 25.15 17.69 -17.38
C GLY A 370 24.67 17.78 -18.82
N GLN A 371 24.91 16.73 -19.59
CA GLN A 371 24.54 16.78 -20.99
C GLN A 371 23.20 16.12 -21.21
N ALA A 372 22.55 16.48 -22.30
CA ALA A 372 21.25 15.90 -22.62
C ALA A 372 21.43 14.43 -23.01
N ILE A 373 20.45 13.62 -22.66
CA ILE A 373 20.51 12.20 -22.95
C ILE A 373 19.45 11.78 -23.95
N ASP A 374 18.83 12.76 -24.61
CA ASP A 374 17.74 12.51 -25.54
C ASP A 374 18.18 11.79 -26.79
N ASP A 375 19.48 11.85 -27.10
CA ASP A 375 20.03 11.16 -28.25
C ASP A 375 20.43 9.72 -27.91
N LEU A 376 20.20 9.28 -26.68
CA LEU A 376 20.51 7.93 -26.30
C LEU A 376 19.27 7.09 -26.18
N MET A 377 18.19 7.69 -25.69
CA MET A 377 16.93 6.99 -25.50
C MET A 377 16.48 6.30 -26.79
N PRO A 378 16.77 5.01 -26.94
CA PRO A 378 16.71 4.19 -28.14
C PRO A 378 15.27 3.87 -28.45
N ALA A 379 14.95 3.66 -29.72
CA ALA A 379 13.58 3.29 -30.09
C ALA A 379 13.41 1.78 -30.00
N GLN A 380 13.58 1.24 -28.80
CA GLN A 380 13.50 -0.19 -28.59
C GLN A 380 12.20 -0.58 -27.92
N LYS A 381 11.59 -1.63 -28.44
CA LYS A 381 10.36 -2.13 -27.88
C LYS A 381 10.48 -3.62 -27.60
N SER B 6 -3.86 -40.85 -8.99
CA SER B 6 -3.59 -41.42 -7.69
C SER B 6 -2.11 -41.36 -7.33
N HIS B 7 -1.69 -40.23 -6.77
CA HIS B 7 -0.29 -40.06 -6.39
C HIS B 7 0.12 -41.04 -5.29
N ASN B 8 -0.85 -41.63 -4.61
CA ASN B 8 -0.57 -42.66 -3.63
C ASN B 8 0.06 -43.85 -4.32
N ALA B 9 -0.41 -44.15 -5.52
CA ALA B 9 0.13 -45.26 -6.26
C ALA B 9 1.58 -44.99 -6.57
N LEU B 10 1.87 -43.73 -6.88
CA LEU B 10 3.26 -43.36 -7.13
C LEU B 10 4.10 -43.55 -5.88
N LYS B 11 3.55 -43.21 -4.73
CA LYS B 11 4.28 -43.38 -3.48
C LYS B 11 4.58 -44.84 -3.21
N LEU B 12 3.64 -45.71 -3.58
CA LEU B 12 3.78 -47.13 -3.39
C LEU B 12 4.82 -47.78 -4.30
N ARG B 13 5.36 -47.02 -5.25
CA ARG B 13 6.39 -47.55 -6.11
C ARG B 13 7.76 -47.41 -5.46
N PHE B 14 7.81 -46.75 -4.32
CA PHE B 14 9.04 -46.62 -3.58
C PHE B 14 8.97 -47.54 -2.38
N PRO B 15 10.10 -48.00 -1.88
CA PRO B 15 10.26 -48.74 -0.66
C PRO B 15 9.76 -47.90 0.49
N ALA B 16 9.15 -48.54 1.48
CA ALA B 16 8.65 -47.81 2.63
C ALA B 16 9.78 -47.06 3.29
N GLU B 17 10.98 -47.66 3.29
CA GLU B 17 12.17 -47.03 3.80
C GLU B 17 12.45 -45.68 3.18
N ASP B 18 12.21 -45.54 1.89
CA ASP B 18 12.45 -44.29 1.20
C ASP B 18 11.41 -43.26 1.57
N GLU B 19 10.19 -43.69 1.75
CA GLU B 19 9.12 -42.77 2.10
C GLU B 19 9.14 -42.33 3.57
N PHE B 20 9.64 -43.19 4.45
CA PHE B 20 9.69 -42.88 5.87
C PHE B 20 10.51 -41.60 6.16
N PRO B 21 9.91 -40.58 6.77
CA PRO B 21 10.47 -39.28 7.09
C PRO B 21 11.49 -39.39 8.21
N ASP B 22 12.48 -38.51 8.17
CA ASP B 22 13.52 -38.51 9.19
C ASP B 22 13.07 -37.80 10.43
N LEU B 23 12.50 -38.57 11.33
CA LEU B 23 11.97 -38.02 12.55
C LEU B 23 12.95 -37.98 13.70
N SER B 24 14.24 -38.25 13.44
CA SER B 24 15.21 -38.28 14.53
C SER B 24 15.43 -36.92 15.18
N ALA B 25 15.14 -35.85 14.47
CA ALA B 25 15.31 -34.51 15.02
C ALA B 25 14.03 -33.97 15.63
N HIS B 26 12.97 -34.75 15.62
CA HIS B 26 11.70 -34.25 16.10
C HIS B 26 11.42 -34.58 17.54
N ASN B 27 10.58 -33.75 18.15
CA ASN B 27 10.19 -33.94 19.53
C ASN B 27 8.72 -33.69 19.72
N ASN B 28 7.92 -34.68 19.36
CA ASN B 28 6.48 -34.59 19.56
C ASN B 28 5.90 -35.99 19.66
N HIS B 29 4.62 -36.09 20.00
CA HIS B 29 4.04 -37.40 20.23
C HIS B 29 4.05 -38.23 18.98
N MET B 30 3.79 -37.62 17.84
CA MET B 30 3.80 -38.35 16.59
C MET B 30 5.14 -39.00 16.38
N ALA B 31 6.19 -38.22 16.52
CA ALA B 31 7.54 -38.69 16.33
C ALA B 31 7.92 -39.83 17.25
N LYS B 32 7.36 -39.84 18.45
CA LYS B 32 7.72 -40.89 19.39
C LYS B 32 6.86 -42.15 19.24
N VAL B 33 5.92 -42.15 18.32
CA VAL B 33 5.08 -43.31 18.08
C VAL B 33 5.31 -43.96 16.74
N LEU B 34 5.37 -43.14 15.69
CA LEU B 34 5.50 -43.68 14.35
C LEU B 34 6.82 -44.34 14.07
N THR B 35 6.87 -45.64 14.24
CA THR B 35 8.03 -46.42 13.90
C THR B 35 7.98 -46.69 12.43
N PRO B 36 9.09 -47.05 11.79
CA PRO B 36 9.21 -47.34 10.38
C PRO B 36 8.44 -48.59 10.07
N GLU B 37 8.29 -49.45 11.06
CA GLU B 37 7.52 -50.65 10.90
C GLU B 37 6.07 -50.28 10.77
N LEU B 38 5.61 -49.40 11.67
CA LEU B 38 4.23 -48.94 11.63
C LEU B 38 3.96 -48.20 10.36
N TYR B 39 4.92 -47.38 9.96
CA TYR B 39 4.82 -46.59 8.76
C TYR B 39 4.57 -47.49 7.59
N ALA B 40 5.39 -48.53 7.48
CA ALA B 40 5.24 -49.48 6.40
C ALA B 40 3.88 -50.15 6.42
N GLU B 41 3.39 -50.44 7.61
CA GLU B 41 2.10 -51.08 7.74
C GLU B 41 0.94 -50.19 7.34
N LEU B 42 1.01 -48.93 7.73
CA LEU B 42 -0.09 -48.03 7.44
C LEU B 42 0.05 -47.21 6.18
N ARG B 43 1.24 -47.19 5.58
CA ARG B 43 1.48 -46.35 4.42
C ARG B 43 0.46 -46.54 3.32
N ALA B 44 0.06 -47.77 3.07
CA ALA B 44 -0.89 -48.05 2.02
C ALA B 44 -2.34 -47.92 2.46
N LYS B 45 -2.57 -47.55 3.71
CA LYS B 45 -3.93 -47.44 4.21
C LYS B 45 -4.49 -46.06 3.97
N SER B 46 -5.80 -45.99 3.85
CA SER B 46 -6.45 -44.71 3.63
C SER B 46 -7.86 -44.74 4.15
N THR B 47 -8.41 -43.57 4.39
CA THR B 47 -9.77 -43.47 4.88
C THR B 47 -10.71 -43.50 3.72
N PRO B 48 -12.00 -43.57 3.98
CA PRO B 48 -13.09 -43.44 3.03
C PRO B 48 -13.03 -42.10 2.32
N SER B 49 -12.38 -41.12 2.95
CA SER B 49 -12.22 -39.77 2.43
C SER B 49 -10.86 -39.59 1.76
N GLY B 50 -10.07 -40.65 1.67
CA GLY B 50 -8.80 -40.57 0.97
C GLY B 50 -7.72 -39.88 1.78
N PHE B 51 -7.90 -39.80 3.08
CA PHE B 51 -6.91 -39.18 3.92
C PHE B 51 -5.83 -40.21 4.17
N THR B 52 -4.56 -39.87 3.97
CA THR B 52 -3.53 -40.88 4.10
C THR B 52 -2.60 -40.67 5.27
N LEU B 53 -1.76 -41.67 5.51
CA LEU B 53 -0.78 -41.65 6.58
C LEU B 53 0.13 -40.44 6.49
N ASP B 54 0.54 -40.07 5.29
CA ASP B 54 1.40 -38.92 5.14
C ASP B 54 0.70 -37.62 5.43
N ASP B 55 -0.63 -37.62 5.49
CA ASP B 55 -1.34 -36.41 5.75
C ASP B 55 -1.56 -36.30 7.25
N VAL B 56 -1.85 -37.41 7.90
CA VAL B 56 -2.07 -37.38 9.33
C VAL B 56 -0.82 -37.00 10.12
N ILE B 57 0.36 -37.29 9.58
CA ILE B 57 1.56 -36.92 10.32
C ILE B 57 2.23 -35.67 9.77
N GLN B 58 1.60 -34.99 8.82
CA GLN B 58 2.28 -33.90 8.16
C GLN B 58 2.74 -32.77 9.06
N THR B 59 1.90 -32.38 10.02
CA THR B 59 2.25 -31.30 10.92
C THR B 59 3.39 -31.67 11.82
N GLY B 60 3.34 -32.88 12.35
CA GLY B 60 4.39 -33.38 13.22
C GLY B 60 5.73 -33.42 12.50
N VAL B 61 5.72 -33.64 11.19
CA VAL B 61 6.94 -33.63 10.43
C VAL B 61 7.44 -32.21 10.21
N ASP B 62 6.55 -31.33 9.78
CA ASP B 62 6.89 -29.94 9.52
C ASP B 62 7.44 -29.19 10.71
N ASN B 63 6.77 -29.27 11.83
CA ASN B 63 7.22 -28.55 13.00
C ASN B 63 8.01 -29.47 13.92
N PRO B 64 9.34 -29.31 13.98
CA PRO B 64 10.28 -30.13 14.74
C PRO B 64 9.96 -30.24 16.21
N GLY B 65 9.20 -29.29 16.74
CA GLY B 65 8.78 -29.32 18.14
C GLY B 65 9.73 -28.56 19.05
N HIS B 66 9.15 -27.97 20.09
CA HIS B 66 9.91 -27.25 21.08
C HIS B 66 10.74 -28.22 21.91
N PRO B 67 12.02 -27.94 22.16
CA PRO B 67 12.96 -28.76 22.93
C PRO B 67 12.44 -29.23 24.27
N TYR B 68 11.59 -28.42 24.93
CA TYR B 68 11.09 -28.81 26.24
C TYR B 68 9.58 -28.89 26.31
N ILE B 69 8.89 -28.64 25.21
CA ILE B 69 7.43 -28.70 25.24
C ILE B 69 6.92 -29.65 24.18
N MET B 70 6.36 -30.75 24.61
CA MET B 70 5.88 -31.73 23.66
C MET B 70 4.46 -31.48 23.21
N THR B 71 4.27 -31.50 21.90
CA THR B 71 2.98 -31.36 21.27
C THR B 71 2.63 -32.67 20.61
N VAL B 72 1.61 -32.67 19.77
CA VAL B 72 1.22 -33.93 19.17
C VAL B 72 1.70 -34.02 17.74
N GLY B 73 1.26 -33.10 16.91
CA GLY B 73 1.66 -33.05 15.52
C GLY B 73 0.79 -33.91 14.61
N CYS B 74 -0.33 -34.38 15.09
CA CYS B 74 -1.18 -35.18 14.24
C CYS B 74 -2.47 -34.49 14.00
N VAL B 75 -2.99 -34.67 12.81
CA VAL B 75 -4.22 -34.00 12.45
C VAL B 75 -5.20 -34.95 11.83
N ALA B 76 -6.41 -34.99 12.34
CA ALA B 76 -7.41 -35.89 11.78
C ALA B 76 -7.98 -35.35 10.49
N GLY B 77 -8.50 -36.25 9.67
CA GLY B 77 -9.12 -35.86 8.42
C GLY B 77 -10.62 -35.84 8.63
N ASP B 78 -11.08 -36.79 9.42
CA ASP B 78 -12.48 -36.91 9.77
C ASP B 78 -12.64 -37.88 10.92
N GLU B 79 -13.86 -38.13 11.35
CA GLU B 79 -14.05 -39.06 12.45
C GLU B 79 -13.49 -40.42 12.10
N GLU B 80 -13.79 -40.87 10.89
CA GLU B 80 -13.34 -42.17 10.42
C GLU B 80 -11.84 -42.32 10.52
N SER B 81 -11.09 -41.25 10.28
CA SER B 81 -9.64 -41.32 10.30
C SER B 81 -9.08 -41.67 11.67
N TYR B 82 -9.86 -41.46 12.74
CA TYR B 82 -9.39 -41.85 14.05
C TYR B 82 -9.42 -43.36 14.18
N GLU B 83 -10.33 -44.00 13.45
CA GLU B 83 -10.42 -45.46 13.44
C GLU B 83 -9.42 -46.05 12.48
N VAL B 84 -9.35 -45.48 11.28
CA VAL B 84 -8.49 -45.97 10.23
C VAL B 84 -7.05 -46.00 10.64
N PHE B 85 -6.59 -44.95 11.28
CA PHE B 85 -5.21 -44.91 11.70
C PHE B 85 -5.07 -45.06 13.19
N LYS B 86 -5.99 -45.78 13.83
CA LYS B 86 -5.96 -45.92 15.27
C LYS B 86 -4.72 -46.62 15.77
N ASP B 87 -4.05 -47.38 14.91
CA ASP B 87 -2.81 -48.01 15.32
C ASP B 87 -1.78 -46.97 15.66
N LEU B 88 -1.91 -45.79 15.06
CA LEU B 88 -1.07 -44.66 15.37
C LEU B 88 -1.69 -43.82 16.49
N PHE B 89 -2.96 -43.49 16.35
CA PHE B 89 -3.58 -42.57 17.31
C PHE B 89 -3.70 -43.11 18.71
N ASP B 90 -4.01 -44.39 18.85
CA ASP B 90 -4.23 -44.94 20.18
C ASP B 90 -3.07 -44.75 21.13
N PRO B 91 -1.83 -44.98 20.73
CA PRO B 91 -0.69 -44.78 21.59
C PRO B 91 -0.42 -43.30 21.77
N ILE B 92 -0.80 -42.50 20.77
CA ILE B 92 -0.63 -41.07 20.93
C ILE B 92 -1.54 -40.53 22.01
N ILE B 93 -2.81 -40.89 21.94
CA ILE B 93 -3.79 -40.43 22.89
C ILE B 93 -3.46 -40.91 24.27
N GLU B 94 -3.11 -42.19 24.39
CA GLU B 94 -2.76 -42.74 25.68
C GLU B 94 -1.67 -41.93 26.36
N ASP B 95 -0.63 -41.59 25.63
CA ASP B 95 0.41 -40.78 26.25
C ASP B 95 -0.04 -39.36 26.53
N ARG B 96 -0.77 -38.77 25.59
CA ARG B 96 -1.17 -37.38 25.75
C ARG B 96 -2.04 -37.09 26.94
N HIS B 97 -2.98 -37.96 27.23
CA HIS B 97 -3.87 -37.68 28.33
C HIS B 97 -3.54 -38.42 29.60
N GLY B 98 -2.29 -38.86 29.75
CA GLY B 98 -1.87 -39.45 31.00
C GLY B 98 -2.41 -40.85 31.29
N GLY B 99 -2.47 -41.71 30.30
CA GLY B 99 -2.90 -43.08 30.54
C GLY B 99 -4.30 -43.39 30.06
N TYR B 100 -4.90 -42.49 29.31
CA TYR B 100 -6.21 -42.78 28.78
C TYR B 100 -6.18 -44.03 27.92
N LYS B 101 -6.78 -45.10 28.41
CA LYS B 101 -6.80 -46.36 27.70
C LYS B 101 -7.86 -46.34 26.62
N PRO B 102 -7.66 -47.08 25.53
CA PRO B 102 -8.53 -47.18 24.36
C PRO B 102 -9.88 -47.77 24.72
N SER B 103 -9.94 -48.53 25.81
CA SER B 103 -11.16 -49.14 26.27
C SER B 103 -11.90 -48.29 27.31
N ASP B 104 -11.31 -47.17 27.69
CA ASP B 104 -11.86 -46.34 28.76
C ASP B 104 -12.97 -45.45 28.24
N GLU B 105 -14.17 -46.02 28.11
CA GLU B 105 -15.34 -45.29 27.61
C GLU B 105 -15.54 -43.98 28.36
N HIS B 106 -15.60 -42.90 27.61
CA HIS B 106 -15.68 -41.56 28.19
C HIS B 106 -17.11 -41.04 28.34
N LYS B 107 -17.33 -40.21 29.34
CA LYS B 107 -18.64 -39.63 29.62
C LYS B 107 -18.86 -38.23 29.01
N THR B 108 -20.10 -37.78 29.04
CA THR B 108 -20.53 -36.46 28.53
C THR B 108 -21.53 -35.87 29.52
N ASP B 109 -21.50 -34.56 29.77
CA ASP B 109 -22.44 -34.01 30.76
C ASP B 109 -22.80 -32.53 30.56
N LEU B 110 -23.99 -32.28 30.00
CA LEU B 110 -24.45 -30.92 29.78
C LEU B 110 -25.54 -30.47 30.75
N ASN B 111 -25.45 -30.91 32.01
CA ASN B 111 -26.43 -30.53 33.01
C ASN B 111 -25.79 -29.78 34.18
N PRO B 112 -25.76 -28.44 34.13
CA PRO B 112 -25.20 -27.49 35.09
C PRO B 112 -25.62 -27.77 36.51
N ASP B 113 -26.77 -28.39 36.68
CA ASP B 113 -27.28 -28.77 37.99
C ASP B 113 -26.26 -29.56 38.81
N ASN B 114 -25.40 -30.32 38.14
CA ASN B 114 -24.39 -31.09 38.83
C ASN B 114 -23.29 -30.22 39.46
N LEU B 115 -23.09 -29.02 38.92
CA LEU B 115 -22.07 -28.10 39.43
C LEU B 115 -22.48 -27.55 40.78
N GLN B 116 -21.63 -27.74 41.77
CA GLN B 116 -21.94 -27.27 43.11
C GLN B 116 -21.19 -26.00 43.42
N GLY B 117 -21.87 -24.88 43.27
CA GLY B 117 -21.28 -23.57 43.49
C GLY B 117 -21.07 -22.86 42.17
N GLY B 118 -20.12 -21.95 42.12
CA GLY B 118 -19.82 -21.23 40.90
C GLY B 118 -20.57 -19.91 40.79
N ASP B 119 -21.28 -19.52 41.84
CA ASP B 119 -22.00 -18.26 41.79
C ASP B 119 -21.18 -17.10 42.32
N ASP B 120 -20.34 -17.37 43.30
CA ASP B 120 -19.54 -16.33 43.91
C ASP B 120 -18.13 -16.79 44.13
N LEU B 121 -17.25 -16.31 43.27
CA LEU B 121 -15.85 -16.64 43.39
C LEU B 121 -15.01 -15.51 43.94
N ASP B 122 -15.63 -14.49 44.50
CA ASP B 122 -14.89 -13.33 45.02
C ASP B 122 -14.27 -12.45 43.96
N PRO B 123 -15.05 -11.53 43.38
CA PRO B 123 -14.74 -10.52 42.36
C PRO B 123 -13.48 -9.70 42.67
N ASN B 124 -12.98 -9.73 43.90
CA ASN B 124 -11.75 -9.04 44.23
C ASN B 124 -10.54 -9.68 43.59
N TYR B 125 -10.63 -10.96 43.30
CA TYR B 125 -9.54 -11.68 42.67
C TYR B 125 -9.98 -12.25 41.33
N VAL B 126 -11.27 -12.51 41.18
CA VAL B 126 -11.73 -12.95 39.89
C VAL B 126 -12.12 -11.80 39.05
N LEU B 127 -11.37 -11.59 37.99
CA LEU B 127 -11.62 -10.48 37.13
C LEU B 127 -12.70 -10.84 36.15
N SER B 128 -12.54 -12.01 35.55
CA SER B 128 -13.52 -12.48 34.59
C SER B 128 -13.30 -13.94 34.26
N SER B 129 -14.24 -14.54 33.57
CA SER B 129 -14.13 -15.95 33.25
C SER B 129 -14.85 -16.33 31.99
N ARG B 130 -14.36 -17.38 31.34
CA ARG B 130 -14.96 -17.84 30.12
C ARG B 130 -14.83 -19.33 29.97
N VAL B 131 -15.62 -19.91 29.10
CA VAL B 131 -15.52 -21.32 28.84
C VAL B 131 -15.76 -21.54 27.38
N ARG B 132 -14.90 -22.32 26.76
CA ARG B 132 -15.06 -22.50 25.34
C ARG B 132 -14.79 -23.91 24.92
N THR B 133 -15.37 -24.27 23.79
CA THR B 133 -15.21 -25.60 23.24
C THR B 133 -15.37 -25.58 21.75
N GLY B 134 -15.46 -26.75 21.15
CA GLY B 134 -15.66 -26.81 19.73
C GLY B 134 -16.40 -28.04 19.31
N ARG B 135 -16.98 -28.01 18.13
CA ARG B 135 -17.74 -29.12 17.62
C ARG B 135 -17.47 -29.32 16.15
N SER B 136 -17.97 -30.40 15.60
CA SER B 136 -17.81 -30.69 14.18
C SER B 136 -19.04 -31.40 13.69
N ILE B 137 -19.36 -31.25 12.41
CA ILE B 137 -20.58 -31.87 11.93
C ILE B 137 -20.33 -33.22 11.30
N ARG B 138 -20.97 -34.25 11.84
CA ARG B 138 -20.78 -35.59 11.33
C ARG B 138 -21.24 -35.63 9.89
N GLY B 139 -20.38 -36.10 9.01
CA GLY B 139 -20.70 -36.17 7.60
C GLY B 139 -19.84 -35.24 6.76
N PHE B 140 -19.23 -34.25 7.38
CA PHE B 140 -18.34 -33.37 6.66
C PHE B 140 -16.92 -33.62 7.08
N CYS B 141 -16.00 -33.39 6.18
CA CYS B 141 -14.61 -33.58 6.53
C CYS B 141 -14.18 -32.48 7.45
N LEU B 142 -13.21 -32.78 8.29
CA LEU B 142 -12.66 -31.76 9.15
C LEU B 142 -11.86 -30.83 8.27
N PRO B 143 -11.78 -29.53 8.61
CA PRO B 143 -11.17 -28.44 7.87
C PRO B 143 -9.92 -28.79 7.04
N PRO B 144 -8.88 -29.49 7.56
CA PRO B 144 -7.65 -29.83 6.84
C PRO B 144 -7.92 -30.42 5.48
N HIS B 145 -8.96 -31.21 5.34
CA HIS B 145 -9.32 -31.75 4.02
C HIS B 145 -10.75 -31.56 3.65
N CYS B 146 -11.31 -30.41 3.96
CA CYS B 146 -12.62 -30.13 3.44
C CYS B 146 -12.52 -29.35 2.13
N SER B 147 -13.53 -29.46 1.30
CA SER B 147 -13.53 -28.71 0.06
C SER B 147 -14.13 -27.36 0.31
N ARG B 148 -14.04 -26.49 -0.67
CA ARG B 148 -14.66 -25.19 -0.57
C ARG B 148 -16.16 -25.35 -0.47
N GLY B 149 -16.67 -26.29 -1.24
CA GLY B 149 -18.08 -26.62 -1.22
C GLY B 149 -18.50 -27.06 0.17
N GLU B 150 -17.69 -27.91 0.81
CA GLU B 150 -18.01 -28.33 2.16
C GLU B 150 -17.96 -27.21 3.14
N ARG B 151 -16.92 -26.39 3.04
CA ARG B 151 -16.77 -25.31 3.99
C ARG B 151 -17.98 -24.40 3.88
N ARG B 152 -18.40 -24.13 2.65
CA ARG B 152 -19.55 -23.30 2.39
C ARG B 152 -20.84 -23.95 2.83
N ALA B 153 -20.96 -25.27 2.66
CA ALA B 153 -22.15 -25.98 3.10
C ALA B 153 -22.31 -25.87 4.60
N ILE B 154 -21.21 -25.97 5.32
CA ILE B 154 -21.22 -25.83 6.75
C ILE B 154 -21.59 -24.44 7.15
N GLU B 155 -21.00 -23.44 6.50
CA GLU B 155 -21.33 -22.06 6.79
C GLU B 155 -22.81 -21.84 6.65
N LYS B 156 -23.38 -22.33 5.56
CA LYS B 156 -24.80 -22.22 5.34
C LYS B 156 -25.61 -22.76 6.49
N LEU B 157 -25.29 -23.96 6.95
CA LEU B 157 -26.03 -24.52 8.06
C LEU B 157 -25.87 -23.73 9.33
N ALA B 158 -24.64 -23.32 9.62
CA ALA B 158 -24.35 -22.61 10.85
C ALA B 158 -25.07 -21.30 10.93
N VAL B 159 -25.03 -20.55 9.85
CA VAL B 159 -25.64 -19.25 9.85
C VAL B 159 -27.14 -19.36 9.93
N GLU B 160 -27.72 -20.25 9.15
CA GLU B 160 -29.15 -20.41 9.17
C GLU B 160 -29.63 -20.79 10.56
N ALA B 161 -28.99 -21.77 11.18
CA ALA B 161 -29.39 -22.19 12.50
C ALA B 161 -29.19 -21.07 13.54
N LEU B 162 -28.06 -20.41 13.51
CA LEU B 162 -27.77 -19.34 14.49
C LEU B 162 -28.74 -18.19 14.38
N SER B 163 -29.23 -17.92 13.19
CA SER B 163 -30.18 -16.83 13.01
C SER B 163 -31.52 -17.11 13.70
N SER B 164 -31.81 -18.37 14.02
CA SER B 164 -33.05 -18.70 14.70
C SER B 164 -32.88 -18.73 16.21
N LEU B 165 -31.66 -18.49 16.69
CA LEU B 165 -31.42 -18.47 18.12
C LEU B 165 -31.75 -17.10 18.67
N ASP B 166 -32.74 -17.03 19.56
CA ASP B 166 -33.19 -15.75 20.10
C ASP B 166 -32.94 -15.56 21.60
N GLY B 167 -33.78 -14.77 22.26
CA GLY B 167 -33.69 -14.50 23.69
C GLY B 167 -32.42 -13.75 23.98
N ASP B 168 -31.74 -14.16 25.05
CA ASP B 168 -30.46 -13.56 25.41
C ASP B 168 -29.37 -13.93 24.43
N LEU B 169 -29.66 -14.91 23.60
CA LEU B 169 -28.72 -15.38 22.64
C LEU B 169 -29.03 -14.88 21.25
N ALA B 170 -29.92 -13.90 21.12
CA ALA B 170 -30.18 -13.32 19.80
C ALA B 170 -28.91 -12.61 19.36
N GLY B 171 -28.61 -12.64 18.06
CA GLY B 171 -27.36 -12.04 17.61
C GLY B 171 -27.25 -11.75 16.12
N ARG B 172 -26.00 -11.62 15.67
CA ARG B 172 -25.68 -11.25 14.29
C ARG B 172 -24.46 -11.98 13.74
N TYR B 173 -24.54 -12.37 12.47
CA TYR B 173 -23.43 -13.03 11.81
C TYR B 173 -22.65 -12.08 10.91
N TYR B 174 -21.34 -12.11 11.04
CA TYR B 174 -20.43 -11.30 10.28
C TYR B 174 -19.53 -12.16 9.41
N ALA B 175 -19.64 -12.03 8.09
CA ALA B 175 -18.74 -12.80 7.25
C ALA B 175 -17.41 -12.06 7.14
N LEU B 176 -16.29 -12.76 7.34
CA LEU B 176 -15.00 -12.07 7.26
C LEU B 176 -14.70 -11.56 5.87
N LYS B 177 -15.15 -12.28 4.87
CA LYS B 177 -14.90 -11.89 3.48
C LYS B 177 -15.54 -10.56 3.08
N SER B 178 -16.46 -10.02 3.89
CA SER B 178 -17.08 -8.76 3.54
C SER B 178 -17.27 -7.90 4.76
N MET B 179 -16.33 -7.97 5.70
CA MET B 179 -16.41 -7.17 6.91
C MET B 179 -15.88 -5.76 6.69
N THR B 180 -16.63 -4.77 7.15
CA THR B 180 -16.23 -3.38 7.05
C THR B 180 -15.41 -3.01 8.27
N GLU B 181 -14.34 -2.25 8.03
CA GLU B 181 -13.41 -1.85 9.06
C GLU B 181 -14.04 -1.35 10.35
N ALA B 182 -15.15 -0.63 10.25
CA ALA B 182 -15.82 -0.11 11.43
C ALA B 182 -16.17 -1.21 12.43
N GLU B 183 -16.97 -2.19 12.01
CA GLU B 183 -17.31 -3.24 12.95
C GLU B 183 -16.13 -4.15 13.18
N GLN B 184 -15.18 -4.16 12.25
CA GLN B 184 -13.97 -4.93 12.45
C GLN B 184 -13.29 -4.41 13.68
N GLN B 185 -13.18 -3.09 13.78
CA GLN B 185 -12.56 -2.47 14.94
C GLN B 185 -13.29 -2.81 16.21
N GLN B 186 -14.62 -2.85 16.15
CA GLN B 186 -15.39 -3.20 17.34
C GLN B 186 -15.10 -4.61 17.80
N LEU B 187 -15.04 -5.53 16.85
CA LEU B 187 -14.78 -6.91 17.17
C LEU B 187 -13.36 -7.08 17.67
N ILE B 188 -12.44 -6.26 17.16
CA ILE B 188 -11.08 -6.27 17.66
C ILE B 188 -11.03 -5.82 19.10
N ASP B 189 -11.75 -4.73 19.38
CA ASP B 189 -11.79 -4.18 20.73
C ASP B 189 -12.27 -5.19 21.75
N ASP B 190 -13.23 -6.00 21.36
CA ASP B 190 -13.77 -6.99 22.26
C ASP B 190 -13.11 -8.36 22.18
N HIS B 191 -12.03 -8.49 21.40
CA HIS B 191 -11.32 -9.76 21.21
C HIS B 191 -12.14 -10.80 20.46
N PHE B 192 -13.22 -10.37 19.81
CA PHE B 192 -14.09 -11.27 19.11
C PHE B 192 -13.54 -11.66 17.76
N LEU B 193 -12.90 -10.70 17.11
CA LEU B 193 -12.36 -10.91 15.78
C LEU B 193 -11.27 -11.95 15.72
N PHE B 194 -11.39 -12.84 14.77
CA PHE B 194 -10.44 -13.90 14.57
C PHE B 194 -9.81 -13.83 13.19
N ASP B 195 -8.52 -13.49 13.14
CA ASP B 195 -7.80 -13.31 11.88
C ASP B 195 -7.13 -14.61 11.45
N LYS B 196 -6.45 -14.57 10.31
CA LYS B 196 -5.78 -15.71 9.73
C LYS B 196 -4.77 -16.34 10.68
N PRO B 197 -4.75 -17.67 10.81
CA PRO B 197 -3.84 -18.45 11.62
C PRO B 197 -2.41 -18.11 11.27
N VAL B 198 -1.54 -18.09 12.26
CA VAL B 198 -0.16 -17.71 12.06
C VAL B 198 0.84 -18.71 12.59
N SER B 199 0.35 -19.76 13.23
CA SER B 199 1.25 -20.77 13.76
C SER B 199 1.47 -21.88 12.75
N PRO B 200 2.72 -22.35 12.60
CA PRO B 200 3.16 -23.46 11.78
C PRO B 200 2.38 -24.73 12.11
N LEU B 201 1.96 -24.86 13.38
CA LEU B 201 1.21 -26.03 13.80
C LEU B 201 -0.17 -26.08 13.18
N LEU B 202 -0.66 -24.93 12.73
CA LEU B 202 -1.94 -24.87 12.09
C LEU B 202 -1.74 -24.80 10.60
N LEU B 203 -0.74 -24.05 10.17
CA LEU B 203 -0.47 -23.86 8.76
C LEU B 203 -0.15 -25.16 8.06
N ALA B 204 0.57 -26.04 8.75
CA ALA B 204 0.94 -27.33 8.19
C ALA B 204 -0.25 -28.22 7.84
N SER B 205 -1.42 -27.95 8.40
CA SER B 205 -2.58 -28.75 8.09
C SER B 205 -3.23 -28.37 6.79
N GLY B 206 -2.90 -27.18 6.28
CA GLY B 206 -3.51 -26.70 5.06
C GLY B 206 -4.83 -25.97 5.31
N MET B 207 -5.21 -25.83 6.58
CA MET B 207 -6.46 -25.19 7.00
C MET B 207 -6.56 -23.71 6.68
N ALA B 208 -5.46 -23.08 6.30
CA ALA B 208 -5.44 -21.67 5.98
C ALA B 208 -5.79 -21.41 4.51
N ARG B 209 -5.95 -22.47 3.72
CA ARG B 209 -6.26 -22.27 2.33
C ARG B 209 -7.62 -21.66 2.14
N ASP B 210 -7.77 -20.94 1.04
CA ASP B 210 -9.01 -20.27 0.69
C ASP B 210 -9.39 -19.11 1.62
N TRP B 211 -8.57 -18.79 2.62
CA TRP B 211 -8.86 -17.77 3.60
C TRP B 211 -9.26 -16.42 3.01
N PRO B 212 -10.34 -15.81 3.48
CA PRO B 212 -11.28 -16.19 4.52
C PRO B 212 -12.60 -16.61 3.94
N ASP B 213 -12.57 -17.35 2.85
CA ASP B 213 -13.81 -17.76 2.25
C ASP B 213 -14.58 -18.60 3.24
N ALA B 214 -15.85 -18.28 3.40
CA ALA B 214 -16.78 -18.95 4.29
C ALA B 214 -16.37 -18.94 5.76
N ARG B 215 -15.46 -18.04 6.15
CA ARG B 215 -15.12 -17.93 7.55
C ARG B 215 -15.90 -16.78 8.14
N GLY B 216 -16.30 -16.89 9.40
CA GLY B 216 -17.01 -15.76 9.98
C GLY B 216 -17.35 -15.90 11.46
N ILE B 217 -17.98 -14.87 12.00
CA ILE B 217 -18.29 -14.79 13.41
C ILE B 217 -19.72 -14.45 13.69
N TRP B 218 -20.35 -15.22 14.54
CA TRP B 218 -21.67 -14.88 14.99
C TRP B 218 -21.63 -14.57 16.46
N HIS B 219 -22.30 -13.52 16.89
CA HIS B 219 -22.30 -13.29 18.33
C HIS B 219 -23.59 -12.70 18.77
N ASN B 220 -23.88 -12.85 20.06
CA ASN B 220 -25.14 -12.33 20.57
C ASN B 220 -25.04 -10.87 20.95
N ASP B 221 -26.19 -10.26 21.12
CA ASP B 221 -26.32 -8.84 21.44
C ASP B 221 -25.74 -8.47 22.78
N ASN B 222 -25.65 -9.44 23.67
CA ASN B 222 -25.13 -9.18 24.99
C ASN B 222 -23.63 -9.43 25.08
N LYS B 223 -23.01 -9.75 23.95
CA LYS B 223 -21.58 -9.99 23.89
C LYS B 223 -21.08 -11.02 24.88
N THR B 224 -21.80 -12.14 24.99
CA THR B 224 -21.35 -13.20 25.87
C THR B 224 -21.09 -14.48 25.08
N PHE B 225 -21.69 -14.60 23.89
CA PHE B 225 -21.43 -15.75 23.02
C PHE B 225 -20.83 -15.46 21.70
N LEU B 226 -19.80 -16.23 21.39
CA LEU B 226 -19.17 -16.14 20.10
C LEU B 226 -19.24 -17.47 19.42
N VAL B 227 -19.57 -17.46 18.16
CA VAL B 227 -19.49 -18.70 17.43
C VAL B 227 -18.57 -18.50 16.27
N TRP B 228 -17.42 -19.14 16.34
CA TRP B 228 -16.50 -19.02 15.23
C TRP B 228 -16.90 -20.08 14.23
N VAL B 229 -17.09 -19.66 13.00
CA VAL B 229 -17.54 -20.59 11.98
C VAL B 229 -16.45 -20.90 10.98
N ASN B 230 -16.09 -22.17 10.90
CA ASN B 230 -15.07 -22.66 10.00
C ASN B 230 -13.73 -22.02 10.27
N GLU B 231 -13.39 -21.82 11.54
CA GLU B 231 -12.15 -21.14 11.86
C GLU B 231 -11.08 -22.13 12.26
N GLU B 232 -10.87 -22.32 13.55
CA GLU B 232 -9.87 -23.28 13.98
C GLU B 232 -10.40 -24.72 13.99
N ASP B 233 -11.71 -24.86 13.78
CA ASP B 233 -12.35 -26.14 13.63
C ASP B 233 -13.67 -25.85 12.93
N HIS B 234 -14.68 -26.73 12.99
CA HIS B 234 -15.92 -26.34 12.35
C HIS B 234 -16.64 -25.29 13.17
N LEU B 235 -16.86 -25.57 14.43
CA LEU B 235 -17.51 -24.59 15.28
C LEU B 235 -16.77 -24.39 16.56
N ARG B 236 -16.61 -23.15 16.97
CA ARG B 236 -16.13 -22.89 18.30
C ARG B 236 -17.17 -22.14 19.08
N VAL B 237 -17.45 -22.62 20.26
CA VAL B 237 -18.42 -21.97 21.11
C VAL B 237 -17.70 -21.34 22.25
N ILE B 238 -17.80 -20.03 22.35
CA ILE B 238 -17.14 -19.34 23.43
C ILE B 238 -18.14 -18.59 24.26
N SER B 239 -18.17 -18.87 25.54
CA SER B 239 -19.05 -18.16 26.43
C SER B 239 -18.22 -17.38 27.43
N MET B 240 -18.49 -16.09 27.56
CA MET B 240 -17.70 -15.33 28.51
C MET B 240 -18.48 -14.26 29.21
N GLN B 241 -18.05 -13.94 30.42
CA GLN B 241 -18.68 -12.90 31.19
C GLN B 241 -17.76 -12.40 32.29
N LYS B 242 -17.90 -11.14 32.63
CA LYS B 242 -17.08 -10.59 33.69
C LYS B 242 -17.60 -11.03 35.03
N GLY B 243 -16.74 -11.07 36.03
CA GLY B 243 -17.17 -11.48 37.34
C GLY B 243 -16.92 -12.95 37.58
N GLY B 244 -17.21 -13.40 38.80
CA GLY B 244 -16.96 -14.78 39.19
C GLY B 244 -18.15 -15.70 39.11
N ASN B 245 -19.24 -15.27 38.50
CA ASN B 245 -20.39 -16.16 38.43
C ASN B 245 -20.31 -17.15 37.27
N MET B 246 -19.41 -18.12 37.43
CA MET B 246 -19.18 -19.14 36.42
C MET B 246 -20.38 -19.99 36.19
N LYS B 247 -21.13 -20.25 37.24
CA LYS B 247 -22.32 -21.07 37.13
C LYS B 247 -23.22 -20.49 36.11
N GLU B 248 -23.48 -19.19 36.19
CA GLU B 248 -24.28 -18.53 35.18
C GLU B 248 -23.71 -18.74 33.81
N VAL B 249 -22.40 -18.50 33.67
CA VAL B 249 -21.74 -18.64 32.40
C VAL B 249 -21.98 -20.01 31.84
N PHE B 250 -21.81 -21.00 32.70
CA PHE B 250 -21.96 -22.39 32.37
C PHE B 250 -23.39 -22.74 32.01
N THR B 251 -24.38 -22.20 32.75
CA THR B 251 -25.77 -22.51 32.40
C THR B 251 -26.14 -21.90 31.10
N ARG B 252 -25.53 -20.77 30.79
CA ARG B 252 -25.79 -20.16 29.50
C ARG B 252 -25.15 -20.99 28.44
N PHE B 253 -23.93 -21.43 28.72
CA PHE B 253 -23.15 -22.23 27.81
C PHE B 253 -23.84 -23.51 27.44
N CYS B 254 -24.24 -24.27 28.45
CA CYS B 254 -24.92 -25.52 28.22
C CYS B 254 -26.24 -25.32 27.53
N THR B 255 -26.98 -24.29 27.93
CA THR B 255 -28.28 -24.05 27.34
C THR B 255 -28.17 -23.69 25.89
N GLY B 256 -27.32 -22.73 25.59
CA GLY B 256 -27.14 -22.30 24.22
C GLY B 256 -26.63 -23.42 23.36
N LEU B 257 -25.65 -24.14 23.89
CA LEU B 257 -25.05 -25.24 23.17
C LEU B 257 -26.08 -26.31 22.85
N THR B 258 -26.90 -26.65 23.83
CA THR B 258 -27.94 -27.63 23.63
C THR B 258 -28.92 -27.19 22.56
N GLN B 259 -29.29 -25.90 22.61
CA GLN B 259 -30.22 -25.35 21.65
C GLN B 259 -29.68 -25.38 20.25
N ILE B 260 -28.44 -24.96 20.05
CA ILE B 260 -27.92 -24.99 18.69
C ILE B 260 -27.74 -26.41 18.21
N GLU B 261 -27.43 -27.35 19.12
CA GLU B 261 -27.32 -28.74 18.73
C GLU B 261 -28.68 -29.22 18.27
N THR B 262 -29.71 -28.85 19.02
CA THR B 262 -31.09 -29.19 18.70
C THR B 262 -31.47 -28.70 17.32
N LEU B 263 -31.10 -27.45 17.04
CA LEU B 263 -31.42 -26.85 15.76
C LEU B 263 -30.75 -27.59 14.61
N PHE B 264 -29.52 -28.05 14.79
CA PHE B 264 -28.91 -28.83 13.73
C PHE B 264 -29.64 -30.13 13.55
N LYS B 265 -30.07 -30.75 14.66
CA LYS B 265 -30.79 -32.00 14.60
C LYS B 265 -32.14 -31.85 13.94
N SER B 266 -32.74 -30.66 14.02
CA SER B 266 -34.01 -30.45 13.33
C SER B 266 -33.81 -30.47 11.81
N LYS B 267 -32.56 -30.31 11.36
CA LYS B 267 -32.21 -30.33 9.95
C LYS B 267 -31.49 -31.61 9.55
N ASP B 268 -31.52 -32.63 10.40
CA ASP B 268 -30.84 -33.91 10.17
C ASP B 268 -29.32 -33.84 10.23
N TYR B 269 -28.77 -32.98 11.07
CA TYR B 269 -27.33 -32.93 11.25
C TYR B 269 -27.00 -33.13 12.70
N GLU B 270 -25.82 -33.62 12.97
CA GLU B 270 -25.45 -33.85 14.35
C GLU B 270 -23.99 -33.72 14.51
N PHE B 271 -23.57 -33.51 15.73
CA PHE B 271 -22.16 -33.36 16.03
C PHE B 271 -21.46 -34.70 16.07
N MET B 272 -20.21 -34.72 15.66
CA MET B 272 -19.45 -35.95 15.73
C MET B 272 -19.25 -36.32 17.17
N TRP B 273 -19.56 -37.56 17.49
CA TRP B 273 -19.47 -38.04 18.85
C TRP B 273 -19.44 -39.55 18.95
N ASN B 274 -18.57 -40.08 19.81
CA ASN B 274 -18.55 -41.53 20.00
C ASN B 274 -18.07 -41.84 21.41
N PRO B 275 -18.44 -43.01 21.96
CA PRO B 275 -18.20 -43.50 23.31
C PRO B 275 -16.76 -43.44 23.80
N HIS B 276 -15.77 -43.49 22.93
CA HIS B 276 -14.40 -43.48 23.44
C HIS B 276 -13.67 -42.21 23.18
N LEU B 277 -14.25 -41.30 22.41
CA LEU B 277 -13.56 -40.06 22.17
C LEU B 277 -14.45 -38.85 22.41
N GLY B 278 -15.67 -39.06 22.86
CA GLY B 278 -16.57 -37.95 23.13
C GLY B 278 -16.78 -37.20 21.84
N TYR B 279 -16.65 -35.89 21.87
CA TYR B 279 -16.83 -35.10 20.66
C TYR B 279 -15.54 -35.02 19.86
N ILE B 280 -15.66 -35.02 18.54
CA ILE B 280 -14.50 -35.09 17.67
C ILE B 280 -14.00 -33.80 17.05
N LEU B 281 -12.74 -33.50 17.33
CA LEU B 281 -12.03 -32.35 16.76
C LEU B 281 -10.79 -32.79 15.97
N THR B 282 -10.17 -31.83 15.27
CA THR B 282 -8.99 -32.15 14.47
C THR B 282 -7.75 -32.50 15.25
N CYS B 283 -7.59 -31.93 16.43
CA CYS B 283 -6.40 -32.21 17.18
C CYS B 283 -6.67 -33.22 18.27
N PRO B 284 -5.95 -34.34 18.33
CA PRO B 284 -6.04 -35.42 19.28
C PRO B 284 -6.11 -34.96 20.73
N SER B 285 -5.35 -33.92 21.08
CA SER B 285 -5.33 -33.45 22.46
C SER B 285 -6.68 -32.93 22.91
N ASN B 286 -7.52 -32.53 21.98
CA ASN B 286 -8.79 -31.96 22.31
C ASN B 286 -9.95 -32.92 22.18
N LEU B 287 -9.68 -34.21 22.11
CA LEU B 287 -10.79 -35.16 22.00
C LEU B 287 -11.47 -35.40 23.33
N GLY B 288 -12.78 -35.59 23.31
CA GLY B 288 -13.54 -35.89 24.54
C GLY B 288 -14.55 -34.81 24.87
N THR B 289 -14.19 -33.96 25.80
CA THR B 289 -15.08 -32.88 26.16
C THR B 289 -14.72 -31.73 25.32
N GLY B 290 -13.45 -31.41 25.37
CA GLY B 290 -12.95 -30.30 24.62
C GLY B 290 -13.29 -28.99 25.29
N LEU B 291 -13.45 -29.00 26.62
CA LEU B 291 -13.78 -27.75 27.31
C LEU B 291 -12.57 -27.02 27.81
N ARG B 292 -12.62 -25.72 27.71
CA ARG B 292 -11.60 -24.93 28.31
C ARG B 292 -12.24 -23.87 29.15
N ALA B 293 -12.47 -24.16 30.41
CA ALA B 293 -13.00 -23.16 31.31
C ALA B 293 -11.82 -22.48 31.94
N GLY B 294 -11.83 -21.15 31.91
CA GLY B 294 -10.70 -20.42 32.42
C GLY B 294 -11.10 -19.16 33.16
N VAL B 295 -10.31 -18.82 34.15
CA VAL B 295 -10.57 -17.68 34.98
C VAL B 295 -9.37 -16.76 35.02
N HIS B 296 -9.62 -15.48 34.84
CA HIS B 296 -8.57 -14.48 34.91
C HIS B 296 -8.46 -14.11 36.37
N ILE B 297 -7.42 -14.65 37.01
CA ILE B 297 -7.32 -14.55 38.45
C ILE B 297 -6.18 -13.65 38.82
N LYS B 298 -6.47 -12.58 39.51
CA LYS B 298 -5.46 -11.64 39.92
C LYS B 298 -4.68 -12.22 41.08
N LEU B 299 -3.42 -12.56 40.85
CA LEU B 299 -2.61 -13.19 41.89
C LEU B 299 -1.21 -12.60 42.03
N PRO B 300 -1.09 -11.34 42.44
CA PRO B 300 0.13 -10.58 42.59
C PRO B 300 1.09 -11.14 43.63
N ASN B 301 0.58 -11.87 44.61
CA ASN B 301 1.45 -12.46 45.62
C ASN B 301 1.69 -13.91 45.32
N LEU B 302 0.59 -14.63 45.12
CA LEU B 302 0.63 -16.07 44.90
C LEU B 302 1.45 -16.47 43.69
N GLY B 303 1.40 -15.67 42.62
CA GLY B 303 2.18 -15.97 41.42
C GLY B 303 3.69 -15.97 41.65
N LYS B 304 4.15 -15.39 42.76
CA LYS B 304 5.56 -15.38 43.08
C LYS B 304 5.94 -16.49 44.04
N HIS B 305 4.96 -17.23 44.54
CA HIS B 305 5.24 -18.31 45.46
C HIS B 305 5.75 -19.53 44.71
N GLU B 306 6.76 -20.17 45.26
CA GLU B 306 7.41 -21.30 44.59
C GLU B 306 6.55 -22.55 44.41
N LYS B 307 5.45 -22.65 45.13
CA LYS B 307 4.60 -23.82 44.96
C LYS B 307 3.43 -23.57 44.05
N PHE B 308 3.34 -22.37 43.47
CA PHE B 308 2.20 -22.02 42.62
C PHE B 308 1.99 -23.05 41.54
N SER B 309 3.07 -23.39 40.85
CA SER B 309 3.05 -24.40 39.82
C SER B 309 2.46 -25.71 40.34
N GLU B 310 3.10 -26.26 41.36
CA GLU B 310 2.71 -27.51 41.98
C GLU B 310 1.26 -27.54 42.39
N VAL B 311 0.78 -26.45 42.97
CA VAL B 311 -0.61 -26.39 43.36
C VAL B 311 -1.52 -26.56 42.18
N LEU B 312 -1.25 -25.83 41.10
CA LEU B 312 -2.09 -25.95 39.92
C LEU B 312 -1.99 -27.33 39.34
N LYS B 313 -0.81 -27.91 39.40
CA LYS B 313 -0.60 -29.26 38.93
C LYS B 313 -1.51 -30.21 39.67
N ARG B 314 -1.53 -30.10 40.99
CA ARG B 314 -2.37 -30.97 41.79
C ARG B 314 -3.85 -30.70 41.54
N LEU B 315 -4.19 -29.47 41.21
CA LEU B 315 -5.56 -29.12 40.86
C LEU B 315 -5.88 -29.43 39.41
N ARG B 316 -4.89 -29.89 38.66
CA ARG B 316 -5.03 -30.21 37.25
C ARG B 316 -5.45 -29.00 36.43
N LEU B 317 -4.95 -27.85 36.84
CA LEU B 317 -5.21 -26.60 36.17
C LEU B 317 -3.92 -26.15 35.53
N GLN B 318 -4.01 -25.37 34.46
CA GLN B 318 -2.79 -24.94 33.80
C GLN B 318 -2.55 -23.48 34.00
N LYS B 319 -1.26 -23.13 34.07
CA LYS B 319 -0.77 -21.79 34.27
C LYS B 319 -0.49 -21.04 32.99
N ARG B 320 -1.49 -20.59 32.27
CA ARG B 320 -1.11 -19.84 31.10
C ARG B 320 -0.89 -18.40 31.47
N VAL B 333 -1.31 -11.73 36.90
CA VAL B 333 -2.68 -12.14 36.62
C VAL B 333 -2.54 -13.31 35.70
N PHE B 334 -3.22 -14.41 36.00
CA PHE B 334 -3.01 -15.58 35.19
C PHE B 334 -4.27 -16.10 34.57
N ASP B 335 -4.13 -16.74 33.41
CA ASP B 335 -5.27 -17.40 32.81
C ASP B 335 -5.22 -18.83 33.28
N VAL B 336 -5.94 -19.12 34.35
CA VAL B 336 -5.90 -20.46 34.89
C VAL B 336 -7.07 -21.21 34.35
N SER B 337 -6.81 -22.39 33.81
CA SER B 337 -7.90 -23.16 33.22
C SER B 337 -7.72 -24.65 33.40
N ASN B 338 -8.77 -25.42 33.15
CA ASN B 338 -8.61 -26.85 33.35
C ASN B 338 -7.66 -27.38 32.29
N ALA B 339 -6.61 -28.05 32.74
CA ALA B 339 -5.56 -28.56 31.86
C ALA B 339 -5.95 -29.77 31.01
N ASP B 340 -6.97 -30.52 31.43
CA ASP B 340 -7.38 -31.72 30.71
C ASP B 340 -8.54 -31.50 29.76
N ARG B 341 -8.72 -32.42 28.84
CA ARG B 341 -9.81 -32.35 27.88
C ARG B 341 -10.53 -33.67 27.82
N LEU B 342 -9.87 -34.72 28.29
CA LEU B 342 -10.34 -36.09 28.24
C LEU B 342 -9.98 -36.82 29.51
N GLY B 343 -10.93 -37.48 30.14
CA GLY B 343 -10.66 -38.26 31.33
C GLY B 343 -11.75 -38.14 32.38
N PHE B 344 -12.65 -37.20 32.18
CA PHE B 344 -13.75 -36.97 33.09
C PHE B 344 -14.75 -36.01 32.49
N SER B 345 -15.95 -35.99 33.06
CA SER B 345 -17.06 -35.23 32.50
C SER B 345 -16.89 -33.73 32.48
N GLU B 346 -17.74 -33.11 31.67
CA GLU B 346 -17.76 -31.68 31.47
C GLU B 346 -18.04 -30.93 32.74
N VAL B 347 -18.99 -31.41 33.52
CA VAL B 347 -19.25 -30.75 34.78
C VAL B 347 -18.12 -30.97 35.73
N GLU B 348 -17.61 -32.18 35.82
CA GLU B 348 -16.49 -32.44 36.69
C GLU B 348 -15.37 -31.46 36.41
N LEU B 349 -15.14 -31.24 35.13
CA LEU B 349 -14.11 -30.35 34.65
C LEU B 349 -14.26 -28.93 35.21
N VAL B 350 -15.44 -28.33 35.04
CA VAL B 350 -15.59 -26.97 35.54
C VAL B 350 -15.66 -26.93 37.05
N GLN B 351 -16.09 -28.03 37.67
CA GLN B 351 -16.12 -28.12 39.13
C GLN B 351 -14.72 -27.97 39.67
N MET B 352 -13.76 -28.59 38.99
CA MET B 352 -12.37 -28.48 39.37
C MET B 352 -11.85 -27.07 39.24
N VAL B 353 -12.33 -26.34 38.24
CA VAL B 353 -11.91 -24.96 38.10
C VAL B 353 -12.45 -24.14 39.25
N VAL B 354 -13.74 -24.29 39.53
CA VAL B 354 -14.38 -23.56 40.61
C VAL B 354 -13.73 -23.80 41.95
N ASP B 355 -13.48 -25.05 42.27
CA ASP B 355 -12.85 -25.37 43.53
C ASP B 355 -11.48 -24.77 43.61
N GLY B 356 -10.73 -24.90 42.52
CA GLY B 356 -9.39 -24.37 42.47
C GLY B 356 -9.35 -22.88 42.71
N VAL B 357 -10.26 -22.14 42.08
CA VAL B 357 -10.28 -20.71 42.27
C VAL B 357 -10.45 -20.35 43.71
N LYS B 358 -11.40 -20.99 44.38
CA LYS B 358 -11.64 -20.68 45.77
C LYS B 358 -10.43 -20.99 46.62
N LEU B 359 -9.79 -22.11 46.35
CA LEU B 359 -8.61 -22.49 47.08
C LEU B 359 -7.51 -21.49 46.88
N LEU B 360 -7.27 -21.15 45.63
CA LEU B 360 -6.21 -20.24 45.25
C LEU B 360 -6.39 -18.85 45.83
N ILE B 361 -7.62 -18.36 45.87
CA ILE B 361 -7.83 -17.04 46.42
C ILE B 361 -7.55 -16.98 47.88
N GLU B 362 -8.06 -17.93 48.65
CA GLU B 362 -7.80 -17.89 50.08
C GLU B 362 -6.33 -18.05 50.35
N MET B 363 -5.67 -18.87 49.52
CA MET B 363 -4.24 -19.06 49.63
C MET B 363 -3.52 -17.75 49.52
N GLU B 364 -3.84 -16.98 48.49
CA GLU B 364 -3.21 -15.71 48.32
C GLU B 364 -3.53 -14.76 49.45
N GLN B 365 -4.76 -14.79 49.94
CA GLN B 365 -5.13 -13.92 51.04
C GLN B 365 -4.24 -14.19 52.23
N ARG B 366 -3.97 -15.48 52.49
CA ARG B 366 -3.11 -15.82 53.58
C ARG B 366 -1.73 -15.26 53.34
N LEU B 367 -1.26 -15.33 52.10
CA LEU B 367 0.04 -14.77 51.78
C LEU B 367 0.04 -13.27 52.01
N GLU B 368 -1.06 -12.60 51.67
CA GLU B 368 -1.17 -11.16 51.89
C GLU B 368 -1.10 -10.84 53.37
N GLN B 369 -1.65 -11.71 54.20
CA GLN B 369 -1.62 -11.53 55.63
C GLN B 369 -0.36 -12.09 56.31
N GLY B 370 0.60 -12.57 55.53
CA GLY B 370 1.82 -13.09 56.09
C GLY B 370 1.60 -14.43 56.76
N GLN B 371 0.56 -15.14 56.34
CA GLN B 371 0.22 -16.41 56.93
C GLN B 371 0.72 -17.52 56.04
N ALA B 372 1.08 -18.65 56.64
CA ALA B 372 1.56 -19.80 55.86
C ALA B 372 0.38 -20.46 55.16
N ILE B 373 0.63 -21.05 53.99
CA ILE B 373 -0.39 -21.72 53.19
C ILE B 373 -0.16 -23.23 53.12
N ASP B 374 0.57 -23.75 54.10
CA ASP B 374 1.05 -25.11 54.09
C ASP B 374 -0.07 -26.14 53.96
N ASP B 375 -1.13 -25.93 54.72
CA ASP B 375 -2.24 -26.88 54.73
C ASP B 375 -3.21 -26.71 53.58
N LEU B 376 -2.91 -25.84 52.64
CA LEU B 376 -3.79 -25.67 51.51
C LEU B 376 -3.34 -26.49 50.32
N MET B 377 -2.21 -27.18 50.46
CA MET B 377 -1.73 -28.02 49.37
C MET B 377 -2.81 -29.04 49.03
N PRO B 378 -3.36 -29.01 47.80
CA PRO B 378 -4.47 -29.83 47.28
C PRO B 378 -4.26 -31.32 47.48
N ALA B 379 -3.01 -31.76 47.48
CA ALA B 379 -2.64 -33.17 47.62
C ALA B 379 -3.19 -33.97 46.44
N LEU C 45 12.91 -11.64 2.31
CA LEU C 45 13.14 -11.56 3.75
C LEU C 45 14.34 -10.72 4.11
N SER C 46 15.53 -11.18 3.75
CA SER C 46 16.74 -10.44 4.10
C SER C 46 18.00 -10.98 3.44
N ASN C 47 17.97 -11.22 2.13
CA ASN C 47 19.17 -11.73 1.47
C ASN C 47 19.04 -11.77 -0.05
N PRO C 48 20.01 -11.23 -0.80
CA PRO C 48 20.15 -11.30 -2.24
C PRO C 48 20.43 -12.72 -2.65
N LEU C 49 19.37 -13.51 -2.67
CA LEU C 49 19.42 -14.93 -3.02
C LEU C 49 19.27 -15.19 -4.49
N MET C 50 19.46 -14.17 -5.33
CA MET C 50 19.40 -14.34 -6.76
C MET C 50 18.04 -14.89 -7.24
N GLY C 51 16.98 -14.63 -6.47
CA GLY C 51 15.65 -15.08 -6.82
C GLY C 51 14.81 -13.89 -7.22
N ASP C 52 13.51 -14.11 -7.46
CA ASP C 52 12.61 -13.04 -7.84
C ASP C 52 11.93 -12.41 -6.65
N ALA C 53 11.34 -11.23 -6.89
CA ALA C 53 10.64 -10.44 -5.88
C ALA C 53 9.53 -11.21 -5.18
N VAL C 54 8.93 -12.17 -5.88
CA VAL C 54 7.87 -13.00 -5.32
C VAL C 54 8.31 -13.75 -4.06
N SER C 55 9.62 -13.97 -3.93
CA SER C 55 10.18 -14.68 -2.82
C SER C 55 10.64 -13.75 -1.69
N ASP C 56 10.41 -12.45 -1.84
CA ASP C 56 10.84 -11.51 -0.81
C ASP C 56 9.76 -11.16 0.20
N TRP C 57 8.49 -11.28 -0.20
CA TRP C 57 7.39 -10.90 0.68
C TRP C 57 7.48 -11.54 2.02
N SER C 58 7.36 -10.75 3.07
CA SER C 58 7.26 -11.36 4.37
C SER C 58 5.79 -11.48 4.62
N PRO C 59 5.39 -12.26 5.59
CA PRO C 59 4.04 -12.39 6.06
C PRO C 59 3.50 -11.03 6.49
N MET C 60 4.38 -10.16 6.98
CA MET C 60 3.97 -8.88 7.49
C MET C 60 3.60 -7.98 6.37
N HIS C 61 4.35 -8.04 5.28
CA HIS C 61 4.05 -7.18 4.15
C HIS C 61 2.72 -7.54 3.57
N GLU C 62 2.43 -8.84 3.51
CA GLU C 62 1.16 -9.25 2.96
C GLU C 62 0.03 -8.90 3.90
N ALA C 63 0.29 -9.01 5.20
CA ALA C 63 -0.71 -8.61 6.17
C ALA C 63 -0.97 -7.13 6.09
N ALA C 64 0.10 -6.36 5.92
CA ALA C 64 -0.01 -4.93 5.86
C ALA C 64 -0.81 -4.47 4.67
N ILE C 65 -0.47 -4.95 3.49
CA ILE C 65 -1.18 -4.49 2.31
C ILE C 65 -2.64 -4.88 2.29
N HIS C 66 -3.02 -5.98 2.93
CA HIS C 66 -4.43 -6.34 2.97
C HIS C 66 -5.14 -6.07 4.29
N GLY C 67 -4.53 -5.30 5.19
CA GLY C 67 -5.24 -4.88 6.41
C GLY C 67 -5.45 -5.94 7.47
N HIS C 68 -4.58 -6.93 7.56
CA HIS C 68 -4.75 -7.98 8.56
C HIS C 68 -4.09 -7.59 9.85
N GLN C 69 -4.74 -6.66 10.53
CA GLN C 69 -4.25 -6.06 11.75
C GLN C 69 -3.89 -7.05 12.84
N LEU C 70 -4.77 -7.98 13.14
CA LEU C 70 -4.47 -8.90 14.21
C LEU C 70 -3.33 -9.81 13.83
N SER C 71 -3.32 -10.24 12.57
CA SER C 71 -2.23 -11.06 12.08
C SER C 71 -0.93 -10.33 12.24
N LEU C 72 -0.93 -9.06 11.90
CA LEU C 72 0.24 -8.22 12.04
C LEU C 72 0.71 -8.24 13.48
N ARG C 73 -0.21 -8.03 14.40
CA ARG C 73 0.12 -8.03 15.81
C ARG C 73 0.72 -9.35 16.23
N ASN C 74 0.15 -10.43 15.70
CA ASN C 74 0.62 -11.75 16.03
C ASN C 74 2.04 -11.97 15.54
N LEU C 75 2.32 -11.53 14.32
CA LEU C 75 3.64 -11.67 13.76
C LEU C 75 4.65 -10.90 14.57
N ILE C 76 4.23 -9.72 15.03
CA ILE C 76 5.07 -8.91 15.87
C ILE C 76 5.35 -9.65 17.15
N SER C 77 4.32 -10.24 17.75
CA SER C 77 4.52 -10.98 18.99
C SER C 77 5.36 -12.23 18.79
N GLN C 78 5.41 -12.76 17.57
CA GLN C 78 6.26 -13.90 17.31
C GLN C 78 7.72 -13.52 17.14
N GLY C 79 8.02 -12.23 17.05
CA GLY C 79 9.41 -11.81 16.89
C GLY C 79 9.73 -11.21 15.53
N TRP C 80 8.72 -10.94 14.71
CA TRP C 80 9.02 -10.32 13.43
C TRP C 80 9.13 -8.82 13.63
N ALA C 81 10.25 -8.24 13.21
CA ALA C 81 10.48 -6.81 13.37
C ALA C 81 9.67 -6.02 12.36
N VAL C 82 9.40 -4.77 12.67
CA VAL C 82 8.63 -3.93 11.77
C VAL C 82 9.47 -3.26 10.71
N ASN C 83 10.78 -3.33 10.84
CA ASN C 83 11.66 -2.74 9.83
C ASN C 83 12.28 -3.80 8.93
N ILE C 84 11.58 -4.90 8.71
CA ILE C 84 12.04 -5.91 7.77
C ILE C 84 11.70 -5.46 6.39
N ILE C 85 12.68 -5.40 5.52
CA ILE C 85 12.47 -4.86 4.19
C ILE C 85 12.83 -5.75 3.04
N THR C 86 12.21 -5.47 1.90
CA THR C 86 12.44 -6.20 0.66
C THR C 86 13.73 -5.76 0.01
N ALA C 87 14.02 -6.34 -1.14
CA ALA C 87 15.20 -5.96 -1.92
C ALA C 87 15.12 -4.50 -2.39
N ASP C 88 13.94 -3.91 -2.41
CA ASP C 88 13.78 -2.52 -2.81
C ASP C 88 13.64 -1.63 -1.59
N HIS C 89 13.91 -2.19 -0.42
CA HIS C 89 13.78 -1.49 0.83
C HIS C 89 12.36 -1.06 1.08
N VAL C 90 11.42 -1.96 0.85
CA VAL C 90 10.05 -1.65 1.12
C VAL C 90 9.66 -2.26 2.44
N SER C 91 9.20 -1.43 3.37
CA SER C 91 8.79 -1.90 4.68
C SER C 91 7.30 -2.16 4.70
N PRO C 92 6.81 -2.87 5.71
CA PRO C 92 5.41 -3.13 6.00
C PRO C 92 4.68 -1.80 6.05
N LEU C 93 5.36 -0.80 6.59
CA LEU C 93 4.81 0.55 6.69
C LEU C 93 4.52 1.09 5.32
N HIS C 94 5.46 0.93 4.40
CA HIS C 94 5.26 1.43 3.05
C HIS C 94 4.05 0.73 2.42
N GLU C 95 3.89 -0.56 2.68
CA GLU C 95 2.75 -1.26 2.11
C GLU C 95 1.45 -0.84 2.77
N ALA C 96 1.49 -0.61 4.08
CA ALA C 96 0.31 -0.21 4.81
C ALA C 96 -0.18 1.13 4.30
N CYS C 97 0.76 2.00 3.98
CA CYS C 97 0.44 3.30 3.49
C CYS C 97 -0.22 3.22 2.14
N LEU C 98 0.25 2.32 1.28
CA LEU C 98 -0.38 2.13 0.00
C LEU C 98 -1.78 1.57 0.14
N GLY C 99 -1.97 0.71 1.12
CA GLY C 99 -3.29 0.13 1.35
C GLY C 99 -4.23 1.08 2.08
N GLY C 100 -3.66 2.02 2.83
CA GLY C 100 -4.47 2.97 3.58
C GLY C 100 -4.99 2.35 4.87
N HIS C 101 -4.27 1.37 5.38
CA HIS C 101 -4.72 0.66 6.56
C HIS C 101 -4.23 1.34 7.82
N LEU C 102 -4.88 2.46 8.13
CA LEU C 102 -4.54 3.32 9.25
C LEU C 102 -4.18 2.62 10.54
N SER C 103 -4.97 1.65 10.96
CA SER C 103 -4.67 1.00 12.23
C SER C 103 -3.38 0.21 12.18
N CYS C 104 -3.03 -0.28 10.99
CA CYS C 104 -1.80 -1.03 10.84
C CYS C 104 -0.66 -0.07 10.92
N VAL C 105 -0.87 1.10 10.33
CA VAL C 105 0.12 2.15 10.34
C VAL C 105 0.40 2.56 11.77
N LYS C 106 -0.66 2.70 12.56
CA LYS C 106 -0.53 3.07 13.95
C LYS C 106 0.30 2.06 14.71
N ILE C 107 0.04 0.78 14.47
CA ILE C 107 0.77 -0.28 15.14
C ILE C 107 2.22 -0.30 14.75
N LEU C 108 2.49 -0.22 13.47
CA LEU C 108 3.85 -0.28 13.00
C LEU C 108 4.66 0.89 13.52
N LEU C 109 4.07 2.06 13.53
CA LEU C 109 4.74 3.24 14.04
C LEU C 109 4.94 3.11 15.52
N LYS C 110 3.95 2.55 16.21
CA LYS C 110 4.04 2.29 17.64
C LYS C 110 5.26 1.45 17.97
N HIS C 111 5.58 0.50 17.10
CA HIS C 111 6.71 -0.35 17.33
C HIS C 111 8.00 0.08 16.63
N GLY C 112 8.09 1.34 16.20
CA GLY C 112 9.35 1.85 15.65
C GLY C 112 9.52 1.81 14.13
N ALA C 113 8.43 1.75 13.37
CA ALA C 113 8.56 1.77 11.92
C ALA C 113 9.15 3.09 11.44
N GLN C 114 9.91 3.04 10.36
CA GLN C 114 10.61 4.21 9.89
C GLN C 114 9.76 5.13 9.04
N VAL C 115 9.07 6.04 9.71
CA VAL C 115 8.17 7.02 9.10
C VAL C 115 8.76 7.76 7.89
N ASN C 116 10.08 7.98 7.84
CA ASN C 116 10.69 8.64 6.69
C ASN C 116 11.60 7.72 5.88
N GLY C 117 11.34 6.42 5.91
CA GLY C 117 12.16 5.47 5.16
C GLY C 117 12.00 5.70 3.66
N VAL C 118 13.08 5.53 2.91
CA VAL C 118 13.06 5.75 1.47
C VAL C 118 13.35 4.49 0.68
N THR C 119 12.48 4.18 -0.28
CA THR C 119 12.65 2.96 -1.08
C THR C 119 13.60 3.18 -2.21
N ALA C 120 13.91 2.10 -2.92
CA ALA C 120 14.78 2.13 -4.10
C ALA C 120 14.21 2.99 -5.22
N ASP C 121 12.92 3.29 -5.18
CA ASP C 121 12.33 4.16 -6.18
C ASP C 121 11.99 5.51 -5.60
N TRP C 122 12.64 5.83 -4.49
CA TRP C 122 12.49 7.10 -3.81
C TRP C 122 11.10 7.32 -3.29
N HIS C 123 10.51 6.33 -2.64
CA HIS C 123 9.20 6.58 -2.10
C HIS C 123 9.24 6.56 -0.59
N THR C 124 8.36 7.34 0.00
CA THR C 124 8.25 7.42 1.45
C THR C 124 6.85 7.03 1.83
N PRO C 125 6.61 6.62 3.07
CA PRO C 125 5.34 6.25 3.64
C PRO C 125 4.34 7.34 3.38
N LEU C 126 4.78 8.57 3.57
CA LEU C 126 3.95 9.72 3.32
C LEU C 126 3.54 9.78 1.88
N PHE C 127 4.50 9.62 1.00
CA PHE C 127 4.20 9.64 -0.42
C PHE C 127 3.18 8.57 -0.75
N ASN C 128 3.42 7.37 -0.25
CA ASN C 128 2.54 6.26 -0.50
C ASN C 128 1.13 6.53 -0.02
N ALA C 129 1.01 7.18 1.13
CA ALA C 129 -0.31 7.52 1.64
C ALA C 129 -1.01 8.48 0.70
N CYS C 130 -0.25 9.42 0.14
CA CYS C 130 -0.81 10.37 -0.80
C CYS C 130 -1.27 9.65 -2.06
N VAL C 131 -0.53 8.63 -2.45
CA VAL C 131 -0.89 7.85 -3.63
C VAL C 131 -2.22 7.18 -3.43
N SER C 132 -2.42 6.59 -2.26
CA SER C 132 -3.65 5.90 -1.96
C SER C 132 -4.81 6.87 -1.83
N GLY C 133 -4.72 7.72 -0.82
CA GLY C 133 -5.76 8.69 -0.58
C GLY C 133 -6.05 8.83 0.90
N SER C 134 -5.51 7.89 1.69
CA SER C 134 -5.72 7.89 3.14
C SER C 134 -5.28 9.14 3.85
N TRP C 135 -6.13 10.16 3.78
CA TRP C 135 -5.90 11.42 4.45
C TRP C 135 -5.59 11.23 5.93
N ASP C 136 -6.30 10.32 6.56
CA ASP C 136 -6.06 10.05 7.95
C ASP C 136 -4.62 9.60 8.19
N CYS C 137 -4.08 8.73 7.31
CA CYS C 137 -2.71 8.30 7.46
C CYS C 137 -1.77 9.44 7.19
N VAL C 138 -2.13 10.30 6.24
CA VAL C 138 -1.29 11.43 5.94
C VAL C 138 -1.10 12.27 7.16
N ASN C 139 -2.19 12.55 7.86
CA ASN C 139 -2.12 13.33 9.06
C ASN C 139 -1.26 12.64 10.10
N LEU C 140 -1.50 11.35 10.30
CA LEU C 140 -0.79 10.60 11.31
C LEU C 140 0.70 10.62 11.09
N LEU C 141 1.10 10.34 9.86
CA LEU C 141 2.50 10.30 9.51
C LEU C 141 3.16 11.63 9.72
N LEU C 142 2.49 12.70 9.33
CA LEU C 142 3.02 14.03 9.53
C LEU C 142 3.15 14.32 11.00
N GLN C 143 2.21 13.84 11.80
CA GLN C 143 2.29 14.04 13.24
C GLN C 143 3.45 13.28 13.86
N HIS C 144 3.92 12.23 13.18
CA HIS C 144 5.08 11.53 13.67
C HIS C 144 6.37 11.97 13.01
N GLY C 145 6.37 13.15 12.38
CA GLY C 145 7.60 13.68 11.82
C GLY C 145 7.86 13.38 10.36
N ALA C 146 6.85 12.90 9.62
CA ALA C 146 7.09 12.68 8.21
C ALA C 146 7.39 14.00 7.55
N SER C 147 8.42 14.04 6.72
CA SER C 147 8.74 15.28 6.03
C SER C 147 7.93 15.43 4.79
N VAL C 148 7.45 16.64 4.53
CA VAL C 148 6.68 16.90 3.33
C VAL C 148 7.58 17.10 2.11
N GLN C 149 8.88 17.23 2.35
CA GLN C 149 9.82 17.42 1.26
C GLN C 149 10.75 16.23 1.10
N PRO C 150 10.55 15.40 0.07
CA PRO C 150 11.33 14.22 -0.26
C PRO C 150 12.68 14.61 -0.82
N GLU C 151 13.62 13.66 -0.74
CA GLU C 151 14.96 13.89 -1.26
C GLU C 151 14.98 13.97 -2.76
N SER C 152 14.19 13.14 -3.41
CA SER C 152 14.14 13.13 -4.85
C SER C 152 12.95 13.84 -5.42
N ASP C 153 13.17 14.44 -6.58
CA ASP C 153 12.12 15.10 -7.33
C ASP C 153 11.27 14.13 -8.12
N LEU C 154 11.55 12.84 -8.00
CA LEU C 154 10.77 11.84 -8.68
C LEU C 154 9.53 11.47 -7.90
N ALA C 155 9.40 11.93 -6.66
CA ALA C 155 8.23 11.54 -5.90
C ALA C 155 7.79 12.58 -4.89
N SER C 156 7.20 13.66 -5.37
CA SER C 156 6.65 14.69 -4.49
C SER C 156 5.22 14.37 -4.06
N PRO C 157 4.95 14.29 -2.76
CA PRO C 157 3.67 14.05 -2.13
C PRO C 157 2.64 15.06 -2.57
N ILE C 158 3.07 16.32 -2.62
CA ILE C 158 2.20 17.40 -3.00
C ILE C 158 1.81 17.29 -4.44
N HIS C 159 2.79 17.08 -5.30
CA HIS C 159 2.51 17.02 -6.71
C HIS C 159 1.67 15.79 -7.02
N GLU C 160 1.90 14.72 -6.28
CA GLU C 160 1.14 13.52 -6.50
C GLU C 160 -0.30 13.73 -6.11
N ALA C 161 -0.51 14.29 -4.93
CA ALA C 161 -1.84 14.52 -4.43
C ALA C 161 -2.59 15.45 -5.35
N ALA C 162 -1.89 16.43 -5.92
CA ALA C 162 -2.51 17.32 -6.86
C ALA C 162 -3.02 16.56 -8.05
N ARG C 163 -2.21 15.65 -8.58
CA ARG C 163 -2.62 14.88 -9.74
C ARG C 163 -3.78 13.95 -9.44
N ARG C 164 -3.88 13.52 -8.19
CA ARG C 164 -4.88 12.56 -7.78
C ARG C 164 -6.19 13.19 -7.31
N GLY C 165 -6.24 14.51 -7.18
CA GLY C 165 -7.46 15.13 -6.69
C GLY C 165 -7.63 15.00 -5.17
N HIS C 166 -6.54 14.77 -4.45
CA HIS C 166 -6.61 14.59 -3.00
C HIS C 166 -6.52 15.93 -2.26
N VAL C 167 -7.63 16.65 -2.31
CA VAL C 167 -7.78 17.99 -1.75
C VAL C 167 -7.45 18.10 -0.27
N GLU C 168 -8.02 17.24 0.55
CA GLU C 168 -7.74 17.31 1.96
C GLU C 168 -6.29 16.93 2.28
N CYS C 169 -5.66 16.18 1.39
CA CYS C 169 -4.29 15.80 1.60
C CYS C 169 -3.37 16.97 1.33
N VAL C 170 -3.63 17.72 0.26
CA VAL C 170 -2.76 18.87 0.02
C VAL C 170 -3.01 19.92 1.06
N ASN C 171 -4.22 19.96 1.62
CA ASN C 171 -4.51 20.87 2.69
C ASN C 171 -3.56 20.62 3.85
N SER C 172 -3.48 19.36 4.27
CA SER C 172 -2.61 19.00 5.37
C SER C 172 -1.14 19.14 5.04
N LEU C 173 -0.75 18.79 3.83
CA LEU C 173 0.65 18.90 3.45
C LEU C 173 1.11 20.34 3.51
N ILE C 174 0.25 21.26 3.07
CA ILE C 174 0.58 22.65 3.18
C ILE C 174 0.68 23.06 4.61
N ALA C 175 -0.30 22.65 5.42
CA ALA C 175 -0.34 23.00 6.83
C ALA C 175 0.91 22.61 7.60
N TYR C 176 1.52 21.49 7.26
CA TYR C 176 2.75 21.10 7.95
C TYR C 176 4.02 21.69 7.37
N GLY C 177 3.90 22.55 6.36
CA GLY C 177 5.07 23.22 5.82
C GLY C 177 5.28 22.91 4.35
N GLY C 178 4.20 22.64 3.63
CA GLY C 178 4.33 22.31 2.22
C GLY C 178 4.41 23.56 1.38
N ASN C 179 5.31 23.55 0.41
CA ASN C 179 5.46 24.68 -0.49
C ASN C 179 4.49 24.56 -1.65
N ILE C 180 3.39 25.29 -1.56
CA ILE C 180 2.35 25.22 -2.57
C ILE C 180 2.79 25.57 -3.98
N ASP C 181 3.87 26.34 -4.12
CA ASP C 181 4.35 26.70 -5.45
C ASP C 181 5.63 25.98 -5.81
N HIS C 182 5.95 24.89 -5.13
CA HIS C 182 7.17 24.19 -5.45
C HIS C 182 7.17 23.73 -6.89
N LYS C 183 8.19 24.14 -7.62
CA LYS C 183 8.30 23.85 -9.03
C LYS C 183 9.30 22.73 -9.33
N ILE C 184 8.82 21.64 -9.94
CA ILE C 184 9.71 20.55 -10.32
C ILE C 184 9.80 20.33 -11.79
N SER C 185 10.94 20.67 -12.38
CA SER C 185 11.28 20.47 -13.79
C SER C 185 10.12 20.12 -14.75
N HIS C 186 9.85 18.82 -14.89
CA HIS C 186 8.84 18.29 -15.82
C HIS C 186 7.39 18.39 -15.34
N LEU C 187 7.22 18.73 -14.10
CA LEU C 187 5.92 18.86 -13.48
C LEU C 187 5.51 20.30 -13.34
N GLY C 188 6.48 21.13 -12.99
CA GLY C 188 6.22 22.51 -12.72
C GLY C 188 5.55 22.59 -11.36
N THR C 189 4.56 23.45 -11.23
CA THR C 189 3.83 23.55 -9.97
C THR C 189 2.74 22.51 -9.88
N PRO C 190 2.24 22.22 -8.70
CA PRO C 190 1.19 21.28 -8.43
C PRO C 190 -0.11 21.85 -8.96
N LEU C 191 -0.18 23.17 -9.04
CA LEU C 191 -1.32 23.84 -9.62
C LEU C 191 -1.40 23.45 -11.06
N TYR C 192 -0.26 23.57 -11.73
CA TYR C 192 -0.16 23.20 -13.12
C TYR C 192 -0.64 21.78 -13.32
N LEU C 193 -0.15 20.87 -12.49
CA LEU C 193 -0.53 19.47 -12.63
C LEU C 193 -1.99 19.21 -12.43
N ALA C 194 -2.59 19.87 -11.45
CA ALA C 194 -4.01 19.69 -11.19
C ALA C 194 -4.80 20.15 -12.38
N CYS C 195 -4.37 21.26 -12.97
CA CYS C 195 -5.05 21.79 -14.12
C CYS C 195 -4.90 20.83 -15.28
N GLU C 196 -3.71 20.30 -15.44
CA GLU C 196 -3.41 19.34 -16.50
C GLU C 196 -4.32 18.12 -16.40
N ASN C 197 -4.59 17.65 -15.19
CA ASN C 197 -5.46 16.49 -15.01
C ASN C 197 -6.91 16.82 -14.74
N GLN C 198 -7.32 18.07 -14.97
CA GLN C 198 -8.71 18.48 -14.78
C GLN C 198 -9.21 18.26 -13.35
N GLN C 199 -8.33 18.35 -12.36
CA GLN C 199 -8.71 18.13 -10.97
C GLN C 199 -9.23 19.42 -10.37
N ARG C 200 -10.34 19.92 -10.91
CA ARG C 200 -10.91 21.21 -10.54
C ARG C 200 -11.11 21.43 -9.06
N ALA C 201 -11.29 20.36 -8.31
CA ALA C 201 -11.44 20.49 -6.88
C ALA C 201 -10.16 21.00 -6.27
N CYS C 202 -9.04 20.48 -6.74
CA CYS C 202 -7.75 20.88 -6.24
C CYS C 202 -7.32 22.18 -6.83
N VAL C 203 -7.74 22.44 -8.06
CA VAL C 203 -7.36 23.69 -8.66
C VAL C 203 -7.94 24.82 -7.86
N LYS C 204 -9.23 24.72 -7.55
CA LYS C 204 -9.90 25.73 -6.78
C LYS C 204 -9.29 25.82 -5.39
N LYS C 205 -9.05 24.67 -4.77
CA LYS C 205 -8.45 24.63 -3.45
C LYS C 205 -7.09 25.32 -3.38
N LEU C 206 -6.23 25.00 -4.33
CA LEU C 206 -4.90 25.55 -4.34
C LEU C 206 -4.90 27.04 -4.60
N LEU C 207 -5.74 27.48 -5.53
CA LEU C 207 -5.83 28.89 -5.82
C LEU C 207 -6.29 29.68 -4.61
N GLU C 208 -7.24 29.13 -3.86
CA GLU C 208 -7.73 29.80 -2.67
C GLU C 208 -6.67 29.80 -1.59
N SER C 209 -5.91 28.72 -1.51
CA SER C 209 -4.83 28.60 -0.54
C SER C 209 -3.76 29.63 -0.83
N GLY C 210 -3.61 29.97 -2.11
CA GLY C 210 -2.68 31.00 -2.54
C GLY C 210 -1.64 30.52 -3.53
N ALA C 211 -2.04 29.59 -4.40
CA ALA C 211 -1.13 29.12 -5.43
C ALA C 211 -0.90 30.21 -6.46
N ASP C 212 0.31 30.29 -6.97
CA ASP C 212 0.61 31.30 -7.97
C ASP C 212 -0.05 30.98 -9.28
N VAL C 213 -1.18 31.61 -9.50
CA VAL C 213 -1.98 31.42 -10.71
C VAL C 213 -1.20 31.51 -12.01
N ASN C 214 -0.10 32.26 -12.07
CA ASN C 214 0.66 32.38 -13.30
C ASN C 214 1.94 31.56 -13.37
N GLN C 215 2.17 30.70 -12.40
CA GLN C 215 3.37 29.88 -12.41
C GLN C 215 3.05 28.43 -12.68
N GLY C 216 3.39 27.96 -13.86
CA GLY C 216 3.09 26.58 -14.22
C GLY C 216 4.35 25.76 -14.46
N LYS C 217 4.62 25.50 -15.73
CA LYS C 217 5.78 24.73 -16.14
C LYS C 217 6.56 25.50 -17.19
N GLY C 218 7.76 25.93 -16.86
CA GLY C 218 8.53 26.72 -17.80
C GLY C 218 7.76 28.00 -18.06
N GLN C 219 7.45 28.27 -19.32
CA GLN C 219 6.66 29.44 -19.69
C GLN C 219 5.19 29.07 -19.89
N ASP C 220 4.87 27.80 -19.69
CA ASP C 220 3.52 27.30 -19.87
C ASP C 220 2.72 27.55 -18.60
N SER C 221 1.85 28.56 -18.61
CA SER C 221 1.09 28.84 -17.41
C SER C 221 -0.03 27.84 -17.30
N PRO C 222 -0.60 27.67 -16.13
CA PRO C 222 -1.74 26.84 -15.85
C PRO C 222 -2.86 27.21 -16.80
N LEU C 223 -2.97 28.49 -17.12
CA LEU C 223 -3.97 28.97 -18.05
C LEU C 223 -3.71 28.40 -19.43
N HIS C 224 -2.46 28.40 -19.87
CA HIS C 224 -2.15 27.82 -21.18
C HIS C 224 -2.53 26.33 -21.19
N ALA C 225 -2.25 25.64 -20.08
CA ALA C 225 -2.57 24.23 -19.96
C ALA C 225 -4.07 24.01 -20.07
N VAL C 226 -4.84 24.83 -19.39
CA VAL C 226 -6.28 24.77 -19.50
C VAL C 226 -6.74 24.99 -20.92
N ALA C 227 -6.13 25.94 -21.61
CA ALA C 227 -6.50 26.19 -22.98
C ALA C 227 -6.28 24.94 -23.83
N ARG C 228 -5.18 24.22 -23.61
CA ARG C 228 -4.96 22.99 -24.37
C ARG C 228 -6.05 21.96 -24.14
N THR C 229 -6.49 21.83 -22.89
CA THR C 229 -7.53 20.86 -22.58
C THR C 229 -8.92 21.42 -22.87
N ALA C 230 -8.98 22.72 -23.10
CA ALA C 230 -10.20 23.43 -23.42
C ALA C 230 -11.28 23.28 -22.37
N SER C 231 -10.93 23.61 -21.13
CA SER C 231 -11.90 23.60 -20.05
C SER C 231 -12.37 25.00 -19.70
N GLU C 232 -13.58 25.34 -20.14
CA GLU C 232 -14.15 26.65 -19.86
C GLU C 232 -14.31 26.88 -18.37
N GLU C 233 -14.50 25.80 -17.63
CA GLU C 233 -14.66 25.87 -16.20
C GLU C 233 -13.38 26.29 -15.52
N LEU C 234 -12.27 25.65 -15.89
CA LEU C 234 -11.02 26.02 -15.28
C LEU C 234 -10.54 27.36 -15.80
N ALA C 235 -10.91 27.70 -17.03
CA ALA C 235 -10.51 28.96 -17.60
C ALA C 235 -11.09 30.10 -16.80
N CYS C 236 -12.39 30.03 -16.54
CA CYS C 236 -13.03 31.08 -15.76
C CYS C 236 -12.41 31.19 -14.39
N LEU C 237 -12.19 30.04 -13.76
CA LEU C 237 -11.62 30.00 -12.45
C LEU C 237 -10.26 30.69 -12.40
N LEU C 238 -9.37 30.30 -13.30
CA LEU C 238 -8.03 30.90 -13.33
C LEU C 238 -8.05 32.38 -13.66
N MET C 239 -8.91 32.79 -14.57
CA MET C 239 -9.00 34.20 -14.92
C MET C 239 -9.35 35.01 -13.69
N ASP C 240 -10.31 34.52 -12.91
CA ASP C 240 -10.73 35.22 -11.72
C ASP C 240 -9.63 35.33 -10.67
N PHE C 241 -8.74 34.36 -10.62
CA PHE C 241 -7.63 34.49 -9.69
C PHE C 241 -6.43 35.24 -10.24
N GLY C 242 -6.58 35.90 -11.39
CA GLY C 242 -5.51 36.73 -11.93
C GLY C 242 -4.63 36.10 -13.00
N ALA C 243 -5.12 35.06 -13.67
CA ALA C 243 -4.32 34.46 -14.72
C ALA C 243 -4.02 35.46 -15.83
N ASP C 244 -2.77 35.48 -16.25
CA ASP C 244 -2.32 36.42 -17.26
C ASP C 244 -2.64 35.94 -18.66
N THR C 245 -3.75 36.43 -19.17
CA THR C 245 -4.21 36.06 -20.50
C THR C 245 -3.33 36.54 -21.65
N GLN C 246 -2.36 37.41 -21.37
CA GLN C 246 -1.46 37.84 -22.41
C GLN C 246 -0.08 37.20 -22.32
N ALA C 247 0.12 36.32 -21.34
CA ALA C 247 1.42 35.67 -21.19
C ALA C 247 1.69 34.71 -22.33
N LYS C 248 2.94 34.65 -22.76
CA LYS C 248 3.31 33.76 -23.85
C LYS C 248 4.08 32.56 -23.35
N ASN C 249 3.80 31.40 -23.94
CA ASN C 249 4.48 30.17 -23.56
C ASN C 249 5.80 30.10 -24.30
N ALA C 250 6.50 28.98 -24.18
CA ALA C 250 7.79 28.79 -24.84
C ALA C 250 7.71 28.99 -26.36
N GLU C 251 6.57 28.63 -26.93
CA GLU C 251 6.29 28.81 -28.36
C GLU C 251 6.08 30.27 -28.73
N GLY C 252 5.79 31.11 -27.73
CA GLY C 252 5.49 32.51 -27.97
C GLY C 252 3.98 32.68 -28.15
N LYS C 253 3.21 31.70 -27.68
CA LYS C 253 1.77 31.74 -27.85
C LYS C 253 1.02 32.10 -26.59
N ARG C 254 -0.05 32.86 -26.79
CA ARG C 254 -0.95 33.23 -25.70
C ARG C 254 -2.00 32.15 -25.61
N PRO C 255 -2.55 31.87 -24.44
CA PRO C 255 -3.55 30.85 -24.16
C PRO C 255 -4.67 30.82 -25.18
N VAL C 256 -5.18 31.99 -25.56
CA VAL C 256 -6.25 32.06 -26.55
C VAL C 256 -5.83 31.54 -27.93
N GLU C 257 -4.54 31.60 -28.21
CA GLU C 257 -4.01 31.19 -29.49
C GLU C 257 -3.83 29.69 -29.55
N LEU C 258 -4.07 29.01 -28.43
CA LEU C 258 -3.92 27.58 -28.37
C LEU C 258 -5.22 26.88 -28.72
N VAL C 259 -6.31 27.63 -28.91
CA VAL C 259 -7.56 26.97 -29.21
C VAL C 259 -8.24 27.54 -30.44
N PRO C 260 -9.13 26.75 -31.06
CA PRO C 260 -9.97 27.10 -32.18
C PRO C 260 -10.88 28.26 -31.81
N PRO C 261 -11.03 29.25 -32.69
CA PRO C 261 -11.82 30.46 -32.54
C PRO C 261 -13.31 30.16 -32.48
N GLU C 262 -13.70 28.98 -32.94
CA GLU C 262 -15.09 28.56 -32.89
C GLU C 262 -15.53 28.17 -31.47
N SER C 263 -14.57 27.93 -30.59
CA SER C 263 -14.90 27.52 -29.24
C SER C 263 -15.46 28.67 -28.40
N PRO C 264 -16.25 28.34 -27.37
CA PRO C 264 -16.81 29.25 -26.39
C PRO C 264 -15.70 29.71 -25.48
N LEU C 265 -14.66 28.90 -25.40
CA LEU C 265 -13.47 29.24 -24.65
C LEU C 265 -12.80 30.44 -25.27
N ALA C 266 -12.66 30.43 -26.59
CA ALA C 266 -12.09 31.58 -27.28
C ALA C 266 -12.90 32.83 -26.95
N GLN C 267 -14.22 32.68 -26.92
CA GLN C 267 -15.07 33.81 -26.55
C GLN C 267 -14.80 34.26 -25.13
N LEU C 268 -14.56 33.31 -24.22
CA LEU C 268 -14.26 33.66 -22.84
C LEU C 268 -12.97 34.44 -22.75
N PHE C 269 -12.00 34.13 -23.60
CA PHE C 269 -10.79 34.91 -23.60
C PHE C 269 -11.07 36.33 -24.08
N LEU C 270 -11.93 36.46 -25.09
CA LEU C 270 -12.29 37.77 -25.63
C LEU C 270 -12.91 38.65 -24.57
N GLU C 271 -13.69 38.05 -23.69
CA GLU C 271 -14.35 38.79 -22.63
C GLU C 271 -13.37 39.42 -21.64
N ARG C 272 -12.18 38.85 -21.50
CA ARG C 272 -11.21 39.37 -20.55
C ARG C 272 -10.02 40.03 -21.24
N GLU C 273 -10.17 40.44 -22.50
CA GLU C 273 -9.05 41.08 -23.19
C GLU C 273 -8.75 42.49 -22.70
N GLY C 274 -9.77 43.23 -22.26
CA GLY C 274 -9.53 44.59 -21.78
C GLY C 274 -9.00 44.58 -20.36
N PRO C 275 -8.71 45.76 -19.80
CA PRO C 275 -8.22 46.00 -18.46
C PRO C 275 -9.24 45.47 -17.47
N PRO C 276 -8.80 44.97 -16.33
CA PRO C 276 -9.57 44.41 -15.23
C PRO C 276 -10.29 45.51 -14.48
N SER C 277 -11.33 45.15 -13.75
CA SER C 277 -12.06 46.12 -12.97
C SER C 277 -11.21 46.55 -11.80
N LEU C 278 -11.53 47.71 -11.22
CA LEU C 278 -10.79 48.18 -10.09
C LEU C 278 -10.97 47.22 -8.95
N MET C 279 -12.19 46.75 -8.75
CA MET C 279 -12.42 45.78 -7.70
C MET C 279 -11.58 44.56 -7.92
N GLN C 280 -11.50 44.08 -9.16
CA GLN C 280 -10.69 42.92 -9.44
C GLN C 280 -9.27 43.14 -8.98
N LEU C 281 -8.72 44.28 -9.35
CA LEU C 281 -7.37 44.64 -8.99
C LEU C 281 -7.20 44.73 -7.50
N CYS C 282 -8.21 45.29 -6.86
CA CYS C 282 -8.15 45.48 -5.44
C CYS C 282 -8.19 44.17 -4.71
N ARG C 283 -9.03 43.25 -5.18
CA ARG C 283 -9.14 41.97 -4.51
C ARG C 283 -7.83 41.25 -4.62
N LEU C 284 -7.20 41.34 -5.78
CA LEU C 284 -5.92 40.69 -5.97
C LEU C 284 -4.87 41.32 -5.08
N ARG C 285 -4.91 42.65 -4.99
CA ARG C 285 -3.95 43.38 -4.20
C ARG C 285 -4.06 43.02 -2.74
N ILE C 286 -5.29 42.94 -2.26
CA ILE C 286 -5.56 42.60 -0.88
C ILE C 286 -5.17 41.18 -0.60
N ARG C 287 -5.54 40.27 -1.49
CA ARG C 287 -5.23 38.87 -1.28
C ARG C 287 -3.74 38.66 -1.10
N LYS C 288 -2.92 39.42 -1.83
CA LYS C 288 -1.47 39.33 -1.71
C LYS C 288 -0.93 39.62 -0.31
N CYS C 289 -1.71 40.27 0.53
CA CYS C 289 -1.26 40.58 1.87
C CYS C 289 -1.37 39.39 2.80
N PHE C 290 -2.07 38.34 2.38
CA PHE C 290 -2.23 37.18 3.23
C PHE C 290 -1.39 36.04 2.67
N GLY C 291 -0.74 35.30 3.57
CA GLY C 291 0.11 34.18 3.17
C GLY C 291 -0.69 32.93 2.82
N ILE C 292 0.01 31.81 2.74
CA ILE C 292 -0.65 30.58 2.34
C ILE C 292 -1.53 30.08 3.46
N GLN C 293 -2.80 29.89 3.12
CA GLN C 293 -3.86 29.53 4.06
C GLN C 293 -4.01 30.55 5.20
N GLN C 294 -3.63 31.79 4.96
CA GLN C 294 -3.75 32.81 5.98
C GLN C 294 -4.93 33.70 5.73
N HIS C 295 -5.56 33.52 4.58
CA HIS C 295 -6.67 34.35 4.16
C HIS C 295 -7.91 34.22 5.03
N HIS C 296 -7.93 33.27 5.97
CA HIS C 296 -9.04 33.19 6.90
C HIS C 296 -9.09 34.45 7.77
N LYS C 297 -7.96 35.17 7.88
CA LYS C 297 -7.87 36.39 8.63
C LYS C 297 -8.63 37.53 8.00
N ILE C 298 -9.06 37.36 6.74
CA ILE C 298 -9.90 38.33 6.04
C ILE C 298 -11.17 38.61 6.81
N THR C 299 -11.66 37.62 7.54
CA THR C 299 -12.86 37.78 8.33
C THR C 299 -12.69 38.82 9.44
N LYS C 300 -11.45 39.16 9.79
CA LYS C 300 -11.17 40.15 10.81
C LYS C 300 -11.02 41.56 10.25
N LEU C 301 -11.19 41.73 8.95
CA LEU C 301 -11.12 43.05 8.36
C LEU C 301 -12.35 43.86 8.66
N VAL C 302 -12.20 45.18 8.59
CA VAL C 302 -13.29 46.11 8.87
C VAL C 302 -14.18 46.38 7.65
N LEU C 303 -14.49 45.34 6.91
CA LEU C 303 -15.30 45.42 5.71
C LEU C 303 -16.68 44.88 5.95
N PRO C 304 -17.61 45.14 5.05
CA PRO C 304 -18.93 44.57 5.01
C PRO C 304 -18.75 43.14 4.58
N GLU C 305 -19.70 42.28 4.97
CA GLU C 305 -19.59 40.87 4.67
C GLU C 305 -19.61 40.58 3.18
N ASP C 306 -20.17 41.49 2.39
CA ASP C 306 -20.20 41.31 0.95
C ASP C 306 -18.79 41.28 0.41
N LEU C 307 -17.98 42.21 0.86
CA LEU C 307 -16.62 42.26 0.40
C LEU C 307 -15.81 41.16 1.01
N LYS C 308 -16.16 40.75 2.22
CA LYS C 308 -15.46 39.62 2.79
C LYS C 308 -15.70 38.38 1.94
N GLN C 309 -16.90 38.24 1.40
CA GLN C 309 -17.16 37.11 0.52
C GLN C 309 -16.38 37.26 -0.78
N PHE C 310 -16.25 38.49 -1.28
CA PHE C 310 -15.43 38.70 -2.47
C PHE C 310 -13.98 38.36 -2.27
N LEU C 311 -13.47 38.60 -1.09
CA LEU C 311 -12.07 38.31 -0.83
C LEU C 311 -11.86 36.84 -0.47
N LEU C 312 -12.79 36.24 0.24
CA LEU C 312 -12.67 34.84 0.60
C LEU C 312 -12.97 33.92 -0.57
N HIS C 313 -13.86 34.33 -1.46
CA HIS C 313 -14.19 33.55 -2.63
C HIS C 313 -13.60 34.17 -3.87
N LEU C 314 -12.40 34.71 -3.72
CA LEU C 314 -11.66 35.39 -4.76
C LEU C 314 -11.88 34.78 -6.15
N TYR D 3 -15.91 67.97 -19.45
CA TYR D 3 -15.36 67.56 -18.15
C TYR D 3 -16.39 67.70 -17.03
N VAL D 4 -16.27 66.85 -16.02
CA VAL D 4 -17.17 66.84 -14.88
C VAL D 4 -16.42 66.96 -13.56
N LYS D 5 -16.89 67.83 -12.67
CA LYS D 5 -16.24 67.99 -11.37
C LYS D 5 -16.78 67.02 -10.33
N LEU D 6 -15.87 66.28 -9.69
CA LEU D 6 -16.26 65.37 -8.63
C LEU D 6 -15.85 65.95 -7.29
N ILE D 7 -16.73 65.89 -6.29
CA ILE D 7 -16.39 66.44 -4.98
C ILE D 7 -16.11 65.34 -3.96
N SER D 8 -14.96 65.40 -3.30
CA SER D 8 -14.61 64.40 -2.29
C SER D 8 -15.17 64.80 -0.94
N SER D 9 -15.04 63.90 0.03
CA SER D 9 -15.48 64.17 1.40
C SER D 9 -14.63 65.22 2.07
N ASP D 10 -13.46 65.50 1.50
CA ASP D 10 -12.53 66.41 2.09
C ASP D 10 -12.61 67.77 1.40
N GLY D 11 -13.55 67.91 0.46
CA GLY D 11 -13.71 69.16 -0.24
C GLY D 11 -12.80 69.31 -1.44
N HIS D 12 -12.24 68.21 -1.94
CA HIS D 12 -11.41 68.37 -3.12
C HIS D 12 -12.26 68.31 -4.36
N GLU D 13 -11.81 69.03 -5.37
CA GLU D 13 -12.53 69.16 -6.63
C GLU D 13 -11.75 68.51 -7.76
N PHE D 14 -12.29 67.43 -8.31
CA PHE D 14 -11.58 66.75 -9.38
C PHE D 14 -12.21 66.97 -10.71
N ILE D 15 -11.46 67.52 -11.64
CA ILE D 15 -11.94 67.73 -12.98
C ILE D 15 -11.60 66.52 -13.81
N VAL D 16 -12.63 65.80 -14.22
CA VAL D 16 -12.42 64.55 -14.91
C VAL D 16 -13.13 64.54 -16.24
N LYS D 17 -12.44 64.12 -17.28
CA LYS D 17 -13.11 64.08 -18.55
C LYS D 17 -14.30 63.17 -18.40
N ARG D 18 -15.47 63.70 -18.74
CA ARG D 18 -16.73 62.99 -18.59
C ARG D 18 -16.69 61.57 -19.12
N GLU D 19 -16.04 61.41 -20.26
CA GLU D 19 -15.99 60.13 -20.91
C GLU D 19 -15.21 59.12 -20.09
N HIS D 20 -14.23 59.59 -19.32
CA HIS D 20 -13.50 58.69 -18.45
C HIS D 20 -14.36 58.39 -17.24
N ALA D 21 -15.10 59.39 -16.78
CA ALA D 21 -15.98 59.25 -15.64
C ALA D 21 -16.99 58.16 -15.87
N LEU D 22 -17.46 58.05 -17.11
CA LEU D 22 -18.41 57.01 -17.50
C LEU D 22 -17.90 55.56 -17.32
N THR D 23 -16.67 55.37 -16.84
CA THR D 23 -16.16 54.06 -16.49
C THR D 23 -17.02 53.43 -15.42
N SER D 24 -17.42 54.26 -14.47
CA SER D 24 -18.25 53.84 -13.34
C SER D 24 -19.69 53.63 -13.70
N GLY D 25 -20.23 52.47 -13.33
CA GLY D 25 -21.63 52.19 -13.59
C GLY D 25 -22.51 53.15 -12.81
N THR D 26 -22.08 53.49 -11.59
CA THR D 26 -22.82 54.41 -10.76
C THR D 26 -22.83 55.78 -11.40
N ILE D 27 -21.68 56.25 -11.88
CA ILE D 27 -21.65 57.54 -12.55
C ILE D 27 -22.50 57.52 -13.80
N LYS D 28 -22.47 56.42 -14.55
CA LYS D 28 -23.32 56.33 -15.73
C LYS D 28 -24.77 56.50 -15.32
N ALA D 29 -25.16 55.90 -14.20
CA ALA D 29 -26.51 56.05 -13.68
C ALA D 29 -26.79 57.50 -13.29
N MET D 30 -25.75 58.22 -12.87
CA MET D 30 -25.84 59.64 -12.51
C MET D 30 -25.92 60.58 -13.72
N LEU D 31 -25.91 60.04 -14.94
CA LEU D 31 -26.02 60.86 -16.13
C LEU D 31 -27.14 60.38 -17.04
N GLU D 44 -22.05 68.27 -12.55
CA GLU D 44 -21.08 67.95 -11.51
C GLU D 44 -21.66 66.98 -10.50
N VAL D 45 -20.81 66.20 -9.83
CA VAL D 45 -21.28 65.21 -8.86
C VAL D 45 -20.57 65.32 -7.53
N ASN D 46 -21.34 65.43 -6.46
CA ASN D 46 -20.77 65.50 -5.13
C ASN D 46 -20.78 64.14 -4.46
N PHE D 47 -19.61 63.52 -4.41
CA PHE D 47 -19.45 62.21 -3.80
C PHE D 47 -18.87 62.30 -2.40
N ARG D 48 -19.59 62.95 -1.49
CA ARG D 48 -19.12 63.19 -0.12
C ARG D 48 -18.79 61.96 0.74
N GLU D 49 -19.12 60.76 0.28
CA GLU D 49 -18.83 59.56 1.05
C GLU D 49 -17.41 59.00 0.85
N ILE D 50 -16.65 59.53 -0.10
CA ILE D 50 -15.31 59.01 -0.35
C ILE D 50 -14.24 60.03 0.01
N PRO D 51 -13.17 59.62 0.69
CA PRO D 51 -12.04 60.44 1.09
C PRO D 51 -11.15 60.77 -0.08
N SER D 52 -10.47 61.91 0.01
CA SER D 52 -9.64 62.40 -1.07
C SER D 52 -8.47 61.50 -1.41
N HIS D 53 -7.96 60.76 -0.42
CA HIS D 53 -6.87 59.85 -0.72
C HIS D 53 -7.30 58.61 -1.47
N VAL D 54 -8.59 58.47 -1.71
CA VAL D 54 -9.05 57.36 -2.51
C VAL D 54 -9.57 57.87 -3.84
N LEU D 55 -10.46 58.86 -3.79
CA LEU D 55 -11.09 59.36 -5.00
C LEU D 55 -10.13 59.78 -6.07
N SER D 56 -9.04 60.44 -5.70
CA SER D 56 -8.10 60.86 -6.73
C SER D 56 -7.53 59.66 -7.50
N LYS D 57 -7.39 58.53 -6.82
CA LYS D 57 -6.84 57.36 -7.46
C LYS D 57 -7.87 56.74 -8.33
N VAL D 58 -9.11 56.76 -7.87
CA VAL D 58 -10.21 56.24 -8.66
C VAL D 58 -10.28 56.93 -9.99
N CYS D 59 -10.10 58.24 -9.97
CA CYS D 59 -10.06 58.99 -11.20
C CYS D 59 -8.95 58.49 -12.09
N MET D 60 -7.76 58.38 -11.54
CA MET D 60 -6.62 57.90 -12.30
C MET D 60 -6.96 56.58 -12.99
N TYR D 61 -7.59 55.67 -12.24
CA TYR D 61 -8.07 54.42 -12.79
C TYR D 61 -8.97 54.63 -13.99
N PHE D 62 -9.86 55.61 -13.92
CA PHE D 62 -10.77 55.84 -15.05
C PHE D 62 -9.98 56.06 -16.32
N THR D 63 -8.93 56.87 -16.22
CA THR D 63 -8.08 57.13 -17.36
C THR D 63 -7.36 55.89 -17.82
N TYR D 64 -6.80 55.16 -16.86
CA TYR D 64 -6.07 53.93 -17.12
C TYR D 64 -6.87 52.96 -17.94
N LYS D 65 -8.08 52.67 -17.53
CA LYS D 65 -8.89 51.73 -18.25
C LYS D 65 -9.20 52.22 -19.63
N VAL D 66 -9.52 53.50 -19.77
CA VAL D 66 -9.80 54.04 -21.08
C VAL D 66 -8.61 53.94 -22.00
N ARG D 67 -7.44 54.29 -21.49
CA ARG D 67 -6.24 54.29 -22.30
C ARG D 67 -5.88 52.95 -22.88
N TYR D 68 -6.05 51.90 -22.09
CA TYR D 68 -5.68 50.59 -22.57
C TYR D 68 -6.83 49.72 -22.97
N THR D 69 -7.96 50.33 -23.32
CA THR D 69 -9.13 49.55 -23.71
C THR D 69 -8.90 48.73 -24.98
N ASN D 70 -8.27 49.30 -26.00
CA ASN D 70 -8.03 48.58 -27.25
C ASN D 70 -6.59 48.70 -27.74
N SER D 71 -5.67 47.99 -27.10
CA SER D 71 -4.27 48.05 -27.51
C SER D 71 -3.41 46.96 -26.86
N GLU D 74 0.08 46.13 -25.23
CA GLU D 74 -0.01 45.46 -23.94
C GLU D 74 -0.63 46.36 -22.89
N ILE D 75 -0.96 45.80 -21.74
CA ILE D 75 -1.55 46.58 -20.67
C ILE D 75 -0.67 46.49 -19.42
N PRO D 76 -0.17 47.61 -18.90
CA PRO D 76 0.67 47.75 -17.72
C PRO D 76 -0.17 47.57 -16.46
N GLU D 77 0.48 47.33 -15.33
CA GLU D 77 -0.25 47.12 -14.08
C GLU D 77 -0.58 48.40 -13.33
N PHE D 78 -1.84 48.53 -12.95
CA PHE D 78 -2.32 49.65 -12.17
C PHE D 78 -1.77 49.55 -10.73
N PRO D 79 -1.12 50.58 -10.22
CA PRO D 79 -0.53 50.67 -8.89
C PRO D 79 -1.57 50.87 -7.80
N ILE D 80 -1.47 50.08 -6.72
CA ILE D 80 -2.35 50.22 -5.55
C ILE D 80 -1.58 50.15 -4.24
N ALA D 81 -1.77 51.15 -3.40
CA ALA D 81 -1.15 51.14 -2.07
C ALA D 81 -2.01 50.33 -1.10
N PRO D 82 -1.41 49.44 -0.30
CA PRO D 82 -2.05 48.57 0.66
C PRO D 82 -2.78 49.36 1.72
N GLU D 83 -2.33 50.57 2.01
CA GLU D 83 -2.96 51.40 3.01
C GLU D 83 -4.33 51.90 2.58
N ILE D 84 -4.63 51.86 1.29
CA ILE D 84 -5.91 52.34 0.86
C ILE D 84 -6.69 51.25 0.20
N ALA D 85 -6.05 50.13 -0.09
CA ALA D 85 -6.68 49.04 -0.81
C ALA D 85 -8.05 48.68 -0.29
N LEU D 86 -8.23 48.63 1.03
CA LEU D 86 -9.53 48.26 1.57
C LEU D 86 -10.60 49.29 1.24
N GLU D 87 -10.25 50.55 1.41
CA GLU D 87 -11.18 51.62 1.13
C GLU D 87 -11.41 51.77 -0.34
N LEU D 88 -10.36 51.53 -1.11
CA LEU D 88 -10.40 51.62 -2.54
C LEU D 88 -11.39 50.61 -3.05
N LEU D 89 -11.29 49.39 -2.51
CA LEU D 89 -12.22 48.34 -2.86
C LEU D 89 -13.63 48.77 -2.59
N MET D 90 -13.86 49.32 -1.39
CA MET D 90 -15.19 49.77 -1.01
C MET D 90 -15.70 50.84 -1.96
N ALA D 91 -14.81 51.76 -2.33
CA ALA D 91 -15.17 52.83 -3.24
C ALA D 91 -15.56 52.26 -4.59
N ALA D 92 -14.78 51.30 -5.06
CA ALA D 92 -15.05 50.68 -6.33
C ALA D 92 -16.38 49.97 -6.29
N ASN D 93 -16.67 49.33 -5.16
CA ASN D 93 -17.93 48.66 -4.99
C ASN D 93 -19.06 49.67 -5.13
N PHE D 94 -18.93 50.79 -4.43
CA PHE D 94 -19.92 51.86 -4.51
C PHE D 94 -20.13 52.36 -5.92
N LEU D 95 -19.03 52.58 -6.63
CA LEU D 95 -19.08 53.10 -7.97
C LEU D 95 -19.38 52.07 -9.04
N ASP D 96 -19.62 50.83 -8.69
CA ASP D 96 -19.84 49.79 -9.68
C ASP D 96 -18.65 49.73 -10.65
N CYS D 97 -17.48 49.45 -10.07
CA CYS D 97 -16.24 49.32 -10.83
C CYS D 97 -15.41 48.14 -10.35
N ASP E 2 1.81 60.49 -25.76
CA ASP E 2 0.83 61.29 -25.04
C ASP E 2 1.27 61.59 -23.61
N VAL E 3 0.84 62.73 -23.11
CA VAL E 3 1.15 63.21 -21.77
C VAL E 3 -0.07 63.20 -20.88
N PHE E 4 0.01 62.50 -19.76
CA PHE E 4 -1.09 62.46 -18.81
C PHE E 4 -0.72 63.35 -17.65
N LEU E 5 -1.31 64.54 -17.62
CA LEU E 5 -0.90 65.54 -16.67
C LEU E 5 -1.98 65.94 -15.69
N MET E 6 -1.61 66.00 -14.43
CA MET E 6 -2.52 66.38 -13.35
C MET E 6 -2.19 67.79 -12.82
N ILE E 7 -3.13 68.72 -13.00
CA ILE E 7 -2.96 70.12 -12.64
C ILE E 7 -3.61 70.44 -11.32
N ARG E 8 -2.87 71.01 -10.38
CA ARG E 8 -3.47 71.28 -9.07
C ARG E 8 -3.23 72.66 -8.47
N ARG E 9 -4.15 73.05 -7.58
CA ARG E 9 -4.05 74.30 -6.81
C ARG E 9 -5.07 74.27 -5.70
N HIS E 10 -4.66 74.66 -4.48
CA HIS E 10 -5.56 74.62 -3.34
C HIS E 10 -6.14 73.23 -3.23
N LYS E 11 -7.46 73.09 -3.32
CA LYS E 11 -8.05 71.78 -3.26
C LYS E 11 -8.62 71.34 -4.60
N THR E 12 -8.10 71.88 -5.69
CA THR E 12 -8.59 71.50 -6.99
C THR E 12 -7.55 70.70 -7.75
N THR E 13 -8.03 69.79 -8.58
CA THR E 13 -7.21 68.91 -9.40
C THR E 13 -7.81 68.70 -10.81
N ILE E 14 -6.99 68.78 -11.85
CA ILE E 14 -7.48 68.50 -13.19
C ILE E 14 -6.72 67.40 -13.87
N PHE E 15 -7.43 66.37 -14.33
CA PHE E 15 -6.79 65.30 -15.09
C PHE E 15 -6.98 65.52 -16.58
N THR E 16 -5.88 65.73 -17.32
CA THR E 16 -6.03 65.98 -18.74
C THR E 16 -4.84 65.51 -19.58
N ASP E 17 -5.10 65.20 -20.84
CA ASP E 17 -4.07 64.69 -21.75
C ASP E 17 -3.51 65.75 -22.68
N ALA E 18 -2.27 65.54 -23.13
CA ALA E 18 -1.60 66.47 -24.03
C ALA E 18 -0.56 65.78 -24.90
N LYS E 19 0.01 66.52 -25.85
CA LYS E 19 1.06 65.99 -26.71
C LYS E 19 2.42 66.47 -26.25
N GLU E 20 3.45 65.65 -26.37
CA GLU E 20 4.79 66.05 -25.93
C GLU E 20 5.27 67.29 -26.67
N SER E 21 4.81 67.44 -27.91
CA SER E 21 5.16 68.56 -28.78
C SER E 21 4.35 69.80 -28.50
N SER E 22 3.27 69.67 -27.72
CA SER E 22 2.47 70.84 -27.41
C SER E 22 3.23 71.62 -26.36
N THR E 23 2.93 72.90 -26.26
CA THR E 23 3.63 73.74 -25.31
C THR E 23 2.74 74.17 -24.20
N VAL E 24 3.39 74.76 -23.22
CA VAL E 24 2.76 75.32 -22.06
C VAL E 24 1.67 76.29 -22.45
N PHE E 25 1.89 77.08 -23.50
CA PHE E 25 0.87 78.00 -23.99
C PHE E 25 -0.45 77.28 -24.31
N GLU E 26 -0.39 76.17 -25.04
CA GLU E 26 -1.64 75.46 -25.31
C GLU E 26 -2.19 74.90 -24.04
N LEU E 27 -1.31 74.39 -23.18
CA LEU E 27 -1.70 73.88 -21.88
C LEU E 27 -2.42 74.97 -21.07
N LYS E 28 -2.00 76.22 -21.22
CA LYS E 28 -2.68 77.32 -20.56
C LYS E 28 -4.12 77.38 -21.06
N ARG E 29 -4.30 77.17 -22.36
CA ARG E 29 -5.66 77.17 -22.87
C ARG E 29 -6.41 75.91 -22.47
N ILE E 30 -5.69 74.85 -22.15
CA ILE E 30 -6.35 73.67 -21.62
C ILE E 30 -6.97 74.02 -20.29
N VAL E 31 -6.25 74.79 -19.49
CA VAL E 31 -6.79 75.26 -18.24
C VAL E 31 -7.97 76.19 -18.46
N GLU E 32 -7.82 77.10 -19.42
CA GLU E 32 -8.87 78.07 -19.77
C GLU E 32 -10.23 77.40 -20.00
N GLY E 33 -10.23 76.30 -20.73
CA GLY E 33 -11.47 75.58 -21.02
C GLY E 33 -12.18 75.06 -19.76
N ILE E 34 -11.47 74.97 -18.63
CA ILE E 34 -12.04 74.48 -17.40
C ILE E 34 -12.37 75.60 -16.44
N LEU E 35 -11.40 76.46 -16.19
CA LEU E 35 -11.55 77.49 -15.21
C LEU E 35 -11.89 78.87 -15.78
N LYS E 36 -12.05 78.93 -17.10
CA LYS E 36 -12.50 80.13 -17.79
C LYS E 36 -11.73 81.41 -17.50
N ARG E 37 -10.41 81.32 -17.35
CA ARG E 37 -9.60 82.51 -17.16
C ARG E 37 -8.45 82.52 -18.18
N PRO E 38 -8.08 83.70 -18.70
CA PRO E 38 -7.07 83.95 -19.72
C PRO E 38 -5.71 83.38 -19.38
N PRO E 39 -4.98 82.85 -20.36
CA PRO E 39 -3.63 82.31 -20.31
C PRO E 39 -2.66 83.26 -19.62
N ASP E 40 -2.84 84.57 -19.82
CA ASP E 40 -1.98 85.54 -19.16
C ASP E 40 -2.23 85.61 -17.65
N GLU E 41 -3.44 85.27 -17.21
CA GLU E 41 -3.75 85.26 -15.79
C GLU E 41 -3.34 83.94 -15.17
N GLN E 42 -3.02 82.97 -16.02
CA GLN E 42 -2.60 81.68 -15.55
C GLN E 42 -1.09 81.55 -15.36
N ARG E 43 -0.69 80.87 -14.31
CA ARG E 43 0.71 80.56 -14.06
C ARG E 43 0.93 79.10 -13.78
N LEU E 44 1.32 78.38 -14.81
CA LEU E 44 1.62 76.99 -14.67
C LEU E 44 3.02 76.84 -14.19
N TYR E 45 3.25 75.88 -13.31
CA TYR E 45 4.60 75.68 -12.84
C TYR E 45 4.83 74.25 -12.37
N LYS E 46 6.07 73.81 -12.49
CA LYS E 46 6.47 72.47 -12.08
C LYS E 46 7.20 72.58 -10.78
N ASP E 47 6.70 71.92 -9.74
CA ASP E 47 7.35 72.04 -8.44
C ASP E 47 7.30 73.52 -8.05
N ASP E 48 8.41 74.22 -8.15
CA ASP E 48 8.41 75.67 -7.91
C ASP E 48 9.02 76.40 -9.10
N GLN E 49 9.27 75.64 -10.17
CA GLN E 49 9.81 76.16 -11.41
C GLN E 49 8.72 76.65 -12.31
N LEU E 50 8.75 77.93 -12.61
CA LEU E 50 7.70 78.46 -13.42
C LEU E 50 7.83 77.93 -14.83
N LEU E 51 6.71 77.52 -15.42
CA LEU E 51 6.75 76.99 -16.77
C LEU E 51 6.64 78.10 -17.81
N ASP E 52 7.39 77.89 -18.89
CA ASP E 52 7.53 78.79 -20.02
C ASP E 52 6.57 78.47 -21.14
N ASP E 53 5.68 79.41 -21.47
CA ASP E 53 4.73 79.24 -22.58
C ASP E 53 5.37 78.70 -23.85
N GLY E 54 6.61 79.11 -24.13
CA GLY E 54 7.34 78.72 -25.33
C GLY E 54 8.10 77.38 -25.26
N LYS E 55 7.99 76.66 -24.14
CA LYS E 55 8.63 75.36 -24.04
C LYS E 55 7.61 74.25 -24.18
N THR E 56 8.03 73.17 -24.82
CA THR E 56 7.17 72.03 -25.01
C THR E 56 7.15 71.22 -23.74
N LEU E 57 6.18 70.33 -23.63
CA LEU E 57 6.13 69.47 -22.46
C LEU E 57 7.36 68.60 -22.38
N GLY E 58 7.82 68.11 -23.52
CA GLY E 58 9.06 67.35 -23.59
C GLY E 58 10.23 68.21 -23.09
N GLU E 59 10.27 69.48 -23.54
CA GLU E 59 11.30 70.42 -23.14
C GLU E 59 11.26 70.68 -21.64
N CYS E 60 10.07 70.69 -21.06
CA CYS E 60 9.91 70.94 -19.65
C CYS E 60 10.12 69.71 -18.76
N GLY E 61 10.56 68.59 -19.33
CA GLY E 61 10.85 67.40 -18.53
C GLY E 61 9.66 66.45 -18.34
N PHE E 62 8.61 66.61 -19.14
CA PHE E 62 7.47 65.72 -19.03
C PHE E 62 7.52 64.69 -20.14
N THR E 63 7.16 63.46 -19.83
CA THR E 63 7.21 62.43 -20.85
C THR E 63 6.38 61.19 -20.55
N SER E 64 6.46 60.23 -21.47
CA SER E 64 5.73 58.97 -21.38
C SER E 64 6.20 58.09 -20.24
N GLN E 65 7.38 58.38 -19.73
CA GLN E 65 7.96 57.64 -18.64
C GLN E 65 7.63 58.27 -17.29
N THR E 66 6.92 59.39 -17.30
CA THR E 66 6.56 60.09 -16.08
C THR E 66 5.06 60.28 -16.04
N ALA E 67 4.60 61.07 -16.99
CA ALA E 67 3.20 61.46 -17.10
C ALA E 67 2.39 60.34 -17.72
N ARG E 68 2.14 59.29 -16.94
CA ARG E 68 1.46 58.10 -17.43
C ARG E 68 -0.01 58.00 -17.06
N PRO E 69 -0.73 57.06 -17.66
CA PRO E 69 -2.09 56.66 -17.37
C PRO E 69 -2.11 55.81 -16.12
N GLN E 70 -0.93 55.27 -15.77
CA GLN E 70 -0.73 54.55 -14.53
C GLN E 70 -0.62 55.51 -13.38
N ALA E 71 -0.17 56.72 -13.68
CA ALA E 71 0.05 57.77 -12.70
C ALA E 71 0.60 58.99 -13.42
N PRO E 72 -0.20 60.03 -13.57
CA PRO E 72 0.06 61.28 -14.27
C PRO E 72 1.04 62.14 -13.51
N ALA E 73 1.62 63.10 -14.22
CA ALA E 73 2.60 64.00 -13.63
C ALA E 73 1.90 65.11 -12.89
N THR E 74 2.57 65.67 -11.90
CA THR E 74 1.94 66.75 -11.13
C THR E 74 2.50 68.11 -11.49
N VAL E 75 1.60 69.05 -11.79
CA VAL E 75 1.98 70.41 -12.13
C VAL E 75 1.05 71.36 -11.41
N GLY E 76 1.56 72.50 -10.97
CA GLY E 76 0.75 73.44 -10.22
C GLY E 76 0.22 74.58 -11.08
N LEU E 77 -0.87 75.18 -10.60
CA LEU E 77 -1.53 76.29 -11.26
C LEU E 77 -1.82 77.46 -10.35
N ALA E 78 -1.25 78.60 -10.65
CA ALA E 78 -1.55 79.79 -9.88
C ALA E 78 -2.22 80.81 -10.77
N PHE E 79 -3.22 81.48 -10.25
CA PHE E 79 -3.83 82.57 -10.98
C PHE E 79 -3.43 83.92 -10.49
N ARG E 80 -3.41 84.87 -11.42
CA ARG E 80 -3.07 86.21 -11.09
C ARG E 80 -4.09 86.76 -10.13
N ALA E 81 -3.62 87.27 -9.00
CA ALA E 81 -4.50 87.82 -7.98
C ALA E 81 -4.63 89.33 -8.15
N ASP E 82 -3.50 89.98 -8.26
CA ASP E 82 -3.35 91.42 -8.45
C ASP E 82 -2.31 91.59 -9.54
N ASP E 83 -1.35 92.48 -9.37
CA ASP E 83 -0.28 92.52 -10.35
C ASP E 83 0.49 91.20 -10.32
N THR E 84 0.50 90.54 -9.16
CA THR E 84 1.16 89.27 -8.92
C THR E 84 0.16 88.11 -8.86
N PHE E 85 0.70 86.91 -8.75
CA PHE E 85 -0.09 85.68 -8.72
C PHE E 85 -0.22 85.13 -7.32
N GLU E 86 -1.37 84.50 -7.06
CA GLU E 86 -1.70 83.87 -5.78
C GLU E 86 -0.60 82.94 -5.30
N ALA E 87 -0.61 82.62 -4.03
CA ALA E 87 0.39 81.74 -3.47
C ALA E 87 0.37 80.39 -4.18
N LEU E 88 1.56 79.94 -4.59
CA LEU E 88 1.74 78.68 -5.32
C LEU E 88 1.66 77.46 -4.40
N CYS E 89 0.53 77.27 -3.73
CA CYS E 89 0.37 76.17 -2.80
C CYS E 89 -0.76 75.24 -3.17
N ILE E 90 -0.56 73.96 -2.89
CA ILE E 90 -1.53 72.92 -3.17
C ILE E 90 -1.86 72.16 -1.90
N GLU E 91 -3.14 72.04 -1.59
CA GLU E 91 -3.57 71.35 -0.37
C GLU E 91 -3.56 69.84 -0.57
N PRO E 92 -2.70 69.11 0.16
CA PRO E 92 -2.50 67.67 0.14
C PRO E 92 -3.77 66.92 0.41
N PHE E 93 -3.84 65.71 -0.11
CA PHE E 93 -4.99 64.85 0.13
C PHE E 93 -4.85 64.28 1.53
N SER E 94 -5.94 63.74 2.06
CA SER E 94 -5.93 63.16 3.40
C SER E 94 -4.93 62.04 3.57
N SER E 95 -4.41 61.91 4.77
CA SER E 95 -3.58 60.77 5.02
C SER E 95 -4.46 59.55 4.94
N PRO E 96 -3.94 58.44 4.42
CA PRO E 96 -4.54 57.14 4.40
C PRO E 96 -4.43 56.60 5.80
N PRO E 97 -5.28 55.63 6.16
CA PRO E 97 -5.37 54.95 7.43
C PRO E 97 -4.27 53.94 7.61
N GLU E 98 -4.03 53.55 8.85
CA GLU E 98 -3.02 52.57 9.18
C GLU E 98 -3.41 51.20 8.66
N LEU E 99 -2.42 50.44 8.18
CA LEU E 99 -2.64 49.10 7.66
C LEU E 99 -3.01 48.16 8.82
N PRO E 100 -4.14 47.45 8.76
CA PRO E 100 -4.62 46.48 9.73
C PRO E 100 -3.61 45.36 9.95
N ASP E 101 -3.53 44.89 11.19
CA ASP E 101 -2.58 43.86 11.60
C ASP E 101 -2.62 42.61 10.76
N VAL E 102 -3.80 42.21 10.30
CA VAL E 102 -3.91 41.02 9.48
C VAL E 102 -3.34 41.22 8.08
N MET E 103 -3.24 42.47 7.64
CA MET E 103 -2.66 42.76 6.34
C MET E 103 -1.21 43.16 6.50
N LYS E 104 -0.81 43.54 7.71
CA LYS E 104 0.57 43.89 7.96
C LYS E 104 1.45 42.66 7.80
N PRO E 105 2.61 42.83 7.16
CA PRO E 105 3.60 41.82 6.83
C PRO E 105 4.27 41.30 8.08
N GLN E 106 4.71 40.06 8.02
CA GLN E 106 5.35 39.40 9.15
C GLN E 106 6.86 39.31 8.98
#